data_8UH4
#
_entry.id   8UH4
#
_cell.length_a   1.00
_cell.length_b   1.00
_cell.length_c   1.00
_cell.angle_alpha   90.00
_cell.angle_beta   90.00
_cell.angle_gamma   90.00
#
_symmetry.space_group_name_H-M   'P 1'
#
loop_
_entity.id
_entity.type
_entity.pdbx_description
1 polymer 'Capsid protein'
2 polymer 'genomic DNA'
#
loop_
_entity_poly.entity_id
_entity_poly.type
_entity_poly.pdbx_seq_one_letter_code
_entity_poly.pdbx_strand_id
1 'polypeptide(L)'
;MSTSKRKRGDDSNWSKRVTKKKPSSAGLKRAGSKADRPSLQIQTLQHAGTTMITVPSGGVCDLINTYARGSDEGNRHTSE
TLTYKIAIDYHFVADAAACRYSNTGTGVMWLVYDTTPGGQAPTPQTIFAYPDTLKAWPATWKVSRELCHRFVVKRRWLFN
METDGRIGSDIPPSNASWKPCKRNIYFHKFTSGLGVRTQWKNVTDGGVGAIQRGALYMVIAPGNGLTFTAHGQTRLYFKS
VGN
;
A,B,C,D,E,F,G,H,I,J,K,L,M,N,O,P,Q,R,S,T,U,V,W,X,Y,Z,a,b,c,d,e,f,g,h,i,j,k,l,m,n,o,p,q,r,s,t,u,v,w,x,y,z,1,2,3,4,5,6,7,8
2 'polydeoxyribonucleotide' (DA)(DA)(DA)(DA)(DT)(DC)(DC)(DC)(DA) AA,AB,AC,AD,AE,AF,AG,AH,AI,AJ,AK,AL,AM,AN,AO,AP,AQ,AR,AS,AT,AU,AV,AW,AX,AY,AZ,Aa,Ab,Ac,Ad,Ae,Af,Ag,Ah,Ai,Aj,Ak,Al,Am,An,Ao,Ap,Aq,Ar,As,At,Au,Av,Aw,Ax,Ay,Az,A1,A2,A3,A4,A5,A6,A7,A8
#
# COMPACT_ATOMS: atom_id res chain seq x y z
N ALA A 31 31.12 52.95 -19.24
CA ALA A 31 31.43 54.36 -19.42
C ALA A 31 32.93 54.62 -19.32
N GLY A 32 33.64 54.33 -20.40
CA GLY A 32 35.08 54.51 -20.43
C GLY A 32 35.70 53.53 -21.40
N SER A 33 37.03 53.59 -21.49
CA SER A 33 37.75 52.66 -22.35
C SER A 33 38.95 52.03 -21.66
N LYS A 34 38.88 50.72 -21.42
CA LYS A 34 39.97 49.93 -20.84
C LYS A 34 40.60 50.64 -19.65
N ALA A 35 39.75 51.24 -18.81
CA ALA A 35 40.23 51.92 -17.62
C ALA A 35 40.85 50.91 -16.66
N ASP A 36 41.87 51.37 -15.94
CA ASP A 36 42.61 50.54 -15.01
C ASP A 36 42.88 51.30 -13.72
N ARG A 37 42.75 50.59 -12.60
CA ARG A 37 42.81 51.22 -11.29
C ARG A 37 44.04 52.10 -11.07
N PRO A 38 45.25 51.68 -11.39
CA PRO A 38 46.37 52.62 -11.27
C PRO A 38 46.26 53.74 -12.29
N SER A 39 46.90 54.86 -11.97
CA SER A 39 46.81 56.03 -12.80
C SER A 39 47.48 55.79 -14.15
N LEU A 40 47.15 56.64 -15.11
CA LEU A 40 47.67 56.54 -16.46
C LEU A 40 48.57 57.73 -16.77
N GLN A 41 49.55 57.51 -17.64
CA GLN A 41 50.54 58.54 -17.91
C GLN A 41 49.90 59.72 -18.64
N ILE A 42 50.60 60.85 -18.61
CA ILE A 42 50.09 62.09 -19.16
C ILE A 42 51.15 62.74 -20.03
N GLN A 43 50.74 63.26 -21.17
CA GLN A 43 51.61 64.04 -22.04
C GLN A 43 50.86 65.29 -22.48
N THR A 44 51.61 66.39 -22.60
CA THR A 44 51.03 67.68 -22.93
C THR A 44 51.72 68.29 -24.14
N LEU A 45 51.07 69.29 -24.71
CA LEU A 45 51.66 70.09 -25.78
C LEU A 45 51.42 71.55 -25.47
N GLN A 46 52.37 72.38 -25.87
CA GLN A 46 52.31 73.80 -25.58
C GLN A 46 52.32 74.57 -26.89
N HIS A 47 51.21 75.19 -27.24
CA HIS A 47 51.13 76.05 -28.41
C HIS A 47 50.74 77.43 -27.95
N ALA A 48 51.68 78.37 -28.02
CA ALA A 48 51.47 79.73 -27.52
C ALA A 48 52.73 80.52 -27.81
N GLY A 49 52.60 81.83 -27.74
CA GLY A 49 53.77 82.69 -27.87
C GLY A 49 54.48 82.45 -29.17
N THR A 50 55.76 82.07 -29.06
CA THR A 50 56.56 81.76 -30.23
C THR A 50 55.90 80.69 -31.10
N THR A 51 55.32 79.68 -30.47
CA THR A 51 54.67 78.61 -31.20
C THR A 51 53.18 78.85 -31.19
N MET A 52 52.65 79.31 -32.33
CA MET A 52 51.23 79.47 -32.52
C MET A 52 50.89 78.84 -33.85
N ILE A 53 50.06 77.79 -33.84
CA ILE A 53 49.64 77.20 -35.09
C ILE A 53 49.00 78.29 -35.93
N THR A 54 49.51 78.47 -37.14
CA THR A 54 49.04 79.51 -38.04
C THR A 54 48.73 78.88 -39.40
N VAL A 55 47.49 79.06 -39.85
CA VAL A 55 47.03 78.29 -41.00
C VAL A 55 46.71 79.20 -42.18
N PRO A 56 47.51 79.17 -43.23
CA PRO A 56 47.08 79.74 -44.50
C PRO A 56 46.08 78.82 -45.18
N SER A 57 45.39 79.36 -46.17
CA SER A 57 44.40 78.60 -46.91
C SER A 57 44.98 77.31 -47.42
N GLY A 58 44.26 76.21 -47.22
CA GLY A 58 44.74 74.90 -47.58
C GLY A 58 45.18 74.04 -46.42
N GLY A 59 45.06 74.52 -45.20
CA GLY A 59 45.29 73.69 -44.03
C GLY A 59 46.76 73.40 -43.79
N VAL A 60 47.01 72.70 -42.69
CA VAL A 60 48.36 72.31 -42.32
C VAL A 60 48.32 70.94 -41.67
N CYS A 61 49.33 70.15 -41.96
CA CYS A 61 49.48 68.80 -41.43
C CYS A 61 50.36 68.84 -40.20
N ASP A 62 50.06 68.00 -39.22
CA ASP A 62 50.86 67.93 -38.01
C ASP A 62 50.67 66.57 -37.35
N LEU A 63 51.63 66.22 -36.49
CA LEU A 63 51.58 64.99 -35.72
C LEU A 63 51.60 65.32 -34.24
N ILE A 64 50.60 64.81 -33.52
CA ILE A 64 50.47 65.07 -32.09
C ILE A 64 50.97 63.93 -31.24
N ASN A 65 51.41 62.83 -31.81
CA ASN A 65 51.64 61.63 -31.01
C ASN A 65 53.07 61.52 -30.52
N THR A 66 53.89 62.54 -30.75
CA THR A 66 55.31 62.48 -30.42
C THR A 66 55.54 62.09 -28.96
N TYR A 67 56.45 61.13 -28.76
CA TYR A 67 56.83 60.66 -27.44
C TYR A 67 58.33 60.42 -27.41
N ALA A 68 58.99 60.91 -26.38
CA ALA A 68 60.38 60.55 -26.18
C ALA A 68 60.45 59.23 -25.41
N ARG A 69 61.67 58.74 -25.22
CA ARG A 69 61.91 57.56 -24.41
C ARG A 69 62.99 57.85 -23.40
N GLY A 70 62.77 57.46 -22.15
CA GLY A 70 63.76 57.70 -21.12
C GLY A 70 63.15 57.55 -19.75
N SER A 71 63.81 58.21 -18.79
CA SER A 71 63.40 58.10 -17.40
C SER A 71 62.19 58.97 -17.11
N ASP A 72 62.12 60.15 -17.73
CA ASP A 72 61.13 61.13 -17.35
C ASP A 72 59.72 60.61 -17.57
N GLU A 73 58.83 60.99 -16.66
CA GLU A 73 57.43 60.60 -16.79
C GLU A 73 56.82 61.29 -18.00
N GLY A 74 55.96 60.55 -18.71
CA GLY A 74 55.35 61.05 -19.92
C GLY A 74 56.08 60.53 -21.14
N ASN A 75 57.35 60.18 -20.97
CA ASN A 75 58.04 59.51 -22.04
C ASN A 75 57.70 58.02 -22.03
N ARG A 76 57.81 57.40 -23.19
CA ARG A 76 57.44 56.00 -23.31
C ARG A 76 58.56 55.11 -22.81
N HIS A 77 58.21 54.13 -21.99
CA HIS A 77 59.19 53.20 -21.45
C HIS A 77 59.47 52.02 -22.35
N THR A 78 58.60 51.75 -23.32
CA THR A 78 58.73 50.52 -24.09
C THR A 78 58.72 50.80 -25.58
N SER A 79 58.66 49.74 -26.37
CA SER A 79 58.56 49.89 -27.81
C SER A 79 57.12 49.80 -28.31
N GLU A 80 56.16 49.63 -27.40
CA GLU A 80 54.77 49.42 -27.78
C GLU A 80 53.86 50.30 -26.93
N THR A 81 53.01 51.09 -27.58
CA THR A 81 52.19 52.06 -26.89
C THR A 81 50.75 52.03 -27.40
N LEU A 82 49.81 52.11 -26.46
CA LEU A 82 48.40 52.30 -26.76
C LEU A 82 47.97 53.63 -26.19
N THR A 83 47.10 54.34 -26.90
CA THR A 83 46.53 55.57 -26.41
C THR A 83 45.02 55.41 -26.26
N TYR A 84 44.43 56.19 -25.37
CA TYR A 84 43.01 56.02 -25.10
C TYR A 84 42.22 57.31 -25.23
N LYS A 85 42.34 58.19 -24.25
CA LYS A 85 41.47 59.34 -24.14
C LYS A 85 42.24 60.60 -24.49
N ILE A 86 41.56 61.54 -25.12
CA ILE A 86 42.18 62.79 -25.54
C ILE A 86 41.21 63.94 -25.29
N ALA A 87 41.76 65.06 -24.81
CA ALA A 87 40.97 66.27 -24.59
C ALA A 87 41.68 67.42 -25.27
N ILE A 88 40.91 68.33 -25.84
CA ILE A 88 41.45 69.40 -26.65
C ILE A 88 40.82 70.71 -26.22
N ASP A 89 41.66 71.71 -25.98
CA ASP A 89 41.21 73.07 -25.71
C ASP A 89 42.01 74.02 -26.58
N TYR A 90 41.34 75.05 -27.10
CA TYR A 90 42.04 76.10 -27.81
C TYR A 90 41.25 77.38 -27.75
N HIS A 91 41.94 78.46 -28.07
CA HIS A 91 41.31 79.70 -28.46
C HIS A 91 41.58 79.97 -29.94
N PHE A 92 40.59 80.53 -30.62
CA PHE A 92 40.75 81.00 -31.98
C PHE A 92 40.61 82.52 -32.03
N VAL A 93 41.24 83.13 -33.01
CA VAL A 93 41.03 84.54 -33.29
C VAL A 93 41.29 84.79 -34.76
N ALA A 94 40.49 85.66 -35.36
CA ALA A 94 40.73 86.02 -36.75
C ALA A 94 42.01 86.82 -36.87
N ASP A 95 42.59 86.80 -38.07
CA ASP A 95 43.77 87.58 -38.35
C ASP A 95 43.38 88.87 -39.06
N ALA A 96 44.01 89.96 -38.65
CA ALA A 96 43.75 91.25 -39.28
C ALA A 96 44.05 91.21 -40.77
N ALA A 97 45.00 90.36 -41.18
CA ALA A 97 45.34 90.27 -42.59
C ALA A 97 44.13 89.99 -43.46
N ALA A 98 43.20 89.17 -42.98
CA ALA A 98 41.98 88.88 -43.70
C ALA A 98 40.80 89.74 -43.28
N CYS A 99 40.99 90.60 -42.27
CA CYS A 99 39.87 91.42 -41.82
C CYS A 99 39.54 92.54 -42.80
N ARG A 100 40.34 92.74 -43.85
CA ARG A 100 40.02 93.78 -44.83
C ARG A 100 38.75 93.47 -45.60
N TYR A 101 38.18 92.29 -45.44
CA TYR A 101 36.94 91.91 -46.09
C TYR A 101 35.94 91.50 -45.03
N SER A 102 34.67 91.41 -45.42
CA SER A 102 33.62 91.01 -44.50
C SER A 102 32.83 89.87 -45.12
N ASN A 103 32.99 88.68 -44.55
CA ASN A 103 32.14 87.55 -44.89
C ASN A 103 32.26 86.53 -43.77
N THR A 104 31.31 85.61 -43.74
CA THR A 104 31.41 84.50 -42.82
C THR A 104 32.13 83.35 -43.52
N GLY A 105 32.10 82.18 -42.89
CA GLY A 105 32.69 81.00 -43.48
C GLY A 105 32.44 79.81 -42.57
N THR A 106 33.10 78.70 -42.90
CA THR A 106 33.01 77.51 -42.08
C THR A 106 34.34 76.79 -42.07
N GLY A 107 34.79 76.37 -40.89
CA GLY A 107 36.01 75.63 -40.73
C GLY A 107 35.77 74.17 -40.38
N VAL A 108 36.87 73.42 -40.34
CA VAL A 108 36.84 71.98 -40.13
C VAL A 108 38.08 71.56 -39.38
N MET A 109 37.90 70.61 -38.47
CA MET A 109 39.02 69.97 -37.78
C MET A 109 38.81 68.47 -37.86
N TRP A 110 39.80 67.75 -38.38
CA TRP A 110 39.73 66.30 -38.44
C TRP A 110 40.77 65.68 -37.52
N LEU A 111 40.48 64.44 -37.12
CA LEU A 111 41.45 63.61 -36.42
C LEU A 111 41.68 62.39 -37.29
N VAL A 112 42.87 62.28 -37.88
CA VAL A 112 43.15 61.31 -38.93
C VAL A 112 44.14 60.30 -38.43
N TYR A 113 43.83 59.02 -38.63
CA TYR A 113 44.70 57.93 -38.24
C TYR A 113 45.39 57.34 -39.46
N ASP A 114 46.64 56.93 -39.28
CA ASP A 114 47.48 56.40 -40.35
C ASP A 114 47.84 54.95 -40.06
N THR A 115 48.16 54.24 -41.13
CA THR A 115 48.70 52.89 -41.00
C THR A 115 50.22 52.93 -41.09
N THR A 116 50.74 53.14 -42.28
CA THR A 116 52.18 53.21 -42.49
C THR A 116 52.55 54.59 -43.01
N PRO A 117 53.28 55.38 -42.25
CA PRO A 117 53.68 56.70 -42.74
C PRO A 117 54.79 56.59 -43.76
N GLY A 118 54.76 57.48 -44.73
CA GLY A 118 55.88 57.58 -45.65
C GLY A 118 57.08 58.18 -44.97
N GLY A 119 58.20 58.19 -45.70
CA GLY A 119 59.39 58.84 -45.20
C GLY A 119 59.27 60.34 -45.11
N GLN A 120 58.31 60.93 -45.82
CA GLN A 120 58.13 62.37 -45.87
C GLN A 120 56.79 62.74 -45.23
N ALA A 121 56.72 63.96 -44.73
CA ALA A 121 55.51 64.41 -44.06
C ALA A 121 54.39 64.64 -45.06
N PRO A 122 53.19 64.17 -44.78
CA PRO A 122 52.08 64.38 -45.71
C PRO A 122 51.63 65.83 -45.69
N THR A 123 50.92 66.20 -46.74
CA THR A 123 50.25 67.48 -46.80
C THR A 123 48.81 67.26 -47.20
N PRO A 124 47.89 68.12 -46.78
CA PRO A 124 46.47 67.87 -47.07
C PRO A 124 46.19 67.59 -48.53
N GLN A 125 46.79 68.38 -49.43
CA GLN A 125 46.53 68.17 -50.84
C GLN A 125 46.84 66.74 -51.24
N THR A 126 47.79 66.11 -50.56
CA THR A 126 48.08 64.72 -50.84
C THR A 126 47.09 63.78 -50.15
N ILE A 127 46.61 64.15 -48.97
CA ILE A 127 45.75 63.21 -48.25
C ILE A 127 44.36 63.19 -48.86
N PHE A 128 43.92 64.31 -49.42
CA PHE A 128 42.60 64.41 -50.01
C PHE A 128 42.76 64.84 -51.46
N ALA A 129 42.19 64.05 -52.36
CA ALA A 129 42.23 64.44 -53.76
C ALA A 129 41.14 65.47 -54.00
N TYR A 130 41.54 66.68 -54.36
CA TYR A 130 40.53 67.67 -54.63
C TYR A 130 40.92 68.52 -55.81
N PRO A 131 39.99 68.86 -56.67
CA PRO A 131 40.29 69.82 -57.74
C PRO A 131 40.55 71.21 -57.17
N ASP A 132 41.26 72.01 -57.95
CA ASP A 132 41.61 73.35 -57.49
C ASP A 132 40.37 74.19 -57.22
N THR A 133 39.29 73.91 -57.94
CA THR A 133 38.06 74.66 -57.74
C THR A 133 37.53 74.53 -56.32
N LEU A 134 37.50 73.33 -55.78
CA LEU A 134 36.96 73.10 -54.45
C LEU A 134 37.86 73.61 -53.33
N LYS A 135 39.06 74.08 -53.65
CA LYS A 135 39.98 74.53 -52.60
C LYS A 135 39.34 75.57 -51.70
N ALA A 136 38.41 76.35 -52.24
CA ALA A 136 37.71 77.34 -51.43
C ALA A 136 36.99 76.68 -50.27
N TRP A 137 36.12 75.72 -50.56
CA TRP A 137 35.28 75.22 -49.49
C TRP A 137 35.79 73.87 -49.04
N PRO A 138 36.47 73.79 -47.91
CA PRO A 138 37.02 72.50 -47.50
C PRO A 138 35.95 71.53 -47.07
N ALA A 139 34.90 72.03 -46.44
CA ALA A 139 34.00 71.15 -45.70
C ALA A 139 33.39 70.07 -46.58
N THR A 140 33.50 70.19 -47.89
CA THR A 140 33.05 69.17 -48.80
C THR A 140 34.09 68.09 -49.04
N TRP A 141 35.35 68.33 -48.67
CA TRP A 141 36.38 67.35 -48.93
C TRP A 141 36.01 66.03 -48.28
N LYS A 142 36.40 64.94 -48.93
CA LYS A 142 36.30 63.63 -48.32
C LYS A 142 37.50 62.80 -48.75
N VAL A 143 37.74 61.72 -48.02
CA VAL A 143 38.95 60.93 -48.23
C VAL A 143 38.99 60.39 -49.65
N SER A 144 40.16 60.48 -50.27
CA SER A 144 40.32 60.01 -51.64
C SER A 144 40.28 58.49 -51.69
N ARG A 145 39.85 57.95 -52.84
CA ARG A 145 39.63 56.52 -52.93
C ARG A 145 40.91 55.74 -53.14
N GLU A 146 41.92 56.35 -53.77
CA GLU A 146 43.16 55.63 -54.05
C GLU A 146 43.78 55.12 -52.77
N LEU A 147 43.72 55.92 -51.71
CA LEU A 147 44.34 55.59 -50.44
C LEU A 147 43.36 54.94 -49.48
N CYS A 148 42.17 54.58 -49.97
CA CYS A 148 41.02 54.25 -49.15
C CYS A 148 41.36 53.37 -47.96
N HIS A 149 42.24 52.40 -48.16
CA HIS A 149 42.62 51.54 -47.06
C HIS A 149 43.86 52.03 -46.33
N ARG A 150 44.56 53.04 -46.85
CA ARG A 150 45.75 53.50 -46.15
C ARG A 150 45.42 54.45 -45.01
N PHE A 151 44.32 55.19 -45.11
CA PHE A 151 43.97 56.18 -44.10
C PHE A 151 42.54 55.98 -43.63
N VAL A 152 42.21 56.62 -42.51
CA VAL A 152 40.86 56.61 -42.00
C VAL A 152 40.72 57.81 -41.06
N VAL A 153 39.48 58.22 -40.82
CA VAL A 153 39.21 59.37 -39.97
C VAL A 153 38.28 58.92 -38.85
N LYS A 154 38.77 58.95 -37.62
CA LYS A 154 37.98 58.44 -36.52
C LYS A 154 37.14 59.50 -35.82
N ARG A 155 37.36 60.78 -36.12
CA ARG A 155 36.55 61.83 -35.54
C ARG A 155 36.43 62.98 -36.52
N ARG A 156 35.45 63.84 -36.27
CA ARG A 156 35.22 65.00 -37.11
C ARG A 156 34.59 66.09 -36.24
N TRP A 157 34.88 67.35 -36.57
CA TRP A 157 34.23 68.43 -35.87
C TRP A 157 34.03 69.61 -36.81
N LEU A 158 33.04 70.43 -36.49
CA LEU A 158 32.72 71.62 -37.25
C LEU A 158 32.76 72.84 -36.35
N PHE A 159 33.00 73.99 -36.96
CA PHE A 159 32.91 75.26 -36.28
C PHE A 159 32.74 76.32 -37.35
N ASN A 160 32.27 77.49 -36.92
CA ASN A 160 32.08 78.58 -37.85
C ASN A 160 32.43 79.88 -37.18
N MET A 161 32.85 80.85 -37.99
CA MET A 161 33.29 82.14 -37.49
C MET A 161 33.13 83.14 -38.61
N GLU A 162 33.15 84.42 -38.23
CA GLU A 162 32.92 85.48 -39.20
C GLU A 162 33.58 86.75 -38.72
N THR A 163 33.80 87.67 -39.64
CA THR A 163 34.38 88.96 -39.32
C THR A 163 33.60 90.06 -40.01
N ASP A 164 33.52 91.20 -39.35
CA ASP A 164 32.78 92.34 -39.83
C ASP A 164 33.65 93.35 -40.54
N GLY A 165 34.96 93.12 -40.61
CA GLY A 165 35.85 94.09 -41.19
C GLY A 165 36.32 95.16 -40.23
N ARG A 166 36.45 94.85 -38.95
CA ARG A 166 36.90 95.83 -37.97
C ARG A 166 37.85 95.17 -36.99
N ILE A 167 39.02 95.77 -36.80
CA ILE A 167 40.00 95.25 -35.86
C ILE A 167 39.58 95.64 -34.46
N GLY A 168 39.98 94.85 -33.48
CA GLY A 168 39.53 95.09 -32.11
C GLY A 168 39.96 96.43 -31.56
N SER A 169 41.22 96.81 -31.77
CA SER A 169 41.76 98.00 -31.14
C SER A 169 41.10 99.28 -31.63
N ASP A 170 40.25 99.22 -32.63
CA ASP A 170 39.67 100.42 -33.21
C ASP A 170 38.57 100.97 -32.32
N ILE A 171 38.60 102.28 -32.09
CA ILE A 171 37.62 102.94 -31.23
C ILE A 171 36.37 103.28 -32.02
N PRO A 172 35.20 102.85 -31.58
CA PRO A 172 33.98 103.27 -32.23
C PRO A 172 33.81 104.77 -32.15
N PRO A 173 33.27 105.40 -33.19
CA PRO A 173 32.91 106.81 -33.09
C PRO A 173 31.73 106.98 -32.17
N SER A 174 31.66 108.16 -31.54
CA SER A 174 30.66 108.42 -30.52
C SER A 174 29.23 108.42 -31.07
N ASN A 175 29.05 108.37 -32.38
CA ASN A 175 27.70 108.46 -32.94
C ASN A 175 26.97 107.12 -32.87
N ALA A 176 27.60 106.03 -33.31
CA ALA A 176 26.90 104.77 -33.47
C ALA A 176 27.79 103.63 -33.00
N SER A 177 27.21 102.44 -32.92
CA SER A 177 27.91 101.30 -32.35
C SER A 177 27.81 100.03 -33.18
N TRP A 178 28.30 98.92 -32.64
CA TRP A 178 28.24 97.64 -33.34
C TRP A 178 27.99 96.52 -32.33
N LYS A 179 27.36 95.45 -32.80
CA LYS A 179 27.31 94.20 -32.05
C LYS A 179 28.15 93.21 -32.81
N PRO A 180 29.37 92.94 -32.39
CA PRO A 180 30.20 91.97 -33.10
C PRO A 180 30.18 90.59 -32.47
N CYS A 181 29.01 89.97 -32.39
CA CYS A 181 28.95 88.64 -31.81
C CYS A 181 29.80 87.67 -32.62
N LYS A 182 30.48 86.79 -31.89
CA LYS A 182 31.27 85.72 -32.50
C LYS A 182 32.35 86.26 -33.44
N ARG A 183 33.13 87.22 -32.96
CA ARG A 183 34.39 87.48 -33.64
C ARG A 183 35.42 86.42 -33.32
N ASN A 184 35.51 86.03 -32.05
CA ASN A 184 36.37 84.95 -31.62
C ASN A 184 35.55 83.90 -30.90
N ILE A 185 36.11 82.71 -30.75
CA ILE A 185 35.34 81.56 -30.32
C ILE A 185 36.19 80.69 -29.41
N TYR A 186 35.52 79.99 -28.51
CA TYR A 186 36.15 79.09 -27.54
C TYR A 186 35.76 77.67 -27.89
N PHE A 187 36.72 76.86 -28.27
CA PHE A 187 36.45 75.52 -28.79
C PHE A 187 37.10 74.47 -27.91
N HIS A 188 36.33 73.47 -27.52
CA HIS A 188 36.86 72.38 -26.72
C HIS A 188 36.03 71.13 -26.96
N LYS A 189 36.70 69.97 -26.88
CA LYS A 189 36.04 68.70 -27.00
C LYS A 189 36.76 67.70 -26.12
N PHE A 190 36.03 66.67 -25.71
CA PHE A 190 36.57 65.61 -24.86
C PHE A 190 35.98 64.31 -25.31
N THR A 191 36.83 63.32 -25.59
CA THR A 191 36.31 62.05 -26.10
C THR A 191 37.15 60.87 -25.61
N SER A 192 36.47 59.84 -25.14
CA SER A 192 37.10 58.62 -24.67
C SER A 192 37.07 57.49 -25.68
N GLY A 193 36.43 57.68 -26.84
CA GLY A 193 36.06 56.53 -27.65
C GLY A 193 37.24 55.84 -28.28
N LEU A 194 38.14 56.60 -28.88
CA LEU A 194 39.12 56.03 -29.79
C LEU A 194 40.10 55.15 -29.05
N GLY A 195 40.78 54.31 -29.82
CA GLY A 195 41.97 53.63 -29.34
C GLY A 195 42.88 53.36 -30.51
N VAL A 196 44.18 53.30 -30.24
CA VAL A 196 45.18 53.24 -31.29
C VAL A 196 46.32 52.37 -30.83
N ARG A 197 46.86 51.56 -31.74
CA ARG A 197 47.97 50.68 -31.46
C ARG A 197 49.19 51.16 -32.25
N THR A 198 50.29 51.40 -31.56
CA THR A 198 51.48 51.95 -32.18
C THR A 198 52.71 51.16 -31.78
N GLN A 199 53.64 51.00 -32.71
CA GLN A 199 54.92 50.39 -32.44
C GLN A 199 56.02 51.29 -32.99
N TRP A 200 57.24 51.08 -32.51
CA TRP A 200 58.32 52.01 -32.75
C TRP A 200 59.56 51.30 -33.25
N LYS A 201 60.29 51.96 -34.14
CA LYS A 201 61.67 51.58 -34.38
C LYS A 201 62.49 51.89 -33.14
N ASN A 202 63.67 51.30 -33.05
CA ASN A 202 64.46 51.44 -31.84
C ASN A 202 65.40 52.62 -32.03
N VAL A 203 65.09 53.72 -31.35
CA VAL A 203 65.90 54.92 -31.27
C VAL A 203 65.48 55.67 -30.02
N THR A 204 66.15 56.78 -29.73
CA THR A 204 65.71 57.63 -28.64
C THR A 204 64.59 58.57 -29.07
N ASP A 205 64.66 59.04 -30.31
CA ASP A 205 63.92 60.23 -30.71
C ASP A 205 62.42 60.00 -30.70
N GLY A 206 61.69 61.11 -30.63
CA GLY A 206 60.25 61.10 -30.75
C GLY A 206 59.71 61.67 -32.05
N GLY A 207 60.56 61.90 -33.04
CA GLY A 207 60.11 62.46 -34.29
C GLY A 207 59.29 61.47 -35.10
N VAL A 208 58.86 61.93 -36.27
CA VAL A 208 58.03 61.10 -37.12
C VAL A 208 58.82 59.93 -37.71
N GLY A 209 60.09 60.14 -38.05
CA GLY A 209 60.85 59.09 -38.71
C GLY A 209 60.98 57.83 -37.89
N ALA A 210 60.72 57.90 -36.59
CA ALA A 210 60.91 56.74 -35.74
C ALA A 210 59.76 55.75 -35.83
N ILE A 211 58.55 56.21 -36.09
CA ILE A 211 57.38 55.36 -35.94
C ILE A 211 57.33 54.33 -37.05
N GLN A 212 57.12 53.07 -36.67
CA GLN A 212 56.95 52.01 -37.66
C GLN A 212 55.51 51.97 -38.16
N ARG A 213 54.54 52.08 -37.26
CA ARG A 213 53.15 51.94 -37.65
C ARG A 213 52.26 52.67 -36.65
N GLY A 214 51.10 53.14 -37.11
CA GLY A 214 50.12 53.75 -36.22
C GLY A 214 50.24 55.24 -35.95
N ALA A 215 50.73 56.01 -36.91
CA ALA A 215 50.83 57.44 -36.69
C ALA A 215 49.45 58.07 -36.56
N LEU A 216 49.42 59.26 -35.97
CA LEU A 216 48.17 59.97 -35.70
C LEU A 216 48.34 61.43 -36.05
N TYR A 217 47.51 61.91 -36.98
CA TYR A 217 47.62 63.26 -37.49
C TYR A 217 46.44 64.13 -37.07
N MET A 218 46.69 65.43 -36.96
CA MET A 218 45.66 66.42 -36.74
C MET A 218 45.72 67.44 -37.87
N VAL A 219 44.56 67.87 -38.35
CA VAL A 219 44.47 68.74 -39.51
C VAL A 219 43.47 69.84 -39.24
N ILE A 220 43.80 71.06 -39.67
CA ILE A 220 42.92 72.21 -39.52
C ILE A 220 42.61 72.77 -40.88
N ALA A 221 41.34 73.01 -41.15
CA ALA A 221 40.88 73.51 -42.45
C ALA A 221 40.24 74.88 -42.27
N PRO A 222 40.79 75.92 -42.84
CA PRO A 222 40.21 77.25 -42.68
C PRO A 222 38.97 77.42 -43.52
N GLY A 223 38.19 78.44 -43.18
CA GLY A 223 37.07 78.83 -44.01
C GLY A 223 37.53 79.52 -45.27
N ASN A 224 36.59 79.72 -46.19
CA ASN A 224 36.90 80.34 -47.47
C ASN A 224 37.55 81.70 -47.28
N GLY A 225 38.71 81.87 -47.88
CA GLY A 225 39.39 83.15 -47.87
C GLY A 225 39.50 83.78 -46.50
N LEU A 226 39.62 82.94 -45.47
CA LEU A 226 39.65 83.40 -44.10
C LEU A 226 40.81 82.75 -43.37
N THR A 227 41.78 83.55 -42.94
CA THR A 227 42.98 83.06 -42.31
C THR A 227 43.02 83.49 -40.85
N PHE A 228 43.55 82.64 -39.99
CA PHE A 228 43.55 82.93 -38.57
C PHE A 228 44.66 82.15 -37.89
N THR A 229 44.94 82.53 -36.66
CA THR A 229 45.84 81.80 -35.79
C THR A 229 45.08 81.36 -34.54
N ALA A 230 45.64 80.39 -33.83
CA ALA A 230 44.98 79.79 -32.70
C ALA A 230 45.93 79.67 -31.53
N HIS A 231 45.37 79.68 -30.33
CA HIS A 231 46.13 79.48 -29.10
C HIS A 231 45.47 78.39 -28.29
N GLY A 232 46.26 77.71 -27.48
CA GLY A 232 45.72 76.71 -26.59
C GLY A 232 46.73 75.60 -26.34
N GLN A 233 46.23 74.53 -25.72
CA GLN A 233 47.07 73.39 -25.39
C GLN A 233 46.18 72.16 -25.27
N THR A 234 46.80 70.99 -25.34
CA THR A 234 46.08 69.73 -25.34
C THR A 234 46.77 68.74 -24.43
N ARG A 235 46.04 67.68 -24.08
CA ARG A 235 46.59 66.60 -23.29
C ARG A 235 46.31 65.27 -23.95
N LEU A 236 47.07 64.26 -23.54
CA LEU A 236 46.90 62.90 -24.01
C LEU A 236 46.89 61.94 -22.83
N TYR A 237 46.49 60.71 -23.11
CA TYR A 237 46.44 59.68 -22.09
C TYR A 237 46.85 58.36 -22.73
N PHE A 238 47.76 57.63 -22.08
CA PHE A 238 48.23 56.37 -22.65
C PHE A 238 48.98 55.59 -21.58
N LYS A 239 49.40 54.39 -21.95
CA LYS A 239 50.30 53.60 -21.12
C LYS A 239 51.11 52.67 -22.01
N SER A 240 52.35 52.44 -21.61
CA SER A 240 53.19 51.50 -22.31
C SER A 240 52.76 50.07 -21.98
N VAL A 241 53.15 49.14 -22.85
CA VAL A 241 52.86 47.72 -22.63
C VAL A 241 53.82 46.92 -23.47
N GLY A 242 53.99 45.64 -23.13
CA GLY A 242 54.77 44.72 -23.91
C GLY A 242 56.13 44.44 -23.28
N ASN A 243 56.85 43.53 -23.94
CA ASN A 243 58.18 43.12 -23.51
C ASN A 243 58.19 42.67 -22.07
N ALA B 31 17.73 61.70 -4.41
CA ALA B 31 17.71 63.10 -4.83
C ALA B 31 18.08 64.02 -3.67
N GLY B 32 19.37 64.13 -3.38
CA GLY B 32 19.85 64.95 -2.29
C GLY B 32 21.16 64.39 -1.75
N SER B 33 21.67 65.06 -0.72
CA SER B 33 22.89 64.59 -0.08
C SER B 33 22.78 64.58 1.44
N LYS B 34 22.81 63.38 2.02
CA LYS B 34 22.80 63.18 3.48
C LYS B 34 21.77 64.08 4.16
N ALA B 35 20.60 64.19 3.54
CA ALA B 35 19.54 64.99 4.11
C ALA B 35 19.06 64.37 5.42
N ASP B 36 18.64 65.23 6.34
CA ASP B 36 18.21 64.82 7.66
C ASP B 36 16.96 65.59 8.06
N ARG B 37 16.04 64.88 8.71
CA ARG B 37 14.72 65.43 9.01
C ARG B 37 14.76 66.78 9.72
N PRO B 38 15.55 66.99 10.77
CA PRO B 38 15.64 68.33 11.34
C PRO B 38 16.30 69.29 10.37
N SER B 39 16.01 70.57 10.56
CA SER B 39 16.50 71.59 9.66
C SER B 39 18.02 71.72 9.78
N LEU B 40 18.62 72.34 8.77
CA LEU B 40 20.06 72.52 8.71
C LEU B 40 20.41 74.00 8.82
N GLN B 41 21.58 74.27 9.38
CA GLN B 41 21.96 75.65 9.64
C GLN B 41 22.19 76.41 8.35
N ILE B 42 22.16 77.73 8.45
CA ILE B 42 22.26 78.61 7.29
C ILE B 42 23.28 79.70 7.56
N GLN B 43 24.10 79.98 6.55
CA GLN B 43 25.03 81.10 6.58
C GLN B 43 24.93 81.88 5.29
N THR B 44 25.08 83.19 5.37
CA THR B 44 24.92 84.07 4.23
C THR B 44 26.14 84.97 4.07
N LEU B 45 26.25 85.56 2.90
CA LEU B 45 27.27 86.55 2.62
C LEU B 45 26.62 87.74 1.93
N GLN B 46 27.13 88.92 2.20
CA GLN B 46 26.57 90.14 1.67
C GLN B 46 27.63 90.86 0.85
N HIS B 47 27.44 90.90 -0.47
CA HIS B 47 28.33 91.65 -1.35
C HIS B 47 27.48 92.68 -2.07
N ALA B 48 27.68 93.94 -1.73
CA ALA B 48 26.89 95.03 -2.26
C ALA B 48 27.42 96.33 -1.68
N GLY B 49 27.05 97.44 -2.31
CA GLY B 49 27.39 98.74 -1.78
C GLY B 49 28.89 98.88 -1.59
N THR B 50 29.29 99.14 -0.34
CA THR B 50 30.70 99.26 -0.02
C THR B 50 31.47 98.02 -0.46
N THR B 51 30.91 96.84 -0.26
CA THR B 51 31.59 95.61 -0.62
C THR B 51 31.02 95.13 -1.95
N MET B 52 31.79 95.31 -3.00
CA MET B 52 31.45 94.79 -4.32
C MET B 52 32.70 94.12 -4.85
N ILE B 53 32.61 92.81 -5.08
CA ILE B 53 33.73 92.11 -5.67
C ILE B 53 34.08 92.79 -6.98
N THR B 54 35.32 93.22 -7.12
CA THR B 54 35.78 93.94 -8.30
C THR B 54 37.04 93.26 -8.82
N VAL B 55 37.02 92.86 -10.07
CA VAL B 55 38.06 91.98 -10.59
C VAL B 55 38.86 92.67 -11.69
N PRO B 56 40.10 93.03 -11.44
CA PRO B 56 41.01 93.36 -12.53
C PRO B 56 41.48 92.10 -13.22
N SER B 57 42.05 92.29 -14.41
CA SER B 57 42.55 91.17 -15.20
C SER B 57 43.47 90.29 -14.37
N GLY B 58 43.26 88.99 -14.42
CA GLY B 58 44.02 88.06 -13.62
C GLY B 58 43.26 87.48 -12.44
N GLY B 59 42.00 87.83 -12.26
CA GLY B 59 41.18 87.18 -11.27
C GLY B 59 41.51 87.60 -9.85
N VAL B 60 40.73 87.05 -8.92
CA VAL B 60 40.92 87.35 -7.50
C VAL B 60 40.58 86.10 -6.71
N CYS B 61 41.35 85.87 -5.66
CA CYS B 61 41.18 84.74 -4.77
C CYS B 61 40.34 85.16 -3.58
N ASP B 62 39.52 84.24 -3.08
CA ASP B 62 38.69 84.53 -1.93
C ASP B 62 38.28 83.23 -1.24
N LEU B 63 37.89 83.35 0.01
CA LEU B 63 37.41 82.22 0.80
C LEU B 63 35.99 82.48 1.26
N ILE B 64 35.09 81.56 0.94
CA ILE B 64 33.68 81.70 1.28
C ILE B 64 33.28 80.90 2.51
N ASN B 65 34.18 80.14 3.10
CA ASN B 65 33.76 79.18 4.11
C ASN B 65 33.82 79.72 5.52
N THR B 66 34.12 81.01 5.67
CA THR B 66 34.29 81.61 6.99
C THR B 66 33.11 81.35 7.91
N TYR B 67 33.42 80.92 9.14
CA TYR B 67 32.43 80.64 10.17
C TYR B 67 32.96 81.14 11.49
N ALA B 68 32.13 81.86 12.24
CA ALA B 68 32.50 82.17 13.61
C ALA B 68 32.08 81.02 14.52
N ARG B 69 32.42 81.15 15.81
CA ARG B 69 31.98 80.19 16.82
C ARG B 69 31.36 80.95 17.98
N GLY B 70 30.22 80.47 18.44
CA GLY B 70 29.56 81.11 19.56
C GLY B 70 28.12 80.68 19.66
N SER B 71 27.33 81.54 20.30
CA SER B 71 25.93 81.22 20.55
C SER B 71 25.09 81.43 19.31
N ASP B 72 25.40 82.46 18.52
CA ASP B 72 24.52 82.86 17.44
C ASP B 72 24.35 81.74 16.43
N GLU B 73 23.14 81.64 15.89
CA GLU B 73 22.86 80.65 14.85
C GLU B 73 23.63 80.99 13.59
N GLY B 74 24.13 79.97 12.93
CA GLY B 74 24.94 80.15 11.75
C GLY B 74 26.41 80.06 12.08
N ASN B 75 26.76 80.33 13.32
CA ASN B 75 28.12 80.08 13.75
C ASN B 75 28.28 78.61 14.11
N ARG B 76 29.51 78.14 14.00
CA ARG B 76 29.77 76.72 14.25
C ARG B 76 29.87 76.45 15.73
N HIS B 77 29.18 75.39 16.18
CA HIS B 77 29.21 75.02 17.58
C HIS B 77 30.37 74.12 17.96
N THR B 78 31.03 73.50 16.97
CA THR B 78 32.02 72.48 17.29
C THR B 78 33.33 72.77 16.58
N SER B 79 34.26 71.81 16.67
CA SER B 79 35.51 71.93 15.95
C SER B 79 35.49 71.19 14.62
N GLU B 80 34.37 70.58 14.26
CA GLU B 80 34.29 69.75 13.07
C GLU B 80 33.02 70.08 12.29
N THR B 81 33.18 70.40 11.01
CA THR B 81 32.07 70.87 10.20
C THR B 81 32.05 70.18 8.84
N LEU B 82 30.87 69.80 8.40
CA LEU B 82 30.63 69.31 7.04
C LEU B 82 29.67 70.28 6.36
N THR B 83 29.91 70.53 5.08
CA THR B 83 29.01 71.34 4.27
C THR B 83 28.40 70.49 3.16
N TYR B 84 27.23 70.88 2.71
CA TYR B 84 26.53 70.08 1.73
C TYR B 84 26.13 70.84 0.48
N LYS B 85 25.09 71.66 0.60
CA LYS B 85 24.47 72.27 -0.56
C LYS B 85 24.79 73.76 -0.59
N ILE B 86 24.96 74.29 -1.79
CA ILE B 86 25.30 75.69 -1.97
C ILE B 86 24.51 76.25 -3.14
N ALA B 87 24.03 77.48 -2.98
CA ALA B 87 23.33 78.18 -4.05
C ALA B 87 23.96 79.55 -4.22
N ILE B 88 24.05 80.00 -5.46
CA ILE B 88 24.75 81.22 -5.77
C ILE B 88 23.88 82.07 -6.68
N ASP B 89 23.74 83.35 -6.32
CA ASP B 89 23.07 84.34 -7.15
C ASP B 89 23.96 85.57 -7.24
N TYR B 90 24.00 86.17 -8.42
CA TYR B 90 24.69 87.45 -8.57
C TYR B 90 24.12 88.22 -9.73
N HIS B 91 24.42 89.50 -9.74
CA HIS B 91 24.32 90.31 -10.94
C HIS B 91 25.71 90.70 -11.41
N PHE B 92 25.89 90.76 -12.72
CA PHE B 92 27.10 91.27 -13.33
C PHE B 92 26.79 92.55 -14.09
N VAL B 93 27.79 93.41 -14.22
CA VAL B 93 27.70 94.56 -15.10
C VAL B 93 29.08 94.94 -15.56
N ALA B 94 29.20 95.35 -16.82
CA ALA B 94 30.47 95.80 -17.32
C ALA B 94 30.87 97.11 -16.65
N ASP B 95 32.16 97.39 -16.64
CA ASP B 95 32.68 98.64 -16.11
C ASP B 95 32.93 99.61 -17.26
N ALA B 96 32.55 100.87 -17.03
CA ALA B 96 32.79 101.89 -18.05
C ALA B 96 34.27 102.02 -18.36
N ALA B 97 35.14 101.73 -17.40
CA ALA B 97 36.56 101.84 -17.62
C ALA B 97 37.01 101.04 -18.84
N ALA B 98 36.41 99.88 -19.07
CA ALA B 98 36.72 99.07 -20.23
C ALA B 98 35.76 99.28 -21.38
N CYS B 99 34.73 100.10 -21.20
CA CYS B 99 33.77 100.30 -22.28
C CYS B 99 34.33 101.15 -23.42
N ARG B 100 35.52 101.73 -23.25
CA ARG B 100 36.12 102.52 -24.33
C ARG B 100 36.47 101.68 -25.54
N TYR B 101 36.36 100.36 -25.45
CA TYR B 101 36.61 99.46 -26.56
C TYR B 101 35.37 98.61 -26.79
N SER B 102 35.32 97.95 -27.95
CA SER B 102 34.21 97.08 -28.28
C SER B 102 34.74 95.72 -28.68
N ASN B 103 34.51 94.73 -27.83
CA ASN B 103 34.75 93.35 -28.19
C ASN B 103 33.96 92.47 -27.22
N THR B 104 33.80 91.22 -27.60
CA THR B 104 33.22 90.26 -26.69
C THR B 104 34.33 89.59 -25.89
N GLY B 105 33.97 88.53 -25.18
CA GLY B 105 34.94 87.77 -24.43
C GLY B 105 34.27 86.58 -23.78
N THR B 106 35.02 85.92 -22.91
CA THR B 106 34.46 84.80 -22.15
C THR B 106 35.06 84.78 -20.75
N GLY B 107 34.20 84.59 -19.76
CA GLY B 107 34.62 84.51 -18.37
C GLY B 107 34.50 83.10 -17.82
N VAL B 108 35.00 82.94 -16.59
CA VAL B 108 35.08 81.64 -15.94
C VAL B 108 34.89 81.83 -14.44
N MET B 109 34.18 80.90 -13.83
CA MET B 109 34.06 80.82 -12.38
C MET B 109 34.35 79.40 -11.95
N TRP B 110 35.30 79.24 -11.04
CA TRP B 110 35.63 77.92 -10.51
C TRP B 110 35.26 77.83 -9.04
N LEU B 111 35.06 76.60 -8.60
CA LEU B 111 34.90 76.30 -7.19
C LEU B 111 36.02 75.35 -6.83
N VAL B 112 36.98 75.81 -6.04
CA VAL B 112 38.24 75.10 -5.82
C VAL B 112 38.32 74.65 -4.37
N TYR B 113 38.65 73.39 -4.17
CA TYR B 113 38.80 72.82 -2.85
C TYR B 113 40.27 72.65 -2.51
N ASP B 114 40.61 72.86 -1.25
CA ASP B 114 41.98 72.81 -0.77
C ASP B 114 42.13 71.69 0.25
N THR B 115 43.37 71.21 0.39
CA THR B 115 43.69 70.27 1.45
C THR B 115 44.29 71.01 2.65
N THR B 116 45.52 71.48 2.52
CA THR B 116 46.19 72.21 3.59
C THR B 116 46.51 73.62 3.10
N PRO B 117 45.90 74.64 3.67
CA PRO B 117 46.22 76.00 3.24
C PRO B 117 47.56 76.45 3.80
N GLY B 118 48.27 77.24 3.02
CA GLY B 118 49.46 77.87 3.52
C GLY B 118 49.13 78.95 4.53
N GLY B 119 50.18 79.48 5.15
CA GLY B 119 49.99 80.60 6.05
C GLY B 119 49.58 81.88 5.36
N GLN B 120 49.77 81.96 4.05
CA GLN B 120 49.47 83.15 3.28
C GLN B 120 48.36 82.85 2.27
N ALA B 121 47.63 83.88 1.89
CA ALA B 121 46.52 83.71 0.99
C ALA B 121 47.02 83.41 -0.43
N PRO B 122 46.46 82.42 -1.09
CA PRO B 122 46.88 82.12 -2.45
C PRO B 122 46.43 83.19 -3.42
N THR B 123 47.07 83.20 -4.58
CA THR B 123 46.66 84.04 -5.69
C THR B 123 46.57 83.17 -6.93
N PRO B 124 45.69 83.50 -7.87
CA PRO B 124 45.54 82.63 -9.05
C PRO B 124 46.84 82.29 -9.73
N GLN B 125 47.71 83.27 -9.93
CA GLN B 125 48.97 83.00 -10.60
C GLN B 125 49.73 81.88 -9.91
N THR B 126 49.54 81.76 -8.61
CA THR B 126 50.18 80.67 -7.88
C THR B 126 49.40 79.37 -8.04
N ILE B 127 48.07 79.44 -8.12
CA ILE B 127 47.31 78.21 -8.15
C ILE B 127 47.40 77.54 -9.51
N PHE B 128 47.55 78.35 -10.56
CA PHE B 128 47.61 77.84 -11.92
C PHE B 128 48.91 78.30 -12.53
N ALA B 129 49.71 77.37 -13.03
CA ALA B 129 50.93 77.76 -13.71
C ALA B 129 50.58 78.18 -15.12
N TYR B 130 50.81 79.43 -15.44
CA TYR B 130 50.51 79.85 -16.79
C TYR B 130 51.57 80.81 -17.29
N PRO B 131 51.98 80.70 -18.54
CA PRO B 131 52.87 81.71 -19.11
C PRO B 131 52.16 83.04 -19.26
N ASP B 132 52.95 84.10 -19.33
CA ASP B 132 52.38 85.44 -19.41
C ASP B 132 51.54 85.59 -20.68
N THR B 133 51.89 84.86 -21.73
CA THR B 133 51.14 84.95 -22.98
C THR B 133 49.69 84.57 -22.78
N LEU B 134 49.42 83.48 -22.09
CA LEU B 134 48.06 82.99 -21.93
C LEU B 134 47.23 83.84 -20.96
N LYS B 135 47.84 84.82 -20.30
CA LYS B 135 47.11 85.62 -19.32
C LYS B 135 45.85 86.23 -19.93
N ALA B 136 45.88 86.50 -21.24
CA ALA B 136 44.69 87.02 -21.91
C ALA B 136 43.51 86.08 -21.76
N TRP B 137 43.68 84.84 -22.18
CA TRP B 137 42.50 83.99 -22.24
C TRP B 137 42.54 83.02 -21.08
N PRO B 138 41.74 83.24 -20.05
CA PRO B 138 41.81 82.35 -18.89
C PRO B 138 41.25 80.98 -19.19
N ALA B 139 40.20 80.92 -20.01
CA ALA B 139 39.40 79.70 -20.09
C ALA B 139 40.22 78.49 -20.47
N THR B 140 41.44 78.68 -20.96
CA THR B 140 42.32 77.58 -21.24
C THR B 140 43.11 77.11 -20.03
N TRP B 141 43.15 77.90 -18.98
CA TRP B 141 43.94 77.52 -17.81
C TRP B 141 43.48 76.16 -17.30
N LYS B 142 44.42 75.39 -16.78
CA LYS B 142 44.09 74.17 -16.07
C LYS B 142 45.06 74.02 -14.91
N VAL B 143 44.69 73.15 -13.98
CA VAL B 143 45.44 73.01 -12.74
C VAL B 143 46.87 72.58 -13.04
N SER B 144 47.82 73.22 -12.36
CA SER B 144 49.23 72.91 -12.57
C SER B 144 49.58 71.55 -11.99
N ARG B 145 50.58 70.90 -12.57
CA ARG B 145 50.88 69.52 -12.18
C ARG B 145 51.66 69.44 -10.87
N GLU B 146 52.46 70.46 -10.56
CA GLU B 146 53.27 70.41 -9.35
C GLU B 146 52.41 70.22 -8.12
N LEU B 147 51.26 70.88 -8.09
CA LEU B 147 50.37 70.85 -6.96
C LEU B 147 49.28 69.79 -7.10
N CYS B 148 49.39 68.93 -8.11
CA CYS B 148 48.32 68.08 -8.60
C CYS B 148 47.53 67.43 -7.48
N HIS B 149 48.20 66.99 -6.44
CA HIS B 149 47.48 66.39 -5.32
C HIS B 149 47.14 67.38 -4.23
N ARG B 150 47.64 68.61 -4.29
CA ARG B 150 47.32 69.56 -3.24
C ARG B 150 45.97 70.23 -3.45
N PHE B 151 45.54 70.37 -4.70
CA PHE B 151 44.30 71.07 -5.02
C PHE B 151 43.42 70.21 -5.91
N VAL B 152 42.15 70.60 -6.01
CA VAL B 152 41.22 69.94 -6.92
C VAL B 152 40.08 70.92 -7.17
N VAL B 153 39.35 70.71 -8.26
CA VAL B 153 38.24 71.58 -8.63
C VAL B 153 37.00 70.72 -8.76
N LYS B 154 36.03 70.96 -7.89
CA LYS B 154 34.84 70.11 -7.89
C LYS B 154 33.71 70.66 -8.74
N ARG B 155 33.80 71.89 -9.22
CA ARG B 155 32.78 72.44 -10.10
C ARG B 155 33.41 73.41 -11.07
N ARG B 156 32.67 73.71 -12.13
CA ARG B 156 33.13 74.66 -13.14
C ARG B 156 31.91 75.30 -13.77
N TRP B 157 32.07 76.56 -14.19
CA TRP B 157 30.99 77.20 -14.90
C TRP B 157 31.54 78.18 -15.93
N LEU B 158 30.75 78.42 -16.97
CA LEU B 158 31.10 79.36 -18.01
C LEU B 158 30.04 80.43 -18.15
N PHE B 159 30.46 81.57 -18.67
CA PHE B 159 29.54 82.64 -19.02
C PHE B 159 30.25 83.53 -20.02
N ASN B 160 29.48 84.33 -20.73
CA ASN B 160 30.05 85.23 -21.71
C ASN B 160 29.29 86.53 -21.70
N MET B 161 29.99 87.59 -22.07
CA MET B 161 29.42 88.92 -22.07
C MET B 161 30.19 89.77 -23.07
N GLU B 162 29.60 90.91 -23.43
CA GLU B 162 30.21 91.76 -24.44
C GLU B 162 29.72 93.17 -24.25
N THR B 163 30.46 94.11 -24.82
CA THR B 163 30.10 95.52 -24.76
C THR B 163 30.26 96.14 -26.13
N ASP B 164 29.39 97.09 -26.42
CA ASP B 164 29.36 97.77 -27.69
C ASP B 164 30.11 99.09 -27.68
N GLY B 165 30.66 99.49 -26.55
CA GLY B 165 31.30 100.78 -26.44
C GLY B 165 30.36 101.93 -26.13
N ARG B 166 29.29 101.68 -25.39
CA ARG B 166 28.35 102.74 -25.06
C ARG B 166 27.90 102.58 -23.62
N ILE B 167 28.01 103.65 -22.85
CA ILE B 167 27.57 103.62 -21.45
C ILE B 167 26.06 103.74 -21.41
N GLY B 168 25.45 103.21 -20.36
CA GLY B 168 24.00 103.18 -20.28
C GLY B 168 23.37 104.55 -20.29
N SER B 169 23.90 105.48 -19.50
CA SER B 169 23.27 106.77 -19.31
C SER B 169 23.24 107.62 -20.57
N ASP B 170 23.90 107.18 -21.64
CA ASP B 170 24.00 107.98 -22.86
C ASP B 170 22.68 107.95 -23.63
N ILE B 171 22.23 109.12 -24.07
CA ILE B 171 20.97 109.24 -24.81
C ILE B 171 21.21 108.96 -26.28
N PRO B 172 20.49 108.03 -26.88
CA PRO B 172 20.60 107.84 -28.32
C PRO B 172 20.17 109.10 -29.05
N PRO B 173 20.81 109.42 -30.17
CA PRO B 173 20.31 110.49 -31.02
C PRO B 173 19.03 110.08 -31.70
N SER B 174 18.20 111.07 -31.99
CA SER B 174 16.87 110.82 -32.53
C SER B 174 16.88 110.17 -33.91
N ASN B 175 18.04 110.07 -34.56
CA ASN B 175 18.09 109.53 -35.91
C ASN B 175 18.04 108.00 -35.92
N ALA B 176 18.87 107.35 -35.12
CA ALA B 176 19.04 105.91 -35.23
C ALA B 176 19.13 105.30 -33.83
N SER B 177 19.10 103.97 -33.78
CA SER B 177 19.04 103.27 -32.50
C SER B 177 20.03 102.12 -32.38
N TRP B 178 19.91 101.35 -31.30
CA TRP B 178 20.79 100.22 -31.08
C TRP B 178 20.00 99.10 -30.43
N LYS B 179 20.43 97.86 -30.68
CA LYS B 179 19.98 96.71 -29.90
C LYS B 179 21.16 96.25 -29.08
N PRO B 180 21.24 96.56 -27.81
CA PRO B 180 22.37 96.10 -27.00
C PRO B 180 22.06 94.86 -26.19
N CYS B 181 21.71 93.77 -26.85
CA CYS B 181 21.43 92.55 -26.12
C CYS B 181 22.64 92.10 -25.33
N LYS B 182 22.40 91.63 -24.12
CA LYS B 182 23.43 91.05 -23.26
C LYS B 182 24.56 92.05 -22.98
N ARG B 183 24.18 93.25 -22.55
CA ARG B 183 25.18 94.09 -21.90
C ARG B 183 25.44 93.61 -20.49
N ASN B 184 24.39 93.29 -19.76
CA ASN B 184 24.51 92.72 -18.43
C ASN B 184 23.77 91.40 -18.37
N ILE B 185 24.06 90.61 -17.36
CA ILE B 185 23.63 89.22 -17.33
C ILE B 185 23.25 88.82 -15.91
N TYR B 186 22.34 87.88 -15.81
CA TYR B 186 21.85 87.35 -14.55
C TYR B 186 22.31 85.92 -14.40
N PHE B 187 23.15 85.66 -13.42
CA PHE B 187 23.81 84.36 -13.28
C PHE B 187 23.43 83.72 -11.96
N HIS B 188 23.01 82.45 -12.02
CA HIS B 188 22.66 81.73 -10.82
C HIS B 188 22.86 80.24 -11.05
N LYS B 189 23.25 79.53 -10.00
CA LYS B 189 23.39 78.08 -10.05
C LYS B 189 23.02 77.52 -8.69
N PHE B 190 22.60 76.26 -8.69
CA PHE B 190 22.20 75.57 -7.48
C PHE B 190 22.70 74.14 -7.59
N THR B 191 23.43 73.67 -6.60
CA THR B 191 23.98 72.32 -6.68
C THR B 191 24.05 71.66 -5.31
N SER B 192 23.59 70.41 -5.25
CA SER B 192 23.62 69.62 -4.03
C SER B 192 24.77 68.61 -3.98
N GLY B 193 25.56 68.52 -5.04
CA GLY B 193 26.42 67.35 -5.18
C GLY B 193 27.53 67.29 -4.16
N LEU B 194 28.24 68.41 -3.99
CA LEU B 194 29.51 68.37 -3.30
C LEU B 194 29.34 68.02 -1.83
N GLY B 195 30.45 67.62 -1.22
CA GLY B 195 30.55 67.56 0.22
C GLY B 195 31.99 67.77 0.61
N VAL B 196 32.19 68.32 1.81
CA VAL B 196 33.51 68.75 2.23
C VAL B 196 33.64 68.49 3.72
N ARG B 197 34.82 68.06 4.14
CA ARG B 197 35.13 67.79 5.53
C ARG B 197 36.16 68.78 6.01
N THR B 198 35.85 69.50 7.09
CA THR B 198 36.73 70.55 7.59
C THR B 198 36.92 70.42 9.08
N GLN B 199 38.13 70.73 9.54
CA GLN B 199 38.43 70.79 10.96
C GLN B 199 39.14 72.09 11.26
N TRP B 200 39.15 72.46 12.53
CA TRP B 200 39.55 73.80 12.93
C TRP B 200 40.57 73.75 14.06
N LYS B 201 41.50 74.70 14.02
CA LYS B 201 42.26 75.01 15.21
C LYS B 201 41.33 75.64 16.24
N ASN B 202 41.77 75.65 17.49
CA ASN B 202 40.90 76.13 18.55
C ASN B 202 41.16 77.62 18.75
N VAL B 203 40.22 78.43 18.29
CA VAL B 203 40.18 79.88 18.49
C VAL B 203 38.73 80.30 18.33
N THR B 204 38.47 81.60 18.52
CA THR B 204 37.15 82.13 18.23
C THR B 204 36.98 82.43 16.76
N ASP B 205 38.04 82.91 16.12
CA ASP B 205 37.93 83.64 14.87
C ASP B 205 37.46 82.74 13.74
N GLY B 206 36.92 83.38 12.70
CA GLY B 206 36.55 82.70 11.48
C GLY B 206 37.45 82.97 10.29
N GLY B 207 38.60 83.60 10.49
CA GLY B 207 39.49 83.92 9.40
C GLY B 207 40.15 82.67 8.83
N VAL B 208 40.99 82.90 7.83
CA VAL B 208 41.66 81.80 7.16
C VAL B 208 42.70 81.15 8.07
N GLY B 209 43.40 81.93 8.88
CA GLY B 209 44.46 81.37 9.69
C GLY B 209 44.01 80.30 10.65
N ALA B 210 42.72 80.20 10.92
CA ALA B 210 42.22 79.25 11.89
C ALA B 210 42.12 77.84 11.34
N ILE B 211 41.85 77.69 10.04
CA ILE B 211 41.49 76.39 9.50
C ILE B 211 42.70 75.48 9.46
N GLN B 212 42.54 74.26 9.97
CA GLN B 212 43.59 73.27 9.88
C GLN B 212 43.58 72.57 8.52
N ARG B 213 42.40 72.20 8.04
CA ARG B 213 42.31 71.44 6.81
C ARG B 213 40.96 71.65 6.17
N GLY B 214 40.89 71.54 4.84
CA GLY B 214 39.62 71.59 4.13
C GLY B 214 39.10 72.96 3.71
N ALA B 215 40.00 73.90 3.41
CA ALA B 215 39.55 75.21 2.98
C ALA B 215 38.84 75.13 1.63
N LEU B 216 38.04 76.15 1.34
CA LEU B 216 37.23 76.19 0.14
C LEU B 216 37.33 77.57 -0.49
N TYR B 217 37.80 77.62 -1.74
CA TYR B 217 38.04 78.89 -2.41
C TYR B 217 37.07 79.09 -3.57
N MET B 218 36.80 80.35 -3.87
CA MET B 218 36.05 80.76 -5.05
C MET B 218 36.91 81.70 -5.87
N VAL B 219 36.87 81.56 -7.19
CA VAL B 219 37.73 82.31 -8.08
C VAL B 219 36.92 82.82 -9.26
N ILE B 220 37.19 84.05 -9.67
CA ILE B 220 36.52 84.66 -10.80
C ILE B 220 37.57 85.04 -11.84
N ALA B 221 37.33 84.66 -13.09
CA ALA B 221 38.27 84.93 -14.17
C ALA B 221 37.62 85.83 -15.20
N PRO B 222 38.11 87.04 -15.42
CA PRO B 222 37.50 87.93 -16.39
C PRO B 222 37.83 87.52 -17.81
N GLY B 223 37.05 88.04 -18.74
CA GLY B 223 37.35 87.89 -20.14
C GLY B 223 38.53 88.75 -20.55
N ASN B 224 39.01 88.50 -21.78
CA ASN B 224 40.18 89.23 -22.28
C ASN B 224 39.94 90.73 -22.24
N GLY B 225 40.87 91.44 -21.59
CA GLY B 225 40.83 92.88 -21.57
C GLY B 225 39.48 93.45 -21.21
N LEU B 226 38.74 92.75 -20.35
CA LEU B 226 37.38 93.15 -19.99
C LEU B 226 37.25 93.09 -18.48
N THR B 227 37.02 94.24 -17.86
CA THR B 227 36.94 94.35 -16.41
C THR B 227 35.53 94.73 -16.00
N PHE B 228 35.09 94.19 -14.87
CA PHE B 228 33.73 94.42 -14.43
C PHE B 228 33.63 94.22 -12.93
N THR B 229 32.52 94.68 -12.37
CA THR B 229 32.16 94.43 -10.99
C THR B 229 30.85 93.67 -10.94
N ALA B 230 30.60 93.05 -9.80
CA ALA B 230 29.43 92.18 -9.64
C ALA B 230 28.71 92.49 -8.34
N HIS B 231 27.41 92.22 -8.34
CA HIS B 231 26.58 92.37 -7.15
C HIS B 231 25.83 91.08 -6.92
N GLY B 232 25.49 90.82 -5.67
CA GLY B 232 24.69 89.67 -5.33
C GLY B 232 25.02 89.15 -3.95
N GLN B 233 24.50 87.97 -3.65
CA GLN B 233 24.70 87.33 -2.37
C GLN B 233 24.55 85.84 -2.53
N THR B 234 25.04 85.09 -1.55
CA THR B 234 25.05 83.64 -1.62
C THR B 234 24.66 83.05 -0.28
N ARG B 235 24.29 81.78 -0.30
CA ARG B 235 23.96 81.06 0.92
C ARG B 235 24.74 79.77 0.99
N LEU B 236 24.83 79.22 2.20
CA LEU B 236 25.47 77.94 2.44
C LEU B 236 24.57 77.07 3.30
N TYR B 237 24.93 75.81 3.39
CA TYR B 237 24.20 74.84 4.18
C TYR B 237 25.18 73.88 4.82
N PHE B 238 25.04 73.64 6.12
CA PHE B 238 25.98 72.76 6.81
C PHE B 238 25.40 72.39 8.17
N LYS B 239 26.13 71.53 8.87
CA LYS B 239 25.82 71.23 10.26
C LYS B 239 27.10 70.81 10.97
N SER B 240 27.19 71.18 12.25
CA SER B 240 28.31 70.73 13.05
C SER B 240 28.15 69.27 13.43
N VAL B 241 29.26 68.64 13.79
CA VAL B 241 29.24 67.25 14.24
C VAL B 241 30.52 67.01 15.04
N GLY B 242 30.51 65.95 15.84
CA GLY B 242 31.68 65.50 16.57
C GLY B 242 31.61 65.88 18.03
N ASN B 243 32.64 65.42 18.75
CA ASN B 243 32.78 65.67 20.18
C ASN B 243 31.55 65.24 20.95
N ALA C 31 -2.23 62.94 -13.20
CA ALA C 31 -2.12 64.19 -13.96
C ALA C 31 -3.25 65.15 -13.60
N GLY C 32 -3.09 65.84 -12.47
CA GLY C 32 -4.09 66.76 -11.99
C GLY C 32 -4.04 66.87 -10.48
N SER C 33 -4.94 67.68 -9.93
CA SER C 33 -5.01 67.82 -8.49
C SER C 33 -6.44 67.72 -7.98
N LYS C 34 -6.74 66.66 -7.22
CA LYS C 34 -8.04 66.46 -6.57
C LYS C 34 -9.20 66.76 -7.51
N ALA C 35 -9.05 66.33 -8.77
CA ALA C 35 -10.10 66.53 -9.75
C ALA C 35 -11.34 65.73 -9.36
N ASP C 36 -12.49 66.29 -9.70
CA ASP C 36 -13.77 65.70 -9.35
C ASP C 36 -14.72 65.79 -10.55
N ARG C 37 -15.49 64.72 -10.75
CA ARG C 37 -16.32 64.59 -11.95
C ARG C 37 -17.23 65.79 -12.20
N PRO C 38 -17.97 66.32 -11.22
CA PRO C 38 -18.73 67.53 -11.49
C PRO C 38 -17.81 68.71 -11.74
N SER C 39 -18.33 69.70 -12.44
CA SER C 39 -17.54 70.86 -12.82
C SER C 39 -17.16 71.67 -11.58
N LEU C 40 -16.15 72.52 -11.75
CA LEU C 40 -15.65 73.36 -10.67
C LEU C 40 -15.92 74.82 -10.96
N GLN C 41 -16.09 75.60 -9.90
CA GLN C 41 -16.47 76.99 -10.06
C GLN C 41 -15.35 77.79 -10.71
N ILE C 42 -15.73 78.95 -11.23
CA ILE C 42 -14.81 79.79 -11.99
C ILE C 42 -14.91 81.22 -11.51
N GLN C 43 -13.77 81.88 -11.36
CA GLN C 43 -13.70 83.30 -11.06
C GLN C 43 -12.70 83.96 -11.97
N THR C 44 -13.00 85.20 -12.37
CA THR C 44 -12.17 85.93 -13.32
C THR C 44 -11.78 87.29 -12.75
N LEU C 45 -10.78 87.89 -13.37
CA LEU C 45 -10.38 89.25 -13.07
C LEU C 45 -10.20 90.00 -14.37
N GLN C 46 -10.51 91.29 -14.33
CA GLN C 46 -10.46 92.12 -15.53
C GLN C 46 -9.48 93.25 -15.28
N HIS C 47 -8.35 93.23 -15.97
CA HIS C 47 -7.39 94.32 -15.91
C HIS C 47 -7.21 94.87 -17.32
N ALA C 48 -7.72 96.07 -17.55
CA ALA C 48 -7.72 96.68 -18.87
C ALA C 48 -8.32 98.06 -18.75
N GLY C 49 -8.08 98.87 -19.76
CA GLY C 49 -8.73 100.18 -19.82
C GLY C 49 -8.42 100.99 -18.58
N THR C 50 -9.47 101.38 -17.88
CA THR C 50 -9.32 102.14 -16.64
C THR C 50 -8.41 101.41 -15.65
N THR C 51 -8.54 100.10 -15.56
CA THR C 51 -7.73 99.32 -14.62
C THR C 51 -6.61 98.68 -15.41
N MET C 52 -5.42 99.21 -15.27
CA MET C 52 -4.21 98.62 -15.84
C MET C 52 -3.17 98.60 -14.75
N ILE C 53 -2.74 97.41 -14.37
CA ILE C 53 -1.67 97.33 -13.39
C ILE C 53 -0.48 98.11 -13.91
N THR C 54 -0.02 99.08 -13.12
CA THR C 54 1.08 99.96 -13.51
C THR C 54 2.12 99.95 -12.40
N VAL C 55 3.34 99.60 -12.75
CA VAL C 55 4.34 99.33 -11.72
C VAL C 55 5.50 100.32 -11.80
N PRO C 56 5.61 101.22 -10.83
CA PRO C 56 6.85 101.96 -10.65
C PRO C 56 7.91 101.07 -10.02
N SER C 57 9.16 101.52 -10.09
CA SER C 57 10.27 100.76 -9.54
C SER C 57 10.01 100.42 -8.08
N GLY C 58 10.23 99.16 -7.73
CA GLY C 58 9.94 98.67 -6.40
C GLY C 58 8.73 97.79 -6.31
N GLY C 59 8.05 97.51 -7.41
CA GLY C 59 6.99 96.53 -7.42
C GLY C 59 5.72 97.03 -6.78
N VAL C 60 4.69 96.16 -6.82
CA VAL C 60 3.41 96.48 -6.23
C VAL C 60 2.81 95.21 -5.66
N CYS C 61 2.15 95.35 -4.52
CA CYS C 61 1.49 94.24 -3.84
C CYS C 61 0.04 94.20 -4.24
N ASP C 62 -0.52 93.00 -4.32
CA ASP C 62 -1.92 92.85 -4.68
C ASP C 62 -2.42 91.50 -4.19
N LEU C 63 -3.75 91.39 -4.07
CA LEU C 63 -4.40 90.16 -3.68
C LEU C 63 -5.35 89.71 -4.76
N ILE C 64 -5.18 88.48 -5.25
CA ILE C 64 -6.01 87.95 -6.31
C ILE C 64 -7.11 87.04 -5.83
N ASN C 65 -7.19 86.76 -4.54
CA ASN C 65 -8.07 85.70 -4.08
C ASN C 65 -9.46 86.18 -3.71
N THR C 66 -9.75 87.46 -3.95
CA THR C 66 -11.02 88.05 -3.53
C THR C 66 -12.22 87.25 -4.03
N TYR C 67 -13.15 86.99 -3.11
CA TYR C 67 -14.38 86.26 -3.40
C TYR C 67 -15.53 86.91 -2.65
N ALA C 68 -16.64 87.16 -3.34
CA ALA C 68 -17.84 87.57 -2.63
C ALA C 68 -18.59 86.36 -2.13
N ARG C 69 -19.68 86.59 -1.41
CA ARG C 69 -20.56 85.53 -0.96
C ARG C 69 -21.99 85.88 -1.33
N GLY C 70 -22.71 84.92 -1.88
CA GLY C 70 -24.09 85.15 -2.25
C GLY C 70 -24.58 84.10 -3.20
N SER C 71 -25.62 84.49 -3.96
CA SER C 71 -26.25 83.55 -4.87
C SER C 71 -25.44 83.36 -6.14
N ASP C 72 -24.81 84.44 -6.61
CA ASP C 72 -24.20 84.40 -7.93
C ASP C 72 -23.11 83.35 -8.01
N GLU C 73 -23.01 82.71 -9.16
CA GLU C 73 -21.95 81.73 -9.38
C GLU C 73 -20.60 82.42 -9.40
N GLY C 74 -19.62 81.76 -8.82
CA GLY C 74 -18.29 82.32 -8.69
C GLY C 74 -18.07 82.91 -7.32
N ASN C 75 -19.17 83.29 -6.66
CA ASN C 75 -19.04 83.69 -5.27
C ASN C 75 -19.02 82.46 -4.38
N ARG C 76 -18.41 82.61 -3.21
CA ARG C 76 -18.27 81.48 -2.31
C ARG C 76 -19.54 81.25 -1.53
N HIS C 77 -19.97 79.99 -1.48
CA HIS C 77 -21.18 79.64 -0.75
C HIS C 77 -20.95 79.38 0.73
N THR C 78 -19.71 79.15 1.13
CA THR C 78 -19.45 78.71 2.49
C THR C 78 -18.42 79.58 3.18
N SER C 79 -17.99 79.16 4.36
CA SER C 79 -16.92 79.86 5.06
C SER C 79 -15.57 79.23 4.83
N GLU C 80 -15.49 78.17 4.04
CA GLU C 80 -14.26 77.42 3.84
C GLU C 80 -14.04 77.15 2.36
N THR C 81 -12.87 77.52 1.85
CA THR C 81 -12.60 77.44 0.43
C THR C 81 -11.21 76.86 0.17
N LEU C 82 -11.14 75.96 -0.82
CA LEU C 82 -9.89 75.46 -1.34
C LEU C 82 -9.77 75.88 -2.80
N THR C 83 -8.56 76.24 -3.21
CA THR C 83 -8.28 76.55 -4.60
C THR C 83 -7.31 75.54 -5.18
N TYR C 84 -7.37 75.35 -6.50
CA TYR C 84 -6.54 74.33 -7.11
C TYR C 84 -5.68 74.85 -8.25
N LYS C 85 -6.31 75.09 -9.39
CA LYS C 85 -5.58 75.36 -10.61
C LYS C 85 -5.73 76.82 -10.98
N ILE C 86 -4.67 77.40 -11.55
CA ILE C 86 -4.68 78.80 -11.92
C ILE C 86 -3.98 78.96 -13.27
N ALA C 87 -4.53 79.81 -14.11
CA ALA C 87 -3.93 80.13 -15.40
C ALA C 87 -3.83 81.64 -15.52
N ILE C 88 -2.75 82.10 -16.13
CA ILE C 88 -2.46 83.52 -16.19
C ILE C 88 -2.10 83.89 -17.62
N ASP C 89 -2.72 84.94 -18.12
CA ASP C 89 -2.39 85.53 -19.41
C ASP C 89 -2.25 87.03 -19.26
N TYR C 90 -1.27 87.61 -19.92
CA TYR C 90 -1.15 89.05 -19.96
C TYR C 90 -0.43 89.50 -21.21
N HIS C 91 -0.57 90.77 -21.50
CA HIS C 91 0.33 91.46 -22.40
C HIS C 91 1.15 92.47 -21.60
N PHE C 92 2.41 92.63 -22.01
CA PHE C 92 3.28 93.66 -21.46
C PHE C 92 3.62 94.66 -22.56
N VAL C 93 3.90 95.89 -22.15
CA VAL C 93 4.45 96.89 -23.06
C VAL C 93 5.28 97.87 -22.26
N ALA C 94 6.39 98.30 -22.84
CA ALA C 94 7.20 99.32 -22.18
C ALA C 94 6.45 100.64 -22.16
N ASP C 95 6.84 101.49 -21.21
CA ASP C 95 6.27 102.82 -21.10
C ASP C 95 7.21 103.82 -21.75
N ALA C 96 6.64 104.76 -22.50
CA ALA C 96 7.44 105.79 -23.14
C ALA C 96 8.22 106.60 -22.12
N ALA C 97 7.67 106.73 -20.90
CA ALA C 97 8.34 107.49 -19.86
C ALA C 97 9.78 107.02 -19.64
N ALA C 98 10.01 105.72 -19.73
CA ALA C 98 11.35 105.16 -19.58
C ALA C 98 12.05 104.93 -20.92
N CYS C 99 11.36 105.17 -22.04
CA CYS C 99 11.98 104.94 -23.33
C CYS C 99 13.05 105.96 -23.68
N ARG C 100 13.20 107.02 -22.88
CA ARG C 100 14.22 108.01 -23.15
C ARG C 100 15.62 107.46 -22.99
N TYR C 101 15.76 106.24 -22.49
CA TYR C 101 17.04 105.58 -22.34
C TYR C 101 17.01 104.26 -23.08
N SER C 102 18.19 103.68 -23.31
CA SER C 102 18.29 102.39 -23.99
C SER C 102 19.11 101.45 -23.13
N ASN C 103 18.44 100.44 -22.58
CA ASN C 103 19.13 99.33 -21.93
C ASN C 103 18.14 98.18 -21.83
N THR C 104 18.68 97.01 -21.59
CA THR C 104 17.84 95.86 -21.30
C THR C 104 17.62 95.76 -19.80
N GLY C 105 17.05 94.66 -19.36
CA GLY C 105 16.85 94.41 -17.95
C GLY C 105 16.26 93.04 -17.75
N THR C 106 15.84 92.78 -16.52
CA THR C 106 15.18 91.53 -16.20
C THR C 106 14.10 91.76 -15.16
N GLY C 107 12.93 91.17 -15.38
CA GLY C 107 11.82 91.25 -14.46
C GLY C 107 11.55 89.94 -13.75
N VAL C 108 10.62 90.01 -12.80
CA VAL C 108 10.30 88.89 -11.92
C VAL C 108 8.83 88.93 -11.57
N MET C 109 8.21 87.77 -11.51
CA MET C 109 6.86 87.61 -11.02
C MET C 109 6.84 86.49 -10.00
N TRP C 110 6.36 86.77 -8.80
CA TRP C 110 6.24 85.75 -7.77
C TRP C 110 4.79 85.46 -7.46
N LEU C 111 4.56 84.27 -6.94
CA LEU C 111 3.27 83.91 -6.38
C LEU C 111 3.51 83.57 -4.92
N VAL C 112 3.02 84.41 -4.03
CA VAL C 112 3.38 84.37 -2.61
C VAL C 112 2.17 83.98 -1.79
N TYR C 113 2.35 83.01 -0.91
CA TYR C 113 1.30 82.55 -0.03
C TYR C 113 1.53 83.07 1.39
N ASP C 114 0.43 83.40 2.07
CA ASP C 114 0.47 83.97 3.40
C ASP C 114 -0.19 83.04 4.40
N THR C 115 0.19 83.18 5.66
CA THR C 115 -0.49 82.48 6.74
C THR C 115 -1.53 83.38 7.38
N THR C 116 -1.08 84.37 8.15
CA THR C 116 -1.98 85.31 8.81
C THR C 116 -1.71 86.72 8.28
N PRO C 117 -2.64 87.34 7.58
CA PRO C 117 -2.41 88.70 7.10
C PRO C 117 -2.56 89.70 8.23
N GLY C 118 -1.76 90.74 8.17
CA GLY C 118 -1.93 91.84 9.09
C GLY C 118 -3.19 92.62 8.76
N GLY C 119 -3.51 93.57 9.63
CA GLY C 119 -4.63 94.46 9.36
C GLY C 119 -4.38 95.41 8.21
N GLN C 120 -3.13 95.60 7.82
CA GLN C 120 -2.75 96.53 6.77
C GLN C 120 -2.15 95.77 5.60
N ALA C 121 -2.25 96.36 4.41
CA ALA C 121 -1.77 95.70 3.22
C ALA C 121 -0.25 95.70 3.20
N PRO C 122 0.38 94.57 2.89
CA PRO C 122 1.83 94.53 2.84
C PRO C 122 2.35 95.27 1.62
N THR C 123 3.63 95.61 1.69
CA THR C 123 4.35 96.19 0.56
C THR C 123 5.63 95.40 0.37
N PRO C 124 6.14 95.30 -0.85
CA PRO C 124 7.34 94.48 -1.09
C PRO C 124 8.47 94.79 -0.13
N GLN C 125 8.75 96.08 0.08
CA GLN C 125 9.87 96.43 0.96
C GLN C 125 9.71 95.79 2.32
N THR C 126 8.46 95.56 2.74
CA THR C 126 8.23 94.88 4.00
C THR C 126 8.37 93.37 3.85
N ILE C 127 7.97 92.82 2.70
CA ILE C 127 7.98 91.37 2.59
C ILE C 127 9.41 90.86 2.40
N PHE C 128 10.26 91.66 1.78
CA PHE C 128 11.64 91.26 1.51
C PHE C 128 12.55 92.29 2.13
N ALA C 129 13.46 91.84 2.98
CA ALA C 129 14.42 92.77 3.55
C ALA C 129 15.52 93.00 2.53
N TYR C 130 15.64 94.22 2.06
CA TYR C 130 16.70 94.47 1.11
C TYR C 130 17.32 95.84 1.37
N PRO C 131 18.64 95.95 1.26
CA PRO C 131 19.26 97.27 1.34
C PRO C 131 18.89 98.12 0.15
N ASP C 132 19.01 99.43 0.31
CA ASP C 132 18.63 100.36 -0.75
C ASP C 132 19.48 100.12 -1.99
N THR C 133 20.71 99.66 -1.81
CA THR C 133 21.58 99.41 -2.94
C THR C 133 21.00 98.40 -3.91
N LEU C 134 20.47 97.29 -3.39
CA LEU C 134 19.95 96.22 -4.24
C LEU C 134 18.62 96.57 -4.89
N LYS C 135 18.03 97.71 -4.55
CA LYS C 135 16.72 98.06 -5.10
C LYS C 135 16.73 98.03 -6.62
N ALA C 136 17.88 98.30 -7.22
CA ALA C 136 18.00 98.23 -8.67
C ALA C 136 17.64 96.85 -9.19
N TRP C 137 18.33 95.83 -8.70
CA TRP C 137 18.15 94.53 -9.33
C TRP C 137 17.30 93.67 -8.43
N PRO C 138 16.03 93.47 -8.76
CA PRO C 138 15.17 92.69 -7.88
C PRO C 138 15.52 91.23 -7.88
N ALA C 139 15.94 90.70 -9.03
CA ALA C 139 15.98 89.26 -9.21
C ALA C 139 16.85 88.57 -8.19
N THR C 140 17.67 89.31 -7.46
CA THR C 140 18.46 88.75 -6.39
C THR C 140 17.71 88.68 -5.07
N TRP C 141 16.58 89.39 -4.95
CA TRP C 141 15.86 89.38 -3.69
C TRP C 141 15.51 87.97 -3.30
N LYS C 142 15.51 87.71 -1.99
CA LYS C 142 14.98 86.46 -1.47
C LYS C 142 14.28 86.74 -0.15
N VAL C 143 13.46 85.79 0.27
CA VAL C 143 12.61 86.00 1.43
C VAL C 143 13.46 86.29 2.66
N SER C 144 13.03 87.27 3.44
CA SER C 144 13.77 87.66 4.64
C SER C 144 13.61 86.60 5.72
N ARG C 145 14.62 86.51 6.59
CA ARG C 145 14.63 85.42 7.57
C ARG C 145 13.72 85.68 8.75
N GLU C 146 13.51 86.95 9.10
CA GLU C 146 12.68 87.25 10.26
C GLU C 146 11.29 86.67 10.12
N LEU C 147 10.75 86.72 8.91
CA LEU C 147 9.40 86.25 8.64
C LEU C 147 9.37 84.82 8.15
N CYS C 148 10.52 84.13 8.20
CA CYS C 148 10.76 82.89 7.49
C CYS C 148 9.60 81.92 7.55
N HIS C 149 8.95 81.82 8.70
CA HIS C 149 7.80 80.94 8.80
C HIS C 149 6.49 81.63 8.54
N ARG C 150 6.46 82.96 8.41
CA ARG C 150 5.20 83.62 8.15
C ARG C 150 4.81 83.59 6.68
N PHE C 151 5.78 83.54 5.78
CA PHE C 151 5.50 83.59 4.35
C PHE C 151 6.21 82.44 3.64
N VAL C 152 5.79 82.19 2.40
CA VAL C 152 6.44 81.21 1.56
C VAL C 152 6.08 81.54 0.12
N VAL C 153 6.87 81.04 -0.82
CA VAL C 153 6.66 81.30 -2.24
C VAL C 153 6.54 79.98 -2.95
N LYS C 154 5.36 79.70 -3.50
CA LYS C 154 5.12 78.41 -4.10
C LYS C 154 5.41 78.38 -5.59
N ARG C 155 5.64 79.52 -6.23
CA ARG C 155 5.99 79.55 -7.64
C ARG C 155 6.90 80.73 -7.91
N ARG C 156 7.57 80.68 -9.07
CA ARG C 156 8.46 81.74 -9.48
C ARG C 156 8.49 81.77 -11.00
N TRP C 157 8.68 82.95 -11.56
CA TRP C 157 8.84 83.04 -13.00
C TRP C 157 9.79 84.18 -13.35
N LEU C 158 10.42 84.05 -14.52
CA LEU C 158 11.32 85.06 -15.03
C LEU C 158 10.86 85.52 -16.40
N PHE C 159 11.26 86.73 -16.74
CA PHE C 159 11.05 87.26 -18.08
C PHE C 159 12.03 88.40 -18.27
N ASN C 160 12.27 88.76 -19.51
CA ASN C 160 13.19 89.84 -19.81
C ASN C 160 12.66 90.64 -20.98
N MET C 161 13.03 91.91 -21.00
CA MET C 161 12.57 92.83 -22.03
C MET C 161 13.58 93.95 -22.15
N GLU C 162 13.49 94.69 -23.24
CA GLU C 162 14.45 95.74 -23.51
C GLU C 162 13.82 96.77 -24.43
N THR C 163 14.43 97.96 -24.44
CA THR C 163 13.96 99.04 -25.29
C THR C 163 15.15 99.69 -25.97
N ASP C 164 14.92 100.13 -27.19
CA ASP C 164 15.96 100.74 -28.00
C ASP C 164 15.94 102.26 -27.94
N GLY C 165 15.01 102.85 -27.21
CA GLY C 165 14.88 104.28 -27.20
C GLY C 165 14.05 104.86 -28.32
N ARG C 166 13.04 104.12 -28.80
CA ARG C 166 12.21 104.62 -29.88
C ARG C 166 10.75 104.24 -29.61
N ILE C 167 9.87 105.22 -29.67
CA ILE C 167 8.45 104.97 -29.46
C ILE C 167 7.87 104.38 -30.74
N GLY C 168 6.80 103.60 -30.59
CA GLY C 168 6.26 102.89 -31.75
C GLY C 168 5.76 103.81 -32.84
N SER C 169 5.04 104.87 -32.47
CA SER C 169 4.39 105.73 -33.46
C SER C 169 5.38 106.48 -34.35
N ASP C 170 6.67 106.42 -34.04
CA ASP C 170 7.66 107.19 -34.78
C ASP C 170 7.94 106.57 -36.14
N ILE C 171 7.94 107.40 -37.18
CA ILE C 171 8.17 106.94 -38.54
C ILE C 171 9.66 106.84 -38.82
N PRO C 172 10.16 105.69 -39.25
CA PRO C 172 11.55 105.61 -39.65
C PRO C 172 11.83 106.52 -40.82
N PRO C 173 13.01 107.14 -40.86
CA PRO C 173 13.41 107.88 -42.05
C PRO C 173 13.68 106.92 -43.20
N SER C 174 13.47 107.43 -44.42
CA SER C 174 13.56 106.59 -45.61
C SER C 174 14.97 106.05 -45.86
N ASN C 175 15.97 106.52 -45.13
CA ASN C 175 17.33 106.08 -45.40
C ASN C 175 17.63 104.71 -44.81
N ALA C 176 17.32 104.50 -43.53
CA ALA C 176 17.76 103.30 -42.83
C ALA C 176 16.62 102.78 -41.96
N SER C 177 16.82 101.59 -41.40
CA SER C 177 15.77 100.92 -40.65
C SER C 177 16.22 100.35 -39.31
N TRP C 178 15.35 99.60 -38.65
CA TRP C 178 15.67 99.00 -37.37
C TRP C 178 15.02 97.62 -37.29
N LYS C 179 15.64 96.73 -36.51
CA LYS C 179 15.00 95.49 -36.10
C LYS C 179 14.75 95.62 -34.60
N PRO C 180 13.54 95.91 -34.18
CA PRO C 180 13.28 96.00 -32.75
C PRO C 180 12.68 94.75 -32.17
N CYS C 181 13.38 93.63 -32.24
CA CYS C 181 12.86 92.40 -31.68
C CYS C 181 12.64 92.56 -30.18
N LYS C 182 11.52 92.00 -29.71
CA LYS C 182 11.21 91.96 -28.29
C LYS C 182 11.13 93.36 -27.68
N ARG C 183 10.37 94.24 -28.32
CA ARG C 183 9.95 95.42 -27.60
C ARG C 183 8.82 95.10 -26.62
N ASN C 184 7.86 94.31 -27.06
CA ASN C 184 6.79 93.85 -26.20
C ASN C 184 6.76 92.32 -26.24
N ILE C 185 6.07 91.74 -25.26
CA ILE C 185 6.18 90.31 -25.02
C ILE C 185 4.84 89.76 -24.60
N TYR C 186 4.62 88.49 -24.91
CA TYR C 186 3.38 87.77 -24.59
C TYR C 186 3.70 86.71 -23.55
N PHE C 187 3.13 86.85 -22.37
CA PHE C 187 3.49 86.01 -21.25
C PHE C 187 2.27 85.23 -20.75
N HIS C 188 2.43 83.92 -20.59
CA HIS C 188 1.36 83.10 -20.09
C HIS C 188 1.94 81.87 -19.41
N LYS C 189 1.24 81.40 -18.38
CA LYS C 189 1.63 80.19 -17.68
C LYS C 189 0.36 79.50 -17.20
N PHE C 190 0.47 78.19 -17.02
CA PHE C 190 -0.64 77.37 -16.57
C PHE C 190 -0.09 76.33 -15.61
N THR C 191 -0.66 76.23 -14.41
CA THR C 191 -0.13 75.30 -13.44
C THR C 191 -1.23 74.71 -12.58
N SER C 192 -1.19 73.39 -12.39
CA SER C 192 -2.14 72.69 -11.55
C SER C 192 -1.61 72.33 -10.18
N GLY C 193 -0.34 72.63 -9.90
CA GLY C 193 0.31 72.00 -8.77
C GLY C 193 -0.23 72.45 -7.43
N LEU C 194 -0.37 73.76 -7.25
CA LEU C 194 -0.56 74.31 -5.92
C LEU C 194 -1.89 73.89 -5.34
N GLY C 195 -2.00 74.03 -4.03
CA GLY C 195 -3.28 74.00 -3.36
C GLY C 195 -3.20 74.84 -2.11
N VAL C 196 -4.34 75.40 -1.70
CA VAL C 196 -4.37 76.39 -0.64
C VAL C 196 -5.64 76.19 0.17
N ARG C 197 -5.53 76.34 1.48
CA ARG C 197 -6.65 76.21 2.38
C ARG C 197 -6.95 77.58 3.00
N THR C 198 -8.18 78.04 2.88
CA THR C 198 -8.55 79.38 3.33
C THR C 198 -9.83 79.31 4.15
N GLN C 199 -9.90 80.14 5.18
CA GLN C 199 -11.12 80.30 5.97
C GLN C 199 -11.41 81.78 6.11
N TRP C 200 -12.65 82.09 6.46
CA TRP C 200 -13.15 83.45 6.38
C TRP C 200 -13.82 83.86 7.68
N LYS C 201 -13.66 85.13 8.03
CA LYS C 201 -14.56 85.75 8.99
C LYS C 201 -15.95 85.85 8.38
N ASN C 202 -16.95 86.03 9.22
CA ASN C 202 -18.32 86.04 8.73
C ASN C 202 -18.70 87.46 8.39
N VAL C 203 -18.76 87.76 7.10
CA VAL C 203 -19.25 89.01 6.54
C VAL C 203 -19.68 88.73 5.12
N THR C 204 -20.20 89.74 4.43
CA THR C 204 -20.49 89.60 3.01
C THR C 204 -19.25 89.84 2.16
N ASP C 205 -18.40 90.76 2.58
CA ASP C 205 -17.43 91.37 1.70
C ASP C 205 -16.38 90.37 1.24
N GLY C 206 -15.73 90.71 0.12
CA GLY C 206 -14.59 89.97 -0.38
C GLY C 206 -13.26 90.65 -0.23
N GLY C 207 -13.17 91.74 0.53
CA GLY C 207 -11.93 92.45 0.69
C GLY C 207 -10.94 91.67 1.53
N VAL C 208 -9.78 92.29 1.72
CA VAL C 208 -8.72 91.63 2.47
C VAL C 208 -9.06 91.51 3.96
N GLY C 209 -9.73 92.51 4.53
CA GLY C 209 -10.00 92.50 5.96
C GLY C 209 -10.82 91.32 6.42
N ALA C 210 -11.49 90.64 5.49
CA ALA C 210 -12.36 89.54 5.87
C ALA C 210 -11.60 88.26 6.17
N ILE C 211 -10.48 88.03 5.50
CA ILE C 211 -9.85 86.72 5.53
C ILE C 211 -9.22 86.47 6.89
N GLN C 212 -9.50 85.31 7.46
CA GLN C 212 -8.86 84.91 8.72
C GLN C 212 -7.48 84.32 8.47
N ARG C 213 -7.36 83.46 7.46
CA ARG C 213 -6.10 82.77 7.23
C ARG C 213 -6.02 82.34 5.78
N GLY C 214 -4.80 82.23 5.24
CA GLY C 214 -4.59 81.71 3.91
C GLY C 214 -4.66 82.68 2.75
N ALA C 215 -4.26 83.94 2.97
CA ALA C 215 -4.28 84.89 1.88
C ALA C 215 -3.26 84.52 0.81
N LEU C 216 -3.47 85.06 -0.39
CA LEU C 216 -2.65 84.74 -1.55
C LEU C 216 -2.31 86.01 -2.29
N TYR C 217 -1.03 86.31 -2.43
CA TYR C 217 -0.57 87.55 -3.03
C TYR C 217 0.14 87.31 -4.35
N MET C 218 0.07 88.31 -5.23
CA MET C 218 0.81 88.34 -6.47
C MET C 218 1.66 89.60 -6.50
N VAL C 219 2.89 89.47 -6.98
CA VAL C 219 3.85 90.56 -6.94
C VAL C 219 4.56 90.66 -8.28
N ILE C 220 4.79 91.88 -8.74
CA ILE C 220 5.48 92.13 -10.00
C ILE C 220 6.71 92.98 -9.71
N ALA C 221 7.86 92.55 -10.23
CA ALA C 221 9.11 93.24 -10.01
C ALA C 221 9.67 93.76 -11.33
N PRO C 222 9.80 95.06 -11.50
CA PRO C 222 10.29 95.59 -12.77
C PRO C 222 11.79 95.40 -12.88
N GLY C 223 12.28 95.53 -14.11
CA GLY C 223 13.71 95.56 -14.35
C GLY C 223 14.31 96.88 -13.91
N ASN C 224 15.64 96.91 -13.90
CA ASN C 224 16.36 98.09 -13.44
C ASN C 224 15.95 99.32 -14.25
N GLY C 225 15.52 100.35 -13.54
CA GLY C 225 15.21 101.62 -14.16
C GLY C 225 14.29 101.50 -15.37
N LEU C 226 13.40 100.51 -15.34
CA LEU C 226 12.53 100.22 -16.47
C LEU C 226 11.11 100.07 -15.96
N THR C 227 10.24 100.98 -16.39
CA THR C 227 8.86 101.02 -15.93
C THR C 227 7.92 100.68 -17.08
N PHE C 228 6.83 99.99 -16.76
CA PHE C 228 5.92 99.55 -17.81
C PHE C 228 4.55 99.31 -17.22
N THR C 229 3.56 99.17 -18.09
CA THR C 229 2.22 98.76 -17.74
C THR C 229 1.88 97.48 -18.47
N ALA C 230 0.86 96.77 -17.97
CA ALA C 230 0.50 95.48 -18.49
C ALA C 230 -1.00 95.39 -18.71
N HIS C 231 -1.39 94.55 -19.65
CA HIS C 231 -2.79 94.27 -19.93
C HIS C 231 -3.00 92.77 -19.89
N GLY C 232 -4.22 92.36 -19.58
CA GLY C 232 -4.57 90.96 -19.63
C GLY C 232 -5.62 90.63 -18.59
N GLN C 233 -5.84 89.33 -18.40
CA GLN C 233 -6.83 88.84 -17.46
C GLN C 233 -6.43 87.44 -17.03
N THR C 234 -7.01 87.00 -15.92
CA THR C 234 -6.66 85.72 -15.34
C THR C 234 -7.91 84.99 -14.88
N ARG C 235 -7.76 83.69 -14.66
CA ARG C 235 -8.85 82.88 -14.14
C ARG C 235 -8.39 82.10 -12.92
N LEU C 236 -9.37 81.63 -12.16
CA LEU C 236 -9.12 80.78 -10.99
C LEU C 236 -10.05 79.59 -11.02
N TYR C 237 -9.74 78.63 -10.16
CA TYR C 237 -10.53 77.42 -10.05
C TYR C 237 -10.60 77.01 -8.58
N PHE C 238 -11.79 76.71 -8.09
CA PHE C 238 -11.93 76.35 -6.69
C PHE C 238 -13.30 75.73 -6.47
N LYS C 239 -13.53 75.29 -5.23
CA LYS C 239 -14.86 74.85 -4.81
C LYS C 239 -14.99 75.06 -3.31
N SER C 240 -16.20 75.40 -2.88
CA SER C 240 -16.47 75.52 -1.47
C SER C 240 -16.58 74.14 -0.84
N VAL C 241 -16.42 74.09 0.48
CA VAL C 241 -16.55 72.85 1.23
C VAL C 241 -16.81 73.19 2.68
N GLY C 242 -17.34 72.24 3.43
CA GLY C 242 -17.52 72.38 4.86
C GLY C 242 -18.96 72.66 5.23
N ASN C 243 -19.18 72.71 6.55
CA ASN C 243 -20.50 72.96 7.13
C ASN C 243 -21.53 72.00 6.59
N ALA D 31 -1.15 54.95 -33.48
CA ALA D 31 -0.67 56.11 -34.22
C ALA D 31 -1.58 56.43 -35.40
N GLY D 32 -2.70 57.08 -35.12
CA GLY D 32 -3.66 57.43 -36.14
C GLY D 32 -5.05 57.52 -35.55
N SER D 33 -6.02 57.80 -36.41
CA SER D 33 -7.41 57.86 -35.96
C SER D 33 -8.35 57.10 -36.89
N LYS D 34 -8.93 56.01 -36.38
CA LYS D 34 -9.93 55.22 -37.11
C LYS D 34 -9.50 54.96 -38.55
N ALA D 35 -8.23 54.68 -38.74
CA ALA D 35 -7.72 54.38 -40.07
C ALA D 35 -8.34 53.10 -40.59
N ASP D 36 -8.52 53.05 -41.91
CA ASP D 36 -9.16 51.93 -42.57
C ASP D 36 -8.41 51.60 -43.86
N ARG D 37 -8.26 50.30 -44.11
CA ARG D 37 -7.42 49.82 -45.20
C ARG D 37 -7.73 50.47 -46.55
N PRO D 38 -8.98 50.56 -47.00
CA PRO D 38 -9.24 51.30 -48.24
C PRO D 38 -8.94 52.78 -48.07
N SER D 39 -8.66 53.42 -49.20
CA SER D 39 -8.29 54.82 -49.18
C SER D 39 -9.45 55.70 -48.73
N LEU D 40 -9.12 56.91 -48.33
CA LEU D 40 -10.10 57.87 -47.84
C LEU D 40 -10.22 59.04 -48.80
N GLN D 41 -11.41 59.63 -48.84
CA GLN D 41 -11.68 60.68 -49.80
C GLN D 41 -10.85 61.93 -49.48
N ILE D 42 -10.73 62.80 -50.47
CA ILE D 42 -9.90 63.98 -50.38
C ILE D 42 -10.66 65.19 -50.88
N GLN D 43 -10.54 66.30 -50.16
CA GLN D 43 -11.08 67.57 -50.58
C GLN D 43 -10.03 68.65 -50.41
N THR D 44 -10.01 69.62 -51.32
CA THR D 44 -9.01 70.66 -51.32
C THR D 44 -9.66 72.04 -51.35
N LEU D 45 -8.86 73.05 -51.03
CA LEU D 45 -9.28 74.43 -51.17
C LEU D 45 -8.18 75.20 -51.84
N GLN D 46 -8.57 76.20 -52.63
CA GLN D 46 -7.62 76.98 -53.40
C GLN D 46 -7.75 78.44 -52.98
N HIS D 47 -6.72 78.95 -52.32
CA HIS D 47 -6.67 80.37 -51.97
C HIS D 47 -5.42 80.95 -52.61
N ALA D 48 -5.62 81.79 -53.61
CA ALA D 48 -4.52 82.35 -54.38
C ALA D 48 -5.12 83.30 -55.41
N GLY D 49 -4.27 84.15 -55.96
CA GLY D 49 -4.70 85.01 -57.06
C GLY D 49 -5.89 85.85 -56.66
N THR D 50 -6.97 85.69 -57.41
CA THR D 50 -8.21 86.41 -57.12
C THR D 50 -8.66 86.17 -55.69
N THR D 51 -8.54 84.94 -55.20
CA THR D 51 -8.97 84.61 -53.85
C THR D 51 -7.73 84.56 -52.97
N MET D 52 -7.56 85.60 -52.16
CA MET D 52 -6.50 85.65 -51.15
C MET D 52 -7.15 86.10 -49.86
N ILE D 53 -7.12 85.24 -48.85
CA ILE D 53 -7.64 85.64 -47.56
C ILE D 53 -6.92 86.90 -47.13
N THR D 54 -7.68 87.95 -46.84
CA THR D 54 -7.12 89.24 -46.46
C THR D 54 -7.78 89.70 -45.17
N VAL D 55 -6.98 89.97 -44.17
CA VAL D 55 -7.52 90.18 -42.83
C VAL D 55 -7.27 91.59 -42.33
N PRO D 56 -8.29 92.41 -42.24
CA PRO D 56 -8.18 93.64 -41.46
C PRO D 56 -8.24 93.34 -39.98
N SER D 57 -7.83 94.32 -39.17
CA SER D 57 -7.82 94.16 -37.73
C SER D 57 -9.18 93.69 -37.24
N GLY D 58 -9.17 92.68 -36.37
CA GLY D 58 -10.40 92.09 -35.89
C GLY D 58 -10.72 90.73 -36.47
N GLY D 59 -9.87 90.20 -37.33
CA GLY D 59 -10.03 88.84 -37.80
C GLY D 59 -11.16 88.67 -38.80
N VAL D 60 -11.29 87.44 -39.29
CA VAL D 60 -12.34 87.11 -40.23
C VAL D 60 -12.80 85.68 -39.97
N CYS D 61 -14.10 85.48 -40.12
CA CYS D 61 -14.73 84.19 -39.92
C CYS D 61 -14.85 83.48 -41.25
N ASP D 62 -14.72 82.16 -41.24
CA ASP D 62 -14.84 81.38 -42.46
C ASP D 62 -15.19 79.95 -42.11
N LEU D 63 -15.73 79.23 -43.10
CA LEU D 63 -16.07 77.83 -42.95
C LEU D 63 -15.30 77.01 -43.98
N ILE D 64 -14.56 76.01 -43.51
CA ILE D 64 -13.75 75.17 -44.38
C ILE D 64 -14.39 73.84 -44.70
N ASN D 65 -15.56 73.54 -44.16
CA ASN D 65 -16.06 72.18 -44.24
C ASN D 65 -16.97 71.96 -45.44
N THR D 66 -17.10 72.95 -46.32
CA THR D 66 -18.03 72.88 -47.44
C THR D 66 -17.82 71.62 -48.27
N TYR D 67 -18.93 70.93 -48.56
CA TYR D 67 -18.94 69.73 -49.38
C TYR D 67 -20.14 69.77 -50.29
N ALA D 68 -19.94 69.47 -51.57
CA ALA D 68 -21.07 69.28 -52.45
C ALA D 68 -21.55 67.83 -52.35
N ARG D 69 -22.63 67.52 -53.07
CA ARG D 69 -23.13 66.16 -53.16
C ARG D 69 -23.34 65.81 -54.62
N GLY D 70 -22.90 64.64 -55.02
CA GLY D 70 -23.07 64.22 -56.40
C GLY D 70 -22.16 63.07 -56.73
N SER D 71 -21.88 62.95 -58.03
CA SER D 71 -21.08 61.84 -58.53
C SER D 71 -19.60 62.08 -58.28
N ASP D 72 -19.16 63.32 -58.41
CA ASP D 72 -17.73 63.62 -58.40
C ASP D 72 -17.08 63.19 -57.10
N GLU D 73 -15.86 62.69 -57.20
CA GLU D 73 -15.11 62.32 -56.02
C GLU D 73 -14.77 63.56 -55.21
N GLY D 74 -14.84 63.42 -53.89
CA GLY D 74 -14.61 64.53 -52.99
C GLY D 74 -15.91 65.13 -52.53
N ASN D 75 -16.97 64.95 -53.31
CA ASN D 75 -18.28 65.33 -52.84
C ASN D 75 -18.85 64.23 -51.96
N ARG D 76 -19.74 64.62 -51.06
CA ARG D 76 -20.30 63.67 -50.11
C ARG D 76 -21.41 62.86 -50.75
N HIS D 77 -21.35 61.54 -50.56
CA HIS D 77 -22.36 60.65 -51.11
C HIS D 77 -23.59 60.51 -50.23
N THR D 78 -23.50 60.87 -48.95
CA THR D 78 -24.57 60.57 -48.03
C THR D 78 -25.02 61.81 -47.28
N SER D 79 -25.88 61.61 -46.29
CA SER D 79 -26.30 62.72 -45.45
C SER D 79 -25.51 62.80 -44.14
N GLU D 80 -24.53 61.91 -43.95
CA GLU D 80 -23.79 61.82 -42.71
C GLU D 80 -22.30 61.71 -43.00
N THR D 81 -21.51 62.60 -42.39
CA THR D 81 -20.09 62.68 -42.70
C THR D 81 -19.27 62.81 -41.42
N LEU D 82 -18.16 62.07 -41.38
CA LEU D 82 -17.15 62.21 -40.35
C LEU D 82 -15.85 62.68 -40.99
N THR D 83 -15.14 63.57 -40.32
CA THR D 83 -13.83 63.99 -40.78
C THR D 83 -12.76 63.57 -39.77
N TYR D 84 -11.54 63.40 -40.27
CA TYR D 84 -10.49 62.90 -39.40
C TYR D 84 -9.26 63.77 -39.37
N LYS D 85 -8.46 63.72 -40.42
CA LYS D 85 -7.15 64.32 -40.42
C LYS D 85 -7.15 65.55 -41.31
N ILE D 86 -6.38 66.56 -40.92
CA ILE D 86 -6.31 67.81 -41.65
C ILE D 86 -4.88 68.30 -41.67
N ALA D 87 -4.46 68.82 -42.82
CA ALA D 87 -3.14 69.41 -42.96
C ALA D 87 -3.29 70.78 -43.57
N ILE D 88 -2.45 71.71 -43.12
CA ILE D 88 -2.58 73.11 -43.50
C ILE D 88 -1.22 73.62 -43.93
N ASP D 89 -1.18 74.28 -45.08
CA ASP D 89 0.00 74.98 -45.55
C ASP D 89 -0.40 76.37 -46.01
N TYR D 90 0.44 77.35 -45.72
CA TYR D 90 0.22 78.68 -46.24
C TYR D 90 1.53 79.44 -46.33
N HIS D 91 1.50 80.51 -47.10
CA HIS D 91 2.48 81.56 -47.00
C HIS D 91 1.84 82.81 -46.44
N PHE D 92 2.60 83.55 -45.64
CA PHE D 92 2.20 84.85 -45.15
C PHE D 92 3.11 85.92 -45.72
N VAL D 93 2.59 87.13 -45.85
CA VAL D 93 3.42 88.29 -46.18
C VAL D 93 2.77 89.52 -45.59
N ALA D 94 3.59 90.44 -45.10
CA ALA D 94 3.06 91.70 -44.61
C ALA D 94 2.52 92.52 -45.76
N ASP D 95 1.60 93.43 -45.43
CA ASP D 95 1.05 94.35 -46.41
C ASP D 95 1.76 95.68 -46.31
N ALA D 96 2.07 96.26 -47.48
CA ALA D 96 2.73 97.56 -47.51
C ALA D 96 1.88 98.61 -46.81
N ALA D 97 0.56 98.45 -46.83
CA ALA D 97 -0.32 99.43 -46.20
C ALA D 97 0.07 99.67 -44.74
N ALA D 98 0.48 98.62 -44.03
CA ALA D 98 0.91 98.74 -42.65
C ALA D 98 2.42 98.90 -42.51
N CYS D 99 3.18 98.81 -43.61
CA CYS D 99 4.61 98.92 -43.51
C CYS D 99 5.09 100.33 -43.20
N ARG D 100 4.20 101.31 -43.22
CA ARG D 100 4.59 102.68 -42.90
C ARG D 100 5.04 102.84 -41.46
N TYR D 101 4.87 101.81 -40.63
CA TYR D 101 5.30 101.83 -39.25
C TYR D 101 6.23 100.65 -39.01
N SER D 102 6.95 100.69 -37.89
CA SER D 102 7.87 99.61 -37.55
C SER D 102 7.55 99.14 -36.14
N ASN D 103 7.02 97.93 -36.04
CA ASN D 103 6.87 97.25 -34.77
C ASN D 103 6.68 95.77 -35.04
N THR D 104 6.87 94.98 -34.01
CA THR D 104 6.55 93.57 -34.10
C THR D 104 5.11 93.36 -33.65
N GLY D 105 4.74 92.10 -33.48
CA GLY D 105 3.42 91.76 -32.99
C GLY D 105 3.31 90.27 -32.81
N THR D 106 2.08 89.81 -32.57
CA THR D 106 1.82 88.39 -32.45
C THR D 106 0.45 88.08 -33.02
N GLY D 107 0.38 87.02 -33.82
CA GLY D 107 -0.86 86.56 -34.40
C GLY D 107 -1.35 85.25 -33.80
N VAL D 108 -2.55 84.87 -34.20
CA VAL D 108 -3.24 83.70 -33.65
C VAL D 108 -4.08 83.05 -34.73
N MET D 109 -4.10 81.73 -34.72
CA MET D 109 -4.99 80.96 -35.58
C MET D 109 -5.71 79.93 -34.71
N TRP D 110 -7.03 79.93 -34.75
CA TRP D 110 -7.81 78.96 -34.02
C TRP D 110 -8.53 78.02 -34.96
N LEU D 111 -8.85 76.85 -34.45
CA LEU D 111 -9.73 75.91 -35.12
C LEU D 111 -10.93 75.69 -34.22
N VAL D 112 -12.08 76.20 -34.62
CA VAL D 112 -13.25 76.30 -33.74
C VAL D 112 -14.34 75.37 -34.25
N TYR D 113 -14.89 74.58 -33.34
CA TYR D 113 -15.97 73.67 -33.66
C TYR D 113 -17.30 74.21 -33.14
N ASP D 114 -18.36 73.97 -33.91
CA ASP D 114 -19.69 74.47 -33.59
C ASP D 114 -20.64 73.32 -33.35
N THR D 115 -21.71 73.60 -32.60
CA THR D 115 -22.79 72.64 -32.44
C THR D 115 -23.92 72.95 -33.41
N THR D 116 -24.66 74.02 -33.17
CA THR D 116 -25.76 74.42 -34.03
C THR D 116 -25.46 75.79 -34.61
N PRO D 117 -25.26 75.92 -35.91
CA PRO D 117 -25.01 77.25 -36.48
C PRO D 117 -26.30 78.04 -36.58
N GLY D 118 -26.18 79.33 -36.38
CA GLY D 118 -27.30 80.21 -36.64
C GLY D 118 -27.58 80.32 -38.13
N GLY D 119 -28.68 81.00 -38.43
CA GLY D 119 -28.98 81.27 -39.83
C GLY D 119 -28.03 82.24 -40.48
N GLN D 120 -27.29 83.01 -39.69
CA GLN D 120 -26.39 84.02 -40.19
C GLN D 120 -24.95 83.65 -39.83
N ALA D 121 -24.02 84.14 -40.64
CA ALA D 121 -22.61 83.82 -40.43
C ALA D 121 -22.08 84.52 -39.19
N PRO D 122 -21.36 83.82 -38.34
CA PRO D 122 -20.81 84.47 -37.14
C PRO D 122 -19.67 85.39 -37.50
N THR D 123 -19.37 86.29 -36.58
CA THR D 123 -18.20 87.14 -36.68
C THR D 123 -17.43 87.06 -35.37
N PRO D 124 -16.11 87.23 -35.40
CA PRO D 124 -15.33 87.06 -34.16
C PRO D 124 -15.87 87.85 -33.00
N GLN D 125 -16.24 89.11 -33.22
CA GLN D 125 -16.74 89.93 -32.11
C GLN D 125 -17.92 89.25 -31.43
N THR D 126 -18.67 88.46 -32.20
CA THR D 126 -19.78 87.72 -31.60
C THR D 126 -19.29 86.46 -30.92
N ILE D 127 -18.26 85.81 -31.45
CA ILE D 127 -17.86 84.53 -30.88
C ILE D 127 -17.11 84.75 -29.58
N PHE D 128 -16.40 85.86 -29.46
CA PHE D 128 -15.61 86.15 -28.28
C PHE D 128 -16.07 87.48 -27.72
N ALA D 129 -16.47 87.49 -26.46
CA ALA D 129 -16.84 88.75 -25.84
C ALA D 129 -15.58 89.48 -25.43
N TYR D 130 -15.35 90.63 -26.03
CA TYR D 130 -14.16 91.37 -25.64
C TYR D 130 -14.46 92.85 -25.61
N PRO D 131 -13.94 93.56 -24.62
CA PRO D 131 -14.07 95.02 -24.64
C PRO D 131 -13.26 95.63 -25.77
N ASP D 132 -13.64 96.84 -26.15
CA ASP D 132 -12.97 97.50 -27.27
C ASP D 132 -11.50 97.72 -26.97
N THR D 133 -11.15 97.87 -25.69
CA THR D 133 -9.77 98.08 -25.32
C THR D 133 -8.88 96.94 -25.75
N LEU D 134 -9.30 95.69 -25.51
CA LEU D 134 -8.49 94.54 -25.82
C LEU D 134 -8.42 94.24 -27.32
N LYS D 135 -9.17 94.96 -28.15
CA LYS D 135 -9.16 94.67 -29.58
C LYS D 135 -7.76 94.68 -30.15
N ALA D 136 -6.86 95.47 -29.55
CA ALA D 136 -5.48 95.49 -30.01
C ALA D 136 -4.85 94.11 -29.91
N TRP D 137 -4.87 93.52 -28.73
CA TRP D 137 -4.09 92.30 -28.58
C TRP D 137 -5.03 91.12 -28.57
N PRO D 138 -5.12 90.37 -29.65
CA PRO D 138 -6.06 89.26 -29.67
C PRO D 138 -5.65 88.13 -28.78
N ALA D 139 -4.35 87.87 -28.67
CA ALA D 139 -3.88 86.62 -28.10
C ALA D 139 -4.39 86.39 -26.69
N THR D 140 -4.93 87.42 -26.05
CA THR D 140 -5.54 87.26 -24.75
C THR D 140 -6.99 86.83 -24.81
N TRP D 141 -7.62 86.93 -25.98
CA TRP D 141 -9.03 86.57 -26.07
C TRP D 141 -9.22 85.13 -25.60
N LYS D 142 -10.37 84.89 -24.99
CA LYS D 142 -10.79 83.52 -24.69
C LYS D 142 -12.29 83.43 -24.87
N VAL D 143 -12.76 82.19 -24.97
CA VAL D 143 -14.16 81.95 -25.30
C VAL D 143 -15.06 82.57 -24.24
N SER D 144 -16.12 83.24 -24.69
CA SER D 144 -17.05 83.89 -23.79
C SER D 144 -17.88 82.86 -23.04
N ARG D 145 -18.32 83.23 -21.84
CA ARG D 145 -19.00 82.26 -20.98
C ARG D 145 -20.46 82.04 -21.38
N GLU D 146 -21.10 83.06 -21.95
CA GLU D 146 -22.51 82.92 -22.29
C GLU D 146 -22.72 81.76 -23.25
N LEU D 147 -21.81 81.57 -24.18
CA LEU D 147 -21.94 80.53 -25.19
C LEU D 147 -21.20 79.26 -24.80
N CYS D 148 -20.72 79.19 -23.56
CA CYS D 148 -19.73 78.22 -23.11
C CYS D 148 -20.00 76.81 -23.64
N HIS D 149 -21.25 76.41 -23.68
CA HIS D 149 -21.56 75.10 -24.20
C HIS D 149 -21.90 75.09 -25.68
N ARG D 150 -22.06 76.26 -26.30
CA ARG D 150 -22.38 76.27 -27.71
C ARG D 150 -21.16 76.09 -28.59
N PHE D 151 -19.99 76.52 -28.14
CA PHE D 151 -18.77 76.46 -28.94
C PHE D 151 -17.66 75.78 -28.16
N VAL D 152 -16.61 75.39 -28.89
CA VAL D 152 -15.42 74.84 -28.28
C VAL D 152 -14.29 75.00 -29.28
N VAL D 153 -13.05 74.94 -28.79
CA VAL D 153 -11.88 75.11 -29.63
C VAL D 153 -11.00 73.88 -29.45
N LYS D 154 -10.83 73.12 -30.51
CA LYS D 154 -10.10 71.87 -30.40
C LYS D 154 -8.62 72.00 -30.74
N ARG D 155 -8.19 73.13 -31.28
CA ARG D 155 -6.78 73.35 -31.56
C ARG D 155 -6.46 74.83 -31.42
N ARG D 156 -5.16 75.10 -31.30
CA ARG D 156 -4.69 76.47 -31.18
C ARG D 156 -3.29 76.54 -31.76
N TRP D 157 -2.94 77.69 -32.33
CA TRP D 157 -1.58 77.87 -32.80
C TRP D 157 -1.16 79.32 -32.64
N LEU D 158 0.14 79.52 -32.54
CA LEU D 158 0.72 80.85 -32.43
C LEU D 158 1.74 81.07 -33.53
N PHE D 159 1.94 82.34 -33.86
CA PHE D 159 2.99 82.73 -34.76
C PHE D 159 3.28 84.20 -34.52
N ASN D 160 4.43 84.66 -34.97
CA ASN D 160 4.80 86.05 -34.79
C ASN D 160 5.54 86.53 -36.01
N MET D 161 5.43 87.83 -36.26
CA MET D 161 6.03 88.45 -37.42
C MET D 161 6.26 89.92 -37.12
N GLU D 162 7.09 90.55 -37.94
CA GLU D 162 7.45 91.94 -37.69
C GLU D 162 7.87 92.58 -39.00
N THR D 163 7.85 93.90 -39.01
CA THR D 163 8.27 94.66 -40.17
C THR D 163 9.17 95.80 -39.74
N ASP D 164 10.13 96.11 -40.60
CA ASP D 164 11.10 97.15 -40.32
C ASP D 164 10.73 98.48 -40.96
N GLY D 165 9.63 98.55 -41.68
CA GLY D 165 9.28 99.77 -42.38
C GLY D 165 9.91 99.91 -43.75
N ARG D 166 10.16 98.80 -44.45
CA ARG D 166 10.77 98.87 -45.77
C ARG D 166 10.11 97.87 -46.69
N ILE D 167 9.67 98.31 -47.84
CA ILE D 167 9.05 97.43 -48.82
C ILE D 167 10.15 96.66 -49.55
N GLY D 168 9.80 95.47 -50.04
CA GLY D 168 10.82 94.62 -50.64
C GLY D 168 11.47 95.23 -51.86
N SER D 169 10.68 95.82 -52.76
CA SER D 169 11.19 96.29 -54.02
C SER D 169 12.19 97.44 -53.88
N ASP D 170 12.37 97.97 -52.69
CA ASP D 170 13.22 99.14 -52.49
C ASP D 170 14.69 98.74 -52.54
N ILE D 171 15.48 99.49 -53.29
CA ILE D 171 16.91 99.23 -53.45
C ILE D 171 17.69 99.84 -52.29
N PRO D 172 18.49 99.06 -51.57
CA PRO D 172 19.34 99.64 -50.55
C PRO D 172 20.32 100.61 -51.17
N PRO D 173 20.64 101.70 -50.49
CA PRO D 173 21.72 102.57 -50.94
C PRO D 173 23.06 101.86 -50.77
N SER D 174 24.01 102.24 -51.63
CA SER D 174 25.30 101.57 -51.66
C SER D 174 26.12 101.74 -50.39
N ASN D 175 25.69 102.61 -49.48
CA ASN D 175 26.49 102.87 -48.29
C ASN D 175 26.32 101.77 -47.23
N ALA D 176 25.09 101.42 -46.91
CA ALA D 176 24.83 100.56 -45.76
C ALA D 176 23.74 99.55 -46.13
N SER D 177 23.54 98.57 -45.24
CA SER D 177 22.63 97.47 -45.53
C SER D 177 21.66 97.16 -44.39
N TRP D 178 20.90 96.07 -44.54
CA TRP D 178 19.96 95.66 -43.52
C TRP D 178 19.94 94.14 -43.43
N LYS D 179 19.61 93.63 -42.25
CA LYS D 179 19.26 92.22 -42.08
C LYS D 179 17.78 92.19 -41.75
N PRO D 180 16.92 91.87 -42.70
CA PRO D 180 15.49 91.81 -42.40
C PRO D 180 15.00 90.40 -42.13
N CYS D 181 15.55 89.74 -41.12
CA CYS D 181 15.08 88.40 -40.80
C CYS D 181 13.61 88.40 -40.47
N LYS D 182 12.91 87.39 -40.94
CA LYS D 182 11.50 87.17 -40.63
C LYS D 182 10.63 88.36 -41.05
N ARG D 183 10.79 88.80 -42.29
CA ARG D 183 9.74 89.64 -42.85
C ARG D 183 8.54 88.82 -43.24
N ASN D 184 8.76 87.67 -43.87
CA ASN D 184 7.71 86.74 -44.21
C ASN D 184 8.03 85.39 -43.61
N ILE D 185 7.01 84.53 -43.54
CA ILE D 185 7.12 83.32 -42.76
C ILE D 185 6.38 82.19 -43.47
N TYR D 186 6.85 80.97 -43.23
CA TYR D 186 6.28 79.76 -43.81
C TYR D 186 5.64 78.95 -42.70
N PHE D 187 4.33 78.78 -42.76
CA PHE D 187 3.58 78.17 -41.67
C PHE D 187 2.88 76.92 -42.15
N HIS D 188 3.04 75.83 -41.40
CA HIS D 188 2.39 74.58 -41.74
C HIS D 188 2.19 73.76 -40.48
N LYS D 189 1.10 73.00 -40.45
CA LYS D 189 0.84 72.08 -39.34
C LYS D 189 0.10 70.87 -39.90
N PHE D 190 0.24 69.76 -39.19
CA PHE D 190 -0.39 68.51 -39.57
C PHE D 190 -0.88 67.83 -38.31
N THR D 191 -2.15 67.47 -38.26
CA THR D 191 -2.68 66.86 -37.05
C THR D 191 -3.74 65.81 -37.37
N SER D 192 -3.62 64.65 -36.72
CA SER D 192 -4.58 63.57 -36.86
C SER D 192 -5.59 63.48 -35.74
N GLY D 193 -5.48 64.33 -34.72
CA GLY D 193 -6.17 64.04 -33.47
C GLY D 193 -7.68 64.17 -33.58
N LEU D 194 -8.14 65.26 -34.17
CA LEU D 194 -9.55 65.63 -34.03
C LEU D 194 -10.45 64.63 -34.73
N GLY D 195 -11.72 64.67 -34.36
CA GLY D 195 -12.77 64.04 -35.13
C GLY D 195 -14.05 64.80 -34.92
N VAL D 196 -14.92 64.75 -35.92
CA VAL D 196 -16.11 65.60 -35.95
C VAL D 196 -17.24 64.81 -36.59
N ARG D 197 -18.44 64.97 -36.05
CA ARG D 197 -19.63 64.32 -36.56
C ARG D 197 -20.57 65.37 -37.13
N THR D 198 -20.96 65.21 -38.39
CA THR D 198 -21.77 66.21 -39.06
C THR D 198 -22.94 65.55 -39.77
N GLN D 199 -24.09 66.22 -39.77
CA GLN D 199 -25.25 65.79 -40.52
C GLN D 199 -25.78 66.96 -41.32
N TRP D 200 -26.58 66.65 -42.33
CA TRP D 200 -26.96 67.62 -43.34
C TRP D 200 -28.46 67.65 -43.55
N LYS D 201 -28.97 68.84 -43.82
CA LYS D 201 -30.28 68.94 -44.43
C LYS D 201 -30.21 68.40 -45.85
N ASN D 202 -31.36 68.09 -46.42
CA ASN D 202 -31.38 67.45 -47.73
C ASN D 202 -31.49 68.54 -48.78
N VAL D 203 -30.38 68.81 -49.46
CA VAL D 203 -30.28 69.70 -50.61
C VAL D 203 -29.05 69.28 -51.40
N THR D 204 -28.80 69.96 -52.52
CA THR D 204 -27.57 69.72 -53.26
C THR D 204 -26.41 70.51 -52.67
N ASP D 205 -26.69 71.72 -52.20
CA ASP D 205 -25.67 72.74 -52.01
C ASP D 205 -24.69 72.35 -50.91
N GLY D 206 -23.52 72.98 -50.97
CA GLY D 206 -22.52 72.85 -49.92
C GLY D 206 -22.34 74.08 -49.06
N GLY D 207 -23.23 75.06 -49.15
CA GLY D 207 -23.10 76.27 -48.36
C GLY D 207 -23.38 76.02 -46.90
N VAL D 208 -23.29 77.10 -46.13
CA VAL D 208 -23.48 77.00 -44.69
C VAL D 208 -24.94 76.70 -44.35
N GLY D 209 -25.89 77.27 -45.09
CA GLY D 209 -27.28 77.10 -44.75
C GLY D 209 -27.75 75.66 -44.73
N ALA D 210 -26.99 74.77 -45.36
CA ALA D 210 -27.43 73.39 -45.46
C ALA D 210 -27.19 72.60 -44.18
N ILE D 211 -26.15 72.93 -43.43
CA ILE D 211 -25.70 72.06 -42.35
C ILE D 211 -26.69 72.11 -41.20
N GLN D 212 -27.08 70.93 -40.71
CA GLN D 212 -27.93 70.87 -39.54
C GLN D 212 -27.12 70.99 -38.25
N ARG D 213 -25.98 70.29 -38.18
CA ARG D 213 -25.20 70.27 -36.96
C ARG D 213 -23.75 69.96 -37.28
N GLY D 214 -22.83 70.44 -36.45
CA GLY D 214 -21.43 70.11 -36.59
C GLY D 214 -20.57 70.96 -37.50
N ALA D 215 -20.89 72.24 -37.62
CA ALA D 215 -20.08 73.11 -38.47
C ALA D 215 -18.68 73.27 -37.90
N LEU D 216 -17.76 73.68 -38.76
CA LEU D 216 -16.34 73.81 -38.41
C LEU D 216 -15.80 75.10 -38.97
N TYR D 217 -15.31 75.96 -38.09
CA TYR D 217 -14.85 77.29 -38.48
C TYR D 217 -13.34 77.43 -38.32
N MET D 218 -12.76 78.30 -39.15
CA MET D 218 -11.37 78.70 -39.03
C MET D 218 -11.31 80.21 -38.87
N VAL D 219 -10.42 80.68 -38.01
CA VAL D 219 -10.35 82.08 -37.67
C VAL D 219 -8.89 82.53 -37.65
N ILE D 220 -8.64 83.72 -38.16
CA ILE D 220 -7.30 84.30 -38.20
C ILE D 220 -7.32 85.61 -37.43
N ALA D 221 -6.36 85.78 -36.53
CA ALA D 221 -6.28 86.97 -35.70
C ALA D 221 -4.98 87.71 -35.98
N PRO D 222 -5.03 88.92 -36.50
CA PRO D 222 -3.80 89.66 -36.80
C PRO D 222 -3.16 90.19 -35.54
N GLY D 223 -1.88 90.54 -35.68
CA GLY D 223 -1.18 91.24 -34.63
C GLY D 223 -1.65 92.68 -34.51
N ASN D 224 -1.22 93.33 -33.42
CA ASN D 224 -1.63 94.69 -33.17
C ASN D 224 -1.27 95.61 -34.33
N GLY D 225 -2.27 96.32 -34.84
CA GLY D 225 -2.05 97.30 -35.88
C GLY D 225 -1.24 96.79 -37.04
N LEU D 226 -1.36 95.51 -37.35
CA LEU D 226 -0.57 94.86 -38.38
C LEU D 226 -1.49 94.07 -39.29
N THR D 227 -1.57 94.46 -40.54
CA THR D 227 -2.47 93.84 -41.50
C THR D 227 -1.66 93.14 -42.59
N PHE D 228 -2.18 92.01 -43.05
CA PHE D 228 -1.44 91.22 -44.03
C PHE D 228 -2.41 90.35 -44.81
N THR D 229 -1.90 89.80 -45.90
CA THR D 229 -2.61 88.80 -46.69
C THR D 229 -1.80 87.52 -46.72
N ALA D 230 -2.46 86.42 -47.06
CA ALA D 230 -1.85 85.11 -47.01
C ALA D 230 -2.14 84.34 -48.28
N HIS D 231 -1.23 83.43 -48.62
CA HIS D 231 -1.40 82.54 -49.76
C HIS D 231 -1.20 81.11 -49.29
N GLY D 232 -1.82 80.18 -50.00
CA GLY D 232 -1.62 78.78 -49.70
C GLY D 232 -2.87 77.98 -50.02
N GLN D 233 -2.85 76.73 -49.58
CA GLN D 233 -3.95 75.81 -49.81
C GLN D 233 -3.95 74.75 -48.72
N THR D 234 -5.07 74.06 -48.58
CA THR D 234 -5.23 73.08 -47.53
C THR D 234 -5.93 71.84 -48.07
N ARG D 235 -5.83 70.76 -47.32
CA ARG D 235 -6.52 69.52 -47.65
C ARG D 235 -7.32 69.02 -46.47
N LEU D 236 -8.26 68.14 -46.77
CA LEU D 236 -9.08 67.49 -45.75
C LEU D 236 -9.13 66.00 -46.02
N TYR D 237 -9.63 65.26 -45.03
CA TYR D 237 -9.75 63.82 -45.13
C TYR D 237 -11.04 63.41 -44.43
N PHE D 238 -11.84 62.58 -45.08
CA PHE D 238 -13.11 62.16 -44.49
C PHE D 238 -13.65 60.98 -45.27
N LYS D 239 -14.78 60.46 -44.79
CA LYS D 239 -15.53 59.44 -45.52
C LYS D 239 -17.00 59.54 -45.13
N SER D 240 -17.87 59.26 -46.08
CA SER D 240 -19.29 59.22 -45.81
C SER D 240 -19.63 57.93 -45.07
N VAL D 241 -20.77 57.93 -44.40
CA VAL D 241 -21.26 56.75 -43.68
C VAL D 241 -22.75 56.91 -43.47
N GLY D 242 -23.42 55.81 -43.21
CA GLY D 242 -24.83 55.83 -42.85
C GLY D 242 -25.72 55.38 -44.00
N ASN D 243 -27.02 55.30 -43.69
CA ASN D 243 -28.04 54.91 -44.65
C ASN D 243 -27.71 53.58 -45.30
N ALA E 31 19.44 48.77 -37.23
CA ALA E 31 20.05 50.03 -37.61
C ALA E 31 20.76 49.91 -38.95
N GLY E 32 19.99 49.97 -40.03
CA GLY E 32 20.54 49.85 -41.36
C GLY E 32 19.50 49.28 -42.30
N SER E 33 19.90 49.10 -43.56
CA SER E 33 19.01 48.49 -44.53
C SER E 33 19.70 47.40 -45.35
N LYS E 34 19.26 46.15 -45.17
CA LYS E 34 19.73 45.00 -45.93
C LYS E 34 21.26 45.00 -46.05
N ALA E 35 21.92 45.35 -44.96
CA ALA E 35 23.38 45.35 -44.94
C ALA E 35 23.90 43.94 -45.11
N ASP E 36 25.05 43.83 -45.77
CA ASP E 36 25.67 42.56 -46.08
C ASP E 36 27.17 42.64 -45.82
N ARG E 37 27.71 41.56 -45.26
CA ARG E 37 29.10 41.55 -44.81
C ARG E 37 30.10 42.00 -45.86
N PRO E 38 30.06 41.52 -47.10
CA PRO E 38 30.97 42.07 -48.10
C PRO E 38 30.63 43.52 -48.41
N SER E 39 31.63 44.24 -48.90
CA SER E 39 31.47 45.66 -49.17
C SER E 39 30.49 45.88 -50.32
N LEU E 40 29.98 47.11 -50.40
CA LEU E 40 29.00 47.48 -51.41
C LEU E 40 29.61 48.48 -52.39
N GLN E 41 29.13 48.45 -53.63
CA GLN E 41 29.72 49.28 -54.65
C GLN E 41 29.46 50.75 -54.38
N ILE E 42 30.25 51.60 -55.04
CA ILE E 42 30.20 53.04 -54.81
C ILE E 42 30.16 53.77 -56.15
N GLN E 43 29.31 54.78 -56.22
CA GLN E 43 29.27 55.67 -57.38
C GLN E 43 29.24 57.11 -56.90
N THR E 44 29.90 57.99 -57.65
CA THR E 44 30.03 59.39 -57.27
C THR E 44 29.58 60.29 -58.40
N LEU E 45 29.35 61.56 -58.04
CA LEU E 45 29.05 62.58 -59.01
C LEU E 45 29.90 63.80 -58.71
N GLN E 46 30.28 64.51 -59.75
CA GLN E 46 31.16 65.67 -59.61
C GLN E 46 30.44 66.88 -60.16
N HIS E 47 30.08 67.81 -59.28
CA HIS E 47 29.49 69.08 -59.69
C HIS E 47 30.38 70.18 -59.18
N ALA E 48 31.08 70.85 -60.08
CA ALA E 48 32.05 71.88 -59.72
C ALA E 48 32.60 72.46 -61.01
N GLY E 49 33.23 73.62 -60.89
CA GLY E 49 33.92 74.21 -62.03
C GLY E 49 32.99 74.38 -63.20
N THR E 50 33.33 73.75 -64.32
CA THR E 50 32.51 73.81 -65.52
C THR E 50 31.08 73.36 -65.22
N THR E 51 30.92 72.32 -64.41
CA THR E 51 29.60 71.80 -64.10
C THR E 51 29.22 72.32 -62.72
N MET E 52 28.32 73.30 -62.69
CA MET E 52 27.75 73.81 -61.46
C MET E 52 26.25 73.88 -61.67
N ILE E 53 25.51 73.11 -60.88
CA ILE E 53 24.06 73.21 -60.98
C ILE E 53 23.65 74.65 -60.74
N THR E 54 22.93 75.21 -61.70
CA THR E 54 22.52 76.61 -61.63
C THR E 54 21.02 76.68 -61.86
N VAL E 55 20.31 77.28 -60.91
CA VAL E 55 18.85 77.18 -60.92
C VAL E 55 18.20 78.54 -61.11
N PRO E 56 17.60 78.79 -62.26
CA PRO E 56 16.68 79.91 -62.38
C PRO E 56 15.36 79.59 -61.70
N SER E 57 14.56 80.63 -61.48
CA SER E 57 13.27 80.46 -60.83
C SER E 57 12.44 79.41 -61.55
N GLY E 58 11.86 78.50 -60.78
CA GLY E 58 11.12 77.39 -61.35
C GLY E 58 11.81 76.06 -61.27
N GLY E 59 13.00 76.00 -60.69
CA GLY E 59 13.64 74.73 -60.43
C GLY E 59 14.21 74.08 -61.67
N VAL E 60 14.86 72.93 -61.45
CA VAL E 60 15.44 72.17 -62.54
C VAL E 60 15.33 70.69 -62.22
N CYS E 61 15.06 69.91 -63.26
CA CYS E 61 14.92 68.47 -63.15
C CYS E 61 16.25 67.81 -63.48
N ASP E 62 16.54 66.71 -62.81
CA ASP E 62 17.77 65.98 -63.06
C ASP E 62 17.62 64.55 -62.61
N LEU E 63 18.48 63.68 -63.13
CA LEU E 63 18.53 62.27 -62.76
C LEU E 63 19.89 61.93 -62.20
N ILE E 64 19.90 61.38 -60.99
CA ILE E 64 21.15 61.04 -60.31
C ILE E 64 21.49 59.57 -60.41
N ASN E 65 20.66 58.75 -61.02
CA ASN E 65 20.83 57.31 -60.88
C ASN E 65 21.67 56.71 -62.01
N THR E 66 22.23 57.54 -62.88
CA THR E 66 22.96 57.07 -64.05
C THR E 66 24.05 56.07 -63.68
N TYR E 67 24.07 54.95 -64.42
CA TYR E 67 25.06 53.91 -64.23
C TYR E 67 25.49 53.38 -65.59
N ALA E 68 26.79 53.26 -65.81
CA ALA E 68 27.25 52.57 -67.00
C ALA E 68 27.29 51.06 -66.74
N ARG E 69 27.63 50.31 -67.77
CA ARG E 69 27.83 48.86 -67.64
C ARG E 69 29.16 48.49 -68.26
N GLY E 70 29.92 47.67 -67.54
CA GLY E 70 31.20 47.25 -68.06
C GLY E 70 32.06 46.66 -66.95
N SER E 71 33.37 46.71 -67.20
CA SER E 71 34.31 46.10 -66.26
C SER E 71 34.55 47.00 -65.06
N ASP E 72 34.56 48.31 -65.27
CA ASP E 72 34.99 49.24 -64.22
C ASP E 72 34.09 49.13 -63.01
N GLU E 73 34.70 49.27 -61.83
CA GLU E 73 33.94 49.26 -60.59
C GLU E 73 33.06 50.49 -60.52
N GLY E 74 31.85 50.31 -60.00
CA GLY E 74 30.89 51.38 -59.92
C GLY E 74 29.91 51.30 -61.06
N ASN E 75 30.31 50.66 -62.15
CA ASN E 75 29.35 50.38 -63.20
C ASN E 75 28.56 49.12 -62.86
N ARG E 76 27.35 49.04 -63.41
CA ARG E 76 26.48 47.92 -63.08
C ARG E 76 26.86 46.70 -63.90
N HIS E 77 26.96 45.56 -63.23
CA HIS E 77 27.30 44.31 -63.89
C HIS E 77 26.10 43.59 -64.48
N THR E 78 24.89 43.94 -64.07
CA THR E 78 23.73 43.15 -64.45
C THR E 78 22.64 44.03 -65.05
N SER E 79 21.48 43.43 -65.28
CA SER E 79 20.34 44.20 -65.76
C SER E 79 19.40 44.61 -64.63
N GLU E 80 19.74 44.27 -63.39
CA GLU E 80 18.85 44.51 -62.25
C GLU E 80 19.65 45.12 -61.11
N THR E 81 19.19 46.25 -60.59
CA THR E 81 19.94 46.99 -59.58
C THR E 81 19.02 47.46 -58.46
N LEU E 82 19.50 47.33 -57.23
CA LEU E 82 18.86 47.90 -56.06
C LEU E 82 19.81 48.93 -55.45
N THR E 83 19.25 50.04 -54.96
CA THR E 83 20.04 51.03 -54.26
C THR E 83 19.57 51.13 -52.81
N TYR E 84 20.46 51.55 -51.94
CA TYR E 84 20.12 51.58 -50.52
C TYR E 84 20.34 52.93 -49.88
N LYS E 85 21.59 53.28 -49.61
CA LYS E 85 21.92 54.42 -48.79
C LYS E 85 22.49 55.52 -49.67
N ILE E 86 22.18 56.76 -49.31
CA ILE E 86 22.63 57.92 -50.07
C ILE E 86 23.04 59.02 -49.10
N ALA E 87 24.13 59.71 -49.43
CA ALA E 87 24.60 60.83 -48.65
C ALA E 87 24.83 62.00 -49.59
N ILE E 88 24.52 63.20 -49.13
CA ILE E 88 24.55 64.38 -49.96
C ILE E 88 25.30 65.47 -49.24
N ASP E 89 26.24 66.10 -49.93
CA ASP E 89 26.93 67.28 -49.45
C ASP E 89 26.94 68.33 -50.54
N TYR E 90 26.76 69.59 -50.15
CA TYR E 90 26.91 70.68 -51.10
C TYR E 90 27.29 71.95 -50.37
N HIS E 91 27.76 72.90 -51.16
CA HIS E 91 27.80 74.29 -50.75
C HIS E 91 26.82 75.08 -51.59
N PHE E 92 26.19 76.08 -50.97
CA PHE E 92 25.34 77.03 -51.65
C PHE E 92 25.96 78.42 -51.58
N VAL E 93 25.66 79.25 -52.56
CA VAL E 93 26.02 80.66 -52.49
C VAL E 93 25.02 81.44 -53.32
N ALA E 94 24.66 82.62 -52.85
CA ALA E 94 23.78 83.48 -53.61
C ALA E 94 24.48 83.97 -54.85
N ASP E 95 23.69 84.35 -55.85
CA ASP E 95 24.23 84.93 -57.07
C ASP E 95 24.12 86.43 -57.02
N ALA E 96 25.17 87.11 -57.46
CA ALA E 96 25.16 88.57 -57.49
C ALA E 96 24.02 89.10 -58.35
N ALA E 97 23.62 88.35 -59.37
CA ALA E 97 22.55 88.78 -60.24
C ALA E 97 21.29 89.14 -59.47
N ALA E 98 21.00 88.40 -58.40
CA ALA E 98 19.84 88.69 -57.56
C ALA E 98 20.20 89.51 -56.33
N CYS E 99 21.48 89.80 -56.11
CA CYS E 99 21.86 90.57 -54.93
C CYS E 99 21.46 92.04 -55.03
N ARG E 100 20.97 92.49 -56.17
CA ARG E 100 20.55 93.88 -56.30
C ARG E 100 19.33 94.20 -55.43
N TYR E 101 18.73 93.20 -54.82
CA TYR E 101 17.60 93.37 -53.93
C TYR E 101 17.93 92.77 -52.58
N SER E 102 17.14 93.11 -51.56
CA SER E 102 17.34 92.58 -50.23
C SER E 102 16.03 91.98 -49.74
N ASN E 103 16.00 90.66 -49.63
CA ASN E 103 14.92 89.97 -48.95
C ASN E 103 15.40 88.58 -48.60
N THR E 104 14.68 87.94 -47.71
CA THR E 104 14.93 86.54 -47.41
C THR E 104 14.07 85.68 -48.32
N GLY E 105 14.03 84.39 -48.02
CA GLY E 105 13.21 83.47 -48.77
C GLY E 105 13.31 82.10 -48.17
N THR E 106 12.76 81.12 -48.89
CA THR E 106 12.84 79.74 -48.45
C THR E 106 12.96 78.83 -49.66
N GLY E 107 13.88 77.87 -49.59
CA GLY E 107 14.09 76.90 -50.64
C GLY E 107 13.62 75.50 -50.26
N VAL E 108 13.66 74.61 -51.23
CA VAL E 108 13.15 73.26 -51.09
C VAL E 108 13.99 72.32 -51.93
N MET E 109 14.24 71.13 -51.39
CA MET E 109 14.88 70.05 -52.12
C MET E 109 14.05 68.80 -51.94
N TRP E 110 13.63 68.18 -53.04
CA TRP E 110 12.89 66.93 -52.97
C TRP E 110 13.70 65.78 -53.55
N LEU E 111 13.34 64.59 -53.10
CA LEU E 111 13.86 63.37 -53.70
C LEU E 111 12.66 62.60 -54.22
N VAL E 112 12.54 62.52 -55.55
CA VAL E 112 11.32 62.05 -56.20
C VAL E 112 11.60 60.74 -56.90
N TYR E 113 10.73 59.76 -56.66
CA TYR E 113 10.84 58.46 -57.28
C TYR E 113 9.81 58.31 -58.40
N ASP E 114 10.20 57.62 -59.47
CA ASP E 114 9.36 57.44 -60.63
C ASP E 114 9.03 55.96 -60.83
N THR E 115 7.93 55.71 -61.52
CA THR E 115 7.60 54.36 -61.94
C THR E 115 8.06 54.12 -63.38
N THR E 116 7.36 54.71 -64.34
CA THR E 116 7.72 54.58 -65.74
C THR E 116 8.06 55.94 -66.31
N PRO E 117 9.30 56.17 -66.71
CA PRO E 117 9.65 57.47 -67.29
C PRO E 117 9.15 57.58 -68.71
N GLY E 118 8.75 58.79 -69.08
CA GLY E 118 8.43 59.04 -70.46
C GLY E 118 9.68 59.03 -71.33
N GLY E 119 9.46 59.13 -72.64
CA GLY E 119 10.58 59.26 -73.54
C GLY E 119 11.31 60.58 -73.44
N GLN E 120 10.67 61.58 -72.84
CA GLN E 120 11.24 62.92 -72.72
C GLN E 120 11.48 63.24 -71.25
N ALA E 121 12.43 64.13 -71.01
CA ALA E 121 12.78 64.49 -69.64
C ALA E 121 11.69 65.33 -69.01
N PRO E 122 11.28 65.03 -67.80
CA PRO E 122 10.24 65.83 -67.15
C PRO E 122 10.78 67.19 -66.75
N THR E 123 9.85 68.11 -66.51
CA THR E 123 10.17 69.41 -65.96
C THR E 123 9.25 69.66 -64.77
N PRO E 124 9.69 70.43 -63.79
CA PRO E 124 8.85 70.61 -62.59
C PRO E 124 7.43 71.04 -62.91
N GLN E 125 7.27 71.99 -63.82
CA GLN E 125 5.92 72.46 -64.14
C GLN E 125 5.03 71.30 -64.55
N THR E 126 5.63 70.26 -65.14
CA THR E 126 4.86 69.08 -65.50
C THR E 126 4.64 68.18 -64.29
N ILE E 127 5.62 68.10 -63.39
CA ILE E 127 5.48 67.13 -62.30
C ILE E 127 4.50 67.65 -61.26
N PHE E 128 4.41 68.97 -61.11
CA PHE E 128 3.53 69.57 -60.13
C PHE E 128 2.59 70.51 -60.84
N ALA E 129 1.29 70.31 -60.67
CA ALA E 129 0.35 71.24 -61.25
C ALA E 129 0.26 72.47 -60.38
N TYR E 130 0.65 73.60 -60.90
CA TYR E 130 0.55 74.81 -60.09
C TYR E 130 0.13 75.98 -60.95
N PRO E 131 -0.74 76.84 -60.44
CA PRO E 131 -1.07 78.07 -61.15
C PRO E 131 0.13 79.00 -61.19
N ASP E 132 0.11 79.90 -62.17
CA ASP E 132 1.23 80.82 -62.34
C ASP E 132 1.42 81.70 -61.11
N THR E 133 0.34 81.97 -60.39
CA THR E 133 0.43 82.78 -59.20
C THR E 133 1.35 82.18 -58.16
N LEU E 134 1.22 80.90 -57.89
CA LEU E 134 2.02 80.25 -56.86
C LEU E 134 3.47 80.05 -57.26
N LYS E 135 3.85 80.36 -58.51
CA LYS E 135 5.21 80.13 -58.94
C LYS E 135 6.22 80.80 -58.02
N ALA E 136 5.82 81.90 -57.40
CA ALA E 136 6.70 82.58 -56.45
C ALA E 136 7.11 81.65 -55.32
N TRP E 137 6.12 81.10 -54.61
CA TRP E 137 6.49 80.37 -53.41
C TRP E 137 6.40 78.89 -53.67
N PRO E 138 7.52 78.20 -53.85
CA PRO E 138 7.43 76.77 -54.17
C PRO E 138 6.97 75.95 -53.00
N ALA E 139 7.36 76.33 -51.79
CA ALA E 139 7.25 75.43 -50.66
C ALA E 139 5.83 74.96 -50.42
N THR E 140 4.85 75.60 -51.05
CA THR E 140 3.48 75.16 -50.96
C THR E 140 3.14 74.10 -51.99
N TRP E 141 3.97 73.92 -53.01
CA TRP E 141 3.66 72.95 -54.04
C TRP E 141 3.45 71.58 -53.42
N LYS E 142 2.55 70.81 -54.01
CA LYS E 142 2.40 69.41 -53.65
C LYS E 142 2.06 68.63 -54.91
N VAL E 143 2.25 67.31 -54.83
CA VAL E 143 2.11 66.46 -56.00
C VAL E 143 0.71 66.58 -56.58
N SER E 144 0.64 66.68 -57.90
CA SER E 144 -0.64 66.81 -58.58
C SER E 144 -1.40 65.50 -58.54
N ARG E 145 -2.73 65.58 -58.57
CA ARG E 145 -3.56 64.40 -58.39
C ARG E 145 -3.64 63.54 -59.64
N GLU E 146 -3.54 64.15 -60.82
CA GLU E 146 -3.67 63.37 -62.04
C GLU E 146 -2.64 62.26 -62.11
N LEU E 147 -1.43 62.54 -61.66
CA LEU E 147 -0.34 61.60 -61.71
C LEU E 147 -0.19 60.81 -60.43
N CYS E 148 -1.16 60.93 -59.52
CA CYS E 148 -1.04 60.52 -58.12
C CYS E 148 -0.36 59.17 -57.96
N HIS E 149 -0.68 58.23 -58.82
CA HIS E 149 -0.04 56.93 -58.73
C HIS E 149 1.21 56.80 -59.59
N ARG E 150 1.49 57.78 -60.45
CA ARG E 150 2.67 57.66 -61.28
C ARG E 150 3.93 58.08 -60.55
N PHE E 151 3.83 59.00 -59.59
CA PHE E 151 4.99 59.52 -58.90
C PHE E 151 4.79 59.43 -57.39
N VAL E 152 5.89 59.59 -56.66
CA VAL E 152 5.85 59.63 -55.20
C VAL E 152 7.12 60.32 -54.73
N VAL E 153 7.10 60.84 -53.52
CA VAL E 153 8.24 61.55 -52.95
C VAL E 153 8.61 60.87 -51.65
N LYS E 154 9.80 60.29 -51.61
CA LYS E 154 10.20 59.52 -50.44
C LYS E 154 10.98 60.34 -49.43
N ARG E 155 11.41 61.55 -49.76
CA ARG E 155 12.10 62.40 -48.82
C ARG E 155 11.79 63.86 -49.11
N ARG E 156 12.06 64.70 -48.13
CA ARG E 156 11.84 66.13 -48.27
C ARG E 156 12.83 66.86 -47.37
N TRP E 157 13.24 68.04 -47.80
CA TRP E 157 14.10 68.85 -46.95
C TRP E 157 13.81 70.32 -47.16
N LEU E 158 14.11 71.11 -46.13
CA LEU E 158 13.95 72.55 -46.17
C LEU E 158 15.26 73.24 -45.87
N PHE E 159 15.38 74.46 -46.35
CA PHE E 159 16.49 75.32 -46.02
C PHE E 159 16.06 76.74 -46.31
N ASN E 160 16.78 77.69 -45.74
CA ASN E 160 16.47 79.08 -45.94
C ASN E 160 17.75 79.89 -46.03
N MET E 161 17.68 81.00 -46.76
CA MET E 161 18.82 81.84 -46.98
C MET E 161 18.33 83.24 -47.30
N GLU E 162 19.24 84.20 -47.21
CA GLU E 162 18.87 85.60 -47.40
C GLU E 162 20.08 86.38 -47.84
N THR E 163 19.83 87.54 -48.42
CA THR E 163 20.88 88.43 -48.85
C THR E 163 20.56 89.85 -48.44
N ASP E 164 21.61 90.59 -48.11
CA ASP E 164 21.49 91.96 -47.64
C ASP E 164 21.67 92.98 -48.75
N GLY E 165 21.95 92.54 -49.98
CA GLY E 165 22.24 93.47 -51.04
C GLY E 165 23.68 93.92 -51.12
N ARG E 166 24.63 93.07 -50.73
CA ARG E 166 26.04 93.44 -50.77
C ARG E 166 26.86 92.25 -51.25
N ILE E 167 27.68 92.48 -52.26
CA ILE E 167 28.54 91.42 -52.77
C ILE E 167 29.74 91.26 -51.84
N GLY E 168 30.30 90.07 -51.82
CA GLY E 168 31.38 89.78 -50.87
C GLY E 168 32.60 90.67 -51.07
N SER E 169 33.03 90.83 -52.31
CA SER E 169 34.28 91.51 -52.59
C SER E 169 34.26 92.99 -52.20
N ASP E 170 33.11 93.53 -51.81
CA ASP E 170 33.00 94.95 -51.52
C ASP E 170 33.62 95.27 -50.18
N ILE E 171 34.43 96.33 -50.15
CA ILE E 171 35.10 96.76 -48.93
C ILE E 171 34.19 97.64 -48.09
N PRO E 172 33.95 97.30 -46.83
CA PRO E 172 33.19 98.19 -45.98
C PRO E 172 33.91 99.52 -45.81
N PRO E 173 33.16 100.62 -45.75
CA PRO E 173 33.77 101.90 -45.40
C PRO E 173 34.21 101.90 -43.95
N SER E 174 35.24 102.69 -43.67
CA SER E 174 35.86 102.69 -42.35
C SER E 174 34.93 103.21 -41.26
N ASN E 175 33.77 103.76 -41.61
CA ASN E 175 32.90 104.33 -40.60
C ASN E 175 32.08 103.26 -39.86
N ALA E 176 31.44 102.36 -40.59
CA ALA E 176 30.47 101.45 -39.99
C ALA E 176 30.64 100.08 -40.60
N SER E 177 29.94 99.10 -40.01
CA SER E 177 30.12 97.70 -40.40
C SER E 177 28.81 96.95 -40.61
N TRP E 178 28.90 95.64 -40.83
CA TRP E 178 27.72 94.82 -41.02
C TRP E 178 27.94 93.47 -40.38
N LYS E 179 26.84 92.84 -39.96
CA LYS E 179 26.85 91.43 -39.59
C LYS E 179 26.06 90.70 -40.65
N PRO E 180 26.70 90.04 -41.59
CA PRO E 180 25.94 89.31 -42.62
C PRO E 180 25.82 87.83 -42.33
N CYS E 181 25.19 87.48 -41.20
CA CYS E 181 25.02 86.07 -40.89
C CYS E 181 24.20 85.38 -41.97
N LYS E 182 24.62 84.17 -42.31
CA LYS E 182 23.89 83.32 -43.24
C LYS E 182 23.74 83.98 -44.61
N ARG E 183 24.84 84.46 -45.16
CA ARG E 183 24.84 84.73 -46.59
C ARG E 183 24.96 83.45 -47.38
N ASN E 184 25.84 82.55 -46.96
CA ASN E 184 25.98 81.25 -47.57
C ASN E 184 25.81 80.18 -46.51
N ILE E 185 25.57 78.95 -46.94
CA ILE E 185 25.13 77.90 -46.04
C ILE E 185 25.76 76.58 -46.44
N TYR E 186 25.94 75.71 -45.46
CA TYR E 186 26.52 74.39 -45.64
C TYR E 186 25.44 73.36 -45.38
N PHE E 187 25.08 72.60 -46.41
CA PHE E 187 23.94 71.70 -46.34
C PHE E 187 24.39 70.27 -46.58
N HIS E 188 23.98 69.36 -45.68
CA HIS E 188 24.31 67.96 -45.84
C HIS E 188 23.25 67.12 -45.15
N LYS E 189 23.01 65.94 -45.70
CA LYS E 189 22.09 64.98 -45.11
C LYS E 189 22.59 63.58 -45.42
N PHE E 190 22.20 62.64 -44.56
CA PHE E 190 22.60 61.26 -44.70
C PHE E 190 21.41 60.40 -44.32
N THR E 191 21.00 59.48 -45.18
CA THR E 191 19.83 58.67 -44.88
C THR E 191 19.96 57.26 -45.43
N SER E 192 19.63 56.28 -44.60
CA SER E 192 19.67 54.87 -44.98
C SER E 192 18.31 54.31 -45.32
N GLY E 193 17.23 55.08 -45.19
CA GLY E 193 15.90 54.49 -45.15
C GLY E 193 15.47 53.90 -46.47
N LEU E 194 15.64 54.66 -47.55
CA LEU E 194 14.97 54.33 -48.79
C LEU E 194 15.49 53.03 -49.39
N GLY E 195 14.72 52.48 -50.30
CA GLY E 195 15.19 51.44 -51.19
C GLY E 195 14.41 51.53 -52.48
N VAL E 196 15.05 51.09 -53.56
CA VAL E 196 14.50 51.29 -54.90
C VAL E 196 14.87 50.09 -55.74
N ARG E 197 13.92 49.66 -56.58
CA ARG E 197 14.12 48.54 -57.48
C ARG E 197 14.11 49.05 -58.91
N THR E 198 15.16 48.75 -59.67
CA THR E 198 15.31 49.27 -61.02
C THR E 198 15.70 48.14 -61.97
N GLN E 199 15.17 48.22 -63.18
CA GLN E 199 15.56 47.31 -64.25
C GLN E 199 15.88 48.11 -65.49
N TRP E 200 16.60 47.48 -66.42
CA TRP E 200 17.21 48.19 -67.52
C TRP E 200 16.89 47.51 -68.84
N LYS E 201 16.72 48.34 -69.88
CA LYS E 201 16.82 47.83 -71.24
C LYS E 201 18.26 47.41 -71.50
N ASN E 202 18.45 46.62 -72.54
CA ASN E 202 19.77 46.08 -72.80
C ASN E 202 20.49 47.01 -73.76
N VAL E 203 21.44 47.77 -73.22
CA VAL E 203 22.35 48.64 -73.98
C VAL E 203 23.58 48.85 -73.10
N THR E 204 24.56 49.58 -73.63
CA THR E 204 25.70 49.96 -72.81
C THR E 204 25.39 51.19 -71.97
N ASP E 205 24.63 52.12 -72.53
CA ASP E 205 24.60 53.48 -72.03
C ASP E 205 24.00 53.58 -70.65
N GLY E 206 24.32 54.68 -69.97
CA GLY E 206 23.73 55.01 -68.69
C GLY E 206 22.74 56.16 -68.71
N GLY E 207 22.33 56.62 -69.89
CA GLY E 207 21.42 57.73 -69.98
C GLY E 207 20.02 57.36 -69.53
N VAL E 208 19.13 58.34 -69.60
CA VAL E 208 17.76 58.13 -69.16
C VAL E 208 17.01 57.19 -70.09
N GLY E 209 17.26 57.26 -71.41
CA GLY E 209 16.50 56.45 -72.34
C GLY E 209 16.62 54.97 -72.11
N ALA E 210 17.63 54.54 -71.35
CA ALA E 210 17.85 53.11 -71.17
C ALA E 210 16.91 52.50 -70.14
N ILE E 211 16.51 53.27 -69.14
CA ILE E 211 15.84 52.68 -67.98
C ILE E 211 14.44 52.25 -68.36
N GLN E 212 14.09 51.01 -67.99
CA GLN E 212 12.73 50.54 -68.19
C GLN E 212 11.81 50.99 -67.07
N ARG E 213 12.27 50.91 -65.82
CA ARG E 213 11.41 51.22 -64.70
C ARG E 213 12.27 51.63 -63.51
N GLY E 214 11.71 52.47 -62.63
CA GLY E 214 12.39 52.82 -61.39
C GLY E 214 13.35 54.00 -61.42
N ALA E 215 13.09 54.99 -62.27
CA ALA E 215 13.97 56.15 -62.30
C ALA E 215 13.90 56.93 -61.00
N LEU E 216 14.92 57.74 -60.76
CA LEU E 216 15.05 58.49 -59.52
C LEU E 216 15.49 59.91 -59.84
N TYR E 217 14.68 60.89 -59.45
CA TYR E 217 14.93 62.28 -59.78
C TYR E 217 15.27 63.10 -58.55
N MET E 218 16.05 64.16 -58.76
CA MET E 218 16.35 65.16 -57.75
C MET E 218 15.92 66.51 -58.27
N VAL E 219 15.33 67.33 -57.40
CA VAL E 219 14.76 68.60 -57.80
C VAL E 219 15.15 69.66 -56.79
N ILE E 220 15.47 70.86 -57.28
CA ILE E 220 15.84 71.99 -56.44
C ILE E 220 14.87 73.12 -56.71
N ALA E 221 14.33 73.70 -55.64
CA ALA E 221 13.35 74.77 -55.74
C ALA E 221 13.91 76.03 -55.12
N PRO E 222 14.12 77.10 -55.87
CA PRO E 222 14.67 78.33 -55.29
C PRO E 222 13.64 79.07 -54.49
N GLY E 223 14.12 79.98 -53.65
CA GLY E 223 13.25 80.91 -52.96
C GLY E 223 12.70 81.96 -53.90
N ASN E 224 11.73 82.71 -53.39
CA ASN E 224 11.06 83.73 -54.20
C ASN E 224 12.08 84.72 -54.75
N GLY E 225 12.07 84.89 -56.07
CA GLY E 225 12.89 85.89 -56.71
C GLY E 225 14.34 85.84 -56.28
N LEU E 226 14.84 84.65 -55.97
CA LEU E 226 16.19 84.47 -55.46
C LEU E 226 16.87 83.35 -56.23
N THR E 227 17.92 83.70 -56.96
CA THR E 227 18.62 82.74 -57.81
C THR E 227 20.03 82.52 -57.29
N PHE E 228 20.51 81.29 -57.41
CA PHE E 228 21.81 80.96 -56.86
C PHE E 228 22.37 79.75 -57.59
N THR E 229 23.67 79.52 -57.38
CA THR E 229 24.34 78.32 -57.85
C THR E 229 24.90 77.56 -56.65
N ALA E 230 25.20 76.29 -56.87
CA ALA E 230 25.63 75.41 -55.80
C ALA E 230 26.85 74.62 -56.22
N HIS E 231 27.65 74.23 -55.22
CA HIS E 231 28.83 73.40 -55.44
C HIS E 231 28.74 72.22 -54.49
N GLY E 232 29.37 71.12 -54.88
CA GLY E 232 29.44 69.97 -54.01
C GLY E 232 29.47 68.68 -54.82
N GLN E 233 29.32 67.57 -54.10
CA GLN E 233 29.34 66.26 -54.71
C GLN E 233 28.56 65.30 -53.83
N THR E 234 28.18 64.16 -54.40
CA THR E 234 27.34 63.19 -53.71
C THR E 234 27.86 61.80 -53.96
N ARG E 235 27.41 60.86 -53.13
CA ARG E 235 27.74 59.45 -53.31
C ARG E 235 26.48 58.62 -53.29
N LEU E 236 26.61 57.40 -53.80
CA LEU E 236 25.53 56.43 -53.80
C LEU E 236 26.05 55.10 -53.32
N TYR E 237 25.11 54.19 -53.03
CA TYR E 237 25.45 52.86 -52.56
C TYR E 237 24.46 51.88 -53.17
N PHE E 238 24.95 50.78 -53.73
CA PHE E 238 24.06 49.82 -54.36
C PHE E 238 24.83 48.52 -54.61
N LYS E 239 24.10 47.53 -55.13
CA LYS E 239 24.72 46.31 -55.60
C LYS E 239 23.85 45.70 -56.68
N SER E 240 24.49 45.07 -57.66
CA SER E 240 23.75 44.36 -58.69
C SER E 240 23.22 43.05 -58.13
N VAL E 241 22.20 42.51 -58.81
CA VAL E 241 21.62 41.23 -58.43
C VAL E 241 20.89 40.67 -59.64
N GLY E 242 20.64 39.37 -59.63
CA GLY E 242 19.83 38.73 -60.63
C GLY E 242 20.67 37.95 -61.63
N ASN E 243 19.96 37.27 -62.53
CA ASN E 243 20.58 36.46 -63.58
C ASN E 243 21.55 35.45 -63.01
N ALA F 31 -31.23 44.86 33.98
CA ALA F 31 -31.53 46.15 34.57
C ALA F 31 -33.05 46.43 34.55
N GLY F 32 -33.76 45.84 35.49
CA GLY F 32 -35.19 45.99 35.57
C GLY F 32 -35.82 44.77 36.22
N SER F 33 -37.14 44.79 36.31
CA SER F 33 -37.86 43.65 36.86
C SER F 33 -39.05 43.25 36.01
N LYS F 34 -38.99 42.07 35.40
CA LYS F 34 -40.08 41.49 34.62
C LYS F 34 -40.71 42.52 33.68
N ALA F 35 -39.87 43.33 33.07
CA ALA F 35 -40.34 44.33 32.12
C ALA F 35 -40.96 43.65 30.91
N ASP F 36 -41.98 44.30 30.35
CA ASP F 36 -42.72 43.77 29.22
C ASP F 36 -42.98 44.88 28.22
N ARG F 37 -42.86 44.53 26.94
CA ARG F 37 -42.92 45.52 25.87
C ARG F 37 -44.15 46.42 25.92
N PRO F 38 -45.36 45.93 26.10
CA PRO F 38 -46.49 46.85 26.27
C PRO F 38 -46.37 47.63 27.57
N SER F 39 -47.02 48.79 27.59
CA SER F 39 -46.93 49.67 28.73
C SER F 39 -47.60 49.05 29.95
N LEU F 40 -47.27 49.58 31.12
CA LEU F 40 -47.79 49.07 32.38
C LEU F 40 -48.69 50.12 33.02
N GLN F 41 -49.67 49.65 33.79
CA GLN F 41 -50.66 50.54 34.35
C GLN F 41 -50.03 51.46 35.39
N ILE F 42 -50.73 52.55 35.70
CA ILE F 42 -50.22 53.57 36.59
C ILE F 42 -51.29 53.93 37.61
N GLN F 43 -50.88 54.09 38.86
CA GLN F 43 -51.74 54.59 39.92
C GLN F 43 -51.01 55.65 40.70
N THR F 44 -51.75 56.67 41.15
CA THR F 44 -51.17 57.80 41.84
C THR F 44 -51.87 58.03 43.18
N LEU F 45 -51.22 58.82 44.02
CA LEU F 45 -51.81 59.26 45.27
C LEU F 45 -51.57 60.75 45.41
N GLN F 46 -52.52 61.42 46.03
CA GLN F 46 -52.47 62.87 46.17
C GLN F 46 -52.48 63.21 47.66
N HIS F 47 -51.37 63.71 48.17
CA HIS F 47 -51.30 64.18 49.54
C HIS F 47 -50.90 65.65 49.51
N ALA F 48 -51.84 66.52 49.85
CA ALA F 48 -51.64 67.96 49.77
C ALA F 48 -52.90 68.63 50.29
N GLY F 49 -52.77 69.91 50.60
CA GLY F 49 -53.95 70.69 50.98
C GLY F 49 -54.66 70.06 52.15
N THR F 50 -55.94 69.73 51.93
CA THR F 50 -56.74 69.09 52.97
C THR F 50 -56.07 67.82 53.48
N THR F 51 -55.49 67.04 52.58
CA THR F 51 -54.84 65.80 52.96
C THR F 51 -53.34 66.04 53.03
N MET F 52 -52.82 66.14 54.25
CA MET F 52 -51.39 66.24 54.47
C MET F 52 -51.06 65.25 55.57
N ILE F 53 -50.23 64.25 55.24
CA ILE F 53 -49.80 63.32 56.26
C ILE F 53 -49.16 64.11 57.40
N THR F 54 -49.68 63.93 58.60
CA THR F 54 -49.21 64.67 59.77
C THR F 54 -48.89 63.66 60.88
N VAL F 55 -47.66 63.70 61.36
CA VAL F 55 -47.19 62.63 62.24
C VAL F 55 -46.88 63.15 63.63
N PRO F 56 -47.67 62.80 64.62
CA PRO F 56 -47.25 62.98 66.01
C PRO F 56 -46.24 61.90 66.38
N SER F 57 -45.56 62.13 67.50
CA SER F 57 -44.56 61.19 67.97
C SER F 57 -45.14 59.80 68.08
N GLY F 58 -44.41 58.81 67.57
CA GLY F 58 -44.90 57.45 67.52
C GLY F 58 -45.33 56.97 66.16
N GLY F 59 -45.21 57.79 65.14
CA GLY F 59 -45.44 57.34 63.78
C GLY F 59 -46.91 57.14 63.46
N VAL F 60 -47.16 56.79 62.20
CA VAL F 60 -48.51 56.52 61.73
C VAL F 60 -48.47 55.40 60.71
N CYS F 61 -49.48 54.56 60.75
CA CYS F 61 -49.62 53.43 59.85
C CYS F 61 -50.50 53.83 58.68
N ASP F 62 -50.20 53.31 57.50
CA ASP F 62 -51.00 53.59 56.33
C ASP F 62 -50.81 52.49 55.30
N LEU F 63 -51.76 52.41 54.38
CA LEU F 63 -51.71 51.46 53.27
C LEU F 63 -51.73 52.21 51.95
N ILE F 64 -50.73 51.94 51.12
CA ILE F 64 -50.61 52.61 49.82
C ILE F 64 -51.10 51.77 48.67
N ASN F 65 -51.54 50.55 48.90
CA ASN F 65 -51.77 49.64 47.78
C ASN F 65 -53.20 49.67 47.28
N THR F 66 -54.03 50.58 47.80
CA THR F 66 -55.44 50.62 47.46
C THR F 66 -55.67 50.67 45.95
N TYR F 67 -56.58 49.81 45.48
CA TYR F 67 -56.95 49.75 44.07
C TYR F 67 -58.46 49.53 43.98
N ALA F 68 -59.12 50.30 43.13
CA ALA F 68 -60.51 50.01 42.84
C ALA F 68 -60.58 48.98 41.72
N ARG F 69 -61.79 48.56 41.39
CA ARG F 69 -62.03 47.67 40.26
C ARG F 69 -63.12 48.24 39.38
N GLY F 70 -62.89 48.24 38.08
CA GLY F 70 -63.88 48.77 37.17
C GLY F 70 -63.27 49.04 35.81
N SER F 71 -63.94 49.94 35.09
CA SER F 71 -63.52 50.25 33.73
C SER F 71 -62.31 51.17 33.71
N ASP F 72 -62.25 52.11 34.65
CA ASP F 72 -61.26 53.17 34.58
C ASP F 72 -59.85 52.61 34.62
N GLU F 73 -58.96 53.24 33.88
CA GLU F 73 -57.56 52.83 33.89
C GLU F 73 -56.95 53.13 35.24
N GLY F 74 -56.09 52.22 35.70
CA GLY F 74 -55.49 52.34 37.01
C GLY F 74 -56.21 51.49 38.02
N ASN F 75 -57.47 51.20 37.76
CA ASN F 75 -58.17 50.24 38.58
C ASN F 75 -57.83 48.82 38.13
N ARG F 76 -57.93 47.88 39.06
CA ARG F 76 -57.56 46.51 38.76
C ARG F 76 -58.68 45.81 38.01
N HIS F 77 -58.32 45.12 36.94
CA HIS F 77 -59.31 44.39 36.15
C HIS F 77 -59.58 42.98 36.67
N THR F 78 -58.71 42.44 37.51
CA THR F 78 -58.83 41.04 37.89
C THR F 78 -58.82 40.88 39.39
N SER F 79 -58.76 39.62 39.84
CA SER F 79 -58.66 39.35 41.27
C SER F 79 -57.22 39.12 41.71
N GLU F 80 -56.26 39.22 40.79
CA GLU F 80 -54.87 38.92 41.09
C GLU F 80 -53.97 40.01 40.54
N THR F 81 -53.11 40.57 41.39
CA THR F 81 -52.29 41.71 41.02
C THR F 81 -50.85 41.53 41.49
N LEU F 82 -49.92 41.88 40.62
CA LEU F 82 -48.51 41.99 40.96
C LEU F 82 -48.08 43.42 40.81
N THR F 83 -47.21 43.90 41.71
CA THR F 83 -46.64 45.22 41.60
C THR F 83 -45.14 45.11 41.41
N TYR F 84 -44.55 46.12 40.79
CA TYR F 84 -43.13 46.04 40.48
C TYR F 84 -42.34 47.24 40.99
N LYS F 85 -42.46 48.36 40.31
CA LYS F 85 -41.59 49.50 40.55
C LYS F 85 -42.36 50.60 41.24
N ILE F 86 -41.69 51.31 42.13
CA ILE F 86 -42.31 52.38 42.89
C ILE F 86 -41.35 53.56 42.99
N ALA F 87 -41.89 54.76 42.87
CA ALA F 87 -41.11 55.99 43.01
C ALA F 87 -41.83 56.89 44.00
N ILE F 88 -41.04 57.58 44.82
CA ILE F 88 -41.60 58.37 45.91
C ILE F 88 -40.97 59.75 45.88
N ASP F 89 -41.81 60.77 45.94
CA ASP F 89 -41.37 62.16 46.09
C ASP F 89 -42.16 62.81 47.20
N TYR F 90 -41.50 63.64 48.00
CA TYR F 90 -42.20 64.43 48.99
C TYR F 90 -41.42 65.67 49.31
N HIS F 91 -42.11 66.61 49.94
CA HIS F 91 -41.48 67.68 50.67
C HIS F 91 -41.75 67.50 52.16
N PHE F 92 -40.76 67.84 52.98
CA PHE F 92 -40.92 67.89 54.42
C PHE F 92 -40.79 69.32 54.91
N VAL F 93 -41.42 69.62 56.03
CA VAL F 93 -41.21 70.88 56.71
C VAL F 93 -41.47 70.69 58.19
N ALA F 94 -40.67 71.34 59.02
CA ALA F 94 -40.91 71.28 60.45
C ALA F 94 -42.20 72.00 60.80
N ASP F 95 -42.77 71.63 61.94
CA ASP F 95 -43.96 72.29 62.44
C ASP F 95 -43.57 73.31 63.50
N ALA F 96 -44.20 74.48 63.42
CA ALA F 96 -43.94 75.52 64.42
C ALA F 96 -44.24 75.04 65.83
N ALA F 97 -45.18 74.11 65.97
CA ALA F 97 -45.53 73.61 67.29
C ALA F 97 -44.32 73.08 68.03
N ALA F 98 -43.39 72.45 67.34
CA ALA F 98 -42.17 71.96 67.94
C ALA F 98 -40.99 72.91 67.80
N CYS F 99 -41.18 74.03 67.08
CA CYS F 99 -40.07 74.96 66.89
C CYS F 99 -39.73 75.73 68.15
N ARG F 100 -40.53 75.61 69.22
CA ARG F 100 -40.22 76.31 70.46
C ARG F 100 -38.95 75.79 71.11
N TYR F 101 -38.37 74.72 70.60
CA TYR F 101 -37.14 74.16 71.12
C TYR F 101 -36.13 74.08 69.98
N SER F 102 -34.87 73.89 70.33
CA SER F 102 -33.81 73.78 69.33
C SER F 102 -33.02 72.51 69.59
N ASN F 103 -33.17 71.54 68.70
CA ASN F 103 -32.32 70.36 68.68
C ASN F 103 -32.44 69.72 67.32
N THR F 104 -31.50 68.85 67.01
CA THR F 104 -31.59 68.05 65.82
C THR F 104 -32.30 66.75 66.13
N GLY F 105 -32.27 65.82 65.19
CA GLY F 105 -32.85 64.51 65.41
C GLY F 105 -32.61 63.64 64.19
N THR F 106 -33.26 62.49 64.18
CA THR F 106 -33.17 61.59 63.05
C THR F 106 -34.50 60.91 62.82
N GLY F 107 -34.94 60.85 61.57
CA GLY F 107 -36.17 60.19 61.20
C GLY F 107 -35.93 58.90 60.43
N VAL F 108 -37.02 58.19 60.18
CA VAL F 108 -36.99 56.87 59.55
C VAL F 108 -38.23 56.69 58.71
N MET F 109 -38.05 56.05 57.56
CA MET F 109 -39.16 55.64 56.71
C MET F 109 -38.95 54.18 56.34
N TRP F 110 -39.94 53.34 56.62
CA TRP F 110 -39.87 51.94 56.25
C TRP F 110 -40.90 51.61 55.19
N LEU F 111 -40.62 50.55 54.46
CA LEU F 111 -41.58 49.96 53.54
C LEU F 111 -41.81 48.53 54.00
N VAL F 112 -43.00 48.26 54.54
CA VAL F 112 -43.27 47.02 55.26
C VAL F 112 -44.26 46.19 54.48
N TYR F 113 -43.95 44.92 54.30
CA TYR F 113 -44.82 43.99 53.60
C TYR F 113 -45.51 43.06 54.59
N ASP F 114 -46.76 42.73 54.30
CA ASP F 114 -47.59 41.90 55.16
C ASP F 114 -47.95 40.60 54.47
N THR F 115 -48.26 39.60 55.28
CA THR F 115 -48.81 38.35 54.74
C THR F 115 -50.32 38.35 54.84
N THR F 116 -50.84 38.20 56.05
CA THR F 116 -52.28 38.21 56.27
C THR F 116 -52.65 39.38 57.17
N PRO F 117 -53.40 40.35 56.67
CA PRO F 117 -53.79 41.48 57.53
C PRO F 117 -54.91 41.06 58.47
N GLY F 118 -54.88 41.62 59.67
CA GLY F 118 -55.99 41.45 60.57
C GLY F 118 -57.20 42.22 60.09
N GLY F 119 -58.31 42.01 60.81
CA GLY F 119 -59.50 42.77 60.51
C GLY F 119 -59.39 44.24 60.87
N GLN F 120 -58.43 44.59 61.72
CA GLN F 120 -58.25 45.96 62.19
C GLN F 120 -56.92 46.50 61.69
N ALA F 121 -56.85 47.81 61.58
CA ALA F 121 -55.64 48.44 61.06
C ALA F 121 -54.52 48.37 62.09
N PRO F 122 -53.32 48.00 61.69
CA PRO F 122 -52.21 47.93 62.64
C PRO F 122 -51.76 49.32 63.04
N THR F 123 -51.04 49.37 64.16
CA THR F 123 -50.39 50.59 64.60
C THR F 123 -48.94 50.25 64.91
N PRO F 124 -48.03 51.20 64.76
CA PRO F 124 -46.61 50.88 64.96
C PRO F 124 -46.33 50.19 66.28
N GLN F 125 -46.92 50.67 67.36
CA GLN F 125 -46.66 50.05 68.66
C GLN F 125 -46.97 48.57 68.62
N THR F 126 -47.92 48.17 67.78
CA THR F 126 -48.21 46.75 67.64
C THR F 126 -47.22 46.07 66.70
N ILE F 127 -46.74 46.77 65.69
CA ILE F 127 -45.87 46.08 64.72
C ILE F 127 -44.49 45.89 65.30
N PHE F 128 -44.05 46.79 66.17
CA PHE F 128 -42.73 46.72 66.75
C PHE F 128 -42.88 46.70 68.26
N ALA F 129 -42.32 45.68 68.90
CA ALA F 129 -42.35 45.64 70.35
C ALA F 129 -41.27 46.56 70.88
N TYR F 130 -41.67 47.60 71.58
CA TYR F 130 -40.66 48.47 72.13
C TYR F 130 -41.06 48.94 73.51
N PRO F 131 -40.13 49.01 74.45
CA PRO F 131 -40.43 49.62 75.74
C PRO F 131 -40.69 51.10 75.60
N ASP F 132 -41.40 51.64 76.59
CA ASP F 132 -41.76 53.06 76.54
C ASP F 132 -40.52 53.94 76.53
N THR F 133 -39.44 53.46 77.14
CA THR F 133 -38.21 54.24 77.16
C THR F 133 -37.68 54.54 75.77
N LEU F 134 -37.65 53.55 74.90
CA LEU F 134 -37.11 53.73 73.56
C LEU F 134 -38.00 54.54 72.64
N LYS F 135 -39.21 54.89 73.09
CA LYS F 135 -40.13 55.63 72.23
C LYS F 135 -39.49 56.89 71.66
N ALA F 136 -38.56 57.47 72.41
CA ALA F 136 -37.86 58.66 71.93
C ALA F 136 -37.14 58.37 70.63
N TRP F 137 -36.27 57.37 70.62
CA TRP F 137 -35.43 57.22 69.44
C TRP F 137 -35.94 56.06 68.62
N PRO F 138 -36.62 56.31 67.52
CA PRO F 138 -37.16 55.19 66.74
C PRO F 138 -36.09 54.40 66.05
N ALA F 139 -35.04 55.07 65.59
CA ALA F 139 -34.14 54.44 64.64
C ALA F 139 -33.53 53.15 65.14
N THR F 140 -33.64 52.89 66.44
CA THR F 140 -33.19 51.64 67.00
C THR F 140 -34.23 50.54 66.91
N TRP F 141 -35.49 50.87 66.64
CA TRP F 141 -36.51 49.86 66.59
C TRP F 141 -36.15 48.79 65.59
N LYS F 142 -36.53 47.56 65.88
CA LYS F 142 -36.43 46.48 64.91
C LYS F 142 -37.63 45.56 65.09
N VAL F 143 -37.86 44.75 64.07
CA VAL F 143 -39.07 43.92 64.03
C VAL F 143 -39.10 42.99 65.23
N SER F 144 -40.28 42.89 65.85
CA SER F 144 -40.44 42.03 67.02
C SER F 144 -40.39 40.56 66.63
N ARG F 145 -39.96 39.72 67.56
CA ARG F 145 -39.74 38.32 67.23
C ARG F 145 -41.02 37.52 67.19
N GLU F 146 -42.03 37.90 67.98
CA GLU F 146 -43.27 37.13 68.03
C GLU F 146 -43.88 37.03 66.64
N LEU F 147 -43.83 38.10 65.88
CA LEU F 147 -44.45 38.16 64.56
C LEU F 147 -43.47 37.82 63.47
N CYS F 148 -42.28 37.33 63.82
CA CYS F 148 -41.12 37.27 62.94
C CYS F 148 -41.47 36.77 61.55
N HIS F 149 -42.34 35.78 61.45
CA HIS F 149 -42.73 35.29 60.14
C HIS F 149 -43.96 35.97 59.59
N ARG F 150 -44.66 36.78 60.38
CA ARG F 150 -45.86 37.42 59.86
C ARG F 150 -45.53 38.67 59.04
N PHE F 151 -44.43 39.35 59.36
CA PHE F 151 -44.08 40.59 58.69
C PHE F 151 -42.65 40.54 58.18
N VAL F 152 -42.33 41.48 57.29
CA VAL F 152 -40.96 41.63 56.79
C VAL F 152 -40.84 43.05 56.26
N VAL F 153 -39.60 43.52 56.15
CA VAL F 153 -39.33 44.87 55.68
C VAL F 153 -38.40 44.76 54.48
N LYS F 154 -38.89 45.16 53.31
CA LYS F 154 -38.10 45.00 52.10
C LYS F 154 -37.26 46.22 51.75
N ARG F 155 -37.49 47.35 52.41
CA ARG F 155 -36.68 48.53 52.18
C ARG F 155 -36.55 49.34 53.45
N ARG F 156 -35.59 50.24 53.46
CA ARG F 156 -35.35 51.11 54.60
C ARG F 156 -34.73 52.40 54.10
N TRP F 157 -35.02 53.50 54.79
CA TRP F 157 -34.38 54.75 54.44
C TRP F 157 -34.17 55.59 55.68
N LEU F 158 -33.18 56.47 55.61
CA LEU F 158 -32.87 57.39 56.69
C LEU F 158 -32.91 58.82 56.19
N PHE F 159 -33.16 59.73 57.11
CA PHE F 159 -33.06 61.15 56.84
C PHE F 159 -32.90 61.85 58.17
N ASN F 160 -32.43 63.09 58.11
CA ASN F 160 -32.24 63.86 59.32
C ASN F 160 -32.59 65.31 59.06
N MET F 161 -33.02 65.99 60.12
CA MET F 161 -33.46 67.37 60.02
C MET F 161 -33.30 68.01 61.38
N GLU F 162 -33.33 69.33 61.40
CA GLU F 162 -33.10 70.06 62.64
C GLU F 162 -33.76 71.41 62.55
N THR F 163 -33.99 72.02 63.71
CA THR F 163 -34.57 73.34 63.78
C THR F 163 -33.79 74.20 64.76
N ASP F 164 -33.71 75.47 64.46
CA ASP F 164 -32.97 76.43 65.27
C ASP F 164 -33.85 77.19 66.24
N GLY F 165 -35.15 76.93 66.24
CA GLY F 165 -36.05 77.70 67.07
C GLY F 165 -36.52 79.00 66.48
N ARG F 166 -36.65 79.08 65.16
CA ARG F 166 -37.10 80.30 64.51
C ARG F 166 -38.05 79.96 63.39
N ILE F 167 -39.22 80.59 63.38
CA ILE F 167 -40.20 80.36 62.33
C ILE F 167 -39.78 81.15 61.10
N GLY F 168 -40.19 80.68 59.93
CA GLY F 168 -39.74 81.31 58.69
C GLY F 168 -40.17 82.76 58.56
N SER F 169 -41.43 83.05 58.87
CA SER F 169 -41.97 84.37 58.62
C SER F 169 -41.31 85.46 59.46
N ASP F 170 -40.46 85.11 60.41
CA ASP F 170 -39.88 86.09 61.31
C ASP F 170 -38.79 86.88 60.62
N ILE F 171 -38.82 88.20 60.79
CA ILE F 171 -37.85 89.08 60.16
C ILE F 171 -36.60 89.18 61.02
N PRO F 172 -35.42 88.90 60.47
CA PRO F 172 -34.20 89.11 61.22
C PRO F 172 -34.03 90.57 61.59
N PRO F 173 -33.50 90.86 62.76
CA PRO F 173 -33.14 92.24 63.09
C PRO F 173 -31.96 92.68 62.25
N SER F 174 -31.90 93.99 62.00
CA SER F 174 -30.89 94.54 61.11
C SER F 174 -29.47 94.38 61.63
N ASN F 175 -29.28 93.95 62.87
CA ASN F 175 -27.93 93.87 63.43
C ASN F 175 -27.20 92.62 62.96
N ALA F 176 -27.82 91.45 63.06
CA ALA F 176 -27.13 90.20 62.85
C ALA F 176 -28.01 89.25 62.06
N SER F 177 -27.43 88.12 61.63
CA SER F 177 -28.13 87.20 60.75
C SER F 177 -28.02 85.75 61.17
N TRP F 178 -28.51 84.84 60.33
CA TRP F 178 -28.45 83.41 60.62
C TRP F 178 -28.20 82.66 59.33
N LYS F 179 -27.57 81.48 59.46
CA LYS F 179 -27.51 80.51 58.38
C LYS F 179 -28.35 79.33 58.82
N PRO F 180 -29.57 79.20 58.34
CA PRO F 180 -30.39 78.06 58.73
C PRO F 180 -30.38 76.94 57.71
N CYS F 181 -29.21 76.36 57.45
CA CYS F 181 -29.14 75.26 56.51
C CYS F 181 -29.98 74.10 57.00
N LYS F 182 -30.67 73.47 56.04
CA LYS F 182 -31.45 72.27 56.31
C LYS F 182 -32.53 72.50 57.37
N ARG F 183 -33.31 73.56 57.19
CA ARG F 183 -34.58 73.61 57.92
C ARG F 183 -35.60 72.68 57.29
N ASN F 184 -35.69 72.69 55.98
CA ASN F 184 -36.55 71.77 55.25
C ASN F 184 -35.72 70.99 54.24
N ILE F 185 -36.29 69.90 53.74
CA ILE F 185 -35.51 68.93 52.99
C ILE F 185 -36.36 68.36 51.87
N TYR F 186 -35.69 67.95 50.80
CA TYR F 186 -36.32 67.38 49.62
C TYR F 186 -35.92 65.92 49.53
N PHE F 187 -36.89 65.03 49.65
CA PHE F 187 -36.61 63.60 49.76
C PHE F 187 -37.26 62.85 48.61
N HIS F 188 -36.49 62.01 47.93
CA HIS F 188 -37.02 61.21 46.85
C HIS F 188 -36.19 59.94 46.71
N LYS F 189 -36.85 58.86 46.30
CA LYS F 189 -36.18 57.61 46.02
C LYS F 189 -36.91 56.91 44.90
N PHE F 190 -36.18 56.05 44.20
CA PHE F 190 -36.71 55.30 43.08
C PHE F 190 -36.12 53.91 43.13
N THR F 191 -36.96 52.88 43.10
CA THR F 191 -36.45 51.52 43.22
C THR F 191 -37.28 50.54 42.40
N SER F 192 -36.59 49.69 41.65
CA SER F 192 -37.22 48.66 40.84
C SER F 192 -37.19 47.28 41.47
N GLY F 193 -36.55 47.13 42.63
CA GLY F 193 -36.17 45.79 43.07
C GLY F 193 -37.36 44.94 43.46
N LEU F 194 -38.25 45.49 44.28
CA LEU F 194 -39.23 44.68 44.97
C LEU F 194 -40.21 44.05 43.99
N GLY F 195 -40.90 43.02 44.48
CA GLY F 195 -42.08 42.51 43.82
C GLY F 195 -42.99 41.90 44.86
N VAL F 196 -44.29 41.92 44.59
CA VAL F 196 -45.29 41.56 45.58
C VAL F 196 -46.43 40.85 44.88
N ARG F 197 -46.96 39.81 45.51
CA ARG F 197 -48.07 39.05 44.98
C ARG F 197 -49.29 39.27 45.87
N THR F 198 -50.39 39.70 45.28
CA THR F 198 -51.59 40.04 46.04
C THR F 198 -52.81 39.41 45.42
N GLN F 199 -53.74 38.98 46.27
CA GLN F 199 -55.03 38.47 45.83
C GLN F 199 -56.12 39.16 46.62
N TRP F 200 -57.34 39.10 46.10
CA TRP F 200 -58.43 39.92 46.61
C TRP F 200 -59.66 39.09 46.87
N LYS F 201 -60.39 39.46 47.92
CA LYS F 201 -61.77 39.02 48.03
C LYS F 201 -62.59 39.68 46.94
N ASN F 202 -63.77 39.14 46.67
CA ASN F 202 -64.57 39.63 45.56
C ASN F 202 -65.51 40.70 46.09
N VAL F 203 -65.20 41.95 45.77
CA VAL F 203 -66.02 43.12 46.06
C VAL F 203 -65.60 44.20 45.07
N THR F 204 -66.27 45.34 45.12
CA THR F 204 -65.83 46.48 44.33
C THR F 204 -64.71 47.25 45.02
N ASP F 205 -64.78 47.35 46.34
CA ASP F 205 -64.05 48.36 47.07
C ASP F 205 -62.55 48.15 47.00
N GLY F 206 -61.81 49.23 47.26
CA GLY F 206 -60.38 49.19 47.37
C GLY F 206 -59.83 49.35 48.78
N GLY F 207 -60.68 49.28 49.79
CA GLY F 207 -60.24 49.45 51.15
C GLY F 207 -59.42 48.26 51.63
N VAL F 208 -58.99 48.36 52.89
CA VAL F 208 -58.15 47.31 53.46
C VAL F 208 -58.94 46.02 53.67
N GLY F 209 -60.21 46.12 54.06
CA GLY F 209 -60.97 44.93 54.37
C GLY F 209 -61.10 43.96 53.23
N ALA F 210 -60.83 44.41 52.00
CA ALA F 210 -61.02 43.56 50.85
C ALA F 210 -59.87 42.58 50.65
N ILE F 211 -58.66 42.94 51.04
CA ILE F 211 -57.49 42.19 50.64
C ILE F 211 -57.43 40.87 51.40
N GLN F 212 -57.23 39.78 50.66
CA GLN F 212 -57.05 38.48 51.30
C GLN F 212 -55.62 38.29 51.76
N ARG F 213 -54.64 38.67 50.94
CA ARG F 213 -53.24 38.41 51.27
C ARG F 213 -52.36 39.42 50.53
N GLY F 214 -51.21 39.73 51.10
CA GLY F 214 -50.23 40.58 50.44
C GLY F 214 -50.35 42.08 50.61
N ALA F 215 -50.84 42.53 51.75
CA ALA F 215 -50.95 43.97 51.97
C ALA F 215 -49.57 44.60 52.03
N LEU F 216 -49.54 45.92 51.82
CA LEU F 216 -48.30 46.68 51.77
C LEU F 216 -48.46 47.97 52.54
N TYR F 217 -47.64 48.16 53.56
CA TYR F 217 -47.74 49.30 54.45
C TYR F 217 -46.57 50.25 54.30
N MET F 218 -46.82 51.52 54.59
CA MET F 218 -45.80 52.54 54.67
C MET F 218 -45.86 53.19 56.04
N VAL F 219 -44.70 53.45 56.63
CA VAL F 219 -44.62 53.94 58.00
C VAL F 219 -43.61 55.08 58.07
N ILE F 220 -43.94 56.12 58.83
CA ILE F 220 -43.07 57.26 59.03
C ILE F 220 -42.76 57.39 60.50
N ALA F 221 -41.49 57.55 60.82
CA ALA F 221 -41.03 57.64 62.21
C ALA F 221 -40.39 59.00 62.45
N PRO F 222 -40.95 59.84 63.30
CA PRO F 222 -40.37 61.16 63.54
C PRO F 222 -39.13 61.07 64.39
N GLY F 223 -38.35 62.15 64.36
CA GLY F 223 -37.23 62.27 65.28
C GLY F 223 -37.69 62.56 66.68
N ASN F 224 -36.75 62.49 67.62
CA ASN F 224 -37.06 62.70 69.03
C ASN F 224 -37.71 64.05 69.24
N GLY F 225 -38.88 64.05 69.87
CA GLY F 225 -39.57 65.26 70.25
C GLY F 225 -39.68 66.26 69.11
N LEU F 226 -39.80 65.77 67.88
CA LEU F 226 -39.82 66.61 66.70
C LEU F 226 -40.98 66.20 65.82
N THR F 227 -41.95 67.10 65.64
CA THR F 227 -43.15 66.80 64.89
C THR F 227 -43.19 67.65 63.63
N PHE F 228 -43.72 67.08 62.55
CA PHE F 228 -43.72 67.78 61.28
C PHE F 228 -44.83 67.23 60.40
N THR F 229 -45.12 67.96 59.34
CA THR F 229 -46.01 67.52 58.29
C THR F 229 -45.25 67.47 56.97
N ALA F 230 -45.81 66.74 56.01
CA ALA F 230 -45.14 66.51 54.74
C ALA F 230 -46.10 66.73 53.59
N HIS F 231 -45.54 67.10 52.45
CA HIS F 231 -46.29 67.27 51.22
C HIS F 231 -45.63 66.47 50.12
N GLY F 232 -46.42 66.06 49.14
CA GLY F 232 -45.88 65.36 48.00
C GLY F 232 -46.88 64.37 47.44
N GLN F 233 -46.39 63.54 46.52
CA GLN F 233 -47.22 62.55 45.87
C GLN F 233 -46.34 61.40 45.40
N THR F 234 -46.95 60.26 45.12
CA THR F 234 -46.23 59.06 44.75
C THR F 234 -46.91 58.38 43.59
N ARG F 235 -46.19 57.48 42.94
CA ARG F 235 -46.73 56.68 41.87
C ARG F 235 -46.45 55.20 42.11
N LEU F 236 -47.21 54.37 41.41
CA LEU F 236 -47.03 52.92 41.46
C LEU F 236 -47.02 52.37 40.06
N TYR F 237 -46.62 51.10 39.96
CA TYR F 237 -46.57 50.41 38.68
C TYR F 237 -46.99 48.96 38.90
N PHE F 238 -47.88 48.46 38.07
CA PHE F 238 -48.35 47.09 38.24
C PHE F 238 -49.09 46.65 36.99
N LYS F 239 -49.51 45.39 36.99
CA LYS F 239 -50.41 44.88 35.96
C LYS F 239 -51.22 43.73 36.53
N SER F 240 -52.46 43.63 36.08
CA SER F 240 -53.30 42.51 36.47
C SER F 240 -52.86 41.25 35.75
N VAL F 241 -53.25 40.10 36.30
CA VAL F 241 -52.95 38.81 35.67
C VAL F 241 -53.92 37.80 36.23
N GLY F 242 -54.08 36.68 35.53
CA GLY F 242 -54.86 35.56 36.01
C GLY F 242 -56.22 35.47 35.33
N ASN F 243 -56.94 34.42 35.69
CA ASN F 243 -58.26 34.14 35.15
C ASN F 243 -58.27 34.14 33.64
N ALA G 31 -19.54 35.59 49.94
CA ALA G 31 -20.15 36.68 50.67
C ALA G 31 -20.86 36.17 51.93
N GLY G 32 -20.08 35.91 52.97
CA GLY G 32 -20.63 35.40 54.21
C GLY G 32 -19.60 34.58 54.94
N SER G 33 -20.00 34.04 56.08
CA SER G 33 -19.10 33.18 56.84
C SER G 33 -19.79 31.89 57.30
N LYS G 34 -19.34 30.75 56.75
CA LYS G 34 -19.82 29.43 57.16
C LYS G 34 -21.34 29.39 57.26
N ALA G 35 -22.01 30.03 56.32
CA ALA G 35 -23.46 30.03 56.30
C ALA G 35 -23.99 28.64 56.05
N ASP G 36 -25.13 28.34 56.64
CA ASP G 36 -25.76 27.03 56.56
C ASP G 36 -27.25 27.18 56.34
N ARG G 37 -27.79 26.32 55.48
CA ARG G 37 -29.19 26.44 55.05
C ARG G 37 -30.18 26.55 56.19
N PRO G 38 -30.15 25.73 57.23
CA PRO G 38 -31.05 25.95 58.36
C PRO G 38 -30.71 27.25 59.08
N SER G 39 -31.72 27.80 59.75
CA SER G 39 -31.56 29.07 60.43
C SER G 39 -30.57 28.95 61.59
N LEU G 40 -30.07 30.09 62.04
CA LEU G 40 -29.10 30.15 63.12
C LEU G 40 -29.70 30.82 64.34
N GLN G 41 -29.22 30.43 65.51
CA GLN G 41 -29.81 30.92 66.74
C GLN G 41 -29.55 32.40 66.91
N ILE G 42 -30.34 33.02 67.79
CA ILE G 42 -30.30 34.46 67.99
C ILE G 42 -30.26 34.77 69.49
N GLN G 43 -29.42 35.71 69.86
CA GLN G 43 -29.38 36.22 71.22
C GLN G 43 -29.35 37.75 71.19
N THR G 44 -30.01 38.37 72.17
CA THR G 44 -30.15 39.80 72.22
C THR G 44 -29.69 40.34 73.56
N LEU G 45 -29.47 41.65 73.60
CA LEU G 45 -29.17 42.35 74.83
C LEU G 45 -30.02 43.60 74.89
N GLN G 46 -30.41 43.97 76.09
CA GLN G 46 -31.29 45.11 76.30
C GLN G 46 -30.57 46.11 77.18
N HIS G 47 -30.21 47.26 76.62
CA HIS G 47 -29.63 48.35 77.39
C HIS G 47 -30.52 49.57 77.22
N ALA G 48 -31.22 49.93 78.28
CA ALA G 48 -32.19 51.02 78.24
C ALA G 48 -32.74 51.19 79.65
N GLY G 49 -33.38 52.33 79.87
CA GLY G 49 -34.07 52.55 81.13
C GLY G 49 -33.13 52.38 82.31
N THR G 50 -33.48 51.45 83.18
CA THR G 50 -32.65 51.15 84.35
C THR G 50 -31.22 50.81 83.93
N THR G 51 -31.06 50.05 82.85
CA THR G 51 -29.74 49.66 82.40
C THR G 51 -29.36 50.56 81.24
N MET G 52 -28.47 51.50 81.50
CA MET G 52 -27.90 52.36 80.48
C MET G 52 -26.39 52.37 80.69
N ILE G 53 -25.65 51.87 79.71
CA ILE G 53 -24.20 51.93 79.83
C ILE G 53 -23.80 53.38 80.03
N THR G 54 -23.08 53.64 81.11
CA THR G 54 -22.67 55.00 81.46
C THR G 54 -21.17 55.00 81.70
N VAL G 55 -20.46 55.85 80.97
CA VAL G 55 -19.00 55.75 80.96
C VAL G 55 -18.36 57.00 81.53
N PRO G 56 -17.76 56.91 82.71
CA PRO G 56 -16.84 57.94 83.16
C PRO G 56 -15.52 57.83 82.41
N SER G 57 -14.72 58.90 82.51
CA SER G 57 -13.43 58.93 81.84
C SER G 57 -12.60 57.71 82.22
N GLY G 58 -12.02 57.08 81.21
CA GLY G 58 -11.27 55.85 81.43
C GLY G 58 -11.96 54.60 80.96
N GLY G 59 -13.15 54.71 80.38
CA GLY G 59 -13.79 53.57 79.76
C GLY G 59 -14.36 52.58 80.75
N VAL G 60 -15.01 51.55 80.21
CA VAL G 60 -15.58 50.50 81.03
C VAL G 60 -15.47 49.18 80.29
N CYS G 61 -15.20 48.13 81.04
CA CYS G 61 -15.05 46.78 80.52
C CYS G 61 -16.38 46.06 80.64
N ASP G 62 -16.67 45.20 79.67
CA ASP G 62 -17.90 44.43 79.70
C ASP G 62 -17.75 43.19 78.84
N LEU G 63 -18.60 42.21 79.09
CA LEU G 63 -18.64 40.97 78.32
C LEU G 63 -20.00 40.80 77.68
N ILE G 64 -20.02 40.64 76.36
CA ILE G 64 -21.27 40.51 75.62
C ILE G 64 -21.61 39.07 75.28
N ASN G 65 -20.77 38.11 75.61
CA ASN G 65 -20.94 36.78 75.07
C ASN G 65 -21.77 35.87 75.97
N THR G 66 -22.34 36.41 77.04
CA THR G 66 -23.06 35.61 78.02
C THR G 66 -24.16 34.76 77.37
N TYR G 67 -24.17 33.49 77.74
CA TYR G 67 -25.16 32.53 77.26
C TYR G 67 -25.59 31.63 78.40
N ALA G 68 -26.88 31.44 78.57
CA ALA G 68 -27.34 30.43 79.51
C ALA G 68 -27.38 29.07 78.82
N ARG G 69 -27.73 28.04 79.58
CA ARG G 69 -27.91 26.70 79.03
C ARG G 69 -29.25 26.16 79.51
N GLY G 70 -30.01 25.58 78.58
CA GLY G 70 -31.29 25.03 78.94
C GLY G 70 -32.14 24.79 77.71
N SER G 71 -33.45 24.76 77.97
CA SER G 71 -34.40 24.45 76.90
C SER G 71 -34.63 25.67 76.01
N ASP G 72 -34.64 26.85 76.59
CA ASP G 72 -35.08 28.04 75.87
C ASP G 72 -34.18 28.31 74.68
N GLU G 73 -34.79 28.78 73.59
CA GLU G 73 -34.03 29.14 72.41
C GLU G 73 -33.15 30.34 72.70
N GLY G 74 -31.94 30.33 72.15
CA GLY G 74 -30.99 31.37 72.39
C GLY G 74 -30.00 30.96 73.46
N ASN G 75 -30.40 30.03 74.31
CA ASN G 75 -29.44 29.45 75.23
C ASN G 75 -28.65 28.35 74.54
N ARG G 76 -27.44 28.12 75.03
CA ARG G 76 -26.57 27.14 74.39
C ARG G 76 -26.94 25.74 74.81
N HIS G 77 -27.04 24.84 73.84
CA HIS G 77 -27.38 23.45 74.11
C HIS G 77 -26.18 22.59 74.45
N THR G 78 -24.96 23.05 74.17
CA THR G 78 -23.81 22.19 74.30
C THR G 78 -22.72 22.85 75.13
N SER G 79 -21.55 22.22 75.17
CA SER G 79 -20.41 22.81 75.86
C SER G 79 -19.48 23.54 74.90
N GLU G 80 -19.81 23.58 73.61
CA GLU G 80 -18.93 24.15 72.60
C GLU G 80 -19.74 25.06 71.68
N THR G 81 -19.28 26.30 71.52
CA THR G 81 -20.02 27.30 70.78
C THR G 81 -19.11 28.08 69.84
N LEU G 82 -19.59 28.32 68.63
CA LEU G 82 -18.95 29.22 67.68
C LEU G 82 -19.90 30.37 67.40
N THR G 83 -19.35 31.57 67.26
CA THR G 83 -20.14 32.73 66.89
C THR G 83 -19.67 33.25 65.54
N TYR G 84 -20.56 33.91 64.82
CA TYR G 84 -20.22 34.36 63.48
C TYR G 84 -20.44 35.84 63.25
N LYS G 85 -21.69 36.24 63.10
CA LYS G 85 -22.03 37.57 62.66
C LYS G 85 -22.60 38.37 63.81
N ILE G 86 -22.29 39.66 63.84
CA ILE G 86 -22.75 40.54 64.90
C ILE G 86 -23.16 41.87 64.31
N ALA G 87 -24.25 42.43 64.82
CA ALA G 87 -24.72 43.74 64.41
C ALA G 87 -24.95 44.57 65.65
N ILE G 88 -24.65 45.86 65.56
CA ILE G 88 -24.67 46.74 66.71
C ILE G 88 -25.43 48.00 66.34
N ASP G 89 -26.37 48.39 67.19
CA ASP G 89 -27.07 49.66 67.07
C ASP G 89 -27.08 50.34 68.43
N TYR G 90 -26.90 51.66 68.42
CA TYR G 90 -27.05 52.42 69.65
C TYR G 90 -27.42 53.84 69.33
N HIS G 91 -27.91 54.53 70.37
CA HIS G 91 -27.95 55.97 70.38
C HIS G 91 -26.97 56.49 71.42
N PHE G 92 -26.35 57.62 71.11
CA PHE G 92 -25.50 58.33 72.05
C PHE G 92 -26.12 59.68 72.38
N VAL G 93 -25.82 60.19 73.57
CA VAL G 93 -26.18 61.55 73.92
C VAL G 93 -25.18 62.05 74.94
N ALA G 94 -24.83 63.32 74.84
CA ALA G 94 -23.95 63.92 75.82
C ALA G 94 -24.65 64.03 77.15
N ASP G 95 -23.87 64.09 78.22
CA ASP G 95 -24.40 64.28 79.56
C ASP G 95 -24.29 65.74 79.95
N ALA G 96 -25.35 66.25 80.57
CA ALA G 96 -25.34 67.64 81.03
C ALA G 96 -24.21 67.90 82.00
N ALA G 97 -23.80 66.87 82.76
CA ALA G 97 -22.73 67.03 83.72
C ALA G 97 -21.47 67.61 83.09
N ALA G 98 -21.18 67.22 81.85
CA ALA G 98 -20.02 67.74 81.13
C ALA G 98 -20.38 68.89 80.20
N CYS G 99 -21.66 69.23 80.08
CA CYS G 99 -22.04 70.31 79.17
C CYS G 99 -21.65 71.69 79.70
N ARG G 100 -21.16 71.78 80.93
CA ARG G 100 -20.74 73.07 81.45
C ARG G 100 -19.53 73.64 80.73
N TYR G 101 -18.92 72.86 79.85
CA TYR G 101 -17.79 73.30 79.04
C TYR G 101 -18.12 73.11 77.58
N SER G 102 -17.34 73.74 76.72
CA SER G 102 -17.54 73.63 75.27
C SER G 102 -16.22 73.20 74.63
N ASN G 103 -16.18 71.97 74.13
CA ASN G 103 -15.10 71.52 73.29
C ASN G 103 -15.58 70.29 72.55
N THR G 104 -14.86 69.95 71.50
CA THR G 104 -15.11 68.70 70.80
C THR G 104 -14.25 67.60 71.42
N GLY G 105 -14.21 66.46 70.75
CA GLY G 105 -13.38 65.36 71.20
C GLY G 105 -13.47 64.22 70.22
N THR G 106 -12.92 63.08 70.62
CA THR G 106 -13.00 61.89 69.79
C THR G 106 -13.12 60.67 70.68
N GLY G 107 -14.04 59.77 70.34
CA GLY G 107 -14.25 58.53 71.05
C GLY G 107 -13.78 57.31 70.27
N VAL G 108 -13.81 56.17 70.94
CA VAL G 108 -13.30 54.92 70.41
C VAL G 108 -14.14 53.77 70.93
N MET G 109 -14.38 52.80 70.07
CA MET G 109 -15.02 51.55 70.45
C MET G 109 -14.19 50.41 69.90
N TRP G 110 -13.77 49.49 70.77
CA TRP G 110 -13.02 48.32 70.34
C TRP G 110 -13.82 47.05 70.54
N LEU G 111 -13.47 46.05 69.78
CA LEU G 111 -13.98 44.70 69.98
C LEU G 111 -12.78 43.81 70.26
N VAL G 112 -12.66 43.35 71.51
CA VAL G 112 -11.44 42.71 71.98
C VAL G 112 -11.72 41.24 72.27
N TYR G 113 -10.85 40.38 71.76
CA TYR G 113 -10.95 38.96 71.96
C TYR G 113 -9.92 38.49 72.98
N ASP G 114 -10.31 37.52 73.80
CA ASP G 114 -9.47 37.00 74.87
C ASP G 114 -9.14 35.53 74.62
N THR G 115 -8.04 35.09 75.21
CA THR G 115 -7.71 33.68 75.22
C THR G 115 -8.16 33.02 76.51
N THR G 116 -7.47 33.31 77.60
CA THR G 116 -7.81 32.76 78.91
C THR G 116 -8.16 33.90 79.84
N PRO G 117 -9.40 34.00 80.30
CA PRO G 117 -9.75 35.07 81.23
C PRO G 117 -9.25 34.75 82.62
N GLY G 118 -8.86 35.80 83.33
CA GLY G 118 -8.54 35.64 84.73
C GLY G 118 -9.79 35.38 85.55
N GLY G 119 -9.56 35.08 86.83
CA GLY G 119 -10.69 34.93 87.74
C GLY G 119 -11.42 36.22 88.03
N GLN G 120 -10.79 37.36 87.75
CA GLN G 120 -11.36 38.67 88.02
C GLN G 120 -11.59 39.41 86.72
N ALA G 121 -12.55 40.32 86.75
CA ALA G 121 -12.91 41.07 85.56
C ALA G 121 -11.81 42.07 85.20
N PRO G 122 -11.40 42.14 83.95
CA PRO G 122 -10.37 43.09 83.57
C PRO G 122 -10.91 44.52 83.58
N THR G 123 -9.98 45.46 83.62
CA THR G 123 -10.31 46.87 83.48
C THR G 123 -9.38 47.45 82.42
N PRO G 124 -9.83 48.48 81.71
CA PRO G 124 -8.99 49.01 80.62
C PRO G 124 -7.57 49.33 81.05
N GLN G 125 -7.41 49.97 82.20
CA GLN G 125 -6.06 50.33 82.64
C GLN G 125 -5.17 49.10 82.70
N THR G 126 -5.77 47.93 82.95
CA THR G 126 -4.99 46.70 82.93
C THR G 126 -4.77 46.20 81.53
N ILE G 127 -5.75 46.38 80.64
CA ILE G 127 -5.61 45.78 79.32
C ILE G 127 -4.62 46.59 78.48
N PHE G 128 -4.54 47.89 78.72
CA PHE G 128 -3.67 48.75 77.96
C PHE G 128 -2.73 49.45 78.92
N ALA G 129 -1.43 49.31 78.69
CA ALA G 129 -0.49 50.02 79.53
C ALA G 129 -0.41 51.46 79.05
N TYR G 130 -0.80 52.39 79.89
CA TYR G 130 -0.71 53.77 79.47
C TYR G 130 -0.28 54.64 80.63
N PRO G 131 0.59 55.62 80.40
CA PRO G 131 0.92 56.58 81.44
C PRO G 131 -0.29 57.45 81.76
N ASP G 132 -0.27 58.03 82.96
CA ASP G 132 -1.39 58.86 83.39
C ASP G 132 -1.58 60.06 82.47
N THR G 133 -0.50 60.53 81.86
CA THR G 133 -0.59 61.66 80.96
C THR G 133 -1.51 61.40 79.80
N LEU G 134 -1.39 60.24 79.16
CA LEU G 134 -2.18 59.92 77.98
C LEU G 134 -3.63 59.61 78.31
N LYS G 135 -4.01 59.54 79.58
CA LYS G 135 -5.37 59.19 79.93
C LYS G 135 -6.38 60.10 79.25
N ALA G 136 -5.99 61.34 78.98
CA ALA G 136 -6.87 62.26 78.28
C ALA G 136 -7.27 61.71 76.92
N TRP G 137 -6.30 61.39 76.08
CA TRP G 137 -6.66 61.05 74.72
C TRP G 137 -6.56 59.56 74.53
N PRO G 138 -7.68 58.84 74.51
CA PRO G 138 -7.59 57.38 74.39
C PRO G 138 -7.12 56.94 73.03
N ALA G 139 -7.52 57.67 71.98
CA ALA G 139 -7.40 57.14 70.64
C ALA G 139 -5.98 56.76 70.28
N THR G 140 -5.01 57.19 71.06
CA THR G 140 -3.63 56.80 70.85
C THR G 140 -3.28 55.48 71.52
N TRP G 141 -4.12 55.01 72.44
CA TRP G 141 -3.80 53.77 73.14
C TRP G 141 -3.58 52.65 72.14
N LYS G 142 -2.69 51.74 72.48
CA LYS G 142 -2.53 50.51 71.72
C LYS G 142 -2.20 49.39 72.70
N VAL G 143 -2.38 48.16 72.23
CA VAL G 143 -2.24 47.01 73.10
C VAL G 143 -0.85 46.95 73.69
N SER G 144 -0.78 46.65 74.98
CA SER G 144 0.50 46.58 75.67
C SER G 144 1.27 45.34 75.24
N ARG G 145 2.60 45.43 75.30
CA ARG G 145 3.43 44.34 74.78
C ARG G 145 3.52 43.15 75.72
N GLU G 146 3.42 43.39 77.02
CA GLU G 146 3.55 42.28 77.97
C GLU G 146 2.52 41.20 77.70
N LEU G 147 1.31 41.60 77.35
CA LEU G 147 0.22 40.68 77.12
C LEU G 147 0.07 40.30 75.67
N CYS G 148 1.04 40.69 74.83
CA CYS G 148 0.92 40.71 73.38
C CYS G 148 0.25 39.47 72.82
N HIS G 149 0.57 38.31 73.38
CA HIS G 149 -0.07 37.10 72.90
C HIS G 149 -1.31 36.72 73.68
N ARG G 150 -1.60 37.40 74.79
CA ARG G 150 -2.78 37.04 75.55
C ARG G 150 -4.04 37.65 74.97
N PHE G 151 -3.94 38.81 74.33
CA PHE G 151 -5.11 39.51 73.82
C PHE G 151 -4.90 39.86 72.35
N VAL G 152 -6.01 40.23 71.70
CA VAL G 152 -5.97 40.70 70.32
C VAL G 152 -7.24 41.50 70.08
N VAL G 153 -7.22 42.35 69.06
CA VAL G 153 -8.35 43.20 68.74
C VAL G 153 -8.73 42.93 67.29
N LYS G 154 -9.92 42.38 67.08
CA LYS G 154 -10.31 42.00 65.74
C LYS G 154 -11.10 43.07 65.01
N ARG G 155 -11.53 44.13 65.68
CA ARG G 155 -12.22 45.22 65.02
C ARG G 155 -11.91 46.53 65.74
N ARG G 156 -12.19 47.62 65.06
CA ARG G 156 -11.97 48.94 65.61
C ARG G 156 -12.96 49.90 64.97
N TRP G 157 -13.38 50.91 65.72
CA TRP G 157 -14.24 51.92 65.15
C TRP G 157 -13.95 53.27 65.78
N LEU G 158 -14.26 54.33 65.03
CA LEU G 158 -14.10 55.69 65.50
C LEU G 158 -15.41 56.43 65.41
N PHE G 159 -15.53 57.46 66.23
CA PHE G 159 -16.64 58.38 66.17
C PHE G 159 -16.22 59.65 66.86
N ASN G 160 -16.94 60.72 66.59
CA ASN G 160 -16.63 62.00 67.20
C ASN G 160 -17.91 62.73 67.53
N MET G 161 -17.84 63.58 68.55
CA MET G 161 -18.99 64.32 69.01
C MET G 161 -18.50 65.57 69.73
N GLU G 162 -19.41 66.51 69.92
CA GLU G 162 -19.04 67.78 70.52
C GLU G 162 -20.26 68.40 71.16
N THR G 163 -20.01 69.34 72.06
CA THR G 163 -21.06 70.07 72.74
C THR G 163 -20.75 71.54 72.76
N ASP G 164 -21.80 72.34 72.66
CA ASP G 164 -21.68 73.78 72.62
C ASP G 164 -21.87 74.44 73.98
N GLY G 165 -22.14 73.65 75.02
CA GLY G 165 -22.44 74.23 76.31
C GLY G 165 -23.88 74.63 76.52
N ARG G 166 -24.82 73.93 75.89
CA ARG G 166 -26.23 74.27 76.05
C ARG G 166 -27.05 72.99 76.15
N ILE G 167 -27.87 72.91 77.18
CA ILE G 167 -28.72 71.75 77.36
C ILE G 167 -29.93 71.87 76.43
N GLY G 168 -30.49 70.73 76.05
CA GLY G 168 -31.57 70.73 75.06
C GLY G 168 -32.78 71.52 75.51
N SER G 169 -33.21 71.31 76.75
CA SER G 169 -34.47 71.87 77.21
C SER G 169 -34.45 73.40 77.27
N ASP G 170 -33.31 74.03 77.06
CA ASP G 170 -33.20 75.48 77.21
C ASP G 170 -33.81 76.18 76.01
N ILE G 171 -34.63 77.20 76.30
CA ILE G 171 -35.30 77.96 75.25
C ILE G 171 -34.39 79.06 74.72
N PRO G 172 -34.15 79.10 73.41
CA PRO G 172 -33.40 80.22 72.86
C PRO G 172 -34.11 81.53 73.10
N PRO G 173 -33.37 82.60 73.36
CA PRO G 173 -33.99 83.92 73.40
C PRO G 173 -34.42 84.35 72.02
N SER G 174 -35.46 85.18 71.98
CA SER G 174 -36.07 85.57 70.72
C SER G 174 -35.14 86.39 69.83
N ASN G 175 -33.99 86.82 70.33
CA ASN G 175 -33.12 87.66 69.53
C ASN G 175 -32.30 86.86 68.51
N ALA G 176 -31.65 85.78 68.95
CA ALA G 176 -30.69 85.09 68.10
C ALA G 176 -30.85 83.60 68.28
N SER G 177 -30.15 82.84 67.42
CA SER G 177 -30.33 81.39 67.39
C SER G 177 -29.02 80.61 67.37
N TRP G 178 -29.10 79.30 67.19
CA TRP G 178 -27.93 78.46 67.13
C TRP G 178 -28.14 77.36 66.12
N LYS G 179 -27.04 76.88 65.53
CA LYS G 179 -27.05 75.64 64.76
C LYS G 179 -26.25 74.63 65.56
N PRO G 180 -26.89 73.72 66.27
CA PRO G 180 -26.13 72.73 67.04
C PRO G 180 -26.00 71.40 66.32
N CYS G 181 -25.38 71.40 65.14
CA CYS G 181 -25.20 70.14 64.43
C CYS G 181 -24.38 69.17 65.26
N LYS G 182 -24.80 67.91 65.23
CA LYS G 182 -24.06 66.82 65.86
C LYS G 182 -23.90 67.05 67.37
N ARG G 183 -25.02 67.34 68.04
CA ARG G 183 -25.01 67.18 69.48
C ARG G 183 -25.13 65.72 69.86
N ASN G 184 -26.01 64.99 69.19
CA ASN G 184 -26.15 63.57 69.39
C ASN G 184 -25.97 62.86 68.06
N ILE G 185 -25.73 61.55 68.12
CA ILE G 185 -25.29 60.82 66.94
C ILE G 185 -25.91 59.44 66.94
N TYR G 186 -26.09 58.90 65.74
CA TYR G 186 -26.67 57.57 65.53
C TYR G 186 -25.59 56.67 64.98
N PHE G 187 -25.23 55.64 65.73
CA PHE G 187 -24.09 54.80 65.40
C PHE G 187 -24.53 53.37 65.20
N HIS G 188 -24.12 52.77 64.09
CA HIS G 188 -24.45 51.38 63.82
C HIS G 188 -23.39 50.78 62.92
N LYS G 189 -23.14 49.49 63.10
CA LYS G 189 -22.22 48.75 62.25
C LYS G 189 -22.72 47.32 62.13
N PHE G 190 -22.33 46.68 61.04
CA PHE G 190 -22.71 45.31 60.76
C PHE G 190 -21.52 44.61 60.14
N THR G 191 -21.12 43.47 60.70
CA THR G 191 -19.95 42.79 60.18
C THR G 191 -20.08 41.28 60.28
N SER G 192 -19.75 40.60 59.20
CA SER G 192 -19.77 39.14 59.14
C SER G 192 -18.41 38.50 59.31
N GLY G 193 -17.35 39.28 59.40
CA GLY G 193 -16.02 38.73 59.19
C GLY G 193 -15.57 37.78 60.28
N LEU G 194 -15.75 38.18 61.54
CA LEU G 194 -15.07 37.50 62.63
C LEU G 194 -15.59 36.09 62.82
N GLY G 195 -14.82 35.30 63.53
CA GLY G 195 -15.29 34.05 64.07
C GLY G 195 -14.51 33.74 65.33
N VAL G 196 -15.15 33.01 66.24
CA VAL G 196 -14.60 32.81 67.57
C VAL G 196 -14.96 31.40 68.02
N ARG G 197 -14.02 30.75 68.70
CA ARG G 197 -14.21 29.41 69.23
C ARG G 197 -14.20 29.48 70.74
N THR G 198 -15.26 28.97 71.38
CA THR G 198 -15.40 29.06 72.82
C THR G 198 -15.79 27.71 73.40
N GLN G 199 -15.26 27.42 74.58
CA GLN G 199 -15.64 26.24 75.34
C GLN G 199 -15.97 26.64 76.75
N TRP G 200 -16.68 25.76 77.45
CA TRP G 200 -17.29 26.12 78.72
C TRP G 200 -16.97 25.09 79.78
N LYS G 201 -16.80 25.56 81.02
CA LYS G 201 -16.90 24.68 82.16
C LYS G 201 -18.34 24.19 82.29
N ASN G 202 -18.53 23.13 83.05
CA ASN G 202 -19.86 22.54 83.14
C ASN G 202 -20.57 23.14 84.33
N VAL G 203 -21.53 24.03 84.04
CA VAL G 203 -22.44 24.63 85.02
C VAL G 203 -23.67 25.09 84.24
N THR G 204 -24.64 25.62 84.96
CA THR G 204 -25.79 26.23 84.29
C THR G 204 -25.48 27.65 83.85
N ASP G 205 -24.73 28.38 84.66
CA ASP G 205 -24.70 29.83 84.59
C ASP G 205 -24.09 30.33 83.29
N GLY G 206 -24.42 31.58 82.97
CA GLY G 206 -23.83 32.27 81.84
C GLY G 206 -22.85 33.36 82.20
N GLY G 207 -22.44 33.46 83.46
CA GLY G 207 -21.52 34.50 83.88
C GLY G 207 -20.12 34.28 83.34
N VAL G 208 -19.24 35.20 83.70
CA VAL G 208 -17.87 35.13 83.21
C VAL G 208 -17.11 33.95 83.83
N GLY G 209 -17.36 33.64 85.10
CA GLY G 209 -16.60 32.59 85.76
C GLY G 209 -16.72 31.24 85.10
N ALA G 210 -17.72 31.05 84.25
CA ALA G 210 -17.94 29.74 83.66
C ALA G 210 -17.00 29.46 82.49
N ILE G 211 -16.61 30.49 81.76
CA ILE G 211 -15.94 30.27 80.48
C ILE G 211 -14.53 29.75 80.71
N GLN G 212 -14.18 28.68 80.00
CA GLN G 212 -12.82 28.17 80.05
C GLN G 212 -11.90 28.94 79.12
N ARG G 213 -12.36 29.22 77.90
CA ARG G 213 -11.50 29.85 76.92
C ARG G 213 -12.36 30.59 75.90
N GLY G 214 -11.82 31.65 75.30
CA GLY G 214 -12.48 32.35 74.23
C GLY G 214 -13.45 33.47 74.60
N ALA G 215 -13.19 34.17 75.70
CA ALA G 215 -14.07 35.27 76.07
C ALA G 215 -14.00 36.39 75.06
N LEU G 216 -15.03 37.24 75.07
CA LEU G 216 -15.16 38.32 74.11
C LEU G 216 -15.60 39.58 74.83
N TYR G 217 -14.80 40.63 74.75
CA TYR G 217 -15.05 41.86 75.48
C TYR G 217 -15.39 43.01 74.54
N MET G 218 -16.17 43.95 75.05
CA MET G 218 -16.47 45.21 74.38
C MET G 218 -16.05 46.36 75.28
N VAL G 219 -15.46 47.39 74.68
CA VAL G 219 -14.89 48.49 75.44
C VAL G 219 -15.29 49.80 74.79
N ILE G 220 -15.61 50.80 75.62
CA ILE G 220 -15.98 52.12 75.14
C ILE G 220 -15.01 53.13 75.74
N ALA G 221 -14.48 53.99 74.88
CA ALA G 221 -13.51 54.99 75.31
C ALA G 221 -14.07 56.38 75.07
N PRO G 222 -14.28 57.18 76.10
CA PRO G 222 -14.83 58.52 75.92
C PRO G 222 -13.80 59.47 75.37
N GLY G 223 -14.28 60.58 74.84
CA GLY G 223 -13.41 61.68 74.45
C GLY G 223 -12.86 62.40 75.65
N ASN G 224 -11.89 63.28 75.39
CA ASN G 224 -11.23 64.01 76.47
C ASN G 224 -12.25 64.80 77.28
N GLY G 225 -12.24 64.57 78.59
CA GLY G 225 -13.07 65.33 79.50
C GLY G 225 -14.52 65.41 79.07
N LEU G 226 -15.01 64.36 78.42
CA LEU G 226 -16.36 64.34 77.88
C LEU G 226 -17.04 63.04 78.29
N THR G 227 -18.09 63.16 79.09
CA THR G 227 -18.79 61.99 79.62
C THR G 227 -20.19 61.93 79.05
N PHE G 228 -20.67 60.72 78.81
CA PHE G 228 -21.97 60.56 78.19
C PHE G 228 -22.53 59.19 78.53
N THR G 229 -23.83 59.03 78.26
CA THR G 229 -24.49 57.74 78.35
C THR G 229 -25.05 57.37 76.99
N ALA G 230 -25.35 56.09 76.81
CA ALA G 230 -25.78 55.56 75.53
C ALA G 230 -27.01 54.68 75.70
N HIS G 231 -27.80 54.60 74.64
CA HIS G 231 -28.97 53.75 74.60
C HIS G 231 -28.89 52.89 73.34
N GLY G 232 -29.51 51.72 73.39
CA GLY G 232 -29.58 50.88 72.22
C GLY G 232 -29.60 49.41 72.61
N GLN G 233 -29.46 48.57 71.60
CA GLN G 233 -29.47 47.13 71.79
C GLN G 233 -28.69 46.47 70.67
N THR G 234 -28.30 45.22 70.89
CA THR G 234 -27.47 44.51 69.94
C THR G 234 -27.98 43.09 69.77
N ARG G 235 -27.53 42.44 68.70
CA ARG G 235 -27.85 41.05 68.46
C ARG G 235 -26.60 40.25 68.19
N LEU G 236 -26.72 38.94 68.32
CA LEU G 236 -25.64 38.01 68.03
C LEU G 236 -26.16 36.88 67.18
N TYR G 237 -25.22 36.10 66.64
CA TYR G 237 -25.55 34.96 65.80
C TYR G 237 -24.56 33.85 66.09
N PHE G 238 -25.04 32.63 66.30
CA PHE G 238 -24.15 31.53 66.63
C PHE G 238 -24.92 30.22 66.48
N LYS G 239 -24.19 29.13 66.68
CA LYS G 239 -24.80 27.81 66.77
C LYS G 239 -23.93 26.91 67.63
N SER G 240 -24.57 26.02 68.37
CA SER G 240 -23.83 25.04 69.15
C SER G 240 -23.30 23.96 68.23
N VAL G 241 -22.28 23.24 68.72
CA VAL G 241 -21.70 22.13 67.98
C VAL G 241 -20.97 21.24 68.98
N GLY G 242 -20.71 20.01 68.57
CA GLY G 242 -19.90 19.09 69.35
C GLY G 242 -20.74 18.05 70.07
N ASN G 243 -20.03 17.15 70.73
CA ASN G 243 -20.64 16.06 71.50
C ASN G 243 -21.61 15.26 70.65
N ALA H 31 -38.12 42.27 -30.03
CA ALA H 31 -39.11 43.33 -30.22
C ALA H 31 -38.70 44.25 -31.36
N GLY H 32 -38.95 43.82 -32.59
CA GLY H 32 -38.60 44.58 -33.76
C GLY H 32 -38.35 43.66 -34.93
N SER H 33 -37.98 44.27 -36.06
CA SER H 33 -37.66 43.48 -37.24
C SER H 33 -36.37 43.94 -37.91
N LYS H 34 -35.35 43.09 -37.87
CA LYS H 34 -34.06 43.34 -38.55
C LYS H 34 -33.56 44.77 -38.31
N ALA H 35 -33.73 45.23 -37.08
CA ALA H 35 -33.26 46.56 -36.72
C ALA H 35 -31.75 46.63 -36.81
N ASP H 36 -31.25 47.79 -37.18
CA ASP H 36 -29.83 48.03 -37.37
C ASP H 36 -29.44 49.36 -36.77
N ARG H 37 -28.27 49.39 -36.13
CA ARG H 37 -27.83 50.55 -35.36
C ARG H 37 -27.88 51.86 -36.14
N PRO H 38 -27.38 51.96 -37.37
CA PRO H 38 -27.57 53.21 -38.11
C PRO H 38 -29.03 53.43 -38.45
N SER H 39 -29.37 54.69 -38.67
CA SER H 39 -30.74 55.07 -38.92
C SER H 39 -31.23 54.50 -40.26
N LEU H 40 -32.54 54.46 -40.42
CA LEU H 40 -33.16 53.92 -41.62
C LEU H 40 -33.87 55.03 -42.39
N GLN H 41 -33.93 54.86 -43.70
CA GLN H 41 -34.48 55.91 -44.54
C GLN H 41 -35.98 56.08 -44.30
N ILE H 42 -36.49 57.23 -44.72
CA ILE H 42 -37.87 57.60 -44.46
C ILE H 42 -38.52 58.11 -45.74
N GLN H 43 -39.75 57.68 -45.99
CA GLN H 43 -40.55 58.20 -47.08
C GLN H 43 -41.94 58.53 -46.58
N THR H 44 -42.53 59.59 -47.12
CA THR H 44 -43.81 60.07 -46.68
C THR H 44 -44.77 60.21 -47.85
N LEU H 45 -46.06 60.33 -47.52
CA LEU H 45 -47.07 60.62 -48.50
C LEU H 45 -47.97 61.71 -47.96
N GLN H 46 -48.47 62.54 -48.87
CA GLN H 46 -49.28 63.69 -48.49
C GLN H 46 -50.65 63.55 -49.15
N HIS H 47 -51.67 63.31 -48.35
CA HIS H 47 -53.04 63.28 -48.85
C HIS H 47 -53.83 64.34 -48.09
N ALA H 48 -54.20 65.39 -48.79
CA ALA H 48 -54.87 66.54 -48.19
C ALA H 48 -55.18 67.53 -49.29
N GLY H 49 -56.08 68.46 -48.99
CA GLY H 49 -56.36 69.55 -49.92
C GLY H 49 -56.78 69.01 -51.27
N THR H 50 -56.02 69.39 -52.29
CA THR H 50 -56.28 68.93 -53.65
C THR H 50 -56.32 67.41 -53.71
N THR H 51 -55.43 66.73 -53.00
CA THR H 51 -55.38 65.28 -53.02
C THR H 51 -56.06 64.78 -51.75
N MET H 52 -57.28 64.27 -51.90
CA MET H 52 -58.00 63.62 -50.82
C MET H 52 -58.54 62.32 -51.37
N ILE H 53 -58.09 61.20 -50.81
CA ILE H 53 -58.64 59.93 -51.23
C ILE H 53 -60.14 59.97 -51.05
N THR H 54 -60.87 59.71 -52.12
CA THR H 54 -62.32 59.77 -52.12
C THR H 54 -62.87 58.47 -52.69
N VAL H 55 -63.70 57.80 -51.93
CA VAL H 55 -64.08 56.43 -52.28
C VAL H 55 -65.57 56.31 -52.56
N PRO H 56 -65.94 56.12 -53.82
CA PRO H 56 -67.29 55.66 -54.11
C PRO H 56 -67.44 54.19 -53.78
N SER H 57 -68.69 53.74 -53.71
CA SER H 57 -68.98 52.36 -53.38
C SER H 57 -68.22 51.42 -54.31
N GLY H 58 -67.59 50.41 -53.73
CA GLY H 58 -66.76 49.50 -54.49
C GLY H 58 -65.27 49.69 -54.29
N GLY H 59 -64.85 50.62 -53.46
CA GLY H 59 -63.46 50.74 -53.10
C GLY H 59 -62.61 51.34 -54.19
N VAL H 60 -61.33 51.52 -53.86
CA VAL H 60 -60.37 52.06 -54.81
C VAL H 60 -59.02 51.39 -54.58
N CYS H 61 -58.32 51.14 -55.67
CA CYS H 61 -57.01 50.52 -55.64
C CYS H 61 -55.94 51.59 -55.67
N ASP H 62 -54.83 51.36 -54.99
CA ASP H 62 -53.74 52.31 -54.97
C ASP H 62 -52.45 51.60 -54.61
N LEU H 63 -51.33 52.24 -54.94
CA LEU H 63 -50.01 51.73 -54.62
C LEU H 63 -49.27 52.74 -53.76
N ILE H 64 -48.80 52.29 -52.60
CA ILE H 64 -48.10 53.16 -51.67
C ILE H 64 -46.60 53.02 -51.73
N ASN H 65 -46.06 52.13 -52.54
CA ASN H 65 -44.65 51.80 -52.42
C ASN H 65 -43.77 52.63 -53.34
N THR H 66 -44.34 53.62 -54.02
CA THR H 66 -43.60 54.41 -55.00
C THR H 66 -42.32 55.00 -54.42
N TYR H 67 -41.22 54.83 -55.16
CA TYR H 67 -39.92 55.35 -54.79
C TYR H 67 -39.23 55.89 -56.03
N ALA H 68 -38.67 57.09 -55.94
CA ALA H 68 -37.82 57.57 -57.01
C ALA H 68 -36.40 57.05 -56.80
N ARG H 69 -35.52 57.37 -57.74
CA ARG H 69 -34.10 57.05 -57.63
C ARG H 69 -33.29 58.30 -57.91
N GLY H 70 -32.30 58.56 -57.07
CA GLY H 70 -31.46 59.71 -57.28
C GLY H 70 -30.69 60.05 -56.03
N SER H 71 -30.30 61.32 -55.95
CA SER H 71 -29.47 61.78 -54.85
C SER H 71 -30.30 62.00 -53.60
N ASP H 72 -31.52 62.50 -53.75
CA ASP H 72 -32.30 62.94 -52.61
C ASP H 72 -32.55 61.80 -51.63
N GLU H 73 -32.53 62.13 -50.35
CA GLU H 73 -32.83 61.15 -49.33
C GLU H 73 -34.29 60.72 -49.42
N GLY H 74 -34.52 59.44 -49.20
CA GLY H 74 -35.85 58.88 -49.32
C GLY H 74 -36.04 58.21 -50.66
N ASN H 75 -35.26 58.63 -51.65
CA ASN H 75 -35.25 57.91 -52.90
C ASN H 75 -34.34 56.70 -52.79
N ARG H 76 -34.62 55.69 -53.61
CA ARG H 76 -33.86 54.45 -53.53
C ARG H 76 -32.54 54.59 -54.28
N HIS H 77 -31.46 54.15 -53.64
CA HIS H 77 -30.14 54.22 -54.25
C HIS H 77 -29.82 53.03 -55.13
N THR H 78 -30.56 51.92 -54.99
CA THR H 78 -30.17 50.70 -55.67
C THR H 78 -31.32 50.11 -56.47
N SER H 79 -31.12 48.92 -56.98
CA SER H 79 -32.19 48.22 -57.69
C SER H 79 -32.93 47.24 -56.80
N GLU H 80 -32.57 47.15 -55.52
CA GLU H 80 -33.13 46.16 -54.62
C GLU H 80 -33.49 46.82 -53.30
N THR H 81 -34.75 46.64 -52.87
CA THR H 81 -35.25 47.34 -51.69
C THR H 81 -36.04 46.38 -50.81
N LEU H 82 -35.82 46.50 -49.50
CA LEU H 82 -36.62 45.83 -48.49
C LEU H 82 -37.31 46.89 -47.65
N THR H 83 -38.56 46.63 -47.27
CA THR H 83 -39.28 47.50 -46.37
C THR H 83 -39.59 46.76 -45.07
N TYR H 84 -39.75 47.52 -44.00
CA TYR H 84 -39.95 46.89 -42.70
C TYR H 84 -41.18 47.37 -41.98
N LYS H 85 -41.12 48.57 -41.42
CA LYS H 85 -42.13 49.05 -40.51
C LYS H 85 -42.95 50.13 -41.18
N ILE H 86 -44.24 50.17 -40.87
CA ILE H 86 -45.15 51.13 -41.47
C ILE H 86 -46.11 51.65 -40.40
N ALA H 87 -46.38 52.94 -40.44
CA ALA H 87 -47.33 53.56 -39.53
C ALA H 87 -48.32 54.37 -40.36
N ILE H 88 -49.58 54.36 -39.93
CA ILE H 88 -50.64 54.97 -40.70
C ILE H 88 -51.48 55.84 -39.79
N ASP H 89 -51.73 57.07 -40.23
CA ASP H 89 -52.64 57.98 -39.56
C ASP H 89 -53.58 58.58 -40.58
N TYR H 90 -54.85 58.73 -40.20
CA TYR H 90 -55.79 59.43 -41.05
C TYR H 90 -56.91 60.02 -40.23
N HIS H 91 -57.61 60.96 -40.84
CA HIS H 91 -58.93 61.34 -40.40
C HIS H 91 -59.96 60.89 -41.41
N PHE H 92 -61.13 60.50 -40.92
CA PHE H 92 -62.27 60.19 -41.75
C PHE H 92 -63.38 61.19 -41.48
N VAL H 93 -64.22 61.41 -42.49
CA VAL H 93 -65.45 62.18 -42.29
C VAL H 93 -66.47 61.70 -43.31
N ALA H 94 -67.73 61.65 -42.88
CA ALA H 94 -68.79 61.29 -43.81
C ALA H 94 -68.97 62.39 -44.83
N ASP H 95 -69.53 62.02 -45.98
CA ASP H 95 -69.85 62.98 -47.03
C ASP H 95 -71.32 63.35 -46.94
N ALA H 96 -71.59 64.64 -47.10
CA ALA H 96 -72.97 65.12 -47.09
C ALA H 96 -73.80 64.44 -48.17
N ALA H 97 -73.17 64.06 -49.28
CA ALA H 97 -73.89 63.42 -50.37
C ALA H 97 -74.67 62.21 -49.89
N ALA H 98 -74.11 61.44 -48.95
CA ALA H 98 -74.79 60.28 -48.39
C ALA H 98 -75.51 60.59 -47.10
N CYS H 99 -75.40 61.82 -46.57
CA CYS H 99 -76.04 62.13 -45.31
C CYS H 99 -77.56 62.27 -45.46
N ARG H 100 -78.09 62.24 -46.67
CA ARG H 100 -79.54 62.32 -46.84
C ARG H 100 -80.27 61.11 -46.27
N TYR H 101 -79.55 60.09 -45.85
CA TYR H 101 -80.12 58.90 -45.25
C TYR H 101 -79.50 58.70 -43.88
N SER H 102 -80.13 57.85 -43.07
CA SER H 102 -79.62 57.56 -41.74
C SER H 102 -79.50 56.05 -41.58
N ASN H 103 -78.27 55.56 -41.53
CA ASN H 103 -77.99 54.19 -41.15
C ASN H 103 -76.54 54.10 -40.75
N THR H 104 -76.21 53.02 -40.06
CA THR H 104 -74.82 52.73 -39.76
C THR H 104 -74.23 51.88 -40.87
N GLY H 105 -73.05 51.36 -40.64
CA GLY H 105 -72.41 50.47 -41.58
C GLY H 105 -71.10 49.97 -41.02
N THR H 106 -70.32 49.32 -41.88
CA THR H 106 -69.01 48.85 -41.48
C THR H 106 -68.05 48.95 -42.66
N GLY H 107 -66.85 49.47 -42.40
CA GLY H 107 -65.83 49.58 -43.41
C GLY H 107 -64.68 48.62 -43.18
N VAL H 108 -63.77 48.60 -44.16
CA VAL H 108 -62.66 47.65 -44.18
C VAL H 108 -61.46 48.31 -44.83
N MET H 109 -60.28 48.03 -44.28
CA MET H 109 -59.02 48.44 -44.89
C MET H 109 -58.11 47.22 -44.94
N TRP H 110 -57.61 46.90 -46.13
CA TRP H 110 -56.68 45.80 -46.27
C TRP H 110 -55.31 46.29 -46.68
N LEU H 111 -54.31 45.49 -46.38
CA LEU H 111 -52.96 45.70 -46.87
C LEU H 111 -52.60 44.48 -47.69
N VAL H 112 -52.51 44.65 -49.00
CA VAL H 112 -52.42 43.52 -49.93
C VAL H 112 -51.06 43.51 -50.59
N TYR H 113 -50.42 42.35 -50.60
CA TYR H 113 -49.12 42.17 -51.23
C TYR H 113 -49.27 41.43 -52.55
N ASP H 114 -48.44 41.81 -53.51
CA ASP H 114 -48.49 41.25 -54.85
C ASP H 114 -47.19 40.54 -55.17
N THR H 115 -47.27 39.59 -56.11
CA THR H 115 -46.08 38.96 -56.64
C THR H 115 -45.64 39.63 -57.94
N THR H 116 -46.38 39.41 -59.01
CA THR H 116 -46.08 40.01 -60.30
C THR H 116 -47.22 40.91 -60.72
N PRO H 117 -47.03 42.21 -60.81
CA PRO H 117 -48.12 43.08 -61.25
C PRO H 117 -48.32 42.98 -62.75
N GLY H 118 -49.56 43.09 -63.16
CA GLY H 118 -49.85 43.20 -64.58
C GLY H 118 -49.40 44.55 -65.12
N GLY H 119 -49.51 44.68 -66.44
CA GLY H 119 -49.21 45.96 -67.05
C GLY H 119 -50.24 47.03 -66.74
N GLN H 120 -51.42 46.64 -66.27
CA GLN H 120 -52.50 47.56 -65.97
C GLN H 120 -52.80 47.54 -64.48
N ALA H 121 -53.35 48.65 -64.01
CA ALA H 121 -53.63 48.77 -62.58
C ALA H 121 -54.82 47.90 -62.20
N PRO H 122 -54.71 47.14 -61.12
CA PRO H 122 -55.84 46.30 -60.71
C PRO H 122 -56.97 47.14 -60.14
N THR H 123 -58.14 46.53 -60.10
CA THR H 123 -59.30 47.12 -59.45
C THR H 123 -59.89 46.08 -58.51
N PRO H 124 -60.51 46.50 -57.42
CA PRO H 124 -61.02 45.52 -56.45
C PRO H 124 -61.86 44.43 -57.07
N GLN H 125 -62.77 44.79 -57.98
CA GLN H 125 -63.64 43.78 -58.58
C GLN H 125 -62.80 42.69 -59.22
N THR H 126 -61.61 43.04 -59.69
CA THR H 126 -60.72 42.03 -60.25
C THR H 126 -59.99 41.26 -59.16
N ILE H 127 -59.64 41.92 -58.07
CA ILE H 127 -58.83 41.23 -57.07
C ILE H 127 -59.69 40.25 -56.27
N PHE H 128 -60.95 40.56 -56.10
CA PHE H 128 -61.86 39.72 -55.33
C PHE H 128 -63.03 39.34 -56.22
N ALA H 129 -63.25 38.05 -56.36
CA ALA H 129 -64.41 37.61 -57.13
C ALA H 129 -65.64 37.72 -56.24
N TYR H 130 -66.56 38.58 -56.63
CA TYR H 130 -67.77 38.69 -55.83
C TYR H 130 -68.97 38.87 -56.72
N PRO H 131 -70.09 38.24 -56.40
CA PRO H 131 -71.32 38.51 -57.13
C PRO H 131 -71.82 39.91 -56.86
N ASP H 132 -72.63 40.41 -57.78
CA ASP H 132 -73.13 41.78 -57.66
C ASP H 132 -73.96 41.94 -56.39
N THR H 133 -74.60 40.87 -55.94
CA THR H 133 -75.40 40.94 -54.73
C THR H 133 -74.58 41.36 -53.53
N LEU H 134 -73.41 40.76 -53.33
CA LEU H 134 -72.60 41.04 -52.17
C LEU H 134 -71.92 42.41 -52.23
N LYS H 135 -72.03 43.13 -53.33
CA LYS H 135 -71.35 44.42 -53.45
C LYS H 135 -71.71 45.34 -52.30
N ALA H 136 -72.91 45.19 -51.74
CA ALA H 136 -73.30 45.99 -50.60
C ALA H 136 -72.34 45.80 -49.43
N TRP H 137 -72.17 44.56 -49.00
CA TRP H 137 -71.42 44.39 -47.76
C TRP H 137 -70.05 43.88 -48.09
N PRO H 138 -69.03 44.72 -48.03
CA PRO H 138 -67.69 44.26 -48.40
C PRO H 138 -67.11 43.31 -47.40
N ALA H 139 -67.40 43.51 -46.12
CA ALA H 139 -66.64 42.84 -45.07
C ALA H 139 -66.66 41.34 -45.19
N THR H 140 -67.56 40.79 -46.00
CA THR H 140 -67.58 39.37 -46.26
C THR H 140 -66.65 38.95 -47.38
N TRP H 141 -66.16 39.89 -48.18
CA TRP H 141 -65.30 39.53 -49.29
C TRP H 141 -64.09 38.74 -48.77
N LYS H 142 -63.64 37.80 -49.58
CA LYS H 142 -62.38 37.13 -49.32
C LYS H 142 -61.69 36.87 -50.65
N VAL H 143 -60.39 36.59 -50.55
CA VAL H 143 -59.57 36.47 -51.76
C VAL H 143 -60.10 35.36 -52.64
N SER H 144 -60.16 35.62 -53.94
CA SER H 144 -60.66 34.65 -54.89
C SER H 144 -59.67 33.52 -55.07
N ARG H 145 -60.18 32.34 -55.43
CA ARG H 145 -59.33 31.15 -55.47
C ARG H 145 -58.49 31.08 -56.73
N GLU H 146 -58.98 31.65 -57.84
CA GLU H 146 -58.24 31.56 -59.09
C GLU H 146 -56.85 32.15 -58.94
N LEU H 147 -56.75 33.26 -58.21
CA LEU H 147 -55.49 33.96 -58.04
C LEU H 147 -54.76 33.54 -56.79
N CYS H 148 -55.23 32.49 -56.12
CA CYS H 148 -54.87 32.14 -54.75
C CYS H 148 -53.38 32.28 -54.47
N HIS H 149 -52.55 31.89 -55.43
CA HIS H 149 -51.13 32.03 -55.22
C HIS H 149 -50.56 33.33 -55.77
N ARG H 150 -51.35 34.11 -56.51
CA ARG H 150 -50.82 35.35 -57.04
C ARG H 150 -50.85 36.47 -56.02
N PHE H 151 -51.79 36.45 -55.09
CA PHE H 151 -51.95 37.53 -54.12
C PHE H 151 -51.99 36.96 -52.71
N VAL H 152 -51.82 37.86 -51.73
CA VAL H 152 -51.95 37.50 -50.33
C VAL H 152 -52.21 38.77 -49.56
N VAL H 153 -52.76 38.64 -48.35
CA VAL H 153 -53.09 39.78 -47.52
C VAL H 153 -52.38 39.61 -46.19
N LYS H 154 -51.46 40.50 -45.89
CA LYS H 154 -50.66 40.34 -44.69
C LYS H 154 -51.22 41.09 -43.49
N ARG H 155 -52.22 41.94 -43.68
CA ARG H 155 -52.85 42.63 -42.56
C ARG H 155 -54.31 42.89 -42.89
N ARG H 156 -55.06 43.19 -41.84
CA ARG H 156 -56.48 43.48 -41.97
C ARG H 156 -56.88 44.42 -40.85
N TRP H 157 -57.85 45.28 -41.13
CA TRP H 157 -58.38 46.14 -40.07
C TRP H 157 -59.85 46.39 -40.29
N LEU H 158 -60.54 46.69 -39.21
CA LEU H 158 -61.96 47.02 -39.24
C LEU H 158 -62.20 48.37 -38.61
N PHE H 159 -63.31 48.98 -39.02
CA PHE H 159 -63.77 50.21 -38.41
C PHE H 159 -65.24 50.35 -38.74
N ASN H 160 -65.92 51.18 -37.98
CA ASN H 160 -67.35 51.39 -38.22
C ASN H 160 -67.69 52.84 -37.97
N MET H 161 -68.72 53.30 -38.66
CA MET H 161 -69.14 54.69 -38.58
C MET H 161 -70.61 54.76 -38.96
N GLU H 162 -71.23 55.88 -38.62
CA GLU H 162 -72.66 56.03 -38.86
C GLU H 162 -72.98 57.50 -38.97
N THR H 163 -74.14 57.78 -39.56
CA THR H 163 -74.62 59.14 -39.71
C THR H 163 -76.09 59.21 -39.32
N ASP H 164 -76.46 60.33 -38.74
CA ASP H 164 -77.81 60.56 -38.27
C ASP H 164 -78.67 61.32 -39.27
N GLY H 165 -78.11 61.72 -40.40
CA GLY H 165 -78.84 62.52 -41.35
C GLY H 165 -78.80 64.01 -41.07
N ARG H 166 -77.71 64.51 -40.50
CA ARG H 166 -77.61 65.93 -40.21
C ARG H 166 -76.20 66.42 -40.51
N ILE H 167 -76.09 67.47 -41.29
CA ILE H 167 -74.80 68.04 -41.62
C ILE H 167 -74.31 68.88 -40.45
N GLY H 168 -72.99 69.00 -40.32
CA GLY H 168 -72.42 69.68 -39.16
C GLY H 168 -72.85 71.12 -39.04
N SER H 169 -72.81 71.87 -40.15
CA SER H 169 -73.04 73.29 -40.09
C SER H 169 -74.46 73.67 -39.68
N ASP H 170 -75.36 72.70 -39.55
CA ASP H 170 -76.75 72.98 -39.25
C ASP H 170 -76.92 73.35 -37.79
N ILE H 171 -77.66 74.42 -37.53
CA ILE H 171 -77.90 74.90 -36.17
C ILE H 171 -79.07 74.15 -35.55
N PRO H 172 -78.89 73.53 -34.39
CA PRO H 172 -80.02 72.92 -33.70
C PRO H 172 -81.05 73.97 -33.35
N PRO H 173 -82.33 73.63 -33.41
CA PRO H 173 -83.36 74.52 -32.89
C PRO H 173 -83.28 74.59 -31.38
N SER H 174 -83.71 75.73 -30.84
CA SER H 174 -83.58 75.98 -29.41
C SER H 174 -84.41 75.04 -28.55
N ASN H 175 -85.29 74.25 -29.15
CA ASN H 175 -86.16 73.39 -28.35
C ASN H 175 -85.45 72.14 -27.86
N ALA H 176 -84.77 71.42 -28.75
CA ALA H 176 -84.25 70.10 -28.42
C ALA H 176 -82.87 69.95 -29.02
N SER H 177 -82.18 68.86 -28.64
CA SER H 177 -80.79 68.66 -29.03
C SER H 177 -80.50 67.26 -29.56
N TRP H 178 -79.22 66.97 -29.80
CA TRP H 178 -78.81 65.67 -30.29
C TRP H 178 -77.49 65.27 -29.65
N LYS H 179 -77.27 63.97 -29.51
CA LYS H 179 -75.95 63.44 -29.21
C LYS H 179 -75.47 62.72 -30.45
N PRO H 180 -74.60 63.31 -31.25
CA PRO H 180 -74.11 62.62 -32.43
C PRO H 180 -72.77 61.96 -32.23
N CYS H 181 -72.68 61.02 -31.29
CA CYS H 181 -71.42 60.32 -31.08
C CYS H 181 -70.98 59.61 -32.34
N LYS H 182 -69.68 59.66 -32.60
CA LYS H 182 -69.07 58.94 -33.71
C LYS H 182 -69.69 59.33 -35.05
N ARG H 183 -69.76 60.64 -35.32
CA ARG H 183 -69.95 61.05 -36.70
C ARG H 183 -68.66 60.92 -37.48
N ASN H 184 -67.55 61.34 -36.90
CA ASN H 184 -66.24 61.19 -37.50
C ASN H 184 -65.34 60.44 -36.53
N ILE H 185 -64.23 59.92 -37.06
CA ILE H 185 -63.43 58.97 -36.31
C ILE H 185 -61.95 59.21 -36.60
N TYR H 186 -61.13 58.86 -35.64
CA TYR H 186 -59.67 59.01 -35.72
C TYR H 186 -59.06 57.63 -35.76
N PHE H 187 -58.41 57.29 -36.87
CA PHE H 187 -57.92 55.94 -37.09
C PHE H 187 -56.42 55.95 -37.26
N HIS H 188 -55.74 55.07 -36.52
CA HIS H 188 -54.30 54.96 -36.63
C HIS H 188 -53.88 53.55 -36.24
N LYS H 189 -52.81 53.07 -36.88
CA LYS H 189 -52.23 51.78 -36.54
C LYS H 189 -50.73 51.86 -36.77
N PHE H 190 -50.01 51.00 -36.06
CA PHE H 190 -48.56 50.93 -36.14
C PHE H 190 -48.16 49.48 -36.08
N THR H 191 -47.37 49.02 -37.05
CA THR H 191 -47.01 47.61 -37.06
C THR H 191 -45.60 47.41 -37.60
N SER H 192 -44.82 46.58 -36.91
CA SER H 192 -43.46 46.25 -37.31
C SER H 192 -43.34 44.90 -37.99
N GLY H 193 -44.43 44.14 -38.08
CA GLY H 193 -44.30 42.72 -38.37
C GLY H 193 -43.82 42.44 -39.78
N LEU H 194 -44.43 43.08 -40.77
CA LEU H 194 -44.29 42.65 -42.14
C LEU H 194 -42.87 42.86 -42.64
N GLY H 195 -42.55 42.17 -43.71
CA GLY H 195 -41.38 42.48 -44.51
C GLY H 195 -41.64 42.09 -45.94
N VAL H 196 -40.98 42.79 -46.86
CA VAL H 196 -41.28 42.65 -48.28
C VAL H 196 -39.98 42.80 -49.06
N ARG H 197 -39.84 41.98 -50.10
CA ARG H 197 -38.68 42.01 -50.96
C ARG H 197 -39.10 42.51 -52.35
N THR H 198 -38.44 43.55 -52.83
CA THR H 198 -38.82 44.16 -54.09
C THR H 198 -37.59 44.38 -54.97
N GLN H 199 -37.77 44.20 -56.27
CA GLN H 199 -36.74 44.50 -57.25
C GLN H 199 -37.34 45.35 -58.35
N TRP H 200 -36.47 46.01 -59.10
CA TRP H 200 -36.90 47.06 -60.02
C TRP H 200 -36.30 46.86 -61.39
N LYS H 201 -37.08 47.21 -62.41
CA LYS H 201 -36.51 47.45 -63.72
C LYS H 201 -35.64 48.69 -63.66
N ASN H 202 -34.77 48.85 -64.64
CA ASN H 202 -33.83 49.95 -64.61
C ASN H 202 -34.44 51.13 -65.34
N VAL H 203 -34.87 52.13 -64.58
CA VAL H 203 -35.36 53.42 -65.07
C VAL H 203 -35.21 54.41 -63.92
N THR H 204 -35.56 55.67 -64.17
CA THR H 204 -35.59 56.65 -63.10
C THR H 204 -36.89 56.57 -62.32
N ASP H 205 -37.99 56.30 -63.00
CA ASP H 205 -39.31 56.61 -62.50
C ASP H 205 -39.66 55.75 -61.28
N GLY H 206 -40.62 56.25 -60.51
CA GLY H 206 -41.19 55.52 -59.40
C GLY H 206 -42.59 55.00 -59.61
N GLY H 207 -43.11 55.05 -60.84
CA GLY H 207 -44.45 54.58 -61.11
C GLY H 207 -44.56 53.08 -61.01
N VAL H 208 -45.78 52.60 -61.26
CA VAL H 208 -46.04 51.17 -61.15
C VAL H 208 -45.34 50.39 -62.26
N GLY H 209 -45.28 50.94 -63.48
CA GLY H 209 -44.72 50.21 -64.58
C GLY H 209 -43.28 49.78 -64.39
N ALA H 210 -42.58 50.39 -63.43
CA ALA H 210 -41.18 50.09 -63.25
C ALA H 210 -40.95 48.79 -62.48
N ILE H 211 -41.85 48.44 -61.57
CA ILE H 211 -41.56 47.37 -60.63
C ILE H 211 -41.59 46.02 -61.34
N GLN H 212 -40.55 45.23 -61.10
CA GLN H 212 -40.52 43.87 -61.63
C GLN H 212 -41.31 42.91 -60.75
N ARG H 213 -41.13 43.02 -59.44
CA ARG H 213 -41.77 42.07 -58.53
C ARG H 213 -41.93 42.71 -57.15
N GLY H 214 -42.93 42.27 -56.40
CA GLY H 214 -43.11 42.72 -55.04
C GLY H 214 -43.91 43.98 -54.80
N ALA H 215 -44.90 44.27 -55.64
CA ALA H 215 -45.70 45.46 -55.43
C ALA H 215 -46.53 45.34 -54.16
N LEU H 216 -46.97 46.49 -53.67
CA LEU H 216 -47.70 46.56 -52.41
C LEU H 216 -48.88 47.50 -52.56
N TYR H 217 -50.08 46.98 -52.34
CA TYR H 217 -51.30 47.74 -52.56
C TYR H 217 -52.03 48.03 -51.26
N MET H 218 -52.77 49.14 -51.26
CA MET H 218 -53.66 49.49 -50.17
C MET H 218 -55.07 49.67 -50.73
N VAL H 219 -56.06 49.19 -50.00
CA VAL H 219 -57.43 49.17 -50.47
C VAL H 219 -58.36 49.64 -49.37
N ILE H 220 -59.35 50.43 -49.73
CA ILE H 220 -60.35 50.95 -48.80
C ILE H 220 -61.71 50.49 -49.24
N ALA H 221 -62.49 49.93 -48.31
CA ALA H 221 -63.82 49.41 -48.62
C ALA H 221 -64.86 50.18 -47.83
N PRO H 222 -65.76 50.90 -48.47
CA PRO H 222 -66.76 51.67 -47.74
C PRO H 222 -67.85 50.76 -47.18
N GLY H 223 -68.59 51.32 -46.23
CA GLY H 223 -69.77 50.66 -45.73
C GLY H 223 -70.91 50.70 -46.73
N ASN H 224 -71.94 49.93 -46.45
CA ASN H 224 -73.08 49.86 -47.35
C ASN H 224 -73.68 51.23 -47.62
N GLY H 225 -73.79 51.58 -48.89
CA GLY H 225 -74.42 52.82 -49.29
C GLY H 225 -73.93 54.03 -48.54
N LEU H 226 -72.66 54.02 -48.16
CA LEU H 226 -72.09 55.08 -47.35
C LEU H 226 -70.77 55.52 -47.98
N THR H 227 -70.72 56.77 -48.43
CA THR H 227 -69.56 57.30 -49.13
C THR H 227 -68.92 58.39 -48.29
N PHE H 228 -67.59 58.46 -48.34
CA PHE H 228 -66.89 59.42 -47.51
C PHE H 228 -65.53 59.72 -48.13
N THR H 229 -64.90 60.78 -47.62
CA THR H 229 -63.53 61.12 -47.97
C THR H 229 -62.70 61.11 -46.69
N ALA H 230 -61.38 61.03 -46.87
CA ALA H 230 -60.46 60.89 -45.76
C ALA H 230 -59.30 61.85 -45.91
N HIS H 231 -58.72 62.23 -44.76
CA HIS H 231 -57.55 63.08 -44.72
C HIS H 231 -56.50 62.40 -43.86
N GLY H 232 -55.24 62.71 -44.13
CA GLY H 232 -54.17 62.20 -43.31
C GLY H 232 -52.91 62.00 -44.13
N GLN H 233 -51.94 61.34 -43.50
CA GLN H 233 -50.66 61.07 -44.13
C GLN H 233 -50.05 59.84 -43.49
N THR H 234 -49.07 59.25 -44.17
CA THR H 234 -48.46 58.01 -43.72
C THR H 234 -46.95 58.09 -43.90
N ARG H 235 -46.25 57.19 -43.23
CA ARG H 235 -44.81 57.07 -43.37
C ARG H 235 -44.43 55.64 -43.67
N LEU H 236 -43.21 55.49 -44.18
CA LEU H 236 -42.64 54.18 -44.47
C LEU H 236 -41.22 54.12 -43.91
N TYR H 237 -40.69 52.90 -43.88
CA TYR H 237 -39.34 52.66 -43.40
C TYR H 237 -38.71 51.57 -44.25
N PHE H 238 -37.49 51.80 -44.71
CA PHE H 238 -36.83 50.82 -45.57
C PHE H 238 -35.36 51.15 -45.67
N LYS H 239 -34.63 50.30 -46.37
CA LYS H 239 -33.24 50.58 -46.73
C LYS H 239 -32.90 49.83 -48.01
N SER H 240 -32.06 50.44 -48.82
CA SER H 240 -31.58 49.78 -50.02
C SER H 240 -30.53 48.73 -49.65
N VAL H 241 -30.31 47.78 -50.56
CA VAL H 241 -29.31 46.75 -50.37
C VAL H 241 -28.97 46.18 -51.74
N GLY H 242 -27.81 45.52 -51.82
CA GLY H 242 -27.42 44.80 -53.01
C GLY H 242 -26.36 45.55 -53.80
N ASN H 243 -25.91 44.89 -54.87
CA ASN H 243 -24.91 45.44 -55.78
C ASN H 243 -23.66 45.87 -55.02
N ALA I 31 -50.77 24.50 -31.03
CA ALA I 31 -51.69 25.50 -31.59
C ALA I 31 -52.23 25.03 -32.94
N GLY I 32 -53.22 24.16 -32.91
CA GLY I 32 -53.81 23.63 -34.11
C GLY I 32 -54.37 22.25 -33.86
N SER I 33 -54.91 21.65 -34.91
CA SER I 33 -55.44 20.29 -34.80
C SER I 33 -54.98 19.40 -35.95
N LYS I 34 -54.16 18.40 -35.63
CA LYS I 34 -53.70 17.39 -36.60
C LYS I 34 -53.26 18.02 -37.91
N ALA I 35 -52.56 19.15 -37.80
CA ALA I 35 -52.06 19.83 -38.98
C ALA I 35 -51.01 18.97 -39.68
N ASP I 36 -50.98 19.08 -41.00
CA ASP I 36 -50.09 18.30 -41.84
C ASP I 36 -49.48 19.18 -42.91
N ARG I 37 -48.19 18.94 -43.17
CA ARG I 37 -47.41 19.82 -44.05
C ARG I 37 -48.06 20.05 -45.41
N PRO I 38 -48.54 19.04 -46.13
CA PRO I 38 -49.26 19.32 -47.38
C PRO I 38 -50.57 20.05 -47.10
N SER I 39 -51.04 20.77 -48.10
CA SER I 39 -52.24 21.57 -47.95
C SER I 39 -53.46 20.67 -47.76
N LEU I 40 -54.53 21.28 -47.26
CA LEU I 40 -55.77 20.57 -46.98
C LEU I 40 -56.87 21.06 -47.90
N GLN I 41 -57.81 20.18 -48.20
CA GLN I 41 -58.84 20.50 -49.16
C GLN I 41 -59.77 21.58 -48.62
N ILE I 42 -60.50 22.22 -49.53
CA ILE I 42 -61.35 23.34 -49.20
C ILE I 42 -62.72 23.15 -49.82
N GLN I 43 -63.76 23.44 -49.06
CA GLN I 43 -65.13 23.47 -49.55
C GLN I 43 -65.83 24.73 -49.10
N THR I 44 -66.68 25.28 -49.96
CA THR I 44 -67.34 26.54 -49.69
C THR I 44 -68.85 26.40 -49.83
N LEU I 45 -69.57 27.37 -49.30
CA LEU I 45 -71.00 27.46 -49.47
C LEU I 45 -71.35 28.90 -49.85
N GLN I 46 -72.38 29.04 -50.67
CA GLN I 46 -72.78 30.34 -51.17
C GLN I 46 -74.21 30.59 -50.75
N HIS I 47 -74.40 31.55 -49.85
CA HIS I 47 -75.74 31.97 -49.45
C HIS I 47 -75.86 33.46 -49.75
N ALA I 48 -76.67 33.79 -50.75
CA ALA I 48 -76.82 35.15 -51.23
C ALA I 48 -77.85 35.15 -52.34
N GLY I 49 -78.36 36.34 -52.65
CA GLY I 49 -79.25 36.48 -53.79
C GLY I 49 -80.45 35.57 -53.65
N THR I 50 -80.61 34.68 -54.64
CA THR I 50 -81.71 33.73 -54.61
C THR I 50 -81.69 32.90 -53.34
N THR I 51 -80.51 32.50 -52.88
CA THR I 51 -80.40 31.69 -51.68
C THR I 51 -80.01 32.60 -50.54
N MET I 52 -80.97 32.90 -49.68
CA MET I 52 -80.72 33.65 -48.45
C MET I 52 -81.41 32.90 -47.33
N ILE I 53 -80.63 32.42 -46.36
CA ILE I 53 -81.24 31.77 -45.22
C ILE I 53 -82.22 32.74 -44.59
N THR I 54 -83.47 32.33 -44.46
CA THR I 54 -84.53 33.17 -43.93
C THR I 54 -85.24 32.40 -42.81
N VAL I 55 -85.28 33.00 -41.63
CA VAL I 55 -85.70 32.26 -40.46
C VAL I 55 -86.98 32.83 -39.87
N PRO I 56 -88.10 32.14 -39.98
CA PRO I 56 -89.27 32.46 -39.16
C PRO I 56 -89.06 31.96 -37.74
N SER I 57 -89.90 32.47 -36.84
CA SER I 57 -89.80 32.09 -35.43
C SER I 57 -89.83 30.58 -35.29
N GLY I 58 -88.90 30.06 -34.48
CA GLY I 58 -88.76 28.63 -34.32
C GLY I 58 -87.56 28.03 -35.01
N GLY I 59 -86.74 28.83 -35.67
CA GLY I 59 -85.48 28.36 -36.20
C GLY I 59 -85.64 27.50 -37.44
N VAL I 60 -84.50 27.09 -37.99
CA VAL I 60 -84.48 26.25 -39.16
C VAL I 60 -83.30 25.29 -39.06
N CYS I 61 -83.52 24.07 -39.52
CA CYS I 61 -82.50 23.03 -39.51
C CYS I 61 -81.81 23.00 -40.86
N ASP I 62 -80.52 22.69 -40.85
CA ASP I 62 -79.77 22.60 -42.10
C ASP I 62 -78.54 21.74 -41.88
N LEU I 63 -77.99 21.25 -42.99
CA LEU I 63 -76.78 20.45 -42.98
C LEU I 63 -75.72 21.12 -43.82
N ILE I 64 -74.56 21.37 -43.23
CA ILE I 64 -73.47 22.04 -43.91
C ILE I 64 -72.40 21.10 -44.42
N ASN I 65 -72.51 19.80 -44.16
CA ASN I 65 -71.38 18.92 -44.41
C ASN I 65 -71.41 18.29 -45.79
N THR I 66 -72.35 18.69 -46.65
CA THR I 66 -72.53 18.07 -47.96
C THR I 66 -71.24 18.05 -48.76
N TYR I 67 -70.93 16.88 -49.32
CA TYR I 67 -69.76 16.68 -50.16
C TYR I 67 -70.14 15.79 -51.33
N ALA I 68 -69.75 16.18 -52.53
CA ALA I 68 -69.88 15.28 -53.66
C ALA I 68 -68.67 14.35 -53.72
N ARG I 69 -68.69 13.42 -54.68
CA ARG I 69 -67.56 12.54 -54.94
C ARG I 69 -67.24 12.58 -56.41
N GLY I 70 -65.96 12.71 -56.73
CA GLY I 70 -65.56 12.73 -58.12
C GLY I 70 -64.16 13.27 -58.27
N SER I 71 -63.91 13.78 -59.48
CA SER I 71 -62.58 14.28 -59.81
C SER I 71 -62.33 15.65 -59.21
N ASP I 72 -63.36 16.50 -59.19
CA ASP I 72 -63.18 17.89 -58.84
C ASP I 72 -62.62 18.04 -57.43
N GLU I 73 -61.76 19.04 -57.26
CA GLU I 73 -61.21 19.33 -55.95
C GLU I 73 -62.31 19.85 -55.04
N GLY I 74 -62.26 19.44 -53.78
CA GLY I 74 -63.28 19.80 -52.82
C GLY I 74 -64.28 18.69 -52.66
N ASN I 75 -64.41 17.85 -53.67
CA ASN I 75 -65.22 16.65 -53.52
C ASN I 75 -64.41 15.58 -52.83
N ARG I 76 -65.11 14.67 -52.14
CA ARG I 76 -64.43 13.63 -51.38
C ARG I 76 -63.99 12.50 -52.30
N HIS I 77 -62.74 12.08 -52.14
CA HIS I 77 -62.20 10.99 -52.93
C HIS I 77 -62.50 9.62 -52.36
N THR I 78 -62.88 9.52 -51.10
CA THR I 78 -62.98 8.22 -50.46
C THR I 78 -64.33 8.04 -49.79
N SER I 79 -64.46 6.96 -49.04
CA SER I 79 -65.69 6.74 -48.29
C SER I 79 -65.56 7.19 -46.84
N GLU I 80 -64.41 7.74 -46.45
CA GLU I 80 -64.15 8.12 -45.06
C GLU I 80 -63.56 9.52 -45.01
N THR I 81 -64.16 10.39 -44.21
CA THR I 81 -63.77 11.79 -44.16
C THR I 81 -63.68 12.29 -42.73
N LEU I 82 -62.64 13.06 -42.45
CA LEU I 82 -62.49 13.79 -41.21
C LEU I 82 -62.49 15.27 -41.52
N THR I 83 -63.12 16.06 -40.66
CA THR I 83 -63.09 17.51 -40.80
C THR I 83 -62.38 18.12 -39.59
N TYR I 84 -61.81 19.29 -39.78
CA TYR I 84 -61.03 19.89 -38.70
C TYR I 84 -61.47 21.30 -38.35
N LYS I 85 -61.11 22.26 -39.20
CA LYS I 85 -61.25 23.66 -38.87
C LYS I 85 -62.38 24.26 -39.69
N ILE I 86 -63.10 25.20 -39.09
CA ILE I 86 -64.23 25.83 -39.76
C ILE I 86 -64.23 27.32 -39.42
N ALA I 87 -64.53 28.14 -40.42
CA ALA I 87 -64.65 29.58 -40.24
C ALA I 87 -65.98 30.03 -40.81
N ILE I 88 -66.61 30.99 -40.15
CA ILE I 88 -67.95 31.40 -40.50
C ILE I 88 -67.98 32.92 -40.58
N ASP I 89 -68.53 33.44 -41.67
CA ASP I 89 -68.79 34.86 -41.84
C ASP I 89 -70.21 35.05 -42.32
N TYR I 90 -70.88 36.08 -41.81
CA TYR I 90 -72.19 36.43 -42.33
C TYR I 90 -72.47 37.89 -42.09
N HIS I 91 -73.46 38.39 -42.81
CA HIS I 91 -74.15 39.61 -42.44
C HIS I 91 -75.57 39.29 -42.00
N PHE I 92 -76.05 40.04 -41.03
CA PHE I 92 -77.44 39.98 -40.60
C PHE I 92 -78.12 41.30 -40.90
N VAL I 93 -79.44 41.24 -41.11
CA VAL I 93 -80.24 42.46 -41.19
C VAL I 93 -81.65 42.12 -40.74
N ALA I 94 -82.27 43.06 -40.05
CA ALA I 94 -83.66 42.87 -39.65
C ALA I 94 -84.56 42.90 -40.87
N ASP I 95 -85.72 42.28 -40.74
CA ASP I 95 -86.72 42.31 -41.79
C ASP I 95 -87.76 43.36 -41.48
N ALA I 96 -88.15 44.10 -42.53
CA ALA I 96 -89.16 45.13 -42.36
C ALA I 96 -90.47 44.55 -41.85
N ALA I 97 -90.74 43.28 -42.18
CA ALA I 97 -91.98 42.65 -41.73
C ALA I 97 -92.14 42.73 -40.22
N ALA I 98 -91.06 42.61 -39.47
CA ALA I 98 -91.10 42.73 -38.03
C ALA I 98 -90.76 44.13 -37.53
N CYS I 99 -90.39 45.04 -38.42
CA CYS I 99 -90.02 46.38 -37.98
C CYS I 99 -91.22 47.20 -37.54
N ARG I 100 -92.44 46.70 -37.72
CA ARG I 100 -93.62 47.44 -37.27
C ARG I 100 -93.69 47.56 -35.76
N TYR I 101 -92.81 46.88 -35.03
CA TYR I 101 -92.75 46.96 -33.59
C TYR I 101 -91.35 47.37 -33.18
N SER I 102 -91.21 47.79 -31.93
CA SER I 102 -89.92 48.20 -31.40
C SER I 102 -89.62 47.43 -30.13
N ASN I 103 -88.66 46.52 -30.19
CA ASN I 103 -88.12 45.88 -29.01
C ASN I 103 -86.78 45.28 -29.38
N THR I 104 -86.01 44.96 -28.35
CA THR I 104 -84.77 44.23 -28.57
C THR I 104 -85.06 42.74 -28.48
N GLY I 105 -84.00 41.95 -28.43
CA GLY I 105 -84.13 40.53 -28.28
C GLY I 105 -82.76 39.89 -28.19
N THR I 106 -82.74 38.57 -28.24
CA THR I 106 -81.48 37.83 -28.24
C THR I 106 -81.61 36.61 -29.12
N GLY I 107 -80.58 36.38 -29.95
CA GLY I 107 -80.53 35.23 -30.82
C GLY I 107 -79.48 34.22 -30.39
N VAL I 108 -79.48 33.09 -31.08
CA VAL I 108 -78.63 31.95 -30.74
C VAL I 108 -78.24 31.22 -32.00
N MET I 109 -77.00 30.77 -32.05
CA MET I 109 -76.51 29.91 -33.11
C MET I 109 -75.81 28.72 -32.47
N TRP I 110 -76.24 27.51 -32.83
CA TRP I 110 -75.60 26.31 -32.32
C TRP I 110 -74.91 25.56 -33.44
N LEU I 111 -73.92 24.76 -33.05
CA LEU I 111 -73.29 23.82 -33.95
C LEU I 111 -73.51 22.44 -33.35
N VAL I 112 -74.34 21.63 -34.00
CA VAL I 112 -74.86 20.40 -33.42
C VAL I 112 -74.31 19.21 -34.20
N TYR I 113 -73.78 18.23 -33.48
CA TYR I 113 -73.25 17.03 -34.07
C TYR I 113 -74.22 15.86 -33.85
N ASP I 114 -74.30 14.99 -34.85
CA ASP I 114 -75.22 13.87 -34.84
C ASP I 114 -74.44 12.56 -34.86
N THR I 115 -75.09 11.50 -34.38
CA THR I 115 -74.54 10.17 -34.50
C THR I 115 -75.15 9.46 -35.71
N THR I 116 -76.41 9.05 -35.60
CA THR I 116 -77.09 8.38 -36.69
C THR I 116 -78.28 9.23 -37.13
N PRO I 117 -78.27 9.76 -38.35
CA PRO I 117 -79.41 10.55 -38.80
C PRO I 117 -80.57 9.65 -39.18
N GLY I 118 -81.78 10.13 -38.92
CA GLY I 118 -82.95 9.45 -39.40
C GLY I 118 -83.07 9.57 -40.90
N GLY I 119 -84.06 8.86 -41.44
CA GLY I 119 -84.35 8.99 -42.85
C GLY I 119 -84.94 10.33 -43.23
N GLN I 120 -85.45 11.07 -42.27
CA GLN I 120 -86.10 12.35 -42.50
C GLN I 120 -85.30 13.46 -41.84
N ALA I 121 -85.43 14.67 -42.38
CA ALA I 121 -84.68 15.79 -41.86
C ALA I 121 -85.23 16.23 -40.51
N PRO I 122 -84.37 16.46 -39.53
CA PRO I 122 -84.86 16.89 -38.23
C PRO I 122 -85.35 18.33 -38.29
N THR I 123 -86.14 18.68 -37.28
CA THR I 123 -86.57 20.06 -37.08
C THR I 123 -86.29 20.42 -35.63
N PRO I 124 -86.03 21.70 -35.34
CA PRO I 124 -85.68 22.08 -33.96
C PRO I 124 -86.65 21.55 -32.93
N GLN I 125 -87.95 21.68 -33.19
CA GLN I 125 -88.93 21.23 -32.20
C GLN I 125 -88.71 19.78 -31.85
N THR I 126 -88.18 19.00 -32.79
CA THR I 126 -87.86 17.61 -32.49
C THR I 126 -86.54 17.49 -31.76
N ILE I 127 -85.57 18.35 -32.06
CA ILE I 127 -84.26 18.17 -31.45
C ILE I 127 -84.28 18.63 -30.00
N PHE I 128 -85.11 19.61 -29.69
CA PHE I 128 -85.19 20.16 -28.34
C PHE I 128 -86.62 20.03 -27.86
N ALA I 129 -86.81 19.38 -26.73
CA ALA I 129 -88.15 19.30 -26.17
C ALA I 129 -88.46 20.61 -25.46
N TYR I 130 -89.44 21.33 -25.95
CA TYR I 130 -89.77 22.56 -25.27
C TYR I 130 -91.28 22.76 -25.26
N PRO I 131 -91.82 23.24 -24.16
CA PRO I 131 -93.24 23.60 -24.15
C PRO I 131 -93.50 24.80 -25.04
N ASP I 132 -94.75 24.93 -25.47
CA ASP I 132 -95.12 26.03 -26.36
C ASP I 132 -94.85 27.38 -25.73
N THR I 133 -94.95 27.45 -24.40
CA THR I 133 -94.71 28.70 -23.71
C THR I 133 -93.32 29.24 -23.96
N LEU I 134 -92.31 28.39 -23.86
CA LEU I 134 -90.92 28.83 -24.02
C LEU I 134 -90.55 29.15 -25.45
N LYS I 135 -91.44 28.89 -26.41
CA LYS I 135 -91.10 29.13 -27.82
C LYS I 135 -90.62 30.55 -28.04
N ALA I 136 -91.11 31.49 -27.23
CA ALA I 136 -90.67 32.87 -27.35
C ALA I 136 -89.16 32.99 -27.15
N TRP I 137 -88.66 32.51 -26.03
CA TRP I 137 -87.27 32.79 -25.73
C TRP I 137 -86.45 31.54 -25.98
N PRO I 138 -85.72 31.46 -27.07
CA PRO I 138 -84.98 30.24 -27.36
C PRO I 138 -83.81 30.04 -26.42
N ALA I 139 -83.16 31.14 -26.02
CA ALA I 139 -81.86 31.02 -25.40
C ALA I 139 -81.87 30.15 -24.16
N THR I 140 -83.04 29.85 -23.63
CA THR I 140 -83.15 28.93 -22.51
C THR I 140 -83.20 27.47 -22.93
N TRP I 141 -83.45 27.20 -24.21
CA TRP I 141 -83.55 25.82 -24.64
C TRP I 141 -82.29 25.06 -24.28
N LYS I 142 -82.45 23.79 -23.96
CA LYS I 142 -81.30 22.90 -23.81
C LYS I 142 -81.68 21.53 -24.34
N VAL I 143 -80.67 20.72 -24.58
CA VAL I 143 -80.88 19.43 -25.24
C VAL I 143 -81.81 18.57 -24.41
N SER I 144 -82.75 17.92 -25.07
CA SER I 144 -83.72 17.06 -24.38
C SER I 144 -83.05 15.79 -23.89
N ARG I 145 -83.59 15.23 -22.82
CA ARG I 145 -82.94 14.09 -22.18
C ARG I 145 -83.19 12.78 -22.91
N GLU I 146 -84.32 12.65 -23.57
CA GLU I 146 -84.62 11.39 -24.25
C GLU I 146 -83.56 11.04 -25.26
N LEU I 147 -83.04 12.02 -25.96
CA LEU I 147 -82.05 11.82 -27.01
C LEU I 147 -80.64 12.00 -26.50
N CYS I 148 -80.47 12.11 -25.18
CA CYS I 148 -79.25 12.60 -24.55
C CYS I 148 -77.99 12.03 -25.17
N HIS I 149 -78.00 10.76 -25.50
CA HIS I 149 -76.83 10.17 -26.13
C HIS I 149 -76.88 10.20 -27.65
N ARG I 150 -78.00 10.58 -28.25
CA ARG I 150 -78.05 10.61 -29.70
C ARG I 150 -77.44 11.88 -30.27
N PHE I 151 -77.50 12.99 -29.55
CA PHE I 151 -77.01 14.26 -30.04
C PHE I 151 -76.04 14.88 -29.05
N VAL I 152 -75.31 15.89 -29.52
CA VAL I 152 -74.42 16.67 -28.66
C VAL I 152 -74.17 17.99 -29.37
N VAL I 153 -73.73 18.99 -28.60
CA VAL I 153 -73.48 20.31 -29.14
C VAL I 153 -72.04 20.68 -28.80
N LYS I 154 -71.22 20.83 -29.82
CA LYS I 154 -69.80 21.07 -29.58
C LYS I 154 -69.44 22.54 -29.56
N ARG I 155 -70.35 23.43 -29.95
CA ARG I 155 -70.08 24.87 -29.88
C ARG I 155 -71.38 25.60 -29.63
N ARG I 156 -71.23 26.85 -29.20
CA ARG I 156 -72.38 27.70 -28.92
C ARG I 156 -71.97 29.14 -29.15
N TRP I 157 -72.91 29.97 -29.58
CA TRP I 157 -72.63 31.39 -29.71
C TRP I 157 -73.87 32.21 -29.43
N LEU I 158 -73.64 33.45 -29.01
CA LEU I 158 -74.71 34.38 -28.72
C LEU I 158 -74.54 35.64 -29.55
N PHE I 159 -75.66 36.31 -29.77
CA PHE I 159 -75.65 37.62 -30.40
C PHE I 159 -76.96 38.29 -30.03
N ASN I 160 -76.99 39.60 -30.19
CA ASN I 160 -78.20 40.35 -29.89
C ASN I 160 -78.37 41.47 -30.89
N MET I 161 -79.62 41.85 -31.11
CA MET I 161 -79.95 42.87 -32.07
C MET I 161 -81.28 43.48 -31.68
N GLU I 162 -81.58 44.64 -32.27
CA GLU I 162 -82.78 45.36 -31.90
C GLU I 162 -83.19 46.26 -33.05
N THR I 163 -84.44 46.68 -33.02
CA THR I 163 -84.97 47.57 -34.03
C THR I 163 -85.79 48.66 -33.36
N ASP I 164 -85.73 49.84 -33.95
CA ASP I 164 -86.41 51.01 -33.43
C ASP I 164 -87.76 51.26 -34.08
N GLY I 165 -88.14 50.43 -35.05
CA GLY I 165 -89.37 50.67 -35.78
C GLY I 165 -89.24 51.62 -36.95
N ARG I 166 -88.09 51.64 -37.60
CA ARG I 166 -87.89 52.53 -38.74
C ARG I 166 -87.11 51.82 -39.81
N ILE I 167 -87.62 51.83 -41.04
CA ILE I 167 -86.95 51.20 -42.16
C ILE I 167 -85.83 52.12 -42.63
N GLY I 168 -84.79 51.53 -43.22
CA GLY I 168 -83.63 52.32 -43.61
C GLY I 168 -83.95 53.41 -44.61
N SER I 169 -84.72 53.07 -45.64
CA SER I 169 -84.93 54.01 -46.75
C SER I 169 -85.71 55.25 -46.34
N ASP I 170 -86.21 55.31 -45.12
CA ASP I 170 -87.05 56.43 -44.69
C ASP I 170 -86.19 57.66 -44.40
N ILE I 171 -86.62 58.81 -44.93
CA ILE I 171 -85.89 60.06 -44.75
C ILE I 171 -86.27 60.71 -43.43
N PRO I 172 -85.32 61.01 -42.57
CA PRO I 172 -85.63 61.75 -41.36
C PRO I 172 -86.21 63.11 -41.69
N PRO I 173 -87.16 63.59 -40.92
CA PRO I 173 -87.61 64.98 -41.08
C PRO I 173 -86.53 65.93 -40.61
N SER I 174 -86.53 67.13 -41.22
CA SER I 174 -85.47 68.09 -40.98
C SER I 174 -85.44 68.61 -39.54
N ASN I 175 -86.45 68.29 -38.73
CA ASN I 175 -86.48 68.82 -37.37
C ASN I 175 -85.56 68.08 -36.42
N ALA I 176 -85.63 66.75 -36.40
CA ALA I 176 -84.94 65.97 -35.39
C ALA I 176 -84.33 64.73 -36.03
N SER I 177 -83.51 64.02 -35.24
CA SER I 177 -82.75 62.89 -35.77
C SER I 177 -82.83 61.64 -34.91
N TRP I 178 -82.03 60.63 -35.26
CA TRP I 178 -81.99 59.40 -34.50
C TRP I 178 -80.57 58.87 -34.47
N LYS I 179 -80.24 58.12 -33.41
CA LYS I 179 -79.04 57.31 -33.39
C LYS I 179 -79.49 55.86 -33.41
N PRO I 180 -79.44 55.19 -34.55
CA PRO I 180 -79.85 53.79 -34.59
C PRO I 180 -78.68 52.83 -34.49
N CYS I 181 -77.93 52.86 -33.40
CA CYS I 181 -76.82 51.94 -33.25
C CYS I 181 -77.32 50.51 -33.26
N LYS I 182 -76.56 49.65 -33.93
CA LYS I 182 -76.83 48.22 -33.97
C LYS I 182 -78.21 47.90 -34.52
N ARG I 183 -78.52 48.47 -35.68
CA ARG I 183 -79.64 47.92 -36.44
C ARG I 183 -79.22 46.63 -37.14
N ASN I 184 -78.05 46.62 -37.73
CA ASN I 184 -77.48 45.44 -38.35
C ASN I 184 -76.13 45.15 -37.73
N ILE I 185 -75.65 43.92 -37.92
CA ILE I 185 -74.50 43.44 -37.18
C ILE I 185 -73.64 42.56 -38.07
N TYR I 186 -72.34 42.54 -37.78
CA TYR I 186 -71.37 41.76 -38.51
C TYR I 186 -70.85 40.65 -37.61
N PHE I 187 -71.12 39.41 -37.97
CA PHE I 187 -70.83 38.28 -37.11
C PHE I 187 -69.85 37.33 -37.78
N HIS I 188 -68.80 36.96 -37.05
CA HIS I 188 -67.82 36.03 -37.57
C HIS I 188 -67.16 35.30 -36.43
N LYS I 189 -66.80 34.04 -36.68
CA LYS I 189 -66.07 33.24 -35.70
C LYS I 189 -65.14 32.31 -36.44
N PHE I 190 -64.07 31.91 -35.77
CA PHE I 190 -63.08 31.01 -36.33
C PHE I 190 -62.65 30.06 -35.24
N THR I 191 -62.71 28.75 -35.49
CA THR I 191 -62.37 27.79 -34.46
C THR I 191 -61.70 26.56 -35.06
N SER I 192 -60.61 26.14 -34.42
CA SER I 192 -59.88 24.95 -34.83
C SER I 192 -60.17 23.72 -33.97
N GLY I 193 -60.98 23.86 -32.94
CA GLY I 193 -61.00 22.85 -31.89
C GLY I 193 -61.60 21.54 -32.34
N LEU I 194 -62.75 21.59 -33.00
CA LEU I 194 -63.56 20.40 -33.18
C LEU I 194 -62.87 19.40 -34.10
N GLY I 195 -63.35 18.17 -34.03
CA GLY I 195 -63.04 17.19 -35.05
C GLY I 195 -64.19 16.21 -35.12
N VAL I 196 -64.37 15.63 -36.31
CA VAL I 196 -65.55 14.82 -36.58
C VAL I 196 -65.15 13.67 -37.49
N ARG I 197 -65.72 12.50 -37.24
CA ARG I 197 -65.46 11.32 -38.05
C ARG I 197 -66.73 10.92 -38.77
N THR I 198 -66.65 10.80 -40.09
CA THR I 198 -67.82 10.54 -40.92
C THR I 198 -67.54 9.42 -41.89
N GLN I 199 -68.55 8.58 -42.13
CA GLN I 199 -68.48 7.55 -43.15
C GLN I 199 -69.71 7.63 -44.02
N TRP I 200 -69.64 7.03 -45.19
CA TRP I 200 -70.63 7.24 -46.23
C TRP I 200 -71.13 5.92 -46.80
N LYS I 201 -72.42 5.89 -47.13
CA LYS I 201 -72.90 4.86 -48.03
C LYS I 201 -72.30 5.09 -49.41
N ASN I 202 -72.35 4.06 -50.24
CA ASN I 202 -71.70 4.15 -51.54
C ASN I 202 -72.72 4.65 -52.56
N VAL I 203 -72.57 5.91 -52.95
CA VAL I 203 -73.34 6.55 -54.01
C VAL I 203 -72.51 7.73 -54.51
N THR I 204 -73.01 8.43 -55.52
CA THR I 204 -72.36 9.66 -55.95
C THR I 204 -72.76 10.84 -55.08
N ASP I 205 -74.01 10.87 -54.66
CA ASP I 205 -74.65 12.09 -54.20
C ASP I 205 -74.03 12.61 -52.91
N GLY I 206 -74.24 13.89 -52.66
CA GLY I 206 -73.84 14.53 -51.43
C GLY I 206 -74.97 14.89 -50.50
N GLY I 207 -76.19 14.41 -50.76
CA GLY I 207 -77.33 14.74 -49.93
C GLY I 207 -77.25 14.06 -48.58
N VAL I 208 -78.28 14.33 -47.78
CA VAL I 208 -78.31 13.78 -46.43
C VAL I 208 -78.52 12.26 -46.45
N GLY I 209 -79.33 11.76 -47.37
CA GLY I 209 -79.64 10.34 -47.37
C GLY I 209 -78.43 9.44 -47.51
N ALA I 210 -77.31 9.99 -47.97
CA ALA I 210 -76.13 9.17 -48.22
C ALA I 210 -75.37 8.84 -46.95
N ILE I 211 -75.39 9.73 -45.96
CA ILE I 211 -74.47 9.60 -44.83
C ILE I 211 -74.89 8.44 -43.95
N GLN I 212 -73.93 7.59 -43.60
CA GLN I 212 -74.19 6.51 -42.66
C GLN I 212 -74.10 7.00 -41.23
N ARG I 213 -73.08 7.80 -40.91
CA ARG I 213 -72.86 8.22 -39.53
C ARG I 213 -72.08 9.53 -39.53
N GLY I 214 -72.28 10.33 -38.48
CA GLY I 214 -71.50 11.55 -38.30
C GLY I 214 -72.01 12.82 -38.96
N ALA I 215 -73.31 12.97 -39.11
CA ALA I 215 -73.83 14.19 -39.71
C ALA I 215 -73.55 15.40 -38.83
N LEU I 216 -73.61 16.57 -39.44
CA LEU I 216 -73.28 17.83 -38.76
C LEU I 216 -74.30 18.87 -39.14
N TYR I 217 -75.01 19.41 -38.14
CA TYR I 217 -76.09 20.35 -38.36
C TYR I 217 -75.74 21.74 -37.85
N MET I 218 -76.34 22.75 -38.48
CA MET I 218 -76.28 24.13 -38.05
C MET I 218 -77.68 24.64 -37.82
N VAL I 219 -77.88 25.40 -36.76
CA VAL I 219 -79.21 25.84 -36.37
C VAL I 219 -79.16 27.31 -36.00
N ILE I 220 -80.18 28.06 -36.39
CA ILE I 220 -80.29 29.48 -36.09
C ILE I 220 -81.57 29.72 -35.31
N ALA I 221 -81.47 30.43 -34.20
CA ALA I 221 -82.60 30.70 -33.34
C ALA I 221 -82.87 32.20 -33.29
N PRO I 222 -84.01 32.66 -33.76
CA PRO I 222 -84.29 34.10 -33.74
C PRO I 222 -84.64 34.58 -32.36
N GLY I 223 -84.56 35.88 -32.18
CA GLY I 223 -85.05 36.51 -30.96
C GLY I 223 -86.56 36.52 -30.92
N ASN I 224 -87.09 36.87 -29.74
CA ASN I 224 -88.53 36.89 -29.53
C ASN I 224 -89.22 37.78 -30.56
N GLY I 225 -90.19 37.20 -31.25
CA GLY I 225 -91.00 37.96 -32.18
C GLY I 225 -90.20 38.82 -33.13
N LEU I 226 -89.01 38.35 -33.51
CA LEU I 226 -88.11 39.12 -34.35
C LEU I 226 -87.60 38.23 -35.47
N THR I 227 -87.95 38.57 -36.70
CA THR I 227 -87.60 37.77 -37.86
C THR I 227 -86.63 38.53 -38.75
N PHE I 228 -85.71 37.80 -39.35
CA PHE I 228 -84.68 38.45 -40.16
C PHE I 228 -84.13 37.46 -41.17
N THR I 229 -83.40 38.00 -42.14
CA THR I 229 -82.64 37.21 -43.10
C THR I 229 -81.17 37.55 -42.98
N ALA I 230 -80.33 36.67 -43.50
CA ALA I 230 -78.89 36.79 -43.35
C ALA I 230 -78.20 36.56 -44.68
N HIS I 231 -77.03 37.17 -44.83
CA HIS I 231 -76.20 37.00 -46.01
C HIS I 231 -74.81 36.62 -45.55
N GLY I 232 -74.09 35.91 -46.40
CA GLY I 232 -72.71 35.56 -46.13
C GLY I 232 -72.34 34.23 -46.75
N GLN I 233 -71.17 33.74 -46.36
CA GLN I 233 -70.66 32.49 -46.87
C GLN I 233 -69.70 31.90 -45.85
N THR I 234 -69.42 30.61 -45.99
CA THR I 234 -68.59 29.90 -45.04
C THR I 234 -67.63 28.98 -45.76
N ARG I 235 -66.60 28.55 -45.04
CA ARG I 235 -65.63 27.60 -45.57
C ARG I 235 -65.48 26.43 -44.63
N LEU I 236 -64.93 25.35 -45.17
CA LEU I 236 -64.62 24.15 -44.40
C LEU I 236 -63.21 23.68 -44.71
N TYR I 237 -62.74 22.76 -43.89
CA TYR I 237 -61.41 22.20 -44.06
C TYR I 237 -61.46 20.72 -43.71
N PHE I 238 -60.91 19.87 -44.55
CA PHE I 238 -60.95 18.43 -44.29
C PHE I 238 -59.96 17.73 -45.21
N LYS I 239 -59.85 16.42 -45.03
CA LYS I 239 -59.12 15.57 -45.94
C LYS I 239 -59.69 14.17 -45.90
N SER I 240 -59.67 13.50 -47.05
CA SER I 240 -60.10 12.12 -47.11
C SER I 240 -59.02 11.22 -46.51
N VAL I 241 -59.43 10.01 -46.12
CA VAL I 241 -58.50 9.02 -45.59
C VAL I 241 -59.15 7.66 -45.74
N GLY I 242 -58.34 6.62 -45.67
CA GLY I 242 -58.82 5.25 -45.65
C GLY I 242 -58.63 4.56 -46.99
N ASN I 243 -58.99 3.28 -46.99
CA ASN I 243 -58.90 2.42 -48.18
C ASN I 243 -57.51 2.44 -48.77
N ALA J 31 -59.63 21.41 -11.30
CA ALA J 31 -60.73 22.09 -11.97
C ALA J 31 -62.02 21.28 -11.85
N GLY J 32 -62.67 21.39 -10.69
CA GLY J 32 -63.88 20.66 -10.44
C GLY J 32 -64.04 20.39 -8.96
N SER J 33 -65.12 19.69 -8.61
CA SER J 33 -65.35 19.33 -7.22
C SER J 33 -65.74 17.87 -7.05
N LYS J 34 -64.87 17.09 -6.43
CA LYS J 34 -65.13 15.68 -6.11
C LYS J 34 -65.74 14.93 -7.29
N ALA J 35 -65.23 15.22 -8.48
CA ALA J 35 -65.71 14.55 -9.68
C ALA J 35 -65.37 13.07 -9.62
N ASP J 36 -66.25 12.27 -10.20
CA ASP J 36 -66.13 10.82 -10.18
C ASP J 36 -66.47 10.26 -11.56
N ARG J 37 -65.69 9.26 -11.97
CA ARG J 37 -65.77 8.73 -13.34
C ARG J 37 -67.19 8.34 -13.76
N PRO J 38 -67.97 7.61 -12.97
CA PRO J 38 -69.36 7.37 -13.37
C PRO J 38 -70.17 8.65 -13.34
N SER J 39 -71.23 8.66 -14.13
CA SER J 39 -72.06 9.85 -14.27
C SER J 39 -72.76 10.18 -12.95
N LEU J 40 -73.24 11.42 -12.86
CA LEU J 40 -73.90 11.90 -11.65
C LEU J 40 -75.37 12.19 -11.96
N GLN J 41 -76.20 12.03 -10.94
CA GLN J 41 -77.64 12.17 -11.14
C GLN J 41 -78.01 13.60 -11.49
N ILE J 42 -79.19 13.76 -12.04
CA ILE J 42 -79.66 15.05 -12.54
C ILE J 42 -81.07 15.31 -12.05
N GLN J 43 -81.32 16.54 -11.61
CA GLN J 43 -82.66 16.99 -11.25
C GLN J 43 -82.93 18.34 -11.89
N THR J 44 -84.17 18.56 -12.30
CA THR J 44 -84.55 19.77 -13.01
C THR J 44 -85.73 20.43 -12.33
N LEU J 45 -85.95 21.70 -12.68
CA LEU J 45 -87.12 22.43 -12.25
C LEU J 45 -87.72 23.14 -13.44
N GLN J 46 -89.03 23.27 -13.44
CA GLN J 46 -89.75 23.86 -14.56
C GLN J 46 -90.52 25.07 -14.05
N HIS J 47 -90.10 26.26 -14.46
CA HIS J 47 -90.83 27.48 -14.14
C HIS J 47 -91.21 28.14 -15.45
N ALA J 48 -92.51 28.13 -15.76
CA ALA J 48 -93.02 28.64 -17.02
C ALA J 48 -94.52 28.50 -17.00
N GLY J 49 -95.17 29.21 -17.91
CA GLY J 49 -96.61 29.06 -18.07
C GLY J 49 -97.33 29.32 -16.77
N THR J 50 -98.07 28.31 -16.32
CA THR J 50 -98.80 28.42 -15.05
C THR J 50 -97.87 28.79 -13.91
N THR J 51 -96.68 28.21 -13.89
CA THR J 51 -95.73 28.48 -12.82
C THR J 51 -94.71 29.48 -13.34
N MET J 52 -94.84 30.72 -12.90
CA MET J 52 -93.87 31.77 -13.19
C MET J 52 -93.57 32.47 -11.89
N ILE J 53 -92.31 32.40 -11.45
CA ILE J 53 -91.94 33.12 -10.24
C ILE J 53 -92.28 34.58 -10.45
N THR J 54 -93.07 35.13 -9.55
CA THR J 54 -93.53 36.51 -9.64
C THR J 54 -93.25 37.20 -8.32
N VAL J 55 -92.50 38.31 -8.38
CA VAL J 55 -91.97 38.89 -7.16
C VAL J 55 -92.53 40.29 -6.92
N PRO J 56 -93.38 40.45 -5.93
CA PRO J 56 -93.70 41.80 -5.45
C PRO J 56 -92.54 42.33 -4.61
N SER J 57 -92.57 43.64 -4.38
CA SER J 57 -91.52 44.28 -3.60
C SER J 57 -91.34 43.58 -2.25
N GLY J 58 -90.10 43.31 -1.90
CA GLY J 58 -89.79 42.57 -0.69
C GLY J 58 -89.35 41.15 -0.92
N GLY J 59 -89.25 40.70 -2.16
CA GLY J 59 -88.67 39.41 -2.45
C GLY J 59 -89.58 38.25 -2.10
N VAL J 60 -89.09 37.06 -2.42
CA VAL J 60 -89.84 35.84 -2.13
C VAL J 60 -88.86 34.74 -1.77
N CYS J 61 -89.25 33.91 -0.81
CA CYS J 61 -88.45 32.80 -0.33
C CYS J 61 -88.86 31.53 -1.06
N ASP J 62 -87.90 30.66 -1.32
CA ASP J 62 -88.19 29.41 -1.99
C ASP J 62 -87.10 28.39 -1.68
N LEU J 63 -87.43 27.13 -1.88
CA LEU J 63 -86.49 26.04 -1.69
C LEU J 63 -86.33 25.26 -2.98
N ILE J 64 -85.09 25.13 -3.44
CA ILE J 64 -84.80 24.45 -4.70
C ILE J 64 -84.31 23.03 -4.51
N ASN J 65 -84.15 22.56 -3.28
CA ASN J 65 -83.44 21.31 -3.08
C ASN J 65 -84.37 20.10 -3.02
N THR J 66 -85.66 20.31 -3.29
CA THR J 66 -86.64 19.23 -3.17
C THR J 66 -86.25 17.99 -3.96
N TYR J 67 -86.34 16.85 -3.29
CA TYR J 67 -86.05 15.54 -3.89
C TYR J 67 -87.08 14.54 -3.40
N ALA J 68 -87.62 13.75 -4.32
CA ALA J 68 -88.43 12.63 -3.91
C ALA J 68 -87.55 11.42 -3.63
N ARG J 69 -88.15 10.33 -3.18
CA ARG J 69 -87.46 9.07 -2.98
C ARG J 69 -88.23 7.97 -3.67
N GLY J 70 -87.53 7.12 -4.40
CA GLY J 70 -88.18 6.02 -5.08
C GLY J 70 -87.30 5.44 -6.16
N SER J 71 -87.97 4.80 -7.11
CA SER J 71 -87.24 4.12 -8.18
C SER J 71 -86.74 5.10 -9.23
N ASP J 72 -87.52 6.13 -9.52
CA ASP J 72 -87.25 6.99 -10.66
C ASP J 72 -85.89 7.68 -10.49
N GLU J 73 -85.20 7.83 -11.62
CA GLU J 73 -83.92 8.53 -11.61
C GLU J 73 -84.13 9.99 -11.30
N GLY J 74 -83.21 10.55 -10.52
CA GLY J 74 -83.33 11.91 -10.07
C GLY J 74 -83.89 11.99 -8.68
N ASN J 75 -84.62 10.96 -8.27
CA ASN J 75 -85.03 10.88 -6.89
C ASN J 75 -83.90 10.29 -6.06
N ARG J 76 -83.90 10.63 -4.76
CA ARG J 76 -82.83 10.19 -3.89
C ARG J 76 -83.05 8.75 -3.44
N HIS J 77 -82.01 7.94 -3.53
CA HIS J 77 -82.10 6.55 -3.11
C HIS J 77 -81.85 6.34 -1.64
N THR J 78 -81.25 7.31 -0.96
CA THR J 78 -80.81 7.08 0.41
C THR J 78 -81.33 8.15 1.35
N SER J 79 -80.85 8.14 2.59
CA SER J 79 -81.22 9.18 3.53
C SER J 79 -80.17 10.27 3.61
N GLU J 80 -79.10 10.18 2.82
CA GLU J 80 -77.99 11.12 2.90
C GLU J 80 -77.59 11.57 1.51
N THR J 81 -77.54 12.89 1.30
CA THR J 81 -77.31 13.44 -0.03
C THR J 81 -76.30 14.58 0.03
N LEU J 82 -75.38 14.58 -0.95
CA LEU J 82 -74.47 15.69 -1.18
C LEU J 82 -74.77 16.28 -2.54
N THR J 83 -74.69 17.60 -2.66
CA THR J 83 -74.84 18.27 -3.94
C THR J 83 -73.55 18.97 -4.29
N TYR J 84 -73.32 19.16 -5.59
CA TYR J 84 -72.06 19.73 -6.02
C TYR J 84 -72.23 20.95 -6.91
N LYS J 85 -72.59 20.73 -8.17
CA LYS J 85 -72.56 21.76 -9.17
C LYS J 85 -73.97 22.18 -9.52
N ILE J 86 -74.15 23.46 -9.80
CA ILE J 86 -75.46 24.01 -10.13
C ILE J 86 -75.32 25.02 -11.26
N ALA J 87 -76.27 24.98 -12.19
CA ALA J 87 -76.31 25.93 -13.29
C ALA J 87 -77.70 26.54 -13.34
N ILE J 88 -77.76 27.82 -13.66
CA ILE J 88 -79.01 28.56 -13.60
C ILE J 88 -79.17 29.34 -14.89
N ASP J 89 -80.35 29.23 -15.50
CA ASP J 89 -80.73 30.03 -16.65
C ASP J 89 -82.11 30.61 -16.41
N TYR J 90 -82.31 31.84 -16.83
CA TYR J 90 -83.65 32.43 -16.78
C TYR J 90 -83.77 33.53 -17.82
N HIS J 91 -85.01 33.88 -18.08
CA HIS J 91 -85.33 35.14 -18.72
C HIS J 91 -86.05 36.04 -17.72
N PHE J 92 -85.78 37.33 -17.81
CA PHE J 92 -86.50 38.34 -17.06
C PHE J 92 -87.28 39.23 -18.00
N VAL J 93 -88.37 39.80 -17.50
CA VAL J 93 -89.09 40.84 -18.23
C VAL J 93 -89.79 41.73 -17.22
N ALA J 94 -89.82 43.02 -17.52
CA ALA J 94 -90.54 43.93 -16.65
C ALA J 94 -92.04 43.67 -16.74
N ASP J 95 -92.76 44.07 -15.72
CA ASP J 95 -94.21 43.97 -15.71
C ASP J 95 -94.82 45.31 -16.08
N ALA J 96 -95.86 45.25 -16.92
CA ALA J 96 -96.54 46.48 -17.32
C ALA J 96 -97.11 47.21 -16.11
N ALA J 97 -97.46 46.48 -15.05
CA ALA J 97 -98.02 47.10 -13.86
C ALA J 97 -97.12 48.20 -13.33
N ALA J 98 -95.81 48.02 -13.40
CA ALA J 98 -94.86 49.04 -12.97
C ALA J 98 -94.36 49.90 -14.11
N CYS J 99 -94.74 49.61 -15.35
CA CYS J 99 -94.26 50.40 -16.46
C CYS J 99 -94.88 51.80 -16.52
N ARG J 100 -95.86 52.08 -15.67
CA ARG J 100 -96.46 53.42 -15.67
C ARG J 100 -95.49 54.49 -15.20
N TYR J 101 -94.31 54.11 -14.72
CA TYR J 101 -93.29 55.03 -14.29
C TYR J 101 -92.01 54.75 -15.06
N SER J 102 -91.07 55.68 -15.02
CA SER J 102 -89.79 55.52 -15.70
C SER J 102 -88.67 55.76 -14.71
N ASN J 103 -87.96 54.71 -14.36
CA ASN J 103 -86.73 54.82 -13.61
C ASN J 103 -85.97 53.52 -13.77
N THR J 104 -84.68 53.57 -13.45
CA THR J 104 -83.88 52.37 -13.41
C THR J 104 -83.94 51.79 -12.00
N GLY J 105 -83.09 50.81 -11.74
CA GLY J 105 -83.00 50.22 -10.43
C GLY J 105 -81.91 49.17 -10.41
N THR J 106 -81.85 48.42 -9.32
CA THR J 106 -80.89 47.33 -9.21
C THR J 106 -81.50 46.18 -8.45
N GLY J 107 -81.31 44.97 -8.96
CA GLY J 107 -81.80 43.76 -8.32
C GLY J 107 -80.68 42.92 -7.73
N VAL J 108 -81.09 41.88 -7.02
CA VAL J 108 -80.16 41.02 -6.29
C VAL J 108 -80.70 39.60 -6.29
N MET J 109 -79.80 38.64 -6.42
CA MET J 109 -80.12 37.23 -6.26
C MET J 109 -79.11 36.62 -5.31
N TRP J 110 -79.58 35.99 -4.25
CA TRP J 110 -78.70 35.31 -3.31
C TRP J 110 -78.92 33.81 -3.36
N LEU J 111 -77.89 33.09 -2.94
CA LEU J 111 -77.98 31.66 -2.71
C LEU J 111 -77.66 31.44 -1.25
N VAL J 112 -78.66 31.05 -0.47
CA VAL J 112 -78.56 31.04 0.99
C VAL J 112 -78.63 29.62 1.49
N TYR J 113 -77.69 29.26 2.36
CA TYR J 113 -77.64 27.94 2.95
C TYR J 113 -78.12 27.99 4.39
N ASP J 114 -78.82 26.94 4.81
CA ASP J 114 -79.41 26.85 6.13
C ASP J 114 -78.79 25.70 6.92
N THR J 115 -78.86 25.82 8.24
CA THR J 115 -78.47 24.71 9.11
C THR J 115 -79.68 23.90 9.52
N THR J 116 -80.51 24.46 10.40
CA THR J 116 -81.72 23.78 10.85
C THR J 116 -82.93 24.61 10.46
N PRO J 117 -83.79 24.11 9.58
CA PRO J 117 -84.98 24.88 9.20
C PRO J 117 -86.03 24.81 10.30
N GLY J 118 -86.75 25.90 10.46
CA GLY J 118 -87.90 25.87 11.34
C GLY J 118 -89.01 25.05 10.75
N GLY J 119 -90.07 24.87 11.56
CA GLY J 119 -91.25 24.19 11.06
C GLY J 119 -92.02 24.99 10.04
N GLN J 120 -91.77 26.30 9.96
CA GLN J 120 -92.48 27.18 9.06
C GLN J 120 -91.50 27.75 8.03
N ALA J 121 -92.05 28.13 6.87
CA ALA J 121 -91.21 28.64 5.81
C ALA J 121 -90.72 30.04 6.14
N PRO J 122 -89.43 30.31 5.96
CA PRO J 122 -88.92 31.66 6.24
C PRO J 122 -89.40 32.65 5.21
N THR J 123 -89.31 33.92 5.59
CA THR J 123 -89.58 35.02 4.68
C THR J 123 -88.41 36.00 4.77
N PRO J 124 -88.09 36.70 3.70
CA PRO J 124 -86.92 37.59 3.73
C PRO J 124 -86.90 38.51 4.92
N GLN J 125 -88.03 39.14 5.24
CA GLN J 125 -88.04 40.07 6.37
C GLN J 125 -87.56 39.40 7.64
N THR J 126 -87.76 38.09 7.73
CA THR J 126 -87.24 37.36 8.88
C THR J 126 -85.77 37.03 8.72
N ILE J 127 -85.32 36.76 7.50
CA ILE J 127 -83.93 36.33 7.35
C ILE J 127 -82.99 37.51 7.48
N PHE J 128 -83.43 38.70 7.10
CA PHE J 128 -82.61 39.88 7.14
C PHE J 128 -83.32 40.92 8.00
N ALA J 129 -82.65 41.40 9.03
CA ALA J 129 -83.23 42.46 9.83
C ALA J 129 -83.05 43.77 9.11
N TYR J 130 -84.15 44.40 8.72
CA TYR J 130 -84.00 45.67 8.05
C TYR J 130 -85.09 46.62 8.50
N PRO J 131 -84.78 47.89 8.71
CA PRO J 131 -85.82 48.87 8.98
C PRO J 131 -86.70 49.08 7.75
N ASP J 132 -87.91 49.58 7.99
CA ASP J 132 -88.85 49.78 6.90
C ASP J 132 -88.30 50.77 5.88
N THR J 133 -87.47 51.70 6.33
CA THR J 133 -86.90 52.69 5.42
C THR J 133 -86.08 52.05 4.31
N LEU J 134 -85.22 51.09 4.65
CA LEU J 134 -84.36 50.46 3.68
C LEU J 134 -85.09 49.50 2.75
N LYS J 135 -86.37 49.24 2.98
CA LYS J 135 -87.09 48.30 2.14
C LYS J 135 -86.98 48.64 0.67
N ALA J 136 -86.85 49.93 0.36
CA ALA J 136 -86.68 50.35 -1.02
C ALA J 136 -85.45 49.70 -1.65
N TRP J 137 -84.30 49.88 -1.04
CA TRP J 137 -83.10 49.45 -1.73
C TRP J 137 -82.60 48.17 -1.10
N PRO J 138 -82.81 47.02 -1.73
CA PRO J 138 -82.39 45.78 -1.09
C PRO J 138 -80.88 45.63 -1.06
N ALA J 139 -80.20 46.10 -2.10
CA ALA J 139 -78.82 45.72 -2.31
C ALA J 139 -77.93 46.05 -1.12
N THR J 140 -78.40 46.87 -0.20
CA THR J 140 -77.66 47.16 1.01
C THR J 140 -77.91 46.15 2.11
N TRP J 141 -78.94 45.32 1.98
CA TRP J 141 -79.23 44.36 3.04
C TRP J 141 -78.02 43.48 3.29
N LYS J 142 -77.84 43.10 4.55
CA LYS J 142 -76.86 42.09 4.89
C LYS J 142 -77.41 41.24 6.02
N VAL J 143 -76.80 40.07 6.20
CA VAL J 143 -77.32 39.09 7.14
C VAL J 143 -77.38 39.68 8.54
N SER J 144 -78.48 39.43 9.23
CA SER J 144 -78.66 39.95 10.58
C SER J 144 -77.76 39.21 11.56
N ARG J 145 -77.39 39.90 12.64
CA ARG J 145 -76.40 39.34 13.56
C ARG J 145 -77.01 38.31 14.50
N GLU J 146 -78.29 38.44 14.83
CA GLU J 146 -78.89 37.51 15.78
C GLU J 146 -78.79 36.08 15.29
N LEU J 147 -78.95 35.88 13.99
CA LEU J 147 -78.93 34.55 13.40
C LEU J 147 -77.56 34.18 12.87
N CYS J 148 -76.55 35.00 13.17
CA CYS J 148 -75.26 34.98 12.49
C CYS J 148 -74.72 33.59 12.24
N HIS J 149 -74.89 32.70 13.21
CA HIS J 149 -74.43 31.33 13.01
C HIS J 149 -75.49 30.41 12.46
N ARG J 150 -76.75 30.85 12.37
CA ARG J 150 -77.79 29.96 11.86
C ARG J 150 -77.80 29.94 10.33
N PHE J 151 -77.40 31.02 9.68
CA PHE J 151 -77.47 31.12 8.23
C PHE J 151 -76.13 31.56 7.68
N VAL J 152 -75.97 31.38 6.36
CA VAL J 152 -74.78 31.84 5.65
C VAL J 152 -75.15 31.96 4.18
N VAL J 153 -74.37 32.74 3.44
CA VAL J 153 -74.63 32.97 2.03
C VAL J 153 -73.37 32.59 1.27
N LYS J 154 -73.48 31.55 0.45
CA LYS J 154 -72.30 31.06 -0.24
C LYS J 154 -72.10 31.65 -1.62
N ARG J 155 -73.09 32.37 -2.15
CA ARG J 155 -72.94 33.04 -3.43
C ARG J 155 -73.74 34.32 -3.45
N ARG J 156 -73.43 35.18 -4.41
CA ARG J 156 -74.12 36.44 -4.57
C ARG J 156 -74.06 36.83 -6.04
N TRP J 157 -75.09 37.53 -6.51
CA TRP J 157 -75.06 38.04 -7.86
C TRP J 157 -75.81 39.34 -7.94
N LEU J 158 -75.44 40.15 -8.94
CA LEU J 158 -76.08 41.42 -9.19
C LEU J 158 -76.59 41.47 -10.62
N PHE J 159 -77.60 42.31 -10.82
CA PHE J 159 -78.09 42.61 -12.14
C PHE J 159 -78.84 43.92 -12.06
N ASN J 160 -79.06 44.54 -13.21
CA ASN J 160 -79.76 45.80 -13.24
C ASN J 160 -80.63 45.85 -14.48
N MET J 161 -81.71 46.61 -14.37
CA MET J 161 -82.68 46.73 -15.45
C MET J 161 -83.42 48.04 -15.29
N GLU J 162 -84.10 48.45 -16.36
CA GLU J 162 -84.77 49.74 -16.34
C GLU J 162 -85.90 49.71 -17.36
N THR J 163 -86.83 50.64 -17.19
CA THR J 163 -87.95 50.77 -18.09
C THR J 163 -88.15 52.23 -18.45
N ASP J 164 -88.59 52.44 -19.68
CA ASP J 164 -88.79 53.79 -20.20
C ASP J 164 -90.24 54.24 -20.10
N GLY J 165 -91.13 53.41 -19.59
CA GLY J 165 -92.53 53.75 -19.56
C GLY J 165 -93.29 53.43 -20.82
N ARG J 166 -92.90 52.39 -21.56
CA ARG J 166 -93.58 52.03 -22.78
C ARG J 166 -93.71 50.52 -22.87
N ILE J 167 -94.91 50.04 -23.11
CA ILE J 167 -95.14 48.60 -23.25
C ILE J 167 -94.71 48.18 -24.64
N GLY J 168 -94.32 46.91 -24.78
CA GLY J 168 -93.79 46.45 -26.05
C GLY J 168 -94.77 46.56 -27.20
N SER J 169 -96.01 46.15 -26.98
CA SER J 169 -96.98 46.06 -28.07
C SER J 169 -97.33 47.42 -28.66
N ASP J 170 -96.88 48.51 -28.08
CA ASP J 170 -97.26 49.83 -28.53
C ASP J 170 -96.51 50.20 -29.81
N ILE J 171 -97.25 50.72 -30.79
CA ILE J 171 -96.67 51.10 -32.08
C ILE J 171 -96.09 52.50 -31.99
N PRO J 172 -94.81 52.68 -32.34
CA PRO J 172 -94.26 54.03 -32.40
C PRO J 172 -94.99 54.85 -33.44
N PRO J 173 -95.18 56.14 -33.18
CA PRO J 173 -95.70 57.02 -34.22
C PRO J 173 -94.66 57.22 -35.31
N SER J 174 -95.14 57.48 -36.52
CA SER J 174 -94.27 57.57 -37.68
C SER J 174 -93.30 58.74 -37.62
N ASN J 175 -93.45 59.65 -36.66
CA ASN J 175 -92.59 60.81 -36.60
C ASN J 175 -91.22 60.50 -36.01
N ALA J 176 -91.18 59.85 -34.85
CA ALA J 176 -89.94 59.70 -34.11
C ALA J 176 -89.86 58.29 -33.54
N SER J 177 -88.69 57.97 -32.98
CA SER J 177 -88.43 56.60 -32.53
C SER J 177 -87.81 56.53 -31.14
N TRP J 178 -87.42 55.32 -30.73
CA TRP J 178 -86.80 55.13 -29.43
C TRP J 178 -85.72 54.07 -29.54
N LYS J 179 -84.71 54.17 -28.67
CA LYS J 179 -83.76 53.08 -28.46
C LYS J 179 -84.03 52.55 -27.07
N PRO J 180 -84.72 51.43 -26.92
CA PRO J 180 -84.96 50.89 -25.59
C PRO J 180 -83.99 49.79 -25.21
N CYS J 181 -82.70 50.10 -25.16
CA CYS J 181 -81.73 49.08 -24.77
C CYS J 181 -82.03 48.59 -23.36
N LYS J 182 -81.88 47.27 -23.19
CA LYS J 182 -82.01 46.64 -21.88
C LYS J 182 -83.38 46.88 -21.26
N ARG J 183 -84.43 46.62 -22.03
CA ARG J 183 -85.73 46.45 -21.39
C ARG J 183 -85.83 45.10 -20.72
N ASN J 184 -85.37 44.06 -21.39
CA ASN J 184 -85.32 42.72 -20.83
C ASN J 184 -83.89 42.21 -20.91
N ILE J 185 -83.60 41.16 -20.14
CA ILE J 185 -82.23 40.74 -19.93
C ILE J 185 -82.15 39.23 -19.86
N TYR J 186 -81.01 38.69 -20.25
CA TYR J 186 -80.74 37.26 -20.25
C TYR J 186 -79.70 36.96 -19.21
N PHE J 187 -80.06 36.21 -18.18
CA PHE J 187 -79.20 35.99 -17.03
C PHE J 187 -78.89 34.52 -16.87
N HIS J 188 -77.61 34.21 -16.71
CA HIS J 188 -77.19 32.83 -16.50
C HIS J 188 -75.88 32.81 -15.74
N LYS J 189 -75.71 31.78 -14.92
CA LYS J 189 -74.47 31.58 -14.19
C LYS J 189 -74.25 30.08 -14.05
N PHE J 190 -72.98 29.71 -13.88
CA PHE J 190 -72.58 28.33 -13.74
C PHE J 190 -71.47 28.27 -12.71
N THR J 191 -71.62 27.44 -11.68
CA THR J 191 -70.60 27.40 -10.64
C THR J 191 -70.45 26.00 -10.07
N SER J 192 -69.20 25.56 -9.94
CA SER J 192 -68.88 24.26 -9.37
C SER J 192 -68.44 24.32 -7.92
N GLY J 193 -68.33 25.52 -7.34
CA GLY J 193 -67.57 25.64 -6.11
C GLY J 193 -68.24 24.99 -4.91
N LEU J 194 -69.52 25.23 -4.73
CA LEU J 194 -70.17 24.93 -3.47
C LEU J 194 -70.24 23.44 -3.23
N GLY J 195 -70.46 23.09 -1.98
CA GLY J 195 -70.88 21.74 -1.63
C GLY J 195 -71.71 21.80 -0.36
N VAL J 196 -72.61 20.85 -0.22
CA VAL J 196 -73.61 20.89 0.84
C VAL J 196 -73.88 19.47 1.31
N ARG J 197 -74.05 19.32 2.62
CA ARG J 197 -74.33 18.03 3.23
C ARG J 197 -75.74 18.06 3.81
N THR J 198 -76.57 17.11 3.41
CA THR J 198 -77.97 17.10 3.81
C THR J 198 -78.37 15.71 4.30
N GLN J 199 -79.21 15.68 5.32
CA GLN J 199 -79.79 14.43 5.79
C GLN J 199 -81.30 14.62 5.91
N TRP J 200 -82.00 13.49 5.97
CA TRP J 200 -83.44 13.49 5.82
C TRP J 200 -84.12 12.71 6.94
N LYS J 201 -85.29 13.19 7.36
CA LYS J 201 -86.19 12.34 8.10
C LYS J 201 -86.71 11.24 7.18
N ASN J 202 -87.25 10.19 7.76
CA ASN J 202 -87.67 9.05 6.96
C ASN J 202 -89.13 9.23 6.59
N VAL J 203 -89.37 9.58 5.33
CA VAL J 203 -90.68 9.67 4.72
C VAL J 203 -90.49 9.52 3.22
N THR J 204 -91.58 9.53 2.47
CA THR J 204 -91.47 9.55 1.02
C THR J 204 -91.25 10.95 0.49
N ASP J 205 -91.88 11.94 1.12
CA ASP J 205 -92.10 13.23 0.51
C ASP J 205 -90.79 13.98 0.29
N GLY J 206 -90.85 14.94 -0.63
CA GLY J 206 -89.76 15.85 -0.88
C GLY J 206 -89.98 17.27 -0.40
N GLY J 207 -91.01 17.52 0.39
CA GLY J 207 -91.30 18.85 0.87
C GLY J 207 -90.27 19.32 1.89
N VAL J 208 -90.49 20.54 2.37
CA VAL J 208 -89.57 21.12 3.33
C VAL J 208 -89.64 20.41 4.68
N GLY J 209 -90.83 20.00 5.10
CA GLY J 209 -90.97 19.42 6.42
C GLY J 209 -90.14 18.18 6.65
N ALA J 210 -89.66 17.56 5.57
CA ALA J 210 -88.92 16.31 5.70
C ALA J 210 -87.48 16.52 6.12
N ILE J 211 -86.87 17.64 5.73
CA ILE J 211 -85.44 17.78 5.87
C ILE J 211 -85.06 17.97 7.34
N GLN J 212 -84.08 17.19 7.79
CA GLN J 212 -83.57 17.36 9.14
C GLN J 212 -82.54 18.49 9.20
N ARG J 213 -81.64 18.55 8.23
CA ARG J 213 -80.57 19.54 8.28
C ARG J 213 -80.07 19.81 6.86
N GLY J 214 -79.55 21.01 6.64
CA GLY J 214 -78.93 21.34 5.36
C GLY J 214 -79.82 21.87 4.26
N ALA J 215 -80.87 22.59 4.60
CA ALA J 215 -81.74 23.15 3.57
C ALA J 215 -81.01 24.20 2.76
N LEU J 216 -81.53 24.46 1.56
CA LEU J 216 -80.91 25.38 0.62
C LEU J 216 -81.97 26.28 0.01
N TYR J 217 -81.83 27.59 0.20
CA TYR J 217 -82.83 28.55 -0.24
C TYR J 217 -82.31 29.42 -1.38
N MET J 218 -83.24 29.88 -2.20
CA MET J 218 -82.97 30.87 -3.24
C MET J 218 -83.88 32.06 -3.02
N VAL J 219 -83.34 33.26 -3.21
CA VAL J 219 -84.06 34.49 -2.91
C VAL J 219 -83.86 35.48 -4.04
N ILE J 220 -84.92 36.19 -4.40
CA ILE J 220 -84.88 37.19 -5.44
C ILE J 220 -85.30 38.53 -4.85
N ALA J 221 -84.51 39.56 -5.10
CA ALA J 221 -84.76 40.89 -4.56
C ALA J 221 -85.01 41.87 -5.69
N PRO J 222 -86.19 42.45 -5.80
CA PRO J 222 -86.46 43.38 -6.90
C PRO J 222 -85.80 44.72 -6.67
N GLY J 223 -85.70 45.49 -7.73
CA GLY J 223 -85.27 46.86 -7.63
C GLY J 223 -86.34 47.75 -7.02
N ASN J 224 -85.93 48.97 -6.69
CA ASN J 224 -86.84 49.90 -6.05
C ASN J 224 -88.09 50.11 -6.88
N GLY J 225 -89.25 49.90 -6.26
CA GLY J 225 -90.52 50.16 -6.90
C GLY J 225 -90.64 49.56 -8.29
N LEU J 226 -90.00 48.42 -8.50
CA LEU J 226 -89.96 47.79 -9.82
C LEU J 226 -90.30 46.32 -9.67
N THR J 227 -91.42 45.91 -10.25
CA THR J 227 -91.91 44.55 -10.13
C THR J 227 -91.85 43.85 -11.48
N PHE J 228 -91.55 42.55 -11.45
CA PHE J 228 -91.38 41.82 -12.70
C PHE J 228 -91.62 40.35 -12.44
N THR J 229 -91.77 39.61 -13.54
CA THR J 229 -91.83 38.16 -13.51
C THR J 229 -90.70 37.60 -14.35
N ALA J 230 -90.38 36.32 -14.13
CA ALA J 230 -89.24 35.69 -14.75
C ALA J 230 -89.64 34.33 -15.32
N HIS J 231 -88.92 33.92 -16.36
CA HIS J 231 -89.11 32.62 -16.96
C HIS J 231 -87.75 31.92 -17.04
N GLY J 232 -87.78 30.60 -17.03
CA GLY J 232 -86.56 29.84 -17.19
C GLY J 232 -86.64 28.53 -16.45
N GLN J 233 -85.49 27.87 -16.36
CA GLN J 233 -85.38 26.58 -15.69
C GLN J 233 -83.96 26.38 -15.23
N THR J 234 -83.78 25.45 -14.29
CA THR J 234 -82.48 25.22 -13.68
C THR J 234 -82.22 23.74 -13.56
N ARG J 235 -80.96 23.39 -13.35
CA ARG J 235 -80.56 22.02 -13.13
C ARG J 235 -79.73 21.90 -11.87
N LEU J 236 -79.64 20.68 -11.36
CA LEU J 236 -78.82 20.36 -10.20
C LEU J 236 -77.98 19.13 -10.48
N TYR J 237 -77.01 18.89 -9.60
CA TYR J 237 -76.12 17.76 -9.72
C TYR J 237 -75.84 17.22 -8.33
N PHE J 238 -75.96 15.92 -8.14
CA PHE J 238 -75.73 15.35 -6.82
C PHE J 238 -75.59 13.84 -6.94
N LYS J 239 -75.31 13.19 -5.81
CA LYS J 239 -75.35 11.74 -5.72
C LYS J 239 -75.65 11.34 -4.30
N SER J 240 -76.38 10.24 -4.16
CA SER J 240 -76.66 9.70 -2.84
C SER J 240 -75.41 9.00 -2.30
N VAL J 241 -75.38 8.83 -0.97
CA VAL J 241 -74.28 8.14 -0.32
C VAL J 241 -74.77 7.67 1.03
N GLY J 242 -74.06 6.71 1.61
CA GLY J 242 -74.32 6.26 2.96
C GLY J 242 -75.06 4.93 3.00
N ASN J 243 -75.25 4.44 4.22
CA ASN J 243 -75.94 3.19 4.48
C ASN J 243 -75.33 2.04 3.69
N ALA K 31 6.24 20.28 -60.75
CA ALA K 31 5.87 20.76 -62.08
C ALA K 31 6.87 21.80 -62.58
N GLY K 32 8.00 21.31 -63.09
CA GLY K 32 9.04 22.19 -63.59
C GLY K 32 10.39 21.51 -63.46
N SER K 33 11.43 22.24 -63.86
CA SER K 33 12.78 21.72 -63.72
C SER K 33 13.74 22.74 -63.13
N LYS K 34 14.23 22.46 -61.92
CA LYS K 34 15.23 23.29 -61.23
C LYS K 34 14.90 24.78 -61.32
N ALA K 35 13.61 25.09 -61.18
CA ALA K 35 13.18 26.48 -61.22
C ALA K 35 13.77 27.24 -60.04
N ASP K 36 14.04 28.51 -60.27
CA ASP K 36 14.66 29.38 -59.29
C ASP K 36 13.97 30.74 -59.29
N ARG K 37 13.78 31.29 -58.09
CA ARG K 37 12.98 32.50 -57.91
C ARG K 37 13.42 33.65 -58.82
N PRO K 38 14.70 34.00 -58.93
CA PRO K 38 15.08 35.03 -59.90
C PRO K 38 14.84 34.56 -61.33
N SER K 39 14.68 35.52 -62.22
CA SER K 39 14.37 35.21 -63.61
C SER K 39 15.54 34.53 -64.28
N LEU K 40 15.26 33.88 -65.40
CA LEU K 40 16.26 33.13 -66.15
C LEU K 40 16.50 33.80 -67.50
N GLN K 41 17.72 33.64 -68.00
CA GLN K 41 18.10 34.34 -69.23
C GLN K 41 17.32 33.80 -70.42
N ILE K 42 17.31 34.57 -71.49
CA ILE K 42 16.53 34.27 -72.67
C ILE K 42 17.39 34.43 -73.91
N GLN K 43 17.29 33.49 -74.84
CA GLN K 43 17.91 33.60 -76.14
C GLN K 43 16.92 33.23 -77.22
N THR K 44 17.01 33.92 -78.36
CA THR K 44 16.06 33.74 -79.45
C THR K 44 16.79 33.43 -80.75
N LEU K 45 16.03 32.94 -81.71
CA LEU K 45 16.52 32.73 -83.05
C LEU K 45 15.51 33.28 -84.04
N GLN K 46 16.00 33.80 -85.15
CA GLN K 46 15.15 34.42 -86.15
C GLN K 46 15.32 33.69 -87.46
N HIS K 47 14.28 32.98 -87.89
CA HIS K 47 14.29 32.33 -89.19
C HIS K 47 13.11 32.89 -89.98
N ALA K 48 13.42 33.67 -91.01
CA ALA K 48 12.41 34.35 -91.79
C ALA K 48 13.12 35.12 -92.90
N GLY K 49 12.36 35.51 -93.91
CA GLY K 49 12.89 36.36 -94.96
C GLY K 49 14.10 35.72 -95.61
N THR K 50 15.23 36.43 -95.54
CA THR K 50 16.47 35.91 -96.10
C THR K 50 16.81 34.55 -95.52
N THR K 51 16.60 34.36 -94.23
CA THR K 51 16.92 33.10 -93.58
C THR K 51 15.62 32.32 -93.43
N MET K 52 15.46 31.30 -94.27
CA MET K 52 14.35 30.37 -94.17
C MET K 52 14.93 28.97 -94.27
N ILE K 53 14.79 28.19 -93.22
CA ILE K 53 15.24 26.81 -93.29
C ILE K 53 14.55 26.15 -94.47
N THR K 54 15.35 25.60 -95.38
CA THR K 54 14.84 24.98 -96.60
C THR K 54 15.44 23.59 -96.71
N VAL K 55 14.59 22.58 -96.81
CA VAL K 55 15.05 21.20 -96.67
C VAL K 55 14.83 20.42 -97.96
N PRO K 56 15.90 20.09 -98.68
CA PRO K 56 15.80 19.06 -99.71
C PRO K 56 15.74 17.68 -99.08
N SER K 57 15.33 16.71 -99.89
CA SER K 57 15.22 15.34 -99.42
C SER K 57 16.52 14.89 -98.77
N GLY K 58 16.40 14.28 -97.60
CA GLY K 58 17.56 13.87 -96.83
C GLY K 58 17.85 14.73 -95.62
N GLY K 59 17.03 15.73 -95.34
CA GLY K 59 17.14 16.47 -94.11
C GLY K 59 18.32 17.42 -94.09
N VAL K 60 18.42 18.17 -92.99
CA VAL K 60 19.51 19.11 -92.81
C VAL K 60 19.89 19.14 -91.33
N CYS K 61 21.18 19.27 -91.08
CA CYS K 61 21.73 19.33 -89.74
C CYS K 61 21.89 20.77 -89.33
N ASP K 62 21.69 21.07 -88.05
CA ASP K 62 21.86 22.42 -87.55
C ASP K 62 22.10 22.38 -86.06
N LEU K 63 22.67 23.47 -85.54
CA LEU K 63 22.93 23.63 -84.12
C LEU K 63 22.19 24.85 -83.60
N ILE K 64 21.36 24.65 -82.58
CA ILE K 64 20.57 25.73 -82.01
C ILE K 64 21.16 26.31 -80.75
N ASN K 65 22.26 25.78 -80.25
CA ASN K 65 22.70 26.14 -78.91
C ASN K 65 23.67 27.30 -78.89
N THR K 66 23.92 27.93 -80.05
CA THR K 66 24.92 28.99 -80.15
C THR K 66 24.70 30.09 -79.13
N TYR K 67 25.79 30.47 -78.46
CA TYR K 67 25.78 31.53 -77.46
C TYR K 67 27.05 32.35 -77.61
N ALA K 68 26.91 33.67 -77.63
CA ALA K 68 28.10 34.51 -77.55
C ALA K 68 28.48 34.71 -76.09
N ARG K 69 29.59 35.42 -75.87
CA ARG K 69 30.02 35.79 -74.53
C ARG K 69 30.32 37.28 -74.51
N GLY K 70 29.82 37.95 -73.48
CA GLY K 70 30.07 39.37 -73.36
C GLY K 70 29.12 40.00 -72.38
N SER K 71 28.93 41.31 -72.56
CA SER K 71 28.11 42.07 -71.65
C SER K 71 26.63 41.86 -71.92
N ASP K 72 26.26 41.73 -73.19
CA ASP K 72 24.85 41.74 -73.57
C ASP K 72 24.10 40.60 -72.90
N GLU K 73 22.86 40.88 -72.53
CA GLU K 73 22.01 39.84 -71.96
C GLU K 73 21.69 38.79 -73.00
N GLY K 74 21.66 37.54 -72.57
CA GLY K 74 21.43 36.43 -73.47
C GLY K 74 22.74 35.78 -73.87
N ASN K 75 23.82 36.53 -73.79
CA ASN K 75 25.13 35.92 -73.97
C ASN K 75 25.58 35.27 -72.68
N ARG K 76 26.43 34.27 -72.80
CA ARG K 76 26.87 33.52 -71.63
C ARG K 76 27.97 34.27 -70.91
N HIS K 77 27.84 34.37 -69.59
CA HIS K 77 28.83 35.06 -68.78
C HIS K 77 29.98 34.17 -68.36
N THR K 78 29.83 32.85 -68.45
CA THR K 78 30.83 31.96 -67.87
C THR K 78 31.29 30.93 -68.88
N SER K 79 32.07 29.96 -68.43
CA SER K 79 32.49 28.87 -69.29
C SER K 79 31.62 27.64 -69.13
N GLU K 80 30.59 27.70 -68.29
CA GLU K 80 29.76 26.55 -67.98
C GLU K 80 28.29 26.94 -68.04
N THR K 81 27.51 26.19 -68.82
CA THR K 81 26.12 26.54 -69.05
C THR K 81 25.22 25.31 -68.96
N LEU K 82 24.08 25.49 -68.31
CA LEU K 82 23.01 24.50 -68.29
C LEU K 82 21.79 25.10 -68.96
N THR K 83 21.07 24.28 -69.72
CA THR K 83 19.82 24.70 -70.33
C THR K 83 18.68 23.88 -69.77
N TYR K 84 17.47 24.46 -69.78
CA TYR K 84 16.35 23.79 -69.17
C TYR K 84 15.16 23.62 -70.11
N LYS K 85 14.44 24.70 -70.33
CA LYS K 85 13.16 24.64 -71.01
C LYS K 85 13.29 25.23 -72.40
N ILE K 86 12.55 24.65 -73.35
CA ILE K 86 12.60 25.10 -74.73
C ILE K 86 11.19 25.09 -75.30
N ALA K 87 10.88 26.11 -76.09
CA ALA K 87 9.60 26.19 -76.78
C ALA K 87 9.86 26.46 -78.25
N ILE K 88 9.05 25.86 -79.11
CA ILE K 88 9.28 25.92 -80.53
C ILE K 88 7.97 26.28 -81.22
N ASP K 89 8.04 27.26 -82.11
CA ASP K 89 6.93 27.64 -82.97
C ASP K 89 7.43 27.75 -84.40
N TYR K 90 6.63 27.29 -85.35
CA TYR K 90 6.95 27.49 -86.75
C TYR K 90 5.70 27.48 -87.59
N HIS K 91 5.84 27.99 -88.80
CA HIS K 91 4.90 27.71 -89.86
C HIS K 91 5.57 26.85 -90.92
N PHE K 92 4.80 25.95 -91.51
CA PHE K 92 5.24 25.16 -92.65
C PHE K 92 4.41 25.52 -93.87
N VAL K 93 5.01 25.35 -95.04
CA VAL K 93 4.27 25.45 -96.30
C VAL K 93 4.95 24.58 -97.33
N ALA K 94 4.14 23.93 -98.17
CA ALA K 94 4.71 23.15 -99.25
C ALA K 94 5.36 24.06 -100.26
N ASP K 95 6.30 23.49 -101.02
CA ASP K 95 6.96 24.21 -102.08
C ASP K 95 6.32 23.86 -103.42
N ALA K 96 6.11 24.88 -104.25
CA ALA K 96 5.53 24.66 -105.57
C ALA K 96 6.38 23.70 -106.38
N ALA K 97 7.69 23.68 -106.15
CA ALA K 97 8.58 22.80 -106.90
C ALA K 97 8.12 21.35 -106.84
N ALA K 98 7.60 20.92 -105.69
CA ALA K 98 7.08 19.57 -105.54
C ALA K 98 5.57 19.48 -105.75
N CYS K 99 4.89 20.60 -105.96
CA CYS K 99 3.45 20.55 -106.14
C CYS K 99 3.03 19.98 -107.47
N ARG K 100 3.98 19.72 -108.38
CA ARG K 100 3.64 19.12 -109.66
C ARG K 100 3.11 17.71 -109.53
N TYR K 101 3.17 17.12 -108.34
CA TYR K 101 2.65 15.80 -108.08
C TYR K 101 1.64 15.88 -106.94
N SER K 102 0.85 14.82 -106.79
CA SER K 102 -0.14 14.76 -105.73
C SER K 102 0.06 13.48 -104.93
N ASN K 103 0.52 13.63 -103.69
CA ASN K 103 0.54 12.54 -102.75
C ASN K 103 0.69 13.12 -101.36
N THR K 104 0.38 12.31 -100.37
CA THR K 104 0.64 12.69 -98.99
C THR K 104 2.03 12.23 -98.60
N GLY K 105 2.31 12.32 -97.31
CA GLY K 105 3.58 11.84 -96.78
C GLY K 105 3.61 12.00 -95.29
N THR K 106 4.78 11.80 -94.72
CA THR K 106 4.97 11.98 -93.28
C THR K 106 6.35 12.54 -93.01
N GLY K 107 6.42 13.55 -92.15
CA GLY K 107 7.67 14.15 -91.75
C GLY K 107 8.05 13.83 -90.31
N VAL K 108 9.25 14.25 -89.94
CA VAL K 108 9.84 13.93 -88.65
C VAL K 108 10.71 15.09 -88.20
N MET K 109 10.67 15.37 -86.91
CA MET K 109 11.56 16.33 -86.28
C MET K 109 12.17 15.68 -85.05
N TRP K 110 13.50 15.65 -84.97
CA TRP K 110 14.17 15.11 -83.80
C TRP K 110 14.91 16.20 -83.06
N LEU K 111 15.13 15.94 -81.78
CA LEU K 111 16.00 16.76 -80.96
C LEU K 111 17.11 15.86 -80.47
N VAL K 112 18.33 16.08 -80.98
CA VAL K 112 19.43 15.15 -80.81
C VAL K 112 20.51 15.79 -79.94
N TYR K 113 20.95 15.06 -78.94
CA TYR K 113 22.00 15.51 -78.05
C TYR K 113 23.32 14.82 -78.37
N ASP K 114 24.41 15.56 -78.24
CA ASP K 114 25.74 15.07 -78.58
C ASP K 114 26.62 15.04 -77.33
N THR K 115 27.64 14.20 -77.38
CA THR K 115 28.65 14.19 -76.33
C THR K 115 29.86 15.02 -76.77
N THR K 116 30.65 14.49 -77.71
CA THR K 116 31.82 15.20 -78.21
C THR K 116 31.63 15.46 -79.70
N PRO K 117 31.52 16.71 -80.12
CA PRO K 117 31.38 16.98 -81.54
C PRO K 117 32.71 16.84 -82.26
N GLY K 118 32.65 16.37 -83.49
CA GLY K 118 33.83 16.36 -84.32
C GLY K 118 34.21 17.76 -84.73
N GLY K 119 35.36 17.86 -85.40
CA GLY K 119 35.77 19.14 -85.94
C GLY K 119 34.92 19.61 -87.10
N GLN K 120 34.17 18.70 -87.71
CA GLN K 120 33.35 19.01 -88.87
C GLN K 120 31.87 18.82 -88.53
N ALA K 121 31.02 19.55 -89.25
CA ALA K 121 29.60 19.49 -88.97
C ALA K 121 29.02 18.16 -89.42
N PRO K 122 28.21 17.51 -88.60
CA PRO K 122 27.62 16.24 -89.00
C PRO K 122 26.55 16.45 -90.06
N THR K 123 26.24 15.36 -90.75
CA THR K 123 25.12 15.34 -91.68
C THR K 123 24.27 14.11 -91.35
N PRO K 124 22.96 14.17 -91.61
CA PRO K 124 22.10 13.05 -91.24
C PRO K 124 22.61 11.71 -91.71
N GLN K 125 23.05 11.62 -92.97
CA GLN K 125 23.52 10.35 -93.48
C GLN K 125 24.60 9.78 -92.60
N THR K 126 25.37 10.64 -91.95
CA THR K 126 26.39 10.17 -91.02
C THR K 126 25.79 9.82 -89.68
N ILE K 127 24.77 10.54 -89.23
CA ILE K 127 24.27 10.28 -87.89
C ILE K 127 23.45 9.01 -87.86
N PHE K 128 22.79 8.68 -88.96
CA PHE K 128 21.94 7.51 -89.04
C PHE K 128 22.44 6.64 -90.19
N ALA K 129 22.75 5.40 -89.89
CA ALA K 129 23.14 4.48 -90.95
C ALA K 129 21.89 4.00 -91.66
N TYR K 130 21.76 4.34 -92.93
CA TYR K 130 20.60 3.86 -93.64
C TYR K 130 20.97 3.47 -95.05
N PRO K 131 20.43 2.39 -95.57
CA PRO K 131 20.63 2.06 -96.98
C PRO K 131 19.94 3.08 -97.87
N ASP K 132 20.40 3.16 -99.11
CA ASP K 132 19.85 4.13 -100.05
C ASP K 132 18.36 3.87 -100.29
N THR K 133 17.94 2.61 -100.19
CA THR K 133 16.55 2.28 -100.40
C THR K 133 15.63 3.00 -99.42
N LEU K 134 15.97 3.02 -98.14
CA LEU K 134 15.13 3.63 -97.13
C LEU K 134 15.13 5.15 -97.18
N LYS K 135 15.97 5.76 -98.01
CA LYS K 135 16.05 7.21 -98.05
C LYS K 135 14.69 7.84 -98.27
N ALA K 136 13.80 7.15 -98.97
CA ALA K 136 12.45 7.65 -99.18
C ALA K 136 11.75 7.90 -97.86
N TRP K 137 11.65 6.87 -97.03
CA TRP K 137 10.80 7.04 -95.85
C TRP K 137 11.68 7.24 -94.64
N PRO K 138 11.80 8.46 -94.14
CA PRO K 138 12.68 8.69 -93.00
C PRO K 138 12.16 8.08 -91.73
N ALA K 139 10.83 8.09 -91.55
CA ALA K 139 10.27 7.84 -90.24
C ALA K 139 10.67 6.50 -89.67
N THR K 140 11.22 5.62 -90.49
CA THR K 140 11.74 4.35 -90.01
C THR K 140 13.16 4.44 -89.51
N TRP K 141 13.87 5.52 -89.82
CA TRP K 141 15.25 5.62 -89.40
C TRP K 141 15.35 5.47 -87.88
N LYS K 142 16.44 4.87 -87.44
CA LYS K 142 16.76 4.86 -86.01
C LYS K 142 18.26 4.98 -85.86
N VAL K 143 18.68 5.32 -84.65
CA VAL K 143 20.08 5.62 -84.40
C VAL K 143 20.94 4.40 -84.71
N SER K 144 22.06 4.65 -85.39
CA SER K 144 22.96 3.57 -85.76
C SER K 144 23.69 3.02 -84.54
N ARG K 145 24.06 1.75 -84.61
CA ARG K 145 24.64 1.10 -83.43
C ARG K 145 26.10 1.45 -83.22
N GLU K 146 26.83 1.74 -84.28
CA GLU K 146 28.26 2.05 -84.13
C GLU K 146 28.47 3.21 -83.19
N LEU K 147 27.61 4.21 -83.28
CA LEU K 147 27.74 5.43 -82.49
C LEU K 147 26.92 5.37 -81.21
N CYS K 148 26.37 4.20 -80.89
CA CYS K 148 25.29 4.04 -79.91
C CYS K 148 25.52 4.84 -78.65
N HIS K 149 26.75 4.90 -78.17
CA HIS K 149 27.02 5.69 -77.00
C HIS K 149 27.46 7.10 -77.29
N ARG K 150 27.71 7.45 -78.55
CA ARG K 150 28.14 8.81 -78.86
C ARG K 150 26.96 9.77 -78.95
N PHE K 151 25.79 9.29 -79.35
CA PHE K 151 24.63 10.15 -79.54
C PHE K 151 23.44 9.60 -78.78
N VAL K 152 22.41 10.45 -78.64
CA VAL K 152 21.15 10.04 -78.04
C VAL K 152 20.10 11.04 -78.49
N VAL K 153 18.84 10.64 -78.41
CA VAL K 153 17.73 11.47 -78.84
C VAL K 153 16.78 11.63 -77.65
N LYS K 154 16.65 12.84 -77.16
CA LYS K 154 15.84 13.05 -75.96
C LYS K 154 14.40 13.43 -76.26
N ARG K 155 14.07 13.73 -77.51
CA ARG K 155 12.69 14.02 -77.89
C ARG K 155 12.44 13.57 -79.30
N ARG K 156 11.16 13.47 -79.64
CA ARG K 156 10.74 13.07 -80.97
C ARG K 156 9.39 13.69 -81.26
N TRP K 157 9.14 14.00 -82.53
CA TRP K 157 7.82 14.49 -82.90
C TRP K 157 7.47 14.04 -84.30
N LEU K 158 6.18 13.96 -84.57
CA LEU K 158 5.66 13.59 -85.86
C LEU K 158 4.73 14.67 -86.39
N PHE K 159 4.62 14.70 -87.70
CA PHE K 159 3.65 15.56 -88.37
C PHE K 159 3.43 15.00 -89.75
N ASN K 160 2.34 15.41 -90.37
CA ASN K 160 2.02 14.94 -91.70
C ASN K 160 1.39 16.07 -92.50
N MET K 161 1.59 16.00 -93.81
CA MET K 161 1.09 17.03 -94.71
C MET K 161 0.93 16.43 -96.08
N GLU K 162 0.19 17.12 -96.93
CA GLU K 162 -0.11 16.59 -98.26
C GLU K 162 -0.42 17.75 -99.19
N THR K 163 -0.32 17.46 -100.47
CA THR K 163 -0.62 18.45 -101.50
C THR K 163 -1.48 17.83 -102.58
N ASP K 164 -2.37 18.64 -103.13
CA ASP K 164 -3.30 18.19 -104.14
C ASP K 164 -2.83 18.49 -105.56
N GLY K 165 -1.68 19.12 -105.71
CA GLY K 165 -1.22 19.52 -107.03
C GLY K 165 -1.76 20.86 -107.50
N ARG K 166 -2.02 21.79 -106.59
CA ARG K 166 -2.53 23.08 -106.99
C ARG K 166 -1.86 24.17 -106.17
N ILE K 167 -1.33 25.17 -106.84
CA ILE K 167 -0.69 26.29 -106.14
C ILE K 167 -1.77 27.23 -105.63
N GLY K 168 -1.46 27.95 -104.55
CA GLY K 168 -2.48 28.79 -103.92
C GLY K 168 -3.02 29.87 -104.82
N SER K 169 -2.14 30.56 -105.54
CA SER K 169 -2.55 31.73 -106.31
C SER K 169 -3.49 31.39 -107.47
N ASP K 170 -3.71 30.11 -107.74
CA ASP K 170 -4.52 29.71 -108.88
C ASP K 170 -6.00 29.92 -108.61
N ILE K 171 -6.70 30.52 -109.56
CA ILE K 171 -8.12 30.81 -109.43
C ILE K 171 -8.94 29.59 -109.82
N PRO K 172 -9.83 29.10 -108.95
CA PRO K 172 -10.72 28.03 -109.35
C PRO K 172 -11.60 28.46 -110.49
N PRO K 173 -11.91 27.57 -111.42
CA PRO K 173 -12.91 27.88 -112.44
C PRO K 173 -14.30 27.93 -111.81
N SER K 174 -15.16 28.74 -112.42
CA SER K 174 -16.48 29.00 -111.86
C SER K 174 -17.37 27.76 -111.81
N ASN K 175 -16.96 26.66 -112.43
CA ASN K 175 -17.82 25.48 -112.46
C ASN K 175 -17.78 24.69 -111.16
N ALA K 176 -16.59 24.38 -110.66
CA ALA K 176 -16.44 23.45 -109.55
C ALA K 176 -15.40 23.96 -108.58
N SER K 177 -15.30 23.31 -107.42
CA SER K 177 -14.43 23.79 -106.35
C SER K 177 -13.56 22.71 -105.74
N TRP K 178 -12.86 23.04 -104.66
CA TRP K 178 -12.01 22.09 -103.97
C TRP K 178 -12.06 22.35 -102.47
N LYS K 179 -11.85 21.29 -101.69
CA LYS K 179 -11.58 21.43 -100.27
C LYS K 179 -10.13 21.04 -100.06
N PRO K 180 -9.23 21.98 -99.91
CA PRO K 180 -7.83 21.62 -99.69
C PRO K 180 -7.43 21.66 -98.23
N CYS K 181 -8.07 20.84 -97.40
CA CYS K 181 -7.71 20.81 -95.99
C CYS K 181 -6.25 20.41 -95.83
N LYS K 182 -5.58 21.06 -94.90
CA LYS K 182 -4.21 20.74 -94.53
C LYS K 182 -3.25 20.82 -95.71
N ARG K 183 -3.30 21.95 -96.43
CA ARG K 183 -2.18 22.25 -97.31
C ARG K 183 -0.99 22.75 -96.50
N ASN K 184 -1.24 23.64 -95.55
CA ASN K 184 -0.21 24.12 -94.65
C ASN K 184 -0.65 23.85 -93.21
N ILE K 185 0.32 23.92 -92.30
CA ILE K 185 0.10 23.44 -90.94
C ILE K 185 0.82 24.33 -89.96
N TYR K 186 0.28 24.40 -88.75
CA TYR K 186 0.82 25.20 -87.66
C TYR K 186 1.33 24.27 -86.58
N PHE K 187 2.64 24.29 -86.35
CA PHE K 187 3.27 23.33 -85.47
C PHE K 187 3.95 24.03 -84.30
N HIS K 188 3.67 23.55 -83.09
CA HIS K 188 4.29 24.13 -81.92
C HIS K 188 4.35 23.07 -80.82
N LYS K 189 5.39 23.16 -80.00
CA LYS K 189 5.54 22.28 -78.86
C LYS K 189 6.24 23.05 -77.75
N PHE K 190 6.01 22.61 -76.52
CA PHE K 190 6.60 23.23 -75.35
C PHE K 190 6.96 22.12 -74.38
N THR K 191 8.21 22.10 -73.92
CA THR K 191 8.63 21.02 -73.03
C THR K 191 9.64 21.51 -72.01
N SER K 192 9.42 21.13 -70.75
CA SER K 192 10.33 21.48 -69.67
C SER K 192 11.26 20.35 -69.26
N GLY K 193 11.12 19.16 -69.87
CA GLY K 193 11.72 17.98 -69.28
C GLY K 193 13.23 17.98 -69.32
N LEU K 194 13.80 18.29 -70.48
CA LEU K 194 15.20 18.00 -70.72
C LEU K 194 16.09 18.85 -69.84
N GLY K 195 17.33 18.41 -69.72
CA GLY K 195 18.39 19.25 -69.20
C GLY K 195 19.70 18.81 -69.81
N VAL K 196 20.63 19.75 -69.93
CA VAL K 196 21.86 19.52 -70.68
C VAL K 196 22.99 20.27 -69.98
N ARG K 197 24.16 19.65 -69.95
CA ARG K 197 25.34 20.22 -69.33
C ARG K 197 26.37 20.49 -70.43
N THR K 198 26.84 21.73 -70.52
CA THR K 198 27.75 22.12 -71.59
C THR K 198 28.92 22.90 -71.02
N GLN K 199 30.09 22.68 -71.60
CA GLN K 199 31.28 23.45 -71.26
C GLN K 199 31.93 23.95 -72.55
N TRP K 200 32.77 24.95 -72.41
CA TRP K 200 33.26 25.70 -73.56
C TRP K 200 34.77 25.82 -73.53
N LYS K 201 35.37 25.79 -74.72
CA LYS K 201 36.72 26.30 -74.87
C LYS K 201 36.72 27.80 -74.65
N ASN K 202 37.89 28.36 -74.39
CA ASN K 202 37.95 29.78 -74.07
C ASN K 202 38.18 30.56 -75.35
N VAL K 203 37.13 31.23 -75.83
CA VAL K 203 37.16 32.14 -76.96
C VAL K 203 35.96 33.07 -76.81
N THR K 204 35.83 34.03 -77.72
CA THR K 204 34.63 34.86 -77.73
C THR K 204 33.48 34.17 -78.45
N ASP K 205 33.80 33.43 -79.51
CA ASP K 205 32.81 33.08 -80.52
C ASP K 205 31.76 32.14 -79.97
N GLY K 206 30.62 32.11 -80.67
CA GLY K 206 29.55 31.18 -80.38
C GLY K 206 29.38 30.07 -81.39
N GLY K 207 30.32 29.90 -82.32
CA GLY K 207 30.20 28.87 -83.32
C GLY K 207 30.37 27.48 -82.75
N VAL K 208 30.29 26.50 -83.64
CA VAL K 208 30.38 25.11 -83.21
C VAL K 208 31.80 24.77 -82.75
N GLY K 209 32.82 25.31 -83.40
CA GLY K 209 34.19 24.94 -83.07
C GLY K 209 34.58 25.23 -81.64
N ALA K 210 33.81 26.07 -80.96
CA ALA K 210 34.17 26.46 -79.60
C ALA K 210 33.81 25.41 -78.57
N ILE K 211 32.74 24.65 -78.80
CA ILE K 211 32.18 23.81 -77.75
C ILE K 211 33.09 22.63 -77.48
N GLN K 212 33.38 22.40 -76.20
CA GLN K 212 34.16 21.22 -75.82
C GLN K 212 33.26 20.00 -75.70
N ARG K 213 32.09 20.14 -75.10
CA ARG K 213 31.24 18.99 -74.86
C ARG K 213 29.80 19.45 -74.72
N GLY K 214 28.85 18.58 -75.06
CA GLY K 214 27.44 18.86 -74.86
C GLY K 214 26.69 19.61 -75.95
N ALA K 215 27.09 19.42 -77.21
CA ALA K 215 26.39 20.10 -78.29
C ALA K 215 24.95 19.58 -78.41
N LEU K 216 24.12 20.38 -79.06
CA LEU K 216 22.69 20.09 -79.19
C LEU K 216 22.26 20.37 -80.61
N TYR K 217 21.75 19.35 -81.30
CA TYR K 217 21.38 19.45 -82.70
C TYR K 217 19.88 19.35 -82.90
N MET K 218 19.40 19.98 -83.97
CA MET K 218 18.03 19.87 -84.43
C MET K 218 18.04 19.38 -85.86
N VAL K 219 17.12 18.47 -86.18
CA VAL K 219 17.10 17.83 -87.49
C VAL K 219 15.68 17.80 -88.01
N ILE K 220 15.51 18.04 -89.30
CA ILE K 220 14.21 18.02 -89.96
C ILE K 220 14.24 16.98 -91.07
N ALA K 221 13.25 16.11 -91.09
CA ALA K 221 13.17 15.04 -92.08
C ALA K 221 11.94 15.22 -92.94
N PRO K 222 12.08 15.45 -94.23
CA PRO K 222 10.92 15.65 -95.10
C PRO K 222 10.22 14.34 -95.39
N GLY K 223 8.98 14.47 -95.84
CA GLY K 223 8.25 13.32 -96.34
C GLY K 223 8.78 12.85 -97.68
N ASN K 224 8.32 11.68 -98.09
CA ASN K 224 8.78 11.09 -99.35
C ASN K 224 8.54 12.05 -100.51
N GLY K 225 9.61 12.33 -101.25
CA GLY K 225 9.52 13.14 -102.45
C GLY K 225 8.75 14.42 -102.26
N LEU K 226 8.83 15.00 -101.06
CA LEU K 226 8.07 16.19 -100.72
C LEU K 226 9.01 17.21 -100.09
N THR K 227 9.19 18.34 -100.75
CA THR K 227 10.12 19.37 -100.29
C THR K 227 9.35 20.61 -99.90
N PHE K 228 9.84 21.30 -98.87
CA PHE K 228 9.13 22.45 -98.36
C PHE K 228 10.09 23.36 -97.63
N THR K 229 9.64 24.58 -97.36
CA THR K 229 10.34 25.52 -96.52
C THR K 229 9.46 25.88 -95.33
N ALA K 230 10.09 26.42 -94.28
CA ALA K 230 9.40 26.71 -93.03
C ALA K 230 9.74 28.10 -92.55
N HIS K 231 8.81 28.67 -91.79
CA HIS K 231 9.01 29.98 -91.17
C HIS K 231 8.71 29.84 -89.69
N GLY K 232 9.32 30.70 -88.89
CA GLY K 232 9.03 30.74 -87.48
C GLY K 232 10.25 31.16 -86.69
N GLN K 233 10.13 31.01 -85.37
CA GLN K 233 11.21 31.38 -84.46
C GLN K 233 11.06 30.57 -83.19
N THR K 234 12.14 30.52 -82.41
CA THR K 234 12.18 29.70 -81.21
C THR K 234 12.85 30.46 -80.08
N ARG K 235 12.64 29.98 -78.87
CA ARG K 235 13.28 30.55 -77.70
C ARG K 235 13.97 29.47 -76.89
N LEU K 236 14.88 29.91 -76.03
CA LEU K 236 15.59 29.02 -75.13
C LEU K 236 15.59 29.60 -73.73
N TYR K 237 15.98 28.78 -72.78
CA TYR K 237 16.04 29.19 -71.39
C TYR K 237 17.26 28.54 -70.74
N PHE K 238 18.05 29.32 -70.02
CA PHE K 238 19.25 28.77 -69.41
C PHE K 238 19.78 29.75 -68.38
N LYS K 239 20.85 29.34 -67.70
CA LYS K 239 21.59 30.24 -66.83
C LYS K 239 23.03 29.77 -66.73
N SER K 240 23.94 30.71 -66.62
CA SER K 240 25.34 30.37 -66.42
C SER K 240 25.56 29.93 -64.98
N VAL K 241 26.67 29.20 -64.77
CA VAL K 241 27.04 28.76 -63.42
C VAL K 241 28.52 28.44 -63.44
N GLY K 242 29.12 28.39 -62.27
CA GLY K 242 30.50 27.97 -62.10
C GLY K 242 31.43 29.14 -61.88
N ASN K 243 32.70 28.78 -61.64
CA ASN K 243 33.76 29.75 -61.40
C ASN K 243 33.40 30.69 -60.27
N ALA L 31 6.39 -1.29 -64.02
CA ALA L 31 6.41 -0.83 -65.40
C ALA L 31 7.55 -1.46 -66.18
N GLY L 32 7.36 -2.70 -66.61
CA GLY L 32 8.37 -3.42 -67.34
C GLY L 32 8.22 -4.91 -67.12
N SER L 33 9.13 -5.67 -67.73
CA SER L 33 9.12 -7.12 -67.55
C SER L 33 10.50 -7.67 -67.25
N LYS L 34 10.69 -8.19 -66.02
CA LYS L 34 11.93 -8.84 -65.61
C LYS L 34 13.16 -8.04 -66.02
N ALA L 35 13.08 -6.73 -65.89
CA ALA L 35 14.19 -5.88 -66.23
C ALA L 35 15.37 -6.14 -65.29
N ASP L 36 16.57 -5.98 -65.82
CA ASP L 36 17.79 -6.25 -65.09
C ASP L 36 18.81 -5.17 -65.38
N ARG L 37 19.54 -4.77 -64.34
CA ARG L 37 20.43 -3.62 -64.42
C ARG L 37 21.43 -3.69 -65.58
N PRO L 38 22.12 -4.79 -65.83
CA PRO L 38 22.96 -4.85 -67.02
C PRO L 38 22.12 -4.83 -68.29
N SER L 39 22.75 -4.38 -69.37
CA SER L 39 22.04 -4.23 -70.63
C SER L 39 21.62 -5.60 -71.18
N LEU L 40 20.67 -5.57 -72.11
CA LEU L 40 20.14 -6.77 -72.71
C LEU L 40 20.51 -6.83 -74.18
N GLN L 41 20.65 -8.05 -74.70
CA GLN L 41 21.11 -8.23 -76.06
C GLN L 41 20.09 -7.72 -77.05
N ILE L 42 20.56 -7.48 -78.28
CA ILE L 42 19.74 -6.88 -79.33
C ILE L 42 19.88 -7.68 -80.60
N GLN L 43 18.77 -7.91 -81.28
CA GLN L 43 18.76 -8.52 -82.61
C GLN L 43 17.85 -7.73 -83.52
N THR L 44 18.23 -7.62 -84.79
CA THR L 44 17.51 -6.83 -85.76
C THR L 44 17.16 -7.65 -86.98
N LEU L 45 16.24 -7.13 -87.77
CA LEU L 45 15.90 -7.70 -89.05
C LEU L 45 15.84 -6.60 -90.09
N GLN L 46 16.21 -6.94 -91.31
CA GLN L 46 16.28 -5.96 -92.38
C GLN L 46 15.35 -6.41 -93.50
N HIS L 47 14.27 -5.67 -93.70
CA HIS L 47 13.36 -5.92 -94.82
C HIS L 47 13.31 -4.67 -95.66
N ALA L 48 13.89 -4.73 -96.86
CA ALA L 48 14.01 -3.57 -97.74
C ALA L 48 14.67 -4.04 -99.01
N GLY L 49 14.55 -3.22 -100.05
CA GLY L 49 15.26 -3.48 -101.29
C GLY L 49 14.91 -4.86 -101.83
N THR L 50 15.94 -5.68 -101.98
CA THR L 50 15.74 -7.05 -102.46
C THR L 50 14.74 -7.80 -101.60
N THR L 51 14.79 -7.61 -100.28
CA THR L 51 13.89 -8.30 -99.39
C THR L 51 12.79 -7.33 -98.99
N MET L 52 11.61 -7.53 -99.57
CA MET L 52 10.42 -6.78 -99.20
C MET L 52 9.31 -7.78 -99.01
N ILE L 53 8.78 -7.86 -97.79
CA ILE L 53 7.65 -8.75 -97.57
C ILE L 53 6.55 -8.35 -98.53
N THR L 54 6.09 -9.31 -99.32
CA THR L 54 5.06 -9.07 -100.33
C THR L 54 3.96 -10.09 -100.15
N VAL L 55 2.74 -9.61 -99.97
CA VAL L 55 1.66 -10.49 -99.54
C VAL L 55 0.57 -10.58 -100.60
N PRO L 56 0.44 -11.71 -101.28
CA PRO L 56 -0.78 -11.99 -102.03
C PRO L 56 -1.92 -12.36 -101.10
N SER L 57 -3.13 -12.32 -101.64
CA SER L 57 -4.31 -12.64 -100.86
C SER L 57 -4.16 -13.99 -100.18
N GLY L 58 -4.48 -14.04 -98.89
CA GLY L 58 -4.30 -15.24 -98.11
C GLY L 58 -3.14 -15.19 -97.14
N GLY L 59 -2.42 -14.09 -97.07
CA GLY L 59 -1.41 -13.92 -96.05
C GLY L 59 -0.16 -14.73 -96.31
N VAL L 60 0.81 -14.55 -95.42
CA VAL L 60 2.08 -15.26 -95.50
C VAL L 60 2.58 -15.55 -94.10
N CYS L 61 3.16 -16.73 -93.94
CA CYS L 61 3.71 -17.18 -92.67
C CYS L 61 5.20 -16.86 -92.63
N ASP L 62 5.68 -16.54 -91.44
CA ASP L 62 7.10 -16.24 -91.28
C ASP L 62 7.50 -16.43 -89.82
N LEU L 63 8.79 -16.60 -89.61
CA LEU L 63 9.35 -16.74 -88.27
C LEU L 63 10.36 -15.63 -88.02
N ILE L 64 10.16 -14.88 -86.94
CA ILE L 64 11.02 -13.77 -86.60
C ILE L 64 12.04 -14.10 -85.53
N ASN L 65 12.03 -15.30 -84.98
CA ASN L 65 12.82 -15.55 -83.78
C ASN L 65 14.20 -16.10 -84.08
N THR L 66 14.58 -16.16 -85.36
CA THR L 66 15.85 -16.77 -85.76
C THR L 66 17.03 -16.17 -85.01
N TYR L 67 17.88 -17.05 -84.49
CA TYR L 67 19.09 -16.67 -83.77
C TYR L 67 20.21 -17.61 -84.16
N ALA L 68 21.38 -17.05 -84.48
CA ALA L 68 22.55 -17.90 -84.65
C ALA L 68 23.20 -18.15 -83.30
N ARG L 69 24.25 -18.96 -83.30
CA ARG L 69 25.05 -19.21 -82.11
C ARG L 69 26.51 -18.99 -82.45
N GLY L 70 27.21 -18.28 -81.57
CA GLY L 70 28.63 -18.05 -81.80
C GLY L 70 29.13 -16.91 -80.94
N SER L 71 30.22 -16.32 -81.42
CA SER L 71 30.87 -15.26 -80.67
C SER L 71 30.14 -13.93 -80.82
N ASP L 72 29.60 -13.67 -82.00
CA ASP L 72 29.07 -12.36 -82.30
C ASP L 72 27.93 -11.99 -81.37
N GLU L 73 27.87 -10.71 -81.01
CA GLU L 73 26.78 -10.23 -80.17
C GLU L 73 25.47 -10.30 -80.93
N GLY L 74 24.42 -10.67 -80.22
CA GLY L 74 23.12 -10.83 -80.83
C GLY L 74 22.85 -12.29 -81.13
N ASN L 75 23.90 -13.07 -81.27
CA ASN L 75 23.72 -14.50 -81.37
C ASN L 75 23.58 -15.11 -79.98
N ARG L 76 22.89 -16.24 -79.90
CA ARG L 76 22.63 -16.86 -78.61
C ARG L 76 23.84 -17.64 -78.14
N HIS L 77 24.20 -17.44 -76.87
CA HIS L 77 25.34 -18.13 -76.29
C HIS L 77 24.99 -19.49 -75.73
N THR L 78 23.71 -19.78 -75.50
CA THR L 78 23.35 -20.99 -74.78
C THR L 78 22.32 -21.79 -75.55
N SER L 79 21.80 -22.83 -74.91
CA SER L 79 20.73 -23.61 -75.52
C SER L 79 19.35 -23.18 -75.04
N GLU L 80 19.27 -22.17 -74.19
CA GLU L 80 18.02 -21.74 -73.58
C GLU L 80 17.89 -20.22 -73.66
N THR L 81 16.77 -19.75 -74.21
CA THR L 81 16.59 -18.34 -74.46
C THR L 81 15.20 -17.87 -74.04
N LEU L 82 15.14 -16.72 -73.39
CA LEU L 82 13.91 -16.03 -73.09
C LEU L 82 13.90 -14.70 -73.84
N THR L 83 12.74 -14.31 -74.35
CA THR L 83 12.58 -13.01 -74.97
C THR L 83 11.59 -12.17 -74.18
N TYR L 84 11.73 -10.86 -74.29
CA TYR L 84 10.88 -9.99 -73.48
C TYR L 84 10.13 -8.95 -74.30
N LYS L 85 10.84 -7.92 -74.74
CA LYS L 85 10.21 -6.76 -75.31
C LYS L 85 10.46 -6.73 -76.81
N ILE L 86 9.49 -6.26 -77.56
CA ILE L 86 9.57 -6.20 -79.01
C ILE L 86 8.98 -4.89 -79.50
N ALA L 87 9.63 -4.29 -80.49
CA ALA L 87 9.14 -3.07 -81.11
C ALA L 87 9.12 -3.28 -82.62
N ILE L 88 8.11 -2.74 -83.27
CA ILE L 88 7.90 -2.98 -84.68
C ILE L 88 7.65 -1.65 -85.38
N ASP L 89 8.36 -1.43 -86.48
CA ASP L 89 8.14 -0.29 -87.35
C ASP L 89 8.08 -0.77 -88.79
N TYR L 90 7.18 -0.19 -89.57
CA TYR L 90 7.13 -0.47 -90.99
C TYR L 90 6.53 0.68 -91.74
N HIS L 91 6.75 0.67 -93.04
CA HIS L 91 5.94 1.44 -93.97
C HIS L 91 5.12 0.49 -94.82
N PHE L 92 3.91 0.91 -95.15
CA PHE L 92 3.06 0.20 -96.10
C PHE L 92 2.84 1.05 -97.33
N VAL L 93 2.59 0.39 -98.46
CA VAL L 93 2.17 1.09 -99.66
C VAL L 93 1.34 0.13 -100.50
N ALA L 94 0.30 0.66 -101.13
CA ALA L 94 -0.50 -0.17 -102.01
C ALA L 94 0.31 -0.53 -103.24
N ASP L 95 -0.09 -1.62 -103.89
CA ASP L 95 0.54 -2.04 -105.13
C ASP L 95 -0.30 -1.58 -106.31
N ALA L 96 0.38 -1.09 -107.34
CA ALA L 96 -0.33 -0.66 -108.54
C ALA L 96 -1.13 -1.80 -109.16
N ALA L 97 -0.67 -3.04 -108.97
CA ALA L 97 -1.37 -4.18 -109.55
C ALA L 97 -2.83 -4.21 -109.13
N ALA L 98 -3.12 -3.82 -107.89
CA ALA L 98 -4.50 -3.78 -107.41
C ALA L 98 -5.11 -2.38 -107.53
N CYS L 99 -4.35 -1.39 -107.95
CA CYS L 99 -4.90 -0.04 -108.05
C CYS L 99 -5.87 0.11 -109.20
N ARG L 100 -6.02 -0.89 -110.06
CA ARG L 100 -6.97 -0.79 -111.15
C ARG L 100 -8.41 -0.75 -110.67
N TYR L 101 -8.65 -0.96 -109.38
CA TYR L 101 -9.97 -0.88 -108.80
C TYR L 101 -9.96 0.13 -107.67
N SER L 102 -11.15 0.54 -107.23
CA SER L 102 -11.26 1.49 -106.14
C SER L 102 -12.19 0.91 -105.08
N ASN L 103 -11.62 0.56 -103.93
CA ASN L 103 -12.40 0.22 -102.76
C ASN L 103 -11.49 0.32 -101.56
N THR L 104 -12.10 0.38 -100.39
CA THR L 104 -11.34 0.30 -99.15
C THR L 104 -11.23 -1.15 -98.72
N GLY L 105 -10.75 -1.35 -97.50
CA GLY L 105 -10.65 -2.68 -96.95
C GLY L 105 -10.14 -2.61 -95.53
N THR L 106 -9.82 -3.77 -94.98
CA THR L 106 -9.25 -3.83 -93.64
C THR L 106 -8.23 -4.96 -93.57
N GLY L 107 -7.09 -4.66 -92.97
CA GLY L 107 -6.03 -5.64 -92.78
C GLY L 107 -5.87 -6.06 -91.33
N VAL L 108 -5.02 -7.05 -91.13
CA VAL L 108 -4.82 -7.66 -89.82
C VAL L 108 -3.37 -8.09 -89.70
N MET L 109 -2.82 -7.92 -88.50
CA MET L 109 -1.50 -8.43 -88.16
C MET L 109 -1.61 -9.18 -86.84
N TRP L 110 -1.20 -10.44 -86.81
CA TRP L 110 -1.21 -11.22 -85.58
C TRP L 110 0.21 -11.54 -85.14
N LEU L 111 0.34 -11.78 -83.85
CA LEU L 111 1.57 -12.31 -83.29
C LEU L 111 1.22 -13.65 -82.65
N VAL L 112 1.69 -14.73 -83.26
CA VAL L 112 1.23 -16.08 -82.92
C VAL L 112 2.37 -16.86 -82.28
N TYR L 113 2.08 -17.49 -81.16
CA TYR L 113 3.04 -18.31 -80.45
C TYR L 113 2.75 -19.78 -80.66
N ASP L 114 3.81 -20.58 -80.76
CA ASP L 114 3.72 -22.00 -81.02
C ASP L 114 4.26 -22.80 -79.85
N THR L 115 3.81 -24.05 -79.75
CA THR L 115 4.38 -24.97 -78.78
C THR L 115 5.42 -25.86 -79.45
N THR L 116 4.97 -26.80 -80.27
CA THR L 116 5.87 -27.69 -80.99
C THR L 116 5.71 -27.48 -82.48
N PRO L 117 6.73 -26.98 -83.18
CA PRO L 117 6.59 -26.81 -84.63
C PRO L 117 6.72 -28.14 -85.34
N GLY L 118 5.98 -28.27 -86.42
CA GLY L 118 6.16 -29.41 -87.28
C GLY L 118 7.47 -29.33 -88.03
N GLY L 119 7.78 -30.41 -88.75
CA GLY L 119 8.96 -30.40 -89.59
C GLY L 119 8.84 -29.48 -90.79
N GLN L 120 7.62 -29.09 -91.14
CA GLN L 120 7.37 -28.25 -92.30
C GLN L 120 6.81 -26.90 -91.85
N ALA L 121 7.02 -25.89 -92.68
CA ALA L 121 6.58 -24.55 -92.33
C ALA L 121 5.06 -24.45 -92.44
N PRO L 122 4.41 -23.87 -91.45
CA PRO L 122 2.95 -23.73 -91.52
C PRO L 122 2.55 -22.70 -92.54
N THR L 123 1.29 -22.77 -92.94
CA THR L 123 0.69 -21.76 -93.79
C THR L 123 -0.63 -21.33 -93.15
N PRO L 124 -1.05 -20.09 -93.36
CA PRO L 124 -2.27 -19.62 -92.70
C PRO L 124 -3.45 -20.55 -92.86
N GLN L 125 -3.68 -21.03 -94.09
CA GLN L 125 -4.83 -21.91 -94.31
C GLN L 125 -4.79 -23.10 -93.37
N THR L 126 -3.59 -23.52 -92.99
CA THR L 126 -3.48 -24.60 -92.02
C THR L 126 -3.69 -24.12 -90.60
N ILE L 127 -3.25 -22.90 -90.29
CA ILE L 127 -3.33 -22.46 -88.90
C ILE L 127 -4.76 -22.09 -88.54
N PHE L 128 -5.52 -21.62 -89.50
CA PHE L 128 -6.90 -21.20 -89.28
C PHE L 128 -7.80 -21.99 -90.21
N ALA L 129 -8.78 -22.67 -89.64
CA ALA L 129 -9.72 -23.37 -90.48
C ALA L 129 -10.74 -22.38 -91.00
N TYR L 130 -10.77 -22.18 -92.30
CA TYR L 130 -11.75 -21.26 -92.83
C TYR L 130 -12.32 -21.79 -94.13
N PRO L 131 -13.61 -21.64 -94.35
CA PRO L 131 -14.18 -21.97 -95.66
C PRO L 131 -13.67 -21.02 -96.73
N ASP L 132 -13.74 -21.47 -97.97
CA ASP L 132 -13.25 -20.67 -99.08
C ASP L 132 -14.02 -19.36 -99.18
N THR L 133 -15.29 -19.37 -98.78
CA THR L 133 -16.09 -18.16 -98.84
C THR L 133 -15.49 -17.03 -98.03
N LEU L 134 -15.07 -17.30 -96.80
CA LEU L 134 -14.55 -16.27 -95.91
C LEU L 134 -13.16 -15.79 -96.30
N LYS L 135 -12.53 -16.41 -97.30
CA LYS L 135 -11.18 -16.01 -97.68
C LYS L 135 -11.08 -14.53 -97.98
N ALA L 136 -12.18 -13.94 -98.45
CA ALA L 136 -12.21 -12.51 -98.71
C ALA L 136 -11.89 -11.72 -97.46
N TRP L 137 -12.66 -11.93 -96.40
CA TRP L 137 -12.52 -11.05 -95.27
C TRP L 137 -11.76 -11.77 -94.17
N PRO L 138 -10.49 -11.46 -93.97
CA PRO L 138 -9.73 -12.19 -92.96
C PRO L 138 -10.16 -11.85 -91.56
N ALA L 139 -10.52 -10.59 -91.32
CA ALA L 139 -10.63 -10.09 -89.97
C ALA L 139 -11.60 -10.89 -89.12
N THR L 140 -12.43 -11.72 -89.74
CA THR L 140 -13.31 -12.60 -89.01
C THR L 140 -12.65 -13.90 -88.60
N TRP L 141 -11.51 -14.24 -89.18
CA TRP L 141 -10.87 -15.50 -88.87
C TRP L 141 -10.62 -15.59 -87.37
N LYS L 142 -10.71 -16.79 -86.84
CA LYS L 142 -10.29 -17.06 -85.48
C LYS L 142 -9.66 -18.43 -85.42
N VAL L 143 -8.92 -18.68 -84.34
CA VAL L 143 -8.13 -19.90 -84.23
C VAL L 143 -9.04 -21.12 -84.30
N SER L 144 -8.63 -22.12 -85.06
CA SER L 144 -9.41 -23.33 -85.22
C SER L 144 -9.39 -24.16 -83.94
N ARG L 145 -10.46 -24.93 -83.73
CA ARG L 145 -10.59 -25.64 -82.46
C ARG L 145 -9.74 -26.90 -82.39
N GLU L 146 -9.49 -27.54 -83.53
CA GLU L 146 -8.72 -28.78 -83.52
C GLU L 146 -7.36 -28.57 -82.89
N LEU L 147 -6.73 -27.45 -83.17
CA LEU L 147 -5.40 -27.14 -82.69
C LEU L 147 -5.42 -26.35 -81.39
N CYS L 148 -6.60 -26.19 -80.78
CA CYS L 148 -6.86 -25.20 -79.75
C CYS L 148 -5.75 -25.10 -78.72
N HIS L 149 -5.19 -26.23 -78.33
CA HIS L 149 -4.10 -26.20 -77.37
C HIS L 149 -2.73 -26.15 -78.02
N ARG L 150 -2.64 -26.33 -79.33
CA ARG L 150 -1.32 -26.30 -79.96
C ARG L 150 -0.84 -24.88 -80.22
N PHE L 151 -1.75 -23.95 -80.44
CA PHE L 151 -1.39 -22.58 -80.77
C PHE L 151 -2.09 -21.60 -79.86
N VAL L 152 -1.61 -20.35 -79.86
CA VAL L 152 -2.25 -19.27 -79.13
C VAL L 152 -1.77 -17.97 -79.75
N VAL L 153 -2.53 -16.91 -79.52
CA VAL L 153 -2.22 -15.60 -80.08
C VAL L 153 -2.12 -14.61 -78.92
N LYS L 154 -0.93 -14.07 -78.71
CA LYS L 154 -0.71 -13.21 -77.57
C LYS L 154 -0.91 -11.73 -77.87
N ARG L 155 -1.03 -11.37 -79.15
CA ARG L 155 -1.29 -9.98 -79.51
C ARG L 155 -2.12 -9.93 -80.78
N ARG L 156 -2.71 -8.76 -81.02
CA ARG L 156 -3.52 -8.54 -82.21
C ARG L 156 -3.45 -7.08 -82.56
N TRP L 157 -3.54 -6.78 -83.85
CA TRP L 157 -3.60 -5.39 -84.26
C TRP L 157 -4.45 -5.25 -85.50
N LEU L 158 -5.01 -4.06 -85.68
CA LEU L 158 -5.82 -3.73 -86.85
C LEU L 158 -5.26 -2.52 -87.56
N PHE L 159 -5.56 -2.44 -88.83
CA PHE L 159 -5.25 -1.27 -89.63
C PHE L 159 -6.16 -1.29 -90.84
N ASN L 160 -6.29 -0.14 -91.48
CA ASN L 160 -7.12 -0.05 -92.66
C ASN L 160 -6.48 0.89 -93.66
N MET L 161 -6.78 0.65 -94.93
CA MET L 161 -6.20 1.41 -96.01
C MET L 161 -7.14 1.33 -97.21
N GLU L 162 -6.94 2.23 -98.16
CA GLU L 162 -7.83 2.30 -99.31
C GLU L 162 -7.10 2.93 -100.47
N THR L 163 -7.62 2.72 -101.66
CA THR L 163 -7.05 3.28 -102.87
C THR L 163 -8.15 3.86 -103.73
N ASP L 164 -7.83 4.94 -104.41
CA ASP L 164 -8.77 5.64 -105.26
C ASP L 164 -8.68 5.24 -106.71
N GLY L 165 -7.76 4.36 -107.07
CA GLY L 165 -7.56 4.01 -108.45
C GLY L 165 -6.62 4.93 -109.20
N ARG L 166 -5.64 5.51 -108.53
CA ARG L 166 -4.70 6.41 -109.20
C ARG L 166 -3.30 6.15 -108.67
N ILE L 167 -2.36 5.96 -109.58
CA ILE L 167 -0.98 5.73 -109.20
C ILE L 167 -0.34 7.07 -108.86
N GLY L 168 0.67 7.06 -108.00
CA GLY L 168 1.26 8.30 -107.53
C GLY L 168 1.86 9.14 -108.64
N SER L 169 2.62 8.50 -109.53
CA SER L 169 3.37 9.24 -110.54
C SER L 169 2.49 9.99 -111.54
N ASP L 170 1.18 9.78 -111.50
CA ASP L 170 0.29 10.37 -112.48
C ASP L 170 0.07 11.85 -112.18
N ILE L 171 0.17 12.68 -113.22
CA ILE L 171 0.01 14.11 -113.09
C ILE L 171 -1.47 14.49 -113.15
N PRO L 172 -2.00 15.20 -112.16
CA PRO L 172 -3.37 15.67 -112.25
C PRO L 172 -3.52 16.62 -113.42
N PRO L 173 -4.66 16.59 -114.10
CA PRO L 173 -4.94 17.60 -115.11
C PRO L 173 -5.17 18.94 -114.45
N SER L 174 -4.87 20.01 -115.19
CA SER L 174 -4.92 21.35 -114.65
C SER L 174 -6.34 21.79 -114.27
N ASN L 175 -7.36 21.03 -114.63
CA ASN L 175 -8.72 21.46 -114.35
C ASN L 175 -9.13 21.21 -112.90
N ALA L 176 -8.91 20.00 -112.40
CA ALA L 176 -9.45 19.60 -111.12
C ALA L 176 -8.41 18.81 -110.34
N SER L 177 -8.72 18.53 -109.07
CA SER L 177 -7.75 17.91 -108.18
C SER L 177 -8.32 16.75 -107.37
N TRP L 178 -7.52 16.23 -106.44
CA TRP L 178 -7.96 15.14 -105.59
C TRP L 178 -7.40 15.33 -104.19
N LYS L 179 -8.11 14.81 -103.20
CA LYS L 179 -7.56 14.65 -101.85
C LYS L 179 -7.41 13.16 -101.63
N PRO L 180 -6.21 12.61 -101.74
CA PRO L 180 -6.04 11.18 -101.50
C PRO L 180 -5.54 10.86 -100.11
N CYS L 181 -6.30 11.23 -99.09
CA CYS L 181 -5.88 10.92 -97.74
C CYS L 181 -5.74 9.42 -97.55
N LYS L 182 -4.70 9.02 -96.83
CA LYS L 182 -4.48 7.63 -96.45
C LYS L 182 -4.38 6.72 -97.67
N ARG L 183 -3.52 7.11 -98.62
CA ARG L 183 -3.09 6.12 -99.59
C ARG L 183 -2.05 5.18 -98.99
N ASN L 184 -1.11 5.74 -98.25
CA ASN L 184 -0.12 4.96 -97.55
C ASN L 184 -0.16 5.32 -96.06
N ILE L 185 0.42 4.47 -95.24
CA ILE L 185 0.22 4.55 -93.80
C ILE L 185 1.52 4.19 -93.08
N TYR L 186 1.68 4.77 -91.90
CA TYR L 186 2.84 4.56 -91.05
C TYR L 186 2.41 3.80 -89.81
N PHE L 187 2.90 2.59 -89.65
CA PHE L 187 2.44 1.69 -88.61
C PHE L 187 3.57 1.33 -87.67
N HIS L 188 3.33 1.47 -86.38
CA HIS L 188 4.33 1.12 -85.38
C HIS L 188 3.64 0.75 -84.08
N LYS L 189 4.24 -0.19 -83.35
CA LYS L 189 3.75 -0.57 -82.04
C LYS L 189 4.94 -0.95 -81.17
N PHE L 190 4.75 -0.83 -79.87
CA PHE L 190 5.79 -1.14 -78.90
C PHE L 190 5.12 -1.82 -77.71
N THR L 191 5.60 -2.99 -77.33
CA THR L 191 4.96 -3.71 -76.24
C THR L 191 5.97 -4.48 -75.40
N SER L 192 5.86 -4.36 -74.08
CA SER L 192 6.71 -5.06 -73.14
C SER L 192 6.06 -6.29 -72.53
N GLY L 193 4.81 -6.57 -72.85
CA GLY L 193 4.05 -7.49 -72.02
C GLY L 193 4.52 -8.93 -72.14
N LEU L 194 4.72 -9.40 -73.36
CA LEU L 194 4.85 -10.82 -73.60
C LEU L 194 6.13 -11.37 -72.98
N GLY L 195 6.14 -12.69 -72.81
CA GLY L 195 7.38 -13.40 -72.55
C GLY L 195 7.25 -14.80 -73.11
N VAL L 196 8.39 -15.38 -73.48
CA VAL L 196 8.41 -16.63 -74.21
C VAL L 196 9.60 -17.44 -73.76
N ARG L 197 9.42 -18.74 -73.63
CA ARG L 197 10.49 -19.66 -73.23
C ARG L 197 10.79 -20.58 -74.39
N THR L 198 12.07 -20.62 -74.79
CA THR L 198 12.47 -21.39 -75.97
C THR L 198 13.69 -22.22 -75.65
N GLN L 199 13.74 -23.42 -76.22
CA GLN L 199 14.90 -24.28 -76.13
C GLN L 199 15.26 -24.77 -77.51
N TRP L 200 16.49 -25.25 -77.66
CA TRP L 200 17.06 -25.50 -78.97
C TRP L 200 17.67 -26.89 -79.04
N LYS L 201 17.56 -27.51 -80.21
CA LYS L 201 18.43 -28.62 -80.53
C LYS L 201 19.85 -28.12 -80.68
N ASN L 202 20.80 -29.03 -80.61
CA ASN L 202 22.19 -28.62 -80.63
C ASN L 202 22.69 -28.64 -82.07
N VAL L 203 22.85 -27.44 -82.63
CA VAL L 203 23.43 -27.21 -83.95
C VAL L 203 23.93 -25.78 -83.95
N THR L 204 24.55 -25.36 -85.06
CA THR L 204 24.92 -23.97 -85.22
C THR L 204 23.76 -23.13 -85.70
N ASP L 205 22.94 -23.70 -86.57
CA ASP L 205 22.05 -22.92 -87.43
C ASP L 205 20.99 -22.20 -86.62
N GLY L 206 20.43 -21.16 -87.24
CA GLY L 206 19.30 -20.44 -86.70
C GLY L 206 17.99 -20.67 -87.42
N GLY L 207 17.91 -21.65 -88.31
CA GLY L 207 16.70 -21.90 -89.06
C GLY L 207 15.61 -22.50 -88.17
N VAL L 208 14.47 -22.76 -88.81
CA VAL L 208 13.33 -23.28 -88.08
C VAL L 208 13.59 -24.72 -87.62
N GLY L 209 14.26 -25.53 -88.43
CA GLY L 209 14.44 -26.93 -88.09
C GLY L 209 15.16 -27.16 -86.78
N ALA L 210 15.85 -26.14 -86.27
CA ALA L 210 16.64 -26.32 -85.06
C ALA L 210 15.79 -26.27 -83.79
N ILE L 211 14.70 -25.53 -83.80
CA ILE L 211 14.01 -25.23 -82.55
C ILE L 211 13.27 -26.47 -82.06
N GLN L 212 13.46 -26.78 -80.77
CA GLN L 212 12.71 -27.88 -80.17
C GLN L 212 11.33 -27.43 -79.73
N ARG L 213 11.23 -26.26 -79.11
CA ARG L 213 9.96 -25.80 -78.57
C ARG L 213 9.95 -24.29 -78.49
N GLY L 214 8.76 -23.69 -78.57
CA GLY L 214 8.61 -22.25 -78.38
C GLY L 214 8.80 -21.34 -79.58
N ALA L 215 8.46 -21.81 -80.78
CA ALA L 215 8.60 -20.97 -81.95
C ALA L 215 7.64 -19.79 -81.87
N LEU L 216 7.95 -18.76 -82.66
CA LEU L 216 7.20 -17.52 -82.66
C LEU L 216 6.97 -17.06 -84.09
N TYR L 217 5.71 -16.93 -84.48
CA TYR L 217 5.37 -16.60 -85.86
C TYR L 217 4.74 -15.21 -85.95
N MET L 218 4.92 -14.59 -87.11
CA MET L 218 4.26 -13.35 -87.46
C MET L 218 3.48 -13.56 -88.75
N VAL L 219 2.28 -12.99 -88.81
CA VAL L 219 1.37 -13.22 -89.93
C VAL L 219 0.76 -11.90 -90.36
N ILE L 220 0.63 -11.72 -91.67
CA ILE L 220 0.04 -10.52 -92.24
C ILE L 220 -1.16 -10.92 -93.07
N ALA L 221 -2.29 -10.26 -92.86
CA ALA L 221 -3.53 -10.56 -93.56
C ALA L 221 -3.95 -9.37 -94.39
N PRO L 222 -4.00 -9.47 -95.70
CA PRO L 222 -4.40 -8.34 -96.53
C PRO L 222 -5.89 -8.11 -96.48
N GLY L 223 -6.29 -6.91 -96.89
CA GLY L 223 -7.69 -6.61 -97.07
C GLY L 223 -8.26 -7.30 -98.29
N ASN L 224 -9.59 -7.25 -98.41
CA ASN L 224 -10.27 -7.93 -99.51
C ASN L 224 -9.74 -7.43 -100.85
N GLY L 225 -9.31 -8.37 -101.68
CA GLY L 225 -8.89 -8.06 -103.03
C GLY L 225 -7.90 -6.92 -103.11
N LEU L 226 -7.07 -6.77 -102.09
CA LEU L 226 -6.14 -5.65 -101.99
C LEU L 226 -4.75 -6.18 -101.65
N THR L 227 -3.81 -6.01 -102.56
CA THR L 227 -2.47 -6.54 -102.41
C THR L 227 -1.47 -5.40 -102.28
N PHE L 228 -0.45 -5.60 -101.46
CA PHE L 228 0.50 -4.54 -101.19
C PHE L 228 1.81 -5.13 -100.73
N THR L 229 2.84 -4.30 -100.73
CA THR L 229 4.14 -4.63 -100.16
C THR L 229 4.46 -3.65 -99.05
N ALA L 230 5.40 -4.03 -98.21
CA ALA L 230 5.73 -3.25 -97.02
C ALA L 230 7.23 -3.10 -96.89
N HIS L 231 7.65 -2.02 -96.24
CA HIS L 231 9.04 -1.76 -95.95
C HIS L 231 9.17 -1.46 -94.47
N GLY L 232 10.34 -1.74 -93.92
CA GLY L 232 10.62 -1.41 -92.54
C GLY L 232 11.58 -2.40 -91.93
N GLN L 233 11.72 -2.30 -90.61
CA GLN L 233 12.62 -3.16 -89.86
C GLN L 233 12.12 -3.25 -88.43
N THR L 234 12.61 -4.26 -87.71
CA THR L 234 12.14 -4.52 -86.36
C THR L 234 13.32 -4.87 -85.48
N ARG L 235 13.10 -4.79 -84.17
CA ARG L 235 14.10 -5.17 -83.20
C ARG L 235 13.53 -6.15 -82.19
N LEU L 236 14.42 -6.85 -81.50
CA LEU L 236 14.05 -7.78 -80.45
C LEU L 236 14.91 -7.53 -79.23
N TYR L 237 14.50 -8.15 -78.12
CA TYR L 237 15.22 -8.02 -76.87
C TYR L 237 15.17 -9.36 -76.15
N PHE L 238 16.31 -9.84 -75.67
CA PHE L 238 16.34 -11.13 -75.00
C PHE L 238 17.65 -11.29 -74.26
N LYS L 239 17.78 -12.40 -73.54
CA LYS L 239 19.05 -12.78 -72.94
C LYS L 239 19.10 -14.29 -72.80
N SER L 240 20.29 -14.85 -72.96
CA SER L 240 20.47 -16.27 -72.75
C SER L 240 20.47 -16.58 -71.26
N VAL L 241 20.21 -17.84 -70.93
CA VAL L 241 20.24 -18.29 -69.55
C VAL L 241 20.41 -19.81 -69.56
N GLY L 242 20.85 -20.35 -68.43
CA GLY L 242 20.94 -21.79 -68.24
C GLY L 242 22.36 -22.28 -68.32
N ASN L 243 22.50 -23.58 -68.08
CA ASN L 243 23.78 -24.27 -68.12
C ASN L 243 24.81 -23.59 -67.23
N ALA M 31 61.28 3.10 -19.40
CA ALA M 31 62.47 3.55 -20.13
C ALA M 31 63.70 3.54 -19.23
N GLY M 32 64.28 2.36 -19.04
CA GLY M 32 65.44 2.21 -18.19
C GLY M 32 65.48 0.81 -17.60
N SER M 33 66.50 0.58 -16.77
CA SER M 33 66.61 -0.72 -16.11
C SER M 33 66.92 -0.56 -14.63
N LYS M 34 65.96 -0.96 -13.78
CA LYS M 34 66.12 -0.96 -12.31
C LYS M 34 66.77 0.32 -11.81
N ALA M 35 66.35 1.44 -12.39
CA ALA M 35 66.88 2.72 -11.96
C ALA M 35 66.47 3.01 -10.53
N ASP M 36 67.34 3.72 -9.82
CA ASP M 36 67.14 4.03 -8.41
C ASP M 36 67.53 5.48 -8.15
N ARG M 37 66.73 6.15 -7.31
CA ARG M 37 66.89 7.58 -7.09
C ARG M 37 68.31 8.00 -6.72
N PRO M 38 68.99 7.36 -5.78
CA PRO M 38 70.39 7.73 -5.54
C PRO M 38 71.26 7.37 -6.74
N SER M 39 72.37 8.08 -6.84
CA SER M 39 73.27 7.91 -7.97
C SER M 39 73.91 6.52 -7.96
N LEU M 40 74.43 6.12 -9.11
CA LEU M 40 75.04 4.82 -9.28
C LEU M 40 76.53 4.97 -9.52
N GLN M 41 77.30 3.96 -9.10
CA GLN M 41 78.74 4.05 -9.18
C GLN M 41 79.20 4.05 -10.63
N ILE M 42 80.44 4.49 -10.84
CA ILE M 42 81.00 4.66 -12.16
C ILE M 42 82.39 4.04 -12.21
N GLN M 43 82.68 3.34 -13.30
CA GLN M 43 84.01 2.82 -13.57
C GLN M 43 84.39 3.12 -15.00
N THR M 44 85.66 3.41 -15.23
CA THR M 44 86.15 3.80 -16.53
C THR M 44 87.32 2.94 -16.96
N LEU M 45 87.62 2.99 -18.24
CA LEU M 45 88.80 2.34 -18.79
C LEU M 45 89.51 3.31 -19.70
N GLN M 46 90.83 3.21 -19.73
CA GLN M 46 91.64 4.13 -20.51
C GLN M 46 92.45 3.33 -21.53
N HIS M 47 92.12 3.48 -22.80
CA HIS M 47 92.88 2.86 -23.87
C HIS M 47 93.39 3.96 -24.78
N ALA M 48 94.69 4.20 -24.75
CA ALA M 48 95.31 5.28 -25.48
C ALA M 48 96.81 5.22 -25.25
N GLY M 49 97.55 5.90 -26.10
CA GLY M 49 98.99 6.02 -25.89
C GLY M 49 99.64 4.66 -25.82
N THR M 50 100.30 4.41 -24.69
CA THR M 50 100.94 3.11 -24.47
C THR M 50 99.96 1.96 -24.64
N THR M 51 98.73 2.13 -24.15
CA THR M 51 97.73 1.08 -24.24
C THR M 51 96.80 1.43 -25.39
N MET M 52 96.96 0.71 -26.50
CA MET M 52 96.08 0.82 -27.65
C MET M 52 95.73 -0.59 -28.06
N ILE M 53 94.44 -0.94 -27.97
CA ILE M 53 94.03 -2.24 -28.44
C ILE M 53 94.46 -2.39 -29.88
N THR M 54 95.21 -3.44 -30.17
CA THR M 54 95.75 -3.68 -31.50
C THR M 54 95.42 -5.10 -31.91
N VAL M 55 94.74 -5.25 -33.04
CA VAL M 55 94.15 -6.54 -33.39
C VAL M 55 94.78 -7.10 -34.65
N PRO M 56 95.57 -8.15 -34.55
CA PRO M 56 95.91 -8.94 -35.72
C PRO M 56 94.74 -9.82 -36.13
N SER M 57 94.81 -10.34 -37.36
CA SER M 57 93.75 -11.19 -37.88
C SER M 57 93.46 -12.33 -36.91
N GLY M 58 92.17 -12.55 -36.66
CA GLY M 58 91.75 -13.54 -35.69
C GLY M 58 91.25 -12.98 -34.38
N GLY M 59 91.22 -11.67 -34.23
CA GLY M 59 90.58 -11.07 -33.07
C GLY M 59 91.41 -11.19 -31.81
N VAL M 60 90.88 -10.60 -30.74
CA VAL M 60 91.54 -10.64 -29.44
C VAL M 60 90.47 -10.70 -28.36
N CYS M 61 90.76 -11.47 -27.32
CA CYS M 61 89.87 -11.64 -26.18
C CYS M 61 90.27 -10.67 -25.09
N ASP M 62 89.28 -10.18 -24.36
CA ASP M 62 89.55 -9.26 -23.27
C ASP M 62 88.39 -9.28 -22.28
N LEU M 63 88.66 -8.82 -21.07
CA LEU M 63 87.66 -8.71 -20.03
C LEU M 63 87.55 -7.27 -19.57
N ILE M 64 86.33 -6.73 -19.63
CA ILE M 64 86.10 -5.34 -19.25
C ILE M 64 85.52 -5.18 -17.86
N ASN M 65 85.25 -6.26 -17.15
CA ASN M 65 84.47 -6.14 -15.93
C ASN M 65 85.32 -5.98 -14.69
N THR M 66 86.64 -5.83 -14.85
CA THR M 66 87.55 -5.76 -13.72
C THR M 66 87.15 -4.70 -12.71
N TYR M 67 87.14 -5.10 -11.44
CA TYR M 67 86.81 -4.21 -10.33
C TYR M 67 87.75 -4.51 -9.17
N ALA M 68 88.32 -3.48 -8.57
CA ALA M 68 89.05 -3.67 -7.34
C ALA M 68 88.07 -3.63 -6.16
N ARG M 69 88.59 -3.85 -4.96
CA ARG M 69 87.82 -3.72 -3.74
C ARG M 69 88.58 -2.85 -2.76
N GLY M 70 87.89 -1.92 -2.14
CA GLY M 70 88.53 -1.05 -1.17
C GLY M 70 87.68 0.18 -0.91
N SER M 71 88.38 1.22 -0.44
CA SER M 71 87.69 2.45 -0.07
C SER M 71 87.32 3.28 -1.28
N ASP M 72 88.17 3.29 -2.30
CA ASP M 72 88.01 4.21 -3.40
C ASP M 72 86.68 3.98 -4.13
N GLU M 73 86.08 5.08 -4.56
CA GLU M 73 84.84 4.99 -5.32
C GLU M 73 85.11 4.34 -6.67
N GLY M 74 84.17 3.50 -7.09
CA GLY M 74 84.32 2.76 -8.32
C GLY M 74 84.79 1.36 -8.05
N ASN M 75 85.44 1.16 -6.92
CA ASN M 75 85.76 -0.20 -6.51
C ASN M 75 84.54 -0.82 -5.83
N ARG M 76 84.47 -2.15 -5.87
CA ARG M 76 83.32 -2.84 -5.33
C ARG M 76 83.44 -2.97 -3.81
N HIS M 77 82.37 -2.65 -3.10
CA HIS M 77 82.36 -2.74 -1.66
C HIS M 77 81.99 -4.13 -1.15
N THR M 78 81.40 -4.98 -1.98
CA THR M 78 80.87 -6.23 -1.48
C THR M 78 81.38 -7.41 -2.30
N SER M 79 80.82 -8.58 -2.04
CA SER M 79 81.18 -9.76 -2.82
C SER M 79 80.17 -10.03 -3.94
N GLU M 80 79.17 -9.18 -4.09
CA GLU M 80 78.10 -9.40 -5.06
C GLU M 80 77.82 -8.12 -5.83
N THR M 81 77.85 -8.21 -7.16
CA THR M 81 77.73 -7.03 -8.00
C THR M 81 76.79 -7.28 -9.17
N LEU M 82 75.95 -6.29 -9.45
CA LEU M 82 75.11 -6.26 -10.63
C LEU M 82 75.52 -5.08 -11.49
N THR M 83 75.53 -5.27 -12.80
CA THR M 83 75.79 -4.18 -13.73
C THR M 83 74.56 -3.91 -14.58
N TYR M 84 74.43 -2.69 -15.06
CA TYR M 84 73.24 -2.32 -15.80
C TYR M 84 73.52 -1.73 -17.16
N LYS M 85 73.96 -0.48 -17.19
CA LYS M 85 74.06 0.27 -18.42
C LYS M 85 75.50 0.44 -18.81
N ILE M 86 75.76 0.41 -20.12
CA ILE M 86 77.12 0.54 -20.63
C ILE M 86 77.11 1.43 -21.86
N ALA M 87 78.12 2.29 -21.98
CA ALA M 87 78.29 3.14 -23.13
C ALA M 87 79.70 2.98 -23.64
N ILE M 88 79.85 3.01 -24.96
CA ILE M 88 81.12 2.72 -25.59
C ILE M 88 81.42 3.80 -26.61
N ASP M 89 82.62 4.35 -26.57
CA ASP M 89 83.12 5.27 -27.57
C ASP M 89 84.52 4.84 -27.98
N TYR M 90 84.81 4.95 -29.27
CA TYR M 90 86.16 4.71 -29.75
C TYR M 90 86.40 5.46 -31.03
N HIS M 91 87.69 5.58 -31.35
CA HIS M 91 88.11 5.90 -32.70
C HIS M 91 88.81 4.70 -33.31
N PHE M 92 88.62 4.51 -34.60
CA PHE M 92 89.34 3.51 -35.37
C PHE M 92 90.22 4.19 -36.40
N VAL M 93 91.31 3.52 -36.76
CA VAL M 93 92.13 3.95 -37.88
C VAL M 93 92.81 2.74 -38.49
N ALA M 94 92.92 2.73 -39.81
CA ALA M 94 93.64 1.65 -40.46
C ALA M 94 95.11 1.73 -40.13
N ASP M 95 95.78 0.59 -40.25
CA ASP M 95 97.22 0.53 -40.05
C ASP M 95 97.93 0.56 -41.39
N ALA M 96 99.01 1.34 -41.46
CA ALA M 96 99.79 1.42 -42.68
C ALA M 96 100.31 0.05 -43.10
N ALA M 97 100.55 -0.83 -42.13
CA ALA M 97 101.06 -2.16 -42.45
C ALA M 97 100.19 -2.88 -43.46
N ALA M 98 98.87 -2.70 -43.38
CA ALA M 98 97.95 -3.29 -44.33
C ALA M 98 97.57 -2.35 -45.47
N CYS M 99 98.02 -1.11 -45.43
CA CYS M 99 97.66 -0.17 -46.47
C CYS M 99 98.35 -0.45 -47.80
N ARG M 100 99.29 -1.40 -47.83
CA ARG M 100 99.96 -1.73 -49.09
C ARG M 100 99.01 -2.37 -50.10
N TYR M 101 97.80 -2.69 -49.69
CA TYR M 101 96.79 -3.27 -50.57
C TYR M 101 95.55 -2.37 -50.54
N SER M 102 94.66 -2.58 -51.51
CA SER M 102 93.43 -1.81 -51.58
C SER M 102 92.26 -2.77 -51.67
N ASN M 103 91.47 -2.84 -50.61
CA ASN M 103 90.19 -3.52 -50.64
C ASN M 103 89.37 -3.04 -49.46
N THR M 104 88.09 -3.29 -49.53
CA THR M 104 87.23 -3.03 -48.40
C THR M 104 87.16 -4.27 -47.52
N GLY M 105 86.24 -4.25 -46.57
CA GLY M 105 86.03 -5.40 -45.71
C GLY M 105 84.88 -5.12 -44.76
N THR M 106 84.72 -6.01 -43.80
CA THR M 106 83.69 -5.83 -42.78
C THR M 106 84.19 -6.35 -41.45
N GLY M 107 83.98 -5.57 -40.39
CA GLY M 107 84.35 -5.95 -39.05
C GLY M 107 83.15 -6.27 -38.17
N VAL M 108 83.46 -6.76 -36.97
CA VAL M 108 82.44 -7.23 -36.03
C VAL M 108 82.91 -6.95 -34.62
N MET M 109 81.97 -6.56 -33.78
CA MET M 109 82.21 -6.41 -32.35
C MET M 109 81.09 -7.14 -31.60
N TRP M 110 81.47 -8.06 -30.73
CA TRP M 110 80.50 -8.78 -29.92
C TRP M 110 80.63 -8.42 -28.46
N LEU M 111 79.54 -8.61 -27.74
CA LEU M 111 79.55 -8.51 -26.29
C LEU M 111 79.11 -9.87 -25.76
N VAL M 112 80.04 -10.60 -25.15
CA VAL M 112 79.85 -12.01 -24.84
C VAL M 112 79.80 -12.18 -23.33
N TYR M 113 78.80 -12.90 -22.86
CA TYR M 113 78.63 -13.19 -21.45
C TYR M 113 79.02 -14.63 -21.15
N ASP M 114 79.63 -14.83 -19.98
CA ASP M 114 80.13 -16.13 -19.56
C ASP M 114 79.39 -16.61 -18.33
N THR M 115 79.38 -17.92 -18.14
CA THR M 115 78.88 -18.50 -16.90
C THR M 115 80.02 -18.79 -15.94
N THR M 116 80.81 -19.80 -16.23
CA THR M 116 81.96 -20.16 -15.40
C THR M 116 83.23 -20.03 -16.21
N PRO M 117 84.12 -19.11 -15.86
CA PRO M 117 85.37 -18.98 -16.61
C PRO M 117 86.33 -20.08 -16.23
N GLY M 118 87.10 -20.52 -17.21
CA GLY M 118 88.19 -21.43 -16.92
C GLY M 118 89.30 -20.74 -16.18
N GLY M 119 90.28 -21.53 -15.75
CA GLY M 119 91.45 -20.97 -15.13
C GLY M 119 92.33 -20.19 -16.07
N GLN M 120 92.17 -20.39 -17.38
CA GLN M 120 92.97 -19.74 -18.40
C GLN M 120 92.10 -18.82 -19.24
N ALA M 121 92.74 -17.81 -19.82
CA ALA M 121 92.00 -16.84 -20.61
C ALA M 121 91.56 -17.46 -21.94
N PRO M 122 90.31 -17.26 -22.33
CA PRO M 122 89.85 -17.81 -23.60
C PRO M 122 90.45 -17.06 -24.77
N THR M 123 90.41 -17.71 -25.92
CA THR M 123 90.78 -17.07 -27.17
C THR M 123 89.66 -17.32 -28.17
N PRO M 124 89.46 -16.41 -29.13
CA PRO M 124 88.33 -16.58 -30.06
C PRO M 124 88.29 -17.95 -30.70
N GLN M 125 89.41 -18.46 -31.16
CA GLN M 125 89.41 -19.76 -31.83
C GLN M 125 88.80 -20.82 -30.92
N THR M 126 88.93 -20.64 -29.61
CA THR M 126 88.30 -21.56 -28.68
C THR M 126 86.82 -21.25 -28.51
N ILE M 127 86.45 -19.98 -28.54
CA ILE M 127 85.06 -19.66 -28.23
C ILE M 127 84.17 -20.01 -29.42
N PHE M 128 84.70 -19.92 -30.63
CA PHE M 128 83.93 -20.19 -31.83
C PHE M 128 84.63 -21.29 -32.60
N ALA M 129 83.93 -22.37 -32.89
CA ALA M 129 84.51 -23.41 -33.71
C ALA M 129 84.45 -22.99 -35.16
N TYR M 130 85.59 -22.81 -35.78
CA TYR M 130 85.56 -22.44 -37.17
C TYR M 130 86.67 -23.13 -37.93
N PRO M 131 86.41 -23.60 -39.13
CA PRO M 131 87.48 -24.14 -39.96
C PRO M 131 88.44 -23.03 -40.38
N ASP M 132 89.66 -23.44 -40.73
CA ASP M 132 90.68 -22.48 -41.11
C ASP M 132 90.26 -21.68 -42.32
N THR M 133 89.45 -22.28 -43.19
CA THR M 133 89.00 -21.59 -44.38
C THR M 133 88.22 -20.33 -44.05
N LEU M 134 87.30 -20.40 -43.11
CA LEU M 134 86.46 -19.26 -42.77
C LEU M 134 87.19 -18.18 -42.00
N LYS M 135 88.45 -18.41 -41.60
CA LYS M 135 89.17 -17.43 -40.82
C LYS M 135 89.18 -16.07 -41.49
N ALA M 136 89.13 -16.04 -42.81
CA ALA M 136 89.08 -14.78 -43.54
C ALA M 136 87.87 -13.97 -43.11
N TRP M 137 86.67 -14.53 -43.24
CA TRP M 137 85.51 -13.69 -43.05
C TRP M 137 84.90 -14.00 -41.71
N PRO M 138 85.09 -13.15 -40.71
CA PRO M 138 84.56 -13.47 -39.38
C PRO M 138 83.06 -13.39 -39.33
N ALA M 139 82.48 -12.45 -40.07
CA ALA M 139 81.09 -12.08 -39.83
C ALA M 139 80.15 -13.26 -39.95
N THR M 140 80.59 -14.37 -40.52
CA THR M 140 79.80 -15.57 -40.58
C THR M 140 79.92 -16.42 -39.34
N TRP M 141 80.91 -16.18 -38.49
CA TRP M 141 81.07 -17.00 -37.31
C TRP M 141 79.81 -16.99 -36.48
N LYS M 142 79.52 -18.12 -35.84
CA LYS M 142 78.46 -18.17 -34.85
C LYS M 142 78.90 -19.11 -33.74
N VAL M 143 78.21 -19.00 -32.60
CA VAL M 143 78.61 -19.72 -31.40
C VAL M 143 78.61 -21.21 -31.67
N SER M 144 79.65 -21.89 -31.20
CA SER M 144 79.78 -23.32 -31.40
C SER M 144 78.77 -24.07 -30.53
N ARG M 145 78.37 -25.26 -30.98
CA ARG M 145 77.29 -25.98 -30.30
C ARG M 145 77.77 -26.70 -29.06
N GLU M 146 79.04 -27.12 -29.02
CA GLU M 146 79.53 -27.86 -27.87
C GLU M 146 79.38 -27.06 -26.60
N LEU M 147 79.63 -25.77 -26.67
CA LEU M 147 79.57 -24.89 -25.51
C LEU M 147 78.22 -24.22 -25.36
N CYS M 148 77.23 -24.64 -26.15
CA CYS M 148 75.99 -23.90 -26.38
C CYS M 148 75.40 -23.33 -25.10
N HIS M 149 75.46 -24.08 -24.01
CA HIS M 149 74.94 -23.55 -22.76
C HIS M 149 76.00 -22.87 -21.91
N ARG M 150 77.28 -22.95 -22.28
CA ARG M 150 78.28 -22.31 -21.46
C ARG M 150 78.40 -20.82 -21.77
N PHE M 151 78.11 -20.41 -22.99
CA PHE M 151 78.28 -19.02 -23.40
C PHE M 151 76.99 -18.50 -24.03
N VAL M 152 76.92 -17.18 -24.16
CA VAL M 152 75.81 -16.53 -24.84
C VAL M 152 76.28 -15.14 -25.26
N VAL M 153 75.60 -14.55 -26.23
CA VAL M 153 75.95 -13.24 -26.75
C VAL M 153 74.74 -12.35 -26.62
N LYS M 154 74.84 -11.32 -25.79
CA LYS M 154 73.68 -10.48 -25.53
C LYS M 154 73.61 -9.26 -26.42
N ARG M 155 74.66 -8.96 -27.18
CA ARG M 155 74.63 -7.85 -28.12
C ARG M 155 75.51 -8.16 -29.31
N ARG M 156 75.30 -7.40 -30.39
CA ARG M 156 76.06 -7.56 -31.61
C ARG M 156 76.13 -6.22 -32.31
N TRP M 157 77.23 -5.97 -33.01
CA TRP M 157 77.30 -4.76 -33.81
C TRP M 157 78.13 -5.02 -35.06
N LEU M 158 77.87 -4.22 -36.09
CA LEU M 158 78.58 -4.28 -37.34
C LEU M 158 79.19 -2.93 -37.67
N PHE M 159 80.26 -2.97 -38.46
CA PHE M 159 80.85 -1.78 -39.00
C PHE M 159 81.67 -2.19 -40.21
N ASN M 160 81.99 -1.22 -41.05
CA ASN M 160 82.76 -1.50 -42.24
C ASN M 160 83.71 -0.36 -42.51
N MET M 161 84.82 -0.69 -43.14
CA MET M 161 85.86 0.28 -43.43
C MET M 161 86.66 -0.21 -44.63
N GLU M 162 87.42 0.70 -45.22
CA GLU M 162 88.16 0.38 -46.43
C GLU M 162 89.36 1.30 -46.54
N THR M 163 90.31 0.88 -47.35
CA THR M 163 91.50 1.67 -47.61
C THR M 163 91.81 1.68 -49.08
N ASP M 164 92.33 2.81 -49.54
CA ASP M 164 92.65 3.02 -50.94
C ASP M 164 94.10 2.73 -51.28
N GLY M 165 94.91 2.37 -50.28
CA GLY M 165 96.32 2.20 -50.52
C GLY M 165 97.14 3.46 -50.44
N ARG M 166 96.75 4.42 -49.61
CA ARG M 166 97.49 5.65 -49.49
C ARG M 166 97.54 6.08 -48.02
N ILE M 167 98.73 6.35 -47.53
CA ILE M 167 98.90 6.79 -46.15
C ILE M 167 98.54 8.26 -46.07
N GLY M 168 98.09 8.70 -44.89
CA GLY M 168 97.62 10.07 -44.76
C GLY M 168 98.68 11.11 -45.04
N SER M 169 99.89 10.92 -44.51
CA SER M 169 100.91 11.95 -44.61
C SER M 169 101.38 12.22 -46.03
N ASP M 170 100.94 11.42 -47.00
CA ASP M 170 101.43 11.55 -48.36
C ASP M 170 100.79 12.75 -49.05
N ILE M 171 101.61 13.55 -49.72
CA ILE M 171 101.14 14.75 -50.40
C ILE M 171 100.62 14.39 -51.79
N PRO M 172 99.39 14.74 -52.13
CA PRO M 172 98.92 14.54 -53.49
C PRO M 172 99.76 15.33 -54.47
N PRO M 173 100.00 14.79 -55.66
CA PRO M 173 100.63 15.57 -56.71
C PRO M 173 99.67 16.64 -57.21
N SER M 174 100.25 17.73 -57.69
CA SER M 174 99.46 18.89 -58.10
C SER M 174 98.54 18.62 -59.28
N ASN M 175 98.68 17.48 -59.94
CA ASN M 175 97.88 17.22 -61.13
C ASN M 175 96.46 16.77 -60.79
N ALA M 176 96.31 15.80 -59.89
CA ALA M 176 95.02 15.17 -59.68
C ALA M 176 94.83 14.93 -58.19
N SER M 177 93.60 14.53 -57.82
CA SER M 177 93.24 14.40 -56.41
C SER M 177 92.53 13.10 -56.07
N TRP M 178 92.05 12.99 -54.83
CA TRP M 178 91.33 11.80 -54.40
C TRP M 178 90.21 12.20 -53.47
N LYS M 179 89.15 11.39 -53.45
CA LYS M 179 88.14 11.47 -52.41
C LYS M 179 88.29 10.22 -51.56
N PRO M 180 88.90 10.30 -50.40
CA PRO M 180 89.03 9.10 -49.56
C PRO M 180 87.98 9.03 -48.47
N CYS M 181 86.71 8.98 -48.84
CA CYS M 181 85.66 8.88 -47.83
C CYS M 181 85.84 7.60 -47.02
N LYS M 182 85.61 7.73 -45.72
CA LYS M 182 85.62 6.59 -44.81
C LYS M 182 86.96 5.86 -44.82
N ARG M 183 88.05 6.61 -44.65
CA ARG M 183 89.29 5.96 -44.26
C ARG M 183 89.27 5.61 -42.79
N ASN M 184 88.80 6.52 -41.95
CA ASN M 184 88.64 6.27 -40.54
C ASN M 184 87.19 6.54 -40.15
N ILE M 185 86.80 6.04 -38.98
CA ILE M 185 85.39 6.00 -38.62
C ILE M 185 85.25 6.28 -37.13
N TYR M 186 84.10 6.84 -36.77
CA TYR M 186 83.76 7.17 -35.39
C TYR M 186 82.62 6.28 -34.95
N PHE M 187 82.89 5.42 -33.97
CA PHE M 187 81.95 4.39 -33.57
C PHE M 187 81.54 4.59 -32.12
N HIS M 188 80.23 4.57 -31.86
CA HIS M 188 79.74 4.69 -30.51
C HIS M 188 78.38 4.02 -30.40
N LYS M 189 78.10 3.47 -29.23
CA LYS M 189 76.80 2.87 -28.95
C LYS M 189 76.49 3.07 -27.48
N PHE M 190 75.20 3.06 -27.17
CA PHE M 190 74.72 3.25 -25.81
C PHE M 190 73.55 2.32 -25.61
N THR M 191 73.59 1.50 -24.57
CA THR M 191 72.51 0.54 -24.36
C THR M 191 72.23 0.31 -22.88
N SER M 192 70.96 0.35 -22.52
CA SER M 192 70.53 0.10 -21.14
C SER M 192 69.99 -1.30 -20.91
N GLY M 193 69.91 -2.13 -21.95
CA GLY M 193 69.07 -3.32 -21.85
C GLY M 193 69.63 -4.37 -20.91
N LEU M 194 70.91 -4.67 -21.03
CA LEU M 194 71.45 -5.87 -20.42
C LEU M 194 71.43 -5.76 -18.90
N GLY M 195 71.55 -6.92 -18.27
CA GLY M 195 71.87 -6.98 -16.86
C GLY M 195 72.61 -8.26 -16.59
N VAL M 196 73.46 -8.24 -15.57
CA VAL M 196 74.39 -9.34 -15.31
C VAL M 196 74.55 -9.50 -13.81
N ARG M 197 74.62 -10.75 -13.36
CA ARG M 197 74.80 -11.06 -11.96
C ARG M 197 76.16 -11.71 -11.77
N THR M 198 76.97 -11.15 -10.88
CA THR M 198 78.33 -11.62 -10.69
C THR M 198 78.62 -11.81 -9.20
N GLN M 199 79.40 -12.83 -8.89
CA GLN M 199 79.88 -13.06 -7.54
C GLN M 199 81.38 -13.29 -7.58
N TRP M 200 82.02 -13.14 -6.44
CA TRP M 200 83.47 -13.06 -6.38
C TRP M 200 84.02 -14.01 -5.32
N LYS M 201 85.19 -14.59 -5.62
CA LYS M 201 85.99 -15.17 -4.57
C LYS M 201 86.51 -14.06 -3.67
N ASN M 202 86.95 -14.43 -2.48
CA ASN M 202 87.37 -13.42 -1.52
C ASN M 202 88.85 -13.17 -1.69
N VAL M 203 89.19 -12.03 -2.27
CA VAL M 203 90.55 -11.52 -2.41
C VAL M 203 90.45 -10.02 -2.60
N THR M 204 91.59 -9.35 -2.71
CA THR M 204 91.58 -7.93 -3.06
C THR M 204 91.47 -7.73 -4.55
N ASP M 205 92.09 -8.59 -5.32
CA ASP M 205 92.43 -8.30 -6.71
C ASP M 205 91.18 -8.17 -7.58
N GLY M 206 91.36 -7.50 -8.71
CA GLY M 206 90.33 -7.41 -9.72
C GLY M 206 90.59 -8.20 -10.98
N GLY M 207 91.59 -9.07 -10.98
CA GLY M 207 91.89 -9.85 -12.15
C GLY M 207 90.84 -10.90 -12.45
N VAL M 208 91.09 -11.65 -13.52
CA VAL M 208 90.13 -12.67 -13.94
C VAL M 208 90.07 -13.83 -12.96
N GLY M 209 91.22 -14.21 -12.38
CA GLY M 209 91.24 -15.38 -11.51
C GLY M 209 90.33 -15.27 -10.31
N ALA M 210 89.89 -14.05 -9.97
CA ALA M 210 89.09 -13.87 -8.78
C ALA M 210 87.63 -14.25 -8.99
N ILE M 211 87.11 -14.08 -10.19
CA ILE M 211 85.68 -14.17 -10.40
C ILE M 211 85.21 -15.62 -10.28
N GLN M 212 84.16 -15.84 -9.50
CA GLN M 212 83.56 -17.17 -9.41
C GLN M 212 82.61 -17.42 -10.56
N ARG M 213 81.78 -16.44 -10.89
CA ARG M 213 80.75 -16.65 -11.91
C ARG M 213 80.37 -15.31 -12.51
N GLY M 214 79.92 -15.32 -13.77
CA GLY M 214 79.40 -14.13 -14.41
C GLY M 214 80.39 -13.22 -15.12
N ALA M 215 81.47 -13.77 -15.67
CA ALA M 215 82.42 -12.93 -16.38
C ALA M 215 81.80 -12.33 -17.62
N LEU M 216 82.42 -11.27 -18.12
CA LEU M 216 81.91 -10.52 -19.26
C LEU M 216 83.05 -10.18 -20.19
N TYR M 217 82.98 -10.64 -21.43
CA TYR M 217 84.05 -10.49 -22.40
C TYR M 217 83.65 -9.55 -23.53
N MET M 218 84.65 -8.90 -24.10
CA MET M 218 84.51 -8.09 -25.30
C MET M 218 85.46 -8.61 -26.36
N VAL M 219 85.00 -8.67 -27.60
CA VAL M 219 85.76 -9.28 -28.68
C VAL M 219 85.69 -8.38 -29.90
N ILE M 220 86.82 -8.25 -30.61
CA ILE M 220 86.89 -7.46 -31.82
C ILE M 220 87.33 -8.36 -32.96
N ALA M 221 86.62 -8.29 -34.07
CA ALA M 221 86.90 -9.13 -35.23
C ALA M 221 87.28 -8.25 -36.41
N PRO M 222 88.50 -8.34 -36.92
CA PRO M 222 88.89 -7.51 -38.06
C PRO M 222 88.28 -7.99 -39.35
N GLY M 223 88.29 -7.11 -40.34
CA GLY M 223 87.92 -7.50 -41.69
C GLY M 223 88.99 -8.35 -42.34
N ASN M 224 88.64 -8.92 -43.49
CA ASN M 224 89.55 -9.81 -44.19
C ASN M 224 90.87 -9.10 -44.50
N GLY M 225 91.96 -9.72 -44.08
CA GLY M 225 93.29 -9.22 -44.39
C GLY M 225 93.47 -7.74 -44.10
N LEU M 226 92.78 -7.25 -43.08
CA LEU M 226 92.79 -5.82 -42.76
C LEU M 226 93.05 -5.66 -41.27
N THR M 227 94.17 -5.05 -40.93
CA THR M 227 94.59 -4.90 -39.54
C THR M 227 94.58 -3.43 -39.16
N PHE M 228 94.22 -3.15 -37.91
CA PHE M 228 94.09 -1.77 -37.49
C PHE M 228 94.23 -1.71 -35.98
N THR M 229 94.42 -0.48 -35.49
CA THR M 229 94.41 -0.18 -34.07
C THR M 229 93.30 0.81 -33.78
N ALA M 230 92.91 0.90 -32.52
CA ALA M 230 91.78 1.71 -32.10
C ALA M 230 92.14 2.54 -30.89
N HIS M 231 91.47 3.68 -30.76
CA HIS M 231 91.63 4.55 -29.61
C HIS M 231 90.25 4.85 -29.03
N GLY M 232 90.20 5.13 -27.75
CA GLY M 232 88.96 5.53 -27.12
C GLY M 232 88.92 5.09 -25.67
N GLN M 233 87.73 5.21 -25.09
CA GLN M 233 87.52 4.86 -23.69
C GLN M 233 86.05 4.52 -23.50
N THR M 234 85.76 3.83 -22.40
CA THR M 234 84.42 3.36 -22.13
C THR M 234 84.07 3.59 -20.67
N ARG M 235 82.78 3.52 -20.37
CA ARG M 235 82.31 3.63 -19.01
C ARG M 235 81.38 2.48 -18.68
N LEU M 236 81.19 2.26 -17.38
CA LEU M 236 80.29 1.25 -16.88
C LEU M 236 79.40 1.84 -15.80
N TYR M 237 78.37 1.09 -15.43
CA TYR M 237 77.43 1.51 -14.40
C TYR M 237 77.02 0.28 -13.60
N PHE M 238 77.06 0.38 -12.28
CA PHE M 238 76.72 -0.77 -11.45
C PHE M 238 76.50 -0.30 -10.02
N LYS M 239 76.13 -1.25 -9.17
CA LYS M 239 76.08 -1.01 -7.73
C LYS M 239 76.27 -2.32 -7.00
N SER M 240 76.93 -2.26 -5.86
CA SER M 240 77.08 -3.44 -5.02
C SER M 240 75.77 -3.74 -4.31
N VAL M 241 75.63 -4.98 -3.86
CA VAL M 241 74.46 -5.41 -3.10
C VAL M 241 74.82 -6.65 -2.32
N GLY M 242 74.04 -6.96 -1.30
CA GLY M 242 74.19 -8.19 -0.55
C GLY M 242 74.85 -7.97 0.79
N ASN M 243 74.93 -9.06 1.55
CA ASN M 243 75.54 -9.07 2.88
C ASN M 243 74.93 -8.01 3.77
N ALA N 31 54.08 -12.89 -32.42
CA ALA N 31 55.43 -12.71 -32.94
C ALA N 31 56.17 -14.05 -32.97
N GLY N 32 55.88 -14.85 -33.98
CA GLY N 32 56.50 -16.16 -34.11
C GLY N 32 55.58 -17.10 -34.87
N SER N 33 56.04 -18.34 -35.01
CA SER N 33 55.22 -19.35 -35.68
C SER N 33 55.19 -20.66 -34.91
N LYS N 34 54.02 -21.02 -34.37
CA LYS N 34 53.79 -22.28 -33.68
C LYS N 34 54.92 -22.61 -32.71
N ALA N 35 55.39 -21.58 -32.00
CA ALA N 35 56.44 -21.78 -31.02
C ALA N 35 55.95 -22.66 -29.89
N ASP N 36 56.86 -23.44 -29.33
CA ASP N 36 56.56 -24.39 -28.27
C ASP N 36 57.64 -24.35 -27.21
N ARG N 37 57.21 -24.42 -25.96
CA ARG N 37 58.11 -24.23 -24.82
C ARG N 37 59.37 -25.09 -24.87
N PRO N 38 59.30 -26.40 -25.14
CA PRO N 38 60.54 -27.16 -25.30
C PRO N 38 61.31 -26.71 -26.53
N SER N 39 62.61 -26.94 -26.51
CA SER N 39 63.47 -26.51 -27.59
C SER N 39 63.16 -27.26 -28.88
N LEU N 40 63.61 -26.70 -29.99
CA LEU N 40 63.37 -27.27 -31.30
C LEU N 40 64.67 -27.74 -31.93
N GLN N 41 64.58 -28.77 -32.75
CA GLN N 41 65.77 -29.38 -33.31
C GLN N 41 66.48 -28.43 -34.26
N ILE N 42 67.75 -28.71 -34.53
CA ILE N 42 68.60 -27.85 -35.32
C ILE N 42 69.33 -28.68 -36.36
N GLN N 43 69.40 -28.16 -37.59
CA GLN N 43 70.20 -28.75 -38.64
C GLN N 43 71.01 -27.66 -39.32
N THR N 44 72.23 -28.00 -39.74
CA THR N 44 73.15 -27.04 -40.32
C THR N 44 73.65 -27.55 -41.67
N LEU N 45 74.22 -26.62 -42.43
CA LEU N 45 74.89 -26.96 -43.67
C LEU N 45 76.23 -26.25 -43.70
N GLN N 46 77.21 -26.88 -44.33
CA GLN N 46 78.56 -26.36 -44.38
C GLN N 46 78.95 -26.18 -45.83
N HIS N 47 79.09 -24.93 -46.26
CA HIS N 47 79.58 -24.62 -47.59
C HIS N 47 80.83 -23.78 -47.44
N ALA N 48 81.98 -24.36 -47.77
CA ALA N 48 83.26 -23.72 -47.59
C ALA N 48 84.34 -24.66 -48.11
N GLY N 49 85.52 -24.11 -48.34
CA GLY N 49 86.65 -24.93 -48.72
C GLY N 49 86.35 -25.74 -49.97
N THR N 50 86.45 -27.06 -49.83
CA THR N 50 86.13 -27.96 -50.93
C THR N 50 84.74 -27.71 -51.49
N THR N 51 83.77 -27.46 -50.62
CA THR N 51 82.41 -27.23 -51.06
C THR N 51 82.16 -25.73 -51.03
N MET N 52 82.13 -25.13 -52.21
CA MET N 52 81.77 -23.73 -52.38
C MET N 52 80.79 -23.66 -53.52
N ILE N 53 79.56 -23.22 -53.22
CA ILE N 53 78.59 -23.05 -54.28
C ILE N 53 79.18 -22.13 -55.32
N THR N 54 79.23 -22.59 -56.57
CA THR N 54 79.83 -21.84 -57.65
C THR N 54 78.84 -21.79 -58.81
N VAL N 55 78.49 -20.59 -59.24
CA VAL N 55 77.37 -20.42 -60.15
C VAL N 55 77.83 -19.86 -61.50
N PRO N 56 77.80 -20.68 -62.55
CA PRO N 56 77.89 -20.13 -63.89
C PRO N 56 76.57 -19.50 -64.30
N SER N 57 76.62 -18.71 -65.36
CA SER N 57 75.43 -18.03 -65.85
C SER N 57 74.30 -19.03 -66.07
N GLY N 58 73.12 -18.69 -65.59
CA GLY N 58 71.98 -19.59 -65.67
C GLY N 58 71.61 -20.23 -64.35
N GLY N 59 72.30 -19.93 -63.28
CA GLY N 59 71.88 -20.38 -61.96
C GLY N 59 72.15 -21.85 -61.72
N VAL N 60 71.83 -22.28 -60.50
CA VAL N 60 72.01 -23.67 -60.12
C VAL N 60 70.89 -24.06 -59.16
N CYS N 61 70.42 -25.28 -59.31
CA CYS N 61 69.35 -25.83 -58.49
C CYS N 61 69.97 -26.61 -57.34
N ASP N 62 69.32 -26.58 -56.19
CA ASP N 62 69.80 -27.31 -55.03
C ASP N 62 68.65 -27.56 -54.07
N LEU N 63 68.84 -28.54 -53.19
CA LEU N 63 67.88 -28.87 -52.16
C LEU N 63 68.52 -28.73 -50.79
N ILE N 64 67.91 -27.92 -49.92
CA ILE N 64 68.43 -27.67 -48.59
C ILE N 64 67.75 -28.49 -47.51
N ASN N 65 66.74 -29.28 -47.84
CA ASN N 65 65.91 -29.85 -46.80
C ASN N 65 66.38 -31.23 -46.36
N THR N 66 67.52 -31.69 -46.86
CA THR N 66 68.00 -33.03 -46.59
C THR N 66 68.07 -33.33 -45.09
N TYR N 67 67.52 -34.49 -44.71
CA TYR N 67 67.52 -34.96 -43.34
C TYR N 67 67.80 -36.45 -43.33
N ALA N 68 68.70 -36.88 -42.46
CA ALA N 68 68.86 -38.32 -42.25
C ALA N 68 67.86 -38.79 -41.20
N ARG N 69 67.84 -40.09 -40.95
CA ARG N 69 67.02 -40.67 -39.90
C ARG N 69 67.89 -41.56 -39.04
N GLY N 70 67.74 -41.44 -37.73
CA GLY N 70 68.52 -42.26 -36.83
C GLY N 70 68.52 -41.69 -35.43
N SER N 71 69.54 -42.07 -34.68
CA SER N 71 69.64 -41.67 -33.29
C SER N 71 70.12 -40.23 -33.16
N ASP N 72 71.03 -39.81 -34.02
CA ASP N 72 71.70 -38.54 -33.85
C ASP N 72 70.71 -37.38 -33.87
N GLU N 73 70.98 -36.39 -33.03
CA GLU N 73 70.15 -35.19 -33.01
C GLU N 73 70.30 -34.44 -34.31
N GLY N 74 69.19 -33.89 -34.79
CA GLY N 74 69.16 -33.19 -36.05
C GLY N 74 68.64 -34.08 -37.16
N ASN N 75 68.76 -35.39 -36.97
CA ASN N 75 68.13 -36.31 -37.89
C ASN N 75 66.66 -36.46 -37.52
N ARG N 76 65.84 -36.81 -38.51
CA ARG N 76 64.41 -36.92 -38.28
C ARG N 76 64.07 -38.25 -37.63
N HIS N 77 63.26 -38.21 -36.59
CA HIS N 77 62.84 -39.41 -35.89
C HIS N 77 61.64 -40.09 -36.52
N THR N 78 60.88 -39.39 -37.36
CA THR N 78 59.62 -39.93 -37.82
C THR N 78 59.53 -39.89 -39.34
N SER N 79 58.35 -40.20 -39.86
CA SER N 79 58.12 -40.09 -41.29
C SER N 79 57.46 -38.78 -41.68
N GLU N 80 57.20 -37.90 -40.73
CA GLU N 80 56.47 -36.66 -40.97
C GLU N 80 57.19 -35.50 -40.31
N THR N 81 57.47 -34.46 -41.09
CA THR N 81 58.27 -33.34 -40.61
C THR N 81 57.66 -32.01 -41.02
N LEU N 82 57.65 -31.06 -40.09
CA LEU N 82 57.30 -29.68 -40.36
C LEU N 82 58.52 -28.82 -40.09
N THR N 83 58.72 -27.80 -40.92
CA THR N 83 59.78 -26.83 -40.70
C THR N 83 59.17 -25.45 -40.45
N TYR N 84 59.91 -24.62 -39.73
CA TYR N 84 59.36 -23.32 -39.37
C TYR N 84 60.25 -22.16 -39.76
N LYS N 85 61.33 -21.96 -39.02
CA LYS N 85 62.12 -20.75 -39.14
C LYS N 85 63.45 -21.09 -39.80
N ILE N 86 63.95 -20.16 -40.60
CA ILE N 86 65.20 -20.36 -41.32
C ILE N 86 66.00 -19.07 -41.30
N ALA N 87 67.30 -19.20 -41.12
CA ALA N 87 68.21 -18.06 -41.15
C ALA N 87 69.34 -18.38 -42.11
N ILE N 88 69.79 -17.37 -42.84
CA ILE N 88 70.76 -17.56 -43.90
C ILE N 88 71.85 -16.53 -43.75
N ASP N 89 73.11 -16.99 -43.79
CA ASP N 89 74.27 -16.11 -43.83
C ASP N 89 75.20 -16.58 -44.92
N TYR N 90 75.80 -15.64 -45.64
CA TYR N 90 76.82 -15.98 -46.61
C TYR N 90 77.77 -14.82 -46.82
N HIS N 91 78.90 -15.14 -47.40
CA HIS N 91 79.74 -14.14 -48.05
C HIS N 91 79.72 -14.36 -49.55
N PHE N 92 79.78 -13.27 -50.29
CA PHE N 92 79.94 -13.31 -51.73
C PHE N 92 81.27 -12.69 -52.12
N VAL N 93 81.81 -13.12 -53.25
CA VAL N 93 82.97 -12.47 -53.84
C VAL N 93 82.93 -12.69 -55.34
N ALA N 94 83.33 -11.67 -56.09
CA ALA N 94 83.41 -11.82 -57.53
C ALA N 94 84.53 -12.79 -57.89
N ASP N 95 84.42 -13.38 -59.07
CA ASP N 95 85.45 -14.25 -59.58
C ASP N 95 86.33 -13.48 -60.55
N ALA N 96 87.65 -13.71 -60.43
CA ALA N 96 88.59 -13.07 -61.34
C ALA N 96 88.30 -13.41 -62.79
N ALA N 97 87.74 -14.59 -63.04
CA ALA N 97 87.44 -15.01 -64.41
C ALA N 97 86.59 -13.98 -65.13
N ALA N 98 85.65 -13.35 -64.42
CA ALA N 98 84.81 -12.31 -65.00
C ALA N 98 85.33 -10.90 -64.74
N CYS N 99 86.41 -10.77 -63.96
CA CYS N 99 86.91 -9.43 -63.67
C CYS N 99 87.61 -8.78 -64.86
N ARG N 100 87.80 -9.50 -65.96
CA ARG N 100 88.41 -8.91 -67.13
C ARG N 100 87.55 -7.83 -67.77
N TYR N 101 86.32 -7.67 -67.31
CA TYR N 101 85.42 -6.65 -67.80
C TYR N 101 84.96 -5.79 -66.63
N SER N 102 84.38 -4.64 -66.93
CA SER N 102 83.89 -3.74 -65.90
C SER N 102 82.44 -3.39 -66.20
N ASN N 103 81.54 -3.90 -65.38
CA ASN N 103 80.15 -3.48 -65.40
C ASN N 103 79.51 -3.88 -64.08
N THR N 104 78.37 -3.29 -63.79
CA THR N 104 77.59 -3.71 -62.66
C THR N 104 76.61 -4.78 -63.09
N GLY N 105 75.68 -5.11 -62.22
CA GLY N 105 74.64 -6.07 -62.54
C GLY N 105 73.69 -6.19 -61.38
N THR N 106 72.81 -7.19 -61.47
CA THR N 106 71.87 -7.46 -60.39
C THR N 106 71.64 -8.96 -60.28
N GLY N 107 71.68 -9.47 -59.04
CA GLY N 107 71.43 -10.87 -58.78
C GLY N 107 70.11 -11.10 -58.08
N VAL N 108 69.78 -12.38 -57.93
CA VAL N 108 68.49 -12.81 -57.39
C VAL N 108 68.68 -14.10 -56.61
N MET N 109 67.97 -14.22 -55.50
CA MET N 109 67.90 -15.44 -54.74
C MET N 109 66.43 -15.74 -54.46
N TRP N 110 65.97 -16.93 -54.83
CA TRP N 110 64.62 -17.33 -54.56
C TRP N 110 64.58 -18.49 -53.57
N LEU N 111 63.46 -18.60 -52.89
CA LEU N 111 63.17 -19.75 -52.06
C LEU N 111 61.92 -20.40 -52.63
N VAL N 112 62.07 -21.57 -53.23
CA VAL N 112 61.02 -22.19 -54.04
C VAL N 112 60.52 -23.45 -53.36
N TYR N 113 59.21 -23.57 -53.25
CA TYR N 113 58.58 -24.74 -52.66
C TYR N 113 57.98 -25.62 -53.73
N ASP N 114 58.05 -26.93 -53.51
CA ASP N 114 57.60 -27.92 -54.47
C ASP N 114 56.44 -28.73 -53.88
N THR N 115 55.63 -29.30 -54.77
CA THR N 115 54.60 -30.24 -54.34
C THR N 115 55.11 -31.67 -54.51
N THR N 116 55.19 -32.13 -55.75
CA THR N 116 55.68 -33.48 -56.03
C THR N 116 56.94 -33.39 -56.86
N PRO N 117 58.09 -33.82 -56.35
CA PRO N 117 59.31 -33.77 -57.15
C PRO N 117 59.33 -34.89 -58.16
N GLY N 118 59.91 -34.61 -59.32
CA GLY N 118 60.15 -35.65 -60.28
C GLY N 118 61.24 -36.58 -59.81
N GLY N 119 61.44 -37.66 -60.58
CA GLY N 119 62.53 -38.56 -60.29
C GLY N 119 63.90 -37.96 -60.56
N GLN N 120 63.96 -36.88 -61.33
CA GLN N 120 65.20 -36.24 -61.70
C GLN N 120 65.27 -34.83 -61.10
N ALA N 121 66.48 -34.36 -60.91
CA ALA N 121 66.67 -33.05 -60.30
C ALA N 121 66.28 -31.95 -61.27
N PRO N 122 65.51 -30.96 -60.85
CA PRO N 122 65.13 -29.87 -61.75
C PRO N 122 66.32 -28.98 -62.03
N THR N 123 66.18 -28.21 -63.11
CA THR N 123 67.14 -27.18 -63.44
C THR N 123 66.37 -25.88 -63.71
N PRO N 124 66.97 -24.73 -63.45
CA PRO N 124 66.22 -23.47 -63.61
C PRO N 124 65.53 -23.35 -64.96
N GLN N 125 66.22 -23.69 -66.04
CA GLN N 125 65.62 -23.56 -67.36
C GLN N 125 64.31 -24.33 -67.43
N THR N 126 64.20 -25.40 -66.66
CA THR N 126 62.96 -26.15 -66.62
C THR N 126 61.94 -25.49 -65.70
N ILE N 127 62.40 -24.87 -64.60
CA ILE N 127 61.43 -24.34 -63.65
C ILE N 127 60.83 -23.06 -64.18
N PHE N 128 61.58 -22.30 -64.97
CA PHE N 128 61.11 -21.03 -65.49
C PHE N 128 61.20 -21.10 -67.01
N ALA N 129 60.09 -20.84 -67.67
CA ALA N 129 60.13 -20.80 -69.13
C ALA N 129 60.67 -19.45 -69.56
N TYR N 130 61.82 -19.44 -70.19
CA TYR N 130 62.34 -18.17 -70.64
C TYR N 130 62.98 -18.32 -72.02
N PRO N 131 62.79 -17.34 -72.89
CA PRO N 131 63.52 -17.35 -74.16
C PRO N 131 64.99 -17.13 -73.94
N ASP N 132 65.80 -17.56 -74.91
CA ASP N 132 67.24 -17.45 -74.80
C ASP N 132 67.66 -16.00 -74.67
N THR N 133 66.89 -15.08 -75.26
CA THR N 133 67.22 -13.68 -75.17
C THR N 133 67.28 -13.18 -73.75
N LEU N 134 66.29 -13.52 -72.94
CA LEU N 134 66.22 -13.03 -71.57
C LEU N 134 67.24 -13.68 -70.64
N LYS N 135 67.98 -14.68 -71.11
CA LYS N 135 68.93 -15.37 -70.25
C LYS N 135 69.89 -14.40 -69.58
N ALA N 136 70.18 -13.28 -70.24
CA ALA N 136 71.04 -12.27 -69.65
C ALA N 136 70.47 -11.76 -68.33
N TRP N 137 69.25 -11.27 -68.35
CA TRP N 137 68.78 -10.60 -67.15
C TRP N 137 67.81 -11.50 -66.44
N PRO N 138 68.21 -12.13 -65.35
CA PRO N 138 67.31 -13.06 -64.68
C PRO N 138 66.18 -12.35 -63.99
N ALA N 139 66.44 -11.17 -63.43
CA ALA N 139 65.52 -10.58 -62.48
C ALA N 139 64.13 -10.39 -63.05
N THR N 140 63.97 -10.49 -64.36
CA THR N 140 62.67 -10.43 -64.98
C THR N 140 61.96 -11.77 -65.02
N TRP N 141 62.67 -12.86 -64.78
CA TRP N 141 62.04 -14.17 -64.85
C TRP N 141 60.86 -14.22 -63.89
N LYS N 142 59.84 -14.96 -64.29
CA LYS N 142 58.75 -15.28 -63.39
C LYS N 142 58.28 -16.70 -63.68
N VAL N 143 57.53 -17.26 -62.72
CA VAL N 143 57.15 -18.66 -62.80
C VAL N 143 56.34 -18.91 -64.06
N SER N 144 56.64 -20.01 -64.73
CA SER N 144 55.95 -20.36 -65.96
C SER N 144 54.53 -20.82 -65.66
N ARG N 145 53.63 -20.63 -66.62
CA ARG N 145 52.21 -20.89 -66.38
C ARG N 145 51.87 -22.36 -66.46
N GLU N 146 52.61 -23.13 -67.26
CA GLU N 146 52.28 -24.54 -67.41
C GLU N 146 52.32 -25.26 -66.07
N LEU N 147 53.28 -24.91 -65.24
CA LEU N 147 53.48 -25.56 -63.96
C LEU N 147 52.79 -24.81 -62.83
N CYS N 148 51.96 -23.82 -63.16
CA CYS N 148 51.47 -22.81 -62.24
C CYS N 148 51.05 -23.38 -60.90
N HIS N 149 50.40 -24.53 -60.91
CA HIS N 149 50.00 -25.14 -59.65
C HIS N 149 51.01 -26.13 -59.11
N ARG N 150 52.04 -26.47 -59.88
CA ARG N 150 53.01 -27.42 -59.36
C ARG N 150 54.05 -26.77 -58.46
N PHE N 151 54.36 -25.49 -58.67
CA PHE N 151 55.38 -24.81 -57.92
C PHE N 151 54.83 -23.51 -57.34
N VAL N 152 55.58 -22.94 -56.39
CA VAL N 152 55.26 -21.64 -55.82
C VAL N 152 56.52 -21.10 -55.19
N VAL N 153 56.57 -19.80 -54.99
CA VAL N 153 57.73 -19.13 -54.42
C VAL N 153 57.27 -18.37 -53.20
N LYS N 154 57.75 -18.78 -52.03
CA LYS N 154 57.28 -18.16 -50.80
C LYS N 154 58.15 -17.01 -50.32
N ARG N 155 59.32 -16.81 -50.92
CA ARG N 155 60.17 -15.68 -50.56
C ARG N 155 60.96 -15.22 -51.78
N ARG N 156 61.48 -14.01 -51.68
CA ARG N 156 62.28 -13.43 -52.75
C ARG N 156 63.28 -12.47 -52.14
N TRP N 157 64.44 -12.35 -52.76
CA TRP N 157 65.39 -11.35 -52.31
C TRP N 157 66.19 -10.82 -53.49
N LEU N 158 66.69 -9.60 -53.32
CA LEU N 158 67.51 -8.94 -54.32
C LEU N 158 68.85 -8.55 -53.72
N PHE N 159 69.84 -8.42 -54.60
CA PHE N 159 71.13 -7.90 -54.22
C PHE N 159 71.80 -7.44 -55.50
N ASN N 160 72.81 -6.60 -55.33
CA ASN N 160 73.54 -6.09 -56.49
C ASN N 160 75.01 -5.98 -56.15
N MET N 161 75.83 -6.09 -57.18
CA MET N 161 77.28 -6.07 -57.01
C MET N 161 77.90 -5.63 -58.33
N GLU N 162 79.16 -5.23 -58.26
CA GLU N 162 79.83 -4.71 -59.44
C GLU N 162 81.32 -4.89 -59.28
N THR N 163 82.02 -4.83 -60.41
CA THR N 163 83.46 -4.95 -60.41
C THR N 163 84.06 -3.89 -61.31
N ASP N 164 85.23 -3.42 -60.92
CA ASP N 164 85.92 -2.36 -61.62
C ASP N 164 86.97 -2.88 -62.60
N GLY N 165 87.16 -4.19 -62.67
CA GLY N 165 88.21 -4.75 -63.49
C GLY N 165 89.57 -4.81 -62.83
N ARG N 166 89.62 -4.99 -61.52
CA ARG N 166 90.89 -5.07 -60.82
C ARG N 166 90.82 -6.15 -59.75
N ILE N 167 91.79 -7.04 -59.77
CA ILE N 167 91.85 -8.11 -58.77
C ILE N 167 92.41 -7.54 -57.48
N GLY N 168 92.04 -8.15 -56.35
CA GLY N 168 92.43 -7.61 -55.06
C GLY N 168 93.93 -7.55 -54.86
N SER N 169 94.62 -8.63 -55.20
CA SER N 169 96.04 -8.73 -54.89
C SER N 169 96.90 -7.71 -55.63
N ASP N 170 96.33 -6.95 -56.56
CA ASP N 170 97.10 -6.03 -57.37
C ASP N 170 97.47 -4.79 -56.58
N ILE N 171 98.73 -4.39 -56.67
CA ILE N 171 99.23 -3.22 -55.94
C ILE N 171 98.95 -1.95 -56.73
N PRO N 172 98.28 -0.97 -56.14
CA PRO N 172 98.11 0.30 -56.83
C PRO N 172 99.46 0.95 -57.08
N PRO N 173 99.61 1.62 -58.22
CA PRO N 173 100.81 2.42 -58.43
C PRO N 173 100.81 3.64 -57.51
N SER N 174 102.01 4.10 -57.17
CA SER N 174 102.16 5.16 -56.20
C SER N 174 101.58 6.50 -56.67
N ASN N 175 101.17 6.61 -57.93
CA ASN N 175 100.68 7.88 -58.43
C ASN N 175 99.24 8.15 -58.01
N ALA N 176 98.34 7.19 -58.22
CA ALA N 176 96.92 7.44 -58.06
C ALA N 176 96.27 6.24 -57.37
N SER N 177 95.00 6.41 -56.99
CA SER N 177 94.32 5.40 -56.20
C SER N 177 92.93 5.05 -56.71
N TRP N 178 92.20 4.25 -55.96
CA TRP N 178 90.84 3.87 -56.33
C TRP N 178 89.97 3.78 -55.08
N LYS N 179 88.68 4.01 -55.26
CA LYS N 179 87.69 3.68 -54.25
C LYS N 179 86.86 2.52 -54.80
N PRO N 180 87.11 1.30 -54.38
CA PRO N 180 86.32 0.17 -54.89
C PRO N 180 85.21 -0.23 -53.94
N CYS N 181 84.28 0.68 -53.67
CA CYS N 181 83.17 0.33 -52.80
C CYS N 181 82.37 -0.82 -53.39
N LYS N 182 81.95 -1.73 -52.52
CA LYS N 182 81.08 -2.84 -52.90
C LYS N 182 81.70 -3.71 -53.98
N ARG N 183 82.94 -4.13 -53.77
CA ARG N 183 83.44 -5.26 -54.56
C ARG N 183 82.86 -6.56 -54.04
N ASN N 184 82.83 -6.73 -52.73
CA ASN N 184 82.23 -7.88 -52.10
C ASN N 184 81.16 -7.42 -51.13
N ILE N 185 80.30 -8.34 -50.72
CA ILE N 185 79.09 -7.96 -50.00
C ILE N 185 78.77 -9.02 -48.95
N TYR N 186 78.13 -8.59 -47.88
CA TYR N 186 77.73 -9.43 -46.77
C TYR N 186 76.22 -9.54 -46.76
N PHE N 187 75.70 -10.73 -46.99
CA PHE N 187 74.27 -10.92 -47.17
C PHE N 187 73.72 -11.85 -46.10
N HIS N 188 72.64 -11.44 -45.45
CA HIS N 188 71.99 -12.26 -44.44
C HIS N 188 70.52 -11.90 -44.35
N LYS N 189 69.71 -12.90 -44.04
CA LYS N 189 68.29 -12.69 -43.83
C LYS N 189 67.81 -13.67 -42.77
N PHE N 190 66.73 -13.29 -42.10
CA PHE N 190 66.14 -14.12 -41.05
C PHE N 190 64.64 -14.00 -41.17
N THR N 191 63.93 -15.13 -41.26
CA THR N 191 62.50 -15.08 -41.44
C THR N 191 61.80 -16.22 -40.71
N SER N 192 60.73 -15.89 -39.99
CA SER N 192 59.94 -16.88 -39.29
C SER N 192 58.64 -17.25 -40.01
N GLY N 193 58.35 -16.62 -41.14
CA GLY N 193 56.99 -16.67 -41.64
C GLY N 193 56.59 -18.04 -42.15
N LEU N 194 57.43 -18.66 -42.96
CA LEU N 194 57.02 -19.79 -43.75
C LEU N 194 56.70 -20.99 -42.87
N GLY N 195 55.96 -21.93 -43.45
CA GLY N 195 55.84 -23.26 -42.88
C GLY N 195 55.61 -24.24 -43.99
N VAL N 196 56.04 -25.48 -43.78
CA VAL N 196 56.07 -26.47 -44.84
C VAL N 196 55.74 -27.83 -44.24
N ARG N 197 54.96 -28.62 -44.96
CA ARG N 197 54.57 -29.96 -44.54
C ARG N 197 55.22 -30.97 -45.46
N THR N 198 55.96 -31.92 -44.90
CA THR N 198 56.70 -32.89 -45.69
C THR N 198 56.47 -34.29 -45.17
N GLN N 199 56.40 -35.25 -46.08
CA GLN N 199 56.32 -36.65 -45.73
C GLN N 199 57.37 -37.41 -46.53
N TRP N 200 57.68 -38.62 -46.07
CA TRP N 200 58.83 -39.35 -46.57
C TRP N 200 58.46 -40.77 -46.94
N LYS N 201 59.10 -41.28 -47.99
CA LYS N 201 59.15 -42.71 -48.20
C LYS N 201 59.98 -43.34 -47.10
N ASN N 202 59.83 -44.64 -46.93
CA ASN N 202 60.51 -45.31 -45.83
C ASN N 202 61.85 -45.82 -46.33
N VAL N 203 62.91 -45.14 -45.92
CA VAL N 203 64.30 -45.53 -46.16
C VAL N 203 65.14 -44.84 -45.08
N THR N 204 66.44 -45.10 -45.10
CA THR N 204 67.33 -44.38 -44.20
C THR N 204 67.73 -43.03 -44.80
N ASP N 205 67.90 -42.98 -46.10
CA ASP N 205 68.66 -41.92 -46.74
C ASP N 205 67.96 -40.58 -46.61
N GLY N 206 68.76 -39.52 -46.77
CA GLY N 206 68.27 -38.16 -46.81
C GLY N 206 68.30 -37.51 -48.18
N GLY N 207 68.56 -38.27 -49.24
CA GLY N 207 68.64 -37.70 -50.57
C GLY N 207 67.27 -37.28 -51.08
N VAL N 208 67.28 -36.76 -52.31
CA VAL N 208 66.05 -36.27 -52.90
C VAL N 208 65.10 -37.41 -53.25
N GLY N 209 65.62 -38.56 -53.68
CA GLY N 209 64.76 -39.64 -54.11
C GLY N 209 63.83 -40.15 -53.03
N ALA N 210 64.11 -39.83 -51.77
CA ALA N 210 63.30 -40.36 -50.68
C ALA N 210 62.00 -39.60 -50.49
N ILE N 211 61.98 -38.31 -50.79
CA ILE N 211 60.85 -37.47 -50.39
C ILE N 211 59.64 -37.80 -51.24
N GLN N 212 58.50 -38.01 -50.57
CA GLN N 212 57.25 -38.20 -51.28
C GLN N 212 56.63 -36.89 -51.69
N ARG N 213 56.62 -35.90 -50.80
CA ARG N 213 55.96 -34.65 -51.08
C ARG N 213 56.57 -33.54 -50.24
N GLY N 214 56.52 -32.30 -50.73
CA GLY N 214 56.97 -31.15 -49.97
C GLY N 214 58.44 -30.77 -50.05
N ALA N 215 59.08 -31.01 -51.19
CA ALA N 215 60.48 -30.64 -51.31
C ALA N 215 60.64 -29.12 -51.27
N LEU N 216 61.86 -28.69 -50.97
CA LEU N 216 62.17 -27.28 -50.81
C LEU N 216 63.48 -26.96 -51.50
N TYR N 217 63.44 -26.05 -52.47
CA TYR N 217 64.60 -25.74 -53.30
C TYR N 217 65.10 -24.33 -53.03
N MET N 218 66.40 -24.15 -53.24
CA MET N 218 67.04 -22.83 -53.21
C MET N 218 67.72 -22.60 -54.55
N VAL N 219 67.63 -21.38 -55.06
CA VAL N 219 68.13 -21.06 -56.38
C VAL N 219 68.88 -19.74 -56.33
N ILE N 220 70.00 -19.68 -57.04
CA ILE N 220 70.81 -18.47 -57.12
C ILE N 220 70.91 -18.04 -58.57
N ALA N 221 70.65 -16.76 -58.82
CA ALA N 221 70.66 -16.22 -60.18
C ALA N 221 71.75 -15.16 -60.29
N PRO N 222 72.76 -15.36 -61.11
CA PRO N 222 73.83 -14.37 -61.23
C PRO N 222 73.38 -13.17 -62.04
N GLY N 223 74.14 -12.09 -61.91
CA GLY N 223 73.95 -10.93 -62.75
C GLY N 223 74.43 -11.18 -64.17
N ASN N 224 74.10 -10.26 -65.06
CA ASN N 224 74.46 -10.40 -66.45
C ASN N 224 75.97 -10.57 -66.62
N GLY N 225 76.37 -11.63 -67.30
CA GLY N 225 77.76 -11.86 -67.61
C GLY N 225 78.68 -11.72 -66.42
N LEU N 226 78.20 -12.07 -65.24
CA LEU N 226 78.95 -11.89 -64.01
C LEU N 226 78.89 -13.18 -63.21
N THR N 227 80.05 -13.82 -63.02
CA THR N 227 80.13 -15.10 -62.35
C THR N 227 80.88 -14.94 -61.04
N PHE N 228 80.46 -15.69 -60.03
CA PHE N 228 81.07 -15.55 -58.72
C PHE N 228 80.86 -16.83 -57.92
N THR N 229 81.60 -16.93 -56.82
CA THR N 229 81.42 -17.99 -55.85
C THR N 229 81.07 -17.37 -54.50
N ALA N 230 80.52 -18.20 -53.62
CA ALA N 230 80.01 -17.72 -52.34
C ALA N 230 80.48 -18.64 -51.21
N HIS N 231 80.60 -18.06 -50.02
CA HIS N 231 80.95 -18.80 -48.83
C HIS N 231 79.92 -18.50 -47.77
N GLY N 232 79.74 -19.44 -46.85
CA GLY N 232 78.85 -19.23 -45.73
C GLY N 232 78.22 -20.53 -45.28
N GLN N 233 77.23 -20.39 -44.40
CA GLN N 233 76.53 -21.53 -43.85
C GLN N 233 75.14 -21.09 -43.42
N THR N 234 74.25 -22.06 -43.23
CA THR N 234 72.87 -21.78 -42.91
C THR N 234 72.39 -22.73 -41.83
N ARG N 235 71.27 -22.37 -41.21
CA ARG N 235 70.64 -23.22 -40.22
C ARG N 235 69.18 -23.41 -40.54
N LEU N 236 68.60 -24.44 -39.94
CA LEU N 236 67.17 -24.73 -40.08
C LEU N 236 66.58 -25.00 -38.70
N TYR N 237 65.25 -25.03 -38.67
CA TYR N 237 64.52 -25.28 -37.44
C TYR N 237 63.30 -26.12 -37.78
N PHE N 238 63.08 -27.19 -37.02
CA PHE N 238 61.94 -28.07 -37.31
C PHE N 238 61.72 -28.99 -36.12
N LYS N 239 60.66 -29.79 -36.23
CA LYS N 239 60.42 -30.86 -35.27
C LYS N 239 59.63 -31.97 -35.95
N SER N 240 59.91 -33.20 -35.56
CA SER N 240 59.14 -34.33 -36.07
C SER N 240 57.78 -34.37 -35.39
N VAL N 241 56.85 -35.06 -36.05
CA VAL N 241 55.50 -35.24 -35.49
C VAL N 241 54.88 -36.45 -36.17
N GLY N 242 53.85 -37.00 -35.54
CA GLY N 242 53.06 -38.07 -36.13
C GLY N 242 53.39 -39.42 -35.51
N ASN N 243 52.64 -40.42 -35.97
CA ASN N 243 52.79 -41.80 -35.53
C ASN N 243 52.72 -41.90 -34.02
N ALA O 31 39.04 45.16 24.07
CA ALA O 31 40.25 45.88 24.36
C ALA O 31 40.01 47.39 24.34
N GLY O 32 39.46 47.91 25.43
CA GLY O 32 39.16 49.32 25.53
C GLY O 32 38.00 49.54 26.48
N SER O 33 37.61 50.80 26.63
CA SER O 33 36.46 51.13 27.46
C SER O 33 35.50 52.10 26.78
N LYS O 34 34.30 51.63 26.45
CA LYS O 34 33.23 52.45 25.88
C LYS O 34 33.76 53.34 24.76
N ALA O 35 34.63 52.79 23.93
CA ALA O 35 35.16 53.53 22.82
C ALA O 35 34.06 53.86 21.82
N ASP O 36 34.20 55.00 21.17
CA ASP O 36 33.21 55.51 20.24
C ASP O 36 33.91 56.08 19.01
N ARG O 37 33.33 55.81 17.84
CA ARG O 37 33.96 56.15 16.57
C ARG O 37 34.41 57.60 16.47
N PRO O 38 33.61 58.60 16.81
CA PRO O 38 34.12 59.97 16.81
C PRO O 38 35.19 60.15 17.88
N SER O 39 36.04 61.15 17.66
CA SER O 39 37.15 61.39 18.57
C SER O 39 36.65 61.86 19.93
N LEU O 40 37.51 61.75 20.93
CA LEU O 40 37.18 62.13 22.30
C LEU O 40 38.00 63.34 22.72
N GLN O 41 37.43 64.14 23.62
CA GLN O 41 38.06 65.37 24.00
C GLN O 41 39.35 65.12 24.77
N ILE O 42 40.20 66.14 24.85
CA ILE O 42 41.51 66.02 25.45
C ILE O 42 41.74 67.18 26.41
N GLN O 43 42.30 66.88 27.57
CA GLN O 43 42.73 67.89 28.52
C GLN O 43 44.13 67.57 29.00
N THR O 44 44.93 68.62 29.24
CA THR O 44 46.31 68.46 29.62
C THR O 44 46.62 69.24 30.89
N LEU O 45 47.74 68.91 31.50
CA LEU O 45 48.25 69.65 32.63
C LEU O 45 49.72 69.91 32.42
N GLN O 46 50.19 71.04 32.91
CA GLN O 46 51.57 71.47 32.71
C GLN O 46 52.21 71.64 34.07
N HIS O 47 53.16 70.77 34.40
CA HIS O 47 53.93 70.90 35.62
C HIS O 47 55.39 71.00 35.22
N ALA O 48 55.98 72.18 35.41
CA ALA O 48 57.34 72.46 34.98
C ALA O 48 57.67 73.88 35.39
N GLY O 49 58.95 74.19 35.39
CA GLY O 49 59.38 75.56 35.63
C GLY O 49 58.86 76.08 36.95
N THR O 50 58.09 77.16 36.87
CA THR O 50 57.48 77.74 38.05
C THR O 50 56.64 76.72 38.81
N THR O 51 55.91 75.88 38.09
CA THR O 51 55.06 74.88 38.74
C THR O 51 55.79 73.55 38.67
N MET O 52 56.33 73.13 39.80
CA MET O 52 56.94 71.82 39.95
C MET O 52 56.39 71.21 41.22
N ILE O 53 55.68 70.10 41.09
CA ILE O 53 55.20 69.43 42.29
C ILE O 53 56.39 69.12 43.16
N THR O 54 56.34 69.59 44.41
CA THR O 54 57.44 69.42 45.35
C THR O 54 56.88 68.83 46.64
N VAL O 55 57.43 67.70 47.05
CA VAL O 55 56.80 66.94 48.13
C VAL O 55 57.71 66.84 49.35
N PRO O 56 57.37 67.53 50.43
CA PRO O 56 57.99 67.23 51.72
C PRO O 56 57.41 65.94 52.28
N SER O 57 58.11 65.40 53.29
CA SER O 57 57.68 64.16 53.92
C SER O 57 56.23 64.26 54.38
N GLY O 58 55.45 63.25 54.06
CA GLY O 58 54.03 63.26 54.36
C GLY O 58 53.13 63.46 53.17
N GLY O 59 53.69 63.59 51.98
CA GLY O 59 52.88 63.62 50.78
C GLY O 59 52.15 64.92 50.57
N VAL O 60 51.44 65.00 49.44
CA VAL O 60 50.66 66.18 49.12
C VAL O 60 49.41 65.75 48.38
N CYS O 61 48.31 66.44 48.67
CA CYS O 61 47.02 66.17 48.05
C CYS O 61 46.83 67.09 46.87
N ASP O 62 46.17 66.60 45.84
CA ASP O 62 45.91 67.42 44.66
C ASP O 62 44.72 66.85 43.90
N LEU O 63 44.12 67.68 43.07
CA LEU O 63 43.01 67.30 42.22
C LEU O 63 43.36 67.52 40.76
N ILE O 64 43.25 66.45 39.96
CA ILE O 64 43.60 66.51 38.55
C ILE O 64 42.40 66.67 37.64
N ASN O 65 41.19 66.69 38.17
CA ASN O 65 40.03 66.58 37.31
C ASN O 65 39.48 67.92 36.88
N THR O 66 40.15 69.02 37.21
CA THR O 66 39.66 70.35 36.94
C THR O 66 39.29 70.54 35.48
N TYR O 67 38.10 71.10 35.25
CA TYR O 67 37.59 71.39 33.92
C TYR O 67 36.89 72.74 33.94
N ALA O 68 37.18 73.59 32.98
CA ALA O 68 36.39 74.79 32.82
C ALA O 68 35.16 74.49 31.98
N ARG O 69 34.31 75.50 31.80
CA ARG O 69 33.15 75.40 30.93
C ARG O 69 33.12 76.58 29.99
N GLY O 70 32.88 76.32 28.72
CA GLY O 70 32.83 77.39 27.75
C GLY O 70 32.96 76.87 26.34
N SER O 71 33.40 77.76 25.47
CA SER O 71 33.51 77.43 24.05
C SER O 71 34.74 76.58 23.76
N ASP O 72 35.83 76.85 24.45
CA ASP O 72 37.11 76.26 24.10
C ASP O 72 37.05 74.74 24.21
N GLU O 73 37.75 74.07 23.29
CA GLU O 73 37.84 72.62 23.33
C GLU O 73 38.62 72.19 24.56
N GLY O 74 38.17 71.10 25.18
CA GLY O 74 38.78 70.61 26.38
C GLY O 74 38.01 71.06 27.60
N ASN O 75 37.27 72.14 27.46
CA ASN O 75 36.36 72.53 28.53
C ASN O 75 35.07 71.72 28.40
N ARG O 76 34.39 71.55 29.53
CA ARG O 76 33.18 70.74 29.53
C ARG O 76 31.99 71.56 29.03
N HIS O 77 31.22 70.95 28.13
CA HIS O 77 30.05 71.61 27.56
C HIS O 77 28.81 71.44 28.41
N THR O 78 28.79 70.48 29.33
CA THR O 78 27.55 70.15 30.02
C THR O 78 27.75 70.13 31.52
N SER O 79 26.73 69.68 32.24
CA SER O 79 26.85 69.54 33.68
C SER O 79 27.20 68.13 34.10
N GLU O 80 27.39 67.22 33.15
CA GLU O 80 27.63 65.81 33.44
C GLU O 80 28.79 65.30 32.61
N THR O 81 29.77 64.70 33.27
CA THR O 81 31.01 64.28 32.60
C THR O 81 31.41 62.88 33.03
N LEU O 82 31.84 62.08 32.07
CA LEU O 82 32.45 60.79 32.32
C LEU O 82 33.88 60.84 31.81
N THR O 83 34.80 60.21 32.54
CA THR O 83 36.18 60.10 32.09
C THR O 83 36.52 58.63 31.88
N TYR O 84 37.48 58.38 31.00
CA TYR O 84 37.81 57.01 30.66
C TYR O 84 39.27 56.66 30.84
N LYS O 85 40.11 57.11 29.93
CA LYS O 85 41.48 56.67 29.85
C LYS O 85 42.40 57.78 30.30
N ILE O 86 43.49 57.40 30.97
CA ILE O 86 44.45 58.37 31.49
C ILE O 86 45.85 57.84 31.27
N ALA O 87 46.76 58.73 30.89
CA ALA O 87 48.16 58.39 30.72
C ALA O 87 49.00 59.39 31.50
N ILE O 88 50.07 58.92 32.09
CA ILE O 88 50.87 59.72 32.99
C ILE O 88 52.33 59.58 32.61
N ASP O 89 53.02 60.70 32.48
CA ASP O 89 54.46 60.74 32.28
C ASP O 89 55.06 61.74 33.25
N TYR O 90 56.22 61.40 33.80
CA TYR O 90 56.96 62.36 34.61
C TYR O 90 58.43 62.03 34.60
N HIS O 91 59.21 63.01 35.02
CA HIS O 91 60.57 62.78 35.47
C HIS O 91 60.66 63.03 36.96
N PHE O 92 61.49 62.24 37.63
CA PHE O 92 61.81 62.45 39.03
C PHE O 92 63.29 62.80 39.16
N VAL O 93 63.62 63.54 40.21
CA VAL O 93 65.01 63.77 40.57
C VAL O 93 65.08 64.00 42.07
N ALA O 94 66.13 63.49 42.69
CA ALA O 94 66.34 63.73 44.10
C ALA O 94 66.67 65.19 44.33
N ASP O 95 66.41 65.66 45.55
CA ASP O 95 66.75 67.02 45.94
C ASP O 95 68.06 67.01 46.70
N ALA O 96 68.92 67.99 46.40
CA ALA O 96 70.18 68.11 47.10
C ALA O 96 69.98 68.28 48.59
N ALA O 97 68.86 68.88 49.00
CA ALA O 97 68.60 69.09 50.42
C ALA O 97 68.68 67.80 51.20
N ALA O 98 68.23 66.69 50.62
CA ALA O 98 68.31 65.39 51.28
C ALA O 98 69.54 64.59 50.85
N CYS O 99 70.33 65.10 49.91
CA CYS O 99 71.49 64.35 49.46
C CYS O 99 72.61 64.31 50.50
N ARG O 100 72.49 65.07 51.59
CA ARG O 100 73.52 65.05 52.61
C ARG O 100 73.62 63.70 53.32
N TYR O 101 72.69 62.78 53.05
CA TYR O 101 72.70 61.46 53.62
C TYR O 101 72.69 60.44 52.49
N SER O 102 73.01 59.19 52.82
CA SER O 102 73.01 58.13 51.83
C SER O 102 72.15 56.98 52.33
N ASN O 103 71.01 56.78 51.69
CA ASN O 103 70.20 55.59 51.92
C ASN O 103 69.26 55.45 50.75
N THR O 104 68.69 54.27 50.61
CA THR O 104 67.64 54.05 49.63
C THR O 104 66.30 54.32 50.28
N GLY O 105 65.23 53.95 49.58
CA GLY O 105 63.89 54.10 50.12
C GLY O 105 62.90 53.54 49.14
N THR O 106 61.62 53.79 49.41
CA THR O 106 60.57 53.37 48.52
C THR O 106 59.45 54.40 48.53
N GLY O 107 58.96 54.76 47.34
CA GLY O 107 57.87 55.69 47.18
C GLY O 107 56.59 55.02 46.72
N VAL O 108 55.52 55.81 46.70
CA VAL O 108 54.19 55.33 46.40
C VAL O 108 53.41 56.42 45.67
N MET O 109 52.62 56.01 44.70
CA MET O 109 51.69 56.89 44.02
C MET O 109 50.33 56.22 43.99
N TRP O 110 49.30 56.89 44.50
CA TRP O 110 47.95 56.35 44.46
C TRP O 110 47.07 57.19 43.55
N LEU O 111 46.02 56.55 43.08
CA LEU O 111 44.95 57.23 42.37
C LEU O 111 43.68 57.00 43.16
N VAL O 112 43.17 58.06 43.80
CA VAL O 112 42.12 57.94 44.79
C VAL O 112 40.85 58.59 44.27
N TYR O 113 39.74 57.87 44.38
CA TYR O 113 38.45 58.37 43.96
C TYR O 113 37.61 58.75 45.16
N ASP O 114 36.83 59.82 45.01
CA ASP O 114 36.01 60.36 46.09
C ASP O 114 34.53 60.26 45.73
N THR O 115 33.70 60.26 46.76
CA THR O 115 32.26 60.35 46.56
C THR O 115 31.79 61.78 46.73
N THR O 116 31.77 62.28 47.95
CA THR O 116 31.36 63.64 48.24
C THR O 116 32.52 64.40 48.85
N PRO O 117 33.06 65.40 48.18
CA PRO O 117 34.17 66.17 48.78
C PRO O 117 33.66 67.12 49.83
N GLY O 118 34.46 67.31 50.86
CA GLY O 118 34.16 68.33 51.83
C GLY O 118 34.36 69.72 51.24
N GLY O 119 33.97 70.72 52.03
CA GLY O 119 34.22 72.09 51.62
C GLY O 119 35.68 72.47 51.63
N GLN O 120 36.52 71.70 52.33
CA GLN O 120 37.93 71.99 52.46
C GLN O 120 38.74 70.88 51.79
N ALA O 121 39.95 71.24 51.37
CA ALA O 121 40.80 70.30 50.67
C ALA O 121 41.34 69.24 51.63
N PRO O 122 41.28 67.97 51.27
CA PRO O 122 41.80 66.94 52.16
C PRO O 122 43.31 66.97 52.21
N THR O 123 43.84 66.34 53.25
CA THR O 123 45.27 66.13 53.37
C THR O 123 45.51 64.67 53.68
N PRO O 124 46.64 64.11 53.27
CA PRO O 124 46.86 62.67 53.48
C PRO O 124 46.61 62.22 54.91
N GLN O 125 47.13 62.98 55.88
CA GLN O 125 46.94 62.57 57.27
C GLN O 125 45.47 62.38 57.59
N THR O 126 44.60 63.12 56.90
CA THR O 126 43.18 62.94 57.10
C THR O 126 42.66 61.74 56.32
N ILE O 127 43.21 61.48 55.14
CA ILE O 127 42.63 60.41 54.32
C ILE O 127 43.04 59.06 54.87
N PHE O 128 44.21 58.97 55.48
CA PHE O 128 44.72 57.71 56.01
C PHE O 128 45.00 57.90 57.49
N ALA O 129 44.38 57.05 58.32
CA ALA O 129 44.69 57.12 59.73
C ALA O 129 46.00 56.42 59.99
N TYR O 130 46.99 57.15 60.44
CA TYR O 130 48.25 56.49 60.72
C TYR O 130 48.87 57.07 61.98
N PRO O 131 49.46 56.25 62.83
CA PRO O 131 50.21 56.77 63.96
C PRO O 131 51.46 57.50 63.49
N ASP O 132 51.96 58.38 64.36
CA ASP O 132 53.13 59.17 64.01
C ASP O 132 54.33 58.28 63.73
N THR O 133 54.39 57.12 64.38
CA THR O 133 55.50 56.21 64.17
C THR O 133 55.62 55.77 62.73
N LEU O 134 54.51 55.39 62.11
CA LEU O 134 54.54 54.89 60.74
C LEU O 134 54.78 55.98 59.70
N LYS O 135 54.83 57.25 60.11
CA LYS O 135 54.99 58.32 59.14
C LYS O 135 56.23 58.11 58.27
N ALA O 136 57.24 57.45 58.82
CA ALA O 136 58.43 57.15 58.05
C ALA O 136 58.10 56.34 56.81
N TRP O 137 57.47 55.19 56.99
CA TRP O 137 57.32 54.31 55.85
C TRP O 137 55.90 54.38 55.34
N PRO O 138 55.65 55.07 54.24
CA PRO O 138 54.28 55.20 53.78
C PRO O 138 53.72 53.91 53.24
N ALA O 139 54.56 53.10 52.59
CA ALA O 139 54.07 52.03 51.76
C ALA O 139 53.20 51.05 52.53
N THR O 140 53.23 51.11 53.86
CA THR O 140 52.35 50.29 54.67
C THR O 140 50.99 50.91 54.89
N TRP O 141 50.83 52.20 54.60
CA TRP O 141 49.55 52.85 54.84
C TRP O 141 48.45 52.11 54.09
N LYS O 142 47.27 52.09 54.69
CA LYS O 142 46.09 51.62 54.00
C LYS O 142 44.91 52.45 54.43
N VAL O 143 43.84 52.39 53.63
CA VAL O 143 42.69 53.26 53.85
C VAL O 143 42.10 53.03 55.23
N SER O 144 41.77 54.12 55.90
CA SER O 144 41.21 54.04 57.25
C SER O 144 39.79 53.50 57.21
N ARG O 145 39.37 52.85 58.29
CA ARG O 145 38.08 52.18 58.29
C ARG O 145 36.92 53.13 58.50
N GLU O 146 37.14 54.23 59.22
CA GLU O 146 36.05 55.16 59.49
C GLU O 146 35.42 55.66 58.21
N LEU O 147 36.25 55.94 57.22
CA LEU O 147 35.80 56.49 55.95
C LEU O 147 35.54 55.42 54.91
N CYS O 148 35.56 54.15 55.31
CA CYS O 148 35.66 53.01 54.42
C CYS O 148 34.77 53.12 53.20
N HIS O 149 33.56 53.63 53.38
CA HIS O 149 32.68 53.79 52.24
C HIS O 149 32.77 55.16 51.61
N ARG O 150 33.48 56.11 52.21
CA ARG O 150 33.56 57.43 51.61
C ARG O 150 34.62 57.50 50.52
N PHE O 151 35.67 56.69 50.61
CA PHE O 151 36.76 56.74 49.65
C PHE O 151 37.06 55.36 49.11
N VAL O 152 37.82 55.32 48.02
CA VAL O 152 38.27 54.06 47.44
C VAL O 152 39.48 54.39 46.59
N VAL O 153 40.29 53.37 46.31
CA VAL O 153 41.51 53.54 45.52
C VAL O 153 41.43 52.58 44.34
N LYS O 154 41.37 53.13 43.14
CA LYS O 154 41.19 52.29 41.97
C LYS O 154 42.49 51.89 41.30
N ARG O 155 43.62 52.49 41.69
CA ARG O 155 44.91 52.10 41.14
C ARG O 155 45.99 52.29 42.19
N ARG O 156 47.12 51.66 41.95
CA ARG O 156 48.26 51.75 42.84
C ARG O 156 49.53 51.57 42.03
N TRP O 157 50.60 52.22 42.45
CA TRP O 157 51.88 52.01 41.79
C TRP O 157 53.01 52.13 42.80
N LEU O 158 54.12 51.47 42.49
CA LEU O 158 55.32 51.52 43.31
C LEU O 158 56.49 52.00 42.49
N PHE O 159 57.47 52.55 43.18
CA PHE O 159 58.74 52.92 42.58
C PHE O 159 59.74 53.03 43.70
N ASN O 160 61.02 52.99 43.33
CA ASN O 160 62.07 53.09 44.32
C ASN O 160 63.22 53.90 43.75
N MET O 161 63.96 54.56 44.64
CA MET O 161 65.05 55.40 44.25
C MET O 161 66.01 55.51 45.43
N GLU O 162 67.22 55.97 45.13
CA GLU O 162 68.25 56.03 46.16
C GLU O 162 69.26 57.10 45.78
N THR O 163 70.02 57.53 46.77
CA THR O 163 71.05 58.52 46.57
C THR O 163 72.32 58.09 47.28
N ASP O 164 73.45 58.42 46.69
CA ASP O 164 74.75 58.05 47.22
C ASP O 164 75.40 59.17 48.03
N GLY O 165 74.74 60.31 48.14
CA GLY O 165 75.35 61.44 48.82
C GLY O 165 76.25 62.29 47.96
N ARG O 166 75.97 62.40 46.66
CA ARG O 166 76.80 63.20 45.78
C ARG O 166 75.91 63.95 44.80
N ILE O 167 76.11 65.25 44.70
CA ILE O 167 75.34 66.07 43.78
C ILE O 167 75.91 65.89 42.38
N GLY O 168 75.08 66.09 41.37
CA GLY O 168 75.50 65.82 40.00
C GLY O 168 76.67 66.69 39.56
N SER O 169 76.61 67.98 39.85
CA SER O 169 77.58 68.92 39.32
C SER O 169 78.99 68.68 39.87
N ASP O 170 79.16 67.79 40.83
CA ASP O 170 80.45 67.59 41.45
C ASP O 170 81.37 66.78 40.55
N ILE O 171 82.61 67.25 40.41
CA ILE O 171 83.60 66.60 39.54
C ILE O 171 84.29 65.48 40.30
N PRO O 172 84.27 64.25 39.78
CA PRO O 172 85.04 63.19 40.41
C PRO O 172 86.52 63.52 40.41
N PRO O 173 87.23 63.15 41.46
CA PRO O 173 88.69 63.27 41.44
C PRO O 173 89.28 62.26 40.47
N SER O 174 90.44 62.62 39.92
CA SER O 174 91.06 61.82 38.88
C SER O 174 91.50 60.44 39.35
N ASN O 175 91.46 60.17 40.66
CA ASN O 175 91.93 58.89 41.16
C ASN O 175 90.92 57.77 40.96
N ALA O 176 89.67 57.98 41.35
CA ALA O 176 88.69 56.91 41.41
C ALA O 176 87.36 57.41 40.90
N SER O 177 86.42 56.49 40.72
CA SER O 177 85.14 56.81 40.11
C SER O 177 83.93 56.26 40.86
N TRP O 178 82.75 56.40 40.26
CA TRP O 178 81.53 55.89 40.87
C TRP O 178 80.61 55.36 39.79
N LYS O 179 79.78 54.39 40.16
CA LYS O 179 78.65 53.99 39.33
C LYS O 179 77.39 54.42 40.07
N PRO O 180 76.77 55.51 39.68
CA PRO O 180 75.55 55.93 40.37
C PRO O 180 74.28 55.51 39.65
N CYS O 181 74.08 54.21 39.47
CA CYS O 181 72.87 53.76 38.81
C CYS O 181 71.64 54.20 39.59
N LYS O 182 70.61 54.62 38.84
CA LYS O 182 69.33 54.98 39.42
C LYS O 182 69.45 56.11 40.44
N ARG O 183 70.11 57.19 40.05
CA ARG O 183 69.93 58.42 40.80
C ARG O 183 68.60 59.06 40.46
N ASN O 184 68.26 59.11 39.18
CA ASN O 184 66.99 59.61 38.72
C ASN O 184 66.29 58.54 37.90
N ILE O 185 65.00 58.70 37.69
CA ILE O 185 64.18 57.63 37.15
C ILE O 185 63.12 58.21 36.23
N TYR O 186 62.72 57.41 35.25
CA TYR O 186 61.71 57.78 34.27
C TYR O 186 60.48 56.92 34.50
N PHE O 187 59.37 57.55 34.87
CA PHE O 187 58.18 56.84 35.30
C PHE O 187 57.02 57.18 34.38
N HIS O 188 56.33 56.14 33.89
CA HIS O 188 55.18 56.34 33.05
C HIS O 188 54.25 55.15 33.17
N LYS O 189 52.95 55.41 33.04
CA LYS O 189 51.95 54.36 33.04
C LYS O 189 50.81 54.79 32.14
N PHE O 190 50.09 53.79 31.62
CA PHE O 190 48.96 54.01 30.74
C PHE O 190 47.89 53.01 31.09
N THR O 191 46.68 53.48 31.34
CA THR O 191 45.62 52.54 31.75
C THR O 191 44.27 52.99 31.21
N SER O 192 43.53 52.04 30.65
CA SER O 192 42.19 52.28 30.13
C SER O 192 41.08 51.82 31.07
N GLY O 193 41.42 51.21 32.20
CA GLY O 193 40.42 50.43 32.92
C GLY O 193 39.35 51.28 33.55
N LEU O 194 39.76 52.34 34.25
CA LEU O 194 38.86 53.02 35.16
C LEU O 194 37.73 53.72 34.40
N GLY O 195 36.69 54.04 35.15
CA GLY O 195 35.68 54.98 34.68
C GLY O 195 35.08 55.67 35.87
N VAL O 196 34.61 56.90 35.65
CA VAL O 196 34.19 57.76 36.75
C VAL O 196 33.01 58.59 36.28
N ARG O 197 32.03 58.78 37.17
CA ARG O 197 30.85 59.56 36.88
C ARG O 197 30.87 60.81 37.75
N THR O 198 30.77 61.98 37.13
CA THR O 198 30.88 63.24 37.85
C THR O 198 29.75 64.18 37.44
N GLN O 199 29.26 64.93 38.41
CA GLN O 199 28.28 65.98 38.15
C GLN O 199 28.74 67.27 38.82
N TRP O 200 28.17 68.37 38.38
CA TRP O 200 28.69 69.69 38.72
C TRP O 200 27.59 70.60 39.23
N LYS O 201 27.93 71.44 40.20
CA LYS O 201 27.12 72.61 40.48
C LYS O 201 27.21 73.56 39.29
N ASN O 202 26.26 74.48 39.22
CA ASN O 202 26.20 75.37 38.06
C ASN O 202 27.00 76.62 38.37
N VAL O 203 28.18 76.72 37.76
CA VAL O 203 29.05 77.89 37.79
C VAL O 203 29.94 77.80 36.57
N THR O 204 30.79 78.81 36.38
CA THR O 204 31.79 78.74 35.33
C THR O 204 33.01 77.94 35.77
N ASP O 205 33.39 78.09 37.03
CA ASP O 205 34.72 77.75 37.47
C ASP O 205 35.01 76.26 37.39
N GLY O 206 36.29 75.93 37.35
CA GLY O 206 36.75 74.56 37.40
C GLY O 206 37.39 74.15 38.71
N GLY O 207 37.30 74.95 39.75
CA GLY O 207 37.91 74.63 41.02
C GLY O 207 37.20 73.49 41.72
N VAL O 208 37.72 73.16 42.90
CA VAL O 208 37.16 72.05 43.66
C VAL O 208 35.78 72.38 44.20
N GLY O 209 35.55 73.63 44.62
CA GLY O 209 34.28 73.97 45.24
C GLY O 209 33.08 73.74 44.35
N ALA O 210 33.29 73.59 43.04
CA ALA O 210 32.18 73.46 42.12
C ALA O 210 31.61 72.04 42.11
N ILE O 211 32.43 71.04 42.33
CA ILE O 211 32.02 69.66 42.07
C ILE O 211 31.00 69.22 43.11
N GLN O 212 29.89 68.64 42.64
CA GLN O 212 28.91 68.07 43.56
C GLN O 212 29.31 66.67 43.99
N ARG O 213 29.77 65.85 43.05
CA ARG O 213 30.08 64.46 43.38
C ARG O 213 31.10 63.92 42.38
N GLY O 214 31.90 62.94 42.82
CA GLY O 214 32.83 62.27 41.93
C GLY O 214 34.20 62.88 41.74
N ALA O 215 34.74 63.53 42.78
CA ALA O 215 36.07 64.10 42.66
C ALA O 215 37.12 63.01 42.52
N LEU O 216 38.28 63.40 42.00
CA LEU O 216 39.36 62.46 41.71
C LEU O 216 40.67 63.06 42.17
N TYR O 217 41.36 62.38 43.08
CA TYR O 217 42.58 62.89 43.69
C TYR O 217 43.79 62.07 43.27
N MET O 218 44.94 62.73 43.26
CA MET O 218 46.23 62.10 43.05
C MET O 218 47.12 62.41 44.25
N VAL O 219 47.88 61.42 44.70
CA VAL O 219 48.67 61.55 45.91
C VAL O 219 50.05 60.97 45.66
N ILE O 220 51.08 61.64 46.19
CA ILE O 220 52.46 61.19 46.07
C ILE O 220 53.02 61.00 47.45
N ALA O 221 53.65 59.84 47.68
CA ALA O 221 54.21 59.49 48.98
C ALA O 221 55.72 59.34 48.86
N PRO O 222 56.50 60.16 49.52
CA PRO O 222 57.96 60.05 49.42
C PRO O 222 58.48 58.88 50.22
N GLY O 223 59.71 58.48 49.90
CA GLY O 223 60.41 57.50 50.70
C GLY O 223 60.85 58.08 52.03
N ASN O 224 61.30 57.19 52.91
CA ASN O 224 61.72 57.61 54.24
C ASN O 224 62.81 58.67 54.17
N GLY O 225 62.57 59.79 54.84
CA GLY O 225 63.55 60.84 54.95
C GLY O 225 64.16 61.23 53.62
N LEU O 226 63.39 61.14 52.55
CA LEU O 226 63.88 61.40 51.20
C LEU O 226 62.92 62.34 50.49
N THR O 227 63.39 63.53 50.17
CA THR O 227 62.55 64.55 49.55
C THR O 227 63.02 64.83 48.14
N PHE O 228 62.08 65.10 47.25
CA PHE O 228 62.43 65.28 45.85
C PHE O 228 61.36 66.12 45.17
N THR O 229 61.69 66.61 43.98
CA THR O 229 60.75 67.27 43.11
C THR O 229 60.63 66.50 41.80
N ALA O 230 59.56 66.76 41.06
CA ALA O 230 59.26 66.00 39.85
C ALA O 230 58.90 66.95 38.72
N HIS O 231 59.14 66.50 37.50
CA HIS O 231 58.77 67.23 36.30
C HIS O 231 57.98 66.31 35.40
N GLY O 232 57.12 66.89 34.58
CA GLY O 232 56.39 66.11 33.60
C GLY O 232 55.03 66.72 33.33
N GLN O 233 54.21 65.95 32.61
CA GLN O 233 52.88 66.39 32.25
C GLN O 233 52.01 65.17 32.02
N THR O 234 50.69 65.38 32.03
CA THR O 234 49.75 64.28 31.92
C THR O 234 48.62 64.68 30.98
N ARG O 235 47.88 63.67 30.52
CA ARG O 235 46.72 63.90 29.70
C ARG O 235 45.52 63.16 30.26
N LEU O 236 44.34 63.58 29.82
CA LEU O 236 43.09 62.95 30.19
C LEU O 236 42.25 62.72 28.96
N TYR O 237 41.19 61.93 29.13
CA TYR O 237 40.28 61.61 28.05
C TYR O 237 38.87 61.54 28.61
N PHE O 238 37.92 62.20 27.97
CA PHE O 238 36.55 62.21 28.48
C PHE O 238 35.61 62.72 27.40
N LYS O 239 34.33 62.72 27.71
CA LYS O 239 33.33 63.36 26.87
C LYS O 239 32.15 63.78 27.73
N SER O 240 31.54 64.90 27.37
CA SER O 240 30.35 65.34 28.05
C SER O 240 29.16 64.51 27.61
N VAL O 241 28.10 64.50 28.43
CA VAL O 241 26.88 63.79 28.11
C VAL O 241 25.76 64.40 28.94
N GLY O 242 24.53 64.16 28.52
CA GLY O 242 23.36 64.56 29.29
C GLY O 242 22.68 65.79 28.70
N ASN O 243 21.56 66.13 29.32
CA ASN O 243 20.75 67.29 28.94
C ASN O 243 20.40 67.25 27.47
N ALA P 31 38.03 31.63 41.16
CA ALA P 31 39.02 32.59 41.66
C ALA P 31 38.60 33.13 43.03
N GLY P 32 38.87 32.36 44.06
CA GLY P 32 38.51 32.74 45.41
C GLY P 32 38.26 31.52 46.26
N SER P 33 37.89 31.76 47.52
CA SER P 33 37.58 30.66 48.41
C SER P 33 36.28 30.90 49.19
N LYS P 34 35.26 30.10 48.90
CA LYS P 34 33.98 30.14 49.62
C LYS P 34 33.48 31.56 49.81
N ALA P 35 33.64 32.37 48.77
CA ALA P 35 33.17 33.75 48.82
C ALA P 35 31.65 33.78 48.93
N ASP P 36 31.16 34.79 49.62
CA ASP P 36 29.73 34.95 49.87
C ASP P 36 29.34 36.41 49.70
N ARG P 37 28.17 36.61 49.09
CA ARG P 37 27.73 37.94 48.70
C ARG P 37 27.78 38.97 49.82
N PRO P 38 27.28 38.71 51.03
CA PRO P 38 27.46 39.67 52.12
C PRO P 38 28.93 39.79 52.50
N SER P 39 29.26 40.94 53.08
CA SER P 39 30.63 41.22 53.43
C SER P 39 31.12 40.28 54.54
N LEU P 40 32.43 40.20 54.68
CA LEU P 40 33.06 39.34 55.67
C LEU P 40 33.76 40.17 56.73
N GLN P 41 33.83 39.62 57.94
CA GLN P 41 34.37 40.38 59.05
C GLN P 41 35.86 40.62 58.87
N ILE P 42 36.38 41.59 59.60
CA ILE P 42 37.76 42.03 59.47
C ILE P 42 38.40 42.13 60.85
N GLN P 43 39.63 41.66 60.96
CA GLN P 43 40.43 41.83 62.16
C GLN P 43 41.83 42.30 61.78
N THR P 44 42.41 43.16 62.61
CA THR P 44 43.70 43.75 62.33
C THR P 44 44.65 43.53 63.48
N LEU P 45 45.94 43.75 63.20
CA LEU P 45 46.96 43.74 64.23
C LEU P 45 47.85 44.94 64.03
N GLN P 46 48.35 45.47 65.14
CA GLN P 46 49.16 46.68 65.12
C GLN P 46 50.52 46.36 65.71
N HIS P 47 51.55 46.36 64.88
CA HIS P 47 52.92 46.19 65.35
C HIS P 47 53.70 47.43 64.94
N ALA P 48 54.07 48.23 65.92
CA ALA P 48 54.73 49.50 65.68
C ALA P 48 55.04 50.13 67.02
N GLY P 49 55.94 51.11 67.01
CA GLY P 49 56.22 51.88 68.21
C GLY P 49 56.64 50.97 69.35
N THR P 50 55.88 51.02 70.44
CA THR P 50 56.15 50.18 71.59
C THR P 50 56.19 48.71 71.21
N THR P 51 55.30 48.28 70.33
CA THR P 51 55.26 46.88 69.92
C THR P 51 55.93 46.78 68.56
N MET P 52 57.15 46.25 68.56
CA MET P 52 57.87 45.95 67.33
C MET P 52 58.42 44.55 67.47
N ILE P 53 57.97 43.64 66.61
CA ILE P 53 58.52 42.31 66.64
C ILE P 53 60.02 42.40 66.48
N THR P 54 60.76 41.84 67.43
CA THR P 54 62.21 41.90 67.44
C THR P 54 62.75 40.49 67.60
N VAL P 55 63.59 40.07 66.67
CA VAL P 55 63.97 38.67 66.61
C VAL P 55 65.45 38.47 66.85
N PRO P 56 65.83 37.91 67.98
CA PRO P 56 67.20 37.40 68.14
C PRO P 56 67.34 36.08 67.38
N SER P 57 68.59 35.68 67.18
CA SER P 57 68.89 34.45 66.47
C SER P 57 68.12 33.29 67.08
N GLY P 58 67.49 32.49 66.22
CA GLY P 58 66.67 31.40 66.68
C GLY P 58 65.18 31.63 66.55
N GLY P 59 64.76 32.77 66.02
CA GLY P 59 63.37 32.98 65.71
C GLY P 59 62.51 33.23 66.94
N VAL P 60 61.23 33.49 66.68
CA VAL P 60 60.27 33.73 67.74
C VAL P 60 58.92 33.16 67.32
N CYS P 61 58.23 32.60 68.29
CA CYS P 61 56.91 32.00 68.08
C CYS P 61 55.85 33.02 68.42
N ASP P 62 54.74 33.00 67.70
CA ASP P 62 53.64 33.91 67.96
C ASP P 62 52.35 33.33 67.41
N LEU P 63 51.23 33.84 67.92
CA LEU P 63 49.91 33.44 67.46
C LEU P 63 49.17 34.67 66.93
N ILE P 64 48.70 34.58 65.69
CA ILE P 64 48.01 35.68 65.06
C ILE P 64 46.50 35.53 65.07
N ASN P 65 45.96 34.44 65.59
CA ASN P 65 44.56 34.16 65.37
C ASN P 65 43.67 34.68 66.49
N THR P 66 44.23 35.42 67.44
CA THR P 66 43.50 35.88 68.61
C THR P 66 42.21 36.62 68.22
N TYR P 67 41.12 36.23 68.89
CA TYR P 67 39.81 36.84 68.68
C TYR P 67 39.13 36.99 70.02
N ALA P 68 38.56 38.16 70.29
CA ALA P 68 37.71 38.30 71.46
C ALA P 68 36.29 37.86 71.10
N ARG P 69 35.41 37.89 72.10
CA ARG P 69 34.00 37.61 71.89
C ARG P 69 33.18 38.72 72.53
N GLY P 70 32.19 39.21 71.81
CA GLY P 70 31.35 40.25 72.34
C GLY P 70 30.57 40.94 71.25
N SER P 71 30.18 42.18 71.55
CA SER P 71 29.35 42.94 70.63
C SER P 71 30.18 43.52 69.50
N ASP P 72 31.39 43.95 69.79
CA ASP P 72 32.18 44.72 68.83
C ASP P 72 32.43 43.92 67.56
N GLU P 73 32.42 44.61 66.44
CA GLU P 73 32.71 43.97 65.17
C GLU P 73 34.17 43.54 65.13
N GLY P 74 34.41 42.38 64.54
CA GLY P 74 35.74 41.81 64.50
C GLY P 74 35.93 40.78 65.58
N ASN P 75 35.14 40.88 66.64
CA ASN P 75 35.14 39.82 67.63
C ASN P 75 34.23 38.70 67.17
N ARG P 76 34.51 37.49 67.65
CA ARG P 76 33.75 36.33 67.22
C ARG P 76 32.44 36.24 67.96
N HIS P 77 31.36 36.02 67.23
CA HIS P 77 30.04 35.89 67.83
C HIS P 77 29.72 34.50 68.32
N THR P 78 30.46 33.48 67.86
CA THR P 78 30.07 32.11 68.15
C THR P 78 31.23 31.32 68.74
N SER P 79 31.03 30.02 68.88
CA SER P 79 32.10 29.15 69.35
C SER P 79 32.85 28.48 68.21
N GLU P 80 32.47 28.76 66.97
CA GLU P 80 33.05 28.09 65.81
C GLU P 80 33.41 29.11 64.75
N THR P 81 34.66 29.07 64.28
CA THR P 81 35.17 30.08 63.36
C THR P 81 35.95 29.43 62.23
N LEU P 82 35.73 29.93 61.02
CA LEU P 82 36.53 29.59 59.85
C LEU P 82 37.23 30.85 59.37
N THR P 83 38.47 30.71 58.93
CA THR P 83 39.19 31.82 58.32
C THR P 83 39.50 31.49 56.87
N TYR P 84 39.66 32.53 56.06
CA TYR P 84 39.86 32.31 54.64
C TYR P 84 41.09 32.99 54.09
N LYS P 85 41.02 34.30 53.91
CA LYS P 85 42.03 35.03 53.18
C LYS P 85 42.86 35.87 54.15
N ILE P 86 44.14 36.00 53.85
CA ILE P 86 45.05 36.75 54.70
C ILE P 86 46.00 37.55 53.84
N ALA P 87 46.27 38.79 54.26
CA ALA P 87 47.23 39.64 53.58
C ALA P 87 48.21 40.17 54.60
N ILE P 88 49.47 40.29 54.20
CA ILE P 88 50.53 40.64 55.12
C ILE P 88 51.36 41.75 54.50
N ASP P 89 51.62 42.80 55.28
CA ASP P 89 52.52 43.86 54.90
C ASP P 89 53.47 44.14 56.06
N TYR P 90 54.73 44.40 55.74
CA TYR P 90 55.67 44.82 56.76
C TYR P 90 56.78 45.63 56.15
N HIS P 91 57.49 46.34 57.01
CA HIS P 91 58.81 46.85 56.70
C HIS P 91 59.84 46.12 57.53
N PHE P 92 61.01 45.89 56.95
CA PHE P 92 62.15 45.35 57.65
C PHE P 92 63.26 46.39 57.69
N VAL P 93 64.10 46.31 58.72
CA VAL P 93 65.32 47.10 58.76
C VAL P 93 66.34 46.35 59.59
N ALA P 94 67.60 46.43 59.17
CA ALA P 94 68.67 45.81 59.94
C ALA P 94 68.85 46.57 61.25
N ASP P 95 69.41 45.87 62.24
CA ASP P 95 69.72 46.48 63.52
C ASP P 95 71.19 46.86 63.54
N ALA P 96 71.47 48.05 64.09
CA ALA P 96 72.84 48.51 64.21
C ALA P 96 73.67 47.55 65.05
N ALA P 97 73.04 46.86 65.99
CA ALA P 97 73.77 45.93 66.85
C ALA P 97 74.55 44.91 66.04
N ALA P 98 73.99 44.45 64.91
CA ALA P 98 74.67 43.52 64.03
C ALA P 98 75.39 44.19 62.89
N CYS P 99 75.27 45.52 62.75
CA CYS P 99 75.92 46.19 61.65
C CYS P 99 77.43 46.28 61.81
N ARG P 100 77.97 45.90 62.96
CA ARG P 100 79.42 45.93 63.15
C ARG P 100 80.15 44.94 62.25
N TYR P 101 79.43 44.09 61.55
CA TYR P 101 80.01 43.13 60.63
C TYR P 101 79.38 43.34 59.25
N SER P 102 80.01 42.77 58.23
CA SER P 102 79.50 42.88 56.87
C SER P 102 79.39 41.48 56.28
N ASN P 103 78.16 41.04 56.08
CA ASN P 103 77.89 39.84 55.32
C ASN P 103 76.43 39.87 54.91
N THR P 104 76.10 39.03 53.93
CA THR P 104 74.72 38.84 53.56
C THR P 104 74.13 37.70 54.37
N GLY P 105 72.94 37.27 53.99
CA GLY P 105 72.31 36.14 54.63
C GLY P 105 71.00 35.83 53.95
N THR P 106 70.23 34.94 54.58
CA THR P 106 68.91 34.62 54.05
C THR P 106 67.96 34.36 55.21
N GLY P 107 66.76 34.93 55.12
CA GLY P 107 65.73 34.74 56.11
C GLY P 107 64.58 33.88 55.62
N VAL P 108 63.68 33.57 56.54
CA VAL P 108 62.56 32.66 56.28
C VAL P 108 61.36 33.10 57.10
N MET P 109 60.19 32.99 56.49
CA MET P 109 58.93 33.19 57.19
C MET P 109 58.02 32.01 56.88
N TRP P 110 57.52 31.35 57.92
CA TRP P 110 56.60 30.25 57.74
C TRP P 110 55.22 30.61 58.26
N LEU P 111 54.23 29.93 57.74
CA LEU P 111 52.87 29.98 58.27
C LEU P 111 52.52 28.57 58.70
N VAL P 112 52.42 28.34 60.00
CA VAL P 112 52.34 26.99 60.57
C VAL P 112 50.97 26.79 61.19
N TYR P 113 50.35 25.67 60.85
CA TYR P 113 49.05 25.31 61.40
C TYR P 113 49.19 24.22 62.44
N ASP P 114 48.37 24.29 63.47
CA ASP P 114 48.41 23.37 64.59
C ASP P 114 47.12 22.58 64.68
N THR P 115 47.20 21.41 65.30
CA THR P 115 46.01 20.64 65.62
C THR P 115 45.58 20.90 67.06
N THR P 116 46.31 20.37 68.02
CA THR P 116 46.01 20.56 69.43
C THR P 116 47.15 21.30 70.09
N PRO P 117 46.96 22.52 70.57
CA PRO P 117 48.04 23.22 71.24
C PRO P 117 48.24 22.69 72.64
N GLY P 118 49.49 22.68 73.07
CA GLY P 118 49.77 22.37 74.46
C GLY P 118 49.33 23.49 75.37
N GLY P 119 49.43 23.23 76.67
CA GLY P 119 49.14 24.27 77.64
C GLY P 119 50.16 25.39 77.65
N GLN P 120 51.34 25.16 77.09
CA GLN P 120 52.41 26.12 77.07
C GLN P 120 52.71 26.55 75.65
N ALA P 121 53.26 27.75 75.52
CA ALA P 121 53.54 28.29 74.19
C ALA P 121 54.73 27.56 73.57
N PRO P 122 54.63 27.17 72.32
CA PRO P 122 55.76 26.48 71.68
C PRO P 122 56.88 27.45 71.38
N THR P 123 58.06 26.89 71.17
CA THR P 123 59.21 27.65 70.71
C THR P 123 59.81 26.93 69.51
N PRO P 124 60.43 27.65 68.59
CA PRO P 124 60.94 27.00 67.37
C PRO P 124 61.78 25.78 67.65
N GLN P 125 62.70 25.86 68.61
CA GLN P 125 63.56 24.72 68.90
C GLN P 125 62.73 23.48 69.19
N THR P 126 61.53 23.68 69.74
CA THR P 126 60.65 22.55 69.99
C THR P 126 59.92 22.13 68.72
N ILE P 127 59.57 23.08 67.86
CA ILE P 127 58.76 22.72 66.71
C ILE P 127 59.61 22.01 65.67
N PHE P 128 60.88 22.37 65.58
CA PHE P 128 61.79 21.79 64.60
C PHE P 128 62.96 21.17 65.33
N ALA P 129 63.19 19.89 65.09
CA ALA P 129 64.35 19.25 65.70
C ALA P 129 65.58 19.62 64.89
N TYR P 130 66.50 20.33 65.51
CA TYR P 130 67.70 20.67 64.77
C TYR P 130 68.91 20.59 65.68
N PRO P 131 70.03 20.08 65.19
CA PRO P 131 71.25 20.12 65.97
C PRO P 131 71.75 21.54 66.13
N ASP P 132 72.56 21.76 67.15
CA ASP P 132 73.06 23.10 67.43
C ASP P 132 73.88 23.63 66.27
N THR P 133 74.52 22.74 65.52
CA THR P 133 75.33 23.17 64.39
C THR P 133 74.51 23.92 63.36
N LEU P 134 73.34 23.40 63.00
CA LEU P 134 72.51 24.01 61.97
C LEU P 134 71.84 25.30 62.43
N LYS P 135 71.95 25.66 63.70
CA LYS P 135 71.27 26.86 64.19
C LYS P 135 71.62 28.08 63.36
N ALA P 136 72.82 28.10 62.78
CA ALA P 136 73.21 29.21 61.93
C ALA P 136 72.26 29.36 60.76
N TRP P 137 72.08 28.31 59.98
CA TRP P 137 71.34 28.50 58.75
C TRP P 137 69.96 27.92 58.91
N PRO P 138 68.94 28.74 59.10
CA PRO P 138 67.61 28.19 59.32
C PRO P 138 67.03 27.57 58.07
N ALA P 139 67.32 28.14 56.91
CA ALA P 139 66.56 27.81 55.71
C ALA P 139 66.59 26.33 55.39
N THR P 140 67.48 25.57 56.00
CA THR P 140 67.51 24.14 55.83
C THR P 140 66.58 23.41 56.78
N TRP P 141 66.08 24.07 57.82
CA TRP P 141 65.22 23.39 58.77
C TRP P 141 64.02 22.79 58.05
N LYS P 142 63.56 21.66 58.54
CA LYS P 142 62.31 21.09 58.10
C LYS P 142 61.62 20.45 59.28
N VAL P 143 60.31 20.20 59.11
CA VAL P 143 59.50 19.73 60.22
C VAL P 143 60.03 18.41 60.75
N SER P 144 60.09 18.28 62.07
CA SER P 144 60.61 17.07 62.69
C SER P 144 59.61 15.93 62.53
N ARG P 145 60.13 14.70 62.51
CA ARG P 145 59.28 13.56 62.21
C ARG P 145 58.44 13.11 63.40
N GLU P 146 58.93 13.33 64.61
CA GLU P 146 58.19 12.87 65.78
C GLU P 146 56.80 13.49 65.82
N LEU P 147 56.69 14.75 65.45
CA LEU P 147 55.44 15.48 65.50
C LEU P 147 54.70 15.44 64.17
N CYS P 148 55.18 14.63 63.22
CA CYS P 148 54.82 14.70 61.81
C CYS P 148 53.33 14.92 61.59
N HIS P 149 52.50 14.26 62.38
CA HIS P 149 51.07 14.45 62.23
C HIS P 149 50.51 15.53 63.13
N ARG P 150 51.29 16.06 64.07
CA ARG P 150 50.76 17.09 64.94
C ARG P 150 50.79 18.46 64.30
N PHE P 151 51.73 18.72 63.41
CA PHE P 151 51.89 20.03 62.79
C PHE P 151 51.92 19.91 61.28
N VAL P 152 51.75 21.05 60.61
CA VAL P 152 51.88 21.11 59.17
C VAL P 152 52.14 22.56 58.81
N VAL P 153 52.69 22.80 57.61
CA VAL P 153 53.02 24.13 57.15
C VAL P 153 52.32 24.36 55.83
N LYS P 154 51.38 25.29 55.81
CA LYS P 154 50.58 25.49 54.61
C LYS P 154 51.14 26.56 53.68
N ARG P 155 52.14 27.33 54.12
CA ARG P 155 52.76 28.32 53.26
C ARG P 155 54.22 28.47 53.64
N ARG P 156 54.98 29.07 52.73
CA ARG P 156 56.39 29.31 52.94
C ARG P 156 56.80 30.54 52.15
N TRP P 157 57.77 31.28 52.67
CA TRP P 157 58.29 32.41 51.91
C TRP P 157 59.77 32.59 52.20
N LEU P 158 60.45 33.20 51.25
CA LEU P 158 61.87 33.51 51.37
C LEU P 158 62.11 34.98 51.17
N PHE P 159 63.21 35.45 51.74
CA PHE P 159 63.67 36.80 51.52
C PHE P 159 65.14 36.84 51.88
N ASN P 160 65.83 37.86 51.40
CA ASN P 160 67.24 37.99 51.69
C ASN P 160 67.58 39.46 51.88
N MET P 161 68.62 39.70 52.68
CA MET P 161 69.03 41.04 53.01
C MET P 161 70.50 41.01 53.39
N GLU P 162 71.11 42.18 53.40
CA GLU P 162 72.54 42.25 53.67
C GLU P 162 72.87 43.63 54.21
N THR P 163 74.02 43.73 54.85
CA THR P 163 74.50 44.98 55.40
C THR P 163 75.97 45.16 55.05
N ASP P 164 76.34 46.41 54.83
CA ASP P 164 77.70 46.76 54.45
C ASP P 164 78.55 47.20 55.62
N GLY P 165 77.98 47.25 56.82
CA GLY P 165 78.72 47.74 57.97
C GLY P 165 78.66 49.24 58.14
N ARG P 166 77.58 49.89 57.73
CA ARG P 166 77.47 51.33 57.88
C ARG P 166 76.06 51.70 58.31
N ILE P 167 75.96 52.48 59.37
CA ILE P 167 74.66 52.92 59.85
C ILE P 167 74.16 54.07 58.97
N GLY P 168 72.85 54.22 58.89
CA GLY P 168 72.28 55.21 57.98
C GLY P 168 72.70 56.63 58.29
N SER P 169 72.66 57.01 59.57
CA SER P 169 72.89 58.39 59.93
C SER P 169 74.31 58.87 59.65
N ASP P 170 75.21 57.98 59.24
CA ASP P 170 76.59 58.35 59.04
C ASP P 170 76.77 59.13 57.75
N ILE P 171 77.51 60.23 57.82
CA ILE P 171 77.75 61.09 56.67
C ILE P 171 78.91 60.56 55.85
N PRO P 172 78.74 60.31 54.56
CA PRO P 172 79.86 59.93 53.72
C PRO P 172 80.90 61.04 53.70
N PRO P 173 82.17 60.70 53.66
CA PRO P 173 83.20 61.71 53.42
C PRO P 173 83.13 62.22 52.00
N SER P 174 83.55 63.47 51.82
CA SER P 174 83.41 64.13 50.52
C SER P 174 84.25 63.49 49.43
N ASN P 175 85.14 62.56 49.77
CA ASN P 175 86.00 61.97 48.75
C ASN P 175 85.29 60.91 47.91
N ALA P 176 84.63 59.97 48.55
CA ALA P 176 84.10 58.80 47.85
C ALA P 176 82.72 58.47 48.37
N SER P 177 82.04 57.55 47.68
CA SER P 177 80.65 57.23 48.00
C SER P 177 80.37 55.74 48.10
N TRP P 178 79.08 55.40 48.24
CA TRP P 178 78.67 54.01 48.32
C TRP P 178 77.35 53.81 47.59
N LYS P 179 77.14 52.61 47.09
CA LYS P 179 75.82 52.19 46.63
C LYS P 179 75.34 51.13 47.61
N PRO P 180 74.47 51.46 48.54
CA PRO P 180 73.98 50.45 49.47
C PRO P 180 72.64 49.87 49.08
N CYS P 181 72.55 49.25 47.91
CA CYS P 181 71.29 48.64 47.50
C CYS P 181 70.86 47.59 48.49
N LYS P 182 69.56 47.56 48.76
CA LYS P 182 68.95 46.54 49.61
C LYS P 182 69.56 46.52 51.00
N ARG P 183 69.63 47.69 51.64
CA ARG P 183 69.83 47.68 53.09
C ARG P 183 68.53 47.33 53.79
N ASN P 184 67.42 47.90 53.37
CA ASN P 184 66.12 47.57 53.88
C ASN P 184 65.22 47.14 52.75
N ILE P 185 64.11 46.49 53.09
CA ILE P 185 63.30 45.79 52.11
C ILE P 185 61.83 45.93 52.45
N TYR P 186 61.01 45.89 51.42
CA TYR P 186 59.55 46.00 51.54
C TYR P 186 58.94 44.67 51.17
N PHE P 187 58.30 44.02 52.12
CA PHE P 187 57.81 42.66 51.94
C PHE P 187 56.30 42.61 52.11
N HIS P 188 55.62 41.99 51.15
CA HIS P 188 54.18 41.84 51.21
C HIS P 188 53.77 40.62 50.43
N LYS P 189 52.70 39.97 50.90
CA LYS P 189 52.12 38.83 50.21
C LYS P 189 50.63 38.83 50.44
N PHE P 190 49.91 38.22 49.51
CA PHE P 190 48.45 38.13 49.57
C PHE P 190 48.06 36.76 49.08
N THR P 191 47.28 36.03 49.86
CA THR P 191 46.91 34.67 49.47
C THR P 191 45.50 34.32 49.92
N SER P 192 44.72 33.74 49.01
CA SER P 192 43.37 33.30 49.30
C SER P 192 43.25 31.81 49.54
N GLY P 193 44.35 31.06 49.42
CA GLY P 193 44.22 29.62 49.27
C GLY P 193 43.74 28.93 50.53
N LEU P 194 44.35 29.27 51.66
CA LEU P 194 44.21 28.44 52.85
C LEU P 194 42.79 28.49 53.39
N GLY P 195 42.47 27.51 54.22
CA GLY P 195 41.30 27.58 55.06
C GLY P 195 41.56 26.78 56.32
N VAL P 196 40.90 27.17 57.40
CA VAL P 196 41.20 26.63 58.72
C VAL P 196 39.90 26.53 59.51
N ARG P 197 39.77 25.46 60.27
CA ARG P 197 38.60 25.22 61.10
C ARG P 197 39.02 25.28 62.56
N THR P 198 38.36 26.13 63.34
CA THR P 198 38.74 26.35 64.72
C THR P 198 37.52 26.30 65.61
N GLN P 199 37.69 25.74 66.81
CA GLN P 199 36.66 25.74 67.83
C GLN P 199 37.26 26.23 69.14
N TRP P 200 36.39 26.64 70.05
CA TRP P 200 36.81 27.37 71.23
C TRP P 200 36.22 26.76 72.49
N LYS P 201 37.00 26.81 73.56
CA LYS P 201 36.42 26.65 74.88
C LYS P 201 35.56 27.85 75.20
N ASN P 202 34.68 27.71 76.18
CA ASN P 202 33.74 28.77 76.47
C ASN P 202 34.35 29.69 77.52
N VAL P 203 34.78 30.86 77.09
CA VAL P 203 35.27 31.95 77.93
C VAL P 203 35.11 33.23 77.13
N THR P 204 35.46 34.37 77.74
CA THR P 204 35.49 35.62 77.01
C THR P 204 36.78 35.78 76.24
N ASP P 205 37.88 35.32 76.81
CA ASP P 205 39.21 35.76 76.42
C ASP P 205 39.55 35.31 75.01
N GLY P 206 40.52 36.02 74.42
CA GLY P 206 41.09 35.64 73.13
C GLY P 206 42.49 35.09 73.19
N GLY P 207 43.00 34.77 74.37
CA GLY P 207 44.35 34.25 74.49
C GLY P 207 44.46 32.84 73.96
N VAL P 208 45.68 32.31 74.05
CA VAL P 208 45.94 30.98 73.53
C VAL P 208 45.25 29.91 74.36
N GLY P 209 45.19 30.08 75.68
CA GLY P 209 44.62 29.05 76.53
C GLY P 209 43.19 28.69 76.21
N ALA P 210 42.49 29.56 75.48
CA ALA P 210 41.08 29.32 75.22
C ALA P 210 40.86 28.31 74.10
N ILE P 211 41.76 28.24 73.13
CA ILE P 211 41.48 27.50 71.91
C ILE P 211 41.51 26.00 72.19
N GLN P 212 40.47 25.30 71.74
CA GLN P 212 40.44 23.85 71.84
C GLN P 212 41.23 23.20 70.71
N ARG P 213 41.06 23.68 69.49
CA ARG P 213 41.69 23.05 68.34
C ARG P 213 41.85 24.07 67.23
N GLY P 214 42.85 23.87 66.37
CA GLY P 214 43.03 24.71 65.20
C GLY P 214 43.83 25.98 65.34
N ALA P 215 44.81 26.01 66.23
CA ALA P 215 45.62 27.21 66.38
C ALA P 215 46.44 27.47 65.13
N LEU P 216 46.89 28.71 65.00
CA LEU P 216 47.61 29.16 63.82
C LEU P 216 48.79 30.01 64.24
N TYR P 217 50.00 29.58 63.89
CA TYR P 217 51.22 30.25 64.32
C TYR P 217 51.94 30.91 63.16
N MET P 218 52.67 31.97 63.48
CA MET P 218 53.57 32.63 62.54
C MET P 218 54.96 32.64 63.13
N VAL P 219 55.97 32.40 62.29
CA VAL P 219 57.34 32.24 62.75
C VAL P 219 58.26 33.02 61.83
N ILE P 220 59.25 33.67 62.41
CA ILE P 220 60.24 34.44 61.66
C ILE P 220 61.62 33.87 61.95
N ALA P 221 62.40 33.62 60.90
CA ALA P 221 63.72 33.03 61.04
C ALA P 221 64.77 34.00 60.51
N PRO P 222 65.66 34.51 61.34
CA PRO P 222 66.66 35.46 60.87
C PRO P 222 67.75 34.76 60.07
N GLY P 223 68.49 35.57 59.32
CA GLY P 223 69.68 35.09 58.65
C GLY P 223 70.81 34.84 59.62
N ASN P 224 71.86 34.19 59.13
CA ASN P 224 72.99 33.85 59.97
C ASN P 224 73.58 35.09 60.63
N GLY P 225 73.69 35.05 61.94
CA GLY P 225 74.32 36.11 62.69
C GLY P 225 73.82 37.49 62.33
N LEU P 226 72.56 37.59 61.97
CA LEU P 226 71.98 38.85 61.50
C LEU P 226 70.66 39.08 62.23
N THR P 227 70.61 40.13 63.03
CA THR P 227 69.45 40.43 63.85
C THR P 227 68.80 41.73 63.37
N PHE P 228 67.48 41.78 63.44
CA PHE P 228 66.77 42.93 62.93
C PHE P 228 65.41 43.03 63.61
N THR P 229 64.78 44.19 63.44
CA THR P 229 63.41 44.42 63.87
C THR P 229 62.57 44.78 62.66
N ALA P 230 61.25 44.65 62.80
CA ALA P 230 60.34 44.83 61.69
C ALA P 230 59.17 45.71 62.12
N HIS P 231 58.60 46.41 61.14
CA HIS P 231 57.42 47.23 61.35
C HIS P 231 56.38 46.83 60.32
N GLY P 232 55.12 47.04 60.67
CA GLY P 232 54.04 46.80 59.74
C GLY P 232 52.78 46.37 60.46
N GLN P 233 51.82 45.92 59.67
CA GLN P 233 50.53 45.47 60.19
C GLN P 233 49.93 44.48 59.21
N THR P 234 48.95 43.72 59.69
CA THR P 234 48.34 42.66 58.89
C THR P 234 46.84 42.68 59.09
N ARG P 235 46.14 42.02 58.18
CA ARG P 235 44.70 41.86 58.28
C ARG P 235 44.32 40.40 58.14
N LEU P 236 43.10 40.10 58.59
CA LEU P 236 42.53 38.76 58.47
C LEU P 236 41.11 38.87 57.92
N TYR P 237 40.58 37.71 57.54
CA TYR P 237 39.24 37.63 57.00
C TYR P 237 38.61 36.34 57.50
N PHE P 238 37.39 36.41 58.01
CA PHE P 238 36.74 35.22 58.53
C PHE P 238 35.26 35.50 58.73
N LYS P 239 34.53 34.48 59.15
CA LYS P 239 33.14 34.63 59.57
C LYS P 239 32.80 33.54 60.57
N SER P 240 31.96 33.88 61.53
CA SER P 240 31.48 32.90 62.48
C SER P 240 30.44 32.01 61.82
N VAL P 241 30.22 30.83 62.41
CA VAL P 241 29.22 29.90 61.92
C VAL P 241 28.88 28.95 63.06
N GLY P 242 27.73 28.29 62.95
CA GLY P 242 27.33 27.25 63.87
C GLY P 242 26.28 27.73 64.85
N ASN P 243 25.83 26.79 65.68
CA ASN P 243 24.82 27.04 66.70
C ASN P 243 23.58 27.67 66.10
N ALA Q 31 50.73 14.39 36.89
CA ALA Q 31 51.64 15.17 37.72
C ALA Q 31 52.19 14.33 38.88
N GLY Q 32 53.18 13.51 38.58
CA GLY Q 32 53.77 12.65 39.58
C GLY Q 32 54.33 11.40 38.93
N SER Q 33 54.88 10.52 39.77
CA SER Q 33 55.40 9.26 39.26
C SER Q 33 54.95 8.07 40.08
N LYS Q 34 54.14 7.20 39.49
CA LYS Q 34 53.67 5.96 40.12
C LYS Q 34 53.23 6.17 41.55
N ALA Q 35 52.53 7.28 41.79
CA ALA Q 35 52.03 7.58 43.11
C ALA Q 35 50.98 6.55 43.53
N ASP Q 36 50.95 6.27 44.82
CA ASP Q 36 50.06 5.27 45.39
C ASP Q 36 49.45 5.79 46.67
N ARG Q 37 48.16 5.49 46.85
CA ARG Q 37 47.38 6.06 47.95
C ARG Q 37 48.03 5.89 49.32
N PRO Q 38 48.51 4.71 49.72
CA PRO Q 38 49.23 4.62 50.99
C PRO Q 38 50.53 5.39 50.93
N SER Q 39 51.01 5.78 52.11
CA SER Q 39 52.21 6.60 52.20
C SER Q 39 53.43 5.80 51.75
N LEU Q 40 54.50 6.53 51.45
CA LEU Q 40 55.74 5.94 50.97
C LEU Q 40 56.84 6.14 52.00
N GLN Q 41 57.78 5.21 52.02
CA GLN Q 41 58.81 5.24 53.04
C GLN Q 41 59.74 6.43 52.84
N ILE Q 42 60.47 6.77 53.90
CA ILE Q 42 61.32 7.94 53.91
C ILE Q 42 62.69 7.58 54.44
N GLN Q 43 63.73 8.09 53.80
CA GLN Q 43 65.10 7.97 54.29
C GLN Q 43 65.79 9.31 54.23
N THR Q 44 66.64 9.58 55.21
CA THR Q 44 67.30 10.87 55.32
C THR Q 44 68.81 10.70 55.42
N LEU Q 45 69.52 11.78 55.20
CA LEU Q 45 70.96 11.82 55.40
C LEU Q 45 71.30 13.08 56.18
N GLN Q 46 72.34 12.98 57.00
CA GLN Q 46 72.73 14.07 57.87
C GLN Q 46 74.16 14.45 57.54
N HIS Q 47 74.36 15.63 56.96
CA HIS Q 47 75.68 16.15 56.70
C HIS Q 47 75.81 17.48 57.43
N ALA Q 48 76.61 17.50 58.48
CA ALA Q 48 76.76 18.67 59.34
C ALA Q 48 77.79 18.34 60.40
N GLY Q 49 78.29 19.39 61.05
CA GLY Q 49 79.19 19.19 62.18
C GLY Q 49 80.39 18.36 61.78
N THR Q 50 80.55 17.23 62.47
CA THR Q 50 81.64 16.32 62.16
C THR Q 50 81.64 15.90 60.69
N THR Q 51 80.46 15.65 60.14
CA THR Q 51 80.36 15.23 58.75
C THR Q 51 79.95 16.44 57.93
N MET Q 52 80.91 16.99 57.19
CA MET Q 52 80.66 18.06 56.24
C MET Q 52 81.35 17.68 54.95
N ILE Q 53 80.58 17.50 53.89
CA ILE Q 53 81.18 17.22 52.60
C ILE Q 53 82.16 18.33 52.29
N THR Q 54 83.41 17.98 52.04
CA THR Q 54 84.47 18.94 51.78
C THR Q 54 85.18 18.54 50.49
N VAL Q 55 85.22 19.46 49.53
CA VAL Q 55 85.65 19.10 48.19
C VAL Q 55 86.92 19.82 47.80
N PRO Q 56 88.04 19.13 47.71
CA PRO Q 56 89.21 19.68 47.02
C PRO Q 56 88.99 19.62 45.52
N SER Q 57 89.83 20.37 44.81
CA SER Q 57 89.74 20.43 43.35
C SER Q 57 89.77 19.03 42.76
N GLY Q 58 88.85 18.76 41.84
CA GLY Q 58 88.71 17.44 41.26
C GLY Q 58 87.51 16.67 41.74
N GLY Q 59 86.69 17.24 42.61
CA GLY Q 59 85.43 16.63 42.98
C GLY Q 59 85.59 15.44 43.91
N VAL Q 60 84.46 14.90 44.30
CA VAL Q 60 84.43 13.73 45.19
C VAL Q 60 83.25 12.85 44.81
N CYS Q 61 83.47 11.54 44.89
CA CYS Q 61 82.46 10.55 44.57
C CYS Q 61 81.77 10.12 45.85
N ASP Q 62 80.48 9.83 45.76
CA ASP Q 62 79.73 9.37 46.91
C ASP Q 62 78.51 8.61 46.45
N LEU Q 63 77.96 7.81 47.37
CA LEU Q 63 76.75 7.05 47.13
C LEU Q 63 75.68 7.44 48.13
N ILE Q 64 74.53 7.85 47.63
CA ILE Q 64 73.43 8.29 48.48
C ILE Q 64 72.37 7.23 48.69
N ASN Q 65 72.49 6.07 48.07
CA ASN Q 65 71.36 5.16 48.04
C ASN Q 65 71.39 4.15 49.18
N THR Q 66 72.32 4.28 50.11
CA THR Q 66 72.51 3.30 51.18
C THR Q 66 71.22 3.04 51.94
N TYR Q 67 70.91 1.76 52.13
CA TYR Q 67 69.74 1.31 52.87
C TYR Q 67 70.12 0.12 53.73
N ALA Q 68 69.73 0.14 54.99
CA ALA Q 68 69.87 -1.05 55.80
C ALA Q 68 68.65 -1.96 55.59
N ARG Q 69 68.68 -3.13 56.23
CA ARG Q 69 67.55 -4.05 56.21
C ARG Q 69 67.23 -4.46 57.64
N GLY Q 70 65.95 -4.43 57.98
CA GLY Q 70 65.55 -4.81 59.31
C GLY Q 70 64.15 -4.34 59.62
N SER Q 71 63.90 -4.22 60.92
CA SER Q 71 62.56 -3.84 61.38
C SER Q 71 62.32 -2.35 61.22
N ASP Q 72 63.34 -1.53 61.44
CA ASP Q 72 63.16 -0.10 61.52
C ASP Q 72 62.60 0.46 60.22
N GLU Q 73 61.73 1.46 60.35
CA GLU Q 73 61.18 2.12 59.18
C GLU Q 73 62.29 2.89 58.46
N GLY Q 74 62.24 2.86 57.14
CA GLY Q 74 63.25 3.49 56.33
C GLY Q 74 64.26 2.48 55.85
N ASN Q 75 64.39 1.38 56.57
CA ASN Q 75 65.20 0.29 56.07
C ASN Q 75 64.40 -0.53 55.08
N ARG Q 76 65.10 -1.20 54.18
CA ARG Q 76 64.42 -1.97 53.14
C ARG Q 76 63.98 -3.32 53.68
N HIS Q 77 62.73 -3.68 53.40
CA HIS Q 77 62.20 -4.95 53.84
C HIS Q 77 62.49 -6.09 52.90
N THR Q 78 62.87 -5.82 51.66
CA THR Q 78 62.98 -6.87 50.66
C THR Q 78 64.33 -6.84 49.98
N SER Q 79 64.47 -7.66 48.93
CA SER Q 79 65.69 -7.64 48.15
C SER Q 79 65.56 -6.78 46.90
N GLU Q 80 64.41 -6.14 46.69
CA GLU Q 80 64.15 -5.38 45.48
C GLU Q 80 63.55 -4.03 45.84
N THR Q 81 64.15 -2.96 45.33
CA THR Q 81 63.76 -1.61 45.70
C THR Q 81 63.67 -0.71 44.48
N LEU Q 82 62.63 0.11 44.44
CA LEU Q 82 62.48 1.17 43.46
C LEU Q 82 62.47 2.50 44.20
N THR Q 83 63.09 3.51 43.61
CA THR Q 83 63.06 4.85 44.17
C THR Q 83 62.36 5.79 43.19
N TYR Q 84 61.78 6.85 43.72
CA TYR Q 84 60.99 7.74 42.87
C TYR Q 84 61.43 9.19 42.95
N LYS Q 85 61.07 9.85 44.04
CA LYS Q 85 61.21 11.29 44.14
C LYS Q 85 62.34 11.63 45.10
N ILE Q 86 63.06 12.70 44.80
CA ILE Q 86 64.18 13.12 45.63
C ILE Q 86 64.18 14.64 45.75
N ALA Q 87 64.48 15.12 46.94
CA ALA Q 87 64.60 16.55 47.19
C ALA Q 87 65.92 16.82 47.87
N ILE Q 88 66.55 17.93 47.52
CA ILE Q 88 67.89 18.23 47.98
C ILE Q 88 67.92 19.66 48.50
N ASP Q 89 68.47 19.83 49.70
CA ASP Q 89 68.73 21.14 50.27
C ASP Q 89 70.14 21.18 50.80
N TYR Q 90 70.81 22.32 50.61
CA TYR Q 90 72.12 22.50 51.21
C TYR Q 90 72.40 23.97 51.41
N HIS Q 91 73.39 24.24 52.24
CA HIS Q 91 74.07 25.51 52.25
C HIS Q 91 75.49 25.34 51.74
N PHE Q 92 75.97 26.34 51.04
CA PHE Q 92 77.37 26.42 50.61
C PHE Q 92 78.04 27.59 51.28
N VAL Q 93 79.36 27.47 51.46
CA VAL Q 93 80.16 28.61 51.90
C VAL Q 93 81.57 28.43 51.37
N ALA Q 94 82.19 29.53 50.99
CA ALA Q 94 83.56 29.47 50.55
C ALA Q 94 84.47 29.14 51.72
N ASP Q 95 85.64 28.59 51.42
CA ASP Q 95 86.64 28.31 52.43
C ASP Q 95 87.67 29.42 52.45
N ALA Q 96 88.05 29.81 53.66
CA ALA Q 96 89.08 30.84 53.81
C ALA Q 96 90.38 30.44 53.15
N ALA Q 97 90.66 29.13 53.09
CA ALA Q 97 91.89 28.66 52.48
C ALA Q 97 92.06 29.19 51.06
N ALA Q 98 90.98 29.29 50.31
CA ALA Q 98 91.02 29.84 48.96
C ALA Q 98 90.67 31.31 48.90
N CYS Q 99 90.30 31.92 50.02
CA CYS Q 99 89.93 33.33 49.99
C CYS Q 99 91.13 34.25 49.81
N ARG Q 100 92.35 33.72 49.84
CA ARG Q 100 93.52 34.56 49.63
C ARG Q 100 93.59 35.12 48.22
N TYR Q 101 92.72 34.69 47.32
CA TYR Q 101 92.66 35.18 45.97
C TYR Q 101 91.26 35.70 45.70
N SER Q 102 91.11 36.47 44.63
CA SER Q 102 89.82 37.01 44.24
C SER Q 102 89.53 36.65 42.80
N ASN Q 103 88.57 35.76 42.59
CA ASN Q 103 88.04 35.49 41.28
C ASN Q 103 86.69 34.81 41.45
N THR Q 104 85.92 34.81 40.37
CA THR Q 104 84.68 34.04 40.36
C THR Q 104 84.97 32.64 39.84
N GLY Q 105 83.91 31.90 39.56
CA GLY Q 105 84.05 30.58 38.99
C GLY Q 105 82.68 30.00 38.72
N THR Q 106 82.67 28.72 38.38
CA THR Q 106 81.41 28.02 38.16
C THR Q 106 81.53 26.59 38.64
N GLY Q 107 80.51 26.12 39.37
CA GLY Q 107 80.46 24.76 39.86
C GLY Q 107 79.41 23.92 39.15
N VAL Q 108 79.42 22.64 39.48
CA VAL Q 108 78.57 21.65 38.82
C VAL Q 108 78.18 20.58 39.82
N MET Q 109 76.94 20.13 39.72
CA MET Q 109 76.45 18.99 40.48
C MET Q 109 75.76 18.04 39.52
N TRP Q 110 76.19 16.78 39.50
CA TRP Q 110 75.55 15.79 38.67
C TRP Q 110 74.85 14.74 39.51
N LEU Q 111 73.88 14.09 38.91
CA LEU Q 111 73.25 12.92 39.49
C LEU Q 111 73.47 11.78 38.51
N VAL Q 112 74.31 10.82 38.89
CA VAL Q 112 74.82 9.81 37.97
C VAL Q 112 74.28 8.45 38.36
N TYR Q 113 73.75 7.72 37.39
CA TYR Q 113 73.23 6.40 37.60
C TYR Q 113 74.19 5.35 37.05
N ASP Q 114 74.28 4.22 37.75
CA ASP Q 114 75.20 3.15 37.41
C ASP Q 114 74.42 1.89 37.05
N THR Q 115 75.08 1.03 36.27
CA THR Q 115 74.53 -0.29 35.99
C THR Q 115 75.14 -1.32 36.94
N THR Q 116 76.40 -1.67 36.72
CA THR Q 116 77.09 -2.63 37.56
C THR Q 116 78.27 -1.94 38.23
N PRO Q 117 78.26 -1.80 39.55
CA PRO Q 117 79.40 -1.17 40.21
C PRO Q 117 80.56 -2.14 40.31
N GLY Q 118 81.77 -1.60 40.21
CA GLY Q 118 82.94 -2.40 40.46
C GLY Q 118 83.08 -2.72 41.93
N GLY Q 119 84.06 -3.55 42.24
CA GLY Q 119 84.34 -3.85 43.63
C GLY Q 119 84.93 -2.68 44.39
N GLN Q 120 85.45 -1.69 43.69
CA GLN Q 120 86.08 -0.53 44.29
C GLN Q 120 85.28 0.73 43.98
N ALA Q 121 85.41 1.72 44.85
CA ALA Q 121 84.65 2.95 44.69
C ALA Q 121 85.20 3.76 43.53
N PRO Q 122 84.35 4.27 42.65
CA PRO Q 122 84.83 5.07 41.54
C PRO Q 122 85.32 6.42 42.02
N THR Q 123 86.12 7.06 41.16
CA THR Q 123 86.54 8.43 41.37
C THR Q 123 86.26 9.21 40.09
N PRO Q 124 85.99 10.51 40.19
CA PRO Q 124 85.64 11.28 38.99
C PRO Q 124 86.62 11.09 37.85
N GLN Q 125 87.92 11.14 38.14
CA GLN Q 125 88.90 11.00 37.06
C GLN Q 125 88.68 9.72 36.29
N THR Q 126 88.15 8.70 36.96
CA THR Q 126 87.83 7.45 36.27
C THR Q 126 86.51 7.55 35.53
N ILE Q 127 85.54 8.28 36.07
CA ILE Q 127 84.23 8.28 35.44
C ILE Q 127 84.25 9.15 34.18
N PHE Q 128 85.07 10.18 34.18
CA PHE Q 128 85.15 11.10 33.05
C PHE Q 128 86.58 11.13 32.56
N ALA Q 129 86.77 10.84 31.27
CA ALA Q 129 88.11 10.93 30.72
C ALA Q 129 88.42 12.39 30.43
N TYR Q 130 89.40 12.94 31.11
CA TYR Q 130 89.73 14.31 30.83
C TYR Q 130 91.23 14.51 30.87
N PRO Q 131 91.78 15.30 29.97
CA PRO Q 131 93.20 15.65 30.06
C PRO Q 131 93.45 16.53 31.27
N ASP Q 132 94.70 16.53 31.72
CA ASP Q 132 95.07 17.32 32.89
C ASP Q 132 94.80 18.79 32.69
N THR Q 133 94.90 19.25 31.44
CA THR Q 133 94.66 20.65 31.15
C THR Q 133 93.27 21.09 31.55
N LEU Q 134 92.25 20.31 31.20
CA LEU Q 134 90.87 20.68 31.48
C LEU Q 134 90.49 20.56 32.94
N LYS Q 135 91.38 20.03 33.79
CA LYS Q 135 91.04 19.85 35.20
C LYS Q 135 90.56 21.14 35.83
N ALA Q 136 91.05 22.27 35.34
CA ALA Q 136 90.60 23.56 35.85
C ALA Q 136 89.10 23.72 35.69
N TRP Q 137 88.60 23.59 34.48
CA TRP Q 137 87.20 23.95 34.28
C TRP Q 137 86.39 22.68 34.15
N PRO Q 138 85.66 22.28 35.17
CA PRO Q 138 84.92 21.03 35.08
C PRO Q 138 83.76 21.11 34.13
N ALA Q 139 83.10 22.27 34.07
CA ALA Q 139 81.79 22.35 33.44
C ALA Q 139 81.81 21.88 32.00
N THR Q 140 82.98 21.74 31.40
CA THR Q 140 83.09 21.20 30.07
C THR Q 140 83.15 19.68 30.04
N TRP Q 141 83.40 19.05 31.18
CA TRP Q 141 83.50 17.60 31.18
C TRP Q 141 82.24 16.98 30.62
N LYS Q 142 82.40 15.86 29.94
CA LYS Q 142 81.27 15.05 29.53
C LYS Q 142 81.65 13.58 29.63
N VAL Q 143 80.63 12.74 29.63
CA VAL Q 143 80.85 11.31 29.87
C VAL Q 143 81.78 10.73 28.82
N SER Q 144 82.72 9.92 29.27
CA SER Q 144 83.69 9.31 28.37
C SER Q 144 83.02 8.23 27.51
N ARG Q 145 83.57 8.02 26.32
CA ARG Q 145 82.91 7.12 25.37
C ARG Q 145 83.17 5.65 25.68
N GLU Q 146 84.30 5.33 26.29
CA GLU Q 146 84.61 3.93 26.56
C GLU Q 146 83.54 3.29 27.41
N LEU Q 147 83.03 4.02 28.39
CA LEU Q 147 82.04 3.52 29.32
C LEU Q 147 80.62 3.84 28.88
N CYS Q 148 80.45 4.33 27.66
CA CYS Q 148 79.23 4.99 27.20
C CYS Q 148 77.97 4.26 27.63
N HIS Q 149 77.99 2.94 27.57
CA HIS Q 149 76.82 2.19 27.99
C HIS Q 149 76.86 1.77 29.45
N ARG Q 150 77.99 1.97 30.14
CA ARG Q 150 78.04 1.56 31.54
C ARG Q 150 77.42 2.61 32.46
N PHE Q 151 77.47 3.88 32.09
CA PHE Q 151 76.98 4.95 32.94
C PHE Q 151 76.02 5.83 32.17
N VAL Q 152 75.29 6.65 32.92
CA VAL Q 152 74.40 7.65 32.33
C VAL Q 152 74.13 8.70 33.39
N VAL Q 153 73.70 9.88 32.95
CA VAL Q 153 73.44 10.99 33.86
C VAL Q 153 72.01 11.43 33.64
N LYS Q 154 71.18 11.28 34.66
CA LYS Q 154 69.76 11.57 34.50
C LYS Q 154 69.40 12.99 34.91
N ARG Q 155 70.31 13.72 35.55
CA ARG Q 155 70.03 15.11 35.90
C ARG Q 155 71.33 15.90 35.88
N ARG Q 156 71.18 17.22 35.84
CA ARG Q 156 72.32 18.11 35.83
C ARG Q 156 71.91 19.43 36.47
N TRP Q 157 72.86 20.09 37.13
CA TRP Q 157 72.57 21.40 37.67
C TRP Q 157 73.81 22.27 37.63
N LEU Q 158 73.58 23.58 37.60
CA LEU Q 158 74.64 24.56 37.60
C LEU Q 158 74.47 25.52 38.77
N PHE Q 159 75.59 26.10 39.17
CA PHE Q 159 75.58 27.16 40.16
C PHE Q 159 76.88 27.91 40.01
N ASN Q 160 76.91 29.12 40.55
CA ASN Q 160 78.12 29.93 40.48
C ASN Q 160 78.29 30.70 41.76
N MET Q 161 79.53 31.00 42.09
CA MET Q 161 79.86 31.70 43.31
C MET Q 161 81.20 32.40 43.11
N GLU Q 162 81.49 33.33 44.01
CA GLU Q 162 82.69 34.13 43.88
C GLU Q 162 83.09 34.66 45.24
N THR Q 163 84.34 35.07 45.34
CA THR Q 163 84.87 35.62 46.56
C THR Q 163 85.69 36.86 46.25
N ASP Q 164 85.63 37.82 47.16
CA ASP Q 164 86.30 39.09 47.00
C ASP Q 164 87.65 39.14 47.70
N GLY Q 165 88.04 38.06 48.37
CA GLY Q 165 89.27 38.08 49.14
C GLY Q 165 89.14 38.64 50.55
N ARG Q 166 87.99 38.47 51.18
CA ARG Q 166 87.78 38.98 52.53
C ARG Q 166 87.00 37.98 53.35
N ILE Q 167 87.52 37.63 54.52
CA ILE Q 167 86.85 36.70 55.40
C ILE Q 167 85.73 37.44 56.12
N GLY Q 168 84.69 36.70 56.52
CA GLY Q 168 83.53 37.34 57.12
C GLY Q 168 83.84 38.09 58.40
N SER Q 169 84.62 37.46 59.29
CA SER Q 169 84.83 38.02 60.62
C SER Q 169 85.60 39.33 60.59
N ASP Q 170 86.10 39.75 59.44
CA ASP Q 170 86.94 40.95 59.37
C ASP Q 170 86.07 42.21 59.45
N ILE Q 171 86.50 43.15 60.29
CA ILE Q 171 85.77 44.40 60.49
C ILE Q 171 86.15 45.41 59.42
N PRO Q 172 85.19 45.95 58.69
CA PRO Q 172 85.51 47.01 57.75
C PRO Q 172 86.08 48.22 58.47
N PRO Q 173 87.03 48.91 57.87
CA PRO Q 173 87.48 50.19 58.43
C PRO Q 173 86.39 51.23 58.27
N SER Q 174 86.40 52.20 59.20
CA SER Q 174 85.34 53.19 59.26
C SER Q 174 85.30 54.11 58.03
N ASN Q 175 86.30 54.04 57.16
CA ASN Q 175 86.34 54.95 56.03
C ASN Q 175 85.42 54.51 54.90
N ALA Q 176 85.49 53.25 54.49
CA ALA Q 176 84.81 52.80 53.29
C ALA Q 176 84.19 51.43 53.53
N SER Q 177 83.39 50.98 52.58
CA SER Q 177 82.62 49.75 52.75
C SER Q 177 82.70 48.80 51.56
N TRP Q 178 81.90 47.73 51.59
CA TRP Q 178 81.87 46.78 50.49
C TRP Q 178 80.45 46.28 50.32
N LYS Q 179 80.12 45.88 49.08
CA LYS Q 179 78.92 45.11 48.82
C LYS Q 179 79.38 43.71 48.41
N PRO Q 180 79.32 42.74 49.30
CA PRO Q 180 79.74 41.39 48.93
C PRO Q 180 78.58 40.49 48.55
N CYS Q 181 77.82 40.85 47.52
CA CYS Q 181 76.72 40.01 47.10
C CYS Q 181 77.22 38.64 46.70
N LYS Q 182 76.46 37.62 47.08
CA LYS Q 182 76.73 36.24 46.68
C LYS Q 182 78.12 35.78 47.13
N ARG Q 183 78.42 35.98 48.41
CA ARG Q 183 79.54 35.23 48.97
C ARG Q 183 79.13 33.79 49.26
N ASN Q 184 77.95 33.61 49.82
CA ASN Q 184 77.39 32.30 50.06
C ASN Q 184 76.04 32.19 49.39
N ILE Q 185 75.56 30.97 49.21
CA ILE Q 185 74.42 30.72 48.35
C ILE Q 185 73.55 29.62 48.95
N TYR Q 186 72.26 29.68 48.66
CA TYR Q 186 71.29 28.72 49.13
C TYR Q 186 70.77 27.92 47.94
N PHE Q 187 71.04 26.63 47.93
CA PHE Q 187 70.76 25.81 46.77
C PHE Q 187 69.78 24.70 47.13
N HIS Q 188 68.73 24.56 46.32
CA HIS Q 188 67.75 23.51 46.54
C HIS Q 188 67.09 23.15 45.23
N LYS Q 189 66.73 21.88 45.10
CA LYS Q 189 66.01 21.39 43.93
C LYS Q 189 65.08 20.29 44.37
N PHE Q 190 64.01 20.10 43.60
CA PHE Q 190 63.01 19.07 43.87
C PHE Q 190 62.60 18.48 42.55
N THR Q 191 62.66 17.16 42.42
CA THR Q 191 62.32 16.54 41.14
C THR Q 191 61.65 15.18 41.35
N SER Q 192 60.56 14.97 40.62
CA SER Q 192 59.84 13.71 40.66
C SER Q 192 60.13 12.79 39.48
N GLY Q 193 60.94 13.23 38.52
CA GLY Q 193 60.96 12.58 37.23
C GLY Q 193 61.56 11.19 37.28
N LEU Q 194 62.71 11.05 37.92
CA LEU Q 194 63.52 9.87 37.74
C LEU Q 194 62.84 8.63 38.33
N GLY Q 195 63.31 7.49 37.89
CA GLY Q 195 63.02 6.24 38.58
C GLY Q 195 64.16 5.28 38.36
N VAL Q 196 64.35 4.38 39.32
CA VAL Q 196 65.53 3.53 39.34
C VAL Q 196 65.14 2.16 39.88
N ARG Q 197 65.70 1.12 39.30
CA ARG Q 197 65.44 -0.25 39.71
C ARG Q 197 66.72 -0.84 40.29
N THR Q 198 66.64 -1.34 41.52
CA THR Q 198 67.81 -1.83 42.23
C THR Q 198 67.54 -3.19 42.83
N GLN Q 199 68.55 -4.06 42.82
CA GLN Q 199 68.48 -5.35 43.49
C GLN Q 199 69.71 -5.52 44.34
N TRP Q 200 69.64 -6.44 45.28
CA TRP Q 200 70.63 -6.54 46.34
C TRP Q 200 71.13 -7.97 46.49
N LYS Q 201 72.42 -8.10 46.81
CA LYS Q 201 72.91 -9.34 47.36
C LYS Q 201 72.30 -9.53 48.74
N ASN Q 202 72.36 -10.76 49.24
CA ASN Q 202 71.71 -11.06 50.50
C ASN Q 202 72.72 -10.87 51.62
N VAL Q 203 72.58 -9.79 52.37
CA VAL Q 203 73.34 -9.49 53.57
C VAL Q 203 72.51 -8.51 54.39
N THR Q 204 73.01 -8.14 55.56
CA THR Q 204 72.35 -7.09 56.33
C THR Q 204 72.76 -5.71 55.85
N ASP Q 205 74.01 -5.56 55.46
CA ASP Q 205 74.64 -4.25 55.38
C ASP Q 205 74.02 -3.38 54.30
N GLY Q 206 74.22 -2.08 54.45
CA GLY Q 206 73.82 -1.11 53.45
C GLY Q 206 74.97 -0.48 52.67
N GLY Q 207 76.17 -1.01 52.79
CA GLY Q 207 77.31 -0.45 52.09
C GLY Q 207 77.23 -0.70 50.59
N VAL Q 208 78.26 -0.21 49.90
CA VAL Q 208 78.30 -0.34 48.45
C VAL Q 208 78.51 -1.79 48.02
N GLY Q 209 79.32 -2.55 48.76
CA GLY Q 209 79.63 -3.90 48.34
C GLY Q 209 78.43 -4.80 48.21
N ALA Q 210 77.30 -4.42 48.81
CA ALA Q 210 76.13 -5.28 48.81
C ALA Q 210 75.36 -5.21 47.49
N ILE Q 211 75.38 -4.08 46.81
CA ILE Q 211 74.46 -3.87 45.70
C ILE Q 211 74.89 -4.71 44.51
N GLN Q 212 73.93 -5.43 43.93
CA GLN Q 212 74.19 -6.18 42.71
C GLN Q 212 74.09 -5.29 41.48
N ARG Q 213 73.07 -4.43 41.42
CA ARG Q 213 72.86 -3.63 40.22
C ARG Q 213 72.07 -2.38 40.61
N GLY Q 214 72.27 -1.30 39.85
CA GLY Q 214 71.49 -0.09 40.03
C GLY Q 214 71.99 0.93 41.04
N ALA Q 215 73.29 1.04 41.22
CA ALA Q 215 73.81 2.02 42.16
C ALA Q 215 73.53 3.44 41.67
N LEU Q 216 73.58 4.38 42.59
CA LEU Q 216 73.25 5.78 42.32
C LEU Q 216 74.28 6.67 42.99
N TYR Q 217 74.98 7.48 42.19
CA TYR Q 217 76.06 8.32 42.68
C TYR Q 217 75.70 9.79 42.61
N MET Q 218 76.30 10.57 43.50
CA MET Q 218 76.23 12.02 43.49
C MET Q 218 77.64 12.57 43.43
N VAL Q 219 77.84 13.61 42.64
CA VAL Q 219 79.17 14.16 42.39
C VAL Q 219 79.11 15.67 42.47
N ILE Q 220 80.13 16.27 43.07
CA ILE Q 220 80.23 17.72 43.21
C ILE Q 220 81.52 18.17 42.53
N ALA Q 221 81.41 19.18 41.67
CA ALA Q 221 82.54 19.70 40.93
C ALA Q 221 82.81 21.15 41.33
N PRO Q 222 83.95 21.46 41.91
CA PRO Q 222 84.23 22.83 42.32
C PRO Q 222 84.58 23.70 41.14
N GLY Q 223 84.49 25.00 41.35
CA GLY Q 223 84.98 25.96 40.37
C GLY Q 223 86.49 25.98 40.33
N ASN Q 224 87.01 26.67 39.31
CA ASN Q 224 88.46 26.75 39.12
C ASN Q 224 89.15 27.30 40.35
N GLY Q 225 90.11 26.55 40.86
CA GLY Q 225 90.93 27.00 41.97
C GLY Q 225 90.13 27.54 43.14
N LEU Q 226 88.94 26.98 43.35
CA LEU Q 226 88.03 27.46 44.38
C LEU Q 226 87.52 26.28 45.19
N THR Q 227 87.87 26.25 46.47
CA THR Q 227 87.53 25.13 47.34
C THR Q 227 86.56 25.60 48.41
N PHE Q 228 85.63 24.72 48.78
CA PHE Q 228 84.61 25.10 49.74
C PHE Q 228 84.06 23.86 50.41
N THR Q 229 83.32 24.09 51.50
CA THR Q 229 82.58 23.04 52.18
C THR Q 229 81.11 23.40 52.16
N ALA Q 230 80.26 22.40 52.40
CA ALA Q 230 78.83 22.56 52.30
C ALA Q 230 78.14 21.95 53.50
N HIS Q 231 76.96 22.49 53.82
CA HIS Q 231 76.13 21.97 54.90
C HIS Q 231 74.74 21.74 54.34
N GLY Q 232 74.02 20.80 54.95
CA GLY Q 232 72.65 20.56 54.58
C GLY Q 232 72.28 19.10 54.78
N GLN Q 233 71.11 18.75 54.27
CA GLN Q 233 70.60 17.40 54.39
C GLN Q 233 69.64 17.13 53.23
N THR Q 234 69.37 15.86 53.00
CA THR Q 234 68.54 15.46 51.87
C THR Q 234 67.58 14.36 52.30
N ARG Q 235 66.55 14.16 51.48
CA ARG Q 235 65.59 13.09 51.71
C ARG Q 235 65.43 12.25 50.46
N LEU Q 236 64.89 11.06 50.66
CA LEU Q 236 64.59 10.14 49.57
C LEU Q 236 63.18 9.60 49.73
N TYR Q 237 62.70 8.95 48.68
CA TYR Q 237 61.37 8.37 48.67
C TYR Q 237 61.43 7.06 47.89
N PHE Q 238 60.88 5.99 48.45
CA PHE Q 238 60.92 4.70 47.78
C PHE Q 238 59.94 3.76 48.45
N LYS Q 239 59.83 2.56 47.89
CA LYS Q 239 59.10 1.47 48.51
C LYS Q 239 59.68 0.14 48.06
N SER Q 240 59.66 -0.83 48.96
CA SER Q 240 60.09 -2.16 48.61
C SER Q 240 59.02 -2.85 47.78
N VAL Q 241 59.42 -3.89 47.05
CA VAL Q 241 58.50 -4.68 46.24
C VAL Q 241 59.14 -6.03 45.98
N GLY Q 242 58.34 -7.00 45.61
CA GLY Q 242 58.82 -8.30 45.20
C GLY Q 242 58.64 -9.36 46.27
N ASN Q 243 59.00 -10.58 45.89
CA ASN Q 243 58.91 -11.75 46.77
C ASN Q 243 57.53 -11.91 47.35
N ALA R 31 -17.86 57.62 22.39
CA ALA R 31 -17.85 58.83 23.20
C ALA R 31 -18.22 60.05 22.36
N GLY R 32 -19.51 60.24 22.13
CA GLY R 32 -20.00 61.34 21.32
C GLY R 32 -21.30 60.97 20.64
N SER R 33 -21.81 61.91 19.85
CA SER R 33 -23.04 61.64 19.11
C SER R 33 -22.92 62.08 17.65
N LYS R 34 -22.95 61.11 16.74
CA LYS R 34 -22.95 61.35 15.29
C LYS R 34 -21.91 62.41 14.90
N ALA R 35 -20.75 62.33 15.53
CA ALA R 35 -19.69 63.27 15.21
C ALA R 35 -19.21 63.06 13.78
N ASP R 36 -18.79 64.16 13.16
CA ASP R 36 -18.36 64.16 11.77
C ASP R 36 -17.12 65.01 11.62
N ARG R 37 -16.19 64.53 10.80
CA ARG R 37 -14.87 65.15 10.67
C ARG R 37 -14.91 66.64 10.39
N PRO R 38 -15.70 67.15 9.44
CA PRO R 38 -15.80 68.60 9.29
C PRO R 38 -16.46 69.23 10.50
N SER R 39 -16.17 70.51 10.70
CA SER R 39 -16.67 71.22 11.86
C SER R 39 -18.19 71.38 11.78
N LEU R 40 -18.79 71.67 12.93
CA LEU R 40 -20.22 71.82 13.04
C LEU R 40 -20.58 73.27 13.37
N GLN R 41 -21.76 73.69 12.92
CA GLN R 41 -22.14 75.08 13.07
C GLN R 41 -22.36 75.43 14.54
N ILE R 42 -22.34 76.72 14.82
CA ILE R 42 -22.44 77.22 16.19
C ILE R 42 -23.46 78.33 16.25
N GLN R 43 -24.28 78.30 17.30
CA GLN R 43 -25.21 79.38 17.59
C GLN R 43 -25.12 79.75 19.07
N THR R 44 -25.27 81.02 19.37
CA THR R 44 -25.11 81.53 20.72
C THR R 44 -26.34 82.33 21.14
N LEU R 45 -26.45 82.55 22.44
CA LEU R 45 -27.46 83.42 22.99
C LEU R 45 -26.82 84.35 24.00
N GLN R 46 -27.34 85.56 24.10
CA GLN R 46 -26.77 86.57 24.96
C GLN R 46 -27.83 87.01 25.95
N HIS R 47 -27.64 86.67 27.22
CA HIS R 47 -28.53 87.12 28.28
C HIS R 47 -27.70 87.89 29.29
N ALA R 48 -27.89 89.20 29.33
CA ALA R 48 -27.10 90.09 30.16
C ALA R 48 -27.64 91.50 29.99
N GLY R 49 -27.26 92.37 30.92
CA GLY R 49 -27.62 93.77 30.78
C GLY R 49 -29.11 93.96 30.65
N THR R 50 -29.50 94.57 29.54
CA THR R 50 -30.92 94.78 29.26
C THR R 50 -31.70 93.47 29.31
N THR R 51 -31.13 92.39 28.77
CA THR R 51 -31.80 91.11 28.75
C THR R 51 -31.22 90.26 29.89
N MET R 52 -32.00 90.12 30.96
CA MET R 52 -31.66 89.24 32.06
C MET R 52 -32.91 88.43 32.36
N ILE R 53 -32.81 87.11 32.20
CA ILE R 53 -33.94 86.27 32.55
C ILE R 53 -34.28 86.54 34.01
N THR R 54 -35.53 86.90 34.26
CA THR R 54 -35.99 87.24 35.60
C THR R 54 -37.25 86.44 35.90
N VAL R 55 -37.21 85.68 36.98
CA VAL R 55 -38.26 84.69 37.22
C VAL R 55 -39.06 85.02 38.47
N PRO R 56 -40.31 85.44 38.33
CA PRO R 56 -41.22 85.44 39.47
C PRO R 56 -41.69 84.02 39.76
N SER R 57 -42.26 83.85 40.95
CA SER R 57 -42.75 82.54 41.37
C SER R 57 -43.67 81.95 40.33
N GLY R 58 -43.46 80.69 39.99
CA GLY R 58 -44.21 80.04 38.95
C GLY R 58 -43.47 79.83 37.66
N GLY R 59 -42.20 80.22 37.59
CA GLY R 59 -41.37 79.89 36.45
C GLY R 59 -41.70 80.71 35.21
N VAL R 60 -40.91 80.48 34.16
CA VAL R 60 -41.11 81.16 32.90
C VAL R 60 -40.77 80.21 31.77
N CYS R 61 -41.55 80.30 30.70
CA CYS R 61 -41.37 79.48 29.51
C CYS R 61 -40.53 80.23 28.50
N ASP R 62 -39.71 79.50 27.76
CA ASP R 62 -38.88 80.12 26.74
C ASP R 62 -38.47 79.08 25.70
N LEU R 63 -38.07 79.57 24.53
CA LEU R 63 -37.59 78.72 23.45
C LEU R 63 -36.18 79.11 23.09
N ILE R 64 -35.27 78.13 23.13
CA ILE R 64 -33.86 78.37 22.84
C ILE R 64 -33.46 77.97 21.43
N ASN R 65 -34.36 77.42 20.64
CA ASN R 65 -33.94 76.79 19.40
C ASN R 65 -34.00 77.73 18.21
N THR R 66 -34.30 79.01 18.43
CA THR R 66 -34.48 79.97 17.36
C THR R 66 -33.29 80.00 16.40
N TYR R 67 -33.61 79.94 15.10
CA TYR R 67 -32.62 79.98 14.04
C TYR R 67 -33.14 80.85 12.92
N ALA R 68 -32.32 81.76 12.42
CA ALA R 68 -32.69 82.46 11.20
C ALA R 68 -32.27 81.63 9.99
N ARG R 69 -32.60 82.13 8.80
CA ARG R 69 -32.17 81.52 7.55
C ARG R 69 -31.55 82.58 6.66
N GLY R 70 -30.41 82.26 6.08
CA GLY R 70 -29.75 83.21 5.20
C GLY R 70 -28.31 82.83 4.98
N SER R 71 -27.52 83.84 4.62
CA SER R 71 -26.12 83.61 4.29
C SER R 71 -25.28 83.44 5.54
N ASP R 72 -25.59 84.19 6.59
CA ASP R 72 -24.71 84.26 7.75
C ASP R 72 -24.53 82.89 8.38
N GLU R 73 -23.33 82.64 8.87
CA GLU R 73 -23.05 81.39 9.57
C GLU R 73 -23.81 81.35 10.88
N GLY R 74 -24.32 80.17 11.20
CA GLY R 74 -25.13 79.99 12.39
C GLY R 74 -26.59 80.00 12.04
N ASN R 75 -26.94 80.63 10.93
CA ASN R 75 -28.30 80.52 10.45
C ASN R 75 -28.46 79.22 9.67
N ARG R 76 -29.69 78.73 9.63
CA ARG R 76 -29.95 77.45 8.98
C ARG R 76 -30.05 77.62 7.48
N HIS R 77 -29.36 76.74 6.74
CA HIS R 77 -29.38 76.80 5.29
C HIS R 77 -30.55 76.05 4.67
N THR R 78 -31.20 75.17 5.43
CA THR R 78 -32.19 74.29 4.83
C THR R 78 -33.50 74.34 5.59
N SER R 79 -34.42 73.46 5.22
CA SER R 79 -35.67 73.36 5.94
C SER R 79 -35.66 72.26 7.00
N GLU R 80 -34.54 71.57 7.16
CA GLU R 80 -34.45 70.42 8.05
C GLU R 80 -33.19 70.53 8.90
N THR R 81 -33.34 70.44 10.22
CA THR R 81 -32.23 70.66 11.13
C THR R 81 -32.21 69.60 12.23
N LEU R 82 -31.03 69.10 12.54
CA LEU R 82 -30.78 68.24 13.68
C LEU R 82 -29.83 68.96 14.62
N THR R 83 -30.07 68.83 15.92
CA THR R 83 -29.17 69.37 16.92
C THR R 83 -28.57 68.23 17.74
N TYR R 84 -27.39 68.47 18.29
CA TYR R 84 -26.69 67.42 18.99
C TYR R 84 -26.29 67.78 20.41
N LYS R 85 -25.25 68.59 20.54
CA LYS R 85 -24.63 68.84 21.83
C LYS R 85 -24.96 70.25 22.29
N ILE R 86 -25.12 70.41 23.60
CA ILE R 86 -25.47 71.69 24.18
C ILE R 86 -24.68 71.89 25.47
N ALA R 87 -24.20 73.11 25.68
CA ALA R 87 -23.50 73.46 26.89
C ALA R 87 -24.14 74.72 27.46
N ILE R 88 -24.22 74.78 28.78
CA ILE R 88 -24.94 75.86 29.45
C ILE R 88 -24.06 76.41 30.56
N ASP R 89 -23.93 77.73 30.60
CA ASP R 89 -23.26 78.43 31.68
C ASP R 89 -24.15 79.58 32.13
N TYR R 90 -24.20 79.81 33.43
CA TYR R 90 -24.88 80.98 33.95
C TYR R 90 -24.30 81.38 35.29
N HIS R 91 -24.62 82.60 35.68
CA HIS R 91 -24.52 83.02 37.06
C HIS R 91 -25.92 83.25 37.62
N PHE R 92 -26.09 82.93 38.89
CA PHE R 92 -27.30 83.24 39.63
C PHE R 92 -27.00 84.23 40.73
N VAL R 93 -27.99 85.01 41.10
CA VAL R 93 -27.91 85.85 42.28
C VAL R 93 -29.29 86.07 42.84
N ALA R 94 -29.41 86.09 44.16
CA ALA R 94 -30.68 86.37 44.77
C ALA R 94 -31.08 87.82 44.52
N ASP R 95 -32.37 88.09 44.59
CA ASP R 95 -32.89 89.43 44.45
C ASP R 95 -33.15 90.02 45.83
N ALA R 96 -32.78 91.29 45.99
CA ALA R 96 -33.01 91.97 47.26
C ALA R 96 -34.49 92.00 47.60
N ALA R 97 -35.35 92.01 46.60
CA ALA R 97 -36.79 92.04 46.84
C ALA R 97 -37.23 90.92 47.77
N ALA R 98 -36.63 89.75 47.65
CA ALA R 98 -36.95 88.62 48.52
C ALA R 98 -35.98 88.49 49.68
N CYS R 99 -34.95 89.33 49.74
CA CYS R 99 -33.99 89.22 50.84
C CYS R 99 -34.55 89.68 52.17
N ARG R 100 -35.75 90.28 52.18
CA ARG R 100 -36.34 90.71 53.45
C ARG R 100 -36.68 89.55 54.37
N TYR R 101 -36.57 88.32 53.88
CA TYR R 101 -36.82 87.13 54.68
C TYR R 101 -35.59 86.25 54.65
N SER R 102 -35.53 85.29 55.56
CA SER R 102 -34.42 84.36 55.63
C SER R 102 -34.95 82.94 55.60
N ASN R 103 -34.71 82.24 54.50
CA ASN R 103 -34.95 80.82 54.43
C ASN R 103 -34.16 80.27 53.25
N THR R 104 -33.99 78.97 53.24
CA THR R 104 -33.41 78.31 52.09
C THR R 104 -34.52 77.91 51.14
N GLY R 105 -34.16 77.11 50.14
CA GLY R 105 -35.13 76.59 49.20
C GLY R 105 -34.46 75.66 48.23
N THR R 106 -35.20 75.27 47.20
CA THR R 106 -34.65 74.43 46.14
C THR R 106 -35.24 74.82 44.81
N GLY R 107 -34.38 74.94 43.80
CA GLY R 107 -34.80 75.26 42.45
C GLY R 107 -34.68 74.08 41.49
N VAL R 108 -35.18 74.29 40.29
CA VAL R 108 -35.26 73.24 39.28
C VAL R 108 -35.07 73.86 37.91
N MET R 109 -34.36 73.15 37.04
CA MET R 109 -34.23 73.51 35.64
C MET R 109 -34.53 72.28 34.80
N TRP R 110 -35.48 72.38 33.89
CA TRP R 110 -35.80 71.28 32.99
C TRP R 110 -35.43 71.63 31.56
N LEU R 111 -35.23 70.59 30.78
CA LEU R 111 -35.06 70.71 29.34
C LEU R 111 -36.19 69.91 28.71
N VAL R 112 -37.15 70.58 28.10
CA VAL R 112 -38.40 69.97 27.68
C VAL R 112 -38.48 69.96 26.17
N TYR R 113 -38.81 68.81 25.60
CA TYR R 113 -38.97 68.66 24.17
C TYR R 113 -40.43 68.59 23.80
N ASP R 114 -40.77 69.17 22.65
CA ASP R 114 -42.15 69.26 22.18
C ASP R 114 -42.30 68.48 20.88
N THR R 115 -43.53 68.07 20.59
CA THR R 115 -43.85 67.48 19.30
C THR R 115 -44.45 68.54 18.38
N THR R 116 -45.69 68.95 18.64
CA THR R 116 -46.35 69.96 17.84
C THR R 116 -46.68 71.16 18.71
N PRO R 117 -46.07 72.31 18.47
CA PRO R 117 -46.39 73.48 19.28
C PRO R 117 -47.73 74.07 18.87
N GLY R 118 -48.44 74.59 19.86
CA GLY R 118 -49.64 75.34 19.56
C GLY R 118 -49.31 76.67 18.92
N GLY R 119 -50.36 77.36 18.49
CA GLY R 119 -50.18 78.69 17.95
C GLY R 119 -49.76 79.71 18.99
N GLN R 120 -49.96 79.40 20.27
CA GLN R 120 -49.66 80.31 21.36
C GLN R 120 -48.55 79.73 22.23
N ALA R 121 -47.82 80.61 22.89
CA ALA R 121 -46.71 80.17 23.71
C ALA R 121 -47.20 79.48 24.97
N PRO R 122 -46.64 78.33 25.32
CA PRO R 122 -47.07 77.65 26.53
C PRO R 122 -46.61 78.38 27.77
N THR R 123 -47.26 78.05 28.88
CA THR R 123 -46.84 78.53 30.18
C THR R 123 -46.76 77.33 31.11
N PRO R 124 -45.88 77.37 32.12
CA PRO R 124 -45.72 76.19 32.98
C PRO R 124 -47.02 75.66 33.53
N GLN R 125 -47.89 76.54 34.01
CA GLN R 125 -49.15 76.08 34.58
C GLN R 125 -49.91 75.21 33.59
N THR R 126 -49.72 75.48 32.30
CA THR R 126 -50.35 74.65 31.29
C THR R 126 -49.57 73.36 31.05
N ILE R 127 -48.25 73.41 31.15
CA ILE R 127 -47.48 72.23 30.81
C ILE R 127 -47.57 71.20 31.92
N PHE R 128 -47.72 71.65 33.16
CA PHE R 128 -47.79 70.76 34.31
C PHE R 128 -49.09 71.02 35.03
N ALA R 129 -49.89 69.98 35.23
CA ALA R 129 -51.10 70.16 36.00
C ALA R 129 -50.75 70.14 37.47
N TYR R 130 -50.98 71.24 38.15
CA TYR R 130 -50.68 71.24 39.56
C TYR R 130 -51.74 72.01 40.32
N PRO R 131 -52.15 71.53 41.48
CA PRO R 131 -53.05 72.33 42.32
C PRO R 131 -52.34 73.56 42.86
N ASP R 132 -53.14 74.56 43.24
CA ASP R 132 -52.57 75.81 43.72
C ASP R 132 -51.73 75.59 44.97
N THR R 133 -52.08 74.57 45.75
CA THR R 133 -51.33 74.29 46.97
C THR R 133 -49.87 73.99 46.68
N LEU R 134 -49.60 73.15 45.69
CA LEU R 134 -48.24 72.74 45.39
C LEU R 134 -47.42 73.83 44.72
N LYS R 135 -48.02 74.97 44.38
CA LYS R 135 -47.28 76.02 43.68
C LYS R 135 -46.04 76.42 44.44
N ALA R 136 -46.06 76.30 45.77
CA ALA R 136 -44.88 76.60 46.56
C ALA R 136 -43.70 75.75 46.14
N TRP R 137 -43.86 74.44 46.18
CA TRP R 137 -42.68 73.61 45.98
C TRP R 137 -42.72 73.03 44.60
N PRO R 138 -41.92 73.54 43.67
CA PRO R 138 -41.99 73.03 42.30
C PRO R 138 -41.42 71.63 42.19
N ALA R 139 -40.38 71.34 42.95
CA ALA R 139 -39.58 70.15 42.68
C ALA R 139 -40.39 68.88 42.68
N THR R 140 -41.61 68.92 43.20
CA THR R 140 -42.49 67.78 43.14
C THR R 140 -43.28 67.69 41.85
N TRP R 141 -43.33 68.75 41.07
CA TRP R 141 -44.10 68.72 39.85
C TRP R 141 -43.64 67.58 38.97
N LYS R 142 -44.59 67.00 38.24
CA LYS R 142 -44.25 66.04 37.20
C LYS R 142 -45.23 66.23 36.05
N VAL R 143 -44.85 65.68 34.89
CA VAL R 143 -45.60 65.91 33.68
C VAL R 143 -47.02 65.41 33.83
N SER R 144 -47.98 66.22 33.38
CA SER R 144 -49.39 65.86 33.48
C SER R 144 -49.72 64.73 32.52
N ARG R 145 -50.74 63.93 32.88
CA ARG R 145 -51.03 62.73 32.11
C ARG R 145 -51.82 63.04 30.83
N GLU R 146 -52.61 64.10 30.84
CA GLU R 146 -53.43 64.40 29.66
C GLU R 146 -52.56 64.59 28.43
N LEU R 147 -51.42 65.23 28.60
CA LEU R 147 -50.53 65.54 27.51
C LEU R 147 -49.44 64.49 27.34
N CYS R 148 -49.55 63.37 28.05
CA CYS R 148 -48.47 62.42 28.26
C CYS R 148 -47.67 62.12 27.00
N HIS R 149 -48.35 62.01 25.88
CA HIS R 149 -47.63 61.77 24.64
C HIS R 149 -47.28 63.04 23.88
N ARG R 150 -47.80 64.19 24.30
CA ARG R 150 -47.47 65.41 23.58
C ARG R 150 -46.12 65.99 23.98
N PHE R 151 -45.69 65.76 25.22
CA PHE R 151 -44.45 66.33 25.72
C PHE R 151 -43.57 65.25 26.33
N VAL R 152 -42.31 65.60 26.53
CA VAL R 152 -41.37 64.71 27.21
C VAL R 152 -40.23 65.57 27.74
N VAL R 153 -39.50 65.05 28.71
CA VAL R 153 -38.40 65.78 29.33
C VAL R 153 -37.15 64.92 29.20
N LYS R 154 -36.17 65.40 28.45
CA LYS R 154 -35.00 64.60 28.18
C LYS R 154 -33.86 64.87 29.16
N ARG R 155 -33.96 65.91 29.98
CA ARG R 155 -32.94 66.17 30.99
C ARG R 155 -33.58 66.82 32.20
N ARG R 156 -32.83 66.79 33.30
CA ARG R 156 -33.29 67.39 34.55
C ARG R 156 -32.08 67.83 35.34
N TRP R 157 -32.23 68.91 36.11
CA TRP R 157 -31.16 69.31 36.98
C TRP R 157 -31.72 69.94 38.25
N LEU R 158 -30.92 69.87 39.31
CA LEU R 158 -31.28 70.46 40.59
C LEU R 158 -30.22 71.44 41.04
N PHE R 159 -30.64 72.38 41.87
CA PHE R 159 -29.72 73.29 42.52
C PHE R 159 -30.44 73.85 43.73
N ASN R 160 -29.66 74.41 44.65
CA ASN R 160 -30.23 74.98 45.85
C ASN R 160 -29.48 76.22 46.23
N MET R 161 -30.17 77.12 46.90
CA MET R 161 -29.61 78.40 47.28
C MET R 161 -30.39 78.92 48.49
N GLU R 162 -29.80 79.90 49.17
CA GLU R 162 -30.40 80.41 50.38
C GLU R 162 -29.92 81.82 50.61
N THR R 163 -30.66 82.55 51.44
CA THR R 163 -30.32 83.91 51.80
C THR R 163 -30.47 84.11 53.29
N ASP R 164 -29.60 84.93 53.84
CA ASP R 164 -29.58 85.20 55.26
C ASP R 164 -30.32 86.47 55.64
N GLY R 165 -30.87 87.18 54.68
CA GLY R 165 -31.52 88.44 54.96
C GLY R 165 -30.58 89.64 55.00
N ARG R 166 -29.51 89.61 54.21
CA ARG R 166 -28.58 90.73 54.21
C ARG R 166 -28.12 91.00 52.79
N ILE R 167 -28.23 92.25 52.37
CA ILE R 167 -27.80 92.64 51.03
C ILE R 167 -26.28 92.77 51.02
N GLY R 168 -25.68 92.57 49.86
CA GLY R 168 -24.23 92.56 49.78
C GLY R 168 -23.60 93.88 50.19
N SER R 169 -24.14 94.99 49.71
CA SER R 169 -23.51 96.29 49.91
C SER R 169 -23.48 96.73 51.37
N ASP R 170 -24.13 95.99 52.26
CA ASP R 170 -24.23 96.40 53.65
C ASP R 170 -22.92 96.14 54.39
N ILE R 171 -22.46 97.13 55.14
CA ILE R 171 -21.21 97.03 55.89
C ILE R 171 -21.45 96.33 57.22
N PRO R 172 -20.72 95.26 57.52
CA PRO R 172 -20.83 94.66 58.84
C PRO R 172 -20.40 95.64 59.91
N PRO R 173 -21.05 95.62 61.06
CA PRO R 173 -20.55 96.40 62.20
C PRO R 173 -19.27 95.81 62.72
N SER R 174 -18.44 96.67 63.30
CA SER R 174 -17.11 96.27 63.74
C SER R 174 -17.12 95.24 64.87
N ASN R 175 -18.28 94.96 65.46
CA ASN R 175 -18.32 94.04 66.59
C ASN R 175 -18.27 92.58 66.15
N ALA R 176 -19.10 92.19 65.19
CA ALA R 176 -19.27 90.78 64.87
C ALA R 176 -19.35 90.61 63.36
N SER R 177 -19.32 89.36 62.92
CA SER R 177 -19.26 89.07 61.48
C SER R 177 -20.25 88.00 61.03
N TRP R 178 -20.14 87.59 59.77
CA TRP R 178 -21.01 86.56 59.23
C TRP R 178 -20.21 85.69 58.27
N LYS R 179 -20.64 84.43 58.15
CA LYS R 179 -20.18 83.56 57.06
C LYS R 179 -21.37 83.36 56.15
N PRO R 180 -21.45 84.03 55.03
CA PRO R 180 -22.58 83.82 54.11
C PRO R 180 -22.27 82.88 52.98
N CYS R 181 -21.91 81.64 53.29
CA CYS R 181 -21.63 80.69 52.23
C CYS R 181 -22.84 80.50 51.34
N LYS R 182 -22.60 80.40 50.04
CA LYS R 182 -23.63 80.10 49.05
C LYS R 182 -24.76 81.13 49.08
N ARG R 183 -24.38 82.41 49.02
CA ARG R 183 -25.38 83.40 48.65
C ARG R 183 -25.65 83.36 47.15
N ASN R 184 -24.59 83.27 46.36
CA ASN R 184 -24.71 83.12 44.93
C ASN R 184 -23.97 81.87 44.49
N ILE R 185 -24.26 81.42 43.28
CA ILE R 185 -23.82 80.10 42.84
C ILE R 185 -23.44 80.14 41.37
N TYR R 186 -22.53 79.27 41.00
CA TYR R 186 -22.04 79.14 39.63
C TYR R 186 -22.50 77.81 39.08
N PHE R 187 -23.34 77.85 38.06
CA PHE R 187 -23.99 76.65 37.54
C PHE R 187 -23.62 76.42 36.09
N HIS R 188 -23.20 75.20 35.77
CA HIS R 188 -22.84 74.86 34.41
C HIS R 188 -23.03 73.37 34.20
N LYS R 189 -23.43 73.00 32.99
CA LYS R 189 -23.56 71.60 32.61
C LYS R 189 -23.19 71.47 31.15
N PHE R 190 -22.77 70.26 30.78
CA PHE R 190 -22.37 69.96 29.41
C PHE R 190 -22.86 68.56 29.10
N THR R 191 -23.60 68.40 28.01
CA THR R 191 -24.14 67.08 27.69
C THR R 191 -24.21 66.85 26.19
N SER R 192 -23.75 65.68 25.76
CA SER R 192 -23.78 65.29 24.36
C SER R 192 -24.92 64.35 24.01
N GLY R 193 -25.72 63.94 24.99
CA GLY R 193 -26.57 62.77 24.78
C GLY R 193 -27.69 63.01 23.80
N LEU R 194 -28.39 64.13 23.96
CA LEU R 194 -29.68 64.30 23.29
C LEU R 194 -29.50 64.39 21.79
N GLY R 195 -30.60 64.19 21.08
CA GLY R 195 -30.71 64.56 19.69
C GLY R 195 -32.14 64.87 19.37
N VAL R 196 -32.35 65.74 18.39
CA VAL R 196 -33.67 66.28 18.12
C VAL R 196 -33.80 66.47 16.62
N ARG R 197 -34.98 66.18 16.09
CA ARG R 197 -35.28 66.33 14.68
C ARG R 197 -36.32 67.41 14.51
N THR R 198 -36.02 68.42 13.68
CA THR R 198 -36.89 69.58 13.52
C THR R 198 -37.08 69.89 12.06
N GLN R 199 -38.29 70.31 11.71
CA GLN R 199 -38.60 70.79 10.37
C GLN R 199 -39.31 72.12 10.47
N TRP R 200 -39.32 72.85 9.37
CA TRP R 200 -39.72 74.24 9.38
C TRP R 200 -40.74 74.53 8.29
N LYS R 201 -41.67 75.42 8.60
CA LYS R 201 -42.44 76.07 7.55
C LYS R 201 -41.51 76.97 6.76
N ASN R 202 -41.95 77.35 5.57
CA ASN R 202 -41.08 78.12 4.69
C ASN R 202 -41.34 79.60 4.94
N VAL R 203 -40.40 80.25 5.62
CA VAL R 203 -40.36 81.69 5.86
C VAL R 203 -38.92 82.05 6.13
N THR R 204 -38.66 83.35 6.33
CA THR R 204 -37.34 83.77 6.77
C THR R 204 -37.17 83.62 8.27
N ASP R 205 -38.23 83.90 9.02
CA ASP R 205 -38.13 84.22 10.43
C ASP R 205 -37.65 83.02 11.24
N GLY R 206 -37.12 83.33 12.42
CA GLY R 206 -36.74 82.33 13.39
C GLY R 206 -37.63 82.24 14.60
N GLY R 207 -38.79 82.89 14.59
CA GLY R 207 -39.68 82.87 15.73
C GLY R 207 -40.33 81.51 15.91
N VAL R 208 -41.18 81.43 16.93
CA VAL R 208 -41.84 80.18 17.25
C VAL R 208 -42.88 79.83 16.19
N GLY R 209 -43.58 80.81 15.64
CA GLY R 209 -44.65 80.51 14.70
C GLY R 209 -44.20 79.77 13.47
N ALA R 210 -42.90 79.76 13.19
CA ALA R 210 -42.40 79.14 11.98
C ALA R 210 -42.30 77.63 12.09
N ILE R 211 -42.03 77.11 13.28
CA ILE R 211 -41.67 75.70 13.42
C ILE R 211 -42.88 74.82 13.19
N GLN R 212 -42.71 73.80 12.34
CA GLN R 212 -43.76 72.83 12.13
C GLN R 212 -43.75 71.76 13.21
N ARG R 213 -42.57 71.27 13.58
CA ARG R 213 -42.48 70.18 14.53
C ARG R 213 -41.12 70.20 15.21
N GLY R 214 -41.05 69.70 16.44
CA GLY R 214 -39.78 69.54 17.14
C GLY R 214 -39.27 70.73 17.94
N ALA R 215 -40.16 71.53 18.51
CA ALA R 215 -39.72 72.65 19.31
C ALA R 215 -39.01 72.18 20.57
N LEU R 216 -38.22 73.08 21.14
CA LEU R 216 -37.40 72.76 22.31
C LEU R 216 -37.50 73.89 23.32
N TYR R 217 -37.97 73.58 24.52
CA TYR R 217 -38.22 74.59 25.54
C TYR R 217 -37.25 74.45 26.71
N MET R 218 -36.98 75.56 27.37
CA MET R 218 -36.23 75.60 28.61
C MET R 218 -37.09 76.26 29.67
N VAL R 219 -37.05 75.74 30.89
CA VAL R 219 -37.93 76.19 31.96
C VAL R 219 -37.11 76.33 33.24
N ILE R 220 -37.38 77.38 34.00
CA ILE R 220 -36.71 77.64 35.26
C ILE R 220 -37.75 77.69 36.36
N ALA R 221 -37.52 76.96 37.44
CA ALA R 221 -38.45 76.90 38.55
C ALA R 221 -37.80 77.46 39.81
N PRO R 222 -38.31 78.54 40.37
CA PRO R 222 -37.70 79.11 41.56
C PRO R 222 -38.02 78.30 42.80
N GLY R 223 -37.24 78.53 43.84
CA GLY R 223 -37.54 77.97 45.14
C GLY R 223 -38.72 78.67 45.78
N ASN R 224 -39.20 78.07 46.87
CA ASN R 224 -40.37 78.61 47.57
C ASN R 224 -40.14 80.05 47.98
N GLY R 225 -41.06 80.92 47.57
CA GLY R 225 -41.03 82.31 47.97
C GLY R 225 -39.69 82.97 47.79
N LEU R 226 -38.94 82.54 46.77
CA LEU R 226 -37.59 83.04 46.54
C LEU R 226 -37.45 83.43 45.08
N THR R 227 -37.23 84.71 44.83
CA THR R 227 -37.15 85.24 43.47
C THR R 227 -35.74 85.73 43.19
N PHE R 228 -35.30 85.55 41.96
CA PHE R 228 -33.94 85.90 41.61
C PHE R 228 -33.84 86.16 40.11
N THR R 229 -32.73 86.76 39.71
CA THR R 229 -32.37 86.93 38.32
C THR R 229 -31.06 86.21 38.04
N ALA R 230 -30.80 85.96 36.76
CA ALA R 230 -29.64 85.18 36.37
C ALA R 230 -28.91 85.86 35.22
N HIS R 231 -27.62 85.61 35.13
CA HIS R 231 -26.79 86.10 34.05
C HIS R 231 -26.03 84.94 33.44
N GLY R 232 -25.69 85.06 32.17
CA GLY R 232 -24.89 84.06 31.51
C GLY R 232 -25.22 83.97 30.04
N GLN R 233 -24.69 82.93 29.41
CA GLN R 233 -24.90 82.70 27.99
C GLN R 233 -24.73 81.23 27.71
N THR R 234 -25.23 80.80 26.55
CA THR R 234 -25.24 79.39 26.19
C THR R 234 -24.84 79.23 24.74
N ARG R 235 -24.47 78.01 24.38
CA ARG R 235 -24.15 77.68 23.00
C ARG R 235 -24.92 76.46 22.55
N LEU R 236 -25.01 76.29 21.24
CA LEU R 236 -25.65 75.14 20.62
C LEU R 236 -24.74 74.57 19.55
N TYR R 237 -25.11 73.38 19.10
CA TYR R 237 -24.37 72.69 18.05
C TYR R 237 -25.35 71.96 17.16
N PHE R 238 -25.21 72.12 15.84
CA PHE R 238 -26.14 71.48 14.92
C PHE R 238 -25.56 71.52 13.52
N LYS R 239 -26.29 70.91 12.59
CA LYS R 239 -25.99 71.03 11.18
C LYS R 239 -27.26 70.84 10.37
N SER R 240 -27.36 71.56 9.26
CA SER R 240 -28.49 71.37 8.36
C SER R 240 -28.31 70.09 7.57
N VAL R 241 -29.42 69.59 7.04
CA VAL R 241 -29.40 68.39 6.20
C VAL R 241 -30.66 68.39 5.36
N GLY R 242 -30.66 67.62 4.29
CA GLY R 242 -31.83 67.41 3.46
C GLY R 242 -31.77 68.20 2.17
N ASN R 243 -32.79 67.97 1.35
CA ASN R 243 -32.94 68.63 0.06
C ASN R 243 -31.70 68.44 -0.80
N ALA S 31 59.58 17.26 17.13
CA ALA S 31 60.69 17.72 17.97
C ALA S 31 61.98 16.98 17.61
N GLY S 32 62.62 17.43 16.54
CA GLY S 32 63.84 16.81 16.08
C GLY S 32 64.00 16.99 14.59
N SER S 33 65.08 16.43 14.06
CA SER S 33 65.30 16.49 12.62
C SER S 33 65.71 15.15 12.03
N LYS S 34 64.84 14.58 11.20
CA LYS S 34 65.09 13.33 10.48
C LYS S 34 65.71 12.27 11.39
N ALA S 35 65.20 12.20 12.61
CA ALA S 35 65.68 11.20 13.56
C ALA S 35 65.35 9.80 13.06
N ASP S 36 66.23 8.87 13.38
CA ASP S 36 66.10 7.49 12.94
C ASP S 36 66.45 6.55 14.09
N ARG S 37 65.67 5.47 14.20
CA ARG S 37 65.76 4.56 15.34
C ARG S 37 67.17 4.07 15.63
N PRO S 38 67.96 3.60 14.66
CA PRO S 38 69.35 3.26 14.97
C PRO S 38 70.15 4.49 15.32
N SER S 39 71.22 4.27 16.08
CA SER S 39 72.04 5.37 16.56
C SER S 39 72.75 6.07 15.41
N LEU S 40 73.22 7.29 15.67
CA LEU S 40 73.88 8.10 14.68
C LEU S 40 75.35 8.29 15.04
N GLN S 41 76.18 8.45 14.03
CA GLN S 41 77.61 8.52 14.26
C GLN S 41 77.98 9.79 15.01
N ILE S 42 79.17 9.78 15.59
CA ILE S 42 79.63 10.87 16.45
C ILE S 42 81.04 11.26 16.05
N GLN S 43 81.29 12.57 16.00
CA GLN S 43 82.63 13.10 15.79
C GLN S 43 82.90 14.21 16.79
N THR S 44 84.13 14.30 17.26
CA THR S 44 84.51 15.25 18.29
C THR S 44 85.70 16.09 17.84
N LEU S 45 85.90 17.19 18.54
CA LEU S 45 87.08 18.02 18.34
C LEU S 45 87.67 18.35 19.69
N GLN S 46 88.98 18.47 19.73
CA GLN S 46 89.70 18.71 20.97
C GLN S 46 90.46 20.02 20.85
N HIS S 47 90.04 21.04 21.59
CA HIS S 47 90.77 22.29 21.64
C HIS S 47 91.15 22.54 23.08
N ALA S 48 92.45 22.45 23.38
CA ALA S 48 92.95 22.56 24.73
C ALA S 48 94.46 22.44 24.67
N GLY S 49 95.11 22.85 25.75
CA GLY S 49 96.55 22.66 25.86
C GLY S 49 97.27 23.31 24.69
N THR S 50 98.02 22.47 23.97
CA THR S 50 98.74 22.95 22.80
C THR S 50 97.81 23.63 21.81
N THR S 51 96.62 23.08 21.62
CA THR S 51 95.67 23.66 20.67
C THR S 51 94.64 24.46 21.47
N MET S 52 94.77 25.78 21.41
CA MET S 52 93.80 26.68 22.00
C MET S 52 93.50 27.74 20.97
N ILE S 53 92.24 27.79 20.52
CA ILE S 53 91.86 28.83 19.59
C ILE S 53 92.20 30.18 20.22
N THR S 54 93.00 30.97 19.51
CA THR S 54 93.45 32.26 20.01
C THR S 54 93.16 33.31 18.95
N VAL S 55 92.42 34.34 19.33
CA VAL S 55 91.88 35.26 18.34
C VAL S 55 92.44 36.67 18.52
N PRO S 56 93.30 37.13 17.64
CA PRO S 56 93.60 38.55 17.55
C PRO S 56 92.45 39.30 16.91
N SER S 57 92.47 40.62 17.07
CA SER S 57 91.42 41.46 16.52
C SER S 57 91.25 41.19 15.03
N GLY S 58 90.00 41.03 14.60
CA GLY S 58 89.71 40.68 13.24
C GLY S 58 89.26 39.25 13.03
N GLY S 59 89.16 38.46 14.09
CA GLY S 59 88.58 37.14 13.98
C GLY S 59 89.49 36.14 13.31
N VAL S 60 89.01 34.90 13.26
CA VAL S 60 89.76 33.82 12.63
C VAL S 60 88.78 32.87 11.96
N CYS S 61 89.17 32.37 10.80
CA CYS S 61 88.37 31.45 10.01
C CYS S 61 88.79 30.02 10.34
N ASP S 62 87.84 29.11 10.33
CA ASP S 62 88.12 27.72 10.60
C ASP S 62 87.03 26.83 10.00
N LEU S 63 87.37 25.57 9.82
CA LEU S 63 86.43 24.58 9.32
C LEU S 63 86.27 23.46 10.32
N ILE S 64 85.03 23.19 10.73
CA ILE S 64 84.75 22.17 11.73
C ILE S 64 84.26 20.87 11.12
N ASN S 65 84.09 20.78 9.81
CA ASN S 65 83.39 19.64 9.25
C ASN S 65 84.32 18.51 8.85
N THR S 66 85.62 18.63 9.16
CA THR S 66 86.60 17.64 8.73
C THR S 66 86.21 16.22 9.11
N TYR S 67 86.31 15.32 8.14
CA TYR S 67 86.01 13.91 8.32
C TYR S 67 87.04 13.08 7.56
N ALA S 68 87.59 12.07 8.22
CA ALA S 68 88.42 11.11 7.49
C ALA S 68 87.53 10.04 6.86
N ARG S 69 88.13 9.14 6.11
CA ARG S 69 87.44 7.99 5.55
C ARG S 69 88.22 6.73 5.89
N GLY S 70 87.52 5.70 6.34
CA GLY S 70 88.17 4.45 6.66
C GLY S 70 87.29 3.58 7.52
N SER S 71 87.96 2.70 8.24
CA SER S 71 87.25 1.72 9.06
C SER S 71 86.74 2.35 10.35
N ASP S 72 87.52 3.25 10.93
CA ASP S 72 87.23 3.75 12.28
C ASP S 72 85.88 4.44 12.32
N GLU S 73 85.19 4.25 13.44
CA GLU S 73 83.91 4.91 13.64
C GLU S 73 84.12 6.41 13.76
N GLY S 74 83.19 7.17 13.19
CA GLY S 74 83.30 8.60 13.17
C GLY S 74 83.86 9.09 11.85
N ASN S 75 84.60 8.23 11.17
CA ASN S 75 85.01 8.56 9.82
C ASN S 75 83.88 8.23 8.85
N ARG S 76 83.87 8.94 7.71
CA ARG S 76 82.81 8.77 6.75
C ARG S 76 83.03 7.55 5.89
N HIS S 77 81.99 6.73 5.75
CA HIS S 77 82.09 5.53 4.93
C HIS S 77 81.83 5.76 3.46
N THR S 78 81.24 6.88 3.09
CA THR S 78 80.80 7.07 1.72
C THR S 78 81.32 8.37 1.15
N SER S 79 80.83 8.72 -0.05
CA SER S 79 81.20 10.00 -0.64
C SER S 79 80.14 11.06 -0.40
N GLU S 80 79.07 10.74 0.33
CA GLU S 80 77.96 11.66 0.54
C GLU S 80 77.57 11.68 2.00
N THR S 81 77.51 12.87 2.58
CA THR S 81 77.28 13.01 4.02
C THR S 81 76.27 14.11 4.30
N LEU S 82 75.35 13.83 5.23
CA LEU S 82 74.44 14.81 5.78
C LEU S 82 74.73 14.98 7.25
N THR S 83 74.66 16.21 7.74
CA THR S 83 74.80 16.47 9.17
C THR S 83 73.50 17.03 9.72
N TYR S 84 73.28 16.83 11.01
CA TYR S 84 72.01 17.24 11.60
C TYR S 84 72.18 18.14 12.81
N LYS S 85 72.55 17.57 13.94
CA LYS S 85 72.51 18.26 15.21
C LYS S 85 73.93 18.55 15.66
N ILE S 86 74.10 19.70 16.31
CA ILE S 86 75.41 20.13 16.78
C ILE S 86 75.26 20.76 18.16
N ALA S 87 76.22 20.46 19.03
CA ALA S 87 76.26 21.03 20.37
C ALA S 87 77.65 21.61 20.59
N ILE S 88 77.71 22.74 21.28
CA ILE S 88 78.95 23.46 21.44
C ILE S 88 79.11 23.83 22.91
N ASP S 89 80.29 23.55 23.45
CA ASP S 89 80.67 23.97 24.79
C ASP S 89 82.05 24.60 24.73
N TYR S 90 82.24 25.66 25.49
CA TYR S 90 83.58 26.24 25.62
C TYR S 90 83.70 26.98 26.94
N HIS S 91 84.94 27.24 27.29
CA HIS S 91 85.25 28.26 28.27
C HIS S 91 85.97 29.41 27.60
N PHE S 92 85.71 30.61 28.06
CA PHE S 92 86.42 31.81 27.63
C PHE S 92 87.20 32.38 28.79
N VAL S 93 88.29 33.07 28.48
CA VAL S 93 89.01 33.85 29.48
C VAL S 93 89.70 35.00 28.79
N ALA S 94 89.73 36.15 29.45
CA ALA S 94 90.45 37.28 28.89
C ALA S 94 91.94 37.01 28.91
N ASP S 95 92.67 37.69 28.04
CA ASP S 95 94.11 37.60 28.00
C ASP S 95 94.72 38.77 28.75
N ALA S 96 95.76 38.47 29.54
CA ALA S 96 96.45 39.53 30.28
C ALA S 96 97.01 40.59 29.34
N ALA S 97 97.36 40.20 28.12
CA ALA S 97 97.92 41.15 27.16
C ALA S 97 97.01 42.35 26.98
N ALA S 98 95.71 42.15 26.99
CA ALA S 98 94.75 43.25 26.87
C ALA S 98 94.24 43.74 28.23
N CYS S 99 94.63 43.11 29.32
CA CYS S 99 94.15 43.53 30.62
C CYS S 99 94.77 44.84 31.08
N ARG S 100 95.75 45.37 30.36
CA ARG S 100 96.34 46.65 30.75
C ARG S 100 95.37 47.81 30.61
N TYR S 101 94.19 47.58 30.04
CA TYR S 101 93.17 48.59 29.91
C TYR S 101 91.89 48.08 30.56
N SER S 102 90.95 48.99 30.79
CA SER S 102 89.67 48.63 31.40
C SER S 102 88.56 49.16 30.53
N ASN S 103 87.84 48.24 29.87
CA ASN S 103 86.61 48.57 29.19
C ASN S 103 85.85 47.29 28.96
N THR S 104 84.57 47.42 28.67
CA THR S 104 83.77 46.29 28.27
C THR S 104 83.83 46.14 26.75
N GLY S 105 82.98 45.28 26.22
CA GLY S 105 82.89 45.10 24.80
C GLY S 105 81.80 44.11 24.47
N THR S 106 81.74 43.71 23.21
CA THR S 106 80.78 42.70 22.78
C THR S 106 81.40 41.82 21.71
N GLY S 107 81.21 40.52 21.85
CA GLY S 107 81.70 39.55 20.88
C GLY S 107 80.58 38.92 20.07
N VAL S 108 81.00 38.13 19.08
CA VAL S 108 80.07 37.53 18.12
C VAL S 108 80.61 36.17 17.71
N MET S 109 79.71 35.21 17.55
CA MET S 109 80.04 33.92 16.98
C MET S 109 79.03 33.60 15.90
N TRP S 110 79.50 33.32 14.69
CA TRP S 110 78.62 32.95 13.59
C TRP S 110 78.84 31.50 13.20
N LEU S 111 77.82 30.93 12.59
CA LEU S 111 77.91 29.63 11.95
C LEU S 111 77.59 29.84 10.49
N VAL S 112 78.59 29.71 9.62
CA VAL S 112 78.49 30.14 8.23
C VAL S 112 78.56 28.92 7.33
N TYR S 113 77.62 28.83 6.40
CA TYR S 113 77.58 27.74 5.44
C TYR S 113 78.06 28.22 4.07
N ASP S 114 78.75 27.34 3.37
CA ASP S 114 79.35 27.65 2.08
C ASP S 114 78.73 26.78 0.99
N THR S 115 78.80 27.28 -0.24
CA THR S 115 78.41 26.48 -1.40
C THR S 115 79.64 25.83 -2.02
N THR S 116 80.45 26.62 -2.70
CA THR S 116 81.67 26.11 -3.33
C THR S 116 82.87 26.78 -2.72
N PRO S 117 83.74 26.05 -2.02
CA PRO S 117 84.92 26.67 -1.44
C PRO S 117 85.97 26.94 -2.50
N GLY S 118 86.69 28.03 -2.34
CA GLY S 118 87.83 28.27 -3.18
C GLY S 118 88.95 27.31 -2.86
N GLY S 119 90.01 27.37 -3.69
CA GLY S 119 91.19 26.58 -3.41
C GLY S 119 91.96 27.05 -2.19
N GLN S 120 91.71 28.27 -1.73
CA GLN S 120 92.41 28.85 -0.61
C GLN S 120 91.44 29.10 0.54
N ALA S 121 91.98 29.11 1.75
CA ALA S 121 91.15 29.28 2.92
C ALA S 121 90.65 30.72 3.02
N PRO S 122 89.37 30.93 3.27
CA PRO S 122 88.85 32.29 3.39
C PRO S 122 89.33 32.94 4.67
N THR S 123 89.25 34.26 4.68
CA THR S 123 89.50 35.04 5.88
C THR S 123 88.33 36.00 6.07
N PRO S 124 88.02 36.36 7.32
CA PRO S 124 86.84 37.22 7.54
C PRO S 124 86.81 38.45 6.68
N GLN S 125 87.94 39.15 6.55
CA GLN S 125 87.96 40.37 5.75
C GLN S 125 87.46 40.09 4.35
N THR S 126 87.67 38.87 3.86
CA THR S 126 87.16 38.51 2.55
C THR S 126 85.68 38.15 2.60
N ILE S 127 85.23 37.53 3.69
CA ILE S 127 83.85 37.07 3.72
C ILE S 127 82.90 38.23 3.93
N PHE S 128 83.34 39.26 4.65
CA PHE S 128 82.52 40.41 4.96
C PHE S 128 83.23 41.64 4.44
N ALA S 129 82.55 42.41 3.59
CA ALA S 129 83.14 43.66 3.15
C ALA S 129 82.95 44.70 4.23
N TYR S 130 84.04 45.18 4.77
CA TYR S 130 83.90 46.20 5.79
C TYR S 130 84.99 47.25 5.65
N PRO S 131 84.67 48.52 5.82
CA PRO S 131 85.71 49.53 5.85
C PRO S 131 86.58 49.38 7.09
N ASP S 132 87.79 49.93 7.01
CA ASP S 132 88.73 49.80 8.11
C ASP S 132 88.18 50.44 9.38
N THR S 133 87.35 51.47 9.22
CA THR S 133 86.78 52.14 10.38
C THR S 133 85.96 51.20 11.24
N LEU S 134 85.12 50.38 10.63
CA LEU S 134 84.24 49.50 11.38
C LEU S 134 84.97 48.31 11.99
N LYS S 135 86.26 48.13 11.70
CA LYS S 135 86.98 46.98 12.22
C LYS S 135 86.87 46.88 13.72
N ALA S 136 86.73 48.01 14.41
CA ALA S 136 86.57 48.01 15.85
C ALA S 136 85.34 47.20 16.25
N TRP S 137 84.19 47.55 15.72
CA TRP S 137 82.99 46.93 16.26
C TRP S 137 82.49 45.90 15.27
N PRO S 138 82.70 44.61 15.54
CA PRO S 138 82.28 43.61 14.57
C PRO S 138 80.79 43.47 14.49
N ALA S 139 80.10 43.62 15.62
CA ALA S 139 78.71 43.19 15.70
C ALA S 139 77.83 43.85 14.68
N THR S 140 78.30 44.91 14.03
CA THR S 140 77.57 45.54 12.96
C THR S 140 77.81 44.90 11.61
N TRP S 141 78.84 44.07 11.48
CA TRP S 141 79.12 43.46 10.20
C TRP S 141 77.92 42.70 9.70
N LYS S 142 77.75 42.70 8.38
CA LYS S 142 76.76 41.83 7.76
C LYS S 142 77.32 41.36 6.43
N VAL S 143 76.70 40.29 5.91
CA VAL S 143 77.23 39.63 4.73
C VAL S 143 77.28 40.61 3.56
N SER S 144 78.39 40.58 2.82
CA SER S 144 78.57 41.47 1.69
C SER S 144 77.67 41.05 0.53
N ARG S 145 77.29 42.03 -0.29
CA ARG S 145 76.31 41.76 -1.34
C ARG S 145 76.92 41.06 -2.54
N GLU S 146 78.20 41.28 -2.82
CA GLU S 146 78.81 40.67 -3.99
C GLU S 146 78.70 39.16 -3.95
N LEU S 147 78.87 38.59 -2.77
CA LEU S 147 78.85 37.15 -2.59
C LEU S 147 77.48 36.63 -2.19
N CYS S 148 76.46 37.50 -2.24
CA CYS S 148 75.18 37.28 -1.60
C CYS S 148 74.65 35.88 -1.77
N HIS S 149 74.81 35.31 -2.96
CA HIS S 149 74.36 33.94 -3.18
C HIS S 149 75.42 32.90 -2.92
N ARG S 150 76.68 33.31 -2.70
CA ARG S 150 77.71 32.30 -2.46
C ARG S 150 77.73 31.83 -1.02
N PHE S 151 77.33 32.67 -0.08
CA PHE S 151 77.39 32.34 1.33
C PHE S 151 76.05 32.59 1.99
N VAL S 152 75.90 32.03 3.20
CA VAL S 152 74.71 32.26 4.01
C VAL S 152 75.08 31.95 5.45
N VAL S 153 74.30 32.47 6.39
CA VAL S 153 74.55 32.27 7.80
C VAL S 153 73.30 31.68 8.42
N LYS S 154 73.40 30.44 8.90
CA LYS S 154 72.23 29.77 9.41
C LYS S 154 72.04 29.93 10.91
N ARG S 155 73.02 30.47 11.62
CA ARG S 155 72.86 30.73 13.05
C ARG S 155 73.67 31.94 13.44
N ARG S 156 73.34 32.48 14.61
CA ARG S 156 74.04 33.64 15.13
C ARG S 156 73.98 33.58 16.65
N TRP S 157 75.01 34.11 17.30
CA TRP S 157 74.98 34.20 18.75
C TRP S 157 75.73 35.43 19.21
N LEU S 158 75.35 35.90 20.40
CA LEU S 158 75.99 37.05 21.02
C LEU S 158 76.50 36.68 22.39
N PHE S 159 77.50 37.42 22.83
CA PHE S 159 78.00 37.32 24.19
C PHE S 159 78.75 38.60 24.49
N ASN S 160 78.96 38.85 25.77
CA ASN S 160 79.66 40.04 26.18
C ASN S 160 80.54 39.73 27.38
N MET S 161 81.61 40.49 27.50
CA MET S 161 82.58 40.28 28.56
C MET S 161 83.32 41.58 28.80
N GLU S 162 83.99 41.67 29.94
CA GLU S 162 84.67 42.91 30.31
C GLU S 162 85.79 42.58 31.26
N THR S 163 86.72 43.53 31.38
CA THR S 163 87.84 43.38 32.27
C THR S 163 88.04 44.67 33.06
N ASP S 164 88.48 44.51 34.29
CA ASP S 164 88.68 45.64 35.19
C ASP S 164 90.12 46.11 35.22
N GLY S 165 91.02 45.47 34.49
CA GLY S 165 92.42 45.80 34.56
C GLY S 165 93.18 45.13 35.67
N ARG S 166 92.79 43.93 36.07
CA ARG S 166 93.47 43.22 37.14
C ARG S 166 93.60 41.75 36.77
N ILE S 167 94.80 41.22 36.87
CA ILE S 167 95.04 39.81 36.57
C ILE S 167 94.61 38.99 37.78
N GLY S 168 94.22 37.74 37.54
CA GLY S 168 93.69 36.92 38.61
C GLY S 168 94.67 36.69 39.74
N SER S 169 95.92 36.37 39.41
CA SER S 169 96.88 35.96 40.43
C SER S 169 97.23 37.08 41.40
N ASP S 170 96.77 38.30 41.15
CA ASP S 170 97.16 39.43 41.98
C ASP S 170 96.41 39.40 43.31
N ILE S 171 97.15 39.61 44.40
CA ILE S 171 96.56 39.59 45.74
C ILE S 171 95.98 40.96 46.08
N PRO S 172 94.71 41.03 46.46
CA PRO S 172 94.15 42.29 46.91
C PRO S 172 94.88 42.78 48.15
N PRO S 173 95.07 44.08 48.29
CA PRO S 173 95.59 44.62 49.54
C PRO S 173 94.54 44.49 50.63
N SER S 174 95.03 44.38 51.87
CA SER S 174 94.16 44.12 53.00
C SER S 174 93.18 45.26 53.28
N ASN S 175 93.33 46.41 52.64
CA ASN S 175 92.46 47.53 52.94
C ASN S 175 91.09 47.41 52.27
N ALA S 176 91.06 47.13 50.98
CA ALA S 176 89.82 47.20 50.22
C ALA S 176 89.74 46.02 49.26
N SER S 177 88.57 45.87 48.63
CA SER S 177 88.31 44.70 47.80
C SER S 177 87.69 45.04 46.45
N TRP S 178 87.31 44.01 45.70
CA TRP S 178 86.68 44.20 44.40
C TRP S 178 85.60 43.16 44.19
N LYS S 179 84.60 43.50 43.39
CA LYS S 179 83.65 42.53 42.86
C LYS S 179 83.92 42.43 41.38
N PRO S 180 84.61 41.41 40.92
CA PRO S 180 84.86 41.28 39.48
C PRO S 180 83.89 40.34 38.80
N CYS S 181 82.60 40.65 38.83
CA CYS S 181 81.63 39.79 38.16
C CYS S 181 81.93 39.73 36.67
N LYS S 182 81.78 38.53 36.12
CA LYS S 182 81.91 38.31 34.68
C LYS S 182 83.28 38.72 34.16
N ARG S 183 84.34 38.25 34.82
CA ARG S 183 85.63 38.28 34.16
C ARG S 183 85.73 37.18 33.12
N ASN S 184 85.28 35.99 33.45
CA ASN S 184 85.23 34.88 32.52
C ASN S 184 83.80 34.36 32.45
N ILE S 185 83.51 33.59 31.41
CA ILE S 185 82.14 33.24 31.08
C ILE S 185 82.07 31.82 30.57
N TYR S 186 80.93 31.19 30.78
CA TYR S 186 80.68 29.82 30.36
C TYR S 186 79.61 29.84 29.27
N PHE S 187 79.99 29.42 28.07
CA PHE S 187 79.13 29.56 26.91
C PHE S 187 78.81 28.20 26.32
N HIS S 188 77.54 27.94 26.08
CA HIS S 188 77.12 26.69 25.47
C HIS S 188 75.81 26.89 24.74
N LYS S 189 75.65 26.14 23.65
CA LYS S 189 74.41 26.16 22.89
C LYS S 189 74.18 24.77 22.32
N PHE S 190 72.91 24.47 22.05
CA PHE S 190 72.52 23.18 21.50
C PHE S 190 71.41 23.43 20.51
N THR S 191 71.57 22.94 19.27
CA THR S 191 70.56 23.20 18.27
C THR S 191 70.39 22.03 17.31
N SER S 192 69.15 21.66 17.05
CA SER S 192 68.83 20.58 16.13
C SER S 192 68.38 21.06 14.76
N GLY S 193 68.27 22.37 14.55
CA GLY S 193 67.51 22.86 13.41
C GLY S 193 68.18 22.59 12.08
N LEU S 194 69.46 22.87 11.99
CA LEU S 194 70.11 22.96 10.69
C LEU S 194 70.19 21.60 10.02
N GLY S 195 70.41 21.64 8.72
CA GLY S 195 70.83 20.45 7.99
C GLY S 195 71.66 20.89 6.80
N VAL S 196 72.57 20.02 6.39
CA VAL S 196 73.56 20.38 5.38
C VAL S 196 73.83 19.16 4.51
N ARG S 197 74.00 19.40 3.22
CA ARG S 197 74.29 18.35 2.26
C ARG S 197 75.70 18.55 1.71
N THR S 198 76.53 17.53 1.81
CA THR S 198 77.93 17.64 1.42
C THR S 198 78.33 16.46 0.55
N GLN S 199 79.17 16.73 -0.42
CA GLN S 199 79.76 15.69 -1.26
C GLN S 199 81.26 15.89 -1.31
N TRP S 200 81.98 14.84 -1.69
CA TRP S 200 83.42 14.80 -1.56
C TRP S 200 84.09 14.38 -2.85
N LYS S 201 85.25 14.96 -3.11
CA LYS S 201 86.16 14.37 -4.07
C LYS S 201 86.68 13.05 -3.52
N ASN S 202 87.23 12.23 -4.38
CA ASN S 202 87.64 10.90 -3.96
C ASN S 202 89.11 10.97 -3.55
N VAL S 203 89.34 10.92 -2.24
CA VAL S 203 90.67 10.83 -1.63
C VAL S 203 90.46 10.25 -0.24
N THR S 204 91.56 10.04 0.48
CA THR S 204 91.46 9.63 1.88
C THR S 204 91.22 10.81 2.79
N ASP S 205 91.85 11.94 2.48
CA ASP S 205 92.07 13.00 3.44
C ASP S 205 90.76 13.64 3.88
N GLY S 206 90.82 14.30 5.04
CA GLY S 206 89.72 15.09 5.54
C GLY S 206 89.94 16.58 5.50
N GLY S 207 90.97 17.06 4.82
CA GLY S 207 91.26 18.48 4.76
C GLY S 207 90.23 19.22 3.92
N VAL S 208 90.44 20.53 3.81
CA VAL S 208 89.52 21.37 3.08
C VAL S 208 89.60 21.09 1.58
N GLY S 209 90.78 20.83 1.05
CA GLY S 209 90.93 20.66 -0.39
C GLY S 209 90.10 19.53 -0.96
N ALA S 210 89.63 18.62 -0.12
CA ALA S 210 88.89 17.46 -0.61
C ALA S 210 87.45 17.79 -0.95
N ILE S 211 86.83 18.74 -0.25
CA ILE S 211 85.40 18.92 -0.34
C ILE S 211 85.03 19.52 -1.69
N GLN S 212 84.04 18.91 -2.35
CA GLN S 212 83.52 19.47 -3.59
C GLN S 212 82.49 20.56 -3.32
N ARG S 213 81.60 20.34 -2.37
CA ARG S 213 80.53 21.29 -2.13
C ARG S 213 80.02 21.14 -0.69
N GLY S 214 79.50 22.21 -0.12
CA GLY S 214 78.88 22.16 1.19
C GLY S 214 79.77 22.34 2.40
N ALA S 215 80.83 23.13 2.29
CA ALA S 215 81.69 23.36 3.44
C ALA S 215 80.95 24.12 4.52
N LEU S 216 81.48 24.02 5.75
CA LEU S 216 80.85 24.62 6.92
C LEU S 216 81.91 25.31 7.76
N TYR S 217 81.77 26.61 7.97
CA TYR S 217 82.77 27.39 8.67
C TYR S 217 82.25 27.89 10.01
N MET S 218 83.17 28.09 10.94
CA MET S 218 82.90 28.73 12.22
C MET S 218 83.80 29.93 12.36
N VAL S 219 83.26 31.03 12.89
CA VAL S 219 83.98 32.29 12.97
C VAL S 219 83.78 32.90 14.34
N ILE S 220 84.84 33.48 14.89
CA ILE S 220 84.80 34.13 16.19
C ILE S 220 85.21 35.58 16.02
N ALA S 221 84.41 36.49 16.56
CA ALA S 221 84.67 37.93 16.44
C ALA S 221 84.92 38.53 17.81
N PRO S 222 86.10 39.05 18.08
CA PRO S 222 86.37 39.62 19.40
C PRO S 222 85.70 40.96 19.58
N GLY S 223 85.60 41.38 20.83
CA GLY S 223 85.16 42.72 21.14
C GLY S 223 86.23 43.75 20.81
N ASN S 224 85.82 45.02 20.85
CA ASN S 224 86.73 46.10 20.51
C ASN S 224 87.98 46.06 21.37
N GLY S 225 89.14 46.04 20.72
CA GLY S 225 90.41 46.10 21.41
C GLY S 225 90.53 45.12 22.56
N LEU S 226 89.89 43.97 22.42
CA LEU S 226 89.85 42.98 23.50
C LEU S 226 90.20 41.62 22.92
N THR S 227 91.32 41.06 23.36
CA THR S 227 91.81 39.79 22.84
C THR S 227 91.75 38.73 23.92
N PHE S 228 91.46 37.50 23.51
CA PHE S 228 91.29 36.43 24.49
C PHE S 228 91.53 35.09 23.81
N THR S 229 91.69 34.07 24.64
CA THR S 229 91.75 32.69 24.19
C THR S 229 90.62 31.91 24.82
N ALA S 230 90.31 30.75 24.24
CA ALA S 230 89.17 29.96 24.65
C ALA S 230 89.57 28.49 24.79
N HIS S 231 88.85 27.79 25.66
CA HIS S 231 89.03 26.37 25.86
C HIS S 231 87.68 25.68 25.72
N GLY S 232 87.71 24.43 25.32
CA GLY S 232 86.50 23.65 25.25
C GLY S 232 86.58 22.61 24.15
N GLN S 233 85.43 22.00 23.87
CA GLN S 233 85.34 20.97 22.86
C GLN S 233 83.90 20.91 22.35
N THR S 234 83.73 20.30 21.19
CA THR S 234 82.42 20.26 20.54
C THR S 234 82.17 18.87 19.98
N ARG S 235 80.91 18.60 19.68
CA ARG S 235 80.52 17.35 19.06
C ARG S 235 79.68 17.61 17.82
N LEU S 236 79.59 16.59 16.98
CA LEU S 236 78.77 16.63 15.78
C LEU S 236 77.94 15.37 15.68
N TYR S 237 76.97 15.39 14.77
CA TYR S 237 76.09 14.27 14.55
C TYR S 237 75.80 14.17 13.06
N PHE S 238 75.93 12.99 12.49
CA PHE S 238 75.70 12.83 11.06
C PHE S 238 75.56 11.35 10.73
N LYS S 239 75.29 11.06 9.46
CA LYS S 239 75.32 9.71 8.95
C LYS S 239 75.63 9.74 7.47
N SER S 240 76.36 8.73 7.02
CA SER S 240 76.64 8.61 5.59
C SER S 240 75.40 8.10 4.88
N VAL S 241 75.36 8.32 3.57
CA VAL S 241 74.26 7.85 2.73
C VAL S 241 74.75 7.80 1.30
N GLY S 242 74.05 7.05 0.46
CA GLY S 242 74.30 7.02 -0.96
C GLY S 242 75.05 5.76 -1.38
N ASN S 243 75.23 5.66 -2.70
CA ASN S 243 75.93 4.54 -3.32
C ASN S 243 75.33 3.21 -2.90
N ALA T 31 -6.26 1.46 64.03
CA ALA T 31 -5.89 1.54 65.44
C ALA T 31 -6.90 2.36 66.24
N GLY T 32 -8.02 1.76 66.57
CA GLY T 32 -9.07 2.43 67.30
C GLY T 32 -10.42 1.82 66.97
N SER T 33 -11.46 2.40 67.57
CA SER T 33 -12.81 1.94 67.30
C SER T 33 -13.77 3.09 67.02
N LYS T 34 -14.26 3.18 65.78
CA LYS T 34 -15.26 4.17 65.37
C LYS T 34 -14.93 5.56 65.91
N ALA T 35 -13.65 5.91 65.86
CA ALA T 35 -13.22 7.22 66.30
C ALA T 35 -13.81 8.30 65.40
N ASP T 36 -14.08 9.45 65.99
CA ASP T 36 -14.70 10.57 65.31
C ASP T 36 -14.02 11.87 65.71
N ARG T 37 -13.82 12.75 64.73
CA ARG T 37 -13.04 13.96 64.93
C ARG T 37 -13.47 14.79 66.12
N PRO T 38 -14.76 15.08 66.33
CA PRO T 38 -15.13 15.79 67.56
C PRO T 38 -14.90 14.91 68.78
N SER T 39 -14.74 15.57 69.92
CA SER T 39 -14.42 14.87 71.15
C SER T 39 -15.60 14.01 71.59
N LEU T 40 -15.31 13.06 72.47
CA LEU T 40 -16.31 12.13 72.97
C LEU T 40 -16.56 12.37 74.46
N GLN T 41 -17.77 12.07 74.90
CA GLN T 41 -18.15 12.37 76.27
C GLN T 41 -17.38 11.50 77.24
N ILE T 42 -17.36 11.93 78.50
CA ILE T 42 -16.58 11.28 79.54
C ILE T 42 -17.44 11.08 80.77
N GLN T 43 -17.34 9.91 81.38
CA GLN T 43 -17.96 9.63 82.65
C GLN T 43 -16.96 8.96 83.58
N THR T 44 -17.06 9.27 84.87
CA THR T 44 -16.11 8.78 85.86
C THR T 44 -16.83 8.11 87.01
N LEU T 45 -16.07 7.36 87.78
CA LEU T 45 -16.57 6.76 89.00
C LEU T 45 -15.55 7.00 90.11
N GLN T 46 -16.04 7.16 91.32
CA GLN T 46 -15.20 7.47 92.46
C GLN T 46 -15.37 6.38 93.50
N HIS T 47 -14.33 5.58 93.70
CA HIS T 47 -14.33 4.57 94.75
C HIS T 47 -13.16 4.87 95.67
N ALA T 48 -13.47 5.31 96.88
CA ALA T 48 -12.46 5.75 97.84
C ALA T 48 -13.16 6.15 99.12
N GLY T 49 -12.40 6.22 100.20
CA GLY T 49 -12.94 6.73 101.45
C GLY T 49 -14.14 5.92 101.89
N THR T 50 -15.27 6.62 102.03
CA THR T 50 -16.52 5.96 102.41
C THR T 50 -16.85 4.83 101.46
N THR T 51 -16.64 5.03 100.17
CA THR T 51 -16.96 4.00 99.17
C THR T 51 -15.66 3.30 98.79
N MET T 52 -15.49 2.09 99.30
CA MET T 52 -14.38 1.23 98.93
C MET T 52 -14.96 -0.13 98.62
N ILE T 53 -14.81 -0.57 97.38
CA ILE T 53 -15.27 -1.90 97.04
C ILE T 53 -14.58 -2.89 97.97
N THR T 54 -15.38 -3.69 98.68
CA THR T 54 -14.86 -4.63 99.66
C THR T 54 -15.46 -6.00 99.36
N VAL T 55 -14.61 -6.98 99.16
CA VAL T 55 -15.06 -8.26 98.63
C VAL T 55 -14.84 -9.39 99.62
N PRO T 56 -15.90 -9.92 100.21
CA PRO T 56 -15.81 -11.20 100.90
C PRO T 56 -15.74 -12.33 99.89
N SER T 57 -15.34 -13.51 100.37
CA SER T 57 -15.22 -14.67 99.52
C SER T 57 -16.51 -14.92 98.77
N GLY T 58 -16.40 -15.16 97.47
CA GLY T 58 -17.56 -15.32 96.62
C GLY T 58 -17.84 -14.15 95.71
N GLY T 59 -17.03 -13.11 95.74
CA GLY T 59 -17.14 -12.03 94.78
C GLY T 59 -18.33 -11.12 95.04
N VAL T 60 -18.43 -10.09 94.21
CA VAL T 60 -19.52 -9.13 94.31
C VAL T 60 -19.90 -8.67 92.92
N CYS T 61 -21.19 -8.48 92.71
CA CYS T 61 -21.74 -8.02 91.44
C CYS T 61 -21.91 -6.52 91.48
N ASP T 62 -21.70 -5.88 90.35
CA ASP T 62 -21.87 -4.43 90.27
C ASP T 62 -22.12 -4.03 88.82
N LEU T 63 -22.68 -2.84 88.66
CA LEU T 63 -22.94 -2.27 87.35
C LEU T 63 -22.21 -0.94 87.21
N ILE T 64 -21.39 -0.83 86.17
CA ILE T 64 -20.60 0.37 85.95
C ILE T 64 -21.19 1.29 84.91
N ASN T 65 -22.29 0.93 84.27
CA ASN T 65 -22.73 1.67 83.10
C ASN T 65 -23.71 2.79 83.44
N THR T 66 -23.96 3.04 84.71
CA THR T 66 -24.96 4.02 85.12
C THR T 66 -24.74 5.38 84.48
N TYR T 67 -25.83 5.93 83.94
CA TYR T 67 -25.82 7.24 83.30
C TYR T 67 -27.09 7.98 83.69
N ALA T 68 -26.96 9.24 84.10
CA ALA T 68 -28.14 10.06 84.27
C ALA T 68 -28.53 10.69 82.93
N ARG T 69 -29.64 11.41 82.93
CA ARG T 69 -30.08 12.16 81.76
C ARG T 69 -30.38 13.59 82.17
N GLY T 70 -29.89 14.54 81.39
CA GLY T 70 -30.14 15.94 81.70
C GLY T 70 -29.18 16.83 80.94
N SER T 71 -29.00 18.02 81.50
CA SER T 71 -28.17 19.03 80.85
C SER T 71 -26.70 18.75 81.06
N ASP T 72 -26.32 18.25 82.23
CA ASP T 72 -24.92 18.15 82.59
C ASP T 72 -24.17 17.25 81.62
N GLU T 73 -22.92 17.62 81.35
CA GLU T 73 -22.08 16.81 80.50
C GLU T 73 -21.75 15.51 81.18
N GLY T 74 -21.72 14.43 80.40
CA GLY T 74 -21.49 13.12 80.94
C GLY T 74 -22.79 12.37 81.13
N ASN T 75 -23.88 13.10 81.28
CA ASN T 75 -25.18 12.47 81.26
C ASN T 75 -25.62 12.23 79.84
N ARG T 76 -26.48 11.22 79.66
CA ARG T 76 -26.91 10.85 78.33
C ARG T 76 -28.02 11.79 77.84
N HIS T 77 -27.89 12.27 76.62
CA HIS T 77 -28.88 13.17 76.05
C HIS T 77 -30.03 12.43 75.38
N THR T 78 -29.88 11.15 75.08
CA THR T 78 -30.87 10.46 74.27
C THR T 78 -31.33 9.18 74.93
N SER T 79 -32.12 8.40 74.21
CA SER T 79 -32.53 7.10 74.71
C SER T 79 -31.66 5.96 74.20
N GLU T 80 -30.63 6.27 73.41
CA GLU T 80 -29.80 5.26 72.78
C GLU T 80 -28.33 5.62 72.94
N THR T 81 -27.55 4.68 73.47
CA THR T 81 -26.16 4.94 73.80
C THR T 81 -25.26 3.81 73.35
N LEU T 82 -24.11 4.17 72.78
CA LEU T 82 -23.04 3.24 72.47
C LEU T 82 -21.82 3.61 73.29
N THR T 83 -21.11 2.61 73.78
CA THR T 83 -19.85 2.84 74.48
C THR T 83 -18.71 2.22 73.70
N TYR T 84 -17.51 2.77 73.89
CA TYR T 84 -16.38 2.30 73.10
C TYR T 84 -15.19 1.87 73.95
N LYS T 85 -14.46 2.84 74.49
CA LYS T 85 -13.19 2.59 75.11
C LYS T 85 -13.31 2.73 76.62
N ILE T 86 -12.58 1.92 77.35
CA ILE T 86 -12.63 1.93 78.80
C ILE T 86 -11.22 1.75 79.35
N ALA T 87 -10.91 2.49 80.40
CA ALA T 87 -9.63 2.38 81.09
C ALA T 87 -9.89 2.21 82.57
N ILE T 88 -9.08 1.38 83.21
CA ILE T 88 -9.30 1.01 84.59
C ILE T 88 -8.00 1.16 85.36
N ASP T 89 -8.08 1.83 86.50
CA ASP T 89 -6.97 1.93 87.44
C ASP T 89 -7.46 1.62 88.83
N TYR T 90 -6.66 0.91 89.61
CA TYR T 90 -6.98 0.69 91.00
C TYR T 90 -5.73 0.44 91.80
N HIS T 91 -5.87 0.56 93.10
CA HIS T 91 -4.93 -0.02 94.04
C HIS T 91 -5.59 -1.16 94.80
N PHE T 92 -4.83 -2.18 95.09
CA PHE T 92 -5.26 -3.27 95.95
C PHE T 92 -4.44 -3.29 97.22
N VAL T 93 -5.03 -3.80 98.29
CA VAL T 93 -4.29 -4.07 99.52
C VAL T 93 -4.96 -5.21 100.25
N ALA T 94 -4.16 -6.07 100.87
CA ALA T 94 -4.72 -7.14 101.66
C ALA T 94 -5.38 -6.57 102.90
N ASP T 95 -6.32 -7.34 103.45
CA ASP T 95 -6.98 -6.96 104.69
C ASP T 95 -6.33 -7.69 105.85
N ALA T 96 -6.13 -6.96 106.95
CA ALA T 96 -5.55 -7.57 108.14
C ALA T 96 -6.39 -8.72 108.64
N ALA T 97 -7.71 -8.67 108.41
CA ALA T 97 -8.60 -9.73 108.87
C ALA T 97 -8.12 -11.10 108.39
N ALA T 98 -7.61 -11.17 107.16
CA ALA T 98 -7.08 -12.43 106.62
C ALA T 98 -5.58 -12.57 106.80
N CYS T 99 -4.90 -11.55 107.32
CA CYS T 99 -3.46 -11.64 107.48
C CYS T 99 -3.05 -12.60 108.59
N ARG T 100 -3.99 -13.10 109.38
CA ARG T 100 -3.63 -14.05 110.43
C ARG T 100 -3.11 -15.36 109.88
N TYR T 101 -3.17 -15.57 108.58
CA TYR T 101 -2.64 -16.76 107.93
C TYR T 101 -1.64 -16.34 106.87
N SER T 102 -0.85 -17.32 106.42
CA SER T 102 0.14 -17.05 105.38
C SER T 102 -0.05 -18.04 104.24
N ASN T 103 -0.52 -17.53 103.11
CA ASN T 103 -0.54 -18.31 101.88
C ASN T 103 -0.67 -17.34 100.72
N THR T 104 -0.37 -17.83 99.54
CA THR T 104 -0.62 -17.05 98.35
C THR T 104 -2.02 -17.38 97.82
N GLY T 105 -2.31 -16.91 96.61
CA GLY T 105 -3.57 -17.21 95.98
C GLY T 105 -3.60 -16.62 94.59
N THR T 106 -4.78 -16.65 93.99
CA THR T 106 -4.95 -16.05 92.67
C THR T 106 -6.35 -15.45 92.58
N GLY T 107 -6.42 -14.22 92.05
CA GLY T 107 -7.67 -13.53 91.85
C GLY T 107 -8.05 -13.42 90.38
N VAL T 108 -9.26 -12.91 90.15
CA VAL T 108 -9.84 -12.83 88.81
C VAL T 108 -10.72 -11.61 88.73
N MET T 109 -10.67 -10.95 87.58
CA MET T 109 -11.57 -9.85 87.27
C MET T 109 -12.17 -10.11 85.89
N TRP T 110 -13.49 -10.12 85.81
CA TRP T 110 -14.17 -10.29 84.53
C TRP T 110 -14.91 -9.03 84.14
N LEU T 111 -15.13 -8.91 82.84
CA LEU T 111 -16.00 -7.87 82.31
C LEU T 111 -17.12 -8.59 81.57
N VAL T 112 -18.33 -8.54 82.12
CA VAL T 112 -19.44 -9.38 81.68
C VAL T 112 -20.51 -8.52 81.04
N TYR T 113 -20.96 -8.93 79.86
CA TYR T 113 -22.01 -8.23 79.15
C TYR T 113 -23.32 -8.99 79.26
N ASP T 114 -24.42 -8.25 79.34
CA ASP T 114 -25.75 -8.81 79.52
C ASP T 114 -26.62 -8.48 78.32
N THR T 115 -27.65 -9.31 78.11
CA THR T 115 -28.66 -9.00 77.12
C THR T 115 -29.87 -8.34 77.78
N THR T 116 -30.65 -9.12 78.52
CA THR T 116 -31.81 -8.60 79.21
C THR T 116 -31.64 -8.78 80.71
N PRO T 117 -31.53 -7.72 81.48
CA PRO T 117 -31.38 -7.87 82.92
C PRO T 117 -32.72 -8.22 83.56
N GLY T 118 -32.66 -9.04 84.60
CA GLY T 118 -33.83 -9.30 85.39
C GLY T 118 -34.22 -8.08 86.19
N GLY T 119 -35.37 -8.18 86.86
CA GLY T 119 -35.78 -7.12 87.75
C GLY T 119 -34.93 -7.01 89.00
N GLN T 120 -34.18 -8.05 89.32
CA GLN T 120 -33.36 -8.10 90.52
C GLN T 120 -31.88 -8.17 90.13
N ALA T 121 -31.03 -7.70 91.04
CA ALA T 121 -29.61 -7.67 90.76
C ALA T 121 -29.03 -9.07 90.79
N PRO T 122 -28.21 -9.45 89.82
CA PRO T 122 -27.61 -10.77 89.83
C PRO T 122 -26.56 -10.88 90.90
N THR T 123 -26.24 -12.12 91.24
CA THR T 123 -25.12 -12.43 92.12
C THR T 123 -24.27 -13.49 91.46
N PRO T 124 -22.97 -13.51 91.72
CA PRO T 124 -22.09 -14.46 91.03
C PRO T 124 -22.59 -15.89 91.09
N GLN T 125 -23.04 -16.34 92.26
CA GLN T 125 -23.50 -17.71 92.37
C GLN T 125 -24.59 -18.01 91.36
N THR T 126 -25.37 -16.98 91.00
CA THR T 126 -26.38 -17.16 89.97
C THR T 126 -25.79 -17.11 88.58
N ILE T 127 -24.77 -16.28 88.37
CA ILE T 127 -24.26 -16.13 87.01
C ILE T 127 -23.44 -17.34 86.60
N PHE T 128 -22.78 -17.97 87.56
CA PHE T 128 -21.93 -19.12 87.30
C PHE T 128 -22.42 -20.28 88.13
N ALA T 129 -22.72 -21.39 87.48
CA ALA T 129 -23.12 -22.57 88.23
C ALA T 129 -21.87 -23.25 88.77
N TYR T 130 -21.74 -23.29 90.07
CA TYR T 130 -20.58 -23.96 90.61
C TYR T 130 -20.95 -24.74 91.86
N PRO T 131 -20.39 -25.93 92.03
CA PRO T 131 -20.59 -26.66 93.29
C PRO T 131 -19.90 -25.95 94.43
N ASP T 132 -20.37 -26.23 95.64
CA ASP T 132 -19.81 -25.58 96.82
C ASP T 132 -18.33 -25.89 96.97
N THR T 133 -17.91 -27.07 96.50
CA THR T 133 -16.52 -27.44 96.60
C THR T 133 -15.61 -26.47 95.90
N LEU T 134 -15.94 -26.07 94.68
CA LEU T 134 -15.10 -25.19 93.88
C LEU T 134 -15.11 -23.75 94.37
N LYS T 135 -15.94 -23.42 95.36
CA LYS T 135 -16.03 -22.04 95.81
C LYS T 135 -14.67 -21.50 96.21
N ALA T 136 -13.78 -22.37 96.67
CA ALA T 136 -12.44 -21.95 97.03
C ALA T 136 -11.73 -21.32 95.84
N TRP T 137 -11.63 -22.05 94.74
CA TRP T 137 -10.79 -21.55 93.67
C TRP T 137 -11.66 -21.00 92.57
N PRO T 138 -11.78 -19.68 92.45
CA PRO T 138 -12.67 -19.15 91.43
C PRO T 138 -12.13 -19.35 90.03
N ALA T 139 -10.82 -19.27 89.87
CA ALA T 139 -10.25 -19.12 88.54
C ALA T 139 -10.65 -20.25 87.61
N THR T 140 -11.20 -21.33 88.13
CA THR T 140 -11.71 -22.40 87.30
C THR T 140 -13.13 -22.17 86.84
N TRP T 141 -13.85 -21.24 87.45
CA TRP T 141 -15.24 -21.01 87.08
C TRP T 141 -15.32 -20.71 85.59
N LYS T 142 -16.42 -21.15 84.98
CA LYS T 142 -16.73 -20.75 83.62
C LYS T 142 -18.23 -20.60 83.51
N VAL T 143 -18.66 -19.90 82.45
CA VAL T 143 -20.07 -19.55 82.30
C VAL T 143 -20.92 -20.81 82.25
N SER T 144 -22.04 -20.77 82.96
CA SER T 144 -22.94 -21.92 83.00
C SER T 144 -23.66 -22.08 81.68
N ARG T 145 -24.04 -23.33 81.36
CA ARG T 145 -24.61 -23.59 80.04
C ARG T 145 -26.07 -23.20 79.94
N GLU T 146 -26.80 -23.23 81.05
CA GLU T 146 -28.22 -22.91 80.99
C GLU T 146 -28.45 -21.51 80.43
N LEU T 147 -27.59 -20.58 80.82
CA LEU T 147 -27.72 -19.19 80.42
C LEU T 147 -26.91 -18.86 79.19
N CYS T 148 -26.34 -19.89 78.53
CA CYS T 148 -25.28 -19.76 77.55
C CYS T 148 -25.50 -18.61 76.58
N HIS T 149 -26.73 -18.42 76.14
CA HIS T 149 -27.00 -17.32 75.24
C HIS T 149 -27.44 -16.05 75.96
N ARG T 150 -27.70 -16.11 77.26
CA ARG T 150 -28.13 -14.90 77.94
C ARG T 150 -26.96 -14.00 78.32
N PHE T 151 -25.79 -14.57 78.55
CA PHE T 151 -24.63 -13.81 79.00
C PHE T 151 -23.42 -14.10 78.11
N VAL T 152 -22.41 -13.24 78.22
CA VAL T 152 -21.15 -13.45 77.53
C VAL T 152 -20.10 -12.63 78.25
N VAL T 153 -18.84 -12.98 78.06
CA VAL T 153 -17.72 -12.31 78.71
C VAL T 153 -16.77 -11.82 77.63
N LYS T 154 -16.65 -10.51 77.51
CA LYS T 154 -15.84 -9.95 76.44
C LYS T 154 -14.40 -9.69 76.83
N ARG T 155 -14.07 -9.76 78.12
CA ARG T 155 -12.70 -9.59 78.55
C ARG T 155 -12.43 -10.43 79.78
N ARG T 156 -11.15 -10.63 80.08
CA ARG T 156 -10.74 -11.40 81.23
C ARG T 156 -9.39 -10.89 81.68
N TRP T 157 -9.14 -10.96 82.99
CA TRP T 157 -7.83 -10.60 83.48
C TRP T 157 -7.48 -11.44 84.69
N LEU T 158 -6.18 -11.60 84.93
CA LEU T 158 -5.66 -12.33 86.05
C LEU T 158 -4.73 -11.45 86.87
N PHE T 159 -4.62 -11.81 88.15
CA PHE T 159 -3.65 -11.18 89.03
C PHE T 159 -3.43 -12.12 90.19
N ASN T 160 -2.34 -11.91 90.89
CA ASN T 160 -2.03 -12.75 92.03
C ASN T 160 -1.40 -11.91 93.12
N MET T 161 -1.59 -12.35 94.36
CA MET T 161 -1.10 -11.64 95.52
C MET T 161 -0.93 -12.62 96.66
N GLU T 162 -0.18 -12.20 97.67
CA GLU T 162 0.11 -13.10 98.78
C GLU T 162 0.41 -12.27 100.02
N THR T 163 0.33 -12.92 101.16
CA THR T 163 0.62 -12.28 102.43
C THR T 163 1.48 -13.20 103.28
N ASP T 164 2.36 -12.57 104.04
CA ASP T 164 3.30 -13.30 104.88
C ASP T 164 2.83 -13.43 106.32
N GLY T 165 1.67 -12.88 106.65
CA GLY T 165 1.21 -12.88 108.03
C GLY T 165 1.75 -11.76 108.87
N ARG T 166 2.00 -10.59 108.29
CA ARG T 166 2.52 -9.47 109.05
C ARG T 166 1.85 -8.18 108.58
N ILE T 167 1.31 -7.42 109.51
CA ILE T 167 0.68 -6.16 109.18
C ILE T 167 1.74 -5.11 108.96
N GLY T 168 1.44 -4.10 108.15
CA GLY T 168 2.45 -3.12 107.79
C GLY T 168 2.99 -2.35 108.98
N SER T 169 2.11 -1.89 109.86
CA SER T 169 2.52 -1.00 110.94
C SER T 169 3.45 -1.67 111.94
N ASP T 170 3.68 -2.98 111.83
CA ASP T 170 4.49 -3.69 112.81
C ASP T 170 5.97 -3.40 112.60
N ILE T 171 6.66 -3.10 113.70
CA ILE T 171 8.09 -2.79 113.65
C ILE T 171 8.92 -4.07 113.67
N PRO T 172 9.80 -4.28 112.69
CA PRO T 172 10.69 -5.42 112.76
C PRO T 172 11.58 -5.34 113.99
N PRO T 173 11.89 -6.47 114.60
CA PRO T 173 12.89 -6.47 115.67
C PRO T 173 14.27 -6.23 115.08
N SER T 174 15.13 -5.64 115.90
CA SER T 174 16.45 -5.22 115.44
C SER T 174 17.34 -6.39 115.03
N ASN T 175 16.94 -7.63 115.29
CA ASN T 175 17.80 -8.76 114.98
C ASN T 175 17.76 -9.13 113.51
N ALA T 176 16.57 -9.28 112.93
CA ALA T 176 16.44 -9.83 111.60
C ALA T 176 15.38 -9.06 110.83
N SER T 177 15.28 -9.35 109.52
CA SER T 177 14.42 -8.57 108.65
C SER T 177 13.54 -9.44 107.74
N TRP T 178 12.84 -8.79 106.81
CA TRP T 178 11.99 -9.50 105.87
C TRP T 178 12.05 -8.82 104.52
N LYS T 179 11.83 -9.59 103.46
CA LYS T 179 11.57 -9.05 102.14
C LYS T 179 10.11 -9.36 101.82
N PRO T 180 9.21 -8.42 101.96
CA PRO T 180 7.81 -8.70 101.64
C PRO T 180 7.42 -8.24 100.25
N CYS T 181 8.06 -8.77 99.22
CA CYS T 181 7.69 -8.38 97.86
C CYS T 181 6.24 -8.73 97.59
N LYS T 182 5.56 -7.82 96.89
CA LYS T 182 4.19 -8.03 96.44
C LYS T 182 3.25 -8.31 97.60
N ARG T 183 3.29 -7.44 98.61
CA ARG T 183 2.16 -7.41 99.54
C ARG T 183 0.98 -6.70 98.93
N ASN T 184 1.22 -5.58 98.27
CA ASN T 184 0.20 -4.84 97.55
C ASN T 184 0.62 -4.68 96.10
N ILE T 185 -0.34 -4.35 95.25
CA ILE T 185 -0.12 -4.41 93.81
C ILE T 185 -0.84 -3.26 93.13
N TYR T 186 -0.30 -2.84 92.00
CA TYR T 186 -0.83 -1.75 91.20
C TYR T 186 -1.35 -2.33 89.90
N PHE T 187 -2.66 -2.24 89.67
CA PHE T 187 -3.30 -2.90 88.55
C PHE T 187 -3.96 -1.89 87.64
N HIS T 188 -3.70 -1.99 86.34
CA HIS T 188 -4.32 -1.09 85.39
C HIS T 188 -4.37 -1.78 84.03
N LYS T 189 -5.42 -1.46 83.27
CA LYS T 189 -5.56 -1.96 81.92
C LYS T 189 -6.27 -0.90 81.09
N PHE T 190 -6.03 -0.96 79.78
CA PHE T 190 -6.61 -0.02 78.85
C PHE T 190 -6.98 -0.79 77.60
N THR T 191 -8.22 -0.69 77.15
CA THR T 191 -8.65 -1.45 75.98
C THR T 191 -9.66 -0.69 75.15
N SER T 192 -9.45 -0.68 73.83
CA SER T 192 -10.35 -0.04 72.90
C SER T 192 -11.27 -1.00 72.18
N GLY T 193 -11.14 -2.30 72.41
CA GLY T 193 -11.73 -3.27 71.50
C GLY T 193 -13.25 -3.29 71.54
N LEU T 194 -13.82 -3.33 72.74
CA LEU T 194 -15.21 -3.67 72.88
C LEU T 194 -16.11 -2.60 72.29
N GLY T 195 -17.35 -2.99 72.05
CA GLY T 195 -18.41 -2.05 71.79
C GLY T 195 -19.72 -2.64 72.25
N VAL T 196 -20.65 -1.78 72.64
CA VAL T 196 -21.88 -2.22 73.29
C VAL T 196 -23.01 -1.32 72.84
N ARG T 197 -24.18 -1.90 72.62
CA ARG T 197 -25.37 -1.17 72.22
C ARG T 197 -26.39 -1.24 73.33
N THR T 198 -26.86 -0.08 73.78
CA THR T 198 -27.77 -0.02 74.92
C THR T 198 -28.95 0.89 74.60
N GLN T 199 -30.12 0.50 75.09
CA GLN T 199 -31.31 1.33 75.00
C GLN T 199 -31.95 1.42 76.38
N TRP T 200 -32.81 2.43 76.54
CA TRP T 200 -33.29 2.80 77.86
C TRP T 200 -34.80 2.93 77.86
N LYS T 201 -35.40 2.54 78.99
CA LYS T 201 -36.76 2.98 79.28
C LYS T 201 -36.75 4.48 79.52
N ASN T 202 -37.91 5.09 79.44
CA ASN T 202 -37.99 6.54 79.55
C ASN T 202 -38.23 6.90 81.00
N VAL T 203 -37.18 7.40 81.65
CA VAL T 203 -37.21 7.94 83.00
C VAL T 203 -36.01 8.88 83.13
N THR T 204 -35.88 9.52 84.28
CA THR T 204 -34.69 10.32 84.55
C THR T 204 -33.53 9.45 85.03
N ASP T 205 -33.85 8.43 85.83
CA ASP T 205 -32.86 7.80 86.69
C ASP T 205 -31.80 7.07 85.88
N GLY T 206 -30.67 6.84 86.54
CA GLY T 206 -29.59 6.04 85.99
C GLY T 206 -29.42 4.69 86.64
N GLY T 207 -30.36 4.24 87.46
CA GLY T 207 -30.24 2.96 88.12
C GLY T 207 -30.41 1.80 87.16
N VAL T 208 -30.32 0.61 87.73
CA VAL T 208 -30.41 -0.60 86.91
C VAL T 208 -31.83 -0.80 86.37
N GLY T 209 -32.84 -0.47 87.15
CA GLY T 209 -34.21 -0.73 86.72
C GLY T 209 -34.60 -0.04 85.44
N ALA T 210 -33.84 0.98 85.03
CA ALA T 210 -34.21 1.74 83.85
C ALA T 210 -33.83 1.04 82.56
N ILE T 211 -32.76 0.26 82.55
CA ILE T 211 -32.21 -0.23 81.30
C ILE T 211 -33.12 -1.29 80.69
N GLN T 212 -33.41 -1.13 79.41
CA GLN T 212 -34.18 -2.14 78.70
C GLN T 212 -33.29 -3.29 78.23
N ARG T 213 -32.11 -2.96 77.69
CA ARG T 213 -31.25 -3.99 77.12
C ARG T 213 -29.81 -3.50 77.12
N GLY T 214 -28.86 -4.43 77.20
CA GLY T 214 -27.46 -4.10 77.09
C GLY T 214 -26.71 -3.70 78.35
N ALA T 215 -27.10 -4.26 79.49
CA ALA T 215 -26.40 -3.93 80.73
C ALA T 215 -24.97 -4.46 80.69
N LEU T 216 -24.13 -3.88 81.55
CA LEU T 216 -22.71 -4.19 81.59
C LEU T 216 -22.27 -4.35 83.03
N TYR T 217 -21.77 -5.53 83.39
CA TYR T 217 -21.40 -5.83 84.76
C TYR T 217 -19.90 -5.99 84.92
N MET T 218 -19.42 -5.69 86.13
CA MET T 218 -18.05 -5.93 86.53
C MET T 218 -18.05 -6.83 87.75
N VAL T 219 -17.14 -7.78 87.80
CA VAL T 219 -17.11 -8.79 88.85
C VAL T 219 -15.69 -8.96 89.34
N ILE T 220 -15.52 -9.11 90.65
CA ILE T 220 -14.22 -9.32 91.27
C ILE T 220 -14.25 -10.64 92.02
N ALA T 221 -13.25 -11.48 91.79
CA ALA T 221 -13.17 -12.79 92.42
C ALA T 221 -11.93 -12.87 93.30
N PRO T 222 -12.09 -13.04 94.61
CA PRO T 222 -10.92 -13.09 95.48
C PRO T 222 -10.22 -14.43 95.37
N GLY T 223 -8.97 -14.45 95.85
CA GLY T 223 -8.25 -15.69 95.98
C GLY T 223 -8.78 -16.52 97.13
N ASN T 224 -8.30 -17.76 97.19
CA ASN T 224 -8.76 -18.70 98.20
C ASN T 224 -8.53 -18.13 99.60
N GLY T 225 -9.61 -18.08 100.39
CA GLY T 225 -9.52 -17.67 101.77
C GLY T 225 -8.76 -16.37 101.97
N LEU T 226 -8.83 -15.47 101.00
CA LEU T 226 -8.07 -14.22 101.02
C LEU T 226 -9.01 -13.08 100.71
N THR T 227 -9.20 -12.19 101.68
CA THR T 227 -10.13 -11.08 101.54
C THR T 227 -9.36 -9.76 101.53
N PHE T 228 -9.85 -8.81 100.75
CA PHE T 228 -9.13 -7.55 100.61
C PHE T 228 -10.11 -6.47 100.17
N THR T 229 -9.66 -5.22 100.27
CA THR T 229 -10.36 -4.07 99.75
C THR T 229 -9.49 -3.38 98.72
N ALA T 230 -10.11 -2.56 97.89
CA ALA T 230 -9.43 -1.93 96.77
C ALA T 230 -9.77 -0.44 96.72
N HIS T 231 -8.84 0.33 96.16
CA HIS T 231 -9.05 1.76 95.96
C HIS T 231 -8.73 2.07 94.51
N GLY T 232 -9.35 3.11 93.99
CA GLY T 232 -9.07 3.57 92.65
C GLY T 232 -10.29 4.21 92.02
N GLN T 233 -10.17 4.46 90.72
CA GLN T 233 -11.24 5.08 89.96
C GLN T 233 -11.10 4.67 88.50
N THR T 234 -12.18 4.85 87.74
CA THR T 234 -12.21 4.41 86.35
C THR T 234 -12.88 5.48 85.50
N ARG T 235 -12.68 5.38 84.19
CA ARG T 235 -13.32 6.27 83.25
C ARG T 235 -14.01 5.47 82.16
N LEU T 236 -14.93 6.13 81.47
CA LEU T 236 -15.63 5.55 80.34
C LEU T 236 -15.62 6.52 79.18
N TYR T 237 -16.02 6.02 78.02
CA TYR T 237 -16.08 6.82 76.81
C TYR T 237 -17.30 6.38 76.01
N PHE T 238 -18.10 7.33 75.54
CA PHE T 238 -19.29 6.99 74.80
C PHE T 238 -19.83 8.23 74.11
N LYS T 239 -20.89 8.04 73.33
CA LYS T 239 -21.63 9.15 72.76
C LYS T 239 -23.08 8.72 72.53
N SER T 240 -23.99 9.66 72.71
CA SER T 240 -25.39 9.39 72.41
C SER T 240 -25.61 9.39 70.91
N VAL T 241 -26.71 8.76 70.49
CA VAL T 241 -27.07 8.72 69.08
C VAL T 241 -28.56 8.42 69.00
N GLY T 242 -29.16 8.71 67.86
CA GLY T 242 -30.54 8.34 67.58
C GLY T 242 -31.48 9.54 67.70
N ASN T 243 -32.74 9.26 67.38
CA ASN T 243 -33.80 10.24 67.43
C ASN T 243 -33.45 11.49 66.62
N ALA U 31 -6.36 -20.12 60.80
CA ALA U 31 -6.37 -20.08 62.26
C ALA U 31 -7.53 -20.92 62.81
N GLY U 32 -7.33 -22.23 62.86
CA GLY U 32 -8.34 -23.14 63.35
C GLY U 32 -8.19 -24.49 62.69
N SER U 33 -9.09 -25.40 63.05
CA SER U 33 -9.08 -26.73 62.45
C SER U 33 -10.46 -27.17 62.00
N LYS U 34 -10.65 -27.30 60.68
CA LYS U 34 -11.89 -27.81 60.08
C LYS U 34 -13.12 -27.17 60.73
N ALA U 35 -13.04 -25.87 60.98
CA ALA U 35 -14.16 -25.16 61.55
C ALA U 35 -15.33 -25.14 60.58
N ASP U 36 -16.53 -25.15 61.13
CA ASP U 36 -17.76 -25.20 60.35
C ASP U 36 -18.78 -24.25 60.95
N ARG U 37 -19.51 -23.56 60.07
CA ARG U 37 -20.40 -22.49 60.48
C ARG U 37 -21.39 -22.90 61.57
N PRO U 38 -22.09 -24.03 61.49
CA PRO U 38 -22.93 -24.43 62.61
C PRO U 38 -22.08 -24.79 63.83
N SER U 39 -22.71 -24.68 64.99
CA SER U 39 -22.00 -24.91 66.24
C SER U 39 -21.58 -26.37 66.36
N LEU U 40 -20.63 -26.62 67.26
CA LEU U 40 -20.10 -27.94 67.48
C LEU U 40 -20.47 -28.44 68.88
N GLN U 41 -20.60 -29.75 69.01
CA GLN U 41 -21.07 -30.32 70.25
C GLN U 41 -20.04 -30.13 71.35
N ILE U 42 -20.51 -30.26 72.59
CA ILE U 42 -19.70 -29.99 73.77
C ILE U 42 -19.84 -31.13 74.76
N GLN U 43 -18.72 -31.55 75.34
CA GLN U 43 -18.71 -32.53 76.42
C GLN U 43 -17.80 -32.03 77.53
N THR U 44 -18.19 -32.31 78.77
CA THR U 44 -17.47 -31.84 79.94
C THR U 44 -17.12 -32.99 80.86
N LEU U 45 -16.19 -32.71 81.77
CA LEU U 45 -15.85 -33.64 82.83
C LEU U 45 -15.79 -32.89 84.14
N GLN U 46 -16.16 -33.57 85.21
CA GLN U 46 -16.23 -32.95 86.52
C GLN U 46 -15.30 -33.71 87.46
N HIS U 47 -14.23 -33.06 87.87
CA HIS U 47 -13.32 -33.64 88.86
C HIS U 47 -13.26 -32.68 90.03
N ALA U 48 -13.85 -33.09 91.16
CA ALA U 48 -13.97 -32.25 92.34
C ALA U 48 -14.63 -33.07 93.42
N GLY U 49 -14.51 -32.59 94.65
CA GLY U 49 -15.22 -33.21 95.76
C GLY U 49 -14.87 -34.68 95.88
N THR U 50 -15.89 -35.52 95.77
CA THR U 50 -15.69 -36.96 95.83
C THR U 50 -14.69 -37.42 94.78
N THR U 51 -14.74 -36.86 93.58
CA THR U 51 -13.83 -37.25 92.52
C THR U 51 -12.74 -36.21 92.43
N MET U 52 -11.56 -36.56 92.92
CA MET U 52 -10.37 -35.73 92.79
C MET U 52 -9.26 -36.63 92.32
N ILE U 53 -8.73 -36.35 91.13
CA ILE U 53 -7.59 -37.13 90.66
C ILE U 53 -6.50 -37.03 91.69
N THR U 54 -6.03 -38.18 92.16
CA THR U 54 -5.01 -38.25 93.21
C THR U 54 -3.90 -39.16 92.73
N VAL U 55 -2.68 -38.65 92.70
CA VAL U 55 -1.60 -39.36 92.03
C VAL U 55 -0.51 -39.76 93.02
N PRO U 56 -0.38 -41.04 93.33
CA PRO U 56 0.84 -41.52 93.97
C PRO U 56 1.98 -41.60 92.97
N SER U 57 3.19 -41.72 93.50
CA SER U 57 4.38 -41.79 92.65
C SER U 57 4.22 -42.88 91.62
N GLY U 58 4.54 -42.55 90.37
CA GLY U 58 4.36 -43.47 89.27
C GLY U 58 3.21 -43.14 88.35
N GLY U 59 2.48 -42.06 88.61
CA GLY U 59 1.47 -41.60 87.68
C GLY U 59 0.22 -42.45 87.69
N VAL U 60 -0.76 -42.02 86.89
CA VAL U 60 -2.01 -42.73 86.76
C VAL U 60 -2.51 -42.60 85.34
N CYS U 61 -3.09 -43.68 84.84
CA CYS U 61 -3.64 -43.74 83.49
C CYS U 61 -5.13 -43.42 83.54
N ASP U 62 -5.62 -42.76 82.51
CA ASP U 62 -7.03 -42.43 82.44
C ASP U 62 -7.43 -42.19 80.99
N LEU U 63 -8.72 -42.29 80.73
CA LEU U 63 -9.29 -42.03 79.42
C LEU U 63 -10.30 -40.90 79.50
N ILE U 64 -10.09 -39.87 78.69
CA ILE U 64 -10.96 -38.70 78.69
C ILE U 64 -11.98 -38.71 77.57
N ASN U 65 -11.96 -39.69 76.70
CA ASN U 65 -12.75 -39.58 75.47
C ASN U 65 -14.14 -40.19 75.61
N THR U 66 -14.51 -40.63 76.80
CA THR U 66 -15.78 -41.33 77.00
C THR U 66 -16.97 -40.54 76.46
N TYR U 67 -17.81 -41.23 75.71
CA TYR U 67 -19.02 -40.66 75.13
C TYR U 67 -20.15 -41.67 75.24
N ALA U 68 -21.31 -41.24 75.69
CA ALA U 68 -22.48 -42.10 75.61
C ALA U 68 -23.13 -41.94 74.25
N ARG U 69 -24.18 -42.72 74.01
CA ARG U 69 -24.98 -42.61 72.80
C ARG U 69 -26.44 -42.51 73.18
N GLY U 70 -27.14 -41.57 72.55
CA GLY U 70 -28.56 -41.42 72.84
C GLY U 70 -29.06 -40.08 72.37
N SER U 71 -30.16 -39.66 72.99
CA SER U 71 -30.81 -38.42 72.58
C SER U 71 -30.08 -37.20 73.11
N ASP U 72 -29.54 -37.30 74.32
CA ASP U 72 -29.02 -36.13 75.01
C ASP U 72 -27.88 -35.50 74.22
N GLU U 73 -27.82 -34.17 74.25
CA GLU U 73 -26.73 -33.46 73.59
C GLU U 73 -25.42 -33.75 74.29
N GLY U 74 -24.36 -33.89 73.50
CA GLY U 74 -23.07 -34.23 74.04
C GLY U 74 -22.79 -35.71 73.89
N ASN U 75 -23.84 -36.50 73.80
CA ASN U 75 -23.66 -37.89 73.48
C ASN U 75 -23.52 -38.06 71.97
N ARG U 76 -22.83 -39.12 71.56
CA ARG U 76 -22.57 -39.33 70.15
C ARG U 76 -23.77 -39.94 69.46
N HIS U 77 -24.14 -39.37 68.31
CA HIS U 77 -25.27 -39.86 67.55
C HIS U 77 -24.93 -41.00 66.61
N THR U 78 -23.64 -41.20 66.32
CA THR U 78 -23.28 -42.15 65.27
C THR U 78 -22.24 -43.14 65.77
N SER U 79 -21.72 -43.94 64.85
CA SER U 79 -20.65 -44.86 65.20
C SER U 79 -19.27 -44.31 64.88
N GLU U 80 -19.20 -43.09 64.36
CA GLU U 80 -17.94 -42.50 63.90
C GLU U 80 -17.82 -41.07 64.42
N THR U 81 -16.70 -40.78 65.09
CA THR U 81 -16.52 -39.50 65.74
C THR U 81 -15.13 -38.93 65.48
N LEU U 82 -15.08 -37.64 65.21
CA LEU U 82 -13.84 -36.89 65.12
C LEU U 82 -13.84 -35.84 66.22
N THR U 83 -12.68 -35.61 66.83
CA THR U 83 -12.52 -34.56 67.81
C THR U 83 -11.54 -33.53 67.30
N TYR U 84 -11.68 -32.30 67.78
CA TYR U 84 -10.83 -31.23 67.27
C TYR U 84 -10.09 -30.47 68.36
N LYS U 85 -10.79 -29.62 69.08
CA LYS U 85 -10.17 -28.67 69.97
C LYS U 85 -10.42 -29.09 71.41
N ILE U 86 -9.44 -28.86 72.27
CA ILE U 86 -9.54 -29.23 73.67
C ILE U 86 -8.94 -28.12 74.53
N ALA U 87 -9.59 -27.84 75.65
CA ALA U 87 -9.11 -26.86 76.61
C ALA U 87 -9.09 -27.50 77.98
N ILE U 88 -8.08 -27.17 78.77
CA ILE U 88 -7.86 -27.82 80.04
C ILE U 88 -7.62 -26.76 81.10
N ASP U 89 -8.33 -26.86 82.21
CA ASP U 89 -8.11 -26.04 83.39
C ASP U 89 -8.05 -26.92 84.62
N TYR U 90 -7.15 -26.59 85.53
CA TYR U 90 -7.10 -27.28 86.81
C TYR U 90 -6.50 -26.40 87.86
N HIS U 91 -6.72 -26.79 89.11
CA HIS U 91 -5.91 -26.34 90.22
C HIS U 91 -5.09 -27.49 90.75
N PHE U 92 -3.88 -27.18 91.19
CA PHE U 92 -3.03 -28.13 91.89
C PHE U 92 -2.81 -27.68 93.31
N VAL U 93 -2.57 -28.64 94.19
CA VAL U 93 -2.13 -28.33 95.55
C VAL U 93 -1.30 -29.49 96.08
N ALA U 94 -0.26 -29.17 96.83
CA ALA U 94 0.53 -30.22 97.43
C ALA U 94 -0.28 -30.93 98.50
N ASP U 95 0.13 -32.16 98.80
CA ASP U 95 -0.50 -32.93 99.86
C ASP U 95 0.34 -32.85 101.12
N ALA U 96 -0.34 -32.68 102.26
CA ALA U 96 0.37 -32.61 103.53
C ALA U 96 1.17 -33.89 103.78
N ALA U 97 0.71 -35.02 103.25
CA ALA U 97 1.41 -36.27 103.45
C ALA U 97 2.87 -36.18 103.04
N ALA U 98 3.17 -35.44 101.97
CA ALA U 98 4.54 -35.25 101.53
C ALA U 98 5.15 -33.95 102.05
N CYS U 99 4.39 -33.13 102.75
CA CYS U 99 4.93 -31.87 103.24
C CYS U 99 5.91 -32.06 104.39
N ARG U 100 6.06 -33.27 104.91
CA ARG U 100 7.01 -33.49 105.98
C ARG U 100 8.45 -33.31 105.54
N TYR U 101 8.69 -33.13 104.24
CA TYR U 101 10.02 -32.89 103.71
C TYR U 101 9.99 -31.58 102.93
N SER U 102 11.18 -31.06 102.63
CA SER U 102 11.30 -29.83 101.87
C SER U 102 12.22 -30.07 100.69
N ASN U 103 11.65 -30.07 99.48
CA ASN U 103 12.44 -30.05 98.27
C ASN U 103 11.52 -29.60 97.14
N THR U 104 12.13 -29.20 96.05
CA THR U 104 11.38 -28.91 94.84
C THR U 104 11.27 -30.17 94.01
N GLY U 105 10.78 -30.00 92.78
CA GLY U 105 10.69 -31.11 91.86
C GLY U 105 10.18 -30.62 90.53
N THR U 106 9.87 -31.57 89.66
CA THR U 106 9.29 -31.24 88.36
C THR U 106 8.28 -32.29 87.96
N GLY U 107 7.13 -31.84 87.47
CA GLY U 107 6.07 -32.72 87.00
C GLY U 107 5.92 -32.69 85.49
N VAL U 108 5.07 -33.58 85.00
CA VAL U 108 4.86 -33.78 83.58
C VAL U 108 3.42 -34.16 83.33
N MET U 109 2.87 -33.64 82.23
CA MET U 109 1.55 -34.03 81.76
C MET U 109 1.66 -34.36 80.28
N TRP U 110 1.26 -35.55 79.88
CA TRP U 110 1.26 -35.94 78.48
C TRP U 110 -0.15 -36.11 77.96
N LEU U 111 -0.29 -35.97 76.66
CA LEU U 111 -1.51 -36.31 75.96
C LEU U 111 -1.16 -37.40 74.96
N VAL U 112 -1.63 -38.62 75.22
CA VAL U 112 -1.17 -39.80 74.50
C VAL U 112 -2.30 -40.36 73.66
N TYR U 113 -2.01 -40.64 72.40
CA TYR U 113 -2.97 -41.21 71.48
C TYR U 113 -2.68 -42.68 71.25
N ASP U 114 -3.74 -43.47 71.10
CA ASP U 114 -3.64 -44.91 70.94
C ASP U 114 -4.18 -45.32 69.59
N THR U 115 -3.73 -46.49 69.12
CA THR U 115 -4.29 -47.09 67.92
C THR U 115 -5.33 -48.13 68.30
N THR U 116 -4.89 -49.27 68.81
CA THR U 116 -5.79 -50.34 69.23
C THR U 116 -5.62 -50.58 70.72
N PRO U 117 -6.64 -50.31 71.53
CA PRO U 117 -6.50 -50.57 72.97
C PRO U 117 -6.63 -52.05 73.26
N GLY U 118 -5.89 -52.49 74.25
CA GLY U 118 -6.07 -53.84 74.74
C GLY U 118 -7.38 -53.99 75.48
N GLY U 119 -7.68 -55.23 75.85
CA GLY U 119 -8.86 -55.48 76.66
C GLY U 119 -8.74 -54.95 78.07
N GLN U 120 -7.52 -54.67 78.52
CA GLN U 120 -7.27 -54.21 79.87
C GLN U 120 -6.72 -52.79 79.84
N ALA U 121 -6.93 -52.07 80.94
CA ALA U 121 -6.50 -50.69 81.00
C ALA U 121 -4.98 -50.61 81.13
N PRO U 122 -4.32 -49.77 80.36
CA PRO U 122 -2.86 -49.65 80.46
C PRO U 122 -2.47 -48.96 81.74
N THR U 123 -1.21 -49.15 82.11
CA THR U 123 -0.61 -48.43 83.21
C THR U 123 0.71 -47.84 82.74
N PRO U 124 1.13 -46.71 83.30
CA PRO U 124 2.35 -46.06 82.80
C PRO U 124 3.53 -47.00 82.68
N GLN U 125 3.76 -47.82 83.71
CA GLN U 125 4.91 -48.72 83.67
C GLN U 125 4.87 -49.58 82.42
N THR U 126 3.68 -49.86 81.92
CA THR U 126 3.56 -50.62 80.68
C THR U 126 3.77 -49.74 79.47
N ILE U 127 3.33 -48.48 79.53
CA ILE U 127 3.41 -47.65 78.33
C ILE U 127 4.83 -47.19 78.10
N PHE U 128 5.60 -47.02 79.16
CA PHE U 128 6.97 -46.55 79.07
C PHE U 128 7.88 -47.58 79.73
N ALA U 129 8.86 -48.06 78.98
CA ALA U 129 9.81 -48.98 79.58
C ALA U 129 10.83 -48.18 80.37
N TYR U 130 10.85 -48.38 81.67
CA TYR U 130 11.84 -47.65 82.45
C TYR U 130 12.40 -48.53 83.54
N PRO U 131 13.69 -48.45 83.79
CA PRO U 131 14.26 -49.15 84.94
C PRO U 131 13.75 -48.56 86.24
N ASP U 132 13.82 -49.36 87.30
CA ASP U 132 13.33 -48.92 88.60
C ASP U 132 14.09 -47.69 89.08
N THR U 133 15.36 -47.58 88.69
CA THR U 133 16.16 -46.44 89.10
C THR U 133 15.57 -45.12 88.66
N LEU U 134 15.15 -45.02 87.41
CA LEU U 134 14.62 -43.79 86.86
C LEU U 134 13.23 -43.44 87.38
N LYS U 135 12.59 -44.33 88.16
CA LYS U 135 11.25 -44.06 88.63
C LYS U 135 11.15 -42.73 89.35
N ALA U 136 12.25 -42.31 89.98
CA ALA U 136 12.26 -41.01 90.64
C ALA U 136 11.95 -39.89 89.68
N TRP U 137 12.72 -39.79 88.60
CA TRP U 137 12.57 -38.60 87.78
C TRP U 137 11.82 -38.97 86.53
N PRO U 138 10.55 -38.62 86.42
CA PRO U 138 9.79 -39.02 85.24
C PRO U 138 10.22 -38.28 84.01
N ALA U 139 10.58 -37.00 84.15
CA ALA U 139 10.69 -36.13 83.00
C ALA U 139 11.65 -36.64 81.96
N THR U 140 12.48 -37.61 82.30
CA THR U 140 13.37 -38.24 81.35
C THR U 140 12.71 -39.37 80.58
N TRP U 141 11.57 -39.86 81.04
CA TRP U 141 10.93 -40.97 80.36
C TRP U 141 10.69 -40.62 78.90
N LYS U 142 10.78 -41.61 78.04
CA LYS U 142 10.36 -41.47 76.66
C LYS U 142 9.73 -42.76 76.20
N VAL U 143 8.99 -42.68 75.10
CA VAL U 143 8.21 -43.82 74.63
C VAL U 143 9.12 -45.00 74.34
N SER U 144 8.70 -46.18 74.77
CA SER U 144 9.49 -47.38 74.56
C SER U 144 9.47 -47.80 73.10
N ARG U 145 10.54 -48.47 72.67
CA ARG U 145 10.68 -48.78 71.24
C ARG U 145 9.83 -49.96 70.81
N GLU U 146 9.58 -50.91 71.71
CA GLU U 146 8.81 -52.10 71.34
C GLU U 146 7.45 -51.71 70.79
N LEU U 147 6.82 -50.72 71.39
CA LEU U 147 5.49 -50.29 71.02
C LEU U 147 5.51 -49.15 70.02
N CYS U 148 6.68 -48.82 69.48
CA CYS U 148 6.95 -47.57 68.78
C CYS U 148 5.84 -47.17 67.83
N HIS U 149 5.28 -48.14 67.13
CA HIS U 149 4.19 -47.83 66.22
C HIS U 149 2.81 -47.98 66.85
N ARG U 150 2.72 -48.54 68.05
CA ARG U 150 1.41 -48.70 68.66
C ARG U 150 0.92 -47.41 69.32
N PHE U 151 1.83 -46.58 69.81
CA PHE U 151 1.47 -45.38 70.53
C PHE U 151 2.17 -44.17 69.95
N VAL U 152 1.68 -42.98 70.32
CA VAL U 152 2.32 -41.74 69.94
C VAL U 152 1.84 -40.67 70.92
N VAL U 153 2.59 -39.58 71.01
CA VAL U 153 2.29 -38.50 71.93
C VAL U 153 2.18 -37.21 71.11
N LYS U 154 0.99 -36.64 71.07
CA LYS U 154 0.77 -35.48 70.23
C LYS U 154 0.96 -34.16 70.97
N ARG U 155 1.08 -34.19 72.29
CA ARG U 155 1.34 -32.96 73.04
C ARG U 155 2.17 -33.29 74.27
N ARG U 156 2.75 -32.24 74.84
CA ARG U 156 3.57 -32.38 76.04
C ARG U 156 3.49 -31.08 76.81
N TRP U 157 3.59 -31.18 78.13
CA TRP U 157 3.64 -29.98 78.93
C TRP U 157 4.49 -30.20 80.16
N LEU U 158 5.05 -29.12 80.68
CA LEU U 158 5.87 -29.14 81.88
C LEU U 158 5.29 -28.20 82.93
N PHE U 159 5.61 -28.50 84.18
CA PHE U 159 5.28 -27.61 85.28
C PHE U 159 6.19 -27.99 86.43
N ASN U 160 6.31 -27.08 87.39
CA ASN U 160 7.16 -27.33 88.53
C ASN U 160 6.51 -26.73 89.77
N MET U 161 6.81 -27.35 90.90
CA MET U 161 6.23 -26.93 92.17
C MET U 161 7.17 -27.36 93.28
N GLU U 162 6.97 -26.78 94.46
CA GLU U 162 7.86 -27.05 95.58
C GLU U 162 7.12 -26.79 96.87
N THR U 163 7.65 -27.35 97.95
CA THR U 163 7.08 -27.16 99.27
C THR U 163 8.18 -26.86 100.26
N ASP U 164 7.85 -26.03 101.23
CA ASP U 164 8.80 -25.61 102.25
C ASP U 164 8.70 -26.42 103.53
N GLY U 165 7.79 -27.37 103.60
CA GLY U 165 7.59 -28.11 104.82
C GLY U 165 6.65 -27.45 105.81
N ARG U 166 5.66 -26.70 105.34
CA ARG U 166 4.73 -26.04 106.24
C ARG U 166 3.32 -26.14 105.67
N ILE U 167 2.38 -26.59 106.47
CA ILE U 167 1.00 -26.70 106.04
C ILE U 167 0.36 -25.32 106.11
N GLY U 168 -0.65 -25.08 105.29
CA GLY U 168 -1.24 -23.76 105.20
C GLY U 168 -1.84 -23.29 106.51
N SER U 169 -2.60 -24.16 107.18
CA SER U 169 -3.35 -23.75 108.35
C SER U 169 -2.47 -23.33 109.53
N ASP U 170 -1.16 -23.51 109.43
CA ASP U 170 -0.27 -23.23 110.54
C ASP U 170 -0.06 -21.74 110.69
N ILE U 171 -0.16 -21.25 111.93
CA ILE U 171 0.00 -19.84 112.22
C ILE U 171 1.48 -19.50 112.39
N PRO U 172 2.00 -18.54 111.65
CA PRO U 172 3.37 -18.09 111.89
C PRO U 172 3.52 -17.54 113.29
N PRO U 173 4.66 -17.76 113.92
CA PRO U 173 4.94 -17.09 115.19
C PRO U 173 5.17 -15.61 114.95
N SER U 174 4.86 -14.82 115.98
CA SER U 174 4.91 -13.37 115.85
C SER U 174 6.33 -12.84 115.62
N ASN U 175 7.35 -13.67 115.74
CA ASN U 175 8.71 -13.18 115.60
C ASN U 175 9.12 -12.99 114.14
N ALA U 176 8.90 -13.99 113.31
CA ALA U 176 9.45 -13.99 111.96
C ALA U 176 8.42 -14.52 110.99
N SER U 177 8.71 -14.41 109.69
CA SER U 177 7.74 -14.75 108.66
C SER U 177 8.31 -15.61 107.54
N TRP U 178 7.52 -15.84 106.50
CA TRP U 178 7.96 -16.63 105.37
C TRP U 178 7.40 -16.03 104.09
N LYS U 179 8.12 -16.24 102.99
CA LYS U 179 7.56 -16.00 101.65
C LYS U 179 7.41 -17.36 100.99
N PRO U 180 6.23 -17.92 100.95
CA PRO U 180 6.04 -19.22 100.30
C PRO U 180 5.56 -19.11 98.87
N CYS U 181 6.31 -18.46 98.00
CA CYS U 181 5.89 -18.36 96.62
C CYS U 181 5.75 -19.73 95.99
N LYS U 182 4.72 -19.90 95.19
CA LYS U 182 4.49 -21.12 94.42
C LYS U 182 4.39 -22.35 95.32
N ARG U 183 3.54 -22.26 96.34
CA ARG U 183 3.11 -23.49 96.98
C ARG U 183 2.08 -24.22 96.12
N ASN U 184 1.13 -23.47 95.58
CA ASN U 184 0.15 -24.01 94.67
C ASN U 184 0.19 -23.23 93.37
N ILE U 185 -0.40 -23.80 92.33
CA ILE U 185 -0.20 -23.29 90.97
C ILE U 185 -1.49 -23.42 90.18
N TYR U 186 -1.66 -22.52 89.23
CA TYR U 186 -2.82 -22.48 88.35
C TYR U 186 -2.39 -22.85 86.94
N PHE U 187 -2.88 -23.96 86.43
CA PHE U 187 -2.41 -24.50 85.17
C PHE U 187 -3.54 -24.57 84.17
N HIS U 188 -3.30 -24.06 82.97
CA HIS U 188 -4.30 -24.11 81.91
C HIS U 188 -3.61 -24.07 80.57
N LYS U 189 -4.21 -24.75 79.59
CA LYS U 189 -3.72 -24.74 78.23
C LYS U 189 -4.91 -24.84 77.29
N PHE U 190 -4.73 -24.35 76.08
CA PHE U 190 -5.76 -24.36 75.05
C PHE U 190 -5.09 -24.65 73.73
N THR U 191 -5.56 -25.66 73.01
CA THR U 191 -4.92 -26.02 71.76
C THR U 191 -5.94 -26.52 70.73
N SER U 192 -5.82 -26.01 69.51
CA SER U 192 -6.68 -26.41 68.40
C SER U 192 -6.02 -27.40 67.46
N GLY U 193 -4.77 -27.75 67.68
CA GLY U 193 -4.01 -28.40 66.61
C GLY U 193 -4.48 -29.80 66.30
N LEU U 194 -4.67 -30.61 67.33
CA LEU U 194 -4.80 -32.04 67.14
C LEU U 194 -6.07 -32.38 66.38
N GLY U 195 -6.09 -33.60 65.84
CA GLY U 195 -7.33 -34.20 65.38
C GLY U 195 -7.20 -35.70 65.49
N VAL U 196 -8.33 -36.37 65.68
CA VAL U 196 -8.33 -37.78 66.01
C VAL U 196 -9.54 -38.42 65.35
N ARG U 197 -9.35 -39.63 64.84
CA ARG U 197 -10.42 -40.39 64.18
C ARG U 197 -10.73 -41.61 65.03
N THR U 198 -11.99 -41.78 65.39
CA THR U 198 -12.40 -42.85 66.29
C THR U 198 -13.61 -43.56 65.74
N GLN U 199 -13.66 -44.87 65.93
CA GLN U 199 -14.82 -45.67 65.59
C GLN U 199 -15.18 -46.55 66.77
N TRP U 200 -16.40 -47.05 66.77
CA TRP U 200 -16.98 -47.68 67.94
C TRP U 200 -17.58 -49.02 67.60
N LYS U 201 -17.47 -49.96 68.54
CA LYS U 201 -18.33 -51.13 68.52
C LYS U 201 -19.76 -50.69 68.80
N ASN U 202 -20.71 -51.55 68.47
CA ASN U 202 -22.10 -51.17 68.60
C ASN U 202 -22.59 -51.60 69.98
N VAL U 203 -22.76 -50.63 70.87
CA VAL U 203 -23.34 -50.80 72.20
C VAL U 203 -23.85 -49.43 72.63
N THR U 204 -24.46 -49.36 73.80
CA THR U 204 -24.84 -48.07 74.36
C THR U 204 -23.68 -47.41 75.07
N ASP U 205 -22.86 -48.21 75.74
CA ASP U 205 -21.97 -47.71 76.78
C ASP U 205 -20.91 -46.79 76.23
N GLY U 206 -20.35 -45.97 77.13
CA GLY U 206 -19.22 -45.13 76.82
C GLY U 206 -17.91 -45.55 77.44
N GLY U 207 -17.83 -46.75 78.01
CA GLY U 207 -16.62 -47.21 78.64
C GLY U 207 -15.53 -47.52 77.62
N VAL U 208 -14.39 -47.95 78.15
CA VAL U 208 -13.25 -48.24 77.30
C VAL U 208 -13.49 -49.47 76.44
N GLY U 209 -14.17 -50.49 76.97
CA GLY U 209 -14.34 -51.73 76.23
C GLY U 209 -15.07 -51.56 74.92
N ALA U 210 -15.76 -50.44 74.73
CA ALA U 210 -16.55 -50.25 73.52
C ALA U 210 -15.70 -49.84 72.32
N ILE U 211 -14.62 -49.12 72.55
CA ILE U 211 -13.92 -48.47 71.45
C ILE U 211 -13.19 -49.50 70.61
N GLN U 212 -13.37 -49.43 69.29
CA GLN U 212 -12.63 -50.29 68.40
C GLN U 212 -11.24 -49.73 68.11
N ARG U 213 -11.15 -48.43 67.87
CA ARG U 213 -9.87 -47.84 67.48
C ARG U 213 -9.87 -46.36 67.84
N GLY U 214 -8.68 -45.81 68.10
CA GLY U 214 -8.54 -44.38 68.34
C GLY U 214 -8.73 -43.87 69.75
N ALA U 215 -8.39 -44.67 70.76
CA ALA U 215 -8.52 -44.20 72.13
C ALA U 215 -7.57 -43.05 72.40
N LEU U 216 -7.89 -42.30 73.46
CA LEU U 216 -7.13 -41.11 73.82
C LEU U 216 -6.91 -41.09 75.32
N TYR U 217 -5.65 -41.09 75.74
CA TYR U 217 -5.30 -41.18 77.15
C TYR U 217 -4.69 -39.88 77.66
N MET U 218 -4.86 -39.63 78.94
CA MET U 218 -4.20 -38.54 79.65
C MET U 218 -3.41 -39.12 80.81
N VAL U 219 -2.22 -38.59 81.04
CA VAL U 219 -1.31 -39.14 82.04
C VAL U 219 -0.70 -38.00 82.84
N ILE U 220 -0.57 -38.21 84.15
CA ILE U 220 0.02 -37.23 85.04
C ILE U 220 1.22 -37.86 85.72
N ALA U 221 2.34 -37.16 85.71
CA ALA U 221 3.58 -37.66 86.30
C ALA U 221 4.02 -36.76 87.43
N PRO U 222 4.06 -37.25 88.66
CA PRO U 222 4.45 -36.40 89.79
C PRO U 222 5.95 -36.16 89.81
N GLY U 223 6.34 -35.14 90.56
CA GLY U 223 7.74 -34.91 90.82
C GLY U 223 8.31 -35.92 91.78
N ASN U 224 9.64 -35.91 91.91
CA ASN U 224 10.32 -36.88 92.76
C ASN U 224 9.79 -36.80 94.18
N GLY U 225 9.36 -37.95 94.70
CA GLY U 225 8.94 -38.05 96.08
C GLY U 225 7.95 -36.98 96.50
N LEU U 226 7.12 -36.53 95.56
CA LEU U 226 6.19 -35.44 95.80
C LEU U 226 4.81 -35.85 95.31
N THR U 227 3.86 -35.96 96.24
CA THR U 227 2.52 -36.42 95.93
C THR U 227 1.52 -35.29 96.14
N PHE U 228 0.50 -35.25 95.30
CA PHE U 228 -0.45 -34.16 95.36
C PHE U 228 -1.76 -34.59 94.75
N THR U 229 -2.80 -33.80 95.00
CA THR U 229 -4.10 -33.96 94.36
C THR U 229 -4.42 -32.69 93.58
N ALA U 230 -5.36 -32.80 92.66
CA ALA U 230 -5.69 -31.71 91.76
C ALA U 230 -7.19 -31.53 91.67
N HIS U 231 -7.61 -30.31 91.37
CA HIS U 231 -9.01 -29.97 91.16
C HIS U 231 -9.14 -29.26 89.84
N GLY U 232 -10.30 -29.36 89.23
CA GLY U 232 -10.58 -28.64 88.02
C GLY U 232 -11.54 -29.41 87.14
N GLN U 233 -11.68 -28.92 85.90
CA GLN U 233 -12.58 -29.52 84.94
C GLN U 233 -12.08 -29.19 83.54
N THR U 234 -12.57 -29.94 82.56
CA THR U 234 -12.10 -29.80 81.19
C THR U 234 -13.28 -29.87 80.24
N ARG U 235 -13.06 -29.41 79.02
CA ARG U 235 -14.06 -29.49 77.97
C ARG U 235 -13.48 -30.13 76.72
N LEU U 236 -14.37 -30.60 75.86
CA LEU U 236 -14.01 -31.17 74.58
C LEU U 236 -14.87 -30.57 73.49
N TYR U 237 -14.47 -30.84 72.24
CA TYR U 237 -15.18 -30.35 71.09
C TYR U 237 -15.13 -31.42 70.01
N PHE U 238 -16.26 -31.74 69.40
CA PHE U 238 -16.29 -32.78 68.39
C PHE U 238 -17.60 -32.71 67.63
N LYS U 239 -17.73 -33.57 66.62
CA LYS U 239 -19.00 -33.76 65.93
C LYS U 239 -19.05 -35.16 65.36
N SER U 240 -20.23 -35.73 65.34
CA SER U 240 -20.41 -37.03 64.72
C SER U 240 -20.41 -36.89 63.21
N VAL U 241 -20.15 -38.00 62.53
CA VAL U 241 -20.17 -38.02 61.07
C VAL U 241 -20.35 -39.47 60.62
N GLY U 242 -20.78 -39.66 59.39
CA GLY U 242 -20.87 -40.97 58.79
C GLY U 242 -22.29 -41.47 58.72
N ASN U 243 -22.43 -42.64 58.10
CA ASN U 243 -23.71 -43.33 57.94
C ASN U 243 -24.73 -42.41 57.28
N ALA V 31 2.09 56.26 31.17
CA ALA V 31 1.98 57.23 32.26
C ALA V 31 3.11 58.25 32.19
N GLY V 32 2.95 59.24 31.32
CA GLY V 32 3.95 60.27 31.14
C GLY V 32 3.90 60.82 29.73
N SER V 33 4.79 61.75 29.44
CA SER V 33 4.86 62.32 28.10
C SER V 33 6.29 62.38 27.58
N LYS V 34 6.59 61.59 26.55
CA LYS V 34 7.90 61.59 25.86
C LYS V 34 9.05 61.60 26.85
N ALA V 35 8.90 60.82 27.93
CA ALA V 35 9.95 60.73 28.92
C ALA V 35 11.19 60.08 28.32
N ASP V 36 12.35 60.51 28.81
CA ASP V 36 13.63 60.05 28.30
C ASP V 36 14.58 59.80 29.47
N ARG V 37 15.35 58.72 29.35
CA ARG V 37 16.18 58.24 30.46
C ARG V 37 17.08 59.31 31.05
N PRO V 38 17.82 60.11 30.27
CA PRO V 38 18.59 61.19 30.89
C PRO V 38 17.65 62.24 31.47
N SER V 39 18.18 62.99 32.44
CA SER V 39 17.38 63.97 33.14
C SER V 39 17.00 65.12 32.19
N LEU V 40 16.00 65.88 32.61
CA LEU V 40 15.48 66.99 31.82
C LEU V 40 15.76 68.30 32.53
N GLN V 41 15.92 69.36 31.75
CA GLN V 41 16.30 70.64 32.31
C GLN V 41 15.18 71.22 33.17
N ILE V 42 15.56 72.17 34.01
CA ILE V 42 14.63 72.74 34.98
C ILE V 42 14.73 74.26 34.94
N GLN V 43 13.58 74.93 34.98
CA GLN V 43 13.52 76.37 35.12
C GLN V 43 12.51 76.74 36.18
N THR V 44 12.81 77.80 36.93
CA THR V 44 11.98 78.21 38.05
C THR V 44 11.59 79.68 37.91
N LEU V 45 10.59 80.07 38.68
CA LEU V 45 10.19 81.46 38.79
C LEU V 45 10.00 81.79 40.26
N GLN V 46 10.30 83.03 40.61
CA GLN V 46 10.26 83.47 41.99
C GLN V 46 9.28 84.63 42.09
N HIS V 47 8.14 84.40 42.74
CA HIS V 47 7.18 85.46 43.00
C HIS V 47 7.00 85.57 44.50
N ALA V 48 7.51 86.65 45.08
CA ALA V 48 7.51 86.84 46.52
C ALA V 48 8.11 88.19 46.82
N GLY V 49 7.87 88.68 48.02
CA GLY V 49 8.51 89.91 48.46
C GLY V 49 8.20 91.05 47.52
N THR V 50 9.25 91.63 46.96
CA THR V 50 9.09 92.72 46.01
C THR V 50 8.18 92.31 44.86
N THR V 51 8.32 91.09 44.37
CA THR V 51 7.53 90.62 43.25
C THR V 51 6.40 89.77 43.81
N MET V 52 5.20 90.32 43.83
CA MET V 52 3.99 89.58 44.21
C MET V 52 2.95 89.88 43.16
N ILE V 53 2.52 88.86 42.44
CA ILE V 53 1.46 89.06 41.47
C ILE V 53 0.27 89.66 42.21
N THR V 54 -0.19 90.81 41.73
CA THR V 54 -1.30 91.53 42.37
C THR V 54 -2.34 91.85 41.30
N VAL V 55 -3.56 91.41 41.53
CA VAL V 55 -4.56 91.45 40.47
C VAL V 55 -5.72 92.38 40.84
N PRO V 56 -5.84 93.52 40.19
CA PRO V 56 -7.08 94.28 40.22
C PRO V 56 -8.13 93.61 39.36
N SER V 57 -9.39 94.02 39.56
CA SER V 57 -10.49 93.46 38.80
C SER V 57 -10.23 93.56 37.31
N GLY V 58 -10.45 92.45 36.60
CA GLY V 58 -10.16 92.38 35.19
C GLY V 58 -8.95 91.57 34.84
N GLY V 59 -8.27 90.98 35.81
CA GLY V 59 -7.21 90.04 35.54
C GLY V 59 -5.93 90.71 35.07
N VAL V 60 -4.91 89.88 34.86
CA VAL V 60 -3.62 90.36 34.38
C VAL V 60 -3.02 89.30 33.47
N CYS V 61 -2.36 89.78 32.42
CA CYS V 61 -1.71 88.92 31.44
C CYS V 61 -0.25 88.77 31.81
N ASP V 62 0.32 87.59 31.54
CA ASP V 62 1.72 87.35 31.83
C ASP V 62 2.21 86.21 30.97
N LEU V 63 3.54 86.14 30.82
CA LEU V 63 4.19 85.08 30.09
C LEU V 63 5.15 84.34 30.99
N ILE V 64 4.98 83.02 31.09
CA ILE V 64 5.81 82.20 31.95
C ILE V 64 6.91 81.47 31.22
N ASN V 65 7.00 81.59 29.90
CA ASN V 65 7.88 80.71 29.16
C ASN V 65 9.27 81.28 28.94
N THR V 66 9.56 82.43 29.55
CA THR V 66 10.84 83.13 29.32
C THR V 66 12.03 82.21 29.56
N TYR V 67 12.96 82.24 28.61
CA TYR V 67 14.19 81.46 28.67
C TYR V 67 15.34 82.31 28.15
N ALA V 68 16.44 82.34 28.88
CA ALA V 68 17.64 82.95 28.32
C ALA V 68 18.40 81.94 27.49
N ARG V 69 19.48 82.37 26.87
CA ARG V 69 20.37 81.50 26.12
C ARG V 69 21.80 81.72 26.58
N GLY V 70 22.52 80.64 26.83
CA GLY V 70 23.90 80.76 27.25
C GLY V 70 24.40 79.48 27.86
N SER V 71 25.43 79.63 28.69
CA SER V 71 26.07 78.47 29.28
C SER V 71 25.25 77.91 30.44
N ASP V 72 24.63 78.79 31.21
CA ASP V 72 24.01 78.37 32.46
C ASP V 72 22.92 77.34 32.22
N GLU V 73 22.82 76.39 33.14
CA GLU V 73 21.78 75.39 33.06
C GLU V 73 20.42 76.04 33.27
N GLY V 74 19.43 75.58 32.52
CA GLY V 74 18.11 76.14 32.57
C GLY V 74 17.90 77.11 31.44
N ASN V 75 18.98 77.67 30.92
CA ASN V 75 18.87 78.47 29.71
C ASN V 75 18.84 77.55 28.49
N ARG V 76 18.23 78.03 27.42
CA ARG V 76 18.08 77.22 26.23
C ARG V 76 19.36 77.23 25.42
N HIS V 77 19.79 76.04 24.99
CA HIS V 77 21.00 75.93 24.19
C HIS V 77 20.76 76.11 22.71
N THR V 78 19.52 76.01 22.24
CA THR V 78 19.28 75.99 20.82
C THR V 78 18.24 77.02 20.42
N SER V 79 17.81 76.97 19.16
CA SER V 79 16.74 77.85 18.71
C SER V 79 15.39 77.17 18.74
N GLU V 80 15.31 75.92 19.19
CA GLU V 80 14.08 75.15 19.15
C GLU V 80 13.87 74.45 20.49
N THR V 81 12.70 74.65 21.08
CA THR V 81 12.42 74.16 22.42
C THR V 81 11.04 73.52 22.49
N LEU V 82 10.97 72.37 23.17
CA LEU V 82 9.72 71.73 23.52
C LEU V 82 9.60 71.71 25.04
N THR V 83 8.39 71.92 25.54
CA THR V 83 8.11 71.81 26.95
C THR V 83 7.14 70.68 27.21
N TYR V 84 7.20 70.11 28.41
CA TYR V 84 6.37 68.95 28.70
C TYR V 84 5.51 69.11 29.94
N LYS V 85 6.14 69.00 31.10
CA LYS V 85 5.41 68.90 32.35
C LYS V 85 5.56 70.19 33.13
N ILE V 86 4.51 70.57 33.85
CA ILE V 86 4.51 71.79 34.62
C ILE V 86 3.80 71.55 35.95
N ALA V 87 4.35 72.12 37.01
CA ALA V 87 3.76 72.04 38.33
C ALA V 87 3.65 73.44 38.89
N ILE V 88 2.57 73.71 39.61
CA ILE V 88 2.27 75.04 40.08
C ILE V 88 1.92 74.97 41.56
N ASP V 89 2.54 75.83 42.35
CA ASP V 89 2.20 76.02 43.75
C ASP V 89 2.06 77.50 44.05
N TYR V 90 1.09 77.85 44.86
CA TYR V 90 0.96 79.22 45.32
C TYR V 90 0.24 79.27 46.64
N HIS V 91 0.38 80.41 47.30
CA HIS V 91 -0.53 80.80 48.36
C HIS V 91 -1.35 81.99 47.89
N PHE V 92 -2.61 82.03 48.32
CA PHE V 92 -3.48 83.17 48.12
C PHE V 92 -3.83 83.80 49.45
N VAL V 93 -4.11 85.10 49.42
CA VAL V 93 -4.66 85.78 50.59
C VAL V 93 -5.50 86.95 50.12
N ALA V 94 -6.61 87.19 50.80
CA ALA V 94 -7.41 88.35 50.46
C ALA V 94 -6.67 89.63 50.83
N ASP V 95 -7.06 90.72 50.17
CA ASP V 95 -6.49 92.02 50.46
C ASP V 95 -7.44 92.79 51.37
N ALA V 96 -6.87 93.46 52.37
CA ALA V 96 -7.67 94.26 53.28
C ALA V 96 -8.45 95.33 52.54
N ALA V 97 -7.91 95.81 51.42
CA ALA V 97 -8.58 96.85 50.65
C ALA V 97 -10.01 96.46 50.31
N ALA V 98 -10.24 95.19 50.00
CA ALA V 98 -11.58 94.69 49.71
C ALA V 98 -12.27 94.08 50.91
N CYS V 99 -11.59 93.98 52.05
CA CYS V 99 -12.21 93.37 53.22
C CYS V 99 -13.28 94.25 53.85
N ARG V 100 -13.42 95.50 53.40
CA ARG V 100 -14.46 96.36 53.95
C ARG V 100 -15.86 95.88 53.63
N TYR V 101 -16.00 94.86 52.80
CA TYR V 101 -17.28 94.27 52.46
C TYR V 101 -17.23 92.79 52.77
N SER V 102 -18.42 92.16 52.82
CA SER V 102 -18.51 90.74 53.09
C SER V 102 -19.33 90.08 52.00
N ASN V 103 -18.66 89.29 51.17
CA ASN V 103 -19.34 88.42 50.22
C ASN V 103 -18.36 87.35 49.79
N THR V 104 -18.89 86.29 49.21
CA THR V 104 -18.05 85.29 48.60
C THR V 104 -17.83 85.64 47.13
N GLY V 105 -17.26 84.71 46.39
CA GLY V 105 -17.06 84.89 44.97
C GLY V 105 -16.46 83.64 44.37
N THR V 106 -16.04 83.76 43.12
CA THR V 106 -15.38 82.66 42.45
C THR V 106 -14.30 83.18 41.52
N GLY V 107 -13.13 82.56 41.56
CA GLY V 107 -12.02 82.91 40.71
C GLY V 107 -11.74 81.87 39.64
N VAL V 108 -10.82 82.22 38.75
CA VAL V 108 -10.50 81.40 37.59
C VAL V 108 -9.02 81.55 37.26
N MET V 109 -8.40 80.46 36.87
CA MET V 109 -7.05 80.46 36.35
C MET V 109 -7.03 79.69 35.05
N TRP V 110 -6.55 80.31 33.98
CA TRP V 110 -6.43 79.64 32.70
C TRP V 110 -4.98 79.45 32.31
N LEU V 111 -4.75 78.47 31.47
CA LEU V 111 -3.45 78.29 30.82
C LEU V 111 -3.69 78.40 29.33
N VAL V 112 -3.21 79.47 28.72
CA VAL V 112 -3.57 79.85 27.36
C VAL V 112 -2.36 79.72 26.46
N TYR V 113 -2.54 79.05 25.34
CA TYR V 113 -1.49 78.88 24.35
C TYR V 113 -1.71 79.78 23.15
N ASP V 114 -0.62 80.30 22.60
CA ASP V 114 -0.66 81.24 21.50
C ASP V 114 0.00 80.65 20.26
N THR V 115 -0.38 81.16 19.10
CA THR V 115 0.30 80.81 17.87
C THR V 115 1.34 81.86 17.52
N THR V 116 0.89 83.03 17.07
CA THR V 116 1.78 84.12 16.73
C THR V 116 1.51 85.31 17.64
N PRO V 117 2.44 85.70 18.49
CA PRO V 117 2.20 86.85 19.36
C PRO V 117 2.36 88.15 18.57
N GLY V 118 1.55 89.12 18.93
CA GLY V 118 1.72 90.45 18.38
C GLY V 118 2.98 91.10 18.93
N GLY V 119 3.29 92.26 18.38
CA GLY V 119 4.41 93.03 18.89
C GLY V 119 4.16 93.60 20.27
N GLN V 120 2.90 93.67 20.70
CA GLN V 120 2.53 94.25 21.98
C GLN V 120 1.93 93.17 22.87
N ALA V 121 2.04 93.39 24.18
CA ALA V 121 1.55 92.40 25.13
C ALA V 121 0.03 92.39 25.15
N PRO V 122 -0.60 91.22 25.11
CA PRO V 122 -2.04 91.16 25.14
C PRO V 122 -2.58 91.52 26.52
N THR V 123 -3.85 91.86 26.56
CA THR V 123 -4.56 92.08 27.81
C THR V 123 -5.85 91.26 27.75
N PRO V 124 -6.35 90.81 28.90
CA PRO V 124 -7.55 89.95 28.88
C PRO V 124 -8.69 90.53 28.06
N GLN V 125 -8.97 91.81 28.23
CA GLN V 125 -10.09 92.41 27.50
C GLN V 125 -9.92 92.20 26.01
N THR V 126 -8.68 92.11 25.54
CA THR V 126 -8.44 91.83 24.13
C THR V 126 -8.59 90.34 23.84
N ILE V 127 -8.18 89.48 24.77
CA ILE V 127 -8.19 88.06 24.45
C ILE V 127 -9.61 87.51 24.47
N PHE V 128 -10.46 88.09 25.31
CA PHE V 128 -11.84 87.63 25.45
C PHE V 128 -12.76 88.79 25.16
N ALA V 129 -13.67 88.61 24.21
CA ALA V 129 -14.63 89.66 23.94
C ALA V 129 -15.73 89.59 24.98
N TYR V 130 -15.85 90.61 25.79
CA TYR V 130 -16.92 90.57 26.78
C TYR V 130 -17.54 91.95 26.93
N PRO V 131 -18.85 92.02 27.07
CA PRO V 131 -19.48 93.31 27.38
C PRO V 131 -19.11 93.76 28.78
N ASP V 132 -19.23 95.06 29.00
CA ASP V 132 -18.86 95.64 30.29
C ASP V 132 -19.70 95.05 31.40
N THR V 133 -20.93 94.66 31.09
CA THR V 133 -21.80 94.08 32.10
C THR V 133 -21.21 92.83 32.72
N LEU V 134 -20.69 91.92 31.92
CA LEU V 134 -20.17 90.67 32.40
C LEU V 134 -18.83 90.80 33.12
N LYS V 135 -18.25 91.99 33.13
CA LYS V 135 -16.94 92.16 33.76
C LYS V 135 -16.95 91.68 35.21
N ALA V 136 -18.11 91.76 35.87
CA ALA V 136 -18.22 91.28 37.23
C ALA V 136 -17.86 89.80 37.32
N TRP V 137 -18.55 88.97 36.54
CA TRP V 137 -18.36 87.54 36.76
C TRP V 137 -17.50 86.98 35.66
N PRO V 138 -16.24 86.70 35.91
CA PRO V 138 -15.38 86.22 34.84
C PRO V 138 -15.73 84.82 34.42
N ALA V 139 -16.15 83.98 35.35
CA ALA V 139 -16.19 82.55 35.11
C ALA V 139 -17.05 82.19 33.92
N THR V 140 -17.87 83.11 33.44
CA THR V 140 -18.66 82.88 32.25
C THR V 140 -17.91 83.21 30.97
N TRP V 141 -16.78 83.93 31.06
CA TRP V 141 -16.06 84.29 29.86
C TRP V 141 -15.71 83.05 29.07
N LYS V 142 -15.70 83.19 27.74
CA LYS V 142 -15.18 82.15 26.88
C LYS V 142 -14.47 82.81 25.71
N VAL V 143 -13.66 82.03 25.02
CA VAL V 143 -12.80 82.57 23.97
C VAL V 143 -13.65 83.21 22.88
N SER V 144 -13.23 84.38 22.43
CA SER V 144 -13.97 85.10 21.39
C SER V 144 -13.81 84.40 20.05
N ARG V 145 -14.81 84.57 19.19
CA ARG V 145 -14.83 83.82 17.93
C ARG V 145 -13.92 84.43 16.88
N GLU V 146 -13.71 85.74 16.92
CA GLU V 146 -12.88 86.38 15.90
C GLU V 146 -11.49 85.78 15.87
N LEU V 147 -10.94 85.47 17.03
CA LEU V 147 -9.60 84.95 17.15
C LEU V 147 -9.57 83.43 17.21
N CYS V 148 -10.71 82.78 16.95
CA CYS V 148 -10.95 81.39 17.27
C CYS V 148 -9.78 80.48 16.92
N HIS V 149 -9.14 80.73 15.80
CA HIS V 149 -8.00 79.92 15.44
C HIS V 149 -6.67 80.51 15.91
N ARG V 150 -6.65 81.74 16.41
CA ARG V 150 -5.39 82.30 16.85
C ARG V 150 -5.00 81.84 18.24
N PHE V 151 -5.97 81.52 19.09
CA PHE V 151 -5.69 81.14 20.47
C PHE V 151 -6.40 79.84 20.81
N VAL V 152 -5.98 79.24 21.92
CA VAL V 152 -6.62 78.05 22.44
C VAL V 152 -6.26 77.95 23.91
N VAL V 153 -7.05 77.18 24.66
CA VAL V 153 -6.84 77.02 26.10
C VAL V 153 -6.71 75.54 26.38
N LYS V 154 -5.54 75.12 26.83
CA LYS V 154 -5.30 73.70 27.03
C LYS V 154 -5.59 73.24 28.45
N ARG V 155 -5.82 74.14 29.39
CA ARG V 155 -6.17 73.75 30.74
C ARG V 155 -7.08 74.80 31.36
N ARG V 156 -7.75 74.40 32.44
CA ARG V 156 -8.64 75.30 33.15
C ARG V 156 -8.67 74.88 34.60
N TRP V 157 -8.86 75.84 35.49
CA TRP V 157 -9.03 75.50 36.89
C TRP V 157 -9.97 76.48 37.56
N LEU V 158 -10.60 76.02 38.64
CA LEU V 158 -11.51 76.83 39.43
C LEU V 158 -11.05 76.86 40.87
N PHE V 159 -11.45 77.92 41.55
CA PHE V 159 -11.24 78.03 42.99
C PHE V 159 -12.23 79.06 43.50
N ASN V 160 -12.46 79.04 44.80
CA ASN V 160 -13.39 79.98 45.40
C ASN V 160 -12.86 80.40 46.76
N MET V 161 -13.23 81.61 47.15
CA MET V 161 -12.77 82.19 48.40
C MET V 161 -13.78 83.22 48.85
N GLU V 162 -13.70 83.61 50.12
CA GLU V 162 -14.65 84.53 50.67
C GLU V 162 -14.04 85.25 51.85
N THR V 163 -14.63 86.37 52.22
CA THR V 163 -14.18 87.15 53.34
C THR V 163 -15.36 87.57 54.19
N ASP V 164 -15.14 87.64 55.49
CA ASP V 164 -16.18 87.98 56.44
C ASP V 164 -16.16 89.45 56.83
N GLY V 165 -15.23 90.23 56.30
CA GLY V 165 -15.10 91.60 56.71
C GLY V 165 -14.27 91.83 57.96
N ARG V 166 -13.26 90.98 58.20
CA ARG V 166 -12.43 91.14 59.38
C ARG V 166 -10.98 90.87 59.01
N ILE V 167 -10.10 91.78 59.36
CA ILE V 167 -8.68 91.60 59.08
C ILE V 167 -8.09 90.67 60.13
N GLY V 168 -7.03 89.97 59.77
CA GLY V 168 -6.48 88.95 60.66
C GLY V 168 -5.99 89.51 61.97
N SER V 169 -5.26 90.63 61.93
CA SER V 169 -4.62 91.16 63.13
C SER V 169 -5.61 91.62 64.20
N ASP V 170 -6.90 91.65 63.89
CA ASP V 170 -7.89 92.17 64.82
C ASP V 170 -8.16 91.17 65.94
N ILE V 171 -8.17 91.66 67.17
CA ILE V 171 -8.40 90.82 68.35
C ILE V 171 -9.89 90.64 68.57
N PRO V 172 -10.38 89.40 68.65
CA PRO V 172 -11.78 89.21 69.01
C PRO V 172 -12.06 89.74 70.39
N PRO V 173 -13.23 90.31 70.62
CA PRO V 173 -13.64 90.67 71.97
C PRO V 173 -13.91 89.41 72.79
N SER V 174 -13.69 89.54 74.10
CA SER V 174 -13.78 88.38 74.99
C SER V 174 -15.19 87.79 75.07
N ASN V 175 -16.19 88.45 74.51
CA ASN V 175 -17.56 87.96 74.64
C ASN V 175 -17.86 86.82 73.67
N ALA V 176 -17.54 86.99 72.39
CA ALA V 176 -17.97 86.05 71.36
C ALA V 176 -16.85 85.82 70.37
N SER V 177 -17.04 84.84 69.49
CA SER V 177 -15.98 84.42 68.58
C SER V 177 -16.43 84.27 67.13
N TRP V 178 -15.56 83.76 66.28
CA TRP V 178 -15.88 83.55 64.88
C TRP V 178 -15.23 82.26 64.39
N LYS V 179 -15.85 81.64 63.39
CA LYS V 179 -15.21 80.58 62.63
C LYS V 179 -14.96 81.14 61.24
N PRO V 180 -13.74 81.54 60.92
CA PRO V 180 -13.49 82.06 59.58
C PRO V 180 -12.88 81.04 58.66
N CYS V 181 -13.58 79.94 58.41
CA CYS V 181 -13.06 78.93 57.50
C CYS V 181 -12.83 79.53 56.12
N LYS V 182 -11.72 79.14 55.50
CA LYS V 182 -11.40 79.51 54.13
C LYS V 182 -11.34 81.03 53.96
N ARG V 183 -10.57 81.69 54.83
CA ARG V 183 -10.15 83.03 54.49
C ARG V 183 -9.04 83.02 53.46
N ASN V 184 -8.06 82.13 53.65
CA ASN V 184 -6.99 81.94 52.69
C ASN V 184 -6.96 80.48 52.28
N ILE V 185 -6.27 80.21 51.17
CA ILE V 185 -6.38 78.91 50.52
C ILE V 185 -5.03 78.51 49.95
N TYR V 186 -4.81 77.21 49.88
CA TYR V 186 -3.57 76.62 49.37
C TYR V 186 -3.89 75.91 48.06
N PHE V 187 -3.32 76.40 46.97
CA PHE V 187 -3.67 75.92 45.65
C PHE V 187 -2.46 75.33 44.96
N HIS V 188 -2.62 74.12 44.41
CA HIS V 188 -1.54 73.48 43.69
C HIS V 188 -2.12 72.51 42.67
N LYS V 189 -1.42 72.37 41.55
CA LYS V 189 -1.80 71.41 40.53
C LYS V 189 -0.53 70.90 39.86
N PHE V 190 -0.64 69.70 39.30
CA PHE V 190 0.47 69.05 38.64
C PHE V 190 -0.08 68.34 37.42
N THR V 191 0.49 68.60 36.24
CA THR V 191 -0.04 68.00 35.03
C THR V 191 1.06 67.69 34.04
N SER V 192 1.03 66.48 33.47
CA SER V 192 1.98 66.06 32.46
C SER V 192 1.44 66.12 31.05
N GLY V 193 0.18 66.49 30.87
CA GLY V 193 -0.47 66.21 29.59
C GLY V 193 0.07 67.05 28.45
N LEU V 194 0.20 68.35 28.66
CA LEU V 194 0.39 69.26 27.56
C LEU V 194 1.73 69.04 26.88
N GLY V 195 1.83 69.56 25.67
CA GLY V 195 3.12 69.73 25.02
C GLY V 195 3.03 70.90 24.07
N VAL V 196 4.17 71.56 23.85
CA VAL V 196 4.20 72.82 23.12
C VAL V 196 5.47 72.87 22.29
N ARG V 197 5.36 73.40 21.09
CA ARG V 197 6.48 73.55 20.18
C ARG V 197 6.77 75.03 19.99
N THR V 198 8.01 75.44 20.25
CA THR V 198 8.37 76.85 20.21
C THR V 198 9.65 77.03 19.41
N GLN V 199 9.72 78.13 18.67
CA GLN V 199 10.93 78.52 17.97
C GLN V 199 11.23 79.98 18.26
N TRP V 200 12.46 80.38 18.02
CA TRP V 200 12.96 81.66 18.50
C TRP V 200 13.63 82.43 17.38
N LYS V 201 13.47 83.75 17.42
CA LYS V 201 14.37 84.62 16.68
C LYS V 201 15.75 84.54 17.30
N ASN V 202 16.75 84.97 16.55
CA ASN V 202 18.12 84.83 17.02
C ASN V 202 18.51 86.09 17.76
N VAL V 203 18.56 85.99 19.09
CA VAL V 203 19.05 87.03 19.99
C VAL V 203 19.47 86.34 21.28
N THR V 204 19.99 87.11 22.22
CA THR V 204 20.29 86.56 23.54
C THR V 204 19.04 86.53 24.42
N ASP V 205 18.19 87.53 24.29
CA ASP V 205 17.22 87.85 25.31
C ASP V 205 16.17 86.76 25.45
N GLY V 206 15.52 86.76 26.62
CA GLY V 206 14.39 85.90 26.88
C GLY V 206 13.06 86.58 26.94
N GLY V 207 12.97 87.85 26.53
CA GLY V 207 11.72 88.58 26.59
C GLY V 207 10.73 88.07 25.55
N VAL V 208 9.57 88.72 25.55
CA VAL V 208 8.51 88.31 24.63
C VAL V 208 8.86 88.63 23.19
N GLY V 209 9.52 89.76 22.95
CA GLY V 209 9.79 90.17 21.57
C GLY V 209 10.61 89.18 20.79
N ALA V 210 11.28 88.25 21.47
CA ALA V 210 12.16 87.32 20.78
C ALA V 210 11.40 86.18 20.12
N ILE V 211 10.28 85.76 20.69
CA ILE V 211 9.65 84.52 20.27
C ILE V 211 9.03 84.69 18.90
N GLN V 212 9.31 83.74 18.01
CA GLN V 212 8.67 83.74 16.70
C GLN V 212 7.29 83.08 16.76
N ARG V 213 7.17 81.97 17.46
CA ARG V 213 5.91 81.23 17.48
C ARG V 213 5.83 80.40 18.74
N GLY V 214 4.62 80.13 19.22
CA GLY V 214 4.41 79.24 20.34
C GLY V 214 4.47 79.83 21.74
N ALA V 215 4.07 81.09 21.90
CA ALA V 215 4.09 81.69 23.22
C ALA V 215 3.07 81.01 24.14
N LEU V 216 3.28 81.18 25.44
CA LEU V 216 2.46 80.53 26.45
C LEU V 216 2.12 81.52 27.55
N TYR V 217 0.84 81.76 27.75
CA TYR V 217 0.37 82.77 28.69
C TYR V 217 -0.33 82.15 29.89
N MET V 218 -0.26 82.85 31.02
CA MET V 218 -1.00 82.51 32.22
C MET V 218 -1.86 83.70 32.61
N VAL V 219 -3.09 83.43 33.03
CA VAL V 219 -4.05 84.48 33.32
C VAL V 219 -4.76 84.18 34.62
N ILE V 220 -4.99 85.21 35.43
CA ILE V 220 -5.68 85.08 36.70
C ILE V 220 -6.91 85.97 36.68
N ALA V 221 -8.05 85.41 37.05
CA ALA V 221 -9.32 86.13 37.03
C ALA V 221 -9.87 86.24 38.45
N PRO V 222 -10.00 87.43 39.01
CA PRO V 222 -10.50 87.56 40.37
C PRO V 222 -12.00 87.34 40.42
N GLY V 223 -12.49 87.10 41.64
CA GLY V 223 -13.91 87.05 41.87
C GLY V 223 -14.52 88.44 41.83
N ASN V 224 -15.85 88.47 41.83
CA ASN V 224 -16.58 89.74 41.74
C ASN V 224 -16.17 90.67 42.87
N GLY V 225 -15.74 91.87 42.50
CA GLY V 225 -15.43 92.90 43.47
C GLY V 225 -14.51 92.43 44.58
N LEU V 226 -13.62 91.49 44.27
CA LEU V 226 -12.75 90.89 45.27
C LEU V 226 -11.32 90.90 44.74
N THR V 227 -10.45 91.64 45.42
CA THR V 227 -9.08 91.82 44.98
C THR V 227 -8.14 91.16 45.99
N PHE V 228 -7.05 90.59 45.48
CA PHE V 228 -6.14 89.87 46.35
C PHE V 228 -4.77 89.81 45.71
N THR V 229 -3.78 89.43 46.51
CA THR V 229 -2.44 89.15 46.05
C THR V 229 -2.09 87.70 46.37
N ALA V 230 -1.08 87.18 45.69
CA ALA V 230 -0.71 85.79 45.80
C ALA V 230 0.79 85.64 45.99
N HIS V 231 1.19 84.56 46.64
CA HIS V 231 2.59 84.22 46.82
C HIS V 231 2.80 82.80 46.35
N GLY V 232 4.02 82.50 45.94
CA GLY V 232 4.37 81.15 45.56
C GLY V 232 5.42 81.14 44.47
N GLN V 233 5.64 79.95 43.91
CA GLN V 233 6.63 79.77 42.87
C GLN V 233 6.23 78.56 42.04
N THR V 234 6.82 78.46 40.85
CA THR V 234 6.48 77.41 39.91
C THR V 234 7.73 76.85 39.27
N ARG V 235 7.58 75.68 38.67
CA ARG V 235 8.68 75.05 37.94
C ARG V 235 8.21 74.66 36.54
N LEU V 236 9.19 74.44 35.67
CA LEU V 236 8.94 73.98 34.31
C LEU V 236 9.87 72.83 33.99
N TYR V 237 9.58 72.16 32.88
CA TYR V 237 10.36 71.04 32.42
C TYR V 237 10.42 71.09 30.90
N PHE V 238 11.62 70.95 30.34
CA PHE V 238 11.76 71.02 28.90
C PHE V 238 13.13 70.49 28.50
N LYS V 239 13.36 70.44 27.19
CA LYS V 239 14.69 70.15 26.66
C LYS V 239 14.82 70.79 25.29
N SER V 240 16.04 71.24 24.98
CA SER V 240 16.30 71.77 23.66
C SER V 240 16.42 70.64 22.66
N VAL V 241 16.25 70.98 21.38
CA VAL V 241 16.39 70.01 20.30
C VAL V 241 16.64 70.77 19.01
N GLY V 242 17.17 70.08 18.02
CA GLY V 242 17.35 70.65 16.69
C GLY V 242 18.79 71.01 16.41
N ASN V 243 19.02 71.45 15.18
CA ASN V 243 20.33 71.87 14.70
C ASN V 243 21.37 70.80 14.93
N ALA W 31 1.04 42.64 48.19
CA ALA W 31 0.56 43.54 49.24
C ALA W 31 1.47 43.50 50.45
N GLY W 32 2.58 44.20 50.38
CA GLY W 32 3.55 44.24 51.46
C GLY W 32 4.93 44.50 50.92
N SER W 33 5.90 44.52 51.83
CA SER W 33 7.29 44.71 51.41
C SER W 33 8.23 43.71 52.08
N LYS W 34 8.81 42.82 51.27
CA LYS W 34 9.81 41.85 51.74
C LYS W 34 9.39 41.18 53.04
N ALA W 35 8.12 40.85 53.13
CA ALA W 35 7.61 40.18 54.32
C ALA W 35 8.23 38.80 54.44
N ASP W 36 8.42 38.37 55.69
CA ASP W 36 9.06 37.10 55.99
C ASP W 36 8.30 36.40 57.12
N ARG W 37 8.16 35.09 56.98
CA ARG W 37 7.32 34.30 57.89
C ARG W 37 7.64 34.53 59.35
N PRO W 38 8.89 34.49 59.81
CA PRO W 38 9.14 34.82 61.22
C PRO W 38 8.84 36.29 61.49
N SER W 39 8.56 36.57 62.76
CA SER W 39 8.18 37.91 63.15
C SER W 39 9.34 38.89 62.98
N LEU W 40 9.01 40.17 62.96
CA LEU W 40 9.99 41.22 62.77
C LEU W 40 10.11 42.07 64.03
N GLN W 41 11.30 42.61 64.25
CA GLN W 41 11.56 43.34 65.48
C GLN W 41 10.73 44.62 65.54
N ILE W 42 10.60 45.16 66.74
CA ILE W 42 9.77 46.31 67.00
C ILE W 42 10.53 47.33 67.83
N GLN W 43 10.41 48.60 67.46
CA GLN W 43 10.95 49.69 68.25
C GLN W 43 9.89 50.77 68.40
N THR W 44 9.87 51.43 69.56
CA THR W 44 8.87 52.42 69.87
C THR W 44 9.52 53.73 70.31
N LEU W 45 8.72 54.78 70.30
CA LEU W 45 9.13 56.07 70.83
C LEU W 45 8.02 56.60 71.71
N GLN W 46 8.41 57.33 72.75
CA GLN W 46 7.47 57.85 73.72
C GLN W 46 7.59 59.36 73.75
N HIS W 47 6.56 60.05 73.26
CA HIS W 47 6.51 61.50 73.35
C HIS W 47 5.26 61.87 74.13
N ALA W 48 5.45 62.37 75.34
CA ALA W 48 4.36 62.68 76.24
C ALA W 48 4.95 63.28 77.51
N GLY W 49 4.10 63.93 78.28
CA GLY W 49 4.52 64.43 79.58
C GLY W 49 5.71 65.35 79.44
N THR W 50 6.80 64.98 80.12
CA THR W 50 8.03 65.76 80.05
C THR W 50 8.48 65.95 78.61
N THR W 51 8.36 64.92 77.78
CA THR W 51 8.80 65.01 76.40
C THR W 51 7.56 65.22 75.54
N MET W 52 7.38 66.45 75.07
CA MET W 52 6.33 66.78 74.12
C MET W 52 6.98 67.60 73.02
N ILE W 53 6.94 67.07 71.80
CA ILE W 53 7.46 67.84 70.69
C ILE W 53 6.74 69.17 70.64
N THR W 54 7.49 70.26 70.68
CA THR W 54 6.94 71.60 70.70
C THR W 54 7.60 72.42 69.61
N VAL W 55 6.80 72.98 68.71
CA VAL W 55 7.34 73.57 67.51
C VAL W 55 7.07 75.06 67.45
N PRO W 56 8.10 75.88 67.60
CA PRO W 56 7.98 77.28 67.22
C PRO W 56 8.04 77.43 65.71
N SER W 57 7.63 78.60 65.23
CA SER W 57 7.62 78.88 63.81
C SER W 57 8.98 78.58 63.20
N GLY W 58 8.97 77.87 62.07
CA GLY W 58 10.20 77.45 61.44
C GLY W 58 10.52 75.98 61.59
N GLY W 59 9.68 75.22 62.26
CA GLY W 59 9.84 73.78 62.30
C GLY W 59 10.97 73.33 63.21
N VAL W 60 11.10 72.01 63.31
CA VAL W 60 12.15 71.41 64.12
C VAL W 60 12.63 70.13 63.45
N CYS W 61 13.92 69.89 63.54
CA CYS W 61 14.55 68.72 62.96
C CYS W 61 14.67 67.65 64.03
N ASP W 62 14.55 66.39 63.63
CA ASP W 62 14.67 65.29 64.56
C ASP W 62 15.03 64.02 63.81
N LEU W 63 15.56 63.05 64.54
CA LEU W 63 15.91 61.75 63.99
C LEU W 63 15.14 60.67 64.73
N ILE W 64 14.40 59.85 63.98
CA ILE W 64 13.59 58.79 64.57
C ILE W 64 14.24 57.42 64.48
N ASN W 65 15.41 57.30 63.87
CA ASN W 65 15.91 55.97 63.55
C ASN W 65 16.82 55.41 64.64
N THR W 66 16.95 56.10 65.76
CA THR W 66 17.88 55.70 66.81
C THR W 66 17.68 54.25 67.24
N TYR W 67 18.79 53.51 67.31
CA TYR W 67 18.80 52.13 67.74
C TYR W 67 20.00 51.89 68.63
N ALA W 68 19.80 51.24 69.76
CA ALA W 68 20.94 50.79 70.55
C ALA W 68 21.41 49.44 70.02
N ARG W 69 22.50 48.94 70.61
CA ARG W 69 23.00 47.61 70.30
C ARG W 69 23.22 46.85 71.60
N GLY W 70 22.77 45.61 71.63
CA GLY W 70 22.95 44.80 72.82
C GLY W 70 22.03 43.60 72.81
N SER W 71 21.76 43.10 74.01
CA SER W 71 20.96 41.90 74.16
C SER W 71 19.48 42.19 74.00
N ASP W 72 19.03 43.34 74.48
CA ASP W 72 17.61 43.62 74.56
C ASP W 72 16.96 43.60 73.19
N GLU W 73 15.74 43.09 73.14
CA GLU W 73 14.98 43.08 71.90
C GLU W 73 14.65 44.51 71.49
N GLY W 74 14.71 44.75 70.19
CA GLY W 74 14.48 46.08 69.66
C GLY W 74 15.78 46.80 69.39
N ASN W 75 16.84 46.39 70.09
CA ASN W 75 18.15 46.90 69.76
C ASN W 75 18.72 46.11 68.59
N ARG W 76 19.61 46.75 67.84
CA ARG W 76 20.17 46.12 66.66
C ARG W 76 21.28 45.16 67.03
N HIS W 77 21.22 43.96 66.46
CA HIS W 77 22.24 42.95 66.72
C HIS W 77 23.47 43.07 65.84
N THR W 78 23.38 43.80 64.73
CA THR W 78 24.45 43.78 63.75
C THR W 78 24.89 45.19 63.40
N SER W 79 25.75 45.29 62.40
CA SER W 79 26.17 46.60 61.92
C SER W 79 25.38 47.05 60.71
N GLU W 80 24.41 46.26 60.25
CA GLU W 80 23.67 46.55 59.04
C GLU W 80 22.18 46.34 59.29
N THR W 81 21.38 47.37 58.97
CA THR W 81 19.96 47.35 59.28
C THR W 81 19.14 47.85 58.10
N LEU W 82 18.03 47.16 57.84
CA LEU W 82 17.02 47.60 56.89
C LEU W 82 15.72 47.85 57.65
N THR W 83 15.01 48.90 57.27
CA THR W 83 13.70 49.16 57.83
C THR W 83 12.63 49.05 56.75
N TYR W 84 11.42 48.75 57.16
CA TYR W 84 10.36 48.52 56.18
C TYR W 84 9.13 49.36 56.41
N LYS W 85 8.33 49.00 57.41
CA LYS W 85 7.02 49.57 57.58
C LYS W 85 7.02 50.49 58.80
N ILE W 86 6.25 51.56 58.71
CA ILE W 86 6.17 52.54 59.79
C ILE W 86 4.74 53.00 59.95
N ALA W 87 4.32 53.16 61.19
CA ALA W 87 2.99 53.67 61.51
C ALA W 87 3.14 54.81 62.50
N ILE W 88 2.30 55.82 62.33
CA ILE W 88 2.44 57.05 63.12
C ILE W 88 1.07 57.41 63.67
N ASP W 89 1.03 57.70 64.97
CA ASP W 89 -0.15 58.23 65.63
C ASP W 89 0.25 59.42 66.47
N TYR W 90 -0.60 60.44 66.48
CA TYR W 90 -0.38 61.56 67.38
C TYR W 90 -1.69 62.25 67.68
N HIS W 91 -1.66 63.06 68.73
CA HIS W 91 -2.65 64.08 68.95
C HIS W 91 -2.01 65.45 68.78
N PHE W 92 -2.77 66.39 68.24
CA PHE W 92 -2.37 67.77 68.15
C PHE W 92 -3.29 68.63 69.01
N VAL W 93 -2.77 69.75 69.49
CA VAL W 93 -3.60 70.75 70.14
C VAL W 93 -2.95 72.11 69.95
N ALA W 94 -3.78 73.13 69.75
CA ALA W 94 -3.25 74.48 69.65
C ALA W 94 -2.70 74.92 70.99
N ASP W 95 -1.80 75.89 70.95
CA ASP W 95 -1.25 76.48 72.15
C ASP W 95 -1.96 77.78 72.45
N ALA W 96 -2.28 77.99 73.74
CA ALA W 96 -2.93 79.22 74.15
C ALA W 96 -2.09 80.44 73.79
N ALA W 97 -0.76 80.28 73.76
CA ALA W 97 0.11 81.40 73.45
C ALA W 97 -0.28 82.05 72.12
N ALA W 98 -0.68 81.26 71.14
CA ALA W 98 -1.12 81.79 69.85
C ALA W 98 -2.63 81.97 69.76
N CYS W 99 -3.38 81.56 70.79
CA CYS W 99 -4.82 81.69 70.72
C CYS W 99 -5.30 83.13 70.85
N ARG W 100 -4.41 84.07 71.15
CA ARG W 100 -4.81 85.47 71.25
C ARG W 100 -5.25 86.04 69.92
N TYR W 101 -5.09 85.31 68.83
CA TYR W 101 -5.52 85.73 67.51
C TYR W 101 -6.45 84.67 66.94
N SER W 102 -7.17 85.04 65.88
CA SER W 102 -8.08 84.11 65.23
C SER W 102 -7.76 84.07 63.74
N ASN W 103 -7.22 82.94 63.29
CA ASN W 103 -7.08 82.67 61.88
C ASN W 103 -6.88 81.18 61.71
N THR W 104 -7.07 80.73 60.48
CA THR W 104 -6.75 79.35 60.16
C THR W 104 -5.31 79.28 59.67
N GLY W 105 -4.94 78.13 59.13
CA GLY W 105 -3.62 77.96 58.56
C GLY W 105 -3.50 76.58 57.95
N THR W 106 -2.27 76.22 57.59
CA THR W 106 -2.01 74.90 57.06
C THR W 106 -0.63 74.44 57.50
N GLY W 107 -0.56 73.19 57.96
CA GLY W 107 0.68 72.58 58.38
C GLY W 107 1.17 71.51 57.42
N VAL W 108 2.37 71.02 57.69
CA VAL W 108 3.06 70.08 56.82
C VAL W 108 3.90 69.14 57.67
N MET W 109 3.93 67.87 57.27
CA MET W 109 4.82 66.89 57.86
C MET W 109 5.54 66.17 56.73
N TRP W 110 6.87 66.15 56.77
CA TRP W 110 7.64 65.44 55.78
C TRP W 110 8.37 64.27 56.40
N LEU W 111 8.69 63.30 55.57
CA LEU W 111 9.57 62.21 55.94
C LEU W 111 10.77 62.27 55.01
N VAL W 112 11.92 62.64 55.54
CA VAL W 112 13.09 63.00 54.74
C VAL W 112 14.18 61.97 54.94
N TYR W 113 14.74 61.49 53.85
CA TYR W 113 15.83 60.51 53.89
C TYR W 113 17.14 61.19 53.55
N ASP W 114 18.20 60.74 54.20
CA ASP W 114 19.53 61.31 54.05
C ASP W 114 20.49 60.28 53.48
N THR W 115 21.55 60.77 52.85
CA THR W 115 22.63 59.91 52.41
C THR W 115 23.76 59.92 53.44
N THR W 116 24.51 61.01 53.51
CA THR W 116 25.60 61.14 54.46
C THR W 116 25.30 62.28 55.42
N PRO W 117 25.10 62.03 56.69
CA PRO W 117 24.85 63.12 57.63
C PRO W 117 26.13 63.85 57.96
N GLY W 118 26.01 65.15 58.16
CA GLY W 118 27.13 65.91 58.66
C GLY W 118 27.41 65.58 60.11
N GLY W 119 28.51 66.15 60.61
CA GLY W 119 28.81 65.98 62.02
C GLY W 119 27.86 66.73 62.93
N GLN W 120 27.12 67.68 62.40
CA GLN W 120 26.21 68.51 63.18
C GLN W 120 24.77 68.25 62.72
N ALA W 121 23.84 68.49 63.64
CA ALA W 121 22.44 68.23 63.34
C ALA W 121 21.90 69.27 62.36
N PRO W 122 21.18 68.85 61.34
CA PRO W 122 20.63 69.82 60.39
C PRO W 122 19.49 70.60 61.01
N THR W 123 19.18 71.72 60.39
CA THR W 123 18.01 72.51 60.74
C THR W 123 17.24 72.81 59.46
N PRO W 124 15.93 72.96 59.54
CA PRO W 124 15.15 73.16 58.30
C PRO W 124 15.69 74.26 57.43
N GLN W 125 16.05 75.40 58.01
CA GLN W 125 16.54 76.51 57.20
C GLN W 125 17.72 76.06 56.35
N THR W 126 18.48 75.09 56.84
CA THR W 126 19.59 74.56 56.06
C THR W 126 19.11 73.55 55.03
N ILE W 127 18.08 72.77 55.35
CA ILE W 127 17.68 71.72 54.43
C ILE W 127 16.93 72.31 53.24
N PHE W 128 16.22 73.40 53.47
CA PHE W 128 15.43 74.03 52.42
C PHE W 128 15.89 75.47 52.27
N ALA W 129 16.28 75.84 51.07
CA ALA W 129 16.65 77.23 50.85
C ALA W 129 15.38 78.04 50.67
N TYR W 130 15.15 78.97 51.58
CA TYR W 130 13.97 79.79 51.44
C TYR W 130 14.26 81.21 51.84
N PRO W 131 13.74 82.18 51.11
CA PRO W 131 13.86 83.57 51.54
C PRO W 131 13.06 83.82 52.81
N ASP W 132 13.43 84.86 53.53
CA ASP W 132 12.76 85.17 54.79
C ASP W 132 11.29 85.46 54.57
N THR W 133 10.94 85.98 53.40
CA THR W 133 9.56 86.29 53.11
C THR W 133 8.67 85.06 53.18
N LEU W 134 9.10 83.95 52.58
CA LEU W 134 8.29 82.75 52.54
C LEU W 134 8.22 82.02 53.88
N LYS W 135 8.96 82.47 54.88
CA LYS W 135 8.96 81.77 56.17
C LYS W 135 7.56 81.60 56.71
N ALA W 136 6.66 82.53 56.38
CA ALA W 136 5.28 82.42 56.82
C ALA W 136 4.65 81.12 56.32
N TRP W 137 4.67 80.91 55.01
CA TRP W 137 3.90 79.79 54.51
C TRP W 137 4.83 78.67 54.15
N PRO W 138 4.93 77.63 54.96
CA PRO W 138 5.87 76.56 54.66
C PRO W 138 5.46 75.75 53.47
N ALA W 139 4.16 75.53 53.29
CA ALA W 139 3.70 74.51 52.38
C ALA W 139 4.20 74.70 50.96
N THR W 140 4.74 75.87 50.65
CA THR W 140 5.35 76.11 49.37
C THR W 140 6.80 75.68 49.31
N TRP W 141 7.44 75.43 50.45
CA TRP W 141 8.84 75.06 50.43
C TRP W 141 9.04 73.83 49.56
N LYS W 142 10.19 73.77 48.90
CA LYS W 142 10.60 72.56 48.22
C LYS W 142 12.11 72.42 48.36
N VAL W 143 12.58 71.21 48.09
CA VAL W 143 13.99 70.89 48.33
C VAL W 143 14.88 71.80 47.51
N SER W 144 15.94 72.30 48.14
CA SER W 144 16.86 73.19 47.46
C SER W 144 17.70 72.44 46.44
N ARG W 145 18.14 73.14 45.40
CA ARG W 145 18.82 72.47 44.30
C ARG W 145 20.28 72.15 44.61
N GLU W 146 20.92 72.95 45.46
CA GLU W 146 22.32 72.72 45.75
C GLU W 146 22.55 71.33 46.31
N LEU W 147 21.64 70.88 47.16
CA LEU W 147 21.76 69.58 47.81
C LEU W 147 21.03 68.48 47.07
N CYS W 148 20.55 68.77 45.86
CA CYS W 148 19.56 67.98 45.14
C CYS W 148 19.83 66.48 45.23
N HIS W 149 21.09 66.09 45.15
CA HIS W 149 21.40 64.68 45.26
C HIS W 149 21.74 64.24 46.67
N ARG W 150 21.89 65.17 47.61
CA ARG W 150 22.22 64.77 48.96
C ARG W 150 20.99 64.33 49.76
N PHE W 151 19.83 64.88 49.44
CA PHE W 151 18.61 64.58 50.19
C PHE W 151 17.50 64.15 49.25
N VAL W 152 16.45 63.57 49.83
CA VAL W 152 15.26 63.22 49.08
C VAL W 152 14.13 63.07 50.08
N VAL W 153 12.89 63.15 49.60
CA VAL W 153 11.72 63.07 50.45
C VAL W 153 10.84 61.94 49.92
N LYS W 154 10.68 60.90 50.71
CA LYS W 154 9.95 59.74 50.24
C LYS W 154 8.47 59.76 50.59
N ARG W 155 8.04 60.69 51.45
CA ARG W 155 6.63 60.81 51.77
C ARG W 155 6.30 62.26 52.08
N ARG W 156 5.01 62.55 52.05
CA ARG W 156 4.53 63.90 52.34
C ARG W 156 3.12 63.79 52.91
N TRP W 157 2.78 64.72 53.79
CA TRP W 157 1.42 64.75 54.30
C TRP W 157 0.99 66.18 54.58
N LEU W 158 -0.31 66.40 54.53
CA LEU W 158 -0.89 67.70 54.82
C LEU W 158 -1.91 67.58 55.93
N PHE W 159 -2.12 68.70 56.61
CA PHE W 159 -3.17 68.81 57.60
C PHE W 159 -3.45 70.28 57.80
N ASN W 160 -4.61 70.58 58.37
CA ASN W 160 -4.98 71.96 58.60
C ASN W 160 -5.72 72.07 59.92
N MET W 161 -5.62 73.24 60.53
CA MET W 161 -6.22 73.48 61.82
C MET W 161 -6.45 74.97 61.97
N GLU W 162 -7.28 75.33 62.93
CA GLU W 162 -7.64 76.73 63.11
C GLU W 162 -8.07 76.96 64.54
N THR W 163 -8.05 78.21 64.95
CA THR W 163 -8.47 78.60 66.28
C THR W 163 -9.37 79.81 66.21
N ASP W 164 -10.33 79.86 67.11
CA ASP W 164 -11.31 80.93 67.16
C ASP W 164 -10.94 82.01 68.16
N GLY W 165 -9.84 81.87 68.86
CA GLY W 165 -9.49 82.82 69.90
C GLY W 165 -10.12 82.56 71.25
N ARG W 166 -10.37 81.29 71.59
CA ARG W 166 -10.98 80.97 72.87
C ARG W 166 -10.32 79.74 73.45
N ILE W 167 -9.88 79.83 74.69
CA ILE W 167 -9.26 78.70 75.36
C ILE W 167 -10.34 77.74 75.82
N GLY W 168 -10.01 76.46 75.94
CA GLY W 168 -11.01 75.47 76.28
C GLY W 168 -11.67 75.69 77.62
N SER W 169 -10.88 75.99 78.65
CA SER W 169 -11.40 76.07 79.99
C SER W 169 -12.39 77.20 80.20
N ASP W 170 -12.57 78.07 79.21
CA ASP W 170 -13.43 79.24 79.37
C ASP W 170 -14.90 78.84 79.30
N ILE W 171 -15.69 79.34 80.24
CA ILE W 171 -17.12 79.03 80.31
C ILE W 171 -17.90 79.96 79.38
N PRO W 172 -18.69 79.42 78.46
CA PRO W 172 -19.55 80.28 77.66
C PRO W 172 -20.53 81.01 78.54
N PRO W 173 -20.85 82.26 78.21
CA PRO W 173 -21.94 82.95 78.89
C PRO W 173 -23.27 82.33 78.52
N SER W 174 -24.23 82.43 79.45
CA SER W 174 -25.51 81.77 79.29
C SER W 174 -26.33 82.31 78.12
N ASN W 175 -25.91 83.42 77.52
CA ASN W 175 -26.70 84.01 76.45
C ASN W 175 -26.54 83.27 75.12
N ALA W 176 -25.30 83.03 74.70
CA ALA W 176 -25.04 82.55 73.35
C ALA W 176 -23.95 81.48 73.41
N SER W 177 -23.74 80.81 72.27
CA SER W 177 -22.83 79.68 72.22
C SER W 177 -21.86 79.71 71.05
N TRP W 178 -21.11 78.63 70.86
CA TRP W 178 -20.16 78.54 69.77
C TRP W 178 -20.13 77.12 69.23
N LYS W 179 -19.81 76.98 67.95
CA LYS W 179 -19.46 75.68 67.38
C LYS W 179 -17.98 75.75 67.06
N PRO W 180 -17.11 75.17 67.87
CA PRO W 180 -15.69 75.20 67.56
C PRO W 180 -15.19 73.94 66.89
N CYS W 181 -15.73 73.61 65.73
CA CYS W 181 -15.27 72.42 65.03
C CYS W 181 -13.79 72.52 64.71
N LYS W 182 -13.09 71.41 64.87
CA LYS W 182 -11.68 71.30 64.51
C LYS W 182 -10.81 72.32 65.25
N ARG W 183 -10.97 72.37 66.58
CA ARG W 183 -9.93 73.01 67.36
C ARG W 183 -8.72 72.11 67.50
N ASN W 184 -8.94 70.83 67.76
CA ASN W 184 -7.89 69.84 67.81
C ASN W 184 -8.21 68.72 66.84
N ILE W 185 -7.19 67.92 66.52
CA ILE W 185 -7.28 67.00 65.42
C ILE W 185 -6.55 65.71 65.76
N TYR W 186 -7.01 64.62 65.17
CA TYR W 186 -6.44 63.30 65.36
C TYR W 186 -5.81 62.84 64.07
N PHE W 187 -4.50 62.67 64.07
CA PHE W 187 -3.74 62.41 62.85
C PHE W 187 -3.04 61.08 62.94
N HIS W 188 -3.20 60.26 61.91
CA HIS W 188 -2.54 58.96 61.86
C HIS W 188 -2.34 58.55 60.42
N LYS W 189 -1.25 57.84 60.16
CA LYS W 189 -0.99 57.29 58.84
C LYS W 189 -0.25 55.97 59.01
N PHE W 190 -0.38 55.12 58.01
CA PHE W 190 0.24 53.80 58.01
C PHE W 190 0.74 53.53 56.60
N THR W 191 2.01 53.20 56.45
CA THR W 191 2.54 52.98 55.11
C THR W 191 3.60 51.89 55.10
N SER W 192 3.49 50.97 54.13
CA SER W 192 4.45 49.90 53.96
C SER W 192 5.46 50.15 52.86
N GLY W 193 5.34 51.26 52.13
CA GLY W 193 6.04 51.35 50.86
C GLY W 193 7.54 51.44 51.00
N LEU W 194 8.01 52.31 51.89
CA LEU W 194 9.41 52.71 51.86
C LEU W 194 10.32 51.55 52.24
N GLY W 195 11.58 51.70 51.89
CA GLY W 195 12.63 50.87 52.45
C GLY W 195 13.92 51.66 52.47
N VAL W 196 14.79 51.33 53.42
CA VAL W 196 15.97 52.13 53.69
C VAL W 196 17.10 51.19 54.07
N ARG W 197 18.31 51.50 53.61
CA ARG W 197 19.50 50.73 53.90
C ARG W 197 20.44 51.58 54.75
N THR W 198 20.83 51.05 55.91
CA THR W 198 21.64 51.81 56.84
C THR W 198 22.81 50.97 57.33
N GLN W 199 23.95 51.62 57.52
CA GLN W 199 25.12 50.98 58.11
C GLN W 199 25.64 51.87 59.23
N TRP W 200 26.45 51.27 60.10
CA TRP W 200 26.81 51.90 61.35
C TRP W 200 28.32 51.87 61.56
N LYS W 201 28.83 52.94 62.17
CA LYS W 201 30.14 52.85 62.78
C LYS W 201 30.08 51.92 63.98
N ASN W 202 31.23 51.45 64.43
CA ASN W 202 31.24 50.47 65.49
C ASN W 202 31.35 51.20 66.83
N VAL W 203 30.23 51.25 67.56
CA VAL W 203 30.14 51.76 68.91
C VAL W 203 28.91 51.13 69.54
N THR W 204 28.66 51.44 70.81
CA THR W 204 27.43 50.99 71.45
C THR W 204 26.27 51.92 71.12
N ASP W 205 26.55 53.22 71.03
CA ASP W 205 25.53 54.24 71.15
C ASP W 205 24.55 54.19 69.98
N GLY W 206 23.38 54.77 70.22
CA GLY W 206 22.37 54.96 69.18
C GLY W 206 22.19 56.38 68.72
N GLY W 207 23.08 57.30 69.10
CA GLY W 207 22.95 58.68 68.70
C GLY W 207 23.23 58.87 67.23
N VAL W 208 23.13 60.14 66.81
CA VAL W 208 23.33 60.46 65.40
C VAL W 208 24.78 60.28 64.99
N GLY W 209 25.73 60.61 65.86
CA GLY W 209 27.13 60.55 65.49
C GLY W 209 27.60 59.18 65.06
N ALA W 210 26.84 58.14 65.39
CA ALA W 210 27.28 56.79 65.08
C ALA W 210 27.04 56.42 63.62
N ILE W 211 26.00 56.95 63.01
CA ILE W 211 25.55 56.44 61.72
C ILE W 211 26.54 56.83 60.62
N GLN W 212 26.93 55.85 59.82
CA GLN W 212 27.78 56.13 58.67
C GLN W 212 26.97 56.62 57.48
N ARG W 213 25.84 55.98 57.21
CA ARG W 213 25.06 56.31 56.03
C ARG W 213 23.60 55.92 56.25
N GLY W 214 22.69 56.62 55.60
CA GLY W 214 21.28 56.26 55.64
C GLY W 214 20.43 56.81 56.75
N ALA W 215 20.74 58.00 57.25
CA ALA W 215 19.93 58.57 58.31
C ALA W 215 18.53 58.89 57.81
N LEU W 216 17.61 59.03 58.76
CA LEU W 216 16.20 59.24 58.47
C LEU W 216 15.64 60.32 59.38
N TYR W 217 15.15 61.41 58.79
CA TYR W 217 14.68 62.55 59.55
C TYR W 217 13.18 62.72 59.44
N MET W 218 12.60 63.31 60.49
CA MET W 218 11.21 63.73 60.49
C MET W 218 11.14 65.22 60.79
N VAL W 219 10.25 65.92 60.10
CA VAL W 219 10.17 67.36 60.19
C VAL W 219 8.72 67.79 60.30
N ILE W 220 8.46 68.77 61.14
CA ILE W 220 7.12 69.32 61.35
C ILE W 220 7.14 70.79 61.00
N ALA W 221 6.17 71.22 60.19
CA ALA W 221 6.10 72.60 59.74
C ALA W 221 4.80 73.22 60.23
N PRO W 222 4.85 74.23 61.09
CA PRO W 222 3.61 74.84 61.59
C PRO W 222 2.96 75.71 60.55
N GLY W 223 1.69 76.01 60.78
CA GLY W 223 0.99 76.99 59.98
C GLY W 223 1.45 78.40 60.29
N ASN W 224 1.02 79.34 59.44
CA ASN W 224 1.43 80.72 59.60
C ASN W 224 1.07 81.25 60.98
N GLY W 225 2.07 81.78 61.67
CA GLY W 225 1.84 82.41 62.96
C GLY W 225 1.03 81.58 63.92
N LEU W 226 1.16 80.26 63.83
CA LEU W 226 0.37 79.34 64.63
C LEU W 226 1.29 78.32 65.26
N THR W 227 1.37 78.32 66.58
CA THR W 227 2.27 77.45 67.31
C THR W 227 1.47 76.46 68.14
N PHE W 228 1.98 75.24 68.25
CA PHE W 228 1.25 74.20 68.95
C PHE W 228 2.22 73.14 69.44
N THR W 229 1.72 72.28 70.33
CA THR W 229 2.43 71.10 70.79
C THR W 229 1.62 69.87 70.44
N ALA W 230 2.29 68.72 70.44
CA ALA W 230 1.68 67.48 70.00
C ALA W 230 1.97 66.37 70.99
N HIS W 231 1.06 65.40 71.05
CA HIS W 231 1.23 64.21 71.88
C HIS W 231 1.04 62.99 71.01
N GLY W 232 1.66 61.89 71.40
CA GLY W 232 1.47 60.64 70.71
C GLY W 232 2.71 59.78 70.78
N GLN W 233 2.70 58.72 69.99
CA GLN W 233 3.80 57.77 69.94
C GLN W 233 3.79 57.08 68.60
N THR W 234 4.92 56.46 68.25
CA THR W 234 5.09 55.84 66.94
C THR W 234 5.78 54.50 67.11
N ARG W 235 5.69 53.69 66.07
CA ARG W 235 6.38 52.41 66.03
C ARG W 235 7.18 52.28 64.75
N LEU W 236 8.12 51.35 64.77
CA LEU W 236 8.94 51.03 63.61
C LEU W 236 8.99 49.53 63.43
N TYR W 237 9.50 49.12 62.26
CA TYR W 237 9.63 47.71 61.93
C TYR W 237 10.91 47.53 61.15
N PHE W 238 11.72 46.54 61.52
CA PHE W 238 12.98 46.32 60.84
C PHE W 238 13.53 44.96 61.23
N LYS W 239 14.66 44.61 60.62
CA LYS W 239 15.42 43.43 61.02
C LYS W 239 16.88 43.63 60.67
N SER W 240 17.74 43.09 61.52
CA SER W 240 19.16 43.14 61.23
C SER W 240 19.51 42.12 60.15
N VAL W 241 20.66 42.33 59.50
CA VAL W 241 21.14 41.41 58.48
C VAL W 241 22.63 41.63 58.32
N GLY W 242 23.31 40.65 57.75
CA GLY W 242 24.72 40.77 57.41
C GLY W 242 25.61 40.01 58.37
N ASN W 243 26.90 40.03 58.05
CA ASN W 243 27.93 39.38 58.86
C ASN W 243 27.60 37.92 59.09
N ALA X 31 -61.28 -2.88 19.43
CA ALA X 31 -62.47 -2.68 20.26
C ALA X 31 -63.71 -2.42 19.40
N GLY X 32 -64.28 -3.50 18.87
CA GLY X 32 -65.44 -3.40 18.01
C GLY X 32 -65.47 -4.56 17.04
N SER X 33 -66.50 -4.54 16.18
CA SER X 33 -66.60 -5.58 15.17
C SER X 33 -66.91 -5.00 13.78
N LYS X 34 -65.95 -5.12 12.86
CA LYS X 34 -66.11 -4.70 11.46
C LYS X 34 -66.77 -3.33 11.36
N ALA X 35 -66.36 -2.42 12.24
CA ALA X 35 -66.88 -1.07 12.21
C ALA X 35 -66.47 -0.37 10.93
N ASP X 36 -67.34 0.51 10.46
CA ASP X 36 -67.14 1.22 9.20
C ASP X 36 -67.54 2.68 9.38
N ARG X 37 -66.75 3.57 8.79
CA ARG X 37 -66.90 5.01 8.99
C ARG X 37 -68.32 5.51 8.75
N PRO X 38 -69.01 5.17 7.67
CA PRO X 38 -70.40 5.59 7.54
C PRO X 38 -71.27 4.90 8.59
N SER X 39 -72.40 5.54 8.89
CA SER X 39 -73.28 5.04 9.92
C SER X 39 -73.92 3.72 9.50
N LEU X 40 -74.44 2.99 10.48
CA LEU X 40 -75.05 1.70 10.26
C LEU X 40 -76.54 1.77 10.54
N GLN X 41 -77.30 0.93 9.84
CA GLN X 41 -78.74 0.99 9.94
C GLN X 41 -79.21 0.55 11.32
N ILE X 42 -80.44 0.92 11.65
CA ILE X 42 -81.01 0.69 12.97
C ILE X 42 -82.39 0.08 12.84
N GLN X 43 -82.68 -0.91 13.66
CA GLN X 43 -84.01 -1.49 13.77
C GLN X 43 -84.39 -1.63 15.23
N THR X 44 -85.66 -1.42 15.53
CA THR X 44 -86.15 -1.44 16.89
C THR X 44 -87.32 -2.39 17.04
N LEU X 45 -87.62 -2.73 18.28
CA LEU X 45 -88.80 -3.51 18.61
C LEU X 45 -89.51 -2.84 19.77
N GLN X 46 -90.83 -2.96 19.77
CA GLN X 46 -91.65 -2.31 20.79
C GLN X 46 -92.45 -3.37 21.52
N HIS X 47 -92.12 -3.60 22.78
CA HIS X 47 -92.88 -4.52 23.62
C HIS X 47 -93.39 -3.73 24.81
N ALA X 48 -94.69 -3.50 24.85
CA ALA X 48 -95.31 -2.68 25.88
C ALA X 48 -96.81 -2.67 25.63
N GLY X 49 -97.56 -2.27 26.65
CA GLY X 49 -98.99 -2.11 26.48
C GLY X 49 -99.64 -3.38 26.01
N THR X 50 -100.30 -3.30 24.85
CA THR X 50 -100.94 -4.46 24.26
C THR X 50 -99.96 -5.61 24.09
N THR X 51 -98.73 -5.30 23.67
CA THR X 51 -97.72 -6.33 23.44
C THR X 51 -96.80 -6.34 24.65
N MET X 52 -96.96 -7.35 25.50
CA MET X 52 -96.07 -7.57 26.62
C MET X 52 -95.71 -9.05 26.60
N ILE X 53 -94.43 -9.35 26.42
CA ILE X 53 -94.02 -10.74 26.48
C ILE X 53 -94.44 -11.30 27.82
N THR X 54 -95.20 -12.39 27.78
CA THR X 54 -95.74 -13.02 28.98
C THR X 54 -95.39 -14.50 28.96
N VAL X 55 -94.72 -14.97 29.99
CA VAL X 55 -94.13 -16.30 29.95
C VAL X 55 -94.75 -17.21 30.99
N PRO X 56 -95.54 -18.18 30.58
CA PRO X 56 -95.88 -19.30 31.47
C PRO X 56 -94.70 -20.25 31.60
N SER X 57 -94.78 -21.10 32.62
CA SER X 57 -93.71 -22.07 32.87
C SER X 57 -93.41 -22.87 31.61
N GLY X 58 -92.13 -23.00 31.30
CA GLY X 58 -91.71 -23.67 30.08
C GLY X 58 -91.21 -22.74 29.00
N GLY X 59 -91.18 -21.44 29.24
CA GLY X 59 -90.54 -20.53 28.31
C GLY X 59 -91.37 -20.28 27.07
N VAL X 60 -90.85 -19.39 26.22
CA VAL X 60 -91.51 -19.05 24.97
C VAL X 60 -90.44 -18.79 23.92
N CYS X 61 -90.72 -19.21 22.70
CA CYS X 61 -89.84 -19.05 21.56
C CYS X 61 -90.23 -17.80 20.80
N ASP X 62 -89.25 -17.10 20.25
CA ASP X 62 -89.53 -15.91 19.48
C ASP X 62 -88.37 -15.63 18.53
N LEU X 63 -88.63 -14.84 17.51
CA LEU X 63 -87.63 -14.42 16.54
C LEU X 63 -87.52 -12.91 16.52
N ILE X 64 -86.31 -12.41 16.74
CA ILE X 64 -86.08 -10.97 16.80
C ILE X 64 -85.50 -10.41 15.51
N ASN X 65 -85.23 -11.23 14.51
CA ASN X 65 -84.45 -10.76 13.39
C ASN X 65 -85.31 -10.23 12.25
N THR X 66 -86.62 -10.14 12.45
CA THR X 66 -87.53 -9.75 11.38
C THR X 66 -87.14 -8.44 10.73
N TYR X 67 -87.12 -8.44 9.40
CA TYR X 67 -86.79 -7.27 8.60
C TYR X 67 -87.73 -7.22 7.40
N ALA X 68 -88.31 -6.05 7.14
CA ALA X 68 -89.04 -5.87 5.90
C ALA X 68 -88.06 -5.48 4.79
N ARG X 69 -88.58 -5.35 3.57
CA ARG X 69 -87.81 -4.86 2.44
C ARG X 69 -88.58 -3.74 1.76
N GLY X 70 -87.88 -2.66 1.45
CA GLY X 70 -88.52 -1.55 0.78
C GLY X 70 -87.68 -0.29 0.89
N SER X 71 -88.38 0.83 0.76
CA SER X 71 -87.70 2.12 0.75
C SER X 71 -87.33 2.55 2.16
N ASP X 72 -88.18 2.26 3.14
CA ASP X 72 -88.02 2.82 4.46
C ASP X 72 -86.69 2.40 5.08
N GLU X 73 -86.09 3.32 5.83
CA GLU X 73 -84.85 3.01 6.53
C GLU X 73 -85.12 1.99 7.62
N GLY X 74 -84.18 1.06 7.78
CA GLY X 74 -84.32 0.00 8.74
C GLY X 74 -84.79 -1.28 8.06
N ASN X 75 -85.44 -1.13 6.92
CA ASN X 75 -85.75 -2.30 6.12
C ASN X 75 -84.54 -2.69 5.30
N ARG X 76 -84.46 -3.97 4.95
CA ARG X 76 -83.31 -4.47 4.23
C ARG X 76 -83.43 -4.15 2.74
N HIS X 77 -82.35 -3.64 2.16
CA HIS X 77 -82.35 -3.30 0.74
C HIS X 77 -81.98 -4.47 -0.14
N THR X 78 -81.39 -5.53 0.40
CA THR X 78 -80.85 -6.58 -0.45
C THR X 78 -81.37 -7.94 -0.02
N SER X 79 -80.79 -8.99 -0.61
CA SER X 79 -81.14 -10.34 -0.20
C SER X 79 -80.15 -10.92 0.78
N GLU X 80 -79.13 -10.15 1.18
CA GLU X 80 -78.08 -10.66 2.04
C GLU X 80 -77.80 -9.65 3.15
N THR X 81 -77.83 -10.13 4.39
CA THR X 81 -77.72 -9.25 5.56
C THR X 81 -76.76 -9.83 6.58
N LEU X 82 -75.93 -8.97 7.15
CA LEU X 82 -75.09 -9.29 8.29
C LEU X 82 -75.51 -8.41 9.45
N THR X 83 -75.51 -8.98 10.66
CA THR X 83 -75.78 -8.21 11.86
C THR X 83 -74.55 -8.20 12.75
N TYR X 84 -74.42 -7.17 13.57
CA TYR X 84 -73.22 -7.04 14.38
C TYR X 84 -73.51 -6.88 15.86
N LYS X 85 -73.96 -5.70 16.26
CA LYS X 85 -74.05 -5.34 17.66
C LYS X 85 -75.50 -5.29 18.08
N ILE X 86 -75.76 -5.70 19.32
CA ILE X 86 -77.11 -5.73 19.85
C ILE X 86 -77.11 -5.25 21.28
N ALA X 87 -78.11 -4.47 21.65
CA ALA X 87 -78.29 -4.00 23.00
C ALA X 87 -79.70 -4.30 23.46
N ILE X 88 -79.85 -4.66 24.72
CA ILE X 88 -81.12 -5.12 25.23
C ILE X 88 -81.42 -4.40 26.52
N ASP X 89 -82.62 -3.86 26.64
CA ASP X 89 -83.13 -3.28 27.86
C ASP X 89 -84.52 -3.82 28.14
N TYR X 90 -84.81 -4.09 29.40
CA TYR X 90 -86.16 -4.46 29.79
C TYR X 90 -86.41 -4.12 31.23
N HIS X 91 -87.69 -4.11 31.58
CA HIS X 91 -88.11 -4.19 32.96
C HIS X 91 -88.81 -5.53 33.18
N PHE X 92 -88.62 -6.08 34.37
CA PHE X 92 -89.33 -7.27 34.80
C PHE X 92 -90.23 -6.93 35.98
N VAL X 93 -91.30 -7.68 36.14
CA VAL X 93 -92.12 -7.60 37.33
C VAL X 93 -92.80 -8.93 37.55
N ALA X 94 -92.91 -9.33 38.82
CA ALA X 94 -93.63 -10.56 39.12
C ALA X 94 -95.10 -10.38 38.82
N ASP X 95 -95.77 -11.51 38.60
CA ASP X 95 -97.21 -11.51 38.39
C ASP X 95 -97.91 -11.88 39.69
N ALA X 96 -99.00 -11.16 39.98
CA ALA X 96 -99.78 -11.45 41.17
C ALA X 96 -100.29 -12.88 41.17
N ALA X 97 -100.53 -13.44 39.98
CA ALA X 97 -101.05 -14.80 39.89
C ALA X 97 -100.17 -15.78 40.65
N ALA X 98 -98.85 -15.58 40.62
CA ALA X 98 -97.93 -16.43 41.36
C ALA X 98 -97.55 -15.87 42.72
N CYS X 99 -98.01 -14.66 43.05
CA CYS X 99 -97.65 -14.08 44.33
C CYS X 99 -98.34 -14.75 45.51
N ARG X 100 -99.28 -15.66 45.26
CA ARG X 100 -99.94 -16.35 46.37
C ARG X 100 -99.00 -17.25 47.13
N TYR X 101 -97.77 -17.43 46.66
CA TYR X 101 -96.76 -18.24 47.33
C TYR X 101 -95.53 -17.38 47.56
N SER X 102 -94.65 -17.86 48.42
CA SER X 102 -93.41 -17.14 48.73
C SER X 102 -92.24 -18.08 48.53
N ASN X 103 -91.45 -17.84 47.50
CA ASN X 103 -90.18 -18.49 47.32
C ASN X 103 -89.35 -17.68 46.34
N THR X 104 -88.06 -17.94 46.33
CA THR X 104 -87.20 -17.35 45.32
C THR X 104 -87.13 -18.28 44.12
N GLY X 105 -86.22 -17.98 43.21
CA GLY X 105 -86.00 -18.82 42.06
C GLY X 105 -84.85 -18.28 41.24
N THR X 106 -84.69 -18.84 40.05
CA THR X 106 -83.66 -18.37 39.13
C THR X 106 -84.16 -18.47 37.70
N GLY X 107 -83.95 -17.42 36.93
CA GLY X 107 -84.32 -17.38 35.53
C GLY X 107 -83.12 -17.43 34.60
N VAL X 108 -83.43 -17.54 33.31
CA VAL X 108 -82.42 -17.72 32.27
C VAL X 108 -82.88 -17.03 31.01
N MET X 109 -81.95 -16.41 30.31
CA MET X 109 -82.18 -15.85 28.99
C MET X 109 -81.07 -16.32 28.07
N TRP X 110 -81.44 -16.94 26.96
CA TRP X 110 -80.46 -17.39 25.98
C TRP X 110 -80.60 -16.61 24.69
N LEU X 111 -79.51 -16.58 23.95
CA LEU X 111 -79.52 -16.06 22.59
C LEU X 111 -79.08 -17.20 21.68
N VAL X 112 -80.00 -17.73 20.89
CA VAL X 112 -79.81 -18.97 20.17
C VAL X 112 -79.77 -18.70 18.68
N TYR X 113 -78.75 -19.24 18.02
CA TYR X 113 -78.59 -19.10 16.59
C TYR X 113 -78.98 -20.39 15.87
N ASP X 114 -79.58 -20.24 14.70
CA ASP X 114 -80.08 -21.36 13.93
C ASP X 114 -79.34 -21.45 12.59
N THR X 115 -79.33 -22.65 12.02
CA THR X 115 -78.82 -22.84 10.67
C THR X 115 -79.97 -22.83 9.67
N THR X 116 -80.76 -23.89 9.65
CA THR X 116 -81.90 -24.00 8.74
C THR X 116 -83.17 -24.10 9.56
N PRO X 117 -84.07 -23.12 9.50
CA PRO X 117 -85.31 -23.23 10.26
C PRO X 117 -86.28 -24.17 9.56
N GLY X 118 -87.05 -24.88 10.37
CA GLY X 118 -88.13 -25.68 9.83
C GLY X 118 -89.24 -24.79 9.32
N GLY X 119 -90.23 -25.42 8.68
CA GLY X 119 -91.40 -24.70 8.24
C GLY X 119 -92.28 -24.24 9.38
N GLN X 120 -92.11 -24.81 10.57
CA GLN X 120 -92.92 -24.50 11.73
C GLN X 120 -92.04 -23.86 12.81
N ALA X 121 -92.69 -23.07 13.66
CA ALA X 121 -91.95 -22.37 14.70
C ALA X 121 -91.51 -23.35 15.79
N PRO X 122 -90.27 -23.27 16.22
CA PRO X 122 -89.80 -24.18 17.28
C PRO X 122 -90.40 -23.81 18.61
N THR X 123 -90.36 -24.76 19.52
CA THR X 123 -90.73 -24.53 20.91
C THR X 123 -89.61 -25.05 21.79
N PRO X 124 -89.41 -24.47 22.97
CA PRO X 124 -88.28 -24.90 23.81
C PRO X 124 -88.22 -26.40 24.03
N GLN X 125 -89.36 -27.03 24.31
CA GLN X 125 -89.35 -28.46 24.56
C GLN X 125 -88.74 -29.21 23.38
N THR X 126 -88.87 -28.65 22.18
CA THR X 126 -88.24 -29.26 21.02
C THR X 126 -86.76 -28.91 20.95
N ILE X 127 -86.39 -27.69 21.34
CA ILE X 127 -85.00 -27.30 21.16
C ILE X 127 -84.11 -27.98 22.19
N PHE X 128 -84.64 -28.25 23.37
CA PHE X 128 -83.88 -28.86 24.44
C PHE X 128 -84.58 -30.14 24.85
N ALA X 129 -83.86 -31.26 24.81
CA ALA X 129 -84.44 -32.49 25.28
C ALA X 129 -84.38 -32.52 26.80
N TYR X 130 -85.53 -32.53 27.44
CA TYR X 130 -85.49 -32.59 28.89
C TYR X 130 -86.60 -33.48 29.40
N PRO X 131 -86.34 -34.28 30.41
CA PRO X 131 -87.41 -35.04 31.05
C PRO X 131 -88.38 -34.11 31.77
N ASP X 132 -89.59 -34.61 31.99
CA ASP X 132 -90.62 -33.80 32.63
C ASP X 132 -90.19 -33.39 34.02
N THR X 133 -89.38 -34.23 34.68
CA THR X 133 -88.92 -33.91 36.02
C THR X 133 -88.15 -32.60 36.08
N LEU X 134 -87.24 -32.39 35.16
CA LEU X 134 -86.40 -31.20 35.17
C LEU X 134 -87.14 -29.95 34.74
N LYS X 135 -88.39 -30.05 34.31
CA LYS X 135 -89.11 -28.88 33.84
C LYS X 135 -89.13 -27.78 34.88
N ALA X 136 -89.08 -28.15 36.15
CA ALA X 136 -89.03 -27.15 37.22
C ALA X 136 -87.82 -26.25 37.06
N TRP X 137 -86.62 -26.83 37.01
CA TRP X 137 -85.46 -25.97 37.08
C TRP X 137 -84.85 -25.86 35.69
N PRO X 138 -85.05 -24.75 35.00
CA PRO X 138 -84.52 -24.67 33.64
C PRO X 138 -83.01 -24.57 33.61
N ALA X 139 -82.43 -23.89 34.59
CA ALA X 139 -81.05 -23.47 34.48
C ALA X 139 -80.10 -24.62 34.25
N THR X 140 -80.55 -25.85 34.46
CA THR X 140 -79.74 -27.02 34.17
C THR X 140 -79.87 -27.47 32.73
N TRP X 141 -80.85 -26.98 31.99
CA TRP X 141 -81.02 -27.43 30.62
C TRP X 141 -79.75 -27.16 29.83
N LYS X 142 -79.47 -28.05 28.89
CA LYS X 142 -78.41 -27.81 27.92
C LYS X 142 -78.85 -28.38 26.58
N VAL X 143 -78.15 -27.94 25.53
CA VAL X 143 -78.56 -28.27 24.17
C VAL X 143 -78.55 -29.78 23.98
N SER X 144 -79.59 -30.29 23.34
CA SER X 144 -79.71 -31.72 23.11
C SER X 144 -78.70 -32.18 22.05
N ARG X 145 -78.30 -33.45 22.14
CA ARG X 145 -77.22 -33.93 21.27
C ARG X 145 -77.70 -34.26 19.87
N GLU X 146 -78.96 -34.65 19.72
CA GLU X 146 -79.46 -35.02 18.40
C GLU X 146 -79.30 -33.88 17.42
N LEU X 147 -79.55 -32.66 17.87
CA LEU X 147 -79.51 -31.48 17.02
C LEU X 147 -78.15 -30.79 17.07
N CYS X 148 -77.17 -31.42 17.70
CA CYS X 148 -75.93 -30.79 18.13
C CYS X 148 -75.34 -29.86 17.09
N HIS X 149 -75.39 -30.26 15.82
CA HIS X 149 -74.87 -29.38 14.78
C HIS X 149 -75.94 -28.48 14.17
N ARG X 150 -77.21 -28.67 14.51
CA ARG X 150 -78.22 -27.82 13.91
C ARG X 150 -78.35 -26.49 14.64
N PHE X 151 -78.06 -26.45 15.93
CA PHE X 151 -78.22 -25.25 16.73
C PHE X 151 -76.94 -24.94 17.49
N VAL X 152 -76.87 -23.71 18.00
CA VAL X 152 -75.77 -23.29 18.84
C VAL X 152 -76.23 -22.09 19.65
N VAL X 153 -75.56 -21.81 20.75
CA VAL X 153 -75.92 -20.71 21.63
C VAL X 153 -74.70 -19.82 21.78
N LYS X 154 -74.81 -18.59 21.28
CA LYS X 154 -73.65 -17.71 21.28
C LYS X 154 -73.58 -16.80 22.50
N ARG X 155 -74.63 -16.74 23.31
CA ARG X 155 -74.61 -15.95 24.53
C ARG X 155 -75.48 -16.61 25.58
N ARG X 156 -75.27 -16.19 26.83
CA ARG X 156 -76.04 -16.71 27.95
C ARG X 156 -76.10 -15.63 29.02
N TRP X 157 -77.20 -15.61 29.76
CA TRP X 157 -77.28 -14.69 30.88
C TRP X 157 -78.11 -15.30 32.00
N LEU X 158 -77.84 -14.84 33.22
CA LEU X 158 -78.56 -15.27 34.39
C LEU X 158 -79.17 -14.07 35.11
N PHE X 159 -80.24 -14.36 35.85
CA PHE X 159 -80.85 -13.37 36.72
C PHE X 159 -81.65 -14.13 37.75
N ASN X 160 -81.97 -13.45 38.84
CA ASN X 160 -82.74 -14.07 39.89
C ASN X 160 -83.70 -13.06 40.48
N MET X 161 -84.81 -13.56 41.00
CA MET X 161 -85.86 -12.73 41.55
C MET X 161 -86.65 -13.55 42.56
N GLU X 162 -87.41 -12.85 43.38
CA GLU X 162 -88.15 -13.52 44.45
C GLU X 162 -89.34 -12.68 44.83
N THR X 163 -90.30 -13.31 45.48
CA THR X 163 -91.49 -12.64 45.95
C THR X 163 -91.79 -13.06 47.37
N ASP X 164 -92.32 -12.12 48.14
CA ASP X 164 -92.63 -12.34 49.53
C ASP X 164 -94.08 -12.71 49.77
N GLY X 165 -94.90 -12.76 48.72
CA GLY X 165 -96.31 -13.00 48.89
C GLY X 165 -97.14 -11.78 49.18
N ARG X 166 -96.74 -10.62 48.68
CA ARG X 166 -97.49 -9.40 48.93
C ARG X 166 -97.54 -8.57 47.65
N ILE X 167 -98.74 -8.16 47.25
CA ILE X 167 -98.90 -7.33 46.07
C ILE X 167 -98.55 -5.90 46.42
N GLY X 168 -98.11 -5.13 45.43
CA GLY X 168 -97.63 -3.79 45.70
C GLY X 168 -98.69 -2.88 46.29
N SER X 169 -99.89 -2.90 45.72
CA SER X 169 -100.93 -1.95 46.11
C SER X 169 -101.39 -2.13 47.55
N ASP X 170 -100.95 -3.17 48.24
CA ASP X 170 -101.43 -3.45 49.59
C ASP X 170 -100.80 -2.51 50.60
N ILE X 171 -101.62 -1.94 51.46
CA ILE X 171 -101.16 -0.99 52.48
C ILE X 171 -100.63 -1.74 53.70
N PRO X 172 -99.41 -1.50 54.13
CA PRO X 172 -98.93 -2.09 55.37
C PRO X 172 -99.77 -1.63 56.53
N PRO X 173 -100.01 -2.50 57.51
CA PRO X 173 -100.65 -2.06 58.75
C PRO X 173 -99.70 -1.18 59.54
N SER X 174 -100.27 -0.28 60.32
CA SER X 174 -99.49 0.70 61.04
C SER X 174 -98.57 0.10 62.10
N ASN X 175 -98.70 -1.19 62.40
CA ASN X 175 -97.90 -1.78 63.45
C ASN X 175 -96.48 -2.10 63.00
N ALA X 176 -96.33 -2.77 61.86
CA ALA X 176 -95.04 -3.31 61.45
C ALA X 176 -94.84 -3.09 59.97
N SER X 177 -93.63 -3.36 59.50
CA SER X 177 -93.26 -3.07 58.12
C SER X 177 -92.55 -4.21 57.41
N TRP X 178 -92.07 -3.96 56.20
CA TRP X 178 -91.35 -4.96 55.43
C TRP X 178 -90.22 -4.30 54.66
N LYS X 179 -89.17 -5.07 54.40
CA LYS X 179 -88.15 -4.68 53.43
C LYS X 179 -88.29 -5.62 52.25
N PRO X 180 -88.91 -5.21 51.17
CA PRO X 180 -89.03 -6.11 50.01
C PRO X 180 -87.99 -5.85 48.95
N CYS X 181 -86.71 -6.00 49.29
CA CYS X 181 -85.67 -5.80 48.30
C CYS X 181 -85.84 -6.78 47.14
N LYS X 182 -85.61 -6.28 45.93
CA LYS X 182 -85.62 -7.10 44.73
C LYS X 182 -86.95 -7.81 44.53
N ARG X 183 -88.04 -7.04 44.59
CA ARG X 183 -89.29 -7.55 44.03
C ARG X 183 -89.27 -7.45 42.51
N ASN X 184 -88.80 -6.33 41.98
CA ASN X 184 -88.64 -6.16 40.56
C ASN X 184 -87.20 -5.78 40.26
N ILE X 185 -86.80 -5.91 39.00
CA ILE X 185 -85.39 -5.84 38.65
C ILE X 185 -85.25 -5.14 37.30
N TYR X 186 -84.10 -4.49 37.13
CA TYR X 186 -83.76 -3.76 35.91
C TYR X 186 -82.63 -4.49 35.22
N PHE X 187 -82.89 -5.02 34.03
CA PHE X 187 -81.94 -5.88 33.34
C PHE X 187 -81.54 -5.27 32.01
N HIS X 188 -80.23 -5.21 31.77
CA HIS X 188 -79.73 -4.68 30.50
C HIS X 188 -78.38 -5.28 30.21
N LYS X 189 -78.10 -5.48 28.93
CA LYS X 189 -76.81 -5.96 28.48
C LYS X 189 -76.49 -5.33 27.14
N PHE X 190 -75.20 -5.25 26.84
CA PHE X 190 -74.72 -4.67 25.60
C PHE X 190 -73.54 -5.49 25.13
N THR X 191 -73.58 -5.97 23.89
CA THR X 191 -72.50 -6.82 23.42
C THR X 191 -72.22 -6.61 21.94
N SER X 192 -70.95 -6.46 21.59
CA SER X 192 -70.52 -6.30 20.21
C SER X 192 -69.98 -7.57 19.57
N GLY X 193 -69.90 -8.66 20.33
CA GLY X 193 -69.05 -9.76 19.88
C GLY X 193 -69.61 -10.49 18.67
N LEU X 194 -70.89 -10.81 18.70
CA LEU X 194 -71.43 -11.78 17.76
C LEU X 194 -71.41 -11.24 16.34
N GLY X 195 -71.53 -12.16 15.40
CA GLY X 195 -71.85 -11.80 14.03
C GLY X 195 -72.59 -12.95 13.39
N VAL X 196 -73.43 -12.63 12.42
CA VAL X 196 -74.36 -13.61 11.85
C VAL X 196 -74.52 -13.31 10.38
N ARG X 197 -74.59 -14.38 9.58
CA ARG X 197 -74.77 -14.26 8.15
C ARG X 197 -76.13 -14.83 7.77
N THR X 198 -76.94 -14.03 7.08
CA THR X 198 -78.30 -14.43 6.76
C THR X 198 -78.59 -14.17 5.29
N GLN X 199 -79.37 -15.06 4.69
CA GLN X 199 -79.85 -14.88 3.33
C GLN X 199 -81.35 -15.12 3.30
N TRP X 200 -81.99 -14.64 2.25
CA TRP X 200 -83.44 -14.55 2.21
C TRP X 200 -83.99 -15.15 0.93
N LYS X 201 -85.14 -15.79 1.04
CA LYS X 201 -85.95 -16.04 -0.13
C LYS X 201 -86.48 -14.72 -0.66
N ASN X 202 -86.92 -14.71 -1.91
CA ASN X 202 -87.33 -13.47 -2.53
C ASN X 202 -88.82 -13.29 -2.31
N VAL X 203 -89.16 -12.36 -1.40
CA VAL X 203 -90.52 -11.93 -1.13
C VAL X 203 -90.42 -10.55 -0.50
N THR X 204 -91.57 -9.94 -0.19
CA THR X 204 -91.56 -8.69 0.55
C THR X 204 -91.45 -8.93 2.04
N ASP X 205 -92.07 -10.00 2.52
CA ASP X 205 -92.41 -10.12 3.93
C ASP X 205 -91.16 -10.26 4.80
N GLY X 206 -91.33 -9.94 6.07
CA GLY X 206 -90.31 -10.14 7.08
C GLY X 206 -90.57 -11.27 8.04
N GLY X 207 -91.56 -12.11 7.79
CA GLY X 207 -91.87 -13.21 8.68
C GLY X 207 -90.81 -14.29 8.66
N VAL X 208 -91.06 -15.32 9.46
CA VAL X 208 -90.09 -16.41 9.56
C VAL X 208 -90.04 -17.23 8.28
N GLY X 209 -91.18 -17.44 7.61
CA GLY X 209 -91.20 -18.29 6.44
C GLY X 209 -90.29 -17.83 5.32
N ALA X 210 -89.85 -16.58 5.35
CA ALA X 210 -89.05 -16.04 4.27
C ALA X 210 -87.59 -16.47 4.37
N ILE X 211 -87.07 -16.67 5.56
CA ILE X 211 -85.63 -16.80 5.74
C ILE X 211 -85.17 -18.15 5.20
N GLN X 212 -84.12 -18.12 4.38
CA GLN X 212 -83.52 -19.37 3.90
C GLN X 212 -82.56 -19.95 4.93
N ARG X 213 -81.72 -19.11 5.54
CA ARG X 213 -80.71 -19.61 6.44
C ARG X 213 -80.32 -18.50 7.42
N GLY X 214 -79.88 -18.88 8.62
CA GLY X 214 -79.37 -17.93 9.59
C GLY X 214 -80.36 -17.27 10.52
N ALA X 215 -81.43 -17.96 10.89
CA ALA X 215 -82.39 -17.37 11.81
C ALA X 215 -81.77 -17.17 13.18
N LEU X 216 -82.39 -16.29 13.96
CA LEU X 216 -81.88 -15.91 15.28
C LEU X 216 -83.02 -15.87 16.26
N TYR X 217 -82.94 -16.68 17.32
CA TYR X 217 -84.02 -16.81 18.28
C TYR X 217 -83.62 -16.25 19.64
N MET X 218 -84.62 -15.79 20.38
CA MET X 218 -84.48 -15.38 21.77
C MET X 218 -85.43 -16.19 22.62
N VAL X 219 -84.97 -16.61 23.79
CA VAL X 219 -85.74 -17.51 24.64
C VAL X 219 -85.66 -17.02 26.08
N ILE X 220 -86.79 -17.10 26.79
CA ILE X 220 -86.86 -16.70 28.19
C ILE X 220 -87.30 -17.90 29.00
N ALA X 221 -86.58 -18.16 30.09
CA ALA X 221 -86.87 -19.30 30.95
C ALA X 221 -87.24 -18.81 32.34
N PRO X 222 -88.46 -19.05 32.80
CA PRO X 222 -88.86 -18.59 34.11
C PRO X 222 -88.25 -19.43 35.22
N GLY X 223 -88.27 -18.88 36.42
CA GLY X 223 -87.89 -19.65 37.60
C GLY X 223 -88.96 -20.65 37.97
N ASN X 224 -88.60 -21.54 38.90
CA ASN X 224 -89.51 -22.60 39.31
C ASN X 224 -90.83 -22.02 39.81
N GLY X 225 -91.93 -22.48 39.22
CA GLY X 225 -93.26 -22.10 39.67
C GLY X 225 -93.43 -20.61 39.83
N LEU X 226 -92.74 -19.83 39.01
CA LEU X 226 -92.76 -18.37 39.11
C LEU X 226 -93.02 -17.78 37.74
N THR X 227 -94.16 -17.10 37.59
CA THR X 227 -94.57 -16.55 36.31
C THR X 227 -94.56 -15.03 36.38
N PHE X 228 -94.20 -14.40 35.27
CA PHE X 228 -94.07 -12.95 35.27
C PHE X 228 -94.22 -12.44 33.84
N THR X 229 -94.40 -11.13 33.74
CA THR X 229 -94.40 -10.43 32.47
C THR X 229 -93.29 -9.39 32.49
N ALA X 230 -92.89 -8.93 31.30
CA ALA X 230 -91.77 -8.03 31.15
C ALA X 230 -92.14 -6.88 30.23
N HIS X 231 -91.47 -5.75 30.45
CA HIS X 231 -91.63 -4.58 29.60
C HIS X 231 -90.25 -4.13 29.14
N GLY X 232 -90.20 -3.48 28.00
CA GLY X 232 -88.96 -2.91 27.52
C GLY X 232 -88.92 -2.90 26.00
N GLN X 233 -87.74 -2.61 25.47
CA GLN X 233 -87.52 -2.54 24.05
C GLN X 233 -86.05 -2.80 23.75
N THR X 234 -85.76 -3.13 22.51
CA THR X 234 -84.42 -3.50 22.11
C THR X 234 -84.07 -2.86 20.78
N ARG X 235 -82.78 -2.82 20.48
CA ARG X 235 -82.31 -2.32 19.21
C ARG X 235 -81.38 -3.32 18.55
N LEU X 236 -81.19 -3.14 17.25
CA LEU X 236 -80.28 -3.96 16.47
C LEU X 236 -79.39 -3.08 15.61
N TYR X 237 -78.37 -3.69 15.04
CA TYR X 237 -77.43 -2.98 14.18
C TYR X 237 -77.01 -3.91 13.05
N PHE X 238 -77.06 -3.43 11.82
CA PHE X 238 -76.71 -4.28 10.69
C PHE X 238 -76.50 -3.41 9.46
N LYS X 239 -76.12 -4.06 8.37
CA LYS X 239 -76.07 -3.41 7.06
C LYS X 239 -76.26 -4.45 5.98
N SER X 240 -76.92 -4.06 4.90
CA SER X 240 -77.07 -4.94 3.76
C SER X 240 -75.76 -5.01 3.00
N VAL X 241 -75.62 -6.07 2.20
CA VAL X 241 -74.44 -6.25 1.35
C VAL X 241 -74.81 -7.21 0.24
N GLY X 242 -74.03 -7.21 -0.83
CA GLY X 242 -74.17 -8.16 -1.91
C GLY X 242 -74.83 -7.55 -3.13
N ASN X 243 -74.91 -8.37 -4.17
CA ASN X 243 -75.53 -7.99 -5.44
C ASN X 243 -74.91 -6.71 -5.99
N ALA Y 31 -54.04 -21.99 27.15
CA ALA Y 31 -55.39 -21.99 27.70
C ALA Y 31 -56.12 -23.27 27.34
N GLY Y 32 -55.85 -24.33 28.07
CA GLY Y 32 -56.45 -25.63 27.82
C GLY Y 32 -55.53 -26.75 28.25
N SER Y 33 -55.99 -27.98 28.03
CA SER Y 33 -55.16 -29.13 28.37
C SER Y 33 -55.13 -30.15 27.25
N LYS Y 34 -53.97 -30.33 26.63
CA LYS Y 34 -53.74 -31.35 25.60
C LYS Y 34 -54.86 -31.37 24.57
N ALA Y 35 -55.33 -30.18 24.19
CA ALA Y 35 -56.38 -30.08 23.21
C ALA Y 35 -55.90 -30.59 21.86
N ASP Y 36 -56.80 -31.17 21.10
CA ASP Y 36 -56.49 -31.78 19.81
C ASP Y 36 -57.58 -31.41 18.81
N ARG Y 37 -57.15 -31.13 17.58
CA ARG Y 37 -58.06 -30.60 16.55
C ARG Y 37 -59.31 -31.45 16.34
N PRO Y 38 -59.24 -32.77 16.22
CA PRO Y 38 -60.48 -33.54 16.14
C PRO Y 38 -61.24 -33.48 17.46
N SER Y 39 -62.54 -33.70 17.37
CA SER Y 39 -63.42 -33.60 18.53
C SER Y 39 -63.09 -34.70 19.54
N LEU Y 40 -63.54 -34.50 20.76
CA LEU Y 40 -63.30 -35.43 21.86
C LEU Y 40 -64.60 -36.07 22.30
N GLN Y 41 -64.50 -37.29 22.80
CA GLN Y 41 -65.70 -38.04 23.14
C GLN Y 41 -66.41 -37.41 24.34
N ILE Y 42 -67.68 -37.76 24.50
CA ILE Y 42 -68.53 -37.18 25.52
C ILE Y 42 -69.26 -38.28 26.28
N GLN Y 43 -69.33 -38.14 27.59
CA GLN Y 43 -70.13 -39.02 28.43
C GLN Y 43 -70.94 -38.18 29.41
N THR Y 44 -72.15 -38.63 29.70
CA THR Y 44 -73.07 -37.89 30.54
C THR Y 44 -73.58 -38.77 31.68
N LEU Y 45 -74.15 -38.11 32.68
CA LEU Y 45 -74.82 -38.80 33.77
C LEU Y 45 -76.16 -38.13 34.00
N GLN Y 46 -77.13 -38.92 34.41
CA GLN Y 46 -78.49 -38.44 34.61
C GLN Y 46 -78.88 -38.69 36.06
N HIS Y 47 -79.02 -37.62 36.83
CA HIS Y 47 -79.51 -37.73 38.20
C HIS Y 47 -80.76 -36.88 38.30
N ALA Y 48 -81.91 -37.55 38.45
CA ALA Y 48 -83.20 -36.87 38.47
C ALA Y 48 -84.26 -37.93 38.68
N GLY Y 49 -85.44 -37.47 39.07
CA GLY Y 49 -86.58 -38.38 39.19
C GLY Y 49 -86.28 -39.51 40.13
N THR Y 50 -86.37 -40.74 39.61
CA THR Y 50 -86.06 -41.92 40.41
C THR Y 50 -84.67 -41.84 41.02
N THR Y 51 -83.69 -41.35 40.25
CA THR Y 51 -82.33 -41.25 40.74
C THR Y 51 -82.09 -39.82 41.16
N MET Y 52 -82.06 -39.59 42.47
CA MET Y 52 -81.70 -38.30 43.04
C MET Y 52 -80.71 -38.56 44.14
N ILE Y 53 -79.49 -38.05 43.99
CA ILE Y 53 -78.52 -38.20 45.05
C ILE Y 53 -79.11 -37.62 46.32
N THR Y 54 -79.16 -38.43 47.37
CA THR Y 54 -79.75 -38.04 48.64
C THR Y 54 -78.76 -38.33 49.75
N VAL Y 55 -78.42 -37.30 50.52
CA VAL Y 55 -77.30 -37.42 51.45
C VAL Y 55 -77.75 -37.28 52.89
N PRO Y 56 -77.74 -38.36 53.65
CA PRO Y 56 -77.83 -38.24 55.11
C PRO Y 56 -76.50 -37.76 55.67
N SER Y 57 -76.55 -37.31 56.92
CA SER Y 57 -75.35 -36.80 57.60
C SER Y 57 -74.23 -37.82 57.51
N GLY Y 58 -73.04 -37.35 57.15
CA GLY Y 58 -71.91 -38.23 56.95
C GLY Y 58 -71.53 -38.46 55.51
N GLY Y 59 -72.22 -37.85 54.56
CA GLY Y 59 -71.81 -37.89 53.18
C GLY Y 59 -72.08 -39.23 52.51
N VAL Y 60 -71.76 -39.28 51.23
CA VAL Y 60 -71.93 -40.50 50.45
C VAL Y 60 -70.81 -40.58 49.42
N CYS Y 61 -70.34 -41.79 49.20
CA CYS Y 61 -69.27 -42.07 48.26
C CYS Y 61 -69.89 -42.48 46.93
N ASP Y 62 -69.24 -42.11 45.83
CA ASP Y 62 -69.72 -42.47 44.52
C ASP Y 62 -68.57 -42.42 43.52
N LEU Y 63 -68.76 -43.10 42.40
CA LEU Y 63 -67.79 -43.11 41.31
C LEU Y 63 -68.43 -42.57 40.05
N ILE Y 64 -67.83 -41.55 39.45
CA ILE Y 64 -68.36 -40.92 38.26
C ILE Y 64 -67.67 -41.37 36.99
N ASN Y 65 -66.66 -42.22 37.07
CA ASN Y 65 -65.83 -42.46 35.91
C ASN Y 65 -66.30 -43.65 35.08
N THR Y 66 -67.44 -44.24 35.42
CA THR Y 66 -67.92 -45.45 34.76
C THR Y 66 -67.98 -45.29 33.24
N TYR Y 67 -67.44 -46.29 32.55
CA TYR Y 67 -67.43 -46.33 31.09
C TYR Y 67 -67.71 -47.75 30.64
N ALA Y 68 -68.62 -47.92 29.69
CA ALA Y 68 -68.77 -49.22 29.06
C ALA Y 68 -67.76 -49.36 27.92
N ARG Y 69 -67.75 -50.53 27.29
CA ARG Y 69 -66.92 -50.78 26.12
C ARG Y 69 -67.79 -51.38 25.04
N GLY Y 70 -67.64 -50.87 23.82
CA GLY Y 70 -68.42 -51.39 22.71
C GLY Y 70 -68.42 -50.44 21.55
N SER Y 71 -69.45 -50.58 20.73
CA SER Y 71 -69.55 -49.79 19.51
C SER Y 71 -70.03 -48.37 19.80
N ASP Y 72 -70.94 -48.23 20.76
CA ASP Y 72 -71.61 -46.96 20.97
C ASP Y 72 -70.63 -45.86 21.33
N GLU Y 73 -70.90 -44.67 20.82
CA GLU Y 73 -70.07 -43.51 21.15
C GLU Y 73 -70.21 -43.18 22.63
N GLY Y 74 -69.10 -42.79 23.23
CA GLY Y 74 -69.09 -42.50 24.65
C GLY Y 74 -68.56 -43.68 25.44
N ASN Y 75 -68.68 -44.87 24.87
CA ASN Y 75 -68.03 -46.01 25.49
C ASN Y 75 -66.57 -46.05 25.08
N ARG Y 76 -65.76 -46.67 25.92
CA ARG Y 76 -64.33 -46.70 25.67
C ARG Y 76 -63.98 -47.79 24.67
N HIS Y 77 -63.16 -47.43 23.68
CA HIS Y 77 -62.75 -48.38 22.66
C HIS Y 77 -61.55 -49.21 23.06
N THR Y 78 -60.79 -48.78 24.07
CA THR Y 78 -59.53 -49.44 24.35
C THR Y 78 -59.43 -49.84 25.81
N SER Y 79 -58.25 -50.29 26.22
CA SER Y 79 -58.03 -50.61 27.62
C SER Y 79 -57.37 -49.47 28.38
N GLU Y 80 -57.11 -48.35 27.72
CA GLU Y 80 -56.38 -47.24 28.33
C GLU Y 80 -57.10 -45.93 28.04
N THR Y 81 -57.39 -45.17 29.09
CA THR Y 81 -58.19 -43.95 28.95
C THR Y 81 -57.58 -42.81 29.75
N LEU Y 82 -57.57 -41.64 29.13
CA LEU Y 82 -57.22 -40.39 29.80
C LEU Y 82 -58.43 -39.48 29.79
N THR Y 83 -58.64 -38.76 30.89
CA THR Y 83 -59.70 -37.77 30.96
C THR Y 83 -59.11 -36.39 31.13
N TYR Y 84 -59.84 -35.37 30.68
CA TYR Y 84 -59.30 -34.02 30.72
C TYR Y 84 -60.19 -33.03 31.45
N LYS Y 85 -61.27 -32.62 30.80
CA LYS Y 85 -62.07 -31.50 31.26
C LYS Y 85 -63.40 -32.02 31.78
N ILE Y 86 -63.90 -31.37 32.83
CA ILE Y 86 -65.15 -31.78 33.46
C ILE Y 86 -65.95 -30.54 33.82
N ALA Y 87 -67.25 -30.61 33.61
CA ALA Y 87 -68.15 -29.53 33.98
C ALA Y 87 -69.29 -30.12 34.80
N ILE Y 88 -69.73 -29.38 35.80
CA ILE Y 88 -70.71 -29.88 36.74
C ILE Y 88 -71.81 -28.85 36.91
N ASP Y 89 -73.06 -29.30 36.82
CA ASP Y 89 -74.22 -28.48 37.11
C ASP Y 89 -75.15 -29.25 38.02
N TYR Y 90 -75.75 -28.57 38.98
CA TYR Y 90 -76.77 -29.18 39.80
C TYR Y 90 -77.72 -28.14 40.34
N HIS Y 91 -78.85 -28.62 40.82
CA HIS Y 91 -79.69 -27.85 41.72
C HIS Y 91 -79.67 -28.50 43.09
N PHE Y 92 -79.72 -27.68 44.13
CA PHE Y 92 -79.88 -28.15 45.49
C PHE Y 92 -81.21 -27.67 46.04
N VAL Y 93 -81.75 -28.42 46.99
CA VAL Y 93 -82.91 -27.97 47.75
C VAL Y 93 -82.87 -28.62 49.12
N ALA Y 94 -83.28 -27.87 50.13
CA ALA Y 94 -83.36 -28.44 51.47
C ALA Y 94 -84.48 -29.47 51.52
N ASP Y 95 -84.36 -30.37 52.49
CA ASP Y 95 -85.40 -31.37 52.71
C ASP Y 95 -86.28 -30.92 53.86
N ALA Y 96 -87.59 -31.11 53.69
CA ALA Y 96 -88.53 -30.75 54.74
C ALA Y 96 -88.25 -31.51 56.02
N ALA Y 97 -87.69 -32.72 55.91
CA ALA Y 97 -87.38 -33.52 57.10
C ALA Y 97 -86.53 -32.74 58.09
N ALA Y 98 -85.60 -31.93 57.60
CA ALA Y 98 -84.76 -31.11 58.47
C ALA Y 98 -85.28 -29.69 58.62
N CYS Y 99 -86.36 -29.33 57.93
CA CYS Y 99 -86.87 -27.97 58.04
C CYS Y 99 -87.56 -27.70 59.37
N ARG Y 100 -87.74 -28.72 60.20
CA ARG Y 100 -88.36 -28.50 61.51
C ARG Y 100 -87.50 -27.66 62.43
N TYR Y 101 -86.27 -27.36 62.04
CA TYR Y 101 -85.37 -26.52 62.81
C TYR Y 101 -84.92 -25.36 61.93
N SER Y 102 -84.34 -24.34 62.57
CA SER Y 102 -83.85 -23.17 61.84
C SER Y 102 -82.40 -22.94 62.24
N ASN Y 103 -81.49 -23.18 61.30
CA ASN Y 103 -80.10 -22.78 61.45
C ASN Y 103 -79.47 -22.77 60.07
N THR Y 104 -78.34 -22.12 59.97
CA THR Y 104 -77.55 -22.19 58.76
C THR Y 104 -76.57 -23.33 58.86
N GLY Y 105 -75.64 -23.39 57.93
CA GLY Y 105 -74.60 -24.40 57.95
C GLY Y 105 -73.64 -24.17 56.81
N THR Y 106 -72.77 -25.15 56.59
CA THR Y 106 -71.84 -25.09 55.48
C THR Y 106 -71.60 -26.49 54.94
N GLY Y 107 -71.63 -26.61 53.61
CA GLY Y 107 -71.39 -27.87 52.94
C GLY Y 107 -70.06 -27.88 52.21
N VAL Y 108 -69.72 -29.06 51.69
CA VAL Y 108 -68.44 -29.31 51.04
C VAL Y 108 -68.63 -30.31 49.92
N MET Y 109 -67.92 -30.09 48.82
CA MET Y 109 -67.84 -31.04 47.73
C MET Y 109 -66.38 -31.24 47.38
N TRP Y 110 -65.92 -32.48 47.39
CA TRP Y 110 -64.55 -32.79 47.00
C TRP Y 110 -64.52 -33.60 45.72
N LEU Y 111 -63.40 -33.51 45.04
CA LEU Y 111 -63.10 -34.36 43.90
C LEU Y 111 -61.85 -35.14 44.25
N VAL Y 112 -62.00 -36.45 44.48
CA VAL Y 112 -60.95 -37.27 45.08
C VAL Y 112 -60.45 -38.28 44.06
N TYR Y 113 -59.15 -38.35 43.91
CA TYR Y 113 -58.51 -39.29 43.00
C TYR Y 113 -57.90 -40.46 43.78
N ASP Y 114 -57.97 -41.64 43.18
CA ASP Y 114 -57.51 -42.86 43.80
C ASP Y 114 -56.36 -43.46 43.00
N THR Y 115 -55.55 -44.26 43.68
CA THR Y 115 -54.53 -45.04 43.00
C THR Y 115 -55.02 -46.45 42.74
N THR Y 116 -55.11 -47.27 43.78
CA THR Y 116 -55.58 -48.64 43.66
C THR Y 116 -56.84 -48.80 44.48
N PRO Y 117 -57.99 -49.05 43.85
CA PRO Y 117 -59.21 -49.24 44.64
C PRO Y 117 -59.23 -50.61 45.28
N GLY Y 118 -59.80 -50.69 46.46
CA GLY Y 118 -60.04 -51.97 47.07
C GLY Y 118 -61.13 -52.72 46.35
N GLY Y 119 -61.33 -53.98 46.77
CA GLY Y 119 -62.43 -54.76 46.23
C GLY Y 119 -63.79 -54.26 46.65
N GLN Y 120 -63.85 -53.46 47.72
CA GLN Y 120 -65.10 -52.96 48.25
C GLN Y 120 -65.17 -51.45 48.10
N ALA Y 121 -66.38 -50.93 48.06
CA ALA Y 121 -66.57 -49.50 47.86
C ALA Y 121 -66.19 -48.73 49.12
N PRO Y 122 -65.42 -47.66 48.99
CA PRO Y 122 -65.04 -46.89 50.18
C PRO Y 122 -66.23 -46.12 50.72
N THR Y 123 -66.10 -45.70 51.97
CA THR Y 123 -67.05 -44.82 52.59
C THR Y 123 -66.28 -43.67 53.22
N PRO Y 124 -66.88 -42.48 53.32
CA PRO Y 124 -66.13 -41.34 53.85
C PRO Y 124 -65.45 -41.60 55.16
N GLN Y 125 -66.14 -42.25 56.11
CA GLN Y 125 -65.53 -42.51 57.40
C GLN Y 125 -64.22 -43.27 57.25
N THR Y 126 -64.12 -44.07 56.19
CA THR Y 126 -62.87 -44.76 55.93
C THR Y 126 -61.86 -43.86 55.25
N ILE Y 127 -62.32 -42.95 54.39
CA ILE Y 127 -61.36 -42.17 53.63
C ILE Y 127 -60.74 -41.08 54.51
N PHE Y 128 -61.49 -40.59 55.48
CA PHE Y 128 -61.04 -39.54 56.37
C PHE Y 128 -61.13 -40.04 57.79
N ALA Y 129 -60.02 -40.00 58.51
CA ALA Y 129 -60.06 -40.38 59.91
C ALA Y 129 -60.60 -39.22 60.71
N TYR Y 130 -61.74 -39.40 61.33
CA TYR Y 130 -62.27 -38.32 62.12
C TYR Y 130 -62.90 -38.87 63.39
N PRO Y 131 -62.71 -38.20 64.52
CA PRO Y 131 -63.44 -38.58 65.73
C PRO Y 131 -64.93 -38.31 65.57
N ASP Y 132 -65.72 -39.01 66.39
CA ASP Y 132 -67.16 -38.86 66.31
C ASP Y 132 -67.59 -37.44 66.61
N THR Y 133 -66.82 -36.74 67.44
CA THR Y 133 -67.16 -35.38 67.78
C THR Y 133 -67.21 -34.47 66.56
N LEU Y 134 -66.22 -34.56 65.68
CA LEU Y 134 -66.15 -33.70 64.52
C LEU Y 134 -67.17 -34.05 63.45
N LYS Y 135 -67.92 -35.14 63.60
CA LYS Y 135 -68.86 -35.54 62.57
C LYS Y 135 -69.82 -34.42 62.23
N ALA Y 136 -70.11 -33.54 63.18
CA ALA Y 136 -70.99 -32.41 62.92
C ALA Y 136 -70.42 -31.54 61.81
N TRP Y 137 -69.20 -31.06 61.97
CA TRP Y 137 -68.72 -30.07 61.03
C TRP Y 137 -67.75 -30.73 60.07
N PRO Y 138 -68.16 -31.01 58.85
CA PRO Y 138 -67.24 -31.69 57.93
C PRO Y 138 -66.11 -30.81 57.48
N ALA Y 139 -66.38 -29.52 57.31
CA ALA Y 139 -65.46 -28.67 56.57
C ALA Y 139 -64.07 -28.66 57.17
N THR Y 140 -63.92 -29.14 58.39
CA THR Y 140 -62.61 -29.26 59.00
C THR Y 140 -61.90 -30.55 58.63
N TRP Y 141 -62.61 -31.52 58.09
CA TRP Y 141 -61.98 -32.79 57.76
C TRP Y 141 -60.80 -32.57 56.84
N LYS Y 142 -59.78 -33.39 56.99
CA LYS Y 142 -58.68 -33.42 56.04
C LYS Y 142 -58.21 -34.85 55.90
N VAL Y 143 -57.47 -35.10 54.82
CA VAL Y 143 -57.08 -36.46 54.48
C VAL Y 143 -56.27 -37.08 55.61
N SER Y 144 -56.57 -38.32 55.94
CA SER Y 144 -55.87 -39.02 57.01
C SER Y 144 -54.46 -39.37 56.59
N ARG Y 145 -53.56 -39.46 57.57
CA ARG Y 145 -52.14 -39.64 57.26
C ARG Y 145 -51.79 -41.08 56.89
N GLU Y 146 -52.53 -42.04 57.43
CA GLU Y 146 -52.21 -43.44 57.16
C GLU Y 146 -52.24 -43.73 55.67
N LEU Y 147 -53.20 -43.15 54.97
CA LEU Y 147 -53.40 -43.39 53.56
C LEU Y 147 -52.71 -42.35 52.70
N CYS Y 148 -51.88 -41.49 53.31
CA CYS Y 148 -51.39 -40.25 52.73
C CYS Y 148 -50.97 -40.40 51.28
N HIS Y 149 -50.32 -41.51 50.95
CA HIS Y 149 -49.92 -41.71 49.57
C HIS Y 149 -50.93 -42.50 48.77
N ARG Y 150 -51.96 -43.06 49.40
CA ARG Y 150 -52.93 -43.82 48.63
C ARG Y 150 -53.97 -42.93 47.95
N PHE Y 151 -54.27 -41.78 48.54
CA PHE Y 151 -55.30 -40.90 48.01
C PHE Y 151 -54.76 -39.49 47.85
N VAL Y 152 -55.51 -38.68 47.10
CA VAL Y 152 -55.18 -37.27 46.94
C VAL Y 152 -56.45 -36.56 46.49
N VAL Y 153 -56.51 -35.25 46.69
CA VAL Y 153 -57.67 -34.45 46.34
C VAL Y 153 -57.22 -33.36 45.39
N LYS Y 154 -57.69 -33.40 44.16
CA LYS Y 154 -57.22 -32.45 43.17
C LYS Y 154 -58.10 -31.21 43.06
N ARG Y 155 -59.26 -31.20 43.68
CA ARG Y 155 -60.11 -30.02 43.68
C ARG Y 155 -60.90 -29.94 44.97
N ARG Y 156 -61.43 -28.76 45.24
CA ARG Y 156 -62.23 -28.53 46.43
C ARG Y 156 -63.23 -27.43 46.13
N TRP Y 157 -64.39 -27.49 46.77
CA TRP Y 157 -65.35 -26.41 46.62
C TRP Y 157 -66.14 -26.25 47.90
N LEU Y 158 -66.64 -25.04 48.10
CA LEU Y 158 -67.47 -24.70 49.24
C LEU Y 158 -68.81 -24.15 48.79
N PHE Y 159 -69.79 -24.30 49.67
CA PHE Y 159 -71.09 -23.69 49.46
C PHE Y 159 -71.76 -23.62 50.81
N ASN Y 160 -72.78 -22.78 50.91
CA ASN Y 160 -73.50 -22.63 52.16
C ASN Y 160 -74.98 -22.43 51.87
N MET Y 161 -75.80 -22.85 52.81
CA MET Y 161 -77.24 -22.77 52.67
C MET Y 161 -77.86 -22.74 54.06
N GLU Y 162 -79.12 -22.35 54.11
CA GLU Y 162 -79.79 -22.20 55.39
C GLU Y 162 -81.28 -22.33 55.18
N THR Y 163 -81.98 -22.61 56.28
CA THR Y 163 -83.42 -22.73 56.26
C THR Y 163 -84.02 -21.97 57.42
N ASP Y 164 -85.19 -21.41 57.18
CA ASP Y 164 -85.89 -20.61 58.18
C ASP Y 164 -86.93 -21.40 58.94
N GLY Y 165 -87.11 -22.67 58.62
CA GLY Y 165 -88.17 -23.44 59.25
C GLY Y 165 -89.53 -23.32 58.60
N ARG Y 166 -89.58 -23.10 57.29
CA ARG Y 166 -90.85 -22.97 56.60
C ARG Y 166 -90.78 -23.69 55.26
N ILE Y 167 -91.75 -24.55 55.01
CA ILE Y 167 -91.80 -25.28 53.75
C ILE Y 167 -92.37 -24.35 52.68
N GLY Y 168 -91.99 -24.60 51.42
CA GLY Y 168 -92.39 -23.70 50.36
C GLY Y 168 -93.89 -23.59 50.17
N SER Y 169 -94.59 -24.72 50.19
CA SER Y 169 -96.01 -24.73 49.86
C SER Y 169 -96.86 -23.97 50.87
N ASP Y 170 -96.28 -23.53 51.98
CA ASP Y 170 -97.06 -22.89 53.03
C ASP Y 170 -97.43 -21.47 52.64
N ILE Y 171 -98.70 -21.12 52.84
CA ILE Y 171 -99.20 -19.79 52.48
C ILE Y 171 -98.92 -18.81 53.62
N PRO Y 172 -98.25 -17.69 53.34
CA PRO Y 172 -98.08 -16.67 54.37
C PRO Y 172 -99.43 -16.13 54.81
N PRO Y 173 -99.59 -15.82 56.09
CA PRO Y 173 -100.79 -15.12 56.53
C PRO Y 173 -100.79 -13.70 56.01
N SER Y 174 -101.99 -13.17 55.82
CA SER Y 174 -102.15 -11.85 55.20
C SER Y 174 -101.56 -10.72 56.04
N ASN Y 175 -101.16 -10.98 57.28
CA ASN Y 175 -100.66 -9.90 58.13
C ASN Y 175 -99.22 -9.53 57.81
N ALA Y 176 -98.33 -10.51 57.73
CA ALA Y 176 -96.90 -10.22 57.65
C ALA Y 176 -96.26 -11.16 56.64
N SER Y 177 -94.99 -10.89 56.33
CA SER Y 177 -94.30 -11.62 55.27
C SER Y 177 -92.91 -12.09 55.67
N TRP Y 178 -92.17 -12.64 54.70
CA TRP Y 178 -90.82 -13.11 54.94
C TRP Y 178 -89.96 -12.83 53.73
N LYS Y 179 -88.66 -12.66 53.97
CA LYS Y 179 -87.67 -12.67 52.90
C LYS Y 179 -86.85 -13.93 53.08
N PRO Y 180 -87.10 -14.98 52.32
CA PRO Y 180 -86.30 -16.19 52.48
C PRO Y 180 -85.19 -16.30 51.46
N CYS Y 181 -84.25 -15.36 51.46
CA CYS Y 181 -83.14 -15.43 50.53
C CYS Y 181 -82.34 -16.71 50.76
N LYS Y 182 -81.92 -17.32 49.66
CA LYS Y 182 -81.05 -18.49 49.69
C LYS Y 182 -81.67 -19.64 50.48
N ARG Y 183 -82.92 -19.97 50.15
CA ARG Y 183 -83.40 -21.28 50.56
C ARG Y 183 -82.83 -22.38 49.68
N ASN Y 184 -82.80 -22.15 48.38
CA ASN Y 184 -82.18 -23.08 47.44
C ASN Y 184 -81.13 -22.34 46.64
N ILE Y 185 -80.26 -23.09 45.99
CA ILE Y 185 -79.05 -22.52 45.41
C ILE Y 185 -78.73 -23.22 44.09
N TYR Y 186 -78.09 -22.49 43.21
CA TYR Y 186 -77.69 -22.97 41.89
C TYR Y 186 -76.19 -23.06 41.85
N PHE Y 187 -75.66 -24.27 41.71
CA PHE Y 187 -74.23 -24.50 41.83
C PHE Y 187 -73.67 -25.08 40.54
N HIS Y 188 -72.59 -24.49 40.04
CA HIS Y 188 -71.95 -24.97 38.84
C HIS Y 188 -70.48 -24.60 38.86
N LYS Y 189 -69.66 -25.46 38.27
CA LYS Y 189 -68.24 -25.19 38.12
C LYS Y 189 -67.77 -25.82 36.82
N PHE Y 190 -66.69 -25.26 36.29
CA PHE Y 190 -66.09 -25.74 35.05
C PHE Y 190 -64.59 -25.66 35.20
N THR Y 191 -63.89 -26.76 34.95
CA THR Y 191 -62.45 -26.76 35.13
C THR Y 191 -61.75 -27.64 34.11
N SER Y 192 -60.68 -27.11 33.51
CA SER Y 192 -59.88 -27.84 32.54
C SER Y 192 -58.60 -28.40 33.12
N GLY Y 193 -58.30 -28.14 34.38
CA GLY Y 193 -56.94 -28.33 34.86
C GLY Y 193 -56.53 -29.79 34.94
N LEU Y 194 -57.39 -30.62 35.53
CA LEU Y 194 -56.96 -31.94 35.95
C LEU Y 194 -56.63 -32.81 34.75
N GLY Y 195 -55.90 -33.89 35.03
CA GLY Y 195 -55.78 -34.99 34.10
C GLY Y 195 -55.54 -36.26 34.88
N VAL Y 196 -55.97 -37.38 34.31
CA VAL Y 196 -55.99 -38.65 35.02
C VAL Y 196 -55.66 -39.75 34.04
N ARG Y 197 -54.88 -40.72 34.51
CA ARG Y 197 -54.50 -41.88 33.71
C ARG Y 197 -55.13 -43.12 34.30
N THR Y 198 -55.87 -43.87 33.47
CA THR Y 198 -56.62 -45.02 33.95
C THR Y 198 -56.38 -46.21 33.04
N GLN Y 199 -56.31 -47.39 33.63
CA GLN Y 199 -56.23 -48.63 32.88
C GLN Y 199 -57.27 -49.60 33.42
N TRP Y 200 -57.58 -50.61 32.62
CA TRP Y 200 -58.73 -51.46 32.88
C TRP Y 200 -58.35 -52.92 32.82
N LYS Y 201 -58.99 -53.72 33.68
CA LYS Y 201 -59.03 -55.15 33.45
C LYS Y 201 -59.87 -55.43 32.22
N ASN Y 202 -59.72 -56.62 31.67
CA ASN Y 202 -60.40 -56.94 30.42
C ASN Y 202 -61.74 -57.58 30.75
N VAL Y 203 -62.81 -56.81 30.55
CA VAL Y 203 -64.18 -57.26 30.67
C VAL Y 203 -65.03 -56.29 29.84
N THR Y 204 -66.33 -56.55 29.78
CA THR Y 204 -67.23 -55.58 29.15
C THR Y 204 -67.62 -54.48 30.10
N ASP Y 205 -67.78 -54.81 31.37
CA ASP Y 205 -68.55 -53.99 32.29
C ASP Y 205 -67.86 -52.66 32.57
N GLY Y 206 -68.66 -51.70 33.02
CA GLY Y 206 -68.16 -50.41 33.47
C GLY Y 206 -68.20 -50.19 34.97
N GLY Y 207 -68.46 -51.23 35.76
CA GLY Y 207 -68.54 -51.08 37.19
C GLY Y 207 -67.17 -50.83 37.80
N VAL Y 208 -67.19 -50.70 39.13
CA VAL Y 208 -65.95 -50.41 39.84
C VAL Y 208 -65.00 -51.59 39.83
N GLY Y 209 -65.52 -52.82 39.92
CA GLY Y 209 -64.65 -53.98 39.99
C GLY Y 209 -63.72 -54.14 38.81
N ALA Y 210 -64.01 -53.46 37.70
CA ALA Y 210 -63.20 -53.65 36.51
C ALA Y 210 -61.90 -52.86 36.56
N ILE Y 211 -61.87 -51.72 37.23
CA ILE Y 211 -60.76 -50.80 37.09
C ILE Y 211 -59.53 -51.36 37.80
N GLN Y 212 -58.40 -51.35 37.10
CA GLN Y 212 -57.15 -51.76 37.71
C GLN Y 212 -56.52 -50.61 38.50
N ARG Y 213 -56.53 -49.40 37.93
CA ARG Y 213 -55.86 -48.28 38.58
C ARG Y 213 -56.49 -46.98 38.10
N GLY Y 214 -56.44 -45.95 38.94
CA GLY Y 214 -56.88 -44.62 38.55
C GLY Y 214 -58.35 -44.29 38.74
N ALA Y 215 -58.99 -44.85 39.75
CA ALA Y 215 -60.39 -44.54 39.98
C ALA Y 215 -60.55 -43.08 40.39
N LEU Y 216 -61.78 -42.57 40.23
CA LEU Y 216 -62.09 -41.18 40.49
C LEU Y 216 -63.40 -41.09 41.25
N TYR Y 217 -63.37 -40.50 42.45
CA TYR Y 217 -64.52 -40.45 43.32
C TYR Y 217 -65.03 -39.02 43.48
N MET Y 218 -66.33 -38.91 43.74
CA MET Y 218 -66.97 -37.65 44.09
C MET Y 218 -67.65 -37.82 45.43
N VAL Y 219 -67.56 -36.81 46.29
CA VAL Y 219 -68.06 -36.89 47.64
C VAL Y 219 -68.82 -35.62 47.99
N ILE Y 220 -69.93 -35.77 48.69
CA ILE Y 220 -70.75 -34.64 49.11
C ILE Y 220 -70.84 -34.66 50.62
N ALA Y 221 -70.58 -33.50 51.25
CA ALA Y 221 -70.60 -33.39 52.70
C ALA Y 221 -71.69 -32.41 53.13
N PRO Y 222 -72.70 -32.85 53.85
CA PRO Y 222 -73.76 -31.94 54.25
C PRO Y 222 -73.32 -31.04 55.38
N GLY Y 223 -74.08 -29.96 55.57
CA GLY Y 223 -73.89 -29.11 56.73
C GLY Y 223 -74.39 -29.76 58.00
N ASN Y 224 -74.05 -29.14 59.11
CA ASN Y 224 -74.41 -29.69 60.42
C ASN Y 224 -75.91 -29.90 60.51
N GLY Y 225 -76.30 -31.12 60.85
CA GLY Y 225 -77.70 -31.44 61.09
C GLY Y 225 -78.62 -30.95 60.00
N LEU Y 226 -78.14 -30.94 58.77
CA LEU Y 226 -78.89 -30.40 57.64
C LEU Y 226 -78.84 -31.39 56.49
N THR Y 227 -79.98 -31.96 56.13
CA THR Y 227 -80.07 -32.97 55.11
C THR Y 227 -80.83 -32.45 53.90
N PHE Y 228 -80.40 -32.87 52.71
CA PHE Y 228 -81.00 -32.34 51.50
C PHE Y 228 -80.80 -33.33 50.36
N THR Y 229 -81.54 -33.11 49.28
CA THR Y 229 -81.36 -33.83 48.04
C THR Y 229 -81.01 -32.85 46.94
N ALA Y 230 -80.46 -33.37 45.85
CA ALA Y 230 -79.96 -32.54 44.77
C ALA Y 230 -80.42 -33.08 43.43
N HIS Y 231 -80.53 -32.18 42.46
CA HIS Y 231 -80.89 -32.53 41.10
C HIS Y 231 -79.86 -31.94 40.17
N GLY Y 232 -79.68 -32.56 39.01
CA GLY Y 232 -78.79 -32.02 38.01
C GLY Y 232 -78.16 -33.14 37.19
N GLN Y 233 -77.18 -32.74 36.40
CA GLN Y 233 -76.47 -33.67 35.53
C GLN Y 233 -75.08 -33.12 35.25
N THR Y 234 -74.19 -33.99 34.79
CA THR Y 234 -72.81 -33.62 34.56
C THR Y 234 -72.32 -34.21 33.25
N ARG Y 235 -71.21 -33.68 32.76
CA ARG Y 235 -70.57 -34.20 31.57
C ARG Y 235 -69.11 -34.47 31.82
N LEU Y 236 -68.53 -35.28 30.94
CA LEU Y 236 -67.11 -35.59 30.98
C LEU Y 236 -66.51 -35.45 29.60
N TYR Y 237 -65.18 -35.46 29.55
CA TYR Y 237 -64.46 -35.34 28.30
C TYR Y 237 -63.23 -36.24 28.38
N PHE Y 238 -63.00 -37.04 27.34
CA PHE Y 238 -61.87 -37.95 27.35
C PHE Y 238 -61.64 -38.48 25.96
N LYS Y 239 -60.59 -39.28 25.81
CA LYS Y 239 -60.34 -40.02 24.58
C LYS Y 239 -59.55 -41.28 24.91
N SER Y 240 -59.82 -42.35 24.18
CA SER Y 240 -59.05 -43.56 24.34
C SER Y 240 -57.69 -43.40 23.67
N VAL Y 241 -56.76 -44.25 24.08
CA VAL Y 241 -55.42 -44.25 23.51
C VAL Y 241 -54.79 -45.61 23.79
N GLY Y 242 -53.76 -45.95 23.04
CA GLY Y 242 -52.97 -47.15 23.28
C GLY Y 242 -53.30 -48.26 22.29
N ASN Y 243 -52.55 -49.34 22.44
CA ASN Y 243 -52.69 -50.53 21.61
C ASN Y 243 -52.62 -50.18 20.13
N ALA Z 31 -39.15 50.16 -9.70
CA ALA Z 31 -40.36 50.93 -9.78
C ALA Z 31 -40.13 52.37 -9.31
N GLY Z 32 -39.58 53.18 -10.20
CA GLY Z 32 -39.28 54.56 -9.88
C GLY Z 32 -38.12 55.05 -10.72
N SER Z 33 -37.73 56.30 -10.49
CA SER Z 33 -36.58 56.87 -11.19
C SER Z 33 -35.63 57.60 -10.25
N LYS Z 34 -34.42 57.05 -10.07
CA LYS Z 34 -33.36 57.68 -9.29
C LYS Z 34 -33.88 58.19 -7.95
N ALA Z 35 -34.75 57.42 -7.33
CA ALA Z 35 -35.29 57.80 -6.04
C ALA Z 35 -34.19 57.82 -5.00
N ASP Z 36 -34.33 58.72 -4.04
CA ASP Z 36 -33.34 58.93 -2.99
C ASP Z 36 -34.04 59.11 -1.65
N ARG Z 37 -33.45 58.51 -0.61
CA ARG Z 37 -34.09 58.46 0.70
C ARG Z 37 -34.55 59.82 1.23
N PRO Z 38 -33.74 60.88 1.19
CA PRO Z 38 -34.26 62.18 1.60
C PRO Z 38 -35.32 62.67 0.63
N SER Z 39 -36.17 63.56 1.12
CA SER Z 39 -37.29 64.05 0.32
C SER Z 39 -36.79 64.90 -0.84
N LEU Z 40 -37.65 65.09 -1.81
CA LEU Z 40 -37.33 65.86 -3.01
C LEU Z 40 -38.15 67.14 -3.06
N GLN Z 41 -37.58 68.16 -3.68
CA GLN Z 41 -38.22 69.46 -3.68
C GLN Z 41 -39.50 69.44 -4.50
N ILE Z 42 -40.35 70.43 -4.27
CA ILE Z 42 -41.67 70.49 -4.88
C ILE Z 42 -41.90 71.88 -5.46
N GLN Z 43 -42.46 71.94 -6.65
CA GLN Z 43 -42.89 73.19 -7.26
C GLN Z 43 -44.29 73.02 -7.82
N THR Z 44 -45.08 74.08 -7.73
CA THR Z 44 -46.48 74.04 -8.15
C THR Z 44 -46.78 75.16 -9.13
N LEU Z 45 -47.91 75.02 -9.81
CA LEU Z 45 -48.42 76.06 -10.67
C LEU Z 45 -49.89 76.25 -10.39
N GLN Z 46 -50.36 77.47 -10.53
CA GLN Z 46 -51.74 77.82 -10.21
C GLN Z 46 -52.38 78.38 -11.46
N HIS Z 47 -53.33 77.64 -12.03
CA HIS Z 47 -54.10 78.13 -13.16
C HIS Z 47 -55.57 78.11 -12.76
N ALA Z 48 -56.14 79.28 -12.58
CA ALA Z 48 -57.51 79.42 -12.10
C ALA Z 48 -57.84 80.90 -12.07
N GLY Z 49 -59.13 81.19 -11.98
CA GLY Z 49 -59.57 82.57 -11.81
C GLY Z 49 -59.03 83.45 -12.90
N THR Z 50 -58.27 84.47 -12.51
CA THR Z 50 -57.66 85.37 -13.48
C THR Z 50 -56.83 84.63 -14.50
N THR Z 51 -56.09 83.61 -14.06
CA THR Z 51 -55.24 82.85 -14.97
C THR Z 51 -55.97 81.55 -15.30
N MET Z 52 -56.51 81.48 -16.50
CA MET Z 52 -57.11 80.27 -17.03
C MET Z 52 -56.56 80.07 -18.43
N ILE Z 53 -55.85 78.97 -18.63
CA ILE Z 53 -55.37 78.69 -19.96
C ILE Z 53 -56.56 78.64 -20.91
N THR Z 54 -56.51 79.46 -21.94
CA THR Z 54 -57.61 79.57 -22.90
C THR Z 54 -57.05 79.39 -24.31
N VAL Z 55 -57.60 78.43 -25.03
CA VAL Z 55 -56.97 78.02 -26.29
C VAL Z 55 -57.88 78.29 -27.48
N PRO Z 56 -57.54 79.26 -28.31
CA PRO Z 56 -58.15 79.35 -29.63
C PRO Z 56 -57.58 78.29 -30.55
N SER Z 57 -58.28 78.07 -31.67
CA SER Z 57 -57.84 77.07 -32.63
C SER Z 57 -56.39 77.31 -33.04
N GLY Z 58 -55.61 76.25 -33.04
CA GLY Z 58 -54.19 76.35 -33.32
C GLY Z 58 -53.29 76.19 -32.12
N GLY Z 59 -53.85 75.96 -30.95
CA GLY Z 59 -53.04 75.64 -29.79
C GLY Z 59 -52.31 76.83 -29.21
N VAL Z 60 -51.61 76.57 -28.11
CA VAL Z 60 -50.83 77.60 -27.45
C VAL Z 60 -49.57 76.97 -26.87
N CYS Z 61 -48.48 77.72 -26.94
CA CYS Z 61 -47.19 77.28 -26.43
C CYS Z 61 -47.00 77.82 -25.03
N ASP Z 62 -46.33 77.05 -24.19
CA ASP Z 62 -46.07 77.48 -22.82
C ASP Z 62 -44.88 76.72 -22.27
N LEU Z 63 -44.29 77.27 -21.22
CA LEU Z 63 -43.17 76.65 -20.52
C LEU Z 63 -43.53 76.43 -19.07
N ILE Z 64 -43.41 75.18 -18.62
CA ILE Z 64 -43.77 74.82 -17.25
C ILE Z 64 -42.57 74.71 -16.34
N ASN Z 65 -41.36 74.88 -16.84
CA ASN Z 65 -40.19 74.52 -16.04
C ASN Z 65 -39.64 75.69 -15.23
N THR Z 66 -40.32 76.83 -15.23
CA THR Z 66 -39.83 78.02 -14.58
C THR Z 66 -39.45 77.77 -13.12
N TYR Z 67 -38.27 78.25 -12.75
CA TYR Z 67 -37.76 78.13 -11.39
C TYR Z 67 -37.06 79.43 -11.01
N ALA Z 68 -37.35 79.95 -9.84
CA ALA Z 68 -36.56 81.06 -9.33
C ALA Z 68 -35.33 80.53 -8.62
N ARG Z 69 -34.49 81.44 -8.15
CA ARG Z 69 -33.32 81.08 -7.34
C ARG Z 69 -33.30 81.94 -6.10
N GLY Z 70 -33.06 81.32 -4.96
CA GLY Z 70 -33.02 82.06 -3.73
C GLY Z 70 -33.14 81.14 -2.53
N SER Z 71 -33.59 81.73 -1.43
CA SER Z 71 -33.68 81.00 -0.17
C SER Z 71 -34.92 80.10 -0.15
N ASP Z 72 -36.01 80.56 -0.73
CA ASP Z 72 -37.29 79.89 -0.57
C ASP Z 72 -37.23 78.48 -1.12
N GLU Z 73 -37.92 77.56 -0.44
CA GLU Z 73 -38.01 76.19 -0.91
C GLU Z 73 -38.79 76.13 -2.21
N GLY Z 74 -38.34 75.28 -3.12
CA GLY Z 74 -38.95 75.16 -4.41
C GLY Z 74 -38.18 75.95 -5.44
N ASN Z 75 -37.45 76.95 -5.00
CA ASN Z 75 -36.53 77.63 -5.90
C ASN Z 75 -35.23 76.83 -6.01
N ARG Z 76 -34.56 77.00 -7.14
CA ARG Z 76 -33.34 76.23 -7.38
C ARG Z 76 -32.16 76.85 -6.66
N HIS Z 77 -31.39 76.02 -5.97
CA HIS Z 77 -30.22 76.49 -5.26
C HIS Z 77 -28.97 76.57 -6.10
N THR Z 78 -28.96 75.92 -7.27
CA THR Z 78 -27.72 75.82 -8.02
C THR Z 78 -27.92 76.24 -9.46
N SER Z 79 -26.90 76.03 -10.28
CA SER Z 79 -27.01 76.32 -11.70
C SER Z 79 -27.36 75.09 -12.52
N GLU Z 80 -27.55 73.94 -11.88
CA GLU Z 80 -27.78 72.68 -12.57
C GLU Z 80 -28.94 71.94 -11.93
N THR Z 81 -29.93 71.56 -12.73
CA THR Z 81 -31.15 70.96 -12.23
C THR Z 81 -31.57 69.75 -13.05
N LEU Z 82 -31.99 68.70 -12.37
CA LEU Z 82 -32.60 67.54 -12.98
C LEU Z 82 -34.03 67.44 -12.47
N THR Z 83 -34.95 67.05 -13.36
CA THR Z 83 -36.33 66.80 -12.97
C THR Z 83 -36.66 65.34 -13.20
N TYR Z 84 -37.63 64.84 -12.43
CA TYR Z 84 -37.94 63.42 -12.51
C TYR Z 84 -39.41 63.14 -12.78
N LYS Z 85 -40.25 63.30 -11.79
CA LYS Z 85 -41.62 62.85 -11.83
C LYS Z 85 -42.54 64.05 -11.94
N ILE Z 86 -43.63 63.88 -12.69
CA ILE Z 86 -44.59 64.95 -12.90
C ILE Z 86 -45.99 64.39 -12.85
N ALA Z 87 -46.90 65.12 -12.22
CA ALA Z 87 -48.30 64.75 -12.17
C ALA Z 87 -49.13 65.92 -12.61
N ILE Z 88 -50.22 65.65 -13.32
CA ILE Z 88 -51.02 66.68 -13.94
C ILE Z 88 -52.47 66.43 -13.62
N ASP Z 89 -53.17 67.46 -13.17
CA ASP Z 89 -54.60 67.43 -12.97
C ASP Z 89 -55.21 68.68 -13.60
N TYR Z 90 -56.37 68.51 -14.22
CA TYR Z 90 -57.11 69.66 -14.72
C TYR Z 90 -58.58 69.34 -14.80
N HIS Z 91 -59.37 70.40 -14.92
CA HIS Z 91 -60.72 70.31 -15.41
C HIS Z 91 -60.81 70.99 -16.76
N PHE Z 92 -61.65 70.43 -17.64
CA PHE Z 92 -61.97 71.04 -18.91
C PHE Z 92 -63.44 71.41 -18.94
N VAL Z 93 -63.78 72.42 -19.72
CA VAL Z 93 -65.17 72.74 -20.00
C VAL Z 93 -65.24 73.40 -21.36
N ALA Z 94 -66.29 73.10 -22.11
CA ALA Z 94 -66.50 73.75 -23.38
C ALA Z 94 -66.83 75.21 -23.17
N ASP Z 95 -66.57 76.01 -24.20
CA ASP Z 95 -66.92 77.43 -24.17
C ASP Z 95 -68.22 77.65 -24.91
N ALA Z 96 -69.09 78.49 -24.32
CA ALA Z 96 -70.35 78.80 -24.96
C ALA Z 96 -70.15 79.41 -26.34
N ALA Z 97 -69.03 80.11 -26.55
CA ALA Z 97 -68.76 80.73 -27.83
C ALA Z 97 -68.85 79.72 -28.97
N ALA Z 98 -68.40 78.49 -28.75
CA ALA Z 98 -68.48 77.45 -29.75
C ALA Z 98 -69.70 76.55 -29.58
N CYS Z 99 -70.49 76.75 -28.54
CA CYS Z 99 -71.65 75.90 -28.33
C CYS Z 99 -72.77 76.17 -29.33
N ARG Z 100 -72.66 77.22 -30.15
CA ARG Z 100 -73.69 77.50 -31.14
C ARG Z 100 -73.78 76.41 -32.20
N TYR Z 101 -72.85 75.47 -32.22
CA TYR Z 101 -72.85 74.36 -33.15
C TYR Z 101 -72.84 73.06 -32.37
N SER Z 102 -73.15 71.96 -33.05
CA SER Z 102 -73.16 70.65 -32.42
C SER Z 102 -72.30 69.70 -33.24
N ASN Z 103 -71.15 69.33 -32.69
CA ASN Z 103 -70.34 68.26 -33.25
C ASN Z 103 -69.40 67.79 -32.18
N THR Z 104 -68.83 66.62 -32.39
CA THR Z 104 -67.78 66.12 -31.52
C THR Z 104 -66.44 66.57 -32.06
N GLY Z 105 -65.37 66.02 -31.50
CA GLY Z 105 -64.03 66.32 -31.97
C GLY Z 105 -63.03 65.50 -31.20
N THR Z 106 -61.76 65.83 -31.39
CA THR Z 106 -60.70 65.16 -30.65
C THR Z 106 -59.59 66.15 -30.36
N GLY Z 107 -59.10 66.15 -29.12
CA GLY Z 107 -58.01 66.99 -28.69
C GLY Z 107 -56.72 66.22 -28.45
N VAL Z 108 -55.66 66.97 -28.19
CA VAL Z 108 -54.33 66.42 -28.05
C VAL Z 108 -53.56 67.25 -27.04
N MET Z 109 -52.76 66.58 -26.22
CA MET Z 109 -51.83 67.22 -25.31
C MET Z 109 -50.47 66.57 -25.48
N TRP Z 110 -49.44 67.36 -25.78
CA TRP Z 110 -48.09 66.85 -25.90
C TRP Z 110 -47.21 67.38 -24.78
N LEU Z 111 -46.16 66.63 -24.52
CA LEU Z 111 -45.10 67.07 -23.63
C LEU Z 111 -43.82 67.09 -24.46
N VAL Z 112 -43.32 68.29 -24.76
CA VAL Z 112 -42.26 68.47 -25.74
C VAL Z 112 -40.99 68.94 -25.05
N TYR Z 113 -39.88 68.29 -25.37
CA TYR Z 113 -38.59 68.65 -24.81
C TYR Z 113 -37.76 69.37 -25.86
N ASP Z 114 -36.98 70.34 -25.40
CA ASP Z 114 -36.16 71.18 -26.26
C ASP Z 114 -34.68 70.99 -25.95
N THR Z 115 -33.85 71.29 -26.95
CA THR Z 115 -32.41 71.32 -26.72
C THR Z 115 -31.95 72.73 -26.46
N THR Z 116 -31.93 73.58 -27.48
CA THR Z 116 -31.52 74.96 -27.36
C THR Z 116 -32.68 75.86 -27.71
N PRO Z 117 -33.23 76.62 -26.78
CA PRO Z 117 -34.33 77.52 -27.12
C PRO Z 117 -33.83 78.75 -27.85
N GLY Z 118 -34.63 79.23 -28.78
CA GLY Z 118 -34.33 80.50 -29.40
C GLY Z 118 -34.53 81.65 -28.44
N GLY Z 119 -34.15 82.84 -28.89
CA GLY Z 119 -34.40 84.02 -28.09
C GLY Z 119 -35.86 84.39 -27.99
N GLN Z 120 -36.70 83.85 -28.89
CA GLN Z 120 -38.11 84.16 -28.93
C GLN Z 120 -38.92 82.91 -28.61
N ALA Z 121 -40.13 83.13 -28.10
CA ALA Z 121 -40.97 82.01 -27.72
C ALA Z 121 -41.51 81.29 -28.95
N PRO Z 122 -41.45 79.97 -28.98
CA PRO Z 122 -41.97 79.24 -30.14
C PRO Z 122 -43.48 79.29 -30.17
N THR Z 123 -44.01 78.99 -31.35
CA THR Z 123 -45.44 78.82 -31.52
C THR Z 123 -45.67 77.52 -32.25
N PRO Z 124 -46.81 76.85 -32.02
CA PRO Z 124 -47.02 75.54 -32.66
C PRO Z 124 -46.78 75.53 -34.14
N GLN Z 125 -47.28 76.54 -34.85
CA GLN Z 125 -47.10 76.57 -36.30
C GLN Z 125 -45.63 76.48 -36.67
N THR Z 126 -44.77 76.99 -35.79
CA THR Z 126 -43.34 76.87 -36.03
C THR Z 126 -42.82 75.50 -35.64
N ILE Z 127 -43.37 74.90 -34.59
CA ILE Z 127 -42.79 73.64 -34.12
C ILE Z 127 -43.20 72.51 -35.04
N PHE Z 128 -44.36 72.60 -35.65
CA PHE Z 128 -44.87 71.56 -36.53
C PHE Z 128 -45.15 72.17 -37.89
N ALA Z 129 -44.53 71.60 -38.93
CA ALA Z 129 -44.83 72.09 -40.26
C ALA Z 129 -46.15 71.49 -40.71
N TYR Z 130 -47.14 72.32 -40.94
CA TYR Z 130 -48.40 71.77 -41.40
C TYR Z 130 -49.02 72.69 -42.43
N PRO Z 131 -49.61 72.15 -43.48
CA PRO Z 131 -50.36 72.98 -44.41
C PRO Z 131 -51.61 73.54 -43.75
N ASP Z 132 -52.11 74.63 -44.31
CA ASP Z 132 -53.29 75.28 -43.75
C ASP Z 132 -54.49 74.35 -43.74
N THR Z 133 -54.54 73.43 -44.70
CA THR Z 133 -55.65 72.50 -44.78
C THR Z 133 -55.77 71.66 -43.52
N LEU Z 134 -54.66 71.11 -43.03
CA LEU Z 134 -54.69 70.23 -41.88
C LEU Z 134 -54.93 70.96 -40.57
N LYS Z 135 -54.98 72.30 -40.58
CA LYS Z 135 -55.14 73.03 -39.34
C LYS Z 135 -56.38 72.57 -38.58
N ALA Z 136 -57.38 72.10 -39.30
CA ALA Z 136 -58.58 71.59 -38.65
C ALA Z 136 -58.25 70.43 -37.70
N TRP Z 137 -57.61 69.40 -38.22
CA TRP Z 137 -57.46 68.22 -37.39
C TRP Z 137 -56.05 68.15 -36.88
N PRO Z 138 -55.79 68.48 -35.62
CA PRO Z 138 -54.41 68.47 -35.14
C PRO Z 138 -53.86 67.08 -35.01
N ALA Z 139 -54.70 66.12 -34.62
CA ALA Z 139 -54.20 64.85 -34.15
C ALA Z 139 -53.33 64.14 -35.17
N THR Z 140 -53.35 64.59 -36.42
CA THR Z 140 -52.48 64.05 -37.44
C THR Z 140 -51.12 64.71 -37.46
N TRP Z 141 -50.97 65.86 -36.81
CA TRP Z 141 -49.69 66.55 -36.85
C TRP Z 141 -48.59 65.63 -36.34
N LYS Z 142 -47.41 65.79 -36.92
CA LYS Z 142 -46.22 65.13 -36.39
C LYS Z 142 -45.03 66.06 -36.56
N VAL Z 143 -43.96 65.77 -35.82
CA VAL Z 143 -42.82 66.66 -35.78
C VAL Z 143 -42.24 66.85 -37.17
N SER Z 144 -41.91 68.10 -37.50
CA SER Z 144 -41.35 68.41 -38.80
C SER Z 144 -39.93 67.90 -38.91
N ARG Z 145 -39.51 67.60 -40.14
CA ARG Z 145 -38.21 66.95 -40.34
C ARG Z 145 -37.06 67.93 -40.26
N GLU Z 146 -37.28 69.19 -40.62
CA GLU Z 146 -36.18 70.16 -40.61
C GLU Z 146 -35.56 70.27 -39.23
N LEU Z 147 -36.39 70.23 -38.20
CA LEU Z 147 -35.94 70.39 -36.83
C LEU Z 147 -35.68 69.06 -36.15
N CYS Z 148 -35.70 67.96 -36.91
CA CYS Z 148 -35.80 66.61 -36.40
C CYS Z 148 -34.90 66.36 -35.20
N HIS Z 149 -33.70 66.90 -35.22
CA HIS Z 149 -32.82 66.72 -34.08
C HIS Z 149 -32.92 67.84 -33.06
N ARG Z 150 -33.62 68.93 -33.38
CA ARG Z 150 -33.71 70.01 -32.40
C ARG Z 150 -34.77 69.75 -31.34
N PHE Z 151 -35.81 69.00 -31.67
CA PHE Z 151 -36.90 68.77 -30.74
C PHE Z 151 -37.19 67.29 -30.63
N VAL Z 152 -37.96 66.93 -29.60
CA VAL Z 152 -38.41 65.56 -29.41
C VAL Z 152 -39.62 65.61 -28.49
N VAL Z 153 -40.43 64.55 -28.54
CA VAL Z 153 -41.65 64.47 -27.73
C VAL Z 153 -41.57 63.22 -26.89
N LYS Z 154 -41.51 63.39 -25.58
CA LYS Z 154 -41.32 62.25 -24.71
C LYS Z 154 -42.62 61.66 -24.19
N ARG Z 155 -43.75 62.34 -24.38
CA ARG Z 155 -45.04 61.81 -23.97
C ARG Z 155 -46.12 62.29 -24.92
N ARG Z 156 -47.25 61.62 -24.88
CA ARG Z 156 -48.39 61.97 -25.71
C ARG Z 156 -49.66 61.55 -24.99
N TRP Z 157 -50.73 62.30 -25.20
CA TRP Z 157 -52.01 61.90 -24.63
C TRP Z 157 -53.14 62.31 -25.56
N LEU Z 158 -54.25 61.58 -25.45
CA LEU Z 158 -55.45 61.87 -26.22
C LEU Z 158 -56.62 62.08 -25.29
N PHE Z 159 -57.60 62.82 -25.80
CA PHE Z 159 -58.87 62.98 -25.12
C PHE Z 159 -59.88 63.42 -26.15
N ASN Z 160 -61.15 63.27 -25.82
CA ASN Z 160 -62.20 63.66 -26.73
C ASN Z 160 -63.35 64.26 -25.95
N MET Z 161 -64.09 65.14 -26.61
CA MET Z 161 -65.19 65.84 -25.98
C MET Z 161 -66.15 66.28 -27.07
N GLU Z 162 -67.36 66.63 -26.65
CA GLU Z 162 -68.39 66.99 -27.62
C GLU Z 162 -69.41 67.90 -26.94
N THR Z 163 -70.16 68.60 -27.77
CA THR Z 163 -71.21 69.49 -27.28
C THR Z 163 -72.47 69.28 -28.09
N ASP Z 164 -73.60 69.42 -27.42
CA ASP Z 164 -74.89 69.22 -28.04
C ASP Z 164 -75.54 70.52 -28.50
N GLY Z 165 -74.89 71.65 -28.26
CA GLY Z 165 -75.50 72.93 -28.58
C GLY Z 165 -76.40 73.49 -27.50
N ARG Z 166 -76.13 73.20 -26.23
CA ARG Z 166 -76.95 73.71 -25.15
C ARG Z 166 -76.06 74.14 -23.99
N ILE Z 167 -76.27 75.35 -23.52
CA ILE Z 167 -75.50 75.86 -22.39
C ILE Z 167 -76.08 75.28 -21.11
N GLY Z 168 -75.24 75.17 -20.08
CA GLY Z 168 -75.66 74.51 -18.86
C GLY Z 168 -76.83 75.22 -18.18
N SER Z 169 -76.77 76.54 -18.07
CA SER Z 169 -77.75 77.28 -17.29
C SER Z 169 -79.16 77.20 -17.87
N ASP Z 170 -79.32 76.63 -19.07
CA ASP Z 170 -80.61 76.62 -19.72
C ASP Z 170 -81.53 75.58 -19.09
N ILE Z 171 -82.77 75.98 -18.82
CA ILE Z 171 -83.76 75.11 -18.19
C ILE Z 171 -84.45 74.26 -19.24
N PRO Z 172 -84.43 72.93 -19.10
CA PRO Z 172 -85.19 72.10 -20.02
C PRO Z 172 -86.67 72.41 -19.92
N PRO Z 173 -87.38 72.37 -21.04
CA PRO Z 173 -88.84 72.47 -20.98
C PRO Z 173 -89.44 71.22 -20.35
N SER Z 174 -90.60 71.40 -19.72
CA SER Z 174 -91.21 70.32 -18.97
C SER Z 174 -91.65 69.15 -19.82
N ASN Z 175 -91.61 69.28 -21.16
CA ASN Z 175 -92.08 68.19 -22.01
C ASN Z 175 -91.07 67.07 -22.14
N ALA Z 176 -89.82 67.39 -22.46
CA ALA Z 176 -88.83 66.39 -22.83
C ALA Z 176 -87.50 66.72 -22.19
N SER Z 177 -86.56 65.78 -22.29
CA SER Z 177 -85.28 65.91 -21.61
C SER Z 177 -84.07 65.61 -22.49
N TRP Z 178 -82.89 65.57 -21.88
CA TRP Z 178 -81.67 65.27 -22.61
C TRP Z 178 -80.74 64.44 -21.73
N LYS Z 179 -79.92 63.63 -22.37
CA LYS Z 179 -78.78 63.00 -21.71
C LYS Z 179 -77.53 63.64 -22.28
N PRO Z 180 -76.91 64.57 -21.59
CA PRO Z 180 -75.69 65.17 -22.12
C PRO Z 180 -74.42 64.56 -21.55
N CYS Z 181 -74.22 63.27 -21.77
CA CYS Z 181 -73.00 62.64 -21.27
C CYS Z 181 -71.78 63.30 -21.87
N LYS Z 182 -70.76 63.48 -21.05
CA LYS Z 182 -69.47 63.99 -21.48
C LYS Z 182 -69.59 65.37 -22.13
N ARG Z 183 -70.25 66.29 -21.44
CA ARG Z 183 -70.07 67.69 -21.80
C ARG Z 183 -68.74 68.21 -21.28
N ASN Z 184 -68.41 67.87 -20.05
CA ASN Z 184 -67.13 68.22 -19.46
C ASN Z 184 -66.44 66.96 -18.99
N ILE Z 185 -65.14 67.05 -18.75
CA ILE Z 185 -64.32 65.87 -18.54
C ILE Z 185 -63.26 66.16 -17.49
N TYR Z 186 -62.86 65.10 -16.79
CA TYR Z 186 -61.85 65.17 -15.74
C TYR Z 186 -60.62 64.42 -16.21
N PHE Z 187 -59.52 65.14 -16.39
CA PHE Z 187 -58.31 64.58 -17.00
C PHE Z 187 -57.16 64.64 -16.03
N HIS Z 188 -56.47 63.50 -15.86
CA HIS Z 188 -55.31 63.46 -14.99
C HIS Z 188 -54.38 62.35 -15.46
N LYS Z 189 -53.09 62.57 -15.26
CA LYS Z 189 -52.08 61.56 -15.58
C LYS Z 189 -50.94 61.71 -14.58
N PHE Z 190 -50.22 60.61 -14.39
CA PHE Z 190 -49.09 60.56 -13.47
C PHE Z 190 -48.02 59.71 -14.10
N THR Z 191 -46.81 60.23 -14.21
CA THR Z 191 -45.75 59.46 -14.86
C THR Z 191 -44.40 59.73 -14.23
N SER Z 192 -43.66 58.66 -13.97
CA SER Z 192 -42.32 58.74 -13.40
C SER Z 192 -41.22 58.58 -14.42
N GLY Z 193 -41.54 58.33 -15.69
CA GLY Z 193 -40.55 57.80 -16.61
C GLY Z 193 -39.47 58.80 -16.96
N LEU Z 194 -39.89 60.02 -17.31
CA LEU Z 194 -38.98 60.94 -17.98
C LEU Z 194 -37.86 61.39 -17.06
N GLY Z 195 -36.81 61.92 -17.67
CA GLY Z 195 -35.82 62.68 -16.95
C GLY Z 195 -35.22 63.69 -17.89
N VAL Z 196 -34.75 64.80 -17.31
CA VAL Z 196 -34.33 65.94 -18.11
C VAL Z 196 -33.15 66.61 -17.42
N ARG Z 197 -32.18 67.05 -18.20
CA ARG Z 197 -31.00 67.71 -17.70
C ARG Z 197 -31.02 69.17 -18.16
N THR Z 198 -30.92 70.10 -17.23
CA THR Z 198 -31.03 71.51 -17.54
C THR Z 198 -29.90 72.29 -16.88
N GLN Z 199 -29.41 73.30 -17.58
CA GLN Z 199 -28.44 74.23 -17.02
C GLN Z 199 -28.90 75.64 -17.28
N TRP Z 200 -28.33 76.58 -16.53
CA TRP Z 200 -28.86 77.94 -16.48
C TRP Z 200 -27.76 78.96 -16.69
N LYS Z 201 -28.11 80.05 -17.37
CA LYS Z 201 -27.30 81.25 -17.29
C LYS Z 201 -27.39 81.80 -15.88
N ASN Z 202 -26.44 82.67 -15.54
CA ASN Z 202 -26.38 83.18 -14.17
C ASN Z 202 -27.19 84.46 -14.09
N VAL Z 203 -28.36 84.37 -13.48
CA VAL Z 203 -29.24 85.50 -13.17
C VAL Z 203 -30.13 85.05 -12.03
N THR Z 204 -30.98 85.96 -11.55
CA THR Z 204 -31.98 85.58 -10.56
C THR Z 204 -33.20 84.95 -11.22
N ASP Z 205 -33.58 85.46 -12.39
CA ASP Z 205 -34.91 85.26 -12.91
C ASP Z 205 -35.18 83.81 -13.26
N GLY Z 206 -36.47 83.48 -13.33
CA GLY Z 206 -36.93 82.19 -13.78
C GLY Z 206 -37.57 82.17 -15.15
N GLY Z 207 -37.48 83.25 -15.91
CA GLY Z 207 -38.09 83.32 -17.21
C GLY Z 207 -37.38 82.44 -18.22
N VAL Z 208 -37.90 82.47 -19.44
CA VAL Z 208 -37.34 81.63 -20.50
C VAL Z 208 -35.96 82.11 -20.92
N GLY Z 209 -35.73 83.43 -20.95
CA GLY Z 209 -34.47 83.94 -21.44
C GLY Z 209 -33.26 83.46 -20.66
N ALA Z 210 -33.47 82.93 -19.45
CA ALA Z 210 -32.36 82.53 -18.62
C ALA Z 210 -31.79 81.18 -19.02
N ILE Z 211 -32.60 80.29 -19.53
CA ILE Z 211 -32.19 78.89 -19.69
C ILE Z 211 -31.17 78.78 -20.81
N GLN Z 212 -30.07 78.09 -20.54
CA GLN Z 212 -29.08 77.82 -21.57
C GLN Z 212 -29.48 76.60 -22.40
N ARG Z 213 -29.94 75.55 -21.75
CA ARG Z 213 -30.23 74.31 -22.46
C ARG Z 213 -31.26 73.50 -21.67
N GLY Z 214 -32.05 72.70 -22.38
CA GLY Z 214 -32.98 71.79 -21.72
C GLY Z 214 -34.36 72.31 -21.37
N ALA Z 215 -34.89 73.24 -22.17
CA ALA Z 215 -36.23 73.74 -21.89
C ALA Z 215 -37.28 72.65 -22.07
N LEU Z 216 -38.43 72.87 -21.46
CA LEU Z 216 -39.51 71.89 -21.46
C LEU Z 216 -40.83 72.60 -21.73
N TYR Z 217 -41.51 72.21 -22.80
CA TYR Z 217 -42.73 72.87 -23.23
C TYR Z 217 -43.95 71.97 -23.07
N MET Z 218 -45.10 72.59 -22.87
CA MET Z 218 -46.39 71.92 -22.86
C MET Z 218 -47.28 72.57 -23.91
N VAL Z 219 -48.03 71.75 -24.63
CA VAL Z 219 -48.83 72.23 -25.75
C VAL Z 219 -50.20 71.61 -25.69
N ILE Z 220 -51.23 72.40 -25.99
CA ILE Z 220 -52.61 71.93 -26.01
C ILE Z 220 -53.18 72.15 -27.39
N ALA Z 221 -53.80 71.11 -27.94
CA ALA Z 221 -54.36 71.16 -29.29
C ALA Z 221 -55.86 70.98 -29.22
N PRO Z 222 -56.65 71.96 -29.62
CA PRO Z 222 -58.11 71.81 -29.55
C PRO Z 222 -58.63 70.93 -30.66
N GLY Z 223 -59.85 70.45 -30.47
CA GLY Z 223 -60.55 69.75 -31.53
C GLY Z 223 -61.00 70.70 -32.62
N ASN Z 224 -61.45 70.10 -33.73
CA ASN Z 224 -61.87 70.89 -34.88
C ASN Z 224 -62.96 71.89 -34.50
N GLY Z 225 -62.72 73.16 -34.80
CA GLY Z 225 -63.70 74.19 -34.60
C GLY Z 225 -64.32 74.17 -33.22
N LEU Z 226 -63.54 73.77 -32.22
CA LEU Z 226 -64.04 73.62 -30.86
C LEU Z 226 -63.08 74.31 -29.90
N THR Z 227 -63.55 75.35 -29.24
CA THR Z 227 -62.71 76.15 -28.35
C THR Z 227 -63.18 75.99 -26.91
N PHE Z 228 -62.24 76.00 -25.99
CA PHE Z 228 -62.59 75.75 -24.59
C PHE Z 228 -61.52 76.36 -23.70
N THR Z 229 -61.85 76.47 -22.42
CA THR Z 229 -60.90 76.85 -21.38
C THR Z 229 -60.79 75.73 -20.37
N ALA Z 230 -59.73 75.76 -19.58
CA ALA Z 230 -59.42 74.68 -18.66
C ALA Z 230 -59.05 75.25 -17.29
N HIS Z 231 -59.30 74.46 -16.26
CA HIS Z 231 -58.94 74.81 -14.90
C HIS Z 231 -58.14 73.66 -14.31
N GLY Z 232 -57.28 73.98 -13.35
CA GLY Z 232 -56.55 72.95 -12.65
C GLY Z 232 -55.19 73.45 -12.21
N GLN Z 233 -54.37 72.51 -11.75
CA GLN Z 233 -53.04 72.83 -11.27
C GLN Z 233 -52.16 71.60 -11.41
N THR Z 234 -50.85 71.80 -11.36
CA THR Z 234 -49.90 70.72 -11.57
C THR Z 234 -48.78 70.82 -10.56
N ARG Z 235 -48.04 69.73 -10.42
CA ARG Z 235 -46.86 69.71 -9.56
C ARG Z 235 -45.67 69.17 -10.32
N LEU Z 236 -44.49 69.45 -9.77
CA LEU Z 236 -43.24 68.95 -10.32
C LEU Z 236 -42.40 68.37 -9.20
N TYR Z 237 -41.34 67.66 -9.60
CA TYR Z 237 -40.42 67.05 -8.66
C TYR Z 237 -39.02 67.15 -9.22
N PHE Z 238 -38.06 67.59 -8.41
CA PHE Z 238 -36.70 67.76 -8.90
C PHE Z 238 -35.77 67.93 -7.71
N LYS Z 239 -34.47 68.02 -8.01
CA LYS Z 239 -33.48 68.39 -7.02
C LYS Z 239 -32.30 69.05 -7.72
N SER Z 240 -31.70 70.01 -7.04
CA SER Z 240 -30.50 70.64 -7.56
C SER Z 240 -29.32 69.71 -7.38
N VAL Z 241 -28.26 69.95 -8.17
CA VAL Z 241 -27.03 69.18 -8.07
C VAL Z 241 -25.91 70.01 -8.68
N GLY Z 242 -24.68 69.66 -8.36
CA GLY Z 242 -23.51 70.27 -8.97
C GLY Z 242 -22.84 71.27 -8.05
N ASN Z 243 -21.72 71.79 -8.54
CA ASN Z 243 -20.92 72.78 -7.83
C ASN Z 243 -20.56 72.30 -6.44
N ALA AA 31 -52.44 37.27 1.87
CA ALA AA 31 -53.73 37.81 1.51
C ALA AA 31 -54.55 38.17 2.76
N GLY AA 32 -54.24 39.33 3.33
CA GLY AA 32 -54.91 39.78 4.53
C GLY AA 32 -53.99 40.67 5.35
N SER AA 33 -54.51 41.12 6.49
CA SER AA 33 -53.69 41.94 7.38
C SER AA 33 -53.78 41.49 8.83
N LYS AA 34 -52.67 40.99 9.37
CA LYS AA 34 -52.55 40.58 10.77
C LYS AA 34 -53.77 39.77 11.22
N ALA AA 35 -54.22 38.87 10.36
CA ALA AA 35 -55.35 38.02 10.69
C ALA AA 35 -54.98 37.08 11.83
N ASP AA 36 -55.97 36.77 12.65
CA ASP AA 36 -55.78 35.94 13.83
C ASP AA 36 -56.93 34.95 13.94
N ARG AA 37 -56.59 33.72 14.33
CA ARG AA 37 -57.55 32.62 14.33
C ARG AA 37 -58.84 32.93 15.07
N PRO AA 38 -58.83 33.48 16.29
CA PRO AA 38 -60.10 33.86 16.91
C PRO AA 38 -60.75 35.01 16.15
N SER AA 39 -62.06 35.11 16.30
CA SER AA 39 -62.82 36.11 15.58
C SER AA 39 -62.47 37.51 16.05
N LEU AA 40 -62.81 38.49 15.24
CA LEU AA 40 -62.52 39.89 15.52
C LEU AA 40 -63.80 40.66 15.76
N GLN AA 41 -63.71 41.70 16.59
CA GLN AA 41 -64.90 42.43 16.97
C GLN AA 41 -65.48 43.18 15.79
N ILE AA 42 -66.74 43.57 15.93
CA ILE AA 42 -67.50 44.20 14.85
C ILE AA 42 -68.20 45.43 15.39
N GLN AA 43 -68.16 46.51 14.61
CA GLN AA 43 -68.92 47.71 14.89
C GLN AA 43 -69.63 48.18 13.63
N THR AA 44 -70.83 48.72 13.80
CA THR AA 44 -71.65 49.13 12.68
C THR AA 44 -72.10 50.58 12.84
N LEU AA 45 -72.57 51.15 11.73
CA LEU AA 45 -73.17 52.46 11.74
C LEU AA 45 -74.47 52.40 10.96
N GLN AA 46 -75.43 53.20 11.38
CA GLN AA 46 -76.74 53.20 10.76
C GLN AA 46 -77.04 54.59 10.24
N HIS AA 47 -77.08 54.74 8.92
CA HIS AA 47 -77.46 56.00 8.29
C HIS AA 47 -78.67 55.73 7.43
N ALA AA 48 -79.83 56.24 7.85
CA ALA AA 48 -81.09 55.99 7.18
C ALA AA 48 -82.16 56.77 7.91
N GLY AA 49 -83.30 56.93 7.24
CA GLY AA 49 -84.45 57.54 7.89
C GLY AA 49 -84.11 58.91 8.42
N THR AA 50 -84.28 59.08 9.73
CA THR AA 50 -83.95 60.34 10.38
C THR AA 50 -82.52 60.75 10.11
N THR AA 51 -81.59 59.80 10.13
CA THR AA 51 -80.19 60.10 9.89
C THR AA 51 -79.86 59.73 8.45
N MET AA 52 -79.73 60.75 7.60
CA MET AA 52 -79.29 60.57 6.24
C MET AA 52 -78.22 61.61 5.99
N ILE AA 53 -77.00 61.16 5.70
CA ILE AA 53 -75.95 62.10 5.37
C ILE AA 53 -76.43 62.95 4.20
N THR AA 54 -76.42 64.26 4.37
CA THR AA 54 -76.90 65.19 3.36
C THR AA 54 -75.84 66.24 3.13
N VAL AA 55 -75.40 66.38 1.89
CA VAL AA 55 -74.21 67.17 1.61
C VAL AA 55 -74.55 68.39 0.73
N PRO AA 56 -74.51 69.58 1.29
CA PRO AA 56 -74.47 70.78 0.46
C PRO AA 56 -73.09 70.96 -0.15
N SER AA 57 -73.03 71.82 -1.17
CA SER AA 57 -71.77 72.09 -1.86
C SER AA 57 -70.70 72.46 -0.86
N GLY AA 58 -69.53 71.86 -1.01
CA GLY AA 58 -68.43 72.06 -0.08
C GLY AA 58 -68.18 70.92 0.86
N GLY AA 59 -68.93 69.83 0.76
CA GLY AA 59 -68.63 68.63 1.51
C GLY AA 59 -68.98 68.74 2.98
N VAL AA 60 -68.77 67.63 3.69
CA VAL AA 60 -69.05 67.58 5.11
C VAL AA 60 -68.02 66.68 5.78
N CYS AA 61 -67.59 67.07 6.97
CA CYS AA 61 -66.62 66.33 7.76
C CYS AA 61 -67.35 65.43 8.72
N ASP AA 62 -66.77 64.26 8.99
CA ASP AA 62 -67.37 63.33 9.92
C ASP AA 62 -66.30 62.38 10.45
N LEU AA 63 -66.60 61.75 11.58
CA LEU AA 63 -65.71 60.77 12.19
C LEU AA 63 -66.44 59.45 12.32
N ILE AA 64 -65.84 58.40 11.77
CA ILE AA 64 -66.45 57.07 11.78
C ILE AA 64 -65.88 56.16 12.85
N ASN AA 65 -64.90 56.60 13.62
CA ASN AA 65 -64.17 55.68 14.46
C ASN AA 65 -64.74 55.58 15.86
N THR AA 66 -65.87 56.24 16.12
CA THR AA 66 -66.44 56.29 17.47
C THR AA 66 -66.61 54.91 18.08
N TYR AA 67 -66.15 54.76 19.32
CA TYR AA 67 -66.27 53.53 20.09
C TYR AA 67 -66.62 53.86 21.53
N ALA AA 68 -67.61 53.17 22.08
CA ALA AA 68 -67.86 53.29 23.50
C ALA AA 68 -66.94 52.33 24.26
N ARG AA 69 -67.02 52.37 25.58
CA ARG AA 69 -66.30 51.44 26.43
C ARG AA 69 -67.26 50.84 27.44
N GLY AA 70 -67.20 49.53 27.61
CA GLY AA 70 -68.07 48.88 28.56
C GLY AA 70 -68.13 47.39 28.31
N SER AA 71 -69.24 46.80 28.78
CA SER AA 71 -69.40 45.36 28.68
C SER AA 71 -69.80 44.93 27.28
N ASP AA 72 -70.63 45.74 26.63
CA ASP AA 72 -71.25 45.31 25.38
C ASP AA 72 -70.20 45.03 24.31
N GLU AA 73 -70.47 44.00 23.51
CA GLU AA 73 -69.58 43.68 22.40
C GLU AA 73 -69.60 44.78 21.37
N GLY AA 74 -68.43 45.06 20.82
CA GLY AA 74 -68.30 46.13 19.86
C GLY AA 74 -67.75 47.38 20.52
N ASN AA 75 -67.95 47.49 21.82
CA ASN AA 75 -67.30 48.56 22.56
C ASN AA 75 -65.87 48.16 22.89
N ARG AA 76 -65.01 49.15 23.06
CA ARG AA 76 -63.61 48.88 23.31
C ARG AA 76 -63.38 48.53 24.77
N HIS AA 77 -62.63 47.46 25.01
CA HIS AA 77 -62.34 47.03 26.36
C HIS AA 77 -61.13 47.72 26.96
N THR AA 78 -60.28 48.35 26.15
CA THR AA 78 -59.01 48.86 26.65
C THR AA 78 -58.83 50.31 26.28
N SER AA 79 -57.63 50.83 26.55
CA SER AA 79 -57.30 52.19 26.15
C SER AA 79 -56.55 52.24 24.83
N GLU AA 80 -56.31 51.11 24.20
CA GLU AA 80 -55.50 51.03 22.99
C GLU AA 80 -56.20 50.16 21.95
N THR AA 81 -56.38 50.69 20.75
CA THR AA 81 -57.15 50.02 19.71
C THR AA 81 -56.44 50.10 18.37
N LEU AA 82 -56.44 48.99 17.65
CA LEU AA 82 -55.99 48.92 16.27
C LEU AA 82 -57.18 48.53 15.41
N THR AA 83 -57.28 49.12 14.23
CA THR AA 83 -58.30 48.74 13.26
C THR AA 83 -57.64 48.17 12.02
N TYR AA 84 -58.38 47.31 11.32
CA TYR AA 84 -57.79 46.65 10.17
C TYR AA 84 -58.59 46.81 8.89
N LYS AA 85 -59.70 46.10 8.78
CA LYS AA 85 -60.42 45.99 7.54
C LYS AA 85 -61.72 46.77 7.63
N ILE AA 86 -62.12 47.37 6.52
CA ILE AA 86 -63.32 48.19 6.47
C ILE AA 86 -64.05 47.92 5.17
N ALA AA 87 -65.38 47.84 5.24
CA ALA AA 87 -66.21 47.67 4.07
C ALA AA 87 -67.29 48.73 4.09
N ILE AA 88 -67.64 49.24 2.92
CA ILE AA 88 -68.55 50.37 2.82
C ILE AA 88 -69.60 50.05 1.78
N ASP AA 89 -70.86 50.26 2.12
CA ASP AA 89 -71.97 50.16 1.19
C ASP AA 89 -72.85 51.39 1.35
N TYR AA 90 -73.35 51.90 0.23
CA TYR AA 90 -74.32 52.97 0.29
C TYR AA 90 -75.19 52.96 -0.95
N HIS AA 91 -76.31 53.66 -0.85
CA HIS AA 91 -77.04 54.11 -2.00
C HIS AA 91 -76.94 55.63 -2.13
N PHE AA 92 -76.88 56.10 -3.36
CA PHE AA 92 -76.95 57.53 -3.64
C PHE AA 92 -78.22 57.83 -4.42
N VAL AA 93 -78.70 59.06 -4.28
CA VAL AA 93 -79.79 59.55 -5.12
C VAL AA 93 -79.67 61.06 -5.24
N ALA AA 94 -79.96 61.58 -6.42
CA ALA AA 94 -79.96 63.01 -6.59
C ALA AA 94 -81.10 63.64 -5.81
N ASP AA 95 -80.94 64.92 -5.49
CA ASP AA 95 -81.98 65.66 -4.82
C ASP AA 95 -82.77 66.48 -5.83
N ALA AA 96 -84.09 66.50 -5.67
CA ALA AA 96 -84.93 67.28 -6.56
C ALA AA 96 -84.57 68.75 -6.53
N ALA AA 97 -84.06 69.23 -5.39
CA ALA AA 97 -83.69 70.63 -5.27
C ALA AA 97 -82.74 71.06 -6.37
N ALA AA 98 -81.81 70.18 -6.77
CA ALA AA 98 -80.88 70.48 -7.85
C ALA AA 98 -81.35 69.93 -9.19
N CYS AA 99 -82.46 69.20 -9.24
CA CYS AA 99 -82.92 68.65 -10.50
C CYS AA 99 -83.49 69.69 -11.44
N ARG AA 100 -83.65 70.94 -10.98
CA ARG AA 100 -84.15 71.98 -11.87
C ARG AA 100 -83.19 72.32 -13.00
N TYR AA 101 -81.99 71.77 -12.97
CA TYR AA 101 -81.00 71.96 -14.01
C TYR AA 101 -80.59 70.61 -14.56
N SER AA 102 -79.93 70.62 -15.72
CA SER AA 102 -79.46 69.38 -16.34
C SER AA 102 -77.98 69.52 -16.64
N ASN AA 103 -77.16 68.78 -15.90
CA ASN AA 103 -75.75 68.64 -16.23
C ASN AA 103 -75.23 67.42 -15.50
N THR AA 104 -74.08 66.95 -15.95
CA THR AA 104 -73.39 65.90 -15.24
C THR AA 104 -72.44 66.51 -14.22
N GLY AA 105 -71.58 65.68 -13.65
CA GLY AA 105 -70.59 66.15 -12.72
C GLY AA 105 -69.72 65.00 -12.28
N THR AA 106 -68.89 65.27 -11.28
CA THR AA 106 -68.05 64.22 -10.71
C THR AA 106 -67.90 64.44 -9.21
N GLY AA 107 -68.04 63.35 -8.45
CA GLY AA 107 -67.89 63.39 -7.01
C GLY AA 107 -66.62 62.69 -6.54
N VAL AA 108 -66.37 62.82 -5.23
CA VAL AA 108 -65.15 62.32 -4.62
C VAL AA 108 -65.45 61.87 -3.21
N MET AA 109 -64.82 60.77 -2.81
CA MET AA 109 -64.87 60.29 -1.44
C MET AA 109 -63.45 60.01 -0.99
N TRP AA 110 -63.02 60.61 0.11
CA TRP AA 110 -61.71 60.36 0.66
C TRP AA 110 -61.81 59.65 1.99
N LEU AA 111 -60.73 58.97 2.33
CA LEU AA 111 -60.56 58.40 3.66
C LEU AA 111 -59.31 59.03 4.25
N VAL AA 112 -59.49 59.88 5.25
CA VAL AA 112 -58.42 60.75 5.73
C VAL AA 112 -58.04 60.35 7.14
N TYR AA 113 -56.74 60.20 7.37
CA TYR AA 113 -56.21 59.85 8.68
C TYR AA 113 -55.58 61.06 9.34
N ASP AA 114 -55.75 61.15 10.66
CA ASP AA 114 -55.27 62.27 11.44
C ASP AA 114 -54.21 61.82 12.43
N THR AA 115 -53.37 62.77 12.85
CA THR AA 115 -52.43 62.51 13.92
C THR AA 115 -52.99 63.02 15.24
N THR AA 116 -53.03 64.34 15.42
CA THR AA 116 -53.55 64.94 16.64
C THR AA 116 -54.75 65.80 16.28
N PRO AA 117 -55.95 65.45 16.73
CA PRO AA 117 -57.11 66.28 16.43
C PRO AA 117 -57.13 67.52 17.31
N GLY AA 118 -57.61 68.60 16.74
CA GLY AA 118 -57.84 69.79 17.52
C GLY AA 118 -59.01 69.60 18.46
N GLY AA 119 -59.21 70.60 19.32
CA GLY AA 119 -60.37 70.58 20.19
C GLY AA 119 -61.68 70.77 19.46
N GLN AA 120 -61.64 71.28 18.24
CA GLN AA 120 -62.82 71.57 17.46
C GLN AA 120 -62.84 70.69 16.22
N ALA AA 121 -64.04 70.44 15.71
CA ALA AA 121 -64.20 69.57 14.56
C ALA AA 121 -63.69 70.26 13.30
N PRO AA 122 -62.90 69.57 12.48
CA PRO AA 122 -62.41 70.19 11.25
C PRO AA 122 -63.53 70.33 10.24
N THR AA 123 -63.29 71.20 9.26
CA THR AA 123 -64.16 71.35 8.12
C THR AA 123 -63.30 71.28 6.87
N PRO AA 124 -63.85 70.80 5.74
CA PRO AA 124 -63.03 70.63 4.55
C PRO AA 124 -62.25 71.89 4.18
N GLN AA 125 -62.89 73.05 4.22
CA GLN AA 125 -62.19 74.27 3.84
C GLN AA 125 -60.92 74.44 4.66
N THR AA 126 -60.93 73.93 5.88
CA THR AA 126 -59.73 73.99 6.70
C THR AA 126 -58.74 72.89 6.32
N ILE AA 127 -59.24 71.71 5.93
CA ILE AA 127 -58.31 70.62 5.69
C ILE AA 127 -57.60 70.81 4.37
N PHE AA 128 -58.26 71.45 3.41
CA PHE AA 128 -57.69 71.66 2.08
C PHE AA 128 -57.69 73.15 1.80
N ALA AA 129 -56.53 73.68 1.49
CA ALA AA 129 -56.47 75.09 1.12
C ALA AA 129 -56.91 75.23 -0.32
N TYR AA 130 -58.00 75.92 -0.54
CA TYR AA 130 -58.43 76.09 -1.92
C TYR AA 130 -58.98 77.49 -2.12
N PRO AA 131 -58.68 78.11 -3.24
CA PRO AA 131 -59.33 79.39 -3.55
C PRO AA 131 -60.81 79.20 -3.82
N ASP AA 132 -61.55 80.30 -3.66
CA ASP AA 132 -63.00 80.23 -3.84
C ASP AA 132 -63.36 79.80 -5.26
N THR AA 133 -62.50 80.13 -6.22
CA THR AA 133 -62.77 79.76 -7.60
C THR AA 133 -62.88 78.26 -7.78
N LEU AA 134 -61.97 77.48 -7.20
CA LEU AA 134 -61.96 76.05 -7.36
C LEU AA 134 -63.07 75.35 -6.60
N LYS AA 135 -63.84 76.06 -5.78
CA LYS AA 135 -64.87 75.43 -4.98
C LYS AA 135 -65.83 74.62 -5.85
N ALA AA 136 -66.01 75.03 -7.09
CA ALA AA 136 -66.85 74.27 -8.00
C ALA AA 136 -66.36 72.84 -8.18
N TRP AA 137 -65.11 72.69 -8.58
CA TRP AA 137 -64.68 71.35 -8.94
C TRP AA 137 -63.81 70.80 -7.84
N PRO AA 138 -64.31 69.90 -7.01
CA PRO AA 138 -63.50 69.41 -5.90
C PRO AA 138 -62.38 68.52 -6.36
N ALA AA 139 -62.61 67.73 -7.42
CA ALA AA 139 -61.73 66.62 -7.72
C ALA AA 139 -60.30 67.06 -7.94
N THR AA 140 -60.07 68.35 -8.11
CA THR AA 140 -58.72 68.87 -8.22
C THR AA 140 -58.08 69.17 -6.88
N TRP AA 141 -58.87 69.22 -5.81
CA TRP AA 141 -58.31 69.54 -4.51
C TRP AA 141 -57.19 68.56 -4.16
N LYS AA 142 -56.19 69.06 -3.46
CA LYS AA 142 -55.17 68.19 -2.89
C LYS AA 142 -54.77 68.77 -1.55
N VAL AA 143 -54.11 67.92 -0.75
CA VAL AA 143 -53.80 68.28 0.62
C VAL AA 143 -52.92 69.53 0.65
N SER AA 144 -53.23 70.45 1.55
CA SER AA 144 -52.48 71.69 1.66
C SER AA 144 -51.11 71.43 2.28
N ARG AA 145 -50.14 72.27 1.93
CA ARG AA 145 -48.76 72.02 2.33
C ARG AA 145 -48.49 72.41 3.78
N GLU AA 146 -49.21 73.40 4.30
CA GLU AA 146 -48.96 73.84 5.67
C GLU AA 146 -49.12 72.70 6.65
N LEU AA 147 -50.12 71.85 6.43
CA LEU AA 147 -50.43 70.76 7.33
C LEU AA 147 -49.77 69.47 6.90
N CYS AA 148 -48.87 69.53 5.91
CA CYS AA 148 -48.39 68.36 5.17
C CYS AA 148 -48.09 67.17 6.04
N HIS AA 149 -47.50 67.40 7.19
CA HIS AA 149 -47.22 66.30 8.09
C HIS AA 149 -48.33 66.05 9.11
N ARG AA 150 -49.32 66.92 9.21
CA ARG AA 150 -50.37 66.68 10.19
C ARG AA 150 -51.42 65.72 9.67
N PHE AA 151 -51.64 65.66 8.37
CA PHE AA 151 -52.67 64.82 7.80
C PHE AA 151 -52.11 63.94 6.69
N VAL AA 152 -52.88 62.93 6.31
CA VAL AA 152 -52.53 62.06 5.19
C VAL AA 152 -53.81 61.40 4.72
N VAL AA 153 -53.79 60.92 3.49
CA VAL AA 153 -54.96 60.28 2.89
C VAL AA 153 -54.54 58.88 2.45
N LYS AA 154 -55.11 57.86 3.06
CA LYS AA 154 -54.70 56.50 2.77
C LYS AA 154 -55.53 55.83 1.69
N ARG AA 155 -56.65 56.43 1.29
CA ARG AA 155 -57.45 55.87 0.21
C ARG AA 155 -58.13 57.00 -0.55
N ARG AA 156 -58.61 56.66 -1.74
CA ARG AA 156 -59.29 57.62 -2.59
C ARG AA 156 -60.28 56.86 -3.46
N TRP AA 157 -61.40 57.50 -3.79
CA TRP AA 157 -62.32 56.89 -4.73
C TRP AA 157 -63.00 57.96 -5.56
N LEU AA 158 -63.46 57.55 -6.74
CA LEU AA 158 -64.17 58.41 -7.65
C LEU AA 158 -65.53 57.82 -7.99
N PHE AA 159 -66.44 58.69 -8.37
CA PHE AA 159 -67.73 58.28 -8.88
C PHE AA 159 -68.29 59.45 -9.66
N ASN AA 160 -69.27 59.16 -10.50
CA ASN AA 160 -69.89 60.20 -11.29
C ASN AA 160 -71.37 59.93 -11.43
N MET AA 161 -72.13 61.00 -11.59
CA MET AA 161 -73.58 60.91 -11.68
C MET AA 161 -74.09 62.12 -12.44
N GLU AA 162 -75.33 62.03 -12.89
CA GLU AA 162 -75.89 63.09 -13.70
C GLU AA 162 -77.40 63.06 -13.58
N THR AA 163 -78.02 64.18 -13.94
CA THR AA 163 -79.45 64.31 -13.92
C THR AA 163 -79.94 64.96 -15.19
N ASP AA 164 -81.10 64.53 -15.64
CA ASP AA 164 -81.69 65.03 -16.87
C ASP AA 164 -82.70 66.14 -16.64
N GLY AA 165 -82.95 66.51 -15.39
CA GLY AA 165 -83.97 67.49 -15.10
C GLY AA 165 -85.37 66.94 -14.98
N ARG AA 166 -85.52 65.70 -14.53
CA ARG AA 166 -86.84 65.11 -14.39
C ARG AA 166 -86.90 64.30 -13.09
N ILE AA 167 -87.91 64.57 -12.28
CA ILE AA 167 -88.09 63.84 -11.03
C ILE AA 167 -88.71 62.48 -11.34
N GLY AA 168 -88.44 61.50 -10.47
CA GLY AA 168 -88.88 60.15 -10.75
C GLY AA 168 -90.39 60.02 -10.86
N SER AA 169 -91.12 60.63 -9.93
CA SER AA 169 -92.56 60.42 -9.86
C SER AA 169 -93.31 60.96 -11.06
N ASP AA 170 -92.64 61.67 -11.97
CA ASP AA 170 -93.31 62.30 -13.09
C ASP AA 170 -93.66 61.26 -14.15
N ILE AA 171 -94.89 61.32 -14.65
CA ILE AA 171 -95.37 60.38 -15.65
C ILE AA 171 -94.97 60.86 -17.04
N PRO AA 172 -94.29 60.03 -17.83
CA PRO AA 172 -94.02 60.40 -19.21
C PRO AA 172 -95.31 60.58 -19.98
N PRO AA 173 -95.35 61.54 -20.90
CA PRO AA 173 -96.49 61.63 -21.81
C PRO AA 173 -96.48 60.47 -22.78
N SER AA 174 -97.68 60.11 -23.23
CA SER AA 174 -97.83 58.92 -24.07
C SER AA 174 -97.16 59.05 -25.42
N ASN AA 175 -96.66 60.23 -25.79
CA ASN AA 175 -96.07 60.40 -27.11
C ASN AA 175 -94.65 59.87 -27.18
N ALA AA 176 -93.79 60.23 -26.24
CA ALA AA 176 -92.37 59.95 -26.34
C ALA AA 176 -91.83 59.51 -24.99
N SER AA 177 -90.59 59.03 -24.98
CA SER AA 177 -90.02 58.46 -23.77
C SER AA 177 -88.61 58.96 -23.47
N TRP AA 178 -87.97 58.37 -22.47
CA TRP AA 178 -86.61 58.74 -22.09
C TRP AA 178 -85.84 57.51 -21.66
N LYS AA 179 -84.52 57.56 -21.84
CA LYS AA 179 -83.63 56.59 -21.24
C LYS AA 179 -82.83 57.34 -20.19
N PRO AA 180 -83.17 57.22 -18.92
CA PRO AA 180 -82.41 57.92 -17.89
C PRO AA 180 -81.37 57.03 -17.21
N CYS AA 181 -80.42 56.51 -17.97
CA CYS AA 181 -79.39 55.70 -17.37
C CYS AA 181 -78.61 56.48 -16.33
N LYS AA 182 -78.31 55.82 -15.22
CA LYS AA 182 -77.47 56.39 -14.17
C LYS AA 182 -78.06 57.68 -13.61
N ARG AA 183 -79.34 57.62 -13.23
CA ARG AA 183 -79.84 58.66 -12.34
C ARG AA 183 -79.37 58.42 -10.91
N ASN AA 184 -79.44 57.18 -10.46
CA ASN AA 184 -78.92 56.80 -9.16
C ASN AA 184 -77.91 55.68 -9.33
N ILE AA 185 -77.12 55.45 -8.29
CA ILE AA 185 -75.95 54.60 -8.41
C ILE AA 185 -75.76 53.80 -7.14
N TYR AA 186 -75.16 52.63 -7.28
CA TYR AA 186 -74.88 51.72 -6.18
C TYR AA 186 -73.37 51.64 -5.98
N PHE AA 187 -72.90 52.10 -4.83
CA PHE AA 187 -71.48 52.25 -4.60
C PHE AA 187 -71.05 51.39 -3.42
N HIS AA 188 -69.99 50.61 -3.62
CA HIS AA 188 -69.46 49.78 -2.55
C HIS AA 188 -67.99 49.53 -2.78
N LYS AA 189 -67.24 49.40 -1.70
CA LYS AA 189 -65.83 49.08 -1.76
C LYS AA 189 -65.48 48.25 -0.53
N PHE AA 190 -64.42 47.45 -0.68
CA PHE AA 190 -63.95 46.58 0.39
C PHE AA 190 -62.44 46.60 0.35
N THR AA 191 -61.79 46.90 1.48
CA THR AA 191 -60.35 46.98 1.48
C THR AA 191 -59.76 46.50 2.79
N SER AA 192 -58.73 45.67 2.71
CA SER AA 192 -58.03 45.16 3.88
C SER AA 192 -56.71 45.86 4.16
N GLY AA 193 -56.31 46.81 3.32
CA GLY AA 193 -54.93 47.25 3.35
C GLY AA 193 -54.57 48.03 4.59
N LEU AA 194 -55.39 48.99 4.96
CA LEU AA 194 -54.98 50.00 5.93
C LEU AA 194 -54.77 49.39 7.30
N GLY AA 195 -54.06 50.12 8.14
CA GLY AA 195 -54.04 49.86 9.57
C GLY AA 195 -53.79 51.16 10.28
N VAL AA 196 -54.30 51.24 11.52
CA VAL AA 196 -54.31 52.50 12.26
C VAL AA 196 -54.09 52.19 13.72
N ARG AA 197 -53.31 53.04 14.38
CA ARG AA 197 -53.03 52.90 15.80
C ARG AA 197 -53.66 54.06 16.55
N THR AA 198 -54.49 53.77 17.54
CA THR AA 198 -55.23 54.79 18.26
C THR AA 198 -55.10 54.58 19.75
N GLN AA 199 -55.03 55.68 20.50
CA GLN AA 199 -55.04 55.65 21.94
C GLN AA 199 -56.07 56.65 22.44
N TRP AA 200 -56.47 56.49 23.70
CA TRP AA 200 -57.63 57.20 24.22
C TRP AA 200 -57.31 57.86 25.54
N LYS AA 201 -57.90 59.03 25.77
CA LYS AA 201 -58.00 59.55 27.11
C LYS AA 201 -58.94 58.66 27.91
N ASN AA 202 -58.87 58.79 29.23
CA ASN AA 202 -59.66 57.90 30.07
C ASN AA 202 -60.98 58.56 30.38
N VAL AA 203 -62.05 58.07 29.73
CA VAL AA 203 -63.43 58.46 29.97
C VAL AA 203 -64.29 57.32 29.48
N THR AA 204 -65.61 57.44 29.65
CA THR AA 204 -66.51 56.47 29.07
C THR AA 204 -66.80 56.76 27.61
N ASP AA 205 -66.88 58.04 27.26
CA ASP AA 205 -67.54 58.46 26.04
C ASP AA 205 -66.79 57.99 24.80
N GLY AA 206 -67.52 57.96 23.68
CA GLY AA 206 -66.95 57.67 22.39
C GLY AA 206 -66.86 58.85 21.46
N GLY AA 207 -67.09 60.07 21.94
CA GLY AA 207 -67.04 61.24 21.10
C GLY AA 207 -65.63 61.57 20.66
N VAL AA 208 -65.54 62.66 19.88
CA VAL AA 208 -64.25 63.06 19.36
C VAL AA 208 -63.34 63.59 20.46
N GLY AA 209 -63.88 64.31 21.44
CA GLY AA 209 -63.05 64.91 22.46
C GLY AA 209 -62.22 63.93 23.25
N ALA AA 210 -62.57 62.65 23.20
CA ALA AA 210 -61.87 61.66 24.01
C ALA AA 210 -60.54 61.24 23.39
N ILE AA 211 -60.43 61.25 22.07
CA ILE AA 211 -59.29 60.61 21.42
C ILE AA 211 -58.04 61.44 21.64
N GLN AA 212 -56.97 60.77 22.06
CA GLN AA 212 -55.68 61.44 22.18
C GLN AA 212 -54.95 61.51 20.85
N ARG AA 213 -54.96 60.43 20.08
CA ARG AA 213 -54.22 60.39 18.84
C ARG AA 213 -54.83 59.36 17.91
N GLY AA 214 -54.68 59.57 16.59
CA GLY AA 214 -55.12 58.58 15.61
C GLY AA 214 -56.55 58.65 15.13
N ALA AA 215 -57.14 59.84 15.07
CA ALA AA 215 -58.50 59.95 14.59
C ALA AA 215 -58.59 59.59 13.12
N LEU AA 216 -59.80 59.26 12.68
CA LEU AA 216 -60.04 58.81 11.31
C LEU AA 216 -61.28 59.48 10.78
N TYR AA 217 -61.13 60.23 9.69
CA TYR AA 217 -62.22 61.01 9.12
C TYR AA 217 -62.66 60.47 7.77
N MET AA 218 -63.93 60.70 7.46
CA MET AA 218 -64.50 60.41 6.15
C MET AA 218 -65.09 61.69 5.58
N VAL AA 219 -64.89 61.91 4.29
CA VAL AA 219 -65.29 63.16 3.65
C VAL AA 219 -65.97 62.85 2.33
N ILE AA 220 -67.03 63.59 2.03
CA ILE AA 220 -67.78 63.44 0.79
C ILE AA 220 -67.76 64.75 0.04
N ALA AA 221 -67.41 64.71 -1.23
CA ALA AA 221 -67.31 65.90 -2.06
C ALA AA 221 -68.32 65.84 -3.19
N PRO AA 222 -69.29 66.74 -3.24
CA PRO AA 222 -70.30 66.69 -4.30
C PRO AA 222 -69.74 67.18 -5.62
N GLY AA 223 -70.44 66.85 -6.69
CA GLY AA 223 -70.14 67.41 -7.98
C GLY AA 223 -70.54 68.86 -8.09
N ASN AA 224 -70.10 69.51 -9.16
CA ASN AA 224 -70.37 70.92 -9.35
C ASN AA 224 -71.88 71.19 -9.32
N GLY AA 225 -72.28 72.11 -8.46
CA GLY AA 225 -73.66 72.54 -8.39
C GLY AA 225 -74.65 71.41 -8.33
N LEU AA 226 -74.26 70.30 -7.71
CA LEU AA 226 -75.09 69.11 -7.65
C LEU AA 226 -75.16 68.61 -6.22
N THR AA 227 -76.34 68.64 -5.64
CA THR AA 227 -76.54 68.26 -4.25
C THR AA 227 -77.37 67.00 -4.16
N PHE AA 228 -77.05 66.16 -3.18
CA PHE AA 228 -77.74 64.88 -3.07
C PHE AA 228 -77.65 64.38 -1.64
N THR AA 229 -78.47 63.37 -1.35
CA THR AA 229 -78.41 62.65 -0.08
C THR AA 229 -78.12 61.19 -0.37
N ALA AA 230 -77.66 60.48 0.66
CA ALA AA 230 -77.23 59.10 0.51
C ALA AA 230 -77.81 58.24 1.61
N HIS AA 231 -77.97 56.96 1.31
CA HIS AA 231 -78.44 55.97 2.26
C HIS AA 231 -77.47 54.82 2.28
N GLY AA 232 -77.41 54.13 3.41
CA GLY AA 232 -76.58 52.94 3.50
C GLY AA 232 -76.05 52.76 4.91
N GLN AA 233 -75.12 51.83 5.04
CA GLN AA 233 -74.51 51.50 6.32
C GLN AA 233 -73.13 50.92 6.07
N THR AA 234 -72.31 50.91 7.12
CA THR AA 234 -70.93 50.46 7.00
C THR AA 234 -70.57 49.60 8.20
N ARG AA 235 -69.49 48.85 8.05
CA ARG AA 235 -68.97 48.03 9.14
C ARG AA 235 -67.49 48.32 9.34
N LEU AA 236 -67.00 47.94 10.52
CA LEU AA 236 -65.60 48.06 10.86
C LEU AA 236 -65.11 46.75 11.47
N TYR AA 237 -63.80 46.66 11.60
CA TYR AA 237 -63.16 45.48 12.17
C TYR AA 237 -61.97 45.92 12.98
N PHE AA 238 -61.84 45.41 14.21
CA PHE AA 238 -60.75 45.82 15.06
C PHE AA 238 -60.64 44.87 16.23
N LYS AA 239 -59.62 45.10 17.07
CA LYS AA 239 -59.51 44.39 18.33
C LYS AA 239 -58.73 45.27 19.32
N SER AA 240 -59.10 45.18 20.58
CA SER AA 240 -58.36 45.87 21.62
C SER AA 240 -57.05 45.16 21.89
N VAL AA 241 -56.11 45.89 22.49
CA VAL AA 241 -54.82 45.32 22.86
C VAL AA 241 -54.23 46.21 23.94
N GLY AA 242 -53.26 45.68 24.68
CA GLY AA 242 -52.50 46.44 25.65
C GLY AA 242 -52.94 46.17 27.07
N ASN AA 243 -52.22 46.80 27.99
CA ASN AA 243 -52.46 46.68 29.42
C ASN AA 243 -52.50 45.23 29.86
N ALA BA 31 -14.12 -8.55 -62.21
CA ALA BA 31 -14.02 -8.45 -63.66
C ALA BA 31 -14.40 -9.76 -64.33
N GLY BA 32 -15.71 -9.99 -64.44
CA GLY BA 32 -16.21 -11.22 -65.03
C GLY BA 32 -17.57 -11.55 -64.47
N SER BA 33 -18.12 -12.67 -64.93
CA SER BA 33 -19.41 -13.12 -64.41
C SER BA 33 -19.40 -14.61 -64.05
N LYS BA 34 -19.52 -14.90 -62.75
CA LYS BA 34 -19.62 -16.28 -62.25
C LYS BA 34 -18.60 -17.20 -62.90
N ALA BA 35 -17.39 -16.68 -63.08
CA ALA BA 35 -16.32 -17.47 -63.65
C ALA BA 35 -15.97 -18.63 -62.73
N ASP BA 36 -15.57 -19.74 -63.34
CA ASP BA 36 -15.25 -20.96 -62.62
C ASP BA 36 -14.00 -21.59 -63.21
N ARG BA 37 -13.14 -22.11 -62.31
CA ARG BA 37 -11.82 -22.59 -62.70
C ARG BA 37 -11.85 -23.59 -63.86
N PRO BA 38 -12.69 -24.62 -63.88
CA PRO BA 38 -12.74 -25.47 -65.07
C PRO BA 38 -13.30 -24.69 -66.26
N SER BA 39 -12.94 -25.18 -67.45
CA SER BA 39 -13.33 -24.50 -68.67
C SER BA 39 -14.84 -24.57 -68.87
N LEU BA 40 -15.34 -23.70 -69.73
CA LEU BA 40 -16.76 -23.59 -70.02
C LEU BA 40 -17.03 -24.01 -71.45
N GLN BA 41 -18.23 -24.56 -71.67
CA GLN BA 41 -18.55 -25.10 -72.98
C GLN BA 41 -18.65 -23.99 -74.01
N ILE BA 42 -18.57 -24.40 -75.29
CA ILE BA 42 -18.53 -23.46 -76.40
C ILE BA 42 -19.52 -23.90 -77.46
N GLN BA 43 -20.25 -22.94 -78.01
CA GLN BA 43 -21.12 -23.17 -79.15
C GLN BA 43 -20.90 -22.09 -80.19
N THR BA 44 -20.98 -22.46 -81.47
CA THR BA 44 -20.71 -21.55 -82.56
C THR BA 44 -21.86 -21.53 -83.54
N LEU BA 45 -21.87 -20.50 -84.38
CA LEU BA 45 -22.80 -20.41 -85.48
C LEU BA 45 -22.05 -20.04 -86.74
N GLN BA 46 -22.53 -20.54 -87.87
CA GLN BA 46 -21.86 -20.32 -89.14
C GLN BA 46 -22.83 -19.62 -90.08
N HIS BA 47 -22.56 -18.37 -90.40
CA HIS BA 47 -23.34 -17.62 -91.38
C HIS BA 47 -22.39 -17.20 -92.48
N ALA BA 48 -22.55 -17.80 -93.66
CA ALA BA 48 -21.67 -17.57 -94.79
C ALA BA 48 -22.17 -18.39 -95.96
N GLY BA 49 -21.70 -18.05 -97.14
CA GLY BA 49 -22.01 -18.84 -98.31
C GLY BA 49 -23.50 -18.96 -98.51
N THR BA 50 -23.98 -20.22 -98.51
CA THR BA 50 -25.39 -20.48 -98.65
C THR BA 50 -26.20 -19.75 -97.60
N THR BA 51 -25.71 -19.70 -96.37
CA THR BA 51 -26.43 -19.04 -95.29
C THR BA 51 -25.80 -17.67 -95.08
N MET BA 52 -26.48 -16.64 -95.54
CA MET BA 52 -26.09 -15.26 -95.30
C MET BA 52 -27.33 -14.53 -94.83
N ILE BA 53 -27.29 -14.01 -93.60
CA ILE BA 53 -28.41 -13.23 -93.13
C ILE BA 53 -28.62 -12.08 -94.10
N THR BA 54 -29.84 -11.98 -94.63
CA THR BA 54 -30.19 -10.97 -95.62
C THR BA 54 -31.44 -10.25 -95.15
N VAL BA 55 -31.35 -8.93 -95.04
CA VAL BA 55 -32.41 -8.18 -94.37
C VAL BA 55 -33.09 -7.22 -95.33
N PRO BA 56 -34.33 -7.49 -95.71
CA PRO BA 56 -35.15 -6.45 -96.33
C PRO BA 56 -35.63 -5.47 -95.28
N SER BA 57 -36.11 -4.31 -95.76
CA SER BA 57 -36.60 -3.28 -94.87
C SER BA 57 -37.63 -3.84 -93.90
N GLY BA 58 -37.49 -3.51 -92.63
CA GLY BA 58 -38.34 -4.04 -91.60
C GLY BA 58 -37.71 -5.10 -90.72
N GLY BA 59 -36.44 -5.41 -90.95
CA GLY BA 59 -35.71 -6.29 -90.04
C GLY BA 59 -36.11 -7.74 -90.16
N VAL BA 60 -35.42 -8.57 -89.38
CA VAL BA 60 -35.70 -10.00 -89.36
C VAL BA 60 -35.48 -10.52 -87.95
N CYS BA 61 -36.33 -11.46 -87.55
CA CYS BA 61 -36.27 -12.07 -86.23
C CYS BA 61 -35.49 -13.37 -86.34
N ASP BA 62 -34.75 -13.69 -85.28
CA ASP BA 62 -33.99 -14.93 -85.25
C ASP BA 62 -33.70 -15.33 -83.81
N LEU BA 63 -33.38 -16.60 -83.62
CA LEU BA 63 -33.01 -17.13 -82.32
C LEU BA 63 -31.61 -17.71 -82.39
N ILE BA 64 -30.75 -17.24 -81.50
CA ILE BA 64 -29.36 -17.69 -81.47
C ILE BA 64 -29.08 -18.72 -80.39
N ASN BA 65 -30.06 -19.08 -79.58
CA ASN BA 65 -29.76 -19.87 -78.40
C ASN BA 65 -29.88 -21.36 -78.63
N THR BA 66 -30.12 -21.78 -79.86
CA THR BA 66 -30.36 -23.19 -80.17
C THR BA 66 -29.25 -24.09 -79.64
N TYR BA 67 -29.67 -25.16 -78.97
CA TYR BA 67 -28.76 -26.17 -78.41
C TYR BA 67 -29.36 -27.54 -78.64
N ALA BA 68 -28.54 -28.48 -79.12
CA ALA BA 68 -28.98 -29.86 -79.15
C ALA BA 68 -28.68 -30.51 -77.80
N ARG BA 69 -29.09 -31.77 -77.66
CA ARG BA 69 -28.78 -32.56 -76.49
C ARG BA 69 -28.20 -33.89 -76.93
N GLY BA 70 -27.11 -34.30 -76.28
CA GLY BA 70 -26.50 -35.56 -76.62
C GLY BA 70 -25.09 -35.64 -76.09
N SER BA 71 -24.31 -36.51 -76.73
CA SER BA 71 -22.95 -36.76 -76.27
C SER BA 71 -22.01 -35.63 -76.69
N ASP BA 72 -22.22 -35.08 -77.88
CA ASP BA 72 -21.25 -34.16 -78.46
C ASP BA 72 -21.06 -32.93 -77.58
N GLU BA 73 -19.82 -32.45 -77.52
CA GLU BA 73 -19.53 -31.24 -76.77
C GLU BA 73 -20.20 -30.05 -77.43
N GLY BA 74 -20.71 -29.15 -76.60
CA GLY BA 74 -21.42 -27.99 -77.10
C GLY BA 74 -22.92 -28.22 -77.04
N ASN BA 75 -23.33 -29.47 -77.05
CA ASN BA 75 -24.72 -29.77 -76.80
C ASN BA 75 -25.00 -29.77 -75.30
N ARG BA 76 -26.24 -29.50 -74.94
CA ARG BA 76 -26.59 -29.41 -73.54
C ARG BA 76 -26.80 -30.79 -72.94
N HIS BA 77 -26.20 -31.03 -71.77
CA HIS BA 77 -26.33 -32.31 -71.11
C HIS BA 77 -27.57 -32.40 -70.22
N THR BA 78 -28.18 -31.27 -69.87
CA THR BA 78 -29.25 -31.30 -68.88
C THR BA 78 -30.49 -30.61 -69.39
N SER BA 79 -31.46 -30.43 -68.51
CA SER BA 79 -32.66 -29.69 -68.86
C SER BA 79 -32.60 -28.24 -68.44
N GLU BA 80 -31.49 -27.81 -67.84
CA GLU BA 80 -31.37 -26.46 -67.29
C GLU BA 80 -30.04 -25.86 -67.72
N THR BA 81 -30.09 -24.67 -68.30
CA THR BA 81 -28.91 -24.03 -68.87
C THR BA 81 -28.84 -22.56 -68.50
N LEU BA 82 -27.64 -22.11 -68.14
CA LEU BA 82 -27.34 -20.70 -67.94
C LEU BA 82 -26.30 -20.29 -68.98
N THR BA 83 -26.43 -19.09 -69.51
CA THR BA 83 -25.44 -18.54 -70.42
C THR BA 83 -24.82 -17.31 -69.80
N TYR BA 84 -23.58 -17.02 -70.20
CA TYR BA 84 -22.86 -15.91 -69.58
C TYR BA 84 -22.34 -14.89 -70.58
N LYS BA 85 -21.27 -15.24 -71.28
CA LYS BA 85 -20.55 -14.29 -72.09
C LYS BA 85 -20.79 -14.57 -73.56
N ILE BA 86 -20.84 -13.51 -74.35
CA ILE BA 86 -21.10 -13.63 -75.78
C ILE BA 86 -20.21 -12.66 -76.53
N ALA BA 87 -19.68 -13.10 -77.66
CA ALA BA 87 -18.87 -12.27 -78.53
C ALA BA 87 -19.42 -12.36 -79.94
N ILE BA 88 -19.40 -11.25 -80.66
CA ILE BA 88 -20.03 -11.18 -81.97
C ILE BA 88 -19.05 -10.55 -82.93
N ASP BA 89 -18.87 -11.18 -84.09
CA ASP BA 89 -18.10 -10.63 -85.19
C ASP BA 89 -18.91 -10.76 -86.47
N TYR BA 90 -18.84 -9.75 -87.31
CA TYR BA 90 -19.44 -9.85 -88.63
C TYR BA 90 -18.76 -8.92 -89.60
N HIS BA 91 -18.99 -9.18 -90.87
CA HIS BA 91 -18.77 -8.20 -91.92
C HIS BA 91 -20.11 -7.76 -92.49
N PHE BA 92 -20.20 -6.48 -92.85
CA PHE BA 92 -21.34 -5.94 -93.56
C PHE BA 92 -20.92 -5.50 -94.95
N VAL BA 93 -21.86 -5.51 -95.88
CA VAL BA 93 -21.64 -4.92 -97.20
C VAL BA 93 -22.98 -4.48 -97.75
N ALA BA 94 -22.98 -3.34 -98.43
CA ALA BA 94 -24.20 -2.88 -99.07
C ALA BA 94 -24.57 -3.81 -100.22
N ASP BA 95 -25.84 -3.81 -100.56
CA ASP BA 95 -26.32 -4.57 -101.70
C ASP BA 95 -26.45 -3.67 -102.91
N ALA BA 96 -26.03 -4.18 -104.06
CA ALA BA 96 -26.14 -3.41 -105.30
C ALA BA 96 -27.58 -3.05 -105.60
N ALA BA 97 -28.53 -3.88 -105.16
CA ALA BA 97 -29.94 -3.61 -105.40
C ALA BA 97 -30.34 -2.23 -104.93
N ALA BA 98 -29.79 -1.78 -103.80
CA ALA BA 98 -30.07 -0.44 -103.28
C ALA BA 98 -29.02 0.58 -103.69
N CYS BA 99 -27.96 0.17 -104.37
CA CYS BA 99 -26.92 1.12 -104.75
C CYS BA 99 -27.37 2.06 -105.86
N ARG BA 100 -28.53 1.84 -106.46
CA ARG BA 100 -29.00 2.74 -107.50
C ARG BA 100 -29.31 4.14 -106.97
N TYR BA 101 -29.28 4.32 -105.66
CA TYR BA 101 -29.51 5.62 -105.04
C TYR BA 101 -28.31 5.97 -104.18
N SER BA 102 -28.21 7.24 -103.80
CA SER BA 102 -27.12 7.70 -102.95
C SER BA 102 -27.69 8.42 -101.75
N ASN BA 103 -27.57 7.80 -100.58
CA ASN BA 103 -27.86 8.47 -99.33
C ASN BA 103 -27.19 7.68 -98.22
N THR BA 104 -27.06 8.31 -97.07
CA THR BA 104 -26.60 7.62 -95.89
C THR BA 104 -27.79 7.05 -95.13
N GLY BA 105 -27.54 6.57 -93.94
CA GLY BA 105 -28.60 6.06 -93.09
C GLY BA 105 -28.03 5.66 -91.75
N THR BA 106 -28.86 4.99 -90.96
CA THR BA 106 -28.42 4.48 -89.68
C THR BA 106 -29.11 3.16 -89.38
N GLY BA 107 -28.33 2.18 -88.92
CA GLY BA 107 -28.85 0.88 -88.56
C GLY BA 107 -28.84 0.63 -87.06
N VAL BA 108 -29.42 -0.50 -86.67
CA VAL BA 108 -29.61 -0.84 -85.27
C VAL BA 108 -29.51 -2.34 -85.12
N MET BA 109 -28.90 -2.77 -84.02
CA MET BA 109 -28.87 -4.17 -83.63
C MET BA 109 -29.27 -4.26 -82.17
N TRP BA 110 -30.29 -5.06 -81.87
CA TRP BA 110 -30.71 -5.26 -80.50
C TRP BA 110 -30.45 -6.69 -80.07
N LEU BA 111 -30.34 -6.86 -78.76
CA LEU BA 111 -30.29 -8.18 -78.14
C LEU BA 111 -31.48 -8.26 -77.21
N VAL BA 112 -32.47 -9.08 -77.56
CA VAL BA 112 -33.77 -9.07 -76.90
C VAL BA 112 -33.97 -10.36 -76.16
N TYR BA 113 -34.38 -10.26 -74.90
CA TYR BA 113 -34.65 -11.41 -74.07
C TYR BA 113 -36.15 -11.62 -73.91
N ASP BA 114 -36.55 -12.88 -73.88
CA ASP BA 114 -37.96 -13.27 -73.80
C ASP BA 114 -38.24 -14.00 -72.50
N THR BA 115 -39.50 -13.96 -72.09
CA THR BA 115 -39.94 -14.78 -70.96
C THR BA 115 -40.57 -16.07 -71.46
N THR BA 116 -41.78 -15.98 -72.02
CA THR BA 116 -42.47 -17.15 -72.54
C THR BA 116 -42.68 -16.97 -74.04
N PRO BA 117 -42.07 -17.78 -74.87
CA PRO BA 117 -42.28 -17.66 -76.31
C PRO BA 117 -43.63 -18.23 -76.70
N GLY BA 118 -44.24 -17.60 -77.70
CA GLY BA 118 -45.44 -18.18 -78.27
C GLY BA 118 -45.12 -19.41 -79.08
N GLY BA 119 -46.18 -20.08 -79.54
CA GLY BA 119 -45.99 -21.21 -80.42
C GLY BA 119 -45.46 -20.84 -81.79
N GLN BA 120 -45.57 -19.57 -82.17
CA GLN BA 120 -45.16 -19.10 -83.48
C GLN BA 120 -44.00 -18.12 -83.33
N ALA BA 121 -43.19 -18.02 -84.37
CA ALA BA 121 -42.03 -17.16 -84.33
C ALA BA 121 -42.44 -15.69 -84.39
N PRO BA 122 -41.89 -14.85 -83.53
CA PRO BA 122 -42.25 -13.44 -83.55
C PRO BA 122 -41.67 -12.75 -84.78
N THR BA 123 -42.24 -11.60 -85.09
CA THR BA 123 -41.71 -10.73 -86.13
C THR BA 123 -41.59 -9.33 -85.54
N PRO BA 124 -40.63 -8.53 -86.01
CA PRO BA 124 -40.43 -7.20 -85.41
C PRO BA 124 -41.71 -6.39 -85.31
N GLN BA 125 -42.51 -6.37 -86.37
CA GLN BA 125 -43.73 -5.58 -86.33
C GLN BA 125 -44.59 -5.98 -85.14
N THR BA 126 -44.51 -7.23 -84.72
CA THR BA 126 -45.24 -7.65 -83.54
C THR BA 126 -44.53 -7.26 -82.27
N ILE BA 127 -43.20 -7.27 -82.27
CA ILE BA 127 -42.49 -7.00 -81.01
C ILE BA 127 -42.52 -5.52 -80.69
N PHE BA 128 -42.56 -4.67 -81.70
CA PHE BA 128 -42.57 -3.23 -81.51
C PHE BA 128 -43.80 -2.67 -82.18
N ALA BA 129 -44.61 -1.94 -81.43
CA ALA BA 129 -45.76 -1.30 -82.04
C ALA BA 129 -45.29 -0.03 -82.73
N TYR BA 130 -45.43 0.02 -84.04
CA TYR BA 130 -45.02 1.22 -84.72
C TYR BA 130 -45.99 1.54 -85.84
N PRO BA 131 -46.33 2.81 -86.03
CA PRO BA 131 -47.12 3.19 -87.19
C PRO BA 131 -46.33 2.99 -88.47
N ASP BA 132 -47.06 2.87 -89.58
CA ASP BA 132 -46.42 2.63 -90.86
C ASP BA 132 -45.50 3.78 -91.23
N THR BA 133 -45.82 4.99 -90.78
CA THR BA 133 -44.99 6.13 -91.08
C THR BA 133 -43.57 5.97 -90.58
N LEU BA 134 -43.39 5.51 -89.35
CA LEU BA 134 -42.07 5.38 -88.75
C LEU BA 134 -41.27 4.21 -89.31
N LYS BA 135 -41.87 3.38 -90.16
CA LYS BA 135 -41.17 2.22 -90.68
C LYS BA 135 -39.85 2.61 -91.31
N ALA BA 136 -39.76 3.82 -91.87
CA ALA BA 136 -38.52 4.29 -92.44
C ALA BA 136 -37.40 4.29 -91.42
N TRP BA 137 -37.59 4.99 -90.32
CA TRP BA 137 -36.47 5.18 -89.43
C TRP BA 137 -36.63 4.27 -88.23
N PRO BA 138 -35.90 3.17 -88.16
CA PRO BA 138 -36.08 2.25 -87.04
C PRO BA 138 -35.58 2.80 -85.74
N ALA BA 139 -34.49 3.57 -85.79
CA ALA BA 139 -33.75 3.87 -84.59
C ALA BA 139 -34.60 4.55 -83.54
N THR BA 140 -35.77 5.04 -83.91
CA THR BA 140 -36.68 5.63 -82.94
C THR BA 140 -37.57 4.59 -82.28
N TRP BA 141 -37.65 3.38 -82.83
CA TRP BA 141 -38.53 2.38 -82.24
C TRP BA 141 -38.18 2.16 -80.78
N LYS BA 142 -39.19 1.88 -79.98
CA LYS BA 142 -38.98 1.44 -78.62
C LYS BA 142 -40.03 0.40 -78.27
N VAL BA 143 -39.75 -0.34 -77.20
CA VAL BA 143 -40.60 -1.48 -76.85
C VAL BA 143 -42.02 -1.01 -76.59
N SER BA 144 -42.98 -1.76 -77.12
CA SER BA 144 -44.38 -1.41 -76.96
C SER BA 144 -44.84 -1.66 -75.52
N ARG BA 145 -45.84 -0.90 -75.09
CA ARG BA 145 -46.24 -0.96 -73.68
C ARG BA 145 -47.11 -2.16 -73.37
N GLU BA 146 -47.87 -2.65 -74.34
CA GLU BA 146 -48.76 -3.78 -74.07
C GLU BA 146 -47.99 -4.98 -73.57
N LEU BA 147 -46.82 -5.21 -74.14
CA LEU BA 147 -46.00 -6.36 -73.80
C LEU BA 147 -44.97 -6.04 -72.73
N CYS BA 148 -45.06 -4.85 -72.12
CA CYS BA 148 -44.00 -4.25 -71.33
C CYS BA 148 -43.31 -5.24 -70.40
N HIS BA 149 -44.08 -6.12 -69.79
CA HIS BA 149 -43.46 -7.10 -68.91
C HIS BA 149 -43.15 -8.41 -69.61
N ARG BA 150 -43.58 -8.60 -70.85
CA ARG BA 150 -43.28 -9.85 -71.53
C ARG BA 150 -41.88 -9.86 -72.14
N PHE BA 151 -41.36 -8.70 -72.52
CA PHE BA 151 -40.07 -8.62 -73.18
C PHE BA 151 -39.19 -7.60 -72.49
N VAL BA 152 -37.90 -7.65 -72.81
CA VAL BA 152 -36.93 -6.69 -72.31
C VAL BA 152 -35.73 -6.72 -73.24
N VAL BA 153 -34.94 -5.66 -73.23
CA VAL BA 153 -33.77 -5.54 -74.09
C VAL BA 153 -32.57 -5.29 -73.20
N LYS BA 154 -31.64 -6.24 -73.17
CA LYS BA 154 -30.51 -6.12 -72.28
C LYS BA 154 -29.29 -5.47 -72.90
N ARG BA 155 -29.29 -5.28 -74.23
CA ARG BA 155 -28.19 -4.59 -74.88
C ARG BA 155 -28.71 -3.83 -76.09
N ARG BA 156 -27.88 -2.91 -76.57
CA ARG BA 156 -28.22 -2.11 -77.73
C ARG BA 156 -26.93 -1.71 -78.42
N TRP BA 157 -26.99 -1.57 -79.75
CA TRP BA 157 -25.83 -1.08 -80.46
C TRP BA 157 -26.27 -0.26 -81.67
N LEU BA 158 -25.40 0.64 -82.08
CA LEU BA 158 -25.64 1.49 -83.24
C LEU BA 158 -24.51 1.32 -84.25
N PHE BA 159 -24.83 1.60 -85.50
CA PHE BA 159 -23.85 1.64 -86.56
C PHE BA 159 -24.44 2.46 -87.68
N ASN BA 160 -23.58 2.93 -88.57
CA ASN BA 160 -24.03 3.71 -89.69
C ASN BA 160 -23.21 3.38 -90.91
N MET BA 161 -23.82 3.55 -92.08
CA MET BA 161 -23.19 3.21 -93.34
C MET BA 161 -23.85 4.04 -94.44
N GLU BA 162 -23.17 4.11 -95.57
CA GLU BA 162 -23.66 4.93 -96.66
C GLU BA 162 -23.13 4.40 -97.97
N THR BA 163 -23.78 4.79 -99.06
CA THR BA 163 -23.36 4.40 -100.38
C THR BA 163 -23.38 5.61 -101.31
N ASP BA 164 -22.44 5.62 -102.23
CA ASP BA 164 -22.30 6.72 -103.18
C ASP BA 164 -22.97 6.45 -104.51
N GLY BA 165 -23.58 5.29 -104.68
CA GLY BA 165 -24.15 4.93 -105.96
C GLY BA 165 -23.18 4.32 -106.95
N ARG BA 166 -22.18 3.60 -106.48
CA ARG BA 166 -21.21 2.98 -107.37
C ARG BA 166 -20.87 1.59 -106.87
N ILE BA 167 -20.97 0.61 -107.75
CA ILE BA 167 -20.63 -0.76 -107.39
C ILE BA 167 -19.12 -0.91 -107.41
N GLY BA 168 -18.61 -1.85 -106.61
CA GLY BA 168 -17.17 -1.99 -106.47
C GLY BA 168 -16.46 -2.32 -107.77
N SER BA 169 -17.01 -3.27 -108.53
CA SER BA 169 -16.32 -3.78 -109.71
C SER BA 169 -16.16 -2.73 -110.80
N ASP BA 170 -16.77 -1.56 -110.66
CA ASP BA 170 -16.74 -0.55 -111.71
C ASP BA 170 -15.39 0.14 -111.76
N ILE BA 171 -14.84 0.27 -112.96
CA ILE BA 171 -13.54 0.90 -113.16
C ILE BA 171 -13.69 2.42 -113.23
N PRO BA 172 -12.98 3.18 -112.40
CA PRO BA 172 -13.01 4.62 -112.55
C PRO BA 172 -12.46 5.03 -113.90
N PRO BA 173 -13.01 6.08 -114.50
CA PRO BA 173 -12.41 6.64 -115.70
C PRO BA 173 -11.10 7.32 -115.36
N SER BA 174 -10.20 7.34 -116.35
CA SER BA 174 -8.85 7.86 -116.12
C SER BA 174 -8.81 9.34 -115.79
N ASN BA 175 -9.93 10.05 -115.93
CA ASN BA 175 -9.91 11.49 -115.69
C ASN BA 175 -9.93 11.84 -114.20
N ALA BA 176 -10.85 11.25 -113.45
CA ALA BA 176 -11.09 11.68 -112.08
C ALA BA 176 -11.31 10.47 -111.20
N SER BA 177 -11.35 10.71 -109.89
CA SER BA 177 -11.40 9.62 -108.92
C SER BA 177 -12.46 9.81 -107.83
N TRP BA 178 -12.46 8.92 -106.84
CA TRP BA 178 -13.40 9.01 -105.74
C TRP BA 178 -12.72 8.58 -104.46
N LYS BA 179 -13.19 9.12 -103.34
CA LYS BA 179 -12.85 8.60 -102.02
C LYS BA 179 -14.12 7.97 -101.46
N PRO BA 180 -14.26 6.67 -101.50
CA PRO BA 180 -15.47 6.04 -100.95
C PRO BA 180 -15.27 5.51 -99.55
N CYS BA 181 -14.94 6.38 -98.60
CA CYS BA 181 -14.77 5.92 -97.23
C CYS BA 181 -16.06 5.32 -96.70
N LYS BA 182 -15.91 4.23 -95.96
CA LYS BA 182 -17.03 3.58 -95.28
C LYS BA 182 -18.12 3.14 -96.27
N ARG BA 183 -17.71 2.43 -97.32
CA ARG BA 183 -18.71 1.67 -98.06
C ARG BA 183 -19.09 0.42 -97.30
N ASN BA 184 -18.10 -0.28 -96.76
CA ASN BA 184 -18.34 -1.45 -95.92
C ASN BA 184 -17.68 -1.24 -94.57
N ILE BA 185 -18.07 -2.04 -93.59
CA ILE BA 185 -17.72 -1.77 -92.21
C ILE BA 185 -17.46 -3.09 -91.49
N TYR BA 186 -16.61 -3.02 -90.48
CA TYR BA 186 -16.22 -4.17 -89.67
C TYR BA 186 -16.78 -3.96 -88.27
N PHE BA 187 -17.69 -4.82 -87.86
CA PHE BA 187 -18.42 -4.62 -86.60
C PHE BA 187 -18.16 -5.79 -85.66
N HIS BA 188 -17.80 -5.48 -84.43
CA HIS BA 188 -17.58 -6.50 -83.42
C HIS BA 188 -17.83 -5.93 -82.04
N LYS BA 189 -18.32 -6.78 -81.14
CA LYS BA 189 -18.53 -6.40 -79.77
C LYS BA 189 -18.29 -7.61 -78.89
N PHE BA 190 -17.94 -7.36 -77.63
CA PHE BA 190 -17.66 -8.40 -76.66
C PHE BA 190 -18.22 -7.95 -75.33
N THR BA 191 -19.05 -8.77 -74.71
CA THR BA 191 -19.65 -8.37 -73.44
C THR BA 191 -19.84 -9.54 -72.50
N SER BA 192 -19.46 -9.34 -71.25
CA SER BA 192 -19.61 -10.36 -70.21
C SER BA 192 -20.80 -10.12 -69.30
N GLY BA 193 -21.53 -9.04 -69.49
CA GLY BA 193 -22.44 -8.59 -68.43
C GLY BA 193 -23.63 -9.51 -68.24
N LEU BA 194 -24.28 -9.88 -69.32
CA LEU BA 194 -25.60 -10.48 -69.23
C LEU BA 194 -25.55 -11.84 -68.56
N GLY BA 195 -26.71 -12.28 -68.10
CA GLY BA 195 -26.90 -13.67 -67.74
C GLY BA 195 -28.35 -14.02 -67.94
N VAL BA 196 -28.61 -15.29 -68.22
CA VAL BA 196 -29.93 -15.74 -68.64
C VAL BA 196 -30.17 -17.13 -68.08
N ARG BA 197 -31.40 -17.37 -67.63
CA ARG BA 197 -31.80 -18.65 -67.09
C ARG BA 197 -32.82 -19.28 -68.02
N THR BA 198 -32.54 -20.51 -68.45
CA THR BA 198 -33.38 -21.18 -69.43
C THR BA 198 -33.69 -22.60 -68.99
N GLN BA 199 -34.91 -23.04 -69.27
CA GLN BA 199 -35.31 -24.42 -69.03
C GLN BA 199 -35.95 -24.97 -70.29
N TRP BA 200 -36.04 -26.28 -70.37
CA TRP BA 200 -36.39 -26.95 -71.61
C TRP BA 200 -37.49 -27.98 -71.38
N LYS BA 201 -38.36 -28.11 -72.37
CA LYS BA 201 -39.19 -29.30 -72.47
C LYS BA 201 -38.29 -30.49 -72.79
N ASN BA 202 -38.82 -31.68 -72.56
CA ASN BA 202 -38.00 -32.88 -72.74
C ASN BA 202 -38.18 -33.38 -74.15
N VAL BA 203 -37.17 -33.16 -74.98
CA VAL BA 203 -37.07 -33.69 -76.34
C VAL BA 203 -35.60 -33.70 -76.71
N THR BA 204 -35.29 -34.19 -77.90
CA THR BA 204 -33.91 -34.09 -78.39
C THR BA 204 -33.64 -32.74 -79.00
N ASP BA 205 -34.63 -32.17 -79.68
CA ASP BA 205 -34.40 -31.11 -80.66
C ASP BA 205 -33.89 -29.84 -79.99
N GLY BA 206 -33.27 -29.00 -80.81
CA GLY BA 206 -32.85 -27.67 -80.40
C GLY BA 206 -33.65 -26.53 -80.98
N GLY BA 207 -34.77 -26.81 -81.62
CA GLY BA 207 -35.57 -25.77 -82.22
C GLY BA 207 -36.26 -24.91 -81.19
N VAL BA 208 -37.02 -23.93 -81.68
CA VAL BA 208 -37.69 -23.01 -80.80
C VAL BA 208 -38.82 -23.69 -80.03
N GLY BA 209 -39.54 -24.62 -80.66
CA GLY BA 209 -40.68 -25.22 -80.01
C GLY BA 209 -40.36 -25.94 -78.72
N ALA BA 210 -39.08 -26.25 -78.50
CA ALA BA 210 -38.70 -27.01 -77.31
C ALA BA 210 -38.64 -26.16 -76.06
N ILE BA 211 -38.30 -24.88 -76.18
CA ILE BA 211 -37.96 -24.09 -75.01
C ILE BA 211 -39.22 -23.78 -74.21
N GLN BA 212 -39.15 -24.01 -72.90
CA GLN BA 212 -40.25 -23.65 -72.02
C GLN BA 212 -40.18 -22.17 -71.63
N ARG BA 213 -38.99 -21.69 -71.31
CA ARG BA 213 -38.86 -20.31 -70.82
C ARG BA 213 -37.45 -19.82 -71.09
N GLY BA 214 -37.30 -18.51 -71.26
CA GLY BA 214 -35.99 -17.90 -71.40
C GLY BA 214 -35.38 -17.82 -72.78
N ALA BA 215 -36.20 -17.68 -73.81
CA ALA BA 215 -35.66 -17.58 -75.16
C ALA BA 215 -34.87 -16.28 -75.32
N LEU BA 216 -34.00 -16.27 -76.33
CA LEU BA 216 -33.11 -15.15 -76.59
C LEU BA 216 -33.09 -14.85 -78.07
N TYR BA 217 -33.48 -13.63 -78.43
CA TYR BA 217 -33.60 -13.24 -79.82
C TYR BA 217 -32.55 -12.20 -80.21
N MET BA 218 -32.20 -12.20 -81.49
CA MET BA 218 -31.36 -11.18 -82.09
C MET BA 218 -32.10 -10.55 -83.25
N VAL BA 219 -31.99 -9.24 -83.39
CA VAL BA 219 -32.75 -8.49 -84.38
C VAL BA 219 -31.84 -7.50 -85.07
N ILE BA 220 -32.00 -7.36 -86.39
CA ILE BA 220 -31.24 -6.43 -87.18
C ILE BA 220 -32.18 -5.45 -87.85
N ALA BA 221 -31.89 -4.16 -87.74
CA ALA BA 221 -32.73 -3.12 -88.30
C ALA BA 221 -31.97 -2.34 -89.36
N PRO BA 222 -32.39 -2.38 -90.61
CA PRO BA 222 -31.67 -1.66 -91.66
C PRO BA 222 -31.92 -0.17 -91.59
N GLY BA 223 -31.05 0.57 -92.25
CA GLY BA 223 -31.27 2.00 -92.43
C GLY BA 223 -32.37 2.27 -93.43
N ASN BA 224 -32.79 3.53 -93.49
CA ASN BA 224 -33.88 3.92 -94.37
C ASN BA 224 -33.57 3.53 -95.82
N GLY BA 225 -34.49 2.80 -96.43
CA GLY BA 225 -34.38 2.45 -97.82
C GLY BA 225 -33.04 1.89 -98.22
N LEU BA 226 -32.39 1.19 -97.29
CA LEU BA 226 -31.05 0.68 -97.52
C LEU BA 226 -31.01 -0.79 -97.11
N THR BA 227 -30.77 -1.66 -98.09
CA THR BA 227 -30.78 -3.10 -97.87
C THR BA 227 -29.38 -3.67 -98.06
N PHE BA 228 -29.05 -4.67 -97.26
CA PHE BA 228 -27.70 -5.22 -97.29
C PHE BA 228 -27.72 -6.64 -96.78
N THR BA 229 -26.62 -7.34 -97.01
CA THR BA 229 -26.38 -8.66 -96.45
C THR BA 229 -25.11 -8.60 -95.62
N ALA BA 230 -24.96 -9.59 -94.74
CA ALA BA 230 -23.86 -9.61 -93.79
C ALA BA 230 -23.21 -10.98 -93.76
N HIS BA 231 -21.93 -11.00 -93.41
CA HIS BA 231 -21.18 -12.23 -93.24
C HIS BA 231 -20.51 -12.21 -91.88
N GLY BA 232 -20.26 -13.39 -91.34
CA GLY BA 232 -19.55 -13.49 -90.09
C GLY BA 232 -20.00 -14.71 -89.31
N GLN BA 233 -19.55 -14.76 -88.06
CA GLN BA 233 -19.88 -15.87 -87.16
C GLN BA 233 -19.78 -15.37 -85.73
N THR BA 234 -20.39 -16.14 -84.82
CA THR BA 234 -20.47 -15.75 -83.43
C THR BA 234 -20.19 -16.95 -82.54
N ARG BA 235 -19.89 -16.67 -81.28
CA ARG BA 235 -19.69 -17.71 -80.30
C ARG BA 235 -20.53 -17.45 -79.07
N LEU BA 236 -20.73 -18.49 -78.27
CA LEU BA 236 -21.45 -18.42 -77.02
C LEU BA 236 -20.66 -19.11 -75.93
N TYR BA 237 -21.10 -18.89 -74.69
CA TYR BA 237 -20.46 -19.49 -73.54
C TYR BA 237 -21.53 -19.84 -72.52
N PHE BA 238 -21.49 -21.07 -72.00
CA PHE BA 238 -22.51 -21.48 -71.05
C PHE BA 238 -22.05 -22.76 -70.36
N LYS BA 239 -22.87 -23.22 -69.41
CA LYS BA 239 -22.67 -24.51 -68.80
C LYS BA 239 -24.01 -25.05 -68.32
N SER BA 240 -24.17 -26.36 -68.40
CA SER BA 240 -25.36 -26.99 -67.86
C SER BA 240 -25.30 -27.04 -66.35
N VAL BA 241 -26.47 -27.19 -65.72
CA VAL BA 241 -26.55 -27.31 -64.27
C VAL BA 241 -27.87 -27.98 -63.95
N GLY BA 242 -27.98 -28.53 -62.74
CA GLY BA 242 -29.22 -29.06 -62.22
C GLY BA 242 -29.23 -30.58 -62.26
N ASN BA 243 -30.33 -31.13 -61.73
CA ASN BA 243 -30.56 -32.56 -61.67
C ASN BA 243 -29.40 -33.28 -61.01
N ALA CA 31 53.92 22.09 -27.32
CA ALA CA 31 54.92 22.36 -28.35
C ALA CA 31 55.52 23.75 -28.17
N GLY CA 32 56.47 23.86 -27.24
CA GLY CA 32 57.11 25.12 -26.94
C GLY CA 32 57.58 25.15 -25.51
N SER CA 33 58.15 26.29 -25.13
CA SER CA 33 58.60 26.45 -23.74
C SER CA 33 58.17 27.79 -23.16
N LYS CA 34 57.27 27.74 -22.16
CA LYS CA 34 56.83 28.93 -21.43
C LYS CA 34 56.51 30.09 -22.36
N ALA CA 35 55.87 29.77 -23.48
CA ALA CA 35 55.49 30.80 -24.43
C ALA CA 35 54.45 31.72 -23.81
N ASP CA 36 54.50 32.98 -24.22
CA ASP CA 36 53.62 34.02 -23.69
C ASP CA 36 53.13 34.90 -24.82
N ARG CA 37 51.86 35.27 -24.73
CA ARG CA 37 51.19 35.97 -25.83
C ARG CA 37 51.93 37.22 -26.31
N PRO CA 38 52.41 38.12 -25.45
CA PRO CA 38 53.22 39.22 -25.96
C PRO CA 38 54.54 38.72 -26.51
N SER CA 39 55.11 39.52 -27.40
CA SER CA 39 56.34 39.14 -28.08
C SER CA 39 57.50 39.08 -27.08
N LEU CA 40 58.56 38.40 -27.49
CA LEU CA 40 59.74 38.21 -26.66
C LEU CA 40 60.93 38.95 -27.27
N GLN CA 41 61.84 39.39 -26.40
CA GLN CA 41 62.94 40.20 -26.87
C GLN CA 41 63.89 39.38 -27.73
N ILE CA 42 64.72 40.08 -28.51
CA ILE CA 42 65.60 39.47 -29.48
C ILE CA 42 66.99 40.05 -29.32
N GLN CA 43 68.00 39.18 -29.38
CA GLN CA 43 69.40 39.59 -29.43
C GLN CA 43 70.12 38.83 -30.52
N THR CA 44 71.06 39.49 -31.18
CA THR CA 44 71.77 38.92 -32.30
C THR CA 44 73.28 39.02 -32.09
N LEU CA 45 74.00 38.24 -32.88
CA LEU CA 45 75.45 38.31 -32.92
C LEU CA 45 75.89 38.35 -34.36
N GLN CA 46 76.98 39.06 -34.61
CA GLN CA 46 77.49 39.24 -35.96
C GLN CA 46 78.90 38.69 -36.03
N HIS CA 47 79.08 37.59 -36.75
CA HIS CA 47 80.41 37.04 -36.98
C HIS CA 47 80.62 37.00 -38.49
N ALA CA 48 81.52 37.86 -38.97
CA ALA CA 48 81.77 38.00 -40.40
C ALA CA 48 82.86 39.03 -40.57
N GLY CA 49 83.46 39.05 -41.76
CA GLY CA 49 84.43 40.07 -42.08
C GLY CA 49 85.57 40.08 -41.09
N THR CA 50 85.75 41.23 -40.44
CA THR CA 50 86.79 41.36 -39.43
C THR CA 50 86.64 40.31 -38.35
N THR CA 51 85.42 40.01 -37.93
CA THR CA 51 85.19 39.03 -36.89
C THR CA 51 84.76 37.73 -37.55
N MET CA 52 85.67 36.78 -37.60
CA MET CA 52 85.39 35.43 -38.07
C MET CA 52 85.97 34.47 -37.06
N ILE CA 53 85.10 33.68 -36.42
CA ILE CA 53 85.60 32.68 -35.50
C ILE CA 53 86.58 31.79 -36.25
N THR CA 54 87.80 31.69 -35.72
CA THR CA 54 88.87 30.93 -36.36
C THR CA 54 89.45 29.98 -35.33
N VAL CA 55 89.45 28.69 -35.64
CA VAL CA 55 89.76 27.69 -34.63
C VAL CA 55 91.03 26.92 -34.99
N PRO CA 56 92.11 27.14 -34.26
CA PRO CA 56 93.23 26.21 -34.31
C PRO CA 56 92.90 24.94 -33.54
N SER CA 57 93.70 23.90 -33.78
CA SER CA 57 93.51 22.63 -33.11
C SER CA 57 93.43 22.82 -31.60
N GLY CA 58 92.44 22.20 -30.97
CA GLY CA 58 92.21 22.37 -29.56
C GLY CA 58 91.03 23.23 -29.20
N GLY CA 59 90.30 23.73 -30.19
CA GLY CA 59 89.05 24.43 -29.92
C GLY CA 59 89.25 25.82 -29.35
N VAL CA 60 88.12 26.50 -29.15
CA VAL CA 60 88.13 27.84 -28.58
C VAL CA 60 86.91 28.01 -27.72
N CYS CA 61 87.08 28.72 -26.60
CA CYS CA 61 86.02 28.99 -25.65
C CYS CA 61 85.42 30.35 -25.97
N ASP CA 62 84.12 30.48 -25.75
CA ASP CA 62 83.45 31.75 -25.98
C ASP CA 62 82.16 31.80 -25.18
N LEU CA 63 81.66 33.02 -24.98
CA LEU CA 63 80.41 33.25 -24.28
C LEU CA 63 79.44 33.98 -25.19
N ILE CA 64 78.26 33.40 -25.37
CA ILE CA 64 77.25 33.98 -26.26
C ILE CA 64 76.18 34.73 -25.51
N ASN CA 65 76.21 34.77 -24.19
CA ASN CA 65 75.05 35.27 -23.46
C ASN CA 65 75.13 36.75 -23.16
N THR CA 66 76.15 37.44 -23.66
CA THR CA 66 76.37 38.84 -23.34
C THR CA 66 75.14 39.70 -23.58
N TYR CA 67 74.82 40.52 -22.58
CA TYR CA 67 73.69 41.45 -22.63
C TYR CA 67 74.10 42.76 -22.01
N ALA CA 68 73.80 43.87 -22.68
CA ALA CA 68 73.96 45.16 -22.04
C ALA CA 68 72.72 45.49 -21.23
N ARG CA 69 72.75 46.62 -20.54
CA ARG CA 69 71.59 47.13 -19.81
C ARG CA 69 71.38 48.58 -20.19
N GLY CA 70 70.13 48.93 -20.47
CA GLY CA 70 69.82 50.30 -20.82
C GLY CA 70 68.47 50.40 -21.48
N SER CA 71 68.32 51.46 -22.25
CA SER CA 71 67.04 51.75 -22.88
C SER CA 71 66.83 50.87 -24.11
N ASP CA 72 67.90 50.61 -24.86
CA ASP CA 72 67.77 49.98 -26.16
C ASP CA 72 67.13 48.59 -26.04
N GLU CA 73 66.30 48.26 -27.02
CA GLU CA 73 65.70 46.94 -27.06
C GLU CA 73 66.76 45.88 -27.29
N GLY CA 74 66.60 44.76 -26.61
CA GLY CA 74 67.57 43.69 -26.69
C GLY CA 74 68.51 43.72 -25.51
N ASN CA 75 68.66 44.89 -24.90
CA ASN CA 75 69.39 44.96 -23.66
C ASN CA 75 68.48 44.56 -22.50
N ARG CA 76 69.09 44.07 -21.43
CA ARG CA 76 68.31 43.60 -20.30
C ARG CA 76 67.87 44.76 -19.43
N HIS CA 77 66.58 44.76 -19.06
CA HIS CA 77 66.04 45.82 -18.22
C HIS CA 77 66.23 45.55 -16.73
N THR CA 78 66.52 44.31 -16.34
CA THR CA 78 66.51 43.98 -14.92
C THR CA 78 67.80 43.30 -14.51
N SER CA 79 67.83 42.80 -13.29
CA SER CA 79 68.99 42.04 -12.82
C SER CA 79 68.79 40.55 -12.96
N GLU CA 80 67.65 40.10 -13.49
CA GLU CA 80 67.32 38.70 -13.56
C GLU CA 80 66.80 38.36 -14.95
N THR CA 81 67.39 37.35 -15.58
CA THR CA 81 67.07 37.01 -16.97
C THR CA 81 66.92 35.51 -17.14
N LEU CA 82 65.89 35.12 -17.90
CA LEU CA 82 65.71 33.75 -18.35
C LEU CA 82 65.80 33.73 -19.86
N THR CA 83 66.42 32.69 -20.40
CA THR CA 83 66.47 32.49 -21.84
C THR CA 83 65.71 31.22 -22.21
N TYR CA 84 65.22 31.17 -23.44
CA TYR CA 84 64.40 30.04 -23.84
C TYR CA 84 64.89 29.36 -25.11
N LYS CA 85 64.65 29.98 -26.24
CA LYS CA 85 64.84 29.35 -27.53
C LYS CA 85 66.04 29.96 -28.22
N ILE CA 86 66.77 29.13 -28.95
CA ILE CA 86 67.98 29.57 -29.64
C ILE CA 86 68.03 28.92 -31.02
N ALA CA 87 68.45 29.69 -32.01
CA ALA CA 87 68.62 29.19 -33.36
C ALA CA 87 70.01 29.57 -33.84
N ILE CA 88 70.64 28.68 -34.59
CA ILE CA 88 72.02 28.86 -34.99
C ILE CA 88 72.14 28.60 -36.47
N ASP CA 89 72.79 29.52 -37.18
CA ASP CA 89 73.13 29.35 -38.59
C ASP CA 89 74.59 29.70 -38.78
N TYR CA 90 75.28 28.94 -39.62
CA TYR CA 90 76.63 29.30 -40.00
C TYR CA 90 76.98 28.73 -41.35
N HIS CA 91 78.04 29.26 -41.92
CA HIS CA 91 78.76 28.60 -42.99
C HIS CA 91 80.13 28.17 -42.49
N PHE CA 92 80.59 27.02 -42.98
CA PHE CA 92 81.94 26.55 -42.73
C PHE CA 92 82.71 26.52 -44.04
N VAL CA 93 84.02 26.66 -43.94
CA VAL CA 93 84.90 26.44 -45.09
C VAL CA 93 86.25 26.00 -44.57
N ALA CA 94 86.88 25.07 -45.29
CA ALA CA 94 88.22 24.65 -44.92
C ALA CA 94 89.20 25.78 -45.16
N ASP CA 95 90.31 25.73 -44.45
CA ASP CA 95 91.39 26.70 -44.64
C ASP CA 95 92.45 26.12 -45.54
N ALA CA 96 92.95 26.94 -46.46
CA ALA CA 96 94.01 26.50 -47.36
C ALA CA 96 95.24 26.06 -46.59
N ALA CA 97 95.47 26.65 -45.42
CA ALA CA 97 96.63 26.30 -44.61
C ALA CA 97 96.71 24.80 -44.36
N ALA CA 98 95.57 24.15 -44.14
CA ALA CA 98 95.52 22.71 -43.94
C ALA CA 98 95.22 21.94 -45.22
N CYS CA 99 94.96 22.62 -46.33
CA CYS CA 99 94.64 21.91 -47.56
C CYS CA 99 95.85 21.23 -48.17
N ARG CA 100 97.05 21.47 -47.66
CA ARG CA 100 98.23 20.80 -48.20
C ARG CA 100 98.21 19.29 -47.98
N TYR CA 101 97.25 18.79 -47.21
CA TYR CA 101 97.10 17.36 -46.98
C TYR CA 101 95.70 16.94 -47.39
N SER CA 102 95.49 15.64 -47.53
CA SER CA 102 94.19 15.11 -47.90
C SER CA 102 93.78 14.06 -46.89
N ASN CA 103 92.78 14.38 -46.08
CA ASN CA 103 92.13 13.39 -45.23
C ASN CA 103 90.79 13.95 -44.82
N THR CA 104 89.93 13.07 -44.34
CA THR CA 104 88.68 13.50 -43.75
C THR CA 104 88.88 13.73 -42.27
N GLY CA 105 87.78 13.91 -41.56
CA GLY CA 105 87.82 14.08 -40.12
C GLY CA 105 86.42 14.20 -39.57
N THR CA 106 86.34 14.55 -38.30
CA THR CA 106 85.04 14.78 -37.67
C THR CA 106 85.15 15.90 -36.66
N GLY CA 107 84.18 16.82 -36.69
CA GLY CA 107 84.12 17.92 -35.76
C GLY CA 107 82.99 17.79 -34.75
N VAL CA 108 82.98 18.72 -33.80
CA VAL CA 108 82.05 18.68 -32.68
C VAL CA 108 81.71 20.09 -32.27
N MET CA 109 80.45 20.30 -31.92
CA MET CA 109 79.99 21.56 -31.35
C MET CA 109 79.18 21.24 -30.10
N TRP CA 110 79.57 21.82 -28.96
CA TRP CA 110 78.83 21.63 -27.73
C TRP CA 110 78.18 22.93 -27.29
N LEU CA 111 77.14 22.78 -26.50
CA LEU CA 111 76.52 23.90 -25.81
C LEU CA 111 76.62 23.60 -24.33
N VAL CA 112 77.46 24.37 -23.63
CA VAL CA 112 77.86 24.06 -22.26
C VAL CA 112 77.31 25.10 -21.32
N TYR CA 113 76.68 24.64 -20.24
CA TYR CA 113 76.13 25.52 -19.23
C TYR CA 113 77.01 25.52 -17.99
N ASP CA 114 77.12 26.68 -17.35
CA ASP CA 114 77.96 26.88 -16.19
C ASP CA 114 77.13 27.23 -14.97
N THR CA 115 77.69 26.95 -13.80
CA THR CA 115 77.08 27.41 -12.56
C THR CA 115 77.72 28.71 -12.09
N THR CA 116 78.95 28.62 -11.59
CA THR CA 116 79.67 29.80 -11.14
C THR CA 116 80.92 29.98 -11.98
N PRO CA 117 81.03 31.05 -12.75
CA PRO CA 117 82.24 31.25 -13.56
C PRO CA 117 83.37 31.74 -12.68
N GLY CA 118 84.58 31.32 -13.03
CA GLY CA 118 85.74 31.88 -12.38
C GLY CA 118 85.97 33.31 -12.82
N GLY CA 119 86.96 33.95 -12.18
CA GLY CA 119 87.35 35.28 -12.60
C GLY CA 119 88.02 35.32 -13.95
N GLN CA 120 88.52 34.19 -14.42
CA GLN CA 120 89.24 34.09 -15.68
C GLN CA 120 88.46 33.24 -16.67
N ALA CA 121 88.69 33.50 -17.95
CA ALA CA 121 87.96 32.78 -18.98
C ALA CA 121 88.45 31.34 -19.08
N PRO CA 122 87.54 30.38 -19.14
CA PRO CA 122 87.96 28.98 -19.25
C PRO CA 122 88.53 28.69 -20.63
N THR CA 123 89.27 27.60 -20.70
CA THR CA 123 89.75 27.07 -21.96
C THR CA 123 89.41 25.59 -22.02
N PRO CA 124 89.19 25.05 -23.21
CA PRO CA 124 88.77 23.64 -23.30
C PRO CA 124 89.64 22.70 -22.51
N GLN CA 125 90.96 22.85 -22.60
CA GLN CA 125 91.85 21.95 -21.89
C GLN CA 125 91.53 21.94 -20.40
N THR CA 126 91.02 23.05 -19.89
CA THR CA 126 90.61 23.08 -18.50
C THR CA 126 89.24 22.47 -18.30
N ILE CA 127 88.34 22.62 -19.27
CA ILE CA 127 86.99 22.14 -19.04
C ILE CA 127 86.93 20.62 -19.18
N PHE CA 128 87.79 20.05 -20.01
CA PHE CA 128 87.80 18.62 -20.24
C PHE CA 128 89.19 18.11 -19.91
N ALA CA 129 89.27 17.13 -19.02
CA ALA CA 129 90.56 16.54 -18.73
C ALA CA 129 90.89 15.54 -19.83
N TYR CA 130 91.94 15.80 -20.57
CA TYR CA 130 92.30 14.86 -21.61
C TYR CA 130 93.81 14.72 -21.69
N PRO CA 131 94.31 13.51 -21.89
CA PRO CA 131 95.73 13.34 -22.14
C PRO CA 131 96.11 13.93 -23.49
N ASP CA 132 97.40 14.26 -23.63
CA ASP CA 132 97.87 14.87 -24.86
C ASP CA 132 97.64 13.95 -26.05
N THR CA 133 97.66 12.65 -25.83
CA THR CA 133 97.45 11.71 -26.91
C THR CA 133 96.10 11.90 -27.59
N LEU CA 134 95.04 12.04 -26.81
CA LEU CA 134 93.70 12.17 -27.36
C LEU CA 134 93.43 13.53 -28.01
N LYS CA 135 94.37 14.47 -27.91
CA LYS CA 135 94.14 15.80 -28.47
C LYS CA 135 93.75 15.73 -29.93
N ALA CA 136 94.23 14.70 -30.65
CA ALA CA 136 93.87 14.53 -32.04
C ALA CA 136 92.36 14.40 -32.20
N TRP CA 137 91.77 13.44 -31.53
CA TRP CA 137 90.38 13.16 -31.82
C TRP CA 137 89.51 13.72 -30.72
N PRO CA 138 88.85 14.84 -30.93
CA PRO CA 138 88.07 15.44 -29.85
C PRO CA 138 86.83 14.63 -29.53
N ALA CA 139 86.21 14.02 -30.55
CA ALA CA 139 84.87 13.51 -30.39
C ALA CA 139 84.75 12.50 -29.27
N THR CA 140 85.87 12.00 -28.78
CA THR CA 140 85.85 11.10 -27.64
C THR CA 140 85.86 11.83 -26.31
N TRP CA 141 86.17 13.12 -26.31
CA TRP CA 141 86.23 13.84 -25.04
C TRP CA 141 84.90 13.73 -24.31
N LYS CA 142 84.97 13.69 -23.00
CA LYS CA 142 83.79 13.80 -22.17
C LYS CA 142 84.13 14.60 -20.92
N VAL CA 143 83.08 15.08 -20.26
CA VAL CA 143 83.28 15.99 -19.14
C VAL CA 143 84.10 15.32 -18.04
N SER CA 144 85.05 16.07 -17.50
CA SER CA 144 85.92 15.54 -16.46
C SER CA 144 85.16 15.37 -15.16
N ARG CA 145 85.60 14.42 -14.33
CA ARG CA 145 84.84 14.09 -13.13
C ARG CA 145 85.06 15.07 -12.00
N GLU CA 146 86.24 15.70 -11.94
CA GLU CA 146 86.52 16.62 -10.85
C GLU CA 146 85.49 17.73 -10.79
N LEU CA 147 85.09 18.23 -11.95
CA LEU CA 147 84.16 19.34 -12.04
C LEU CA 147 82.72 18.88 -12.19
N CYS CA 148 82.47 17.58 -12.03
CA CYS CA 148 81.25 16.92 -12.44
C CYS CA 148 79.99 17.72 -12.11
N HIS CA 149 79.97 18.33 -10.94
CA HIS CA 149 78.81 19.13 -10.59
C HIS CA 149 78.96 20.60 -10.94
N ARG CA 150 80.13 21.04 -11.36
CA ARG CA 150 80.29 22.44 -11.71
C ARG CA 150 79.78 22.76 -13.12
N PHE CA 151 79.85 21.79 -14.03
CA PHE CA 151 79.45 22.02 -15.41
C PHE CA 151 78.47 20.96 -15.86
N VAL CA 152 77.82 21.23 -16.99
CA VAL CA 152 76.92 20.28 -17.62
C VAL CA 152 76.78 20.69 -19.07
N VAL CA 153 76.35 19.74 -19.91
CA VAL CA 153 76.20 19.98 -21.34
C VAL CA 153 74.77 19.64 -21.71
N LYS CA 154 74.01 20.65 -22.13
CA LYS CA 154 72.61 20.44 -22.41
C LYS CA 154 72.31 20.10 -23.87
N ARG CA 155 73.29 20.24 -24.76
CA ARG CA 155 73.11 19.87 -26.15
C ARG CA 155 74.42 19.38 -26.73
N ARG CA 156 74.31 18.70 -27.86
CA ARG CA 156 75.48 18.18 -28.56
C ARG CA 156 75.16 18.11 -30.04
N TRP CA 157 76.17 18.30 -30.87
CA TRP CA 157 75.96 18.12 -32.30
C TRP CA 157 77.23 17.59 -32.95
N LEU CA 158 77.04 16.92 -34.08
CA LEU CA 158 78.14 16.37 -34.85
C LEU CA 158 78.09 16.91 -36.27
N PHE CA 159 79.26 16.91 -36.90
CA PHE CA 159 79.36 17.24 -38.31
C PHE CA 159 80.67 16.66 -38.80
N ASN CA 160 80.79 16.53 -40.11
CA ASN CA 160 82.00 16.00 -40.69
C ASN CA 160 82.30 16.71 -41.99
N MET CA 161 83.58 16.78 -42.33
CA MET CA 161 84.03 17.48 -43.51
C MET CA 161 85.36 16.89 -43.94
N GLU CA 162 85.75 17.18 -45.17
CA GLU CA 162 86.96 16.60 -45.71
C GLU CA 162 87.50 17.50 -46.81
N THR CA 163 88.77 17.31 -47.13
CA THR CA 163 89.41 18.07 -48.18
C THR CA 163 90.23 17.13 -49.05
N ASP CA 164 90.29 17.45 -50.34
CA ASP CA 164 90.98 16.64 -51.31
C ASP CA 164 92.38 17.15 -51.60
N GLY CA 165 92.79 18.25 -50.98
CA GLY CA 165 94.07 18.85 -51.29
C GLY CA 165 94.07 19.78 -52.48
N ARG CA 166 92.96 20.48 -52.73
CA ARG CA 166 92.89 21.40 -53.86
C ARG CA 166 92.15 22.65 -53.44
N ILE CA 167 92.73 23.80 -53.69
CA ILE CA 167 92.10 25.06 -53.36
C ILE CA 167 91.08 25.39 -54.44
N GLY CA 168 90.04 26.15 -54.07
CA GLY CA 168 88.96 26.40 -55.00
C GLY CA 168 89.39 27.12 -56.26
N SER CA 169 90.21 28.16 -56.11
CA SER CA 169 90.55 29.02 -57.23
C SER CA 169 91.35 28.30 -58.31
N ASP CA 170 91.79 27.08 -58.07
CA ASP CA 170 92.64 26.37 -59.01
C ASP CA 170 91.84 25.86 -60.20
N ILE CA 171 92.36 26.09 -61.40
CA ILE CA 171 91.69 25.68 -62.63
C ILE CA 171 92.02 24.22 -62.94
N PRO CA 172 91.01 23.37 -63.12
CA PRO CA 172 91.30 22.00 -63.55
C PRO CA 172 91.96 22.01 -64.91
N PRO CA 173 92.89 21.09 -65.15
CA PRO CA 173 93.42 20.91 -66.49
C PRO CA 173 92.35 20.31 -67.40
N SER CA 174 92.47 20.64 -68.69
CA SER CA 174 91.45 20.24 -69.66
C SER CA 174 91.35 18.73 -69.84
N ASN CA 175 92.28 17.96 -69.29
CA ASN CA 175 92.25 16.51 -69.51
C ASN CA 175 91.22 15.80 -68.63
N ALA CA 176 91.23 16.08 -67.33
CA ALA CA 176 90.44 15.29 -66.39
C ALA CA 176 89.81 16.23 -65.37
N SER CA 177 88.91 15.66 -64.56
CA SER CA 177 88.12 16.47 -63.63
C SER CA 177 88.07 15.90 -62.22
N TRP CA 178 87.24 16.51 -61.36
CA TRP CA 178 87.09 16.05 -60.00
C TRP CA 178 85.65 16.22 -59.57
N LYS CA 179 85.21 15.37 -58.64
CA LYS CA 179 83.97 15.58 -57.91
C LYS CA 179 84.35 15.92 -56.48
N PRO CA 180 84.32 17.16 -56.08
CA PRO CA 180 84.67 17.50 -54.69
C PRO CA 180 83.46 17.68 -53.81
N CYS CA 181 82.64 16.64 -53.66
CA CYS CA 181 81.47 16.76 -52.80
C CYS CA 181 81.90 17.07 -51.37
N LYS CA 182 81.13 17.95 -50.74
CA LYS CA 182 81.33 18.28 -49.33
C LYS CA 182 82.73 18.83 -49.06
N ARG CA 183 83.14 19.82 -49.85
CA ARG CA 183 84.27 20.62 -49.40
C ARG CA 183 83.84 21.60 -48.33
N ASN CA 184 82.70 22.25 -48.53
CA ASN CA 184 82.12 23.14 -47.54
C ASN CA 184 80.71 22.68 -47.21
N ILE CA 185 80.18 23.16 -46.10
CA ILE CA 185 78.96 22.60 -45.54
C ILE CA 185 78.12 23.72 -44.94
N TYR CA 186 76.81 23.50 -44.94
CA TYR CA 186 75.84 24.44 -44.41
C TYR CA 186 75.21 23.84 -43.17
N PHE CA 187 75.44 24.46 -42.03
CA PHE CA 187 75.04 23.88 -40.74
C PHE CA 187 74.06 24.79 -40.04
N HIS CA 188 72.94 24.23 -39.59
CA HIS CA 188 71.95 25.00 -38.85
C HIS CA 188 71.18 24.07 -37.93
N LYS CA 189 70.76 24.61 -36.79
CA LYS CA 189 69.94 23.87 -35.85
C LYS CA 189 69.01 24.86 -35.17
N PHE CA 190 67.88 24.34 -34.69
CA PHE CA 190 66.87 25.14 -34.01
C PHE CA 190 66.32 24.31 -32.87
N THR CA 191 66.34 24.86 -31.66
CA THR CA 191 65.87 24.09 -30.51
C THR CA 191 65.18 24.96 -29.48
N SER CA 192 64.03 24.51 -29.01
CA SER CA 192 63.27 25.21 -27.99
C SER CA 192 63.44 24.63 -26.60
N GLY CA 193 64.19 23.54 -26.45
CA GLY CA 193 64.08 22.75 -25.23
C GLY CA 193 64.64 23.46 -24.01
N LEU CA 194 65.83 24.01 -24.13
CA LEU CA 194 66.59 24.42 -22.96
C LEU CA 194 65.91 25.57 -22.24
N GLY CA 195 66.32 25.76 -20.99
CA GLY CA 195 66.03 26.98 -20.27
C GLY CA 195 67.12 27.21 -19.26
N VAL CA 196 67.36 28.47 -18.94
CA VAL CA 196 68.51 28.86 -18.14
C VAL CA 196 68.11 30.03 -17.25
N ARG CA 197 68.59 30.02 -16.01
CA ARG CA 197 68.33 31.07 -15.05
C ARG CA 197 69.62 31.80 -14.75
N THR CA 198 69.61 33.12 -14.92
CA THR CA 198 70.83 33.92 -14.77
C THR CA 198 70.55 35.13 -13.91
N GLN CA 199 71.53 35.49 -13.09
CA GLN CA 199 71.47 36.72 -12.31
C GLN CA 199 72.77 37.49 -12.51
N TRP CA 200 72.74 38.77 -12.17
CA TRP CA 200 73.81 39.67 -12.54
C TRP CA 200 74.27 40.49 -11.34
N LYS CA 201 75.57 40.76 -11.31
CA LYS CA 201 76.06 41.84 -10.47
C LYS CA 201 75.57 43.17 -11.03
N ASN CA 202 75.62 44.20 -10.21
CA ASN CA 202 75.06 45.48 -10.62
C ASN CA 202 76.17 46.30 -11.26
N VAL CA 203 76.11 46.41 -12.59
CA VAL CA 203 76.97 47.26 -13.40
C VAL CA 203 76.25 47.52 -14.70
N THR CA 204 76.85 48.32 -15.57
CA THR CA 204 76.29 48.50 -16.91
C THR CA 204 76.69 47.38 -17.84
N ASP CA 205 77.92 46.89 -17.69
CA ASP CA 205 78.59 46.14 -18.74
C ASP CA 205 77.91 44.81 -19.00
N GLY CA 206 78.17 44.27 -20.18
CA GLY CA 206 77.73 42.94 -20.56
C GLY CA 206 78.82 41.90 -20.63
N GLY CA 207 80.02 42.20 -20.15
CA GLY CA 207 81.11 41.26 -20.21
C GLY CA 207 80.92 40.10 -19.26
N VAL CA 208 81.90 39.20 -19.27
CA VAL CA 208 81.81 38.01 -18.44
C VAL CA 208 81.94 38.35 -16.96
N GLY CA 209 82.79 39.32 -16.61
CA GLY CA 209 83.01 39.62 -15.21
C GLY CA 209 81.78 40.03 -14.45
N ALA CA 210 80.72 40.41 -15.16
CA ALA CA 210 79.52 40.89 -14.49
C ALA CA 210 78.66 39.77 -13.94
N ILE CA 211 78.66 38.61 -14.58
CA ILE CA 211 77.66 37.59 -14.28
C ILE CA 211 77.96 36.95 -12.93
N GLN CA 212 76.93 36.87 -12.08
CA GLN CA 212 77.08 36.17 -10.81
C GLN CA 212 76.91 34.67 -10.98
N ARG CA 213 75.92 34.25 -11.76
CA ARG CA 213 75.63 32.82 -11.88
C ARG CA 213 74.93 32.56 -13.21
N GLY CA 214 75.09 31.36 -13.75
CA GLY CA 214 74.38 30.95 -14.94
C GLY CA 214 74.98 31.29 -16.29
N ALA CA 215 76.31 31.32 -16.38
CA ALA CA 215 76.93 31.62 -17.67
C ALA CA 215 76.65 30.49 -18.66
N LEU CA 216 76.81 30.83 -19.95
CA LEU CA 216 76.51 29.91 -21.04
C LEU CA 216 77.61 29.99 -22.07
N TYR CA 217 78.27 28.86 -22.32
CA TYR CA 217 79.41 28.81 -23.22
C TYR CA 217 79.10 28.03 -24.49
N MET CA 218 79.80 28.38 -25.56
CA MET CA 218 79.77 27.65 -26.81
C MET CA 218 81.19 27.25 -27.17
N VAL CA 219 81.36 26.03 -27.66
CA VAL CA 219 82.68 25.47 -27.92
C VAL CA 219 82.68 24.79 -29.27
N ILE CA 220 83.76 24.96 -30.03
CA ILE CA 220 83.93 24.35 -31.34
C ILE CA 220 85.16 23.47 -31.31
N ALA CA 221 85.02 22.23 -31.77
CA ALA CA 221 86.12 21.28 -31.77
C ALA CA 221 86.46 20.87 -33.19
N PRO CA 222 87.65 21.17 -33.68
CA PRO CA 222 88.01 20.82 -35.05
C PRO CA 222 88.29 19.35 -35.19
N GLY CA 223 88.27 18.89 -36.43
CA GLY CA 223 88.71 17.54 -36.74
C GLY CA 223 90.21 17.40 -36.65
N ASN CA 224 90.67 16.16 -36.69
CA ASN CA 224 92.09 15.88 -36.56
C ASN CA 224 92.89 16.63 -37.61
N GLY CA 225 93.88 17.40 -37.15
CA GLY CA 225 94.79 18.09 -38.03
C GLY CA 225 94.10 18.87 -39.12
N LEU CA 226 92.91 19.39 -38.83
CA LEU CA 226 92.11 20.09 -39.82
C LEU CA 226 91.63 21.40 -39.23
N THR CA 227 92.08 22.51 -39.81
CA THR CA 227 91.77 23.84 -39.31
C THR CA 227 90.90 24.59 -40.31
N PHE CA 228 89.98 25.39 -39.79
CA PHE CA 228 89.04 26.08 -40.67
C PHE CA 228 88.52 27.32 -39.96
N THR CA 229 87.87 28.17 -40.74
CA THR CA 229 87.15 29.33 -40.23
C THR CA 229 85.69 29.20 -40.64
N ALA CA 230 84.83 29.96 -39.94
CA ALA CA 230 83.40 29.86 -40.13
C ALA CA 230 82.79 31.25 -40.25
N HIS CA 231 81.67 31.32 -40.95
CA HIS CA 231 80.90 32.54 -41.09
C HIS CA 231 79.46 32.26 -40.71
N GLY CA 232 78.77 33.29 -40.26
CA GLY CA 232 77.37 33.16 -39.95
C GLY CA 232 76.97 34.08 -38.82
N GLN CA 233 75.75 33.87 -38.33
CA GLN CA 233 75.20 34.68 -37.25
C GLN CA 233 74.14 33.86 -36.53
N THR CA 234 73.81 34.31 -35.32
CA THR CA 234 72.88 33.58 -34.47
C THR CA 234 71.92 34.54 -33.80
N ARG CA 235 70.83 34.00 -33.29
CA ARG CA 235 69.86 34.77 -32.55
C ARG CA 235 69.56 34.12 -31.21
N LEU CA 236 69.00 34.92 -30.30
CA LEU CA 236 68.59 34.45 -29.00
C LEU CA 236 67.18 34.93 -28.70
N TYR CA 237 66.60 34.37 -27.65
CA TYR CA 237 65.26 34.73 -27.23
C TYR CA 237 65.21 34.70 -25.71
N PHE CA 238 64.66 35.75 -25.10
CA PHE CA 238 64.62 35.80 -23.65
C PHE CA 238 63.66 36.90 -23.23
N LYS CA 239 63.47 37.03 -21.91
CA LYS CA 239 62.75 38.14 -21.35
C LYS CA 239 63.24 38.40 -19.93
N SER CA 240 63.26 39.66 -19.54
CA SER CA 240 63.62 40.00 -18.17
C SER CA 240 62.47 39.68 -17.24
N VAL CA 241 62.78 39.55 -15.95
CA VAL CA 241 61.77 39.29 -14.94
C VAL CA 241 62.35 39.71 -13.60
N GLY CA 242 61.48 39.92 -12.62
CA GLY CA 242 61.88 40.18 -11.25
C GLY CA 242 61.75 41.64 -10.89
N ASN CA 243 62.05 41.92 -9.61
CA ASN CA 243 62.00 43.26 -9.05
C ASN CA 243 60.65 43.91 -9.30
N ALA DA 31 52.35 36.29 9.21
CA ALA DA 31 53.65 36.70 9.71
C ALA DA 31 54.46 37.42 8.63
N GLY DA 32 54.15 38.68 8.42
CA GLY DA 32 54.82 39.47 7.41
C GLY DA 32 53.90 40.56 6.89
N SER DA 33 54.41 41.34 5.93
CA SER DA 33 53.59 42.38 5.33
C SER DA 33 53.68 42.37 3.81
N LYS DA 34 52.58 42.05 3.15
CA LYS DA 34 52.46 42.07 1.68
C LYS DA 34 53.67 41.43 1.01
N ALA DA 35 54.13 40.32 1.58
CA ALA DA 35 55.26 39.61 1.01
C ALA DA 35 54.89 39.05 -0.36
N ASP DA 36 55.88 38.99 -1.24
CA ASP DA 36 55.69 38.55 -2.60
C ASP DA 36 56.84 37.64 -3.00
N ARG DA 37 56.50 36.57 -3.73
CA ARG DA 37 57.47 35.52 -4.06
C ARG DA 37 58.76 36.04 -4.68
N PRO DA 38 58.75 36.92 -5.68
CA PRO DA 38 60.02 37.48 -6.16
C PRO DA 38 60.66 38.35 -5.10
N SER DA 39 61.98 38.49 -5.21
CA SER DA 39 62.74 39.23 -4.23
C SER DA 39 62.38 40.72 -4.26
N LEU DA 40 62.72 41.42 -3.20
CA LEU DA 40 62.42 42.83 -3.05
C LEU DA 40 63.70 43.64 -3.06
N GLN DA 41 63.61 44.88 -3.54
CA GLN DA 41 64.80 45.69 -3.70
C GLN DA 41 65.38 46.06 -2.34
N ILE DA 42 66.64 46.48 -2.36
CA ILE DA 42 67.39 46.76 -1.14
C ILE DA 42 68.09 48.10 -1.29
N GLN DA 43 68.05 48.90 -0.23
CA GLN DA 43 68.81 50.14 -0.15
C GLN DA 43 69.52 50.22 1.20
N THR DA 44 70.72 50.78 1.20
CA THR DA 44 71.54 50.85 2.39
C THR DA 44 71.98 52.27 2.67
N LEU DA 45 72.45 52.50 3.88
CA LEU DA 45 73.05 53.75 4.27
C LEU DA 45 74.34 53.47 5.01
N GLN DA 46 75.30 54.36 4.83
CA GLN DA 46 76.62 54.18 5.42
C GLN DA 46 76.91 55.36 6.33
N HIS DA 47 76.95 55.11 7.63
CA HIS DA 47 77.34 56.13 8.61
C HIS DA 47 78.55 55.62 9.36
N ALA DA 48 79.70 56.24 9.10
CA ALA DA 48 80.96 55.80 9.67
C ALA DA 48 82.03 56.76 9.20
N GLY DA 49 83.17 56.72 9.89
CA GLY DA 49 84.31 57.50 9.44
C GLY DA 49 83.97 58.97 9.34
N THR DA 50 84.15 59.51 8.14
CA THR DA 50 83.81 60.91 7.89
C THR DA 50 82.37 61.22 8.28
N THR DA 51 81.45 60.31 7.98
CA THR DA 51 80.05 60.53 8.29
C THR DA 51 79.72 59.75 9.55
N MET DA 52 79.60 60.47 10.66
CA MET DA 52 79.15 59.91 11.92
C MET DA 52 78.08 60.83 12.46
N ILE DA 53 76.86 60.30 12.60
CA ILE DA 53 75.81 61.11 13.20
C ILE DA 53 76.28 61.56 14.57
N THR DA 54 76.27 62.87 14.79
CA THR DA 54 76.75 63.45 16.03
C THR DA 54 75.69 64.39 16.56
N VAL DA 55 75.25 64.16 17.79
CA VAL DA 55 74.07 64.83 18.29
C VAL DA 55 74.40 65.73 19.48
N PRO DA 56 74.35 67.03 19.30
CA PRO DA 56 74.31 67.94 20.45
C PRO DA 56 72.93 67.93 21.08
N SER DA 57 72.87 68.45 22.30
CA SER DA 57 71.61 68.50 23.05
C SER DA 57 70.54 69.15 22.20
N GLY DA 58 69.37 68.53 22.16
CA GLY DA 58 68.27 68.99 21.34
C GLY DA 58 68.02 68.18 20.10
N GLY DA 59 68.77 67.11 19.87
CA GLY DA 59 68.47 66.18 18.80
C GLY DA 59 68.83 66.72 17.43
N VAL DA 60 68.62 65.87 16.43
CA VAL DA 60 68.89 66.24 15.05
C VAL DA 60 67.86 65.58 14.15
N CYS DA 61 67.44 66.30 13.12
CA CYS DA 61 66.47 65.82 12.16
C CYS DA 61 67.20 65.25 10.97
N ASP DA 62 66.62 64.20 10.37
CA ASP DA 62 67.22 63.59 9.20
C ASP DA 62 66.16 62.84 8.42
N LEU DA 63 66.45 62.57 7.15
CA LEU DA 63 65.58 61.81 6.28
C LEU DA 63 66.31 60.59 5.77
N ILE DA 64 65.71 59.42 5.99
CA ILE DA 64 66.32 58.16 5.58
C ILE DA 64 65.75 57.60 4.30
N ASN DA 65 64.76 58.25 3.69
CA ASN DA 65 64.04 57.61 2.61
C ASN DA 65 64.61 57.93 1.24
N THR DA 66 65.74 58.64 1.18
CA THR DA 66 66.31 59.08 -0.08
C THR DA 66 66.48 57.95 -1.07
N TYR DA 67 66.04 58.17 -2.31
CA TYR DA 67 66.14 57.23 -3.40
C TYR DA 67 66.49 57.98 -4.67
N ALA DA 68 67.48 57.47 -5.41
CA ALA DA 68 67.73 58.00 -6.73
C ALA DA 68 66.82 57.30 -7.73
N ARG DA 69 66.89 57.74 -8.99
CA ARG DA 69 66.17 57.09 -10.08
C ARG DA 69 67.13 56.82 -11.21
N GLY DA 70 67.08 55.62 -11.76
CA GLY DA 70 67.96 55.28 -12.86
C GLY DA 70 68.02 53.78 -13.06
N SER DA 71 69.12 53.36 -13.67
CA SER DA 71 69.28 51.95 -14.01
C SER DA 71 69.69 51.13 -12.81
N ASP DA 72 70.52 51.71 -11.94
CA ASP DA 72 71.14 50.94 -10.88
C ASP DA 72 70.09 50.35 -9.94
N GLU DA 73 70.36 49.14 -9.47
CA GLU DA 73 69.48 48.50 -8.51
C GLU DA 73 69.49 49.25 -7.20
N GLY DA 74 68.32 49.35 -6.58
CA GLY DA 74 68.19 50.09 -5.36
C GLY DA 74 67.64 51.48 -5.62
N ASN DA 75 67.83 51.97 -6.83
CA ASN DA 75 67.19 53.20 -7.22
C ASN DA 75 65.75 52.91 -7.66
N ARG DA 76 64.89 53.91 -7.52
CA ARG DA 76 63.49 53.73 -7.84
C ARG DA 76 63.27 53.82 -9.34
N HIS DA 77 62.51 52.86 -9.89
CA HIS DA 77 62.22 52.85 -11.31
C HIS DA 77 61.01 53.69 -11.68
N THR DA 78 60.17 54.05 -10.72
CA THR DA 78 58.90 54.68 -11.05
C THR DA 78 58.70 55.96 -10.27
N SER DA 79 57.51 56.53 -10.37
CA SER DA 79 57.18 57.71 -9.60
C SER DA 79 56.43 57.37 -8.31
N GLU DA 80 56.19 56.10 -8.05
CA GLU DA 80 55.38 55.66 -6.92
C GLU DA 80 56.08 54.53 -6.18
N THR DA 81 56.25 54.69 -4.87
CA THR DA 81 57.03 53.74 -4.08
C THR DA 81 56.32 53.42 -2.77
N LEU DA 82 56.32 52.14 -2.41
CA LEU DA 82 55.89 51.67 -1.11
C LEU DA 82 57.07 51.04 -0.40
N THR DA 83 57.16 51.26 0.90
CA THR DA 83 58.19 50.61 1.71
C THR DA 83 57.53 49.70 2.73
N TYR DA 84 58.26 48.68 3.15
CA TYR DA 84 57.68 47.70 4.05
C TYR DA 84 58.48 47.49 5.32
N LYS DA 85 59.59 46.78 5.22
CA LYS DA 85 60.32 46.30 6.37
C LYS DA 85 61.62 47.08 6.51
N ILE DA 86 62.01 47.33 7.75
CA ILE DA 86 63.21 48.10 8.04
C ILE DA 86 63.94 47.46 9.21
N ALA DA 87 65.27 47.41 9.12
CA ALA DA 87 66.10 46.90 10.18
C ALA DA 87 67.19 47.93 10.48
N ILE DA 88 67.53 48.07 11.75
CA ILE DA 88 68.44 49.12 12.17
C ILE DA 88 69.48 48.51 13.08
N ASP DA 89 70.74 48.81 12.81
CA ASP DA 89 71.86 48.44 13.67
C ASP DA 89 72.74 49.66 13.88
N TYR DA 90 73.23 49.83 15.10
CA TYR DA 90 74.21 50.87 15.36
C TYR DA 90 75.07 50.50 16.55
N HIS DA 91 76.19 51.20 16.65
CA HIS DA 91 76.92 51.29 17.89
C HIS DA 91 76.82 52.70 18.45
N PHE DA 92 76.76 52.80 19.77
CA PHE DA 92 76.82 54.08 20.46
C PHE DA 92 78.09 54.14 21.29
N VAL DA 93 78.57 55.36 21.52
CA VAL DA 93 79.66 55.58 22.47
C VAL DA 93 79.53 56.98 23.02
N ALA DA 94 79.83 57.13 24.30
CA ALA DA 94 79.82 58.45 24.90
C ALA DA 94 80.96 59.28 24.34
N ASP DA 95 80.79 60.60 24.41
CA ASP DA 95 81.83 61.51 23.98
C ASP DA 95 82.62 62.00 25.19
N ALA DA 96 83.94 62.06 25.04
CA ALA DA 96 84.78 62.55 26.12
C ALA DA 96 84.41 63.96 26.53
N ALA DA 97 83.90 64.75 25.58
CA ALA DA 97 83.53 66.13 25.88
C ALA DA 97 82.58 66.22 27.06
N ALA DA 98 81.66 65.26 27.18
CA ALA DA 98 80.73 65.22 28.30
C ALA DA 98 81.20 64.30 29.42
N CYS DA 99 82.31 63.59 29.25
CA CYS DA 99 82.77 62.70 30.29
C CYS DA 99 83.34 63.42 31.50
N ARG DA 100 83.50 64.74 31.43
CA ARG DA 100 84.00 65.48 32.58
C ARG DA 100 83.03 65.46 33.76
N TYR DA 101 81.84 64.94 33.57
CA TYR DA 101 80.85 64.82 34.63
C TYR DA 101 80.44 63.37 34.75
N SER DA 102 79.78 63.03 35.86
CA SER DA 102 79.30 61.67 36.08
C SER DA 102 77.83 61.71 36.41
N ASN DA 103 77.01 61.22 35.49
CA ASN DA 103 75.60 60.98 35.77
C ASN DA 103 75.08 60.03 34.71
N THR DA 104 73.94 59.44 34.99
CA THR DA 104 73.25 58.65 34.00
C THR DA 104 72.30 59.53 33.22
N GLY DA 105 71.45 58.90 32.43
CA GLY DA 105 70.45 59.62 31.67
C GLY DA 105 69.58 58.65 30.92
N THR DA 106 68.75 59.20 30.03
CA THR DA 106 67.91 58.37 29.18
C THR DA 106 67.76 59.02 27.82
N GLY DA 107 67.90 58.20 26.77
CA GLY DA 107 67.75 58.66 25.40
C GLY DA 107 66.48 58.13 24.74
N VAL DA 108 66.24 58.64 23.54
CA VAL DA 108 65.01 58.33 22.80
C VAL DA 108 65.32 58.32 21.33
N MET DA 109 64.69 57.39 20.62
CA MET DA 109 64.74 57.33 19.16
C MET DA 109 63.31 57.20 18.65
N TRP DA 110 62.89 58.10 17.78
CA TRP DA 110 61.57 58.01 17.18
C TRP DA 110 61.67 57.73 15.69
N LEU DA 111 60.60 57.17 15.17
CA LEU DA 111 60.43 57.03 13.73
C LEU DA 111 59.18 57.80 13.36
N VAL DA 112 59.35 58.91 12.65
CA VAL DA 112 58.28 59.88 12.44
C VAL DA 112 57.90 59.90 10.99
N TYR DA 113 56.60 59.83 10.72
CA TYR DA 113 56.08 59.87 9.36
C TYR DA 113 55.44 61.23 9.09
N ASP DA 114 55.61 61.70 7.85
CA ASP DA 114 55.13 63.00 7.44
C ASP DA 114 54.07 62.86 6.36
N THR DA 115 53.23 63.89 6.24
CA THR DA 115 52.28 63.95 5.13
C THR DA 115 52.84 64.83 4.02
N THR DA 116 52.88 66.14 4.24
CA THR DA 116 53.39 67.08 3.26
C THR DA 116 54.59 67.80 3.85
N PRO DA 117 55.80 67.60 3.32
CA PRO DA 117 56.95 68.31 3.85
C PRO DA 117 56.97 69.75 3.38
N GLY DA 118 57.45 70.62 4.24
CA GLY DA 118 57.67 71.98 3.84
C GLY DA 118 58.85 72.09 2.89
N GLY DA 119 59.05 73.29 2.36
CA GLY DA 119 60.20 73.53 1.52
C GLY DA 119 61.51 73.50 2.27
N GLN DA 120 61.47 73.63 3.60
CA GLN DA 120 62.65 73.68 4.43
C GLN DA 120 62.67 72.47 5.35
N ALA DA 121 63.88 72.08 5.77
CA ALA DA 121 64.04 70.92 6.61
C ALA DA 121 63.53 71.20 8.02
N PRO DA 122 62.74 70.30 8.59
CA PRO DA 122 62.25 70.53 9.95
C PRO DA 122 63.36 70.37 10.97
N THR DA 123 63.12 70.91 12.16
CA THR DA 123 63.99 70.72 13.29
C THR DA 123 63.14 70.28 14.46
N PRO DA 124 63.69 69.49 15.40
CA PRO DA 124 62.87 68.98 16.50
C PRO DA 124 62.09 70.06 17.21
N GLN DA 125 62.72 71.19 17.52
CA GLN DA 125 62.03 72.25 18.23
C GLN DA 125 60.75 72.65 17.51
N THR DA 126 60.76 72.51 16.19
CA THR DA 126 59.56 72.81 15.42
C THR DA 126 58.58 71.65 15.46
N ILE DA 127 59.08 70.41 15.48
CA ILE DA 127 58.15 69.29 15.39
C ILE DA 127 57.44 69.08 16.72
N PHE DA 128 58.10 69.41 17.81
CA PHE DA 128 57.53 69.22 19.15
C PHE DA 128 57.52 70.56 19.85
N ALA DA 129 56.36 70.98 20.31
CA ALA DA 129 56.30 72.22 21.08
C ALA DA 129 56.74 71.92 22.49
N TYR DA 130 57.84 72.52 22.91
CA TYR DA 130 58.26 72.28 24.27
C TYR DA 130 58.81 73.56 24.88
N PRO DA 131 58.51 73.82 26.13
CA PRO DA 131 59.15 74.96 26.81
C PRO DA 131 60.63 74.69 27.01
N ASP DA 132 61.38 75.79 27.19
CA ASP DA 132 62.82 75.68 27.34
C ASP DA 132 63.18 74.85 28.56
N THR DA 133 62.32 74.88 29.58
CA THR DA 133 62.59 74.12 30.79
C THR DA 133 62.71 72.63 30.52
N LEU DA 134 61.80 72.07 29.74
CA LEU DA 134 61.79 70.64 29.47
C LEU DA 134 62.90 70.20 28.53
N LYS DA 135 63.67 71.13 27.96
CA LYS DA 135 64.71 70.75 27.01
C LYS DA 135 65.66 69.73 27.60
N ALA DA 136 65.84 69.75 28.91
CA ALA DA 136 66.69 68.77 29.56
C ALA DA 136 66.20 67.35 29.30
N TRP DA 137 64.95 67.08 29.65
CA TRP DA 137 64.52 65.69 29.59
C TRP DA 137 63.65 65.49 28.37
N PRO DA 138 64.17 64.87 27.32
CA PRO DA 138 63.35 64.73 26.12
C PRO DA 138 62.23 63.74 26.30
N ALA DA 139 62.46 62.68 27.07
CA ALA DA 139 61.59 61.52 27.03
C ALA DA 139 60.15 61.88 27.37
N THR DA 140 59.91 63.06 27.91
CA THR DA 140 58.57 63.52 28.17
C THR DA 140 57.93 64.20 26.97
N TRP DA 141 58.71 64.56 25.97
CA TRP DA 141 58.16 65.25 24.82
C TRP DA 141 57.04 64.42 24.20
N LYS DA 142 56.03 65.10 23.69
CA LYS DA 142 55.02 64.44 22.88
C LYS DA 142 54.61 65.38 21.77
N VAL DA 143 53.96 64.81 20.75
CA VAL DA 143 53.64 65.56 19.55
C VAL DA 143 52.76 66.75 19.89
N SER DA 144 53.07 67.90 19.30
CA SER DA 144 52.32 69.11 19.55
C SER DA 144 50.95 69.04 18.89
N ARG DA 145 49.98 69.74 19.47
CA ARG DA 145 48.60 69.62 19.01
C ARG DA 145 48.33 70.41 17.74
N GLU DA 146 49.05 71.52 17.53
CA GLU DA 146 48.79 72.34 16.36
C GLU DA 146 48.95 71.54 15.09
N LEU DA 147 49.95 70.67 15.05
CA LEU DA 147 50.26 69.89 13.87
C LEU DA 147 49.61 68.53 13.90
N CYS DA 148 48.71 68.29 14.85
CA CYS DA 148 48.24 66.96 15.23
C CYS DA 148 47.93 66.08 14.04
N HIS DA 149 47.35 66.64 13.00
CA HIS DA 149 47.07 65.84 11.82
C HIS DA 149 48.17 65.91 10.77
N ARG DA 150 49.16 66.78 10.94
CA ARG DA 150 50.22 66.84 9.93
C ARG DA 150 51.27 65.77 10.14
N PHE DA 151 51.49 65.33 11.37
CA PHE DA 151 52.53 64.36 11.67
C PHE DA 151 51.96 63.19 12.47
N VAL DA 152 52.74 62.11 12.53
CA VAL DA 152 52.38 60.96 13.34
C VAL DA 152 53.67 60.18 13.60
N VAL DA 153 53.65 59.36 14.64
CA VAL DA 153 54.82 58.57 15.02
C VAL DA 153 54.41 57.11 15.03
N LYS DA 154 54.98 56.32 14.14
CA LYS DA 154 54.57 54.93 14.03
C LYS DA 154 55.41 53.98 14.86
N ARG DA 155 56.53 54.43 15.41
CA ARG DA 155 57.33 53.58 16.28
C ARG DA 155 58.00 54.44 17.34
N ARG DA 156 58.48 53.76 18.38
CA ARG DA 156 59.17 54.43 19.47
C ARG DA 156 60.16 53.45 20.08
N TRP DA 157 61.27 53.97 20.59
CA TRP DA 157 62.19 53.12 21.30
C TRP DA 157 62.88 53.89 22.41
N LEU DA 158 63.33 53.15 23.42
CA LEU DA 158 64.04 53.71 24.55
C LEU DA 158 65.40 53.04 24.70
N PHE DA 159 66.31 53.77 25.31
CA PHE DA 159 67.60 53.23 25.68
C PHE DA 159 68.16 54.12 26.77
N ASN DA 160 69.14 53.60 27.49
CA ASN DA 160 69.75 54.36 28.57
C ASN DA 160 71.24 54.06 28.60
N MET DA 161 72.00 55.04 29.08
CA MET DA 161 73.44 54.93 29.13
C MET DA 161 73.95 55.87 30.22
N GLU DA 162 75.19 55.65 30.63
CA GLU DA 162 75.75 56.43 31.72
C GLU DA 162 77.25 56.44 31.60
N THR DA 163 77.88 57.41 32.26
CA THR DA 163 79.32 57.53 32.28
C THR DA 163 79.79 57.78 33.69
N ASP DA 164 80.96 57.24 33.99
CA ASP DA 164 81.55 57.36 35.31
C ASP DA 164 82.56 58.48 35.42
N GLY DA 165 82.81 59.21 34.34
CA GLY DA 165 83.84 60.23 34.36
C GLY DA 165 85.23 59.74 34.07
N ARG DA 166 85.38 58.70 33.27
CA ARG DA 166 86.69 58.17 32.96
C ARG DA 166 86.76 57.79 31.49
N ILE DA 167 87.77 58.28 30.79
CA ILE DA 167 87.95 57.95 29.39
C ILE DA 167 88.57 56.57 29.28
N GLY DA 168 88.30 55.88 28.17
CA GLY DA 168 88.75 54.51 28.03
C GLY DA 168 90.26 54.36 28.09
N SER DA 169 90.99 55.22 27.39
CA SER DA 169 92.42 55.04 27.26
C SER DA 169 93.17 55.20 28.58
N ASP DA 170 92.50 55.61 29.64
CA ASP DA 170 93.18 55.88 30.90
C ASP DA 170 93.53 54.58 31.61
N ILE DA 171 94.76 54.50 32.10
CA ILE DA 171 95.25 53.30 32.79
C ILE DA 171 94.84 53.35 34.25
N PRO DA 172 94.16 52.33 34.76
CA PRO DA 172 93.89 52.27 36.19
C PRO DA 172 95.18 52.22 36.98
N PRO DA 173 95.22 52.86 38.14
CA PRO DA 173 96.36 52.69 39.04
C PRO DA 173 96.35 51.29 39.62
N SER DA 174 97.56 50.81 39.95
CA SER DA 174 97.71 49.43 40.41
C SER DA 174 97.03 49.16 41.73
N ASN DA 175 96.54 50.17 42.42
CA ASN DA 175 95.95 49.94 43.74
C ASN DA 175 94.52 49.41 43.65
N ALA DA 176 93.66 50.04 42.85
CA ALA DA 176 92.25 49.73 42.87
C ALA DA 176 91.71 49.71 41.45
N SER DA 177 90.47 49.25 41.30
CA SER DA 177 89.89 49.06 39.98
C SER DA 177 88.48 49.64 39.84
N TRP DA 178 87.84 49.35 38.70
CA TRP DA 178 86.49 49.82 38.45
C TRP DA 178 85.72 48.76 37.69
N LYS DA 179 84.40 48.75 37.87
CA LYS DA 179 83.51 48.00 37.00
C LYS DA 179 82.71 49.03 36.22
N PRO DA 180 83.05 49.29 34.97
CA PRO DA 180 82.28 50.27 34.19
C PRO DA 180 81.26 49.61 33.28
N CYS DA 181 80.30 48.89 33.85
CA CYS DA 181 79.27 48.28 33.04
C CYS DA 181 78.49 49.34 32.28
N LYS DA 182 78.19 49.03 31.02
CA LYS DA 182 77.35 49.88 30.18
C LYS DA 182 77.93 51.28 30.02
N ARG DA 183 79.21 51.34 29.65
CA ARG DA 183 79.71 52.60 29.10
C ARG DA 183 79.24 52.79 27.67
N ASN DA 184 79.31 51.74 26.87
CA ASN DA 184 78.80 51.75 25.52
C ASN DA 184 77.78 50.63 25.35
N ILE DA 185 77.00 50.72 24.29
CA ILE DA 185 75.83 49.87 24.16
C ILE DA 185 75.64 49.48 22.70
N TYR DA 186 75.04 48.32 22.49
CA TYR DA 186 74.76 47.77 21.17
C TYR DA 186 73.27 47.76 20.97
N PHE DA 187 72.79 48.53 20.00
CA PHE DA 187 71.36 48.74 19.81
C PHE DA 187 70.94 48.26 18.44
N HIS DA 188 69.88 47.45 18.40
CA HIS DA 188 69.36 46.98 17.13
C HIS DA 188 67.89 46.66 17.28
N LYS DA 189 67.13 46.87 16.20
CA LYS DA 189 65.72 46.53 16.16
C LYS DA 189 65.37 46.10 14.75
N PHE DA 190 64.32 45.29 14.66
CA PHE DA 190 63.85 44.78 13.38
C PHE DA 190 62.33 44.78 13.42
N THR DA 191 61.70 45.39 12.44
CA THR DA 191 60.24 45.47 12.45
C THR DA 191 59.65 45.39 11.05
N SER DA 192 58.62 44.57 10.89
CA SER DA 192 57.93 44.42 9.62
C SER DA 192 56.61 45.18 9.56
N GLY DA 193 56.20 45.84 10.64
CA GLY DA 193 54.82 46.26 10.75
C GLY DA 193 54.45 47.37 9.78
N LEU DA 194 55.27 48.40 9.71
CA LEU DA 194 54.86 49.65 9.09
C LEU DA 194 54.67 49.47 7.60
N GLY DA 195 53.96 50.41 7.01
CA GLY DA 195 53.94 50.59 5.57
C GLY DA 195 53.67 52.04 5.27
N VAL DA 196 54.18 52.48 4.12
CA VAL DA 196 54.19 53.90 3.79
C VAL DA 196 53.97 54.04 2.29
N ARG DA 197 53.19 55.05 1.90
CA ARG DA 197 52.91 55.33 0.51
C ARG DA 197 53.54 56.66 0.14
N THR DA 198 54.36 56.67 -0.90
CA THR DA 198 55.10 57.87 -1.28
C THR DA 198 54.97 58.11 -2.77
N GLN DA 199 54.89 59.37 -3.16
CA GLN DA 199 54.91 59.77 -4.55
C GLN DA 199 55.94 60.88 -4.73
N TRP DA 200 56.34 61.09 -5.98
CA TRP DA 200 57.49 61.93 -6.27
C TRP DA 200 57.17 62.95 -7.34
N LYS DA 201 57.75 64.13 -7.20
CA LYS DA 201 57.86 65.03 -8.34
C LYS DA 201 58.80 64.42 -9.36
N ASN DA 202 58.73 64.93 -10.59
CA ASN DA 202 59.52 64.33 -11.65
C ASN DA 202 60.84 65.05 -11.75
N VAL DA 203 61.90 64.40 -11.28
CA VAL DA 203 63.28 64.84 -11.39
C VAL DA 203 64.16 63.61 -11.26
N THR DA 204 65.47 63.78 -11.38
CA THR DA 204 66.39 62.68 -11.11
C THR DA 204 66.66 62.53 -9.63
N ASP DA 205 66.74 63.64 -8.92
CA ASP DA 205 67.39 63.69 -7.63
C ASP DA 205 66.65 62.87 -6.58
N GLY DA 206 67.38 62.51 -5.53
CA GLY DA 206 66.81 61.85 -4.38
C GLY DA 206 66.72 62.71 -3.14
N GLY DA 207 66.95 64.02 -3.24
CA GLY DA 207 66.90 64.89 -2.09
C GLY DA 207 65.48 65.07 -1.58
N VAL DA 208 65.39 65.88 -0.52
CA VAL DA 208 64.10 66.11 0.11
C VAL DA 208 63.19 66.94 -0.79
N GLY DA 209 63.73 67.91 -1.52
CA GLY DA 209 62.90 68.79 -2.32
C GLY DA 209 62.08 68.09 -3.36
N ALA DA 210 62.42 66.84 -3.69
CA ALA DA 210 61.72 66.13 -4.75
C ALA DA 210 60.40 65.56 -4.29
N ILE DA 211 60.29 65.17 -3.02
CA ILE DA 211 59.15 64.37 -2.59
C ILE DA 211 57.90 65.22 -2.55
N GLN DA 212 56.83 64.70 -3.15
CA GLN DA 212 55.54 65.38 -3.07
C GLN DA 212 54.81 65.05 -1.77
N ARG DA 213 54.82 63.78 -1.36
CA ARG DA 213 54.08 63.38 -0.19
C ARG DA 213 54.69 62.12 0.40
N GLY DA 214 54.54 61.93 1.71
CA GLY DA 214 54.98 60.70 2.36
C GLY DA 214 56.42 60.63 2.85
N ALA DA 215 57.00 61.76 3.25
CA ALA DA 215 58.36 61.72 3.74
C ALA DA 215 58.45 60.94 5.05
N LEU DA 216 59.66 60.50 5.36
CA LEU DA 216 59.90 59.67 6.54
C LEU DA 216 61.14 60.16 7.25
N TYR DA 217 60.99 60.54 8.51
CA TYR DA 217 62.08 61.13 9.28
C TYR DA 217 62.52 60.22 10.42
N MET DA 218 63.79 60.35 10.78
CA MET DA 218 64.36 59.69 11.95
C MET DA 218 64.94 60.74 12.86
N VAL DA 219 64.75 60.57 14.17
CA VAL DA 219 65.14 61.58 15.15
C VAL DA 219 65.82 60.90 16.32
N ILE DA 220 66.89 61.51 16.82
CA ILE DA 220 67.64 61.01 17.96
C ILE DA 220 67.61 62.05 19.06
N ALA DA 221 67.26 61.62 20.27
CA ALA DA 221 67.16 62.52 21.41
C ALA DA 221 68.17 62.13 22.48
N PRO DA 222 69.14 62.97 22.79
CA PRO DA 222 70.15 62.62 23.78
C PRO DA 222 69.59 62.70 25.19
N GLY DA 223 70.29 62.07 26.11
CA GLY DA 223 69.99 62.22 27.52
C GLY DA 223 70.39 63.58 28.04
N ASN DA 224 69.94 63.88 29.26
CA ASN DA 224 70.22 65.17 29.85
C ASN DA 224 71.72 65.44 29.91
N GLY DA 225 72.12 66.58 29.36
CA GLY DA 225 73.49 67.01 29.42
C GLY DA 225 74.49 65.95 29.03
N LEU DA 226 74.11 65.08 28.11
CA LEU DA 226 74.94 63.96 27.71
C LEU DA 226 75.01 63.90 26.19
N THR DA 227 76.19 64.10 25.64
CA THR DA 227 76.39 64.15 24.20
C THR DA 227 77.22 62.97 23.74
N PHE DA 228 76.91 62.46 22.56
CA PHE DA 228 77.60 61.27 22.08
C PHE DA 228 77.51 61.21 20.57
N THR DA 229 78.33 60.34 19.99
CA THR DA 229 78.27 60.02 18.57
C THR DA 229 77.98 58.53 18.41
N ALA DA 230 77.52 58.17 17.22
CA ALA DA 230 77.09 56.80 16.95
C ALA DA 230 77.68 56.30 15.65
N HIS DA 231 77.84 54.99 15.56
CA HIS DA 231 78.31 54.33 14.36
C HIS DA 231 77.35 53.23 14.01
N GLY DA 232 77.27 52.91 12.72
CA GLY DA 232 76.45 51.80 12.28
C GLY DA 232 75.93 52.03 10.88
N GLN DA 233 75.00 51.18 10.49
CA GLN DA 233 74.39 51.25 9.16
C GLN DA 233 73.02 50.61 9.23
N THR DA 234 72.19 50.91 8.23
CA THR DA 234 70.82 50.44 8.20
C THR DA 234 70.46 49.97 6.80
N ARG DA 235 69.38 49.21 6.72
CA ARG DA 235 68.86 48.75 5.45
C ARG DA 235 67.38 49.08 5.33
N LEU DA 236 66.89 49.06 4.10
CA LEU DA 236 65.50 49.27 3.80
C LEU DA 236 65.00 48.20 2.84
N TYR DA 237 63.69 48.15 2.69
CA TYR DA 237 63.05 47.19 1.80
C TYR DA 237 61.86 47.85 1.15
N PHE DA 238 61.74 47.72 -0.17
CA PHE DA 238 60.64 48.37 -0.86
C PHE DA 238 60.53 47.80 -2.27
N LYS DA 239 59.52 48.26 -3.00
CA LYS DA 239 59.40 47.96 -4.41
C LYS DA 239 58.62 49.08 -5.10
N SER DA 240 59.00 49.37 -6.34
CA SER DA 240 58.25 50.34 -7.12
C SER DA 240 56.94 49.74 -7.59
N VAL DA 241 56.00 50.61 -7.95
CA VAL DA 241 54.71 50.17 -8.47
C VAL DA 241 54.11 51.34 -9.24
N GLY DA 242 53.15 51.04 -10.11
CA GLY DA 242 52.38 52.07 -10.80
C GLY DA 242 52.82 52.21 -12.24
N ASN DA 243 52.09 53.09 -12.94
CA ASN DA 243 52.35 53.40 -14.34
C ASN DA 243 52.38 52.14 -15.19
N ALA EA 31 14.16 -26.47 56.93
CA ALA EA 31 14.06 -26.80 58.35
C ALA EA 31 14.45 -28.25 58.59
N GLY EA 32 15.75 -28.50 58.64
CA GLY EA 32 16.26 -29.85 58.85
C GLY EA 32 17.62 -29.99 58.21
N SER EA 33 18.17 -31.20 58.32
CA SER EA 33 19.46 -31.47 57.69
C SER EA 33 19.45 -32.79 56.91
N LYS EA 34 19.58 -32.69 55.58
CA LYS EA 34 19.68 -33.86 54.70
C LYS EA 34 18.66 -34.93 55.05
N ALA EA 35 17.45 -34.49 55.37
CA ALA EA 35 16.39 -35.42 55.68
C ALA EA 35 16.03 -36.26 54.46
N ASP EA 36 15.64 -37.50 54.71
CA ASP EA 36 15.32 -38.45 53.67
C ASP EA 36 14.07 -39.23 54.04
N ARG EA 37 13.22 -39.46 53.04
CA ARG EA 37 11.90 -40.03 53.27
C ARG EA 37 11.92 -41.33 54.07
N PRO EA 38 12.77 -42.32 53.79
CA PRO EA 38 12.83 -43.48 54.68
C PRO EA 38 13.37 -43.09 56.05
N SER EA 39 13.02 -43.91 57.04
CA SER EA 39 13.41 -43.62 58.41
C SER EA 39 14.92 -43.74 58.58
N LEU EA 40 15.41 -43.16 59.66
CA LEU EA 40 16.84 -43.14 59.96
C LEU EA 40 17.11 -43.97 61.21
N GLN EA 41 18.31 -44.55 61.26
CA GLN EA 41 18.63 -45.45 62.35
C GLN EA 41 18.73 -44.70 63.66
N ILE EA 42 18.65 -45.46 64.76
CA ILE EA 42 18.61 -44.89 66.10
C ILE EA 42 19.60 -45.62 66.98
N GLN EA 43 20.33 -44.86 67.80
CA GLN EA 43 21.20 -45.42 68.82
C GLN EA 43 20.98 -44.69 70.13
N THR EA 44 21.06 -45.42 71.24
CA THR EA 44 20.79 -44.87 72.55
C THR EA 44 21.94 -45.14 73.50
N LEU EA 45 21.94 -44.41 74.60
CA LEU EA 45 22.88 -44.64 75.68
C LEU EA 45 22.12 -44.66 76.99
N GLN EA 46 22.61 -45.47 77.92
CA GLN EA 46 21.94 -45.64 79.20
C GLN EA 46 22.91 -45.24 80.31
N HIS EA 47 22.62 -44.14 80.98
CA HIS EA 47 23.41 -43.72 82.13
C HIS EA 47 22.46 -43.64 83.32
N ALA EA 48 22.63 -44.56 84.26
CA ALA EA 48 21.74 -44.67 85.41
C ALA EA 48 22.25 -45.80 86.28
N GLY EA 49 21.78 -45.82 87.52
CA GLY EA 49 22.08 -46.93 88.40
C GLY EA 49 23.58 -47.11 88.56
N THR EA 50 24.05 -48.30 88.19
CA THR EA 50 25.47 -48.59 88.25
C THR EA 50 26.28 -47.58 87.45
N THR EA 51 25.78 -47.17 86.29
CA THR EA 51 26.50 -46.21 85.46
C THR EA 51 25.87 -44.85 85.66
N MET EA 52 26.55 -44.00 86.40
CA MET EA 52 26.16 -42.61 86.58
C MET EA 52 27.39 -41.77 86.35
N ILE EA 53 27.36 -40.91 85.33
CA ILE EA 53 28.47 -40.02 85.11
C ILE EA 53 28.68 -39.22 86.37
N THR EA 54 29.90 -39.27 86.91
CA THR EA 54 30.24 -38.60 88.15
C THR EA 54 31.49 -37.77 87.92
N VAL EA 55 31.40 -36.47 88.20
CA VAL EA 55 32.46 -35.55 87.78
C VAL EA 55 33.14 -34.91 88.98
N PRO EA 56 34.38 -35.28 89.27
CA PRO EA 56 35.20 -34.47 90.16
C PRO EA 56 35.67 -33.22 89.45
N SER EA 57 36.15 -32.26 90.25
CA SER EA 57 36.64 -31.01 89.71
C SER EA 57 37.67 -31.25 88.61
N GLY EA 58 37.53 -30.57 87.49
CA GLY EA 58 38.38 -30.77 86.35
C GLY EA 58 37.75 -31.52 85.20
N GLY EA 59 36.48 -31.90 85.32
CA GLY EA 59 35.76 -32.46 84.20
C GLY EA 59 36.16 -33.89 83.88
N VAL EA 60 35.47 -34.45 82.90
CA VAL EA 60 35.75 -35.81 82.46
C VAL EA 60 35.53 -35.90 80.96
N CYS EA 61 36.39 -36.67 80.29
CA CYS EA 61 36.33 -36.86 78.86
C CYS EA 61 35.55 -38.14 78.58
N ASP EA 62 34.81 -38.13 77.47
CA ASP EA 62 34.05 -39.31 77.08
C ASP EA 62 33.76 -39.27 75.59
N LEU EA 63 33.44 -40.43 75.04
CA LEU EA 63 33.08 -40.55 73.63
C LEU EA 63 31.68 -41.13 73.52
N ILE EA 64 30.81 -40.42 72.81
CA ILE EA 64 29.43 -40.84 72.65
C ILE EA 64 29.16 -41.51 71.32
N ASN EA 65 30.14 -41.62 70.44
CA ASN EA 65 29.83 -42.02 69.07
C ASN EA 65 29.96 -43.52 68.86
N THR EA 66 30.20 -44.28 69.91
CA THR EA 66 30.44 -45.72 69.80
C THR EA 66 29.34 -46.42 69.01
N TYR EA 67 29.75 -47.25 68.06
CA TYR EA 67 28.85 -48.04 67.23
C TYR EA 67 29.44 -49.42 67.04
N ALA EA 68 28.63 -50.46 67.23
CA ALA EA 68 29.07 -51.79 66.85
C ALA EA 68 28.78 -52.02 65.37
N ARG EA 69 29.19 -53.18 64.86
CA ARG EA 69 28.88 -53.59 63.50
C ARG EA 69 28.30 -54.99 63.54
N GLY EA 70 27.21 -55.20 62.80
CA GLY EA 70 26.60 -56.50 62.75
C GLY EA 70 25.19 -56.43 62.21
N SER EA 71 24.42 -57.44 62.58
CA SER EA 71 23.06 -57.55 62.07
C SER EA 71 22.12 -56.60 62.80
N ASP EA 72 22.32 -56.42 64.10
CA ASP EA 72 21.35 -55.72 64.92
C ASP EA 72 21.16 -54.28 64.44
N GLU EA 73 19.92 -53.81 64.52
CA GLU EA 73 19.63 -52.44 64.16
C GLU EA 73 20.29 -51.48 65.14
N GLY EA 74 20.80 -50.38 64.62
CA GLY EA 74 21.51 -49.42 65.43
C GLY EA 74 23.01 -49.61 65.31
N ASN EA 75 23.43 -50.81 64.95
CA ASN EA 75 24.82 -51.03 64.63
C ASN EA 75 25.09 -50.59 63.19
N ARG EA 76 26.33 -50.21 62.93
CA ARG EA 76 26.68 -49.71 61.61
C ARG EA 76 26.89 -50.86 60.64
N HIS EA 77 26.29 -50.74 59.45
CA HIS EA 77 26.43 -51.77 58.43
C HIS EA 77 27.67 -51.60 57.57
N THR EA 78 28.28 -50.41 57.57
CA THR EA 78 29.34 -50.15 56.61
C THR EA 78 30.59 -49.63 57.30
N SER EA 79 31.56 -49.20 56.51
CA SER EA 79 32.76 -48.59 57.07
C SER EA 79 32.69 -47.08 57.09
N GLU EA 80 31.58 -46.50 56.64
CA GLU EA 80 31.45 -45.05 56.52
C GLU EA 80 30.13 -44.59 57.09
N THR EA 81 30.17 -43.63 58.01
CA THR EA 81 28.99 -43.20 58.74
C THR EA 81 28.92 -41.68 58.82
N LEU EA 82 27.71 -41.14 58.60
CA LEU EA 82 27.41 -39.75 58.85
C LEU EA 82 26.37 -39.66 59.95
N THR EA 83 26.51 -38.67 60.81
CA THR EA 83 25.51 -38.41 61.84
C THR EA 83 24.87 -37.05 61.61
N TYR EA 84 23.65 -36.90 62.08
CA TYR EA 84 22.92 -35.66 61.81
C TYR EA 84 22.40 -34.98 63.07
N LYS EA 85 21.34 -35.52 63.64
CA LYS EA 85 20.60 -34.85 64.68
C LYS EA 85 20.84 -35.55 66.01
N ILE EA 86 20.90 -34.77 67.08
CA ILE EA 86 21.16 -35.31 68.41
C ILE EA 86 20.27 -34.60 69.41
N ALA EA 87 19.74 -35.36 70.36
CA ALA EA 87 18.93 -34.82 71.43
C ALA EA 87 19.47 -35.33 72.76
N ILE EA 88 19.45 -34.48 73.77
CA ILE EA 88 20.08 -34.79 75.04
C ILE EA 88 19.10 -34.48 76.16
N ASP EA 89 18.93 -35.42 77.06
CA ASP EA 89 18.15 -35.22 78.28
C ASP EA 89 18.96 -35.72 79.46
N TYR EA 90 18.90 -35.01 80.57
CA TYR EA 90 19.50 -35.49 81.80
C TYR EA 90 18.81 -34.89 83.00
N HIS EA 91 19.05 -35.51 84.14
CA HIS EA 91 18.82 -34.88 85.43
C HIS EA 91 20.16 -34.63 86.11
N PHE EA 92 20.25 -33.51 86.82
CA PHE EA 92 21.39 -33.20 87.66
C PHE EA 92 20.96 -33.19 89.12
N VAL EA 93 21.90 -33.48 90.00
CA VAL EA 93 21.69 -33.30 91.44
C VAL EA 93 23.02 -33.03 92.09
N ALA EA 94 23.02 -32.15 93.08
CA ALA EA 94 24.24 -31.89 93.83
C ALA EA 94 24.60 -33.12 94.65
N ASP EA 95 25.89 -33.22 94.99
CA ASP EA 95 26.37 -34.28 95.85
C ASP EA 95 26.49 -33.77 97.27
N ALA EA 96 26.07 -34.60 98.23
CA ALA EA 96 26.18 -34.23 99.62
C ALA EA 96 27.62 -33.97 100.02
N ALA EA 97 28.57 -34.63 99.35
CA ALA EA 97 29.98 -34.45 99.68
C ALA EA 97 30.38 -32.98 99.63
N ALA EA 98 29.83 -32.22 98.68
CA ALA EA 98 30.10 -30.79 98.57
C ALA EA 98 29.05 -29.94 99.26
N CYS EA 99 27.99 -30.53 99.80
CA CYS EA 99 26.96 -29.74 100.44
C CYS EA 99 27.40 -29.16 101.77
N ARG EA 100 28.56 -29.55 102.28
CA ARG EA 100 29.04 -28.99 103.54
C ARG EA 100 29.34 -27.50 103.45
N TYR EA 101 29.31 -26.94 102.25
CA TYR EA 101 29.53 -25.52 102.05
C TYR EA 101 28.33 -24.93 101.33
N SER EA 102 28.23 -23.61 101.34
CA SER EA 102 27.14 -22.92 100.66
C SER EA 102 27.71 -21.88 99.72
N ASN EA 103 27.59 -22.13 98.43
CA ASN EA 103 27.87 -21.11 97.42
C ASN EA 103 27.21 -21.55 96.13
N THR EA 104 27.07 -20.60 95.22
CA THR EA 104 26.62 -20.93 93.89
C THR EA 104 27.80 -21.24 93.01
N GLY EA 105 27.56 -21.34 91.71
CA GLY EA 105 28.61 -21.58 90.75
C GLY EA 105 28.05 -21.57 89.36
N THR EA 106 28.89 -21.97 88.41
CA THR EA 106 28.44 -22.09 87.02
C THR EA 106 29.14 -23.26 86.36
N GLY EA 107 28.36 -24.06 85.63
CA GLY EA 107 28.87 -25.20 84.90
C GLY EA 107 28.87 -24.99 83.39
N VAL EA 108 29.44 -25.95 82.70
CA VAL EA 108 29.64 -25.87 81.25
C VAL EA 108 29.55 -27.25 80.66
N MET EA 109 28.94 -27.34 79.49
CA MET EA 109 28.90 -28.57 78.70
C MET EA 109 29.31 -28.22 77.28
N TRP EA 110 30.33 -28.89 76.76
CA TRP EA 110 30.75 -28.68 75.39
C TRP EA 110 30.49 -29.92 74.55
N LEU EA 111 30.38 -29.70 73.25
CA LEU EA 111 30.34 -30.77 72.28
C LEU EA 111 31.52 -30.57 71.35
N VAL EA 112 32.52 -31.46 71.45
CA VAL EA 112 33.82 -31.25 70.83
C VAL EA 112 34.02 -32.27 69.73
N TYR EA 113 34.43 -31.80 68.56
CA TYR EA 113 34.70 -32.66 67.43
C TYR EA 113 36.20 -32.81 67.22
N ASP EA 114 36.61 -34.00 66.81
CA ASP EA 114 38.01 -34.34 66.63
C ASP EA 114 38.29 -34.66 65.17
N THR EA 115 39.56 -34.50 64.79
CA THR EA 115 40.00 -34.95 63.47
C THR EA 115 40.63 -36.33 63.57
N THR EA 116 41.84 -36.40 64.12
CA THR EA 116 42.53 -37.66 64.28
C THR EA 116 42.74 -37.94 65.76
N PRO EA 117 42.14 -38.96 66.32
CA PRO EA 117 42.35 -39.27 67.74
C PRO EA 117 43.70 -39.92 67.94
N GLY EA 118 44.31 -39.62 69.08
CA GLY EA 118 45.51 -40.33 69.46
C GLY EA 118 45.18 -41.75 69.86
N GLY EA 119 46.25 -42.52 70.11
CA GLY EA 119 46.06 -43.86 70.62
C GLY EA 119 45.53 -43.92 72.03
N GLN EA 120 45.64 -42.82 72.76
CA GLN EA 120 45.23 -42.75 74.16
C GLN EA 120 44.07 -41.77 74.30
N ALA EA 121 43.27 -41.99 75.34
CA ALA EA 121 42.10 -41.15 75.54
C ALA EA 121 42.51 -39.77 76.03
N PRO EA 122 41.95 -38.71 75.46
CA PRO EA 122 42.32 -37.37 75.90
C PRO EA 122 41.73 -37.07 77.27
N THR EA 123 42.29 -36.07 77.91
CA THR EA 123 41.76 -35.54 79.15
C THR EA 123 41.64 -34.03 79.01
N PRO EA 124 40.68 -33.41 79.69
CA PRO EA 124 40.48 -31.96 79.51
C PRO EA 124 41.75 -31.16 79.65
N GLN EA 125 42.57 -31.45 80.67
CA GLN EA 125 43.77 -30.68 80.87
C GLN EA 125 44.64 -30.70 79.62
N THR EA 126 44.55 -31.78 78.85
CA THR EA 126 45.29 -31.83 77.59
C THR EA 126 44.57 -31.08 76.49
N ILE EA 127 43.24 -31.09 76.49
CA ILE EA 127 42.54 -30.47 75.37
C ILE EA 127 42.57 -28.96 75.50
N PHE EA 128 42.60 -28.44 76.71
CA PHE EA 128 42.60 -27.01 76.95
C PHE EA 128 43.83 -26.67 77.76
N ALA EA 129 44.65 -25.75 77.26
CA ALA EA 129 45.79 -25.32 78.03
C ALA EA 129 45.33 -24.31 79.07
N TYR EA 130 45.46 -24.65 80.32
CA TYR EA 130 45.05 -23.70 81.33
C TYR EA 130 46.02 -23.72 82.51
N PRO EA 131 46.35 -22.56 83.06
CA PRO EA 131 47.15 -22.54 84.28
C PRO EA 131 46.36 -23.11 85.44
N ASP EA 132 47.09 -23.56 86.46
CA ASP EA 132 46.45 -24.16 87.62
C ASP EA 132 45.52 -23.17 88.32
N THR EA 133 45.84 -21.88 88.23
CA THR EA 133 45.01 -20.88 88.86
C THR EA 133 43.58 -20.90 88.33
N LEU EA 134 43.41 -20.96 87.02
CA LEU EA 134 42.09 -20.91 86.41
C LEU EA 134 41.29 -22.20 86.60
N LYS EA 135 41.89 -23.24 87.17
CA LYS EA 135 41.19 -24.51 87.32
C LYS EA 135 39.87 -24.33 88.04
N ALA EA 136 39.78 -23.33 88.93
CA ALA EA 136 38.55 -23.05 89.62
C ALA EA 136 37.42 -22.75 88.65
N TRP EA 137 37.61 -21.77 87.79
CA TRP EA 137 36.49 -21.32 86.99
C TRP EA 137 36.65 -21.84 85.58
N PRO EA 138 35.92 -22.87 85.19
CA PRO EA 138 36.12 -23.43 83.86
C PRO EA 138 35.61 -22.51 82.77
N ALA EA 139 34.51 -21.79 83.05
CA ALA EA 139 33.77 -21.15 81.98
C ALA EA 139 34.61 -20.19 81.18
N THR EA 140 35.79 -19.83 81.68
CA THR EA 140 36.70 -18.98 80.93
C THR EA 140 37.59 -19.77 79.99
N TRP EA 141 37.67 -21.09 80.16
CA TRP EA 141 38.55 -21.88 79.31
C TRP EA 141 38.20 -21.65 77.85
N LYS EA 142 39.21 -21.68 77.00
CA LYS EA 142 39.00 -21.70 75.57
C LYS EA 142 40.05 -22.60 74.93
N VAL EA 143 39.78 -22.99 73.69
CA VAL EA 143 40.63 -23.97 73.02
C VAL EA 143 42.06 -23.44 72.91
N SER EA 144 43.01 -24.31 73.19
CA SER EA 144 44.41 -23.93 73.14
C SER EA 144 44.87 -23.74 71.69
N ARG EA 145 45.87 -22.88 71.50
CA ARG EA 145 46.27 -22.52 70.14
C ARG EA 145 47.14 -23.58 69.49
N GLU EA 146 47.90 -24.33 70.28
CA GLU EA 146 48.80 -25.32 69.69
C GLU EA 146 48.02 -26.33 68.86
N LEU EA 147 46.86 -26.72 69.32
CA LEU EA 147 46.04 -27.72 68.66
C LEU EA 147 45.01 -27.11 67.73
N CYS EA 148 45.09 -25.79 67.51
CA CYS EA 148 44.03 -24.98 66.92
C CYS EA 148 43.36 -25.66 65.75
N HIS EA 149 44.12 -26.32 64.89
CA HIS EA 149 43.51 -27.00 63.77
C HIS EA 149 43.19 -28.46 64.06
N ARG EA 150 43.62 -29.00 65.19
CA ARG EA 150 43.32 -30.40 65.47
C ARG EA 150 41.93 -30.59 66.04
N PHE EA 151 41.41 -29.59 66.76
CA PHE EA 151 40.11 -29.71 67.40
C PHE EA 151 39.23 -28.54 67.05
N VAL EA 152 37.94 -28.69 67.33
CA VAL EA 152 36.97 -27.62 67.14
C VAL EA 152 35.77 -27.92 68.02
N VAL EA 153 34.98 -26.90 68.32
CA VAL EA 153 33.81 -27.06 69.18
C VAL EA 153 32.61 -26.56 68.40
N LYS EA 154 31.68 -27.45 68.09
CA LYS EA 154 30.55 -27.08 67.27
C LYS EA 154 29.33 -26.64 68.07
N ARG EA 155 29.33 -26.85 69.38
CA ARG EA 155 28.23 -26.39 70.21
C ARG EA 155 28.74 -26.02 71.59
N ARG EA 156 27.92 -25.28 72.32
CA ARG EA 156 28.25 -24.86 73.67
C ARG EA 156 26.96 -24.68 74.45
N TRP EA 157 27.02 -24.94 75.75
CA TRP EA 157 25.86 -24.68 76.58
C TRP EA 157 26.30 -24.25 77.97
N LEU EA 158 25.42 -23.52 78.64
CA LEU EA 158 25.66 -23.05 80.00
C LEU EA 158 24.54 -23.51 80.90
N PHE EA 159 24.86 -23.62 82.18
CA PHE EA 159 23.87 -23.88 83.20
C PHE EA 159 24.46 -23.44 84.53
N ASN EA 160 23.60 -23.25 85.51
CA ASN EA 160 24.05 -22.83 86.81
C ASN EA 160 23.23 -23.50 87.88
N MET EA 161 23.85 -23.69 89.04
CA MET EA 161 23.21 -24.38 90.15
C MET EA 161 23.86 -23.92 91.44
N GLU EA 162 23.20 -24.19 92.55
CA GLU EA 162 23.69 -23.72 93.83
C GLU EA 162 23.15 -24.62 94.93
N THR EA 163 23.80 -24.56 96.08
CA THR EA 163 23.38 -25.33 97.24
C THR EA 163 23.40 -24.44 98.47
N ASP EA 164 22.47 -24.71 99.36
CA ASP EA 164 22.32 -23.93 100.58
C ASP EA 164 22.99 -24.58 101.78
N GLY EA 165 23.61 -25.74 101.60
CA GLY EA 165 24.17 -26.46 102.73
C GLY EA 165 23.21 -27.33 103.48
N ARG EA 166 22.21 -27.89 102.82
CA ARG EA 166 21.24 -28.74 103.48
C ARG EA 166 20.90 -29.92 102.60
N ILE EA 167 20.99 -31.12 103.15
CA ILE EA 167 20.67 -32.32 102.40
C ILE EA 167 19.15 -32.48 102.38
N GLY EA 168 18.65 -33.14 101.33
CA GLY EA 168 17.21 -33.24 101.17
C GLY EA 168 16.50 -33.94 102.30
N SER EA 169 17.05 -35.07 102.75
CA SER EA 169 16.37 -35.90 103.73
C SER EA 169 16.21 -35.23 105.08
N ASP EA 170 16.81 -34.06 105.29
CA ASP EA 170 16.78 -33.41 106.59
C ASP EA 170 15.42 -32.76 106.84
N ILE EA 171 14.88 -32.99 108.03
CA ILE EA 171 13.57 -32.45 108.41
C ILE EA 171 13.73 -31.03 108.92
N PRO EA 172 13.02 -30.06 108.36
CA PRO EA 172 13.03 -28.72 108.92
C PRO EA 172 12.48 -28.73 110.33
N PRO EA 173 13.04 -27.91 111.21
CA PRO EA 173 12.44 -27.73 112.53
C PRO EA 173 11.12 -26.97 112.40
N SER EA 174 10.22 -27.25 113.35
CA SER EA 174 8.87 -26.69 113.29
C SER EA 174 8.83 -25.17 113.41
N ASN EA 175 9.95 -24.54 113.75
CA ASN EA 175 9.92 -23.09 113.94
C ASN EA 175 9.95 -22.31 112.62
N ALA EA 176 10.87 -22.65 111.74
CA ALA EA 176 11.11 -21.84 110.55
C ALA EA 176 11.32 -22.74 109.35
N SER EA 177 11.36 -22.13 108.17
CA SER EA 177 11.42 -22.88 106.92
C SER EA 177 12.48 -22.38 105.94
N TRP EA 178 12.48 -22.93 104.73
CA TRP EA 178 13.42 -22.52 103.71
C TRP EA 178 12.74 -22.55 102.35
N LYS EA 179 13.21 -21.71 101.44
CA LYS EA 179 12.88 -21.82 100.03
C LYS EA 179 14.14 -22.25 99.31
N PRO EA 180 14.28 -23.51 98.96
CA PRO EA 180 15.49 -23.94 98.25
C PRO EA 180 15.29 -24.03 96.76
N CYS EA 181 14.96 -22.92 96.10
CA CYS EA 181 14.79 -22.96 94.66
C CYS EA 181 16.08 -23.38 93.98
N LYS EA 182 15.93 -24.21 92.95
CA LYS EA 182 17.06 -24.62 92.12
C LYS EA 182 18.14 -25.32 92.92
N ARG EA 183 17.73 -26.31 93.72
CA ARG EA 183 18.74 -27.25 94.20
C ARG EA 183 19.12 -28.23 93.11
N ASN EA 184 18.14 -28.74 92.38
CA ASN EA 184 18.37 -29.61 91.24
C ASN EA 184 17.71 -29.01 90.02
N ILE EA 185 18.11 -29.49 88.84
CA ILE EA 185 17.75 -28.83 87.60
C ILE EA 185 17.50 -29.87 86.53
N TYR EA 186 16.64 -29.52 85.58
CA TYR EA 186 16.27 -30.37 84.46
C TYR EA 186 16.82 -29.76 83.19
N PHE EA 187 17.73 -30.45 82.54
CA PHE EA 187 18.46 -29.90 81.40
C PHE EA 187 18.21 -30.73 80.16
N HIS EA 188 17.84 -30.07 79.07
CA HIS EA 188 17.63 -30.75 77.81
C HIS EA 188 17.88 -29.80 76.66
N LYS EA 189 18.37 -30.35 75.55
CA LYS EA 189 18.58 -29.58 74.34
C LYS EA 189 18.34 -30.48 73.15
N PHE EA 190 17.98 -29.87 72.02
CA PHE EA 190 17.71 -30.58 70.79
C PHE EA 190 18.27 -29.75 69.65
N THR EA 191 19.10 -30.35 68.81
CA THR EA 191 19.70 -29.59 67.72
C THR EA 191 19.89 -30.44 66.48
N SER EA 192 19.50 -29.88 65.34
CA SER EA 192 19.66 -30.55 64.05
C SER EA 192 20.85 -30.05 63.25
N GLY EA 193 21.58 -29.06 63.75
CA GLY EA 193 22.48 -28.32 62.87
C GLY EA 193 23.67 -29.14 62.41
N LEU EA 194 24.33 -29.82 63.34
CA LEU EA 194 25.65 -30.35 63.07
C LEU EA 194 25.59 -31.46 62.03
N GLY EA 195 26.76 -31.75 61.47
CA GLY EA 195 26.95 -32.97 60.71
C GLY EA 195 28.41 -33.35 60.80
N VAL EA 196 28.66 -34.65 60.69
CA VAL EA 196 29.99 -35.20 60.97
C VAL EA 196 30.24 -36.36 60.02
N ARG EA 197 31.46 -36.45 59.52
CA ARG EA 197 31.87 -37.52 58.63
C ARG EA 197 32.88 -38.41 59.33
N THR EA 198 32.61 -39.70 59.38
CA THR EA 198 33.46 -40.63 60.12
C THR EA 198 33.77 -41.85 59.28
N GLN EA 199 34.99 -42.35 59.41
CA GLN EA 199 35.39 -43.60 58.78
C GLN EA 199 36.05 -44.49 59.82
N TRP EA 200 36.12 -45.77 59.51
CA TRP EA 200 36.48 -46.78 60.50
C TRP EA 200 37.57 -47.69 59.98
N LYS EA 201 38.45 -48.10 60.89
CA LYS EA 201 39.28 -49.26 60.63
C LYS EA 201 38.39 -50.50 60.59
N ASN EA 202 38.91 -51.57 60.02
CA ASN EA 202 38.10 -52.76 59.83
C ASN EA 202 38.29 -53.66 61.04
N VAL EA 203 37.27 -53.71 61.89
CA VAL EA 203 37.17 -54.60 63.04
C VAL EA 203 35.71 -54.73 63.39
N THR EA 204 35.39 -55.55 64.38
CA THR EA 204 34.03 -55.60 64.88
C THR EA 204 33.74 -54.49 65.86
N ASP EA 205 34.72 -54.15 66.68
CA ASP EA 205 34.50 -53.42 67.92
C ASP EA 205 33.99 -52.01 67.66
N GLY EA 206 33.36 -51.44 68.68
CA GLY EA 206 32.94 -50.06 68.68
C GLY EA 206 33.73 -49.14 69.57
N GLY EA 207 34.86 -49.59 70.11
CA GLY EA 207 35.65 -48.78 70.99
C GLY EA 207 36.34 -47.64 70.25
N VAL EA 208 37.10 -46.86 71.02
CA VAL EA 208 37.77 -45.71 70.44
C VAL EA 208 38.90 -46.13 69.51
N GLY EA 209 39.62 -47.20 69.83
CA GLY EA 209 40.76 -47.59 69.04
C GLY EA 209 40.44 -47.90 67.60
N ALA EA 210 39.16 -48.12 67.29
CA ALA EA 210 38.79 -48.51 65.94
C ALA EA 210 38.73 -47.32 64.99
N ILE EA 211 38.38 -46.14 65.49
CA ILE EA 211 38.04 -45.04 64.60
C ILE EA 211 39.30 -44.50 63.92
N GLN EA 212 39.23 -44.34 62.60
CA GLN EA 212 40.33 -43.74 61.87
C GLN EA 212 40.26 -42.21 61.93
N ARG EA 213 39.07 -41.65 61.76
CA ARG EA 213 38.93 -40.19 61.71
C ARG EA 213 37.53 -39.80 62.11
N GLY EA 214 37.38 -38.60 62.66
CA GLY EA 214 36.05 -38.06 62.97
C GLY EA 214 35.45 -38.40 64.31
N ALA EA 215 36.27 -38.57 65.34
CA ALA EA 215 35.72 -38.87 66.65
C ALA EA 215 34.93 -37.68 67.19
N LEU EA 216 34.06 -37.97 68.16
CA LEU EA 216 33.17 -36.97 68.73
C LEU EA 216 33.15 -37.12 70.24
N TYR EA 217 33.53 -36.06 70.94
CA TYR EA 217 33.66 -36.09 72.39
C TYR EA 217 32.61 -35.22 73.07
N MET EA 218 32.26 -35.60 74.29
CA MET EA 218 31.41 -34.81 75.16
C MET EA 218 32.15 -34.55 76.46
N VAL EA 219 32.04 -33.33 76.98
CA VAL EA 219 32.80 -32.91 78.14
C VAL EA 219 31.89 -32.16 79.10
N ILE EA 220 32.05 -32.42 80.39
CA ILE EA 220 31.28 -31.77 81.43
C ILE EA 220 32.22 -31.03 82.36
N ALA EA 221 31.93 -29.76 82.63
CA ALA EA 221 32.77 -28.93 83.47
C ALA EA 221 32.01 -28.50 84.71
N PRO EA 222 32.43 -28.90 85.90
CA PRO EA 222 31.71 -28.53 87.11
C PRO EA 222 31.96 -27.08 87.48
N GLY EA 223 31.08 -26.57 88.34
CA GLY EA 223 31.30 -25.27 88.93
C GLY EA 223 32.40 -25.29 89.96
N ASN EA 224 32.81 -24.11 90.39
CA ASN EA 224 33.90 -23.98 91.35
C ASN EA 224 33.59 -24.78 92.62
N GLY EA 225 34.52 -25.67 92.98
CA GLY EA 225 34.42 -26.41 94.22
C GLY EA 225 33.07 -27.06 94.42
N LEU EA 226 32.42 -27.46 93.34
CA LEU EA 226 31.08 -28.03 93.39
C LEU EA 226 31.04 -29.31 92.59
N THR EA 227 30.80 -30.42 93.25
CA THR EA 227 30.82 -31.73 92.62
C THR EA 227 29.42 -32.33 92.63
N PHE EA 228 29.09 -33.06 91.57
CA PHE EA 228 27.74 -33.60 91.46
C PHE EA 228 27.77 -34.80 90.53
N THR EA 229 26.67 -35.55 90.56
CA THR EA 229 26.43 -36.64 89.63
C THR EA 229 25.16 -36.34 88.84
N ALA EA 230 25.01 -37.03 87.71
CA ALA EA 230 23.92 -36.77 86.80
C ALA EA 230 23.27 -38.07 86.37
N HIS EA 231 21.99 -37.99 86.02
CA HIS EA 231 21.24 -39.12 85.51
C HIS EA 231 20.57 -38.70 84.21
N GLY EA 232 20.33 -39.66 83.34
CA GLY EA 232 19.61 -39.40 82.11
C GLY EA 232 20.06 -40.33 81.01
N GLN EA 233 19.62 -40.01 79.80
CA GLN EA 233 19.95 -40.80 78.62
C GLN EA 233 19.85 -39.91 77.40
N THR EA 234 20.46 -40.37 76.31
CA THR EA 234 20.53 -39.59 75.09
C THR EA 234 20.26 -40.47 73.89
N ARG EA 235 19.96 -39.84 72.77
CA ARG EA 235 19.75 -40.54 71.52
C ARG EA 235 20.61 -39.93 70.42
N LEU EA 236 20.80 -40.69 69.35
CA LEU EA 236 21.52 -40.25 68.18
C LEU EA 236 20.73 -40.59 66.93
N TYR EA 237 21.16 -40.01 65.82
CA TYR EA 237 20.53 -40.25 64.53
C TYR EA 237 21.60 -40.29 63.46
N PHE EA 238 21.56 -41.30 62.60
CA PHE EA 238 22.58 -41.43 61.57
C PHE EA 238 22.13 -42.43 60.53
N LYS EA 239 22.94 -42.59 59.49
CA LYS EA 239 22.75 -43.65 58.53
C LYS EA 239 24.09 -44.02 57.91
N SER EA 240 24.26 -45.30 57.60
CA SER EA 240 25.46 -45.74 56.91
C SER EA 240 25.39 -45.33 55.45
N VAL EA 241 26.56 -45.30 54.80
CA VAL EA 241 26.64 -44.98 53.38
C VAL EA 241 27.96 -45.52 52.87
N GLY EA 242 28.06 -45.68 51.56
CA GLY EA 242 29.30 -46.04 50.91
C GLY EA 242 29.32 -47.50 50.49
N ASN EA 243 30.42 -47.87 49.82
CA ASN EA 243 30.65 -49.22 49.34
C ASN EA 243 29.49 -49.71 48.50
N ALA FA 31 -53.96 12.92 32.60
CA ALA FA 31 -54.96 12.89 33.66
C ALA FA 31 -55.56 14.27 33.89
N GLY FA 32 -56.51 14.64 33.04
CA GLY FA 32 -57.16 15.93 33.13
C GLY FA 32 -57.62 16.39 31.76
N SER FA 33 -58.21 17.59 31.73
CA SER FA 33 -58.65 18.14 30.46
C SER FA 33 -58.22 19.59 30.29
N LYS FA 34 -57.33 19.85 29.33
CA LYS FA 34 -56.88 21.20 28.98
C LYS FA 34 -56.57 22.04 30.21
N ALA FA 35 -55.93 21.40 31.19
CA ALA FA 35 -55.55 22.10 32.40
C ALA FA 35 -54.51 23.17 32.08
N ASP FA 36 -54.56 24.25 32.84
CA ASP FA 36 -53.69 25.40 32.64
C ASP FA 36 -53.20 25.91 33.98
N ARG FA 37 -51.93 26.29 34.01
CA ARG FA 37 -51.26 26.65 35.27
C ARG FA 37 -52.01 27.69 36.09
N PRO FA 38 -52.48 28.80 35.54
CA PRO FA 38 -53.29 29.71 36.35
C PRO FA 38 -54.62 29.07 36.72
N SER FA 39 -55.19 29.56 37.81
CA SER FA 39 -56.42 28.99 38.34
C SER FA 39 -57.58 29.23 37.38
N LEU FA 40 -58.64 28.46 37.56
CA LEU FA 40 -59.82 28.52 36.72
C LEU FA 40 -61.00 29.04 37.51
N GLN FA 41 -61.92 29.72 36.82
CA GLN FA 41 -63.02 30.35 37.50
C GLN FA 41 -63.97 29.32 38.09
N ILE FA 42 -64.79 29.76 39.02
CA ILE FA 42 -65.68 28.88 39.77
C ILE FA 42 -67.08 29.48 39.80
N GLN FA 43 -68.08 28.63 39.60
CA GLN FA 43 -69.48 29.01 39.76
C GLN FA 43 -70.20 27.95 40.58
N THR FA 44 -71.14 28.39 41.40
CA THR FA 44 -71.85 27.51 42.31
C THR FA 44 -73.36 27.65 42.13
N LEU FA 45 -74.08 26.68 42.66
CA LEU FA 45 -75.53 26.74 42.71
C LEU FA 45 -75.98 26.34 44.11
N GLN FA 46 -77.06 26.94 44.56
CA GLN FA 46 -77.56 26.72 45.90
C GLN FA 46 -78.97 26.17 45.80
N HIS FA 47 -79.16 24.91 46.17
CA HIS FA 47 -80.48 24.31 46.23
C HIS FA 47 -80.70 23.83 47.65
N ALA FA 48 -81.60 24.51 48.37
CA ALA FA 48 -81.84 24.23 49.77
C ALA FA 48 -82.95 25.16 50.24
N GLY FA 49 -83.53 24.81 51.38
CA GLY FA 49 -84.50 25.70 52.00
C GLY FA 49 -85.64 25.99 51.04
N THR FA 50 -85.83 27.29 50.76
CA THR FA 50 -86.86 27.71 49.83
C THR FA 50 -86.73 27.01 48.48
N THR FA 51 -85.50 26.87 48.01
CA THR FA 51 -85.26 26.23 46.71
C THR FA 51 -84.84 24.80 46.97
N MET FA 52 -85.75 23.86 46.72
CA MET FA 52 -85.45 22.45 46.79
C MET FA 52 -86.03 21.83 45.53
N ILE FA 53 -85.17 21.26 44.70
CA ILE FA 53 -85.66 20.57 43.52
C ILE FA 53 -86.64 19.50 43.97
N THR FA 54 -87.86 19.56 43.45
CA THR FA 54 -88.92 18.64 43.82
C THR FA 54 -89.51 18.03 42.56
N VAL FA 55 -89.50 16.71 42.47
CA VAL FA 55 -89.81 16.05 41.22
C VAL FA 55 -91.07 15.21 41.33
N PRO FA 56 -92.16 15.63 40.70
CA PRO FA 56 -93.28 14.71 40.47
C PRO FA 56 -92.95 13.74 39.35
N SER FA 57 -93.75 12.68 39.28
CA SER FA 57 -93.54 11.66 38.27
C SER FA 57 -93.48 12.28 36.88
N GLY FA 58 -92.48 11.88 36.11
CA GLY FA 58 -92.25 12.46 34.79
C GLY FA 58 -91.07 13.39 34.72
N GLY FA 59 -90.34 13.58 35.80
CA GLY FA 59 -89.10 14.33 35.75
C GLY FA 59 -89.29 15.81 35.61
N VAL FA 60 -88.17 16.53 35.62
CA VAL FA 60 -88.19 17.98 35.48
C VAL FA 60 -86.96 18.40 34.70
N CYS FA 61 -87.14 19.40 33.85
CA CYS FA 61 -86.08 19.95 33.03
C CYS FA 61 -85.48 21.16 33.72
N ASP FA 62 -84.18 21.35 33.55
CA ASP FA 62 -83.51 22.49 34.16
C ASP FA 62 -82.22 22.78 33.40
N LEU FA 63 -81.73 24.00 33.56
CA LEU FA 63 -80.47 24.43 32.97
C LEU FA 63 -79.51 24.87 34.05
N ILE FA 64 -78.32 24.26 34.05
CA ILE FA 64 -77.32 24.56 35.07
C ILE FA 64 -76.25 25.50 34.58
N ASN FA 65 -76.27 25.92 33.33
CA ASN FA 65 -75.12 26.61 32.79
C ASN FA 65 -75.21 28.13 32.92
N THR FA 66 -76.23 28.63 33.62
CA THR FA 66 -76.46 30.07 33.72
C THR FA 66 -75.23 30.82 34.20
N TYR FA 67 -74.90 31.90 33.49
CA TYR FA 67 -73.77 32.77 33.82
C TYR FA 67 -74.19 34.21 33.61
N ALA FA 68 -73.89 35.06 34.58
CA ALA FA 68 -74.06 36.49 34.34
C ALA FA 68 -72.81 37.05 33.67
N ARG FA 69 -72.85 38.33 33.34
CA ARG FA 69 -71.69 39.03 32.80
C ARG FA 69 -71.47 40.31 33.58
N GLY FA 70 -70.23 40.56 33.95
CA GLY FA 70 -69.93 41.77 34.69
C GLY FA 70 -68.57 41.67 35.36
N SER FA 71 -68.43 42.47 36.40
CA SER FA 71 -67.14 42.55 37.10
C SER FA 71 -66.94 41.36 38.01
N ASP FA 72 -68.00 40.89 38.65
CA ASP FA 72 -67.87 39.90 39.71
C ASP FA 72 -67.23 38.61 39.18
N GLU FA 73 -66.40 38.00 40.02
CA GLU FA 73 -65.79 36.73 39.66
C GLU FA 73 -66.85 35.65 39.57
N GLY FA 74 -66.69 34.77 38.60
CA GLY FA 74 -67.67 33.73 38.36
C GLY FA 74 -68.60 34.11 37.24
N ASN FA 75 -68.75 35.40 37.00
CA ASN FA 75 -69.48 35.83 35.82
C ASN FA 75 -68.57 35.80 34.61
N ARG FA 76 -69.17 35.64 33.44
CA ARG FA 76 -68.40 35.52 32.22
C ARG FA 76 -67.96 36.89 31.72
N HIS FA 77 -66.68 37.01 31.38
CA HIS FA 77 -66.14 38.26 30.88
C HIS FA 77 -66.32 38.44 29.39
N THR FA 78 -66.61 37.38 28.65
CA THR FA 78 -66.60 37.47 27.20
C THR FA 78 -67.89 36.95 26.60
N SER FA 79 -67.92 36.83 25.28
CA SER FA 79 -69.07 36.24 24.62
C SER FA 79 -68.87 34.77 24.30
N GLU FA 80 -67.73 34.19 24.68
CA GLU FA 80 -67.40 32.82 24.33
C GLU FA 80 -66.87 32.10 25.56
N THR FA 81 -67.47 30.94 25.87
CA THR FA 81 -67.15 30.22 27.09
C THR FA 81 -66.99 28.73 26.82
N LEU FA 82 -65.96 28.14 27.43
CA LEU FA 82 -65.77 26.70 27.45
C LEU FA 82 -65.87 26.23 28.90
N THR FA 83 -66.48 25.07 29.10
CA THR FA 83 -66.53 24.46 30.42
C THR FA 83 -65.79 23.14 30.40
N TYR FA 84 -65.28 22.73 31.56
CA TYR FA 84 -64.47 21.53 31.60
C TYR FA 84 -64.94 20.51 32.62
N LYS FA 85 -64.70 20.77 33.89
CA LYS FA 85 -64.89 19.79 34.93
C LYS FA 85 -66.10 20.16 35.78
N ILE FA 86 -66.83 19.16 36.23
CA ILE FA 86 -68.03 19.37 37.02
C ILE FA 86 -68.08 18.34 38.13
N ALA FA 87 -68.50 18.78 39.32
CA ALA FA 87 -68.68 17.90 40.45
C ALA FA 87 -70.06 18.13 41.02
N ILE FA 88 -70.69 17.06 41.48
CA ILE FA 88 -72.08 17.11 41.92
C ILE FA 88 -72.19 16.42 43.25
N ASP FA 89 -72.84 17.08 44.20
CA ASP FA 89 -73.19 16.50 45.48
C ASP FA 89 -74.64 16.79 45.79
N TYR FA 90 -75.33 15.81 46.36
CA TYR FA 90 -76.69 16.04 46.82
C TYR FA 90 -77.03 15.08 47.94
N HIS FA 91 -78.10 15.43 48.65
CA HIS FA 91 -78.81 14.49 49.47
C HIS FA 91 -80.17 14.21 48.87
N PHE FA 92 -80.63 12.98 49.00
CA PHE FA 92 -81.98 12.60 48.63
C PHE FA 92 -82.75 12.18 49.86
N VAL FA 93 -84.07 12.33 49.82
CA VAL FA 93 -84.95 11.79 50.83
C VAL FA 93 -86.30 11.51 50.21
N ALA FA 94 -86.93 10.42 50.63
CA ALA FA 94 -88.26 10.13 50.15
C ALA FA 94 -89.24 11.13 50.71
N ASP FA 95 -90.37 11.28 50.03
CA ASP FA 95 -91.43 12.15 50.48
C ASP FA 95 -92.50 11.33 51.17
N ALA FA 96 -93.00 11.84 52.30
CA ALA FA 96 -94.06 11.15 53.03
C ALA FA 96 -95.29 10.96 52.15
N ALA FA 97 -95.52 11.87 51.21
CA ALA FA 97 -96.69 11.77 50.34
C ALA FA 97 -96.76 10.41 49.65
N ALA FA 98 -95.61 9.85 49.27
CA ALA FA 98 -95.57 8.53 48.65
C ALA FA 98 -95.26 7.42 49.63
N CYS FA 99 -95.00 7.75 50.89
CA CYS FA 99 -94.68 6.72 51.86
C CYS FA 99 -95.88 5.87 52.26
N ARG FA 100 -97.09 6.24 51.82
CA ARG FA 100 -98.26 5.45 52.14
C ARG FA 100 -98.24 4.08 51.49
N TYR FA 101 -97.29 3.82 50.62
CA TYR FA 101 -97.13 2.53 49.97
C TYR FA 101 -95.73 2.01 50.24
N SER FA 102 -95.52 0.73 49.99
CA SER FA 102 -94.21 0.11 50.19
C SER FA 102 -93.80 -0.59 48.90
N ASN FA 103 -92.80 -0.06 48.24
CA ASN FA 103 -92.15 -0.74 47.13
C ASN FA 103 -90.81 -0.09 46.90
N THR FA 104 -89.95 -0.78 46.18
CA THR FA 104 -88.70 -0.19 45.75
C THR FA 104 -88.90 0.46 44.39
N GLY FA 105 -87.79 0.85 43.77
CA GLY FA 105 -87.84 1.44 42.45
C GLY FA 105 -86.44 1.71 41.96
N THR FA 106 -86.36 2.43 40.85
CA THR FA 106 -85.07 2.82 40.31
C THR FA 106 -85.18 4.20 39.69
N GLY FA 107 -84.21 5.07 39.98
CA GLY FA 107 -84.15 6.40 39.43
C GLY FA 107 -83.02 6.56 38.42
N VAL FA 108 -83.02 7.73 37.78
CA VAL FA 108 -82.09 8.02 36.70
C VAL FA 108 -81.75 9.51 36.73
N MET FA 109 -80.48 9.81 36.46
CA MET FA 109 -80.03 11.18 36.27
C MET FA 109 -79.23 11.24 34.99
N TRP FA 110 -79.61 12.13 34.08
CA TRP FA 110 -78.88 12.32 32.84
C TRP FA 110 -78.22 13.69 32.80
N LEU FA 111 -77.18 13.78 32.00
CA LEU FA 111 -76.56 15.05 31.68
C LEU FA 111 -76.67 15.21 30.16
N VAL FA 112 -77.50 16.15 29.73
CA VAL FA 112 -77.90 16.25 28.33
C VAL FA 112 -77.35 17.53 27.73
N TYR FA 113 -76.73 17.41 26.58
CA TYR FA 113 -76.18 18.55 25.86
C TYR FA 113 -77.06 18.91 24.68
N ASP FA 114 -77.17 20.21 24.41
CA ASP FA 114 -78.02 20.74 23.36
C ASP FA 114 -77.19 21.43 22.30
N THR FA 115 -77.74 21.51 21.10
CA THR FA 115 -77.13 22.32 20.04
C THR FA 115 -77.78 23.69 19.98
N THR FA 116 -79.01 23.76 19.49
CA THR FA 116 -79.74 25.02 19.39
C THR FA 116 -80.98 24.93 20.25
N PRO FA 117 -81.10 25.73 21.31
CA PRO FA 117 -82.31 25.68 22.12
C PRO FA 117 -83.44 26.41 21.44
N GLY FA 118 -84.64 25.90 21.64
CA GLY FA 118 -85.81 26.63 21.20
C GLY FA 118 -86.05 27.85 22.04
N GLY FA 119 -87.02 28.66 21.60
CA GLY FA 119 -87.42 29.80 22.40
C GLY FA 119 -88.09 29.44 23.70
N GLN FA 120 -88.59 28.22 23.83
CA GLN FA 120 -89.31 27.76 24.99
C GLN FA 120 -88.52 26.66 25.68
N ALA FA 121 -88.76 26.52 26.98
CA ALA FA 121 -88.03 25.53 27.77
C ALA FA 121 -88.51 24.13 27.43
N PRO FA 122 -87.60 23.19 27.21
CA PRO FA 122 -88.02 21.83 26.90
C PRO FA 122 -88.59 21.14 28.13
N THR FA 123 -89.32 20.07 27.88
CA THR FA 123 -89.81 19.20 28.92
C THR FA 123 -89.45 17.77 28.54
N PRO FA 124 -89.24 16.89 29.52
CA PRO FA 124 -88.81 15.53 29.20
C PRO FA 124 -89.69 14.85 28.16
N GLN FA 125 -91.01 14.97 28.29
CA GLN FA 125 -91.90 14.32 27.34
C GLN FA 125 -91.57 14.74 25.92
N THR FA 126 -91.06 15.96 25.77
CA THR FA 126 -90.66 16.40 24.45
C THR FA 126 -89.28 15.87 24.07
N ILE FA 127 -88.38 15.74 25.05
CA ILE FA 127 -87.03 15.35 24.68
C ILE FA 127 -86.97 13.86 24.36
N PHE FA 128 -87.83 13.07 24.99
CA PHE FA 128 -87.84 11.63 24.79
C PHE FA 128 -89.23 11.23 24.33
N ALA FA 129 -89.31 10.57 23.19
CA ALA FA 129 -90.60 10.09 22.74
C ALA FA 129 -90.92 8.80 23.49
N TYR FA 130 -91.97 8.83 24.27
CA TYR FA 130 -92.33 7.62 24.98
C TYR FA 130 -93.83 7.46 25.03
N PRO FA 131 -94.33 6.24 24.86
CA PRO FA 131 -95.76 6.01 25.06
C PRO FA 131 -96.13 6.18 26.51
N ASP FA 132 -97.43 6.44 26.73
CA ASP FA 132 -97.90 6.66 28.09
C ASP FA 132 -97.67 5.44 28.97
N THR FA 133 -97.69 4.26 28.37
CA THR FA 133 -97.46 3.04 29.13
C THR FA 133 -96.12 3.04 29.83
N LEU FA 134 -95.06 3.40 29.13
CA LEU FA 134 -93.72 3.36 29.68
C LEU FA 134 -93.46 4.46 30.71
N LYS FA 135 -94.40 5.39 30.89
CA LYS FA 135 -94.16 6.50 31.82
C LYS FA 135 -93.78 6.00 33.20
N ALA FA 136 -94.26 4.81 33.57
CA ALA FA 136 -93.89 4.23 34.86
C ALA FA 136 -92.39 4.06 34.98
N TRP FA 137 -91.79 3.35 34.04
CA TRP FA 137 -90.39 2.99 34.24
C TRP FA 137 -89.54 3.86 33.35
N PRO FA 138 -88.88 4.87 33.90
CA PRO FA 138 -88.09 5.76 33.04
C PRO FA 138 -86.86 5.08 32.50
N ALA FA 139 -86.24 4.21 33.28
CA ALA FA 139 -84.88 3.77 32.99
C ALA FA 139 -84.77 3.12 31.62
N THR FA 140 -85.88 2.78 30.99
CA THR FA 140 -85.87 2.27 29.64
C THR FA 140 -85.88 3.35 28.59
N TRP FA 141 -86.19 4.59 28.96
CA TRP FA 141 -86.25 5.65 27.98
C TRP FA 141 -84.92 5.76 27.25
N LYS FA 142 -85.00 6.12 25.97
CA LYS FA 142 -83.81 6.47 25.21
C LYS FA 142 -84.15 7.60 24.27
N VAL FA 143 -83.11 8.25 23.76
CA VAL FA 143 -83.30 9.45 22.96
C VAL FA 143 -84.13 9.13 21.73
N SER FA 144 -85.08 10.01 21.43
CA SER FA 144 -85.95 9.81 20.27
C SER FA 144 -85.18 10.03 18.98
N ARG FA 145 -85.62 9.36 17.91
CA ARG FA 145 -84.86 9.40 16.66
C ARG FA 145 -85.09 10.67 15.87
N GLU FA 146 -86.26 11.29 16.00
CA GLU FA 146 -86.55 12.49 15.23
C GLU FA 146 -85.53 13.57 15.50
N LEU FA 147 -85.12 13.71 16.75
CA LEU FA 147 -84.20 14.75 17.17
C LEU FA 147 -82.76 14.26 17.18
N CYS FA 148 -82.50 13.07 16.64
CA CYS FA 148 -81.28 12.32 16.85
C CYS FA 148 -80.04 13.18 16.76
N HIS FA 149 -80.01 14.11 15.82
CA HIS FA 149 -78.85 14.98 15.71
C HIS FA 149 -79.00 16.28 16.49
N ARG FA 150 -80.18 16.57 17.03
CA ARG FA 150 -80.33 17.82 17.77
C ARG FA 150 -79.83 17.70 19.20
N PHE FA 151 -79.89 16.51 19.79
CA PHE FA 151 -79.51 16.32 21.18
C PHE FA 151 -78.51 15.18 21.30
N VAL FA 152 -77.86 15.11 22.46
CA VAL FA 152 -76.96 14.02 22.78
C VAL FA 152 -76.82 13.97 24.29
N VAL FA 153 -76.39 12.82 24.81
CA VAL FA 153 -76.23 12.63 26.24
C VAL FA 153 -74.80 12.20 26.50
N LYS FA 154 -74.06 13.04 27.21
CA LYS FA 154 -72.65 12.75 27.40
C LYS FA 154 -72.36 12.01 28.70
N ARG FA 155 -73.33 11.88 29.58
CA ARG FA 155 -73.14 11.11 30.81
C ARG FA 155 -74.45 10.47 31.23
N ARG FA 156 -74.34 9.48 32.11
CA ARG FA 156 -75.51 8.79 32.61
C ARG FA 156 -75.18 8.29 34.01
N TRP FA 157 -76.20 8.21 34.86
CA TRP FA 157 -76.00 7.62 36.17
C TRP FA 157 -77.26 6.93 36.63
N LEU FA 158 -77.08 5.95 37.52
CA LEU FA 158 -78.17 5.20 38.10
C LEU FA 158 -78.12 5.29 39.62
N PHE FA 159 -79.29 5.11 40.21
CA PHE FA 159 -79.39 5.00 41.66
C PHE FA 159 -80.70 4.31 41.96
N ASN FA 160 -80.82 3.79 43.16
CA ASN FA 160 -82.03 3.10 43.57
C ASN FA 160 -82.33 3.41 45.02
N MET FA 161 -83.61 3.37 45.35
CA MET FA 161 -84.06 3.68 46.69
C MET FA 161 -85.39 3.00 46.92
N GLU FA 162 -85.78 2.91 48.19
CA GLU FA 162 -86.99 2.19 48.54
C GLU FA 162 -87.52 2.72 49.85
N THR FA 163 -88.79 2.46 50.10
CA THR FA 163 -89.44 2.86 51.33
C THR FA 163 -90.26 1.71 51.89
N ASP FA 164 -90.30 1.63 53.20
CA ASP FA 164 -91.01 0.58 53.89
C ASP FA 164 -92.41 0.98 54.32
N GLY FA 165 -92.82 2.21 54.06
CA GLY FA 165 -94.10 2.68 54.53
C GLY FA 165 -94.10 3.23 55.93
N ARG FA 166 -93.00 3.81 56.38
CA ARG FA 166 -92.93 4.36 57.73
C ARG FA 166 -92.17 5.69 57.70
N ILE FA 167 -92.78 6.71 58.28
CA ILE FA 167 -92.14 8.02 58.35
C ILE FA 167 -91.12 8.01 59.46
N GLY FA 168 -90.09 8.84 59.33
CA GLY FA 168 -89.00 8.82 60.29
C GLY FA 168 -89.44 9.14 61.72
N SER FA 169 -90.26 10.18 61.87
CA SER FA 169 -90.60 10.65 63.21
C SER FA 169 -91.40 9.66 64.03
N ASP FA 170 -91.83 8.55 63.43
CA ASP FA 170 -92.69 7.60 64.11
C ASP FA 170 -91.88 6.77 65.11
N ILE FA 171 -92.41 6.63 66.31
CA ILE FA 171 -91.74 5.87 67.37
C ILE FA 171 -92.06 4.39 67.24
N PRO FA 172 -91.05 3.52 67.16
CA PRO FA 172 -91.33 2.09 67.18
C PRO FA 172 -92.00 1.69 68.48
N PRO FA 173 -92.92 0.74 68.43
CA PRO FA 173 -93.45 0.18 69.67
C PRO FA 173 -92.38 -0.66 70.36
N SER FA 174 -92.49 -0.74 71.68
CA SER FA 174 -91.48 -1.39 72.48
C SER FA 174 -91.37 -2.89 72.23
N ASN FA 175 -92.30 -3.48 71.46
CA ASN FA 175 -92.27 -4.91 71.25
C ASN FA 175 -91.24 -5.33 70.20
N ALA FA 176 -91.25 -4.69 69.04
CA ALA FA 176 -90.46 -5.15 67.91
C ALA FA 176 -89.83 -3.97 67.21
N SER FA 177 -88.93 -4.26 66.27
CA SER FA 177 -88.14 -3.21 65.62
C SER FA 177 -88.09 -3.33 64.11
N TRP FA 178 -87.27 -2.50 63.47
CA TRP FA 178 -87.11 -2.54 62.02
C TRP FA 178 -85.67 -2.24 61.66
N LYS FA 179 -85.23 -2.78 60.52
CA LYS FA 179 -83.98 -2.36 59.90
C LYS FA 179 -84.37 -1.63 58.63
N PRO FA 180 -84.35 -0.32 58.61
CA PRO FA 180 -84.70 0.40 57.39
C PRO FA 180 -83.48 0.85 56.59
N CYS FA 181 -82.65 -0.10 56.15
CA CYS FA 181 -81.50 0.27 55.36
C CYS FA 181 -81.92 0.98 54.09
N LYS FA 182 -81.16 2.02 53.74
CA LYS FA 182 -81.36 2.75 52.50
C LYS FA 182 -82.75 3.34 52.40
N ARG FA 183 -83.17 4.05 53.44
CA ARG FA 183 -84.30 4.96 53.25
C ARG FA 183 -83.88 6.21 52.51
N ASN FA 184 -82.74 6.78 52.89
CA ASN FA 184 -82.16 7.91 52.21
C ASN FA 184 -80.75 7.58 51.76
N ILE FA 185 -80.23 8.37 50.85
CA ILE FA 185 -79.00 8.00 50.14
C ILE FA 185 -78.16 9.24 49.90
N TYR FA 186 -76.86 9.04 49.84
CA TYR FA 186 -75.87 10.10 49.61
C TYR FA 186 -75.25 9.88 48.24
N PHE FA 187 -75.48 10.82 47.33
CA PHE FA 187 -75.08 10.64 45.95
C PHE FA 187 -74.10 11.73 45.54
N HIS FA 188 -72.99 11.31 44.93
CA HIS FA 188 -71.99 12.26 44.47
C HIS FA 188 -71.22 11.66 43.31
N LYS FA 189 -70.81 12.51 42.38
CA LYS FA 189 -69.98 12.09 41.26
C LYS FA 189 -69.04 13.24 40.90
N PHE FA 190 -67.92 12.88 40.30
CA PHE FA 190 -66.91 13.85 39.88
C PHE FA 190 -66.37 13.40 38.54
N THR FA 191 -66.39 14.27 37.55
CA THR FA 191 -65.92 13.87 36.23
C THR FA 191 -65.23 15.02 35.51
N SER FA 192 -64.07 14.72 34.92
CA SER FA 192 -63.32 15.70 34.15
C SER FA 192 -63.48 15.55 32.64
N GLY FA 193 -64.23 14.56 32.18
CA GLY FA 193 -64.12 14.16 30.79
C GLY FA 193 -64.68 15.19 29.82
N LEU FA 194 -65.88 15.69 30.11
CA LEU FA 194 -66.64 16.42 29.10
C LEU FA 194 -65.96 17.73 28.75
N GLY FA 195 -66.36 18.27 27.62
CA GLY FA 195 -66.08 19.65 27.29
C GLY FA 195 -67.17 20.17 26.40
N VAL FA 196 -67.41 21.48 26.46
CA VAL FA 196 -68.56 22.08 25.80
C VAL FA 196 -68.17 23.46 25.30
N ARG FA 197 -68.65 23.81 24.12
CA ARG FA 197 -68.39 25.10 23.51
C ARG FA 197 -69.68 25.88 23.44
N THR FA 198 -69.68 27.09 24.00
CA THR FA 198 -70.89 27.90 24.08
C THR FA 198 -70.62 29.31 23.62
N GLN FA 199 -71.60 29.90 22.94
CA GLN FA 199 -71.55 31.30 22.55
C GLN FA 199 -72.84 31.98 22.97
N TRP FA 200 -72.81 33.29 23.02
CA TRP FA 200 -73.89 34.05 23.64
C TRP FA 200 -74.35 35.18 22.75
N LYS FA 201 -75.65 35.45 22.78
CA LYS FA 201 -76.15 36.73 22.30
C LYS FA 201 -75.65 37.83 23.23
N ASN FA 202 -75.70 39.06 22.75
CA ASN FA 202 -75.16 40.16 23.53
C ASN FA 202 -76.26 40.75 24.38
N VAL FA 203 -76.21 40.46 25.68
CA VAL FA 203 -77.07 41.04 26.70
C VAL FA 203 -76.35 40.91 28.03
N THR FA 204 -76.95 41.42 29.09
CA THR FA 204 -76.39 41.19 30.43
C THR FA 204 -76.79 39.85 30.98
N ASP FA 205 -78.02 39.42 30.69
CA ASP FA 205 -78.69 38.39 31.48
C ASP FA 205 -78.00 37.04 31.33
N GLY FA 206 -78.26 36.18 32.31
CA GLY FA 206 -77.82 34.80 32.27
C GLY FA 206 -78.91 33.78 32.03
N GLY FA 207 -80.11 34.21 31.66
CA GLY FA 207 -81.20 33.29 31.45
C GLY FA 207 -81.00 32.46 30.18
N VAL FA 208 -81.98 31.59 29.94
CA VAL FA 208 -81.89 30.70 28.79
C VAL FA 208 -82.02 31.47 27.48
N GLY FA 209 -82.86 32.50 27.43
CA GLY FA 209 -83.11 33.19 26.18
C GLY FA 209 -81.86 33.81 25.57
N ALA FA 210 -80.80 33.97 26.36
CA ALA FA 210 -79.60 34.63 25.86
C ALA FA 210 -78.74 33.72 25.01
N ILE FA 211 -78.74 32.42 25.28
CA ILE FA 211 -77.74 31.54 24.69
C ILE FA 211 -78.04 31.33 23.21
N GLN FA 212 -77.01 31.49 22.39
CA GLN FA 212 -77.16 31.20 20.96
C GLN FA 212 -76.98 29.72 20.67
N ARG FA 213 -75.99 29.09 21.29
CA ARG FA 213 -75.70 27.69 21.00
C ARG FA 213 -75.00 27.06 22.18
N GLY FA 214 -75.16 25.75 22.35
CA GLY FA 214 -74.44 25.01 23.37
C GLY FA 214 -75.05 24.93 24.75
N ALA FA 215 -76.37 24.93 24.86
CA ALA FA 215 -76.99 24.84 26.17
C ALA FA 215 -76.72 23.47 26.80
N LEU FA 216 -76.87 23.41 28.12
CA LEU FA 216 -76.57 22.21 28.88
C LEU FA 216 -77.67 21.98 29.90
N TYR FA 217 -78.33 20.82 29.81
CA TYR FA 217 -79.48 20.51 30.64
C TYR FA 217 -79.16 19.39 31.62
N MET FA 218 -79.85 19.41 32.75
CA MET FA 218 -79.83 18.34 33.74
C MET FA 218 -81.25 17.85 33.95
N VAL FA 219 -81.41 16.54 34.07
CA VAL FA 219 -82.73 15.93 34.15
C VAL FA 219 -82.73 14.87 35.25
N ILE FA 220 -83.81 14.82 36.01
CA ILE FA 220 -83.97 13.84 37.08
C ILE FA 220 -85.21 13.01 36.79
N ALA FA 221 -85.07 11.70 36.87
CA ALA FA 221 -86.15 10.78 36.59
C ALA FA 221 -86.49 9.97 37.83
N PRO FA 222 -87.69 10.11 38.38
CA PRO FA 222 -88.04 9.37 39.59
C PRO FA 222 -88.32 7.92 39.29
N GLY FA 223 -88.30 7.11 40.34
CA GLY FA 223 -88.73 5.73 40.24
C GLY FA 223 -90.24 5.63 40.10
N ASN FA 224 -90.69 4.42 39.79
CA ASN FA 224 -92.11 4.19 39.58
C ASN FA 224 -92.92 4.60 40.80
N GLY FA 225 -93.91 5.46 40.58
CA GLY FA 225 -94.82 5.87 41.64
C GLY FA 225 -94.13 6.30 42.90
N LEU FA 226 -92.95 6.88 42.78
CA LEU FA 226 -92.14 7.26 43.93
C LEU FA 226 -91.67 8.69 43.76
N THR FA 227 -92.12 9.58 44.64
CA THR FA 227 -91.82 10.99 44.55
C THR FA 227 -90.94 11.41 45.72
N PHE FA 228 -90.02 12.34 45.47
CA PHE FA 228 -89.09 12.74 46.51
C PHE FA 228 -88.56 14.13 46.20
N THR FA 229 -87.92 14.72 47.20
CA THR FA 229 -87.20 15.96 47.05
C THR FA 229 -85.74 15.74 47.40
N ALA FA 230 -84.90 16.67 46.96
CA ALA FA 230 -83.45 16.53 47.11
C ALA FA 230 -82.84 17.81 47.63
N HIS FA 231 -81.72 17.67 48.33
CA HIS FA 231 -80.96 18.80 48.83
C HIS FA 231 -79.52 18.65 48.37
N GLY FA 232 -78.83 19.77 48.24
CA GLY FA 232 -77.42 19.74 47.91
C GLY FA 232 -77.03 20.95 47.11
N GLN FA 233 -75.80 20.90 46.58
CA GLN FA 233 -75.26 21.98 45.79
C GLN FA 233 -74.21 21.43 44.86
N THR FA 234 -73.87 22.21 43.83
CA THR FA 234 -72.95 21.76 42.80
C THR FA 234 -71.98 22.88 42.45
N ARG FA 235 -70.89 22.51 41.80
CA ARG FA 235 -69.92 23.48 41.32
C ARG FA 235 -69.64 23.25 39.85
N LEU FA 236 -69.07 24.27 39.22
CA LEU FA 236 -68.65 24.21 37.83
C LEU FA 236 -67.25 24.77 37.70
N TYR FA 237 -66.67 24.54 36.53
CA TYR FA 237 -65.33 25.01 36.22
C TYR FA 237 -65.28 25.43 34.77
N PHE FA 238 -64.73 26.61 34.50
CA PHE FA 238 -64.70 27.10 33.13
C PHE FA 238 -63.73 28.27 33.05
N LYS FA 239 -63.55 28.78 31.83
CA LYS FA 239 -62.83 30.02 31.62
C LYS FA 239 -63.33 30.67 30.33
N SER FA 240 -63.35 32.00 30.33
CA SER FA 240 -63.70 32.72 29.13
C SER FA 240 -62.55 32.70 28.14
N VAL FA 241 -62.87 32.95 26.87
CA VAL FA 241 -61.85 33.00 25.83
C VAL FA 241 -62.43 33.80 24.67
N GLY FA 242 -61.56 34.28 23.80
CA GLY FA 242 -61.97 34.93 22.57
C GLY FA 242 -61.84 36.45 22.65
N ASN FA 243 -62.13 37.07 21.52
CA ASN FA 243 -62.08 38.53 21.37
C ASN FA 243 -60.74 39.07 21.80
N ALA GA 31 -17.92 -61.65 4.45
CA ALA GA 31 -18.54 -62.86 4.97
C ALA GA 31 -19.13 -63.71 3.86
N GLY GA 32 -18.28 -64.46 3.18
CA GLY GA 32 -18.71 -65.29 2.08
C GLY GA 32 -17.59 -65.48 1.08
N SER GA 33 -17.88 -66.21 0.01
CA SER GA 33 -16.89 -66.41 -1.04
C SER GA 33 -17.48 -66.18 -2.43
N LYS GA 34 -17.01 -65.13 -3.11
CA LYS GA 34 -17.40 -64.82 -4.49
C LYS GA 34 -18.90 -64.95 -4.71
N ALA GA 35 -19.67 -64.48 -3.72
CA ALA GA 35 -21.11 -64.52 -3.82
C ALA GA 35 -21.59 -63.61 -4.96
N ASP GA 36 -22.67 -64.02 -5.59
CA ASP GA 36 -23.22 -63.31 -6.73
C ASP GA 36 -24.74 -63.25 -6.62
N ARG GA 37 -25.29 -62.10 -6.98
CA ARG GA 37 -26.71 -61.82 -6.77
C ARG GA 37 -27.64 -62.90 -7.31
N PRO GA 38 -27.48 -63.39 -8.54
CA PRO GA 38 -28.33 -64.50 -8.97
C PRO GA 38 -28.01 -65.76 -8.18
N SER GA 39 -28.99 -66.66 -8.13
CA SER GA 39 -28.85 -67.88 -7.35
C SER GA 39 -27.78 -68.78 -7.96
N LEU GA 40 -27.31 -69.73 -7.15
CA LEU GA 40 -26.27 -70.66 -7.55
C LEU GA 40 -26.82 -72.07 -7.63
N GLN GA 41 -26.25 -72.87 -8.51
CA GLN GA 41 -26.78 -74.20 -8.75
C GLN GA 41 -26.58 -75.09 -7.52
N ILE GA 42 -27.35 -76.18 -7.49
CA ILE GA 42 -27.36 -77.07 -6.35
C ILE GA 42 -27.23 -78.51 -6.81
N GLN GA 43 -26.42 -79.29 -6.12
CA GLN GA 43 -26.31 -80.72 -6.34
C GLN GA 43 -26.37 -81.46 -5.02
N THR GA 44 -27.00 -82.62 -5.02
CA THR GA 44 -27.20 -83.39 -3.81
C THR GA 44 -26.68 -84.81 -3.97
N LEU GA 45 -26.52 -85.48 -2.85
CA LEU GA 45 -26.17 -86.89 -2.83
C LEU GA 45 -27.09 -87.60 -1.84
N GLN GA 46 -27.40 -88.85 -2.15
CA GLN GA 46 -28.33 -89.62 -1.34
C GLN GA 46 -27.61 -90.86 -0.85
N HIS GA 47 -27.34 -90.94 0.45
CA HIS GA 47 -26.77 -92.12 1.06
C HIS GA 47 -27.73 -92.62 2.12
N ALA GA 48 -28.38 -93.74 1.85
CA ALA GA 48 -29.40 -94.29 2.73
C ALA GA 48 -29.88 -95.59 2.14
N GLY GA 49 -30.54 -96.39 2.97
CA GLY GA 49 -31.16 -97.61 2.47
C GLY GA 49 -30.13 -98.51 1.82
N THR GA 50 -30.38 -98.81 0.55
CA THR GA 50 -29.45 -99.64 -0.21
C THR GA 50 -28.04 -99.07 -0.19
N THR GA 51 -27.92 -97.75 -0.30
CA THR GA 51 -26.60 -97.12 -0.31
C THR GA 51 -26.35 -96.55 1.08
N MET GA 52 -25.50 -97.22 1.83
CA MET GA 52 -25.04 -96.74 3.13
C MET GA 52 -23.54 -96.88 3.14
N ILE GA 53 -22.83 -95.76 3.25
CA ILE GA 53 -21.39 -95.84 3.36
C ILE GA 53 -21.05 -96.73 4.55
N THR GA 54 -20.26 -97.77 4.30
CA THR GA 54 -19.91 -98.74 5.32
C THR GA 54 -18.39 -98.90 5.32
N VAL GA 55 -17.78 -98.67 6.47
CA VAL GA 55 -16.33 -98.55 6.51
C VAL GA 55 -15.71 -99.66 7.36
N PRO GA 56 -15.03 -100.61 6.75
CA PRO GA 56 -14.13 -101.49 7.49
C PRO GA 56 -12.86 -100.75 7.87
N SER GA 57 -12.12 -101.33 8.81
CA SER GA 57 -10.88 -100.72 9.27
C SER GA 57 -9.96 -100.42 8.10
N GLY GA 58 -9.42 -99.21 8.08
CA GLY GA 58 -8.59 -98.76 6.98
C GLY GA 58 -9.25 -97.75 6.08
N GLY GA 59 -10.48 -97.35 6.36
CA GLY GA 59 -11.10 -96.26 5.64
C GLY GA 59 -11.55 -96.65 4.24
N VAL GA 60 -12.17 -95.69 3.57
CA VAL GA 60 -12.65 -95.89 2.21
C VAL GA 60 -12.50 -94.58 1.45
N CYS GA 61 -12.13 -94.70 0.18
CA CYS GA 61 -11.96 -93.57 -0.71
C CYS GA 61 -13.23 -93.35 -1.50
N ASP GA 62 -13.54 -92.09 -1.79
CA ASP GA 62 -14.73 -91.77 -2.56
C ASP GA 62 -14.56 -90.40 -3.19
N LEU GA 63 -15.36 -90.16 -4.24
CA LEU GA 63 -15.39 -88.88 -4.92
C LEU GA 63 -16.77 -88.29 -4.86
N ILE GA 64 -16.87 -87.06 -4.34
CA ILE GA 64 -18.15 -86.39 -4.19
C ILE GA 64 -18.44 -85.39 -5.28
N ASN GA 65 -17.53 -85.17 -6.22
CA ASN GA 65 -17.68 -84.04 -7.12
C ASN GA 65 -18.40 -84.39 -8.41
N THR GA 66 -18.91 -85.61 -8.52
CA THR GA 66 -19.52 -86.08 -9.76
C THR GA 66 -20.61 -85.13 -10.25
N TYR GA 67 -20.54 -84.81 -11.55
CA TYR GA 67 -21.51 -83.95 -12.21
C TYR GA 67 -21.81 -84.52 -13.59
N ALA GA 68 -23.08 -84.60 -13.93
CA ALA GA 68 -23.42 -84.93 -15.32
C ALA GA 68 -23.44 -83.65 -16.15
N ARG GA 69 -23.67 -83.80 -17.44
CA ARG GA 69 -23.83 -82.67 -18.35
C ARG GA 69 -25.10 -82.84 -19.15
N GLY GA 70 -25.89 -81.79 -19.25
CA GLY GA 70 -27.11 -81.87 -20.02
C GLY GA 70 -28.03 -80.72 -19.68
N SER GA 71 -29.32 -80.95 -19.93
CA SER GA 71 -30.31 -79.91 -19.73
C SER GA 71 -30.67 -79.76 -18.26
N ASP GA 72 -30.71 -80.86 -17.53
CA ASP GA 72 -31.25 -80.83 -16.18
C ASP GA 72 -30.45 -79.90 -15.29
N GLU GA 73 -31.16 -79.22 -14.39
CA GLU GA 73 -30.50 -78.35 -13.42
C GLU GA 73 -29.67 -79.18 -12.46
N GLY GA 74 -28.51 -78.66 -12.11
CA GLY GA 74 -27.58 -79.36 -11.25
C GLY GA 74 -26.50 -80.04 -12.06
N ASN GA 75 -26.80 -80.33 -13.32
CA ASN GA 75 -25.75 -80.81 -14.20
C ASN GA 75 -24.95 -79.63 -14.74
N ARG GA 76 -23.71 -79.89 -15.09
CA ARG GA 76 -22.83 -78.83 -15.56
C ARG GA 76 -23.09 -78.50 -17.01
N HIS GA 77 -23.21 -77.20 -17.30
CA HIS GA 77 -23.46 -76.77 -18.66
C HIS GA 77 -22.20 -76.60 -19.48
N THR GA 78 -21.04 -76.53 -18.85
CA THR GA 78 -19.83 -76.18 -19.58
C THR GA 78 -18.72 -77.19 -19.33
N SER GA 79 -17.52 -76.87 -19.81
CA SER GA 79 -16.37 -77.72 -19.53
C SER GA 79 -15.55 -77.23 -18.36
N GLU GA 80 -15.96 -76.14 -17.71
CA GLU GA 80 -15.19 -75.52 -16.64
C GLU GA 80 -16.10 -75.21 -15.46
N THR GA 81 -15.72 -75.68 -14.28
CA THR GA 81 -16.56 -75.56 -13.10
C THR GA 81 -15.75 -75.12 -11.89
N LEU GA 82 -16.33 -74.19 -11.13
CA LEU GA 82 -15.81 -73.80 -9.83
C LEU GA 82 -16.83 -74.16 -8.77
N THR GA 83 -16.35 -74.63 -7.62
CA THR GA 83 -17.21 -74.90 -6.49
C THR GA 83 -16.87 -73.98 -5.33
N TYR GA 84 -17.85 -73.73 -4.47
CA TYR GA 84 -17.62 -72.77 -3.40
C TYR GA 84 -17.93 -73.33 -2.02
N LYS GA 85 -19.21 -73.44 -1.71
CA LYS GA 85 -19.64 -73.74 -0.35
C LYS GA 85 -20.17 -75.15 -0.28
N ILE GA 86 -19.93 -75.81 0.85
CA ILE GA 86 -20.36 -77.18 1.04
C ILE GA 86 -20.88 -77.36 2.46
N ALA GA 87 -21.96 -78.11 2.59
CA ALA GA 87 -22.53 -78.43 3.89
C ALA GA 87 -22.71 -79.93 3.98
N ILE GA 88 -22.47 -80.48 5.17
CA ILE GA 88 -22.47 -81.91 5.35
C ILE GA 88 -23.32 -82.25 6.57
N ASP GA 89 -24.22 -83.21 6.41
CA ASP GA 89 -24.99 -83.77 7.50
C ASP GA 89 -24.95 -85.28 7.43
N TYR GA 90 -24.83 -85.93 8.57
CA TYR GA 90 -24.93 -87.37 8.62
C TYR GA 90 -25.41 -87.83 9.97
N HIS GA 91 -25.85 -89.07 10.01
CA HIS GA 91 -25.97 -89.81 11.25
C HIS GA 91 -24.95 -90.94 11.26
N PHE GA 92 -24.41 -91.21 12.44
CA PHE GA 92 -23.54 -92.36 12.66
C PHE GA 92 -24.21 -93.33 13.61
N VAL GA 93 -23.85 -94.61 13.48
CA VAL GA 93 -24.25 -95.61 14.45
C VAL GA 93 -23.22 -96.72 14.47
N ALA GA 94 -22.94 -97.24 15.65
CA ALA GA 94 -22.02 -98.36 15.74
C ALA GA 94 -22.65 -99.59 15.11
N ASP GA 95 -21.78 -100.52 14.71
CA ASP GA 95 -22.23 -101.79 14.16
C ASP GA 95 -22.18 -102.86 15.24
N ALA GA 96 -23.22 -103.69 15.29
CA ALA GA 96 -23.25 -104.77 16.26
C ALA GA 96 -22.07 -105.71 16.09
N ALA GA 97 -21.56 -105.84 14.86
CA ALA GA 97 -20.43 -106.72 14.61
C ALA GA 97 -19.25 -106.41 15.53
N ALA GA 98 -19.02 -105.14 15.81
CA ALA GA 98 -17.95 -104.74 16.72
C ALA GA 98 -18.43 -104.52 18.15
N CYS GA 99 -19.73 -104.63 18.40
CA CYS GA 99 -20.23 -104.41 19.75
C CYS GA 99 -19.87 -105.52 20.71
N ARG GA 100 -19.30 -106.63 20.22
CA ARG GA 100 -18.92 -107.70 21.11
C ARG GA 100 -17.79 -107.32 22.05
N TYR GA 101 -17.20 -106.15 21.87
CA TYR GA 101 -16.16 -105.64 22.73
C TYR GA 101 -16.58 -104.28 23.27
N SER GA 102 -15.87 -103.82 24.31
CA SER GA 102 -16.17 -102.53 24.91
C SER GA 102 -14.89 -101.72 24.97
N ASN GA 103 -14.83 -100.67 24.15
CA ASN GA 103 -13.77 -99.68 24.26
C ASN GA 103 -14.24 -98.44 23.53
N THR GA 104 -13.58 -97.33 23.81
CA THR GA 104 -13.81 -96.12 23.06
C THR GA 104 -12.85 -96.07 21.87
N GLY GA 105 -12.80 -94.93 21.21
CA GLY GA 105 -11.88 -94.73 20.12
C GLY GA 105 -11.98 -93.31 19.61
N THR GA 106 -11.34 -93.07 18.47
CA THR GA 106 -11.42 -91.77 17.84
C THR GA 106 -11.42 -91.93 16.33
N GLY GA 107 -12.31 -91.21 15.65
CA GLY GA 107 -12.40 -91.21 14.21
C GLY GA 107 -11.92 -89.92 13.59
N VAL GA 108 -11.86 -89.93 12.26
CA VAL GA 108 -11.32 -88.82 11.48
C VAL GA 108 -12.06 -88.73 10.16
N MET GA 109 -12.31 -87.51 9.74
CA MET GA 109 -12.85 -87.23 8.41
C MET GA 109 -12.00 -86.16 7.76
N TRP GA 110 -11.48 -86.44 6.58
CA TRP GA 110 -10.70 -85.46 5.84
C TRP GA 110 -11.42 -85.03 4.57
N LEU GA 111 -11.07 -83.85 4.12
CA LEU GA 111 -11.50 -83.38 2.80
C LEU GA 111 -10.23 -83.13 2.00
N VAL GA 112 -10.00 -83.96 0.99
CA VAL GA 112 -8.72 -84.03 0.29
C VAL GA 112 -8.90 -83.55 -1.14
N TYR GA 113 -8.03 -82.64 -1.56
CA TYR GA 113 -8.05 -82.12 -2.91
C TYR GA 113 -6.92 -82.73 -3.74
N ASP GA 114 -7.20 -82.96 -5.01
CA ASP GA 114 -6.26 -83.60 -5.92
C ASP GA 114 -5.88 -82.64 -7.04
N THR GA 115 -4.72 -82.90 -7.63
CA THR GA 115 -4.32 -82.17 -8.83
C THR GA 115 -4.65 -82.99 -10.07
N THR GA 116 -3.89 -84.06 -10.31
CA THR GA 116 -4.13 -84.92 -11.45
C THR GA 116 -4.47 -86.32 -10.97
N PRO GA 117 -5.68 -86.80 -11.20
CA PRO GA 117 -6.02 -88.15 -10.76
C PRO GA 117 -5.41 -89.18 -11.70
N GLY GA 118 -5.02 -90.30 -11.12
CA GLY GA 118 -4.59 -91.42 -11.93
C GLY GA 118 -5.77 -92.04 -12.65
N GLY GA 119 -5.45 -92.99 -13.52
CA GLY GA 119 -6.50 -93.74 -14.20
C GLY GA 119 -7.27 -94.66 -13.28
N GLN GA 120 -6.73 -94.97 -12.11
CA GLN GA 120 -7.34 -95.88 -11.16
C GLN GA 120 -7.71 -95.13 -9.88
N ALA GA 121 -8.70 -95.65 -9.18
CA ALA GA 121 -9.17 -95.00 -7.97
C ALA GA 121 -8.16 -95.15 -6.85
N PRO GA 122 -7.84 -94.09 -6.13
CA PRO GA 122 -6.89 -94.20 -5.04
C PRO GA 122 -7.51 -94.95 -3.87
N THR GA 123 -6.63 -95.42 -2.99
CA THR GA 123 -7.03 -96.02 -1.73
C THR GA 123 -6.21 -95.36 -0.63
N PRO GA 124 -6.75 -95.26 0.59
CA PRO GA 124 -6.03 -94.56 1.65
C PRO GA 124 -4.60 -95.05 1.82
N GLN GA 125 -4.39 -96.36 1.81
CA GLN GA 125 -3.03 -96.87 2.02
C GLN GA 125 -2.08 -96.28 1.00
N THR GA 126 -2.59 -95.94 -0.19
CA THR GA 126 -1.76 -95.29 -1.19
C THR GA 126 -1.61 -93.81 -0.91
N ILE GA 127 -2.65 -93.16 -0.39
CA ILE GA 127 -2.57 -91.72 -0.24
C ILE GA 127 -1.69 -91.36 0.95
N PHE GA 128 -1.66 -92.21 1.96
CA PHE GA 128 -0.88 -91.95 3.17
C PHE GA 128 0.08 -93.10 3.36
N ALA GA 129 1.36 -92.79 3.46
CA ALA GA 129 2.33 -93.85 3.73
C ALA GA 129 2.30 -94.15 5.22
N TYR GA 130 1.91 -95.36 5.57
CA TYR GA 130 1.90 -95.68 6.99
C TYR GA 130 2.37 -97.11 7.19
N PRO GA 131 3.16 -97.35 8.22
CA PRO GA 131 3.50 -98.74 8.56
C PRO GA 131 2.29 -99.48 9.07
N ASP GA 132 2.35 -100.80 8.98
CA ASP GA 132 1.22 -101.64 9.39
C ASP GA 132 0.91 -101.43 10.86
N THR GA 133 1.93 -101.12 11.66
CA THR GA 133 1.72 -100.91 13.08
C THR GA 133 0.73 -99.80 13.36
N LEU GA 134 0.86 -98.66 12.68
CA LEU GA 134 0.02 -97.51 12.92
C LEU GA 134 -1.40 -97.68 12.38
N LYS GA 135 -1.67 -98.77 11.66
CA LYS GA 135 -3.00 -98.94 11.07
C LYS GA 135 -4.09 -98.84 12.12
N ALA GA 136 -3.78 -99.21 13.36
CA ALA GA 136 -4.75 -99.09 14.43
C ALA GA 136 -5.22 -97.65 14.59
N TRP GA 137 -4.28 -96.74 14.81
CA TRP GA 137 -4.72 -95.40 15.17
C TRP GA 137 -4.56 -94.49 13.97
N PRO GA 138 -5.64 -94.14 13.28
CA PRO GA 138 -5.49 -93.31 12.09
C PRO GA 138 -5.10 -91.90 12.42
N ALA GA 139 -5.59 -91.37 13.53
CA ALA GA 139 -5.54 -89.94 13.76
C ALA GA 139 -4.13 -89.39 13.72
N THR GA 140 -3.12 -90.25 13.78
CA THR GA 140 -1.75 -89.82 13.65
C THR GA 140 -1.29 -89.74 12.21
N TRP GA 141 -2.04 -90.32 11.27
CA TRP GA 141 -1.61 -90.30 9.89
C TRP GA 141 -1.41 -88.87 9.43
N LYS GA 142 -0.43 -88.68 8.55
CA LYS GA 142 -0.27 -87.41 7.87
C LYS GA 142 0.18 -87.68 6.45
N VAL GA 143 0.04 -86.66 5.60
CA VAL GA 143 0.29 -86.83 4.18
C VAL GA 143 1.73 -87.26 3.94
N SER GA 144 1.90 -88.23 3.05
CA SER GA 144 3.23 -88.75 2.75
C SER GA 144 4.03 -87.73 1.95
N ARG GA 145 5.35 -87.79 2.09
CA ARG GA 145 6.19 -86.76 1.49
C ARG GA 145 6.41 -86.98 0.00
N GLU GA 146 6.39 -88.23 -0.45
CA GLU GA 146 6.64 -88.50 -1.86
C GLU GA 146 5.66 -87.76 -2.75
N LEU GA 147 4.40 -87.69 -2.32
CA LEU GA 147 3.35 -87.07 -3.10
C LEU GA 147 3.12 -85.62 -2.71
N CYS GA 148 4.01 -85.07 -1.88
CA CYS GA 148 3.79 -83.82 -1.16
C CYS GA 148 3.16 -82.74 -2.01
N HIS GA 149 3.56 -82.63 -3.26
CA HIS GA 149 2.95 -81.63 -4.12
C HIS GA 149 1.80 -82.17 -4.92
N ARG GA 150 1.55 -83.47 -4.92
CA ARG GA 150 0.43 -83.99 -5.71
C ARG GA 150 -0.90 -83.84 -4.98
N PHE GA 151 -0.90 -83.86 -3.66
CA PHE GA 151 -2.13 -83.80 -2.88
C PHE GA 151 -2.04 -82.71 -1.83
N VAL GA 152 -3.20 -82.37 -1.28
CA VAL GA 152 -3.28 -81.41 -0.18
C VAL GA 152 -4.60 -81.64 0.52
N VAL GA 153 -4.70 -81.18 1.76
CA VAL GA 153 -5.90 -81.35 2.57
C VAL GA 153 -6.36 -79.99 3.03
N LYS GA 154 -7.53 -79.57 2.56
CA LYS GA 154 -7.99 -78.22 2.87
C LYS GA 154 -8.88 -78.16 4.09
N ARG GA 155 -9.31 -79.29 4.64
CA ARG GA 155 -10.10 -79.28 5.85
C ARG GA 155 -9.82 -80.55 6.65
N ARG GA 156 -10.20 -80.51 7.93
CA ARG GA 156 -10.01 -81.64 8.81
C ARG GA 156 -11.10 -81.60 9.87
N TRP GA 157 -11.51 -82.77 10.33
CA TRP GA 157 -12.46 -82.81 11.43
C TRP GA 157 -12.20 -84.02 12.30
N LEU GA 158 -12.61 -83.91 13.57
CA LEU GA 158 -12.48 -84.98 14.53
C LEU GA 158 -13.84 -85.32 15.11
N PHE GA 159 -13.94 -86.56 15.57
CA PHE GA 159 -15.12 -86.99 16.31
C PHE GA 159 -14.72 -88.22 17.10
N ASN GA 160 -15.50 -88.55 18.11
CA ASN GA 160 -15.21 -89.70 18.93
C ASN GA 160 -16.52 -90.39 19.31
N MET GA 161 -16.41 -91.69 19.53
CA MET GA 161 -17.58 -92.51 19.85
C MET GA 161 -17.10 -93.72 20.62
N GLU GA 162 -18.04 -94.40 21.27
CA GLU GA 162 -17.70 -95.53 22.09
C GLU GA 162 -18.90 -96.44 22.22
N THR GA 163 -18.63 -97.69 22.61
CA THR GA 163 -19.68 -98.67 22.80
C THR GA 163 -19.44 -99.41 24.10
N ASP GA 164 -20.54 -99.77 24.75
CA ASP GA 164 -20.49 -100.45 26.03
C ASP GA 164 -20.62 -101.96 25.91
N GLY GA 165 -20.78 -102.47 24.70
CA GLY GA 165 -21.02 -103.88 24.53
C GLY GA 165 -22.46 -104.32 24.66
N ARG GA 166 -23.41 -103.46 24.29
CA ARG GA 166 -24.81 -103.81 24.40
C ARG GA 166 -25.56 -103.29 23.17
N ILE GA 167 -26.31 -104.16 22.53
CA ILE GA 167 -27.08 -103.77 21.36
C ILE GA 167 -28.35 -103.06 21.83
N GLY GA 168 -28.88 -102.18 21.00
CA GLY GA 168 -30.01 -101.36 21.42
C GLY GA 168 -31.24 -102.18 21.76
N SER GA 169 -31.58 -103.16 20.93
CA SER GA 169 -32.83 -103.89 21.09
C SER GA 169 -32.89 -104.71 22.38
N ASP GA 170 -31.78 -104.81 23.12
CA ASP GA 170 -31.74 -105.64 24.31
C ASP GA 170 -32.48 -104.99 25.47
N ILE GA 171 -33.32 -105.77 26.14
CA ILE GA 171 -34.11 -105.27 27.27
C ILE GA 171 -33.29 -105.32 28.54
N PRO GA 172 -33.15 -104.21 29.26
CA PRO GA 172 -32.49 -104.26 30.55
C PRO GA 172 -33.25 -105.14 31.51
N PRO GA 173 -32.55 -105.88 32.36
CA PRO GA 173 -33.23 -106.60 33.43
C PRO GA 173 -33.78 -105.63 34.46
N SER GA 174 -34.86 -106.05 35.11
CA SER GA 174 -35.58 -105.17 36.03
C SER GA 174 -34.75 -104.77 37.25
N ASN GA 175 -33.59 -105.38 37.47
CA ASN GA 175 -32.81 -105.09 38.66
C ASN GA 175 -32.03 -103.78 38.55
N ALA GA 176 -31.30 -103.60 37.45
CA ALA GA 176 -30.36 -102.49 37.34
C ALA GA 176 -30.44 -101.89 35.95
N SER GA 177 -29.76 -100.75 35.77
CA SER GA 177 -29.86 -100.01 34.53
C SER GA 177 -28.51 -99.56 33.97
N TRP GA 178 -28.54 -98.75 32.92
CA TRP GA 178 -27.33 -98.25 32.31
C TRP GA 178 -27.55 -96.81 31.84
N LYS GA 179 -26.47 -96.04 31.80
CA LYS GA 179 -26.47 -94.75 31.11
C LYS GA 179 -25.56 -94.92 29.90
N PRO GA 180 -26.11 -95.09 28.72
CA PRO GA 180 -25.25 -95.24 27.54
C PRO GA 180 -25.10 -93.95 26.76
N CYS GA 181 -24.56 -92.91 27.39
CA CYS GA 181 -24.37 -91.66 26.67
C CYS GA 181 -23.45 -91.86 25.48
N LYS GA 182 -23.80 -91.21 24.38
CA LYS GA 182 -22.97 -91.20 23.18
C LYS GA 182 -22.73 -92.61 22.64
N ARG GA 183 -23.80 -93.37 22.48
CA ARG GA 183 -23.69 -94.55 21.62
C ARG GA 183 -23.69 -94.15 20.16
N ASN GA 184 -24.59 -93.23 19.79
CA ASN GA 184 -24.63 -92.70 18.44
C ASN GA 184 -24.51 -91.18 18.52
N ILE GA 185 -24.21 -90.57 17.38
CA ILE GA 185 -23.80 -89.17 17.36
C ILE GA 185 -24.34 -88.50 16.11
N TYR GA 186 -24.58 -87.20 16.23
CA TYR GA 186 -25.11 -86.37 15.15
C TYR GA 186 -24.02 -85.41 14.72
N PHE GA 187 -23.56 -85.54 13.49
CA PHE GA 187 -22.41 -84.79 13.02
C PHE GA 187 -22.79 -83.91 11.84
N HIS GA 188 -22.42 -82.64 11.90
CA HIS GA 188 -22.69 -81.72 10.82
C HIS GA 188 -21.67 -80.60 10.83
N LYS GA 189 -21.34 -80.11 9.64
CA LYS GA 189 -20.44 -78.98 9.50
C LYS GA 189 -20.87 -78.17 8.28
N PHE GA 190 -20.53 -76.89 8.30
CA PHE GA 190 -20.86 -75.98 7.23
C PHE GA 190 -19.68 -75.06 7.02
N THR GA 191 -19.18 -74.96 5.79
CA THR GA 191 -18.01 -74.13 5.55
C THR GA 191 -18.06 -73.47 4.19
N SER GA 192 -17.75 -72.17 4.16
CA SER GA 192 -17.71 -71.41 2.92
C SER GA 192 -16.31 -71.17 2.40
N GLY GA 193 -15.28 -71.62 3.11
CA GLY GA 193 -13.95 -71.12 2.84
C GLY GA 193 -13.38 -71.57 1.51
N LEU GA 194 -13.49 -72.86 1.22
CA LEU GA 194 -12.71 -73.45 0.15
C LEU GA 194 -13.15 -72.92 -1.20
N GLY GA 195 -12.27 -73.11 -2.18
CA GLY GA 195 -12.65 -72.97 -3.57
C GLY GA 195 -11.77 -73.88 -4.40
N VAL GA 196 -12.31 -74.32 -5.54
CA VAL GA 196 -11.66 -75.36 -6.33
C VAL GA 196 -11.91 -75.06 -7.80
N ARG GA 197 -10.90 -75.28 -8.62
CA ARG GA 197 -10.99 -75.08 -10.05
C ARG GA 197 -10.88 -76.43 -10.75
N THR GA 198 -11.86 -76.75 -11.59
CA THR GA 198 -11.91 -78.06 -12.23
C THR GA 198 -12.18 -77.89 -13.72
N GLN GA 199 -11.57 -78.75 -14.51
CA GLN GA 199 -11.83 -78.82 -15.95
C GLN GA 199 -12.09 -80.27 -16.32
N TRP GA 200 -12.70 -80.46 -17.49
CA TRP GA 200 -13.24 -81.75 -17.86
C TRP GA 200 -12.79 -82.15 -19.25
N LYS GA 201 -12.57 -83.44 -19.44
CA LYS GA 201 -12.54 -84.00 -20.78
C LYS GA 201 -13.94 -83.92 -21.38
N ASN GA 202 -14.02 -84.04 -22.68
CA ASN GA 202 -15.31 -83.87 -23.35
C ASN GA 202 -15.96 -85.24 -23.47
N VAL GA 203 -16.98 -85.45 -22.64
CA VAL GA 203 -17.85 -86.62 -22.68
C VAL GA 203 -19.15 -86.23 -21.99
N THR GA 204 -20.11 -87.15 -21.96
CA THR GA 204 -21.33 -86.91 -21.19
C THR GA 204 -21.13 -87.23 -19.72
N ASP GA 205 -20.35 -88.27 -19.43
CA ASP GA 205 -20.41 -88.94 -18.15
C ASP GA 205 -19.92 -88.04 -17.03
N GLY GA 206 -20.33 -88.40 -15.80
CA GLY GA 206 -19.85 -87.75 -14.60
C GLY GA 206 -18.91 -88.57 -13.76
N GLY GA 207 -18.42 -89.70 -14.27
CA GLY GA 207 -17.54 -90.55 -13.51
C GLY GA 207 -16.17 -89.92 -13.32
N VAL GA 208 -15.31 -90.67 -12.64
CA VAL GA 208 -13.97 -90.17 -12.35
C VAL GA 208 -13.12 -90.09 -13.60
N GLY GA 209 -13.26 -91.03 -14.52
CA GLY GA 209 -12.40 -91.06 -15.70
C GLY GA 209 -12.50 -89.82 -16.55
N ALA GA 210 -13.55 -89.02 -16.37
CA ALA GA 210 -13.74 -87.86 -17.22
C ALA GA 210 -12.87 -86.68 -16.81
N ILE GA 211 -12.58 -86.55 -15.52
CA ILE GA 211 -11.98 -85.31 -15.03
C ILE GA 211 -10.54 -85.20 -15.49
N GLN GA 212 -10.19 -84.04 -16.03
CA GLN GA 212 -8.80 -83.79 -16.40
C GLN GA 212 -7.98 -83.32 -15.19
N ARG GA 213 -8.54 -82.43 -14.38
CA ARG GA 213 -7.78 -81.87 -13.27
C ARG GA 213 -8.74 -81.39 -12.20
N GLY GA 214 -8.30 -81.38 -10.94
CA GLY GA 214 -9.07 -80.83 -9.85
C GLY GA 214 -10.07 -81.73 -9.15
N ALA GA 215 -9.77 -83.03 -9.07
CA ALA GA 215 -10.69 -83.93 -8.39
C ALA GA 215 -10.74 -83.61 -6.89
N LEU GA 216 -11.81 -84.07 -6.26
CA LEU GA 216 -12.06 -83.79 -4.85
C LEU GA 216 -12.52 -85.06 -4.15
N TYR GA 217 -11.78 -85.49 -3.14
CA TYR GA 217 -12.04 -86.74 -2.45
C TYR GA 217 -12.50 -86.51 -1.02
N MET GA 218 -13.29 -87.46 -0.52
CA MET GA 218 -13.71 -87.51 0.87
C MET GA 218 -13.28 -88.85 1.45
N VAL GA 219 -12.79 -88.83 2.68
CA VAL GA 219 -12.23 -90.02 3.30
C VAL GA 219 -12.73 -90.13 4.72
N ILE GA 220 -13.05 -91.35 5.15
CA ILE GA 220 -13.53 -91.61 6.50
C ILE GA 220 -12.58 -92.60 7.16
N ALA GA 221 -12.13 -92.28 8.37
CA ALA GA 221 -11.19 -93.10 9.10
C ALA GA 221 -11.84 -93.62 10.38
N PRO GA 222 -12.02 -94.92 10.54
CA PRO GA 222 -12.66 -95.43 11.74
C PRO GA 222 -11.71 -95.41 12.92
N GLY GA 223 -12.29 -95.53 14.11
CA GLY GA 223 -11.50 -95.70 15.31
C GLY GA 223 -10.91 -97.09 15.38
N ASN GA 224 -10.01 -97.27 16.34
CA ASN GA 224 -9.32 -98.54 16.50
C ASN GA 224 -10.32 -99.68 16.69
N GLY GA 225 -10.20 -100.69 15.85
CA GLY GA 225 -11.00 -101.89 15.99
C GLY GA 225 -12.49 -101.61 16.15
N LEU GA 226 -12.97 -100.54 15.53
CA LEU GA 226 -14.35 -100.10 15.68
C LEU GA 226 -14.92 -99.83 14.30
N THR GA 227 -15.92 -100.62 13.92
CA THR GA 227 -16.52 -100.52 12.59
C THR GA 227 -17.96 -100.04 12.71
N PHE GA 228 -18.39 -99.24 11.74
CA PHE GA 228 -19.72 -98.66 11.82
C PHE GA 228 -20.18 -98.30 10.42
N THR GA 229 -21.48 -98.02 10.30
CA THR GA 229 -22.08 -97.48 9.10
C THR GA 229 -22.71 -96.14 9.41
N ALA GA 230 -22.95 -95.36 8.36
CA ALA GA 230 -23.44 -94.00 8.52
C ALA GA 230 -24.60 -93.74 7.57
N HIS GA 231 -25.46 -92.81 7.97
CA HIS GA 231 -26.58 -92.38 7.15
C HIS GA 231 -26.54 -90.87 7.05
N GLY GA 232 -27.10 -90.34 5.97
CA GLY GA 232 -27.21 -88.91 5.81
C GLY GA 232 -27.13 -88.52 4.35
N GLN GA 233 -27.00 -87.21 4.12
CA GLN GA 233 -26.93 -86.67 2.78
C GLN GA 233 -26.20 -85.34 2.84
N THR GA 234 -25.73 -84.89 1.68
CA THR GA 234 -24.93 -83.68 1.59
C THR GA 234 -25.36 -82.85 0.41
N ARG GA 235 -24.96 -81.59 0.42
CA ARG GA 235 -25.23 -80.68 -0.69
C ARG GA 235 -23.95 -80.01 -1.14
N LEU GA 236 -24.00 -79.48 -2.35
CA LEU GA 236 -22.89 -78.73 -2.93
C LEU GA 236 -23.42 -77.43 -3.52
N TYR GA 237 -22.47 -76.55 -3.85
CA TYR GA 237 -22.80 -75.27 -4.44
C TYR GA 237 -21.73 -74.93 -5.47
N PHE GA 238 -22.14 -74.53 -6.67
CA PHE GA 238 -21.18 -74.22 -7.71
C PHE GA 238 -21.88 -73.46 -8.83
N LYS GA 239 -21.08 -73.06 -9.82
CA LYS GA 239 -21.62 -72.51 -11.06
C LYS GA 239 -20.65 -72.76 -12.19
N SER GA 240 -21.19 -72.99 -13.38
CA SER GA 240 -20.36 -73.15 -14.55
C SER GA 240 -19.82 -71.79 -14.99
N VAL GA 241 -18.74 -71.83 -15.77
CA VAL GA 241 -18.15 -70.61 -16.32
C VAL GA 241 -17.31 -71.01 -17.52
N GLY GA 242 -17.02 -70.03 -18.37
CA GLY GA 242 -16.11 -70.22 -19.49
C GLY GA 242 -16.84 -70.35 -20.80
N ASN GA 243 -16.04 -70.44 -21.86
CA ASN GA 243 -16.53 -70.59 -23.23
C ASN GA 243 -17.53 -69.49 -23.57
N ALA HA 31 26.95 -8.79 57.78
CA ALA HA 31 27.18 -9.32 59.12
C ALA HA 31 28.66 -9.49 59.40
N GLY HA 32 29.33 -8.39 59.75
CA GLY HA 32 30.75 -8.41 60.02
C GLY HA 32 31.35 -7.06 59.72
N SER HA 33 32.67 -6.96 59.91
CA SER HA 33 33.37 -5.73 59.59
C SER HA 33 34.65 -5.98 58.80
N LYS HA 34 34.66 -5.53 57.53
CA LYS HA 34 35.83 -5.60 56.66
C LYS HA 34 36.50 -6.97 56.73
N ALA HA 35 35.67 -8.01 56.76
CA ALA HA 35 36.21 -9.36 56.79
C ALA HA 35 36.93 -9.68 55.50
N ASP HA 36 37.97 -10.49 55.61
CA ASP HA 36 38.82 -10.86 54.49
C ASP HA 36 39.13 -12.34 54.53
N ARG HA 37 39.12 -12.96 53.35
CA ARG HA 37 39.24 -14.41 53.24
C ARG HA 37 40.42 -15.00 54.00
N PRO HA 38 41.64 -14.48 53.89
CA PRO HA 38 42.71 -15.01 54.73
C PRO HA 38 42.47 -14.70 56.19
N SER HA 39 43.07 -15.51 57.05
CA SER HA 39 42.87 -15.38 58.48
C SER HA 39 43.46 -14.07 59.00
N LEU HA 40 43.02 -13.69 60.18
CA LEU HA 40 43.45 -12.44 60.80
C LEU HA 40 44.26 -12.74 62.06
N GLN HA 41 45.20 -11.85 62.38
CA GLN HA 41 46.10 -12.09 63.47
C GLN HA 41 45.36 -12.07 64.80
N ILE HA 42 46.00 -12.64 65.82
CA ILE HA 42 45.39 -12.80 67.14
C ILE HA 42 46.37 -12.34 68.20
N GLN HA 43 45.84 -11.61 69.19
CA GLN HA 43 46.60 -11.23 70.37
C GLN HA 43 45.78 -11.50 71.62
N THR HA 44 46.45 -11.92 72.68
CA THR HA 44 45.78 -12.30 73.91
C THR HA 44 46.36 -11.54 75.09
N LEU HA 45 45.62 -11.56 76.19
CA LEU HA 45 46.09 -11.03 77.45
C LEU HA 45 45.80 -12.02 78.55
N GLN HA 46 46.68 -12.07 79.54
CA GLN HA 46 46.56 -13.03 80.62
C GLN HA 46 46.45 -12.27 81.93
N HIS HA 47 45.28 -12.33 82.56
CA HIS HA 47 45.08 -11.74 83.88
C HIS HA 47 44.65 -12.85 84.81
N ALA HA 48 45.53 -13.22 85.73
CA ALA HA 48 45.29 -14.34 86.64
C ALA HA 48 46.49 -14.44 87.56
N GLY HA 49 46.29 -15.17 88.66
CA GLY HA 49 47.40 -15.45 89.56
C GLY HA 49 48.05 -14.16 90.04
N THR HA 50 49.34 -14.04 89.77
CA THR HA 50 50.08 -12.84 90.14
C THR HA 50 49.41 -11.59 89.59
N THR HA 51 48.92 -11.64 88.36
CA THR HA 51 48.29 -10.48 87.75
C THR HA 51 46.79 -10.67 87.83
N MET HA 52 46.16 -9.93 88.75
CA MET HA 52 44.72 -9.89 88.88
C MET HA 52 44.33 -8.42 88.97
N ILE HA 53 43.56 -7.95 87.99
CA ILE HA 53 43.08 -6.58 88.06
C ILE HA 53 42.34 -6.41 89.37
N THR HA 54 42.75 -5.44 90.18
CA THR HA 54 42.16 -5.21 91.49
C THR HA 54 41.80 -3.73 91.58
N VAL HA 55 40.54 -3.47 91.87
CA VAL HA 55 40.03 -2.10 91.74
C VAL HA 55 39.59 -1.55 93.08
N PRO HA 56 40.31 -0.60 93.64
CA PRO HA 56 39.77 0.21 94.73
C PRO HA 56 38.78 1.22 94.19
N SER HA 57 37.99 1.79 95.11
CA SER HA 57 36.98 2.77 94.73
C SER HA 57 37.61 3.89 93.91
N GLY HA 58 36.95 4.23 92.81
CA GLY HA 58 37.48 5.21 91.90
C GLY HA 58 38.03 4.65 90.61
N GLY HA 59 37.98 3.34 90.41
CA GLY HA 59 38.33 2.76 89.13
C GLY HA 59 39.82 2.74 88.88
N VAL HA 60 40.18 2.15 87.74
CA VAL HA 60 41.58 2.07 87.33
C VAL HA 60 41.65 2.19 85.82
N CYS HA 61 42.69 2.88 85.35
CA CYS HA 61 42.93 3.09 83.94
C CYS HA 61 43.89 2.04 83.44
N ASP HA 62 43.71 1.62 82.19
CA ASP HA 62 44.59 0.62 81.60
C ASP HA 62 44.52 0.72 80.09
N LEU HA 63 45.54 0.18 79.43
CA LEU HA 63 45.60 0.13 77.98
C LEU HA 63 45.71 -1.31 77.52
N ILE HA 64 44.79 -1.72 76.65
CA ILE HA 64 44.75 -3.09 76.15
C ILE HA 64 45.36 -3.24 74.78
N ASN HA 65 45.81 -2.17 74.15
CA ASN HA 65 46.16 -2.27 72.74
C ASN HA 65 47.63 -2.59 72.50
N THR HA 66 48.38 -2.86 73.57
CA THR HA 66 49.81 -3.08 73.46
C THR HA 66 50.17 -4.15 72.43
N TYR HA 67 51.12 -3.81 71.56
CA TYR HA 67 51.62 -4.70 70.52
C TYR HA 67 53.13 -4.56 70.43
N ALA HA 68 53.84 -5.69 70.40
CA ALA HA 68 55.25 -5.62 70.09
C ALA HA 68 55.44 -5.62 68.57
N ARG HA 69 56.70 -5.50 68.14
CA ARG HA 69 57.05 -5.61 66.74
C ARG HA 69 58.19 -6.60 66.58
N GLY HA 70 58.06 -7.49 65.61
CA GLY HA 70 59.11 -8.46 65.37
C GLY HA 70 58.60 -9.60 64.52
N SER HA 71 59.29 -10.73 64.67
CA SER HA 71 58.97 -11.89 63.85
C SER HA 71 57.75 -12.62 64.37
N ASP HA 72 57.58 -12.67 65.68
CA ASP HA 72 56.56 -13.53 66.28
C ASP HA 72 55.17 -13.12 65.81
N GLU HA 73 54.32 -14.13 65.63
CA GLU HA 73 52.94 -13.86 65.25
C GLU HA 73 52.21 -13.17 66.39
N GLY HA 74 51.36 -12.23 66.03
CA GLY HA 74 50.64 -11.45 67.02
C GLY HA 74 51.31 -10.12 67.25
N ASN HA 75 52.60 -10.04 66.95
CA ASN HA 75 53.26 -8.76 66.96
C ASN HA 75 53.00 -8.03 65.64
N ARG HA 76 53.06 -6.72 65.68
CA ARG HA 76 52.76 -5.92 64.50
C ARG HA 76 53.95 -5.87 63.57
N HIS HA 77 53.71 -6.11 62.29
CA HIS HA 77 54.77 -6.08 61.30
C HIS HA 77 55.04 -4.70 60.74
N THR HA 78 54.13 -3.75 60.92
CA THR HA 78 54.26 -2.47 60.25
C THR HA 78 54.15 -1.32 61.23
N SER HA 79 54.09 -0.10 60.71
CA SER HA 79 53.88 1.06 61.55
C SER HA 79 52.41 1.48 61.60
N GLU HA 80 51.53 0.76 60.93
CA GLU HA 80 50.13 1.14 60.82
C GLU HA 80 49.24 -0.06 61.08
N THR HA 81 48.30 0.08 62.03
CA THR HA 81 47.48 -1.03 62.47
C THR HA 81 46.02 -0.62 62.57
N LEU HA 82 45.14 -1.50 62.11
CA LEU HA 82 43.71 -1.38 62.30
C LEU HA 82 43.24 -2.56 63.13
N THR HA 83 42.30 -2.32 64.04
CA THR HA 83 41.69 -3.39 64.81
C THR HA 83 40.21 -3.48 64.49
N TYR HA 84 39.64 -4.67 64.66
CA TYR HA 84 38.25 -4.86 64.28
C TYR HA 84 37.38 -5.41 65.39
N LYS HA 85 37.53 -6.69 65.68
CA LYS HA 85 36.61 -7.39 66.55
C LYS HA 85 37.29 -7.70 67.86
N ILE HA 86 36.52 -7.65 68.94
CA ILE HA 86 37.04 -7.89 70.28
C ILE HA 86 36.05 -8.71 71.07
N ALA HA 87 36.54 -9.67 71.84
CA ALA HA 87 35.73 -10.49 72.72
C ALA HA 87 36.33 -10.45 74.11
N ILE HA 88 35.47 -10.43 75.11
CA ILE HA 88 35.90 -10.25 76.48
C ILE HA 88 35.23 -11.31 77.35
N ASP HA 89 36.03 -11.98 78.17
CA ASP HA 89 35.53 -12.91 79.18
C ASP HA 89 36.22 -12.61 80.50
N TYR HA 90 35.47 -12.69 81.58
CA TYR HA 90 36.06 -12.58 82.90
C TYR HA 90 35.21 -13.30 83.92
N HIS HA 91 35.83 -13.54 85.07
CA HIS HA 91 35.10 -13.83 86.28
C HIS HA 91 35.26 -12.69 87.26
N PHE HA 92 34.21 -12.42 88.02
CA PHE HA 92 34.24 -11.46 89.12
C PHE HA 92 34.02 -12.18 90.42
N VAL HA 93 34.56 -11.63 91.50
CA VAL HA 93 34.25 -12.09 92.85
C VAL HA 93 34.39 -10.93 93.81
N ALA HA 94 33.51 -10.87 94.79
CA ALA HA 94 33.64 -9.85 95.81
C ALA HA 94 34.87 -10.10 96.66
N ASP HA 95 35.35 -9.04 97.28
CA ASP HA 95 36.48 -9.15 98.19
C ASP HA 95 35.98 -9.19 99.62
N ALA HA 96 36.58 -10.07 100.42
CA ALA HA 96 36.20 -10.17 101.83
C ALA HA 96 36.40 -8.85 102.55
N ALA HA 97 37.36 -8.05 102.10
CA ALA HA 97 37.62 -6.77 102.75
C ALA HA 97 36.37 -5.91 102.85
N ALA HA 98 35.52 -5.95 101.82
CA ALA HA 98 34.26 -5.22 101.84
C ALA HA 98 33.08 -6.05 102.28
N CYS HA 99 33.28 -7.36 102.53
CA CYS HA 99 32.17 -8.19 102.94
C CYS HA 99 31.70 -7.92 104.36
N ARG HA 100 32.41 -7.08 105.12
CA ARG HA 100 31.99 -6.76 106.47
C ARG HA 100 30.68 -5.97 106.49
N TYR HA 101 30.19 -5.55 105.35
CA TYR HA 101 28.93 -4.84 105.25
C TYR HA 101 28.02 -5.58 104.28
N SER HA 102 26.73 -5.24 104.31
CA SER HA 102 25.77 -5.87 103.42
C SER HA 102 25.01 -4.78 102.68
N ASN HA 103 25.26 -4.67 101.37
CA ASN HA 103 24.46 -3.85 100.50
C ASN HA 103 24.70 -4.31 99.08
N THR HA 104 23.81 -3.91 98.19
CA THR HA 104 24.03 -4.13 96.78
C THR HA 104 24.75 -2.94 96.19
N GLY HA 105 24.83 -2.89 94.87
CA GLY HA 105 25.43 -1.78 94.18
C GLY HA 105 25.31 -1.97 92.69
N THR HA 106 26.00 -1.12 91.95
CA THR HA 106 26.03 -1.23 90.49
C THR HA 106 27.39 -0.83 89.98
N GLY HA 107 27.94 -1.63 89.06
CA GLY HA 107 29.21 -1.36 88.43
C GLY HA 107 29.07 -0.95 86.97
N VAL HA 108 30.21 -0.56 86.40
CA VAL HA 108 30.25 -0.02 85.05
C VAL HA 108 31.57 -0.42 84.41
N MET HA 109 31.50 -0.75 83.12
CA MET HA 109 32.69 -0.98 82.31
C MET HA 109 32.56 -0.17 81.04
N TRP HA 110 33.56 0.66 80.75
CA TRP HA 110 33.56 1.44 79.52
C TRP HA 110 34.67 0.98 78.60
N LEU HA 111 34.48 1.26 77.33
CA LEU HA 111 35.54 1.09 76.34
C LEU HA 111 35.77 2.47 75.72
N VAL HA 112 36.92 3.06 76.02
CA VAL HA 112 37.17 4.47 75.73
C VAL HA 112 38.26 4.58 74.67
N TYR HA 113 38.01 5.37 73.65
CA TYR HA 113 38.94 5.62 72.58
C TYR HA 113 39.59 6.99 72.73
N ASP HA 114 40.87 7.08 72.39
CA ASP HA 114 41.65 8.29 72.53
C ASP HA 114 42.11 8.78 71.16
N THR HA 115 42.39 10.08 71.10
CA THR HA 115 43.01 10.65 69.91
C THR HA 115 44.51 10.76 70.10
N THR HA 116 44.94 11.71 70.92
CA THR HA 116 46.36 11.90 71.20
C THR HA 116 46.61 11.66 72.67
N PRO HA 117 47.37 10.63 73.04
CA PRO HA 117 47.66 10.41 74.46
C PRO HA 117 48.70 11.39 74.96
N GLY HA 118 48.56 11.79 76.21
CA GLY HA 118 49.60 12.56 76.84
C GLY HA 118 50.82 11.71 77.12
N GLY HA 119 51.88 12.38 77.58
CA GLY HA 119 53.07 11.66 77.97
C GLY HA 119 52.89 10.83 79.22
N GLN HA 120 51.84 11.12 80.01
CA GLN HA 120 51.58 10.43 81.26
C GLN HA 120 50.28 9.66 81.16
N ALA HA 121 50.17 8.61 81.97
CA ALA HA 121 48.99 7.76 81.92
C ALA HA 121 47.80 8.48 82.54
N PRO HA 122 46.65 8.44 81.89
CA PRO HA 122 45.46 9.10 82.45
C PRO HA 122 44.94 8.35 83.64
N THR HA 123 44.14 9.04 84.43
CA THR HA 123 43.41 8.43 85.53
C THR HA 123 41.95 8.84 85.42
N PRO HA 124 41.02 8.01 85.87
CA PRO HA 124 39.60 8.34 85.70
C PRO HA 124 39.25 9.73 86.16
N GLN HA 125 39.73 10.14 87.32
CA GLN HA 125 39.38 11.47 87.83
C GLN HA 125 39.74 12.53 86.82
N THR HA 126 40.77 12.28 86.01
CA THR HA 126 41.11 13.23 84.97
C THR HA 126 40.21 13.08 83.75
N ILE HA 127 39.80 11.85 83.44
CA ILE HA 127 39.05 11.67 82.20
C ILE HA 127 37.62 12.16 82.38
N PHE HA 128 37.09 12.08 83.59
CA PHE HA 128 35.73 12.49 83.87
C PHE HA 128 35.76 13.54 84.95
N ALA HA 129 35.18 14.69 84.69
CA ALA HA 129 35.10 15.71 85.72
C ALA HA 129 33.95 15.37 86.65
N TYR HA 130 34.26 15.09 87.89
CA TYR HA 130 33.18 14.79 88.81
C TYR HA 130 33.46 15.40 90.17
N PRO HA 131 32.44 15.95 90.82
CA PRO HA 131 32.63 16.40 92.19
C PRO HA 131 32.84 15.23 93.13
N ASP HA 132 33.46 15.52 94.27
CA ASP HA 132 33.77 14.47 95.23
C ASP HA 132 32.51 13.77 95.71
N THR HA 133 31.39 14.50 95.75
CA THR HA 133 30.15 13.91 96.20
C THR HA 133 29.73 12.73 95.36
N LEU HA 134 29.80 12.85 94.03
CA LEU HA 134 29.35 11.80 93.14
C LEU HA 134 30.30 10.61 93.09
N LYS HA 135 31.46 10.69 93.75
CA LYS HA 135 32.42 9.60 93.69
C LYS HA 135 31.79 8.27 94.10
N ALA HA 136 30.79 8.32 94.96
CA ALA HA 136 30.09 7.11 95.36
C ALA HA 136 29.48 6.40 94.16
N TRP HA 137 28.65 7.10 93.41
CA TRP HA 137 27.91 6.39 92.37
C TRP HA 137 28.51 6.70 91.03
N PRO HA 138 29.27 5.79 90.45
CA PRO HA 138 29.92 6.09 89.17
C PRO HA 138 28.93 6.17 88.03
N ALA HA 139 27.90 5.33 88.07
CA ALA HA 139 27.09 5.12 86.88
C ALA HA 139 26.49 6.39 86.33
N THR HA 140 26.50 7.46 87.09
CA THR HA 140 26.05 8.75 86.61
C THR HA 140 27.13 9.53 85.89
N TRP HA 141 28.39 9.14 86.02
CA TRP HA 141 29.45 9.88 85.38
C TRP HA 141 29.20 9.97 83.89
N LYS HA 142 29.59 11.09 83.29
CA LYS HA 142 29.61 11.22 81.85
C LYS HA 142 30.82 12.04 81.45
N VAL HA 143 31.16 11.96 80.17
CA VAL HA 143 32.38 12.57 79.68
C VAL HA 143 32.35 14.07 79.92
N SER HA 144 33.48 14.61 80.40
CA SER HA 144 33.57 16.03 80.69
C SER HA 144 33.60 16.84 79.39
N ARG HA 145 33.13 18.08 79.47
CA ARG HA 145 32.97 18.87 78.25
C ARG HA 145 34.29 19.48 77.79
N GLU HA 146 35.21 19.76 78.71
CA GLU HA 146 36.46 20.40 78.32
C GLU HA 146 37.20 19.55 77.29
N LEU HA 147 37.18 18.24 77.46
CA LEU HA 147 37.89 17.33 76.60
C LEU HA 147 37.01 16.80 75.47
N CYS HA 148 35.82 17.36 75.31
CA CYS HA 148 34.73 16.77 74.53
C CYS HA 148 35.20 16.21 73.20
N HIS HA 149 36.11 16.89 72.53
CA HIS HA 149 36.62 16.37 71.27
C HIS HA 149 37.88 15.54 71.43
N ARG HA 150 38.48 15.50 72.62
CA ARG HA 150 39.69 14.71 72.76
C ARG HA 150 39.39 13.23 72.99
N PHE HA 151 38.25 12.91 73.60
CA PHE HA 151 37.92 11.54 73.93
C PHE HA 151 36.53 11.19 73.40
N VAL HA 152 36.25 9.88 73.38
CA VAL HA 152 34.93 9.39 73.00
C VAL HA 152 34.79 7.99 73.56
N VAL HA 153 33.57 7.53 73.70
CA VAL HA 153 33.29 6.21 74.25
C VAL HA 153 32.45 5.44 73.24
N LYS HA 154 33.02 4.37 72.70
CA LYS HA 154 32.34 3.65 71.63
C LYS HA 154 31.50 2.49 72.15
N ARG HA 155 31.63 2.12 73.42
CA ARG HA 155 30.80 1.06 73.97
C ARG HA 155 30.56 1.33 75.44
N ARG HA 156 29.56 0.64 75.99
CA ARG HA 156 29.21 0.78 77.39
C ARG HA 156 28.59 -0.53 77.85
N TRP HA 157 28.79 -0.85 79.12
CA TRP HA 157 28.13 -2.03 79.66
C TRP HA 157 27.81 -1.81 81.13
N LEU HA 158 26.80 -2.53 81.60
CA LEU HA 158 26.37 -2.48 82.99
C LEU HA 158 26.40 -3.87 83.59
N PHE HA 159 26.55 -3.90 84.91
CA PHE HA 159 26.43 -5.14 85.66
C PHE HA 159 26.14 -4.75 87.10
N ASN HA 160 25.64 -5.71 87.86
CA ASN HA 160 25.33 -5.45 89.25
C ASN HA 160 25.65 -6.68 90.07
N MET HA 161 25.97 -6.45 91.34
CA MET HA 161 26.37 -7.50 92.24
C MET HA 161 26.09 -7.05 93.66
N GLU HA 162 26.07 -8.02 94.58
CA GLU HA 162 25.73 -7.71 95.95
C GLU HA 162 26.35 -8.74 96.86
N THR HA 163 26.45 -8.40 98.13
CA THR HA 163 26.98 -9.30 99.13
C THR HA 163 26.11 -9.27 100.36
N ASP HA 164 26.01 -10.43 101.00
CA ASP HA 164 25.18 -10.60 102.18
C ASP HA 164 25.95 -10.46 103.48
N GLY HA 165 27.25 -10.24 103.42
CA GLY HA 165 28.06 -10.20 104.61
C GLY HA 165 28.54 -11.55 105.10
N ARG HA 166 28.77 -12.50 104.20
CA ARG HA 166 29.23 -13.82 104.60
C ARG HA 166 30.28 -14.31 103.62
N ILE HA 167 31.42 -14.73 104.14
CA ILE HA 167 32.49 -15.25 103.30
C ILE HA 167 32.15 -16.69 102.91
N GLY HA 168 32.66 -17.12 101.76
CA GLY HA 168 32.29 -18.43 101.25
C GLY HA 168 32.68 -19.57 102.18
N SER HA 169 33.90 -19.54 102.71
CA SER HA 169 34.42 -20.66 103.46
C SER HA 169 33.67 -20.91 104.76
N ASP HA 170 32.76 -20.03 105.14
CA ASP HA 170 32.07 -20.14 106.42
C ASP HA 170 31.01 -21.24 106.37
N ILE HA 171 30.99 -22.09 107.39
CA ILE HA 171 30.05 -23.19 107.47
C ILE HA 171 28.72 -22.71 108.04
N PRO HA 172 27.61 -22.93 107.36
CA PRO HA 172 26.32 -22.60 107.95
C PRO HA 172 26.09 -23.43 109.20
N PRO HA 173 25.45 -22.86 110.21
CA PRO HA 173 25.02 -23.66 111.35
C PRO HA 173 23.89 -24.59 110.95
N SER HA 174 23.82 -25.72 111.65
CA SER HA 174 22.86 -26.76 111.29
C SER HA 174 21.40 -26.34 111.45
N ASN HA 175 21.14 -25.19 112.05
CA ASN HA 175 19.76 -24.79 112.29
C ASN HA 175 19.10 -24.21 111.04
N ALA HA 176 19.75 -23.27 110.38
CA ALA HA 176 19.11 -22.51 109.31
C ALA HA 176 20.09 -22.33 108.16
N SER HA 177 19.57 -21.81 107.04
CA SER HA 177 20.37 -21.72 105.82
C SER HA 177 20.27 -20.36 105.14
N TRP HA 178 20.86 -20.26 103.95
CA TRP HA 178 20.82 -19.02 103.18
C TRP HA 178 20.70 -19.34 101.70
N LYS HA 179 20.09 -18.42 100.95
CA LYS HA 179 20.15 -18.44 99.50
C LYS HA 179 21.01 -17.26 99.09
N PRO HA 180 22.26 -17.46 98.74
CA PRO HA 180 23.09 -16.32 98.32
C PRO HA 180 23.18 -16.18 96.81
N CYS HA 181 22.05 -15.98 96.14
CA CYS HA 181 22.09 -15.82 94.69
C CYS HA 181 22.94 -14.62 94.32
N LYS HA 182 23.72 -14.77 93.27
CA LYS HA 182 24.52 -13.68 92.70
C LYS HA 182 25.49 -13.11 93.72
N ARG HA 183 26.26 -13.98 94.37
CA ARG HA 183 27.46 -13.47 95.03
C ARG HA 183 28.56 -13.19 94.03
N ASN HA 184 28.75 -14.09 93.08
CA ASN HA 184 29.70 -13.89 92.00
C ASN HA 184 28.97 -14.02 90.67
N ILE HA 185 29.61 -13.54 89.62
CA ILE HA 185 28.94 -13.36 88.34
C ILE HA 185 29.89 -13.69 87.20
N TYR HA 186 29.32 -14.14 86.09
CA TYR HA 186 30.05 -14.50 84.90
C TYR HA 186 29.71 -13.51 83.80
N PHE HA 187 30.69 -12.73 83.36
CA PHE HA 187 30.46 -11.64 82.45
C PHE HA 187 31.23 -11.84 81.16
N HIS HA 188 30.53 -11.70 80.03
CA HIS HA 188 31.17 -11.83 78.74
C HIS HA 188 30.40 -11.03 77.71
N LYS HA 189 31.12 -10.50 76.73
CA LYS HA 189 30.52 -9.78 75.62
C LYS HA 189 31.36 -10.01 74.38
N PHE HA 190 30.71 -9.89 73.22
CA PHE HA 190 31.35 -10.08 71.95
C PHE HA 190 30.81 -9.04 70.99
N THR HA 191 31.68 -8.27 70.34
CA THR HA 191 31.20 -7.22 69.46
C THR HA 191 32.12 -7.04 68.26
N SER HA 192 31.53 -6.94 67.08
CA SER HA 192 32.26 -6.72 65.84
C SER HA 192 32.22 -5.28 65.37
N GLY HA 193 31.49 -4.40 66.05
CA GLY HA 193 31.12 -3.13 65.44
C GLY HA 193 32.30 -2.20 65.24
N LEU HA 194 33.11 -2.03 66.28
CA LEU HA 194 34.06 -0.93 66.30
C LEU HA 194 35.14 -1.10 65.24
N GLY HA 195 35.80 0.01 64.96
CA GLY HA 195 37.06 -0.03 64.23
C GLY HA 195 37.89 1.15 64.65
N VAL HA 196 39.21 0.98 64.56
CA VAL HA 196 40.14 1.96 65.12
C VAL HA 196 41.36 2.04 64.22
N ARG HA 197 41.87 3.24 64.02
CA ARG HA 197 43.05 3.48 63.21
C ARG HA 197 44.17 3.96 64.10
N THR HA 198 45.31 3.28 64.05
CA THR HA 198 46.42 3.58 64.94
C THR HA 198 47.72 3.66 64.14
N GLN HA 199 48.59 4.58 64.55
CA GLN HA 199 49.92 4.70 63.99
C GLN HA 199 50.93 4.76 65.12
N TRP HA 200 52.17 4.50 64.80
CA TRP HA 200 53.20 4.27 65.81
C TRP HA 200 54.44 5.10 65.54
N LYS HA 201 55.07 5.55 66.62
CA LYS HA 201 56.44 6.00 66.51
C LYS HA 201 57.33 4.80 66.22
N ASN HA 202 58.54 5.06 65.75
CA ASN HA 202 59.41 3.97 65.34
C ASN HA 202 60.26 3.57 66.54
N VAL HA 203 59.94 2.43 67.13
CA VAL HA 203 60.70 1.78 68.20
C VAL HA 203 60.33 0.31 68.18
N THR HA 204 60.95 -0.47 69.05
CA THR HA 204 60.54 -1.86 69.21
C THR HA 204 59.35 -1.99 70.14
N ASP HA 205 59.31 -1.15 71.17
CA ASP HA 205 58.50 -1.42 72.34
C ASP HA 205 57.00 -1.37 72.02
N GLY HA 206 56.22 -2.00 72.89
CA GLY HA 206 54.78 -1.95 72.83
C GLY HA 206 54.13 -1.12 73.92
N GLY HA 207 54.90 -0.35 74.68
CA GLY HA 207 54.33 0.44 75.75
C GLY HA 207 53.52 1.61 75.23
N VAL HA 208 52.99 2.37 76.18
CA VAL HA 208 52.14 3.50 75.81
C VAL HA 208 52.95 4.61 75.15
N GLY HA 209 54.18 4.84 75.61
CA GLY HA 209 54.95 5.97 75.09
C GLY HA 209 55.20 5.90 73.60
N ALA HA 210 55.03 4.72 73.00
CA ALA HA 210 55.32 4.57 71.58
C ALA HA 210 54.23 5.11 70.68
N ILE HA 211 52.98 5.07 71.12
CA ILE HA 211 51.87 5.32 70.22
C ILE HA 211 51.80 6.80 69.87
N GLN HA 212 51.68 7.10 68.58
CA GLN HA 212 51.49 8.47 68.14
C GLN HA 212 50.03 8.88 68.24
N ARG HA 213 49.12 8.02 67.81
CA ARG HA 213 47.71 8.37 67.78
C ARG HA 213 46.87 7.12 67.85
N GLY HA 214 45.65 7.24 68.38
CA GLY HA 214 44.70 6.13 68.39
C GLY HA 214 44.76 5.16 69.54
N ALA HA 215 45.15 5.61 70.73
CA ALA HA 215 45.19 4.71 71.87
C ALA HA 215 43.79 4.25 72.25
N LEU HA 216 43.74 3.14 72.98
CA LEU HA 216 42.47 2.50 73.35
C LEU HA 216 42.54 2.09 74.80
N TYR HA 217 41.63 2.63 75.62
CA TYR HA 217 41.63 2.39 77.05
C TYR HA 217 40.44 1.56 77.49
N MET HA 218 40.63 0.83 78.58
CA MET HA 218 39.56 0.10 79.26
C MET HA 218 39.49 0.57 80.70
N VAL HA 219 38.28 0.74 81.22
CA VAL HA 219 38.07 1.31 82.53
C VAL HA 219 37.04 0.48 83.28
N ILE HA 220 37.27 0.26 84.57
CA ILE HA 220 36.35 -0.48 85.42
C ILE HA 220 35.91 0.41 86.56
N ALA HA 221 34.62 0.49 86.80
CA ALA HA 221 34.06 1.34 87.83
C ALA HA 221 33.35 0.49 88.88
N PRO HA 222 33.82 0.47 90.12
CA PRO HA 222 33.17 -0.36 91.14
C PRO HA 222 31.87 0.26 91.60
N GLY HA 223 31.06 -0.57 92.25
CA GLY HA 223 29.87 -0.10 92.91
C GLY HA 223 30.21 0.68 94.18
N ASN HA 224 29.19 1.33 94.73
CA ASN HA 224 29.39 2.15 95.92
C ASN HA 224 29.98 1.31 97.05
N GLY HA 225 31.10 1.79 97.59
CA GLY HA 225 31.71 1.17 98.75
C GLY HA 225 31.88 -0.33 98.61
N LEU HA 226 32.11 -0.80 97.40
CA LEU HA 226 32.20 -2.22 97.11
C LEU HA 226 33.44 -2.48 96.27
N THR HA 227 34.39 -3.22 96.84
CA THR HA 227 35.66 -3.49 96.19
C THR HA 227 35.77 -4.96 95.85
N PHE HA 228 36.41 -5.26 94.72
CA PHE HA 228 36.48 -6.63 94.27
C PHE HA 228 37.67 -6.80 93.34
N THR HA 229 38.02 -8.05 93.08
CA THR HA 229 39.02 -8.41 92.09
C THR HA 229 38.37 -9.29 91.04
N ALA HA 230 39.02 -9.39 89.89
CA ALA HA 230 38.46 -10.10 88.75
C ALA HA 230 39.51 -11.02 88.14
N HIS HA 231 39.03 -12.08 87.51
CA HIS HA 231 39.88 -13.03 86.79
C HIS HA 231 39.33 -13.19 85.39
N GLY HA 232 40.20 -13.53 84.46
CA GLY HA 232 39.78 -13.82 83.11
C GLY HA 232 40.86 -13.44 82.12
N GLN HA 233 40.46 -13.47 80.84
CA GLN HA 233 41.38 -13.16 79.75
C GLN HA 233 40.56 -12.68 78.56
N THR HA 234 41.24 -12.02 77.63
CA THR HA 234 40.58 -11.40 76.49
C THR HA 234 41.39 -11.67 75.23
N ARG HA 235 40.74 -11.48 74.09
CA ARG HA 235 41.40 -11.60 72.80
C ARG HA 235 41.14 -10.36 71.96
N LEU HA 236 41.98 -10.19 70.94
CA LEU HA 236 41.85 -9.12 69.98
C LEU HA 236 41.96 -9.66 68.57
N TYR HA 237 41.62 -8.82 67.61
CA TYR HA 237 41.69 -9.17 66.21
C TYR HA 237 42.12 -7.95 65.42
N PHE HA 238 43.11 -8.12 64.54
CA PHE HA 238 43.60 -6.99 63.77
C PHE HA 238 44.45 -7.49 62.63
N LYS HA 239 44.92 -6.56 61.81
CA LYS HA 239 45.90 -6.86 60.79
C LYS HA 239 46.71 -5.60 60.48
N SER HA 240 47.98 -5.79 60.18
CA SER HA 240 48.82 -4.68 59.77
C SER HA 240 48.49 -4.26 58.35
N VAL HA 241 48.86 -3.04 58.00
CA VAL HA 241 48.66 -2.53 56.65
C VAL HA 241 49.61 -1.36 56.45
N GLY HA 242 49.86 -1.02 55.19
CA GLY HA 242 50.64 0.14 54.83
C GLY HA 242 52.04 -0.21 54.39
N ASN HA 243 52.76 0.83 53.98
CA ASN HA 243 54.15 0.72 53.53
C ASN HA 243 54.27 -0.31 52.41
N ALA IA 31 14.33 8.48 62.17
CA ALA IA 31 14.83 8.20 63.50
C ALA IA 31 15.46 9.44 64.12
N GLY IA 32 14.63 10.33 64.64
CA GLY IA 32 15.08 11.56 65.24
C GLY IA 32 14.02 12.63 65.13
N SER IA 33 14.34 13.82 65.63
CA SER IA 33 13.42 14.93 65.52
C SER IA 33 14.10 16.21 65.05
N LYS IA 34 13.73 16.66 63.84
CA LYS IA 34 14.23 17.92 63.26
C LYS IA 34 15.74 18.06 63.44
N ALA IA 35 16.45 16.97 63.25
CA ALA IA 35 17.90 17.01 63.35
C ALA IA 35 18.49 17.88 62.26
N ASP IA 36 19.59 18.53 62.58
CA ASP IA 36 20.26 19.46 61.68
C ASP IA 36 21.76 19.24 61.75
N ARG IA 37 22.40 19.31 60.58
CA ARG IA 37 23.81 18.97 60.45
C ARG IA 37 24.71 19.69 61.44
N PRO IA 38 24.62 21.00 61.65
CA PRO IA 38 25.43 21.63 62.69
C PRO IA 38 24.99 21.15 64.06
N SER IA 39 25.92 21.26 65.01
CA SER IA 39 25.66 20.77 66.36
C SER IA 39 24.59 21.62 67.04
N LEU IA 40 24.03 21.07 68.11
CA LEU IA 40 22.97 21.73 68.85
C LEU IA 40 23.45 22.08 70.25
N GLN IA 41 22.89 23.15 70.80
CA GLN IA 41 23.36 23.65 72.07
C GLN IA 41 23.04 22.67 73.19
N ILE IA 42 23.74 22.83 74.31
CA ILE IA 42 23.65 21.92 75.43
C ILE IA 42 23.46 22.70 76.72
N GLN IA 43 22.57 22.24 77.58
CA GLN IA 43 22.41 22.79 78.92
C GLN IA 43 22.33 21.65 79.93
N THR IA 44 22.89 21.88 81.10
CA THR IA 44 22.98 20.87 82.13
C THR IA 44 22.40 21.37 83.45
N LEU IA 45 22.13 20.43 84.33
CA LEU IA 45 21.71 20.74 85.69
C LEU IA 45 22.52 19.89 86.65
N GLN IA 46 22.79 20.46 87.81
CA GLN IA 46 23.61 19.79 88.81
C GLN IA 46 22.80 19.63 90.08
N HIS IA 47 22.45 18.39 90.41
CA HIS IA 47 21.77 18.10 91.67
C HIS IA 47 22.64 17.12 92.44
N ALA IA 48 23.23 17.59 93.53
CA ALA IA 48 24.18 16.81 94.31
C ALA IA 48 24.61 17.65 95.49
N GLY IA 49 25.18 16.99 96.49
CA GLY IA 49 25.76 17.70 97.61
C GLY IA 49 24.74 18.59 98.28
N THR IA 50 25.05 19.89 98.31
CA THR IA 50 24.13 20.86 98.89
C THR IA 50 22.76 20.79 98.23
N THR IA 51 22.71 20.61 96.93
CA THR IA 51 21.44 20.54 96.22
C THR IA 51 21.13 19.09 95.95
N MET IA 52 20.18 18.54 96.72
CA MET IA 52 19.68 17.20 96.50
C MET IA 52 18.16 17.29 96.55
N ILE IA 53 17.51 16.97 95.44
CA ILE IA 53 16.06 16.96 95.44
C ILE IA 53 15.60 16.03 96.54
N THR IA 54 14.78 16.54 97.45
CA THR IA 54 14.31 15.78 98.59
C THR IA 54 12.79 15.89 98.65
N VAL IA 55 12.11 14.76 98.64
CA VAL IA 55 10.67 14.76 98.44
C VAL IA 55 9.94 14.23 99.66
N PRO IA 56 9.25 15.07 100.41
CA PRO IA 56 8.26 14.58 101.37
C PRO IA 56 7.00 14.13 100.64
N SER IA 57 6.18 13.38 101.37
CA SER IA 57 4.94 12.85 100.80
C SER IA 57 4.12 13.98 100.19
N GLY IA 58 3.64 13.75 98.97
CA GLY IA 58 2.91 14.77 98.24
C GLY IA 58 3.69 15.38 97.10
N GLY IA 59 4.91 14.96 96.86
CA GLY IA 59 5.64 15.39 95.68
C GLY IA 59 6.15 16.81 95.77
N VAL IA 60 6.87 17.21 94.73
CA VAL IA 60 7.42 18.56 94.66
C VAL IA 60 7.40 19.02 93.22
N CYS IA 61 7.11 20.30 93.03
CA CYS IA 61 7.05 20.92 91.72
C CYS IA 61 8.38 21.58 91.41
N ASP IA 62 8.78 21.55 90.15
CA ASP IA 62 10.02 22.17 89.74
C ASP IA 62 9.98 22.50 88.26
N LEU IA 63 10.85 23.41 87.85
CA LEU IA 63 10.99 23.79 86.45
C LEU IA 63 12.40 23.52 85.98
N ILE IA 64 12.53 22.75 84.91
CA ILE IA 64 13.83 22.38 84.38
C ILE IA 64 14.25 23.21 83.17
N ASN IA 65 13.41 24.12 82.70
CA ASN IA 65 13.67 24.74 81.41
C ASN IA 65 14.46 26.04 81.52
N THR IA 66 14.91 26.39 82.71
CA THR IA 66 15.59 27.66 82.94
C THR IA 66 16.75 27.88 81.99
N TYR IA 67 16.79 29.06 81.39
CA TYR IA 67 17.83 29.47 80.45
C TYR IA 67 18.20 30.92 80.73
N ALA IA 68 19.48 31.21 80.82
CA ALA IA 68 19.89 32.61 80.85
C ALA IA 68 20.03 33.13 79.43
N ARG IA 69 20.34 34.42 79.31
CA ARG IA 69 20.62 35.04 78.02
C ARG IA 69 21.92 35.79 78.10
N GLY IA 70 22.78 35.61 77.10
CA GLY IA 70 24.04 36.30 77.09
C GLY IA 70 24.99 35.67 76.10
N SER IA 71 26.28 35.91 76.37
CA SER IA 71 27.31 35.43 75.46
C SER IA 71 27.58 33.94 75.65
N ASP IA 72 27.51 33.47 76.89
CA ASP IA 72 27.97 32.12 77.20
C ASP IA 72 27.15 31.08 76.44
N GLU IA 73 27.84 30.03 76.02
CA GLU IA 73 27.17 28.93 75.33
C GLU IA 73 26.23 28.22 76.30
N GLY IA 74 25.08 27.82 75.78
CA GLY IA 74 24.07 27.19 76.61
C GLY IA 74 23.01 28.19 77.02
N ASN IA 75 23.37 29.46 77.04
CA ASN IA 75 22.36 30.48 77.24
C ASN IA 75 21.66 30.79 75.92
N ARG IA 76 20.43 31.26 76.03
CA ARG IA 76 19.63 31.51 74.83
C ARG IA 76 20.02 32.85 74.21
N HIS IA 77 20.22 32.83 72.89
CA HIS IA 77 20.59 34.04 72.18
C HIS IA 77 19.38 34.88 71.75
N THR IA 78 18.19 34.31 71.76
CA THR IA 78 17.05 35.00 71.17
C THR IA 78 15.88 35.04 72.13
N SER IA 79 14.73 35.49 71.65
CA SER IA 79 13.53 35.49 72.46
C SER IA 79 12.65 34.28 72.17
N GLU IA 80 13.08 33.38 71.29
CA GLU IA 80 12.27 32.25 70.87
C GLU IA 80 13.11 30.97 70.88
N THR IA 81 12.63 29.95 71.58
CA THR IA 81 13.40 28.73 71.78
C THR IA 81 12.54 27.50 71.55
N LEU IA 82 13.10 26.52 70.87
CA LEU IA 82 12.52 25.19 70.73
C LEU IA 82 13.45 24.18 71.39
N THR IA 83 12.88 23.19 72.05
CA THR IA 83 13.65 22.11 72.63
C THR IA 83 13.28 20.80 71.96
N TYR IA 84 14.21 19.85 71.96
CA TYR IA 84 13.95 18.61 71.26
C TYR IA 84 14.15 17.38 72.12
N LYS IA 85 15.39 17.02 72.38
CA LYS IA 85 15.72 15.75 72.99
C LYS IA 85 16.16 15.97 74.42
N ILE IA 86 15.83 15.03 75.29
CA ILE IA 86 16.17 15.12 76.71
C ILE IA 86 16.58 13.75 77.21
N ALA IA 87 17.61 13.73 78.05
CA ALA IA 87 18.07 12.51 78.68
C ALA IA 87 18.18 12.74 80.17
N ILE IA 88 17.83 11.74 80.94
CA ILE IA 88 17.74 11.87 82.39
C ILE IA 88 18.48 10.71 83.03
N ASP IA 89 19.34 11.04 84.00
CA ASP IA 89 20.01 10.05 84.83
C ASP IA 89 19.88 10.47 86.28
N TYR IA 90 19.67 9.50 87.16
CA TYR IA 90 19.69 9.78 88.58
C TYR IA 90 20.05 8.53 89.36
N HIS IA 91 20.43 8.75 90.61
CA HIS IA 91 20.42 7.71 91.60
C HIS IA 91 19.34 8.00 92.63
N PHE IA 92 18.71 6.94 93.13
CA PHE IA 92 17.77 7.02 94.22
C PHE IA 92 18.32 6.29 95.43
N VAL IA 93 17.91 6.70 96.61
CA VAL IA 93 18.20 5.97 97.83
C VAL IA 93 17.10 6.26 98.84
N ALA IA 94 16.72 5.23 99.60
CA ALA IA 94 15.74 5.44 100.65
C ALA IA 94 16.34 6.29 101.75
N ASP IA 95 15.46 6.95 102.51
CA ASP IA 95 15.88 7.74 103.65
C ASP IA 95 15.70 6.92 104.92
N ALA IA 96 16.68 7.00 105.81
CA ALA IA 96 16.60 6.30 107.08
C ALA IA 96 15.39 6.73 107.88
N ALA IA 97 14.95 7.98 107.70
CA ALA IA 97 13.79 8.49 108.43
C ALA IA 97 12.58 7.59 108.25
N ALA IA 98 12.40 7.04 107.06
CA ALA IA 98 11.29 6.12 106.81
C ALA IA 98 11.69 4.66 106.93
N CYS IA 99 12.96 4.37 107.18
CA CYS IA 99 13.37 2.98 107.29
C CYS IA 99 12.90 2.32 108.57
N ARG IA 100 12.31 3.06 109.49
CA ARG IA 100 11.80 2.46 110.72
C ARG IA 100 10.64 1.51 110.47
N TYR IA 101 10.12 1.46 109.25
CA TYR IA 101 9.05 0.57 108.88
C TYR IA 101 9.50 -0.29 107.71
N SER IA 102 8.77 -1.36 107.44
CA SER IA 102 9.09 -2.24 106.33
C SER IA 102 7.85 -2.42 105.47
N ASN IA 103 7.89 -1.85 104.27
CA ASN IA 103 6.90 -2.13 103.25
C ASN IA 103 7.47 -1.71 101.91
N THR IA 104 6.84 -2.20 100.85
CA THR IA 104 7.19 -1.75 99.53
C THR IA 104 6.32 -0.55 99.16
N GLY IA 105 6.37 -0.17 97.90
CA GLY IA 105 5.54 0.91 97.41
C GLY IA 105 5.75 1.09 95.93
N THR IA 106 5.20 2.17 95.39
CA THR IA 106 5.39 2.49 93.99
C THR IA 106 5.48 4.00 93.81
N GLY IA 107 6.45 4.45 93.02
CA GLY IA 107 6.63 5.85 92.73
C GLY IA 107 6.27 6.19 91.29
N VAL IA 108 6.29 7.50 91.01
CA VAL IA 108 5.86 8.02 89.72
C VAL IA 108 6.69 9.25 89.40
N MET IA 109 7.03 9.39 88.13
CA MET IA 109 7.67 10.58 87.60
C MET IA 109 6.93 11.02 86.36
N TRP IA 110 6.47 12.26 86.35
CA TRP IA 110 5.79 12.80 85.18
C TRP IA 110 6.62 13.90 84.53
N LEU IA 111 6.36 14.12 83.25
CA LEU IA 111 6.90 15.25 82.54
C LEU IA 111 5.70 16.06 82.04
N VAL IA 112 5.50 17.23 82.61
CA VAL IA 112 4.26 17.99 82.43
C VAL IA 112 4.56 19.27 81.67
N TYR IA 113 3.77 19.52 80.64
CA TYR IA 113 3.90 20.72 79.83
C TYR IA 113 2.80 21.72 80.17
N ASP IA 114 3.15 22.99 80.14
CA ASP IA 114 2.25 24.07 80.50
C ASP IA 114 1.99 24.97 79.29
N THR IA 115 0.86 25.66 79.34
CA THR IA 115 0.57 26.69 78.35
C THR IA 115 0.94 28.07 78.89
N THR IA 116 0.15 28.58 79.83
CA THR IA 116 0.41 29.88 80.43
C THR IA 116 0.65 29.69 81.92
N PRO IA 117 1.85 29.96 82.42
CA PRO IA 117 2.09 29.82 83.85
C PRO IA 117 1.48 30.99 84.61
N GLY IA 118 1.00 30.69 85.81
CA GLY IA 118 0.57 31.74 86.69
C GLY IA 118 1.75 32.54 87.21
N GLY IA 119 1.44 33.61 87.93
CA GLY IA 119 2.49 34.37 88.57
C GLY IA 119 3.16 33.65 89.72
N GLN IA 120 2.52 32.61 90.24
CA GLN IA 120 3.02 31.85 91.38
C GLN IA 120 3.34 30.43 90.95
N ALA IA 121 4.26 29.80 91.67
CA ALA IA 121 4.69 28.46 91.33
C ALA IA 121 3.59 27.46 91.67
N PRO IA 122 3.28 26.53 90.77
CA PRO IA 122 2.25 25.54 91.05
C PRO IA 122 2.75 24.53 92.07
N THR IA 123 1.79 23.83 92.68
CA THR IA 123 2.08 22.72 93.55
C THR IA 123 1.23 21.54 93.11
N PRO IA 124 1.70 20.31 93.31
CA PRO IA 124 0.93 19.16 92.82
C PRO IA 124 -0.52 19.18 93.23
N GLN IA 125 -0.80 19.48 94.49
CA GLN IA 125 -2.19 19.47 94.94
C GLN IA 125 -3.04 20.39 94.07
N THR IA 126 -2.43 21.44 93.53
CA THR IA 126 -3.17 22.30 92.62
C THR IA 126 -3.26 21.71 91.23
N ILE IA 127 -2.21 21.01 90.78
CA ILE IA 127 -2.24 20.54 89.41
C ILE IA 127 -3.16 19.35 89.25
N PHE IA 128 -3.31 18.55 90.31
CA PHE IA 128 -4.16 17.37 90.27
C PHE IA 128 -5.19 17.49 91.37
N ALA IA 129 -6.46 17.40 91.01
CA ALA IA 129 -7.49 17.41 92.02
C ALA IA 129 -7.57 16.03 92.65
N TYR IA 130 -7.27 15.93 93.93
CA TYR IA 130 -7.38 14.63 94.55
C TYR IA 130 -7.93 14.77 95.95
N PRO IA 131 -8.81 13.87 96.37
CA PRO IA 131 -9.24 13.86 97.77
C PRO IA 131 -8.10 13.47 98.68
N ASP IA 132 -8.22 13.87 99.95
CA ASP IA 132 -7.18 13.58 100.92
C ASP IA 132 -6.95 12.09 101.07
N THR IA 133 -8.00 11.29 100.87
CA THR IA 133 -7.87 9.86 100.98
C THR IA 133 -6.85 9.29 100.03
N LEU IA 134 -6.89 9.70 98.77
CA LEU IA 134 -5.99 9.15 97.76
C LEU IA 134 -4.55 9.65 97.90
N LYS IA 135 -4.28 10.58 98.82
CA LYS IA 135 -2.94 11.12 98.95
C LYS IA 135 -1.91 10.02 99.14
N ALA IA 136 -2.32 8.92 99.75
CA ALA IA 136 -1.42 7.79 99.94
C ALA IA 136 -0.89 7.28 98.59
N TRP IA 137 -1.78 6.92 97.70
CA TRP IA 137 -1.31 6.25 96.51
C TRP IA 137 -1.34 7.22 95.35
N PRO IA 138 -0.21 7.76 94.93
CA PRO IA 138 -0.23 8.74 93.85
C PRO IA 138 -0.57 8.13 92.52
N ALA IA 139 -0.11 6.90 92.28
CA ALA IA 139 -0.11 6.37 90.93
C ALA IA 139 -1.48 6.36 90.29
N THR IA 140 -2.53 6.54 91.08
CA THR IA 140 -3.87 6.65 90.55
C THR IA 140 -4.23 8.05 90.12
N TRP IA 141 -3.45 9.05 90.53
CA TRP IA 141 -3.78 10.42 90.18
C TRP IA 141 -3.88 10.57 88.67
N LYS IA 142 -4.79 11.43 88.23
CA LYS IA 142 -4.83 11.81 86.83
C LYS IA 142 -5.21 13.28 86.75
N VAL IA 143 -4.96 13.87 85.59
CA VAL IA 143 -5.12 15.31 85.42
C VAL IA 143 -6.56 15.71 85.70
N SER IA 144 -6.73 16.80 86.45
CA SER IA 144 -8.06 17.28 86.79
C SER IA 144 -8.75 17.88 85.57
N ARG IA 145 -10.08 17.82 85.57
CA ARG IA 145 -10.83 18.22 84.38
C ARG IA 145 -10.95 19.73 84.26
N GLU IA 146 -10.96 20.45 85.37
CA GLU IA 146 -11.14 21.90 85.31
C GLU IA 146 -10.06 22.54 84.45
N LEU IA 147 -8.83 22.05 84.57
CA LEU IA 147 -7.70 22.61 83.87
C LEU IA 147 -7.43 21.90 82.55
N CYS IA 148 -8.34 21.01 82.13
CA CYS IA 148 -8.09 20.02 81.10
C CYS IA 148 -7.35 20.57 79.90
N HIS IA 149 -7.67 21.79 79.49
CA HIS IA 149 -6.96 22.37 78.37
C HIS IA 149 -5.77 23.22 78.79
N ARG IA 150 -5.60 23.49 80.08
CA ARG IA 150 -4.47 24.30 80.48
C ARG IA 150 -3.18 23.50 80.58
N PHE IA 151 -3.27 22.21 80.89
CA PHE IA 151 -2.09 21.38 81.09
C PHE IA 151 -2.18 20.12 80.25
N VAL IA 152 -1.05 19.44 80.11
CA VAL IA 152 -1.00 18.16 79.42
C VAL IA 152 0.26 17.46 79.89
N VAL IA 153 0.30 16.14 79.73
CA VAL IA 153 1.43 15.33 80.15
C VAL IA 153 1.94 14.56 78.94
N LYS IA 154 3.15 14.86 78.51
CA LYS IA 154 3.67 14.24 77.30
C LYS IA 154 4.47 12.98 77.56
N ARG IA 155 4.81 12.68 78.81
CA ARG IA 155 5.52 11.45 79.13
C ARG IA 155 5.11 10.97 80.51
N ARG IA 156 5.41 9.70 80.77
CA ARG IA 156 5.11 9.11 82.06
C ARG IA 156 6.12 8.01 82.32
N TRP IA 157 6.44 7.78 83.59
CA TRP IA 157 7.31 6.67 83.93
C TRP IA 157 6.93 6.11 85.29
N LEU IA 158 7.26 4.84 85.49
CA LEU IA 158 7.02 4.15 86.74
C LEU IA 158 8.31 3.58 87.28
N PHE IA 159 8.33 3.40 88.60
CA PHE IA 159 9.42 2.72 89.25
C PHE IA 159 8.90 2.24 90.60
N ASN IA 160 9.60 1.29 91.18
CA ASN IA 160 9.20 0.77 92.47
C ASN IA 160 10.43 0.48 93.31
N MET IA 161 10.26 0.55 94.62
CA MET IA 161 11.35 0.36 95.55
C MET IA 161 10.76 -0.08 96.88
N GLU IA 162 11.62 -0.61 97.74
CA GLU IA 162 11.16 -1.15 99.01
C GLU IA 162 12.30 -1.12 100.00
N THR IA 163 11.95 -1.21 101.27
CA THR IA 163 12.92 -1.24 102.34
C THR IA 163 12.56 -2.33 103.33
N ASP IA 164 13.59 -2.94 103.90
CA ASP IA 164 13.43 -4.03 104.83
C ASP IA 164 13.49 -3.59 106.28
N GLY IA 165 13.71 -2.30 106.53
CA GLY IA 165 13.87 -1.82 107.89
C GLY IA 165 15.28 -1.93 108.42
N ARG IA 166 16.29 -1.83 107.57
CA ARG IA 166 17.67 -1.92 108.03
C ARG IA 166 18.52 -0.88 107.30
N ILE IA 167 19.26 -0.10 108.06
CA ILE IA 167 20.14 0.90 107.48
C ILE IA 167 21.40 0.21 106.97
N GLY IA 168 22.03 0.81 105.96
CA GLY IA 168 23.18 0.17 105.34
C GLY IA 168 24.33 -0.07 106.29
N SER IA 169 24.67 0.95 107.09
CA SER IA 169 25.87 0.89 107.91
C SER IA 169 25.80 -0.19 108.99
N ASP IA 170 24.65 -0.83 109.17
CA ASP IA 170 24.49 -1.79 110.25
C ASP IA 170 25.17 -3.11 109.91
N ILE IA 171 25.92 -3.64 110.88
CA ILE IA 171 26.67 -4.88 110.69
C ILE IA 171 25.76 -6.08 110.96
N PRO IA 172 25.62 -7.01 110.03
CA PRO IA 172 24.88 -8.22 110.32
C PRO IA 172 25.53 -8.99 111.44
N PRO IA 173 24.74 -9.63 112.29
CA PRO IA 173 25.31 -10.54 113.28
C PRO IA 173 25.84 -11.78 112.59
N SER IA 174 26.86 -12.39 113.21
CA SER IA 174 27.55 -13.51 112.61
C SER IA 174 26.67 -14.75 112.44
N ASN IA 175 25.46 -14.76 113.00
CA ASN IA 175 24.63 -15.95 112.92
C ASN IA 175 23.93 -16.08 111.58
N ALA IA 176 23.28 -15.02 111.10
CA ALA IA 176 22.41 -15.11 109.95
C ALA IA 176 22.60 -13.89 109.06
N SER IA 177 22.00 -13.94 107.87
CA SER IA 177 22.23 -12.90 106.88
C SER IA 177 20.94 -12.38 106.24
N TRP IA 178 21.09 -11.54 105.22
CA TRP IA 178 19.94 -11.00 104.51
C TRP IA 178 20.27 -10.86 103.03
N LYS IA 179 19.24 -10.95 102.19
CA LYS IA 179 19.35 -10.56 100.80
C LYS IA 179 18.52 -9.30 100.63
N PRO IA 180 19.12 -8.14 100.58
CA PRO IA 180 18.34 -6.91 100.40
C PRO IA 180 18.31 -6.43 98.97
N CYS IA 181 17.79 -7.25 98.05
CA CYS IA 181 17.71 -6.81 96.67
C CYS IA 181 16.86 -5.56 96.54
N LYS IA 182 17.31 -4.65 95.69
CA LYS IA 182 16.57 -3.44 95.37
C LYS IA 182 16.28 -2.60 96.60
N ARG IA 183 17.32 -2.32 97.39
CA ARG IA 183 17.21 -1.22 98.33
C ARG IA 183 17.35 0.11 97.62
N ASN IA 184 18.29 0.22 96.71
CA ASN IA 184 18.46 1.40 95.89
C ASN IA 184 18.42 1.01 94.43
N ILE IA 185 18.22 2.00 93.56
CA ILE IA 185 17.90 1.72 92.17
C ILE IA 185 18.56 2.76 91.28
N TYR IA 186 18.84 2.34 90.06
CA TYR IA 186 19.48 3.19 89.05
C TYR IA 186 18.48 3.44 87.94
N PHE IA 187 18.09 4.70 87.77
CA PHE IA 187 17.01 5.05 86.86
C PHE IA 187 17.52 5.98 85.78
N HIS IA 188 17.21 5.65 84.53
CA HIS IA 188 17.61 6.49 83.41
C HIS IA 188 16.64 6.29 82.27
N LYS IA 189 16.42 7.35 81.50
CA LYS IA 189 15.59 7.29 80.30
C LYS IA 189 16.14 8.26 79.28
N PHE IA 190 15.87 7.99 78.02
CA PHE IA 190 16.32 8.81 76.91
C PHE IA 190 15.20 8.86 75.89
N THR IA 191 14.79 10.06 75.51
CA THR IA 191 13.68 10.17 74.56
C THR IA 191 13.85 11.36 73.63
N SER IA 192 13.62 11.12 72.34
CA SER IA 192 13.71 12.14 71.32
C SER IA 192 12.36 12.69 70.89
N GLY IA 193 11.26 12.14 71.41
CA GLY IA 193 9.98 12.36 70.76
C GLY IA 193 9.48 13.79 70.88
N LEU IA 194 9.54 14.35 72.08
CA LEU IA 194 8.80 15.57 72.37
C LEU IA 194 9.35 16.75 71.59
N GLY IA 195 8.54 17.78 71.51
CA GLY IA 195 9.01 19.09 71.09
C GLY IA 195 8.14 20.14 71.73
N VAL IA 196 8.73 21.31 71.95
CA VAL IA 196 8.08 22.36 72.73
C VAL IA 196 8.44 23.70 72.15
N ARG IA 197 7.48 24.60 72.12
CA ARG IA 197 7.68 25.95 71.61
C ARG IA 197 7.54 26.94 72.76
N THR IA 198 8.55 27.77 72.96
CA THR IA 198 8.58 28.69 74.08
C THR IA 198 8.96 30.08 73.62
N GLN IA 199 8.34 31.09 74.25
CA GLN IA 199 8.70 32.47 74.02
C GLN IA 199 8.90 33.16 75.35
N TRP IA 200 9.59 34.29 75.33
CA TRP IA 200 10.08 34.91 76.54
C TRP IA 200 9.71 36.39 76.60
N LYS IA 201 9.43 36.86 77.80
CA LYS IA 201 9.46 38.29 78.05
C LYS IA 201 10.90 38.78 77.93
N ASN IA 202 11.06 40.08 77.77
CA ASN IA 202 12.39 40.62 77.53
C ASN IA 202 12.99 41.01 78.88
N VAL IA 203 13.94 40.20 79.34
CA VAL IA 203 14.75 40.44 80.53
C VAL IA 203 16.01 39.63 80.39
N THR IA 204 16.92 39.75 81.35
CA THR IA 204 18.10 38.89 81.37
C THR IA 204 17.78 37.53 81.98
N ASP IA 205 16.93 37.53 83.01
CA ASP IA 205 16.87 36.41 83.94
C ASP IA 205 16.35 35.15 83.29
N GLY IA 206 16.66 34.02 83.92
CA GLY IA 206 16.15 32.72 83.52
C GLY IA 206 15.11 32.15 84.45
N GLY IA 207 14.59 32.91 85.40
CA GLY IA 207 13.62 32.41 86.34
C GLY IA 207 12.27 32.16 85.68
N VAL IA 208 11.34 31.70 86.50
CA VAL IA 208 10.01 31.38 85.99
C VAL IA 208 9.25 32.63 85.58
N GLY IA 209 9.40 33.73 86.31
CA GLY IA 209 8.63 34.93 86.03
C GLY IA 209 8.83 35.48 84.63
N ALA IA 210 9.91 35.07 83.97
CA ALA IA 210 10.22 35.63 82.66
C ALA IA 210 9.39 35.01 81.55
N ILE IA 211 9.01 33.74 81.68
CA ILE IA 211 8.46 33.02 80.55
C ILE IA 211 7.05 33.51 80.24
N GLN IA 212 6.80 33.80 78.97
CA GLN IA 212 5.45 34.18 78.55
C GLN IA 212 4.59 32.95 78.31
N ARG IA 213 5.14 31.93 77.66
CA ARG IA 213 4.34 30.77 77.30
C ARG IA 213 5.25 29.56 77.13
N GLY IA 214 4.71 28.37 77.37
CA GLY IA 214 5.45 27.13 77.12
C GLY IA 214 6.35 26.60 78.23
N ALA IA 215 5.98 26.83 79.48
CA ALA IA 215 6.79 26.31 80.57
C ALA IA 215 6.76 24.79 80.59
N LEU IA 216 7.77 24.21 81.25
CA LEU IA 216 7.94 22.77 81.30
C LEU IA 216 8.28 22.35 82.72
N TYR IA 217 7.46 21.50 83.31
CA TYR IA 217 7.60 21.10 84.70
C TYR IA 217 7.99 19.64 84.82
N MET IA 218 8.69 19.31 85.90
CA MET IA 218 9.01 17.95 86.28
C MET IA 218 8.47 17.70 87.68
N VAL IA 219 7.90 16.52 87.90
CA VAL IA 219 7.24 16.21 89.16
C VAL IA 219 7.64 14.82 89.61
N ILE IA 220 7.87 14.66 90.91
CA ILE IA 220 8.23 13.38 91.50
C ILE IA 220 7.19 13.01 92.54
N ALA IA 221 6.70 11.79 92.46
CA ALA IA 221 5.67 11.31 93.37
C ALA IA 221 6.20 10.14 94.19
N PRO IA 222 6.31 10.28 95.50
CA PRO IA 222 6.83 9.17 96.31
C PRO IA 222 5.81 8.08 96.48
N GLY IA 223 6.30 6.91 96.89
CA GLY IA 223 5.43 5.82 97.27
C GLY IA 223 4.76 6.09 98.61
N ASN IA 224 3.79 5.25 98.93
CA ASN IA 224 3.03 5.42 100.15
C ASN IA 224 3.94 5.43 101.37
N GLY IA 225 3.84 6.48 102.18
CA GLY IA 225 4.57 6.56 103.42
C GLY IA 225 6.04 6.26 103.27
N LEU IA 226 6.62 6.61 102.13
CA LEU IA 226 8.01 6.29 101.83
C LEU IA 226 8.70 7.54 101.30
N THR IA 227 9.67 8.04 102.05
CA THR IA 227 10.36 9.28 101.70
C THR IA 227 11.81 8.98 101.35
N PHE IA 228 12.35 9.72 100.39
CA PHE IA 228 13.69 9.45 99.92
C PHE IA 228 14.27 10.71 99.29
N THR IA 229 15.58 10.68 99.08
CA THR IA 229 16.28 11.70 98.34
C THR IA 229 16.96 11.06 97.14
N ALA IA 230 17.32 11.90 96.16
CA ALA IA 230 17.87 11.43 94.91
C ALA IA 230 19.10 12.23 94.53
N HIS IA 231 19.98 11.59 93.76
CA HIS IA 231 21.17 12.22 93.24
C HIS IA 231 21.21 11.99 91.74
N GLY IA 232 21.86 12.90 91.03
CA GLY IA 232 22.06 12.73 89.61
C GLY IA 232 22.10 14.07 88.91
N GLN IA 233 22.06 14.00 87.58
CA GLN IA 233 22.11 15.18 86.75
C GLN IA 233 21.44 14.88 85.42
N THR IA 234 21.08 15.93 84.69
CA THR IA 234 20.35 15.79 83.45
C THR IA 234 20.90 16.74 82.40
N ARG IA 235 20.57 16.46 81.15
CA ARG IA 235 20.95 17.33 80.05
C ARG IA 235 19.74 17.69 79.21
N LEU IA 236 19.90 18.75 78.43
CA LEU IA 236 18.88 19.19 77.50
C LEU IA 236 19.50 19.46 76.15
N TYR IA 237 18.63 19.64 75.15
CA TYR IA 237 19.06 19.91 73.79
C TYR IA 237 18.09 20.89 73.17
N PHE IA 238 18.59 21.94 72.54
CA PHE IA 238 17.72 22.94 71.95
C PHE IA 238 18.52 23.82 71.02
N LYS IA 239 17.82 24.75 70.36
CA LYS IA 239 18.46 25.79 69.58
C LYS IA 239 17.56 27.00 69.52
N SER IA 240 18.17 28.18 69.52
CA SER IA 240 17.40 29.40 69.36
C SER IA 240 16.97 29.57 67.91
N VAL IA 241 15.94 30.39 67.70
CA VAL IA 241 15.46 30.68 66.36
C VAL IA 241 14.68 31.97 66.42
N GLY IA 242 14.49 32.60 65.27
CA GLY IA 242 13.65 33.78 65.15
C GLY IA 242 14.47 35.05 65.03
N ASN IA 243 13.73 36.15 64.84
CA ASN IA 243 14.30 37.48 64.71
C ASN IA 243 15.37 37.52 63.63
N ALA JA 31 52.30 -37.44 -1.90
CA ALA JA 31 53.23 -38.52 -1.56
C ALA JA 31 53.89 -39.09 -2.81
N GLY JA 32 54.90 -38.39 -3.31
CA GLY JA 32 55.60 -38.80 -4.51
C GLY JA 32 56.19 -37.59 -5.21
N SER JA 33 56.84 -37.86 -6.34
CA SER JA 33 57.39 -36.78 -7.14
C SER JA 33 57.06 -36.92 -8.62
N LYS JA 34 56.25 -35.99 -9.14
CA LYS JA 34 55.89 -35.92 -10.56
C LYS JA 34 55.54 -37.29 -11.12
N ALA JA 35 54.80 -38.07 -10.33
CA ALA JA 35 54.38 -39.39 -10.77
C ALA JA 35 53.43 -39.26 -11.95
N ASP JA 36 53.49 -40.24 -12.83
CA ASP JA 36 52.70 -40.26 -14.06
C ASP JA 36 52.14 -41.65 -14.29
N ARG JA 37 50.89 -41.71 -14.74
CA ARG JA 37 50.16 -42.96 -14.86
C ARG JA 37 50.91 -44.04 -15.64
N PRO JA 38 51.48 -43.78 -16.81
CA PRO JA 38 52.29 -44.81 -17.46
C PRO JA 38 53.54 -45.10 -16.66
N SER JA 39 54.06 -46.31 -16.87
CA SER JA 39 55.23 -46.75 -16.12
C SER JA 39 56.45 -45.93 -16.48
N LEU JA 40 57.46 -46.00 -15.62
CA LEU JA 40 58.69 -45.24 -15.80
C LEU JA 40 59.85 -46.19 -16.04
N GLN JA 41 60.84 -45.72 -16.79
CA GLN JA 41 61.94 -46.58 -17.18
C GLN JA 41 62.78 -46.98 -15.99
N ILE JA 42 63.57 -48.03 -16.16
CA ILE JA 42 64.35 -48.61 -15.08
C ILE JA 42 65.77 -48.85 -15.56
N GLN JA 43 66.74 -48.51 -14.71
CA GLN JA 43 68.14 -48.82 -14.95
C GLN JA 43 68.75 -49.42 -13.70
N THR JA 44 69.66 -50.37 -13.88
CA THR JA 44 70.26 -51.09 -12.77
C THR JA 44 71.77 -51.04 -12.85
N LEU JA 45 72.41 -51.36 -11.75
CA LEU JA 45 73.85 -51.51 -11.69
C LEU JA 45 74.18 -52.80 -10.97
N GLN JA 46 75.27 -53.43 -11.38
CA GLN JA 46 75.67 -54.71 -10.84
C GLN JA 46 77.06 -54.57 -10.23
N HIS JA 47 77.14 -54.65 -8.90
CA HIS JA 47 78.43 -54.65 -8.22
C HIS JA 47 78.53 -55.94 -7.43
N ALA JA 48 79.40 -56.83 -7.87
CA ALA JA 48 79.54 -58.15 -7.27
C ALA JA 48 80.66 -58.88 -8.00
N GLY JA 49 81.15 -59.93 -7.38
CA GLY JA 49 82.14 -60.78 -8.03
C GLY JA 49 83.35 -59.98 -8.46
N THR JA 50 83.62 -60.01 -9.76
CA THR JA 50 84.73 -59.25 -10.31
C THR JA 50 84.65 -57.78 -9.95
N THR JA 51 83.44 -57.21 -9.98
CA THR JA 51 83.27 -55.80 -9.67
C THR JA 51 82.74 -55.70 -8.24
N MET JA 52 83.61 -55.31 -7.33
CA MET JA 52 83.25 -55.04 -5.95
C MET JA 52 83.87 -53.71 -5.58
N ILE JA 53 83.04 -52.72 -5.27
CA ILE JA 53 83.57 -51.45 -4.83
C ILE JA 53 84.46 -51.70 -3.64
N THR JA 54 85.71 -51.26 -3.72
CA THR JA 54 86.70 -51.48 -2.67
C THR JA 54 87.33 -50.15 -2.32
N VAL JA 55 87.26 -49.77 -1.05
CA VAL JA 55 87.61 -48.42 -0.66
C VAL JA 55 88.82 -48.40 0.26
N PRO JA 56 89.97 -47.95 -0.21
CA PRO JA 56 91.05 -47.58 0.70
C PRO JA 56 90.74 -46.25 1.38
N SER JA 57 91.48 -45.99 2.45
CA SER JA 57 91.30 -44.76 3.22
C SER JA 57 91.35 -43.55 2.29
N GLY JA 58 90.39 -42.65 2.45
CA GLY JA 58 90.28 -41.50 1.59
C GLY JA 58 89.15 -41.56 0.58
N GLY JA 59 88.37 -42.63 0.58
CA GLY JA 59 87.17 -42.68 -0.24
C GLY JA 59 87.46 -42.89 -1.70
N VAL JA 60 86.38 -43.00 -2.47
CA VAL JA 60 86.48 -43.17 -3.91
C VAL JA 60 85.33 -42.45 -4.58
N CYS JA 61 85.62 -41.85 -5.73
CA CYS JA 61 84.64 -41.12 -6.52
C CYS JA 61 84.07 -42.04 -7.57
N ASP JA 62 82.79 -41.85 -7.88
CA ASP JA 62 82.14 -42.65 -8.90
C ASP JA 62 80.93 -41.91 -9.44
N LEU JA 63 80.49 -42.32 -10.62
CA LEU JA 63 79.31 -41.77 -11.26
C LEU JA 63 78.30 -42.87 -11.50
N ILE JA 64 77.09 -42.68 -11.00
CA ILE JA 64 76.03 -43.68 -11.12
C ILE JA 64 75.04 -43.36 -12.22
N ASN JA 65 75.17 -42.24 -12.91
CA ASN JA 65 74.09 -41.79 -13.78
C ASN JA 65 74.26 -42.27 -15.22
N THR JA 66 75.25 -43.11 -15.48
CA THR JA 66 75.55 -43.54 -16.85
C THR JA 66 74.34 -44.13 -17.55
N TYR JA 67 74.11 -43.66 -18.77
CA TYR JA 67 73.01 -44.11 -19.63
C TYR JA 67 73.51 -44.25 -21.05
N ALA JA 68 73.21 -45.37 -21.69
CA ALA JA 68 73.46 -45.46 -23.12
C ALA JA 68 72.29 -44.86 -23.89
N ARG JA 69 72.43 -44.83 -25.22
CA ARG JA 69 71.35 -44.40 -26.09
C ARG JA 69 71.14 -45.44 -27.17
N GLY JA 70 69.89 -45.79 -27.42
CA GLY JA 70 69.60 -46.77 -28.45
C GLY JA 70 68.20 -47.32 -28.31
N SER JA 71 68.03 -48.51 -28.86
CA SER JA 71 66.71 -49.13 -28.87
C SER JA 71 66.38 -49.75 -27.52
N ASP JA 72 67.38 -50.32 -26.85
CA ASP JA 72 67.12 -51.11 -25.66
C ASP JA 72 66.45 -50.29 -24.57
N GLU JA 73 65.54 -50.92 -23.85
CA GLU JA 73 64.89 -50.26 -22.74
C GLU JA 73 65.89 -49.98 -21.63
N GLY JA 74 65.76 -48.83 -21.00
CA GLY JA 74 66.68 -48.41 -19.97
C GLY JA 74 67.71 -47.46 -20.53
N ASN JA 75 67.94 -47.52 -21.83
CA ASN JA 75 68.77 -46.52 -22.46
C ASN JA 75 67.94 -45.28 -22.75
N ARG JA 76 68.61 -44.14 -22.82
CA ARG JA 76 67.91 -42.89 -23.02
C ARG JA 76 67.58 -42.69 -24.48
N HIS JA 77 66.34 -42.31 -24.76
CA HIS JA 77 65.90 -42.08 -26.12
C HIS JA 77 66.18 -40.68 -26.62
N THR JA 78 66.47 -39.73 -25.73
CA THR JA 78 66.55 -38.34 -26.15
C THR JA 78 67.85 -37.71 -25.68
N SER JA 79 67.97 -36.40 -25.85
CA SER JA 79 69.13 -35.69 -25.34
C SER JA 79 68.86 -35.03 -23.99
N GLU JA 80 67.68 -35.22 -23.43
CA GLU JA 80 67.29 -34.56 -22.19
C GLU JA 80 66.65 -35.56 -21.24
N THR JA 81 67.16 -35.63 -20.02
CA THR JA 81 66.72 -36.65 -19.07
C THR JA 81 66.51 -36.03 -17.69
N LEU JA 82 65.42 -36.45 -17.05
CA LEU JA 82 65.15 -36.14 -15.66
C LEU JA 82 65.12 -37.43 -14.87
N THR JA 83 65.65 -37.41 -13.66
CA THR JA 83 65.58 -38.57 -12.77
C THR JA 83 64.77 -38.21 -11.54
N TYR JA 84 64.17 -39.22 -10.92
CA TYR JA 84 63.29 -38.96 -9.80
C TYR JA 84 63.65 -39.74 -8.55
N LYS JA 85 63.33 -41.02 -8.54
CA LYS JA 85 63.40 -41.83 -7.34
C LYS JA 85 64.57 -42.79 -7.44
N ILE JA 86 65.21 -43.04 -6.31
CA ILE JA 86 66.37 -43.93 -6.26
C ILE JA 86 66.30 -44.78 -5.02
N ALA JA 87 66.65 -46.05 -5.15
CA ALA JA 87 66.71 -46.98 -4.04
C ALA JA 87 68.06 -47.66 -4.04
N ILE JA 88 68.60 -47.88 -2.86
CA ILE JA 88 69.95 -48.40 -2.73
C ILE JA 88 69.94 -49.56 -1.75
N ASP JA 89 70.57 -50.66 -2.14
CA ASP JA 89 70.80 -51.80 -1.27
C ASP JA 89 72.24 -52.23 -1.39
N TYR JA 90 72.84 -52.61 -0.26
CA TYR JA 90 74.17 -53.18 -0.29
C TYR JA 90 74.38 -54.08 0.90
N HIS JA 91 75.41 -54.90 0.79
CA HIS JA 91 76.03 -55.53 1.95
C HIS JA 91 77.41 -54.95 2.16
N PHE JA 92 77.80 -54.82 3.43
CA PHE JA 92 79.14 -54.45 3.80
C PHE JA 92 79.81 -55.59 4.54
N VAL JA 93 81.13 -55.65 4.46
CA VAL JA 93 81.90 -56.57 5.28
C VAL JA 93 83.28 -55.97 5.50
N ALA JA 94 83.82 -56.16 6.69
CA ALA JA 94 85.16 -55.71 6.96
C ALA JA 94 86.16 -56.54 6.17
N ASP JA 95 87.33 -55.95 5.94
CA ASP JA 95 88.41 -56.65 5.27
C ASP JA 95 89.39 -57.20 6.30
N ALA JA 96 89.84 -58.43 6.08
CA ALA JA 96 90.80 -59.04 6.98
C ALA JA 96 92.08 -58.21 7.06
N ALA JA 97 92.42 -57.51 5.98
CA ALA JA 97 93.63 -56.70 5.97
C ALA JA 97 93.68 -55.73 7.14
N ALA JA 98 92.53 -55.18 7.53
CA ALA JA 98 92.45 -54.27 8.67
C ALA JA 98 92.03 -54.97 9.95
N CYS JA 99 91.70 -56.26 9.89
CA CYS JA 99 91.26 -56.95 11.09
C CYS JA 99 92.39 -57.21 12.07
N ARG JA 100 93.64 -56.94 11.70
CA ARG JA 100 94.75 -57.13 12.61
C ARG JA 100 94.70 -56.19 13.80
N TYR JA 101 93.79 -55.23 13.80
CA TYR JA 101 93.61 -54.30 14.91
C TYR JA 101 92.16 -54.38 15.37
N SER JA 102 91.91 -53.83 16.56
CA SER JA 102 90.56 -53.81 17.12
C SER JA 102 90.20 -52.39 17.49
N ASN JA 103 89.27 -51.81 16.75
CA ASN JA 103 88.66 -50.54 17.13
C ASN JA 103 87.37 -50.39 16.35
N THR JA 104 86.53 -49.49 16.82
CA THR JA 104 85.34 -49.14 16.07
C THR JA 104 85.66 -47.98 15.14
N GLY JA 105 84.62 -47.41 14.55
CA GLY JA 105 84.80 -46.25 13.70
C GLY JA 105 83.45 -45.76 13.23
N THR JA 106 83.47 -44.84 12.28
CA THR JA 106 82.24 -44.34 11.69
C THR JA 106 82.47 -44.03 10.21
N GLY JA 107 81.53 -44.47 9.38
CA GLY JA 107 81.58 -44.22 7.96
C GLY JA 107 80.53 -43.21 7.50
N VAL JA 108 80.63 -42.86 6.22
CA VAL JA 108 79.79 -41.82 5.64
C VAL JA 108 79.53 -42.16 4.19
N MET JA 109 78.31 -41.90 3.74
CA MET JA 109 77.94 -42.00 2.34
C MET JA 109 77.23 -40.72 1.93
N TRP JA 110 77.72 -40.06 0.90
CA TRP JA 110 77.08 -38.86 0.39
C TRP JA 110 76.50 -39.09 -0.98
N LEU JA 111 75.52 -38.28 -1.32
CA LEU JA 111 74.99 -38.21 -2.67
C LEU JA 111 75.20 -36.79 -3.16
N VAL JA 112 76.12 -36.61 -4.10
CA VAL JA 112 76.62 -35.29 -4.49
C VAL JA 112 76.17 -34.97 -5.90
N TYR JA 113 75.63 -33.79 -6.08
CA TYR JA 113 75.19 -33.31 -7.38
C TYR JA 113 76.16 -32.29 -7.94
N ASP JA 114 76.36 -32.32 -9.25
CA ASP JA 114 77.30 -31.47 -9.93
C ASP JA 114 76.57 -30.54 -10.90
N THR JA 115 77.21 -29.42 -11.21
CA THR JA 115 76.72 -28.54 -12.26
C THR JA 115 77.44 -28.83 -13.57
N THR JA 116 78.70 -28.42 -13.66
CA THR JA 116 79.50 -28.65 -14.86
C THR JA 116 80.68 -29.53 -14.50
N PRO JA 117 80.77 -30.75 -15.03
CA PRO JA 117 81.91 -31.59 -14.73
C PRO JA 117 83.13 -31.16 -15.52
N GLY JA 118 84.29 -31.30 -14.90
CA GLY JA 118 85.51 -31.08 -15.63
C GLY JA 118 85.77 -32.19 -16.62
N GLY JA 119 86.81 -32.01 -17.42
CA GLY JA 119 87.20 -33.05 -18.34
C GLY JA 119 87.78 -34.27 -17.67
N GLN JA 120 88.19 -34.14 -16.41
CA GLN JA 120 88.81 -35.22 -15.66
C GLN JA 120 87.93 -35.60 -14.49
N ALA JA 121 88.06 -36.85 -14.05
CA ALA JA 121 87.23 -37.35 -12.97
C ALA JA 121 87.66 -36.73 -11.65
N PRO JA 122 86.71 -36.27 -10.84
CA PRO JA 122 87.08 -35.68 -9.55
C PRO JA 122 87.54 -36.76 -8.58
N THR JA 123 88.23 -36.31 -7.54
CA THR JA 123 88.59 -37.16 -6.43
C THR JA 123 88.19 -36.45 -5.15
N PRO JA 124 87.86 -37.20 -4.10
CA PRO JA 124 87.39 -36.55 -2.87
C PRO JA 124 88.30 -35.44 -2.38
N GLN JA 125 89.61 -35.67 -2.38
CA GLN JA 125 90.52 -34.64 -1.89
C GLN JA 125 90.31 -33.33 -2.63
N THR JA 126 89.88 -33.43 -3.89
CA THR JA 126 89.58 -32.22 -4.64
C THR JA 126 88.22 -31.67 -4.29
N ILE JA 127 87.24 -32.53 -4.01
CA ILE JA 127 85.89 -32.03 -3.80
C ILE JA 127 85.79 -31.38 -2.43
N PHE JA 128 86.55 -31.85 -1.46
CA PHE JA 128 86.50 -31.34 -0.10
C PHE JA 128 87.90 -30.87 0.27
N ALA JA 129 88.01 -29.62 0.68
CA ALA JA 129 89.31 -29.14 1.14
C ALA JA 129 89.51 -29.61 2.57
N TYR JA 130 90.51 -30.43 2.78
CA TYR JA 130 90.74 -30.87 4.14
C TYR JA 130 92.24 -30.95 4.41
N PRO JA 131 92.68 -30.54 5.58
CA PRO JA 131 94.08 -30.76 5.95
C PRO JA 131 94.36 -32.23 6.13
N ASP JA 132 95.65 -32.58 6.02
CA ASP JA 132 96.04 -33.98 6.13
C ASP JA 132 95.69 -34.54 7.49
N THR JA 133 95.68 -33.69 8.52
CA THR JA 133 95.34 -34.14 9.85
C THR JA 133 93.96 -34.75 9.92
N LEU JA 134 92.97 -34.10 9.34
CA LEU JA 134 91.60 -34.57 9.41
C LEU JA 134 91.32 -35.79 8.55
N LYS JA 135 92.30 -36.23 7.75
CA LYS JA 135 92.07 -37.37 6.86
C LYS JA 135 91.57 -38.58 7.63
N ALA JA 136 91.95 -38.71 8.89
CA ALA JA 136 91.48 -39.80 9.71
C ALA JA 136 89.95 -39.80 9.80
N TRP JA 137 89.39 -38.70 10.25
CA TRP JA 137 87.97 -38.75 10.55
C TRP JA 137 87.21 -38.03 9.46
N PRO JA 138 86.57 -38.75 8.54
CA PRO JA 138 85.89 -38.06 7.45
C PRO JA 138 84.67 -37.32 7.90
N ALA JA 139 83.95 -37.86 8.88
CA ALA JA 139 82.60 -37.40 9.16
C ALA JA 139 82.54 -35.92 9.46
N THR JA 140 83.67 -35.29 9.74
CA THR JA 140 83.72 -33.87 9.94
C THR JA 140 83.86 -33.09 8.66
N TRP JA 141 84.21 -33.74 7.55
CA TRP JA 141 84.39 -33.03 6.31
C TRP JA 141 83.13 -32.27 5.95
N LYS JA 142 83.30 -31.11 5.34
CA LYS JA 142 82.18 -30.39 4.75
C LYS JA 142 82.65 -29.73 3.47
N VAL JA 143 81.68 -29.34 2.64
CA VAL JA 143 81.99 -28.84 1.31
C VAL JA 143 82.88 -27.61 1.40
N SER JA 144 83.89 -27.55 0.56
CA SER JA 144 84.82 -26.44 0.55
C SER JA 144 84.16 -25.18 0.00
N ARG JA 145 84.63 -24.02 0.44
CA ARG JA 145 83.96 -22.78 0.08
C ARG JA 145 84.30 -22.30 -1.32
N GLU JA 146 85.50 -22.63 -1.81
CA GLU JA 146 85.90 -22.15 -3.12
C GLU JA 146 84.92 -22.62 -4.19
N LEU JA 147 84.44 -23.84 -4.07
CA LEU JA 147 83.55 -24.42 -5.05
C LEU JA 147 82.09 -24.24 -4.68
N CYS JA 148 81.81 -23.45 -3.66
CA CYS JA 148 80.52 -23.41 -2.96
C CYS JA 148 79.33 -23.45 -3.90
N HIS JA 149 79.42 -22.75 -5.01
CA HIS JA 149 78.32 -22.78 -5.97
C HIS JA 149 78.49 -23.83 -7.05
N ARG JA 150 79.64 -24.48 -7.13
CA ARG JA 150 79.81 -25.49 -8.17
C ARG JA 150 79.21 -26.84 -7.77
N PHE JA 151 79.17 -27.14 -6.48
CA PHE JA 151 78.69 -28.43 -6.02
C PHE JA 151 77.62 -28.24 -4.94
N VAL JA 152 76.90 -29.33 -4.67
CA VAL JA 152 75.91 -29.34 -3.59
C VAL JA 152 75.67 -30.79 -3.22
N VAL JA 153 75.16 -31.02 -2.03
CA VAL JA 153 74.90 -32.36 -1.53
C VAL JA 153 73.43 -32.45 -1.15
N LYS JA 154 72.68 -33.27 -1.87
CA LYS JA 154 71.25 -33.34 -1.64
C LYS JA 154 70.84 -34.41 -0.65
N ARG JA 155 71.74 -35.30 -0.26
CA ARG JA 155 71.43 -36.31 0.74
C ARG JA 155 72.68 -36.64 1.54
N ARG JA 156 72.46 -37.27 2.69
CA ARG JA 156 73.54 -37.67 3.56
C ARG JA 156 73.10 -38.90 4.34
N TRP JA 157 74.06 -39.77 4.66
CA TRP JA 157 73.74 -40.90 5.51
C TRP JA 157 74.93 -41.26 6.38
N LEU JA 158 74.63 -41.90 7.51
CA LEU JA 158 75.64 -42.35 8.44
C LEU JA 158 75.50 -43.84 8.67
N PHE JA 159 76.62 -44.44 9.07
CA PHE JA 159 76.61 -45.83 9.49
C PHE JA 159 77.87 -46.04 10.32
N ASN JA 160 77.87 -47.10 11.10
CA ASN JA 160 79.02 -47.40 11.93
C ASN JA 160 79.24 -48.90 11.98
N MET JA 161 80.49 -49.29 12.18
CA MET JA 161 80.86 -50.68 12.19
C MET JA 161 82.14 -50.82 13.00
N GLU JA 162 82.44 -52.06 13.39
CA GLU JA 162 83.59 -52.30 14.25
C GLU JA 162 84.05 -53.72 14.05
N THR JA 163 85.29 -53.97 14.45
CA THR JA 163 85.88 -55.29 14.37
C THR JA 163 86.59 -55.62 15.67
N ASP JA 164 86.55 -56.89 16.03
CA ASP JA 164 87.14 -57.37 17.26
C ASP JA 164 88.53 -57.94 17.06
N GLY JA 165 89.02 -57.98 15.83
CA GLY JA 165 90.30 -58.62 15.57
C GLY JA 165 90.24 -60.11 15.34
N ARG JA 166 89.13 -60.61 14.79
CA ARG JA 166 89.00 -62.04 14.55
C ARG JA 166 88.34 -62.27 13.21
N ILE JA 167 88.95 -63.09 12.38
CA ILE JA 167 88.38 -63.41 11.08
C ILE JA 167 87.29 -64.45 11.26
N GLY JA 168 86.31 -64.46 10.35
CA GLY JA 168 85.16 -65.33 10.51
C GLY JA 168 85.52 -66.80 10.54
N SER JA 169 86.38 -67.24 9.63
CA SER JA 169 86.66 -68.65 9.47
C SER JA 169 87.35 -69.27 10.68
N ASP JA 170 87.76 -68.46 11.65
CA ASP JA 170 88.51 -68.97 12.79
C ASP JA 170 87.60 -69.70 13.77
N ILE JA 171 88.04 -70.88 14.20
CA ILE JA 171 87.26 -71.70 15.12
C ILE JA 171 87.51 -71.27 16.56
N PRO JA 172 86.47 -70.94 17.32
CA PRO JA 172 86.67 -70.64 18.72
C PRO JA 172 87.22 -71.85 19.45
N PRO JA 173 88.09 -71.65 20.42
CA PRO JA 173 88.51 -72.76 21.28
C PRO JA 173 87.36 -73.19 22.18
N SER JA 174 87.39 -74.46 22.55
CA SER JA 174 86.28 -75.05 23.30
C SER JA 174 86.12 -74.45 24.70
N ASN JA 175 87.06 -73.62 25.15
CA ASN JA 175 86.97 -73.09 26.51
C ASN JA 175 85.99 -71.92 26.61
N ALA JA 176 86.10 -70.94 25.73
CA ALA JA 176 85.36 -69.70 25.88
C ALA JA 176 84.84 -69.25 24.53
N SER JA 177 83.99 -68.22 24.55
CA SER JA 177 83.31 -67.78 23.34
C SER JA 177 83.35 -66.27 23.12
N TRP JA 178 82.63 -65.80 22.11
CA TRP JA 178 82.57 -64.37 21.82
C TRP JA 178 81.16 -64.01 21.36
N LYS JA 179 80.77 -62.76 21.61
CA LYS JA 179 79.59 -62.18 20.97
C LYS JA 179 80.10 -61.13 20.01
N PRO JA 180 80.15 -61.41 18.72
CA PRO JA 180 80.61 -60.39 17.78
C PRO JA 180 79.47 -59.66 17.09
N CYS JA 181 78.64 -58.97 17.86
CA CYS JA 181 77.55 -58.22 17.25
C CYS JA 181 78.10 -57.17 16.30
N LYS JA 182 77.42 -57.01 15.17
CA LYS JA 182 77.74 -55.98 14.20
C LYS JA 182 79.17 -56.09 13.69
N ARG JA 183 79.56 -57.29 13.25
CA ARG JA 183 80.74 -57.36 12.41
C ARG JA 183 80.43 -56.91 11.00
N ASN JA 184 79.31 -57.34 10.46
CA ASN JA 184 78.83 -56.89 9.16
C ASN JA 184 77.44 -56.31 9.31
N ILE JA 185 77.01 -55.57 8.29
CA ILE JA 185 75.83 -54.74 8.41
C ILE JA 185 75.07 -54.74 7.10
N TYR JA 186 73.77 -54.56 7.19
CA TYR JA 186 72.86 -54.52 6.05
C TYR JA 186 72.32 -53.12 5.91
N PHE JA 187 72.65 -52.45 4.82
CA PHE JA 187 72.34 -51.04 4.65
C PHE JA 187 71.44 -50.83 3.44
N HIS JA 188 70.35 -50.10 3.64
CA HIS JA 188 69.45 -49.79 2.55
C HIS JA 188 68.72 -48.50 2.83
N LYS JA 189 68.41 -47.76 1.77
CA LYS JA 189 67.64 -46.54 1.87
C LYS JA 189 66.80 -46.39 0.63
N PHE JA 190 65.70 -45.66 0.76
CA PHE JA 190 64.78 -45.43 -0.33
C PHE JA 190 64.30 -43.99 -0.23
N THR JA 191 64.42 -43.22 -1.30
CA THR JA 191 64.02 -41.81 -1.23
C THR JA 191 63.45 -41.33 -2.55
N SER JA 192 62.32 -40.64 -2.47
CA SER JA 192 61.67 -40.06 -3.64
C SER JA 192 61.93 -38.58 -3.81
N GLY JA 193 62.65 -37.94 -2.90
CA GLY JA 193 62.61 -36.49 -2.83
C GLY JA 193 63.29 -35.81 -4.01
N LEU JA 194 64.48 -36.27 -4.35
CA LEU JA 194 65.35 -35.50 -5.22
C LEU JA 194 64.76 -35.41 -6.63
N GLY JA 195 65.27 -34.44 -7.38
CA GLY JA 195 65.09 -34.42 -8.82
C GLY JA 195 66.26 -33.72 -9.44
N VAL JA 196 66.57 -34.09 -10.68
CA VAL JA 196 67.79 -33.64 -11.33
C VAL JA 196 67.50 -33.44 -12.81
N ARG JA 197 68.08 -32.39 -13.38
CA ARG JA 197 67.92 -32.08 -14.80
C ARG JA 197 69.26 -32.25 -15.48
N THR JA 198 69.29 -33.06 -16.53
CA THR JA 198 70.54 -33.39 -17.22
C THR JA 198 70.37 -33.24 -18.72
N GLN JA 199 71.42 -32.76 -19.38
CA GLN JA 199 71.46 -32.70 -20.83
C GLN JA 199 72.76 -33.32 -21.30
N TRP JA 200 72.80 -33.67 -22.58
CA TRP JA 200 73.87 -34.50 -23.11
C TRP JA 200 74.46 -33.90 -24.37
N LYS JA 201 75.76 -34.07 -24.54
CA LYS JA 201 76.35 -33.91 -25.85
C LYS JA 201 75.86 -35.03 -26.76
N ASN JA 202 76.01 -34.85 -28.06
CA ASN JA 202 75.47 -35.81 -28.99
C ASN JA 202 76.55 -36.83 -29.31
N VAL JA 203 76.39 -38.03 -28.75
CA VAL JA 203 77.22 -39.20 -29.03
C VAL JA 203 76.39 -40.42 -28.65
N THR JA 204 76.95 -41.61 -28.87
CA THR JA 204 76.30 -42.82 -28.40
C THR JA 204 76.59 -43.08 -26.93
N ASP JA 205 77.81 -42.77 -26.51
CA ASP JA 205 78.36 -43.34 -25.29
C ASP JA 205 77.62 -42.86 -24.06
N GLY JA 206 77.77 -43.63 -22.98
CA GLY JA 206 77.26 -43.27 -21.68
C GLY JA 206 78.30 -42.86 -20.67
N GLY JA 207 79.54 -42.66 -21.08
CA GLY JA 207 80.59 -42.30 -20.16
C GLY JA 207 80.44 -40.88 -19.64
N VAL JA 208 81.38 -40.49 -18.80
CA VAL JA 208 81.33 -39.18 -18.18
C VAL JA 208 81.58 -38.07 -19.20
N GLY JA 209 82.48 -38.30 -20.17
CA GLY JA 209 82.83 -37.25 -21.10
C GLY JA 209 81.67 -36.74 -21.91
N ALA JA 210 80.57 -37.49 -21.96
CA ALA JA 210 79.45 -37.08 -22.80
C ALA JA 210 78.60 -36.01 -22.15
N ILE JA 211 78.51 -35.98 -20.83
CA ILE JA 211 77.51 -35.16 -20.18
C ILE JA 211 77.89 -33.69 -20.27
N GLN JA 212 76.93 -32.86 -20.69
CA GLN JA 212 77.15 -31.42 -20.71
C GLN JA 212 76.92 -30.81 -19.34
N ARG JA 213 75.85 -31.22 -18.65
CA ARG JA 213 75.52 -30.60 -17.38
C ARG JA 213 74.70 -31.58 -16.54
N GLY JA 214 74.79 -31.44 -15.22
CA GLY JA 214 73.95 -32.24 -14.32
C GLY JA 214 74.47 -33.60 -13.90
N ALA JA 215 75.78 -33.77 -13.80
CA ALA JA 215 76.30 -35.06 -13.37
C ALA JA 215 75.92 -35.34 -11.93
N LEU JA 216 75.98 -36.63 -11.57
CA LEU JA 216 75.56 -37.09 -10.26
C LEU JA 216 76.59 -38.08 -9.73
N TYR JA 217 77.18 -37.78 -8.58
CA TYR JA 217 78.25 -38.58 -8.02
C TYR JA 217 77.82 -39.26 -6.73
N MET JA 218 78.43 -40.41 -6.47
CA MET JA 218 78.28 -41.12 -5.20
C MET JA 218 79.66 -41.30 -4.58
N VAL JA 219 79.75 -41.13 -3.27
CA VAL JA 219 81.02 -41.15 -2.56
C VAL JA 219 80.89 -41.98 -1.30
N ILE JA 220 81.91 -42.76 -1.01
CA ILE JA 220 81.95 -43.60 0.19
C ILE JA 220 83.16 -43.19 1.02
N ALA JA 221 82.94 -42.96 2.30
CA ALA JA 221 83.99 -42.54 3.21
C ALA JA 221 84.21 -43.59 4.28
N PRO JA 222 85.37 -44.22 4.35
CA PRO JA 222 85.60 -45.25 5.36
C PRO JA 222 85.83 -44.65 6.73
N GLY JA 223 85.69 -45.49 7.74
CA GLY JA 223 86.06 -45.10 9.09
C GLY JA 223 87.56 -45.04 9.26
N ASN JA 224 87.97 -44.47 10.40
CA ASN JA 224 89.39 -44.30 10.67
C ASN JA 224 90.13 -45.62 10.59
N GLY JA 225 91.18 -45.66 9.77
CA GLY JA 225 92.04 -46.81 9.67
C GLY JA 225 91.29 -48.11 9.50
N LEU JA 226 90.15 -48.06 8.81
CA LEU JA 226 89.29 -49.22 8.64
C LEU JA 226 88.91 -49.35 7.18
N THR JA 227 89.34 -50.43 6.55
CA THR JA 227 89.13 -50.64 5.13
C THR JA 227 88.20 -51.82 4.91
N PHE JA 228 87.35 -51.74 3.90
CA PHE JA 228 86.37 -52.78 3.68
C PHE JA 228 85.94 -52.78 2.22
N THR JA 229 85.27 -53.85 1.82
CA THR JA 229 84.62 -53.95 0.53
C THR JA 229 83.13 -54.15 0.73
N ALA JA 230 82.36 -53.89 -0.33
CA ALA JA 230 80.92 -53.93 -0.25
C ALA JA 230 80.35 -54.69 -1.43
N HIS JA 231 79.17 -55.28 -1.21
CA HIS JA 231 78.44 -55.97 -2.26
C HIS JA 231 77.03 -55.42 -2.31
N GLY JA 232 76.42 -55.51 -3.47
CA GLY JA 232 75.03 -55.11 -3.61
C GLY JA 232 74.75 -54.57 -5.00
N GLN JA 233 73.57 -53.98 -5.13
CA GLN JA 233 73.13 -53.43 -6.41
C GLN JA 233 72.11 -52.34 -6.14
N THR JA 234 71.89 -51.50 -7.14
CA THR JA 234 71.01 -50.35 -7.00
C THR JA 234 70.13 -50.21 -8.23
N ARG JA 235 69.07 -49.43 -8.08
CA ARG JA 235 68.19 -49.13 -9.20
C ARG JA 235 67.99 -47.63 -9.32
N LEU JA 236 67.52 -47.22 -10.49
CA LEU JA 236 67.20 -45.84 -10.76
C LEU JA 236 65.83 -45.75 -11.43
N TYR JA 237 65.32 -44.53 -11.49
CA TYR JA 237 64.03 -44.27 -12.10
C TYR JA 237 64.10 -42.95 -12.85
N PHE JA 238 63.64 -42.92 -14.10
CA PHE JA 238 63.72 -41.69 -14.87
C PHE JA 238 62.82 -41.82 -16.09
N LYS JA 239 62.75 -40.74 -16.87
CA LYS JA 239 62.10 -40.77 -18.16
C LYS JA 239 62.72 -39.70 -19.05
N SER JA 240 62.82 -39.99 -20.34
CA SER JA 240 63.29 -39.01 -21.28
C SER JA 240 62.20 -37.98 -21.56
N VAL JA 241 62.61 -36.82 -22.06
CA VAL JA 241 61.68 -35.75 -22.41
C VAL JA 241 62.38 -34.84 -23.40
N GLY JA 242 61.59 -34.05 -24.13
CA GLY JA 242 62.11 -33.02 -25.00
C GLY JA 242 62.06 -33.44 -26.45
N ASN JA 243 62.46 -32.49 -27.30
CA ASN JA 243 62.50 -32.66 -28.75
C ASN JA 243 61.16 -33.13 -29.28
N ALA KA 31 -31.12 -52.87 19.45
CA ALA KA 31 -31.45 -54.04 20.25
C ALA KA 31 -32.96 -54.20 20.39
N GLY KA 32 -33.58 -54.75 19.34
CA GLY KA 32 -35.01 -54.94 19.32
C GLY KA 32 -35.53 -54.90 17.90
N SER KA 33 -36.85 -55.05 17.77
CA SER KA 33 -37.46 -54.97 16.45
C SER KA 33 -38.69 -54.07 16.43
N LYS KA 34 -38.60 -52.95 15.73
CA LYS KA 34 -39.72 -52.02 15.52
C LYS KA 34 -40.45 -51.75 16.83
N ALA KA 35 -39.70 -51.59 17.90
CA ALA KA 35 -40.29 -51.29 19.19
C ALA KA 35 -40.96 -49.92 19.16
N ASP KA 36 -42.03 -49.80 19.92
CA ASP KA 36 -42.83 -48.58 19.96
C ASP KA 36 -43.22 -48.27 21.41
N ARG KA 37 -43.16 -46.99 21.75
CA ARG KA 37 -43.34 -46.55 23.14
C ARG KA 37 -44.60 -47.10 23.79
N PRO KA 38 -45.79 -47.05 23.18
CA PRO KA 38 -46.94 -47.68 23.81
C PRO KA 38 -46.78 -49.19 23.84
N SER KA 39 -47.48 -49.81 24.78
CA SER KA 39 -47.36 -51.24 24.98
C SER KA 39 -47.92 -52.00 23.78
N LEU KA 40 -47.54 -53.26 23.69
CA LEU KA 40 -47.94 -54.13 22.60
C LEU KA 40 -48.85 -55.24 23.11
N GLN KA 41 -49.75 -55.69 22.24
CA GLN KA 41 -50.74 -56.66 22.66
C GLN KA 41 -50.09 -58.00 22.98
N ILE KA 42 -50.82 -58.83 23.71
CA ILE KA 42 -50.31 -60.10 24.20
C ILE KA 42 -51.32 -61.20 23.92
N GLN KA 43 -50.84 -62.35 23.47
CA GLN KA 43 -51.65 -63.53 23.30
C GLN KA 43 -50.93 -64.74 23.90
N THR KA 44 -51.68 -65.65 24.49
CA THR KA 44 -51.13 -66.79 25.18
C THR KA 44 -51.74 -68.08 24.66
N LEU KA 45 -51.07 -69.19 24.97
CA LEU KA 45 -51.60 -70.51 24.69
C LEU KA 45 -51.43 -71.36 25.93
N GLN KA 46 -52.37 -72.27 26.12
CA GLN KA 46 -52.38 -73.12 27.31
C GLN KA 46 -52.32 -74.57 26.86
N HIS KA 47 -51.20 -75.22 27.13
CA HIS KA 47 -51.06 -76.65 26.86
C HIS KA 47 -50.74 -77.33 28.18
N ALA KA 48 -51.70 -78.11 28.69
CA ALA KA 48 -51.58 -78.75 29.98
C ALA KA 48 -52.84 -79.57 30.22
N GLY KA 49 -52.76 -80.48 31.17
CA GLY KA 49 -53.94 -81.24 31.56
C GLY KA 49 -54.54 -81.96 30.38
N THR KA 50 -55.81 -81.65 30.12
CA THR KA 50 -56.51 -82.24 28.98
C THR KA 50 -55.74 -82.02 27.68
N THR KA 51 -55.17 -80.84 27.50
CA THR KA 51 -54.44 -80.53 26.28
C THR KA 51 -52.96 -80.66 26.58
N MET KA 52 -52.36 -81.75 26.10
CA MET KA 52 -50.92 -81.95 26.18
C MET KA 52 -50.46 -82.39 24.80
N ILE KA 53 -49.61 -81.58 24.18
CA ILE KA 53 -49.07 -81.99 22.90
C ILE KA 53 -48.40 -83.34 23.07
N THR KA 54 -48.82 -84.31 22.27
CA THR KA 54 -48.31 -85.67 22.36
C THR KA 54 -47.87 -86.12 20.97
N VAL KA 55 -46.62 -86.52 20.85
CA VAL KA 55 -46.04 -86.73 19.54
C VAL KA 55 -45.66 -88.18 19.33
N PRO KA 56 -46.37 -88.89 18.47
CA PRO KA 56 -45.86 -90.17 17.96
C PRO KA 56 -44.78 -89.92 16.92
N SER KA 57 -44.03 -90.98 16.62
CA SER KA 57 -42.95 -90.89 15.66
C SER KA 57 -43.45 -90.30 14.35
N GLY KA 58 -42.71 -89.34 13.81
CA GLY KA 58 -43.13 -88.64 12.61
C GLY KA 58 -43.62 -87.23 12.84
N GLY KA 59 -43.62 -86.75 14.07
CA GLY KA 59 -43.92 -85.36 14.34
C GLY KA 59 -45.39 -85.03 14.21
N VAL KA 60 -45.70 -83.77 14.50
CA VAL KA 60 -47.07 -83.28 14.40
C VAL KA 60 -47.04 -81.84 13.95
N CYS KA 61 -48.00 -81.48 13.12
CA CYS KA 61 -48.14 -80.14 12.58
C CYS KA 61 -49.12 -79.36 13.44
N ASP KA 62 -48.88 -78.07 13.59
CA ASP KA 62 -49.76 -77.22 14.36
C ASP KA 62 -49.59 -75.77 13.94
N LEU KA 63 -50.60 -74.96 14.26
CA LEU KA 63 -50.57 -73.54 13.98
C LEU KA 63 -50.71 -72.76 15.28
N ILE KA 64 -49.75 -71.87 15.54
CA ILE KA 64 -49.76 -71.09 16.77
C ILE KA 64 -50.28 -69.68 16.58
N ASN KA 65 -50.64 -69.28 15.37
CA ASN KA 65 -50.89 -67.87 15.13
C ASN KA 65 -52.36 -67.50 15.30
N THR KA 66 -53.19 -68.43 15.75
CA THR KA 66 -54.63 -68.20 15.84
C THR KA 66 -54.96 -66.93 16.62
N TYR KA 67 -55.85 -66.12 16.04
CA TYR KA 67 -56.32 -64.88 16.65
C TYR KA 67 -57.81 -64.75 16.40
N ALA KA 68 -58.56 -64.42 17.43
CA ALA KA 68 -59.95 -64.06 17.21
C ALA KA 68 -60.04 -62.57 16.87
N ARG KA 69 -61.27 -62.12 16.58
CA ARG KA 69 -61.52 -60.71 16.35
C ARG KA 69 -62.70 -60.27 17.21
N GLY KA 70 -62.56 -59.14 17.86
CA GLY KA 70 -63.63 -58.64 18.69
C GLY KA 70 -63.14 -57.58 19.65
N SER KA 71 -63.88 -57.43 20.73
CA SER KA 71 -63.59 -56.39 21.71
C SER KA 71 -62.43 -56.80 22.61
N ASP KA 72 -62.36 -58.07 22.96
CA ASP KA 72 -61.42 -58.52 23.98
C ASP KA 72 -59.99 -58.23 23.58
N GLU KA 73 -59.18 -57.87 24.57
CA GLU KA 73 -57.77 -57.63 24.33
C GLU KA 73 -57.08 -58.94 23.96
N GLY KA 74 -56.15 -58.84 23.02
CA GLY KA 74 -55.46 -60.02 22.51
C GLY KA 74 -56.07 -60.50 21.22
N ASN KA 75 -57.34 -60.16 21.00
CA ASN KA 75 -57.93 -60.42 19.70
C ASN KA 75 -57.54 -59.31 18.74
N ARG KA 76 -57.53 -59.65 17.45
CA ARG KA 76 -57.12 -58.69 16.45
C ARG KA 76 -58.25 -57.73 16.11
N HIS KA 77 -57.92 -56.44 16.09
CA HIS KA 77 -58.92 -55.42 15.76
C HIS KA 77 -59.09 -55.19 14.28
N THR KA 78 -58.13 -55.62 13.45
CA THR KA 78 -58.16 -55.24 12.05
C THR KA 78 -58.04 -56.46 11.16
N SER KA 79 -57.88 -56.22 9.86
CA SER KA 79 -57.67 -57.31 8.93
C SER KA 79 -56.20 -57.54 8.62
N GLU KA 80 -55.30 -56.77 9.24
CA GLU KA 80 -53.88 -56.82 8.93
C GLU KA 80 -53.08 -56.86 10.22
N THR KA 81 -52.20 -57.85 10.34
CA THR KA 81 -51.47 -58.08 11.58
C THR KA 81 -50.00 -58.35 11.30
N LEU KA 82 -49.14 -57.74 12.12
CA LEU KA 82 -47.71 -58.04 12.14
C LEU KA 82 -47.36 -58.61 13.50
N THR KA 83 -46.48 -59.60 13.53
CA THR KA 83 -45.98 -60.14 14.77
C THR KA 83 -44.48 -59.88 14.89
N TYR KA 84 -43.99 -59.82 16.11
CA TYR KA 84 -42.59 -59.48 16.31
C TYR KA 84 -41.83 -60.48 17.15
N LYS KA 85 -42.06 -60.47 18.45
CA LYS KA 85 -41.23 -61.20 19.38
C LYS KA 85 -42.02 -62.39 19.93
N ILE KA 86 -41.32 -63.49 20.17
CA ILE KA 86 -41.94 -64.70 20.67
C ILE KA 86 -41.05 -65.34 21.70
N ALA KA 87 -41.65 -65.86 22.77
CA ALA KA 87 -40.93 -66.57 23.81
C ALA KA 87 -41.62 -67.89 24.05
N ILE KA 88 -40.82 -68.92 24.30
CA ILE KA 88 -41.34 -70.28 24.40
C ILE KA 88 -40.79 -70.92 25.66
N ASP KA 89 -41.67 -71.52 26.44
CA ASP KA 89 -41.29 -72.32 27.60
C ASP KA 89 -42.05 -73.64 27.55
N TYR KA 90 -41.37 -74.72 27.92
CA TYR KA 90 -42.05 -75.99 28.05
C TYR KA 90 -41.31 -76.88 29.03
N HIS KA 91 -42.01 -77.91 29.48
CA HIS KA 91 -41.38 -79.06 30.09
C HIS KA 91 -41.54 -80.25 29.17
N PHE KA 92 -40.53 -81.11 29.15
CA PHE KA 92 -40.58 -82.39 28.46
C PHE KA 92 -40.49 -83.51 29.47
N VAL KA 93 -41.07 -84.65 29.11
CA VAL KA 93 -40.87 -85.87 29.89
C VAL KA 93 -41.02 -87.07 28.96
N ALA KA 94 -40.20 -88.08 29.18
CA ALA KA 94 -40.34 -89.30 28.39
C ALA KA 94 -41.63 -90.00 28.74
N ASP KA 95 -42.11 -90.82 27.82
CA ASP KA 95 -43.30 -91.62 28.04
C ASP KA 95 -42.89 -93.04 28.43
N ALA KA 96 -43.59 -93.58 29.43
CA ALA KA 96 -43.31 -94.94 29.86
C ALA KA 96 -43.49 -95.93 28.72
N ALA KA 97 -44.38 -95.63 27.77
CA ALA KA 97 -44.62 -96.53 26.66
C ALA KA 97 -43.32 -96.88 25.93
N ALA KA 98 -42.40 -95.92 25.80
CA ALA KA 98 -41.13 -96.16 25.16
C ALA KA 98 -40.02 -96.47 26.16
N CYS KA 99 -40.30 -96.42 27.47
CA CYS KA 99 -39.26 -96.69 28.44
C CYS KA 99 -38.88 -98.15 28.51
N ARG KA 100 -39.60 -99.04 27.82
CA ARG KA 100 -39.24 -100.45 27.83
C ARG KA 100 -37.91 -100.72 27.16
N TYR KA 101 -37.31 -99.72 26.53
CA TYR KA 101 -36.01 -99.85 25.89
C TYR KA 101 -35.08 -98.79 26.47
N SER KA 102 -33.78 -98.96 26.22
CA SER KA 102 -32.80 -98.01 26.71
C SER KA 102 -31.93 -97.56 25.53
N ASN KA 103 -32.09 -96.31 25.13
CA ASN KA 103 -31.18 -95.68 24.20
C ASN KA 103 -31.36 -94.18 24.31
N THR KA 104 -30.39 -93.47 23.78
CA THR KA 104 -30.52 -92.02 23.67
C THR KA 104 -31.15 -91.68 22.33
N GLY KA 105 -31.13 -90.40 22.00
CA GLY KA 105 -31.63 -89.94 20.72
C GLY KA 105 -31.42 -88.46 20.59
N THR KA 106 -32.02 -87.88 19.54
CA THR KA 106 -31.96 -86.45 19.35
C THR KA 106 -33.26 -85.95 18.74
N GLY KA 107 -33.78 -84.87 19.29
CA GLY KA 107 -35.00 -84.25 18.81
C GLY KA 107 -34.75 -82.93 18.10
N VAL KA 108 -35.81 -82.40 17.52
CA VAL KA 108 -35.75 -81.19 16.69
C VAL KA 108 -37.03 -80.42 16.85
N MET KA 109 -36.90 -79.10 16.89
CA MET KA 109 -38.04 -78.18 16.86
C MET KA 109 -37.79 -77.13 15.80
N TRP KA 110 -38.71 -76.99 14.86
CA TRP KA 110 -38.59 -75.97 13.84
C TRP KA 110 -39.67 -74.91 14.01
N LEU KA 111 -39.38 -73.74 13.47
CA LEU KA 111 -40.37 -72.69 13.33
C LEU KA 111 -40.49 -72.39 11.86
N VAL KA 112 -41.63 -72.74 11.27
CA VAL KA 112 -41.78 -72.76 9.81
C VAL KA 112 -42.79 -71.69 9.40
N TYR KA 113 -42.42 -70.90 8.42
CA TYR KA 113 -43.28 -69.86 7.89
C TYR KA 113 -43.86 -70.27 6.55
N ASP KA 114 -45.11 -69.89 6.31
CA ASP KA 114 -45.83 -70.25 5.10
C ASP KA 114 -46.18 -69.02 4.29
N THR KA 115 -46.38 -69.22 2.99
CA THR KA 115 -46.89 -68.16 2.14
C THR KA 115 -48.40 -68.30 1.97
N THR KA 116 -48.84 -69.28 1.20
CA THR KA 116 -50.25 -69.52 0.98
C THR KA 116 -50.62 -70.89 1.53
N PRO KA 117 -51.44 -70.99 2.55
CA PRO KA 117 -51.84 -72.30 3.06
C PRO KA 117 -52.86 -72.94 2.15
N GLY KA 118 -52.78 -74.25 2.06
CA GLY KA 118 -53.82 -74.99 1.36
C GLY KA 118 -55.10 -75.00 2.17
N GLY KA 119 -56.14 -75.54 1.55
CA GLY KA 119 -57.39 -75.70 2.27
C GLY KA 119 -57.33 -76.75 3.36
N GLN KA 120 -56.34 -77.63 3.32
CA GLN KA 120 -56.19 -78.71 4.29
C GLN KA 120 -54.93 -78.50 5.10
N ALA KA 121 -54.94 -79.07 6.30
CA ALA KA 121 -53.80 -78.90 7.20
C ALA KA 121 -52.61 -79.71 6.71
N PRO KA 122 -51.43 -79.13 6.68
CA PRO KA 122 -50.26 -79.89 6.24
C PRO KA 122 -49.85 -80.92 7.28
N THR KA 123 -49.06 -81.88 6.82
CA THR KA 123 -48.44 -82.85 7.70
C THR KA 123 -46.96 -82.90 7.37
N PRO KA 124 -46.11 -83.22 8.34
CA PRO KA 124 -44.66 -83.20 8.07
C PRO KA 124 -44.26 -83.97 6.85
N GLN KA 125 -44.81 -85.18 6.67
CA GLN KA 125 -44.43 -85.99 5.52
C GLN KA 125 -44.66 -85.22 4.23
N THR KA 126 -45.64 -84.32 4.23
CA THR KA 126 -45.87 -83.49 3.06
C THR KA 126 -44.91 -82.32 3.00
N ILE KA 127 -44.53 -81.77 4.15
CA ILE KA 127 -43.70 -80.57 4.11
C ILE KA 127 -42.27 -80.93 3.75
N PHE KA 128 -41.83 -82.11 4.15
CA PHE KA 128 -40.46 -82.54 3.89
C PHE KA 128 -40.51 -83.84 3.11
N ALA KA 129 -39.86 -83.86 1.96
CA ALA KA 129 -39.80 -85.10 1.21
C ALA KA 129 -38.72 -85.99 1.82
N TYR KA 130 -39.13 -87.12 2.34
CA TYR KA 130 -38.12 -88.00 2.91
C TYR KA 130 -38.46 -89.44 2.59
N PRO KA 131 -37.47 -90.26 2.27
CA PRO KA 131 -37.72 -91.69 2.12
C PRO KA 131 -38.07 -92.32 3.45
N ASP KA 132 -38.73 -93.47 3.38
CA ASP KA 132 -39.16 -94.14 4.60
C ASP KA 132 -37.98 -94.54 5.45
N THR KA 133 -36.83 -94.78 4.83
CA THR KA 133 -35.65 -95.16 5.58
C THR KA 133 -35.24 -94.09 6.57
N LEU KA 134 -35.20 -92.83 6.16
CA LEU KA 134 -34.76 -91.75 7.01
C LEU KA 134 -35.77 -91.39 8.10
N LYS KA 135 -36.96 -91.99 8.09
CA LYS KA 135 -37.97 -91.63 9.08
C LYS KA 135 -37.44 -91.77 10.50
N ALA KA 136 -36.48 -92.68 10.70
CA ALA KA 136 -35.88 -92.82 12.02
C ALA KA 136 -35.24 -91.53 12.48
N TRP KA 137 -34.32 -91.00 11.69
CA TRP KA 137 -33.56 -89.88 12.21
C TRP KA 137 -34.05 -88.61 11.57
N PRO KA 138 -34.82 -87.79 12.28
CA PRO KA 138 -35.36 -86.59 11.66
C PRO KA 138 -34.31 -85.55 11.40
N ALA KA 139 -33.32 -85.45 12.29
CA ALA KA 139 -32.45 -84.28 12.30
C ALA KA 139 -31.74 -84.06 10.98
N THR KA 140 -31.75 -85.05 10.09
CA THR KA 140 -31.20 -84.89 8.77
C THR KA 140 -32.18 -84.31 7.78
N TRP KA 141 -33.47 -84.28 8.11
CA TRP KA 141 -34.45 -83.77 7.17
C TRP KA 141 -34.08 -82.34 6.77
N LYS KA 142 -34.39 -82.00 5.53
CA LYS KA 142 -34.30 -80.62 5.09
C LYS KA 142 -35.44 -80.36 4.12
N VAL KA 143 -35.69 -79.07 3.90
CA VAL KA 143 -36.86 -78.67 3.11
C VAL KA 143 -36.76 -79.24 1.71
N SER KA 144 -37.88 -79.76 1.22
CA SER KA 144 -37.92 -80.36 -0.11
C SER KA 144 -37.82 -79.28 -1.19
N ARG KA 145 -37.29 -79.65 -2.34
CA ARG KA 145 -37.02 -78.65 -3.38
C ARG KA 145 -38.27 -78.26 -4.16
N GLU KA 146 -39.22 -79.17 -4.28
CA GLU KA 146 -40.41 -78.87 -5.06
C GLU KA 146 -41.13 -77.64 -4.52
N LEU KA 147 -41.18 -77.52 -3.21
CA LEU KA 147 -41.88 -76.42 -2.56
C LEU KA 147 -40.96 -75.27 -2.23
N CYS KA 148 -39.73 -75.29 -2.73
CA CYS KA 148 -38.63 -74.46 -2.27
C CYS KA 148 -39.04 -73.02 -2.03
N HIS KA 149 -39.87 -72.48 -2.91
CA HIS KA 149 -40.32 -71.11 -2.71
C HIS KA 149 -41.62 -71.00 -1.95
N ARG KA 150 -42.31 -72.12 -1.69
CA ARG KA 150 -43.56 -72.02 -0.96
C ARG KA 150 -43.36 -71.94 0.54
N PHE KA 151 -42.28 -72.51 1.06
CA PHE KA 151 -42.04 -72.54 2.50
C PHE KA 151 -40.64 -72.02 2.81
N VAL KA 152 -40.43 -71.72 4.09
CA VAL KA 152 -39.11 -71.33 4.57
C VAL KA 152 -39.09 -71.56 6.06
N VAL KA 153 -37.89 -71.66 6.64
CA VAL KA 153 -37.73 -71.92 8.05
C VAL KA 153 -36.87 -70.80 8.63
N LYS KA 154 -37.45 -70.01 9.51
CA LYS KA 154 -36.74 -68.85 10.04
C LYS KA 154 -36.00 -69.13 11.33
N ARG KA 155 -36.23 -70.27 11.96
CA ARG KA 155 -35.50 -70.63 13.17
C ARG KA 155 -35.35 -72.13 13.24
N ARG KA 156 -34.41 -72.55 14.09
CA ARG KA 156 -34.15 -73.97 14.29
C ARG KA 156 -33.63 -74.16 15.71
N TRP KA 157 -33.94 -75.31 16.29
CA TRP KA 157 -33.38 -75.62 17.60
C TRP KA 157 -33.14 -77.12 17.74
N LEU KA 158 -32.21 -77.47 18.60
CA LEU KA 158 -31.88 -78.85 18.89
C LEU KA 158 -32.01 -79.12 20.37
N PHE KA 159 -32.24 -80.39 20.68
CA PHE KA 159 -32.24 -80.85 22.05
C PHE KA 159 -32.03 -82.35 22.01
N ASN KA 160 -31.63 -82.90 23.15
CA ASN KA 160 -31.39 -84.33 23.22
C ASN KA 160 -31.84 -84.84 24.58
N MET KA 161 -32.23 -86.11 24.60
CA MET KA 161 -32.74 -86.73 25.81
C MET KA 161 -32.52 -88.23 25.70
N GLU KA 162 -32.62 -88.90 26.83
CA GLU KA 162 -32.36 -90.33 26.86
C GLU KA 162 -33.09 -90.95 28.03
N THR KA 163 -33.26 -92.26 27.97
CA THR KA 163 -33.91 -93.01 29.02
C THR KA 163 -33.11 -94.26 29.33
N ASP KA 164 -33.11 -94.63 30.60
CA ASP KA 164 -32.37 -95.78 31.08
C ASP KA 164 -33.23 -97.03 31.18
N GLY KA 165 -34.50 -96.94 30.86
CA GLY KA 165 -35.38 -98.08 31.04
C GLY KA 165 -35.96 -98.23 32.42
N ARG KA 166 -36.19 -97.13 33.13
CA ARG KA 166 -36.74 -97.20 34.47
C ARG KA 166 -37.75 -96.09 34.67
N ILE KA 167 -38.94 -96.43 35.12
CA ILE KA 167 -39.98 -95.44 35.37
C ILE KA 167 -39.68 -94.76 36.70
N GLY KA 168 -40.15 -93.51 36.84
CA GLY KA 168 -39.81 -92.75 38.04
C GLY KA 168 -40.32 -93.37 39.32
N SER KA 169 -41.57 -93.83 39.32
CA SER KA 169 -42.20 -94.30 40.54
C SER KA 169 -41.55 -95.55 41.12
N ASP KA 170 -40.61 -96.15 40.40
CA ASP KA 170 -40.02 -97.41 40.84
C ASP KA 170 -39.02 -97.18 41.96
N ILE KA 171 -39.11 -97.98 43.02
CA ILE KA 171 -38.23 -97.85 44.18
C ILE KA 171 -36.92 -98.60 43.93
N PRO KA 172 -35.78 -97.94 44.05
CA PRO KA 172 -34.52 -98.66 43.95
C PRO KA 172 -34.41 -99.70 45.04
N PRO KA 173 -33.82 -100.85 44.76
CA PRO KA 173 -33.51 -101.81 45.81
C PRO KA 173 -32.40 -101.26 46.71
N SER KA 174 -32.43 -101.69 47.97
CA SER KA 174 -31.51 -101.17 48.96
C SER KA 174 -30.05 -101.50 48.68
N ASN KA 175 -29.77 -102.35 47.71
CA ASN KA 175 -28.38 -102.75 47.46
C ASN KA 175 -27.61 -101.70 46.67
N ALA KA 176 -28.17 -101.22 45.57
CA ALA KA 176 -27.42 -100.38 44.64
C ALA KA 176 -28.31 -99.25 44.14
N SER KA 177 -27.70 -98.31 43.43
CA SER KA 177 -28.40 -97.10 43.02
C SER KA 177 -28.19 -96.74 41.55
N TRP KA 178 -28.70 -95.57 41.15
CA TRP KA 178 -28.54 -95.11 39.79
C TRP KA 178 -28.33 -93.60 39.78
N LYS KA 179 -27.64 -93.11 38.76
CA LYS KA 179 -27.60 -91.68 38.46
C LYS KA 179 -28.36 -91.50 37.15
N PRO KA 180 -29.60 -91.06 37.19
CA PRO KA 180 -30.33 -90.85 35.94
C PRO KA 180 -30.32 -89.41 35.47
N CYS KA 181 -29.14 -88.87 35.20
CA CYS KA 181 -29.08 -87.50 34.71
C CYS KA 181 -29.83 -87.36 33.40
N LYS KA 182 -30.55 -86.25 33.27
CA LYS KA 182 -31.25 -85.89 32.04
C LYS KA 182 -32.26 -86.97 31.63
N ARG KA 183 -33.11 -87.36 32.58
CA ARG KA 183 -34.32 -88.06 32.16
C ARG KA 183 -35.33 -87.09 31.59
N ASN KA 184 -35.52 -85.96 32.23
CA ASN KA 184 -36.37 -84.89 31.75
C ASN KA 184 -35.57 -83.61 31.64
N ILE KA 185 -36.12 -82.65 30.89
CA ILE KA 185 -35.34 -81.50 30.49
C ILE KA 185 -36.24 -80.26 30.49
N TYR KA 186 -35.62 -79.12 30.72
CA TYR KA 186 -36.29 -77.83 30.75
C TYR KA 186 -35.83 -77.00 29.57
N PHE KA 187 -36.74 -76.69 28.66
CA PHE KA 187 -36.38 -76.06 27.40
C PHE KA 187 -37.07 -74.72 27.28
N HIS KA 188 -36.30 -73.69 26.94
CA HIS KA 188 -36.85 -72.36 26.75
C HIS KA 188 -35.98 -71.59 25.78
N LYS KA 189 -36.61 -70.71 25.00
CA LYS KA 189 -35.89 -69.83 24.10
C LYS KA 189 -36.66 -68.52 24.00
N PHE KA 190 -35.93 -67.46 23.67
CA PHE KA 190 -36.50 -66.13 23.54
C PHE KA 190 -35.84 -65.47 22.34
N THR KA 191 -36.62 -64.97 21.41
CA THR KA 191 -36.03 -64.37 20.21
C THR KA 191 -36.86 -63.20 19.71
N SER KA 192 -36.18 -62.09 19.40
CA SER KA 192 -36.83 -60.91 18.86
C SER KA 192 -36.68 -60.75 17.36
N GLY KA 193 -35.95 -61.66 16.70
CA GLY KA 193 -35.47 -61.36 15.36
C GLY KA 193 -36.59 -61.32 14.33
N LEU KA 194 -37.45 -62.32 14.34
CA LEU KA 194 -38.34 -62.54 13.21
C LEU KA 194 -39.36 -61.42 13.07
N GLY KA 195 -39.94 -61.35 11.89
CA GLY KA 195 -41.15 -60.57 11.69
C GLY KA 195 -41.95 -61.19 10.57
N VAL KA 196 -43.26 -61.01 10.62
CA VAL KA 196 -44.17 -61.71 9.74
C VAL KA 196 -45.32 -60.78 9.39
N ARG KA 197 -45.76 -60.84 8.14
CA ARG KA 197 -46.86 -60.04 7.65
C ARG KA 197 -48.02 -60.96 7.30
N THR KA 198 -49.19 -60.69 7.88
CA THR KA 198 -50.34 -61.57 7.70
C THR KA 198 -51.57 -60.75 7.37
N GLN KA 199 -52.42 -61.30 6.50
CA GLN KA 199 -53.70 -60.70 6.18
C GLN KA 199 -54.77 -61.77 6.30
N TRP KA 200 -56.02 -61.33 6.41
CA TRP KA 200 -57.11 -62.21 6.78
C TRP KA 200 -58.28 -62.06 5.83
N LYS KA 201 -58.96 -63.18 5.58
CA LYS KA 201 -60.30 -63.11 5.04
C LYS KA 201 -61.23 -62.51 6.09
N ASN KA 202 -62.39 -62.05 5.65
CA ASN KA 202 -63.28 -61.36 6.56
C ASN KA 202 -64.24 -62.38 7.15
N VAL KA 203 -64.02 -62.73 8.42
CA VAL KA 203 -64.88 -63.57 9.23
C VAL KA 203 -64.58 -63.26 10.68
N THR KA 204 -65.30 -63.90 11.60
CA THR KA 204 -64.98 -63.76 13.01
C THR KA 204 -63.86 -64.70 13.41
N ASP KA 205 -63.83 -65.90 12.83
CA ASP KA 205 -63.12 -67.02 13.40
C ASP KA 205 -61.61 -66.79 13.38
N GLY KA 206 -60.93 -67.54 14.24
CA GLY KA 206 -59.47 -67.57 14.27
C GLY KA 206 -58.85 -68.85 13.75
N GLY KA 207 -59.63 -69.73 13.12
CA GLY KA 207 -59.10 -70.97 12.62
C GLY KA 207 -58.19 -70.76 11.42
N VAL KA 208 -57.68 -71.89 10.92
CA VAL KA 208 -56.76 -71.83 9.79
C VAL KA 208 -57.46 -71.40 8.52
N GLY KA 209 -58.70 -71.82 8.30
CA GLY KA 209 -59.38 -71.52 7.06
C GLY KA 209 -59.54 -70.04 6.78
N ALA KA 210 -59.38 -69.21 7.80
CA ALA KA 210 -59.60 -67.78 7.61
C ALA KA 210 -58.42 -67.09 6.95
N ILE KA 211 -57.21 -67.56 7.19
CA ILE KA 211 -56.02 -66.80 6.81
C ILE KA 211 -55.85 -66.80 5.30
N GLN KA 212 -55.63 -65.62 4.75
CA GLN KA 212 -55.35 -65.50 3.32
C GLN KA 212 -53.87 -65.77 3.03
N ARG KA 213 -52.98 -65.21 3.85
CA ARG KA 213 -51.56 -65.33 3.58
C ARG KA 213 -50.78 -65.17 4.87
N GLY KA 214 -49.61 -65.77 4.95
CA GLY KA 214 -48.72 -65.59 6.09
C GLY KA 214 -48.90 -66.49 7.29
N ALA KA 215 -49.34 -67.72 7.08
CA ALA KA 215 -49.50 -68.63 8.21
C ALA KA 215 -48.16 -68.97 8.83
N LEU KA 216 -48.21 -69.44 10.07
CA LEU KA 216 -47.01 -69.72 10.86
C LEU KA 216 -47.19 -71.05 11.58
N TYR KA 217 -46.31 -72.00 11.29
CA TYR KA 217 -46.42 -73.35 11.84
C TYR KA 217 -45.31 -73.65 12.82
N MET KA 218 -45.61 -74.54 13.76
CA MET KA 218 -44.63 -75.09 14.68
C MET KA 218 -44.63 -76.61 14.55
N VAL KA 219 -43.45 -77.21 14.58
CA VAL KA 219 -43.31 -78.64 14.33
C VAL KA 219 -42.36 -79.23 15.36
N ILE KA 220 -42.69 -80.41 15.84
CA ILE KA 220 -41.87 -81.13 16.82
C ILE KA 220 -41.47 -82.47 16.22
N ALA KA 221 -40.18 -82.78 16.29
CA ALA KA 221 -39.65 -84.01 15.72
C ALA KA 221 -39.06 -84.87 16.83
N PRO KA 222 -39.60 -86.05 17.09
CA PRO KA 222 -39.07 -86.90 18.16
C PRO KA 222 -37.78 -87.55 17.75
N GLY KA 223 -37.05 -88.03 18.75
CA GLY KA 223 -35.88 -88.86 18.51
C GLY KA 223 -36.26 -90.24 18.02
N ASN KA 224 -35.26 -90.98 17.56
CA ASN KA 224 -35.49 -92.30 17.02
C ASN KA 224 -36.20 -93.19 18.03
N GLY KA 225 -37.32 -93.77 17.62
CA GLY KA 225 -38.04 -94.72 18.44
C GLY KA 225 -38.28 -94.24 19.86
N LEU KA 226 -38.45 -92.94 20.03
CA LEU KA 226 -38.60 -92.34 21.35
C LEU KA 226 -39.79 -91.41 21.34
N THR KA 227 -40.81 -91.74 22.12
CA THR KA 227 -42.05 -90.98 22.14
C THR KA 227 -42.21 -90.31 23.51
N PHE KA 228 -42.78 -89.11 23.50
CA PHE KA 228 -42.90 -88.37 24.74
C PHE KA 228 -44.03 -87.36 24.61
N THR KA 229 -44.43 -86.81 25.76
CA THR KA 229 -45.38 -85.71 25.82
C THR KA 229 -44.71 -84.53 26.50
N ALA KA 230 -45.28 -83.34 26.30
CA ALA KA 230 -44.70 -82.11 26.77
C ALA KA 230 -45.74 -81.26 27.46
N HIS KA 231 -45.28 -80.44 28.40
CA HIS KA 231 -46.12 -79.48 29.10
C HIS KA 231 -45.49 -78.11 28.99
N GLY KA 232 -46.32 -77.08 29.06
CA GLY KA 232 -45.82 -75.72 29.07
C GLY KA 232 -46.81 -74.78 28.42
N GLN KA 233 -46.34 -73.56 28.19
CA GLN KA 233 -47.16 -72.52 27.59
C GLN KA 233 -46.25 -71.51 26.91
N THR KA 234 -46.83 -70.71 26.02
CA THR KA 234 -46.06 -69.77 25.21
C THR KA 234 -46.79 -68.45 25.14
N ARG KA 235 -46.06 -67.42 24.75
CA ARG KA 235 -46.64 -66.10 24.54
C ARG KA 235 -46.26 -65.57 23.17
N LEU KA 236 -47.02 -64.58 22.73
CA LEU KA 236 -46.77 -63.89 21.47
C LEU KA 236 -46.83 -62.40 21.68
N TYR KA 237 -46.37 -61.66 20.68
CA TYR KA 237 -46.37 -60.21 20.72
C TYR KA 237 -46.69 -59.69 19.33
N PHE KA 238 -47.62 -58.75 19.23
CA PHE KA 238 -48.00 -58.23 17.92
C PHE KA 238 -48.81 -56.95 18.11
N LYS KA 239 -49.16 -56.34 16.98
CA LYS KA 239 -50.09 -55.22 16.98
C LYS KA 239 -50.81 -55.17 15.64
N SER KA 240 -52.07 -54.76 15.68
CA SER KA 240 -52.82 -54.58 14.45
C SER KA 240 -52.37 -53.29 13.76
N VAL KA 241 -52.65 -53.21 12.47
CA VAL KA 241 -52.34 -52.02 11.68
C VAL KA 241 -53.21 -52.03 10.44
N GLY KA 242 -53.35 -50.87 9.82
CA GLY KA 242 -54.05 -50.75 8.55
C GLY KA 242 -55.44 -50.16 8.72
N ASN KA 243 -56.08 -49.96 7.56
CA ASN KA 243 -57.42 -49.42 7.48
C ASN KA 243 -57.53 -48.09 8.23
N ALA LA 31 39.06 -50.18 9.89
CA ALA LA 31 40.02 -51.05 10.55
C ALA LA 31 39.68 -52.52 10.31
N GLY LA 32 40.05 -53.02 9.14
CA GLY LA 32 39.76 -54.40 8.79
C GLY LA 32 39.64 -54.53 7.27
N SER LA 33 39.35 -55.75 6.84
CA SER LA 33 39.15 -55.99 5.42
C SER LA 33 37.91 -56.82 5.14
N LYS LA 34 36.90 -56.21 4.50
CA LYS LA 34 35.67 -56.89 4.08
C LYS LA 34 35.12 -57.78 5.18
N ALA LA 35 35.16 -57.28 6.41
CA ALA LA 35 34.62 -58.02 7.53
C ALA LA 35 33.12 -58.19 7.39
N ASP LA 36 32.62 -59.30 7.88
CA ASP LA 36 31.21 -59.65 7.78
C ASP LA 36 30.73 -60.25 9.10
N ARG LA 37 29.51 -59.86 9.49
CA ARG LA 37 28.98 -60.20 10.80
C ARG LA 37 29.05 -61.69 11.13
N PRO LA 38 28.65 -62.61 10.26
CA PRO LA 38 28.85 -64.02 10.58
C PRO LA 38 30.33 -64.37 10.60
N SER LA 39 30.64 -65.44 11.32
CA SER LA 39 32.02 -65.84 11.50
C SER LA 39 32.63 -66.32 10.19
N LEU LA 40 33.95 -66.36 10.15
CA LEU LA 40 34.69 -66.75 8.96
C LEU LA 40 35.41 -68.07 9.20
N GLN LA 41 35.60 -68.84 8.14
CA GLN LA 41 36.17 -70.16 8.28
C GLN LA 41 37.63 -70.07 8.71
N ILE LA 42 38.15 -71.18 9.22
CA ILE LA 42 39.49 -71.23 9.78
C ILE LA 42 40.22 -72.45 9.23
N GLN LA 43 41.47 -72.27 8.86
CA GLN LA 43 42.35 -73.37 8.48
C GLN LA 43 43.69 -73.23 9.19
N THR LA 44 44.27 -74.36 9.55
CA THR LA 44 45.52 -74.37 10.31
C THR LA 44 46.56 -75.24 9.63
N LEU LA 45 47.80 -75.06 10.05
CA LEU LA 45 48.89 -75.90 9.61
C LEU LA 45 49.70 -76.31 10.82
N GLN LA 46 50.25 -77.51 10.77
CA GLN LA 46 50.99 -78.07 11.89
C GLN LA 46 52.40 -78.37 11.42
N HIS LA 47 53.37 -77.63 11.93
CA HIS LA 47 54.78 -77.90 11.65
C HIS LA 47 55.46 -78.14 12.98
N ALA LA 48 55.86 -79.38 13.23
CA ALA LA 48 56.44 -79.78 14.50
C ALA LA 48 56.81 -81.25 14.39
N GLY LA 49 57.65 -81.69 15.32
CA GLY LA 49 57.97 -83.11 15.40
C GLY LA 49 58.51 -83.63 14.09
N THR LA 50 57.82 -84.62 13.54
CA THR LA 50 58.21 -85.19 12.25
C THR LA 50 58.31 -84.12 11.18
N THR LA 51 57.38 -83.17 11.17
CA THR LA 51 57.38 -82.12 10.16
C THR LA 51 57.97 -80.87 10.80
N MET LA 52 59.20 -80.56 10.45
CA MET LA 52 59.86 -79.34 10.85
C MET LA 52 60.49 -78.74 9.60
N ILE LA 53 60.03 -77.55 9.22
CA ILE LA 53 60.65 -76.89 8.10
C ILE LA 53 62.13 -76.75 8.38
N THR LA 54 62.95 -77.27 7.47
CA THR LA 54 64.40 -77.26 7.63
C THR LA 54 65.03 -76.68 6.38
N VAL LA 55 65.82 -75.63 6.54
CA VAL LA 55 66.26 -74.86 5.39
C VAL LA 55 67.77 -74.92 5.22
N PRO LA 56 68.26 -75.62 4.20
CA PRO LA 56 69.65 -75.44 3.79
C PRO LA 56 69.81 -74.13 3.04
N SER LA 57 71.07 -73.72 2.89
CA SER LA 57 71.37 -72.47 2.21
C SER LA 57 70.72 -72.44 0.84
N GLY LA 58 70.07 -71.33 0.52
CA GLY LA 58 69.34 -71.20 -0.71
C GLY LA 58 67.83 -71.25 -0.56
N GLY LA 59 67.32 -71.38 0.65
CA GLY LA 59 65.90 -71.27 0.88
C GLY LA 59 65.11 -72.47 0.42
N VAL LA 60 63.81 -72.42 0.68
CA VAL LA 60 62.92 -73.49 0.27
C VAL LA 60 61.57 -72.89 -0.11
N CYS LA 61 60.97 -73.46 -1.14
CA CYS LA 61 59.67 -73.04 -1.65
C CYS LA 61 58.58 -73.88 -1.03
N ASP LA 62 57.44 -73.27 -0.78
CA ASP LA 62 56.32 -74.00 -0.21
C ASP LA 62 55.02 -73.27 -0.53
N LEU LA 63 53.92 -73.99 -0.43
CA LEU LA 63 52.59 -73.45 -0.64
C LEU LA 63 51.74 -73.64 0.60
N ILE LA 64 51.20 -72.53 1.11
CA ILE LA 64 50.40 -72.56 2.33
C ILE LA 64 48.91 -72.55 2.07
N ASN LA 65 48.48 -72.46 0.82
CA ASN LA 65 47.07 -72.18 0.57
C ASN LA 65 46.24 -73.44 0.40
N THR LA 66 46.83 -74.62 0.62
CA THR LA 66 46.15 -75.87 0.38
C THR LA 66 44.81 -75.95 1.10
N TYR LA 67 43.78 -76.37 0.36
CA TYR LA 67 42.43 -76.54 0.88
C TYR LA 67 41.83 -77.81 0.29
N ALA LA 68 41.23 -78.63 1.12
CA ALA LA 68 40.45 -79.74 0.60
C ALA LA 68 39.04 -79.27 0.29
N ARG LA 69 38.23 -80.17 -0.26
CA ARG LA 69 36.82 -79.90 -0.51
C ARG LA 69 35.99 -81.03 0.06
N GLY LA 70 34.93 -80.68 0.77
CA GLY LA 70 34.08 -81.70 1.35
C GLY LA 70 33.18 -81.12 2.43
N SER LA 71 32.76 -82.02 3.31
CA SER LA 71 31.83 -81.63 4.36
C SER LA 71 32.54 -80.91 5.49
N ASP LA 72 33.75 -81.34 5.81
CA ASP LA 72 34.43 -80.86 7.01
C ASP LA 72 34.63 -79.36 6.96
N GLU LA 73 34.51 -78.73 8.13
CA GLU LA 73 34.75 -77.29 8.23
C GLU LA 73 36.22 -77.00 7.99
N GLY LA 74 36.48 -75.91 7.29
CA GLY LA 74 37.83 -75.55 6.94
C GLY LA 74 38.15 -75.96 5.51
N ASN LA 75 37.43 -76.95 5.02
CA ASN LA 75 37.55 -77.28 3.61
C ASN LA 75 36.67 -76.34 2.80
N ARG LA 76 37.05 -76.15 1.54
CA ARG LA 76 36.33 -75.21 0.69
C ARG LA 76 35.06 -75.87 0.14
N HIS LA 77 33.95 -75.15 0.21
CA HIS LA 77 32.69 -75.65 -0.29
C HIS LA 77 32.48 -75.39 -1.77
N THR LA 78 33.23 -74.47 -2.36
CA THR LA 78 32.94 -74.04 -3.72
C THR LA 78 34.17 -74.12 -4.60
N SER LA 79 34.05 -73.59 -5.81
CA SER LA 79 35.19 -73.54 -6.70
C SER LA 79 35.89 -72.19 -6.66
N GLU LA 80 35.42 -71.26 -5.84
CA GLU LA 80 35.95 -69.90 -5.79
C GLU LA 80 36.18 -69.48 -4.36
N THR LA 81 37.39 -69.02 -4.06
CA THR LA 81 37.79 -68.71 -2.69
C THR LA 81 38.53 -67.39 -2.63
N LEU LA 82 38.20 -66.59 -1.62
CA LEU LA 82 38.94 -65.38 -1.27
C LEU LA 82 39.53 -65.57 0.11
N THR LA 83 40.75 -65.08 0.32
CA THR LA 83 41.37 -65.09 1.63
C THR LA 83 41.60 -63.66 2.09
N TYR LA 84 41.64 -63.47 3.41
CA TYR LA 84 41.76 -62.13 3.94
C TYR LA 84 42.91 -61.95 4.90
N LYS LA 85 42.77 -62.45 6.11
CA LYS LA 85 43.69 -62.15 7.18
C LYS LA 85 44.52 -63.38 7.49
N ILE LA 86 45.78 -63.15 7.85
CA ILE LA 86 46.70 -64.23 8.15
C ILE LA 86 47.55 -63.86 9.35
N ALA LA 87 47.79 -64.82 10.23
CA ALA LA 87 48.65 -64.63 11.38
C ALA LA 87 49.67 -65.74 11.41
N ILE LA 88 50.89 -65.42 11.81
CA ILE LA 88 52.00 -66.35 11.74
C ILE LA 88 52.72 -66.34 13.07
N ASP LA 89 52.98 -67.53 13.61
CA ASP LA 89 53.80 -67.70 14.79
C ASP LA 89 54.80 -68.81 14.53
N TYR LA 90 56.02 -68.62 15.01
CA TYR LA 90 57.01 -69.69 14.95
C TYR LA 90 58.03 -69.52 16.04
N HIS LA 91 58.76 -70.61 16.28
CA HIS LA 91 60.02 -70.54 16.98
C HIS LA 91 61.14 -70.87 16.01
N PHE LA 92 62.29 -70.21 16.20
CA PHE LA 92 63.50 -70.51 15.47
C PHE LA 92 64.55 -71.03 16.44
N VAL LA 93 65.47 -71.85 15.93
CA VAL LA 93 66.64 -72.24 16.68
C VAL LA 93 67.76 -72.55 15.70
N ALA LA 94 68.97 -72.18 16.08
CA ALA LA 94 70.12 -72.52 15.25
C ALA LA 94 70.35 -74.01 15.25
N ASP LA 95 71.01 -74.50 14.21
CA ASP LA 95 71.38 -75.91 14.13
C ASP LA 95 72.82 -76.08 14.56
N ALA LA 96 73.08 -77.13 15.35
CA ALA LA 96 74.43 -77.42 15.79
C ALA LA 96 75.36 -77.63 14.62
N ALA LA 97 74.83 -78.13 13.50
CA ALA LA 97 75.67 -78.38 12.33
C ALA LA 97 76.44 -77.14 11.91
N ALA LA 98 75.83 -75.96 12.03
CA ALA LA 98 76.50 -74.72 11.71
C ALA LA 98 77.11 -74.03 12.92
N CYS LA 99 76.90 -74.57 14.12
CA CYS LA 99 77.45 -73.93 15.31
C CYS LA 99 78.96 -74.08 15.42
N ARG LA 100 79.59 -74.86 14.55
CA ARG LA 100 81.05 -74.99 14.60
C ARG LA 100 81.76 -73.70 14.25
N TYR LA 101 81.04 -72.68 13.81
CA TYR LA 101 81.60 -71.39 13.48
C TYR LA 101 80.88 -70.33 14.29
N SER LA 102 81.47 -69.13 14.36
CA SER LA 102 80.87 -68.03 15.09
C SER LA 102 80.78 -66.82 14.17
N ASN LA 103 79.56 -66.47 13.78
CA ASN LA 103 79.30 -65.21 13.10
C ASN LA 103 77.83 -64.92 13.22
N THR LA 104 77.47 -63.68 12.96
CA THR LA 104 76.07 -63.30 12.87
C THR LA 104 75.61 -63.45 11.43
N GLY LA 105 74.42 -62.94 11.16
CA GLY LA 105 73.89 -62.96 9.80
C GLY LA 105 72.56 -62.26 9.78
N THR LA 106 71.88 -62.38 8.64
CA THR LA 106 70.55 -61.81 8.51
C THR LA 106 69.69 -62.71 7.63
N GLY LA 107 68.46 -62.96 8.07
CA GLY LA 107 67.51 -63.76 7.34
C GLY LA 107 66.38 -62.94 6.76
N VAL LA 108 65.56 -63.61 5.96
CA VAL LA 108 64.48 -62.97 5.21
C VAL LA 108 63.32 -63.93 5.09
N MET LA 109 62.11 -63.40 5.20
CA MET LA 109 60.89 -64.14 4.94
C MET LA 109 60.02 -63.32 4.01
N TRP LA 110 59.63 -63.90 2.88
CA TRP LA 110 58.75 -63.22 1.94
C TRP LA 110 57.40 -63.91 1.88
N LEU LA 111 56.41 -63.14 1.46
CA LEU LA 111 55.10 -63.67 1.14
C LEU LA 111 54.84 -63.34 -0.31
N VAL LA 112 54.85 -64.37 -1.17
CA VAL LA 112 54.87 -64.18 -2.61
C VAL LA 112 53.57 -64.67 -3.21
N TYR LA 113 52.98 -63.84 -4.06
CA TYR LA 113 51.73 -64.18 -4.74
C TYR LA 113 52.01 -64.52 -6.19
N ASP LA 114 51.25 -65.49 -6.71
CA ASP LA 114 51.43 -65.99 -8.07
C ASP LA 114 50.17 -65.72 -8.89
N THR LA 115 50.37 -65.67 -10.21
CA THR LA 115 49.24 -65.59 -11.12
C THR LA 115 48.89 -66.98 -11.64
N THR LA 116 49.72 -67.53 -12.51
CA THR LA 116 49.50 -68.85 -13.08
C THR LA 116 50.65 -69.76 -12.68
N PRO LA 117 50.42 -70.78 -11.88
CA PRO LA 117 51.51 -71.68 -11.52
C PRO LA 117 51.84 -72.62 -12.65
N GLY LA 118 53.10 -72.95 -12.78
CA GLY LA 118 53.50 -73.98 -13.71
C GLY LA 118 53.06 -75.34 -13.24
N GLY LA 119 53.26 -76.34 -14.09
CA GLY LA 119 52.98 -77.70 -13.71
C GLY LA 119 53.93 -78.24 -12.66
N GLN LA 120 55.09 -77.60 -12.49
CA GLN LA 120 56.11 -78.04 -11.56
C GLN LA 120 56.29 -77.00 -10.46
N ALA LA 121 56.77 -77.47 -9.31
CA ALA LA 121 56.93 -76.59 -8.17
C ALA LA 121 58.11 -75.64 -8.39
N PRO LA 122 57.95 -74.36 -8.12
CA PRO LA 122 59.06 -73.43 -8.31
C PRO LA 122 60.11 -73.63 -7.24
N THR LA 123 61.30 -73.11 -7.53
CA THR LA 123 62.37 -73.06 -6.55
C THR LA 123 62.92 -71.64 -6.53
N PRO LA 124 63.44 -71.19 -5.39
CA PRO LA 124 63.90 -69.80 -5.32
C PRO LA 124 64.82 -69.40 -6.44
N GLN LA 125 65.79 -70.24 -6.77
CA GLN LA 125 66.73 -69.89 -7.84
C GLN LA 125 65.99 -69.56 -9.12
N THR LA 126 64.83 -70.17 -9.31
CA THR LA 126 64.03 -69.84 -10.48
C THR LA 126 63.23 -68.56 -10.28
N ILE LA 127 62.77 -68.31 -9.05
CA ILE LA 127 61.91 -67.14 -8.86
C ILE LA 127 62.72 -65.87 -8.87
N PHE LA 128 63.97 -65.93 -8.44
CA PHE LA 128 64.83 -64.77 -8.37
C PHE LA 128 66.08 -65.05 -9.19
N ALA LA 129 66.37 -64.18 -10.15
CA ALA LA 129 67.59 -64.35 -10.91
C ALA LA 129 68.73 -63.80 -10.09
N TYR LA 130 69.66 -64.66 -9.71
CA TYR LA 130 70.79 -64.15 -8.96
C TYR LA 130 72.06 -64.86 -9.39
N PRO LA 131 73.16 -64.14 -9.50
CA PRO LA 131 74.44 -64.79 -9.75
C PRO LA 131 74.87 -65.63 -8.56
N ASP LA 132 75.74 -66.60 -8.83
CA ASP LA 132 76.19 -67.49 -7.77
C ASP LA 132 76.90 -66.73 -6.66
N THR LA 133 77.53 -65.61 -7.01
CA THR LA 133 78.23 -64.82 -6.01
C THR LA 133 77.31 -64.33 -4.91
N LEU LA 134 76.14 -63.80 -5.27
CA LEU LA 134 75.22 -63.24 -4.31
C LEU LA 134 74.52 -64.30 -3.47
N LYS LA 135 74.70 -65.58 -3.78
CA LYS LA 135 74.00 -66.62 -3.04
C LYS LA 135 74.22 -66.50 -1.55
N ALA LA 136 75.38 -65.97 -1.15
CA ALA LA 136 75.65 -65.78 0.27
C ALA LA 136 74.61 -64.88 0.91
N TRP LA 137 74.44 -63.68 0.37
CA TRP LA 137 73.61 -62.73 1.09
C TRP LA 137 72.27 -62.63 0.39
N PRO LA 138 71.22 -63.24 0.93
CA PRO LA 138 69.94 -63.20 0.24
C PRO LA 138 69.31 -61.83 0.27
N ALA LA 139 69.49 -61.09 1.37
CA ALA LA 139 68.67 -59.93 1.61
C ALA LA 139 68.75 -58.90 0.50
N THR LA 140 69.73 -59.03 -0.39
CA THR LA 140 69.82 -58.15 -1.54
C THR LA 140 68.98 -58.64 -2.72
N TRP LA 141 68.53 -59.88 -2.70
CA TRP LA 141 67.77 -60.40 -3.82
C TRP LA 141 66.56 -59.52 -4.07
N LYS LA 142 66.20 -59.40 -5.34
CA LYS LA 142 64.94 -58.77 -5.70
C LYS LA 142 64.37 -59.50 -6.91
N VAL LA 143 63.08 -59.27 -7.14
CA VAL LA 143 62.36 -60.02 -8.17
C VAL LA 143 63.00 -59.79 -9.53
N SER LA 144 63.15 -60.87 -10.29
CA SER LA 144 63.76 -60.79 -11.60
C SER LA 144 62.82 -60.11 -12.58
N ARG LA 145 63.40 -59.47 -13.60
CA ARG LA 145 62.60 -58.66 -14.51
C ARG LA 145 61.87 -59.49 -15.54
N GLU LA 146 62.42 -60.64 -15.92
CA GLU LA 146 61.78 -61.45 -16.95
C GLU LA 146 60.37 -61.83 -16.55
N LEU LA 147 60.17 -62.14 -15.28
CA LEU LA 147 58.89 -62.58 -14.77
C LEU LA 147 58.07 -61.45 -14.20
N CYS LA 148 58.52 -60.20 -14.40
CA CYS LA 148 58.06 -59.03 -13.66
C CYS LA 148 56.55 -59.00 -13.49
N HIS LA 149 55.81 -59.38 -14.52
CA HIS LA 149 54.37 -59.39 -14.39
C HIS LA 149 53.82 -60.73 -13.94
N ARG LA 150 54.64 -61.78 -13.90
CA ARG LA 150 54.11 -63.07 -13.48
C ARG LA 150 54.02 -63.20 -11.97
N PHE LA 151 54.89 -62.52 -11.23
CA PHE LA 151 54.93 -62.64 -9.78
C PHE LA 151 54.88 -61.28 -9.13
N VAL LA 152 54.60 -61.27 -7.83
CA VAL LA 152 54.63 -60.04 -7.04
C VAL LA 152 54.79 -60.46 -5.58
N VAL LA 153 55.24 -59.52 -4.76
CA VAL LA 153 55.46 -59.78 -3.34
C VAL LA 153 54.66 -58.77 -2.55
N LYS LA 154 53.68 -59.25 -1.80
CA LYS LA 154 52.80 -58.34 -1.10
C LYS LA 154 53.24 -58.05 0.33
N ARG LA 155 54.21 -58.79 0.86
CA ARG LA 155 54.72 -58.51 2.19
C ARG LA 155 56.20 -58.86 2.25
N ARG LA 156 56.86 -58.35 3.27
CA ARG LA 156 58.27 -58.61 3.48
C ARG LA 156 58.56 -58.52 4.97
N TRP LA 157 59.52 -59.31 5.44
CA TRP LA 157 59.93 -59.20 6.83
C TRP LA 157 61.41 -59.50 6.96
N LEU LA 158 62.01 -58.95 8.01
CA LEU LA 158 63.41 -59.16 8.32
C LEU LA 158 63.55 -59.73 9.73
N PHE LA 159 64.66 -60.41 9.93
CA PHE LA 159 65.04 -60.89 11.25
C PHE LA 159 66.52 -61.16 11.21
N ASN LA 160 67.12 -61.24 12.39
CA ASN LA 160 68.54 -61.50 12.47
C ASN LA 160 68.82 -62.39 13.67
N MET LA 161 69.89 -63.17 13.56
CA MET LA 161 70.26 -64.11 14.59
C MET LA 161 71.75 -64.38 14.49
N GLU LA 162 72.30 -64.95 15.55
CA GLU LA 162 73.74 -65.18 15.59
C GLU LA 162 74.03 -66.31 16.54
N THR LA 163 75.22 -66.88 16.39
CA THR LA 163 75.66 -67.97 17.25
C THR LA 163 77.09 -67.71 17.69
N ASP LA 164 77.39 -68.13 18.91
CA ASP LA 164 78.69 -67.93 19.51
C ASP LA 164 79.60 -69.14 19.37
N GLY LA 165 79.12 -70.21 18.76
CA GLY LA 165 79.90 -71.44 18.70
C GLY LA 165 79.79 -72.34 19.90
N ARG LA 166 78.64 -72.35 20.57
CA ARG LA 166 78.47 -73.19 21.74
C ARG LA 166 77.08 -73.80 21.72
N ILE LA 167 77.00 -75.10 21.88
CA ILE LA 167 75.72 -75.79 21.91
C ILE LA 167 75.11 -75.61 23.29
N GLY LA 168 73.78 -75.67 23.37
CA GLY LA 168 73.10 -75.38 24.62
C GLY LA 168 73.47 -76.35 25.74
N SER LA 169 73.50 -77.65 25.43
CA SER LA 169 73.68 -78.66 26.46
C SER LA 169 75.05 -78.60 27.13
N ASP LA 170 75.96 -77.77 26.64
CA ASP LA 170 77.31 -77.74 27.15
C ASP LA 170 77.36 -77.00 28.49
N ILE LA 171 78.04 -77.59 29.47
CA ILE LA 171 78.15 -77.01 30.80
C ILE LA 171 79.29 -76.01 30.84
N PRO LA 172 79.03 -74.76 31.24
CA PRO LA 172 80.12 -73.82 31.43
C PRO LA 172 81.09 -74.31 32.48
N PRO LA 173 82.38 -74.07 32.30
CA PRO LA 173 83.33 -74.34 33.37
C PRO LA 173 83.13 -73.36 34.51
N SER LA 174 83.48 -73.82 35.72
CA SER LA 174 83.22 -73.04 36.92
C SER LA 174 84.02 -71.74 36.98
N ASN LA 175 84.97 -71.52 36.07
CA ASN LA 175 85.80 -70.33 36.15
C ASN LA 175 85.09 -69.09 35.59
N ALA LA 176 84.51 -69.20 34.40
CA ALA LA 176 84.00 -68.03 33.70
C ALA LA 176 82.67 -68.36 33.04
N SER LA 177 82.01 -67.33 32.53
CA SER LA 177 80.66 -67.48 31.99
C SER LA 177 80.45 -66.84 30.64
N TRP LA 178 79.21 -66.82 30.17
CA TRP LA 178 78.88 -66.22 28.89
C TRP LA 178 77.52 -65.54 28.98
N LYS LA 179 77.34 -64.50 28.17
CA LYS LA 179 76.00 -63.94 27.93
C LYS LA 179 75.66 -64.27 26.49
N PRO LA 180 74.84 -65.27 26.25
CA PRO LA 180 74.46 -65.59 24.87
C PRO LA 180 73.13 -65.00 24.47
N CYS LA 181 73.00 -63.68 24.50
CA CYS LA 181 71.75 -63.07 24.08
C CYS LA 181 71.43 -63.41 22.64
N LYS LA 182 70.16 -63.68 22.38
CA LYS LA 182 69.66 -63.92 21.04
C LYS LA 182 70.36 -65.10 20.36
N ARG LA 183 70.42 -66.23 21.07
CA ARG LA 183 70.71 -67.47 20.36
C ARG LA 183 69.50 -67.95 19.59
N ASN LA 184 68.33 -67.90 20.22
CA ASN LA 184 67.08 -68.24 19.58
C ASN LA 184 66.13 -67.05 19.69
N ILE LA 185 65.08 -67.07 18.88
CA ILE LA 185 64.25 -65.89 18.70
C ILE LA 185 62.80 -66.31 18.53
N TYR LA 186 61.90 -65.43 18.94
CA TYR LA 186 60.46 -65.64 18.86
C TYR LA 186 59.89 -64.67 17.85
N PHE LA 187 59.35 -65.19 16.76
CA PHE LA 187 58.93 -64.38 15.64
C PHE LA 187 57.44 -64.53 15.40
N HIS LA 188 56.73 -63.41 15.28
CA HIS LA 188 55.30 -63.45 15.00
C HIS LA 188 54.90 -62.18 14.30
N LYS LA 189 53.91 -62.29 13.43
CA LYS LA 189 53.34 -61.13 12.74
C LYS LA 189 51.86 -61.39 12.51
N PHE LA 190 51.11 -60.30 12.39
CA PHE LA 190 49.68 -60.36 12.16
C PHE LA 190 49.32 -59.27 11.19
N THR LA 191 48.63 -59.61 10.11
CA THR LA 191 48.31 -58.60 9.11
C THR LA 191 46.96 -58.86 8.46
N SER LA 192 46.16 -57.81 8.35
CA SER LA 192 44.84 -57.88 7.72
C SER LA 192 44.83 -57.35 6.29
N GLY LA 193 45.94 -56.83 5.80
CA GLY LA 193 45.88 -55.98 4.61
C GLY LA 193 45.52 -56.75 3.36
N LEU LA 194 46.19 -57.87 3.13
CA LEU LA 194 46.18 -58.50 1.83
C LEU LA 194 44.79 -59.02 1.48
N GLY LA 195 44.59 -59.27 0.20
CA GLY LA 195 43.46 -60.08 -0.26
C GLY LA 195 43.86 -60.75 -1.55
N VAL LA 196 43.25 -61.91 -1.79
CA VAL LA 196 43.67 -62.76 -2.89
C VAL LA 196 42.44 -63.45 -3.48
N ARG LA 197 42.40 -63.57 -4.80
CA ARG LA 197 41.31 -64.21 -5.50
C ARG LA 197 41.83 -65.49 -6.14
N THR LA 198 41.18 -66.61 -5.84
CA THR LA 198 41.64 -67.90 -6.31
C THR LA 198 40.48 -68.70 -6.90
N GLN LA 199 40.77 -69.45 -7.96
CA GLN LA 199 39.81 -70.36 -8.55
C GLN LA 199 40.46 -71.72 -8.72
N TRP LA 200 39.64 -72.74 -8.89
CA TRP LA 200 40.11 -74.11 -8.81
C TRP LA 200 39.63 -74.93 -10.00
N LYS LA 201 40.49 -75.84 -10.44
CA LYS LA 201 40.01 -76.93 -11.28
C LYS LA 201 39.10 -77.82 -10.46
N ASN LA 202 38.30 -78.64 -11.14
CA ASN LA 202 37.32 -79.45 -10.44
C ASN LA 202 37.96 -80.79 -10.13
N VAL LA 203 38.29 -81.00 -8.85
CA VAL LA 203 38.78 -82.25 -8.30
C VAL LA 203 38.51 -82.21 -6.81
N THR LA 204 38.83 -83.29 -6.11
CA THR LA 204 38.75 -83.28 -4.65
C THR LA 204 39.98 -82.65 -4.03
N ASP LA 205 41.14 -82.88 -4.62
CA ASP LA 205 42.42 -82.71 -3.94
C ASP LA 205 42.69 -81.26 -3.60
N GLY LA 206 43.57 -81.07 -2.63
CA GLY LA 206 44.06 -79.76 -2.26
C GLY LA 206 45.49 -79.48 -2.67
N GLY LA 207 46.11 -80.32 -3.48
CA GLY LA 207 47.47 -80.13 -3.88
C GLY LA 207 47.63 -78.95 -4.83
N VAL LA 208 48.88 -78.74 -5.24
CA VAL LA 208 49.17 -77.60 -6.12
C VAL LA 208 48.60 -77.81 -7.51
N GLY LA 209 48.61 -79.05 -8.02
CA GLY LA 209 48.17 -79.28 -9.38
C GLY LA 209 46.73 -78.88 -9.64
N ALA LA 210 45.94 -78.69 -8.58
CA ALA LA 210 44.54 -78.39 -8.76
C ALA LA 210 44.29 -76.93 -9.10
N ILE LA 211 45.12 -76.03 -8.62
CA ILE LA 211 44.80 -74.61 -8.67
C ILE LA 211 44.92 -74.11 -10.10
N GLN LA 212 43.89 -73.39 -10.56
CA GLN LA 212 43.95 -72.76 -11.87
C GLN LA 212 44.68 -71.43 -11.81
N ARG LA 213 44.40 -70.62 -10.79
CA ARG LA 213 45.00 -69.29 -10.73
C ARG LA 213 45.02 -68.83 -9.28
N GLY LA 214 45.98 -67.96 -8.95
CA GLY LA 214 46.04 -67.35 -7.63
C GLY LA 214 46.77 -68.09 -6.53
N ALA LA 215 47.81 -68.84 -6.88
CA ALA LA 215 48.56 -69.55 -5.86
C ALA LA 215 49.29 -68.57 -4.94
N LEU LA 216 49.65 -69.06 -3.76
CA LEU LA 216 50.27 -68.23 -2.73
C LEU LA 216 51.43 -68.99 -2.12
N TYR LA 217 52.63 -68.43 -2.21
CA TYR LA 217 53.85 -69.09 -1.76
C TYR LA 217 54.45 -68.39 -0.55
N MET LA 218 55.15 -69.18 0.26
CA MET LA 218 55.94 -68.67 1.38
C MET LA 218 57.38 -69.14 1.20
N VAL LA 219 58.32 -68.25 1.49
CA VAL LA 219 59.73 -68.52 1.23
C VAL LA 219 60.54 -68.09 2.43
N ILE LA 220 61.55 -68.89 2.79
CA ILE LA 220 62.44 -68.59 3.90
C ILE LA 220 63.86 -68.52 3.38
N ALA LA 221 64.56 -67.45 3.73
CA ALA LA 221 65.93 -67.24 3.26
C ALA LA 221 66.89 -67.23 4.45
N PRO LA 222 67.81 -68.16 4.53
CA PRO LA 222 68.73 -68.20 5.68
C PRO LA 222 69.79 -67.13 5.56
N GLY LA 223 70.43 -66.86 6.69
CA GLY LA 223 71.59 -66.00 6.70
C GLY LA 223 72.80 -66.68 6.09
N ASN LA 224 73.84 -65.89 5.86
CA ASN LA 224 75.05 -66.41 5.24
C ASN LA 224 75.62 -67.58 6.03
N GLY LA 225 75.82 -68.69 5.34
CA GLY LA 225 76.45 -69.85 5.94
C GLY LA 225 75.85 -70.25 7.28
N LEU LA 226 74.56 -70.02 7.44
CA LEU LA 226 73.88 -70.27 8.71
C LEU LA 226 72.61 -71.06 8.45
N THR LA 227 72.57 -72.28 8.96
CA THR LA 227 71.44 -73.18 8.72
C THR LA 227 70.71 -73.44 10.02
N PHE LA 228 69.39 -73.56 9.92
CA PHE LA 228 68.58 -73.73 11.13
C PHE LA 228 67.27 -74.40 10.77
N THR LA 229 66.57 -74.86 11.80
CA THR LA 229 65.23 -75.38 11.68
C THR LA 229 64.28 -74.54 12.53
N ALA LA 230 62.99 -74.64 12.24
CA ALA LA 230 61.99 -73.81 12.88
C ALA LA 230 60.82 -74.66 13.34
N HIS LA 231 60.14 -74.17 14.37
CA HIS LA 231 58.94 -74.81 14.89
C HIS LA 231 57.85 -73.76 14.97
N GLY LA 232 56.60 -74.21 14.88
CA GLY LA 232 55.49 -73.31 15.05
C GLY LA 232 54.30 -73.75 14.21
N GLN LA 233 53.31 -72.87 14.15
CA GLN LA 233 52.09 -73.15 13.40
C GLN LA 233 51.47 -71.83 12.98
N THR LA 234 50.57 -71.90 12.00
CA THR LA 234 49.97 -70.70 11.44
C THR LA 234 48.48 -70.93 11.24
N ARG LA 235 47.75 -69.83 11.07
CA ARG LA 235 46.34 -69.89 10.77
C ARG LA 235 46.02 -69.06 9.55
N LEU LA 236 44.85 -69.32 8.97
CA LEU LA 236 44.35 -68.58 7.83
C LEU LA 236 42.90 -68.20 8.07
N TYR LA 237 42.40 -67.30 7.22
CA TYR LA 237 41.02 -66.84 7.31
C TYR LA 237 40.49 -66.65 5.90
N PHE LA 238 39.31 -67.18 5.62
CA PHE LA 238 38.76 -67.06 4.27
C PHE LA 238 37.28 -67.42 4.30
N LYS LA 239 36.64 -67.28 3.15
CA LYS LA 239 35.28 -67.77 2.97
C LYS LA 239 35.07 -68.11 1.50
N SER LA 240 34.27 -69.13 1.25
CA SER LA 240 33.91 -69.48 -0.11
C SER LA 240 32.88 -68.50 -0.64
N VAL LA 241 32.76 -68.43 -1.96
CA VAL LA 241 31.78 -67.56 -2.60
C VAL LA 241 31.56 -68.09 -4.01
N GLY LA 242 30.45 -67.70 -4.61
CA GLY LA 242 30.17 -68.00 -6.01
C GLY LA 242 29.16 -69.13 -6.16
N ASN LA 243 28.82 -69.38 -7.42
CA ASN LA 243 27.87 -70.42 -7.79
C ASN LA 243 26.56 -70.27 -7.05
N ALA MA 31 42.28 -3.78 -48.36
CA ALA MA 31 43.55 -3.96 -49.07
C ALA MA 31 43.36 -4.72 -50.37
N GLY MA 32 42.91 -4.00 -51.40
CA GLY MA 32 42.66 -4.61 -52.70
C GLY MA 32 41.57 -3.84 -53.43
N SER MA 33 41.24 -4.33 -54.62
CA SER MA 33 40.18 -3.71 -55.40
C SER MA 33 39.21 -4.73 -55.96
N LYS MA 34 37.96 -4.71 -55.47
CA LYS MA 34 36.88 -5.56 -55.97
C LYS MA 34 37.34 -7.01 -56.15
N ALA MA 35 38.13 -7.49 -55.20
CA ALA MA 35 38.61 -8.86 -55.26
C ALA MA 35 37.44 -9.83 -55.12
N ASP MA 36 37.56 -10.96 -55.78
CA ASP MA 36 36.52 -11.98 -55.82
C ASP MA 36 37.14 -13.36 -55.66
N ARG MA 37 36.45 -14.20 -54.89
CA ARG MA 37 37.00 -15.50 -54.51
C ARG MA 37 37.49 -16.34 -55.68
N PRO MA 38 36.74 -16.51 -56.77
CA PRO MA 38 37.30 -17.21 -57.92
C PRO MA 38 38.45 -16.43 -58.54
N SER MA 39 39.32 -17.16 -59.23
CA SER MA 39 40.51 -16.56 -59.81
C SER MA 39 40.13 -15.59 -60.93
N LEU MA 40 41.06 -14.72 -61.28
CA LEU MA 40 40.85 -13.71 -62.30
C LEU MA 40 41.74 -13.99 -63.50
N GLN MA 41 41.27 -13.58 -64.68
CA GLN MA 41 41.98 -13.91 -65.90
C GLN MA 41 43.31 -13.17 -65.96
N ILE MA 42 44.19 -13.66 -66.83
CA ILE MA 42 45.54 -13.15 -66.95
C ILE MA 42 45.89 -12.91 -68.40
N GLN MA 43 46.53 -11.79 -68.69
CA GLN MA 43 47.06 -11.50 -70.00
C GLN MA 43 48.48 -10.99 -69.87
N THR MA 44 49.33 -11.36 -70.84
CA THR MA 44 50.74 -11.02 -70.80
C THR MA 44 51.16 -10.32 -72.09
N LEU MA 45 52.32 -9.69 -72.02
CA LEU MA 45 52.94 -9.11 -73.19
C LEU MA 45 54.41 -9.50 -73.21
N GLN MA 46 54.94 -9.67 -74.40
CA GLN MA 46 56.31 -10.12 -74.58
C GLN MA 46 57.07 -9.07 -75.37
N HIS MA 47 58.01 -8.39 -74.70
CA HIS MA 47 58.88 -7.44 -75.38
C HIS MA 47 60.31 -7.90 -75.16
N ALA MA 48 60.93 -8.38 -76.24
CA ALA MA 48 62.27 -8.95 -76.18
C ALA MA 48 62.68 -9.34 -77.59
N GLY MA 49 63.97 -9.55 -77.77
CA GLY MA 49 64.47 -10.05 -79.04
C GLY MA 49 64.06 -9.14 -80.18
N THR MA 50 63.33 -9.71 -81.13
CA THR MA 50 62.83 -8.94 -82.27
C THR MA 50 62.03 -7.74 -81.81
N THR MA 51 61.22 -7.90 -80.78
CA THR MA 51 60.38 -6.81 -80.29
C THR MA 51 61.06 -6.23 -79.05
N MET MA 52 61.68 -5.07 -79.22
CA MET MA 52 62.25 -4.32 -78.11
C MET MA 52 61.78 -2.89 -78.26
N ILE MA 53 61.02 -2.41 -77.29
CA ILE MA 53 60.61 -1.01 -77.32
C ILE MA 53 61.86 -0.16 -77.41
N THR MA 54 61.93 0.68 -78.44
CA THR MA 54 63.10 1.53 -78.69
C THR MA 54 62.62 2.96 -78.86
N VAL MA 55 63.15 3.86 -78.04
CA VAL MA 55 62.59 5.20 -77.96
C VAL MA 55 63.59 6.25 -78.43
N PRO MA 56 63.36 6.86 -79.58
CA PRO MA 56 64.06 8.10 -79.91
C PRO MA 56 63.50 9.26 -79.12
N SER MA 57 64.25 10.35 -79.10
CA SER MA 57 63.84 11.55 -78.38
C SER MA 57 62.44 11.96 -78.79
N GLY MA 58 61.59 12.25 -77.81
CA GLY MA 58 60.21 12.58 -78.07
C GLY MA 58 59.23 11.48 -77.71
N GLY MA 59 59.68 10.36 -77.19
CA GLY MA 59 58.79 9.35 -76.67
C GLY MA 59 58.08 8.56 -77.75
N VAL MA 60 57.29 7.59 -77.31
CA VAL MA 60 56.53 6.75 -78.22
C VAL MA 60 55.21 6.40 -77.57
N CYS MA 61 54.16 6.36 -78.37
CA CYS MA 61 52.82 6.02 -77.92
C CYS MA 61 52.57 4.55 -78.15
N ASP MA 62 51.80 3.93 -77.26
CA ASP MA 62 51.48 2.52 -77.39
C ASP MA 62 50.22 2.21 -76.61
N LEU MA 63 49.58 1.10 -76.96
CA LEU MA 63 48.40 0.62 -76.28
C LEU MA 63 48.64 -0.76 -75.71
N ILE MA 64 48.44 -0.91 -74.40
CA ILE MA 64 48.68 -2.18 -73.74
C ILE MA 64 47.42 -2.98 -73.50
N ASN MA 65 46.25 -2.47 -73.85
CA ASN MA 65 45.02 -3.11 -73.40
C ASN MA 65 44.48 -4.12 -74.39
N THR MA 66 45.22 -4.42 -75.47
CA THR MA 66 44.74 -5.30 -76.52
C THR MA 66 44.27 -6.64 -75.98
N TYR MA 67 43.08 -7.04 -76.44
CA TYR MA 67 42.48 -8.31 -76.06
C TYR MA 67 41.82 -8.93 -77.29
N ALA MA 68 42.07 -10.21 -77.52
CA ALA MA 68 41.31 -10.91 -78.54
C ALA MA 68 40.00 -11.42 -77.94
N ARG MA 69 39.17 -12.02 -78.79
CA ARG MA 69 37.94 -12.67 -78.34
C ARG MA 69 37.89 -14.08 -78.91
N GLY MA 70 37.55 -15.04 -78.06
CA GLY MA 70 37.45 -16.41 -78.51
C GLY MA 70 37.45 -17.37 -77.35
N SER MA 71 37.85 -18.60 -77.65
CA SER MA 71 37.83 -19.65 -76.66
C SER MA 71 39.01 -19.54 -75.70
N ASP MA 72 40.16 -19.14 -76.21
CA ASP MA 72 41.39 -19.21 -75.43
C ASP MA 72 41.29 -18.36 -74.17
N GLU MA 73 41.89 -18.85 -73.10
CA GLU MA 73 41.93 -18.09 -71.86
C GLU MA 73 42.80 -16.86 -72.03
N GLY MA 74 42.36 -15.77 -71.43
CA GLY MA 74 43.05 -14.50 -71.56
C GLY MA 74 42.39 -13.63 -72.61
N ASN MA 75 41.68 -14.26 -73.53
CA ASN MA 75 40.86 -13.49 -74.45
C ASN MA 75 39.55 -13.12 -73.78
N ARG MA 76 38.95 -12.03 -74.24
CA ARG MA 76 37.71 -11.56 -73.62
C ARG MA 76 36.52 -12.33 -74.15
N HIS MA 77 35.66 -12.77 -73.24
CA HIS MA 77 34.48 -13.53 -73.61
C HIS MA 77 33.30 -12.65 -73.96
N THR MA 78 33.32 -11.37 -73.58
CA THR MA 78 32.13 -10.55 -73.72
C THR MA 78 32.44 -9.26 -74.45
N SER MA 79 31.47 -8.35 -74.49
CA SER MA 79 31.70 -7.04 -75.07
C SER MA 79 32.03 -5.99 -74.03
N GLU MA 80 32.12 -6.37 -72.76
CA GLU MA 80 32.33 -5.43 -71.67
C GLU MA 80 33.41 -5.94 -70.73
N THR MA 81 34.42 -5.12 -70.48
CA THR MA 81 35.57 -5.56 -69.70
C THR MA 81 35.98 -4.50 -68.69
N LEU MA 82 36.29 -4.95 -67.48
CA LEU MA 82 36.89 -4.13 -66.44
C LEU MA 82 38.27 -4.67 -66.13
N THR MA 83 39.22 -3.77 -65.90
CA THR MA 83 40.55 -4.17 -65.47
C THR MA 83 40.83 -3.64 -64.08
N TYR MA 84 41.72 -4.32 -63.36
CA TYR MA 84 41.96 -3.96 -61.98
C TYR MA 84 43.43 -3.70 -61.67
N LYS MA 85 44.21 -4.76 -61.55
CA LYS MA 85 45.55 -4.67 -61.04
C LYS MA 85 46.54 -4.88 -62.17
N ILE MA 86 47.67 -4.17 -62.09
CA ILE MA 86 48.69 -4.25 -63.12
C ILE MA 86 50.06 -4.26 -62.45
N ALA MA 87 50.96 -5.08 -62.99
CA ALA MA 87 52.33 -5.13 -62.51
C ALA MA 87 53.26 -5.00 -63.71
N ILE MA 88 54.37 -4.30 -63.52
CA ILE MA 88 55.25 -3.97 -64.61
C ILE MA 88 56.68 -4.29 -64.19
N ASP MA 89 57.39 -5.01 -65.05
CA ASP MA 89 58.81 -5.28 -64.88
C ASP MA 89 59.52 -4.98 -66.19
N TYR MA 90 60.70 -4.39 -66.09
CA TYR MA 90 61.53 -4.20 -67.28
C TYR MA 90 62.99 -4.12 -66.89
N HIS MA 91 63.83 -4.29 -67.89
CA HIS MA 91 65.21 -3.87 -67.82
C HIS MA 91 65.43 -2.70 -68.78
N PHE MA 92 66.28 -1.77 -68.37
CA PHE MA 92 66.73 -0.68 -69.22
C PHE MA 92 68.22 -0.82 -69.48
N VAL MA 93 68.65 -0.30 -70.63
CA VAL MA 93 70.07 -0.17 -70.91
C VAL MA 93 70.27 1.00 -71.85
N ALA MA 94 71.36 1.74 -71.63
CA ALA MA 94 71.67 2.83 -72.54
C ALA MA 94 72.07 2.27 -73.90
N ASP MA 95 71.93 3.12 -74.92
CA ASP MA 95 72.33 2.75 -76.26
C ASP MA 95 73.70 3.35 -76.56
N ALA MA 96 74.56 2.55 -77.19
CA ALA MA 96 75.89 3.03 -77.56
C ALA MA 96 75.80 4.25 -78.46
N ALA MA 97 74.74 4.36 -79.26
CA ALA MA 97 74.59 5.49 -80.17
C ALA MA 97 74.71 6.81 -79.43
N ALA MA 98 74.17 6.89 -78.21
CA ALA MA 98 74.26 8.09 -77.40
C ALA MA 98 75.42 8.07 -76.42
N CYS MA 99 76.15 6.96 -76.33
CA CYS MA 99 77.26 6.89 -75.39
C CYS MA 99 78.45 7.74 -75.79
N ARG MA 100 78.44 8.31 -77.00
CA ARG MA 100 79.54 9.17 -77.42
C ARG MA 100 79.65 10.44 -76.60
N TYR MA 101 78.67 10.71 -75.74
CA TYR MA 101 78.69 11.86 -74.86
C TYR MA 101 78.55 11.39 -73.43
N SER MA 102 78.86 12.28 -72.49
CA SER MA 102 78.74 11.97 -71.08
C SER MA 102 77.89 13.02 -70.39
N ASN MA 103 76.69 12.63 -69.98
CA ASN MA 103 75.87 13.46 -69.12
C ASN MA 103 74.82 12.56 -68.48
N THR MA 104 74.22 13.06 -67.42
CA THR MA 104 73.09 12.38 -66.82
C THR MA 104 71.81 12.89 -67.47
N GLY MA 105 70.68 12.51 -66.88
CA GLY MA 105 69.40 12.97 -67.35
C GLY MA 105 68.30 12.46 -66.46
N THR MA 106 67.06 12.64 -66.90
CA THR MA 106 65.92 12.12 -66.16
C THR MA 106 64.85 11.67 -67.13
N GLY MA 107 64.28 10.49 -66.88
CA GLY MA 107 63.22 9.96 -67.69
C GLY MA 107 61.88 9.95 -66.96
N VAL MA 108 60.84 9.59 -67.72
CA VAL MA 108 59.47 9.64 -67.23
C VAL MA 108 58.68 8.51 -67.87
N MET MA 109 57.80 7.92 -67.08
CA MET MA 109 56.84 6.94 -67.58
C MET MA 109 55.46 7.32 -67.06
N TRP MA 110 54.51 7.48 -67.97
CA TRP MA 110 53.14 7.78 -67.58
C TRP MA 110 52.22 6.63 -67.91
N LEU MA 111 51.12 6.59 -67.19
CA LEU MA 111 50.02 5.69 -67.51
C LEU MA 111 48.80 6.56 -67.79
N VAL MA 112 48.37 6.60 -69.05
CA VAL MA 112 47.40 7.58 -69.51
C VAL MA 112 46.12 6.87 -69.90
N TYR MA 113 45.01 7.37 -69.41
CA TYR MA 113 43.70 6.83 -69.72
C TYR MA 113 42.96 7.73 -70.71
N ASP MA 114 42.21 7.10 -71.61
CA ASP MA 114 41.50 7.80 -72.67
C ASP MA 114 40.00 7.62 -72.50
N THR MA 115 39.25 8.55 -73.07
CA THR MA 115 37.80 8.41 -73.14
C THR MA 115 37.40 7.86 -74.50
N THR MA 116 37.49 8.68 -75.54
CA THR MA 116 37.14 8.26 -76.89
C THR MA 116 38.38 8.35 -77.77
N PRO MA 117 38.90 7.24 -78.27
CA PRO MA 117 40.06 7.32 -79.15
C PRO MA 117 39.67 7.78 -80.53
N GLY MA 118 40.56 8.53 -81.16
CA GLY MA 118 40.36 8.87 -82.55
C GLY MA 118 40.56 7.67 -83.43
N GLY MA 119 40.28 7.86 -84.72
CA GLY MA 119 40.54 6.82 -85.69
C GLY MA 119 42.01 6.55 -85.92
N GLN MA 120 42.87 7.49 -85.54
CA GLN MA 120 44.30 7.40 -85.76
C GLN MA 120 45.02 7.33 -84.42
N ALA MA 121 46.20 6.72 -84.44
CA ALA MA 121 46.96 6.54 -83.21
C ALA MA 121 47.53 7.88 -82.75
N PRO MA 122 47.40 8.20 -81.47
CA PRO MA 122 47.96 9.46 -80.98
C PRO MA 122 49.47 9.41 -80.93
N THR MA 123 50.07 10.59 -80.88
CA THR MA 123 51.50 10.72 -80.65
C THR MA 123 51.70 11.72 -79.51
N PRO MA 124 52.78 11.58 -78.75
CA PRO MA 124 52.96 12.48 -77.60
C PRO MA 124 52.82 13.95 -77.94
N GLN MA 125 53.43 14.38 -79.04
CA GLN MA 125 53.34 15.79 -79.40
C GLN MA 125 51.90 16.24 -79.48
N THR MA 126 51.01 15.32 -79.84
CA THR MA 126 49.59 15.67 -79.88
C THR MA 126 48.97 15.61 -78.49
N ILE MA 127 49.42 14.69 -77.64
CA ILE MA 127 48.75 14.55 -76.36
C ILE MA 127 49.15 15.68 -75.42
N PHE MA 128 50.36 16.19 -75.57
CA PHE MA 128 50.86 17.25 -74.71
C PHE MA 128 51.27 18.42 -75.59
N ALA MA 129 50.70 19.58 -75.31
CA ALA MA 129 51.11 20.77 -76.06
C ALA MA 129 52.42 21.27 -75.48
N TYR MA 130 53.46 21.25 -76.28
CA TYR MA 130 54.72 21.75 -75.76
C TYR MA 130 55.45 22.52 -76.84
N PRO MA 131 56.08 23.63 -76.51
CA PRO MA 131 56.93 24.32 -77.47
C PRO MA 131 58.17 23.49 -77.79
N ASP MA 132 58.76 23.76 -78.94
CA ASP MA 132 59.93 23.00 -79.38
C ASP MA 132 61.08 23.14 -78.38
N THR MA 133 61.14 24.29 -77.71
CA THR MA 133 62.21 24.50 -76.73
C THR MA 133 62.19 23.47 -75.63
N LEU MA 134 61.03 23.17 -75.06
CA LEU MA 134 60.94 22.24 -73.95
C LEU MA 134 61.13 20.79 -74.36
N LYS MA 135 61.24 20.50 -75.66
CA LYS MA 135 61.38 19.12 -76.10
C LYS MA 135 62.53 18.42 -75.40
N ALA MA 136 63.56 19.16 -75.03
CA ALA MA 136 64.68 18.58 -74.31
C ALA MA 136 64.23 17.94 -73.01
N TRP MA 137 63.57 18.71 -72.16
CA TRP MA 137 63.31 18.16 -70.83
C TRP MA 137 61.85 17.77 -70.74
N PRO MA 138 61.54 16.48 -70.81
CA PRO MA 138 60.14 16.08 -70.79
C PRO MA 138 59.50 16.29 -69.44
N ALA MA 139 60.26 16.09 -68.36
CA ALA MA 139 59.66 15.94 -67.05
C ALA MA 139 58.83 17.13 -66.64
N THR MA 140 58.96 18.25 -67.36
CA THR MA 140 58.13 19.41 -67.11
C THR MA 140 56.81 19.36 -67.85
N TRP MA 141 56.67 18.47 -68.83
CA TRP MA 141 55.43 18.42 -69.60
C TRP MA 141 54.25 18.20 -68.66
N LYS MA 142 53.12 18.79 -69.02
CA LYS MA 142 51.88 18.48 -68.34
C LYS MA 142 50.75 18.50 -69.37
N VAL MA 143 49.63 17.91 -68.98
CA VAL MA 143 48.53 17.72 -69.92
C VAL MA 143 48.04 19.06 -70.44
N SER MA 144 47.81 19.12 -71.75
CA SER MA 144 47.35 20.34 -72.38
C SER MA 144 45.91 20.65 -72.00
N ARG MA 145 45.56 21.93 -72.00
CA ARG MA 145 44.25 22.33 -71.50
C ARG MA 145 43.14 22.10 -72.52
N GLU MA 146 43.46 22.16 -73.80
CA GLU MA 146 42.41 21.99 -74.82
C GLU MA 146 41.71 20.66 -74.66
N LEU MA 147 42.46 19.61 -74.35
CA LEU MA 147 41.94 18.27 -74.24
C LEU MA 147 41.56 17.92 -72.80
N CYS MA 148 41.57 18.91 -71.91
CA CYS MA 148 41.56 18.70 -70.46
C CYS MA 148 40.58 17.64 -70.02
N HIS MA 149 39.41 17.60 -70.62
CA HIS MA 149 38.45 16.58 -70.27
C HIS MA 149 38.53 15.33 -71.13
N ARG MA 150 39.32 15.35 -72.20
CA ARG MA 150 39.40 14.16 -73.04
C ARG MA 150 40.37 13.13 -72.48
N PHE MA 151 41.39 13.56 -71.77
CA PHE MA 151 42.41 12.65 -71.25
C PHE MA 151 42.61 12.86 -69.76
N VAL MA 152 43.29 11.90 -69.14
CA VAL MA 152 43.66 12.00 -67.74
C VAL MA 152 44.81 11.04 -67.50
N VAL MA 153 45.56 11.26 -66.44
CA VAL MA 153 46.72 10.44 -66.11
C VAL MA 153 46.52 9.90 -64.70
N LYS MA 154 46.37 8.59 -64.58
CA LYS MA 154 46.07 8.01 -63.29
C LYS MA 154 47.30 7.56 -62.52
N ARG MA 155 48.48 7.55 -63.15
CA ARG MA 155 49.71 7.20 -62.46
C ARG MA 155 50.87 7.96 -63.06
N ARG MA 156 51.96 8.00 -62.33
CA ARG MA 156 53.17 8.67 -62.77
C ARG MA 156 54.36 7.99 -62.12
N TRP MA 157 55.49 7.98 -62.83
CA TRP MA 157 56.70 7.46 -62.23
C TRP MA 157 57.91 8.19 -62.76
N LEU MA 158 58.97 8.20 -61.97
CA LEU MA 158 60.23 8.82 -62.32
C LEU MA 158 61.35 7.81 -62.25
N PHE MA 159 62.39 8.09 -63.01
CA PHE MA 159 63.63 7.32 -62.95
C PHE MA 159 64.72 8.17 -63.54
N ASN MA 160 65.95 7.82 -63.23
CA ASN MA 160 67.09 8.57 -63.74
C ASN MA 160 68.22 7.60 -64.07
N MET MA 161 69.03 8.01 -65.03
CA MET MA 161 70.13 7.20 -65.50
C MET MA 161 71.18 8.10 -66.11
N GLU MA 162 72.39 7.56 -66.28
CA GLU MA 162 73.49 8.35 -66.78
C GLU MA 162 74.50 7.45 -67.44
N THR MA 163 75.34 8.04 -68.26
CA THR MA 163 76.40 7.33 -68.93
C THR MA 163 77.70 8.09 -68.85
N ASP MA 164 78.79 7.35 -68.75
CA ASP MA 164 80.11 7.93 -68.61
C ASP MA 164 80.85 8.05 -69.93
N GLY MA 165 80.25 7.61 -71.02
CA GLY MA 165 80.95 7.60 -72.30
C GLY MA 165 81.81 6.37 -72.54
N ARG MA 166 81.42 5.22 -72.00
CA ARG MA 166 82.21 4.01 -72.20
C ARG MA 166 81.27 2.83 -72.43
N ILE MA 167 81.51 2.09 -73.50
CA ILE MA 167 80.69 0.91 -73.80
C ILE MA 167 81.15 -0.23 -72.91
N GLY MA 168 80.25 -1.16 -72.63
CA GLY MA 168 80.56 -2.23 -71.69
C GLY MA 168 81.70 -3.11 -72.14
N SER MA 169 81.70 -3.50 -73.42
CA SER MA 169 82.67 -4.48 -73.90
C SER MA 169 84.11 -3.97 -73.86
N ASP MA 170 84.32 -2.70 -73.56
CA ASP MA 170 85.65 -2.11 -73.60
C ASP MA 170 86.48 -2.55 -72.40
N ILE MA 171 87.71 -2.97 -72.65
CA ILE MA 171 88.61 -3.43 -71.60
C ILE MA 171 89.31 -2.26 -70.95
N PRO MA 172 89.22 -2.10 -69.63
CA PRO MA 172 90.00 -1.07 -68.97
C PRO MA 172 91.48 -1.30 -69.16
N PRO MA 173 92.26 -0.24 -69.31
CA PRO MA 173 93.72 -0.39 -69.31
C PRO MA 173 94.20 -0.76 -67.91
N SER MA 174 95.32 -1.48 -67.87
CA SER MA 174 95.83 -2.01 -66.61
C SER MA 174 96.26 -0.93 -65.63
N ASN MA 175 96.31 0.33 -66.04
CA ASN MA 175 96.79 1.38 -65.15
C ASN MA 175 95.73 1.82 -64.16
N ALA MA 176 94.52 2.13 -64.62
CA ALA MA 176 93.51 2.76 -63.80
C ALA MA 176 92.16 2.14 -64.06
N SER MA 177 91.17 2.49 -63.23
CA SER MA 177 89.86 1.86 -63.30
C SER MA 177 88.70 2.86 -63.28
N TRP MA 178 87.48 2.34 -63.18
CA TRP MA 178 86.30 3.18 -63.13
C TRP MA 178 85.27 2.55 -62.19
N LYS MA 179 84.44 3.40 -61.59
CA LYS MA 179 83.24 2.94 -60.91
C LYS MA 179 82.06 3.43 -61.74
N PRO MA 180 81.45 2.58 -62.52
CA PRO MA 180 80.30 3.03 -63.32
C PRO MA 180 78.97 2.68 -62.68
N CYS MA 181 78.71 3.18 -61.49
CA CYS MA 181 77.44 2.90 -60.84
C CYS MA 181 76.29 3.41 -61.70
N LYS MA 182 75.23 2.62 -61.76
CA LYS MA 182 73.99 3.00 -62.44
C LYS MA 182 74.23 3.32 -63.91
N ARG MA 183 74.90 2.41 -64.61
CA ARG MA 183 74.82 2.45 -66.07
C ARG MA 183 73.48 1.91 -66.54
N ASN MA 184 73.05 0.79 -65.97
CA ASN MA 184 71.75 0.21 -66.26
C ASN MA 184 70.97 0.07 -64.96
N ILE MA 185 69.66 -0.12 -65.10
CA ILE MA 185 68.77 -0.02 -63.96
C ILE MA 185 67.66 -1.04 -64.07
N TYR MA 186 67.16 -1.47 -62.93
CA TYR MA 186 66.09 -2.45 -62.82
C TYR MA 186 64.85 -1.76 -62.28
N PHE MA 187 63.80 -1.69 -63.08
CA PHE MA 187 62.63 -0.91 -62.75
C PHE MA 187 61.41 -1.81 -62.66
N HIS MA 188 60.65 -1.68 -61.58
CA HIS MA 188 59.44 -2.45 -61.42
C HIS MA 188 58.48 -1.71 -60.50
N LYS MA 189 57.19 -1.88 -60.76
CA LYS MA 189 56.16 -1.30 -59.91
C LYS MA 189 54.96 -2.23 -59.91
N PHE MA 190 54.18 -2.14 -58.85
CA PHE MA 190 53.00 -2.96 -58.68
C PHE MA 190 51.92 -2.10 -58.05
N THR MA 191 50.74 -2.05 -58.66
CA THR MA 191 49.69 -1.19 -58.13
C THR MA 191 48.32 -1.80 -58.34
N SER MA 192 47.50 -1.77 -57.28
CA SER MA 192 46.14 -2.27 -57.34
C SER MA 192 45.10 -1.18 -57.47
N GLY MA 193 45.50 0.09 -57.47
CA GLY MA 193 44.53 1.15 -57.23
C GLY MA 193 43.54 1.33 -58.37
N LEU MA 194 44.04 1.38 -59.60
CA LEU MA 194 43.23 1.87 -60.70
C LEU MA 194 42.08 0.93 -61.00
N GLY MA 195 41.11 1.46 -61.71
CA GLY MA 195 40.10 0.64 -62.36
C GLY MA 195 39.61 1.36 -63.60
N VAL MA 196 39.17 0.59 -64.58
CA VAL MA 196 38.86 1.13 -65.90
C VAL MA 196 37.67 0.37 -66.47
N ARG MA 197 36.79 1.08 -67.14
CA ARG MA 197 35.61 0.51 -67.75
C ARG MA 197 35.74 0.63 -69.26
N THR MA 198 35.62 -0.48 -69.97
CA THR MA 198 35.84 -0.50 -71.41
C THR MA 198 34.71 -1.26 -72.10
N GLN MA 199 34.32 -0.78 -73.27
CA GLN MA 199 33.35 -1.47 -74.11
C GLN MA 199 33.91 -1.56 -75.53
N TRP MA 200 33.34 -2.46 -76.30
CA TRP MA 200 33.94 -2.85 -77.57
C TRP MA 200 32.91 -2.80 -78.69
N LYS MA 201 33.36 -2.41 -79.87
CA LYS MA 201 32.61 -2.72 -81.08
C LYS MA 201 32.63 -4.22 -81.31
N ASN MA 202 31.72 -4.69 -82.13
CA ASN MA 202 31.59 -6.13 -82.33
C ASN MA 202 32.45 -6.54 -83.51
N VAL MA 203 33.58 -7.18 -83.22
CA VAL MA 203 34.49 -7.78 -84.18
C VAL MA 203 35.29 -8.84 -83.45
N THR MA 204 36.15 -9.55 -84.17
CA THR MA 204 37.06 -10.47 -83.52
C THR MA 204 38.28 -9.76 -82.96
N ASP MA 205 38.76 -8.76 -83.68
CA ASP MA 205 40.12 -8.28 -83.52
C ASP MA 205 40.34 -7.62 -82.17
N GLY MA 206 41.61 -7.55 -81.78
CA GLY MA 206 42.02 -6.84 -80.59
C GLY MA 206 42.74 -5.54 -80.84
N GLY MA 207 42.77 -5.04 -82.07
CA GLY MA 207 43.47 -3.81 -82.37
C GLY MA 207 42.78 -2.60 -81.78
N VAL MA 208 43.38 -1.45 -82.05
CA VAL MA 208 42.84 -0.20 -81.50
C VAL MA 208 41.52 0.16 -82.14
N GLY MA 209 41.37 -0.08 -83.44
CA GLY MA 209 40.16 0.34 -84.14
C GLY MA 209 38.89 -0.25 -83.57
N ALA MA 210 39.00 -1.31 -82.79
CA ALA MA 210 37.80 -1.98 -82.29
C ALA MA 210 37.18 -1.26 -81.11
N ILE MA 211 37.99 -0.60 -80.28
CA ILE MA 211 37.51 -0.11 -79.00
C ILE MA 211 36.57 1.06 -79.19
N GLN MA 212 35.41 1.00 -78.53
CA GLN MA 212 34.48 2.13 -78.57
C GLN MA 212 34.87 3.17 -77.53
N ARG MA 213 35.23 2.76 -76.33
CA ARG MA 213 35.51 3.71 -75.26
C ARG MA 213 36.43 3.07 -74.24
N GLY MA 214 37.23 3.89 -73.56
CA GLY MA 214 38.07 3.42 -72.47
C GLY MA 214 39.45 2.88 -72.81
N ALA MA 215 40.08 3.42 -73.85
CA ALA MA 215 41.41 2.96 -74.20
C ALA MA 215 42.41 3.33 -73.10
N LEU MA 216 43.54 2.63 -73.11
CA LEU MA 216 44.56 2.79 -72.09
C LEU MA 216 45.93 2.82 -72.74
N TYR MA 217 46.66 3.92 -72.56
CA TYR MA 217 47.94 4.13 -73.21
C TYR MA 217 49.09 4.10 -72.23
N MET MA 218 50.25 3.71 -72.71
CA MET MA 218 51.51 3.78 -71.98
C MET MA 218 52.50 4.61 -72.77
N VAL MA 219 53.25 5.46 -72.09
CA VAL MA 219 54.14 6.40 -72.75
C VAL MA 219 55.48 6.40 -72.03
N ILE MA 220 56.56 6.47 -72.80
CA ILE MA 220 57.92 6.51 -72.27
C ILE MA 220 58.59 7.79 -72.74
N ALA MA 221 59.18 8.52 -71.81
CA ALA MA 221 59.83 9.79 -72.13
C ALA MA 221 61.32 9.70 -71.82
N PRO MA 222 62.19 9.81 -72.81
CA PRO MA 222 63.62 9.70 -72.56
C PRO MA 222 64.17 10.96 -71.91
N GLY MA 223 65.35 10.81 -71.33
CA GLY MA 223 66.08 11.96 -70.83
C GLY MA 223 66.64 12.80 -71.96
N ASN MA 224 67.13 13.98 -71.60
CA ASN MA 224 67.66 14.91 -72.59
C ASN MA 224 68.78 14.25 -73.40
N GLY MA 225 68.63 14.28 -74.72
CA GLY MA 225 69.65 13.79 -75.62
C GLY MA 225 70.17 12.42 -75.25
N LEU MA 226 69.32 11.57 -74.70
CA LEU MA 226 69.71 10.26 -74.22
C LEU MA 226 68.73 9.22 -74.74
N THR MA 227 69.21 8.32 -75.58
CA THR MA 227 68.36 7.32 -76.22
C THR MA 227 68.73 5.94 -75.71
N PHE MA 228 67.72 5.08 -75.58
CA PHE MA 228 67.96 3.76 -75.03
C PHE MA 228 66.88 2.81 -75.49
N THR MA 229 67.12 1.53 -75.28
CA THR MA 229 66.14 0.49 -75.49
C THR MA 229 65.90 -0.25 -74.18
N ALA MA 230 64.78 -0.96 -74.11
CA ALA MA 230 64.36 -1.62 -72.88
C ALA MA 230 63.94 -3.04 -73.16
N HIS MA 231 64.07 -3.89 -72.14
CA HIS MA 231 63.63 -5.27 -72.22
C HIS MA 231 62.75 -5.54 -71.02
N GLY MA 232 61.85 -6.50 -71.16
CA GLY MA 232 61.02 -6.92 -70.06
C GLY MA 232 59.66 -7.39 -70.55
N GLN MA 233 58.76 -7.58 -69.59
CA GLN MA 233 57.42 -8.05 -69.87
C GLN MA 233 56.50 -7.59 -68.76
N THR MA 234 55.19 -7.62 -69.03
CA THR MA 234 54.21 -7.13 -68.09
C THR MA 234 53.01 -8.06 -68.05
N ARG MA 235 52.22 -7.92 -67.00
CA ARG MA 235 50.99 -8.69 -66.86
C ARG MA 235 49.82 -7.77 -66.59
N LEU MA 236 48.63 -8.31 -66.82
CA LEU MA 236 47.38 -7.60 -66.54
C LEU MA 236 46.45 -8.51 -65.78
N TYR MA 237 45.38 -7.91 -65.25
CA TYR MA 237 44.38 -8.64 -64.51
C TYR MA 237 43.01 -8.04 -64.82
N PHE MA 238 42.03 -8.88 -65.13
CA PHE MA 238 40.72 -8.37 -65.48
C PHE MA 238 39.72 -9.51 -65.45
N LYS MA 239 38.46 -9.17 -65.69
CA LYS MA 239 37.41 -10.18 -65.90
C LYS MA 239 36.32 -9.58 -66.77
N SER MA 240 35.73 -10.42 -67.60
CA SER MA 240 34.60 -9.98 -68.40
C SER MA 240 33.36 -9.89 -67.54
N VAL MA 241 32.38 -9.12 -68.03
CA VAL MA 241 31.10 -8.99 -67.33
C VAL MA 241 30.07 -8.51 -68.34
N GLY MA 242 28.80 -8.69 -68.01
CA GLY MA 242 27.71 -8.17 -68.81
C GLY MA 242 27.04 -9.25 -69.63
N ASN MA 243 25.98 -8.83 -70.32
CA ASN MA 243 25.18 -9.70 -71.18
C ASN MA 243 24.71 -10.93 -70.43
N ALA NA 31 38.19 -42.12 30.16
CA ALA NA 31 39.40 -42.69 30.75
C ALA NA 31 39.07 -43.44 32.04
N GLY NA 32 38.57 -44.65 31.90
CA GLY NA 32 38.20 -45.46 33.04
C GLY NA 32 37.09 -46.42 32.68
N SER NA 33 36.65 -47.20 33.67
CA SER NA 33 35.54 -48.11 33.44
C SER NA 33 34.50 -48.05 34.54
N LYS NA 34 33.30 -47.57 34.20
CA LYS NA 34 32.16 -47.52 35.11
C LYS NA 34 32.55 -46.98 36.49
N ALA NA 35 33.40 -45.96 36.49
CA ALA NA 35 33.82 -45.34 37.73
C ALA NA 35 32.64 -44.68 38.42
N ASP NA 36 32.67 -44.69 39.75
CA ASP NA 36 31.60 -44.17 40.56
C ASP NA 36 32.18 -43.37 41.72
N ARG NA 37 31.53 -42.24 42.02
CA ARG NA 37 32.07 -41.29 43.00
C ARG NA 37 32.43 -41.91 44.33
N PRO NA 38 31.60 -42.74 44.97
CA PRO NA 38 32.05 -43.41 46.19
C PRO NA 38 33.16 -44.39 45.90
N SER NA 39 33.95 -44.67 46.93
CA SER NA 39 35.11 -45.53 46.78
C SER NA 39 34.67 -46.96 46.47
N LEU NA 40 35.61 -47.74 45.96
CA LEU NA 40 35.36 -49.12 45.57
C LEU NA 40 36.13 -50.07 46.47
N GLN NA 41 35.58 -51.26 46.68
CA GLN NA 41 36.19 -52.19 47.61
C GLN NA 41 37.53 -52.69 47.09
N ILE NA 42 38.32 -53.24 48.00
CA ILE NA 42 39.69 -53.66 47.71
C ILE NA 42 39.90 -55.05 48.26
N GLN NA 43 40.57 -55.89 47.46
CA GLN NA 43 41.00 -57.20 47.90
C GLN NA 43 42.45 -57.42 47.50
N THR NA 44 43.21 -58.12 48.34
CA THR NA 44 44.62 -58.33 48.12
C THR NA 44 44.97 -59.80 48.20
N LEU NA 45 46.15 -60.13 47.69
CA LEU NA 45 46.70 -61.46 47.81
C LEU NA 45 48.13 -61.36 48.27
N GLN NA 46 48.57 -62.34 49.04
CA GLN NA 46 49.90 -62.32 49.60
C GLN NA 46 50.64 -63.57 49.13
N HIS NA 47 51.64 -63.39 48.29
CA HIS NA 47 52.50 -64.49 47.86
C HIS NA 47 53.92 -64.15 48.25
N ALA NA 48 54.44 -64.87 49.24
CA ALA NA 48 55.76 -64.60 49.79
C ALA NA 48 56.04 -65.65 50.85
N GLY NA 49 57.32 -65.76 51.21
CA GLY NA 49 57.68 -66.64 52.31
C GLY NA 49 57.22 -68.06 52.06
N THR NA 50 56.40 -68.56 52.98
CA THR NA 50 55.84 -69.89 52.84
C THR NA 50 55.11 -70.07 51.52
N THR NA 51 54.37 -69.06 51.09
CA THR NA 51 53.63 -69.13 49.84
C THR NA 51 54.42 -68.38 48.78
N MET NA 52 55.06 -69.14 47.89
CA MET NA 52 55.74 -68.59 46.74
C MET NA 52 55.31 -69.40 45.55
N ILE NA 53 54.64 -68.76 44.58
CA ILE NA 53 54.28 -69.47 43.38
C ILE NA 53 55.55 -70.05 42.77
N THR NA 54 55.56 -71.36 42.54
CA THR NA 54 56.73 -72.05 42.02
C THR NA 54 56.29 -72.89 40.84
N VAL NA 55 56.91 -72.66 39.69
CA VAL NA 55 56.41 -73.23 38.45
C VAL NA 55 57.40 -74.22 37.84
N PRO NA 56 57.10 -75.49 37.86
CA PRO NA 56 57.81 -76.44 37.01
C PRO NA 56 57.35 -76.31 35.57
N SER NA 57 58.14 -76.88 34.67
CA SER NA 57 57.82 -76.83 33.24
C SER NA 57 56.41 -77.32 33.00
N GLY NA 58 55.66 -76.57 32.21
CA GLY NA 58 54.26 -76.88 31.95
C GLY NA 58 53.28 -75.99 32.66
N GLY NA 59 53.74 -75.00 33.41
CA GLY NA 59 52.85 -73.99 33.96
C GLY NA 59 52.04 -74.50 35.13
N VAL NA 60 51.26 -73.59 35.70
CA VAL NA 60 50.40 -73.92 36.82
C VAL NA 60 49.12 -73.11 36.72
N CYS NA 61 48.02 -73.73 37.09
CA CYS NA 61 46.70 -73.11 37.06
C CYS NA 61 46.38 -72.56 38.43
N ASP NA 62 45.67 -71.43 38.47
CA ASP NA 62 45.30 -70.83 39.73
C ASP NA 62 44.09 -69.93 39.52
N LEU NA 63 43.39 -69.64 40.62
CA LEU NA 63 42.25 -68.75 40.61
C LEU NA 63 42.50 -67.59 41.55
N ILE NA 64 42.38 -66.38 41.02
CA ILE NA 64 42.63 -65.17 41.80
C ILE NA 64 41.37 -64.50 42.29
N ASN NA 65 40.19 -65.01 41.95
CA ASN NA 65 38.98 -64.24 42.19
C ASN NA 65 38.33 -64.56 43.53
N THR NA 66 38.98 -65.38 44.35
CA THR NA 66 38.39 -65.82 45.61
C THR NA 66 37.91 -64.67 46.47
N TYR NA 67 36.69 -64.79 46.97
CA TYR NA 67 36.07 -63.80 47.85
C TYR NA 67 35.29 -64.52 48.94
N ALA NA 68 35.48 -64.10 50.18
CA ALA NA 68 34.63 -64.59 51.24
C ALA NA 68 33.36 -63.75 51.30
N ARG NA 69 32.44 -64.13 52.18
CA ARG NA 69 31.24 -63.36 52.44
C ARG NA 69 31.08 -63.14 53.93
N GLY NA 70 30.77 -61.91 54.32
CA GLY NA 70 30.61 -61.62 55.72
C GLY NA 70 30.66 -60.13 55.97
N SER NA 71 31.00 -59.80 57.22
CA SER NA 71 31.02 -58.41 57.64
C SER NA 71 32.27 -57.70 57.15
N ASP NA 72 33.39 -58.40 57.13
CA ASP NA 72 34.68 -57.75 56.89
C ASP NA 72 34.71 -57.09 55.51
N GLU NA 73 35.36 -55.94 55.45
CA GLU NA 73 35.53 -55.25 54.18
C GLU NA 73 36.42 -56.06 53.26
N GLY NA 74 36.06 -56.07 51.99
CA GLY NA 74 36.79 -56.85 51.01
C GLY NA 74 36.07 -58.15 50.73
N ASN NA 75 35.27 -58.61 51.67
CA ASN NA 75 34.42 -59.74 51.41
C ASN NA 75 33.16 -59.28 50.67
N ARG NA 76 32.57 -60.19 49.91
CA ARG NA 76 31.41 -59.83 49.12
C ARG NA 76 30.16 -59.83 49.97
N HIS NA 77 29.35 -58.77 49.84
CA HIS NA 77 28.12 -58.67 50.60
C HIS NA 77 26.94 -59.35 49.93
N THR NA 78 27.03 -59.66 48.64
CA THR NA 78 25.87 -60.13 47.91
C THR NA 78 26.17 -61.42 47.17
N SER NA 79 25.22 -61.85 46.35
CA SER NA 79 25.44 -63.03 45.51
C SER NA 79 25.90 -62.67 44.12
N GLU NA 80 26.07 -61.39 43.82
CA GLU NA 80 26.40 -60.92 42.48
C GLU NA 80 27.53 -59.91 42.54
N THR NA 81 28.58 -60.16 41.76
CA THR NA 81 29.79 -59.33 41.83
C THR NA 81 30.29 -58.99 40.44
N LEU NA 82 30.69 -57.74 40.25
CA LEU NA 82 31.40 -57.29 39.07
C LEU NA 82 32.78 -56.82 39.48
N THR NA 83 33.77 -57.11 38.64
CA THR NA 83 35.13 -56.62 38.87
C THR NA 83 35.52 -55.69 37.74
N TYR NA 84 36.43 -54.77 38.04
CA TYR NA 84 36.80 -53.78 37.04
C TYR NA 84 38.29 -53.72 36.76
N LYS NA 85 39.04 -53.13 37.68
CA LYS NA 85 40.43 -52.79 37.44
C LYS NA 85 41.33 -53.71 38.25
N ILE NA 86 42.47 -54.05 37.68
CA ILE NA 86 43.41 -54.96 38.33
C ILE NA 86 44.82 -54.46 38.09
N ALA NA 87 45.66 -54.55 39.12
CA ALA NA 87 47.05 -54.18 39.03
C ALA NA 87 47.89 -55.33 39.57
N ILE NA 88 49.03 -55.57 38.95
CA ILE NA 88 49.85 -56.73 39.26
C ILE NA 88 51.27 -56.28 39.44
N ASP NA 89 51.90 -56.71 40.52
CA ASP NA 89 53.32 -56.50 40.77
C ASP NA 89 53.93 -57.82 41.21
N TYR NA 90 55.14 -58.09 40.73
CA TYR NA 90 55.88 -59.24 41.21
C TYR NA 90 57.36 -59.03 41.06
N HIS NA 91 58.12 -59.85 41.75
CA HIS NA 91 59.52 -60.07 41.45
C HIS NA 91 59.70 -61.49 40.92
N PHE NA 92 60.61 -61.64 39.97
CA PHE NA 92 61.02 -62.95 39.48
C PHE NA 92 62.47 -63.18 39.84
N VAL NA 93 62.84 -64.46 39.97
CA VAL NA 93 64.24 -64.84 40.11
C VAL NA 93 64.40 -66.25 39.57
N ALA NA 94 65.52 -66.49 38.90
CA ALA NA 94 65.80 -67.82 38.43
C ALA NA 94 66.07 -68.75 39.60
N ASP NA 95 65.87 -70.04 39.37
CA ASP NA 95 66.17 -71.04 40.38
C ASP NA 95 67.53 -71.66 40.11
N ALA NA 96 68.31 -71.85 41.17
CA ALA NA 96 69.61 -72.49 41.02
C ALA NA 96 69.50 -73.87 40.41
N ALA NA 97 68.38 -74.56 40.65
CA ALA NA 97 68.20 -75.90 40.11
C ALA NA 97 68.41 -75.94 38.60
N ALA NA 98 67.97 -74.89 37.89
CA ALA NA 98 68.17 -74.80 36.45
C ALA NA 98 69.40 -74.00 36.07
N CYS NA 99 70.10 -73.41 37.03
CA CYS NA 99 71.27 -72.61 36.70
C CYS NA 99 72.46 -73.44 36.25
N ARG NA 100 72.38 -74.77 36.35
CA ARG NA 100 73.47 -75.61 35.90
C ARG NA 100 73.68 -75.55 34.39
N TYR NA 101 72.79 -74.89 33.67
CA TYR NA 101 72.90 -74.72 32.24
C TYR NA 101 72.88 -73.23 31.92
N SER NA 102 73.27 -72.88 30.70
CA SER NA 102 73.27 -71.49 30.27
C SER NA 102 72.50 -71.38 28.96
N ASN NA 103 71.32 -70.78 29.01
CA ASN NA 103 70.60 -70.39 27.81
C ASN NA 103 69.58 -69.34 28.20
N THR NA 104 69.08 -68.64 27.20
CA THR NA 104 67.98 -67.74 27.41
C THR NA 104 66.67 -68.47 27.22
N GLY NA 105 65.58 -67.72 27.17
CA GLY NA 105 64.28 -68.29 26.92
C GLY NA 105 63.24 -67.20 26.85
N THR NA 106 61.98 -67.61 26.82
CA THR NA 106 60.88 -66.66 26.83
C THR NA 106 59.72 -67.22 27.62
N GLY NA 107 59.14 -66.38 28.48
CA GLY NA 107 57.99 -66.76 29.28
C GLY NA 107 56.71 -66.06 28.83
N VAL NA 108 55.62 -66.47 29.45
CA VAL NA 108 54.28 -66.01 29.07
C VAL NA 108 53.41 -65.96 30.31
N MET NA 109 52.57 -64.94 30.38
CA MET NA 109 51.55 -64.82 31.41
C MET NA 109 50.23 -64.51 30.72
N TRP NA 110 49.21 -65.31 30.97
CA TRP NA 110 47.89 -65.07 30.43
C TRP NA 110 46.91 -64.72 31.52
N LEU NA 111 45.86 -64.03 31.13
CA LEU NA 111 44.71 -63.79 31.99
C LEU NA 111 43.51 -64.41 31.30
N VAL NA 112 42.99 -65.49 31.85
CA VAL NA 112 42.02 -66.34 31.17
C VAL NA 112 40.68 -66.25 31.90
N TYR NA 113 39.62 -66.02 31.13
CA TYR NA 113 38.28 -65.95 31.67
C TYR NA 113 37.50 -67.21 31.33
N ASP NA 114 36.66 -67.64 32.27
CA ASP NA 114 35.90 -68.86 32.14
C ASP NA 114 34.41 -68.56 32.12
N THR NA 115 33.64 -69.48 31.54
CA THR NA 115 32.19 -69.39 31.60
C THR NA 115 31.66 -70.27 32.72
N THR NA 116 31.70 -71.59 32.54
CA THR NA 116 31.24 -72.53 33.55
C THR NA 116 32.40 -73.40 33.98
N PRO NA 117 32.85 -73.31 35.23
CA PRO NA 117 33.94 -74.16 35.68
C PRO NA 117 33.45 -75.57 35.94
N GLY NA 118 34.31 -76.52 35.66
CA GLY NA 118 34.03 -77.88 36.04
C GLY NA 118 34.11 -78.07 37.54
N GLY NA 119 33.73 -79.26 37.99
CA GLY NA 119 33.88 -79.58 39.39
C GLY NA 119 35.31 -79.73 39.83
N GLN NA 120 36.24 -79.92 38.89
CA GLN NA 120 37.64 -80.13 39.18
C GLN NA 120 38.46 -78.98 38.63
N ALA NA 121 39.61 -78.76 39.24
CA ALA NA 121 40.46 -77.64 38.83
C ALA NA 121 41.11 -77.93 37.49
N PRO NA 122 41.10 -76.98 36.56
CA PRO NA 122 41.73 -77.22 35.27
C PRO NA 122 43.24 -77.23 35.39
N THR NA 123 43.88 -77.80 34.38
CA THR NA 123 45.32 -77.75 34.25
C THR NA 123 45.65 -77.28 32.83
N PRO NA 124 46.78 -76.60 32.64
CA PRO NA 124 47.08 -76.06 31.32
C PRO NA 124 46.97 -77.08 30.21
N GLN NA 125 47.49 -78.29 30.42
CA GLN NA 125 47.44 -79.29 29.36
C GLN NA 125 46.00 -79.52 28.92
N THR NA 126 45.05 -79.32 29.83
CA THR NA 126 43.65 -79.45 29.46
C THR NA 126 43.14 -78.20 28.77
N ILE NA 127 43.63 -77.02 29.18
CA ILE NA 127 43.05 -75.81 28.62
C ILE NA 127 43.56 -75.58 27.21
N PHE NA 128 44.77 -76.02 26.92
CA PHE NA 128 45.38 -75.84 25.61
C PHE NA 128 45.75 -77.21 25.06
N ALA NA 129 45.25 -77.53 23.88
CA ALA NA 129 45.63 -78.78 23.25
C ALA NA 129 46.99 -78.60 22.61
N TYR NA 130 47.98 -79.33 23.11
CA TYR NA 130 49.28 -79.20 22.49
C TYR NA 130 49.96 -80.56 22.42
N PRO NA 131 50.64 -80.85 21.33
CA PRO NA 131 51.44 -82.07 21.28
C PRO NA 131 52.62 -81.98 22.24
N ASP NA 132 53.14 -83.16 22.61
CA ASP NA 132 54.23 -83.21 23.57
C ASP NA 132 55.46 -82.48 23.03
N THR NA 133 55.62 -82.47 21.71
CA THR NA 133 56.76 -81.80 21.11
C THR NA 133 56.80 -80.32 21.46
N LEU NA 134 55.68 -79.63 21.35
CA LEU NA 134 55.63 -78.19 21.60
C LEU NA 134 55.75 -77.84 23.07
N LYS NA 135 55.75 -78.82 23.97
CA LYS NA 135 55.81 -78.51 25.40
C LYS NA 135 56.98 -77.62 25.74
N ALA NA 136 58.06 -77.73 24.97
CA ALA NA 136 59.21 -76.87 25.19
C ALA NA 136 58.84 -75.40 25.08
N TRP NA 137 58.28 -75.01 23.94
CA TRP NA 137 58.10 -73.59 23.74
C TRP NA 137 56.65 -73.23 23.94
N PRO NA 138 56.30 -72.64 25.07
CA PRO NA 138 54.88 -72.34 25.30
C PRO NA 138 54.37 -71.24 24.41
N ALA NA 139 55.20 -70.25 24.10
CA ALA NA 139 54.70 -69.01 23.54
C ALA NA 139 53.94 -69.22 22.25
N THR NA 140 54.05 -70.39 21.65
CA THR NA 140 53.27 -70.72 20.47
C THR NA 140 51.90 -71.27 20.79
N TRP NA 141 51.66 -71.67 22.03
CA TRP NA 141 50.37 -72.24 22.37
C TRP NA 141 49.25 -71.27 22.02
N LYS NA 142 48.12 -71.80 21.60
CA LYS NA 142 46.92 -71.00 21.45
C LYS NA 142 45.73 -71.83 21.87
N VAL NA 143 44.61 -71.15 22.12
CA VAL NA 143 43.44 -71.80 22.67
C VAL NA 143 42.97 -72.91 21.74
N SER NA 144 42.62 -74.06 22.32
CA SER NA 144 42.17 -75.19 21.54
C SER NA 144 40.77 -74.94 21.00
N ARG NA 145 40.46 -75.56 19.86
CA ARG NA 145 39.20 -75.27 19.17
C ARG NA 145 38.01 -75.97 19.80
N GLU NA 146 38.22 -77.13 20.42
CA GLU NA 146 37.11 -77.87 20.99
C GLU NA 146 36.38 -77.03 22.02
N LEU NA 147 37.12 -76.28 22.82
CA LEU NA 147 36.55 -75.47 23.89
C LEU NA 147 36.27 -74.05 23.45
N CYS NA 148 36.39 -73.77 22.16
CA CYS NA 148 36.49 -72.42 21.62
C CYS NA 148 35.51 -71.45 22.25
N HIS NA 149 34.30 -71.89 22.50
CA HIS NA 149 33.33 -71.02 23.15
C HIS NA 149 33.31 -71.15 24.66
N ARG NA 150 34.01 -72.13 25.22
CA ARG NA 150 33.98 -72.26 26.68
C ARG NA 150 34.96 -71.32 27.36
N PHE NA 151 36.05 -70.96 26.70
CA PHE NA 151 37.08 -70.12 27.30
C PHE NA 151 37.40 -68.94 26.39
N VAL NA 152 38.08 -67.96 26.97
CA VAL NA 152 38.57 -66.82 26.21
C VAL NA 152 39.70 -66.19 27.00
N VAL NA 153 40.54 -65.42 26.32
CA VAL NA 153 41.69 -64.79 26.95
C VAL NA 153 41.58 -63.28 26.71
N LYS NA 154 41.40 -62.52 27.77
CA LYS NA 154 41.19 -61.09 27.62
C LYS NA 154 42.47 -60.28 27.70
N ARG NA 155 43.58 -60.87 28.12
CA ARG NA 155 44.85 -60.16 28.15
C ARG NA 155 45.98 -61.13 27.88
N ARG NA 156 47.13 -60.56 27.55
CA ARG NA 156 48.33 -61.35 27.27
C ARG NA 156 49.54 -60.51 27.62
N TRP NA 157 50.61 -61.17 28.06
CA TRP NA 157 51.84 -60.46 28.29
C TRP NA 157 53.03 -61.34 28.00
N LEU NA 158 54.15 -60.71 27.67
CA LEU NA 158 55.40 -61.40 27.39
C LEU NA 158 56.49 -60.89 28.31
N PHE NA 159 57.48 -61.75 28.52
CA PHE NA 159 58.68 -61.36 29.24
C PHE NA 159 59.76 -62.35 28.86
N ASN NA 160 61.00 -61.97 29.10
CA ASN NA 160 62.11 -62.85 28.79
C ASN NA 160 63.18 -62.71 29.85
N MET NA 161 63.94 -63.79 30.03
CA MET NA 161 64.96 -63.84 31.06
C MET NA 161 65.99 -64.87 30.64
N GLU NA 162 67.15 -64.81 31.28
CA GLU NA 162 68.24 -65.69 30.90
C GLU NA 162 69.17 -65.86 32.08
N THR NA 163 69.97 -66.92 32.04
CA THR NA 163 70.95 -67.20 33.07
C THR NA 163 72.27 -67.57 32.44
N ASP NA 164 73.33 -67.17 33.11
CA ASP NA 164 74.69 -67.41 32.63
C ASP NA 164 75.33 -68.65 33.24
N GLY NA 165 74.63 -69.35 34.13
CA GLY NA 165 75.23 -70.47 34.81
C GLY NA 165 76.01 -70.12 36.05
N ARG NA 166 75.64 -69.06 36.75
CA ARG NA 166 76.36 -68.67 37.95
C ARG NA 166 75.37 -68.22 39.02
N ILE NA 167 75.50 -68.79 40.21
CA ILE NA 167 74.63 -68.42 41.31
C ILE NA 167 75.12 -67.10 41.91
N GLY NA 168 74.20 -66.35 42.50
CA GLY NA 168 74.55 -65.02 42.99
C GLY NA 168 75.63 -65.04 44.05
N SER NA 169 75.52 -65.93 45.02
CA SER NA 169 76.41 -65.91 46.16
C SER NA 169 77.86 -66.21 45.81
N ASP NA 170 78.15 -66.60 44.57
CA ASP NA 170 79.49 -67.00 44.19
C ASP NA 170 80.38 -65.78 44.02
N ILE NA 171 81.58 -65.85 44.58
CA ILE NA 171 82.54 -64.75 44.53
C ILE NA 171 83.33 -64.81 43.23
N PRO NA 172 83.35 -63.75 42.44
CA PRO NA 172 84.21 -63.74 41.27
C PRO NA 172 85.67 -63.86 41.66
N PRO NA 173 86.47 -64.56 40.88
CA PRO NA 173 87.91 -64.55 41.10
C PRO NA 173 88.49 -63.19 40.76
N SER NA 174 89.59 -62.86 41.44
CA SER NA 174 90.18 -61.52 41.30
C SER NA 174 90.72 -61.24 39.92
N ASN NA 175 90.77 -62.23 39.03
CA ASN NA 175 91.36 -62.00 37.71
C ASN NA 175 90.39 -61.31 36.76
N ALA NA 176 89.16 -61.80 36.65
CA ALA NA 176 88.25 -61.35 35.62
C ALA NA 176 86.85 -61.20 36.20
N SER NA 177 85.95 -60.61 35.42
CA SER NA 177 84.62 -60.29 35.91
C SER NA 177 83.50 -60.70 34.96
N TRP NA 178 82.27 -60.30 35.28
CA TRP NA 178 81.12 -60.61 34.44
C TRP NA 178 80.17 -59.44 34.45
N LYS NA 179 79.40 -59.30 33.36
CA LYS NA 179 78.25 -58.42 33.34
C LYS NA 179 77.03 -59.31 33.25
N PRO NA 180 76.32 -59.55 34.34
CA PRO NA 180 75.13 -60.39 34.26
C PRO NA 180 73.84 -59.61 34.17
N CYS NA 181 73.69 -58.80 33.11
CA CYS NA 181 72.46 -58.05 32.95
C CYS NA 181 71.27 -58.98 32.85
N LYS NA 182 70.18 -58.58 33.50
CA LYS NA 182 68.91 -59.30 33.42
C LYS NA 182 69.04 -60.74 33.89
N ARG NA 183 69.63 -60.92 35.08
CA ARG NA 183 69.43 -62.20 35.75
C ARG NA 183 68.05 -62.27 36.38
N ASN NA 184 67.63 -61.20 37.03
CA ASN NA 184 66.29 -61.09 37.58
C ASN NA 184 65.60 -59.86 37.00
N ILE NA 185 64.28 -59.81 37.15
CA ILE NA 185 63.49 -58.84 36.43
C ILE NA 185 62.35 -58.36 37.31
N TYR NA 186 61.92 -57.13 37.07
CA TYR NA 186 60.82 -56.50 37.79
C TYR NA 186 59.66 -56.31 36.84
N PHE NA 187 58.55 -56.98 37.12
CA PHE NA 187 57.43 -57.03 36.20
C PHE NA 187 56.19 -56.45 36.85
N HIS NA 188 55.53 -55.53 36.14
CA HIS NA 188 54.31 -54.94 36.65
C HIS NA 188 53.46 -54.48 35.49
N LYS NA 189 52.14 -54.55 35.67
CA LYS NA 189 51.19 -54.06 34.68
C LYS NA 189 49.97 -53.52 35.41
N PHE NA 190 49.28 -52.60 34.74
CA PHE NA 190 48.08 -51.98 35.30
C PHE NA 190 47.09 -51.82 34.16
N THR NA 191 45.88 -52.31 34.35
CA THR NA 191 44.90 -52.23 33.27
C THR NA 191 43.49 -52.03 33.80
N SER NA 192 42.76 -51.09 33.20
CA SER NA 192 41.39 -50.82 33.57
C SER NA 192 40.36 -51.43 32.61
N GLY NA 193 40.81 -52.08 31.55
CA GLY NA 193 39.90 -52.36 30.45
C GLY NA 193 38.83 -53.37 30.79
N LEU NA 194 39.23 -54.48 31.38
CA LEU NA 194 38.36 -55.65 31.45
C LEU NA 194 37.16 -55.38 32.34
N GLY NA 195 36.15 -56.21 32.17
CA GLY NA 195 35.07 -56.32 33.13
C GLY NA 195 34.51 -57.72 33.08
N VAL NA 196 33.97 -58.15 34.22
CA VAL NA 196 33.57 -59.55 34.39
C VAL NA 196 32.33 -59.59 35.24
N ARG NA 197 31.41 -60.49 34.88
CA ARG NA 197 30.17 -60.67 35.62
C ARG NA 197 30.18 -62.05 36.27
N THR NA 198 29.98 -62.10 37.58
CA THR NA 198 30.07 -63.35 38.32
C THR NA 198 28.87 -63.50 39.24
N GLN NA 199 28.40 -64.73 39.38
CA GLN NA 199 27.36 -65.07 40.33
C GLN NA 199 27.80 -66.27 41.14
N TRP NA 200 27.14 -66.47 42.28
CA TRP NA 200 27.62 -67.40 43.28
C TRP NA 200 26.51 -68.33 43.73
N LYS NA 201 26.88 -69.58 44.01
CA LYS NA 201 26.03 -70.43 44.82
C LYS NA 201 25.98 -69.88 46.23
N ASN NA 202 24.99 -70.31 46.99
CA ASN NA 202 24.80 -69.76 48.32
C ASN NA 202 25.55 -70.61 49.32
N VAL NA 203 26.68 -70.10 49.80
CA VAL NA 203 27.48 -70.68 50.87
C VAL NA 203 28.31 -69.56 51.47
N THR NA 204 29.09 -69.86 52.50
CA THR NA 204 30.02 -68.88 53.04
C THR NA 204 31.30 -68.83 52.24
N ASP NA 205 31.75 -69.98 51.75
CA ASP NA 205 33.13 -70.16 51.35
C ASP NA 205 33.48 -69.32 50.12
N GLY NA 206 34.78 -69.09 49.95
CA GLY NA 206 35.31 -68.43 48.79
C GLY NA 206 36.06 -69.33 47.83
N GLY NA 207 35.99 -70.64 48.00
CA GLY NA 207 36.70 -71.56 47.14
C GLY NA 207 36.10 -71.62 45.75
N VAL NA 208 36.73 -72.45 44.92
CA VAL NA 208 36.28 -72.57 43.54
C VAL NA 208 34.92 -73.26 43.45
N GLY NA 209 34.65 -74.24 44.30
CA GLY NA 209 33.41 -74.99 44.20
C GLY NA 209 32.17 -74.14 44.34
N ALA NA 210 32.30 -72.94 44.88
CA ALA NA 210 31.13 -72.11 45.13
C ALA NA 210 30.64 -71.41 43.87
N ILE NA 211 31.52 -71.08 42.95
CA ILE NA 211 31.16 -70.18 41.86
C ILE NA 211 30.25 -70.89 40.88
N GLN NA 212 29.14 -70.24 40.54
CA GLN NA 212 28.26 -70.77 39.51
C GLN NA 212 28.74 -70.43 38.11
N ARG NA 213 29.19 -69.19 37.90
CA ARG NA 213 29.59 -68.77 36.57
C ARG NA 213 30.56 -67.61 36.68
N GLY NA 214 31.44 -67.47 35.68
CA GLY NA 214 32.34 -66.33 35.61
C GLY NA 214 33.67 -66.43 36.33
N ALA NA 215 34.24 -67.63 36.43
CA ALA NA 215 35.52 -67.77 37.08
C ALA NA 215 36.62 -67.06 36.30
N LEU NA 216 37.72 -66.77 36.98
CA LEU NA 216 38.83 -66.02 36.40
C LEU NA 216 40.13 -66.67 36.79
N TYR NA 217 40.91 -67.10 35.80
CA TYR NA 217 42.14 -67.84 36.04
C TYR NA 217 43.37 -67.02 35.63
N MET NA 218 44.48 -67.31 36.30
CA MET NA 218 45.78 -66.77 35.95
C MET NA 218 46.73 -67.93 35.70
N VAL NA 219 47.57 -67.80 34.68
CA VAL NA 219 48.44 -68.89 34.25
C VAL NA 219 49.83 -68.34 33.98
N ILE NA 220 50.85 -69.09 34.38
CA ILE NA 220 52.24 -68.72 34.17
C ILE NA 220 52.91 -69.80 33.35
N ALA NA 221 53.60 -69.40 32.29
CA ALA NA 221 54.27 -70.34 31.40
C ALA NA 221 55.77 -70.11 31.42
N PRO NA 222 56.56 -71.06 31.87
CA PRO NA 222 58.00 -70.87 31.95
C PRO NA 222 58.64 -70.96 30.57
N GLY NA 223 59.86 -70.44 30.48
CA GLY NA 223 60.66 -70.63 29.30
C GLY NA 223 61.17 -72.05 29.17
N ASN NA 224 61.72 -72.35 28.00
CA ASN NA 224 62.20 -73.70 27.73
C ASN NA 224 63.23 -74.13 28.77
N GLY NA 225 62.97 -75.27 29.39
CA GLY NA 225 63.91 -75.86 30.33
C GLY NA 225 64.41 -74.89 31.37
N LEU NA 226 63.57 -73.94 31.76
CA LEU NA 226 63.96 -72.89 32.70
C LEU NA 226 62.91 -72.78 33.78
N THR NA 227 63.28 -73.07 35.01
CA THR NA 227 62.36 -73.08 36.14
C THR NA 227 62.72 -71.98 37.12
N PHE NA 228 61.70 -71.38 37.71
CA PHE NA 228 61.95 -70.25 38.60
C PHE NA 228 60.79 -70.11 39.58
N THR NA 229 61.01 -69.31 40.61
CA THR NA 229 59.97 -68.92 41.55
C THR NA 229 59.82 -67.40 41.51
N ALA NA 230 58.69 -66.94 42.02
CA ALA NA 230 58.35 -65.53 41.95
C ALA NA 230 57.85 -65.03 43.29
N HIS NA 231 58.04 -63.74 43.53
CA HIS NA 231 57.55 -63.08 44.72
C HIS NA 231 56.76 -61.86 44.31
N GLY NA 232 55.81 -61.47 45.16
CA GLY NA 232 55.06 -60.27 44.91
C GLY NA 232 53.65 -60.38 45.47
N GLN NA 233 52.83 -59.41 45.10
CA GLN NA 233 51.44 -59.36 45.55
C GLN NA 233 50.63 -58.57 44.54
N THR NA 234 49.31 -58.72 44.62
CA THR NA 234 48.42 -58.11 43.65
C THR NA 234 47.20 -57.54 44.36
N ARG NA 235 46.50 -56.67 43.66
CA ARG NA 235 45.27 -56.10 44.18
C ARG NA 235 44.15 -56.25 43.17
N LEU NA 236 42.92 -56.13 43.66
CA LEU NA 236 41.74 -56.17 42.82
C LEU NA 236 40.82 -55.02 43.18
N TYR NA 237 39.82 -54.81 42.32
CA TYR NA 237 38.85 -53.74 42.52
C TYR NA 237 37.49 -54.24 42.06
N PHE NA 238 36.46 -54.05 42.88
CA PHE NA 238 35.15 -54.54 42.52
C PHE NA 238 34.12 -53.89 43.43
N LYS NA 239 32.84 -54.20 43.17
CA LYS NA 239 31.77 -53.82 44.06
C LYS NA 239 30.62 -54.82 43.91
N SER NA 240 29.94 -55.09 45.01
CA SER NA 240 28.76 -55.94 44.96
C SER NA 240 27.60 -55.18 44.36
N VAL NA 241 26.60 -55.92 43.87
CA VAL NA 241 25.40 -55.33 43.31
C VAL NA 241 24.31 -56.38 43.34
N GLY NA 242 23.06 -55.95 43.25
CA GLY NA 242 21.92 -56.85 43.12
C GLY NA 242 21.16 -56.97 44.41
N ASN NA 243 20.06 -57.73 44.32
CA ASN NA 243 19.18 -58.00 45.44
C ASN NA 243 18.72 -56.72 46.11
N ALA OA 31 -26.96 8.57 -57.80
CA ALA OA 31 -27.18 8.46 -59.24
C ALA OA 31 -28.67 8.37 -59.57
N GLY OA 32 -29.33 9.53 -59.57
CA GLY OA 32 -30.75 9.59 -59.84
C GLY OA 32 -31.35 10.79 -59.15
N SER OA 33 -32.67 10.93 -59.30
CA SER OA 33 -33.38 12.01 -58.63
C SER OA 33 -34.65 11.54 -57.96
N LYS OA 34 -34.66 11.60 -56.62
CA LYS OA 34 -35.84 11.26 -55.80
C LYS OA 34 -36.50 9.98 -56.27
N ALA OA 35 -35.68 8.99 -56.61
CA ALA OA 35 -36.20 7.71 -57.04
C ALA OA 35 -36.93 7.03 -55.90
N ASP OA 36 -37.96 6.27 -56.25
CA ASP OA 36 -38.82 5.60 -55.28
C ASP OA 36 -39.12 4.19 -55.76
N ARG OA 37 -39.11 3.24 -54.81
CA ARG OA 37 -39.22 1.83 -55.14
C ARG OA 37 -40.41 1.49 -56.04
N PRO OA 38 -41.62 1.95 -55.78
CA PRO OA 38 -42.70 1.69 -56.73
C PRO OA 38 -42.45 2.42 -58.04
N SER OA 39 -43.06 1.89 -59.10
CA SER OA 39 -42.86 2.44 -60.43
C SER OA 39 -43.45 3.84 -60.54
N LEU OA 40 -43.01 4.57 -61.55
CA LEU OA 40 -43.45 5.93 -61.79
C LEU OA 40 -44.26 6.02 -63.06
N GLN OA 41 -45.18 6.95 -63.10
CA GLN OA 41 -46.10 7.05 -64.23
C GLN OA 41 -45.36 7.47 -65.50
N ILE OA 42 -45.99 7.22 -66.63
CA ILE OA 42 -45.39 7.45 -67.93
C ILE OA 42 -46.35 8.21 -68.82
N GLN OA 43 -45.84 9.19 -69.55
CA GLN OA 43 -46.60 9.90 -70.57
C GLN OA 43 -45.78 10.01 -71.83
N THR OA 44 -46.44 9.93 -72.98
CA THR OA 44 -45.78 9.93 -74.26
C THR OA 44 -46.36 11.00 -75.18
N LEU OA 45 -45.62 11.30 -76.23
CA LEU OA 45 -46.09 12.19 -77.27
C LEU OA 45 -45.80 11.56 -78.61
N GLN OA 46 -46.68 11.80 -79.57
CA GLN OA 46 -46.56 11.20 -80.89
C GLN OA 46 -46.45 12.32 -81.92
N HIS OA 47 -45.28 12.45 -82.53
CA HIS OA 47 -45.09 13.40 -83.62
C HIS OA 47 -44.65 12.62 -84.84
N ALA OA 48 -45.53 12.52 -85.83
CA ALA OA 48 -45.29 11.73 -87.02
C ALA OA 48 -46.48 11.90 -87.94
N GLY OA 49 -46.29 11.53 -89.20
CA GLY OA 49 -47.40 11.52 -90.14
C GLY OA 49 -48.05 12.89 -90.23
N THR OA 50 -49.33 12.93 -89.93
CA THR OA 50 -50.08 14.19 -89.94
C THR OA 50 -49.42 15.23 -89.04
N THR OA 51 -48.92 14.81 -87.88
CA THR OA 51 -48.30 15.73 -86.94
C THR OA 51 -46.79 15.58 -87.09
N MET OA 52 -46.17 16.56 -87.74
CA MET OA 52 -44.72 16.64 -87.86
C MET OA 52 -44.34 18.07 -87.52
N ILE OA 53 -43.58 18.24 -86.43
CA ILE OA 53 -43.10 19.57 -86.11
C ILE OA 53 -42.35 20.11 -87.31
N THR OA 54 -42.77 21.27 -87.78
CA THR OA 54 -42.19 21.90 -88.96
C THR OA 54 -41.82 23.32 -88.63
N VAL OA 55 -40.56 23.68 -88.82
CA VAL OA 55 -40.05 24.93 -88.29
C VAL OA 55 -39.61 25.86 -89.42
N PRO OA 56 -40.34 26.93 -89.67
CA PRO OA 56 -39.80 28.02 -90.47
C PRO OA 56 -38.81 28.84 -89.66
N SER OA 57 -38.03 29.65 -90.37
CA SER OA 57 -37.02 30.48 -89.72
C SER OA 57 -37.65 31.30 -88.61
N GLY OA 58 -36.99 31.31 -87.45
CA GLY OA 58 -37.52 31.99 -86.28
C GLY OA 58 -38.08 31.07 -85.22
N GLY OA 59 -38.02 29.76 -85.42
CA GLY OA 59 -38.36 28.83 -84.37
C GLY OA 59 -39.86 28.72 -84.13
N VAL OA 60 -40.22 27.83 -83.21
CA VAL OA 60 -41.61 27.62 -82.86
C VAL OA 60 -41.69 27.30 -81.37
N CYS OA 61 -42.72 27.81 -80.73
CA CYS OA 61 -42.97 27.60 -79.31
C CYS OA 61 -43.93 26.43 -79.14
N ASP OA 62 -43.74 25.67 -78.08
CA ASP OA 62 -44.61 24.54 -77.81
C ASP OA 62 -44.55 24.19 -76.33
N LEU OA 63 -45.56 23.48 -75.86
CA LEU OA 63 -45.63 23.00 -74.49
C LEU OA 63 -45.73 21.49 -74.48
N ILE OA 64 -44.81 20.85 -73.76
CA ILE OA 64 -44.77 19.39 -73.70
C ILE OA 64 -45.38 18.84 -72.43
N ASN OA 65 -45.83 19.67 -71.51
CA ASN OA 65 -46.18 19.17 -70.19
C ASN OA 65 -47.64 18.79 -70.06
N THR OA 66 -48.40 18.83 -71.16
CA THR OA 66 -49.83 18.59 -71.12
C THR OA 66 -50.18 17.28 -70.45
N TYR OA 67 -51.14 17.34 -69.53
CA TYR OA 67 -51.63 16.18 -68.79
C TYR OA 67 -53.14 16.28 -68.67
N ALA OA 68 -53.85 15.20 -68.96
CA ALA OA 68 -55.26 15.16 -68.65
C ALA OA 68 -55.45 14.72 -67.20
N ARG OA 69 -56.71 14.69 -66.76
CA ARG OA 69 -57.06 14.18 -65.44
C ARG OA 69 -58.20 13.19 -65.59
N GLY OA 70 -58.07 12.06 -64.92
CA GLY OA 70 -59.11 11.05 -64.98
C GLY OA 70 -58.60 9.71 -64.51
N SER OA 71 -59.29 8.68 -64.97
CA SER OA 71 -58.98 7.32 -64.54
C SER OA 71 -57.74 6.78 -65.24
N ASP OA 72 -57.57 7.12 -66.52
CA ASP OA 72 -56.56 6.49 -67.33
C ASP OA 72 -55.16 6.74 -66.77
N GLU OA 73 -54.31 5.72 -66.88
CA GLU OA 73 -52.93 5.86 -66.45
C GLU OA 73 -52.21 6.86 -67.34
N GLY OA 74 -51.35 7.66 -66.72
CA GLY OA 74 -50.64 8.69 -67.43
C GLY OA 74 -51.31 10.03 -67.25
N ASN OA 75 -52.60 10.01 -66.95
CA ASN OA 75 -53.26 11.25 -66.58
C ASN OA 75 -53.01 11.55 -65.11
N ARG OA 76 -53.07 12.83 -64.76
CA ARG OA 76 -52.77 13.23 -63.40
C ARG OA 76 -53.96 13.00 -62.49
N HIS OA 77 -53.71 12.39 -61.33
CA HIS OA 77 -54.77 12.13 -60.38
C HIS OA 77 -55.05 13.29 -59.45
N THR OA 78 -54.14 14.26 -59.34
CA THR OA 78 -54.28 15.27 -58.32
C THR OA 78 -54.17 16.67 -58.92
N SER OA 79 -54.11 17.67 -58.06
CA SER OA 79 -53.89 19.04 -58.52
C SER OA 79 -52.44 19.46 -58.44
N GLU OA 80 -51.55 18.57 -58.01
CA GLU OA 80 -50.15 18.90 -57.80
C GLU OA 80 -49.26 17.83 -58.41
N THR OA 81 -48.33 18.25 -59.25
CA THR OA 81 -47.50 17.32 -60.00
C THR OA 81 -46.04 17.74 -59.99
N LEU OA 82 -45.16 16.76 -59.81
CA LEU OA 82 -43.72 16.94 -59.96
C LEU OA 82 -43.25 16.06 -61.10
N THR OA 83 -42.32 16.57 -61.90
CA THR OA 83 -41.70 15.77 -62.95
C THR OA 83 -40.22 15.59 -62.66
N TYR OA 84 -39.65 14.52 -63.18
CA TYR OA 84 -38.26 14.22 -62.87
C TYR OA 84 -37.39 14.02 -64.09
N LYS OA 85 -37.54 12.87 -64.74
CA LYS OA 85 -36.61 12.46 -65.78
C LYS OA 85 -37.29 12.56 -67.13
N ILE OA 86 -36.52 12.93 -68.15
CA ILE OA 86 -37.05 13.08 -69.50
C ILE OA 86 -36.05 12.54 -70.49
N ALA OA 87 -36.55 11.85 -71.51
CA ALA OA 87 -35.73 11.34 -72.59
C ALA OA 87 -36.33 11.77 -73.90
N ILE OA 88 -35.47 12.09 -74.86
CA ILE OA 88 -35.90 12.66 -76.12
C ILE OA 88 -35.24 11.91 -77.25
N ASP OA 89 -36.03 11.50 -78.24
CA ASP OA 89 -35.53 10.92 -79.47
C ASP OA 89 -36.22 11.59 -80.64
N TYR OA 90 -35.47 11.83 -81.71
CA TYR OA 90 -36.06 12.33 -82.94
C TYR OA 90 -35.21 11.95 -84.12
N HIS OA 91 -35.82 12.06 -85.29
CA HIS OA 91 -35.10 12.13 -86.54
C HIS OA 91 -35.26 13.51 -87.14
N PHE OA 92 -34.21 13.99 -87.78
CA PHE OA 92 -34.25 15.23 -88.54
C PHE OA 92 -34.03 14.93 -90.01
N VAL OA 93 -34.56 15.78 -90.87
CA VAL OA 93 -34.25 15.72 -92.29
C VAL OA 93 -34.40 17.13 -92.87
N ALA OA 94 -33.52 17.47 -93.80
CA ALA OA 94 -33.65 18.75 -94.47
C ALA OA 94 -34.88 18.75 -95.35
N ASP OA 95 -35.37 19.96 -95.63
CA ASP OA 95 -36.49 20.12 -96.53
C ASP OA 95 -35.99 20.50 -97.92
N ALA OA 96 -36.59 19.89 -98.94
CA ALA OA 96 -36.21 20.21 -100.31
C ALA OA 96 -36.41 21.68 -100.61
N ALA OA 97 -37.38 22.32 -99.95
CA ALA OA 97 -37.64 23.73 -100.20
C ALA OA 97 -36.39 24.57 -100.03
N ALA OA 98 -35.54 24.24 -99.07
CA ALA OA 98 -34.29 24.95 -98.86
C ALA OA 98 -33.11 24.28 -99.54
N CYS OA 99 -33.31 23.12 -100.15
CA CYS OA 99 -32.19 22.44 -100.79
C CYS OA 99 -31.72 23.12 -102.07
N ARG OA 100 -32.44 24.14 -102.54
CA ARG OA 100 -32.01 24.85 -103.74
C ARG OA 100 -30.70 25.60 -103.54
N TYR OA 101 -30.21 25.67 -102.31
CA TYR OA 101 -28.96 26.33 -102.00
C TYR OA 101 -28.04 25.33 -101.30
N SER OA 102 -26.77 25.67 -101.22
CA SER OA 102 -25.79 24.82 -100.56
C SER OA 102 -25.04 25.63 -99.53
N ASN OA 103 -25.28 25.35 -98.26
CA ASN OA 103 -24.48 25.88 -97.18
C ASN OA 103 -24.72 25.02 -95.95
N THR OA 104 -23.83 25.14 -94.99
CA THR OA 104 -24.05 24.51 -93.71
C THR OA 104 -24.78 25.49 -92.79
N GLY OA 105 -24.85 25.13 -91.52
CA GLY OA 105 -25.46 26.00 -90.53
C GLY OA 105 -25.34 25.37 -89.16
N THR OA 106 -26.03 25.97 -88.20
CA THR OA 106 -26.06 25.43 -86.85
C THR OA 106 -27.42 25.66 -86.24
N GLY OA 107 -27.96 24.62 -85.60
CA GLY OA 107 -29.24 24.69 -84.92
C GLY OA 107 -29.10 24.66 -83.40
N VAL OA 108 -30.24 24.86 -82.74
CA VAL OA 108 -30.28 24.97 -81.28
C VAL OA 108 -31.59 24.40 -80.79
N MET OA 109 -31.53 23.71 -79.66
CA MET OA 109 -32.72 23.24 -78.96
C MET OA 109 -32.59 23.64 -77.49
N TRP OA 110 -33.58 24.35 -76.98
CA TRP OA 110 -33.59 24.73 -75.58
C TRP OA 110 -34.70 24.03 -74.83
N LEU OA 111 -34.51 23.92 -73.53
CA LEU OA 111 -35.56 23.47 -72.63
C LEU OA 111 -35.80 24.59 -71.64
N VAL OA 112 -36.96 25.26 -71.75
CA VAL OA 112 -37.21 26.51 -71.06
C VAL OA 112 -38.30 26.30 -70.02
N TYR OA 113 -38.03 26.76 -68.80
CA TYR OA 113 -38.98 26.67 -67.71
C TYR OA 113 -39.63 28.02 -67.46
N ASP OA 114 -40.91 28.00 -67.10
CA ASP OA 114 -41.69 29.20 -66.87
C ASP OA 114 -42.16 29.27 -65.43
N THR OA 115 -42.43 30.49 -64.98
CA THR OA 115 -43.05 30.68 -63.67
C THR OA 115 -44.55 30.85 -63.83
N THR OA 116 -44.99 31.99 -64.34
CA THR OA 116 -46.41 32.25 -64.55
C THR OA 116 -46.66 32.46 -66.02
N PRO OA 117 -47.42 31.59 -66.68
CA PRO OA 117 -47.70 31.79 -68.10
C PRO OA 117 -48.76 32.86 -68.28
N GLY OA 118 -48.61 33.61 -69.37
CA GLY OA 118 -49.65 34.55 -69.74
C GLY OA 118 -50.88 33.81 -70.25
N GLY OA 119 -51.93 34.58 -70.50
CA GLY OA 119 -53.12 34.01 -71.09
C GLY OA 119 -52.94 33.59 -72.53
N GLN OA 120 -51.89 34.08 -73.20
CA GLN OA 120 -51.62 33.80 -74.59
C GLN OA 120 -50.33 33.03 -74.72
N ALA OA 121 -50.22 32.27 -75.81
CA ALA OA 121 -49.04 31.45 -76.01
C ALA OA 121 -47.84 32.32 -76.39
N PRO OA 122 -46.69 32.09 -75.78
CA PRO OA 122 -45.51 32.89 -76.12
C PRO OA 122 -44.98 32.52 -77.49
N THR OA 123 -44.19 33.43 -78.03
CA THR OA 123 -43.46 33.17 -79.26
C THR OA 123 -42.00 33.53 -79.02
N PRO OA 124 -41.07 32.87 -79.71
CA PRO OA 124 -39.65 33.14 -79.44
C PRO OA 124 -39.29 34.61 -79.48
N GLN OA 125 -39.78 35.35 -80.47
CA GLN OA 125 -39.44 36.76 -80.57
C GLN OA 125 -39.80 37.48 -79.28
N THR OA 126 -40.82 37.00 -78.58
CA THR OA 126 -41.18 37.60 -77.30
C THR OA 126 -40.27 37.09 -76.19
N ILE OA 127 -39.86 35.82 -76.25
CA ILE OA 127 -39.10 35.29 -75.13
C ILE OA 127 -37.68 35.81 -75.14
N PHE OA 128 -37.14 36.09 -76.33
CA PHE OA 128 -35.78 36.57 -76.47
C PHE OA 128 -35.81 37.89 -77.20
N ALA OA 129 -35.24 38.92 -76.61
CA ALA OA 129 -35.17 40.19 -77.30
C ALA OA 129 -34.01 40.14 -78.28
N TYR OA 130 -34.32 40.25 -79.55
CA TYR OA 130 -33.23 40.23 -80.51
C TYR OA 130 -33.52 41.21 -81.64
N PRO OA 131 -32.51 41.93 -82.10
CA PRO OA 131 -32.69 42.77 -83.27
C PRO OA 131 -32.91 41.92 -84.51
N ASP OA 132 -33.52 42.54 -85.53
CA ASP OA 132 -33.84 41.81 -86.75
C ASP OA 132 -32.58 41.29 -87.41
N THR OA 133 -31.46 42.01 -87.23
CA THR OA 133 -30.21 41.57 -87.83
C THR OA 133 -29.79 40.20 -87.37
N LEU OA 134 -29.86 39.93 -86.08
CA LEU OA 134 -29.41 38.66 -85.53
C LEU OA 134 -30.36 37.51 -85.84
N LYS OA 135 -31.51 37.77 -86.44
CA LYS OA 135 -32.47 36.71 -86.71
C LYS OA 135 -31.83 35.56 -87.49
N ALA OA 136 -30.84 35.87 -88.30
CA ALA OA 136 -30.13 34.83 -89.04
C ALA OA 136 -29.53 33.80 -88.09
N TRP OA 137 -28.69 34.25 -87.16
CA TRP OA 137 -27.95 33.27 -86.40
C TRP OA 137 -28.56 33.16 -85.02
N PRO OA 138 -29.32 32.12 -84.73
CA PRO OA 138 -29.96 32.04 -83.42
C PRO OA 138 -28.97 31.78 -82.31
N ALA OA 139 -27.94 31.00 -82.59
CA ALA OA 139 -27.13 30.43 -81.52
C ALA OA 139 -26.54 31.49 -80.62
N THR OA 140 -26.55 32.75 -81.03
CA THR OA 140 -26.10 33.83 -80.19
C THR OA 140 -27.18 34.36 -79.28
N TRP OA 141 -28.44 34.02 -79.52
CA TRP OA 141 -29.50 34.54 -78.68
C TRP OA 141 -29.25 34.18 -77.23
N LYS OA 142 -29.65 35.08 -76.33
CA LYS OA 142 -29.66 34.77 -74.92
C LYS OA 142 -30.87 35.45 -74.29
N VAL OA 143 -31.21 34.98 -73.09
CA VAL OA 143 -32.44 35.43 -72.44
C VAL OA 143 -32.41 36.92 -72.24
N SER OA 144 -33.53 37.58 -72.53
CA SER OA 144 -33.63 39.02 -72.39
C SER OA 144 -33.67 39.41 -70.92
N ARG OA 145 -33.19 40.62 -70.62
CA ARG OA 145 -33.04 41.03 -69.22
C ARG OA 145 -34.36 41.47 -68.60
N GLU OA 146 -35.29 42.01 -69.40
CA GLU OA 146 -36.53 42.49 -68.84
C GLU OA 146 -37.26 41.38 -68.11
N LEU OA 147 -37.24 40.18 -68.66
CA LEU OA 147 -37.95 39.04 -68.09
C LEU OA 147 -37.07 38.21 -67.18
N CYS OA 148 -35.88 38.70 -66.86
CA CYS OA 148 -34.79 37.92 -66.28
C CYS OA 148 -35.26 36.98 -65.18
N HIS OA 149 -36.17 37.43 -64.34
CA HIS OA 149 -36.67 36.57 -63.29
C HIS OA 149 -37.94 35.81 -63.69
N ARG OA 150 -38.53 36.13 -64.84
CA ARG OA 150 -39.75 35.41 -65.21
C ARG OA 150 -39.44 34.07 -65.86
N PHE OA 151 -38.31 33.95 -66.53
CA PHE OA 151 -37.96 32.73 -67.25
C PHE OA 151 -36.58 32.24 -66.86
N VAL OA 152 -36.29 31.00 -67.21
CA VAL OA 152 -34.98 30.42 -67.00
C VAL OA 152 -34.84 29.24 -67.95
N VAL OA 153 -33.61 28.84 -68.22
CA VAL OA 153 -33.32 27.74 -69.14
C VAL OA 153 -32.49 26.72 -68.39
N LYS OA 154 -33.06 25.53 -68.19
CA LYS OA 154 -32.38 24.53 -67.39
C LYS OA 154 -31.54 23.57 -68.21
N ARG OA 155 -31.66 23.58 -69.53
CA ARG OA 155 -30.84 22.74 -70.39
C ARG OA 155 -30.59 23.44 -71.71
N ARG OA 156 -29.59 22.95 -72.43
CA ARG OA 156 -29.23 23.49 -73.73
C ARG OA 156 -28.61 22.38 -74.56
N TRP OA 157 -28.82 22.44 -75.87
CA TRP OA 157 -28.15 21.48 -76.73
C TRP OA 157 -27.83 22.12 -78.07
N LEU OA 158 -26.82 21.58 -78.73
CA LEU OA 158 -26.40 22.03 -80.03
C LEU OA 158 -26.42 20.88 -81.02
N PHE OA 159 -26.57 21.24 -82.30
CA PHE OA 159 -26.45 20.28 -83.37
C PHE OA 159 -26.16 21.07 -84.64
N ASN OA 160 -25.66 20.39 -85.64
CA ASN OA 160 -25.34 21.03 -86.90
C ASN OA 160 -25.67 20.10 -88.04
N MET OA 161 -25.99 20.70 -89.18
CA MET OA 161 -26.39 19.95 -90.36
C MET OA 161 -26.09 20.80 -91.59
N GLU OA 162 -26.08 20.16 -92.74
CA GLU OA 162 -25.74 20.85 -93.97
C GLU OA 162 -26.36 20.13 -95.14
N THR OA 163 -26.47 20.83 -96.25
CA THR OA 163 -27.00 20.27 -97.48
C THR OA 163 -26.12 20.66 -98.65
N ASP OA 164 -26.02 19.74 -99.60
CA ASP OA 164 -25.18 19.92 -100.77
C ASP OA 164 -25.96 20.44 -101.98
N GLY OA 165 -27.27 20.63 -101.85
CA GLY OA 165 -28.07 21.01 -102.98
C GLY OA 165 -28.55 19.87 -103.84
N ARG OA 166 -28.78 18.70 -103.26
CA ARG OA 166 -29.24 17.56 -104.03
C ARG OA 166 -30.29 16.80 -103.24
N ILE OA 167 -31.42 16.54 -103.86
CA ILE OA 167 -32.49 15.79 -103.21
C ILE OA 167 -32.15 14.31 -103.26
N GLY OA 168 -32.65 13.55 -102.29
CA GLY OA 168 -32.28 12.15 -102.20
C GLY OA 168 -32.67 11.33 -103.41
N SER OA 169 -33.90 11.52 -103.90
CA SER OA 169 -34.42 10.67 -104.97
C SER OA 169 -33.66 10.81 -106.28
N ASP OA 170 -32.75 11.78 -106.38
CA ASP OA 170 -32.06 12.04 -107.64
C ASP OA 170 -31.00 10.98 -107.91
N ILE OA 171 -30.98 10.47 -109.13
CA ILE OA 171 -30.03 9.44 -109.53
C ILE OA 171 -28.71 10.07 -109.95
N PRO OA 172 -27.59 9.68 -109.36
CA PRO OA 172 -26.31 10.15 -109.83
C PRO OA 172 -26.07 9.73 -111.26
N PRO OA 173 -25.43 10.57 -112.06
CA PRO OA 173 -25.00 10.15 -113.38
C PRO OA 173 -23.87 9.14 -113.27
N SER OA 174 -23.79 8.27 -114.27
CA SER OA 174 -22.83 7.17 -114.24
C SER OA 174 -21.38 7.62 -114.26
N ASN OA 175 -21.12 8.90 -114.51
CA ASN OA 175 -19.75 9.36 -114.61
C ASN OA 175 -19.08 9.55 -113.25
N ALA OA 176 -19.74 10.25 -112.33
CA ALA OA 176 -19.10 10.66 -111.09
C ALA OA 176 -20.07 10.49 -109.94
N SER OA 177 -19.56 10.65 -108.72
CA SER OA 177 -20.36 10.38 -107.53
C SER OA 177 -20.27 11.48 -106.47
N TRP OA 178 -20.86 11.23 -105.30
CA TRP OA 178 -20.81 12.19 -104.21
C TRP OA 178 -20.69 11.44 -102.89
N LYS OA 179 -20.08 12.10 -101.90
CA LYS OA 179 -20.14 11.65 -100.52
C LYS OA 179 -21.00 12.66 -99.78
N PRO OA 180 -22.25 12.37 -99.51
CA PRO OA 180 -23.08 13.33 -98.77
C PRO OA 180 -23.18 13.01 -97.29
N CYS OA 181 -22.05 13.01 -96.59
CA CYS OA 181 -22.09 12.74 -95.16
C CYS OA 181 -22.94 13.79 -94.45
N LYS OA 182 -23.72 13.32 -93.48
CA LYS OA 182 -24.52 14.19 -92.62
C LYS OA 182 -25.49 15.04 -93.43
N ARG OA 183 -26.27 14.40 -94.30
CA ARG OA 183 -27.46 15.07 -94.79
C ARG OA 183 -28.55 15.04 -93.75
N ASN OA 184 -28.75 13.90 -93.10
CA ASN OA 184 -29.70 13.78 -92.02
C ASN OA 184 -28.97 13.26 -90.78
N ILE OA 185 -29.62 13.41 -89.63
CA ILE OA 185 -28.94 13.20 -88.36
C ILE OA 185 -29.89 12.55 -87.37
N TYR OA 186 -29.31 11.79 -86.45
CA TYR OA 186 -30.05 11.09 -85.40
C TYR OA 186 -29.71 11.72 -84.07
N PHE OA 187 -30.69 12.33 -83.42
CA PHE OA 187 -30.46 13.12 -82.23
C PHE OA 187 -31.23 12.54 -81.05
N HIS OA 188 -30.53 12.34 -79.93
CA HIS OA 188 -31.17 11.82 -78.74
C HIS OA 188 -30.40 12.29 -77.51
N LYS OA 189 -31.12 12.51 -76.43
CA LYS OA 189 -30.52 12.87 -75.15
C LYS OA 189 -31.36 12.28 -74.04
N PHE OA 190 -30.71 12.07 -72.90
CA PHE OA 190 -31.36 11.50 -71.72
C PHE OA 190 -30.81 12.21 -70.51
N THR OA 191 -31.69 12.75 -69.67
CA THR OA 191 -31.21 13.50 -68.52
C THR OA 191 -32.13 13.32 -67.32
N SER OA 192 -31.53 13.06 -66.16
CA SER OA 192 -32.27 12.92 -64.91
C SER OA 192 -32.23 14.15 -64.02
N GLY OA 193 -31.51 15.19 -64.43
CA GLY OA 193 -31.14 16.22 -63.46
C GLY OA 193 -32.32 17.06 -63.00
N LEU OA 194 -33.13 17.51 -63.94
CA LEU OA 194 -34.08 18.58 -63.64
C LEU OA 194 -35.16 18.10 -62.68
N GLY OA 195 -35.83 19.07 -62.08
CA GLY OA 195 -37.08 18.81 -61.40
C GLY OA 195 -37.92 20.06 -61.45
N VAL OA 196 -39.23 19.88 -61.42
CA VAL OA 196 -40.17 20.98 -61.66
C VAL OA 196 -41.38 20.78 -60.78
N ARG OA 197 -41.90 21.88 -60.23
CA ARG OA 197 -43.08 21.85 -59.39
C ARG OA 197 -44.20 22.58 -60.10
N THR OA 198 -45.34 21.91 -60.26
CA THR OA 198 -46.45 22.46 -61.01
C THR OA 198 -47.75 22.31 -60.23
N GLN OA 199 -48.62 23.30 -60.35
CA GLN OA 199 -49.95 23.24 -59.78
C GLN OA 199 -50.96 23.64 -60.84
N TRP OA 200 -52.21 23.28 -60.61
CA TRP OA 200 -53.23 23.35 -61.65
C TRP OA 200 -54.47 24.06 -61.14
N LYS OA 201 -55.10 24.82 -62.02
CA LYS OA 201 -56.48 25.21 -61.81
C LYS OA 201 -57.36 23.97 -61.89
N ASN OA 202 -58.57 24.08 -61.36
CA ASN OA 202 -59.44 22.92 -61.29
C ASN OA 202 -60.30 22.88 -62.54
N VAL OA 203 -59.97 21.97 -63.45
CA VAL OA 203 -60.73 21.66 -64.65
C VAL OA 203 -60.36 20.26 -65.07
N THR OA 204 -60.97 19.76 -66.14
CA THR OA 204 -60.56 18.48 -66.70
C THR OA 204 -59.37 18.64 -67.63
N ASP OA 205 -59.33 19.74 -68.37
CA ASP OA 205 -58.52 19.84 -69.57
C ASP OA 205 -57.02 19.79 -69.24
N GLY OA 206 -56.24 19.44 -70.26
CA GLY OA 206 -54.80 19.49 -70.18
C GLY OA 206 -54.15 20.59 -70.98
N GLY OA 207 -54.92 21.55 -71.49
CA GLY OA 207 -54.36 22.61 -72.27
C GLY OA 207 -53.55 23.58 -71.43
N VAL OA 208 -53.02 24.60 -72.12
CA VAL OA 208 -52.17 25.57 -71.43
C VAL OA 208 -52.98 26.44 -70.47
N GLY OA 209 -54.22 26.80 -70.84
CA GLY OA 209 -54.99 27.70 -70.01
C GLY OA 209 -55.24 27.20 -68.61
N ALA OA 210 -55.06 25.90 -68.37
CA ALA OA 210 -55.36 25.34 -67.08
C ALA OA 210 -54.27 25.60 -66.06
N ILE OA 211 -53.02 25.68 -66.48
CA ILE OA 211 -51.91 25.66 -65.55
C ILE OA 211 -51.84 26.97 -64.78
N GLN OA 212 -51.72 26.87 -63.46
CA GLN OA 212 -51.53 28.06 -62.63
C GLN OA 212 -50.08 28.49 -62.61
N ARG OA 213 -49.17 27.53 -62.46
CA ARG OA 213 -47.76 27.87 -62.31
C ARG OA 213 -46.90 26.69 -62.75
N GLY OA 214 -45.69 26.98 -63.23
CA GLY OA 214 -44.74 25.92 -63.55
C GLY OA 214 -44.79 25.32 -64.95
N ALA OA 215 -45.18 26.11 -65.95
CA ALA OA 215 -45.22 25.59 -67.30
C ALA OA 215 -43.82 25.25 -67.79
N LEU OA 216 -43.77 24.40 -68.83
CA LEU OA 216 -42.50 23.92 -69.37
C LEU OA 216 -42.57 23.96 -70.88
N TYR OA 217 -41.66 24.70 -71.50
CA TYR OA 217 -41.67 24.90 -72.93
C TYR OA 217 -40.47 24.24 -73.60
N MET OA 218 -40.65 23.86 -74.86
CA MET OA 218 -39.59 23.36 -75.72
C MET OA 218 -39.52 24.24 -76.96
N VAL OA 219 -38.31 24.55 -77.40
CA VAL OA 219 -38.11 25.48 -78.50
C VAL OA 219 -37.07 24.92 -79.45
N ILE OA 220 -37.30 25.09 -80.75
CA ILE OA 220 -36.38 24.64 -81.78
C ILE OA 220 -35.95 25.83 -82.60
N ALA OA 221 -34.65 25.97 -82.81
CA ALA OA 221 -34.09 27.09 -83.55
C ALA OA 221 -33.38 26.58 -84.79
N PRO OA 222 -33.85 26.93 -85.99
CA PRO OA 222 -33.20 26.45 -87.21
C PRO OA 222 -31.90 27.17 -87.47
N GLY OA 223 -31.09 26.57 -88.33
CA GLY OA 223 -29.90 27.23 -88.81
C GLY OA 223 -30.24 28.33 -89.80
N ASN OA 224 -29.23 29.13 -90.14
CA ASN OA 224 -29.43 30.25 -91.03
C ASN OA 224 -30.02 29.80 -92.37
N GLY OA 225 -31.14 30.41 -92.74
CA GLY OA 225 -31.75 30.15 -94.03
C GLY OA 225 -31.91 28.68 -94.34
N LEU OA 226 -32.13 27.87 -93.31
CA LEU OA 226 -32.23 26.42 -93.46
C LEU OA 226 -33.47 25.93 -92.74
N THR OA 227 -34.42 25.38 -93.50
CA THR OA 227 -35.69 24.93 -92.95
C THR OA 227 -35.79 23.42 -93.06
N PHE OA 228 -36.43 22.81 -92.07
CA PHE OA 228 -36.50 21.36 -92.05
C PHE OA 228 -37.69 20.93 -91.21
N THR OA 229 -38.03 19.66 -91.33
CA THR OA 229 -39.03 19.02 -90.49
C THR OA 229 -38.38 17.86 -89.75
N ALA OA 230 -39.03 17.43 -88.68
CA ALA OA 230 -38.47 16.42 -87.79
C ALA OA 230 -39.51 15.36 -87.48
N HIS OA 231 -39.03 14.15 -87.19
CA HIS OA 231 -39.88 13.05 -86.79
C HIS OA 231 -39.33 12.47 -85.49
N GLY OA 232 -40.20 11.88 -84.71
CA GLY OA 232 -39.78 11.20 -83.50
C GLY OA 232 -40.86 11.26 -82.44
N GLN OA 233 -40.46 10.85 -81.23
CA GLN OA 233 -41.37 10.83 -80.10
C GLN OA 233 -40.56 10.96 -78.82
N THR OA 234 -41.24 11.31 -77.74
CA THR OA 234 -40.58 11.55 -76.47
C THR OA 234 -41.39 10.93 -75.34
N ARG OA 235 -40.74 10.77 -74.19
CA ARG OA 235 -41.40 10.28 -73.00
C ARG OA 235 -41.14 11.21 -71.83
N LEU OA 236 -41.98 11.07 -70.81
CA LEU OA 236 -41.85 11.83 -69.58
C LEU OA 236 -41.97 10.89 -68.39
N TYR OA 237 -41.62 11.41 -67.22
CA TYR OA 237 -41.69 10.65 -65.98
C TYR OA 237 -42.13 11.58 -64.87
N PHE OA 238 -43.11 11.17 -64.08
CA PHE OA 238 -43.61 12.02 -63.02
C PHE OA 238 -44.46 11.20 -62.06
N LYS OA 239 -44.93 11.86 -61.01
CA LYS OA 239 -45.91 11.27 -60.11
C LYS OA 239 -46.71 12.37 -59.46
N SER OA 240 -47.99 12.10 -59.23
CA SER OA 240 -48.83 13.04 -58.51
C SER OA 240 -48.50 13.01 -57.03
N VAL OA 241 -48.87 14.08 -56.33
CA VAL OA 241 -48.67 14.18 -54.89
C VAL OA 241 -49.63 15.22 -54.35
N GLY OA 242 -49.88 15.18 -53.05
CA GLY OA 242 -50.65 16.19 -52.37
C GLY OA 242 -52.06 15.72 -52.05
N ASN OA 243 -52.78 16.58 -51.36
CA ASN OA 243 -54.17 16.34 -50.95
C ASN OA 243 -54.29 15.03 -50.20
N ALA PA 31 18.06 -57.56 -22.40
CA ALA PA 31 18.68 -58.56 -23.27
C ALA PA 31 19.28 -59.70 -22.46
N GLY PA 32 18.43 -60.62 -22.02
CA GLY PA 32 18.86 -61.74 -21.22
C GLY PA 32 17.74 -62.21 -20.32
N SER PA 33 18.03 -63.22 -19.51
CA SER PA 33 17.04 -63.73 -18.57
C SER PA 33 17.62 -63.92 -17.17
N LYS PA 34 17.16 -63.11 -16.21
CA LYS PA 34 17.54 -63.22 -14.80
C LYS PA 34 19.05 -63.41 -14.64
N ALA PA 35 19.81 -62.67 -15.44
CA ALA PA 35 21.26 -62.73 -15.35
C ALA PA 35 21.72 -62.20 -14.00
N ASP PA 36 22.82 -62.78 -13.52
CA ASP PA 36 23.36 -62.43 -12.22
C ASP PA 36 24.89 -62.34 -12.31
N ARG PA 37 25.44 -61.34 -11.62
CA ARG PA 37 26.85 -61.01 -11.74
C ARG PA 37 27.78 -62.20 -11.54
N PRO PA 38 27.63 -63.03 -10.51
CA PRO PA 38 28.48 -64.22 -10.42
C PRO PA 38 28.15 -65.19 -11.55
N SER PA 39 29.14 -66.03 -11.86
CA SER PA 39 29.00 -66.97 -12.97
C SER PA 39 27.94 -68.01 -12.65
N LEU PA 40 27.48 -68.68 -13.71
CA LEU PA 40 26.43 -69.69 -13.59
C LEU PA 40 27.00 -71.06 -13.94
N GLN PA 41 26.42 -72.08 -13.33
CA GLN PA 41 26.95 -73.42 -13.50
C GLN PA 41 26.75 -73.91 -14.93
N ILE PA 42 27.52 -74.94 -15.28
CA ILE PA 42 27.54 -75.46 -16.64
C ILE PA 42 27.41 -76.97 -16.61
N GLN PA 43 26.60 -77.51 -17.51
CA GLN PA 43 26.50 -78.95 -17.72
C GLN PA 43 26.55 -79.26 -19.20
N THR PA 44 27.19 -80.37 -19.54
CA THR PA 44 27.39 -80.75 -20.93
C THR PA 44 26.87 -82.15 -21.18
N LEU PA 45 26.72 -82.47 -22.46
CA LEU PA 45 26.38 -83.81 -22.89
C LEU PA 45 27.28 -84.19 -24.04
N GLN PA 46 27.60 -85.47 -24.12
CA GLN PA 46 28.53 -85.97 -25.12
C GLN PA 46 27.82 -87.02 -25.95
N HIS PA 47 27.55 -86.71 -27.22
CA HIS PA 47 26.97 -87.66 -28.15
C HIS PA 47 27.94 -87.82 -29.31
N ALA PA 48 28.59 -88.97 -29.38
CA ALA PA 48 29.62 -89.23 -30.38
C ALA PA 48 30.09 -90.65 -30.21
N GLY PA 49 30.75 -91.16 -31.23
CA GLY PA 49 31.38 -92.47 -31.12
C GLY PA 49 30.35 -93.53 -30.76
N THR PA 50 30.60 -94.20 -29.63
CA THR PA 50 29.68 -95.21 -29.15
C THR PA 50 28.26 -94.67 -29.00
N THR PA 51 28.14 -93.44 -28.51
CA THR PA 51 26.82 -92.84 -28.31
C THR PA 51 26.58 -91.89 -29.47
N MET PA 52 25.72 -92.31 -30.39
CA MET PA 52 25.25 -91.47 -31.49
C MET PA 52 23.75 -91.60 -31.54
N ILE PA 53 23.05 -90.50 -31.32
CA ILE PA 53 21.60 -90.55 -31.44
C ILE PA 53 21.26 -91.04 -32.84
N THR PA 54 20.48 -92.12 -32.91
CA THR PA 54 20.13 -92.74 -34.18
C THR PA 54 18.61 -92.90 -34.23
N VAL PA 55 17.99 -92.34 -35.26
CA VAL PA 55 16.55 -92.22 -35.26
C VAL PA 55 15.93 -93.03 -36.40
N PRO PA 56 15.25 -94.12 -36.08
CA PRO PA 56 14.36 -94.74 -37.07
C PRO PA 56 13.09 -93.92 -37.20
N SER PA 57 12.34 -94.21 -38.27
CA SER PA 57 11.10 -93.49 -38.54
C SER PA 57 10.18 -93.55 -37.33
N GLY PA 58 9.64 -92.40 -36.96
CA GLY PA 58 8.81 -92.29 -35.77
C GLY PA 58 9.47 -91.60 -34.61
N GLY PA 59 10.70 -91.13 -34.76
CA GLY PA 59 11.32 -90.30 -33.75
C GLY PA 59 11.76 -91.08 -32.53
N VAL PA 60 12.39 -90.36 -31.60
CA VAL PA 60 12.86 -90.95 -30.37
C VAL PA 60 12.71 -89.93 -29.25
N CYS PA 61 12.35 -90.42 -28.07
CA CYS PA 61 12.16 -89.59 -26.89
C CYS PA 61 13.44 -89.61 -26.07
N ASP PA 62 13.74 -88.50 -25.43
CA ASP PA 62 14.94 -88.42 -24.59
C ASP PA 62 14.77 -87.30 -23.59
N LEU PA 63 15.57 -87.37 -22.51
CA LEU PA 63 15.59 -86.35 -21.49
C LEU PA 63 16.97 -85.76 -21.37
N ILE PA 64 17.07 -84.43 -21.50
CA ILE PA 64 18.35 -83.75 -21.45
C ILE PA 64 18.64 -83.11 -20.11
N ASN PA 65 17.73 -83.18 -19.15
CA ASN PA 65 17.87 -82.37 -17.96
C ASN PA 65 18.59 -83.08 -16.83
N THR PA 66 19.10 -84.28 -17.08
CA THR PA 66 19.73 -85.09 -16.03
C THR PA 66 20.81 -84.33 -15.28
N TYR PA 67 20.74 -84.40 -13.95
CA TYR PA 67 21.70 -83.77 -13.06
C TYR PA 67 22.01 -84.72 -11.91
N ALA PA 68 23.28 -84.90 -11.61
CA ALA PA 68 23.62 -85.62 -10.38
C ALA PA 68 23.63 -84.64 -9.21
N ARG PA 69 23.87 -85.16 -8.02
CA ARG PA 69 24.02 -84.35 -6.82
C ARG PA 69 25.30 -84.75 -6.10
N GLY PA 70 26.08 -83.77 -5.69
CA GLY PA 70 27.30 -84.07 -4.99
C GLY PA 70 28.23 -82.87 -4.97
N SER PA 71 29.51 -83.16 -4.80
CA SER PA 71 30.50 -82.11 -4.68
C SER PA 71 30.85 -81.53 -6.04
N ASP PA 72 30.90 -82.37 -7.06
CA ASP PA 72 31.44 -81.94 -8.35
C ASP PA 72 30.64 -80.79 -8.93
N GLU PA 73 31.34 -79.87 -9.58
CA GLU PA 73 30.69 -78.76 -10.25
C GLU PA 73 29.85 -79.27 -11.41
N GLY PA 74 28.69 -78.67 -11.60
CA GLY PA 74 27.77 -79.09 -12.62
C GLY PA 74 26.69 -79.98 -12.05
N ASN PA 75 26.98 -80.63 -10.93
CA ASN PA 75 25.95 -81.35 -10.23
C ASN PA 75 25.13 -80.38 -9.37
N ARG PA 76 23.89 -80.74 -9.10
CA ARG PA 76 23.01 -79.86 -8.36
C ARG PA 76 23.28 -79.98 -6.87
N HIS PA 77 23.39 -78.82 -6.21
CA HIS PA 77 23.64 -78.81 -4.78
C HIS PA 77 22.38 -78.89 -3.94
N THR PA 78 21.21 -78.64 -4.53
CA THR PA 78 20.01 -78.52 -3.73
C THR PA 78 18.90 -79.41 -4.27
N SER PA 79 17.70 -79.25 -3.72
CA SER PA 79 16.56 -79.99 -4.23
C SER PA 79 15.73 -79.17 -5.20
N GLU PA 80 16.14 -77.95 -5.50
CA GLU PA 80 15.37 -77.04 -6.34
C GLU PA 80 16.28 -76.39 -7.38
N THR PA 81 15.89 -76.49 -8.65
CA THR PA 81 16.74 -76.03 -9.74
C THR PA 81 15.92 -75.25 -10.77
N LEU PA 82 16.50 -74.14 -11.23
CA LEU PA 82 15.98 -73.39 -12.35
C LEU PA 82 17.00 -73.42 -13.47
N THR PA 83 16.52 -73.53 -14.70
CA THR PA 83 17.38 -73.45 -15.87
C THR PA 83 17.04 -72.23 -16.70
N TYR PA 84 18.02 -71.73 -17.45
CA TYR PA 84 17.79 -70.50 -18.19
C TYR PA 84 18.10 -70.63 -19.68
N LYS PA 85 19.37 -70.64 -20.00
CA LYS PA 85 19.81 -70.52 -21.38
C LYS PA 85 20.34 -71.85 -21.87
N ILE PA 86 20.10 -72.15 -23.15
CA ILE PA 86 20.53 -73.40 -23.73
C ILE PA 86 21.05 -73.15 -25.14
N ALA PA 87 22.13 -73.83 -25.49
CA ALA PA 87 22.71 -73.74 -26.82
C ALA PA 87 22.89 -75.15 -27.35
N ILE PA 88 22.65 -75.33 -28.64
CA ILE PA 88 22.65 -76.65 -29.24
C ILE PA 88 23.50 -76.61 -30.50
N ASP PA 89 24.40 -77.57 -30.64
CA ASP PA 89 25.18 -77.78 -31.85
C ASP PA 89 25.14 -79.25 -32.22
N TYR PA 90 25.02 -79.53 -33.51
CA TYR PA 90 25.14 -80.90 -33.97
C TYR PA 90 25.61 -80.93 -35.40
N HIS PA 91 26.05 -82.11 -35.80
CA HIS PA 91 26.17 -82.45 -37.21
C HIS PA 91 25.15 -83.52 -37.55
N PHE PA 92 24.61 -83.44 -38.76
CA PHE PA 92 23.74 -84.47 -39.30
C PHE PA 92 24.42 -85.12 -40.50
N VAL PA 93 24.06 -86.38 -40.75
CA VAL PA 93 24.46 -87.05 -41.97
C VAL PA 93 23.43 -88.11 -42.32
N ALA PA 94 23.15 -88.26 -43.60
CA ALA PA 94 22.23 -89.31 -44.01
C ALA PA 94 22.87 -90.67 -43.78
N ASP PA 95 22.01 -91.68 -43.67
CA ASP PA 95 22.46 -93.04 -43.52
C ASP PA 95 22.41 -93.75 -44.86
N ALA PA 96 23.44 -94.52 -45.16
CA ALA PA 96 23.48 -95.28 -46.41
C ALA PA 96 22.30 -96.22 -46.52
N ALA PA 97 21.80 -96.71 -45.38
CA ALA PA 97 20.67 -97.63 -45.39
C ALA PA 97 19.49 -97.06 -46.19
N ALA PA 98 19.26 -95.76 -46.08
CA ALA PA 98 18.18 -95.12 -46.84
C ALA PA 98 18.66 -94.49 -48.13
N CYS PA 99 19.96 -94.51 -48.41
CA CYS PA 99 20.46 -93.90 -49.63
C CYS PA 99 20.10 -94.69 -50.88
N ARG PA 100 19.54 -95.89 -50.74
CA ARG PA 100 19.15 -96.66 -51.90
C ARG PA 100 18.03 -96.01 -52.69
N TYR PA 101 17.43 -94.95 -52.17
CA TYR PA 101 16.38 -94.21 -52.85
C TYR PA 101 16.80 -92.76 -52.96
N SER PA 102 16.10 -92.01 -53.82
CA SER PA 102 16.39 -90.60 -54.01
C SER PA 102 15.11 -89.81 -53.83
N ASN PA 103 15.05 -89.05 -52.74
CA ASN PA 103 13.99 -88.07 -52.55
C ASN PA 103 14.45 -87.10 -51.48
N THR PA 104 13.79 -85.97 -51.43
CA THR PA 104 14.01 -85.03 -50.35
C THR PA 104 13.06 -85.33 -49.20
N GLY PA 105 13.00 -84.43 -48.24
CA GLY PA 105 12.09 -84.57 -47.14
C GLY PA 105 12.19 -83.36 -46.23
N THR PA 106 11.55 -83.47 -45.08
CA THR PA 106 11.62 -82.41 -44.09
C THR PA 106 11.62 -83.01 -42.69
N GLY PA 107 12.51 -82.52 -41.83
CA GLY PA 107 12.60 -82.95 -40.45
C GLY PA 107 12.12 -81.89 -39.48
N VAL PA 108 12.06 -82.30 -38.21
CA VAL PA 108 11.51 -81.47 -37.14
C VAL PA 108 12.26 -81.77 -35.85
N MET PA 109 12.50 -80.72 -35.08
CA MET PA 109 13.05 -80.84 -33.74
C MET PA 109 12.20 -80.02 -32.80
N TRP PA 110 11.67 -80.64 -31.76
CA TRP PA 110 10.89 -79.92 -30.76
C TRP PA 110 11.61 -79.88 -29.42
N LEU PA 111 11.26 -78.89 -28.64
CA LEU PA 111 11.68 -78.82 -27.24
C LEU PA 111 10.42 -78.83 -26.40
N VAL PA 112 10.19 -79.92 -25.69
CA VAL PA 112 8.91 -80.19 -25.04
C VAL PA 112 9.09 -80.15 -23.53
N TYR PA 113 8.22 -79.41 -22.86
CA TYR PA 113 8.23 -79.31 -21.42
C TYR PA 113 7.11 -80.14 -20.81
N ASP PA 114 7.39 -80.74 -19.66
CA ASP PA 114 6.46 -81.62 -18.98
C ASP PA 114 6.07 -81.04 -17.62
N THR PA 115 4.91 -81.46 -17.13
CA THR PA 115 4.51 -81.11 -15.78
C THR PA 115 4.84 -82.26 -14.83
N THR PA 116 4.09 -83.36 -14.91
CA THR PA 116 4.32 -84.52 -14.07
C THR PA 116 4.67 -85.71 -14.95
N PRO PA 117 5.88 -86.23 -14.87
CA PRO PA 117 6.23 -87.40 -15.69
C PRO PA 117 5.62 -88.66 -15.10
N GLY PA 118 5.23 -89.56 -15.98
CA GLY PA 118 4.80 -90.87 -15.54
C GLY PA 118 5.98 -91.67 -15.03
N GLY PA 119 5.66 -92.84 -14.47
CA GLY PA 119 6.71 -93.75 -14.06
C GLY PA 119 7.49 -94.35 -15.21
N GLN PA 120 6.94 -94.30 -16.42
CA GLN PA 120 7.56 -94.89 -17.59
C GLN PA 120 7.93 -93.80 -18.59
N ALA PA 121 8.92 -94.09 -19.41
CA ALA PA 121 9.39 -93.11 -20.37
C ALA PA 121 8.38 -92.93 -21.49
N PRO PA 122 8.06 -91.70 -21.87
CA PRO PA 122 7.11 -91.49 -22.94
C PRO PA 122 7.71 -91.85 -24.29
N THR PA 123 6.84 -92.05 -25.25
CA THR PA 123 7.25 -92.25 -26.64
C THR PA 123 6.43 -91.30 -27.50
N PRO PA 124 6.97 -90.84 -28.63
CA PRO PA 124 6.24 -89.86 -29.45
C PRO PA 124 4.81 -90.28 -29.75
N GLN PA 125 4.60 -91.53 -30.13
CA GLN PA 125 3.25 -91.97 -30.47
C GLN PA 125 2.30 -91.71 -29.32
N THR PA 126 2.81 -91.73 -28.09
CA THR PA 126 1.97 -91.41 -26.95
C THR PA 126 1.82 -89.91 -26.78
N ILE PA 127 2.86 -89.13 -27.08
CA ILE PA 127 2.78 -87.71 -26.80
C ILE PA 127 1.90 -87.02 -27.83
N PHE PA 128 1.87 -87.53 -29.05
CA PHE PA 128 1.09 -86.94 -30.12
C PHE PA 128 0.13 -87.98 -30.65
N ALA PA 129 -1.16 -87.66 -30.65
CA ALA PA 129 -2.12 -88.58 -31.22
C ALA PA 129 -2.09 -88.44 -32.73
N TYR PA 130 -1.70 -89.48 -33.42
CA TYR PA 130 -1.70 -89.38 -34.87
C TYR PA 130 -2.15 -90.68 -35.49
N PRO PA 131 -2.94 -90.61 -36.55
CA PRO PA 131 -3.28 -91.84 -37.28
C PRO PA 131 -2.07 -92.40 -37.97
N ASP PA 132 -2.13 -93.69 -38.28
CA ASP PA 132 -1.00 -94.36 -38.92
C ASP PA 132 -0.69 -93.73 -40.27
N THR PA 133 -1.70 -93.20 -40.94
CA THR PA 133 -1.49 -92.58 -42.23
C THR PA 133 -0.51 -91.43 -42.17
N LEU PA 134 -0.66 -90.55 -41.19
CA LEU PA 134 0.20 -89.37 -41.08
C LEU PA 134 1.61 -89.69 -40.61
N LYS PA 135 1.89 -90.94 -40.25
CA LYS PA 135 3.21 -91.28 -39.73
C LYS PA 135 4.31 -90.87 -40.71
N ALA PA 136 4.00 -90.86 -41.99
CA ALA PA 136 4.97 -90.42 -42.99
C ALA PA 136 5.44 -89.00 -42.72
N TRP PA 137 4.50 -88.07 -42.65
CA TRP PA 137 4.93 -86.69 -42.60
C TRP PA 137 4.77 -86.16 -41.19
N PRO PA 138 5.85 -86.03 -40.43
CA PRO PA 138 5.69 -85.59 -39.05
C PRO PA 138 5.30 -84.14 -38.94
N ALA PA 139 5.79 -83.31 -39.86
CA ALA PA 139 5.74 -81.87 -39.64
C ALA PA 139 4.33 -81.37 -39.45
N THR PA 140 3.32 -82.17 -39.76
CA THR PA 140 1.95 -81.81 -39.51
C THR PA 140 1.49 -82.15 -38.11
N TRP PA 141 2.24 -82.99 -37.39
CA TRP PA 141 1.81 -83.37 -36.06
C TRP PA 141 1.60 -82.14 -35.20
N LYS PA 142 0.63 -82.22 -34.30
CA LYS PA 142 0.47 -81.21 -33.28
C LYS PA 142 0.02 -81.89 -31.99
N VAL PA 143 0.15 -81.16 -30.89
CA VAL PA 143 -0.10 -81.74 -29.58
C VAL PA 143 -1.53 -82.23 -29.48
N SER PA 144 -1.70 -83.42 -28.92
CA SER PA 144 -3.03 -84.01 -28.78
C SER PA 144 -3.83 -83.27 -27.72
N ARG PA 145 -5.15 -83.29 -27.87
CA ARG PA 145 -6.00 -82.48 -26.99
C ARG PA 145 -6.21 -83.13 -25.63
N GLU PA 146 -6.19 -84.46 -25.57
CA GLU PA 146 -6.44 -85.13 -24.30
C GLU PA 146 -5.46 -84.68 -23.23
N LEU PA 147 -4.21 -84.49 -23.62
CA LEU PA 147 -3.15 -84.12 -22.70
C LEU PA 147 -2.93 -82.63 -22.64
N CYS PA 148 -3.82 -81.85 -23.27
CA CYS PA 148 -3.60 -80.45 -23.59
C CYS PA 148 -2.96 -79.66 -22.47
N HIS PA 149 -3.38 -79.93 -21.24
CA HIS PA 149 -2.78 -79.22 -20.12
C HIS PA 149 -1.60 -79.97 -19.49
N ARG PA 150 -1.36 -81.22 -19.89
CA ARG PA 150 -0.24 -81.94 -19.30
C ARG PA 150 1.09 -81.58 -19.94
N PHE PA 151 1.09 -81.21 -21.21
CA PHE PA 151 2.32 -80.93 -21.94
C PHE PA 151 2.23 -79.57 -22.62
N VAL PA 152 3.39 -79.08 -23.05
CA VAL PA 152 3.46 -77.84 -23.81
C VAL PA 152 4.79 -77.85 -24.55
N VAL PA 153 4.88 -77.04 -25.60
CA VAL PA 153 6.08 -76.97 -26.43
C VAL PA 153 6.54 -75.53 -26.46
N LYS PA 154 7.71 -75.27 -25.89
CA LYS PA 154 8.16 -73.89 -25.78
C LYS PA 154 9.05 -73.46 -26.93
N ARG PA 155 9.49 -74.38 -27.79
CA ARG PA 155 10.28 -74.01 -28.95
C ARG PA 155 10.00 -74.99 -30.08
N ARG PA 156 10.38 -74.57 -31.29
CA ARG PA 156 10.19 -75.40 -32.47
C ARG PA 156 11.28 -75.04 -33.47
N TRP PA 157 11.69 -76.02 -34.26
CA TRP PA 157 12.64 -75.73 -35.32
C TRP PA 157 12.38 -76.64 -36.51
N LEU PA 158 12.79 -76.15 -37.68
CA LEU PA 158 12.67 -76.90 -38.92
C LEU PA 158 14.03 -77.05 -39.58
N PHE PA 159 14.14 -78.09 -40.38
CA PHE PA 159 15.31 -78.29 -41.22
C PHE PA 159 14.91 -79.23 -42.33
N ASN PA 160 15.70 -79.25 -43.39
CA ASN PA 160 15.41 -80.11 -44.52
C ASN PA 160 16.71 -80.65 -45.08
N MET PA 161 16.61 -81.82 -45.68
CA MET PA 161 17.77 -82.51 -46.23
C MET PA 161 17.31 -83.45 -47.32
N GLU PA 162 18.25 -83.90 -48.14
CA GLU PA 162 17.90 -84.74 -49.26
C GLU PA 162 19.10 -85.57 -49.65
N THR PA 163 18.84 -86.64 -50.39
CA THR PA 163 19.89 -87.52 -50.86
C THR PA 163 19.66 -87.85 -52.32
N ASP PA 164 20.75 -88.00 -53.05
CA ASP PA 164 20.71 -88.27 -54.47
C ASP PA 164 20.84 -89.75 -54.80
N GLY PA 165 21.01 -90.60 -53.79
CA GLY PA 165 21.24 -91.99 -54.04
C GLY PA 165 22.69 -92.37 -54.30
N ARG PA 166 23.64 -91.65 -53.69
CA ARG PA 166 25.04 -91.95 -53.89
C ARG PA 166 25.78 -91.82 -52.57
N ILE PA 167 26.53 -92.84 -52.21
CA ILE PA 167 27.31 -92.80 -50.98
C ILE PA 167 28.57 -91.99 -51.22
N GLY PA 168 29.10 -91.39 -50.17
CA GLY PA 168 30.23 -90.48 -50.32
C GLY PA 168 31.46 -91.16 -50.90
N SER PA 169 31.80 -92.34 -50.39
CA SER PA 169 33.06 -92.99 -50.76
C SER PA 169 33.12 -93.39 -52.23
N ASP PA 170 32.01 -93.27 -52.97
CA ASP PA 170 31.97 -93.72 -54.35
C ASP PA 170 32.71 -92.75 -55.27
N ILE PA 171 33.55 -93.29 -56.13
CA ILE PA 171 34.34 -92.48 -57.07
C ILE PA 171 33.52 -92.16 -58.30
N PRO PA 172 33.37 -90.88 -58.66
CA PRO PA 172 32.71 -90.55 -59.90
C PRO PA 172 33.47 -91.11 -61.08
N PRO PA 173 32.78 -91.56 -62.12
CA PRO PA 173 33.46 -91.94 -63.35
C PRO PA 173 34.00 -90.70 -64.05
N SER PA 174 35.09 -90.91 -64.79
CA SER PA 174 35.80 -89.80 -65.41
C SER PA 174 34.97 -89.07 -66.46
N ASN PA 175 33.81 -89.58 -66.85
CA ASN PA 175 33.04 -88.95 -67.90
C ASN PA 175 32.26 -87.74 -67.41
N ALA PA 176 31.52 -87.89 -66.31
CA ALA PA 176 30.58 -86.86 -65.88
C ALA PA 176 30.64 -86.71 -64.37
N SER PA 177 29.98 -85.67 -63.86
CA SER PA 177 30.07 -85.33 -62.45
C SER PA 177 28.73 -85.06 -61.79
N TRP PA 178 28.75 -84.60 -60.54
CA TRP PA 178 27.54 -84.30 -59.81
C TRP PA 178 27.76 -83.07 -58.94
N LYS PA 179 26.68 -82.34 -58.68
CA LYS PA 179 26.68 -81.31 -57.64
C LYS PA 179 25.77 -81.83 -56.54
N PRO PA 180 26.31 -82.35 -55.46
CA PRO PA 180 25.45 -82.84 -54.38
C PRO PA 180 25.30 -81.83 -53.25
N CYS PA 181 24.76 -80.66 -53.54
CA CYS PA 181 24.56 -79.67 -52.49
C CYS PA 181 23.65 -80.22 -51.41
N LYS PA 182 23.99 -79.92 -50.16
CA LYS PA 182 23.17 -80.27 -49.02
C LYS PA 182 22.92 -81.77 -48.92
N ARG PA 183 24.00 -82.55 -48.99
CA ARG PA 183 23.89 -83.92 -48.52
C ARG PA 183 23.90 -83.97 -47.00
N ASN PA 184 24.79 -83.20 -46.37
CA ASN PA 184 24.84 -83.09 -44.94
C ASN PA 184 24.71 -81.62 -44.56
N ILE PA 185 24.41 -81.38 -43.29
CA ILE PA 185 24.00 -80.04 -42.86
C ILE PA 185 24.54 -79.77 -41.47
N TYR PA 186 24.77 -78.49 -41.19
CA TYR PA 186 25.30 -78.02 -39.92
C TYR PA 186 24.21 -77.22 -39.22
N PHE PA 187 23.75 -77.71 -38.09
CA PHE PA 187 22.60 -77.13 -37.42
C PHE PA 187 22.97 -76.65 -36.03
N HIS PA 188 22.60 -75.41 -35.72
CA HIS PA 188 22.87 -74.86 -34.41
C HIS PA 188 21.85 -73.78 -34.09
N LYS PA 189 21.51 -73.66 -32.81
CA LYS PA 189 20.62 -72.62 -32.35
C LYS PA 189 21.05 -72.22 -30.94
N PHE PA 190 20.70 -70.99 -30.58
CA PHE PA 190 21.03 -70.43 -29.28
C PHE PA 190 19.84 -69.61 -28.82
N THR PA 191 19.35 -69.88 -27.61
CA THR PA 191 18.17 -69.16 -27.14
C THR PA 191 18.22 -68.93 -25.65
N SER PA 192 17.92 -67.70 -25.23
CA SER PA 192 17.87 -67.34 -23.83
C SER PA 192 16.47 -67.27 -23.25
N GLY PA 193 15.45 -67.49 -24.07
CA GLY PA 193 14.11 -67.09 -23.67
C GLY PA 193 13.55 -67.92 -22.53
N LEU PA 194 13.65 -69.24 -22.63
CA LEU PA 194 12.87 -70.12 -21.79
C LEU PA 194 13.31 -70.01 -20.34
N GLY PA 195 12.44 -70.48 -19.46
CA GLY PA 195 12.82 -70.75 -18.08
C GLY PA 195 11.94 -71.87 -17.56
N VAL PA 196 12.48 -72.63 -16.61
CA VAL PA 196 11.83 -73.85 -16.15
C VAL PA 196 12.08 -74.00 -14.66
N ARG PA 197 11.07 -74.46 -13.94
CA ARG PA 197 11.16 -74.68 -12.51
C ARG PA 197 11.05 -76.18 -12.24
N THR PA 198 12.03 -76.73 -11.54
CA THR PA 198 12.09 -78.17 -11.31
C THR PA 198 12.36 -78.45 -9.84
N GLN PA 199 11.74 -79.51 -9.32
CA GLN PA 199 12.02 -79.99 -7.98
C GLN PA 199 12.27 -81.49 -8.04
N TRP PA 200 12.89 -82.01 -7.00
CA TRP PA 200 13.43 -83.35 -7.02
C TRP PA 200 12.99 -84.14 -5.81
N LYS PA 201 12.76 -85.44 -6.01
CA LYS PA 201 12.74 -86.37 -4.89
C LYS PA 201 14.14 -86.46 -4.30
N ASN PA 202 14.22 -86.96 -3.08
CA ASN PA 202 15.50 -86.99 -2.40
C ASN PA 202 16.17 -88.33 -2.68
N VAL PA 203 17.19 -88.29 -3.54
CA VAL PA 203 18.06 -89.42 -3.85
C VAL PA 203 19.35 -88.84 -4.39
N THR PA 204 20.31 -89.70 -4.69
CA THR PA 204 21.54 -89.25 -5.35
C THR PA 204 21.34 -89.12 -6.86
N ASP PA 205 20.56 -90.03 -7.44
CA ASP PA 205 20.62 -90.29 -8.87
C ASP PA 205 20.12 -89.11 -9.67
N GLY PA 206 20.54 -89.09 -10.94
CA GLY PA 206 20.06 -88.11 -11.90
C GLY PA 206 19.12 -88.65 -12.94
N GLY PA 207 18.63 -89.88 -12.79
CA GLY PA 207 17.75 -90.47 -13.77
C GLY PA 207 16.38 -89.82 -13.76
N VAL PA 208 15.52 -90.33 -14.64
CA VAL PA 208 14.19 -89.77 -14.77
C VAL PA 208 13.33 -90.07 -13.54
N GLY PA 209 13.47 -91.24 -12.94
CA GLY PA 209 12.61 -91.61 -11.83
C GLY PA 209 12.70 -90.68 -10.64
N ALA PA 210 13.75 -89.87 -10.58
CA ALA PA 210 13.94 -89.01 -9.43
C ALA PA 210 13.07 -87.76 -9.47
N ILE PA 211 12.78 -87.25 -10.67
CA ILE PA 211 12.18 -85.92 -10.77
C ILE PA 211 10.74 -85.96 -10.30
N GLN PA 212 10.38 -85.00 -9.45
CA GLN PA 212 8.99 -84.88 -9.02
C GLN PA 212 8.18 -84.08 -10.03
N ARG PA 213 8.73 -82.99 -10.55
CA ARG PA 213 7.97 -82.13 -11.44
C ARG PA 213 8.93 -81.35 -12.32
N GLY PA 214 8.48 -80.97 -13.53
CA GLY PA 214 9.26 -80.12 -14.40
C GLY PA 214 10.26 -80.78 -15.34
N ALA PA 215 9.96 -81.99 -15.80
CA ALA PA 215 10.88 -82.65 -16.71
C ALA PA 215 10.93 -81.91 -18.05
N LEU PA 216 12.00 -82.16 -18.79
CA LEU PA 216 12.25 -81.47 -20.06
C LEU PA 216 12.71 -82.48 -21.09
N TYR PA 217 11.97 -82.60 -22.19
CA TYR PA 217 12.23 -83.58 -23.21
C TYR PA 217 12.70 -82.94 -24.51
N MET PA 218 13.49 -83.70 -25.27
CA MET PA 218 13.90 -83.33 -26.61
C MET PA 218 13.48 -84.44 -27.56
N VAL PA 219 12.99 -84.07 -28.73
CA VAL PA 219 12.43 -85.03 -29.67
C VAL PA 219 12.94 -84.71 -31.07
N ILE PA 220 13.26 -85.74 -31.83
CA ILE PA 220 13.73 -85.60 -33.20
C ILE PA 220 12.78 -86.35 -34.12
N ALA PA 221 12.34 -85.68 -35.18
CA ALA PA 221 11.40 -86.26 -36.13
C ALA PA 221 12.04 -86.38 -37.51
N PRO PA 222 12.24 -87.57 -38.03
CA PRO PA 222 12.88 -87.71 -39.34
C PRO PA 222 11.92 -87.34 -40.46
N GLY PA 223 12.50 -87.10 -41.62
CA GLY PA 223 11.72 -86.91 -42.82
C GLY PA 223 11.13 -88.22 -43.31
N ASN PA 224 10.22 -88.11 -44.28
CA ASN PA 224 9.54 -89.28 -44.81
C ASN PA 224 10.54 -90.31 -45.32
N GLY PA 225 10.42 -91.53 -44.82
CA GLY PA 225 11.23 -92.63 -45.30
C GLY PA 225 12.71 -92.31 -45.38
N LEU PA 226 13.18 -91.46 -44.47
CA LEU PA 226 14.57 -91.01 -44.47
C LEU PA 226 15.14 -91.15 -43.08
N THR PA 227 16.15 -92.01 -42.94
CA THR PA 227 16.74 -92.31 -41.65
C THR PA 227 18.18 -91.81 -41.62
N PHE PA 228 18.61 -91.34 -40.45
CA PHE PA 228 19.94 -90.75 -40.35
C PHE PA 228 20.40 -90.82 -38.92
N THR PA 229 21.70 -90.58 -38.72
CA THR PA 229 22.30 -90.42 -37.42
C THR PA 229 22.92 -89.04 -37.32
N ALA PA 230 23.17 -88.61 -36.08
CA ALA PA 230 23.65 -87.26 -35.83
C ALA PA 230 24.81 -87.29 -34.85
N HIS PA 231 25.67 -86.28 -34.96
CA HIS PA 231 26.79 -86.11 -34.05
C HIS PA 231 26.74 -84.70 -33.50
N GLY PA 232 27.30 -84.51 -32.31
CA GLY PA 232 27.41 -83.19 -31.74
C GLY PA 232 27.32 -83.25 -30.23
N GLN PA 233 27.20 -82.06 -29.63
CA GLN PA 233 27.12 -81.94 -28.19
C GLN PA 233 26.38 -80.65 -27.86
N THR PA 234 25.92 -80.57 -26.61
CA THR PA 234 25.12 -79.44 -26.18
C THR PA 234 25.55 -78.99 -24.79
N ARG PA 235 25.15 -77.78 -24.44
CA ARG PA 235 25.41 -77.24 -23.11
C ARG PA 235 24.13 -76.74 -22.48
N LEU PA 236 24.18 -76.59 -21.16
CA LEU PA 236 23.07 -76.05 -20.39
C LEU PA 236 23.59 -74.98 -19.44
N TYR PA 237 22.66 -74.24 -18.87
CA TYR PA 237 22.97 -73.18 -17.93
C TYR PA 237 21.90 -73.17 -16.84
N PHE PA 238 22.32 -73.13 -15.58
CA PHE PA 238 21.35 -73.15 -14.49
C PHE PA 238 22.05 -72.75 -13.20
N LYS PA 239 21.25 -72.66 -12.14
CA LYS PA 239 21.79 -72.50 -10.79
C LYS PA 239 20.82 -73.08 -9.79
N SER PA 240 21.36 -73.64 -8.71
CA SER PA 240 20.53 -74.14 -7.65
C SER PA 240 19.99 -72.98 -6.82
N VAL PA 241 18.91 -73.24 -6.09
CA VAL PA 241 18.32 -72.24 -5.20
C VAL PA 241 17.47 -72.98 -4.18
N GLY PA 242 17.18 -72.29 -3.08
CA GLY PA 242 16.27 -72.81 -2.07
C GLY PA 242 17.01 -73.32 -0.84
N ASN PA 243 16.21 -73.72 0.14
CA ASN PA 243 16.70 -74.26 1.41
C ASN PA 243 17.69 -73.31 2.07
N ALA QA 31 -1.97 -56.35 -31.01
CA ALA QA 31 -1.51 -57.59 -31.62
C ALA QA 31 -2.50 -58.73 -31.37
N GLY QA 32 -3.57 -58.75 -32.16
CA GLY QA 32 -4.60 -59.76 -32.02
C GLY QA 32 -5.93 -59.22 -32.49
N SER QA 33 -6.96 -60.06 -32.36
CA SER QA 33 -8.30 -59.62 -32.73
C SER QA 33 -9.33 -60.00 -31.68
N LYS QA 34 -9.91 -58.99 -31.03
CA LYS QA 34 -10.99 -59.17 -30.05
C LYS QA 34 -10.69 -60.31 -29.08
N ALA QA 35 -9.43 -60.39 -28.65
CA ALA QA 35 -9.05 -61.42 -27.70
C ALA QA 35 -9.75 -61.20 -26.37
N ASP QA 36 -10.03 -62.30 -25.70
CA ASP QA 36 -10.76 -62.28 -24.44
C ASP QA 36 -10.12 -63.27 -23.46
N ARG QA 37 -10.04 -62.84 -22.20
CA ARG QA 37 -9.31 -63.59 -21.18
C ARG QA 37 -9.70 -65.06 -21.09
N PRO QA 38 -10.98 -65.43 -21.05
CA PRO QA 38 -11.31 -66.86 -21.08
C PRO QA 38 -10.94 -67.47 -22.42
N SER QA 39 -10.74 -68.78 -22.40
CA SER QA 39 -10.31 -69.49 -23.59
C SER QA 39 -11.41 -69.47 -24.65
N LEU QA 40 -11.01 -69.76 -25.89
CA LEU QA 40 -11.92 -69.75 -27.02
C LEU QA 40 -12.07 -71.16 -27.57
N GLN QA 41 -13.24 -71.43 -28.14
CA GLN QA 41 -13.54 -72.78 -28.59
C GLN QA 41 -12.67 -73.17 -29.77
N ILE QA 42 -12.58 -74.47 -30.01
CA ILE QA 42 -11.70 -75.02 -31.03
C ILE QA 42 -12.47 -76.02 -31.88
N GLN QA 43 -12.25 -75.95 -33.19
CA GLN QA 43 -12.78 -76.93 -34.13
C GLN QA 43 -11.69 -77.37 -35.08
N THR QA 44 -11.71 -78.65 -35.45
CA THR QA 44 -10.67 -79.22 -36.28
C THR QA 44 -11.28 -79.91 -37.50
N LEU QA 45 -10.43 -80.18 -38.48
CA LEU QA 45 -10.81 -80.95 -39.63
C LEU QA 45 -9.74 -82.00 -39.90
N GLN QA 46 -10.16 -83.14 -40.40
CA GLN QA 46 -9.25 -84.25 -40.63
C GLN QA 46 -9.29 -84.62 -42.10
N HIS QA 47 -8.21 -84.36 -42.81
CA HIS QA 47 -8.07 -84.76 -44.21
C HIS QA 47 -6.86 -85.67 -44.31
N ALA QA 48 -7.11 -86.94 -44.55
CA ALA QA 48 -6.06 -87.95 -44.58
C ALA QA 48 -6.70 -89.29 -44.92
N GLY QA 49 -5.87 -90.23 -45.33
CA GLY QA 49 -6.35 -91.59 -45.56
C GLY QA 49 -7.48 -91.60 -46.56
N THR QA 50 -8.63 -92.11 -46.12
CA THR QA 50 -9.82 -92.16 -46.97
C THR QA 50 -10.16 -90.77 -47.51
N THR QA 51 -10.04 -89.74 -46.67
CA THR QA 51 -10.37 -88.40 -47.09
C THR QA 51 -9.07 -87.67 -47.41
N MET QA 52 -8.80 -87.50 -48.69
CA MET QA 52 -7.67 -86.71 -49.16
C MET QA 52 -8.20 -85.79 -50.24
N ILE QA 53 -8.12 -84.48 -49.99
CA ILE QA 53 -8.53 -83.53 -51.02
C ILE QA 53 -7.73 -83.83 -52.28
N THR QA 54 -8.42 -84.07 -53.37
CA THR QA 54 -7.80 -84.42 -54.64
C THR QA 54 -8.35 -83.50 -55.73
N VAL QA 55 -7.46 -82.80 -56.41
CA VAL QA 55 -7.88 -81.72 -57.28
C VAL QA 55 -7.54 -82.02 -58.74
N PRO QA 56 -8.53 -82.30 -59.57
CA PRO QA 56 -8.32 -82.24 -61.01
C PRO QA 56 -8.27 -80.80 -61.48
N SER QA 57 -7.77 -80.62 -62.70
CA SER QA 57 -7.65 -79.29 -63.29
C SER QA 57 -8.97 -78.56 -63.22
N GLY QA 58 -8.94 -77.31 -62.78
CA GLY QA 58 -10.14 -76.53 -62.58
C GLY QA 58 -10.55 -76.35 -61.15
N GLY QA 59 -9.79 -76.86 -60.19
CA GLY QA 59 -10.03 -76.58 -58.80
C GLY QA 59 -11.24 -77.30 -58.23
N VAL QA 60 -11.44 -77.11 -56.93
CA VAL QA 60 -12.58 -77.71 -56.25
C VAL QA 60 -13.07 -76.74 -55.18
N CYS QA 61 -14.38 -76.70 -55.02
CA CYS QA 61 -15.03 -75.85 -54.04
C CYS QA 61 -15.29 -76.63 -52.77
N ASP QA 62 -15.19 -75.97 -51.63
CA ASP QA 62 -15.44 -76.62 -50.36
C ASP QA 62 -15.81 -75.59 -49.31
N LEU QA 63 -16.44 -76.05 -48.25
CA LEU QA 63 -16.81 -75.21 -47.11
C LEU QA 63 -16.16 -75.74 -45.85
N ILE QA 64 -15.42 -74.87 -45.17
CA ILE QA 64 -14.70 -75.24 -43.96
C ILE QA 64 -15.42 -74.83 -42.69
N ASN QA 65 -16.54 -74.14 -42.78
CA ASN QA 65 -17.10 -73.51 -41.59
C ASN QA 65 -18.10 -74.38 -40.86
N THR QA 66 -18.27 -75.62 -41.31
CA THR QA 66 -19.29 -76.51 -40.74
C THR QA 66 -19.19 -76.62 -39.22
N TYR QA 67 -20.34 -76.47 -38.56
CA TYR QA 67 -20.45 -76.56 -37.11
C TYR QA 67 -21.73 -77.31 -36.78
N ALA QA 68 -21.63 -78.29 -35.87
CA ALA QA 68 -22.83 -78.88 -35.34
C ALA QA 68 -23.35 -78.05 -34.18
N ARG QA 69 -24.49 -78.46 -33.63
CA ARG QA 69 -25.05 -77.84 -32.43
C ARG QA 69 -25.38 -78.91 -31.42
N GLY QA 70 -25.00 -78.69 -30.18
CA GLY QA 70 -25.30 -79.66 -29.14
C GLY QA 70 -24.45 -79.43 -27.92
N SER QA 71 -24.29 -80.50 -27.15
CA SER QA 71 -23.57 -80.42 -25.90
C SER QA 71 -22.06 -80.39 -26.12
N ASP QA 72 -21.59 -81.16 -27.11
CA ASP QA 72 -20.15 -81.37 -27.26
C ASP QA 72 -19.43 -80.06 -27.50
N GLU QA 73 -18.22 -79.96 -26.94
CA GLU QA 73 -17.40 -78.80 -27.16
C GLU QA 73 -16.96 -78.73 -28.61
N GLY QA 74 -16.92 -77.52 -29.14
CA GLY QA 74 -16.59 -77.31 -30.53
C GLY QA 74 -17.83 -77.14 -31.36
N ASN QA 75 -18.95 -77.67 -30.89
CA ASN QA 75 -20.21 -77.40 -31.54
C ASN QA 75 -20.74 -76.05 -31.07
N ARG QA 76 -21.55 -75.43 -31.92
CA ARG QA 76 -22.07 -74.10 -31.60
C ARG QA 76 -23.24 -74.19 -30.66
N HIS QA 77 -23.22 -73.37 -29.61
CA HIS QA 77 -24.29 -73.34 -28.63
C HIS QA 77 -25.45 -72.45 -29.03
N THR QA 78 -25.25 -71.53 -29.98
CA THR QA 78 -26.26 -70.53 -30.24
C THR QA 78 -26.61 -70.47 -31.73
N SER QA 79 -27.40 -69.48 -32.10
CA SER QA 79 -27.71 -69.28 -33.51
C SER QA 79 -26.81 -68.24 -34.16
N GLU QA 80 -25.85 -67.68 -33.42
CA GLU QA 80 -25.02 -66.59 -33.92
C GLU QA 80 -23.56 -66.88 -33.57
N THR QA 81 -22.69 -66.83 -34.58
CA THR QA 81 -21.30 -67.21 -34.41
C THR QA 81 -20.38 -66.22 -35.10
N LEU QA 82 -19.30 -65.86 -34.42
CA LEU QA 82 -18.20 -65.09 -34.99
C LEU QA 82 -16.95 -65.95 -34.97
N THR QA 83 -16.15 -65.85 -36.02
CA THR QA 83 -14.87 -66.53 -36.09
C THR QA 83 -13.75 -65.51 -36.14
N TYR QA 84 -12.57 -65.90 -35.67
CA TYR QA 84 -11.48 -64.96 -35.59
C TYR QA 84 -10.21 -65.43 -36.28
N LYS QA 85 -9.51 -66.35 -35.65
CA LYS QA 85 -8.17 -66.73 -36.09
C LYS QA 85 -8.21 -68.11 -36.71
N ILE QA 86 -7.38 -68.31 -37.73
CA ILE QA 86 -7.33 -69.58 -38.44
C ILE QA 86 -5.88 -69.92 -38.76
N ALA QA 87 -5.54 -71.19 -38.61
CA ALA QA 87 -4.21 -71.68 -38.95
C ALA QA 87 -4.36 -72.88 -39.86
N ILE QA 88 -3.47 -73.00 -40.82
CA ILE QA 88 -3.58 -74.02 -41.85
C ILE QA 88 -2.24 -74.71 -41.99
N ASP QA 89 -2.26 -76.04 -41.98
CA ASP QA 89 -1.11 -76.86 -42.28
C ASP QA 89 -1.50 -77.93 -43.28
N TYR QA 90 -0.60 -78.22 -44.22
CA TYR QA 90 -0.81 -79.33 -45.13
C TYR QA 90 0.50 -79.84 -45.64
N HIS QA 91 0.44 -81.05 -46.19
CA HIS QA 91 1.48 -81.54 -47.08
C HIS QA 91 0.91 -81.64 -48.49
N PHE QA 92 1.76 -81.36 -49.47
CA PHE QA 92 1.44 -81.57 -50.87
C PHE QA 92 2.35 -82.64 -51.45
N VAL QA 93 1.86 -83.32 -52.47
CA VAL QA 93 2.69 -84.23 -53.25
C VAL QA 93 2.12 -84.32 -54.65
N ALA QA 94 3.02 -84.39 -55.64
CA ALA QA 94 2.57 -84.56 -57.00
C ALA QA 94 1.96 -85.94 -57.18
N ASP QA 95 1.11 -86.06 -58.19
CA ASP QA 95 0.51 -87.35 -58.53
C ASP QA 95 1.28 -87.97 -59.69
N ALA QA 96 1.51 -89.28 -59.59
CA ALA QA 96 2.21 -89.99 -60.66
C ALA QA 96 1.45 -89.87 -61.97
N ALA QA 97 0.13 -89.74 -61.92
CA ALA QA 97 -0.66 -89.63 -63.13
C ALA QA 97 -0.17 -88.51 -64.03
N ALA QA 98 0.28 -87.40 -63.45
CA ALA QA 98 0.82 -86.30 -64.23
C ALA QA 98 2.34 -86.32 -64.32
N CYS QA 99 2.99 -87.26 -63.65
CA CYS QA 99 4.45 -87.30 -63.68
C CYS QA 99 4.99 -87.78 -65.03
N ARG QA 100 4.12 -88.24 -65.94
CA ARG QA 100 4.60 -88.67 -67.25
C ARG QA 100 5.15 -87.51 -68.07
N TYR QA 101 5.02 -86.29 -67.61
CA TYR QA 101 5.56 -85.12 -68.27
C TYR QA 101 6.47 -84.38 -67.31
N SER QA 102 7.27 -83.47 -67.86
CA SER QA 102 8.17 -82.67 -67.04
C SER QA 102 7.95 -81.20 -67.34
N ASN QA 103 7.38 -80.48 -66.38
CA ASN QA 103 7.33 -79.04 -66.44
C ASN QA 103 7.06 -78.52 -65.04
N THR QA 104 7.31 -77.25 -64.85
CA THR QA 104 6.93 -76.60 -63.60
C THR QA 104 5.53 -76.04 -63.74
N GLY QA 105 5.13 -75.24 -62.76
CA GLY QA 105 3.85 -74.57 -62.80
C GLY QA 105 3.69 -73.67 -61.61
N THR QA 106 2.48 -73.17 -61.43
CA THR QA 106 2.18 -72.34 -60.26
C THR QA 106 0.76 -72.60 -59.80
N GLY QA 107 0.59 -72.76 -58.49
CA GLY QA 107 -0.71 -72.97 -57.89
C GLY QA 107 -1.19 -71.77 -57.10
N VAL QA 108 -2.44 -71.87 -56.64
CA VAL QA 108 -3.11 -70.77 -55.96
C VAL QA 108 -4.05 -71.34 -54.92
N MET QA 109 -4.12 -70.68 -53.78
CA MET QA 109 -5.10 -70.97 -52.74
C MET QA 109 -5.78 -69.68 -52.33
N TRP QA 110 -7.10 -69.64 -52.40
CA TRP QA 110 -7.85 -68.47 -51.98
C TRP QA 110 -8.68 -68.79 -50.75
N LEU QA 111 -8.99 -67.74 -50.01
CA LEU QA 111 -9.95 -67.81 -48.92
C LEU QA 111 -11.08 -66.86 -49.27
N VAL QA 112 -12.25 -67.40 -49.58
CA VAL QA 112 -13.33 -66.64 -50.18
C VAL QA 112 -14.49 -66.56 -49.20
N TYR QA 113 -15.01 -65.35 -49.01
CA TYR QA 113 -16.13 -65.11 -48.13
C TYR QA 113 -17.39 -64.87 -48.94
N ASP QA 114 -18.52 -65.35 -48.44
CA ASP QA 114 -19.80 -65.26 -49.11
C ASP QA 114 -20.77 -64.42 -48.30
N THR QA 115 -21.77 -63.86 -48.99
CA THR QA 115 -22.86 -63.19 -48.31
C THR QA 115 -24.05 -64.13 -48.17
N THR QA 116 -24.74 -64.41 -49.27
CA THR QA 116 -25.88 -65.30 -49.26
C THR QA 116 -25.60 -66.49 -50.14
N PRO QA 117 -25.49 -67.70 -49.59
CA PRO QA 117 -25.24 -68.87 -50.44
C PRO QA 117 -26.50 -69.28 -51.16
N GLY QA 118 -26.32 -69.78 -52.38
CA GLY QA 118 -27.43 -70.37 -53.08
C GLY QA 118 -27.82 -71.69 -52.46
N GLY QA 119 -28.92 -72.25 -52.97
CA GLY QA 119 -29.33 -73.57 -52.53
C GLY QA 119 -28.41 -74.68 -52.98
N GLN QA 120 -27.57 -74.41 -53.98
CA GLN QA 120 -26.68 -75.40 -54.55
C GLN QA 120 -25.23 -74.98 -54.31
N ALA QA 121 -24.34 -75.96 -54.28
CA ALA QA 121 -22.95 -75.69 -54.00
C ALA QA 121 -22.29 -75.00 -55.19
N PRO QA 122 -21.53 -73.94 -54.96
CA PRO QA 122 -20.87 -73.27 -56.07
C PRO QA 122 -19.73 -74.11 -56.62
N THR QA 123 -19.32 -73.76 -57.83
CA THR QA 123 -18.14 -74.35 -58.44
C THR QA 123 -17.28 -73.21 -58.96
N PRO QA 124 -15.96 -73.39 -59.01
CA PRO QA 124 -15.09 -72.27 -59.43
C PRO QA 124 -15.51 -71.63 -60.72
N GLN QA 125 -15.85 -72.43 -61.73
CA GLN QA 125 -16.24 -71.87 -63.01
C GLN QA 125 -17.38 -70.88 -62.85
N THR QA 126 -18.22 -71.10 -61.84
CA THR QA 126 -19.29 -70.17 -61.57
C THR QA 126 -18.80 -68.96 -60.78
N ILE QA 127 -17.84 -69.15 -59.89
CA ILE QA 127 -17.43 -68.04 -59.04
C ILE QA 127 -16.58 -67.06 -59.82
N PHE QA 128 -15.82 -67.56 -60.79
CA PHE QA 128 -14.93 -66.72 -61.59
C PHE QA 128 -15.31 -66.88 -63.04
N ALA QA 129 -15.60 -65.76 -63.70
CA ALA QA 129 -15.88 -65.84 -65.12
C ALA QA 129 -14.57 -65.93 -65.88
N TYR QA 130 -14.35 -67.03 -66.56
CA TYR QA 130 -13.12 -67.13 -67.30
C TYR QA 130 -13.36 -67.82 -68.63
N PRO QA 131 -12.74 -67.35 -69.70
CA PRO QA 131 -12.82 -68.09 -70.96
C PRO QA 131 -12.08 -69.41 -70.87
N ASP QA 132 -12.46 -70.33 -71.76
CA ASP QA 132 -11.85 -71.66 -71.74
C ASP QA 132 -10.35 -71.58 -71.96
N THR QA 133 -9.91 -70.58 -72.71
CA THR QA 133 -8.48 -70.44 -72.98
C THR QA 133 -7.68 -70.27 -71.71
N LEU QA 134 -8.12 -69.43 -70.79
CA LEU QA 134 -7.38 -69.16 -69.58
C LEU QA 134 -7.43 -70.30 -68.57
N LYS QA 135 -8.21 -71.34 -68.83
CA LYS QA 135 -8.33 -72.44 -67.87
C LYS QA 135 -6.98 -73.01 -67.50
N ALA QA 136 -6.02 -72.94 -68.42
CA ALA QA 136 -4.67 -73.41 -68.11
C ALA QA 136 -4.08 -72.67 -66.92
N TRP QA 137 -4.03 -71.35 -67.00
CA TRP QA 137 -3.28 -70.65 -65.98
C TRP QA 137 -4.25 -70.00 -65.02
N PRO QA 138 -4.45 -70.56 -63.83
CA PRO QA 138 -5.44 -69.97 -62.93
C PRO QA 138 -4.98 -68.64 -62.37
N ALA QA 139 -3.69 -68.50 -62.11
CA ALA QA 139 -3.22 -67.40 -61.29
C ALA QA 139 -3.62 -66.04 -61.82
N THR QA 140 -4.08 -65.98 -63.07
CA THR QA 140 -4.59 -64.74 -63.62
C THR QA 140 -6.06 -64.51 -63.30
N TRP QA 141 -6.77 -65.53 -62.86
CA TRP QA 141 -8.18 -65.36 -62.59
C TRP QA 141 -8.40 -64.23 -61.60
N LYS QA 142 -9.50 -63.51 -61.76
CA LYS QA 142 -9.93 -62.55 -60.76
C LYS QA 142 -11.45 -62.58 -60.69
N VAL QA 143 -11.96 -62.02 -59.60
CA VAL QA 143 -13.40 -62.11 -59.33
C VAL QA 143 -14.19 -61.47 -60.45
N SER QA 144 -15.25 -62.14 -60.87
CA SER QA 144 -16.09 -61.64 -61.95
C SER QA 144 -16.89 -60.43 -61.50
N ARG QA 145 -17.23 -59.54 -62.44
CA ARG QA 145 -17.87 -58.30 -62.07
C ARG QA 145 -19.36 -58.45 -61.79
N GLU QA 146 -20.01 -59.42 -62.42
CA GLU QA 146 -21.45 -59.57 -62.22
C GLU QA 146 -21.77 -59.80 -60.76
N LEU QA 147 -20.95 -60.57 -60.07
CA LEU QA 147 -21.18 -60.91 -58.69
C LEU QA 147 -20.46 -59.98 -57.73
N CYS QA 148 -19.89 -58.90 -58.24
CA CYS QA 148 -18.90 -58.08 -57.56
C CYS QA 148 -19.25 -57.81 -56.11
N HIS QA 149 -20.52 -57.57 -55.83
CA HIS QA 149 -20.91 -57.36 -54.44
C HIS QA 149 -21.36 -58.62 -53.74
N ARG QA 150 -21.53 -59.72 -54.45
CA ARG QA 150 -21.97 -60.94 -53.77
C ARG QA 150 -20.82 -61.68 -53.09
N PHE QA 151 -19.61 -61.55 -53.61
CA PHE QA 151 -18.46 -62.27 -53.08
C PHE QA 151 -17.31 -61.33 -52.80
N VAL QA 152 -16.34 -61.82 -52.04
CA VAL QA 152 -15.12 -61.07 -51.78
C VAL QA 152 -14.06 -62.07 -51.35
N VAL QA 153 -12.80 -61.68 -51.46
CA VAL QA 153 -11.68 -62.55 -51.10
C VAL QA 153 -10.84 -61.83 -50.07
N LYS QA 154 -10.78 -62.37 -48.86
CA LYS QA 154 -10.09 -61.69 -47.79
C LYS QA 154 -8.64 -62.13 -47.64
N ARG QA 155 -8.22 -63.19 -48.32
CA ARG QA 155 -6.82 -63.61 -48.27
C ARG QA 155 -6.44 -64.24 -49.60
N ARG QA 156 -5.13 -64.35 -49.81
CA ARG QA 156 -4.60 -64.95 -51.02
C ARG QA 156 -3.25 -65.55 -50.70
N TRP QA 157 -2.91 -66.64 -51.39
CA TRP QA 157 -1.59 -67.20 -51.22
C TRP QA 157 -1.11 -67.83 -52.52
N LEU QA 158 0.21 -67.89 -52.67
CA LEU QA 158 0.84 -68.50 -53.83
C LEU QA 158 1.77 -69.61 -53.40
N PHE QA 159 2.00 -70.53 -54.33
CA PHE QA 159 2.98 -71.57 -54.14
C PHE QA 159 3.33 -72.10 -55.52
N ASN QA 160 4.46 -72.79 -55.61
CA ASN QA 160 4.89 -73.34 -56.87
C ASN QA 160 5.54 -74.68 -56.64
N MET QA 161 5.46 -75.54 -57.64
CA MET QA 161 5.98 -76.88 -57.56
C MET QA 161 6.28 -77.37 -58.97
N GLU QA 162 7.07 -78.43 -59.05
CA GLU QA 162 7.49 -78.93 -60.35
C GLU QA 162 7.84 -80.41 -60.23
N THR QA 163 7.86 -81.08 -61.36
CA THR QA 163 8.21 -82.48 -61.42
C THR QA 163 9.17 -82.73 -62.55
N ASP QA 164 10.07 -83.68 -62.34
CA ASP QA 164 11.09 -84.01 -63.30
C ASP QA 164 10.72 -85.20 -64.17
N GLY QA 165 9.57 -85.80 -63.94
CA GLY QA 165 9.21 -87.01 -64.66
C GLY QA 165 9.74 -88.29 -64.07
N ARG QA 166 9.89 -88.35 -62.75
CA ARG QA 166 10.41 -89.56 -62.12
C ARG QA 166 9.63 -89.81 -60.83
N ILE QA 167 9.13 -91.02 -60.67
CA ILE QA 167 8.40 -91.39 -59.46
C ILE QA 167 9.40 -91.69 -58.37
N GLY QA 168 8.99 -91.49 -57.12
CA GLY QA 168 9.92 -91.64 -56.01
C GLY QA 168 10.50 -93.03 -55.88
N SER QA 169 9.65 -94.06 -56.00
CA SER QA 169 10.09 -95.42 -55.74
C SER QA 169 11.13 -95.93 -56.74
N ASP QA 170 11.42 -95.17 -57.79
CA ASP QA 170 12.32 -95.63 -58.83
C ASP QA 170 13.77 -95.55 -58.36
N ILE QA 171 14.53 -96.61 -58.60
CA ILE QA 171 15.93 -96.69 -58.19
C ILE QA 171 16.81 -96.03 -59.24
N PRO QA 172 17.64 -95.06 -58.86
CA PRO QA 172 18.59 -94.52 -59.81
C PRO QA 172 19.55 -95.59 -60.28
N PRO QA 173 19.96 -95.55 -61.54
CA PRO QA 173 21.03 -96.43 -61.99
C PRO QA 173 22.35 -96.00 -61.38
N SER QA 174 23.24 -96.99 -61.21
CA SER QA 174 24.50 -96.75 -60.53
C SER QA 174 25.42 -95.78 -61.25
N ASN QA 175 25.10 -95.41 -62.49
CA ASN QA 175 26.00 -94.54 -63.25
C ASN QA 175 25.87 -93.08 -62.84
N ALA QA 176 24.66 -92.55 -62.77
CA ALA QA 176 24.46 -91.11 -62.61
C ALA QA 176 23.32 -90.88 -61.63
N SER QA 177 23.16 -89.61 -61.25
CA SER QA 177 22.18 -89.26 -60.22
C SER QA 177 21.30 -88.07 -60.57
N TRP QA 178 20.50 -87.62 -59.61
CA TRP QA 178 19.63 -86.47 -59.83
C TRP QA 178 19.56 -85.64 -58.56
N LYS QA 179 19.32 -84.34 -58.72
CA LYS QA 179 18.93 -83.48 -57.61
C LYS QA 179 17.48 -83.10 -57.84
N PRO QA 180 16.53 -83.72 -57.16
CA PRO QA 180 15.13 -83.35 -57.35
C PRO QA 180 14.62 -82.39 -56.30
N CYS QA 181 15.22 -81.21 -56.19
CA CYS QA 181 14.74 -80.24 -55.22
C CYS QA 181 13.29 -79.88 -55.49
N LYS QA 182 12.52 -79.75 -54.42
CA LYS QA 182 11.13 -79.30 -54.48
C LYS QA 182 10.28 -80.21 -55.38
N ARG QA 183 10.35 -81.51 -55.12
CA ARG QA 183 9.30 -82.36 -55.64
C ARG QA 183 8.03 -82.23 -54.82
N ASN QA 184 8.18 -82.21 -53.50
CA ASN QA 184 7.07 -81.99 -52.60
C ASN QA 184 7.39 -80.81 -51.69
N ILE QA 185 6.36 -80.26 -51.06
CA ILE QA 185 6.48 -78.98 -50.39
C ILE QA 185 5.66 -78.99 -49.11
N TYR QA 186 6.10 -78.21 -48.14
CA TYR QA 186 5.45 -78.07 -46.85
C TYR QA 186 4.88 -76.67 -46.74
N PHE QA 187 3.56 -76.57 -46.66
CA PHE QA 187 2.87 -75.29 -46.72
C PHE QA 187 2.09 -75.04 -45.45
N HIS QA 188 2.28 -73.85 -44.87
CA HIS QA 188 1.56 -73.49 -43.67
C HIS QA 188 1.44 -71.98 -43.59
N LYS QA 189 0.33 -71.51 -43.03
CA LYS QA 189 0.11 -70.09 -42.80
C LYS QA 189 -0.69 -69.93 -41.52
N PHE QA 190 -0.55 -68.77 -40.91
CA PHE QA 190 -1.24 -68.44 -39.67
C PHE QA 190 -1.65 -66.98 -39.75
N THR QA 191 -2.92 -66.69 -39.54
CA THR QA 191 -3.38 -65.32 -39.66
C THR QA 191 -4.49 -65.00 -38.67
N SER QA 192 -4.37 -63.87 -37.99
CA SER QA 192 -5.36 -63.41 -37.03
C SER QA 192 -6.29 -62.34 -37.58
N GLY QA 193 -6.07 -61.89 -38.82
CA GLY QA 193 -6.67 -60.63 -39.24
C GLY QA 193 -8.17 -60.70 -39.39
N LEU QA 194 -8.65 -61.74 -40.07
CA LEU QA 194 -10.02 -61.74 -40.55
C LEU QA 194 -11.01 -61.79 -39.40
N GLY QA 195 -12.25 -61.43 -39.72
CA GLY QA 195 -13.37 -61.72 -38.86
C GLY QA 195 -14.61 -61.86 -39.71
N VAL QA 196 -15.56 -62.66 -39.22
CA VAL QA 196 -16.71 -63.03 -40.02
C VAL QA 196 -17.91 -63.14 -39.10
N ARG QA 197 -19.06 -62.70 -39.59
CA ARG QA 197 -20.31 -62.75 -38.85
C ARG QA 197 -21.25 -63.72 -39.55
N THR QA 198 -21.75 -64.70 -38.82
CA THR QA 198 -22.59 -65.74 -39.39
C THR QA 198 -23.82 -65.96 -38.55
N GLN QA 199 -24.94 -66.24 -39.21
CA GLN QA 199 -26.17 -66.61 -38.54
C GLN QA 199 -26.72 -67.86 -39.18
N TRP QA 200 -27.61 -68.54 -38.48
CA TRP QA 200 -28.03 -69.88 -38.84
C TRP QA 200 -29.54 -70.00 -38.86
N LYS QA 201 -30.05 -70.80 -39.79
CA LYS QA 201 -31.39 -71.32 -39.66
C LYS QA 201 -31.44 -72.27 -38.48
N ASN QA 202 -32.65 -72.55 -38.01
CA ASN QA 202 -32.79 -73.37 -36.81
C ASN QA 202 -32.94 -74.82 -37.24
N VAL QA 203 -31.87 -75.59 -37.05
CA VAL QA 203 -31.85 -77.04 -37.26
C VAL QA 203 -30.70 -77.57 -36.41
N THR QA 204 -30.52 -78.89 -36.42
CA THR QA 204 -29.35 -79.48 -35.77
C THR QA 204 -28.12 -79.42 -36.67
N ASP QA 205 -28.33 -79.61 -37.96
CA ASP QA 205 -27.26 -80.01 -38.86
C ASP QA 205 -26.22 -78.91 -39.02
N GLY QA 206 -25.03 -79.33 -39.45
CA GLY QA 206 -23.96 -78.42 -39.79
C GLY QA 206 -23.67 -78.29 -41.27
N GLY QA 207 -24.53 -78.81 -42.13
CA GLY QA 207 -24.30 -78.75 -43.55
C GLY QA 207 -24.47 -77.34 -44.09
N VAL QA 208 -24.28 -77.22 -45.40
CA VAL QA 208 -24.37 -75.92 -46.04
C VAL QA 208 -25.80 -75.40 -46.06
N GLY QA 209 -26.78 -76.28 -46.25
CA GLY QA 209 -28.17 -75.82 -46.37
C GLY QA 209 -28.67 -75.08 -45.16
N ALA QA 210 -28.00 -75.20 -44.03
CA ALA QA 210 -28.48 -74.57 -42.80
C ALA QA 210 -28.16 -73.08 -42.73
N ILE QA 211 -27.05 -72.66 -43.34
CA ILE QA 211 -26.56 -71.31 -43.09
C ILE QA 211 -27.45 -70.29 -43.77
N GLN QA 212 -27.84 -69.26 -43.02
CA GLN QA 212 -28.60 -68.17 -43.60
C GLN QA 212 -27.68 -67.16 -44.29
N ARG QA 213 -26.58 -66.82 -43.64
CA ARG QA 213 -25.70 -65.79 -44.18
C ARG QA 213 -24.29 -65.98 -43.65
N GLY QA 214 -23.29 -65.54 -44.42
CA GLY QA 214 -21.91 -65.57 -43.97
C GLY QA 214 -21.10 -66.84 -44.20
N ALA QA 215 -21.38 -67.57 -45.27
CA ALA QA 215 -20.62 -68.77 -45.54
C ALA QA 215 -19.17 -68.44 -45.87
N LEU QA 216 -18.31 -69.44 -45.73
CA LEU QA 216 -16.88 -69.27 -45.91
C LEU QA 216 -16.33 -70.43 -46.73
N TYR QA 217 -15.74 -70.12 -47.88
CA TYR QA 217 -15.27 -71.15 -48.80
C TYR QA 217 -13.75 -71.16 -48.89
N MET QA 218 -13.21 -72.33 -49.20
CA MET QA 218 -11.80 -72.50 -49.50
C MET QA 218 -11.68 -73.12 -50.88
N VAL QA 219 -10.71 -72.66 -51.66
CA VAL QA 219 -10.57 -73.07 -53.05
C VAL QA 219 -9.10 -73.35 -53.33
N ILE QA 220 -8.84 -74.40 -54.10
CA ILE QA 220 -7.50 -74.79 -54.48
C ILE QA 220 -7.40 -74.78 -56.00
N ALA QA 221 -6.38 -74.14 -56.53
CA ALA QA 221 -6.19 -74.02 -57.97
C ALA QA 221 -4.90 -74.71 -58.38
N PRO QA 222 -4.95 -75.76 -59.18
CA PRO QA 222 -3.73 -76.44 -59.58
C PRO QA 222 -2.96 -75.66 -60.62
N GLY QA 223 -1.69 -76.02 -60.77
CA GLY QA 223 -0.90 -75.49 -61.85
C GLY QA 223 -1.29 -76.09 -63.19
N ASN QA 224 -0.76 -75.49 -64.26
CA ASN QA 224 -1.11 -75.94 -65.60
C ASN QA 224 -0.81 -77.42 -65.78
N GLY QA 225 -1.82 -78.16 -66.22
CA GLY QA 225 -1.66 -79.56 -66.53
C GLY QA 225 -0.95 -80.35 -65.46
N LEU QA 226 -1.15 -79.96 -64.20
CA LEU QA 226 -0.45 -80.59 -63.08
C LEU QA 226 -1.47 -80.92 -62.00
N THR QA 227 -1.63 -82.21 -61.73
CA THR QA 227 -2.63 -82.68 -60.77
C THR QA 227 -1.93 -83.30 -59.57
N PHE QA 228 -2.52 -83.11 -58.40
CA PHE QA 228 -1.88 -83.60 -57.19
C PHE QA 228 -2.94 -83.79 -56.11
N THR QA 229 -2.54 -84.49 -55.05
CA THR QA 229 -3.34 -84.63 -53.85
C THR QA 229 -2.57 -84.05 -52.67
N ALA QA 230 -3.30 -83.76 -51.60
CA ALA QA 230 -2.72 -83.10 -50.44
C ALA QA 230 -3.15 -83.80 -49.16
N HIS QA 231 -2.31 -83.68 -48.14
CA HIS QA 231 -2.59 -84.21 -46.82
C HIS QA 231 -2.40 -83.11 -45.81
N GLY QA 232 -3.10 -83.21 -44.70
CA GLY QA 232 -2.93 -82.27 -43.61
C GLY QA 232 -4.21 -82.08 -42.84
N GLN QA 233 -4.21 -81.07 -41.97
CA GLN QA 233 -5.36 -80.75 -41.14
C GLN QA 233 -5.30 -79.29 -40.76
N THR QA 234 -6.43 -78.76 -40.32
CA THR QA 234 -6.54 -77.34 -40.01
C THR QA 234 -7.32 -77.15 -38.72
N ARG QA 235 -7.19 -75.97 -38.14
CA ARG QA 235 -7.94 -75.61 -36.95
C ARG QA 235 -8.66 -74.30 -37.15
N LEU QA 236 -9.66 -74.06 -36.31
CA LEU QA 236 -10.41 -72.82 -36.31
C LEU QA 236 -10.53 -72.30 -34.88
N TYR QA 237 -10.98 -71.06 -34.79
CA TYR QA 237 -11.16 -70.40 -33.50
C TYR QA 237 -12.39 -69.53 -33.57
N PHE QA 238 -13.28 -69.64 -32.58
CA PHE QA 238 -14.51 -68.86 -32.60
C PHE QA 238 -15.15 -68.90 -31.22
N LYS QA 239 -16.25 -68.17 -31.09
CA LYS QA 239 -17.09 -68.26 -29.91
C LYS QA 239 -18.52 -67.89 -30.28
N SER QA 240 -19.47 -68.55 -29.62
CA SER QA 240 -20.87 -68.20 -29.82
C SER QA 240 -21.19 -66.90 -29.10
N VAL QA 241 -22.27 -66.26 -29.52
CA VAL QA 241 -22.74 -65.03 -28.87
C VAL QA 241 -24.20 -64.86 -29.22
N GLY QA 242 -24.90 -64.04 -28.45
CA GLY QA 242 -26.27 -63.67 -28.73
C GLY QA 242 -27.25 -64.40 -27.84
N ASN QA 243 -28.52 -64.02 -28.01
CA ASN QA 243 -29.63 -64.60 -27.27
C ASN QA 243 -29.40 -64.51 -25.77
N ALA RA 31 50.90 -24.38 30.92
CA ALA RA 31 52.21 -24.98 31.13
C ALA RA 31 52.90 -24.38 32.35
N GLY RA 32 52.51 -24.84 33.53
CA GLY RA 32 53.07 -24.33 34.76
C GLY RA 32 52.07 -24.47 35.89
N SER RA 33 52.47 -23.99 37.06
CA SER RA 33 51.57 -24.02 38.21
C SER RA 33 51.57 -22.70 38.97
N LYS RA 34 50.43 -22.00 38.92
CA LYS RA 34 50.21 -20.75 39.66
C LYS RA 34 51.40 -19.81 39.54
N ALA RA 35 51.95 -19.74 38.34
CA ALA RA 35 53.08 -18.84 38.09
C ALA RA 35 52.64 -17.40 38.25
N ASP RA 36 53.57 -16.58 38.72
CA ASP RA 36 53.32 -15.17 38.99
C ASP RA 36 54.49 -14.33 38.50
N ARG RA 37 54.15 -13.18 37.92
CA ARG RA 37 55.15 -12.34 37.24
C ARG RA 37 56.37 -12.02 38.10
N PRO RA 38 56.24 -11.59 39.35
CA PRO RA 38 57.45 -11.42 40.17
C PRO RA 38 58.11 -12.76 40.45
N SER RA 39 59.41 -12.68 40.73
CA SER RA 39 60.20 -13.88 40.94
C SER RA 39 59.76 -14.60 42.22
N LEU RA 40 60.14 -15.87 42.32
CA LEU RA 40 59.77 -16.71 43.45
C LEU RA 40 61.01 -17.07 44.25
N GLN RA 41 60.82 -17.26 45.55
CA GLN RA 41 61.95 -17.50 46.43
C GLN RA 41 62.61 -18.85 46.13
N ILE RA 42 63.83 -18.99 46.60
CA ILE RA 42 64.65 -20.15 46.30
C ILE RA 42 65.28 -20.68 47.58
N GLN RA 43 65.26 -22.00 47.74
CA GLN RA 43 65.96 -22.67 48.83
C GLN RA 43 66.75 -23.84 48.29
N THR RA 44 67.92 -24.09 48.86
CA THR RA 44 68.82 -25.12 48.39
C THR RA 44 69.20 -26.07 49.53
N LEU RA 45 69.74 -27.20 49.15
CA LEU RA 45 70.30 -28.15 50.09
C LEU RA 45 71.65 -28.60 49.59
N GLN RA 46 72.55 -28.87 50.51
CA GLN RA 46 73.92 -29.24 50.18
C GLN RA 46 74.20 -30.61 50.76
N HIS RA 47 74.34 -31.62 49.90
CA HIS RA 47 74.73 -32.95 50.34
C HIS RA 47 76.02 -33.30 49.62
N ALA RA 48 77.12 -33.36 50.36
CA ALA RA 48 78.43 -33.59 49.80
C ALA RA 48 79.43 -33.63 50.95
N GLY RA 49 80.61 -34.16 50.66
CA GLY RA 49 81.68 -34.14 51.64
C GLY RA 49 81.26 -34.79 52.94
N THR RA 50 81.31 -34.01 54.02
CA THR RA 50 80.90 -34.51 55.32
C THR RA 50 79.47 -35.04 55.28
N THR RA 51 78.59 -34.36 54.58
CA THR RA 51 77.20 -34.79 54.50
C THR RA 51 76.99 -35.51 53.17
N MET RA 52 76.90 -36.82 53.24
CA MET RA 52 76.57 -37.65 52.09
C MET RA 52 75.50 -38.62 52.53
N ILE RA 53 74.32 -38.52 51.92
CA ILE RA 53 73.27 -39.46 52.23
C ILE RA 53 73.81 -40.86 51.99
N THR RA 54 73.75 -41.70 53.01
CA THR RA 54 74.28 -43.06 52.94
C THR RA 54 73.20 -44.02 53.40
N VAL RA 55 72.87 -44.98 52.55
CA VAL RA 55 71.68 -45.79 52.79
C VAL RA 55 72.05 -47.26 53.01
N PRO RA 56 71.93 -47.75 54.22
CA PRO RA 56 71.92 -49.20 54.43
C PRO RA 56 70.59 -49.79 53.99
N SER RA 57 70.58 -51.12 53.83
CA SER RA 57 69.38 -51.81 53.41
C SER RA 57 68.20 -51.45 54.31
N GLY RA 58 67.06 -51.14 53.70
CA GLY RA 58 65.91 -50.70 54.43
C GLY RA 58 65.61 -49.22 54.31
N GLY RA 59 66.40 -48.47 53.56
CA GLY RA 59 66.07 -47.09 53.27
C GLY RA 59 66.31 -46.17 54.44
N VAL RA 60 66.08 -44.88 54.18
CA VAL RA 60 66.24 -43.87 55.22
C VAL RA 60 65.19 -42.78 55.00
N CYS RA 61 64.67 -42.27 56.10
CA CYS RA 61 63.65 -41.23 56.10
C CYS RA 61 64.32 -39.89 56.25
N ASP RA 62 63.77 -38.87 55.60
CA ASP RA 62 64.32 -37.53 55.70
C ASP RA 62 63.24 -36.51 55.35
N LEU RA 63 63.47 -35.28 55.78
CA LEU RA 63 62.57 -34.16 55.48
C LEU RA 63 63.32 -33.09 54.73
N ILE RA 64 62.80 -32.71 53.56
CA ILE RA 64 63.45 -31.71 52.72
C ILE RA 64 62.82 -30.33 52.84
N ASN RA 65 61.77 -30.18 53.62
CA ASN RA 65 61.00 -28.94 53.54
C ASN RA 65 61.46 -27.89 54.56
N THR RA 66 62.55 -28.16 55.28
CA THR RA 66 63.01 -27.27 56.33
C THR RA 66 63.18 -25.83 55.85
N TYR RA 67 62.63 -24.91 56.63
CA TYR RA 67 62.72 -23.48 56.36
C TYR RA 67 62.95 -22.74 57.67
N ALA RA 68 63.91 -21.82 57.67
CA ALA RA 68 64.03 -20.94 58.81
C ALA RA 68 63.09 -19.74 58.64
N ARG RA 69 63.05 -18.87 59.63
CA ARG RA 69 62.30 -17.63 59.56
C ARG RA 69 63.21 -16.48 59.96
N GLY RA 70 63.17 -15.40 59.19
CA GLY RA 70 63.99 -14.26 59.51
C GLY RA 70 64.11 -13.33 58.32
N SER RA 71 65.19 -12.55 58.36
CA SER RA 71 65.40 -11.55 57.32
C SER RA 71 65.93 -12.17 56.04
N ASP RA 72 66.79 -13.18 56.16
CA ASP RA 72 67.52 -13.71 55.02
C ASP RA 72 66.57 -14.25 53.97
N GLU RA 73 66.93 -14.04 52.71
CA GLU RA 73 66.14 -14.57 51.61
C GLU RA 73 66.21 -16.09 51.60
N GLY RA 74 65.08 -16.71 51.29
CA GLY RA 74 64.99 -18.15 51.32
C GLY RA 74 64.36 -18.63 52.60
N ASN RA 75 64.45 -17.82 53.65
CA ASN RA 75 63.71 -18.13 54.85
C ASN RA 75 62.27 -17.65 54.71
N ARG RA 76 61.36 -18.29 55.45
CA ARG RA 76 59.96 -17.96 55.33
C ARG RA 76 59.62 -16.72 56.14
N HIS RA 77 58.89 -15.80 55.53
CA HIS RA 77 58.50 -14.57 56.20
C HIS RA 77 57.23 -14.71 57.01
N THR RA 78 56.44 -15.75 56.78
CA THR RA 78 55.12 -15.82 57.38
C THR RA 78 54.91 -17.14 58.10
N SER RA 79 53.67 -17.38 58.54
CA SER RA 79 53.35 -18.66 59.15
C SER RA 79 52.70 -19.61 58.17
N GLU RA 80 52.54 -19.21 56.91
CA GLU RA 80 51.84 -20.01 55.91
C GLU RA 80 52.64 -20.06 54.62
N THR RA 81 52.90 -21.27 54.13
CA THR RA 81 53.77 -21.45 52.97
C THR RA 81 53.17 -22.44 51.99
N LEU RA 82 53.26 -22.11 50.70
CA LEU RA 82 52.94 -23.01 49.62
C LEU RA 82 54.19 -23.28 48.82
N THR RA 83 54.38 -24.51 48.36
CA THR RA 83 55.48 -24.85 47.48
C THR RA 83 54.94 -25.30 46.14
N TYR RA 84 55.75 -25.13 45.10
CA TYR RA 84 55.28 -25.44 43.76
C TYR RA 84 56.17 -26.40 43.02
N LYS RA 85 57.31 -25.93 42.53
CA LYS RA 85 58.13 -26.67 41.62
C LYS RA 85 59.39 -27.13 42.32
N ILE RA 86 59.86 -28.32 41.95
CA ILE RA 86 61.04 -28.91 42.56
C ILE RA 86 61.88 -29.58 41.48
N ALA RA 87 63.20 -29.43 41.59
CA ALA RA 87 64.14 -30.07 40.69
C ALA RA 87 65.17 -30.80 41.52
N ILE RA 88 65.59 -31.96 41.04
CA ILE RA 88 66.47 -32.83 41.80
C ILE RA 88 67.61 -33.27 40.90
N ASP RA 89 68.83 -33.14 41.40
CA ASP RA 89 70.02 -33.67 40.74
C ASP RA 89 70.84 -34.43 41.76
N TYR RA 90 71.42 -35.56 41.33
CA TYR RA 90 72.35 -36.27 42.19
C TYR RA 90 73.31 -37.09 41.34
N HIS RA 91 74.38 -37.49 41.99
CA HIS RA 91 75.20 -38.58 41.50
C HIS RA 91 75.06 -39.78 42.44
N PHE RA 92 75.09 -40.97 41.87
CA PHE RA 92 75.13 -42.21 42.63
C PHE RA 92 76.45 -42.92 42.38
N VAL RA 93 76.88 -43.70 43.35
CA VAL RA 93 78.02 -44.60 43.15
C VAL RA 93 77.85 -45.78 44.08
N ALA RA 94 78.23 -46.97 43.59
CA ALA RA 94 78.18 -48.14 44.45
C ALA RA 94 79.24 -48.03 45.54
N ASP RA 95 79.02 -48.75 46.63
CA ASP RA 95 79.98 -48.81 47.71
C ASP RA 95 80.81 -50.07 47.59
N ALA RA 96 82.12 -49.92 47.82
CA ALA RA 96 83.01 -51.08 47.76
C ALA RA 96 82.59 -52.15 48.76
N ALA RA 97 81.98 -51.74 49.88
CA ALA RA 97 81.56 -52.70 50.89
C ALA RA 97 80.69 -53.80 50.29
N ALA RA 98 79.83 -53.45 49.35
CA ALA RA 98 78.98 -54.43 48.67
C ALA RA 98 79.57 -54.93 47.37
N CYS RA 99 80.70 -54.38 46.93
CA CYS RA 99 81.27 -54.82 45.67
C CYS RA 99 81.89 -56.21 45.74
N ARG RA 100 81.97 -56.82 46.93
CA ARG RA 100 82.51 -58.16 47.03
C ARG RA 100 81.63 -59.20 46.36
N TYR RA 101 80.45 -58.82 45.90
CA TYR RA 101 79.55 -59.71 45.20
C TYR RA 101 79.21 -59.10 43.85
N SER RA 102 78.65 -59.91 42.96
CA SER RA 102 78.26 -59.44 41.64
C SER RA 102 76.82 -59.79 41.39
N ASN RA 103 75.96 -58.79 41.36
CA ASN RA 103 74.59 -58.94 40.92
C ASN RA 103 74.05 -57.58 40.57
N THR RA 104 72.95 -57.56 39.83
CA THR RA 104 72.25 -56.33 39.58
C THR RA 104 71.20 -56.12 40.66
N GLY RA 105 70.33 -55.15 40.45
CA GLY RA 105 69.25 -54.89 41.36
C GLY RA 105 68.38 -53.77 40.84
N THR RA 106 67.46 -53.31 41.68
CA THR RA 106 66.61 -52.19 41.32
C THR RA 106 66.34 -51.34 42.54
N GLY RA 107 66.46 -50.02 42.37
CA GLY RA 107 66.19 -49.07 43.44
C GLY RA 107 64.91 -48.28 43.21
N VAL RA 108 64.55 -47.50 44.22
CA VAL RA 108 63.30 -46.75 44.22
C VAL RA 108 63.51 -45.45 44.97
N MET RA 109 62.89 -44.39 44.46
CA MET RA 109 62.83 -43.11 45.15
C MET RA 109 61.39 -42.64 45.17
N TRP RA 110 60.86 -42.35 46.35
CA TRP RA 110 59.51 -41.84 46.48
C TRP RA 110 59.53 -40.41 46.98
N LEU RA 111 58.45 -39.70 46.67
CA LEU RA 111 58.19 -38.40 47.24
C LEU RA 111 56.88 -38.50 47.99
N VAL RA 112 56.94 -38.44 49.32
CA VAL RA 112 55.81 -38.78 50.18
C VAL RA 112 55.34 -37.53 50.90
N TYR RA 113 54.04 -37.31 50.86
CA TYR RA 113 53.42 -36.18 51.53
C TYR RA 113 52.70 -36.64 52.78
N ASP RA 114 52.75 -35.80 53.82
CA ASP RA 114 52.18 -36.11 55.12
C ASP RA 114 51.06 -35.13 55.45
N THR RA 115 50.16 -35.58 56.32
CA THR RA 115 49.14 -34.69 56.87
C THR RA 115 49.58 -34.14 58.22
N THR RA 116 49.55 -34.98 59.24
CA THR RA 116 49.97 -34.58 60.58
C THR RA 116 51.16 -35.41 61.00
N PRO RA 117 52.33 -34.81 61.19
CA PRO RA 117 53.49 -35.58 61.63
C PRO RA 117 53.39 -35.91 63.10
N GLY RA 118 53.88 -37.07 63.46
CA GLY RA 118 54.02 -37.40 64.87
C GLY RA 118 55.11 -36.58 65.51
N GLY RA 119 55.21 -36.72 66.84
CA GLY RA 119 56.30 -36.08 67.55
C GLY RA 119 57.65 -36.68 67.26
N GLN RA 120 57.70 -37.88 66.71
CA GLN RA 120 58.93 -38.60 66.43
C GLN RA 120 59.07 -38.78 64.92
N ALA RA 121 60.32 -38.92 64.48
CA ALA RA 121 60.59 -39.05 63.07
C ALA RA 121 60.17 -40.43 62.57
N PRO RA 122 59.47 -40.51 61.45
CA PRO RA 122 59.06 -41.81 60.93
C PRO RA 122 60.25 -42.57 60.37
N THR RA 123 60.05 -43.87 60.24
CA THR RA 123 61.01 -44.73 59.58
C THR RA 123 60.26 -45.57 58.54
N PRO RA 124 60.92 -45.95 57.45
CA PRO RA 124 60.19 -46.68 56.40
C PRO RA 124 59.41 -47.86 56.91
N GLN RA 125 60.01 -48.67 57.78
CA GLN RA 125 59.31 -49.85 58.29
C GLN RA 125 57.97 -49.46 58.90
N THR RA 126 57.89 -48.24 59.44
CA THR RA 126 56.63 -47.77 59.98
C THR RA 126 55.71 -47.25 58.88
N ILE RA 127 56.27 -46.64 57.84
CA ILE RA 127 55.40 -46.03 56.84
C ILE RA 127 54.79 -47.09 55.95
N PHE RA 128 55.51 -48.19 55.73
CA PHE RA 128 55.04 -49.27 54.87
C PHE RA 128 55.01 -50.54 55.68
N ALA RA 129 53.86 -51.19 55.72
CA ALA RA 129 53.80 -52.47 56.40
C ALA RA 129 54.34 -53.54 55.48
N TYR RA 130 55.42 -54.16 55.88
CA TYR RA 130 55.96 -55.21 55.03
C TYR RA 130 56.48 -56.35 55.87
N PRO RA 131 56.25 -57.59 55.46
CA PRO RA 131 56.87 -58.71 56.15
C PRO RA 131 58.38 -58.71 55.95
N ASP RA 132 59.07 -59.38 56.86
CA ASP RA 132 60.53 -59.41 56.80
C ASP RA 132 61.01 -60.05 55.50
N THR RA 133 60.22 -60.97 54.96
CA THR RA 133 60.61 -61.63 53.72
C THR RA 133 60.79 -60.65 52.58
N LEU RA 134 59.87 -59.71 52.41
CA LEU RA 134 59.91 -58.78 51.31
C LEU RA 134 60.98 -57.70 51.48
N LYS RA 135 61.65 -57.65 52.63
CA LYS RA 135 62.65 -56.61 52.85
C LYS RA 135 63.68 -56.56 51.75
N ALA RA 136 63.96 -57.71 51.13
CA ALA RA 136 64.90 -57.76 50.02
C ALA RA 136 64.45 -56.84 48.89
N TRP RA 137 63.25 -57.04 48.39
CA TRP RA 137 62.89 -56.32 47.18
C TRP RA 137 61.95 -55.19 47.54
N PRO RA 138 62.42 -53.95 47.57
CA PRO RA 138 61.54 -52.86 47.99
C PRO RA 138 60.49 -52.57 46.95
N ALA RA 139 60.83 -52.69 45.67
CA ALA RA 139 60.00 -52.12 44.62
C ALA RA 139 58.58 -52.63 44.64
N THR RA 140 58.33 -53.70 45.38
CA THR RA 140 56.98 -54.20 45.55
C THR RA 140 56.22 -53.52 46.67
N TRP RA 141 56.92 -52.80 47.54
CA TRP RA 141 56.24 -52.18 48.67
C TRP RA 141 55.14 -51.26 48.17
N LYS RA 142 54.07 -51.19 48.94
CA LYS RA 142 53.04 -50.19 48.69
C LYS RA 142 52.50 -49.71 50.02
N VAL RA 143 51.82 -48.56 49.98
CA VAL RA 143 51.38 -47.91 51.20
C VAL RA 143 50.47 -48.83 51.99
N SER RA 144 50.68 -48.88 53.31
CA SER RA 144 49.88 -49.73 54.17
C SER RA 144 48.47 -49.17 54.32
N ARG RA 145 47.51 -50.06 54.57
CA ARG RA 145 46.11 -49.64 54.57
C ARG RA 145 45.72 -48.95 55.87
N GLU RA 146 46.36 -49.30 56.99
CA GLU RA 146 45.98 -48.71 58.26
C GLU RA 146 46.10 -47.19 58.22
N LEU RA 147 47.14 -46.70 57.57
CA LEU RA 147 47.41 -45.27 57.50
C LEU RA 147 46.83 -44.63 56.26
N CYS RA 148 46.01 -45.38 55.51
CA CYS RA 148 45.64 -45.06 54.13
C CYS RA 148 45.30 -43.59 53.94
N HIS RA 149 44.61 -42.99 54.89
CA HIS RA 149 44.29 -41.58 54.77
C HIS RA 149 45.32 -40.67 55.42
N ARG RA 150 46.28 -41.22 56.17
CA ARG RA 150 47.25 -40.35 56.82
C ARG RA 150 48.37 -39.95 55.86
N PHE RA 151 48.70 -40.79 54.89
CA PHE RA 151 49.81 -40.52 53.98
C PHE RA 151 49.35 -40.66 52.55
N VAL RA 152 50.19 -40.15 51.63
CA VAL RA 152 49.95 -40.29 50.20
C VAL RA 152 51.28 -40.08 49.50
N VAL RA 153 51.38 -40.56 48.27
CA VAL RA 153 52.61 -40.45 47.50
C VAL RA 153 52.27 -39.76 46.19
N LYS RA 154 52.83 -38.57 46.00
CA LYS RA 154 52.48 -37.80 44.82
C LYS RA 154 53.42 -38.00 43.65
N ARG RA 155 54.55 -38.68 43.85
CA ARG RA 155 55.45 -38.99 42.76
C ARG RA 155 56.15 -40.30 43.02
N ARG RA 156 56.73 -40.86 41.96
CA ARG RA 156 57.45 -42.10 42.04
C ARG RA 156 58.53 -42.11 40.97
N TRP RA 157 59.64 -42.78 41.26
CA TRP RA 157 60.67 -42.93 40.24
C TRP RA 157 61.38 -44.25 40.40
N LEU RA 158 61.94 -44.74 39.31
CA LEU RA 158 62.70 -45.98 39.29
C LEU RA 158 64.09 -45.72 38.74
N PHE RA 159 65.00 -46.60 39.14
CA PHE RA 159 66.34 -46.60 38.58
C PHE RA 159 66.93 -47.97 38.86
N ASN RA 160 67.98 -48.31 38.13
CA ASN RA 160 68.62 -49.59 38.30
C ASN RA 160 70.12 -49.43 38.14
N MET RA 161 70.85 -50.31 38.80
CA MET RA 161 72.30 -50.25 38.79
C MET RA 161 72.83 -51.63 39.11
N GLU RA 162 74.11 -51.84 38.82
CA GLU RA 162 74.70 -53.16 39.00
C GLU RA 162 76.20 -53.01 39.18
N THR RA 163 76.81 -54.05 39.74
CA THR RA 163 78.23 -54.07 39.95
C THR RA 163 78.80 -55.41 39.50
N ASP RA 164 80.01 -55.36 38.98
CA ASP RA 164 80.67 -56.54 38.46
C ASP RA 164 81.63 -57.17 39.46
N GLY RA 165 81.77 -56.59 40.65
CA GLY RA 165 82.73 -57.08 41.60
C GLY RA 165 84.13 -56.54 41.43
N ARG RA 166 84.29 -55.32 40.94
CA ARG RA 166 85.60 -54.75 40.73
C ARG RA 166 85.58 -53.28 41.15
N ILE RA 167 86.52 -52.89 41.99
CA ILE RA 167 86.61 -51.51 42.43
C ILE RA 167 87.30 -50.70 41.33
N GLY RA 168 86.99 -49.41 41.27
CA GLY RA 168 87.50 -48.58 40.18
C GLY RA 168 89.01 -48.51 40.13
N SER RA 169 89.65 -48.31 41.29
CA SER RA 169 91.09 -48.06 41.31
C SER RA 169 91.91 -49.26 40.86
N ASP RA 170 91.29 -50.41 40.63
CA ASP RA 170 92.04 -51.61 40.29
C ASP RA 170 92.50 -51.56 38.84
N ILE RA 171 93.77 -51.90 38.62
CA ILE RA 171 94.35 -51.88 37.28
C ILE RA 171 94.06 -53.19 36.57
N PRO RA 172 93.47 -53.14 35.37
CA PRO RA 172 93.29 -54.36 34.60
C PRO RA 172 94.63 -54.98 34.26
N PRO RA 173 94.71 -56.30 34.24
CA PRO RA 173 95.92 -56.95 33.74
C PRO RA 173 96.03 -56.76 32.24
N SER RA 174 97.26 -56.76 31.75
CA SER RA 174 97.53 -56.46 30.36
C SER RA 174 96.95 -57.50 29.39
N ASN RA 175 96.46 -58.62 29.89
CA ASN RA 175 95.97 -59.66 29.00
C ASN RA 175 94.57 -59.36 28.47
N ALA RA 176 93.63 -59.02 29.34
CA ALA RA 176 92.23 -58.92 28.96
C ALA RA 176 91.61 -57.70 29.60
N SER RA 177 90.37 -57.39 29.19
CA SER RA 177 89.72 -56.16 29.62
C SER RA 177 88.28 -56.37 30.08
N TRP RA 178 87.59 -55.27 30.36
CA TRP RA 178 86.20 -55.33 30.78
C TRP RA 178 85.43 -54.17 30.18
N LYS RA 179 84.13 -54.36 29.98
CA LYS RA 179 83.21 -53.27 29.70
C LYS RA 179 82.32 -53.13 30.91
N PRO RA 180 82.56 -52.17 31.78
CA PRO RA 180 81.69 -52.00 32.95
C PRO RA 180 80.64 -50.93 32.75
N CYS RA 181 79.76 -51.10 31.77
CA CYS RA 181 78.71 -50.11 31.57
C CYS RA 181 77.83 -50.01 32.80
N LYS RA 182 77.46 -48.78 33.13
CA LYS RA 182 76.52 -48.51 34.22
C LYS RA 182 77.02 -49.04 35.55
N ARG RA 183 78.27 -48.72 35.89
CA ARG RA 183 78.66 -48.86 37.29
C ARG RA 183 78.09 -47.73 38.12
N ASN RA 184 78.16 -46.51 37.62
CA ASN RA 184 77.56 -45.35 38.27
C ASN RA 184 76.60 -44.68 37.30
N ILE RA 185 75.73 -43.84 37.84
CA ILE RA 185 74.60 -43.33 37.08
C ILE RA 185 74.33 -41.89 37.45
N TYR RA 186 73.79 -41.15 36.50
CA TYR RA 186 73.46 -39.74 36.67
C TYR RA 186 71.94 -39.59 36.63
N PHE RA 187 71.37 -39.16 37.74
CA PHE RA 187 69.93 -39.15 37.91
C PHE RA 187 69.42 -37.74 38.15
N HIS RA 188 68.41 -37.33 37.39
CA HIS RA 188 67.82 -36.02 37.56
C HIS RA 188 66.39 -36.04 37.10
N LYS RA 189 65.56 -35.23 37.76
CA LYS RA 189 64.17 -35.08 37.37
C LYS RA 189 63.75 -33.65 37.67
N PHE RA 190 62.73 -33.20 36.94
CA PHE RA 190 62.20 -31.85 37.09
C PHE RA 190 60.70 -31.94 36.95
N THR RA 191 59.96 -31.41 37.92
CA THR RA 191 58.51 -31.51 37.86
C THR RA 191 57.83 -30.29 38.45
N SER RA 192 56.84 -29.76 37.74
CA SER RA 192 56.07 -28.62 38.18
C SER RA 192 54.72 -28.98 38.78
N GLY RA 193 54.35 -30.27 38.77
CA GLY RA 193 52.95 -30.61 38.97
C GLY RA 193 52.47 -30.34 40.39
N LEU RA 194 53.23 -30.78 41.38
CA LEU RA 194 52.71 -30.87 42.73
C LEU RA 194 52.42 -29.50 43.30
N GLY RA 195 51.63 -29.49 44.35
CA GLY RA 195 51.50 -28.33 45.21
C GLY RA 195 51.15 -28.79 46.61
N VAL RA 196 51.56 -28.01 47.59
CA VAL RA 196 51.46 -28.42 48.99
C VAL RA 196 51.14 -27.21 49.84
N ARG RA 197 50.29 -27.40 50.83
CA ARG RA 197 49.89 -26.34 51.75
C ARG RA 197 50.42 -26.67 53.14
N THR RA 198 51.17 -25.75 53.72
CA THR RA 198 51.82 -25.99 55.00
C THR RA 198 51.58 -24.82 55.94
N GLN RA 199 51.41 -25.13 57.22
CA GLN RA 199 51.32 -24.12 58.25
C GLN RA 199 52.27 -24.49 59.38
N TRP RA 200 52.59 -23.50 60.21
CA TRP RA 200 53.67 -23.62 61.17
C TRP RA 200 53.22 -23.22 62.57
N LYS RA 201 53.76 -23.91 63.56
CA LYS RA 201 53.74 -23.38 64.91
C LYS RA 201 54.63 -22.15 64.97
N ASN RA 202 54.46 -21.34 66.00
CA ASN RA 202 55.19 -20.09 66.07
C ASN RA 202 56.47 -20.34 66.86
N VAL RA 203 57.59 -20.38 66.14
CA VAL RA 203 58.94 -20.46 66.69
C VAL RA 203 59.88 -19.93 65.62
N THR RA 204 61.17 -19.87 65.93
CA THR RA 204 62.16 -19.52 64.93
C THR RA 204 62.54 -20.71 64.08
N ASP RA 205 62.61 -21.89 64.69
CA ASP RA 205 63.35 -23.01 64.14
C ASP RA 205 62.71 -23.52 62.87
N GLY RA 206 63.53 -24.23 62.08
CA GLY RA 206 63.07 -24.93 60.90
C GLY RA 206 63.03 -26.43 61.02
N GLY RA 207 63.18 -26.98 62.22
CA GLY RA 207 63.17 -28.42 62.40
C GLY RA 207 61.78 -29.00 62.19
N VAL RA 208 61.71 -30.32 62.35
CA VAL RA 208 60.46 -31.02 62.14
C VAL RA 208 59.45 -30.69 63.24
N GLY RA 209 59.89 -30.52 64.48
CA GLY RA 209 58.96 -30.30 65.56
C GLY RA 209 58.10 -29.07 65.41
N ALA RA 210 58.50 -28.16 64.53
CA ALA RA 210 57.77 -26.90 64.39
C ALA RA 210 56.51 -27.06 63.55
N ILE RA 211 56.50 -27.97 62.58
CA ILE RA 211 55.45 -27.98 61.59
C ILE RA 211 54.15 -28.48 62.21
N GLN RA 212 53.07 -27.74 61.97
CA GLN RA 212 51.75 -28.18 62.42
C GLN RA 212 51.14 -29.16 61.43
N ARG RA 213 51.24 -28.89 60.14
CA ARG RA 213 50.59 -29.73 59.15
C ARG RA 213 51.32 -29.59 57.81
N GLY RA 214 51.26 -30.63 56.99
CA GLY RA 214 51.81 -30.57 55.64
C GLY RA 214 53.27 -30.90 55.45
N ALA RA 215 53.83 -31.80 56.26
CA ALA RA 215 55.22 -32.17 56.09
C ALA RA 215 55.42 -32.90 54.78
N LEU RA 216 56.69 -32.91 54.34
CA LEU RA 216 57.05 -33.50 53.05
C LEU RA 216 58.31 -34.33 53.22
N TYR RA 217 58.23 -35.62 52.91
CA TYR RA 217 59.32 -36.54 53.12
C TYR RA 217 59.89 -37.04 51.80
N MET RA 218 61.17 -37.39 51.83
CA MET RA 218 61.86 -38.05 50.73
C MET RA 218 62.44 -39.36 51.24
N VAL RA 219 62.34 -40.40 50.43
CA VAL RA 219 62.75 -41.73 50.84
C VAL RA 219 63.55 -42.38 49.72
N ILE RA 220 64.60 -43.10 50.10
CA ILE RA 220 65.45 -43.80 49.15
C ILE RA 220 65.44 -45.28 49.50
N ALA RA 221 65.20 -46.12 48.50
CA ALA RA 221 65.13 -47.57 48.70
C ALA RA 221 66.23 -48.26 47.92
N PRO RA 222 67.18 -48.92 48.57
CA PRO RA 222 68.26 -49.57 47.84
C PRO RA 222 67.79 -50.84 47.17
N GLY RA 223 68.59 -51.31 46.23
CA GLY RA 223 68.37 -52.60 45.64
C GLY RA 223 68.75 -53.73 46.59
N ASN RA 224 68.37 -54.94 46.20
CA ASN RA 224 68.61 -56.10 47.04
C ASN RA 224 70.09 -56.23 47.37
N GLY RA 225 70.40 -56.31 48.65
CA GLY RA 225 71.76 -56.54 49.11
C GLY RA 225 72.78 -55.63 48.46
N LEU RA 226 72.37 -54.41 48.14
CA LEU RA 226 73.24 -53.47 47.43
C LEU RA 226 73.20 -52.13 48.13
N THR RA 227 74.33 -51.72 48.68
CA THR RA 227 74.42 -50.49 49.46
C THR RA 227 75.29 -49.48 48.72
N PHE RA 228 74.93 -48.20 48.84
CA PHE RA 228 75.64 -47.17 48.10
C PHE RA 228 75.45 -45.84 48.81
N THR RA 229 76.27 -44.88 48.40
CA THR RA 229 76.13 -43.50 48.82
C THR RA 229 75.91 -42.63 47.60
N ALA RA 230 75.41 -41.42 47.83
CA ALA RA 230 75.02 -40.53 46.75
C ALA RA 230 75.55 -39.12 47.01
N HIS RA 231 75.77 -38.39 45.93
CA HIS RA 231 76.20 -37.00 46.00
C HIS RA 231 75.26 -36.17 45.14
N GLY RA 232 75.12 -34.91 45.49
CA GLY RA 232 74.33 -34.00 44.70
C GLY RA 232 73.70 -32.92 45.55
N GLN RA 233 72.78 -32.19 44.93
CA GLN RA 233 72.09 -31.10 45.61
C GLN RA 233 70.76 -30.88 44.90
N THR RA 234 69.86 -30.19 45.60
CA THR RA 234 68.51 -29.97 45.10
C THR RA 234 68.08 -28.54 45.36
N ARG RA 235 67.04 -28.13 44.66
CA ARG RA 235 66.46 -26.81 44.85
C ARG RA 235 64.97 -26.92 45.08
N LEU RA 236 64.40 -25.86 45.64
CA LEU RA 236 62.96 -25.75 45.86
C LEU RA 236 62.46 -24.41 45.38
N TYR RA 237 61.14 -24.28 45.29
CA TYR RA 237 60.51 -23.07 44.85
C TYR RA 237 59.24 -22.87 45.67
N PHE RA 238 59.04 -21.67 46.20
CA PHE RA 238 57.86 -21.42 47.02
C PHE RA 238 57.68 -19.93 47.21
N LYS RA 239 56.60 -19.55 47.89
CA LYS RA 239 56.40 -18.18 48.33
C LYS RA 239 55.53 -18.18 49.56
N SER RA 240 55.80 -17.24 50.46
CA SER RA 240 54.96 -17.08 51.63
C SER RA 240 53.66 -16.40 51.24
N VAL RA 241 52.65 -16.56 52.11
CA VAL RA 241 51.35 -15.94 51.89
C VAL RA 241 50.64 -15.88 53.23
N GLY RA 242 49.64 -15.01 53.32
CA GLY RA 242 48.78 -14.94 54.49
C GLY RA 242 49.11 -13.75 55.38
N ASN RA 243 48.29 -13.61 56.42
CA ASN RA 243 48.43 -12.54 57.40
C ASN RA 243 48.47 -11.18 56.73
N ALA SA 31 42.18 17.81 -45.22
CA ALA SA 31 43.24 17.71 -46.22
C ALA SA 31 42.95 18.64 -47.41
N GLY SA 32 43.26 19.91 -47.23
CA GLY SA 32 43.03 20.90 -48.26
C GLY SA 32 42.80 22.26 -47.64
N SER SA 33 42.55 23.25 -48.50
CA SER SA 33 42.26 24.59 -48.01
C SER SA 33 41.05 25.20 -48.70
N LYS SA 34 39.97 25.42 -47.93
CA LYS SA 34 38.76 26.07 -48.40
C LYS SA 34 38.32 25.55 -49.76
N ALA SA 35 38.42 24.24 -49.94
CA ALA SA 35 38.01 23.63 -51.18
C ALA SA 35 36.50 23.78 -51.37
N ASP SA 36 36.09 23.89 -52.62
CA ASP SA 36 34.70 24.11 -52.98
C ASP SA 36 34.35 23.25 -54.18
N ARG SA 37 33.14 22.68 -54.14
CA ARG SA 37 32.72 21.70 -55.13
C ARG SA 37 32.88 22.16 -56.57
N PRO SA 38 32.48 23.36 -56.97
CA PRO SA 38 32.77 23.80 -58.33
C PRO SA 38 34.27 24.00 -58.53
N SER SA 39 34.68 23.91 -59.79
CA SER SA 39 36.09 24.00 -60.12
C SER SA 39 36.62 25.41 -59.82
N LEU SA 40 37.94 25.50 -59.73
CA LEU SA 40 38.62 26.75 -59.43
C LEU SA 40 39.43 27.22 -60.63
N GLN SA 41 39.58 28.53 -60.75
CA GLN SA 41 40.23 29.09 -61.92
C GLN SA 41 41.71 28.73 -61.93
N ILE SA 42 42.31 28.86 -63.11
CA ILE SA 42 43.69 28.45 -63.34
C ILE SA 42 44.43 29.55 -64.05
N GLN SA 43 45.66 29.82 -63.62
CA GLN SA 43 46.56 30.73 -64.31
C GLN SA 43 47.93 30.10 -64.43
N THR SA 44 48.61 30.36 -65.55
CA THR SA 44 49.88 29.75 -65.83
C THR SA 44 50.92 30.82 -66.16
N LEU SA 45 52.18 30.40 -66.12
CA LEU SA 45 53.28 31.24 -66.54
C LEU SA 45 54.20 30.42 -67.44
N GLN SA 46 54.80 31.09 -68.40
CA GLN SA 46 55.64 30.42 -69.38
C GLN SA 46 57.04 31.02 -69.31
N HIS SA 47 57.99 30.25 -68.83
CA HIS SA 47 59.39 30.67 -68.82
C HIS SA 47 60.18 29.66 -69.63
N ALA SA 48 60.65 30.08 -70.80
CA ALA SA 48 61.34 29.20 -71.74
C ALA SA 48 61.77 30.04 -72.92
N GLY SA 49 62.69 29.49 -73.70
CA GLY SA 49 63.09 30.13 -74.94
C GLY SA 49 63.57 31.54 -74.69
N THR SA 50 62.90 32.49 -75.33
CA THR SA 50 63.23 33.91 -75.16
C THR SA 50 63.19 34.30 -73.69
N THR SA 51 62.23 33.80 -72.94
CA THR SA 51 62.11 34.15 -71.53
C THR SA 51 62.66 32.99 -70.72
N MET SA 52 63.86 33.20 -70.18
CA MET SA 52 64.48 32.25 -69.26
C MET SA 52 64.98 33.04 -68.09
N ILE SA 53 64.44 32.76 -66.90
CA ILE SA 53 64.95 33.43 -65.71
C ILE SA 53 66.43 33.17 -65.62
N THR SA 54 67.21 34.24 -65.56
CA THR SA 54 68.68 34.15 -65.52
C THR SA 54 69.18 34.96 -64.34
N VAL SA 55 69.92 34.32 -63.46
CA VAL SA 55 70.25 34.94 -62.18
C VAL SA 55 71.74 35.18 -62.04
N PRO SA 56 72.20 36.42 -62.10
CA PRO SA 56 73.54 36.73 -61.63
C PRO SA 56 73.59 36.74 -60.10
N SER SA 57 74.81 36.70 -59.58
CA SER SA 57 75.00 36.68 -58.13
C SER SA 57 74.26 37.83 -57.49
N GLY SA 58 73.53 37.52 -56.41
CA GLY SA 58 72.70 38.50 -55.74
C GLY SA 58 71.22 38.36 -55.98
N GLY SA 59 70.80 37.35 -56.74
CA GLY SA 59 69.39 37.04 -56.86
C GLY SA 59 68.65 38.02 -57.74
N VAL SA 60 67.36 37.73 -57.93
CA VAL SA 60 66.49 38.58 -58.73
C VAL SA 60 65.10 38.57 -58.12
N CYS SA 61 64.46 39.73 -58.15
CA CYS SA 61 63.12 39.91 -57.63
C CYS SA 61 62.11 39.76 -58.76
N ASP SA 62 60.96 39.20 -58.44
CA ASP SA 62 59.91 39.03 -59.44
C ASP SA 62 58.56 38.90 -58.76
N LEU SA 63 57.51 39.15 -59.52
CA LEU SA 63 56.14 39.01 -59.04
C LEU SA 63 55.40 38.00 -59.89
N ILE SA 64 54.83 36.99 -59.23
CA ILE SA 64 54.12 35.92 -59.92
C ILE SA 64 52.62 36.09 -59.90
N ASN SA 65 52.10 37.11 -59.24
CA ASN SA 65 50.66 37.14 -58.99
C ASN SA 65 49.89 37.89 -60.06
N THR SA 66 50.55 38.31 -61.13
CA THR SA 66 49.92 39.13 -62.16
C THR SA 66 48.63 38.49 -62.69
N TYR SA 67 47.59 39.31 -62.76
CA TYR SA 67 46.29 38.90 -63.27
C TYR SA 67 45.71 40.03 -64.11
N ALA SA 68 45.21 39.70 -65.30
CA ALA SA 68 44.46 40.68 -66.05
C ALA SA 68 43.01 40.66 -65.60
N ARG SA 69 42.20 41.56 -66.17
CA ARG SA 69 40.77 41.59 -65.93
C ARG SA 69 40.05 41.63 -67.26
N GLY SA 70 39.02 40.81 -67.39
CA GLY SA 70 38.25 40.80 -68.62
C GLY SA 70 37.42 39.54 -68.72
N SER SA 71 37.09 39.21 -69.98
CA SER SA 71 36.22 38.08 -70.23
C SER SA 71 36.97 36.77 -70.11
N ASP SA 72 38.23 36.74 -70.54
CA ASP SA 72 38.95 35.49 -70.68
C ASP SA 72 39.08 34.78 -69.35
N GLU SA 73 39.00 33.45 -69.38
CA GLU SA 73 39.17 32.66 -68.18
C GLU SA 73 40.61 32.77 -67.69
N GLY SA 74 40.76 32.84 -66.37
CA GLY SA 74 42.06 33.00 -65.78
C GLY SA 74 42.30 34.45 -65.41
N ASN SA 75 41.61 35.35 -66.08
CA ASN SA 75 41.65 36.74 -65.65
C ASN SA 75 40.67 36.96 -64.51
N ARG SA 76 40.95 37.96 -63.68
CA ARG SA 76 40.12 38.20 -62.52
C ARG SA 76 38.87 38.97 -62.90
N HIS SA 77 37.72 38.49 -62.41
CA HIS SA 77 36.45 39.15 -62.69
C HIS SA 77 36.12 40.28 -61.74
N THR SA 78 36.80 40.36 -60.59
CA THR SA 78 36.38 41.30 -59.57
C THR SA 78 37.56 42.16 -59.11
N SER SA 79 37.33 42.94 -58.06
CA SER SA 79 38.40 43.72 -57.48
C SER SA 79 39.03 43.04 -56.27
N GLU SA 80 38.58 41.84 -55.93
CA GLU SA 80 39.03 41.14 -54.73
C GLU SA 80 39.34 39.69 -55.06
N THR SA 81 40.55 39.24 -54.72
CA THR SA 81 41.01 37.93 -55.10
C THR SA 81 41.69 37.22 -53.93
N LEU SA 82 41.39 35.94 -53.76
CA LEU SA 82 42.09 35.07 -52.84
C LEU SA 82 42.78 33.98 -53.64
N THR SA 83 43.98 33.60 -53.21
CA THR SA 83 44.68 32.49 -53.82
C THR SA 83 44.87 31.38 -52.80
N TYR SA 84 44.99 30.16 -53.30
CA TYR SA 84 45.08 29.03 -52.38
C TYR SA 84 46.29 28.14 -52.61
N LYS SA 85 46.25 27.34 -53.66
CA LYS SA 85 47.22 26.29 -53.86
C LYS SA 85 48.15 26.66 -55.01
N ILE SA 86 49.40 26.28 -54.89
CA ILE SA 86 50.40 26.60 -55.90
C ILE SA 86 51.31 25.40 -56.10
N ALA SA 87 51.66 25.13 -57.36
CA ALA SA 87 52.58 24.06 -57.70
C ALA SA 87 53.66 24.63 -58.60
N ILE SA 88 54.88 24.16 -58.41
CA ILE SA 88 56.03 24.72 -59.10
C ILE SA 88 56.84 23.59 -59.69
N ASP SA 89 57.19 23.72 -60.97
CA ASP SA 89 58.10 22.82 -61.64
C ASP SA 89 59.14 23.63 -62.40
N TYR SA 90 60.38 23.17 -62.38
CA TYR SA 90 61.41 23.79 -63.19
C TYR SA 90 62.50 22.79 -63.51
N HIS SA 91 63.30 23.15 -64.50
CA HIS SA 91 64.60 22.55 -64.70
C HIS SA 91 65.67 23.59 -64.41
N PHE SA 92 66.78 23.13 -63.84
CA PHE SA 92 67.96 23.96 -63.65
C PHE SA 92 69.10 23.42 -64.49
N VAL SA 93 70.01 24.30 -64.87
CA VAL SA 93 71.26 23.88 -65.49
C VAL SA 93 72.33 24.92 -65.19
N ALA SA 94 73.55 24.45 -64.96
CA ALA SA 94 74.64 25.38 -64.74
C ALA SA 94 74.95 26.12 -66.03
N ASP SA 95 75.57 27.28 -65.88
CA ASP SA 95 76.00 28.07 -67.02
C ASP SA 95 77.48 27.84 -67.27
N ALA SA 96 77.83 27.69 -68.56
CA ALA SA 96 79.23 27.49 -68.91
C ALA SA 96 80.09 28.66 -68.44
N ALA SA 97 79.51 29.85 -68.35
CA ALA SA 97 80.27 31.02 -67.93
C ALA SA 97 80.95 30.78 -66.59
N ALA SA 98 80.29 30.07 -65.68
CA ALA SA 98 80.88 29.75 -64.38
C ALA SA 98 81.53 28.37 -64.35
N CYS SA 99 81.44 27.61 -65.43
CA CYS SA 99 82.02 26.27 -65.42
C CYS SA 99 83.54 26.29 -65.49
N ARG SA 100 84.16 27.46 -65.68
CA ARG SA 100 85.60 27.53 -65.71
C ARG SA 100 86.23 27.22 -64.36
N TYR SA 101 85.43 27.07 -63.31
CA TYR SA 101 85.91 26.71 -61.99
C TYR SA 101 85.19 25.46 -61.54
N SER SA 102 85.72 24.82 -60.49
CA SER SA 102 85.11 23.62 -59.95
C SER SA 102 84.90 23.82 -58.45
N ASN SA 103 83.64 23.93 -58.05
CA ASN SA 103 83.27 23.89 -56.65
C ASN SA 103 81.79 23.59 -56.57
N THR SA 104 81.36 23.18 -55.39
CA THR SA 104 79.94 23.03 -55.13
C THR SA 104 79.39 24.33 -54.58
N GLY SA 105 78.15 24.28 -54.10
CA GLY SA 105 77.55 25.43 -53.49
C GLY SA 105 76.17 25.07 -52.97
N THR SA 106 75.43 26.09 -52.57
CA THR SA 106 74.06 25.87 -52.11
C THR SA 106 73.20 27.05 -52.53
N GLY SA 107 72.01 26.74 -53.06
CA GLY SA 107 71.05 27.75 -53.46
C GLY SA 107 69.84 27.82 -52.55
N VAL SA 108 69.01 28.81 -52.80
CA VAL SA 108 67.85 29.10 -51.95
C VAL SA 108 66.73 29.64 -52.82
N MET SA 109 65.51 29.24 -52.50
CA MET SA 109 64.31 29.80 -53.11
C MET SA 109 63.34 30.17 -52.01
N TRP SA 110 62.91 31.42 -51.98
CA TRP SA 110 61.93 31.87 -51.00
C TRP SA 110 60.62 32.22 -51.67
N LEU SA 111 59.56 32.15 -50.88
CA LEU SA 111 58.26 32.66 -51.28
C LEU SA 111 57.89 33.75 -50.29
N VAL SA 112 57.89 35.00 -50.75
CA VAL SA 112 57.81 36.16 -49.87
C VAL SA 112 56.49 36.88 -50.10
N TYR SA 113 55.80 37.18 -49.01
CA TYR SA 113 54.54 37.89 -49.05
C TYR SA 113 54.73 39.33 -48.62
N ASP SA 114 53.99 40.24 -49.25
CA ASP SA 114 54.09 41.66 -49.00
C ASP SA 114 52.78 42.20 -48.45
N THR SA 115 52.88 43.32 -47.74
CA THR SA 115 51.69 44.04 -47.31
C THR SA 115 51.37 45.17 -48.29
N THR SA 116 52.17 46.23 -48.25
CA THR SA 116 51.99 47.37 -49.14
C THR SA 116 53.20 47.52 -50.03
N PRO SA 117 53.08 47.32 -51.34
CA PRO SA 117 54.24 47.50 -52.21
C PRO SA 117 54.53 48.97 -52.42
N GLY SA 118 55.81 49.28 -52.55
CA GLY SA 118 56.18 50.61 -52.94
C GLY SA 118 55.85 50.86 -54.40
N GLY SA 119 56.05 52.12 -54.81
CA GLY SA 119 55.87 52.45 -56.20
C GLY SA 119 56.92 51.85 -57.12
N GLN SA 120 58.05 51.42 -56.55
CA GLN SA 120 59.15 50.87 -57.31
C GLN SA 120 59.35 49.40 -56.95
N ALA SA 121 59.93 48.66 -57.89
CA ALA SA 121 60.11 47.24 -57.68
C ALA SA 121 61.23 46.99 -56.67
N PRO SA 122 61.02 46.12 -55.70
CA PRO SA 122 62.07 45.84 -54.71
C PRO SA 122 63.19 45.06 -55.34
N THR SA 123 64.33 45.09 -54.66
CA THR SA 123 65.47 44.26 -55.01
C THR SA 123 65.95 43.55 -53.75
N PRO SA 124 66.52 42.35 -53.88
CA PRO SA 124 66.91 41.61 -52.68
C PRO SA 124 67.72 42.41 -51.70
N GLN SA 125 68.72 43.15 -52.19
CA GLN SA 125 69.56 43.93 -51.28
C GLN SA 125 68.72 44.84 -50.42
N THR SA 126 67.58 45.28 -50.94
CA THR SA 126 66.68 46.10 -50.14
C THR SA 126 65.84 45.26 -49.20
N ILE SA 127 65.45 44.06 -49.62
CA ILE SA 127 64.54 43.28 -48.78
C ILE SA 127 65.28 42.68 -47.61
N PHE SA 128 66.56 42.37 -47.78
CA PHE SA 128 67.37 41.76 -46.74
C PHE SA 128 68.57 42.66 -46.48
N ALA SA 129 68.74 43.07 -45.24
CA ALA SA 129 69.92 43.85 -44.91
C ALA SA 129 71.10 42.90 -44.74
N TYR SA 130 72.08 43.03 -45.60
CA TYR SA 130 73.24 42.17 -45.45
C TYR SA 130 74.51 42.94 -45.74
N PRO SA 131 75.56 42.70 -44.98
CA PRO SA 131 76.86 43.29 -45.32
C PRO SA 131 77.40 42.68 -46.60
N ASP SA 132 78.30 43.43 -47.24
CA ASP SA 132 78.87 42.98 -48.50
C ASP SA 132 79.60 41.66 -48.33
N THR SA 133 80.16 41.42 -47.15
CA THR SA 133 80.88 40.20 -46.90
C THR SA 133 80.02 38.97 -47.10
N LEU SA 134 78.81 38.98 -46.55
CA LEU SA 134 77.92 37.82 -46.62
C LEU SA 134 77.32 37.62 -48.00
N LYS SA 135 77.55 38.53 -48.95
CA LYS SA 135 76.96 38.38 -50.27
C LYS SA 135 77.27 37.04 -50.89
N ALA SA 136 78.43 36.46 -50.55
CA ALA SA 136 78.78 35.15 -51.05
C ALA SA 136 77.75 34.12 -50.67
N TRP SA 137 77.48 33.97 -49.38
CA TRP SA 137 76.65 32.86 -48.99
C TRP SA 137 75.26 33.35 -48.66
N PRO SA 138 74.29 33.16 -49.53
CA PRO SA 138 72.96 33.69 -49.25
C PRO SA 138 72.27 32.97 -48.13
N ALA SA 139 72.48 31.66 -48.03
CA ALA SA 139 71.62 30.83 -47.21
C ALA SA 139 71.58 31.29 -45.77
N THR SA 140 72.48 32.15 -45.36
CA THR SA 140 72.46 32.71 -44.02
C THR SA 140 71.57 33.94 -43.92
N TRP SA 141 71.19 34.53 -45.04
CA TRP SA 141 70.39 35.74 -45.00
C TRP SA 141 69.11 35.48 -44.20
N LYS SA 142 68.66 36.50 -43.49
CA LYS SA 142 67.35 36.47 -42.86
C LYS SA 142 66.73 37.84 -42.94
N VAL SA 143 65.42 37.89 -42.73
CA VAL SA 143 64.68 39.12 -42.93
C VAL SA 143 65.20 40.21 -42.02
N SER SA 144 65.36 41.41 -42.56
CA SER SA 144 65.88 42.53 -41.79
C SER SA 144 64.84 43.02 -40.78
N ARG SA 145 65.32 43.59 -39.67
CA ARG SA 145 64.41 43.94 -38.59
C ARG SA 145 63.65 45.23 -38.85
N GLU SA 146 64.24 46.16 -39.61
CA GLU SA 146 63.57 47.44 -39.86
C GLU SA 146 62.22 47.23 -40.49
N LEU SA 147 62.12 46.28 -41.41
CA LEU SA 147 60.90 46.02 -42.14
C LEU SA 147 60.06 44.93 -41.50
N CYS SA 148 60.43 44.50 -40.31
CA CYS SA 148 59.96 43.26 -39.69
C CYS SA 148 58.48 43.03 -39.86
N HIS SA 149 57.69 44.09 -39.74
CA HIS SA 149 56.26 43.94 -39.93
C HIS SA 149 55.80 44.21 -41.36
N ARG SA 150 56.68 44.71 -42.22
CA ARG SA 150 56.25 44.99 -43.58
C ARG SA 150 56.27 43.73 -44.45
N PHE SA 151 57.15 42.79 -44.16
CA PHE SA 151 57.30 41.60 -44.98
C PHE SA 151 57.22 40.35 -44.12
N VAL SA 152 57.03 39.20 -44.79
CA VAL SA 152 57.05 37.91 -44.12
C VAL SA 152 57.32 36.87 -45.19
N VAL SA 153 57.78 35.70 -44.75
CA VAL SA 153 58.13 34.61 -45.66
C VAL SA 153 57.32 33.38 -45.24
N LYS SA 154 56.42 32.95 -46.10
CA LYS SA 154 55.54 31.85 -45.74
C LYS SA 154 56.06 30.49 -46.16
N ARG SA 155 57.11 30.44 -46.98
CA ARG SA 155 57.70 29.16 -47.37
C ARG SA 155 59.19 29.34 -47.58
N ARG SA 156 59.89 28.21 -47.60
CA ARG SA 156 61.33 28.21 -47.82
C ARG SA 156 61.70 26.89 -48.46
N TRP SA 157 62.74 26.91 -49.29
CA TRP SA 157 63.23 25.67 -49.85
C TRP SA 157 64.73 25.75 -50.06
N LEU SA 158 65.36 24.58 -50.06
CA LEU SA 158 66.80 24.46 -50.30
C LEU SA 158 67.06 23.54 -51.47
N PHE SA 159 68.22 23.75 -52.07
CA PHE SA 159 68.70 22.85 -53.11
C PHE SA 159 70.20 23.07 -53.21
N ASN SA 160 70.88 22.11 -53.81
CA ASN SA 160 72.31 22.22 -53.97
C ASN SA 160 72.72 21.63 -55.32
N MET SA 161 73.81 22.15 -55.84
CA MET SA 161 74.30 21.75 -57.15
C MET SA 161 75.79 22.02 -57.20
N GLU SA 162 76.45 21.41 -58.18
CA GLU SA 162 77.90 21.53 -58.29
C GLU SA 162 78.32 21.29 -59.72
N THR SA 163 79.51 21.74 -60.05
CA THR SA 163 80.08 21.55 -61.37
C THR SA 163 81.51 21.09 -61.26
N ASP SA 164 81.91 20.25 -62.20
CA ASP SA 164 83.24 19.68 -62.23
C ASP SA 164 84.19 20.44 -63.12
N GLY SA 165 83.73 21.48 -63.80
CA GLY SA 165 84.57 22.18 -64.75
C GLY SA 165 84.58 21.58 -66.14
N ARG SA 166 83.49 20.96 -66.57
CA ARG SA 166 83.44 20.37 -67.90
C ARG SA 166 82.08 20.64 -68.52
N ILE SA 167 82.09 21.16 -69.74
CA ILE SA 167 80.85 21.43 -70.45
C ILE SA 167 80.32 20.13 -71.02
N GLY SA 168 79.01 20.04 -71.21
CA GLY SA 168 78.40 18.79 -71.65
C GLY SA 168 78.90 18.33 -73.00
N SER SA 169 78.97 19.24 -73.97
CA SER SA 169 79.27 18.86 -75.34
C SER SA 169 80.68 18.29 -75.52
N ASP SA 170 81.51 18.34 -74.49
CA ASP SA 170 82.89 17.92 -74.61
C ASP SA 170 82.99 16.40 -74.63
N ILE SA 171 83.77 15.87 -75.57
CA ILE SA 171 83.94 14.43 -75.72
C ILE SA 171 85.02 13.93 -74.77
N PRO SA 172 84.74 12.95 -73.93
CA PRO SA 172 85.78 12.36 -73.12
C PRO SA 172 86.84 11.72 -73.99
N PRO SA 173 88.10 11.79 -73.58
CA PRO SA 173 89.14 11.04 -74.27
C PRO SA 173 88.97 9.55 -74.01
N SER SA 174 89.42 8.75 -74.97
CA SER SA 174 89.20 7.31 -74.92
C SER SA 174 89.93 6.64 -73.76
N ASN SA 175 90.81 7.35 -73.05
CA ASN SA 175 91.57 6.71 -71.99
C ASN SA 175 90.76 6.56 -70.71
N ALA SA 176 90.12 7.62 -70.25
CA ALA SA 176 89.50 7.62 -68.93
C ALA SA 176 88.15 8.31 -69.00
N SER SA 177 87.40 8.21 -67.90
CA SER SA 177 86.03 8.72 -67.88
C SER SA 177 85.69 9.56 -66.66
N TRP SA 178 84.42 9.92 -66.51
CA TRP SA 178 83.98 10.71 -65.38
C TRP SA 178 82.60 10.24 -64.95
N LYS SA 179 82.30 10.42 -63.66
CA LYS SA 179 80.93 10.31 -63.17
C LYS SA 179 80.50 11.70 -62.77
N PRO SA 180 79.72 12.39 -63.57
CA PRO SA 180 79.26 13.73 -63.19
C PRO SA 180 77.88 13.74 -62.59
N CYS SA 181 77.69 13.05 -61.48
CA CYS SA 181 76.38 13.05 -60.84
C CYS SA 181 75.99 14.47 -60.45
N LYS SA 182 74.72 14.79 -60.64
CA LYS SA 182 74.14 16.06 -60.22
C LYS SA 182 74.86 17.25 -60.85
N ARG SA 183 75.02 17.21 -62.18
CA ARG SA 183 75.32 18.45 -62.87
C ARG SA 183 74.08 19.31 -63.00
N ASN SA 184 72.96 18.70 -63.36
CA ASN SA 184 71.69 19.39 -63.44
C ASN SA 184 70.69 18.66 -62.54
N ILE SA 185 69.59 19.34 -62.23
CA ILE SA 185 68.69 18.88 -61.19
C ILE SA 185 67.25 19.18 -61.59
N TYR SA 186 66.34 18.36 -61.10
CA TYR SA 186 64.92 18.49 -61.35
C TYR SA 186 64.22 18.86 -60.05
N PHE SA 187 63.64 20.04 -60.01
CA PHE SA 187 63.09 20.60 -58.78
C PHE SA 187 61.61 20.84 -58.92
N HIS SA 188 60.84 20.36 -57.95
CA HIS SA 188 59.40 20.56 -57.95
C HIS SA 188 58.88 20.52 -56.53
N LYS SA 189 57.83 21.30 -56.27
CA LYS SA 189 57.17 21.29 -54.99
C LYS SA 189 55.69 21.58 -55.20
N PHE SA 190 54.88 21.11 -54.27
CA PHE SA 190 53.44 21.29 -54.32
C PHE SA 190 52.96 21.57 -52.91
N THR SA 191 52.22 22.65 -52.72
CA THR SA 191 51.78 23.01 -51.38
C THR SA 191 50.40 23.64 -51.39
N SER SA 192 49.53 23.20 -50.50
CA SER SA 192 48.19 23.74 -50.35
C SER SA 192 48.05 24.69 -49.18
N GLY SA 193 49.10 24.90 -48.40
CA GLY SA 193 48.91 25.50 -47.09
C GLY SA 193 48.52 26.97 -47.15
N LEU SA 194 49.22 27.75 -47.96
CA LEU SA 194 49.15 29.19 -47.85
C LEU SA 194 47.77 29.70 -48.25
N GLY SA 195 47.50 30.92 -47.84
CA GLY SA 195 46.39 31.68 -48.39
C GLY SA 195 46.73 33.16 -48.30
N VAL SA 196 46.17 33.93 -49.23
CA VAL SA 196 46.56 35.32 -49.39
C VAL SA 196 45.32 36.12 -49.78
N ARG SA 197 45.21 37.32 -49.24
CA ARG SA 197 44.11 38.22 -49.53
C ARG SA 197 44.63 39.43 -50.28
N THR SA 198 44.06 39.72 -51.45
CA THR SA 198 44.56 40.79 -52.30
C THR SA 198 43.41 41.64 -52.78
N GLN SA 199 43.66 42.94 -52.88
CA GLN SA 199 42.72 43.88 -53.46
C GLN SA 199 43.42 44.73 -54.48
N TRP SA 200 42.65 45.36 -55.35
CA TRP SA 200 43.19 45.99 -56.54
C TRP SA 200 42.68 47.41 -56.69
N LYS SA 201 43.53 48.29 -57.20
CA LYS SA 201 43.06 49.54 -57.76
C LYS SA 201 42.26 49.25 -59.02
N ASN SA 202 41.46 50.21 -59.44
CA ASN SA 202 40.58 49.97 -60.57
C ASN SA 202 41.30 50.40 -61.84
N VAL SA 203 41.73 49.41 -62.62
CA VAL SA 203 42.32 49.58 -63.94
C VAL SA 203 42.15 48.25 -64.67
N THR SA 204 42.58 48.20 -65.93
CA THR SA 204 42.59 46.93 -66.64
C THR SA 204 43.82 46.11 -66.31
N ASP SA 205 44.96 46.79 -66.12
CA ASP SA 205 46.26 46.15 -66.22
C ASP SA 205 46.47 45.14 -65.11
N GLY SA 206 47.42 44.23 -65.36
CA GLY SA 206 47.87 43.28 -64.36
C GLY SA 206 49.25 43.54 -63.81
N GLY SA 207 49.85 44.69 -64.09
CA GLY SA 207 51.18 44.99 -63.62
C GLY SA 207 51.21 45.21 -62.11
N VAL SA 208 52.41 45.51 -61.62
CA VAL SA 208 52.59 45.71 -60.19
C VAL SA 208 51.93 47.00 -59.73
N GLY SA 209 51.97 48.05 -60.53
CA GLY SA 209 51.45 49.34 -60.10
C GLY SA 209 49.98 49.31 -59.74
N ALA SA 210 49.26 48.29 -60.16
CA ALA SA 210 47.83 48.24 -59.92
C ALA SA 210 47.48 47.79 -58.51
N ILE SA 211 48.30 46.94 -57.91
CA ILE SA 211 47.89 46.28 -56.67
C ILE SA 211 47.89 47.27 -55.52
N GLN SA 212 46.80 47.28 -54.76
CA GLN SA 212 46.74 48.10 -53.55
C GLN SA 212 47.41 47.40 -52.38
N ARG SA 213 47.15 46.11 -52.20
CA ARG SA 213 47.67 45.40 -51.04
C ARG SA 213 47.78 43.92 -51.36
N GLY SA 214 48.71 43.23 -50.69
CA GLY SA 214 48.83 41.79 -50.82
C GLY SA 214 49.68 41.23 -51.95
N ALA SA 215 50.72 41.94 -52.35
CA ALA SA 215 51.58 41.43 -53.40
C ALA SA 215 52.30 40.17 -52.95
N LEU SA 216 52.77 39.41 -53.94
CA LEU SA 216 53.42 38.13 -53.69
C LEU SA 216 54.67 38.02 -54.56
N TYR SA 217 55.82 37.86 -53.92
CA TYR SA 217 57.09 37.84 -54.63
C TYR SA 217 57.73 36.46 -54.58
N MET SA 218 58.53 36.17 -55.60
CA MET SA 218 59.37 34.99 -55.65
C MET SA 218 60.82 35.42 -55.85
N VAL SA 219 61.73 34.76 -55.16
CA VAL SA 219 63.13 35.16 -55.16
C VAL SA 219 64.01 33.93 -55.31
N ILE SA 220 65.07 34.06 -56.10
CA ILE SA 220 66.01 32.98 -56.33
C ILE SA 220 67.39 33.44 -55.89
N ALA SA 221 68.07 32.63 -55.09
CA ALA SA 221 69.39 32.96 -54.56
C ALA SA 221 70.42 31.97 -55.07
N PRO SA 222 71.38 32.39 -55.85
CA PRO SA 222 72.38 31.46 -56.38
C PRO SA 222 73.38 31.06 -55.31
N GLY SA 223 74.08 29.97 -55.58
CA GLY SA 223 75.19 29.57 -54.75
C GLY SA 223 76.39 30.47 -54.94
N ASN SA 224 77.38 30.31 -54.06
CA ASN SA 224 78.56 31.15 -54.11
C ASN SA 224 79.24 31.07 -55.47
N GLY SA 225 79.45 32.22 -56.08
CA GLY SA 225 80.18 32.31 -57.32
C GLY SA 225 79.70 31.34 -58.38
N LEU SA 226 78.41 31.03 -58.37
CA LEU SA 226 77.84 30.03 -59.26
C LEU SA 226 76.59 30.61 -59.93
N THR SA 227 76.63 30.78 -61.23
CA THR SA 227 75.56 31.40 -61.98
C THR SA 227 74.91 30.37 -62.91
N PHE SA 228 73.60 30.48 -63.07
CA PHE SA 228 72.89 29.49 -63.86
C PHE SA 228 71.60 30.11 -64.37
N THR SA 229 70.99 29.41 -65.34
CA THR SA 229 69.67 29.73 -65.84
C THR SA 229 68.75 28.55 -65.60
N ALA SA 230 67.45 28.81 -65.65
CA ALA SA 230 66.45 27.81 -65.33
C ALA SA 230 65.35 27.79 -66.38
N HIS SA 231 64.72 26.63 -66.53
CA HIS SA 231 63.59 26.46 -67.43
C HIS SA 231 62.46 25.83 -66.65
N GLY SA 232 61.25 26.08 -67.08
CA GLY SA 232 60.09 25.45 -66.48
C GLY SA 232 58.88 26.36 -66.55
N GLN SA 233 57.83 25.95 -65.83
CA GLN SA 233 56.59 26.69 -65.80
C GLN SA 233 55.87 26.37 -64.50
N THR SA 234 54.91 27.22 -64.15
CA THR SA 234 54.21 27.09 -62.88
C THR SA 234 52.73 27.33 -63.09
N ARG SA 235 51.94 26.91 -62.11
CA ARG SA 235 50.51 27.14 -62.13
C ARG SA 235 50.06 27.78 -60.82
N LEU SA 236 48.88 28.38 -60.85
CA LEU SA 236 48.26 28.97 -59.69
C LEU SA 236 46.81 28.53 -59.59
N TYR SA 237 46.21 28.80 -58.44
CA TYR SA 237 44.83 28.45 -58.19
C TYR SA 237 44.19 29.55 -57.37
N PHE SA 238 43.02 30.02 -57.76
CA PHE SA 238 42.37 31.10 -57.05
C PHE SA 238 40.92 31.21 -57.49
N LYS SA 239 40.19 32.11 -56.85
CA LYS SA 239 38.85 32.47 -57.30
C LYS SA 239 38.56 33.90 -56.87
N SER SA 240 37.80 34.60 -57.70
CA SER SA 240 37.37 35.94 -57.34
C SER SA 240 36.25 35.87 -56.32
N VAL SA 241 36.05 36.97 -55.60
CA VAL SA 241 34.97 37.07 -54.63
C VAL SA 241 34.69 38.55 -54.39
N GLY SA 242 33.52 38.84 -53.85
CA GLY SA 242 33.16 40.18 -53.44
C GLY SA 242 32.20 40.84 -54.41
N ASN SA 243 31.79 42.04 -54.03
CA ASN SA 243 30.87 42.86 -54.81
C ASN SA 243 29.61 42.10 -55.16
N ALA TA 31 19.35 -35.58 -50.02
CA ALA TA 31 19.35 -36.63 -51.02
C ALA TA 31 19.84 -36.10 -52.37
N GLY TA 32 21.16 -35.99 -52.51
CA GLY TA 32 21.74 -35.47 -53.73
C GLY TA 32 23.07 -34.80 -53.43
N SER TA 33 23.69 -34.27 -54.48
CA SER TA 33 24.93 -33.55 -54.30
C SER TA 33 24.94 -32.22 -55.06
N LYS TA 34 24.98 -31.11 -54.31
CA LYS TA 34 25.08 -29.76 -54.87
C LYS TA 34 24.13 -29.57 -56.04
N ALA TA 35 22.93 -30.09 -55.92
CA ALA TA 35 21.93 -29.93 -56.97
C ALA TA 35 21.54 -28.48 -57.11
N ASP TA 36 21.24 -28.09 -58.33
CA ASP TA 36 20.90 -26.72 -58.68
C ASP TA 36 19.71 -26.70 -59.62
N ARG TA 37 18.81 -25.74 -59.39
CA ARG TA 37 17.54 -25.68 -60.11
C ARG TA 37 17.69 -25.75 -61.63
N PRO TA 38 18.56 -24.98 -62.27
CA PRO TA 38 18.74 -25.16 -63.71
C PRO TA 38 19.35 -26.52 -64.02
N SER TA 39 19.11 -26.98 -65.23
CA SER TA 39 19.58 -28.30 -65.65
C SER TA 39 21.10 -28.33 -65.71
N LEU TA 40 21.64 -29.55 -65.70
CA LEU TA 40 23.08 -29.77 -65.73
C LEU TA 40 23.49 -30.42 -67.04
N GLN TA 41 24.71 -30.14 -67.47
CA GLN TA 41 25.15 -30.61 -68.76
C GLN TA 41 25.30 -32.13 -68.76
N ILE TA 42 25.34 -32.70 -69.97
CA ILE TA 42 25.35 -34.14 -70.15
C ILE TA 42 26.44 -34.52 -71.15
N GLN TA 43 27.18 -35.57 -70.83
CA GLN TA 43 28.14 -36.14 -71.76
C GLN TA 43 27.97 -37.66 -71.79
N THR TA 44 28.17 -38.25 -72.97
CA THR TA 44 27.96 -39.66 -73.17
C THR TA 44 29.19 -40.31 -73.78
N LEU TA 45 29.22 -41.63 -73.70
CA LEU TA 45 30.25 -42.41 -74.36
C LEU TA 45 29.59 -43.57 -75.08
N GLN TA 46 30.16 -43.96 -76.20
CA GLN TA 46 29.60 -45.00 -77.04
C GLN TA 46 30.62 -46.12 -77.16
N HIS TA 47 30.33 -47.27 -76.57
CA HIS TA 47 31.16 -48.45 -76.72
C HIS TA 47 30.31 -49.54 -77.31
N ALA TA 48 30.57 -49.89 -78.56
CA ALA TA 48 29.76 -50.86 -79.30
C ALA TA 48 30.39 -51.03 -80.67
N GLY TA 49 30.00 -52.11 -81.34
CA GLY TA 49 30.43 -52.32 -82.71
C GLY TA 49 31.95 -52.31 -82.82
N THR TA 50 32.44 -51.38 -83.63
CA THR TA 50 33.89 -51.23 -83.81
C THR TA 50 34.58 -51.03 -82.47
N THR TA 51 33.99 -50.24 -81.58
CA THR TA 51 34.60 -49.97 -80.28
C THR TA 51 33.91 -50.85 -79.26
N MET TA 52 34.59 -51.90 -78.83
CA MET TA 52 34.15 -52.76 -77.76
C MET TA 52 35.32 -52.94 -76.81
N ILE TA 53 35.16 -52.48 -75.57
CA ILE TA 53 36.22 -52.69 -74.60
C ILE TA 53 36.48 -54.19 -74.52
N THR TA 54 37.73 -54.58 -74.74
CA THR TA 54 38.12 -55.99 -74.75
C THR TA 54 39.30 -56.17 -73.82
N VAL TA 55 39.16 -57.04 -72.84
CA VAL TA 55 40.14 -57.11 -71.76
C VAL TA 55 40.87 -58.45 -71.74
N PRO TA 56 42.14 -58.47 -72.11
CA PRO TA 56 42.97 -59.62 -71.79
C PRO TA 56 43.34 -59.62 -70.31
N SER TA 57 43.83 -60.77 -69.85
CA SER TA 57 44.21 -60.91 -68.45
C SER TA 57 45.18 -59.81 -68.05
N GLY TA 58 44.91 -59.19 -66.91
CA GLY TA 58 45.70 -58.07 -66.45
C GLY TA 58 45.03 -56.73 -66.57
N GLY TA 59 43.79 -56.69 -67.06
CA GLY TA 59 43.04 -55.45 -67.04
C GLY TA 59 43.48 -54.46 -68.09
N VAL TA 60 42.75 -53.34 -68.14
CA VAL TA 60 43.08 -52.28 -69.08
C VAL TA 60 42.76 -50.94 -68.42
N CYS TA 61 43.61 -49.96 -68.70
CA CYS TA 61 43.46 -48.61 -68.16
C CYS TA 61 42.73 -47.75 -69.17
N ASP TA 62 41.92 -46.82 -68.69
CA ASP TA 62 41.20 -45.92 -69.57
C ASP TA 62 40.81 -44.67 -68.81
N LEU TA 63 40.51 -43.62 -69.56
CA LEU TA 63 40.06 -42.35 -69.00
C LEU TA 63 38.69 -42.00 -69.56
N ILE TA 64 37.74 -41.78 -68.66
CA ILE TA 64 36.37 -41.48 -69.06
C ILE TA 64 36.04 -40.00 -69.00
N ASN TA 65 36.96 -39.15 -68.57
CA ASN TA 65 36.58 -37.78 -68.26
C ASN TA 65 36.78 -36.84 -69.44
N THR TA 66 37.12 -37.36 -70.61
CA THR TA 66 37.43 -36.54 -71.77
C THR TA 66 36.32 -35.54 -72.08
N TYR TA 67 36.71 -34.29 -72.29
CA TYR TA 67 35.79 -33.20 -72.63
C TYR TA 67 36.43 -32.32 -73.68
N ALA TA 68 35.70 -32.00 -74.74
CA ALA TA 68 36.18 -30.99 -75.66
C ALA TA 68 35.81 -29.61 -75.15
N ARG TA 69 36.23 -28.59 -75.88
CA ARG TA 69 35.85 -27.21 -75.58
C ARG TA 69 35.35 -26.55 -76.85
N GLY TA 70 34.23 -25.85 -76.75
CA GLY TA 70 33.68 -25.18 -77.90
C GLY TA 70 32.24 -24.79 -77.67
N SER TA 71 31.54 -24.63 -78.80
CA SER TA 71 30.15 -24.19 -78.74
C SER TA 71 29.22 -25.32 -78.36
N ASP TA 72 29.51 -26.52 -78.83
CA ASP TA 72 28.56 -27.62 -78.71
C ASP TA 72 28.27 -27.92 -77.25
N GLU TA 73 27.02 -28.28 -76.97
CA GLU TA 73 26.62 -28.67 -75.63
C GLU TA 73 27.30 -29.97 -75.24
N GLY TA 74 27.72 -30.05 -73.99
CA GLY TA 74 28.43 -31.21 -73.50
C GLY TA 74 29.92 -30.96 -73.49
N ASN TA 75 30.37 -30.02 -74.32
CA ASN TA 75 31.76 -29.60 -74.23
C ASN TA 75 31.90 -28.57 -73.12
N ARG TA 76 33.11 -28.48 -72.57
CA ARG TA 76 33.33 -27.58 -71.45
C ARG TA 76 33.54 -26.16 -71.94
N HIS TA 77 32.85 -25.21 -71.31
CA HIS TA 77 32.97 -23.81 -71.67
C HIS TA 77 34.13 -23.10 -70.99
N THR TA 78 34.69 -23.68 -69.94
CA THR TA 78 35.66 -22.95 -69.14
C THR TA 78 36.93 -23.76 -68.94
N SER TA 79 37.82 -23.26 -68.10
CA SER TA 79 39.03 -24.01 -67.76
C SER TA 79 38.88 -24.78 -66.46
N GLU TA 80 37.71 -24.73 -65.83
CA GLU TA 80 37.51 -25.34 -64.52
C GLU TA 80 36.19 -26.12 -64.52
N THR TA 81 36.26 -27.39 -64.13
CA THR TA 81 35.10 -28.27 -64.22
C THR TA 81 34.96 -29.10 -62.95
N LEU TA 82 33.73 -29.23 -62.48
CA LEU TA 82 33.37 -30.14 -61.41
C LEU TA 82 32.39 -31.17 -61.96
N THR TA 83 32.54 -32.42 -61.52
CA THR TA 83 31.61 -33.47 -61.90
C THR TA 83 30.88 -33.97 -60.65
N TYR TA 84 29.69 -34.50 -60.85
CA TYR TA 84 28.89 -34.92 -59.70
C TYR TA 84 28.42 -36.35 -59.78
N LYS TA 85 27.41 -36.61 -60.61
CA LYS TA 85 26.72 -37.87 -60.61
C LYS TA 85 27.09 -38.66 -61.86
N ILE TA 86 27.18 -39.97 -61.71
CA ILE TA 86 27.55 -40.85 -62.81
C ILE TA 86 26.70 -42.10 -62.77
N ALA TA 87 26.27 -42.56 -63.94
CA ALA TA 87 25.52 -43.79 -64.06
C ALA TA 87 26.17 -44.66 -65.12
N ILE TA 88 26.17 -45.96 -64.90
CA ILE TA 88 26.90 -46.88 -65.74
C ILE TA 88 25.99 -48.03 -66.10
N ASP TA 89 25.92 -48.36 -67.38
CA ASP TA 89 25.23 -49.54 -67.87
C ASP TA 89 26.14 -50.28 -68.84
N TYR TA 90 26.11 -51.60 -68.76
CA TYR TA 90 26.82 -52.41 -69.75
C TYR TA 90 26.19 -53.76 -69.87
N HIS TA 91 26.53 -54.44 -70.96
CA HIS TA 91 26.37 -55.87 -71.07
C HIS TA 91 27.73 -56.53 -71.09
N PHE TA 92 27.80 -57.72 -70.48
CA PHE TA 92 28.98 -58.55 -70.53
C PHE TA 92 28.66 -59.84 -71.28
N VAL TA 93 29.67 -60.43 -71.89
CA VAL TA 93 29.54 -61.76 -72.46
C VAL TA 93 30.90 -62.42 -72.45
N ALA TA 94 30.93 -63.71 -72.18
CA ALA TA 94 32.18 -64.44 -72.24
C ALA TA 94 32.66 -64.54 -73.67
N ASP TA 95 33.96 -64.74 -73.83
CA ASP TA 95 34.55 -64.93 -75.14
C ASP TA 95 34.76 -66.41 -75.40
N ALA TA 96 34.44 -66.83 -76.62
CA ALA TA 96 34.63 -68.23 -76.99
C ALA TA 96 36.08 -68.66 -76.84
N ALA TA 97 37.01 -67.72 -77.01
CA ALA TA 97 38.43 -68.04 -76.90
C ALA TA 97 38.75 -68.73 -75.57
N ALA TA 98 38.10 -68.30 -74.50
CA ALA TA 98 38.29 -68.91 -73.19
C ALA TA 98 37.24 -69.98 -72.87
N CYS TA 99 36.25 -70.17 -73.73
CA CYS TA 99 35.22 -71.15 -73.45
C CYS TA 99 35.72 -72.59 -73.58
N ARG TA 100 36.93 -72.80 -74.07
CA ARG TA 100 37.46 -74.15 -74.18
C ARG TA 100 37.69 -74.81 -72.82
N TYR TA 101 37.55 -74.06 -71.74
CA TYR TA 101 37.68 -74.57 -70.39
C TYR TA 101 36.40 -74.29 -69.63
N SER TA 102 36.24 -74.96 -68.49
CA SER TA 102 35.07 -74.76 -67.65
C SER TA 102 35.53 -74.45 -66.24
N ASN TA 103 35.33 -73.21 -65.81
CA ASN TA 103 35.49 -72.83 -64.42
C ASN TA 103 34.76 -71.52 -64.20
N THR TA 104 34.52 -71.21 -62.95
CA THR TA 104 33.98 -69.91 -62.60
C THR TA 104 35.13 -68.95 -62.34
N GLY TA 105 34.80 -67.78 -61.80
CA GLY TA 105 35.80 -66.80 -61.45
C GLY TA 105 35.14 -65.62 -60.80
N THR TA 106 35.93 -64.56 -60.61
CA THR TA 106 35.40 -63.33 -60.05
C THR TA 106 36.10 -62.14 -60.69
N GLY TA 107 35.32 -61.14 -61.08
CA GLY TA 107 35.84 -59.91 -61.66
C GLY TA 107 35.72 -58.72 -60.73
N VAL TA 108 36.31 -57.61 -61.16
CA VAL TA 108 36.40 -56.40 -60.36
C VAL TA 108 36.34 -55.20 -61.28
N MET TA 109 35.65 -54.17 -60.82
CA MET TA 109 35.63 -52.87 -61.48
C MET TA 109 35.92 -51.80 -60.45
N TRP TA 110 36.94 -50.98 -60.69
CA TRP TA 110 37.25 -49.88 -59.80
C TRP TA 110 37.00 -48.54 -60.47
N LEU TA 111 36.79 -47.55 -59.64
CA LEU TA 111 36.73 -46.16 -60.09
C LEU TA 111 37.84 -45.42 -59.36
N VAL TA 112 38.88 -45.04 -60.10
CA VAL TA 112 40.12 -44.56 -59.51
C VAL TA 112 40.30 -43.08 -59.84
N TYR TA 113 40.61 -42.30 -58.81
CA TYR TA 113 40.84 -40.88 -58.96
C TYR TA 113 42.34 -40.57 -58.89
N ASP TA 114 42.78 -39.60 -59.68
CA ASP TA 114 44.17 -39.24 -59.77
C ASP TA 114 44.38 -37.80 -59.30
N THR TA 115 45.60 -37.51 -58.87
CA THR TA 115 45.98 -36.14 -58.56
C THR TA 115 46.69 -35.50 -59.75
N THR TA 116 47.92 -35.91 -60.01
CA THR TA 116 48.70 -35.39 -61.13
C THR TA 116 49.02 -36.53 -62.08
N PRO TA 117 48.50 -36.52 -63.30
CA PRO TA 117 48.83 -37.59 -64.24
C PRO TA 117 50.22 -37.39 -64.81
N GLY TA 118 50.89 -38.50 -65.06
CA GLY TA 118 52.14 -38.44 -65.77
C GLY TA 118 51.92 -38.09 -67.23
N GLY TA 119 53.04 -37.89 -67.93
CA GLY TA 119 52.95 -37.65 -69.35
C GLY TA 119 52.53 -38.87 -70.15
N GLN TA 120 52.63 -40.05 -69.55
CA GLN TA 120 52.31 -41.30 -70.22
C GLN TA 120 51.11 -41.95 -69.53
N ALA TA 121 50.40 -42.76 -70.29
CA ALA TA 121 49.20 -43.41 -69.76
C ALA TA 121 49.57 -44.50 -68.78
N PRO TA 122 48.93 -44.56 -67.63
CA PRO TA 122 49.25 -45.60 -66.66
C PRO TA 122 48.74 -46.95 -67.13
N THR TA 123 49.30 -47.99 -66.52
CA THR TA 123 48.82 -49.35 -66.73
C THR TA 123 48.61 -49.98 -65.36
N PRO TA 124 47.68 -50.92 -65.24
CA PRO TA 124 47.39 -51.48 -63.92
C PRO TA 124 48.63 -51.97 -63.19
N GLN TA 125 49.51 -52.68 -63.89
CA GLN TA 125 50.71 -53.20 -63.23
C GLN TA 125 51.48 -52.08 -62.55
N THR TA 126 51.39 -50.87 -63.11
CA THR TA 126 52.04 -49.73 -62.48
C THR TA 126 51.21 -49.19 -61.33
N ILE TA 127 49.88 -49.22 -61.44
CA ILE TA 127 49.08 -48.58 -60.41
C ILE TA 127 49.05 -49.44 -59.16
N PHE TA 128 49.14 -50.76 -59.32
CA PHE TA 128 49.08 -51.67 -58.20
C PHE TA 128 50.34 -52.51 -58.21
N ALA TA 129 51.07 -52.50 -57.10
CA ALA TA 129 52.24 -53.35 -57.02
C ALA TA 129 51.79 -54.77 -56.71
N TYR TA 130 52.04 -55.68 -57.61
CA TYR TA 130 51.65 -57.05 -57.31
C TYR TA 130 52.69 -58.01 -57.84
N PRO TA 131 53.00 -59.06 -57.09
CA PRO TA 131 53.87 -60.11 -57.61
C PRO TA 131 53.19 -60.86 -58.75
N ASP TA 132 54.02 -61.49 -59.58
CA ASP TA 132 53.49 -62.21 -60.73
C ASP TA 132 52.56 -63.33 -60.30
N THR TA 133 52.80 -63.90 -59.12
CA THR TA 133 51.96 -64.97 -58.63
C THR TA 133 50.52 -64.55 -58.49
N LEU TA 134 50.26 -63.39 -57.90
CA LEU TA 134 48.90 -62.93 -57.67
C LEU TA 134 48.19 -62.48 -58.93
N LYS TA 135 48.88 -62.42 -60.08
CA LYS TA 135 48.24 -61.95 -61.29
C LYS TA 135 46.96 -62.71 -61.60
N ALA TA 136 46.90 -63.97 -61.19
CA ALA TA 136 45.69 -64.76 -61.39
C ALA TA 136 44.49 -64.10 -60.73
N TRP TA 137 44.57 -63.85 -59.43
CA TRP TA 137 43.37 -63.41 -58.75
C TRP TA 137 43.46 -61.93 -58.49
N PRO TA 138 42.77 -61.10 -59.25
CA PRO TA 138 42.90 -59.65 -59.03
C PRO TA 138 42.27 -59.20 -57.74
N ALA TA 139 41.16 -59.83 -57.35
CA ALA TA 139 40.31 -59.26 -56.32
C ALA TA 139 41.05 -59.02 -55.02
N THR TA 140 42.24 -59.60 -54.87
CA THR TA 140 43.06 -59.34 -53.70
C THR TA 140 43.92 -58.10 -53.85
N TRP TA 141 44.08 -57.58 -55.06
CA TRP TA 141 44.94 -56.42 -55.25
C TRP TA 141 44.48 -55.28 -54.36
N LYS TA 142 45.43 -54.50 -53.89
CA LYS TA 142 45.12 -53.25 -53.20
C LYS TA 142 46.17 -52.22 -53.57
N VAL TA 143 45.84 -50.95 -53.33
CA VAL TA 143 46.69 -49.87 -53.77
C VAL TA 143 48.07 -49.99 -53.15
N SER TA 144 49.09 -49.76 -53.97
CA SER TA 144 50.46 -49.86 -53.50
C SER TA 144 50.81 -48.69 -52.59
N ARG TA 145 51.75 -48.92 -51.67
CA ARG TA 145 52.04 -47.91 -50.65
C ARG TA 145 52.92 -46.78 -51.18
N GLU TA 146 53.77 -47.07 -52.15
CA GLU TA 146 54.66 -46.03 -52.65
C GLU TA 146 53.89 -44.83 -53.16
N LEU TA 147 52.78 -45.08 -53.83
CA LEU TA 147 51.97 -44.04 -54.43
C LEU TA 147 50.85 -43.58 -53.52
N CYS TA 148 50.86 -44.03 -52.26
CA CYS TA 148 49.71 -43.97 -51.36
C CYS TA 148 48.99 -42.63 -51.41
N HIS TA 149 49.73 -41.55 -51.50
CA HIS TA 149 49.09 -40.25 -51.58
C HIS TA 149 48.85 -39.77 -53.01
N ARG TA 150 49.40 -40.47 -54.01
CA ARG TA 150 49.19 -40.02 -55.37
C ARG TA 150 47.85 -40.47 -55.92
N PHE TA 151 47.32 -41.60 -55.46
CA PHE TA 151 46.09 -42.15 -56.00
C PHE TA 151 45.12 -42.45 -54.86
N VAL TA 152 43.86 -42.67 -55.24
CA VAL TA 152 42.83 -43.08 -54.29
C VAL TA 152 41.71 -43.72 -55.09
N VAL TA 153 40.89 -44.51 -54.43
CA VAL TA 153 39.79 -45.22 -55.06
C VAL TA 153 38.51 -44.84 -54.35
N LYS TA 154 37.62 -44.16 -55.04
CA LYS TA 154 36.42 -43.67 -54.40
C LYS TA 154 35.24 -44.62 -54.51
N ARG TA 155 35.32 -45.66 -55.34
CA ARG TA 155 34.26 -46.63 -55.45
C ARG TA 155 34.85 -48.00 -55.77
N ARG TA 156 34.04 -49.02 -55.55
CA ARG TA 156 34.45 -50.39 -55.83
C ARG TA 156 33.21 -51.20 -56.17
N TRP TA 157 33.36 -52.19 -57.03
CA TRP TA 157 32.26 -53.08 -57.31
C TRP TA 157 32.76 -54.48 -57.60
N LEU TA 158 31.90 -55.46 -57.36
CA LEU TA 158 32.20 -56.86 -57.62
C LEU TA 158 31.17 -57.44 -58.56
N PHE TA 159 31.58 -58.49 -59.25
CA PHE TA 159 30.68 -59.28 -60.07
C PHE TA 159 31.33 -60.62 -60.29
N ASN TA 160 30.53 -61.60 -60.68
CA ASN TA 160 31.05 -62.92 -60.93
C ASN TA 160 30.34 -63.53 -62.12
N MET TA 161 31.04 -64.43 -62.81
CA MET TA 161 30.52 -65.06 -64.00
C MET TA 161 31.24 -66.39 -64.19
N GLU TA 162 30.66 -67.23 -65.02
CA GLU TA 162 31.21 -68.57 -65.22
C GLU TA 162 30.79 -69.08 -66.58
N THR TA 163 31.51 -70.08 -67.05
CA THR TA 163 31.22 -70.71 -68.32
C THR TA 163 31.28 -72.22 -68.17
N ASP TA 164 30.42 -72.89 -68.92
CA ASP TA 164 30.31 -74.34 -68.86
C ASP TA 164 31.10 -75.03 -69.96
N GLY TA 165 31.76 -74.27 -70.84
CA GLY TA 165 32.44 -74.87 -71.96
C GLY TA 165 31.58 -75.12 -73.17
N ARG TA 166 30.56 -74.30 -73.40
CA ARG TA 166 29.68 -74.49 -74.55
C ARG TA 166 29.34 -73.14 -75.15
N ILE TA 167 29.54 -73.01 -76.45
CA ILE TA 167 29.23 -71.78 -77.14
C ILE TA 167 27.72 -71.72 -77.38
N GLY TA 168 27.18 -70.51 -77.48
CA GLY TA 168 25.74 -70.36 -77.60
C GLY TA 168 25.16 -71.02 -78.83
N SER TA 169 25.79 -70.83 -79.97
CA SER TA 169 25.22 -71.28 -81.24
C SER TA 169 25.11 -72.80 -81.34
N ASP TA 170 25.66 -73.54 -80.39
CA ASP TA 170 25.68 -74.98 -80.47
C ASP TA 170 24.32 -75.57 -80.14
N ILE TA 171 23.87 -76.50 -80.98
CA ILE TA 171 22.57 -77.14 -80.79
C ILE TA 171 22.68 -78.30 -79.81
N PRO TA 172 21.88 -78.31 -78.75
CA PRO TA 172 21.87 -79.47 -77.87
C PRO TA 172 21.42 -80.71 -78.62
N PRO TA 173 21.99 -81.87 -78.30
CA PRO TA 173 21.47 -83.11 -78.85
C PRO TA 173 20.12 -83.42 -78.24
N SER TA 174 19.30 -84.14 -79.01
CA SER TA 174 17.92 -84.40 -78.61
C SER TA 174 17.81 -85.27 -77.36
N ASN TA 175 18.91 -85.84 -76.88
CA ASN TA 175 18.83 -86.74 -75.74
C ASN TA 175 18.73 -85.98 -74.41
N ALA TA 176 19.60 -85.01 -74.19
CA ALA TA 176 19.71 -84.39 -72.87
C ALA TA 176 19.89 -82.89 -73.04
N SER TA 177 19.82 -82.17 -71.92
CA SER TA 177 19.83 -80.71 -71.95
C SER TA 177 20.79 -80.08 -70.95
N TRP TA 178 20.74 -78.77 -70.82
CA TRP TA 178 21.58 -78.05 -69.89
C TRP TA 178 20.82 -76.88 -69.30
N LYS TA 179 21.19 -76.50 -68.07
CA LYS TA 179 20.76 -75.23 -67.50
C LYS TA 179 21.99 -74.35 -67.41
N PRO TA 180 22.17 -73.42 -68.32
CA PRO TA 180 23.35 -72.55 -68.25
C PRO TA 180 23.06 -71.21 -67.60
N CYS TA 181 22.62 -71.22 -66.34
CA CYS TA 181 22.36 -69.95 -65.67
C CYS TA 181 23.62 -69.12 -65.59
N LYS TA 182 23.45 -67.82 -65.81
CA LYS TA 182 24.53 -66.85 -65.66
C LYS TA 182 25.71 -67.16 -66.59
N ARG TA 183 25.41 -67.37 -67.86
CA ARG TA 183 26.49 -67.28 -68.84
C ARG TA 183 26.84 -65.83 -69.12
N ASN TA 184 25.84 -64.98 -69.27
CA ASN TA 184 26.04 -63.56 -69.44
C ASN TA 184 25.27 -62.81 -68.37
N ILE TA 185 25.61 -61.54 -68.17
CA ILE TA 185 25.13 -60.81 -67.01
C ILE TA 185 24.86 -59.37 -67.40
N TYR TA 186 23.92 -58.76 -66.68
CA TYR TA 186 23.51 -57.37 -66.90
C TYR TA 186 23.95 -56.56 -65.69
N PHE TA 187 24.85 -55.62 -65.90
CA PHE TA 187 25.47 -54.89 -64.80
C PHE TA 187 25.18 -53.41 -64.93
N HIS TA 188 24.71 -52.80 -63.83
CA HIS TA 188 24.44 -51.38 -63.82
C HIS TA 188 24.57 -50.86 -62.41
N LYS TA 189 25.00 -49.61 -62.29
CA LYS TA 189 25.09 -48.93 -61.00
C LYS TA 189 24.82 -47.45 -61.22
N PHE TA 190 24.35 -46.81 -60.16
CA PHE TA 190 24.04 -45.39 -60.18
C PHE TA 190 24.48 -44.80 -58.86
N THR TA 191 25.27 -43.74 -58.90
CA THR TA 191 25.76 -43.17 -57.64
C THR TA 191 25.91 -41.66 -57.75
N SER TA 192 25.42 -40.96 -56.73
CA SER TA 192 25.52 -39.51 -56.65
C SER TA 192 26.63 -39.02 -55.74
N GLY TA 193 27.34 -39.92 -55.07
CA GLY TA 193 28.13 -39.51 -53.92
C GLY TA 193 29.33 -38.66 -54.30
N LEU TA 194 30.09 -39.11 -55.30
CA LEU TA 194 31.41 -38.57 -55.53
C LEU TA 194 31.35 -37.10 -55.96
N GLY TA 195 32.48 -36.44 -55.85
CA GLY TA 195 32.69 -35.16 -56.50
C GLY TA 195 34.17 -35.01 -56.78
N VAL TA 196 34.48 -34.25 -57.83
CA VAL TA 196 35.84 -34.16 -58.33
C VAL TA 196 36.08 -32.76 -58.84
N ARG TA 197 37.28 -32.24 -58.58
CA ARG TA 197 37.68 -30.92 -59.02
C ARG TA 197 38.78 -31.06 -60.05
N THR TA 198 38.59 -30.47 -61.23
CA THR TA 198 39.53 -30.61 -62.33
C THR TA 198 39.84 -29.26 -62.95
N GLN TA 199 41.08 -29.08 -63.35
CA GLN TA 199 41.50 -27.90 -64.09
C GLN TA 199 42.27 -28.33 -65.31
N TRP TA 200 42.40 -27.42 -66.27
CA TRP TA 200 42.86 -27.76 -67.60
C TRP TA 200 43.97 -26.82 -68.04
N LYS TA 201 44.93 -27.37 -68.78
CA LYS TA 201 45.80 -26.54 -69.60
C LYS TA 201 44.97 -25.92 -70.71
N ASN TA 202 45.51 -24.86 -71.32
CA ASN TA 202 44.74 -24.14 -72.31
C ASN TA 202 45.06 -24.72 -73.68
N VAL TA 203 44.11 -25.48 -74.22
CA VAL TA 203 44.14 -26.02 -75.58
C VAL TA 203 42.70 -26.31 -75.97
N THR TA 204 42.50 -26.77 -77.20
CA THR TA 204 41.17 -27.22 -77.60
C THR TA 204 40.91 -28.64 -77.14
N ASP TA 205 41.93 -29.49 -77.18
CA ASP TA 205 41.74 -30.92 -77.18
C ASP TA 205 41.15 -31.42 -75.87
N GLY TA 206 40.56 -32.62 -75.95
CA GLY TA 206 40.06 -33.32 -74.79
C GLY TA 206 40.87 -34.52 -74.36
N GLY TA 207 42.05 -34.72 -74.93
CA GLY TA 207 42.86 -35.87 -74.60
C GLY TA 207 43.44 -35.78 -73.20
N VAL TA 208 44.20 -36.80 -72.84
CA VAL TA 208 44.79 -36.86 -71.51
C VAL TA 208 45.87 -35.80 -71.32
N GLY TA 209 46.66 -35.53 -72.36
CA GLY TA 209 47.77 -34.60 -72.20
C GLY TA 209 47.36 -33.21 -71.78
N ALA TA 210 46.08 -32.87 -71.92
CA ALA TA 210 45.64 -31.52 -71.62
C ALA TA 210 45.45 -31.29 -70.12
N ILE TA 211 45.07 -32.33 -69.38
CA ILE TA 211 44.62 -32.12 -68.00
C ILE TA 211 45.80 -31.77 -67.12
N GLN TA 212 45.63 -30.70 -66.32
CA GLN TA 212 46.64 -30.34 -65.34
C GLN TA 212 46.50 -31.15 -64.07
N ARG TA 213 45.27 -31.34 -63.59
CA ARG TA 213 45.07 -32.01 -62.32
C ARG TA 213 43.66 -32.61 -62.28
N GLY TA 214 43.49 -33.69 -61.53
CA GLY TA 214 42.17 -34.27 -61.32
C GLY TA 214 41.67 -35.28 -62.32
N ALA TA 215 42.57 -36.06 -62.93
CA ALA TA 215 42.13 -37.07 -63.87
C ALA TA 215 41.31 -38.15 -63.18
N LEU TA 216 40.54 -38.88 -63.98
CA LEU TA 216 39.63 -39.90 -63.47
C LEU TA 216 39.72 -41.13 -64.34
N TYR TA 217 40.09 -42.26 -63.75
CA TYR TA 217 40.32 -43.49 -64.48
C TYR TA 217 39.28 -44.55 -64.15
N MET TA 218 39.03 -45.43 -65.11
CA MET TA 218 38.20 -46.61 -64.93
C MET TA 218 39.02 -47.83 -65.29
N VAL TA 219 38.87 -48.89 -64.50
CA VAL TA 219 39.69 -50.08 -64.66
C VAL TA 219 38.81 -51.31 -64.56
N ILE TA 220 39.08 -52.31 -65.41
CA ILE TA 220 38.34 -53.56 -65.42
C ILE TA 220 39.32 -54.69 -65.17
N ALA TA 221 38.97 -55.57 -64.23
CA ALA TA 221 39.82 -56.69 -63.85
C ALA TA 221 39.12 -58.00 -64.18
N PRO TA 222 39.65 -58.81 -65.07
CA PRO TA 222 38.99 -60.07 -65.41
C PRO TA 222 39.19 -61.11 -64.33
N GLY TA 223 38.35 -62.13 -64.37
CA GLY TA 223 38.54 -63.29 -63.52
C GLY TA 223 39.71 -64.13 -63.98
N ASN TA 224 40.08 -65.09 -63.13
CA ASN TA 224 41.23 -65.94 -63.42
C ASN TA 224 41.06 -66.65 -64.76
N GLY TA 225 42.04 -66.49 -65.63
CA GLY TA 225 42.06 -67.20 -66.89
C GLY TA 225 40.76 -67.10 -67.66
N LEU TA 226 40.07 -65.97 -67.52
CA LEU TA 226 38.76 -65.78 -68.14
C LEU TA 226 38.74 -64.44 -68.85
N THR TA 227 38.60 -64.47 -70.17
CA THR TA 227 38.64 -63.27 -70.98
C THR TA 227 37.28 -63.02 -71.62
N PHE TA 228 36.92 -61.76 -71.74
CA PHE TA 228 35.60 -61.43 -72.26
C PHE TA 228 35.61 -60.03 -72.84
N THR TA 229 34.56 -59.72 -73.59
CA THR TA 229 34.32 -58.37 -74.08
C THR TA 229 32.99 -57.88 -73.53
N ALA TA 230 32.80 -56.56 -73.59
CA ALA TA 230 31.63 -55.94 -72.99
C ALA TA 230 31.01 -54.94 -73.96
N HIS TA 231 29.71 -54.72 -73.81
CA HIS TA 231 28.99 -53.75 -74.59
C HIS TA 231 28.22 -52.85 -73.63
N GLY TA 232 27.96 -51.62 -74.06
CA GLY TA 232 27.15 -50.72 -73.28
C GLY TA 232 27.58 -49.28 -73.49
N GLN TA 233 27.03 -48.41 -72.65
CA GLN TA 233 27.32 -46.99 -72.73
C GLN TA 233 27.10 -46.37 -71.36
N THR TA 234 27.65 -45.17 -71.17
CA THR TA 234 27.60 -44.52 -69.88
C THR TA 234 27.29 -43.04 -70.07
N ARG TA 235 26.88 -42.40 -68.98
CA ARG TA 235 26.64 -40.97 -68.99
C ARG TA 235 27.38 -40.30 -67.85
N LEU TA 236 27.53 -38.99 -67.97
CA LEU TA 236 28.15 -38.17 -66.94
C LEU TA 236 27.30 -36.95 -66.68
N TYR TA 237 27.63 -36.25 -65.59
CA TYR TA 237 26.91 -35.05 -65.20
C TYR TA 237 27.92 -34.06 -64.63
N PHE TA 238 27.87 -32.82 -65.07
CA PHE TA 238 28.83 -31.83 -64.59
C PHE TA 238 28.35 -30.44 -64.99
N LYS TA 239 29.11 -29.44 -64.54
CA LYS TA 239 28.90 -28.07 -64.99
C LYS TA 239 30.22 -27.31 -64.90
N SER TA 240 30.42 -26.40 -65.83
CA SER TA 240 31.59 -25.54 -65.78
C SER TA 240 31.40 -24.48 -64.71
N VAL TA 241 32.52 -23.90 -64.26
CA VAL TA 241 32.49 -22.82 -63.28
C VAL TA 241 33.81 -22.07 -63.38
N GLY TA 242 33.82 -20.85 -62.87
CA GLY TA 242 35.03 -20.07 -62.77
C GLY TA 242 35.10 -18.98 -63.82
N ASN TA 243 36.17 -18.18 -63.71
CA ASN TA 243 36.43 -17.07 -64.63
C ASN TA 243 35.24 -16.14 -64.72
N ALA UA 31 -59.58 -17.40 -16.96
CA ALA UA 31 -60.72 -18.26 -17.29
C ALA UA 31 -62.03 -17.68 -16.74
N GLY UA 32 -62.57 -16.70 -17.45
CA GLY UA 32 -63.80 -16.05 -17.03
C GLY UA 32 -63.84 -14.64 -17.54
N SER UA 33 -64.91 -13.93 -17.19
CA SER UA 33 -65.04 -12.54 -17.59
C SER UA 33 -65.46 -11.64 -16.43
N LYS UA 34 -64.57 -10.75 -16.00
CA LYS UA 34 -64.86 -9.76 -14.96
C LYS UA 34 -65.58 -10.37 -13.77
N ALA UA 35 -65.16 -11.57 -13.39
CA ALA UA 35 -65.75 -12.24 -12.25
C ALA UA 35 -65.46 -11.47 -10.97
N ASP UA 36 -66.41 -11.52 -10.05
CA ASP UA 36 -66.33 -10.80 -8.79
C ASP UA 36 -66.80 -11.69 -7.65
N ARG UA 37 -66.09 -11.59 -6.53
CA ARG UA 37 -66.30 -12.50 -5.40
C ARG UA 37 -67.75 -12.59 -4.95
N PRO UA 38 -68.50 -11.50 -4.77
CA PRO UA 38 -69.92 -11.65 -4.45
C PRO UA 38 -70.68 -12.24 -5.63
N SER UA 39 -71.81 -12.86 -5.32
CA SER UA 39 -72.60 -13.53 -6.33
C SER UA 39 -73.19 -12.52 -7.32
N LEU UA 40 -73.61 -13.03 -8.46
CA LEU UA 40 -74.16 -12.21 -9.52
C LEU UA 40 -75.64 -12.53 -9.72
N GLN UA 41 -76.39 -11.54 -10.16
CA GLN UA 41 -77.83 -11.70 -10.27
C GLN UA 41 -78.18 -12.70 -11.37
N ILE UA 42 -79.40 -13.21 -11.31
CA ILE UA 42 -79.86 -14.25 -12.21
C ILE UA 42 -81.21 -13.88 -12.78
N GLN UA 43 -81.39 -14.10 -14.08
CA GLN UA 43 -82.69 -13.95 -14.73
C GLN UA 43 -82.96 -15.15 -15.60
N THR UA 44 -84.23 -15.56 -15.67
CA THR UA 44 -84.62 -16.75 -16.40
C THR UA 44 -85.72 -16.44 -17.39
N LEU UA 45 -85.92 -17.36 -18.32
CA LEU UA 45 -87.03 -17.29 -19.24
C LEU UA 45 -87.69 -18.66 -19.31
N GLN UA 46 -89.00 -18.65 -19.51
CA GLN UA 46 -89.78 -19.87 -19.52
C GLN UA 46 -90.47 -20.00 -20.87
N HIS UA 47 -90.04 -20.96 -21.66
CA HIS UA 47 -90.70 -21.26 -22.93
C HIS UA 47 -91.17 -22.70 -22.88
N ALA UA 48 -92.47 -22.90 -22.81
CA ALA UA 48 -93.06 -24.22 -22.65
C ALA UA 48 -94.57 -24.05 -22.64
N GLY UA 49 -95.27 -25.16 -22.86
CA GLY UA 49 -96.72 -25.15 -22.74
C GLY UA 49 -97.34 -24.12 -23.66
N THR UA 50 -98.07 -23.18 -23.06
CA THR UA 50 -98.69 -22.10 -23.82
C THR UA 50 -97.65 -21.35 -24.66
N THR UA 51 -96.49 -21.10 -24.09
CA THR UA 51 -95.44 -20.37 -24.79
C THR UA 51 -94.45 -21.37 -25.33
N MET UA 52 -94.50 -21.61 -26.63
CA MET UA 52 -93.52 -22.43 -27.32
C MET UA 52 -93.09 -21.67 -28.55
N ILE UA 53 -91.81 -21.32 -28.62
CA ILE UA 53 -91.31 -20.66 -29.82
C ILE UA 53 -91.62 -21.55 -31.01
N THR UA 54 -92.32 -21.01 -31.99
CA THR UA 54 -92.75 -21.75 -33.16
C THR UA 54 -92.33 -20.97 -34.40
N VAL UA 55 -91.56 -21.61 -35.27
CA VAL UA 55 -90.91 -20.88 -36.36
C VAL UA 55 -91.41 -21.35 -37.71
N PRO UA 56 -92.18 -20.53 -38.41
CA PRO UA 56 -92.40 -20.76 -39.84
C PRO UA 56 -91.17 -20.36 -40.63
N SER UA 57 -91.13 -20.81 -41.88
CA SER UA 57 -90.00 -20.51 -42.76
C SER UA 57 -89.75 -19.02 -42.81
N GLY UA 58 -88.48 -18.64 -42.66
CA GLY UA 58 -88.11 -17.24 -42.59
C GLY UA 58 -87.74 -16.75 -41.23
N GLY UA 59 -87.75 -17.60 -40.21
CA GLY UA 59 -87.24 -17.24 -38.91
C GLY UA 59 -88.16 -16.31 -38.14
N VAL UA 60 -87.74 -16.00 -36.93
CA VAL UA 60 -88.49 -15.11 -36.06
C VAL UA 60 -87.52 -14.30 -35.22
N CYS UA 61 -87.86 -13.03 -35.01
CA CYS UA 61 -87.06 -12.11 -34.23
C CYS UA 61 -87.57 -12.09 -32.80
N ASP UA 62 -86.67 -11.93 -31.85
CA ASP UA 62 -87.05 -11.87 -30.45
C ASP UA 62 -85.97 -11.15 -29.66
N LEU UA 63 -86.36 -10.67 -28.48
CA LEU UA 63 -85.45 -10.01 -27.57
C LEU UA 63 -85.41 -10.75 -26.25
N ILE UA 64 -84.22 -11.15 -25.82
CA ILE UA 64 -84.05 -11.90 -24.59
C ILE UA 64 -83.60 -11.05 -23.42
N ASN UA 65 -83.35 -9.77 -23.61
CA ASN UA 65 -82.68 -9.00 -22.58
C ASN UA 65 -83.63 -8.31 -21.63
N THR UA 66 -84.93 -8.57 -21.75
CA THR UA 66 -85.94 -7.87 -20.96
C THR UA 66 -85.65 -7.95 -19.47
N TYR UA 67 -85.73 -6.80 -18.81
CA TYR UA 67 -85.52 -6.68 -17.37
C TYR UA 67 -86.54 -5.70 -16.81
N ALA UA 68 -87.19 -6.08 -15.72
CA ALA UA 68 -88.00 -5.12 -15.00
C ALA UA 68 -87.13 -4.32 -14.03
N ARG UA 69 -87.75 -3.35 -13.35
CA ARG UA 69 -87.07 -2.59 -12.32
C ARG UA 69 -87.94 -2.58 -11.07
N GLY UA 70 -87.31 -2.84 -9.92
CA GLY UA 70 -88.06 -2.83 -8.68
C GLY UA 70 -87.28 -3.52 -7.58
N SER UA 71 -88.05 -4.00 -6.60
CA SER UA 71 -87.44 -4.62 -5.43
C SER UA 71 -86.99 -6.04 -5.72
N ASP UA 72 -87.76 -6.77 -6.53
CA ASP UA 72 -87.53 -8.19 -6.70
C ASP UA 72 -86.15 -8.47 -7.26
N GLU UA 73 -85.55 -9.56 -6.79
CA GLU UA 73 -84.25 -9.96 -7.31
C GLU UA 73 -84.39 -10.40 -8.76
N GLY UA 74 -83.39 -10.06 -9.56
CA GLY UA 74 -83.42 -10.35 -10.97
C GLY UA 74 -83.86 -9.15 -11.76
N ASN UA 75 -84.60 -8.26 -11.12
CA ASN UA 75 -84.90 -6.99 -11.76
C ASN UA 75 -83.73 -6.04 -11.61
N ARG UA 76 -83.61 -5.10 -12.53
CA ARG UA 76 -82.49 -4.18 -12.51
C ARG UA 76 -82.73 -3.06 -11.51
N HIS UA 77 -81.72 -2.78 -10.69
CA HIS UA 77 -81.82 -1.72 -9.70
C HIS UA 77 -81.46 -0.36 -10.24
N THR UA 78 -80.78 -0.28 -11.37
CA THR UA 78 -80.24 1.00 -11.82
C THR UA 78 -80.65 1.29 -13.25
N SER UA 79 -80.08 2.35 -13.82
CA SER UA 79 -80.33 2.66 -15.21
C SER UA 79 -79.24 2.13 -16.13
N GLU UA 80 -78.24 1.43 -15.58
CA GLU UA 80 -77.09 0.98 -16.36
C GLU UA 80 -76.81 -0.48 -16.03
N THR UA 81 -76.72 -1.31 -17.06
CA THR UA 81 -76.58 -2.75 -16.87
C THR UA 81 -75.53 -3.32 -17.80
N LEU UA 82 -74.70 -4.21 -17.27
CA LEU UA 82 -73.77 -5.01 -18.05
C LEU UA 82 -74.16 -6.47 -17.90
N THR UA 83 -74.04 -7.23 -18.98
CA THR UA 83 -74.28 -8.66 -18.94
C THR UA 83 -72.98 -9.40 -19.28
N TYR UA 84 -72.86 -10.62 -18.78
CA TYR UA 84 -71.61 -11.35 -18.98
C TYR UA 84 -71.81 -12.72 -19.60
N LYS UA 85 -72.28 -13.67 -18.81
CA LYS UA 85 -72.30 -15.06 -19.20
C LYS UA 85 -73.72 -15.50 -19.49
N ILE UA 86 -73.87 -16.37 -20.48
CA ILE UA 86 -75.19 -16.86 -20.87
C ILE UA 86 -75.11 -18.35 -21.17
N ALA UA 87 -76.13 -19.08 -20.75
CA ALA UA 87 -76.23 -20.51 -21.02
C ALA UA 87 -77.59 -20.78 -21.63
N ILE UA 88 -77.64 -21.70 -22.58
CA ILE UA 88 -78.85 -21.95 -23.33
C ILE UA 88 -79.09 -23.45 -23.38
N ASP UA 89 -80.31 -23.86 -23.06
CA ASP UA 89 -80.76 -25.23 -23.20
C ASP UA 89 -82.10 -25.25 -23.91
N TYR UA 90 -82.28 -26.21 -24.80
CA TYR UA 90 -83.59 -26.40 -25.42
C TYR UA 90 -83.76 -27.83 -25.86
N HIS UA 91 -85.01 -28.18 -26.11
CA HIS UA 91 -85.33 -29.34 -26.91
C HIS UA 91 -85.94 -28.89 -28.23
N PHE UA 92 -85.64 -29.63 -29.28
CA PHE UA 92 -86.27 -29.44 -30.59
C PHE UA 92 -87.09 -30.67 -30.94
N VAL UA 93 -88.12 -30.45 -31.76
CA VAL UA 93 -88.85 -31.57 -32.34
C VAL UA 93 -89.44 -31.11 -33.66
N ALA UA 94 -89.46 -32.00 -34.63
CA ALA UA 94 -90.09 -31.68 -35.90
C ALA UA 94 -91.58 -31.56 -35.73
N ASP UA 95 -92.21 -30.82 -36.64
CA ASP UA 95 -93.65 -30.68 -36.65
C ASP UA 95 -94.24 -31.64 -37.66
N ALA UA 96 -95.35 -32.29 -37.27
CA ALA UA 96 -96.02 -33.21 -38.17
C ALA UA 96 -96.47 -32.51 -39.45
N ALA UA 97 -96.77 -31.21 -39.36
CA ALA UA 97 -97.20 -30.47 -40.54
C ALA UA 97 -96.23 -30.60 -41.69
N ALA UA 98 -94.93 -30.63 -41.41
CA ALA UA 98 -93.92 -30.82 -42.43
C ALA UA 98 -93.48 -32.27 -42.59
N CYS UA 99 -93.97 -33.17 -41.75
CA CYS UA 99 -93.55 -34.56 -41.85
C CYS UA 99 -94.13 -35.27 -43.07
N ARG UA 100 -95.03 -34.63 -43.80
CA ARG UA 100 -95.58 -35.26 -45.00
C ARG UA 100 -94.54 -35.44 -46.09
N TYR UA 101 -93.34 -34.90 -45.92
CA TYR UA 101 -92.25 -35.05 -46.86
C TYR UA 101 -91.05 -35.63 -46.14
N SER UA 102 -90.09 -36.12 -46.92
CA SER UA 102 -88.88 -36.69 -46.35
C SER UA 102 -87.67 -36.02 -46.97
N ASN UA 103 -86.97 -35.21 -46.18
CA ASN UA 103 -85.67 -34.69 -46.57
C ASN UA 103 -84.97 -34.22 -45.31
N THR UA 104 -83.67 -34.04 -45.43
CA THR UA 104 -82.91 -33.43 -44.35
C THR UA 104 -82.88 -31.93 -44.55
N GLY UA 105 -82.04 -31.26 -43.77
CA GLY UA 105 -81.87 -29.84 -43.91
C GLY UA 105 -80.80 -29.36 -42.94
N THR UA 106 -80.69 -28.04 -42.83
CA THR UA 106 -79.75 -27.45 -41.88
C THR UA 106 -80.35 -26.18 -41.31
N GLY UA 107 -80.24 -26.03 -39.98
CA GLY UA 107 -80.71 -24.85 -39.29
C GLY UA 107 -79.58 -23.97 -38.78
N VAL UA 108 -79.96 -22.82 -38.26
CA VAL UA 108 -79.02 -21.80 -37.81
C VAL UA 108 -79.60 -21.06 -36.62
N MET UA 109 -78.74 -20.74 -35.68
CA MET UA 109 -79.09 -19.89 -34.55
C MET UA 109 -78.03 -18.81 -34.43
N TRP UA 110 -78.44 -17.55 -34.44
CA TRP UA 110 -77.51 -16.45 -34.26
C TRP UA 110 -77.78 -15.73 -32.95
N LEU UA 111 -76.74 -15.06 -32.47
CA LEU UA 111 -76.87 -14.15 -31.35
C LEU UA 111 -76.43 -12.79 -31.85
N VAL UA 112 -77.37 -11.86 -31.98
CA VAL UA 112 -77.17 -10.61 -32.69
C VAL UA 112 -77.24 -9.45 -31.71
N TYR UA 113 -76.25 -8.57 -31.77
CA TYR UA 113 -76.19 -7.41 -30.92
C TYR UA 113 -76.56 -6.15 -31.72
N ASP UA 114 -77.25 -5.23 -31.06
CA ASP UA 114 -77.74 -4.02 -31.68
C ASP UA 114 -77.10 -2.80 -31.03
N THR UA 115 -77.07 -1.70 -31.79
CA THR UA 115 -76.64 -0.43 -31.24
C THR UA 115 -77.85 0.39 -30.83
N THR UA 116 -78.59 0.92 -31.79
CA THR UA 116 -79.77 1.72 -31.52
C THR UA 116 -80.98 1.02 -32.12
N PRO UA 117 -81.92 0.55 -31.32
CA PRO UA 117 -83.11 -0.09 -31.88
C PRO UA 117 -84.07 0.95 -32.42
N GLY UA 118 -84.75 0.59 -33.50
CA GLY UA 118 -85.82 1.42 -33.99
C GLY UA 118 -87.01 1.38 -33.07
N GLY UA 119 -88.00 2.21 -33.38
CA GLY UA 119 -89.23 2.19 -32.63
C GLY UA 119 -90.05 0.94 -32.86
N GLN UA 120 -89.77 0.21 -33.93
CA GLN UA 120 -90.52 -0.98 -34.30
C GLN UA 120 -89.62 -2.20 -34.23
N ALA UA 121 -90.23 -3.36 -34.01
CA ALA UA 121 -89.47 -4.58 -33.86
C ALA UA 121 -88.90 -5.02 -35.21
N PRO UA 122 -87.63 -5.39 -35.27
CA PRO UA 122 -87.06 -5.83 -36.53
C PRO UA 122 -87.59 -7.19 -36.92
N THR UA 123 -87.42 -7.51 -38.20
CA THR UA 123 -87.72 -8.83 -38.72
C THR UA 123 -86.51 -9.30 -39.52
N PRO UA 124 -86.26 -10.60 -39.59
CA PRO UA 124 -85.06 -11.07 -40.28
C PRO UA 124 -84.91 -10.51 -41.68
N GLN UA 125 -85.99 -10.48 -42.45
CA GLN UA 125 -85.89 -9.98 -43.81
C GLN UA 125 -85.32 -8.58 -43.83
N THR UA 126 -85.57 -7.82 -42.77
CA THR UA 126 -84.99 -6.49 -42.67
C THR UA 126 -83.54 -6.54 -42.20
N ILE UA 127 -83.20 -7.48 -41.33
CA ILE UA 127 -81.85 -7.47 -40.79
C ILE UA 127 -80.86 -8.00 -41.81
N PHE UA 128 -81.29 -8.90 -42.68
CA PHE UA 128 -80.42 -9.49 -43.68
C PHE UA 128 -81.03 -9.24 -45.04
N ALA UA 129 -80.26 -8.62 -45.93
CA ALA UA 129 -80.76 -8.43 -47.28
C ALA UA 129 -80.58 -9.72 -48.05
N TYR UA 130 -81.68 -10.31 -48.47
CA TYR UA 130 -81.55 -11.53 -49.23
C TYR UA 130 -82.58 -11.57 -50.34
N PRO UA 131 -82.20 -12.04 -51.52
CA PRO UA 131 -83.19 -12.24 -52.58
C PRO UA 131 -84.14 -13.36 -52.21
N ASP UA 132 -85.31 -13.34 -52.83
CA ASP UA 132 -86.33 -14.33 -52.54
C ASP UA 132 -85.83 -15.74 -52.84
N THR UA 133 -84.94 -15.87 -53.83
CA THR UA 133 -84.41 -17.17 -54.18
C THR UA 133 -83.72 -17.84 -53.03
N LEU UA 134 -82.86 -17.11 -52.32
CA LEU UA 134 -82.09 -17.69 -51.22
C LEU UA 134 -82.92 -17.98 -49.99
N LYS UA 135 -84.19 -17.58 -49.96
CA LYS UA 135 -85.01 -17.79 -48.77
C LYS UA 135 -85.01 -19.24 -48.33
N ALA UA 136 -84.85 -20.16 -49.28
CA ALA UA 136 -84.78 -21.58 -48.95
C ALA UA 136 -83.63 -21.86 -47.99
N TRP UA 137 -82.42 -21.49 -48.37
CA TRP UA 137 -81.29 -21.93 -47.57
C TRP UA 137 -80.79 -20.77 -46.75
N PRO UA 138 -81.09 -20.73 -45.45
CA PRO UA 138 -80.66 -19.58 -44.67
C PRO UA 138 -79.16 -19.55 -44.45
N ALA UA 139 -78.55 -20.72 -44.30
CA ALA UA 139 -77.20 -20.78 -43.77
C ALA UA 139 -76.22 -19.98 -44.59
N THR UA 140 -76.59 -19.57 -45.79
CA THR UA 140 -75.75 -18.70 -46.59
C THR UA 140 -75.93 -17.23 -46.27
N TRP UA 141 -77.00 -16.87 -45.56
CA TRP UA 141 -77.23 -15.47 -45.28
C TRP UA 141 -76.04 -14.87 -44.57
N LYS UA 142 -75.77 -13.60 -44.84
CA LYS UA 142 -74.79 -12.85 -44.07
C LYS UA 142 -75.29 -11.42 -43.92
N VAL UA 143 -74.69 -10.71 -42.98
CA VAL UA 143 -75.18 -9.38 -42.62
C VAL UA 143 -75.10 -8.46 -43.83
N SER UA 144 -76.16 -7.69 -44.03
CA SER UA 144 -76.22 -6.77 -45.16
C SER UA 144 -75.27 -5.59 -44.96
N ARG UA 145 -74.79 -5.03 -46.06
CA ARG UA 145 -73.76 -4.00 -45.97
C ARG UA 145 -74.32 -2.64 -45.59
N GLU UA 146 -75.56 -2.36 -45.95
CA GLU UA 146 -76.12 -1.04 -45.65
C GLU UA 146 -76.09 -0.76 -44.17
N LEU UA 147 -76.37 -1.76 -43.35
CA LEU UA 147 -76.44 -1.62 -41.91
C LEU UA 147 -75.13 -1.97 -41.24
N CYS UA 148 -74.07 -2.16 -42.02
CA CYS UA 148 -72.83 -2.81 -41.58
C CYS UA 148 -72.37 -2.35 -40.22
N HIS UA 149 -72.49 -1.07 -39.94
CA HIS UA 149 -72.09 -0.58 -38.63
C HIS UA 149 -73.23 -0.54 -37.63
N ARG UA 150 -74.47 -0.77 -38.06
CA ARG UA 150 -75.57 -0.72 -37.10
C ARG UA 150 -75.70 -2.02 -36.32
N PHE UA 151 -75.33 -3.14 -36.91
CA PHE UA 151 -75.50 -4.44 -36.28
C PHE UA 151 -74.19 -5.21 -36.29
N VAL UA 152 -74.15 -6.26 -35.48
CA VAL UA 152 -73.01 -7.18 -35.45
C VAL UA 152 -73.49 -8.48 -34.84
N VAL UA 153 -72.75 -9.55 -35.10
CA VAL UA 153 -73.11 -10.88 -34.61
C VAL UA 153 -71.93 -11.41 -33.81
N LYS UA 154 -72.13 -11.60 -32.52
CA LYS UA 154 -71.02 -12.00 -31.66
C LYS UA 154 -70.92 -13.50 -31.48
N ARG UA 155 -71.92 -14.27 -31.92
CA ARG UA 155 -71.84 -15.73 -31.84
C ARG UA 155 -72.61 -16.33 -32.99
N ARG UA 156 -72.34 -17.61 -33.24
CA ARG UA 156 -73.00 -18.35 -34.30
C ARG UA 156 -73.05 -19.82 -33.91
N TRP UA 157 -74.09 -20.51 -34.35
CA TRP UA 157 -74.15 -21.94 -34.11
C TRP UA 157 -74.86 -22.63 -35.25
N LEU UA 158 -74.54 -23.91 -35.43
CA LEU UA 158 -75.16 -24.73 -36.45
C LEU UA 158 -75.78 -25.96 -35.82
N PHE UA 159 -76.77 -26.50 -36.52
CA PHE UA 159 -77.36 -27.77 -36.15
C PHE UA 159 -78.05 -28.31 -37.38
N ASN UA 160 -78.33 -29.60 -37.35
CA ASN UA 160 -79.01 -30.23 -38.48
C ASN UA 160 -79.97 -31.28 -37.97
N MET UA 161 -81.02 -31.51 -38.75
CA MET UA 161 -82.06 -32.44 -38.38
C MET UA 161 -82.74 -32.92 -39.65
N GLU UA 162 -83.49 -34.02 -39.52
CA GLU UA 162 -84.11 -34.62 -40.68
C GLU UA 162 -85.32 -35.41 -40.23
N THR UA 163 -86.19 -35.69 -41.18
CA THR UA 163 -87.38 -36.47 -40.92
C THR UA 163 -87.57 -37.50 -42.02
N ASP UA 164 -88.09 -38.65 -41.63
CA ASP UA 164 -88.29 -39.76 -42.54
C ASP UA 164 -89.71 -39.83 -43.08
N GLY UA 165 -90.58 -38.92 -42.68
CA GLY UA 165 -91.97 -38.99 -43.09
C GLY UA 165 -92.83 -39.89 -42.23
N ARG UA 166 -92.54 -40.03 -40.95
CA ARG UA 166 -93.32 -40.87 -40.06
C ARG UA 166 -93.50 -40.19 -38.73
N ILE UA 167 -94.74 -40.09 -38.27
CA ILE UA 167 -95.03 -39.48 -36.98
C ILE UA 167 -94.72 -40.50 -35.89
N GLY UA 168 -94.39 -40.00 -34.70
CA GLY UA 168 -93.97 -40.89 -33.63
C GLY UA 168 -95.03 -41.89 -33.22
N SER UA 169 -96.27 -41.42 -33.06
CA SER UA 169 -97.32 -42.27 -32.51
C SER UA 169 -97.68 -43.44 -33.41
N ASP UA 170 -97.14 -43.51 -34.62
CA ASP UA 170 -97.52 -44.54 -35.57
C ASP UA 170 -96.85 -45.87 -35.20
N ILE UA 171 -97.65 -46.94 -35.21
CA ILE UA 171 -97.17 -48.27 -34.86
C ILE UA 171 -96.53 -48.94 -36.07
N PRO UA 172 -95.29 -49.38 -35.97
CA PRO UA 172 -94.70 -50.14 -37.06
C PRO UA 172 -95.48 -51.42 -37.32
N PRO UA 173 -95.61 -51.83 -38.56
CA PRO UA 173 -96.18 -53.14 -38.85
C PRO UA 173 -95.22 -54.23 -38.42
N SER UA 174 -95.79 -55.39 -38.07
CA SER UA 174 -95.01 -56.47 -37.50
C SER UA 174 -93.99 -57.05 -38.49
N ASN UA 175 -94.05 -56.67 -39.76
CA ASN UA 175 -93.14 -57.26 -40.74
C ASN UA 175 -91.74 -56.66 -40.68
N ALA UA 176 -91.63 -55.33 -40.68
CA ALA UA 176 -90.34 -54.68 -40.84
C ALA UA 176 -90.26 -53.49 -39.89
N SER UA 177 -89.06 -52.91 -39.80
CA SER UA 177 -88.81 -51.85 -38.83
C SER UA 177 -88.10 -50.64 -39.42
N TRP UA 178 -87.70 -49.71 -38.55
CA TRP UA 178 -86.99 -48.52 -38.99
C TRP UA 178 -85.95 -48.14 -37.94
N LYS UA 179 -84.88 -47.49 -38.39
CA LYS UA 179 -83.96 -46.82 -37.50
C LYS UA 179 -84.12 -45.32 -37.74
N PRO UA 180 -84.84 -44.61 -36.89
CA PRO UA 180 -85.00 -43.18 -37.10
C PRO UA 180 -84.04 -42.35 -36.27
N CYS UA 181 -82.74 -42.53 -36.47
CA CYS UA 181 -81.78 -41.73 -35.72
C CYS UA 181 -81.97 -40.25 -36.01
N LYS UA 182 -81.85 -39.45 -34.96
CA LYS UA 182 -81.90 -38.00 -35.07
C LYS UA 182 -83.21 -37.51 -35.68
N ARG UA 183 -84.33 -37.99 -35.13
CA ARG UA 183 -85.57 -37.28 -35.40
C ARG UA 183 -85.66 -36.01 -34.56
N ASN UA 184 -85.30 -36.10 -33.30
CA ASN UA 184 -85.24 -34.96 -32.42
C ASN UA 184 -83.84 -34.85 -31.84
N ILE UA 185 -83.52 -33.67 -31.29
CA ILE UA 185 -82.16 -33.35 -30.95
C ILE UA 185 -82.13 -32.53 -29.66
N TYR UA 186 -81.04 -32.66 -28.92
CA TYR UA 186 -80.83 -31.96 -27.67
C TYR UA 186 -79.70 -30.96 -27.86
N PHE UA 187 -80.01 -29.68 -27.75
CA PHE UA 187 -79.07 -28.63 -28.08
C PHE UA 187 -78.79 -27.76 -26.86
N HIS UA 188 -77.51 -27.54 -26.58
CA HIS UA 188 -77.12 -26.70 -25.46
C HIS UA 188 -75.77 -26.09 -25.73
N LYS UA 189 -75.56 -24.88 -25.23
CA LYS UA 189 -74.28 -24.21 -25.33
C LYS UA 189 -74.09 -23.35 -24.10
N PHE UA 190 -72.83 -23.09 -23.77
CA PHE UA 190 -72.47 -22.29 -22.62
C PHE UA 190 -71.29 -21.44 -23.01
N THR UA 191 -71.38 -20.12 -22.81
CA THR UA 191 -70.29 -19.25 -23.23
C THR UA 191 -70.13 -18.07 -22.27
N SER UA 192 -68.88 -17.80 -21.89
CA SER UA 192 -68.57 -16.68 -21.02
C SER UA 192 -68.00 -15.47 -21.76
N GLY UA 193 -67.81 -15.58 -23.07
CA GLY UA 193 -66.95 -14.61 -23.75
C GLY UA 193 -67.54 -13.22 -23.82
N LEU UA 194 -68.81 -13.12 -24.21
CA LEU UA 194 -69.35 -11.85 -24.62
C LEU UA 194 -69.45 -10.88 -23.45
N GLY UA 195 -69.60 -9.62 -23.79
CA GLY UA 195 -70.02 -8.62 -22.82
C GLY UA 195 -70.74 -7.52 -23.56
N VAL UA 196 -71.67 -6.87 -22.86
CA VAL UA 196 -72.58 -5.92 -23.49
C VAL UA 196 -72.85 -4.78 -22.52
N ARG UA 197 -72.93 -3.57 -23.05
CA ARG UA 197 -73.21 -2.39 -22.25
C ARG UA 197 -74.55 -1.83 -22.67
N THR UA 198 -75.45 -1.65 -21.70
CA THR UA 198 -76.81 -1.23 -21.98
C THR UA 198 -77.22 -0.10 -21.06
N GLN UA 199 -77.98 0.85 -21.59
CA GLN UA 199 -78.57 1.92 -20.79
C GLN UA 199 -80.04 2.01 -21.10
N TRP UA 200 -80.78 2.66 -20.22
CA TRP UA 200 -82.23 2.60 -20.24
C TRP UA 200 -82.84 3.99 -20.16
N LYS UA 201 -83.95 4.17 -20.86
CA LYS UA 201 -84.82 5.29 -20.56
C LYS UA 201 -85.44 5.07 -19.19
N ASN UA 202 -85.98 6.13 -18.60
CA ASN UA 202 -86.49 6.04 -17.25
C ASN UA 202 -87.97 5.70 -17.32
N VAL UA 203 -88.30 4.45 -17.00
CA VAL UA 203 -89.66 3.94 -16.87
C VAL UA 203 -89.59 2.71 -15.98
N THR UA 204 -90.74 2.11 -15.69
CA THR UA 204 -90.74 0.84 -14.98
C THR UA 204 -90.51 -0.33 -15.92
N ASP UA 205 -91.05 -0.24 -17.12
CA ASP UA 205 -91.28 -1.41 -17.95
C ASP UA 205 -89.97 -2.05 -18.41
N GLY UA 206 -90.08 -3.31 -18.79
CA GLY UA 206 -88.97 -4.04 -19.37
C GLY UA 206 -89.10 -4.33 -20.85
N GLY UA 207 -90.07 -3.71 -21.53
CA GLY UA 207 -90.26 -3.95 -22.95
C GLY UA 207 -89.15 -3.35 -23.79
N VAL UA 208 -89.29 -3.54 -25.09
CA VAL UA 208 -88.27 -3.05 -26.01
C VAL UA 208 -88.26 -1.52 -26.09
N GLY UA 209 -89.43 -0.89 -26.01
CA GLY UA 209 -89.49 0.55 -26.18
C GLY UA 209 -88.68 1.32 -25.16
N ALA UA 210 -88.31 0.68 -24.05
CA ALA UA 210 -87.61 1.38 -22.98
C ALA UA 210 -86.13 1.55 -23.28
N ILE UA 211 -85.52 0.63 -24.01
CA ILE UA 211 -84.06 0.61 -24.11
C ILE UA 211 -83.58 1.76 -24.97
N GLN UA 212 -82.58 2.48 -24.46
CA GLN UA 212 -81.96 3.54 -25.25
C GLN UA 212 -80.90 2.98 -26.18
N ARG UA 213 -80.07 2.05 -25.68
CA ARG UA 213 -78.96 1.55 -26.49
C ARG UA 213 -78.57 0.17 -25.99
N GLY UA 214 -78.03 -0.66 -26.88
CA GLY UA 214 -77.51 -1.96 -26.50
C GLY UA 214 -78.47 -3.13 -26.47
N ALA UA 215 -79.47 -3.14 -27.33
CA ALA UA 215 -80.39 -4.26 -27.36
C ALA UA 215 -79.69 -5.53 -27.81
N LEU UA 216 -80.30 -6.66 -27.49
CA LEU UA 216 -79.72 -7.98 -27.77
C LEU UA 216 -80.80 -8.90 -28.31
N TYR UA 217 -80.61 -9.39 -29.53
CA TYR UA 217 -81.60 -10.20 -30.21
C TYR UA 217 -81.15 -11.64 -30.37
N MET UA 218 -82.12 -12.54 -30.42
CA MET UA 218 -81.90 -13.94 -30.74
C MET UA 218 -82.75 -14.31 -31.94
N VAL UA 219 -82.19 -15.09 -32.85
CA VAL UA 219 -82.85 -15.41 -34.11
C VAL UA 219 -82.70 -16.89 -34.39
N ILE UA 220 -83.76 -17.50 -34.90
CA ILE UA 220 -83.77 -18.92 -35.25
C ILE UA 220 -84.10 -19.05 -36.73
N ALA UA 221 -83.29 -19.82 -37.45
CA ALA UA 221 -83.45 -20.01 -38.88
C ALA UA 221 -83.77 -21.47 -39.18
N PRO UA 222 -84.93 -21.79 -39.71
CA PRO UA 222 -85.26 -23.18 -39.99
C PRO UA 222 -84.54 -23.68 -41.22
N GLY UA 223 -84.49 -25.00 -41.34
CA GLY UA 223 -84.01 -25.63 -42.56
C GLY UA 223 -85.00 -25.48 -43.69
N ASN UA 224 -84.53 -25.82 -44.89
CA ASN UA 224 -85.36 -25.69 -46.08
C ASN UA 224 -86.66 -26.45 -45.94
N GLY UA 225 -87.77 -25.75 -46.13
CA GLY UA 225 -89.08 -26.37 -46.13
C GLY UA 225 -89.33 -27.25 -44.93
N LEU UA 226 -88.74 -26.91 -43.79
CA LEU UA 226 -88.82 -27.73 -42.59
C LEU UA 226 -89.20 -26.84 -41.41
N THR UA 227 -90.37 -27.09 -40.85
CA THR UA 227 -90.90 -26.28 -39.76
C THR UA 227 -90.97 -27.10 -38.48
N PHE UA 228 -90.71 -26.45 -37.36
CA PHE UA 228 -90.67 -27.16 -36.10
C PHE UA 228 -90.93 -26.19 -34.96
N THR UA 229 -91.20 -26.75 -33.78
CA THR UA 229 -91.30 -26.01 -32.54
C THR UA 229 -90.25 -26.51 -31.57
N ALA UA 230 -89.97 -25.70 -30.56
CA ALA UA 230 -88.90 -25.98 -29.62
C ALA UA 230 -89.39 -25.77 -28.20
N HIS UA 231 -88.77 -26.50 -27.27
CA HIS UA 231 -89.05 -26.36 -25.85
C HIS UA 231 -87.73 -26.15 -25.13
N GLY UA 232 -87.79 -25.48 -23.99
CA GLY UA 232 -86.62 -25.30 -23.16
C GLY UA 232 -86.68 -23.99 -22.41
N GLN UA 233 -85.54 -23.66 -21.80
CA GLN UA 233 -85.44 -22.44 -21.01
C GLN UA 233 -83.98 -22.01 -20.98
N THR UA 234 -83.76 -20.75 -20.62
CA THR UA 234 -82.43 -20.18 -20.64
C THR UA 234 -82.20 -19.34 -19.39
N ARG UA 235 -80.94 -19.05 -19.12
CA ARG UA 235 -80.57 -18.19 -18.01
C ARG UA 235 -79.65 -17.08 -18.48
N LEU UA 236 -79.56 -16.04 -17.66
CA LEU UA 236 -78.65 -14.92 -17.91
C LEU UA 236 -77.88 -14.61 -16.65
N TYR UA 237 -76.86 -13.77 -16.81
CA TYR UA 237 -76.03 -13.35 -15.71
C TYR UA 237 -75.64 -11.89 -15.92
N PHE UA 238 -75.80 -11.06 -14.90
CA PHE UA 238 -75.48 -9.65 -15.04
C PHE UA 238 -75.40 -9.02 -13.66
N LYS UA 239 -75.06 -7.73 -13.65
CA LYS UA 239 -75.13 -6.92 -12.44
C LYS UA 239 -75.34 -5.47 -12.82
N SER UA 240 -76.10 -4.76 -11.99
CA SER UA 240 -76.28 -3.34 -12.20
C SER UA 240 -75.01 -2.59 -11.77
N VAL UA 241 -74.88 -1.37 -12.28
CA VAL UA 241 -73.75 -0.51 -11.93
C VAL UA 241 -74.15 0.92 -12.23
N GLY UA 242 -73.44 1.87 -11.64
CA GLY UA 242 -73.61 3.28 -11.93
C GLY UA 242 -74.38 4.00 -10.85
N ASN UA 243 -74.49 5.32 -11.05
CA ASN UA 243 -75.20 6.21 -10.14
C ASN UA 243 -74.69 6.06 -8.72
N ALA VA 31 1.30 -55.04 33.34
CA ALA VA 31 1.23 -56.46 33.62
C ALA VA 31 2.29 -56.89 34.63
N GLY VA 32 2.02 -56.63 35.90
CA GLY VA 32 2.94 -56.95 36.96
C GLY VA 32 2.76 -56.01 38.14
N SER VA 33 3.59 -56.20 39.15
CA SER VA 33 3.55 -55.31 40.31
C SER VA 33 4.93 -54.85 40.74
N LYS VA 34 5.20 -53.55 40.59
CA LYS VA 34 6.45 -52.92 41.03
C LYS VA 34 7.67 -53.75 40.63
N ALA VA 35 7.64 -54.29 39.43
CA ALA VA 35 8.75 -55.07 38.92
C ALA VA 35 9.98 -54.18 38.76
N ASP VA 36 11.15 -54.78 38.99
CA ASP VA 36 12.41 -54.08 38.94
C ASP VA 36 13.45 -54.93 38.22
N ARG VA 37 14.26 -54.26 37.39
CA ARG VA 37 15.19 -54.95 36.51
C ARG VA 37 16.08 -55.97 37.22
N PRO VA 38 16.71 -55.67 38.34
CA PRO VA 38 17.46 -56.72 39.04
C PRO VA 38 16.52 -57.78 39.59
N SER VA 39 17.06 -58.97 39.78
CA SER VA 39 16.27 -60.09 40.24
C SER VA 39 15.77 -59.87 41.66
N LEU VA 40 14.75 -60.64 42.03
CA LEU VA 40 14.13 -60.52 43.34
C LEU VA 40 14.39 -61.79 44.15
N GLN VA 41 14.44 -61.63 45.46
CA GLN VA 41 14.80 -62.74 46.33
C GLN VA 41 13.71 -63.81 46.30
N ILE VA 42 14.08 -65.01 46.74
CA ILE VA 42 13.20 -66.16 46.68
C ILE VA 42 13.21 -66.88 48.02
N GLN VA 43 12.05 -67.30 48.48
CA GLN VA 43 11.92 -68.13 49.67
C GLN VA 43 10.96 -69.27 49.37
N THR VA 44 11.25 -70.44 49.94
CA THR VA 44 10.48 -71.63 49.68
C THR VA 44 10.00 -72.27 50.99
N LEU VA 45 9.04 -73.16 50.85
CA LEU VA 45 8.57 -73.96 51.97
C LEU VA 45 8.48 -75.40 51.52
N GLN VA 46 8.74 -76.31 52.44
CA GLN VA 46 8.76 -77.73 52.14
C GLN VA 46 7.72 -78.43 53.01
N HIS VA 47 6.66 -78.92 52.40
CA HIS VA 47 5.65 -79.70 53.11
C HIS VA 47 5.57 -81.07 52.44
N ALA VA 48 6.06 -82.09 53.13
CA ALA VA 48 6.14 -83.43 52.57
C ALA VA 48 6.69 -84.34 53.65
N GLY VA 49 6.51 -85.64 53.44
CA GLY VA 49 7.12 -86.61 54.35
C GLY VA 49 6.68 -86.38 55.77
N THR VA 50 7.67 -86.16 56.64
CA THR VA 50 7.38 -85.87 58.05
C THR VA 50 6.42 -84.70 58.19
N THR VA 51 6.59 -83.66 57.39
CA THR VA 51 5.74 -82.49 57.48
C THR VA 51 4.71 -82.58 56.36
N MET VA 52 3.48 -82.92 56.74
CA MET VA 52 2.36 -82.91 55.82
C MET VA 52 1.22 -82.19 56.52
N ILE VA 53 0.79 -81.07 55.95
CA ILE VA 53 -0.34 -80.37 56.53
C ILE VA 53 -1.52 -81.35 56.59
N THR VA 54 -2.06 -81.53 57.78
CA THR VA 54 -3.15 -82.47 58.00
C THR VA 54 -4.28 -81.74 58.72
N VAL VA 55 -5.47 -81.76 58.13
CA VAL VA 55 -6.54 -80.90 58.61
C VAL VA 55 -7.71 -81.71 59.14
N PRO VA 56 -7.93 -81.72 60.44
CA PRO VA 56 -9.21 -82.18 60.97
C PRO VA 56 -10.28 -81.12 60.75
N SER VA 57 -11.53 -81.54 60.90
CA SER VA 57 -12.66 -80.65 60.71
C SER VA 57 -12.49 -79.40 61.55
N GLY VA 58 -12.72 -78.24 60.94
CA GLY VA 58 -12.51 -76.98 61.60
C GLY VA 58 -11.28 -76.22 61.16
N GLY VA 59 -10.52 -76.75 60.22
CA GLY VA 59 -9.43 -76.01 59.62
C GLY VA 59 -8.22 -75.89 60.54
N VAL VA 60 -7.18 -75.26 60.01
CA VAL VA 60 -5.95 -75.04 60.76
C VAL VA 60 -5.36 -73.71 60.36
N CYS VA 61 -4.80 -73.01 61.33
CA CYS VA 61 -4.17 -71.72 61.13
C CYS VA 61 -2.68 -71.92 60.93
N ASP VA 62 -2.08 -71.08 60.09
CA ASP VA 62 -0.65 -71.16 59.85
C ASP VA 62 -0.15 -69.82 59.33
N LEU VA 63 1.16 -69.63 59.45
CA LEU VA 63 1.82 -68.43 58.94
C LEU VA 63 2.88 -68.82 57.93
N ILE VA 64 2.78 -68.25 56.74
CA ILE VA 64 3.71 -68.56 55.65
C ILE VA 64 4.79 -67.52 55.49
N ASN VA 65 4.79 -66.44 56.25
CA ASN VA 65 5.66 -65.32 55.93
C ASN VA 65 6.99 -65.39 56.64
N THR VA 66 7.27 -66.47 57.35
CA THR VA 66 8.48 -66.58 58.16
C THR VA 66 9.74 -66.29 57.35
N TYR VA 67 10.60 -65.45 57.91
CA TYR VA 67 11.88 -65.08 57.31
C TYR VA 67 12.94 -65.01 58.40
N ALA VA 68 14.09 -65.62 58.16
CA ALA VA 68 15.21 -65.42 59.05
C ALA VA 68 15.96 -64.15 58.64
N ARG VA 69 16.98 -63.80 59.42
CA ARG VA 69 17.85 -62.69 59.10
C ARG VA 69 19.30 -63.16 59.18
N GLY VA 70 20.09 -62.79 58.18
CA GLY VA 70 21.48 -63.19 58.19
C GLY VA 70 22.09 -63.04 56.82
N SER VA 71 23.17 -63.81 56.61
CA SER VA 71 23.91 -63.72 55.37
C SER VA 71 23.21 -64.47 54.25
N ASP VA 72 22.58 -65.60 54.57
CA ASP VA 72 22.08 -66.49 53.54
C ASP VA 72 21.03 -65.81 52.69
N GLU VA 73 21.05 -66.13 51.40
CA GLU VA 73 20.05 -65.59 50.48
C GLU VA 73 18.67 -66.14 50.83
N GLY VA 74 17.67 -65.29 50.73
CA GLY VA 74 16.32 -65.66 51.09
C GLY VA 74 15.98 -65.18 52.47
N ASN VA 75 16.99 -64.97 53.29
CA ASN VA 75 16.76 -64.32 54.57
C ASN VA 75 16.69 -62.81 54.39
N ARG VA 76 15.98 -62.15 55.29
CA ARG VA 76 15.80 -60.71 55.17
C ARG VA 76 17.02 -59.97 55.68
N HIS VA 77 17.49 -59.00 54.91
CA HIS VA 77 18.65 -58.21 55.30
C HIS VA 77 18.30 -57.03 56.17
N THR VA 78 17.04 -56.62 56.21
CA THR VA 78 16.70 -55.37 56.89
C THR VA 78 15.57 -55.58 57.88
N SER VA 79 15.07 -54.48 58.43
CA SER VA 79 13.93 -54.56 59.34
C SER VA 79 12.61 -54.29 58.63
N GLU VA 80 12.64 -54.05 57.32
CA GLU VA 80 11.45 -53.68 56.57
C GLU VA 80 11.36 -54.50 55.29
N THR VA 81 10.22 -55.15 55.07
CA THR VA 81 10.07 -56.07 53.96
C THR VA 81 8.73 -55.85 53.26
N LEU VA 82 8.77 -55.88 51.93
CA LEU VA 82 7.58 -55.90 51.10
C LEU VA 82 7.56 -57.20 50.33
N THR VA 83 6.37 -57.79 50.16
CA THR VA 83 6.21 -58.97 49.34
C THR VA 83 5.32 -58.65 48.16
N TYR VA 84 5.49 -59.41 47.08
CA TYR VA 84 4.74 -59.10 45.87
C TYR VA 84 3.97 -60.29 45.32
N LYS VA 85 4.67 -61.21 44.70
CA LYS VA 85 4.04 -62.27 43.93
C LYS VA 85 4.17 -63.58 44.67
N ILE VA 86 3.15 -64.42 44.56
CA ILE VA 86 3.13 -65.71 45.24
C ILE VA 86 2.53 -66.76 44.31
N ALA VA 87 3.13 -67.94 44.33
CA ALA VA 87 2.63 -69.07 43.55
C ALA VA 87 2.49 -70.26 44.48
N ILE VA 88 1.44 -71.05 44.26
CA ILE VA 88 1.11 -72.14 45.16
C ILE VA 88 0.86 -73.39 44.34
N ASP VA 89 1.49 -74.49 44.74
CA ASP VA 89 1.24 -75.80 44.17
C ASP VA 89 1.04 -76.79 45.30
N TYR VA 90 0.10 -77.71 45.12
CA TYR VA 90 -0.06 -78.80 46.06
C TYR VA 90 -0.69 -79.99 45.40
N HIS VA 91 -0.57 -81.13 46.07
CA HIS VA 91 -1.42 -82.27 45.81
C HIS VA 91 -2.34 -82.49 47.00
N PHE VA 92 -3.56 -82.92 46.72
CA PHE VA 92 -4.50 -83.33 47.75
C PHE VA 92 -4.79 -84.82 47.60
N VAL VA 93 -5.15 -85.45 48.71
CA VAL VA 93 -5.65 -86.81 48.68
C VAL VA 93 -6.57 -87.02 49.86
N ALA VA 94 -7.64 -87.77 49.65
CA ALA VA 94 -8.53 -88.09 50.75
C ALA VA 94 -7.84 -89.02 51.73
N ASP VA 95 -8.32 -89.00 52.97
CA ASP VA 95 -7.81 -89.89 53.99
C ASP VA 95 -8.73 -91.10 54.13
N ALA VA 96 -8.12 -92.27 54.26
CA ALA VA 96 -8.90 -93.49 54.43
C ALA VA 96 -9.78 -93.41 55.67
N ALA VA 97 -9.35 -92.66 56.69
CA ALA VA 97 -10.13 -92.54 57.91
C ALA VA 97 -11.55 -92.09 57.63
N ALA VA 98 -11.74 -91.20 56.66
CA ALA VA 98 -13.06 -90.74 56.28
C ALA VA 98 -13.64 -91.49 55.10
N CYS VA 99 -12.87 -92.41 54.50
CA CYS VA 99 -13.39 -93.14 53.34
C CYS VA 99 -14.45 -94.15 53.71
N ARG VA 100 -14.70 -94.39 55.00
CA ARG VA 100 -15.73 -95.34 55.39
C ARG VA 100 -17.12 -94.86 55.01
N TYR VA 101 -17.26 -93.64 54.53
CA TYR VA 101 -18.53 -93.10 54.10
C TYR VA 101 -18.39 -92.63 52.66
N SER VA 102 -19.52 -92.39 52.01
CA SER VA 102 -19.53 -91.92 50.63
C SER VA 102 -20.39 -90.67 50.53
N ASN VA 103 -19.74 -89.53 50.32
CA ASN VA 103 -20.43 -88.30 49.98
C ASN VA 103 -19.43 -87.36 49.35
N THR VA 104 -19.95 -86.34 48.68
CA THR VA 104 -19.09 -85.29 48.18
C THR VA 104 -18.99 -84.19 49.23
N GLY VA 105 -18.43 -83.06 48.83
CA GLY VA 105 -18.33 -81.92 49.72
C GLY VA 105 -17.71 -80.75 48.98
N THR VA 106 -17.38 -79.72 49.74
CA THR VA 106 -16.72 -78.57 49.17
C THR VA 106 -15.73 -77.99 50.17
N GLY VA 107 -14.53 -77.67 49.70
CA GLY VA 107 -13.50 -77.08 50.52
C GLY VA 107 -13.25 -75.62 50.17
N VAL VA 108 -12.40 -74.99 50.99
CA VAL VA 108 -12.11 -73.57 50.89
C VAL VA 108 -10.68 -73.32 51.30
N MET VA 109 -10.03 -72.40 50.60
CA MET VA 109 -8.71 -71.92 50.96
C MET VA 109 -8.74 -70.40 50.93
N TRP VA 110 -8.37 -69.77 52.04
CA TRP VA 110 -8.31 -68.32 52.10
C TRP VA 110 -6.87 -67.86 52.26
N LEU VA 111 -6.64 -66.62 51.85
CA LEU VA 111 -5.39 -65.93 52.10
C LEU VA 111 -5.73 -64.70 52.92
N VAL VA 112 -5.35 -64.70 54.20
CA VAL VA 112 -5.82 -63.71 55.16
C VAL VA 112 -4.68 -62.84 55.60
N TYR VA 113 -4.89 -61.53 55.56
CA TYR VA 113 -3.90 -60.56 55.99
C TYR VA 113 -4.26 -59.98 57.35
N ASP VA 114 -3.24 -59.73 58.15
CA ASP VA 114 -3.40 -59.24 59.52
C ASP VA 114 -2.79 -57.85 59.66
N THR VA 115 -3.27 -57.12 60.65
CA THR VA 115 -2.66 -55.85 61.02
C THR VA 115 -1.71 -56.05 62.18
N THR VA 116 -2.25 -56.26 63.37
CA THR VA 116 -1.44 -56.48 64.56
C THR VA 116 -1.71 -57.86 65.11
N PRO VA 117 -0.75 -58.76 65.10
CA PRO VA 117 -0.98 -60.10 65.65
C PRO VA 117 -0.96 -60.05 67.17
N GLY VA 118 -1.78 -60.89 67.77
CA GLY VA 118 -1.71 -61.07 69.20
C GLY VA 118 -0.46 -61.82 69.59
N GLY VA 119 -0.24 -61.92 70.91
CA GLY VA 119 0.86 -62.71 71.40
C GLY VA 119 0.68 -64.20 71.18
N GLN VA 120 -0.55 -64.65 70.93
CA GLN VA 120 -0.86 -66.06 70.77
C GLN VA 120 -1.34 -66.31 69.35
N ALA VA 121 -1.16 -67.54 68.90
CA ALA VA 121 -1.53 -67.89 67.53
C ALA VA 121 -3.05 -67.95 67.39
N PRO VA 122 -3.60 -67.36 66.35
CA PRO VA 122 -5.06 -67.40 66.17
C PRO VA 122 -5.50 -68.80 65.75
N THR VA 123 -6.79 -69.04 65.93
CA THR VA 123 -7.42 -70.24 65.43
C THR VA 123 -8.67 -69.84 64.66
N PRO VA 124 -9.07 -70.62 63.66
CA PRO VA 124 -10.21 -70.20 62.84
C PRO VA 124 -11.43 -69.83 63.64
N GLN VA 125 -11.77 -70.63 64.65
CA GLN VA 125 -12.96 -70.33 65.44
C GLN VA 125 -12.88 -68.92 66.01
N THR VA 126 -11.68 -68.44 66.27
CA THR VA 126 -11.53 -67.07 66.74
C THR VA 126 -11.60 -66.07 65.59
N ILE VA 127 -11.10 -66.44 64.41
CA ILE VA 127 -11.06 -65.44 63.33
C ILE VA 127 -12.44 -65.25 62.74
N PHE VA 128 -13.27 -66.29 62.76
CA PHE VA 128 -14.60 -66.22 62.19
C PHE VA 128 -15.59 -66.58 63.27
N ALA VA 129 -16.55 -65.70 63.52
CA ALA VA 129 -17.59 -66.03 64.47
C ALA VA 129 -18.61 -66.92 63.80
N TYR VA 130 -18.73 -68.14 64.28
CA TYR VA 130 -19.73 -69.00 63.67
C TYR VA 130 -20.41 -69.84 64.73
N PRO VA 131 -21.71 -70.04 64.63
CA PRO VA 131 -22.38 -70.98 65.53
C PRO VA 131 -21.94 -72.40 65.27
N ASP VA 132 -22.12 -73.24 66.28
CA ASP VA 132 -21.68 -74.64 66.16
C ASP VA 132 -22.42 -75.34 65.03
N THR VA 133 -23.64 -74.92 64.75
CA THR VA 133 -24.41 -75.53 63.67
C THR VA 133 -23.72 -75.42 62.33
N LEU VA 134 -23.21 -74.25 61.99
CA LEU VA 134 -22.58 -74.03 60.70
C LEU VA 134 -21.22 -74.68 60.57
N LYS VA 135 -20.69 -75.26 61.64
CA LYS VA 135 -19.36 -75.86 61.58
C LYS VA 135 -19.24 -76.86 60.44
N ALA VA 136 -20.35 -77.51 60.10
CA ALA VA 136 -20.34 -78.45 58.99
C ALA VA 136 -19.91 -77.77 57.70
N TRP VA 137 -20.60 -76.71 57.31
CA TRP VA 137 -20.33 -76.18 55.99
C TRP VA 137 -19.52 -74.91 56.12
N PRO VA 138 -18.23 -74.96 55.85
CA PRO VA 138 -17.42 -73.76 56.02
C PRO VA 138 -17.72 -72.70 55.00
N ALA VA 139 -18.03 -73.11 53.77
CA ALA VA 139 -18.01 -72.18 52.66
C ALA VA 139 -18.93 -71.00 52.86
N THR VA 140 -19.83 -71.07 53.83
CA THR VA 140 -20.68 -69.96 54.17
C THR VA 140 -20.04 -68.99 55.15
N TRP VA 141 -18.95 -69.39 55.80
CA TRP VA 141 -18.33 -68.51 56.77
C TRP VA 141 -17.97 -67.19 56.13
N LYS VA 142 -18.06 -66.11 56.90
CA LYS VA 142 -17.54 -64.83 56.48
C LYS VA 142 -16.96 -64.13 57.70
N VAL VA 143 -16.15 -63.11 57.41
CA VAL VA 143 -15.39 -62.44 58.47
C VAL VA 143 -16.35 -61.85 59.49
N SER VA 144 -16.02 -62.03 60.77
CA SER VA 144 -16.86 -61.52 61.85
C SER VA 144 -16.76 -60.00 61.93
N ARG VA 145 -17.83 -59.37 62.41
CA ARG VA 145 -17.89 -57.91 62.40
C ARG VA 145 -17.09 -57.28 63.50
N GLU VA 146 -16.93 -57.95 64.64
CA GLU VA 146 -16.22 -57.36 65.77
C GLU VA 146 -14.80 -56.99 65.36
N LEU VA 147 -14.16 -57.83 64.56
CA LEU VA 147 -12.78 -57.62 64.16
C LEU VA 147 -12.68 -56.92 62.83
N CYS VA 148 -13.80 -56.40 62.31
CA CYS VA 148 -13.94 -55.99 60.92
C CYS VA 148 -12.75 -55.21 60.41
N HIS VA 149 -12.20 -54.33 61.23
CA HIS VA 149 -11.05 -53.57 60.79
C HIS VA 149 -9.73 -54.23 61.17
N ARG VA 150 -9.74 -55.28 61.99
CA ARG VA 150 -8.48 -55.90 62.36
C ARG VA 150 -7.97 -56.86 61.30
N PHE VA 151 -8.87 -57.48 60.53
CA PHE VA 151 -8.48 -58.47 59.54
C PHE VA 151 -9.08 -58.13 58.18
N VAL VA 152 -8.55 -58.79 57.15
CA VAL VA 152 -9.09 -58.65 55.80
C VAL VA 152 -8.63 -59.87 55.01
N VAL VA 153 -9.34 -60.16 53.93
CA VAL VA 153 -9.03 -61.32 53.09
C VAL VA 153 -8.80 -60.81 51.68
N LYS VA 154 -7.58 -60.96 51.19
CA LYS VA 154 -7.25 -60.41 49.88
C LYS VA 154 -7.42 -61.41 48.75
N ARG VA 155 -7.62 -62.69 49.05
CA ARG VA 155 -7.86 -63.68 48.01
C ARG VA 155 -8.79 -64.76 48.54
N ARG VA 156 -9.35 -65.52 47.62
CA ARG VA 156 -10.25 -66.62 47.96
C ARG VA 156 -10.16 -67.67 46.87
N TRP VA 157 -10.34 -68.93 47.25
CA TRP VA 157 -10.39 -69.97 46.25
C TRP VA 157 -11.34 -71.07 46.68
N LEU VA 158 -11.86 -71.79 45.70
CA LEU VA 158 -12.75 -72.91 45.93
C LEU VA 158 -12.21 -74.16 45.29
N PHE VA 159 -12.61 -75.30 45.83
CA PHE VA 159 -12.31 -76.58 45.23
C PHE VA 159 -13.32 -77.57 45.79
N ASN VA 160 -13.46 -78.70 45.11
CA ASN VA 160 -14.39 -79.72 45.54
C ASN VA 160 -13.80 -81.08 45.28
N MET VA 161 -14.20 -82.05 46.10
CA MET VA 161 -13.70 -83.40 46.01
C MET VA 161 -14.72 -84.34 46.61
N GLU VA 162 -14.56 -85.62 46.32
CA GLU VA 162 -15.54 -86.60 46.77
C GLU VA 162 -14.88 -87.95 46.85
N THR VA 163 -15.50 -88.85 47.60
CA THR VA 163 -15.02 -90.20 47.74
C THR VA 163 -16.16 -91.18 47.60
N ASP VA 164 -15.86 -92.33 47.03
CA ASP VA 164 -16.84 -93.36 46.77
C ASP VA 164 -16.87 -94.44 47.84
N GLY VA 165 -16.02 -94.33 48.85
CA GLY VA 165 -15.94 -95.37 49.85
C GLY VA 165 -15.04 -96.53 49.50
N ARG VA 166 -13.98 -96.30 48.72
CA ARG VA 166 -13.07 -97.36 48.33
C ARG VA 166 -11.64 -96.86 48.39
N ILE VA 167 -10.78 -97.59 49.09
CA ILE VA 167 -9.38 -97.22 49.18
C ILE VA 167 -8.68 -97.63 47.89
N GLY VA 168 -7.60 -96.93 47.56
CA GLY VA 168 -6.93 -97.18 46.28
C GLY VA 168 -6.39 -98.59 46.16
N SER VA 169 -5.73 -99.09 47.19
CA SER VA 169 -5.04 -100.36 47.11
C SER VA 169 -5.98 -101.54 46.90
N ASP VA 170 -7.28 -101.34 46.97
CA ASP VA 170 -8.22 -102.44 46.88
C ASP VA 170 -8.37 -102.91 45.44
N ILE VA 171 -8.33 -104.23 45.25
CA ILE VA 171 -8.43 -104.83 43.92
C ILE VA 171 -9.89 -104.98 43.54
N PRO VA 172 -10.31 -104.45 42.40
CA PRO VA 172 -11.67 -104.71 41.94
C PRO VA 172 -11.88 -106.18 41.68
N PRO VA 173 -13.07 -106.69 41.97
CA PRO VA 173 -13.40 -108.06 41.58
C PRO VA 173 -13.54 -108.15 40.08
N SER VA 174 -13.25 -109.34 39.55
CA SER VA 174 -13.21 -109.54 38.10
C SER VA 174 -14.58 -109.36 37.44
N ASN VA 175 -15.66 -109.23 38.21
CA ASN VA 175 -16.98 -109.14 37.60
C ASN VA 175 -17.28 -107.74 37.08
N ALA VA 176 -17.06 -106.71 37.89
CA ALA VA 176 -17.52 -105.38 37.56
C ALA VA 176 -16.45 -104.36 37.93
N SER VA 177 -16.65 -103.11 37.51
CA SER VA 177 -15.64 -102.09 37.69
C SER VA 177 -16.17 -100.78 38.24
N TRP VA 178 -15.33 -99.75 38.28
CA TRP VA 178 -15.74 -98.44 38.77
C TRP VA 178 -15.05 -97.36 37.95
N LYS VA 179 -15.71 -96.20 37.87
CA LYS VA 179 -15.07 -94.99 37.38
C LYS VA 179 -14.94 -94.06 38.57
N PRO VA 180 -13.78 -93.95 39.18
CA PRO VA 180 -13.64 -93.03 40.31
C PRO VA 180 -13.04 -91.70 39.93
N CYS VA 181 -13.70 -90.95 39.05
CA CYS VA 181 -13.18 -89.65 38.67
C CYS VA 181 -13.09 -88.74 39.88
N LYS VA 182 -12.00 -87.98 39.93
CA LYS VA 182 -11.80 -86.97 40.97
C LYS VA 182 -11.82 -87.58 42.37
N ARG VA 183 -11.04 -88.64 42.57
CA ARG VA 183 -10.71 -89.01 43.94
C ARG VA 183 -9.66 -88.07 44.51
N ASN VA 184 -8.64 -87.76 43.74
CA ASN VA 184 -7.63 -86.80 44.13
C ASN VA 184 -7.54 -85.70 43.08
N ILE VA 185 -6.92 -84.59 43.44
CA ILE VA 185 -7.01 -83.39 42.64
C ILE VA 185 -5.68 -82.65 42.68
N TYR VA 186 -5.39 -81.92 41.61
CA TYR VA 186 -4.17 -81.15 41.45
C TYR VA 186 -4.53 -79.68 41.47
N PHE VA 187 -4.07 -78.96 42.47
CA PHE VA 187 -4.49 -77.58 42.69
C PHE VA 187 -3.30 -76.64 42.62
N HIS VA 188 -3.42 -75.59 41.83
CA HIS VA 188 -2.36 -74.60 41.72
C HIS VA 188 -2.96 -73.26 41.34
N LYS VA 189 -2.33 -72.20 41.82
CA LYS VA 189 -2.72 -70.84 41.48
C LYS VA 189 -1.49 -69.97 41.46
N PHE VA 190 -1.57 -68.88 40.70
CA PHE VA 190 -0.47 -67.95 40.55
C PHE VA 190 -1.06 -66.55 40.50
N THR VA 191 -0.59 -65.65 41.36
CA THR VA 191 -1.17 -64.31 41.39
C THR VA 191 -0.12 -63.26 41.72
N SER VA 192 -0.13 -62.18 40.95
CA SER VA 192 0.77 -61.06 41.14
C SER VA 192 0.14 -59.88 41.87
N GLY VA 193 -1.16 -59.95 42.18
CA GLY VA 193 -1.87 -58.73 42.52
C GLY VA 193 -1.46 -58.14 43.84
N LEU VA 194 -1.37 -58.97 44.88
CA LEU VA 194 -1.31 -58.47 46.23
C LEU VA 194 -0.01 -57.72 46.48
N GLY VA 195 -0.02 -56.93 47.54
CA GLY VA 195 1.21 -56.41 48.11
C GLY VA 195 1.00 -56.18 49.59
N VAL VA 196 2.08 -56.28 50.35
CA VAL VA 196 1.99 -56.28 51.81
C VAL VA 196 3.20 -55.55 52.36
N ARG VA 197 2.98 -54.77 53.42
CA ARG VA 197 4.04 -54.03 54.07
C ARG VA 197 4.23 -54.60 55.48
N THR VA 198 5.45 -54.99 55.80
CA THR VA 198 5.74 -55.63 57.07
C THR VA 198 6.95 -55.00 57.72
N GLN VA 199 6.92 -54.90 59.05
CA GLN VA 199 8.05 -54.45 59.83
C GLN VA 199 8.29 -55.43 60.96
N TRP VA 200 9.49 -55.37 61.53
CA TRP VA 200 9.94 -56.41 62.44
C TRP VA 200 10.50 -55.81 63.71
N LYS VA 201 10.27 -56.50 64.82
CA LYS VA 201 11.07 -56.27 66.01
C LYS VA 201 12.50 -56.72 65.75
N ASN VA 202 13.42 -56.26 66.57
CA ASN VA 202 14.82 -56.54 66.32
C ASN VA 202 15.19 -57.81 67.08
N VAL VA 203 15.35 -58.90 66.33
CA VAL VA 203 15.83 -60.19 66.83
C VAL VA 203 16.38 -60.93 65.62
N THR VA 204 16.93 -62.13 65.86
CA THR VA 204 17.33 -62.98 64.75
C THR VA 204 16.16 -63.76 64.19
N ASP VA 205 15.25 -64.19 65.06
CA ASP VA 205 14.34 -65.26 64.74
C ASP VA 205 13.35 -64.88 63.66
N GLY VA 206 12.79 -65.91 63.02
CA GLY VA 206 11.73 -65.73 62.05
C GLY VA 206 10.35 -66.18 62.51
N GLY VA 207 10.18 -66.45 63.80
CA GLY VA 207 8.91 -66.90 64.30
C GLY VA 207 7.87 -65.79 64.31
N VAL VA 208 6.68 -66.15 64.77
CA VAL VA 208 5.58 -65.19 64.79
C VAL VA 208 5.82 -64.09 65.82
N GLY VA 209 6.40 -64.41 66.97
CA GLY VA 209 6.55 -63.43 68.02
C GLY VA 209 7.37 -62.23 67.62
N ALA VA 210 8.13 -62.33 66.53
CA ALA VA 210 9.01 -61.24 66.14
C ALA VA 210 8.27 -60.12 65.42
N ILE VA 211 7.21 -60.45 64.69
CA ILE VA 211 6.62 -59.48 63.77
C ILE VA 211 5.89 -58.40 64.54
N GLN VA 212 6.16 -57.14 64.19
CA GLN VA 212 5.44 -56.03 64.79
C GLN VA 212 4.11 -55.80 64.09
N ARG VA 213 4.09 -55.85 62.76
CA ARG VA 213 2.89 -55.55 62.02
C ARG VA 213 2.93 -56.23 60.65
N GLY VA 214 1.77 -56.54 60.10
CA GLY VA 214 1.68 -57.08 58.75
C GLY VA 214 1.80 -58.58 58.58
N ALA VA 215 1.35 -59.36 59.55
CA ALA VA 215 1.43 -60.80 59.41
C ALA VA 215 0.51 -61.28 58.29
N LEU VA 216 0.80 -62.49 57.81
CA LEU VA 216 0.08 -63.07 56.68
C LEU VA 216 -0.23 -64.52 56.98
N TYR VA 217 -1.51 -64.87 56.98
CA TYR VA 217 -1.95 -66.20 57.35
C TYR VA 217 -2.54 -66.95 56.16
N MET VA 218 -2.43 -68.28 56.21
CA MET VA 218 -3.08 -69.16 55.26
C MET VA 218 -3.97 -70.13 56.02
N VAL VA 219 -5.15 -70.40 55.49
CA VAL VA 219 -6.15 -71.21 56.18
C VAL VA 219 -6.75 -72.21 55.21
N ILE VA 220 -6.97 -73.43 55.68
CA ILE VA 220 -7.58 -74.48 54.89
C ILE VA 220 -8.84 -74.94 55.57
N ALA VA 221 -9.93 -75.03 54.81
CA ALA VA 221 -11.23 -75.42 55.34
C ALA VA 221 -11.69 -76.71 54.69
N PRO VA 222 -11.84 -77.80 55.43
CA PRO VA 222 -12.26 -79.05 54.83
C PRO VA 222 -13.73 -79.04 54.50
N GLY VA 223 -14.12 -79.99 53.64
CA GLY VA 223 -15.53 -80.21 53.38
C GLY VA 223 -16.21 -80.89 54.54
N ASN VA 224 -17.53 -80.95 54.48
CA ASN VA 224 -18.32 -81.53 55.55
C ASN VA 224 -17.89 -82.96 55.83
N GLY VA 225 -17.56 -83.23 57.08
CA GLY VA 225 -17.23 -84.58 57.51
C GLY VA 225 -16.22 -85.27 56.63
N LEU VA 226 -15.30 -84.51 56.05
CA LEU VA 226 -14.34 -85.03 55.10
C LEU VA 226 -12.95 -84.54 55.49
N THR VA 227 -12.07 -85.47 55.86
CA THR VA 227 -10.74 -85.13 56.32
C THR VA 227 -9.70 -85.64 55.34
N PHE VA 228 -8.62 -84.88 55.18
CA PHE VA 228 -7.62 -85.24 54.19
C PHE VA 228 -6.30 -84.62 54.57
N THR VA 229 -5.24 -85.09 53.93
CA THR VA 229 -3.92 -84.50 54.02
C THR VA 229 -3.48 -84.05 52.64
N ALA VA 230 -2.48 -83.16 52.61
CA ALA VA 230 -2.03 -82.55 51.37
C ALA VA 230 -0.52 -82.59 51.28
N HIS VA 231 -0.03 -82.59 50.05
CA HIS VA 231 1.40 -82.54 49.77
C HIS VA 231 1.66 -81.42 48.79
N GLY VA 232 2.86 -80.87 48.84
CA GLY VA 232 3.25 -79.86 47.89
C GLY VA 232 4.24 -78.88 48.50
N GLN VA 233 4.47 -77.80 47.77
CA GLN VA 233 5.40 -76.77 48.20
C GLN VA 233 5.02 -75.45 47.54
N THR VA 234 5.52 -74.35 48.09
CA THR VA 234 5.16 -73.03 47.62
C THR VA 234 6.39 -72.16 47.55
N ARG VA 235 6.28 -71.05 46.83
CA ARG VA 235 7.34 -70.07 46.74
C ARG VA 235 6.81 -68.69 47.06
N LEU VA 236 7.73 -67.79 47.37
CA LEU VA 236 7.42 -66.39 47.63
C LEU VA 236 8.38 -65.50 46.87
N TYR VA 237 8.04 -64.22 46.82
CA TYR VA 237 8.86 -63.24 46.14
C TYR VA 237 8.81 -61.94 46.94
N PHE VA 238 9.98 -61.35 47.19
CA PHE VA 238 10.02 -60.12 47.98
C PHE VA 238 11.38 -59.47 47.83
N LYS VA 239 11.53 -58.31 48.45
CA LYS VA 239 12.83 -57.66 48.57
C LYS VA 239 12.83 -56.80 49.81
N SER VA 240 13.99 -56.71 50.46
CA SER VA 240 14.14 -55.83 51.60
C SER VA 240 14.24 -54.38 51.12
N VAL VA 241 13.98 -53.46 52.04
CA VAL VA 241 14.09 -52.03 51.74
C VAL VA 241 14.22 -51.30 53.06
N GLY VA 242 14.72 -50.06 53.00
CA GLY VA 242 14.78 -49.20 54.15
C GLY VA 242 16.18 -49.09 54.73
N ASN VA 243 16.29 -48.24 55.74
CA ASN VA 243 17.54 -47.99 56.45
C ASN VA 243 18.65 -47.61 55.49
N ALA WA 31 -19.25 -48.78 37.31
CA ALA WA 31 -19.25 -50.08 37.95
C ALA WA 31 -19.74 -49.98 39.40
N GLY WA 32 -21.06 -49.91 39.56
CA GLY WA 32 -21.64 -49.78 40.88
C GLY WA 32 -22.97 -49.06 40.80
N SER WA 33 -23.59 -48.86 41.95
CA SER WA 33 -24.84 -48.12 42.00
C SER WA 33 -24.85 -47.07 43.11
N LYS WA 34 -24.88 -45.79 42.72
CA LYS WA 34 -25.00 -44.67 43.65
C LYS WA 34 -24.05 -44.82 44.83
N ALA WA 35 -22.84 -45.29 44.56
CA ALA WA 35 -21.85 -45.44 45.61
C ALA WA 35 -21.46 -44.09 46.17
N ASP WA 36 -21.16 -44.08 47.46
CA ASP WA 36 -20.82 -42.87 48.19
C ASP WA 36 -19.63 -43.12 49.10
N ARG WA 37 -18.73 -42.14 49.16
CA ARG WA 37 -17.46 -42.30 49.87
C ARG WA 37 -17.61 -42.81 51.30
N PRO WA 38 -18.48 -42.27 52.14
CA PRO WA 38 -18.66 -42.86 53.46
C PRO WA 38 -19.27 -44.25 53.35
N SER WA 39 -19.03 -45.05 54.38
CA SER WA 39 -19.49 -46.43 54.39
C SER WA 39 -21.01 -46.49 54.44
N LEU WA 40 -21.55 -47.65 54.07
CA LEU WA 40 -22.99 -47.87 54.04
C LEU WA 40 -23.40 -48.88 55.10
N GLN WA 41 -24.62 -48.74 55.59
CA GLN WA 41 -25.06 -49.58 56.68
C GLN WA 41 -25.20 -51.02 56.23
N ILE WA 42 -25.24 -51.93 57.22
CA ILE WA 42 -25.25 -53.36 56.96
C ILE WA 42 -26.34 -54.01 57.81
N GLN WA 43 -27.07 -54.92 57.20
CA GLN WA 43 -28.04 -55.75 57.91
C GLN WA 43 -27.86 -57.20 57.50
N THR WA 44 -28.06 -58.11 58.45
CA THR WA 44 -27.85 -59.53 58.22
C THR WA 44 -29.07 -60.33 58.62
N LEU WA 45 -29.10 -61.57 58.15
CA LEU WA 45 -30.12 -62.51 58.55
C LEU WA 45 -29.46 -63.83 58.90
N GLN WA 46 -30.03 -64.53 59.85
CA GLN WA 46 -29.47 -65.77 60.35
C GLN WA 46 -30.48 -66.88 60.14
N HIS WA 47 -30.19 -67.80 59.23
CA HIS WA 47 -31.02 -68.98 59.03
C HIS WA 47 -30.17 -70.19 59.27
N ALA WA 48 -30.43 -70.89 60.36
CA ALA WA 48 -29.62 -72.04 60.78
C ALA WA 48 -30.25 -72.60 62.04
N GLY WA 49 -29.86 -73.83 62.36
CA GLY WA 49 -30.29 -74.44 63.61
C GLY WA 49 -31.80 -74.47 63.72
N THR WA 50 -32.30 -73.82 64.77
CA THR WA 50 -33.74 -73.73 64.98
C THR WA 50 -34.44 -73.14 63.76
N THR WA 51 -33.84 -72.13 63.14
CA THR WA 51 -34.46 -71.49 61.98
C THR WA 51 -33.77 -72.03 60.74
N MET WA 52 -34.46 -72.90 60.02
CA MET WA 52 -34.00 -73.41 58.75
C MET WA 52 -35.17 -73.30 57.79
N ILE WA 53 -35.02 -72.50 56.74
CA ILE WA 53 -36.08 -72.42 55.75
C ILE WA 53 -36.33 -73.83 55.23
N THR WA 54 -37.58 -74.27 55.32
CA THR WA 54 -37.96 -75.61 54.92
C THR WA 54 -39.15 -75.51 53.97
N VAL WA 55 -39.01 -76.07 52.78
CA VAL WA 55 -39.99 -75.81 51.73
C VAL WA 55 -40.71 -77.09 51.32
N PRO WA 56 -41.98 -77.22 51.66
CA PRO WA 56 -42.81 -78.23 51.02
C PRO WA 56 -43.18 -77.79 49.61
N SER WA 57 -43.67 -78.76 48.82
CA SER WA 57 -44.05 -78.48 47.45
C SER WA 57 -45.02 -77.31 47.39
N GLY WA 58 -44.75 -76.38 46.48
CA GLY WA 58 -45.55 -75.18 46.37
C GLY WA 58 -44.88 -73.93 46.88
N GLY WA 59 -43.64 -74.03 47.36
CA GLY WA 59 -42.89 -72.85 47.71
C GLY WA 59 -43.33 -72.20 49.00
N VAL WA 60 -42.61 -71.15 49.38
CA VAL WA 60 -42.93 -70.41 50.59
C VAL WA 60 -42.62 -68.94 50.36
N CYS WA 61 -43.47 -68.08 50.90
CA CYS WA 61 -43.33 -66.64 50.80
C CYS WA 61 -42.60 -66.11 52.02
N ASP WA 62 -41.79 -65.08 51.82
CA ASP WA 62 -41.07 -64.48 52.93
C ASP WA 62 -40.68 -63.06 52.58
N LEU WA 63 -40.39 -62.27 53.60
CA LEU WA 63 -39.94 -60.89 53.45
C LEU WA 63 -38.57 -60.72 54.07
N ILE WA 64 -37.62 -60.24 53.29
CA ILE WA 64 -36.25 -60.07 53.75
C ILE WA 64 -35.93 -58.64 54.13
N ASN WA 65 -36.85 -57.70 53.98
CA ASN WA 65 -36.48 -56.30 54.09
C ASN WA 65 -36.67 -55.75 55.49
N THR WA 66 -37.02 -56.59 56.46
CA THR WA 66 -37.32 -56.15 57.80
C THR WA 66 -36.21 -55.28 58.39
N TYR WA 67 -36.61 -54.16 58.96
CA TYR WA 67 -35.69 -53.22 59.61
C TYR WA 67 -36.34 -52.68 60.87
N ALA WA 68 -35.60 -52.69 61.97
CA ALA WA 68 -36.08 -52.00 63.16
C ALA WA 68 -35.71 -50.52 63.08
N ARG WA 69 -36.14 -49.76 64.08
CA ARG WA 69 -35.76 -48.35 64.19
C ARG WA 69 -35.27 -48.10 65.60
N GLY WA 70 -34.14 -47.39 65.71
CA GLY WA 70 -33.61 -47.09 67.01
C GLY WA 70 -32.16 -46.65 66.90
N SER WA 71 -31.46 -46.83 68.03
CA SER WA 71 -30.08 -46.39 68.11
C SER WA 71 -29.14 -47.35 67.41
N ASP WA 72 -29.42 -48.64 67.50
CA ASP WA 72 -28.47 -49.65 67.06
C ASP WA 72 -28.18 -49.51 65.58
N GLU WA 73 -26.93 -49.77 65.21
CA GLU WA 73 -26.53 -49.74 63.81
C GLU WA 73 -27.21 -50.87 63.06
N GLY WA 74 -27.63 -50.58 61.84
CA GLY WA 74 -28.34 -51.55 61.04
C GLY WA 74 -29.82 -51.30 61.10
N ASN WA 75 -30.28 -50.66 62.16
CA ASN WA 75 -31.66 -50.23 62.20
C ASN WA 75 -31.81 -48.92 61.45
N ARG WA 76 -33.01 -48.68 60.94
CA ARG WA 76 -33.25 -47.48 60.14
C ARG WA 76 -33.46 -46.27 61.03
N HIS WA 77 -32.77 -45.18 60.70
CA HIS WA 77 -32.89 -43.95 61.46
C HIS WA 77 -34.06 -43.08 61.02
N THR WA 78 -34.62 -43.31 59.84
CA THR WA 78 -35.59 -42.38 59.30
C THR WA 78 -36.86 -43.11 58.87
N SER WA 79 -37.75 -42.38 58.20
CA SER WA 79 -38.95 -43.00 57.66
C SER WA 79 -38.80 -43.36 56.20
N GLU WA 80 -37.63 -43.11 55.60
CA GLU WA 80 -37.43 -43.31 54.17
C GLU WA 80 -36.11 -44.06 53.95
N THR WA 81 -36.17 -45.16 53.20
CA THR WA 81 -35.02 -46.02 53.02
C THR WA 81 -34.87 -46.44 51.57
N LEU WA 82 -33.64 -46.42 51.08
CA LEU WA 82 -33.28 -46.98 49.79
C LEU WA 82 -32.30 -48.12 50.01
N THR WA 83 -32.44 -49.19 49.23
CA THR WA 83 -31.51 -50.29 49.27
C THR WA 83 -30.79 -50.41 47.94
N TYR WA 84 -29.59 -50.97 47.97
CA TYR WA 84 -28.79 -51.02 46.76
C TYR WA 84 -28.31 -52.42 46.41
N LYS WA 85 -27.31 -52.91 47.12
CA LYS WA 85 -26.62 -54.12 46.75
C LYS WA 85 -26.99 -55.23 47.71
N ILE WA 86 -27.07 -56.45 47.18
CA ILE WA 86 -27.44 -57.61 47.98
C ILE WA 86 -26.58 -58.79 47.56
N ALA WA 87 -26.16 -59.57 48.55
CA ALA WA 87 -25.40 -60.78 48.31
C ALA WA 87 -26.05 -61.93 49.06
N ILE WA 88 -26.05 -63.10 48.46
CA ILE WA 88 -26.77 -64.23 49.00
C ILE WA 88 -25.85 -65.44 49.00
N ASP WA 89 -25.79 -66.13 50.13
CA ASP WA 89 -25.09 -67.39 50.25
C ASP WA 89 -26.00 -68.39 50.95
N TYR WA 90 -25.97 -69.64 50.49
CA TYR WA 90 -26.68 -70.69 51.20
C TYR WA 90 -26.03 -72.03 50.92
N HIS WA 91 -26.39 -72.99 51.77
CA HIS WA 91 -26.21 -74.39 51.44
C HIS WA 91 -27.58 -75.03 51.26
N PHE WA 92 -27.65 -75.98 50.33
CA PHE WA 92 -28.83 -76.81 50.14
C PHE WA 92 -28.50 -78.25 50.47
N VAL WA 93 -29.51 -79.00 50.88
CA VAL WA 93 -29.38 -80.44 51.03
C VAL WA 93 -30.74 -81.07 50.83
N ALA WA 94 -30.76 -82.23 50.19
CA ALA WA 94 -32.01 -82.95 50.03
C ALA WA 94 -32.49 -83.46 51.37
N ASP WA 95 -33.79 -83.70 51.46
CA ASP WA 95 -34.38 -84.27 52.66
C ASP WA 95 -34.58 -85.76 52.47
N ALA WA 96 -34.26 -86.52 53.51
CA ALA WA 96 -34.45 -87.97 53.45
C ALA WA 96 -35.90 -88.34 53.18
N ALA WA 97 -36.83 -87.49 53.62
CA ALA WA 97 -38.25 -87.77 53.42
C ALA WA 97 -38.57 -88.03 51.95
N ALA WA 98 -37.91 -87.31 51.05
CA ALA WA 98 -38.11 -87.51 49.62
C ALA WA 98 -37.06 -88.42 49.00
N CYS WA 99 -36.06 -88.86 49.77
CA CYS WA 99 -35.03 -89.72 49.20
C CYS WA 99 -35.53 -91.13 48.91
N ARG WA 100 -36.75 -91.48 49.32
CA ARG WA 100 -37.27 -92.80 49.02
C ARG WA 100 -37.50 -93.03 47.53
N TYR WA 101 -37.36 -92.00 46.72
CA TYR WA 101 -37.49 -92.09 45.28
C TYR WA 101 -36.21 -91.59 44.63
N SER WA 102 -36.05 -91.90 43.35
CA SER WA 102 -34.87 -91.45 42.60
C SER WA 102 -35.34 -90.74 41.35
N ASN WA 103 -35.14 -89.43 41.30
CA ASN WA 103 -35.30 -88.66 40.09
C ASN WA 103 -34.58 -87.34 40.27
N THR WA 104 -34.34 -86.68 39.16
CA THR WA 104 -33.80 -85.33 39.20
C THR WA 104 -34.95 -84.33 39.24
N GLY WA 105 -34.62 -83.06 39.07
CA GLY WA 105 -35.63 -82.03 39.02
C GLY WA 105 -34.97 -80.70 38.75
N THR WA 106 -35.76 -79.64 38.88
CA THR WA 106 -35.24 -78.30 38.71
C THR WA 106 -35.94 -77.35 39.67
N GLY WA 107 -35.17 -76.50 40.34
CA GLY WA 107 -35.68 -75.50 41.25
C GLY WA 107 -35.57 -74.09 40.71
N VAL WA 108 -36.16 -73.16 41.45
CA VAL WA 108 -36.25 -71.76 41.05
C VAL WA 108 -36.19 -70.89 42.28
N MET WA 109 -35.51 -69.76 42.15
CA MET WA 109 -35.49 -68.72 43.16
C MET WA 109 -35.78 -67.40 42.49
N TRP WA 110 -36.80 -66.68 42.96
CA TRP WA 110 -37.12 -65.37 42.44
C TRP WA 110 -36.86 -64.29 43.46
N LEU WA 111 -36.66 -63.09 42.97
CA LEU WA 111 -36.61 -61.90 43.81
C LEU WA 111 -37.72 -60.98 43.33
N VAL WA 112 -38.76 -60.84 44.15
CA VAL WA 112 -40.00 -60.21 43.72
C VAL WA 112 -40.19 -58.89 44.47
N TYR WA 113 -40.50 -57.84 43.73
CA TYR WA 113 -40.73 -56.53 44.29
C TYR WA 113 -42.22 -56.22 44.30
N ASP WA 114 -42.67 -55.53 45.35
CA ASP WA 114 -44.07 -55.21 45.55
C ASP WA 114 -44.27 -53.70 45.51
N THR WA 115 -45.49 -53.29 45.19
CA THR WA 115 -45.88 -51.90 45.31
C THR WA 115 -46.59 -51.64 46.62
N THR WA 116 -47.82 -52.11 46.74
CA THR WA 116 -48.59 -51.94 47.97
C THR WA 116 -48.92 -53.31 48.54
N PRO WA 117 -48.40 -53.66 49.71
CA PRO WA 117 -48.73 -54.96 50.29
C PRO WA 117 -50.11 -54.94 50.90
N GLY WA 118 -50.78 -56.08 50.80
CA GLY WA 118 -52.03 -56.24 51.50
C GLY WA 118 -51.81 -56.33 53.00
N GLY WA 119 -52.93 -56.34 53.73
CA GLY WA 119 -52.85 -56.54 55.16
C GLY WA 119 -52.42 -57.93 55.56
N GLN WA 120 -52.52 -58.88 54.64
CA GLN WA 120 -52.19 -60.28 54.91
C GLN WA 120 -51.00 -60.70 54.06
N ALA WA 121 -50.28 -61.69 54.55
CA ALA WA 121 -49.08 -62.15 53.87
C ALA WA 121 -49.45 -62.90 52.59
N PRO WA 122 -48.80 -62.62 51.48
CA PRO WA 122 -49.12 -63.33 50.24
C PRO WA 122 -48.62 -64.76 50.30
N THR WA 123 -49.17 -65.57 49.41
CA THR WA 123 -48.69 -66.93 49.21
C THR WA 123 -48.47 -67.13 47.71
N PRO WA 124 -47.54 -67.99 47.33
CA PRO WA 124 -47.26 -68.14 45.89
C PRO WA 124 -48.49 -68.40 45.05
N GLN WA 125 -49.37 -69.28 45.51
CA GLN WA 125 -50.57 -69.58 44.72
C GLN WA 125 -51.34 -68.31 44.42
N THR WA 126 -51.25 -67.32 45.30
CA THR WA 126 -51.90 -66.05 45.03
C THR WA 126 -51.08 -65.19 44.10
N ILE WA 127 -49.75 -65.25 44.19
CA ILE WA 127 -48.95 -64.33 43.40
C ILE WA 127 -48.91 -64.79 41.95
N PHE WA 128 -49.00 -66.09 41.72
CA PHE WA 128 -48.94 -66.64 40.38
C PHE WA 128 -50.20 -67.45 40.14
N ALA WA 129 -50.93 -67.11 39.08
CA ALA WA 129 -52.10 -67.91 38.75
C ALA WA 129 -51.65 -69.16 38.03
N TYR WA 130 -51.89 -70.30 38.62
CA TYR WA 130 -51.50 -71.52 37.94
C TYR WA 130 -52.54 -72.60 38.16
N PRO WA 131 -52.84 -73.38 37.14
CA PRO WA 131 -53.72 -74.54 37.33
C PRO WA 131 -53.04 -75.59 38.19
N ASP WA 132 -53.86 -76.44 38.80
CA ASP WA 132 -53.33 -77.46 39.69
C ASP WA 132 -52.40 -78.40 38.94
N THR WA 133 -52.63 -78.60 37.65
CA THR WA 133 -51.79 -79.48 36.86
C THR WA 133 -50.35 -79.03 36.85
N LEU WA 134 -50.10 -77.75 36.64
CA LEU WA 134 -48.74 -77.24 36.55
C LEU WA 134 -48.03 -77.18 37.89
N LYS WA 135 -48.71 -77.46 38.99
CA LYS WA 135 -48.08 -77.37 40.30
C LYS WA 135 -46.80 -78.19 40.37
N ALA WA 136 -46.73 -79.26 39.61
CA ALA WA 136 -45.53 -80.08 39.57
C ALA WA 136 -44.32 -79.25 39.13
N TRP WA 137 -44.42 -78.63 37.96
CA TRP WA 137 -43.21 -78.00 37.44
C TRP WA 137 -43.30 -76.51 37.62
N PRO WA 138 -42.61 -75.94 38.60
CA PRO WA 138 -42.74 -74.50 38.82
C PRO WA 138 -42.11 -73.69 37.72
N ALA WA 139 -41.00 -74.17 37.16
CA ALA WA 139 -40.16 -73.31 36.35
C ALA WA 139 -40.90 -72.70 35.18
N THR WA 140 -42.08 -73.21 34.85
CA THR WA 140 -42.90 -72.62 33.82
C THR WA 140 -43.77 -71.49 34.32
N TRP WA 141 -43.93 -71.35 35.63
CA TRP WA 141 -44.79 -70.30 36.16
C TRP WA 141 -44.32 -68.95 35.64
N LYS WA 142 -45.29 -68.06 35.42
CA LYS WA 142 -44.97 -66.67 35.13
C LYS WA 142 -46.04 -65.80 35.80
N VAL WA 143 -45.71 -64.51 35.93
CA VAL WA 143 -46.56 -63.60 36.67
C VAL WA 143 -47.94 -63.54 36.04
N SER WA 144 -48.97 -63.57 36.89
CA SER WA 144 -50.34 -63.53 36.41
C SER WA 144 -50.68 -62.14 35.89
N ARG WA 145 -51.62 -62.09 34.94
CA ARG WA 145 -51.91 -60.83 34.27
C ARG WA 145 -52.79 -59.90 35.10
N GLU WA 146 -53.65 -60.47 35.95
CA GLU WA 146 -54.55 -59.63 36.74
C GLU WA 146 -53.77 -58.63 37.57
N LEU WA 147 -52.66 -59.06 38.14
CA LEU WA 147 -51.85 -58.24 39.02
C LEU WA 147 -50.74 -57.53 38.28
N CYS WA 148 -50.74 -57.59 36.95
CA CYS WA 148 -49.60 -57.26 36.10
C CYS WA 148 -48.88 -56.00 36.55
N HIS WA 149 -49.62 -54.99 36.95
CA HIS WA 149 -48.98 -53.78 37.41
C HIS WA 149 -48.75 -53.74 38.91
N ARG WA 150 -49.29 -54.70 39.67
CA ARG WA 150 -49.08 -54.67 41.10
C ARG WA 150 -47.74 -55.26 41.50
N PHE WA 151 -47.21 -56.20 40.73
CA PHE WA 151 -45.98 -56.88 41.07
C PHE WA 151 -45.00 -56.84 39.90
N VAL WA 152 -43.75 -57.15 40.20
CA VAL WA 152 -42.72 -57.26 39.17
C VAL WA 152 -41.59 -58.10 39.75
N VAL WA 153 -40.78 -58.67 38.87
CA VAL WA 153 -39.66 -59.53 39.28
C VAL WA 153 -38.39 -58.95 38.70
N LYS WA 154 -37.50 -58.51 39.57
CA LYS WA 154 -36.29 -57.85 39.09
C LYS WA 154 -35.12 -58.78 38.93
N ARG WA 155 -35.20 -60.02 39.41
CA ARG WA 155 -34.13 -60.98 39.22
C ARG WA 155 -34.72 -62.38 39.14
N ARG WA 156 -33.91 -63.30 38.63
CA ARG WA 156 -34.31 -64.68 38.49
C ARG WA 156 -33.07 -65.55 38.57
N TRP WA 157 -33.23 -66.75 39.11
CA TRP WA 157 -32.12 -67.68 39.11
C TRP WA 157 -32.62 -69.11 38.97
N LEU WA 158 -31.75 -69.97 38.46
CA LEU WA 158 -32.05 -71.38 38.30
C LEU WA 158 -31.02 -72.22 39.02
N PHE WA 159 -31.42 -73.43 39.37
CA PHE WA 159 -30.52 -74.42 39.92
C PHE WA 159 -31.18 -75.77 39.74
N ASN WA 160 -30.37 -76.81 39.83
CA ASN WA 160 -30.89 -78.15 39.67
C ASN WA 160 -30.17 -79.09 40.63
N MET WA 161 -30.87 -80.15 41.02
CA MET WA 161 -30.35 -81.10 41.97
C MET WA 161 -31.07 -82.42 41.76
N GLU WA 162 -30.49 -83.48 42.31
CA GLU WA 162 -31.03 -84.81 42.11
C GLU WA 162 -30.62 -85.70 43.26
N THR WA 163 -31.33 -86.80 43.41
CA THR WA 163 -31.03 -87.77 44.44
C THR WA 163 -31.10 -89.17 43.86
N ASP WA 164 -30.23 -90.03 44.37
CA ASP WA 164 -30.12 -91.40 43.89
C ASP WA 164 -30.91 -92.39 44.73
N GLY WA 165 -31.57 -91.92 45.79
CA GLY WA 165 -32.25 -92.82 46.69
C GLY WA 165 -31.38 -93.42 47.77
N ARG WA 166 -30.37 -92.70 48.23
CA ARG WA 166 -29.49 -93.22 49.27
C ARG WA 166 -29.15 -92.10 50.25
N ILE WA 167 -29.35 -92.37 51.53
CA ILE WA 167 -29.04 -91.39 52.56
C ILE WA 167 -27.53 -91.40 52.80
N GLY WA 168 -27.00 -90.28 53.25
CA GLY WA 168 -25.55 -90.16 53.41
C GLY WA 168 -24.97 -91.15 54.39
N SER WA 169 -25.60 -91.31 55.54
CA SER WA 169 -25.03 -92.11 56.62
C SER WA 169 -24.92 -93.59 56.27
N ASP WA 170 -25.47 -94.02 55.14
CA ASP WA 170 -25.49 -95.42 54.80
C ASP WA 170 -24.12 -95.88 54.30
N ILE WA 171 -23.67 -97.02 54.83
CA ILE WA 171 -22.37 -97.57 54.46
C ILE WA 171 -22.48 -98.39 53.19
N PRO WA 172 -21.68 -98.09 52.17
CA PRO WA 172 -21.67 -98.94 50.99
C PRO WA 172 -21.21 -100.34 51.34
N PRO WA 173 -21.78 -101.35 50.70
CA PRO WA 173 -21.26 -102.70 50.85
C PRO WA 173 -19.90 -102.82 50.17
N SER WA 174 -19.08 -103.73 50.70
CA SER WA 174 -17.70 -103.86 50.24
C SER WA 174 -17.60 -104.32 48.79
N ASN WA 175 -18.69 -104.73 48.17
CA ASN WA 175 -18.61 -105.25 46.81
C ASN WA 175 -18.51 -104.14 45.77
N ALA WA 176 -19.38 -103.14 45.84
CA ALA WA 176 -19.49 -102.16 44.76
C ALA WA 176 -19.68 -100.78 45.37
N SER WA 177 -19.61 -99.76 44.50
CA SER WA 177 -19.62 -98.38 44.97
C SER WA 177 -20.58 -97.48 44.19
N TRP WA 178 -20.54 -96.19 44.46
CA TRP WA 178 -21.39 -95.22 43.78
C TRP WA 178 -20.63 -93.94 43.56
N LYS WA 179 -20.99 -93.21 42.50
CA LYS WA 179 -20.57 -91.83 42.33
C LYS WA 179 -21.80 -90.97 42.50
N PRO WA 180 -21.98 -90.34 43.64
CA PRO WA 180 -23.17 -89.49 43.83
C PRO WA 180 -22.88 -88.02 43.61
N CYS WA 181 -22.44 -87.66 42.40
CA CYS WA 181 -22.18 -86.25 42.13
C CYS WA 181 -23.44 -85.43 42.30
N LYS WA 182 -23.27 -84.25 42.90
CA LYS WA 182 -24.36 -83.28 43.04
C LYS WA 182 -25.53 -83.86 43.83
N ARG WA 183 -25.24 -84.43 44.99
CA ARG WA 183 -26.31 -84.64 45.95
C ARG WA 183 -26.67 -83.33 46.64
N ASN WA 184 -25.67 -82.56 47.04
CA ASN WA 184 -25.88 -81.26 47.62
C ASN WA 184 -25.10 -80.22 46.81
N ILE WA 185 -25.45 -78.96 46.99
CA ILE WA 185 -24.97 -77.91 46.10
C ILE WA 185 -24.70 -76.65 46.90
N TYR WA 186 -23.77 -75.85 46.40
CA TYR WA 186 -23.36 -74.59 47.01
C TYR WA 186 -23.80 -73.46 46.10
N PHE WA 187 -24.70 -72.62 46.57
CA PHE WA 187 -25.33 -71.61 45.74
C PHE WA 187 -25.04 -70.22 46.29
N HIS WA 188 -24.57 -69.33 45.43
CA HIS WA 188 -24.30 -67.96 45.84
C HIS WA 188 -24.43 -67.04 44.64
N LYS WA 189 -24.87 -65.82 44.90
CA LYS WA 189 -24.96 -64.79 43.86
C LYS WA 189 -24.69 -63.44 44.51
N PHE WA 190 -24.23 -62.51 43.68
CA PHE WA 190 -23.91 -61.16 44.13
C PHE WA 190 -24.35 -60.21 43.04
N THR WA 191 -25.15 -59.21 43.38
CA THR WA 191 -25.64 -58.30 42.36
C THR WA 191 -25.80 -56.88 42.90
N SER WA 192 -25.31 -55.92 42.13
CA SER WA 192 -25.41 -54.50 42.48
C SER WA 192 -26.52 -53.78 41.75
N GLY WA 193 -27.23 -54.44 40.84
CA GLY WA 193 -28.03 -53.71 39.87
C GLY WA 193 -29.23 -53.01 40.49
N LEU WA 194 -29.98 -53.73 41.31
CA LEU WA 194 -31.31 -53.29 41.69
C LEU WA 194 -31.25 -52.03 42.53
N GLY WA 195 -32.38 -51.36 42.62
CA GLY WA 195 -32.59 -50.32 43.62
C GLY WA 195 -34.07 -50.26 43.93
N VAL WA 196 -34.38 -49.85 45.16
CA VAL WA 196 -35.75 -49.92 45.66
C VAL WA 196 -35.98 -48.73 46.56
N ARG WA 197 -37.19 -48.16 46.47
CA ARG WA 197 -37.59 -47.03 47.28
C ARG WA 197 -38.69 -47.46 48.22
N THR WA 198 -38.50 -47.24 49.52
CA THR WA 198 -39.44 -47.71 50.53
C THR WA 198 -39.75 -46.59 51.51
N GLN WA 199 -41.00 -46.55 51.95
CA GLN WA 199 -41.42 -45.64 53.01
C GLN WA 199 -42.19 -46.41 54.05
N TRP WA 200 -42.31 -45.82 55.23
CA TRP WA 200 -42.78 -46.55 56.40
C TRP WA 200 -43.89 -45.78 57.10
N LYS WA 201 -44.85 -46.52 57.65
CA LYS WA 201 -45.72 -45.97 58.67
C LYS WA 201 -44.89 -45.70 59.92
N ASN WA 202 -45.43 -44.88 60.81
CA ASN WA 202 -44.67 -44.48 61.98
C ASN WA 202 -44.98 -45.44 63.11
N VAL WA 203 -44.03 -46.32 63.40
CA VAL WA 203 -44.06 -47.24 64.54
C VAL WA 203 -42.61 -47.62 64.83
N THR WA 204 -42.42 -48.43 65.86
CA THR WA 204 -41.09 -48.97 66.12
C THR WA 204 -40.81 -50.20 65.26
N ASP WA 205 -41.83 -51.01 65.05
CA ASP WA 205 -41.64 -52.39 64.63
C ASP WA 205 -41.05 -52.48 63.23
N GLY WA 206 -40.46 -53.64 62.95
CA GLY WA 206 -39.96 -53.97 61.63
C GLY WA 206 -40.77 -55.00 60.88
N GLY WA 207 -41.95 -55.35 61.36
CA GLY WA 207 -42.76 -56.36 60.70
C GLY WA 207 -43.34 -55.86 59.39
N VAL WA 208 -44.09 -56.73 58.75
CA VAL WA 208 -44.68 -56.40 57.46
C VAL WA 208 -45.76 -55.34 57.59
N GLY WA 209 -46.56 -55.38 58.66
CA GLY WA 209 -47.67 -54.45 58.79
C GLY WA 209 -47.26 -53.00 58.79
N ALA WA 210 -45.98 -52.71 59.03
CA ALA WA 210 -45.54 -51.33 59.13
C ALA WA 210 -45.35 -50.67 57.77
N ILE WA 211 -44.97 -51.44 56.76
CA ILE WA 211 -44.52 -50.83 55.51
C ILE WA 211 -45.70 -50.24 54.76
N GLN WA 212 -45.54 -48.99 54.32
CA GLN WA 212 -46.55 -48.36 53.48
C GLN WA 212 -46.41 -48.75 52.03
N ARG WA 213 -45.18 -48.79 51.51
CA ARG WA 213 -44.97 -49.06 50.10
C ARG WA 213 -43.57 -49.61 49.89
N GLY WA 214 -43.39 -50.43 48.85
CA GLY WA 214 -42.07 -50.91 48.48
C GLY WA 214 -41.57 -52.18 49.15
N ALA WA 215 -42.47 -53.10 49.49
CA ALA WA 215 -42.02 -54.34 50.10
C ALA WA 215 -41.21 -55.17 49.12
N LEU WA 216 -40.43 -56.10 49.67
CA LEU WA 216 -39.52 -56.92 48.88
C LEU WA 216 -39.61 -58.35 49.35
N TYR WA 217 -39.98 -59.26 48.45
CA TYR WA 217 -40.20 -60.65 48.79
C TYR WA 217 -39.16 -61.56 48.16
N MET WA 218 -38.90 -62.68 48.82
CA MET WA 218 -38.07 -63.76 48.30
C MET WA 218 -38.89 -65.04 48.28
N VAL WA 219 -38.74 -65.82 47.22
CA VAL WA 219 -39.55 -67.00 47.02
C VAL WA 219 -38.67 -68.15 46.56
N ILE WA 220 -38.94 -69.35 47.08
CA ILE WA 220 -38.20 -70.55 46.72
C ILE WA 220 -39.17 -71.55 46.14
N ALA WA 221 -38.82 -72.12 44.99
CA ALA WA 221 -39.68 -73.08 44.31
C ALA WA 221 -38.97 -74.43 44.22
N PRO WA 222 -39.49 -75.46 44.84
CA PRO WA 222 -38.83 -76.77 44.79
C PRO WA 222 -39.03 -77.44 43.45
N GLY WA 223 -38.19 -78.43 43.19
CA GLY WA 223 -38.38 -79.29 42.04
C GLY WA 223 -39.55 -80.23 42.22
N ASN WA 224 -39.91 -80.89 41.13
CA ASN WA 224 -41.06 -81.80 41.16
C ASN WA 224 -40.89 -82.87 42.22
N GLY WA 225 -41.87 -82.97 43.11
CA GLY WA 225 -41.89 -84.02 44.10
C GLY WA 225 -40.59 -84.15 44.87
N LEU WA 226 -39.89 -83.03 45.07
CA LEU WA 226 -38.59 -83.03 45.72
C LEU WA 226 -38.57 -81.96 46.79
N THR WA 227 -38.43 -82.38 48.04
CA THR WA 227 -38.48 -81.47 49.18
C THR WA 227 -37.12 -81.41 49.85
N PHE WA 228 -36.75 -80.24 50.35
CA PHE WA 228 -35.44 -80.08 50.93
C PHE WA 228 -35.45 -78.91 51.90
N THR WA 229 -34.40 -78.83 52.71
CA THR WA 229 -34.16 -77.68 53.58
C THR WA 229 -32.83 -77.05 53.20
N ALA WA 230 -32.64 -75.81 53.63
CA ALA WA 230 -31.48 -75.03 53.25
C ALA WA 230 -30.87 -74.37 54.47
N HIS WA 231 -29.57 -74.12 54.39
CA HIS WA 231 -28.85 -73.41 55.43
C HIS WA 231 -28.08 -72.27 54.78
N GLY WA 232 -27.82 -71.22 55.55
CA GLY WA 232 -27.01 -70.12 55.07
C GLY WA 232 -27.44 -68.81 55.70
N GLN WA 233 -26.90 -67.73 55.15
CA GLN WA 233 -27.19 -66.40 55.64
C GLN WA 233 -26.97 -65.40 54.52
N THR WA 234 -27.53 -64.20 54.69
CA THR WA 234 -27.48 -63.19 53.65
C THR WA 234 -27.17 -61.84 54.26
N ARG WA 235 -26.76 -60.90 53.42
CA ARG WA 235 -26.52 -59.54 53.84
C ARG WA 235 -27.26 -58.57 52.95
N LEU WA 236 -27.42 -57.35 53.45
CA LEU WA 236 -28.04 -56.27 52.71
C LEU WA 236 -27.19 -55.02 52.82
N TYR WA 237 -27.52 -54.03 51.98
CA TYR WA 237 -26.81 -52.77 51.97
C TYR WA 237 -27.82 -51.66 51.71
N PHE WA 238 -27.78 -50.60 52.50
CA PHE WA 238 -28.74 -49.52 52.34
C PHE WA 238 -28.26 -48.30 53.12
N LYS WA 239 -29.02 -47.22 52.99
CA LYS WA 239 -28.81 -46.04 53.82
C LYS WA 239 -30.12 -45.29 53.96
N SER WA 240 -30.34 -44.69 55.12
CA SER WA 240 -31.51 -43.86 55.32
C SER WA 240 -31.32 -42.53 54.61
N VAL WA 241 -32.44 -41.85 54.36
CA VAL WA 241 -32.42 -40.53 53.74
C VAL WA 241 -33.74 -39.84 54.06
N GLY WA 242 -33.76 -38.53 53.92
CA GLY WA 242 -34.96 -37.75 54.05
C GLY WA 242 -35.04 -37.02 55.38
N ASN WA 243 -36.10 -36.23 55.51
CA ASN WA 243 -36.37 -35.44 56.72
C ASN WA 243 -35.18 -34.58 57.08
N ALA XA 31 59.63 -21.49 11.10
CA ALA XA 31 60.77 -22.41 11.16
C ALA XA 31 62.07 -21.69 10.81
N GLY XA 32 62.62 -20.96 11.77
CA GLY XA 32 63.84 -20.21 11.57
C GLY XA 32 63.88 -19.01 12.47
N SER XA 33 64.96 -18.23 12.34
CA SER XA 33 65.08 -17.02 13.13
C SER XA 33 65.51 -15.82 12.29
N LYS XA 34 64.61 -14.85 12.15
CA LYS XA 34 64.89 -13.59 11.44
C LYS XA 34 65.61 -13.82 10.12
N ALA XA 35 65.19 -14.86 9.41
CA ALA XA 35 65.78 -15.16 8.11
C ALA XA 35 65.49 -14.05 7.12
N ASP XA 36 66.44 -13.82 6.23
CA ASP XA 36 66.36 -12.76 5.24
C ASP XA 36 66.82 -13.28 3.89
N ARG XA 37 66.12 -12.85 2.84
CA ARG XA 37 66.33 -13.38 1.50
C ARG XA 37 67.78 -13.34 1.05
N PRO XA 38 68.52 -12.24 1.19
CA PRO XA 38 69.95 -12.29 0.84
C PRO XA 38 70.71 -13.20 1.80
N SER XA 39 71.84 -13.69 1.32
CA SER XA 39 72.63 -14.64 2.09
C SER XA 39 73.22 -13.96 3.33
N LEU XA 40 73.64 -14.78 4.27
CA LEU XA 40 74.19 -14.30 5.53
C LEU XA 40 75.67 -14.67 5.62
N GLN XA 41 76.42 -13.85 6.33
CA GLN XA 41 77.86 -14.03 6.39
C GLN XA 41 78.21 -15.31 7.14
N ILE XA 42 79.44 -15.77 6.94
CA ILE XA 42 79.90 -17.04 7.50
C ILE XA 42 81.26 -16.84 8.14
N GLN XA 43 81.44 -17.43 9.32
CA GLN XA 43 82.72 -17.48 9.99
C GLN XA 43 83.00 -18.89 10.48
N THR XA 44 84.27 -19.30 10.41
CA THR XA 44 84.65 -20.65 10.76
C THR XA 44 85.76 -20.65 11.80
N LEU XA 45 85.97 -21.79 12.42
CA LEU XA 45 87.07 -22.01 13.33
C LEU XA 45 87.74 -23.32 12.99
N GLN XA 46 89.05 -23.37 13.18
CA GLN XA 46 89.83 -24.54 12.82
C GLN XA 46 90.52 -25.06 14.08
N HIS XA 47 90.10 -26.21 14.56
CA HIS XA 47 90.75 -26.87 15.68
C HIS XA 47 91.23 -28.23 15.21
N ALA XA 48 92.53 -28.39 15.08
CA ALA XA 48 93.14 -29.61 14.54
C ALA XA 48 94.64 -29.44 14.58
N GLY XA 49 95.34 -30.56 14.46
CA GLY XA 49 96.78 -30.51 14.36
C GLY XA 49 97.40 -29.80 15.54
N THR XA 50 98.13 -28.73 15.24
CA THR XA 50 98.74 -27.93 16.29
C THR XA 50 97.72 -27.45 17.31
N THR XA 51 96.54 -27.04 16.83
CA THR XA 51 95.51 -26.55 17.73
C THR XA 51 94.50 -27.67 17.94
N MET XA 52 94.56 -28.28 19.11
CA MET XA 52 93.58 -29.27 19.53
C MET XA 52 93.15 -28.91 20.93
N ILE XA 53 91.87 -28.60 21.10
CA ILE XA 53 91.37 -28.32 22.44
C ILE XA 53 91.68 -29.52 23.31
N THR XA 54 92.38 -29.29 24.41
CA THR XA 54 92.81 -30.35 25.31
C THR XA 54 92.39 -29.98 26.73
N VAL XA 55 91.62 -30.84 27.37
CA VAL XA 55 90.97 -30.46 28.61
C VAL XA 55 91.47 -31.31 29.78
N PRO XA 56 92.24 -30.73 30.69
CA PRO XA 56 92.46 -31.37 31.98
C PRO XA 56 91.23 -31.23 32.86
N SER XA 57 91.20 -32.02 33.92
CA SER XA 57 90.06 -32.00 34.84
C SER XA 57 89.81 -30.59 35.33
N GLY XA 58 88.54 -30.18 35.30
CA GLY XA 58 88.17 -28.83 35.65
C GLY XA 58 87.79 -27.96 34.49
N GLY XA 59 87.81 -28.47 33.27
CA GLY XA 59 87.29 -27.74 32.13
C GLY XA 59 88.21 -26.63 31.67
N VAL XA 60 87.79 -25.97 30.59
CA VAL XA 60 88.54 -24.87 30.03
C VAL XA 60 87.56 -23.84 29.47
N CYS XA 61 87.91 -22.57 29.64
CA CYS XA 61 87.10 -21.46 29.17
C CYS XA 61 87.61 -21.02 27.81
N ASP XA 62 86.70 -20.59 26.96
CA ASP XA 62 87.09 -20.12 25.63
C ASP XA 62 86.01 -19.20 25.09
N LEU XA 63 86.39 -18.39 24.10
CA LEU XA 63 85.48 -17.49 23.42
C LEU XA 63 85.44 -17.82 21.94
N ILE XA 64 84.26 -18.07 21.42
CA ILE XA 64 84.09 -18.43 20.02
C ILE XA 64 83.63 -17.28 19.15
N ASN XA 65 83.39 -16.11 19.72
CA ASN XA 65 82.70 -15.07 18.95
C ASN XA 65 83.66 -14.13 18.25
N THR XA 66 84.96 -14.40 18.29
CA THR XA 66 85.97 -13.51 17.73
C THR XA 66 85.68 -13.14 16.29
N TYR XA 67 85.75 -11.84 16.00
CA TYR XA 67 85.54 -11.31 14.66
C TYR XA 67 86.56 -10.21 14.41
N ALA XA 68 87.21 -10.24 13.26
CA ALA XA 68 88.02 -9.11 12.86
C ALA XA 68 87.15 -8.07 12.17
N ARG XA 69 87.76 -6.94 11.80
CA ARG XA 69 87.08 -5.90 11.03
C ARG XA 69 87.95 -5.54 9.84
N GLY XA 70 87.32 -5.44 8.68
CA GLY XA 70 88.07 -5.08 7.49
C GLY XA 70 87.29 -5.40 6.24
N SER XA 71 88.06 -5.56 5.16
CA SER XA 71 87.45 -5.81 3.86
C SER XA 71 87.00 -7.26 3.72
N ASP XA 72 87.77 -8.19 4.27
CA ASP XA 72 87.55 -9.60 4.02
C ASP XA 72 86.17 -10.03 4.47
N GLU XA 73 85.57 -10.94 3.71
CA GLU XA 73 84.28 -11.48 4.08
C GLU XA 73 84.41 -12.33 5.33
N GLY XA 74 83.42 -12.24 6.20
CA GLY XA 74 83.45 -12.95 7.46
C GLY XA 74 83.89 -12.02 8.57
N ASN XA 75 84.62 -10.98 8.23
CA ASN XA 75 84.92 -9.96 9.21
C ASN XA 75 83.75 -9.00 9.33
N ARG XA 76 83.63 -8.38 10.50
CA ARG XA 76 82.50 -7.50 10.75
C ARG XA 76 82.74 -6.13 10.12
N HIS XA 77 81.73 -5.62 9.42
CA HIS XA 77 81.83 -4.32 8.79
C HIS XA 77 81.46 -3.17 9.70
N THR XA 78 80.79 -3.43 10.81
CA THR XA 78 80.25 -2.35 11.62
C THR XA 78 80.65 -2.49 13.07
N SER XA 79 80.08 -1.65 13.93
CA SER XA 79 80.33 -1.76 15.35
C SER XA 79 79.24 -2.54 16.07
N GLU XA 80 78.24 -3.04 15.34
CA GLU XA 80 77.10 -3.71 15.95
C GLU XA 80 76.81 -5.01 15.20
N THR XA 81 76.74 -6.11 15.94
CA THR XA 81 76.59 -7.42 15.34
C THR XA 81 75.54 -8.25 16.06
N LEU XA 82 74.72 -8.95 15.29
CA LEU XA 82 73.79 -9.95 15.80
C LEU XA 82 74.18 -11.29 15.23
N THR XA 83 74.07 -12.34 16.03
CA THR XA 83 74.30 -13.69 15.57
C THR XA 83 73.01 -14.50 15.68
N TYR XA 84 72.89 -15.52 14.84
CA TYR XA 84 71.65 -16.28 14.81
C TYR XA 84 71.85 -17.78 15.01
N LYS XA 85 72.32 -18.44 13.97
CA LYS XA 85 72.34 -19.89 13.94
C LYS XA 85 73.76 -20.39 14.09
N ILE XA 86 73.92 -21.51 14.77
CA ILE XA 86 75.23 -22.09 15.00
C ILE XA 86 75.16 -23.60 14.85
N ALA XA 87 76.18 -24.18 14.23
CA ALA XA 87 76.28 -25.62 14.07
C ALA XA 87 77.65 -26.06 14.57
N ILE XA 88 77.70 -27.22 15.21
CA ILE XA 88 78.90 -27.68 15.85
C ILE XA 88 79.15 -29.12 15.45
N ASP XA 89 80.37 -29.41 15.03
CA ASP XA 89 80.83 -30.77 14.76
C ASP XA 89 82.16 -30.99 15.43
N TYR XA 90 82.35 -32.16 16.00
CA TYR XA 90 83.66 -32.53 16.54
C TYR XA 90 83.84 -34.02 16.54
N HIS XA 91 85.08 -34.44 16.67
CA HIS XA 91 85.41 -35.77 17.10
C HIS XA 91 86.02 -35.74 18.50
N PHE XA 92 85.72 -36.75 19.28
CA PHE XA 92 86.34 -36.96 20.59
C PHE XA 92 87.17 -38.23 20.56
N VAL XA 93 88.20 -38.26 21.40
CA VAL XA 93 88.94 -39.50 21.63
C VAL XA 93 89.52 -39.44 23.03
N ALA XA 94 89.54 -40.59 23.69
CA ALA XA 94 90.16 -40.65 25.01
C ALA XA 94 91.67 -40.48 24.87
N ASP XA 95 92.29 -40.04 25.96
CA ASP XA 95 93.73 -39.92 26.01
C ASP XA 95 94.33 -41.12 26.70
N ALA XA 96 95.43 -41.62 26.13
CA ALA XA 96 96.12 -42.76 26.73
C ALA XA 96 96.56 -42.47 28.15
N ALA XA 97 96.85 -41.20 28.45
CA ALA XA 97 97.28 -40.84 29.79
C ALA XA 97 96.31 -41.31 30.86
N ALA XA 98 95.02 -41.26 30.58
CA ALA XA 98 94.00 -41.75 31.50
C ALA XA 98 93.56 -43.17 31.22
N CYS XA 99 94.06 -43.79 30.16
CA CYS XA 99 93.64 -45.15 29.84
C CYS XA 99 94.22 -46.18 30.79
N ARG XA 100 95.13 -45.79 31.69
CA ARG XA 100 95.67 -46.74 32.65
C ARG XA 100 94.63 -47.24 33.63
N TYR XA 101 93.44 -46.67 33.63
CA TYR XA 101 92.35 -47.09 34.49
C TYR XA 101 91.16 -47.45 33.63
N SER XA 102 90.19 -48.14 34.22
CA SER XA 102 88.98 -48.52 33.51
C SER XA 102 87.77 -48.06 34.30
N ASN XA 103 87.06 -47.06 33.79
CA ASN XA 103 85.78 -46.68 34.31
C ASN XA 103 85.06 -45.86 33.24
N THR XA 104 83.76 -45.73 33.41
CA THR XA 104 83.00 -44.83 32.56
C THR XA 104 82.96 -43.45 33.19
N GLY XA 105 82.12 -42.59 32.64
CA GLY XA 105 81.95 -41.27 33.19
C GLY XA 105 80.88 -40.52 32.41
N THR XA 106 80.77 -39.23 32.69
CA THR XA 106 79.83 -38.39 31.96
C THR XA 106 80.42 -37.01 31.79
N GLY XA 107 80.31 -36.47 30.56
CA GLY XA 107 80.78 -35.14 30.25
C GLY XA 107 79.65 -34.16 30.02
N VAL XA 108 80.03 -32.90 29.86
CA VAL XA 108 79.08 -31.80 29.74
C VAL XA 108 79.65 -30.74 28.83
N MET XA 109 78.80 -30.15 28.01
CA MET XA 109 79.15 -29.01 27.18
C MET XA 109 78.08 -27.95 27.38
N TRP XA 110 78.49 -26.74 27.77
CA TRP XA 110 77.56 -25.64 27.92
C TRP XA 110 77.82 -24.56 26.88
N LEU XA 111 76.79 -23.79 26.62
CA LEU XA 111 76.91 -22.59 25.81
C LEU XA 111 76.47 -21.43 26.70
N VAL XA 112 77.42 -20.58 27.10
CA VAL XA 112 77.20 -19.60 28.14
C VAL XA 112 77.27 -18.20 27.54
N TYR XA 113 76.28 -17.38 27.86
CA TYR XA 113 76.22 -16.02 27.39
C TYR XA 113 76.59 -15.05 28.52
N ASP XA 114 77.27 -13.98 28.16
CA ASP XA 114 77.76 -13.00 29.11
C ASP XA 114 77.11 -11.65 28.86
N THR XA 115 77.08 -10.82 29.90
CA THR XA 115 76.66 -9.45 29.75
C THR XA 115 77.86 -8.53 29.60
N THR XA 116 78.59 -8.31 30.69
CA THR XA 116 79.79 -7.47 30.66
C THR XA 116 80.99 -8.31 31.03
N PRO XA 117 81.93 -8.51 30.12
CA PRO XA 117 83.13 -9.29 30.47
C PRO XA 117 84.08 -8.46 31.29
N GLY XA 118 84.76 -9.12 32.21
CA GLY XA 118 85.82 -8.48 32.93
C GLY XA 118 87.02 -8.24 32.04
N GLY XA 119 88.00 -7.52 32.58
CA GLY XA 119 89.24 -7.32 31.86
C GLY XA 119 90.06 -8.58 31.71
N GLN XA 120 89.79 -9.60 32.52
CA GLN XA 120 90.53 -10.85 32.52
C GLN XA 120 89.63 -11.99 32.09
N ALA XA 121 90.25 -13.03 31.54
CA ALA XA 121 89.49 -14.16 31.05
C ALA XA 121 88.92 -14.97 32.20
N PRO XA 122 87.66 -15.34 32.14
CA PRO XA 122 87.08 -16.15 33.22
C PRO XA 122 87.62 -17.56 33.19
N THR XA 123 87.46 -18.23 34.32
CA THR XA 123 87.75 -19.65 34.43
C THR XA 123 86.55 -20.34 35.06
N PRO XA 124 86.30 -21.60 34.73
CA PRO XA 124 85.10 -22.27 35.26
C PRO XA 124 84.96 -22.13 36.76
N GLN XA 125 86.04 -22.33 37.51
CA GLN XA 125 85.93 -22.26 38.96
C GLN XA 125 85.36 -20.92 39.39
N THR XA 126 85.60 -19.88 38.59
CA THR XA 126 85.01 -18.58 38.89
C THR XA 126 83.57 -18.50 38.43
N ILE XA 127 83.23 -19.14 37.32
CA ILE XA 127 81.88 -18.98 36.80
C ILE XA 127 80.89 -19.78 37.62
N PHE XA 128 81.33 -20.89 38.19
CA PHE XA 128 80.46 -21.76 38.97
C PHE XA 128 81.07 -21.92 40.35
N ALA XA 129 80.30 -21.59 41.38
CA ALA XA 129 80.78 -21.80 42.72
C ALA XA 129 80.62 -23.27 43.08
N TYR XA 130 81.72 -23.95 43.30
CA TYR XA 130 81.59 -25.34 43.68
C TYR XA 130 82.62 -25.70 44.73
N PRO XA 131 82.24 -26.50 45.71
CA PRO XA 131 83.24 -27.00 46.66
C PRO XA 131 84.19 -27.96 45.98
N ASP XA 132 85.36 -28.12 46.59
CA ASP XA 132 86.38 -28.99 46.02
C ASP XA 132 85.89 -30.42 45.89
N THR XA 133 85.00 -30.83 46.79
CA THR XA 133 84.47 -32.18 46.75
C THR XA 133 83.77 -32.48 45.44
N LEU XA 134 82.92 -31.58 44.98
CA LEU XA 134 82.15 -31.82 43.76
C LEU XA 134 82.97 -31.73 42.50
N LYS XA 135 84.25 -31.33 42.59
CA LYS XA 135 85.06 -31.18 41.39
C LYS XA 135 85.07 -32.44 40.54
N ALA XA 136 84.91 -33.60 41.18
CA ALA XA 136 84.84 -34.85 40.45
C ALA XA 136 83.69 -34.85 39.45
N TRP XA 137 82.49 -34.61 39.92
CA TRP XA 137 81.36 -34.79 39.03
C TRP XA 137 80.85 -33.44 38.58
N PRO XA 138 81.15 -33.02 37.37
CA PRO XA 138 80.71 -31.69 36.94
C PRO XA 138 79.22 -31.60 36.75
N ALA XA 139 78.61 -32.68 36.26
CA ALA XA 139 77.26 -32.58 35.73
C ALA XA 139 76.28 -32.06 36.75
N THR XA 140 76.65 -32.02 38.01
CA THR XA 140 75.80 -31.42 39.03
C THR XA 140 75.99 -29.93 39.16
N TRP XA 141 77.05 -29.38 38.59
CA TRP XA 141 77.28 -27.95 38.73
C TRP XA 141 76.09 -27.17 38.23
N LYS XA 142 75.82 -26.04 38.87
CA LYS XA 142 74.84 -25.09 38.36
C LYS XA 142 75.34 -23.69 38.64
N VAL XA 143 74.73 -22.73 37.94
CA VAL XA 143 75.21 -21.36 37.99
C VAL XA 143 75.14 -20.83 39.41
N SER XA 144 76.19 -20.15 39.84
CA SER XA 144 76.25 -19.60 41.18
C SER XA 144 75.30 -18.42 41.34
N ARG XA 145 74.82 -18.21 42.56
CA ARG XA 145 73.77 -17.20 42.77
C ARG XA 145 74.34 -15.78 42.81
N GLU XA 146 75.58 -15.63 43.24
CA GLU XA 146 76.14 -14.28 43.34
C GLU XA 146 76.11 -13.57 42.01
N LEU XA 147 76.40 -14.29 40.94
CA LEU XA 147 76.46 -13.72 39.60
C LEU XA 147 75.14 -13.86 38.85
N CYS XA 148 74.08 -14.28 39.55
CA CYS XA 148 72.85 -14.78 38.93
C CYS XA 148 72.39 -13.93 37.76
N HIS XA 149 72.50 -12.63 37.88
CA HIS XA 149 72.10 -11.77 36.77
C HIS XA 149 73.24 -11.44 35.82
N ARG XA 150 74.48 -11.78 36.17
CA ARG XA 150 75.58 -11.45 35.27
C ARG XA 150 75.72 -12.46 34.14
N PHE XA 151 75.35 -13.71 34.37
CA PHE XA 151 75.52 -14.77 33.38
C PHE XA 151 74.21 -15.50 33.16
N VAL XA 152 74.18 -16.27 32.08
CA VAL XA 152 73.04 -17.14 31.79
C VAL XA 152 73.52 -18.21 30.82
N VAL XA 153 72.78 -19.31 30.75
CA VAL XA 153 73.15 -20.42 29.89
C VAL XA 153 71.97 -20.70 28.97
N LYS XA 154 72.17 -20.51 27.68
CA LYS XA 154 71.06 -20.64 26.74
C LYS XA 154 70.97 -22.02 26.13
N ARG XA 155 71.96 -22.88 26.32
CA ARG XA 155 71.89 -24.25 25.81
C ARG XA 155 72.66 -25.17 26.74
N ARG XA 156 72.39 -26.46 26.60
CA ARG XA 156 73.06 -27.48 27.39
C ARG XA 156 73.11 -28.76 26.59
N TRP XA 157 74.15 -29.55 26.80
CA TRP XA 157 74.21 -30.85 26.16
C TRP XA 157 74.93 -31.84 27.05
N LEU XA 158 74.61 -33.12 26.84
CA LEU XA 158 75.22 -34.21 27.57
C LEU XA 158 75.85 -35.20 26.61
N PHE XA 159 76.84 -35.91 27.12
CA PHE XA 159 77.44 -37.01 26.39
C PHE XA 159 78.13 -37.89 27.40
N ASN XA 160 78.41 -39.11 27.00
CA ASN XA 160 79.09 -40.05 27.89
C ASN XA 160 80.06 -40.90 27.10
N MET XA 161 81.10 -41.34 27.77
CA MET XA 161 82.14 -42.13 27.14
C MET XA 161 82.82 -42.96 28.21
N GLU XA 162 83.58 -43.97 27.77
CA GLU XA 162 84.20 -44.88 28.70
C GLU XA 162 85.41 -45.50 28.04
N THR XA 163 86.29 -46.05 28.86
CA THR XA 163 87.48 -46.72 28.39
C THR XA 163 87.67 -48.02 29.14
N ASP XA 164 88.19 -49.01 28.42
CA ASP XA 164 88.39 -50.33 28.97
C ASP XA 164 89.81 -50.56 29.47
N GLY XA 165 90.68 -49.57 29.35
CA GLY XA 165 92.07 -49.75 29.72
C GLY XA 165 92.94 -50.36 28.63
N ARG XA 166 92.64 -50.11 27.37
CA ARG XA 166 93.43 -50.65 26.28
C ARG XA 166 93.61 -49.61 25.20
N ILE XA 167 94.85 -49.37 24.79
CA ILE XA 167 95.13 -48.41 23.73
C ILE XA 167 94.83 -49.06 22.40
N GLY XA 168 94.49 -48.23 21.40
CA GLY XA 168 94.08 -48.77 20.12
C GLY XA 168 95.14 -49.61 19.44
N SER XA 169 96.38 -49.12 19.42
CA SER XA 169 97.43 -49.76 18.64
C SER XA 169 97.79 -51.15 19.16
N ASP XA 170 97.25 -51.56 20.29
CA ASP XA 170 97.63 -52.83 20.90
C ASP XA 170 96.97 -53.99 20.15
N ILE XA 171 97.77 -55.01 19.84
CA ILE XA 171 97.29 -56.18 19.12
C ILE XA 171 96.65 -57.17 20.08
N PRO XA 172 95.41 -57.58 19.85
CA PRO XA 172 94.83 -58.62 20.68
C PRO XA 172 95.61 -59.91 20.54
N PRO XA 173 95.74 -60.67 21.61
CA PRO XA 173 96.32 -62.02 21.50
C PRO XA 173 95.35 -62.93 20.76
N SER XA 174 95.93 -63.93 20.10
CA SER XA 174 95.14 -64.82 19.24
C SER XA 174 94.13 -65.65 20.00
N ASN XA 175 94.18 -65.66 21.33
CA ASN XA 175 93.28 -66.51 22.09
C ASN XA 175 91.88 -65.92 22.20
N ALA XA 176 91.77 -64.66 22.60
CA ALA XA 176 90.48 -64.09 22.94
C ALA XA 176 90.39 -62.67 22.40
N SER XA 177 89.19 -62.08 22.47
CA SER XA 177 88.94 -60.79 21.86
C SER XA 177 88.22 -59.80 22.77
N TRP XA 178 87.82 -58.66 22.23
CA TRP XA 178 87.11 -57.65 22.99
C TRP XA 178 86.08 -57.00 22.10
N LYS XA 179 85.00 -56.50 22.72
CA LYS XA 179 84.07 -55.60 22.06
C LYS XA 179 84.24 -54.24 22.74
N PRO XA 180 84.95 -53.31 22.14
CA PRO XA 180 85.11 -52.00 22.76
C PRO XA 180 84.14 -50.97 22.21
N CYS XA 181 82.84 -51.20 22.36
CA CYS XA 181 81.88 -50.22 21.87
C CYS XA 181 82.08 -48.89 22.58
N LYS XA 182 81.95 -47.81 21.81
CA LYS XA 182 82.00 -46.46 22.34
C LYS XA 182 83.30 -46.17 23.07
N ARG XA 183 84.43 -46.47 22.41
CA ARG XA 183 85.67 -45.87 22.87
C ARG XA 183 85.75 -44.42 22.45
N ASN XA 184 85.39 -44.12 21.21
CA ASN XA 184 85.32 -42.77 20.71
C ASN XA 184 83.93 -42.49 20.18
N ILE XA 185 83.61 -41.21 20.01
CA ILE XA 185 82.24 -40.80 19.77
C ILE XA 185 82.21 -39.64 18.79
N TYR XA 186 81.12 -39.55 18.05
CA TYR XA 186 80.91 -38.52 17.05
C TYR XA 186 79.78 -37.61 17.52
N PHE XA 187 80.09 -36.36 17.80
CA PHE XA 187 79.14 -35.45 18.42
C PHE XA 187 78.86 -34.27 17.51
N HIS XA 188 77.58 -33.97 17.31
CA HIS XA 188 77.19 -32.84 16.49
C HIS XA 188 75.83 -32.34 16.92
N LYS XA 189 75.63 -31.04 16.81
CA LYS XA 189 74.34 -30.44 17.10
C LYS XA 189 74.15 -29.25 16.18
N PHE XA 190 72.89 -28.91 15.93
CA PHE XA 190 72.53 -27.80 15.07
C PHE XA 190 71.34 -27.10 15.69
N THR XA 191 71.43 -25.79 15.90
CA THR XA 191 70.34 -25.08 16.55
C THR XA 191 70.18 -23.67 15.98
N SER XA 192 68.93 -23.30 15.70
CA SER XA 192 68.61 -21.98 15.20
C SER XA 192 68.04 -21.04 16.26
N GLY XA 193 67.85 -21.53 17.48
CA GLY XA 193 66.99 -20.81 18.41
C GLY XA 193 67.58 -19.50 18.89
N LEU XA 194 68.85 -19.52 19.29
CA LEU XA 194 69.39 -18.42 20.06
C LEU XA 194 69.49 -17.15 19.22
N GLY XA 195 69.63 -16.04 19.92
CA GLY XA 195 70.06 -14.80 19.29
C GLY XA 195 70.77 -13.97 20.32
N VAL XA 196 71.69 -13.14 19.84
CA VAL XA 196 72.60 -12.42 20.73
C VAL XA 196 72.87 -11.04 20.13
N ARG XA 197 72.94 -10.04 21.00
CA ARG XA 197 73.22 -8.68 20.59
C ARG XA 197 74.56 -8.26 21.15
N THR XA 198 75.46 -7.81 20.28
CA THR XA 198 76.82 -7.48 20.67
C THR XA 198 77.22 -6.12 20.12
N GLN XA 199 77.99 -5.37 20.91
CA GLN XA 199 78.57 -4.12 20.46
C GLN XA 199 80.05 -4.13 20.79
N TRP XA 200 80.78 -3.24 20.13
CA TRP XA 200 82.24 -3.30 20.14
C TRP XA 200 82.84 -1.94 20.47
N LYS XA 201 83.95 -1.97 21.19
CA LYS XA 201 84.82 -0.81 21.23
C LYS XA 201 85.45 -0.62 19.86
N ASN XA 202 85.97 0.57 19.61
CA ASN XA 202 86.49 0.88 18.30
C ASN XA 202 87.96 0.54 18.26
N VAL XA 203 88.30 -0.56 17.59
CA VAL XA 203 89.66 -1.00 17.31
C VAL XA 203 89.59 -1.92 16.10
N THR XA 204 90.74 -2.41 15.65
CA THR XA 204 90.75 -3.40 14.59
C THR XA 204 90.51 -4.80 15.15
N ASP XA 205 91.06 -5.07 16.32
CA ASP XA 205 91.29 -6.43 16.77
C ASP XA 205 89.98 -7.18 17.02
N GLY XA 206 90.09 -8.50 17.01
CA GLY XA 206 88.99 -9.37 17.35
C GLY XA 206 89.13 -10.08 18.69
N GLY XA 207 90.08 -9.69 19.51
CA GLY XA 207 90.28 -10.34 20.80
C GLY XA 207 89.17 -10.01 21.77
N VAL XA 208 89.31 -10.57 22.97
CA VAL XA 208 88.29 -10.38 23.99
C VAL XA 208 88.28 -8.94 24.50
N GLY XA 209 89.44 -8.31 24.63
CA GLY XA 209 89.50 -6.99 25.21
C GLY XA 209 88.69 -5.95 24.45
N ALA XA 210 88.31 -6.24 23.21
CA ALA XA 210 87.62 -5.26 22.40
C ALA XA 210 86.13 -5.18 22.73
N ILE XA 211 85.53 -6.28 23.16
CA ILE XA 211 84.07 -6.33 23.24
C ILE XA 211 83.58 -5.49 24.41
N GLN XA 212 82.59 -4.65 24.13
CA GLN XA 212 81.96 -3.87 25.20
C GLN XA 212 80.90 -4.69 25.92
N ARG XA 213 80.08 -5.43 25.18
CA ARG XA 213 78.97 -6.15 25.80
C ARG XA 213 78.58 -7.32 24.91
N GLY XA 214 78.05 -8.37 25.52
CA GLY XA 214 77.52 -9.50 24.77
C GLY XA 214 78.48 -10.62 24.40
N ALA XA 215 79.49 -10.87 25.22
CA ALA XA 215 80.41 -11.95 24.91
C ALA XA 215 79.71 -13.30 24.97
N LEU XA 216 80.33 -14.29 24.33
CA LEU XA 216 79.75 -15.63 24.22
C LEU XA 216 80.83 -16.66 24.46
N TYR XA 217 80.64 -17.49 25.48
CA TYR XA 217 81.64 -18.47 25.90
C TYR XA 217 81.18 -19.89 25.61
N MET XA 218 82.16 -20.77 25.41
CA MET XA 218 81.95 -22.20 25.29
C MET XA 218 82.79 -22.90 26.34
N VAL XA 219 82.23 -23.92 26.97
CA VAL XA 219 82.90 -24.59 28.08
C VAL XA 219 82.75 -26.09 27.91
N ILE XA 220 83.82 -26.82 28.22
CA ILE XA 220 83.82 -28.28 28.14
C ILE XA 220 84.15 -28.84 29.51
N ALA XA 221 83.34 -29.79 29.97
CA ALA XA 221 83.51 -30.39 31.28
C ALA XA 221 83.83 -31.87 31.14
N PRO XA 222 84.99 -32.33 31.56
CA PRO XA 222 85.33 -33.74 31.41
C PRO XA 222 84.61 -34.59 32.44
N GLY XA 223 84.57 -35.88 32.17
CA GLY XA 223 84.08 -36.84 33.14
C GLY XA 223 85.07 -37.03 34.27
N ASN XA 224 84.60 -37.71 35.32
CA ASN XA 224 85.43 -37.94 36.50
C ASN XA 224 86.74 -38.62 36.13
N GLY XA 225 87.84 -38.00 36.53
CA GLY XA 225 89.15 -38.59 36.34
C GLY XA 225 89.40 -39.09 34.94
N LEU XA 226 88.82 -38.42 33.95
CA LEU XA 226 88.90 -38.85 32.56
C LEU XA 226 89.28 -37.66 31.70
N THR XA 227 90.45 -37.72 31.08
CA THR XA 227 90.97 -36.62 30.29
C THR XA 227 91.05 -37.03 28.82
N PHE XA 228 90.78 -36.08 27.94
CA PHE XA 228 90.75 -36.39 26.52
C PHE XA 228 91.00 -35.12 25.72
N THR XA 229 91.26 -35.33 24.44
CA THR XA 229 91.38 -34.24 23.47
C THR XA 229 90.33 -34.43 22.39
N ALA XA 230 90.04 -33.36 21.66
CA ALA XA 230 88.98 -33.36 20.68
C ALA XA 230 89.45 -32.74 19.38
N HIS XA 231 88.83 -33.16 18.28
CA HIS XA 231 89.11 -32.60 16.96
C HIS XA 231 87.80 -32.20 16.34
N GLY XA 232 87.85 -31.23 15.45
CA GLY XA 232 86.68 -30.81 14.71
C GLY XA 232 86.74 -29.33 14.37
N GLN XA 233 85.61 -28.84 13.89
CA GLN XA 233 85.49 -27.44 13.50
C GLN XA 233 84.04 -27.03 13.59
N THR XA 234 83.82 -25.71 13.62
CA THR XA 234 82.48 -25.18 13.80
C THR XA 234 82.26 -24.01 12.86
N ARG XA 235 80.99 -23.66 12.68
CA ARG XA 235 80.62 -22.50 11.88
C ARG XA 235 79.69 -21.59 12.65
N LEU XA 236 79.60 -20.36 12.18
CA LEU XA 236 78.70 -19.36 12.75
C LEU XA 236 77.92 -18.69 11.63
N TYR XA 237 76.90 -17.94 12.04
CA TYR XA 237 76.06 -17.21 11.10
C TYR XA 237 75.68 -15.88 11.73
N PHE XA 238 75.83 -14.79 11.00
CA PHE XA 238 75.51 -13.49 11.55
C PHE XA 238 75.43 -12.47 10.42
N LYS XA 239 75.09 -11.24 10.79
CA LYS XA 239 75.15 -10.11 9.87
C LYS XA 239 75.36 -8.84 10.67
N SER XA 240 76.11 -7.91 10.08
CA SER XA 240 76.29 -6.61 10.70
C SER XA 240 75.03 -5.78 10.52
N VAL XA 241 74.89 -4.75 11.36
CA VAL XA 241 73.76 -3.83 11.27
C VAL XA 241 74.15 -2.55 11.98
N GLY XA 242 73.44 -1.48 11.69
CA GLY XA 242 73.60 -0.22 12.39
C GLY XA 242 74.38 0.79 11.58
N ASN XA 243 74.48 1.99 12.15
CA ASN XA 243 75.19 3.12 11.55
C ASN XA 243 74.69 3.39 10.15
N ALA YA 31 -1.19 -42.78 -48.08
CA ALA YA 31 -1.10 -44.05 -48.76
C ALA YA 31 -2.17 -44.16 -49.86
N GLY YA 32 -1.90 -43.53 -50.99
CA GLY YA 32 -2.83 -43.54 -52.10
C GLY YA 32 -2.65 -42.29 -52.94
N SER YA 33 -3.48 -42.18 -53.98
CA SER YA 33 -3.44 -40.99 -54.82
C SER YA 33 -4.82 -40.42 -55.09
N LYS YA 34 -5.09 -39.23 -54.57
CA LYS YA 34 -6.34 -38.50 -54.80
C LYS YA 34 -7.56 -39.41 -54.68
N ALA YA 35 -7.53 -40.28 -53.67
CA ALA YA 35 -8.64 -41.17 -53.43
C ALA YA 35 -9.87 -40.38 -53.01
N ASP YA 36 -11.04 -40.89 -53.41
CA ASP YA 36 -12.31 -40.23 -53.15
C ASP YA 36 -13.33 -41.26 -52.70
N ARG YA 37 -14.15 -40.86 -51.73
CA ARG YA 37 -15.07 -41.79 -51.09
C ARG YA 37 -15.96 -42.55 -52.06
N PRO YA 38 -16.60 -41.94 -53.05
CA PRO YA 38 -17.35 -42.74 -54.02
C PRO YA 38 -16.40 -43.58 -54.86
N SER YA 39 -16.94 -44.67 -55.40
CA SER YA 39 -16.15 -45.60 -56.16
C SER YA 39 -15.65 -44.97 -57.46
N LEU YA 40 -14.62 -45.59 -58.03
CA LEU YA 40 -14.01 -45.09 -59.25
C LEU YA 40 -14.26 -46.07 -60.40
N GLN YA 41 -14.31 -45.53 -61.61
CA GLN YA 41 -14.66 -46.34 -62.76
C GLN YA 41 -13.58 -47.36 -63.05
N ILE YA 42 -13.95 -48.38 -63.82
CA ILE YA 42 -13.07 -49.50 -64.11
C ILE YA 42 -13.08 -49.79 -65.60
N GLN YA 43 -11.90 -50.05 -66.16
CA GLN YA 43 -11.77 -50.50 -67.54
C GLN YA 43 -10.82 -51.67 -67.59
N THR YA 44 -11.10 -52.62 -68.48
CA THR YA 44 -10.34 -53.84 -68.59
C THR YA 44 -9.86 -54.06 -70.02
N LEU YA 45 -8.89 -54.94 -70.15
CA LEU YA 45 -8.42 -55.38 -71.46
C LEU YA 45 -8.32 -56.89 -71.46
N GLN YA 46 -8.59 -57.49 -72.60
CA GLN YA 46 -8.60 -58.93 -72.73
C GLN YA 46 -7.56 -59.34 -73.77
N HIS YA 47 -6.50 -59.98 -73.33
CA HIS YA 47 -5.49 -60.52 -74.24
C HIS YA 47 -5.41 -62.03 -74.00
N ALA YA 48 -5.89 -62.80 -74.96
CA ALA YA 48 -5.97 -64.25 -74.83
C ALA YA 48 -6.52 -64.80 -76.13
N GLY YA 49 -6.34 -66.10 -76.31
CA GLY YA 49 -6.94 -66.77 -77.46
C GLY YA 49 -6.50 -66.12 -78.76
N THR YA 50 -7.49 -65.66 -79.52
CA THR YA 50 -7.21 -64.97 -80.77
C THR YA 50 -6.25 -63.81 -80.57
N THR YA 51 -6.42 -63.05 -79.50
CA THR YA 51 -5.57 -61.91 -79.23
C THR YA 51 -4.54 -62.31 -78.20
N MET YA 52 -3.31 -62.53 -78.65
CA MET YA 52 -2.18 -62.79 -77.77
C MET YA 52 -1.05 -61.89 -78.23
N ILE YA 53 -0.62 -60.98 -77.36
CA ILE YA 53 0.51 -60.15 -77.70
C ILE YA 53 1.68 -61.06 -78.04
N THR YA 54 2.23 -60.88 -79.23
CA THR YA 54 3.32 -61.71 -79.73
C THR YA 54 4.45 -60.80 -80.20
N VAL YA 55 5.63 -60.99 -79.64
CA VAL YA 55 6.70 -60.02 -79.85
C VAL YA 55 7.87 -60.63 -80.59
N PRO YA 56 8.10 -60.26 -81.84
CA PRO YA 56 9.38 -60.54 -82.48
C PRO YA 56 10.44 -59.60 -81.95
N SER YA 57 11.69 -59.95 -82.22
CA SER YA 57 12.83 -59.15 -81.77
C SER YA 57 12.65 -57.70 -82.21
N GLY YA 58 12.88 -56.78 -81.28
CA GLY YA 58 12.66 -55.38 -81.54
C GLY YA 58 11.43 -54.79 -80.91
N GLY YA 59 10.67 -55.57 -80.16
CA GLY YA 59 9.58 -55.04 -79.37
C GLY YA 59 8.37 -54.66 -80.21
N VAL YA 60 7.33 -54.22 -79.52
CA VAL YA 60 6.10 -53.79 -80.18
C VAL YA 60 5.51 -52.64 -79.39
N CYS YA 61 4.94 -51.69 -80.12
CA CYS YA 61 4.31 -50.51 -79.55
C CYS YA 61 2.82 -50.76 -79.42
N ASP YA 62 2.22 -50.22 -78.37
CA ASP YA 62 0.79 -50.36 -78.16
C ASP YA 62 0.29 -49.24 -77.27
N LEU YA 63 -1.02 -49.01 -77.32
CA LEU YA 63 -1.69 -48.02 -76.49
C LEU YA 63 -2.75 -48.70 -75.64
N ILE YA 64 -2.65 -48.50 -74.33
CA ILE YA 64 -3.58 -49.12 -73.39
C ILE YA 64 -4.66 -48.18 -72.92
N ASN YA 65 -4.66 -46.93 -73.34
CA ASN YA 65 -5.53 -45.95 -72.69
C ASN YA 65 -6.87 -45.81 -73.40
N THR YA 66 -7.14 -46.64 -74.40
CA THR YA 66 -8.35 -46.51 -75.20
C THR YA 66 -9.61 -46.47 -74.34
N TYR YA 67 -10.48 -45.50 -74.64
CA TYR YA 67 -11.75 -45.32 -73.95
C TYR YA 67 -12.81 -44.94 -74.97
N ALA YA 68 -13.96 -45.60 -74.92
CA ALA YA 68 -15.08 -45.14 -75.71
C ALA YA 68 -15.83 -44.06 -74.94
N ARG YA 69 -16.85 -43.50 -75.59
CA ARG YA 69 -17.73 -42.53 -74.95
C ARG YA 69 -19.17 -42.96 -75.17
N GLY YA 70 -19.97 -42.90 -74.11
CA GLY YA 70 -21.36 -43.28 -74.23
C GLY YA 70 -21.97 -43.55 -72.88
N SER YA 71 -23.04 -44.34 -72.91
CA SER YA 71 -23.78 -44.63 -71.69
C SER YA 71 -23.08 -45.67 -70.84
N ASP YA 72 -22.45 -46.66 -71.49
CA ASP YA 72 -21.95 -47.81 -70.76
C ASP YA 72 -20.90 -47.40 -69.75
N GLU YA 73 -20.91 -48.09 -68.61
CA GLU YA 73 -19.92 -47.84 -67.58
C GLU YA 73 -18.55 -48.27 -68.07
N GLY YA 74 -17.54 -47.48 -67.72
CA GLY YA 74 -16.18 -47.73 -68.18
C GLY YA 74 -15.85 -46.85 -69.35
N ASN YA 75 -16.86 -46.41 -70.08
CA ASN YA 75 -16.63 -45.42 -71.11
C ASN YA 75 -16.57 -44.03 -70.48
N ARG YA 76 -15.86 -43.13 -71.15
CA ARG YA 76 -15.68 -41.80 -70.61
C ARG YA 76 -16.91 -40.94 -70.88
N HIS YA 77 -17.37 -40.24 -69.86
CA HIS YA 77 -18.53 -39.37 -70.00
C HIS YA 77 -18.19 -37.98 -70.49
N THR YA 78 -16.93 -37.57 -70.41
CA THR YA 78 -16.59 -36.18 -70.69
C THR YA 78 -15.47 -36.09 -71.70
N SER YA 79 -14.96 -34.88 -71.90
CA SER YA 79 -13.83 -34.68 -72.78
C SER YA 79 -12.51 -34.63 -72.03
N GLU YA 80 -12.54 -34.79 -70.71
CA GLU YA 80 -11.35 -34.65 -69.88
C GLU YA 80 -11.26 -35.81 -68.90
N THR YA 81 -10.12 -36.49 -68.88
CA THR YA 81 -9.95 -37.70 -68.09
C THR YA 81 -8.62 -37.70 -67.36
N LEU YA 82 -8.66 -38.11 -66.09
CA LEU YA 82 -7.47 -38.38 -65.31
C LEU YA 82 -7.44 -39.85 -64.95
N THR YA 83 -6.26 -40.45 -64.96
CA THR YA 83 -6.09 -41.82 -64.53
C THR YA 83 -5.19 -41.87 -63.30
N TYR YA 84 -5.37 -42.91 -62.49
CA TYR YA 84 -4.63 -42.97 -61.25
C TYR YA 84 -3.85 -44.26 -61.07
N LYS YA 85 -4.55 -45.33 -60.75
CA LYS YA 85 -3.90 -46.57 -60.33
C LYS YA 85 -4.04 -47.61 -61.42
N ILE YA 86 -3.01 -48.43 -61.57
CA ILE YA 86 -2.99 -49.46 -62.60
C ILE YA 86 -2.40 -50.74 -62.02
N ALA YA 87 -2.98 -51.87 -62.38
CA ALA YA 87 -2.49 -53.18 -61.97
C ALA YA 87 -2.34 -54.04 -63.21
N ILE YA 88 -1.29 -54.86 -63.23
CA ILE YA 88 -0.96 -55.63 -64.41
C ILE YA 88 -0.71 -57.07 -64.00
N ASP YA 89 -1.34 -58.00 -64.71
CA ASP YA 89 -1.08 -59.42 -64.54
C ASP YA 89 -0.88 -60.03 -65.92
N TYR YA 90 0.07 -60.97 -66.01
CA TYR YA 90 0.22 -61.72 -67.24
C TYR YA 90 0.85 -63.06 -66.95
N HIS YA 91 0.74 -63.95 -67.93
CA HIS YA 91 1.59 -65.11 -68.03
C HIS YA 91 2.51 -64.97 -69.22
N PHE YA 92 3.74 -65.46 -69.08
CA PHE YA 92 4.68 -65.55 -70.18
C PHE YA 92 4.97 -67.01 -70.48
N VAL YA 93 5.32 -67.29 -71.72
CA VAL YA 93 5.83 -68.60 -72.10
C VAL YA 93 6.75 -68.45 -73.29
N ALA YA 94 7.83 -69.23 -73.30
CA ALA YA 94 8.71 -69.20 -74.45
C ALA YA 94 8.02 -69.80 -75.67
N ASP YA 95 8.50 -69.42 -76.84
CA ASP YA 95 7.99 -69.97 -78.08
C ASP YA 95 8.92 -71.08 -78.57
N ALA YA 96 8.31 -72.16 -79.03
CA ALA YA 96 9.09 -73.28 -79.56
C ALA YA 96 9.97 -72.84 -80.73
N ALA YA 97 9.54 -71.82 -81.47
CA ALA YA 97 10.32 -71.34 -82.60
C ALA YA 97 11.74 -70.99 -82.20
N ALA YA 98 11.93 -70.42 -81.02
CA ALA YA 98 13.25 -70.09 -80.51
C ALA YA 98 13.83 -71.16 -79.61
N CYS YA 99 13.06 -72.22 -79.30
CA CYS YA 99 13.58 -73.25 -78.41
C CYS YA 99 14.64 -74.11 -79.06
N ARG YA 100 14.89 -73.96 -80.37
CA ARG YA 100 15.93 -74.75 -81.02
C ARG YA 100 17.32 -74.40 -80.51
N TYR YA 101 17.46 -73.37 -79.70
CA TYR YA 101 18.73 -72.98 -79.12
C TYR YA 101 18.58 -72.95 -77.61
N SER YA 102 19.72 -72.92 -76.91
CA SER YA 102 19.72 -72.87 -75.46
C SER YA 102 20.58 -71.71 -75.00
N ASN YA 103 19.93 -70.69 -74.46
CA ASN YA 103 20.61 -69.61 -73.77
C ASN YA 103 19.61 -68.90 -72.90
N THR YA 104 20.13 -68.12 -71.95
CA THR YA 104 19.27 -67.26 -71.16
C THR YA 104 19.16 -65.90 -71.85
N GLY YA 105 18.60 -64.94 -71.13
CA GLY YA 105 18.50 -63.59 -71.65
C GLY YA 105 17.88 -62.69 -70.60
N THR YA 106 17.55 -61.48 -71.01
CA THR YA 106 16.88 -60.54 -70.13
C THR YA 106 15.89 -59.71 -70.92
N GLY YA 107 14.69 -59.55 -70.38
CA GLY YA 107 13.66 -58.74 -70.99
C GLY YA 107 13.40 -57.45 -70.22
N VAL YA 108 12.55 -56.61 -70.82
CA VAL YA 108 12.27 -55.28 -70.30
C VAL YA 108 10.83 -54.92 -70.62
N MET YA 109 10.18 -54.26 -69.68
CA MET YA 109 8.85 -53.69 -69.89
C MET YA 109 8.88 -52.24 -69.41
N TRP YA 110 8.51 -51.31 -70.29
CA TRP YA 110 8.44 -49.91 -69.92
C TRP YA 110 7.00 -49.43 -69.93
N LEU YA 111 6.78 -48.37 -69.18
CA LEU YA 111 5.52 -47.64 -69.22
C LEU YA 111 5.87 -46.22 -69.63
N VAL YA 112 5.48 -45.84 -70.85
CA VAL YA 112 5.95 -44.61 -71.49
C VAL YA 112 4.80 -43.65 -71.64
N TYR YA 113 5.02 -42.41 -71.23
CA TYR YA 113 4.02 -41.36 -71.34
C TYR YA 113 4.38 -40.41 -72.48
N ASP YA 114 3.35 -39.93 -73.17
CA ASP YA 114 3.51 -39.06 -74.33
C ASP YA 114 2.90 -37.70 -74.05
N THR YA 115 3.39 -36.71 -74.79
CA THR YA 115 2.77 -35.39 -74.76
C THR YA 115 1.81 -35.23 -75.94
N THR YA 116 2.35 -35.08 -77.13
CA THR YA 116 1.54 -34.94 -78.34
C THR YA 116 1.82 -36.10 -79.27
N PRO YA 117 0.85 -36.97 -79.53
CA PRO YA 117 1.09 -38.08 -80.45
C PRO YA 117 1.07 -37.59 -81.89
N GLY YA 118 1.90 -38.22 -82.70
CA GLY YA 118 1.83 -37.96 -84.12
C GLY YA 118 0.58 -38.57 -84.72
N GLY YA 119 0.37 -38.28 -86.00
CA GLY YA 119 -0.74 -38.89 -86.71
C GLY YA 119 -0.56 -40.37 -86.94
N GLN YA 120 0.67 -40.87 -86.83
CA GLN YA 120 0.99 -42.27 -87.09
C GLN YA 120 1.47 -42.93 -85.81
N ALA YA 121 1.29 -44.23 -85.73
CA ALA YA 121 1.66 -44.97 -84.54
C ALA YA 121 3.18 -45.06 -84.42
N PRO YA 122 3.73 -44.81 -83.25
CA PRO YA 122 5.18 -44.90 -83.08
C PRO YA 122 5.63 -46.35 -83.10
N THR YA 123 6.93 -46.53 -83.34
CA THR YA 123 7.56 -47.82 -83.23
C THR YA 123 8.80 -47.66 -82.37
N PRO YA 124 9.20 -48.70 -81.64
CA PRO YA 124 10.35 -48.55 -80.73
C PRO YA 124 11.57 -47.95 -81.39
N GLN YA 125 11.91 -48.41 -82.59
CA GLN YA 125 13.09 -47.89 -83.26
C GLN YA 125 13.02 -46.38 -83.38
N THR YA 126 11.82 -45.84 -83.48
CA THR YA 126 11.66 -44.40 -83.53
C THR YA 126 11.73 -43.78 -82.15
N ILE YA 127 11.23 -44.48 -81.13
CA ILE YA 127 11.19 -43.85 -79.80
C ILE YA 127 12.56 -43.83 -79.18
N PHE YA 128 13.39 -44.82 -79.50
CA PHE YA 128 14.73 -44.92 -78.93
C PHE YA 128 15.72 -44.95 -80.07
N ALA YA 129 16.68 -44.03 -80.05
CA ALA YA 129 17.72 -44.06 -81.06
C ALA YA 129 18.74 -45.10 -80.68
N TYR YA 130 18.87 -46.13 -81.50
CA TYR YA 130 19.86 -47.13 -81.17
C TYR YA 130 20.54 -47.62 -82.43
N PRO YA 131 21.84 -47.84 -82.39
CA PRO YA 131 22.52 -48.46 -83.53
C PRO YA 131 22.08 -49.90 -83.70
N ASP YA 132 22.26 -50.41 -84.91
CA ASP YA 132 21.83 -51.78 -85.21
C ASP YA 132 22.57 -52.78 -84.34
N THR YA 133 23.79 -52.46 -83.94
CA THR YA 133 24.56 -53.36 -83.10
C THR YA 133 23.87 -53.65 -81.78
N LEU YA 134 23.36 -52.63 -81.11
CA LEU YA 134 22.73 -52.81 -79.81
C LEU YA 134 21.37 -53.46 -79.88
N LYS YA 135 20.84 -53.71 -81.08
CA LYS YA 135 19.51 -54.30 -81.20
C LYS YA 135 19.40 -55.59 -80.40
N ALA YA 136 20.50 -56.31 -80.26
CA ALA YA 136 20.50 -57.54 -79.48
C ALA YA 136 20.07 -57.27 -78.05
N TRP YA 137 20.76 -56.37 -77.36
CA TRP YA 137 20.48 -56.25 -75.94
C TRP YA 137 19.67 -55.01 -75.70
N PRO YA 138 18.38 -55.14 -75.45
CA PRO YA 138 17.57 -53.93 -75.27
C PRO YA 138 17.87 -53.23 -73.97
N ALA YA 139 18.17 -53.98 -72.93
CA ALA YA 139 18.15 -53.41 -71.58
C ALA YA 139 19.08 -52.22 -71.44
N THR YA 140 19.97 -52.01 -72.38
CA THR YA 140 20.82 -50.84 -72.38
C THR YA 140 20.18 -49.63 -73.02
N TRP YA 141 19.09 -49.82 -73.77
CA TRP YA 141 18.47 -48.70 -74.44
C TRP YA 141 18.10 -47.62 -73.43
N LYS YA 142 18.19 -46.37 -73.85
CA LYS YA 142 17.67 -45.27 -73.07
C LYS YA 142 17.09 -44.24 -74.01
N VAL YA 143 16.27 -43.35 -73.46
CA VAL YA 143 15.51 -42.40 -74.27
C VAL YA 143 16.47 -41.53 -75.07
N SER YA 144 16.14 -41.33 -76.35
CA SER YA 144 16.98 -40.52 -77.22
C SER YA 144 16.88 -39.05 -76.86
N ARG YA 145 17.94 -38.30 -77.13
CA ARG YA 145 18.00 -36.91 -76.68
C ARG YA 145 17.19 -35.98 -77.56
N GLU YA 146 17.04 -36.29 -78.84
CA GLU YA 146 16.33 -35.40 -79.74
C GLU YA 146 14.91 -35.16 -79.25
N LEU YA 147 14.27 -36.20 -78.73
CA LEU YA 147 12.90 -36.13 -78.29
C LEU YA 147 12.79 -35.85 -76.80
N CYS YA 148 13.91 -35.51 -76.16
CA CYS YA 148 14.05 -35.52 -74.71
C CYS YA 148 12.86 -34.93 -73.99
N HIS YA 149 12.30 -33.85 -74.51
CA HIS YA 149 11.15 -33.25 -73.88
C HIS YA 149 9.83 -33.77 -74.43
N ARG YA 150 9.85 -34.54 -75.52
CA ARG YA 150 8.59 -35.02 -76.06
C ARG YA 150 8.08 -36.26 -75.33
N PHE YA 151 8.98 -37.07 -74.78
CA PHE YA 151 8.59 -38.31 -74.12
C PHE YA 151 9.19 -38.39 -72.73
N VAL YA 152 8.67 -39.32 -71.93
CA VAL YA 152 9.21 -39.58 -70.61
C VAL YA 152 8.75 -40.98 -70.21
N VAL YA 153 9.46 -41.58 -69.26
CA VAL YA 153 9.15 -42.93 -68.80
C VAL YA 153 8.91 -42.87 -67.30
N LYS YA 154 7.70 -43.15 -66.88
CA LYS YA 154 7.37 -43.01 -65.47
C LYS YA 154 7.54 -44.30 -64.68
N ARG YA 155 7.75 -45.44 -65.34
CA ARG YA 155 8.00 -46.68 -64.65
C ARG YA 155 8.92 -47.56 -65.46
N ARG YA 156 9.49 -48.56 -64.81
CA ARG YA 156 10.39 -49.50 -65.46
C ARG YA 156 10.30 -50.83 -64.73
N TRP YA 157 10.48 -51.92 -65.46
CA TRP YA 157 10.53 -53.21 -64.81
C TRP YA 157 11.48 -54.13 -65.55
N LEU YA 158 12.01 -55.11 -64.82
CA LEU YA 158 12.90 -56.11 -65.37
C LEU YA 158 12.36 -57.50 -65.13
N PHE YA 159 12.77 -58.42 -65.98
CA PHE YA 159 12.48 -59.82 -65.79
C PHE YA 159 13.48 -60.60 -66.61
N ASN YA 160 13.62 -61.88 -66.29
CA ASN YA 160 14.55 -62.72 -67.01
C ASN YA 160 13.96 -64.11 -67.16
N MET YA 161 14.37 -64.78 -68.23
CA MET YA 161 13.87 -66.10 -68.54
C MET YA 161 14.89 -66.82 -69.40
N GLU YA 162 14.74 -68.13 -69.49
CA GLU YA 162 15.72 -68.94 -70.20
C GLU YA 162 15.06 -70.21 -70.69
N THR YA 163 15.69 -70.84 -71.66
CA THR YA 163 15.21 -72.09 -72.20
C THR YA 163 16.35 -73.07 -72.35
N ASP YA 164 16.05 -74.34 -72.14
CA ASP YA 164 17.03 -75.40 -72.20
C ASP YA 164 17.07 -76.11 -73.54
N GLY YA 165 16.21 -75.71 -74.48
CA GLY YA 165 16.14 -76.41 -75.73
C GLY YA 165 15.24 -77.63 -75.74
N ARG YA 166 14.18 -77.63 -74.93
CA ARG YA 166 13.27 -78.76 -74.87
C ARG YA 166 11.85 -78.27 -74.78
N ILE YA 167 10.99 -78.77 -75.66
CA ILE YA 167 9.58 -78.39 -75.64
C ILE YA 167 8.88 -79.16 -74.53
N GLY YA 168 7.81 -78.60 -74.01
CA GLY YA 168 7.14 -79.21 -72.86
C GLY YA 168 6.60 -80.60 -73.16
N SER YA 169 5.94 -80.77 -74.31
CA SER YA 169 5.25 -82.01 -74.59
C SER YA 169 6.19 -83.20 -74.74
N ASP YA 170 7.49 -82.98 -74.75
CA ASP YA 170 8.44 -84.06 -74.99
C ASP YA 170 8.59 -84.93 -73.76
N ILE YA 171 8.55 -86.25 -73.95
CA ILE YA 171 8.65 -87.21 -72.86
C ILE YA 171 10.11 -87.47 -72.54
N PRO YA 172 10.53 -87.29 -71.29
CA PRO YA 172 11.89 -87.67 -70.93
C PRO YA 172 12.11 -89.16 -71.12
N PRO YA 173 13.29 -89.56 -71.55
CA PRO YA 173 13.63 -90.98 -71.57
C PRO YA 173 13.77 -91.51 -70.16
N SER YA 174 13.49 -92.80 -70.01
CA SER YA 174 13.45 -93.42 -68.69
C SER YA 174 14.81 -93.44 -68.00
N ASN YA 175 15.89 -93.09 -68.70
CA ASN YA 175 17.21 -93.18 -68.09
C ASN YA 175 17.51 -91.99 -67.18
N ALA YA 176 17.29 -90.77 -67.65
CA ALA YA 176 17.74 -89.59 -66.93
C ALA YA 176 16.67 -88.51 -66.99
N SER YA 177 16.87 -87.44 -66.22
CA SER YA 177 15.85 -86.41 -66.09
C SER YA 177 16.40 -85.00 -66.23
N TRP YA 178 15.54 -84.00 -65.97
CA TRP YA 178 15.95 -82.61 -66.06
C TRP YA 178 15.26 -81.82 -64.95
N LYS YA 179 15.91 -80.73 -64.53
CA LYS YA 179 15.27 -79.72 -63.70
C LYS YA 179 15.14 -78.48 -64.57
N PRO YA 180 13.98 -78.20 -65.11
CA PRO YA 180 13.83 -76.99 -65.93
C PRO YA 180 13.23 -75.84 -65.17
N CYS YA 181 13.89 -75.38 -64.11
CA CYS YA 181 13.38 -74.25 -63.36
C CYS YA 181 13.28 -73.02 -64.26
N LYS YA 182 12.19 -72.28 -64.09
CA LYS YA 182 11.98 -71.01 -64.78
C LYS YA 182 12.00 -71.18 -66.30
N ARG YA 183 11.22 -72.13 -66.79
CA ARG YA 183 10.89 -72.08 -68.22
C ARG YA 183 9.85 -71.02 -68.49
N ASN YA 184 8.82 -70.96 -67.65
CA ASN YA 184 7.81 -69.92 -67.74
C ASN YA 184 7.72 -69.18 -66.41
N ILE YA 185 7.10 -68.02 -66.44
CA ILE YA 185 7.18 -67.10 -65.31
C ILE YA 185 5.85 -66.39 -65.14
N TYR YA 186 5.56 -66.01 -63.90
CA TYR YA 186 4.34 -65.32 -63.52
C TYR YA 186 4.70 -63.91 -63.11
N PHE YA 187 4.23 -62.93 -63.85
CA PHE YA 187 4.65 -61.54 -63.65
C PHE YA 187 3.45 -60.68 -63.30
N HIS YA 188 3.58 -59.89 -62.25
CA HIS YA 188 2.51 -58.98 -61.85
C HIS YA 188 3.11 -57.81 -61.09
N LYS YA 189 2.48 -56.65 -61.24
CA LYS YA 189 2.87 -55.46 -60.52
C LYS YA 189 1.63 -54.64 -60.24
N PHE YA 190 1.71 -53.82 -59.19
CA PHE YA 190 0.61 -52.98 -58.77
C PHE YA 190 1.20 -51.66 -58.31
N THR YA 191 0.73 -50.55 -58.87
CA THR YA 191 1.30 -49.26 -58.50
C THR YA 191 0.26 -48.15 -58.50
N SER YA 192 0.26 -47.35 -57.45
CA SER YA 192 -0.65 -46.22 -57.31
C SER YA 192 -0.02 -44.88 -57.65
N GLY YA 193 1.28 -44.86 -57.97
CA GLY YA 193 2.00 -43.59 -57.93
C GLY YA 193 1.58 -42.63 -59.03
N LEU YA 194 1.50 -43.13 -60.26
CA LEU YA 194 1.43 -42.24 -61.40
C LEU YA 194 0.13 -41.46 -61.42
N GLY YA 195 0.13 -40.40 -62.21
CA GLY YA 195 -1.10 -39.73 -62.60
C GLY YA 195 -0.89 -39.07 -63.94
N VAL YA 196 -1.97 -38.94 -64.70
CA VAL YA 196 -1.88 -38.52 -66.09
C VAL YA 196 -3.09 -37.66 -66.41
N ARG YA 197 -2.87 -36.61 -67.18
CA ARG YA 197 -3.93 -35.71 -67.59
C ARG YA 197 -4.13 -35.83 -69.10
N THR YA 198 -5.35 -36.11 -69.52
CA THR YA 198 -5.64 -36.36 -70.93
C THR YA 198 -6.85 -35.57 -71.37
N GLN YA 199 -6.81 -35.08 -72.60
CA GLN YA 199 -7.95 -34.42 -73.22
C GLN YA 199 -8.19 -35.02 -74.59
N TRP YA 200 -9.38 -34.80 -75.12
CA TRP YA 200 -9.84 -35.52 -76.29
C TRP YA 200 -10.39 -34.57 -77.33
N LYS YA 201 -10.16 -34.91 -78.60
CA LYS YA 201 -10.96 -34.34 -79.66
C LYS YA 201 -12.39 -34.85 -79.55
N ASN YA 202 -13.31 -34.17 -80.19
CA ASN YA 202 -14.72 -34.52 -80.04
C ASN YA 202 -15.08 -35.51 -81.14
N VAL YA 203 -15.23 -36.77 -80.75
CA VAL YA 203 -15.72 -37.86 -81.60
C VAL YA 203 -16.27 -38.93 -80.67
N THR YA 204 -16.81 -40.00 -81.25
CA THR YA 204 -17.21 -41.14 -80.44
C THR YA 204 -16.04 -42.05 -80.13
N ASP YA 205 -15.13 -42.20 -81.09
CA ASP YA 205 -14.21 -43.32 -81.10
C ASP YA 205 -13.22 -43.27 -79.95
N GLY YA 206 -12.66 -44.44 -79.64
CA GLY YA 206 -11.59 -44.55 -78.67
C GLY YA 206 -10.23 -44.84 -79.24
N GLY YA 207 -10.05 -44.72 -80.55
CA GLY YA 207 -8.78 -45.00 -81.16
C GLY YA 207 -7.75 -43.94 -80.84
N VAL YA 208 -6.55 -44.14 -81.39
CA VAL YA 208 -5.46 -43.22 -81.12
C VAL YA 208 -5.70 -41.86 -81.78
N GLY YA 209 -6.28 -41.83 -82.98
CA GLY YA 209 -6.43 -40.58 -83.70
C GLY YA 209 -7.25 -39.55 -82.96
N ALA YA 210 -8.02 -39.98 -81.94
CA ALA YA 210 -8.89 -39.05 -81.25
C ALA YA 210 -8.15 -38.19 -80.23
N ILE YA 211 -7.10 -38.72 -79.63
CA ILE YA 211 -6.51 -38.06 -78.47
C ILE YA 211 -5.78 -36.80 -78.89
N GLN YA 212 -6.06 -35.70 -78.18
CA GLN YA 212 -5.34 -34.46 -78.43
C GLN YA 212 -4.01 -34.45 -77.69
N ARG YA 213 -3.99 -34.89 -76.43
CA ARG YA 213 -2.77 -34.81 -75.63
C ARG YA 213 -2.83 -35.86 -74.53
N GLY YA 214 -1.66 -36.32 -74.09
CA GLY YA 214 -1.57 -37.24 -72.97
C GLY YA 214 -1.69 -38.73 -73.24
N ALA YA 215 -1.24 -39.18 -74.40
CA ALA YA 215 -1.31 -40.60 -74.69
C ALA YA 215 -0.39 -41.39 -73.76
N LEU YA 216 -0.68 -42.69 -73.65
CA LEU YA 216 0.04 -43.57 -72.75
C LEU YA 216 0.36 -44.87 -73.46
N TYR YA 217 1.64 -45.19 -73.57
CA TYR YA 217 2.09 -46.36 -74.31
C TYR YA 217 2.67 -47.43 -73.39
N MET YA 218 2.58 -48.67 -73.83
CA MET YA 218 3.22 -49.80 -73.19
C MET YA 218 4.11 -50.50 -74.20
N VAL YA 219 5.29 -50.91 -73.77
CA VAL YA 219 6.29 -51.48 -74.67
C VAL YA 219 6.90 -52.71 -74.04
N ILE YA 220 7.12 -53.74 -74.85
CA ILE YA 220 7.73 -54.98 -74.40
C ILE YA 220 8.99 -55.22 -75.18
N ALA YA 221 10.08 -55.52 -74.48
CA ALA YA 221 11.38 -55.73 -75.10
C ALA YA 221 11.84 -57.16 -74.86
N PRO YA 222 11.99 -57.98 -75.89
CA PRO YA 222 12.42 -59.35 -75.69
C PRO YA 222 13.89 -59.44 -75.37
N GLY YA 223 14.28 -60.59 -74.83
CA GLY YA 223 15.69 -60.88 -74.64
C GLY YA 223 16.37 -61.19 -75.95
N ASN YA 224 17.70 -61.26 -75.90
CA ASN YA 224 18.49 -61.50 -77.10
C ASN YA 224 18.06 -62.78 -77.79
N GLY YA 225 17.73 -62.67 -79.07
CA GLY YA 225 17.40 -63.84 -79.87
C GLY YA 225 16.40 -64.76 -79.23
N LEU YA 226 15.47 -64.20 -78.46
CA LEU YA 226 14.51 -64.98 -77.71
C LEU YA 226 13.12 -64.41 -77.93
N THR YA 227 12.25 -65.18 -78.56
CA THR YA 227 10.92 -64.73 -78.90
C THR YA 227 9.88 -65.50 -78.12
N PHE YA 228 8.80 -64.83 -77.74
CA PHE YA 228 7.80 -65.47 -76.90
C PHE YA 228 6.46 -64.76 -77.09
N THR YA 229 5.41 -65.40 -76.60
CA THR YA 229 4.09 -64.82 -76.52
C THR YA 229 3.65 -64.80 -75.06
N ALA YA 230 2.65 -63.96 -74.78
CA ALA YA 230 2.20 -63.74 -73.42
C ALA YA 230 0.69 -63.81 -73.34
N HIS YA 231 0.20 -64.18 -72.16
CA HIS YA 231 -1.23 -64.21 -71.88
C HIS YA 231 -1.49 -63.43 -70.61
N GLY YA 232 -2.69 -62.89 -70.50
CA GLY YA 232 -3.09 -62.21 -69.29
C GLY YA 232 -4.06 -61.09 -69.59
N GLN YA 233 -4.31 -60.27 -68.57
CA GLN YA 233 -5.24 -59.17 -68.69
C GLN YA 233 -4.85 -58.11 -67.67
N THR YA 234 -5.36 -56.89 -67.87
CA THR YA 234 -5.01 -55.76 -67.03
C THR YA 234 -6.25 -54.96 -66.71
N ARG YA 235 -6.13 -54.11 -65.69
CA ARG YA 235 -7.20 -53.20 -65.32
C ARG YA 235 -6.67 -51.78 -65.20
N LEU YA 236 -7.60 -50.84 -65.25
CA LEU YA 236 -7.28 -49.43 -65.08
C LEU YA 236 -8.24 -48.80 -64.09
N TYR YA 237 -7.91 -47.59 -63.67
CA TYR YA 237 -8.73 -46.85 -62.73
C TYR YA 237 -8.70 -45.38 -63.11
N PHE YA 238 -9.85 -44.74 -63.18
CA PHE YA 238 -9.90 -43.34 -63.57
C PHE YA 238 -11.26 -42.76 -63.24
N LYS YA 239 -11.41 -41.47 -63.49
CA LYS YA 239 -12.71 -40.82 -63.41
C LYS YA 239 -12.72 -39.62 -64.35
N SER YA 240 -13.88 -39.35 -64.93
CA SER YA 240 -14.03 -38.18 -65.75
C SER YA 240 -14.14 -36.93 -64.88
N VAL YA 241 -13.88 -35.78 -65.49
CA VAL YA 241 -13.99 -34.50 -64.78
C VAL YA 241 -14.12 -33.42 -65.82
N GLY YA 242 -14.62 -32.25 -65.41
CA GLY YA 242 -14.68 -31.09 -66.25
C GLY YA 242 -16.09 -30.82 -66.77
N ASN YA 243 -16.20 -29.71 -67.49
CA ASN YA 243 -17.45 -29.27 -68.09
C ASN YA 243 -18.56 -29.19 -67.06
N ALA ZA 31 -42.23 3.57 48.42
CA ALA ZA 31 -43.28 3.17 49.35
C ALA ZA 31 -43.01 3.71 50.75
N GLY ZA 32 -43.32 4.98 50.96
CA GLY ZA 32 -43.08 5.63 52.23
C GLY ZA 32 -42.86 7.11 52.05
N SER ZA 33 -42.61 7.79 53.16
CA SER ZA 33 -42.32 9.22 53.09
C SER ZA 33 -41.11 9.61 53.92
N LYS ZA 34 -40.04 10.04 53.25
CA LYS ZA 34 -38.82 10.54 53.90
C LYS ZA 34 -38.38 9.63 55.04
N ALA ZA 35 -38.48 8.33 54.82
CA ALA ZA 35 -38.06 7.38 55.83
C ALA ZA 35 -36.56 7.47 56.05
N ASP ZA 36 -36.15 7.22 57.29
CA ASP ZA 36 -34.76 7.32 57.69
C ASP ZA 36 -34.41 6.15 58.59
N ARG ZA 37 -33.19 5.61 58.37
CA ARG ZA 37 -32.77 4.38 59.04
C ARG ZA 37 -32.93 4.40 60.55
N PRO ZA 38 -32.53 5.43 61.28
CA PRO ZA 38 -32.83 5.44 62.72
C PRO ZA 38 -34.32 5.58 62.96
N SER ZA 39 -34.73 5.12 64.13
CA SER ZA 39 -36.15 5.11 64.47
C SER ZA 39 -36.68 6.53 64.60
N LEU ZA 40 -38.00 6.66 64.56
CA LEU ZA 40 -38.67 7.94 64.63
C LEU ZA 40 -39.48 8.03 65.92
N GLN ZA 41 -39.63 9.25 66.42
CA GLN ZA 41 -40.29 9.43 67.70
C GLN ZA 41 -41.77 9.08 67.61
N ILE ZA 42 -42.37 8.86 68.77
CA ILE ZA 42 -43.75 8.40 68.86
C ILE ZA 42 -44.50 9.24 69.88
N GLN ZA 43 -45.72 9.62 69.54
CA GLN ZA 43 -46.62 10.29 70.46
C GLN ZA 43 -48.00 9.64 70.39
N THR ZA 44 -48.66 9.56 71.53
CA THR ZA 44 -49.95 8.89 71.63
C THR ZA 44 -50.99 9.81 72.26
N LEU ZA 45 -52.25 9.42 72.09
CA LEU ZA 45 -53.35 10.10 72.75
C LEU ZA 45 -54.26 9.05 73.37
N GLN ZA 46 -54.86 9.40 74.49
CA GLN ZA 46 -55.70 8.48 75.22
C GLN ZA 46 -57.10 9.07 75.33
N HIS ZA 47 -58.06 8.46 74.65
CA HIS ZA 47 -59.45 8.87 74.76
C HIS ZA 47 -60.24 7.66 75.24
N ALA ZA 48 -60.71 7.72 76.47
CA ALA ZA 48 -61.39 6.61 77.11
C ALA ZA 48 -61.83 7.05 78.49
N GLY ZA 49 -62.76 6.30 79.07
CA GLY ZA 49 -63.14 6.55 80.45
C GLY ZA 49 -63.63 7.97 80.62
N THR ZA 50 -62.96 8.69 81.52
CA THR ZA 50 -63.29 10.09 81.77
C THR ZA 50 -63.26 10.90 80.48
N THR ZA 51 -62.29 10.65 79.62
CA THR ZA 51 -62.17 11.39 78.38
C THR ZA 51 -62.73 10.53 77.26
N MET ZA 52 -63.92 10.87 76.80
CA MET ZA 52 -64.54 10.23 75.65
C MET ZA 52 -65.04 11.35 74.75
N ILE ZA 53 -64.51 11.43 73.54
CA ILE ZA 53 -65.01 12.41 72.61
C ILE ZA 53 -66.51 12.19 72.44
N THR ZA 54 -67.29 13.23 72.69
CA THR ZA 54 -68.75 13.14 72.63
C THR ZA 54 -69.25 14.28 71.74
N VAL ZA 55 -69.99 13.92 70.71
CA VAL ZA 55 -70.32 14.89 69.67
C VAL ZA 55 -71.82 15.15 69.61
N PRO ZA 56 -72.27 16.32 70.02
CA PRO ZA 56 -73.62 16.76 69.67
C PRO ZA 56 -73.67 17.20 68.21
N SER ZA 57 -74.89 17.33 67.70
CA SER ZA 57 -75.08 17.73 66.32
C SER ZA 57 -74.34 19.02 66.04
N GLY ZA 58 -73.61 19.05 64.92
CA GLY ZA 58 -72.78 20.19 64.57
C GLY ZA 58 -71.31 19.97 64.75
N GLY ZA 59 -70.89 18.79 65.18
CA GLY ZA 59 -69.47 18.47 65.21
C GLY ZA 59 -68.73 19.14 66.34
N VAL ZA 60 -67.44 18.81 66.43
CA VAL ZA 60 -66.58 19.40 67.44
C VAL ZA 60 -65.18 19.57 66.86
N CYS ZA 61 -64.54 20.66 67.24
CA CYS ZA 61 -63.20 21.00 66.79
C CYS ZA 61 -62.20 20.51 67.81
N ASP ZA 62 -61.04 20.07 67.36
CA ASP ZA 62 -59.99 19.62 68.25
C ASP ZA 62 -58.65 19.70 67.56
N LEU ZA 63 -57.59 19.71 68.36
CA LEU ZA 63 -56.23 19.73 67.87
C LEU ZA 63 -55.48 18.51 68.38
N ILE ZA 64 -54.91 17.74 67.45
CA ILE ZA 64 -54.20 16.52 67.81
C ILE ZA 64 -52.70 16.70 67.83
N ASN ZA 65 -52.17 17.86 67.49
CA ASN ZA 65 -50.74 17.97 67.26
C ASN ZA 65 -49.97 18.38 68.51
N THR ZA 66 -50.63 18.45 69.66
CA THR ZA 66 -49.99 18.94 70.88
C THR ZA 66 -48.72 18.18 71.20
N TYR ZA 67 -47.67 18.94 71.52
CA TYR ZA 67 -46.37 18.40 71.88
C TYR ZA 67 -45.79 19.23 73.01
N ALA ZA 68 -45.29 18.56 74.05
CA ALA ZA 68 -44.54 19.29 75.06
C ALA ZA 68 -43.08 19.40 74.63
N ARG ZA 69 -42.29 20.09 75.43
CA ARG ZA 69 -40.85 20.20 75.21
C ARG ZA 69 -40.13 19.84 76.49
N GLY ZA 70 -39.10 19.02 76.38
CA GLY ZA 70 -38.34 18.64 77.55
C GLY ZA 70 -37.49 17.42 77.28
N SER ZA 71 -37.17 16.74 78.37
CA SER ZA 71 -36.29 15.58 78.29
C SER ZA 71 -37.04 14.35 77.79
N ASP ZA 72 -38.29 14.21 78.19
CA ASP ZA 72 -39.03 12.97 77.96
C ASP ZA 72 -39.15 12.69 76.47
N GLU ZA 73 -39.06 11.41 76.12
CA GLU ZA 73 -39.23 11.01 74.73
C GLU ZA 73 -40.67 11.25 74.30
N GLY ZA 74 -40.82 11.69 73.07
CA GLY ZA 74 -42.13 12.03 72.53
C GLY ZA 74 -42.38 13.52 72.61
N ASN ZA 75 -41.68 14.19 73.52
CA ASN ZA 75 -41.72 15.64 73.52
C ASN ZA 75 -40.74 16.18 72.49
N ARG ZA 76 -41.02 17.38 71.99
CA ARG ZA 76 -40.20 17.96 70.95
C ARG ZA 76 -38.94 18.58 71.54
N HIS ZA 77 -37.80 18.28 70.93
CA HIS ZA 77 -36.53 18.81 71.40
C HIS ZA 77 -36.21 20.19 70.82
N THR ZA 78 -36.88 20.59 69.75
CA THR ZA 78 -36.47 21.81 69.05
C THR ZA 78 -37.64 22.75 68.86
N SER ZA 79 -37.42 23.80 68.09
CA SER ZA 79 -38.50 24.72 67.76
C SER ZA 79 -39.12 24.42 66.41
N GLU ZA 80 -38.66 23.38 65.73
CA GLU ZA 80 -39.12 23.07 64.37
C GLU ZA 80 -39.43 21.59 64.27
N THR ZA 81 -40.63 21.26 63.81
CA THR ZA 81 -41.10 19.88 63.78
C THR ZA 81 -41.78 19.56 62.45
N LEU ZA 82 -41.47 18.38 61.92
CA LEU ZA 82 -42.17 17.81 60.78
C LEU ZA 82 -42.85 16.54 61.22
N THR ZA 83 -44.06 16.30 60.70
CA THR ZA 83 -44.76 15.06 60.96
C THR ZA 83 -44.94 14.29 59.66
N TYR ZA 84 -45.06 12.97 59.76
CA TYR ZA 84 -45.14 12.16 58.56
C TYR ZA 84 -46.36 11.26 58.52
N LYS ZA 85 -46.31 10.18 59.28
CA LYS ZA 85 -47.28 9.12 59.18
C LYS ZA 85 -48.20 9.13 60.38
N ILE ZA 86 -49.47 8.79 60.16
CA ILE ZA 86 -50.46 8.80 61.22
C ILE ZA 86 -51.37 7.59 61.05
N ALA ZA 87 -51.72 6.97 62.17
CA ALA ZA 87 -52.63 5.85 62.18
C ALA ZA 87 -53.72 6.12 63.21
N ILE ZA 88 -54.94 5.73 62.89
CA ILE ZA 88 -56.09 6.06 63.72
C ILE ZA 88 -56.90 4.80 63.95
N ASP ZA 89 -57.24 4.56 65.21
CA ASP ZA 89 -58.15 3.48 65.59
C ASP ZA 89 -59.19 4.04 66.55
N TYR ZA 90 -60.43 3.59 66.39
CA TYR ZA 90 -61.46 3.95 67.35
C TYR ZA 90 -62.55 2.90 67.36
N HIS ZA 91 -63.34 2.94 68.41
CA HIS ZA 91 -64.64 2.32 68.43
C HIS ZA 91 -65.72 3.39 68.45
N PHE ZA 92 -66.83 3.13 67.77
CA PHE ZA 92 -68.01 3.96 67.84
C PHE ZA 92 -69.15 3.20 68.48
N VAL ZA 93 -70.07 3.92 69.11
CA VAL ZA 93 -71.32 3.33 69.58
C VAL ZA 93 -72.38 4.41 69.59
N ALA ZA 94 -73.59 4.04 69.24
CA ALA ZA 94 -74.69 4.98 69.30
C ALA ZA 94 -75.01 5.32 70.75
N ASP ZA 95 -75.63 6.47 70.96
CA ASP ZA 95 -76.05 6.89 72.28
C ASP ZA 95 -77.53 6.58 72.44
N ALA ZA 96 -77.88 6.06 73.62
CA ALA ZA 96 -79.28 5.77 73.91
C ALA ZA 96 -80.15 7.02 73.80
N ALA ZA 97 -79.57 8.19 74.08
CA ALA ZA 97 -80.33 9.42 74.00
C ALA ZA 97 -81.01 9.59 72.66
N ALA ZA 98 -80.36 9.18 71.58
CA ALA ZA 98 -80.94 9.26 70.25
C ALA ZA 98 -81.59 7.95 69.81
N CYS ZA 99 -81.49 6.90 70.62
CA CYS ZA 99 -82.08 5.62 70.22
C CYS ZA 99 -83.60 5.63 70.28
N ARG ZA 100 -84.21 6.68 70.82
CA ARG ZA 100 -85.66 6.73 70.86
C ARG ZA 100 -86.29 6.83 69.48
N TYR ZA 101 -85.49 7.00 68.44
CA TYR ZA 101 -85.97 7.04 67.06
C TYR ZA 101 -85.24 5.98 66.26
N SER ZA 102 -85.77 5.68 65.08
CA SER ZA 102 -85.15 4.70 64.20
C SER ZA 102 -84.94 5.33 62.83
N ASN ZA 103 -83.70 5.55 62.48
CA ASN ZA 103 -83.33 5.93 61.13
C ASN ZA 103 -81.84 5.67 60.96
N THR ZA 104 -81.42 5.62 59.71
CA THR ZA 104 -80.00 5.55 59.43
C THR ZA 104 -79.44 6.96 59.29
N GLY ZA 105 -78.22 7.06 58.81
CA GLY ZA 105 -77.60 8.34 58.56
C GLY ZA 105 -76.23 8.14 57.96
N THR ZA 106 -75.48 9.24 57.87
CA THR ZA 106 -74.12 9.17 57.37
C THR ZA 106 -73.26 10.18 58.12
N GLY ZA 107 -72.07 9.74 58.54
CA GLY ZA 107 -71.12 10.58 59.22
C GLY ZA 107 -69.91 10.91 58.36
N VAL ZA 108 -69.07 11.79 58.90
CA VAL ZA 108 -67.91 12.32 58.18
C VAL ZA 108 -66.80 12.58 59.16
N MET ZA 109 -65.57 12.30 58.74
CA MET ZA 109 -64.38 12.66 59.49
C MET ZA 109 -63.42 13.34 58.54
N TRP ZA 110 -62.98 14.54 58.89
CA TRP ZA 110 -62.00 15.26 58.08
C TRP ZA 110 -60.70 15.40 58.83
N LEU ZA 111 -59.64 15.57 58.05
CA LEU ZA 111 -58.34 15.94 58.58
C LEU ZA 111 -57.96 17.28 57.96
N VAL ZA 112 -57.97 18.33 58.76
CA VAL ZA 112 -57.90 19.70 58.27
C VAL ZA 112 -56.58 20.32 58.69
N TYR ZA 113 -55.88 20.93 57.74
CA TYR ZA 113 -54.62 21.60 58.00
C TYR ZA 113 -54.82 23.11 58.00
N ASP ZA 114 -54.08 23.79 58.87
CA ASP ZA 114 -54.18 25.23 59.05
C ASP ZA 114 -52.87 25.90 58.69
N THR ZA 115 -52.98 27.18 58.34
CA THR ZA 115 -51.79 28.00 58.14
C THR ZA 115 -51.48 28.79 59.40
N THR ZA 116 -52.27 29.82 59.68
CA THR ZA 116 -52.09 30.64 60.87
C THR ZA 116 -53.31 30.51 61.75
N PRO ZA 117 -53.19 29.95 62.95
CA PRO ZA 117 -54.34 29.86 63.84
C PRO ZA 117 -54.63 31.19 64.47
N GLY ZA 118 -55.91 31.45 64.68
CA GLY ZA 118 -56.29 32.61 65.45
C GLY ZA 118 -55.97 32.42 66.92
N GLY ZA 119 -56.15 33.50 67.68
CA GLY ZA 119 -55.97 33.41 69.12
C GLY ZA 119 -57.03 32.56 69.81
N GLN ZA 120 -58.15 32.32 69.14
CA GLN ZA 120 -59.26 31.56 69.71
C GLN ZA 120 -59.45 30.27 68.93
N ALA ZA 121 -60.03 29.28 69.61
CA ALA ZA 121 -60.21 27.98 68.99
C ALA ZA 121 -61.33 28.05 67.95
N PRO ZA 122 -61.11 27.49 66.77
CA PRO ZA 122 -62.16 27.52 65.75
C PRO ZA 122 -63.30 26.58 66.11
N THR ZA 123 -64.43 26.81 65.46
CA THR ZA 123 -65.57 25.91 65.56
C THR ZA 123 -66.04 25.60 64.15
N PRO ZA 124 -66.62 24.42 63.92
CA PRO ZA 124 -66.99 24.06 62.55
C PRO ZA 124 -67.82 25.11 61.85
N GLN ZA 125 -68.81 25.68 62.54
CA GLN ZA 125 -69.66 26.68 61.91
C GLN ZA 125 -68.82 27.82 61.35
N THR ZA 126 -67.67 28.09 61.97
CA THR ZA 126 -66.78 29.11 61.45
C THR ZA 126 -65.94 28.57 60.30
N ILE ZA 127 -65.55 27.30 60.34
CA ILE ZA 127 -64.63 26.81 59.32
C ILE ZA 127 -65.38 26.58 58.01
N PHE ZA 128 -66.65 26.24 58.10
CA PHE ZA 128 -67.46 25.96 56.92
C PHE ZA 128 -68.66 26.88 56.93
N ALA ZA 129 -68.84 27.64 55.86
CA ALA ZA 129 -70.02 28.48 55.79
C ALA ZA 129 -71.19 27.63 55.35
N TYR ZA 130 -72.18 27.50 56.21
CA TYR ZA 130 -73.33 26.71 55.81
C TYR ZA 130 -74.60 27.35 56.32
N PRO ZA 131 -75.66 27.36 55.52
CA PRO ZA 131 -76.95 27.82 56.02
C PRO ZA 131 -77.49 26.86 57.07
N ASP ZA 132 -78.40 27.39 57.89
CA ASP ZA 132 -78.96 26.58 58.97
C ASP ZA 132 -79.69 25.37 58.42
N THR ZA 133 -80.25 25.49 57.21
CA THR ZA 133 -80.97 24.39 56.62
C THR ZA 133 -80.10 23.16 56.44
N LEU ZA 134 -78.89 23.33 55.92
CA LEU ZA 134 -78.01 22.21 55.65
C LEU ZA 134 -77.41 21.60 56.90
N LYS ZA 135 -77.64 22.19 58.07
CA LYS ZA 135 -77.04 21.67 59.30
C LYS ZA 135 -77.36 20.20 59.50
N ALA ZA 136 -78.51 19.76 59.00
CA ALA ZA 136 -78.87 18.36 59.09
C ALA ZA 136 -77.83 17.47 58.43
N TRP ZA 137 -77.55 17.72 57.16
CA TRP ZA 137 -76.73 16.76 56.45
C TRP ZA 137 -75.34 17.35 56.28
N PRO ZA 138 -74.37 16.90 57.06
CA PRO ZA 138 -73.04 17.50 56.95
C PRO ZA 138 -72.34 17.13 55.67
N ALA ZA 139 -72.56 15.91 55.18
CA ALA ZA 139 -71.70 15.37 54.15
C ALA ZA 139 -71.65 16.22 52.91
N THR ZA 140 -72.56 17.16 52.77
CA THR ZA 140 -72.54 18.11 51.66
C THR ZA 140 -71.66 19.31 51.93
N TRP ZA 141 -71.27 19.54 53.17
CA TRP ZA 141 -70.46 20.71 53.48
C TRP ZA 141 -69.19 20.70 52.65
N LYS ZA 142 -68.74 21.88 52.26
CA LYS ZA 142 -67.43 22.04 51.66
C LYS ZA 142 -66.82 23.33 52.14
N VAL ZA 143 -65.51 23.44 51.96
CA VAL ZA 143 -64.76 24.56 52.50
C VAL ZA 143 -65.30 25.87 51.94
N SER ZA 144 -65.46 26.86 52.82
CA SER ZA 144 -65.98 28.16 52.41
C SER ZA 144 -64.94 28.92 51.60
N ARG ZA 145 -65.42 29.79 50.70
CA ARG ZA 145 -64.51 30.44 49.78
C ARG ZA 145 -63.76 31.60 50.41
N GLU ZA 146 -64.35 32.26 51.41
CA GLU ZA 146 -63.69 33.41 52.01
C GLU ZA 146 -62.32 33.03 52.56
N LEU ZA 147 -62.23 31.86 53.16
CA LEU ZA 147 -61.00 31.39 53.78
C LEU ZA 147 -60.16 30.54 52.86
N CYS ZA 148 -60.54 30.48 51.58
CA CYS ZA 148 -60.07 29.48 50.63
C CYS ZA 148 -58.58 29.22 50.72
N HIS ZA 149 -57.79 30.26 50.92
CA HIS ZA 149 -56.36 30.06 51.05
C HIS ZA 149 -55.91 29.90 52.50
N ARG ZA 150 -56.79 30.13 53.47
CA ARG ZA 150 -56.35 29.98 54.85
C ARG ZA 150 -56.37 28.54 55.31
N PHE ZA 151 -57.24 27.71 54.76
CA PHE ZA 151 -57.39 26.33 55.19
C PHE ZA 151 -57.31 25.40 54.01
N VAL ZA 152 -57.12 24.11 54.31
CA VAL ZA 152 -57.13 23.07 53.29
C VAL ZA 152 -57.41 21.76 53.99
N VAL ZA 153 -57.87 20.76 53.24
CA VAL ZA 153 -58.21 19.46 53.77
C VAL ZA 153 -57.40 18.42 53.02
N LYS ZA 154 -56.50 17.74 53.72
CA LYS ZA 154 -55.61 16.81 53.04
C LYS ZA 154 -56.13 15.38 53.05
N ARG ZA 155 -57.17 15.08 53.81
CA ARG ZA 155 -57.77 13.76 53.81
C ARG ZA 155 -59.26 13.86 54.07
N ARG ZA 156 -59.96 12.77 53.75
CA ARG ZA 156 -61.39 12.70 53.96
C ARG ZA 156 -61.77 11.25 54.19
N TRP ZA 157 -62.80 11.02 55.00
CA TRP ZA 157 -63.29 9.66 55.16
C TRP ZA 157 -64.79 9.68 55.39
N LEU ZA 158 -65.42 8.57 55.04
CA LEU ZA 158 -66.85 8.38 55.23
C LEU ZA 158 -67.12 7.15 56.07
N PHE ZA 159 -68.28 7.17 56.72
CA PHE ZA 159 -68.76 6.01 57.43
C PHE ZA 159 -70.25 6.18 57.60
N ASN ZA 160 -70.93 5.08 57.90
CA ASN ZA 160 -72.37 5.14 58.08
C ASN ZA 160 -72.78 4.19 59.19
N MET ZA 161 -73.87 4.52 59.85
CA MET ZA 161 -74.36 3.75 60.98
C MET ZA 161 -75.85 3.99 61.11
N GLU ZA 162 -76.50 3.12 61.86
CA GLU ZA 162 -77.95 3.20 61.99
C GLU ZA 162 -78.36 2.54 63.30
N THR ZA 163 -79.57 2.88 63.74
CA THR ZA 163 -80.12 2.31 64.95
C THR ZA 163 -81.56 1.90 64.71
N ASP ZA 164 -81.95 0.82 65.37
CA ASP ZA 164 -83.28 0.26 65.22
C ASP ZA 164 -84.24 0.72 66.30
N GLY ZA 165 -83.78 1.52 67.25
CA GLY ZA 165 -84.61 1.90 68.37
C GLY ZA 165 -84.63 0.93 69.52
N ARG ZA 166 -83.53 0.21 69.75
CA ARG ZA 166 -83.48 -0.75 70.84
C ARG ZA 166 -82.12 -0.67 71.52
N ILE ZA 167 -82.12 -0.54 72.83
CA ILE ZA 167 -80.89 -0.48 73.59
C ILE ZA 167 -80.37 -1.90 73.76
N GLY ZA 168 -79.04 -2.03 73.91
CA GLY ZA 168 -78.44 -3.35 73.96
C GLY ZA 168 -78.93 -4.19 75.12
N SER ZA 169 -79.01 -3.61 76.31
CA SER ZA 169 -79.31 -4.37 77.51
C SER ZA 169 -80.71 -4.97 77.52
N ASP ZA 170 -81.54 -4.62 76.54
CA ASP ZA 170 -82.92 -5.07 76.54
C ASP ZA 170 -83.01 -6.52 76.10
N ILE ZA 171 -83.80 -7.30 76.85
CA ILE ZA 171 -83.96 -8.73 76.57
C ILE ZA 171 -85.05 -8.93 75.52
N PRO ZA 172 -84.76 -9.62 74.43
CA PRO ZA 172 -85.80 -9.95 73.47
C PRO ZA 172 -86.86 -10.82 74.12
N PRO ZA 173 -88.12 -10.62 73.75
CA PRO ZA 173 -89.16 -11.56 74.20
C PRO ZA 173 -88.99 -12.90 73.50
N SER ZA 174 -89.43 -13.95 74.19
CA SER ZA 174 -89.21 -15.31 73.71
C SER ZA 174 -89.95 -15.61 72.41
N ASN ZA 175 -90.82 -14.72 71.94
CA ASN ZA 175 -91.59 -15.02 70.74
C ASN ZA 175 -90.79 -14.79 69.46
N ALA ZA 176 -90.13 -13.64 69.34
CA ALA ZA 176 -89.52 -13.25 68.07
C ALA ZA 176 -88.17 -12.61 68.35
N SER ZA 177 -87.42 -12.37 67.27
CA SER ZA 177 -86.04 -11.89 67.40
C SER ZA 177 -85.72 -10.72 66.49
N TRP ZA 178 -84.45 -10.33 66.45
CA TRP ZA 178 -84.01 -9.24 65.59
C TRP ZA 178 -82.62 -9.56 65.05
N LYS ZA 179 -82.32 -9.01 63.87
CA LYS ZA 179 -80.96 -8.97 63.36
C LYS ZA 179 -80.53 -7.51 63.38
N PRO ZA 180 -79.75 -7.10 64.36
CA PRO ZA 180 -79.30 -5.70 64.39
C PRO ZA 180 -77.91 -5.50 63.82
N CYS ZA 181 -77.72 -5.84 62.55
CA CYS ZA 181 -76.41 -5.64 61.95
C CYS ZA 181 -76.03 -4.17 61.99
N LYS ZA 182 -74.75 -3.93 62.27
CA LYS ZA 182 -74.18 -2.59 62.24
C LYS ZA 182 -74.89 -1.64 63.19
N ARG ZA 183 -75.06 -2.08 64.45
CA ARG ZA 183 -75.37 -1.09 65.48
C ARG ZA 183 -74.13 -0.31 65.86
N ASN ZA 184 -73.01 -0.99 66.02
CA ASN ZA 184 -71.73 -0.35 66.29
C ASN ZA 184 -70.73 -0.77 65.22
N ILE ZA 185 -69.63 -0.03 65.13
CA ILE ZA 185 -68.74 -0.17 64.00
C ILE ZA 185 -67.30 0.01 64.47
N TYR ZA 186 -66.38 -0.63 63.75
CA TYR ZA 186 -64.96 -0.59 64.04
C TYR ZA 186 -64.27 0.16 62.91
N PHE ZA 187 -63.69 1.31 63.21
CA PHE ZA 187 -63.14 2.19 62.19
C PHE ZA 187 -61.65 2.38 62.40
N HIS ZA 188 -60.89 2.21 61.33
CA HIS ZA 188 -59.45 2.42 61.39
C HIS ZA 188 -58.93 2.79 60.02
N LYS ZA 189 -57.88 3.61 60.01
CA LYS ZA 189 -57.22 4.00 58.78
C LYS ZA 189 -55.75 4.20 59.07
N PHE ZA 190 -54.94 4.03 58.03
CA PHE ZA 190 -53.49 4.19 58.13
C PHE ZA 190 -53.01 4.88 56.87
N THR ZA 191 -52.27 5.97 57.01
CA THR ZA 191 -51.83 6.69 55.84
C THR ZA 191 -50.46 7.31 56.03
N SER ZA 192 -49.59 7.14 55.05
CA SER ZA 192 -48.25 7.70 55.06
C SER ZA 192 -48.11 8.97 54.23
N GLY ZA 193 -49.16 9.40 53.54
CA GLY ZA 193 -48.97 10.36 52.47
C GLY ZA 193 -48.58 11.74 52.95
N LEU ZA 194 -49.29 12.24 53.95
CA LEU ZA 194 -49.22 13.65 54.27
C LEU ZA 194 -47.84 14.03 54.81
N GLY ZA 195 -47.57 15.32 54.78
CA GLY ZA 195 -46.47 15.88 55.54
C GLY ZA 195 -46.80 17.31 55.89
N VAL ZA 196 -46.25 17.78 56.99
CA VAL ZA 196 -46.63 19.07 57.57
C VAL ZA 196 -45.40 19.72 58.17
N ARG ZA 197 -45.29 21.03 58.01
CA ARG ZA 197 -44.18 21.79 58.55
C ARG ZA 197 -44.72 22.73 59.62
N THR ZA 198 -44.15 22.66 60.81
CA THR ZA 198 -44.65 23.43 61.95
C THR ZA 198 -43.50 24.12 62.66
N GLN ZA 199 -43.76 25.33 63.14
CA GLN ZA 199 -42.81 26.06 63.96
C GLN ZA 199 -43.52 26.56 65.20
N TRP ZA 200 -42.74 26.91 66.22
CA TRP ZA 200 -43.28 27.17 67.54
C TRP ZA 200 -42.77 28.48 68.10
N LYS ZA 201 -43.64 29.15 68.84
CA LYS ZA 201 -43.17 30.19 69.75
C LYS ZA 201 -42.37 29.54 70.86
N ASN ZA 202 -41.57 30.34 71.56
CA ASN ZA 202 -40.69 29.79 72.56
C ASN ZA 202 -41.40 29.82 73.90
N VAL ZA 203 -41.83 28.64 74.35
CA VAL ZA 203 -42.42 28.41 75.66
C VAL ZA 203 -42.24 26.93 75.97
N THR ZA 204 -42.68 26.51 77.16
CA THR ZA 204 -42.69 25.08 77.47
C THR ZA 204 -43.92 24.40 76.90
N ASP ZA 205 -45.05 25.10 76.93
CA ASP ZA 205 -46.35 24.46 76.84
C ASP ZA 205 -46.56 23.82 75.47
N GLY ZA 206 -47.51 22.88 75.44
CA GLY ZA 206 -47.95 22.26 74.21
C GLY ZA 206 -49.33 22.66 73.76
N GLY ZA 207 -49.94 23.68 74.36
CA GLY ZA 207 -51.27 24.10 74.00
C GLY ZA 207 -51.30 24.77 72.63
N VAL ZA 208 -52.50 25.18 72.25
CA VAL ZA 208 -52.68 25.79 70.94
C VAL ZA 208 -52.03 27.17 70.88
N GLY ZA 209 -52.07 27.95 71.96
CA GLY ZA 209 -51.55 29.30 71.92
C GLY ZA 209 -50.08 29.38 71.57
N ALA ZA 210 -49.35 28.28 71.67
CA ALA ZA 210 -47.92 28.30 71.43
C ALA ZA 210 -47.58 28.30 69.95
N ILE ZA 211 -48.39 27.66 69.12
CA ILE ZA 211 -47.99 27.39 67.75
C ILE ZA 211 -47.99 28.67 66.93
N GLN ZA 212 -46.90 28.90 66.20
CA GLN ZA 212 -46.84 30.04 65.30
C GLN ZA 212 -47.51 29.73 63.97
N ARG ZA 213 -47.26 28.54 63.42
CA ARG ZA 213 -47.77 28.21 62.10
C ARG ZA 213 -47.88 26.70 61.97
N GLY ZA 214 -48.80 26.23 61.13
CA GLY ZA 214 -48.91 24.82 60.83
C GLY ZA 214 -49.76 23.96 61.74
N ALA ZA 215 -50.81 24.51 62.33
CA ALA ZA 215 -51.66 23.72 63.19
C ALA ZA 215 -52.40 22.64 62.39
N LEU ZA 216 -52.86 21.62 63.11
CA LEU ZA 216 -53.51 20.47 62.49
C LEU ZA 216 -54.74 20.11 63.29
N TYR ZA 217 -55.90 20.13 62.63
CA TYR ZA 217 -57.18 19.91 63.30
C TYR ZA 217 -57.82 18.60 62.85
N MET ZA 218 -58.62 18.02 63.75
CA MET ZA 218 -59.45 16.87 63.45
C MET ZA 218 -60.89 17.23 63.76
N VAL ZA 219 -61.81 16.80 62.90
CA VAL ZA 219 -63.21 17.18 63.03
C VAL ZA 219 -64.08 15.95 62.81
N ILE ZA 220 -65.14 15.84 63.60
CA ILE ZA 220 -66.09 14.74 63.50
C ILE ZA 220 -67.46 15.31 63.22
N ALA ZA 221 -68.14 14.76 62.21
CA ALA ZA 221 -69.46 15.24 61.81
C ALA ZA 221 -70.49 14.13 62.00
N PRO ZA 222 -71.46 14.32 62.87
CA PRO ZA 222 -72.45 13.26 63.10
C PRO ZA 222 -73.44 13.19 61.96
N GLY ZA 223 -74.14 12.06 61.90
CA GLY ZA 223 -75.26 11.93 60.98
C GLY ZA 223 -76.46 12.74 61.44
N ASN ZA 224 -77.44 12.84 60.55
CA ASN ZA 224 -78.63 13.62 60.84
C ASN ZA 224 -79.30 13.15 62.11
N GLY ZA 225 -79.51 14.07 63.04
CA GLY ZA 225 -80.25 13.78 64.26
C GLY ZA 225 -79.77 12.53 64.97
N LEU ZA 226 -78.47 12.26 64.87
CA LEU ZA 226 -77.90 11.04 65.44
C LEU ZA 226 -76.66 11.40 66.23
N THR ZA 227 -76.70 11.18 67.54
CA THR ZA 227 -75.62 11.55 68.43
C THR ZA 227 -74.98 10.30 69.01
N PHE ZA 228 -73.67 10.35 69.21
CA PHE ZA 228 -72.95 9.18 69.67
C PHE ZA 228 -71.66 9.61 70.34
N THR ZA 229 -71.05 8.67 71.06
CA THR ZA 229 -69.73 8.83 71.64
C THR ZA 229 -68.81 7.77 71.05
N ALA ZA 230 -67.51 8.00 71.18
CA ALA ZA 230 -66.51 7.14 70.58
C ALA ZA 230 -65.41 6.82 71.57
N HIS ZA 231 -64.78 5.67 71.38
CA HIS ZA 231 -63.65 5.26 72.18
C HIS ZA 231 -62.51 4.87 71.26
N GLY ZA 232 -61.30 5.00 71.75
CA GLY ZA 232 -60.14 4.57 70.99
C GLY ZA 232 -58.93 5.42 71.32
N GLN ZA 233 -57.89 5.24 70.51
CA GLN ZA 233 -56.64 5.96 70.69
C GLN ZA 233 -55.93 6.04 69.36
N THR ZA 234 -54.97 6.96 69.28
CA THR ZA 234 -54.27 7.21 68.02
C THR ZA 234 -52.78 7.38 68.30
N ARG ZA 235 -51.99 7.27 67.23
CA ARG ZA 235 -50.56 7.49 67.32
C ARG ZA 235 -50.12 8.48 66.26
N LEU ZA 236 -48.93 9.05 66.48
CA LEU ZA 236 -48.32 9.96 65.53
C LEU ZA 236 -46.87 9.56 65.30
N TYR ZA 237 -46.27 10.16 64.29
CA TYR ZA 237 -44.88 9.91 63.94
C TYR ZA 237 -44.26 11.20 63.48
N PHE ZA 238 -43.08 11.53 64.01
CA PHE ZA 238 -42.44 12.78 63.63
C PHE ZA 238 -40.99 12.75 64.08
N LYS ZA 239 -40.26 13.82 63.75
CA LYS ZA 239 -38.93 14.03 64.28
C LYS ZA 239 -38.63 15.52 64.29
N SER ZA 240 -37.88 15.95 65.29
CA SER ZA 240 -37.44 17.33 65.35
C SER ZA 240 -36.33 17.56 64.34
N VAL ZA 241 -36.13 18.84 63.99
CA VAL ZA 241 -35.06 19.22 63.08
C VAL ZA 241 -34.77 20.70 63.29
N GLY ZA 242 -33.60 21.14 62.86
CA GLY ZA 242 -33.25 22.54 62.86
C GLY ZA 242 -32.29 22.89 63.98
N ASN ZA 243 -31.88 24.16 63.98
CA ASN ZA 243 -30.96 24.71 64.97
C ASN ZA 243 -29.69 23.87 65.06
N ALA AB 31 2.11 -62.98 13.03
CA ALA AB 31 1.65 -64.34 13.25
C ALA AB 31 2.64 -65.35 12.68
N GLY AB 32 3.71 -65.61 13.42
CA GLY AB 32 4.74 -66.53 12.99
C GLY AB 32 6.08 -66.15 13.60
N SER AB 33 7.11 -66.91 13.23
CA SER AB 33 8.44 -66.60 13.72
C SER AB 33 9.48 -66.65 12.59
N LYS AB 34 10.05 -65.49 12.27
CA LYS AB 34 11.13 -65.37 11.28
C LYS AB 34 10.83 -66.17 10.02
N ALA AB 35 9.58 -66.13 9.59
CA ALA AB 35 9.20 -66.84 8.38
C ALA AB 35 9.89 -66.23 7.17
N ASP AB 36 10.18 -67.09 6.20
CA ASP AB 36 10.91 -66.69 5.00
C ASP AB 36 10.27 -67.34 3.78
N ARG AB 37 10.19 -66.57 2.70
CA ARG AB 37 9.46 -66.99 1.51
C ARG AB 37 9.86 -68.36 0.99
N PRO AB 38 11.14 -68.70 0.83
CA PRO AB 38 11.47 -70.07 0.44
C PRO AB 38 11.10 -71.06 1.54
N SER AB 39 10.90 -72.30 1.15
CA SER AB 39 10.47 -73.33 2.07
C SER AB 39 11.57 -73.62 3.09
N LEU AB 40 11.18 -74.26 4.19
CA LEU AB 40 12.08 -74.59 5.27
C LEU AB 40 12.24 -76.10 5.38
N GLN AB 41 13.41 -76.52 5.84
CA GLN AB 41 13.71 -77.94 5.87
C GLN AB 41 12.84 -78.66 6.89
N ILE AB 42 12.77 -79.98 6.74
CA ILE AB 42 11.88 -80.81 7.55
C ILE AB 42 12.65 -82.01 8.07
N GLN AB 43 12.44 -82.33 9.34
CA GLN AB 43 12.97 -83.54 9.94
C GLN AB 43 11.88 -84.25 10.72
N THR AB 44 11.90 -85.57 10.71
CA THR AB 44 10.86 -86.37 11.33
C THR AB 44 11.47 -87.39 12.29
N LEU AB 45 10.63 -87.93 13.14
CA LEU AB 45 11.01 -89.01 14.02
C LEU AB 45 9.94 -90.09 13.97
N GLN AB 46 10.35 -91.33 14.11
CA GLN AB 46 9.46 -92.46 13.99
C GLN AB 46 9.49 -93.24 15.30
N HIS AB 47 8.41 -93.21 16.06
CA HIS AB 47 8.28 -94.01 17.27
C HIS AB 47 7.07 -94.90 17.10
N ALA AB 48 7.33 -96.20 16.96
CA ALA AB 48 6.28 -97.17 16.69
C ALA AB 48 6.92 -98.54 16.62
N GLY AB 49 6.09 -99.57 16.73
CA GLY AB 49 6.58 -100.93 16.55
C GLY AB 49 7.70 -101.23 17.50
N THR AB 50 8.86 -101.59 16.93
CA THR AB 50 10.03 -101.88 17.73
C THR AB 50 10.37 -100.72 18.65
N THR AB 51 10.26 -99.49 18.16
CA THR AB 51 10.59 -98.32 18.96
C THR AB 51 9.29 -97.73 19.48
N MET AB 52 9.01 -97.94 20.76
CA MET AB 52 7.88 -97.33 21.43
C MET AB 52 8.41 -96.76 22.73
N ILE AB 53 8.32 -95.44 22.88
CA ILE AB 53 8.73 -94.84 24.14
C ILE AB 53 7.93 -95.49 25.25
N THR AB 54 8.63 -96.05 26.23
CA THR AB 54 8.01 -96.76 27.34
C THR AB 54 8.55 -96.20 28.65
N VAL AB 55 7.67 -95.73 29.51
CA VAL AB 55 8.09 -94.95 30.66
C VAL AB 55 7.75 -95.67 31.96
N PRO AB 56 8.74 -96.18 32.68
CA PRO AB 56 8.52 -96.56 34.07
C PRO AB 56 8.47 -95.32 34.94
N SER AB 57 7.97 -95.51 36.16
CA SER AB 57 7.85 -94.40 37.11
C SER AB 57 9.17 -93.68 37.27
N GLY AB 58 9.13 -92.36 37.21
CA GLY AB 58 10.33 -91.56 37.26
C GLY AB 58 10.74 -90.95 35.94
N GLY AB 59 9.98 -91.18 34.87
CA GLY AB 59 10.22 -90.48 33.62
C GLY AB 59 11.43 -91.00 32.87
N VAL AB 60 11.64 -90.43 31.69
CA VAL AB 60 12.77 -90.80 30.85
C VAL AB 60 13.26 -89.57 30.12
N CYS AB 61 14.57 -89.47 29.98
CA CYS AB 61 15.22 -88.37 29.30
C CYS AB 61 15.48 -88.75 27.85
N ASP AB 62 15.38 -87.77 26.96
CA ASP AB 62 15.63 -88.03 25.55
C ASP AB 62 15.99 -86.73 24.85
N LEU AB 63 16.63 -86.86 23.70
CA LEU AB 63 17.00 -85.72 22.86
C LEU AB 63 16.35 -85.85 21.50
N ILE AB 64 15.60 -84.82 21.11
CA ILE AB 64 14.89 -84.82 19.84
C ILE AB 64 15.60 -84.05 18.75
N ASN AB 65 16.72 -83.41 19.04
CA ASN AB 65 17.28 -82.46 18.09
C ASN AB 65 18.28 -83.07 17.14
N THR AB 66 18.46 -84.40 17.18
CA THR AB 66 19.47 -85.07 16.39
C THR AB 66 19.37 -84.73 14.91
N TYR AB 67 20.52 -84.39 14.32
CA TYR AB 67 20.64 -84.05 12.91
C TYR AB 67 21.91 -84.67 12.37
N ALA AB 68 21.81 -85.33 11.22
CA ALA AB 68 23.02 -85.75 10.54
C ALA AB 68 23.53 -84.60 9.66
N ARG AB 69 24.68 -84.83 9.02
CA ARG AB 69 25.23 -83.88 8.06
C ARG AB 69 25.57 -84.61 6.78
N GLY AB 70 25.19 -84.04 5.66
CA GLY AB 70 25.49 -84.65 4.38
C GLY AB 70 24.64 -84.07 3.28
N SER AB 71 24.47 -84.88 2.23
CA SER AB 71 23.75 -84.43 1.06
C SER AB 71 22.25 -84.47 1.28
N ASP AB 72 21.77 -85.49 2.00
CA ASP AB 72 20.35 -85.75 2.07
C ASP AB 72 19.62 -84.57 2.69
N GLU AB 73 18.41 -84.31 2.18
CA GLU AB 73 17.58 -83.25 2.73
C GLU AB 73 17.14 -83.63 4.14
N GLY AB 74 17.11 -82.62 5.01
CA GLY AB 74 16.78 -82.83 6.40
C GLY AB 74 18.02 -82.92 7.24
N ASN AB 75 19.13 -83.28 6.64
CA ASN AB 75 20.39 -83.21 7.34
C ASN AB 75 20.92 -81.78 7.28
N ARG AB 76 21.73 -81.43 8.28
CA ARG AB 76 22.23 -80.07 8.37
C ARG AB 76 23.42 -79.88 7.43
N HIS AB 77 23.39 -78.78 6.68
CA HIS AB 77 24.47 -78.47 5.76
C HIS AB 77 25.62 -77.73 6.40
N THR AB 78 25.42 -77.14 7.58
CA THR AB 78 26.43 -76.25 8.13
C THR AB 78 26.77 -76.63 9.56
N SER AB 79 27.56 -75.79 10.21
CA SER AB 79 27.87 -76.01 11.61
C SER AB 79 26.97 -75.21 12.54
N GLU AB 80 26.02 -74.46 12.00
CA GLU AB 80 25.19 -73.57 12.79
C GLU AB 80 23.72 -73.75 12.38
N THR AB 81 22.86 -74.01 13.36
CA THR AB 81 21.47 -74.32 13.09
C THR AB 81 20.54 -73.57 14.03
N LEU AB 82 19.46 -73.04 13.49
CA LEU AB 82 18.36 -72.47 14.26
C LEU AB 82 17.11 -73.29 13.99
N THR AB 83 16.31 -73.50 15.02
CA THR AB 83 15.03 -74.17 14.87
C THR AB 83 13.90 -73.22 15.23
N TYR AB 84 12.73 -73.46 14.67
CA TYR AB 84 11.63 -72.54 14.87
C TYR AB 84 10.37 -73.19 15.39
N LYS AB 85 9.67 -73.89 14.52
CA LYS AB 85 8.33 -74.38 14.82
C LYS AB 85 8.37 -75.89 15.01
N ILE AB 86 7.55 -76.38 15.93
CA ILE AB 86 7.50 -77.80 16.24
C ILE AB 86 6.05 -78.22 16.44
N ALA AB 87 5.71 -79.40 15.92
CA ALA AB 87 4.39 -79.96 16.09
C ALA AB 87 4.54 -81.38 16.61
N ILE AB 88 3.65 -81.78 17.50
CA ILE AB 88 3.76 -83.06 18.19
C ILE AB 88 2.42 -83.77 18.11
N ASP AB 89 2.45 -85.03 17.71
CA ASP AB 89 1.29 -85.91 17.75
C ASP AB 89 1.69 -87.22 18.39
N TYR AB 90 0.79 -87.76 19.20
CA TYR AB 90 1.01 -89.10 19.75
C TYR AB 90 -0.31 -89.75 20.08
N HIS AB 91 -0.25 -91.06 20.26
CA HIS AB 91 -1.28 -91.79 20.97
C HIS AB 91 -0.71 -92.31 22.28
N PHE AB 92 -1.56 -92.33 23.30
CA PHE AB 92 -1.24 -92.95 24.58
C PHE AB 92 -2.14 -94.13 24.81
N VAL AB 93 -1.65 -95.09 25.58
CA VAL AB 93 -2.48 -96.18 26.07
C VAL AB 93 -1.92 -96.69 27.39
N ALA AB 94 -2.81 -97.05 28.30
CA ALA AB 94 -2.36 -97.61 29.55
C ALA AB 94 -1.75 -98.98 29.32
N ASP AB 95 -0.90 -99.39 30.24
CA ASP AB 95 -0.30 -100.72 30.20
C ASP AB 95 -1.06 -101.66 31.12
N ALA AB 96 -1.29 -102.88 30.63
CA ALA AB 96 -1.98 -103.87 31.44
C ALA AB 96 -1.23 -104.15 32.73
N ALA AB 97 0.10 -104.00 32.72
CA ALA AB 97 0.89 -104.25 33.91
C ALA AB 97 0.39 -103.45 35.10
N ALA AB 98 -0.06 -102.22 34.88
CA ALA AB 98 -0.60 -101.39 35.95
C ALA AB 98 -2.12 -101.45 36.01
N CYS AB 99 -2.78 -102.15 35.11
CA CYS AB 99 -4.23 -102.20 35.13
C CYS AB 99 -4.77 -103.05 36.27
N ARG AB 100 -3.91 -103.76 37.00
CA ARG AB 100 -4.38 -104.56 38.13
C ARG AB 100 -4.93 -103.70 39.26
N TYR AB 101 -4.80 -102.39 39.18
CA TYR AB 101 -5.33 -101.47 40.16
C TYR AB 101 -6.25 -100.48 39.46
N SER AB 102 -7.06 -99.77 40.24
CA SER AB 102 -7.96 -98.77 39.70
C SER AB 102 -7.75 -97.45 40.42
N ASN AB 103 -7.18 -96.49 39.72
CA ASN AB 103 -7.13 -95.12 40.20
C ASN AB 103 -6.86 -94.22 39.01
N THR AB 104 -7.11 -92.94 39.20
CA THR AB 104 -6.73 -91.96 38.20
C THR AB 104 -5.33 -91.46 38.50
N GLY AB 105 -4.94 -90.40 37.80
CA GLY AB 105 -3.66 -89.78 38.04
C GLY AB 105 -3.50 -88.56 37.16
N THR AB 106 -2.29 -88.03 37.14
CA THR AB 106 -1.99 -86.89 36.27
C THR AB 106 -0.58 -87.00 35.76
N GLY AB 107 -0.41 -86.77 34.45
CA GLY AB 107 0.89 -86.79 33.81
C GLY AB 107 1.38 -85.40 33.41
N VAL AB 108 2.62 -85.36 32.95
CA VAL AB 108 3.29 -84.11 32.62
C VAL AB 108 4.23 -84.35 31.46
N MET AB 109 4.30 -83.37 30.56
CA MET AB 109 5.28 -83.35 29.49
C MET AB 109 5.95 -81.99 29.47
N TRP AB 110 7.27 -81.98 29.56
CA TRP AB 110 8.02 -80.74 29.49
C TRP AB 110 8.85 -80.67 28.22
N LEU AB 111 9.17 -79.45 27.83
CA LEU AB 111 10.12 -79.20 26.77
C LEU AB 111 11.25 -78.39 27.38
N VAL AB 112 12.42 -78.99 27.52
CA VAL AB 112 13.51 -78.43 28.32
C VAL AB 112 14.66 -78.07 27.41
N TYR AB 113 15.17 -76.85 27.58
CA TYR AB 113 16.30 -76.36 26.82
C TYR AB 113 17.56 -76.37 27.66
N ASP AB 114 18.68 -76.68 27.03
CA ASP AB 114 19.97 -76.79 27.71
C ASP AB 114 20.93 -75.75 27.18
N THR AB 115 21.93 -75.41 28.00
CA THR AB 115 23.02 -74.57 27.56
C THR AB 115 24.21 -75.42 27.14
N THR AB 116 24.90 -76.01 28.11
CA THR AB 116 26.05 -76.86 27.83
C THR AB 116 25.76 -78.27 28.33
N PRO AB 117 25.66 -79.25 27.45
CA PRO AB 117 25.41 -80.61 27.92
C PRO AB 117 26.67 -81.23 28.48
N GLY AB 118 26.50 -82.06 29.50
CA GLY AB 118 27.61 -82.83 29.99
C GLY AB 118 28.00 -83.91 29.01
N GLY AB 119 29.10 -84.59 29.33
CA GLY AB 119 29.51 -85.72 28.53
C GLY AB 119 28.59 -86.91 28.63
N GLN AB 120 27.76 -86.95 29.67
CA GLN AB 120 26.86 -88.07 29.92
C GLN AB 120 25.41 -87.60 29.81
N ALA AB 121 24.53 -88.53 29.49
CA ALA AB 121 23.14 -88.20 29.30
C ALA AB 121 22.48 -87.89 30.65
N PRO AB 122 21.72 -86.81 30.74
CA PRO AB 122 21.05 -86.49 31.99
C PRO AB 122 19.92 -87.46 32.27
N THR AB 123 19.51 -87.49 33.53
CA THR AB 123 18.33 -88.23 33.95
C THR AB 123 17.46 -87.29 34.77
N PRO AB 124 16.14 -87.48 34.77
CA PRO AB 124 15.28 -86.54 35.49
C PRO AB 124 15.70 -86.31 36.92
N GLN AB 125 16.03 -87.37 37.65
CA GLN AB 125 16.42 -87.21 39.04
C GLN AB 125 17.56 -86.21 39.18
N THR AB 126 18.40 -86.13 38.15
CA THR AB 126 19.48 -85.15 38.17
C THR AB 126 18.98 -83.77 37.77
N ILE AB 127 18.01 -83.69 36.86
CA ILE AB 127 17.61 -82.37 36.38
C ILE AB 127 16.75 -81.68 37.40
N PHE AB 128 16.00 -82.44 38.19
CA PHE AB 128 15.10 -81.87 39.20
C PHE AB 128 15.48 -82.45 40.55
N ALA AB 129 15.77 -81.58 41.50
CA ALA AB 129 16.05 -82.07 42.84
C ALA AB 129 14.74 -82.38 43.53
N TYR AB 130 14.53 -83.64 43.85
CA TYR AB 130 13.29 -83.95 44.54
C TYR AB 130 13.54 -85.00 45.60
N PRO AB 131 12.92 -84.88 46.76
CA PRO AB 131 13.00 -85.94 47.75
C PRO AB 131 12.27 -87.19 47.27
N ASP AB 132 12.64 -88.33 47.85
CA ASP AB 132 12.04 -89.59 47.44
C ASP AB 132 10.54 -89.59 47.68
N THR AB 133 10.09 -88.85 48.68
CA THR AB 133 8.66 -88.79 48.99
C THR AB 133 7.86 -88.27 47.81
N LEU AB 134 8.30 -87.19 47.19
CA LEU AB 134 7.56 -86.57 46.11
C LEU AB 134 7.61 -87.37 44.81
N LYS AB 135 8.40 -88.44 44.75
CA LYS AB 135 8.52 -89.20 43.51
C LYS AB 135 7.17 -89.64 42.99
N ALA AB 136 6.20 -89.85 43.89
CA ALA AB 136 4.86 -90.21 43.46
C ALA AB 136 4.27 -89.15 42.54
N TRP AB 137 4.21 -87.92 43.01
CA TRP AB 137 3.46 -86.94 42.22
C TRP AB 137 4.43 -86.05 41.51
N PRO AB 138 4.63 -86.22 40.21
CA PRO AB 138 5.62 -85.39 39.52
C PRO AB 138 5.16 -83.96 39.37
N ALA AB 139 3.86 -83.75 39.17
CA ALA AB 139 3.39 -82.46 38.71
C ALA AB 139 3.79 -81.32 39.62
N THR AB 140 4.25 -81.62 40.83
CA THR AB 140 4.76 -80.60 41.72
C THR AB 140 6.22 -80.29 41.49
N TRP AB 141 6.93 -81.13 40.76
CA TRP AB 141 8.35 -80.88 40.55
C TRP AB 141 8.56 -79.51 39.94
N LYS AB 142 9.67 -78.87 40.30
CA LYS AB 142 10.09 -77.66 39.64
C LYS AB 142 11.61 -77.66 39.56
N VAL AB 143 12.13 -76.80 38.69
CA VAL AB 143 13.56 -76.81 38.40
C VAL AB 143 14.35 -76.52 39.66
N SER AB 144 15.41 -77.29 39.86
CA SER AB 144 16.25 -77.12 41.04
C SER AB 144 17.06 -75.83 40.96
N ARG AB 145 17.39 -75.27 42.13
CA ARG AB 145 18.02 -73.96 42.14
C ARG AB 145 19.51 -74.02 41.82
N GLU AB 146 20.16 -75.13 42.14
CA GLU AB 146 21.60 -75.21 41.91
C GLU AB 146 21.93 -75.00 40.44
N LEU AB 147 21.11 -75.54 39.56
CA LEU AB 147 21.34 -75.47 38.14
C LEU AB 147 20.61 -74.29 37.50
N CYS AB 148 20.04 -73.40 38.31
CA CYS AB 148 19.05 -72.42 37.90
C CYS AB 148 19.40 -71.73 36.59
N HIS AB 149 20.67 -71.42 36.39
CA HIS AB 149 21.06 -70.81 35.13
C HIS AB 149 21.52 -71.80 34.08
N ARG AB 150 21.68 -73.08 34.44
CA ARG AB 150 22.12 -74.03 33.44
C ARG AB 150 20.98 -74.54 32.58
N PHE AB 151 19.76 -74.58 33.10
CA PHE AB 151 18.62 -75.11 32.38
C PHE AB 151 17.47 -74.13 32.39
N VAL AB 152 16.50 -74.37 31.52
CA VAL AB 152 15.27 -73.58 31.49
C VAL AB 152 14.22 -74.42 30.78
N VAL AB 153 12.95 -74.09 31.00
CA VAL AB 153 11.84 -74.81 30.41
C VAL AB 153 11.00 -73.81 29.63
N LYS AB 154 10.94 -73.98 28.32
CA LYS AB 154 10.24 -73.01 27.49
C LYS AB 154 8.80 -73.39 27.22
N ARG AB 155 8.38 -74.60 27.56
CA ARG AB 155 6.98 -74.99 27.39
C ARG AB 155 6.60 -75.99 28.47
N ARG AB 156 5.29 -76.16 28.64
CA ARG AB 156 4.76 -77.09 29.62
C ARG AB 156 3.41 -77.58 29.13
N TRP AB 157 3.08 -78.82 29.47
CA TRP AB 157 1.76 -79.31 29.14
C TRP AB 157 1.28 -80.29 30.21
N LEU AB 158 -0.04 -80.40 30.32
CA LEU AB 158 -0.66 -81.32 31.25
C LEU AB 158 -1.60 -82.26 30.52
N PHE AB 159 -1.82 -83.42 31.13
CA PHE AB 159 -2.80 -84.36 30.65
C PHE AB 159 -3.15 -85.27 31.80
N ASN AB 160 -4.28 -85.95 31.69
CA ASN AB 160 -4.70 -86.86 32.73
C ASN AB 160 -5.35 -88.07 32.11
N MET AB 161 -5.26 -89.19 32.82
CA MET AB 161 -5.79 -90.44 32.35
C MET AB 161 -6.09 -91.33 33.55
N GLU AB 162 -6.87 -92.37 33.32
CA GLU AB 162 -7.29 -93.23 34.40
C GLU AB 162 -7.63 -94.60 33.85
N THR AB 163 -7.65 -95.58 34.74
CA THR AB 163 -8.00 -96.94 34.38
C THR AB 163 -8.96 -97.51 35.39
N ASP AB 164 -9.86 -98.35 34.91
CA ASP AB 164 -10.88 -98.96 35.73
C ASP AB 164 -10.51 -100.35 36.20
N GLY AB 165 -9.36 -100.86 35.81
CA GLY AB 165 -8.99 -102.22 36.15
C GLY AB 165 -9.52 -103.27 35.20
N ARG AB 166 -9.67 -102.94 33.92
CA ARG AB 166 -10.18 -103.91 32.96
C ARG AB 166 -9.42 -103.77 31.65
N ILE AB 167 -8.90 -104.88 31.15
CA ILE AB 167 -8.17 -104.87 29.89
C ILE AB 167 -9.17 -104.84 28.75
N GLY AB 168 -8.76 -104.28 27.61
CA GLY AB 168 -9.69 -104.10 26.51
C GLY AB 168 -10.27 -105.39 25.98
N SER AB 169 -9.43 -106.41 25.79
CA SER AB 169 -9.86 -107.63 25.14
C SER AB 169 -10.89 -108.41 25.94
N ASP AB 170 -11.18 -108.00 27.17
CA ASP AB 170 -12.09 -108.75 28.04
C ASP AB 170 -13.54 -108.54 27.61
N ILE AB 171 -14.29 -109.63 27.52
CA ILE AB 171 -15.69 -109.57 27.11
C ILE AB 171 -16.57 -109.26 28.31
N PRO AB 172 -17.41 -108.23 28.24
CA PRO AB 172 -18.35 -107.99 29.30
C PRO AB 172 -19.31 -109.15 29.42
N PRO AB 173 -19.72 -109.48 30.64
CA PRO AB 173 -20.79 -110.46 30.81
C PRO AB 173 -22.11 -109.88 30.36
N SER AB 174 -23.00 -110.77 29.90
CA SER AB 174 -24.26 -110.34 29.32
C SER AB 174 -25.19 -109.63 30.31
N ASN AB 175 -24.87 -109.64 31.60
CA ASN AB 175 -25.77 -109.03 32.57
C ASN AB 175 -25.64 -107.51 32.61
N ALA AB 176 -24.42 -106.99 32.70
CA ALA AB 176 -24.23 -105.57 32.97
C ALA AB 176 -23.09 -105.05 32.11
N SER AB 177 -22.93 -103.73 32.12
CA SER AB 177 -21.96 -103.08 31.23
C SER AB 177 -21.08 -102.05 31.92
N TRP AB 178 -20.29 -101.34 31.13
CA TRP AB 178 -19.41 -100.31 31.68
C TRP AB 178 -19.35 -99.14 30.71
N LYS AB 179 -19.11 -97.95 31.26
CA LYS AB 179 -18.72 -96.79 30.44
C LYS AB 179 -17.27 -96.50 30.78
N PRO AB 180 -16.33 -96.89 29.95
CA PRO AB 180 -14.93 -96.59 30.24
C PRO AB 180 -14.42 -95.35 29.52
N CYS AB 181 -15.01 -94.20 29.76
CA CYS AB 181 -14.54 -92.99 29.12
C CYS AB 181 -13.09 -92.72 29.48
N LYS AB 182 -12.32 -92.28 28.50
CA LYS AB 182 -10.94 -91.86 28.69
C LYS AB 182 -10.08 -92.99 29.28
N ARG AB 183 -10.15 -94.16 28.65
CA ARG AB 183 -9.09 -95.12 28.90
C ARG AB 183 -7.84 -94.74 28.14
N ASN AB 184 -7.98 -94.34 26.89
CA ASN AB 184 -6.87 -93.86 26.10
C ASN AB 184 -7.19 -92.47 25.59
N ILE AB 185 -6.16 -91.76 25.14
CA ILE AB 185 -6.28 -90.34 24.87
C ILE AB 185 -5.46 -89.97 23.65
N TYR AB 186 -5.90 -88.93 22.95
CA TYR AB 186 -5.25 -88.42 21.76
C TYR AB 186 -4.69 -87.05 22.07
N PHE AB 187 -3.37 -86.93 22.02
CA PHE AB 187 -2.69 -85.72 22.46
C PHE AB 187 -1.91 -85.10 21.32
N HIS AB 188 -2.10 -83.80 21.12
CA HIS AB 188 -1.38 -83.09 20.07
C HIS AB 188 -1.26 -81.63 20.44
N LYS AB 189 -0.15 -81.02 20.05
CA LYS AB 189 0.06 -79.59 20.25
C LYS AB 189 0.86 -79.06 19.08
N PHE AB 190 0.71 -77.77 18.84
CA PHE AB 190 1.41 -77.09 17.74
C PHE AB 190 1.81 -75.72 18.25
N THR AB 191 3.09 -75.37 18.13
CA THR AB 191 3.54 -74.10 18.65
C THR AB 191 4.65 -73.50 17.80
N SER AB 192 4.52 -72.22 17.48
CA SER AB 192 5.52 -71.50 16.71
C SER AB 192 6.44 -70.63 17.55
N GLY AB 193 6.22 -70.56 18.86
CA GLY AB 193 6.82 -69.49 19.63
C GLY AB 193 8.32 -69.60 19.75
N LEU AB 194 8.81 -70.79 20.10
CA LEU AB 194 10.17 -70.93 20.56
C LEU AB 194 11.17 -70.63 19.45
N GLY AB 195 12.40 -70.37 19.86
CA GLY AB 195 13.53 -70.40 18.95
C GLY AB 195 14.76 -70.78 19.72
N VAL AB 196 15.71 -71.40 19.02
CA VAL AB 196 16.87 -71.99 19.68
C VAL AB 196 18.07 -71.82 18.77
N ARG AB 197 19.22 -71.54 19.36
CA ARG AB 197 20.47 -71.37 18.64
C ARG AB 197 21.41 -72.49 19.02
N THR AB 198 21.91 -73.21 18.02
CA THR AB 198 22.75 -74.38 18.27
C THR AB 198 23.98 -74.34 17.40
N GLN AB 199 25.10 -74.80 17.95
CA GLN AB 199 26.33 -74.95 17.21
C GLN AB 199 26.89 -76.34 17.46
N TRP AB 200 27.78 -76.77 16.58
CA TRP AB 200 28.20 -78.16 16.54
C TRP AB 200 29.71 -78.28 16.51
N LYS AB 201 30.22 -79.31 17.17
CA LYS AB 201 31.57 -79.77 16.89
C LYS AB 201 31.62 -80.33 15.48
N ASN AB 202 32.83 -80.45 14.95
CA ASN AB 202 32.96 -80.88 13.57
C ASN AB 202 33.12 -82.40 13.55
N VAL AB 203 32.06 -83.08 13.14
CA VAL AB 203 32.02 -84.52 12.91
C VAL AB 203 30.89 -84.80 11.94
N THR AB 204 30.71 -86.05 11.56
CA THR AB 204 29.54 -86.42 10.77
C THR AB 204 28.32 -86.63 11.65
N ASP AB 205 28.52 -87.20 12.83
CA ASP AB 205 27.46 -87.85 13.57
C ASP AB 205 26.41 -86.85 14.04
N GLY AB 206 25.23 -87.38 14.33
CA GLY AB 206 24.15 -86.61 14.93
C GLY AB 206 23.86 -86.92 16.38
N GLY AB 207 24.72 -87.67 17.04
CA GLY AB 207 24.49 -88.03 18.42
C GLY AB 207 24.66 -86.84 19.35
N VAL AB 208 24.47 -87.12 20.64
CA VAL AB 208 24.56 -86.06 21.63
C VAL AB 208 25.99 -85.57 21.80
N GLY AB 209 26.97 -86.45 21.72
CA GLY AB 209 28.34 -86.06 21.97
C GLY AB 209 28.85 -84.99 21.04
N ALA AB 210 28.18 -84.77 19.92
CA ALA AB 210 28.66 -83.81 18.94
C ALA AB 210 28.34 -82.37 19.32
N ILE AB 211 27.24 -82.14 20.00
CA ILE AB 211 26.73 -80.78 20.17
C ILE AB 211 27.62 -80.00 21.12
N GLN AB 212 28.02 -78.81 20.71
CA GLN AB 212 28.77 -77.93 21.60
C GLN AB 212 27.85 -77.16 22.53
N ARG AB 213 26.74 -76.65 22.02
CA ARG AB 213 25.86 -75.82 22.84
C ARG AB 213 24.45 -75.86 22.28
N GLY AB 214 23.46 -75.68 23.14
CA GLY AB 214 22.07 -75.56 22.70
C GLY AB 214 21.27 -76.85 22.55
N ALA AB 215 21.55 -77.86 23.36
CA ALA AB 215 20.79 -79.09 23.26
C ALA AB 215 19.34 -78.87 23.67
N LEU AB 216 18.48 -79.79 23.24
CA LEU AB 216 17.05 -79.68 23.47
C LEU AB 216 16.51 -81.03 23.91
N TYR AB 217 15.91 -81.08 25.09
CA TYR AB 217 15.45 -82.33 25.67
C TYR AB 217 13.93 -82.37 25.75
N MET AB 218 13.39 -83.58 25.70
CA MET AB 218 11.98 -83.85 25.94
C MET AB 218 11.86 -84.84 27.08
N VAL AB 219 10.89 -84.63 27.96
CA VAL AB 219 10.74 -85.43 29.16
C VAL AB 219 9.28 -85.79 29.35
N ILE AB 220 9.03 -87.02 29.77
CA ILE AB 220 7.68 -87.51 30.03
C ILE AB 220 7.59 -87.95 31.48
N ALA AB 221 6.57 -87.49 32.18
CA ALA AB 221 6.38 -87.80 33.58
C ALA AB 221 5.09 -88.58 33.77
N PRO AB 222 5.14 -89.82 34.23
CA PRO AB 222 3.92 -90.60 34.41
C PRO AB 222 3.15 -90.16 35.63
N GLY AB 223 1.89 -90.55 35.68
CA GLY AB 223 1.09 -90.36 36.86
C GLY AB 223 1.49 -91.33 37.96
N ASN AB 224 0.95 -91.07 39.15
CA ASN AB 224 1.30 -91.90 40.31
C ASN AB 224 1.00 -93.36 40.05
N GLY AB 225 2.02 -94.20 40.24
CA GLY AB 225 1.86 -95.63 40.13
C GLY AB 225 1.15 -96.07 38.88
N LEU AB 226 1.35 -95.33 37.79
CA LEU AB 226 0.65 -95.59 36.53
C LEU AB 226 1.67 -95.59 35.40
N THR AB 227 1.84 -96.74 34.76
CA THR AB 227 2.83 -96.91 33.72
C THR AB 227 2.14 -97.15 32.38
N PHE AB 228 2.72 -96.63 31.32
CA PHE AB 228 2.09 -96.73 30.01
C PHE AB 228 3.14 -96.60 28.92
N THR AB 229 2.75 -96.95 27.71
CA THR AB 229 3.55 -96.73 26.52
C THR AB 229 2.78 -95.83 25.56
N ALA AB 230 3.51 -95.24 24.62
CA ALA AB 230 2.93 -94.27 23.71
C ALA AB 230 3.35 -94.56 22.29
N HIS AB 231 2.51 -94.14 21.35
CA HIS AB 231 2.79 -94.26 19.93
C HIS AB 231 2.60 -92.91 19.29
N GLY AB 232 3.30 -92.68 18.19
CA GLY AB 232 3.13 -91.46 17.43
C GLY AB 232 4.41 -91.05 16.76
N GLN AB 233 4.41 -89.83 16.22
CA GLN AB 233 5.55 -89.28 15.52
C GLN AB 233 5.49 -87.77 15.59
N THR AB 234 6.62 -87.13 15.32
CA THR AB 234 6.73 -85.68 15.44
C THR AB 234 7.50 -85.12 14.27
N ARG AB 235 7.38 -83.82 14.07
CA ARG AB 235 8.12 -83.13 13.03
C ARG AB 235 8.85 -81.93 13.61
N LEU AB 236 9.84 -81.45 12.88
CA LEU AB 236 10.59 -80.26 13.24
C LEU AB 236 10.70 -79.34 12.04
N TYR AB 237 11.14 -78.13 12.30
CA TYR AB 237 11.33 -77.12 11.27
C TYR AB 237 12.56 -76.31 11.60
N PHE AB 238 13.45 -76.12 10.62
CA PHE AB 238 14.68 -75.38 10.87
C PHE AB 238 15.31 -75.01 9.54
N LYS AB 239 16.41 -74.27 9.63
CA LYS AB 239 17.25 -74.00 8.47
C LYS AB 239 18.68 -73.76 8.94
N SER AB 240 19.63 -74.19 8.11
CA SER AB 240 21.02 -73.91 8.41
C SER AB 240 21.35 -72.46 8.10
N VAL AB 241 22.43 -71.97 8.69
CA VAL AB 241 22.89 -70.60 8.43
C VAL AB 241 24.37 -70.54 8.82
N GLY AB 242 25.05 -69.52 8.32
CA GLY AB 242 26.43 -69.25 8.70
C GLY AB 242 27.41 -69.68 7.63
N ASN AB 243 28.67 -69.36 7.91
CA ASN AB 243 29.79 -69.70 7.03
C ASN AB 243 29.56 -69.17 5.63
N ALA BB 31 -50.86 -14.30 -36.74
CA ALA BB 31 -52.17 -14.82 -37.13
C ALA BB 31 -52.86 -13.88 -38.11
N GLY BB 32 -52.47 -13.97 -39.38
CA GLY BB 32 -53.03 -13.13 -40.40
C GLY BB 32 -52.03 -12.92 -41.52
N SER BB 33 -52.43 -12.13 -42.51
CA SER BB 33 -51.53 -11.81 -43.60
C SER BB 33 -51.52 -10.32 -43.94
N LYS BB 34 -50.39 -9.67 -43.70
CA LYS BB 34 -50.17 -8.25 -44.03
C LYS BB 34 -51.37 -7.39 -43.64
N ALA BB 35 -51.92 -7.68 -42.46
CA ALA BB 35 -53.05 -6.90 -41.97
C ALA BB 35 -52.62 -5.47 -41.69
N ASP BB 36 -53.55 -4.55 -41.90
CA ASP BB 36 -53.29 -3.13 -41.75
C ASP BB 36 -54.47 -2.47 -41.04
N ARG BB 37 -54.14 -1.54 -40.13
CA ARG BB 37 -55.13 -0.94 -39.24
C ARG BB 37 -56.35 -0.39 -39.97
N PRO BB 38 -56.23 0.39 -41.04
CA PRO BB 38 -57.43 0.79 -41.77
C PRO BB 38 -58.10 -0.40 -42.44
N SER BB 39 -59.39 -0.25 -42.68
CA SER BB 39 -60.18 -1.34 -43.24
C SER BB 39 -59.73 -1.65 -44.66
N LEU BB 40 -60.12 -2.83 -45.14
CA LEU BB 40 -59.75 -3.30 -46.46
C LEU BB 40 -60.98 -3.41 -47.34
N GLN BB 41 -60.79 -3.21 -48.63
CA GLN BB 41 -61.92 -3.18 -49.55
C GLN BB 41 -62.58 -4.55 -49.65
N ILE BB 42 -63.81 -4.56 -50.14
CA ILE BB 42 -64.62 -5.76 -50.20
C ILE BB 42 -65.24 -5.89 -51.58
N GLN BB 43 -65.23 -7.10 -52.12
CA GLN BB 43 -65.92 -7.42 -53.36
C GLN BB 43 -66.71 -8.70 -53.19
N THR BB 44 -67.88 -8.77 -53.82
CA THR BB 44 -68.78 -9.90 -53.67
C THR BB 44 -69.15 -10.47 -55.03
N LEU BB 45 -69.69 -11.67 -55.00
CA LEU BB 45 -70.25 -12.30 -56.19
C LEU BB 45 -71.60 -12.88 -55.84
N GLN BB 46 -72.50 -12.87 -56.80
CA GLN BB 46 -73.87 -13.32 -56.59
C GLN BB 46 -74.15 -14.46 -57.55
N HIS BB 47 -74.29 -15.68 -57.03
CA HIS BB 47 -74.68 -16.82 -57.83
C HIS BB 47 -75.96 -17.37 -57.25
N ALA BB 48 -77.06 -17.21 -57.98
CA ALA BB 48 -78.38 -17.60 -57.51
C ALA BB 48 -79.37 -17.30 -58.62
N GLY BB 49 -80.55 -17.90 -58.51
CA GLY BB 49 -81.62 -17.59 -59.44
C GLY BB 49 -81.19 -17.83 -60.87
N THR BB 50 -81.25 -16.77 -61.67
CA THR BB 50 -80.84 -16.86 -63.07
C THR BB 50 -79.42 -17.37 -63.19
N THR BB 51 -78.53 -16.93 -62.30
CA THR BB 51 -77.14 -17.35 -62.36
C THR BB 51 -76.93 -18.43 -61.30
N MET BB 52 -76.84 -19.67 -61.76
CA MET BB 52 -76.51 -20.80 -60.90
C MET BB 52 -75.43 -21.59 -61.60
N ILE BB 53 -74.25 -21.67 -60.99
CA ILE BB 53 -73.20 -22.49 -61.56
C ILE BB 53 -73.74 -23.90 -61.74
N THR BB 54 -73.68 -24.40 -62.97
CA THR BB 54 -74.20 -25.71 -63.30
C THR BB 54 -73.12 -26.49 -64.02
N VAL BB 55 -72.78 -27.67 -63.49
CA VAL BB 55 -71.60 -28.36 -63.97
C VAL BB 55 -71.95 -29.70 -64.60
N PRO BB 56 -71.83 -29.82 -65.90
CA PRO BB 56 -71.83 -31.14 -66.53
C PRO BB 56 -70.49 -31.83 -66.29
N SER BB 57 -70.48 -33.14 -66.53
CA SER BB 57 -69.28 -33.93 -66.33
C SER BB 57 -68.10 -33.32 -67.08
N GLY BB 58 -66.97 -33.20 -66.41
CA GLY BB 58 -65.80 -32.55 -66.97
C GLY BB 58 -65.52 -31.18 -66.43
N GLY BB 59 -66.31 -30.68 -65.49
CA GLY BB 59 -65.98 -29.45 -64.80
C GLY BB 59 -66.22 -28.22 -65.65
N VAL BB 60 -65.99 -27.07 -65.03
CA VAL BB 60 -66.16 -25.80 -65.71
C VAL BB 60 -65.11 -24.82 -65.19
N CYS BB 61 -64.59 -24.01 -66.09
CA CYS BB 61 -63.58 -23.01 -65.78
C CYS BB 61 -64.25 -21.69 -65.52
N ASP BB 62 -63.70 -20.90 -64.61
CA ASP BB 62 -64.24 -19.60 -64.30
C ASP BB 62 -63.17 -18.72 -63.67
N LEU BB 63 -63.41 -17.42 -63.72
CA LEU BB 63 -62.52 -16.44 -63.11
C LEU BB 63 -63.26 -15.63 -62.07
N ILE BB 64 -62.75 -15.61 -60.84
CA ILE BB 64 -63.40 -14.91 -59.75
C ILE BB 64 -62.77 -13.56 -59.46
N ASN BB 65 -61.72 -13.18 -60.15
CA ASN BB 65 -60.95 -12.01 -59.71
C ASN BB 65 -61.42 -10.72 -60.36
N THR BB 66 -62.50 -10.77 -61.14
CA THR BB 66 -62.97 -9.60 -61.89
C THR BB 66 -63.14 -8.37 -61.01
N TYR BB 67 -62.59 -7.26 -61.48
CA TYR BB 67 -62.68 -5.97 -60.79
C TYR BB 67 -62.92 -4.88 -61.83
N ALA BB 68 -63.88 -4.00 -61.56
CA ALA BB 68 -64.01 -2.81 -62.39
C ALA BB 68 -63.07 -1.73 -61.87
N ARG BB 69 -63.03 -0.60 -62.57
CA ARG BB 69 -62.28 0.57 -62.13
C ARG BB 69 -63.19 1.78 -62.18
N GLY BB 70 -63.16 2.58 -61.13
CA GLY BB 70 -63.97 3.78 -61.09
C GLY BB 70 -64.10 4.30 -59.68
N SER BB 71 -65.18 5.06 -59.48
CA SER BB 71 -65.39 5.71 -58.20
C SER BB 71 -65.93 4.73 -57.16
N ASP BB 72 -66.77 3.80 -57.59
CA ASP BB 72 -67.51 2.96 -56.64
C ASP BB 72 -66.54 2.14 -55.79
N GLU BB 73 -66.92 1.97 -54.53
CA GLU BB 73 -66.13 1.14 -53.64
C GLU BB 73 -66.19 -0.31 -54.08
N GLY BB 74 -65.06 -1.00 -53.96
CA GLY BB 74 -64.97 -2.37 -54.41
C GLY BB 74 -64.33 -2.44 -55.78
N ASN BB 75 -64.42 -1.37 -56.54
CA ASN BB 75 -63.68 -1.30 -57.78
C ASN BB 75 -62.25 -0.88 -57.50
N ARG BB 76 -61.34 -1.28 -58.39
CA ARG BB 76 -59.94 -0.99 -58.19
C ARG BB 76 -59.60 0.43 -58.60
N HIS BB 77 -58.87 1.13 -57.73
CA HIS BB 77 -58.48 2.50 -58.02
C HIS BB 77 -57.22 2.62 -58.83
N THR BB 78 -56.42 1.56 -58.91
CA THR BB 78 -55.10 1.67 -59.52
C THR BB 78 -54.88 0.62 -60.58
N SER BB 79 -53.66 0.52 -61.08
CA SER BB 79 -53.33 -0.52 -62.04
C SER BB 79 -52.67 -1.72 -61.38
N GLU BB 80 -52.52 -1.70 -60.06
CA GLU BB 80 -51.81 -2.76 -59.34
C GLU BB 80 -52.61 -3.19 -58.13
N THR BB 81 -52.87 -4.49 -58.01
CA THR BB 81 -53.74 -5.00 -56.96
C THR BB 81 -53.14 -6.24 -56.31
N LEU BB 82 -53.23 -6.30 -54.98
CA LEU BB 82 -52.90 -7.49 -54.21
C LEU BB 82 -54.15 -7.98 -53.53
N THR BB 83 -54.33 -9.29 -53.46
CA THR BB 83 -55.44 -9.88 -52.72
C THR BB 83 -54.90 -10.70 -51.56
N TYR BB 84 -55.71 -10.85 -50.52
CA TYR BB 84 -55.24 -11.54 -49.33
C TYR BB 84 -56.13 -12.68 -48.90
N LYS BB 85 -57.27 -12.37 -48.30
CA LYS BB 85 -58.09 -13.35 -47.64
C LYS BB 85 -59.34 -13.59 -48.45
N ILE BB 86 -59.81 -14.84 -48.45
CA ILE BB 86 -60.99 -15.22 -49.21
C ILE BB 86 -61.83 -16.18 -48.38
N ALA BB 87 -63.14 -16.01 -48.44
CA ALA BB 87 -64.07 -16.89 -47.76
C ALA BB 87 -65.12 -17.35 -48.77
N ILE BB 88 -65.53 -18.60 -48.66
CA ILE BB 88 -66.41 -19.21 -49.64
C ILE BB 88 -67.55 -19.90 -48.91
N ASP BB 89 -68.77 -19.63 -49.35
CA ASP BB 89 -69.96 -20.33 -48.88
C ASP BB 89 -70.78 -20.75 -50.08
N TYR BB 90 -71.35 -21.96 -50.00
CA TYR BB 90 -72.28 -22.39 -51.03
C TYR BB 90 -73.24 -23.42 -50.46
N HIS BB 91 -74.31 -23.62 -51.20
CA HIS BB 91 -75.12 -24.81 -51.06
C HIS BB 91 -74.98 -25.67 -52.31
N PHE BB 92 -75.00 -26.99 -52.10
CA PHE BB 92 -75.05 -27.95 -53.20
C PHE BB 92 -76.37 -28.70 -53.17
N VAL BB 93 -76.80 -29.16 -54.33
CA VAL BB 93 -77.93 -30.08 -54.40
C VAL BB 93 -77.76 -30.94 -55.64
N ALA BB 94 -78.14 -32.21 -55.52
CA ALA BB 94 -78.09 -33.08 -56.68
C ALA BB 94 -79.16 -32.65 -57.69
N ASP BB 95 -78.93 -33.02 -58.95
CA ASP BB 95 -79.88 -32.76 -60.00
C ASP BB 95 -80.72 -34.01 -60.26
N ALA BB 96 -82.02 -33.80 -60.43
CA ALA BB 96 -82.91 -34.92 -60.72
C ALA BB 96 -82.49 -35.65 -61.99
N ALA BB 97 -81.88 -34.93 -62.94
CA ALA BB 97 -81.45 -35.55 -64.19
C ALA BB 97 -80.58 -36.77 -63.94
N ALA BB 98 -79.73 -36.72 -62.93
CA ALA BB 98 -78.88 -37.84 -62.58
C ALA BB 98 -79.46 -38.71 -61.47
N CYS BB 99 -80.59 -38.32 -60.90
CA CYS BB 99 -81.17 -39.11 -59.83
C CYS BB 99 -81.77 -40.42 -60.31
N ARG BB 100 -81.85 -40.64 -61.61
CA ARG BB 100 -82.40 -41.90 -62.11
C ARG BB 100 -81.51 -43.09 -61.78
N TYR BB 101 -80.33 -42.86 -61.23
CA TYR BB 101 -79.43 -43.91 -60.82
C TYR BB 101 -79.09 -43.73 -59.35
N SER BB 102 -78.53 -44.76 -58.74
CA SER BB 102 -78.14 -44.71 -57.33
C SER BB 102 -76.70 -45.11 -57.20
N ASN BB 103 -75.84 -44.16 -56.87
CA ASN BB 103 -74.47 -44.44 -56.49
C ASN BB 103 -73.93 -43.23 -55.76
N THR BB 104 -72.84 -43.43 -55.05
CA THR BB 104 -72.14 -42.33 -54.44
C THR BB 104 -71.09 -41.80 -55.42
N GLY BB 105 -70.22 -40.94 -54.93
CA GLY BB 105 -69.14 -40.42 -55.73
C GLY BB 105 -68.27 -39.50 -54.89
N THR BB 106 -67.36 -38.82 -55.56
CA THR BB 106 -66.51 -37.84 -54.89
C THR BB 106 -66.24 -36.67 -55.80
N GLY BB 107 -66.36 -35.46 -55.25
CA GLY BB 107 -66.09 -34.24 -55.99
C GLY BB 107 -64.81 -33.55 -55.54
N VAL BB 108 -64.46 -32.51 -56.27
CA VAL BB 108 -63.21 -31.79 -56.06
C VAL BB 108 -63.42 -30.32 -56.38
N MET BB 109 -62.80 -29.46 -55.59
CA MET BB 109 -62.75 -28.03 -55.87
C MET BB 109 -61.31 -27.58 -55.75
N TRP BB 110 -60.78 -26.95 -56.79
CA TRP BB 110 -59.43 -26.42 -56.76
C TRP BB 110 -59.45 -24.90 -56.82
N LEU BB 111 -58.37 -24.32 -56.32
CA LEU BB 111 -58.12 -22.90 -56.47
C LEU BB 111 -56.81 -22.77 -57.22
N VAL BB 112 -56.87 -22.33 -58.47
CA VAL BB 112 -55.74 -22.40 -59.40
C VAL BB 112 -55.27 -20.99 -59.72
N TYR BB 113 -53.96 -20.79 -59.61
CA TYR BB 113 -53.35 -19.50 -59.92
C TYR BB 113 -52.63 -19.57 -61.26
N ASP BB 114 -52.69 -18.47 -62.00
CA ASP BB 114 -52.11 -18.38 -63.33
C ASP BB 114 -51.00 -17.35 -63.36
N THR BB 115 -50.10 -17.51 -64.32
CA THR BB 115 -49.08 -16.50 -64.58
C THR BB 115 -49.51 -15.58 -65.70
N THR BB 116 -49.49 -16.09 -66.93
CA THR BB 116 -49.91 -15.31 -68.09
C THR BB 116 -51.10 -15.98 -68.75
N PRO BB 117 -52.27 -15.35 -68.75
CA PRO BB 117 -53.43 -15.96 -69.39
C PRO BB 117 -53.33 -15.83 -70.90
N GLY BB 118 -53.81 -16.85 -71.60
CA GLY BB 118 -53.95 -16.74 -73.02
C GLY BB 118 -55.05 -15.78 -73.40
N GLY BB 119 -55.15 -15.52 -74.71
CA GLY BB 119 -56.24 -14.70 -75.20
C GLY BB 119 -57.59 -15.36 -75.10
N GLN BB 120 -57.62 -16.67 -74.92
CA GLN BB 120 -58.85 -17.44 -74.87
C GLN BB 120 -59.01 -18.06 -73.48
N ALA BB 121 -60.26 -18.32 -73.11
CA ALA BB 121 -60.52 -18.87 -71.79
C ALA BB 121 -60.10 -20.33 -71.73
N PRO BB 122 -59.39 -20.73 -70.68
CA PRO BB 122 -58.98 -22.13 -70.56
C PRO BB 122 -60.17 -23.02 -70.26
N THR BB 123 -59.97 -24.31 -70.51
CA THR BB 123 -60.93 -25.33 -70.13
C THR BB 123 -60.18 -26.43 -69.39
N PRO BB 124 -60.82 -27.12 -68.46
CA PRO BB 124 -60.10 -28.12 -67.67
C PRO BB 124 -59.32 -29.10 -68.51
N GLN BB 125 -59.92 -29.62 -69.58
CA GLN BB 125 -59.21 -30.59 -70.41
C GLN BB 125 -57.88 -30.04 -70.87
N THR BB 126 -57.81 -28.72 -71.04
CA THR BB 126 -56.54 -28.10 -71.41
C THR BB 126 -55.62 -27.93 -70.21
N ILE BB 127 -56.18 -27.65 -69.04
CA ILE BB 127 -55.31 -27.37 -67.90
C ILE BB 127 -54.70 -28.64 -67.36
N PHE BB 128 -55.41 -29.76 -67.48
CA PHE BB 128 -54.95 -31.03 -66.97
C PHE BB 128 -54.92 -32.01 -68.12
N ALA BB 129 -53.76 -32.61 -68.36
CA ALA BB 129 -53.69 -33.64 -69.38
C ALA BB 129 -54.24 -34.93 -68.81
N TYR BB 130 -55.32 -35.42 -69.37
CA TYR BB 130 -55.85 -36.67 -68.87
C TYR BB 130 -56.37 -37.51 -70.01
N PRO BB 131 -56.14 -38.81 -69.99
CA PRO BB 131 -56.76 -39.69 -70.98
C PRO BB 131 -58.26 -39.75 -70.79
N ASP BB 132 -58.96 -40.12 -71.85
CA ASP BB 132 -60.41 -40.17 -71.81
C ASP BB 132 -60.89 -41.16 -70.75
N THR BB 133 -60.11 -42.20 -70.51
CA THR BB 133 -60.49 -43.20 -69.51
C THR BB 133 -60.67 -42.60 -68.13
N LEU BB 134 -59.74 -41.75 -67.70
CA LEU BB 134 -59.80 -41.18 -66.37
C LEU BB 134 -60.86 -40.10 -66.22
N LYS BB 135 -61.54 -39.72 -67.30
CA LYS BB 135 -62.54 -38.66 -67.21
C LYS BB 135 -63.56 -38.95 -66.14
N ALA BB 136 -63.85 -40.23 -65.88
CA ALA BB 136 -64.78 -40.60 -64.84
C ALA BB 136 -64.34 -40.05 -63.49
N TRP BB 137 -63.13 -40.39 -63.07
CA TRP BB 137 -62.78 -40.05 -61.70
C TRP BB 137 -61.85 -38.87 -61.72
N PRO BB 138 -62.32 -37.68 -61.38
CA PRO BB 138 -61.44 -36.52 -61.45
C PRO BB 138 -60.38 -36.54 -60.37
N ALA BB 139 -60.73 -37.03 -59.19
CA ALA BB 139 -59.90 -36.79 -58.02
C ALA BB 139 -58.48 -37.27 -58.19
N THR BB 140 -58.21 -38.07 -59.21
CA THR BB 140 -56.87 -38.50 -59.51
C THR BB 140 -56.12 -37.52 -60.39
N TRP BB 141 -56.81 -36.57 -61.02
CA TRP BB 141 -56.14 -35.64 -61.90
C TRP BB 141 -55.04 -34.91 -61.15
N LYS BB 142 -53.96 -34.61 -61.86
CA LYS BB 142 -52.94 -33.73 -61.33
C LYS BB 142 -52.40 -32.88 -62.47
N VAL BB 143 -51.72 -31.80 -62.09
CA VAL BB 143 -51.29 -30.81 -63.06
C VAL BB 143 -50.37 -31.45 -64.09
N SER BB 144 -50.59 -31.12 -65.36
CA SER BB 144 -49.78 -31.68 -66.44
C SER BB 144 -48.38 -31.09 -66.42
N ARG BB 145 -47.41 -31.86 -66.91
CA ARG BB 145 -46.02 -31.46 -66.79
C ARG BB 145 -45.63 -30.42 -67.83
N GLU BB 146 -46.27 -30.41 -69.00
CA GLU BB 146 -45.89 -29.48 -70.04
C GLU BB 146 -46.02 -28.05 -69.56
N LEU BB 147 -47.06 -27.77 -68.79
CA LEU BB 147 -47.33 -26.43 -68.31
C LEU BB 147 -46.75 -26.18 -66.92
N CYS BB 148 -45.93 -27.11 -66.43
CA CYS BB 148 -45.55 -27.21 -65.03
C CYS BB 148 -45.22 -25.86 -64.40
N HIS BB 149 -44.53 -25.01 -65.14
CA HIS BB 149 -44.22 -23.69 -64.61
C HIS BB 149 -45.24 -22.64 -64.96
N ARG BB 150 -46.20 -22.94 -65.84
CA ARG BB 150 -47.19 -21.92 -66.19
C ARG BB 150 -48.30 -21.82 -65.17
N PHE BB 151 -48.62 -22.92 -64.49
CA PHE BB 151 -49.73 -22.93 -63.54
C PHE BB 151 -49.28 -23.48 -62.21
N VAL BB 152 -50.11 -23.26 -61.19
CA VAL BB 152 -49.87 -23.82 -59.86
C VAL BB 152 -51.21 -23.83 -59.13
N VAL BB 153 -51.31 -24.65 -58.10
CA VAL BB 153 -52.54 -24.78 -57.33
C VAL BB 153 -52.20 -24.50 -55.87
N LYS BB 154 -52.76 -23.42 -55.34
CA LYS BB 154 -52.41 -23.03 -53.99
C LYS BB 154 -53.34 -23.57 -52.93
N ARG BB 155 -54.48 -24.16 -53.32
CA ARG BB 155 -55.38 -24.78 -52.36
C ARG BB 155 -56.08 -25.96 -53.00
N ARG BB 156 -56.65 -26.81 -52.15
CA ARG BB 156 -57.37 -27.97 -52.61
C ARG BB 156 -58.45 -28.30 -51.58
N TRP BB 157 -59.56 -28.86 -52.05
CA TRP BB 157 -60.58 -29.30 -51.12
C TRP BB 157 -61.29 -30.51 -51.68
N LEU BB 158 -61.85 -31.31 -50.77
CA LEU BB 158 -62.60 -32.50 -51.12
C LEU BB 158 -64.00 -32.42 -50.52
N PHE BB 159 -64.91 -33.15 -51.16
CA PHE BB 159 -66.25 -33.31 -50.62
C PHE BB 159 -66.83 -34.54 -51.29
N ASN BB 160 -67.88 -35.08 -50.69
CA ASN BB 160 -68.52 -36.25 -51.24
C ASN BB 160 -70.02 -36.15 -51.03
N MET BB 161 -70.75 -36.80 -51.93
CA MET BB 161 -72.20 -36.75 -51.90
C MET BB 161 -72.73 -37.98 -52.61
N GLU BB 162 -74.01 -38.27 -52.40
CA GLU BB 162 -74.59 -39.48 -52.96
C GLU BB 162 -76.09 -39.28 -53.09
N THR BB 163 -76.70 -40.11 -53.92
CA THR BB 163 -78.12 -40.07 -54.13
C THR BB 163 -78.69 -41.49 -54.10
N ASP BB 164 -79.90 -41.59 -53.59
CA ASP BB 164 -80.56 -42.88 -53.44
C ASP BB 164 -81.51 -43.19 -54.59
N GLY BB 165 -81.65 -42.28 -55.55
CA GLY BB 165 -82.62 -42.47 -56.60
C GLY BB 165 -84.02 -42.01 -56.28
N ARG BB 166 -84.17 -40.99 -55.45
CA ARG BB 166 -85.49 -40.51 -55.09
C ARG BB 166 -85.47 -38.98 -55.05
N ILE BB 167 -86.41 -38.37 -55.74
CA ILE BB 167 -86.51 -36.91 -55.75
C ILE BB 167 -87.20 -36.47 -54.46
N GLY BB 168 -86.89 -35.25 -54.02
CA GLY BB 168 -87.41 -34.78 -52.74
C GLY BB 168 -88.92 -34.73 -52.68
N SER BB 169 -89.56 -34.20 -53.72
CA SER BB 169 -90.99 -33.96 -53.67
C SER BB 169 -91.81 -35.24 -53.59
N ASP BB 170 -91.20 -36.40 -53.71
CA ASP BB 170 -91.93 -37.65 -53.74
C ASP BB 170 -92.39 -38.04 -52.34
N ILE BB 171 -93.67 -38.43 -52.23
CA ILE BB 171 -94.25 -38.80 -50.95
C ILE BB 171 -93.95 -40.26 -50.65
N PRO BB 172 -93.36 -40.57 -49.49
CA PRO BB 172 -93.17 -41.96 -49.11
C PRO BB 172 -94.51 -42.65 -48.97
N PRO BB 173 -94.60 -43.92 -49.35
CA PRO BB 173 -95.80 -44.69 -49.06
C PRO BB 173 -95.91 -44.95 -47.56
N SER BB 174 -97.15 -45.10 -47.10
CA SER BB 174 -97.41 -45.22 -45.68
C SER BB 174 -96.83 -46.50 -45.07
N ASN BB 175 -96.33 -47.43 -45.87
CA ASN BB 175 -95.84 -48.68 -45.33
C ASN BB 175 -94.44 -48.55 -44.73
N ALA BB 176 -93.51 -47.96 -45.46
CA ALA BB 176 -92.11 -47.98 -45.06
C ALA BB 176 -91.49 -46.63 -45.32
N SER BB 177 -90.25 -46.45 -44.84
CA SER BB 177 -89.60 -45.14 -44.89
C SER BB 177 -88.16 -45.20 -45.39
N TRP BB 178 -87.47 -44.06 -45.33
CA TRP BB 178 -86.08 -44.00 -45.75
C TRP BB 178 -85.32 -43.05 -44.83
N LYS BB 179 -84.01 -43.30 -44.70
CA LYS BB 179 -83.10 -42.34 -44.10
C LYS BB 179 -82.21 -41.85 -45.22
N PRO BB 180 -82.45 -40.67 -45.76
CA PRO BB 180 -81.58 -40.17 -46.84
C PRO BB 180 -80.54 -39.20 -46.34
N CYS BB 181 -79.65 -39.65 -45.45
CA CYS BB 181 -78.61 -38.76 -44.96
C CYS BB 181 -77.73 -38.30 -46.11
N LYS BB 182 -77.36 -37.02 -46.06
CA LYS BB 182 -76.43 -36.44 -47.02
C LYS BB 182 -76.93 -36.56 -48.45
N ARG BB 183 -78.18 -36.15 -48.68
CA ARG BB 183 -78.56 -35.88 -50.06
C ARG BB 183 -77.99 -34.55 -50.52
N ASN BB 184 -78.06 -33.53 -49.68
CA ASN BB 184 -77.47 -32.24 -49.96
C ASN BB 184 -76.51 -31.88 -48.84
N ILE BB 185 -75.64 -30.91 -49.10
CA ILE BB 185 -74.52 -30.64 -48.23
C ILE BB 185 -74.25 -29.16 -48.15
N TYR BB 186 -73.71 -28.73 -47.03
CA TYR BB 186 -73.37 -27.33 -46.77
C TYR BB 186 -71.87 -27.20 -46.70
N PHE BB 187 -71.29 -26.46 -47.63
CA PHE BB 187 -69.84 -26.40 -47.79
C PHE BB 187 -69.35 -24.98 -47.60
N HIS BB 188 -68.34 -24.81 -46.76
CA HIS BB 188 -67.76 -23.50 -46.54
C HIS BB 188 -66.32 -23.66 -46.09
N LYS BB 189 -65.49 -22.69 -46.49
CA LYS BB 189 -64.10 -22.66 -46.07
C LYS BB 189 -63.68 -21.20 -45.93
N PHE BB 190 -62.66 -20.98 -45.10
CA PHE BB 190 -62.14 -19.65 -44.85
C PHE BB 190 -60.64 -19.77 -44.74
N THR BB 191 -59.90 -18.97 -45.51
CA THR BB 191 -58.45 -19.09 -45.48
C THR BB 191 -57.78 -17.74 -45.69
N SER BB 192 -56.79 -17.45 -44.85
CA SER BB 192 -56.02 -16.22 -44.94
C SER BB 192 -54.66 -16.39 -45.61
N GLY BB 193 -54.30 -17.62 -45.99
CA GLY BB 193 -52.90 -17.89 -46.28
C GLY BB 193 -52.41 -17.21 -47.55
N LEU BB 194 -53.18 -17.34 -48.62
CA LEU BB 194 -52.66 -17.02 -49.94
C LEU BB 194 -52.37 -15.54 -50.09
N GLY BB 195 -51.57 -15.23 -51.09
CA GLY BB 195 -51.45 -13.86 -51.57
C GLY BB 195 -51.10 -13.90 -53.03
N VAL BB 196 -51.50 -12.86 -53.75
CA VAL BB 196 -51.41 -12.84 -55.21
C VAL BB 196 -51.09 -11.43 -55.66
N ARG BB 197 -50.24 -11.31 -56.67
CA ARG BB 197 -49.85 -10.04 -57.23
C ARG BB 197 -50.38 -9.94 -58.65
N THR BB 198 -51.13 -8.89 -58.94
CA THR BB 198 -51.78 -8.75 -60.23
C THR BB 198 -51.55 -7.35 -60.79
N GLN BB 199 -51.38 -7.27 -62.10
CA GLN BB 199 -51.28 -6.00 -62.80
C GLN BB 199 -52.24 -6.02 -63.98
N TRP BB 200 -52.54 -4.83 -64.48
CA TRP BB 200 -53.63 -4.67 -65.43
C TRP BB 200 -53.19 -3.87 -66.64
N LYS BB 201 -53.72 -4.24 -67.81
CA LYS BB 201 -53.70 -3.33 -68.93
C LYS BB 201 -54.61 -2.14 -68.63
N ASN BB 202 -54.43 -1.07 -69.38
CA ASN BB 202 -55.17 0.15 -69.08
C ASN BB 202 -56.45 0.14 -69.90
N VAL BB 203 -57.57 -0.12 -69.22
CA VAL BB 203 -58.91 -0.03 -69.77
C VAL BB 203 -59.86 0.16 -68.60
N THR BB 204 -61.14 0.30 -68.88
CA THR BB 204 -62.13 0.34 -67.81
C THR BB 204 -62.52 -1.05 -67.36
N ASP BB 205 -62.59 -1.99 -68.29
CA ASP BB 205 -63.32 -3.23 -68.10
C ASP BB 205 -62.68 -4.09 -67.03
N GLY BB 206 -63.50 -5.01 -66.49
CA GLY BB 206 -63.04 -6.01 -65.56
C GLY BB 206 -62.99 -7.42 -66.12
N GLY BB 207 -63.14 -7.59 -67.43
CA GLY BB 207 -63.13 -8.91 -68.02
C GLY BB 207 -61.74 -9.53 -67.99
N VAL BB 208 -61.67 -10.74 -68.54
CA VAL BB 208 -60.41 -11.47 -68.55
C VAL BB 208 -59.40 -10.83 -69.49
N GLY BB 209 -59.85 -10.30 -70.63
CA GLY BB 209 -58.91 -9.77 -71.61
C GLY BB 209 -58.06 -8.63 -71.09
N ALA BB 210 -58.45 -8.02 -69.98
CA ALA BB 210 -57.72 -6.86 -69.47
C ALA BB 210 -56.47 -7.26 -68.72
N ILE BB 211 -56.46 -8.40 -68.06
CA ILE BB 211 -55.40 -8.71 -67.12
C ILE BB 211 -54.10 -9.01 -67.85
N GLN BB 212 -53.02 -8.36 -67.41
CA GLN BB 212 -51.71 -8.65 -67.97
C GLN BB 212 -51.09 -9.88 -67.31
N ARG BB 213 -51.20 -10.00 -66.00
CA ARG BB 213 -50.55 -11.10 -65.29
C ARG BB 213 -51.27 -11.36 -63.98
N GLY BB 214 -51.21 -12.59 -63.50
CA GLY BB 214 -51.75 -12.93 -62.19
C GLY BB 214 -53.22 -13.31 -62.12
N ALA BB 215 -53.76 -13.92 -63.15
CA ALA BB 215 -55.16 -14.33 -63.10
C ALA BB 215 -55.37 -15.42 -62.06
N LEU BB 216 -56.62 -15.57 -61.64
CA LEU BB 216 -56.99 -16.51 -60.58
C LEU BB 216 -58.25 -17.26 -60.99
N TYR BB 217 -58.16 -18.58 -61.08
CA TYR BB 217 -59.25 -19.40 -61.55
C TYR BB 217 -59.83 -20.26 -60.44
N MET BB 218 -61.10 -20.59 -60.57
CA MET BB 218 -61.79 -21.55 -59.71
C MET BB 218 -62.37 -22.65 -60.58
N VAL BB 219 -62.28 -23.88 -60.12
CA VAL BB 219 -62.68 -25.04 -60.90
C VAL BB 219 -63.47 -25.99 -60.03
N ILE BB 220 -64.52 -26.57 -60.59
CA ILE BB 220 -65.37 -27.52 -59.90
C ILE BB 220 -65.36 -28.83 -60.67
N ALA BB 221 -65.12 -29.93 -59.97
CA ALA BB 221 -65.04 -31.25 -60.58
C ALA BB 221 -66.14 -32.14 -60.04
N PRO BB 222 -67.08 -32.59 -60.85
CA PRO BB 222 -68.16 -33.42 -60.34
C PRO BB 222 -67.69 -34.84 -60.08
N GLY BB 223 -68.49 -35.56 -59.31
CA GLY BB 223 -68.27 -36.97 -59.13
C GLY BB 223 -68.64 -37.77 -60.37
N ASN BB 224 -68.26 -39.04 -60.36
CA ASN BB 224 -68.50 -39.90 -61.51
C ASN BB 224 -69.98 -39.93 -61.86
N GLY BB 225 -70.29 -39.63 -63.11
CA GLY BB 225 -71.65 -39.72 -63.62
C GLY BB 225 -72.67 -39.05 -62.72
N LEU BB 226 -72.27 -37.97 -62.06
CA LEU BB 226 -73.13 -37.29 -61.10
C LEU BB 226 -73.10 -35.80 -61.38
N THR BB 227 -74.23 -35.25 -61.78
CA THR BB 227 -74.33 -33.85 -62.16
C THR BB 227 -75.19 -33.10 -61.17
N PHE BB 228 -74.83 -31.84 -60.90
CA PHE BB 228 -75.55 -31.07 -59.89
C PHE BB 228 -75.37 -29.59 -60.17
N THR BB 229 -76.19 -28.80 -59.50
CA THR BB 229 -76.05 -27.35 -59.50
C THR BB 229 -75.83 -26.88 -58.07
N ALA BB 230 -75.32 -25.65 -57.93
CA ALA BB 230 -74.94 -25.12 -56.64
C ALA BB 230 -75.48 -23.70 -56.48
N HIS BB 231 -75.70 -23.32 -55.23
CA HIS BB 231 -76.13 -21.98 -54.88
C HIS BB 231 -75.19 -21.43 -53.82
N GLY BB 232 -75.06 -20.12 -53.78
CA GLY BB 232 -74.27 -19.49 -52.75
C GLY BB 232 -73.64 -18.21 -53.25
N GLN BB 233 -72.73 -17.68 -52.45
CA GLN BB 233 -72.03 -16.45 -52.77
C GLN BB 233 -70.71 -16.43 -52.03
N THR BB 234 -69.81 -15.57 -52.50
CA THR BB 234 -68.45 -15.50 -51.95
C THR BB 234 -68.03 -14.06 -51.78
N ARG BB 235 -66.99 -13.87 -50.99
CA ARG BB 235 -66.41 -12.55 -50.79
C ARG BB 235 -64.92 -12.58 -51.03
N LEU BB 236 -64.35 -11.41 -51.26
CA LEU BB 236 -62.92 -11.24 -51.43
C LEU BB 236 -62.42 -10.09 -50.57
N TYR BB 237 -61.10 -10.00 -50.46
CA TYR BB 237 -60.47 -8.96 -49.68
C TYR BB 237 -59.20 -8.53 -50.40
N PHE BB 238 -59.00 -7.23 -50.55
CA PHE BB 238 -57.82 -6.75 -51.26
C PHE BB 238 -57.66 -5.26 -51.01
N LYS BB 239 -56.58 -4.70 -51.54
CA LYS BB 239 -56.38 -3.26 -51.56
C LYS BB 239 -55.51 -2.89 -52.74
N SER BB 240 -55.78 -1.73 -53.32
CA SER BB 240 -54.94 -1.23 -54.39
C SER BB 240 -53.64 -0.69 -53.82
N VAL BB 241 -52.63 -0.59 -54.68
CA VAL BB 241 -51.33 -0.05 -54.30
C VAL BB 241 -50.62 0.40 -55.56
N GLY BB 242 -49.62 1.26 -55.40
CA GLY BB 242 -48.76 1.67 -56.49
C GLY BB 242 -49.10 3.07 -56.99
N ASN BB 243 -48.27 3.51 -57.94
CA ASN BB 243 -48.42 4.82 -58.57
C ASN BB 243 -48.46 5.93 -57.52
N ALA CB 31 -38.11 -31.44 -41.25
CA ALA CB 31 -39.30 -31.82 -41.98
C ALA CB 31 -38.98 -32.16 -43.43
N GLY CB 32 -38.48 -33.36 -43.66
CA GLY CB 32 -38.11 -33.79 -44.98
C GLY CB 32 -36.99 -34.81 -44.92
N SER CB 33 -36.55 -35.26 -46.09
CA SER CB 33 -35.45 -36.20 -46.14
C SER CB 33 -34.40 -35.81 -47.18
N LYS CB 34 -33.21 -35.45 -46.71
CA LYS CB 34 -32.06 -35.14 -47.57
C LYS CB 34 -32.46 -34.21 -48.72
N ALA CB 35 -33.30 -33.24 -48.42
CA ALA CB 35 -33.73 -32.29 -49.43
C ALA CB 35 -32.55 -31.45 -49.89
N ASP CB 36 -32.58 -31.06 -51.16
CA ASP CB 36 -31.51 -30.32 -51.79
C ASP CB 36 -32.10 -29.22 -52.66
N ARG CB 37 -31.45 -28.05 -52.61
CA ARG CB 37 -31.99 -26.85 -53.26
C ARG CB 37 -32.35 -27.06 -54.73
N PRO CB 38 -31.52 -27.66 -55.57
CA PRO CB 38 -31.96 -27.94 -56.94
C PRO CB 38 -33.08 -28.97 -56.95
N SER CB 39 -33.87 -28.93 -58.02
CA SER CB 39 -35.02 -29.81 -58.13
C SER CB 39 -34.58 -31.26 -58.25
N LEU CB 40 -35.51 -32.16 -58.00
CA LEU CB 40 -35.26 -33.59 -58.04
C LEU CB 40 -36.03 -34.23 -59.17
N GLN CB 41 -35.48 -35.31 -59.72
CA GLN CB 41 -36.08 -35.92 -60.89
C GLN CB 41 -37.42 -36.55 -60.54
N ILE CB 42 -38.21 -36.81 -61.57
CA ILE CB 42 -39.58 -37.30 -61.41
C ILE CB 42 -39.80 -38.48 -62.35
N GLN CB 43 -40.46 -39.52 -61.84
CA GLN CB 43 -40.90 -40.64 -62.65
C GLN CB 43 -42.34 -40.97 -62.32
N THR CB 44 -43.09 -41.39 -63.34
CA THR CB 44 -44.51 -41.65 -63.19
C THR CB 44 -44.85 -43.05 -63.69
N LEU CB 45 -46.03 -43.51 -63.31
CA LEU CB 45 -46.58 -44.75 -63.82
C LEU CB 45 -48.02 -44.52 -64.21
N GLN CB 46 -48.44 -45.22 -65.25
CA GLN CB 46 -49.78 -45.05 -65.78
C GLN CB 46 -50.51 -46.38 -65.70
N HIS CB 47 -51.51 -46.46 -64.84
CA HIS CB 47 -52.36 -47.64 -64.75
C HIS CB 47 -53.80 -47.20 -65.03
N ALA CB 48 -54.31 -47.61 -66.19
CA ALA CB 48 -55.63 -47.19 -66.63
C ALA CB 48 -55.91 -47.88 -67.95
N GLY CB 49 -57.18 -47.88 -68.33
CA GLY CB 49 -57.55 -48.39 -69.64
C GLY CB 49 -57.08 -49.82 -69.82
N THR CB 50 -56.26 -50.03 -70.85
CA THR CB 50 -55.70 -51.34 -71.11
C THR CB 50 -54.98 -51.90 -69.89
N THR CB 51 -54.23 -51.06 -69.19
CA THR CB 51 -53.49 -51.49 -68.02
C THR CB 51 -54.28 -51.10 -66.79
N MET CB 52 -54.92 -52.08 -66.17
CA MET CB 52 -55.60 -51.90 -64.90
C MET CB 52 -55.17 -53.02 -63.99
N ILE CB 53 -54.50 -52.69 -62.89
CA ILE CB 53 -54.14 -53.73 -61.94
C ILE CB 53 -55.41 -54.46 -61.52
N THR CB 54 -55.41 -55.78 -61.70
CA THR CB 54 -56.58 -56.59 -61.40
C THR CB 54 -56.14 -57.74 -60.52
N VAL CB 55 -56.76 -57.87 -59.36
CA VAL CB 55 -56.26 -58.77 -58.34
C VAL CB 55 -57.25 -59.90 -58.05
N PRO CB 56 -56.94 -61.11 -58.45
CA PRO CB 56 -57.65 -62.27 -57.91
C PRO CB 56 -57.18 -62.57 -56.50
N SER CB 57 -57.98 -63.38 -55.80
CA SER CB 57 -57.66 -63.75 -54.43
C SER CB 57 -56.25 -64.29 -54.34
N GLY CB 58 -55.49 -63.81 -53.36
CA GLY CB 58 -54.10 -64.17 -53.21
C GLY CB 58 -53.12 -63.11 -53.62
N GLY CB 59 -53.58 -61.94 -54.04
CA GLY CB 59 -52.70 -60.82 -54.27
C GLY CB 59 -51.88 -60.96 -55.54
N VAL CB 60 -51.11 -59.91 -55.82
CA VAL CB 60 -50.25 -59.90 -56.99
C VAL CB 60 -48.97 -59.15 -56.65
N CYS CB 61 -47.85 -59.63 -57.18
CA CYS CB 61 -46.54 -59.05 -56.97
C CYS CB 61 -46.23 -58.12 -58.12
N ASP CB 62 -45.52 -57.03 -57.82
CA ASP CB 62 -45.15 -56.08 -58.85
C ASP CB 62 -43.93 -55.28 -58.39
N LEU CB 63 -43.25 -54.68 -59.35
CA LEU CB 63 -42.10 -53.83 -59.08
C LEU CB 63 -42.36 -52.44 -59.63
N ILE CB 64 -42.24 -51.44 -58.77
CA ILE CB 64 -42.50 -50.06 -59.16
C ILE CB 64 -41.24 -49.27 -59.43
N ASN CB 65 -40.06 -49.85 -59.26
CA ASN CB 65 -38.85 -49.05 -59.26
C ASN CB 65 -38.20 -48.95 -60.63
N THR CB 66 -38.85 -49.49 -61.67
CA THR CB 66 -38.26 -49.54 -63.00
C THR CB 66 -37.79 -48.19 -63.48
N TYR CB 67 -36.56 -48.15 -64.00
CA TYR CB 67 -35.94 -46.95 -64.53
C TYR CB 67 -35.16 -47.31 -65.79
N ALA CB 68 -35.35 -46.54 -66.85
CA ALA CB 68 -34.50 -46.70 -68.01
C ALA CB 68 -33.23 -45.88 -67.82
N ARG CB 69 -32.32 -45.98 -68.78
CA ARG CB 69 -31.11 -45.16 -68.79
C ARG CB 69 -30.96 -44.51 -70.15
N GLY CB 70 -30.65 -43.23 -70.16
CA GLY CB 70 -30.48 -42.53 -71.41
C GLY CB 70 -30.54 -41.04 -71.22
N SER CB 71 -30.89 -40.36 -72.31
CA SER CB 71 -30.91 -38.90 -72.29
C SER CB 71 -32.15 -38.37 -71.62
N ASP CB 72 -33.28 -39.05 -71.81
CA ASP CB 72 -34.56 -38.50 -71.39
C ASP CB 72 -34.59 -38.28 -69.88
N GLU CB 73 -35.26 -37.20 -69.48
CA GLU CB 73 -35.43 -36.91 -68.07
C GLU CB 73 -36.31 -37.96 -67.43
N GLY CB 74 -35.96 -38.34 -66.20
CA GLY CB 74 -36.68 -39.37 -65.51
C GLY CB 74 -35.96 -40.70 -65.62
N ASN CB 75 -35.16 -40.86 -66.66
CA ASN CB 75 -34.30 -42.02 -66.74
C ASN CB 75 -33.05 -41.79 -65.90
N ARG CB 76 -32.45 -42.88 -65.44
CA ARG CB 76 -31.29 -42.77 -64.58
C ARG CB 76 -30.04 -42.52 -65.39
N HIS CB 77 -29.24 -41.54 -64.96
CA HIS CB 77 -28.01 -41.21 -65.65
C HIS CB 77 -26.82 -42.06 -65.21
N THR CB 78 -26.92 -42.74 -64.06
CA THR CB 78 -25.75 -43.40 -63.51
C THR CB 78 -26.05 -44.85 -63.19
N SER CB 79 -25.10 -45.50 -62.52
CA SER CB 79 -25.31 -46.88 -62.08
C SER CB 79 -25.77 -46.94 -60.63
N GLU CB 80 -25.94 -45.80 -59.97
CA GLU CB 80 -26.27 -45.76 -58.55
C GLU CB 80 -27.41 -44.78 -58.31
N THR CB 81 -28.46 -45.24 -57.65
CA THR CB 81 -29.67 -44.43 -57.46
C THR CB 81 -30.17 -44.53 -56.04
N LEU CB 82 -30.58 -43.39 -55.49
CA LEU CB 82 -31.28 -43.30 -54.22
C LEU CB 82 -32.67 -42.74 -54.48
N THR CB 83 -33.65 -43.26 -53.77
CA THR CB 83 -35.01 -42.73 -53.84
C THR CB 83 -35.41 -42.17 -52.49
N TYR CB 84 -36.33 -41.21 -52.49
CA TYR CB 84 -36.69 -40.56 -51.25
C TYR CB 84 -38.18 -40.59 -50.97
N LYS CB 85 -38.94 -39.75 -51.68
CA LYS CB 85 -40.32 -39.50 -51.35
C LYS CB 85 -41.22 -40.14 -52.40
N ILE CB 86 -42.36 -40.65 -51.95
CA ILE CB 86 -43.30 -41.32 -52.84
C ILE CB 86 -44.71 -40.91 -52.46
N ALA CB 87 -45.55 -40.70 -53.48
CA ALA CB 87 -46.94 -40.38 -53.28
C ALA CB 87 -47.77 -41.32 -54.13
N ILE CB 88 -48.91 -41.74 -53.60
CA ILE CB 88 -49.73 -42.75 -54.26
C ILE CB 88 -51.16 -42.28 -54.29
N ASP CB 89 -51.78 -42.35 -55.45
CA ASP CB 89 -53.20 -42.10 -55.62
C ASP CB 89 -53.82 -43.23 -56.43
N TYR CB 90 -55.02 -43.63 -56.06
CA TYR CB 90 -55.76 -44.59 -56.86
C TYR CB 90 -57.25 -44.44 -56.64
N HIS CB 91 -58.00 -45.02 -57.56
CA HIS CB 91 -59.39 -45.33 -57.32
C HIS CB 91 -59.58 -46.84 -57.24
N PHE CB 92 -60.48 -47.26 -56.38
CA PHE CB 92 -60.89 -48.66 -56.30
C PHE CB 92 -62.34 -48.78 -56.71
N VAL CB 93 -62.70 -49.96 -57.21
CA VAL CB 93 -64.11 -50.29 -57.45
C VAL CB 93 -64.27 -51.79 -57.36
N ALA CB 94 -65.38 -52.22 -56.79
CA ALA CB 94 -65.66 -53.63 -56.73
C ALA CB 94 -65.93 -54.17 -58.13
N ASP CB 95 -65.73 -55.47 -58.29
CA ASP CB 95 -66.02 -56.13 -59.54
C ASP CB 95 -67.38 -56.81 -59.47
N ALA CB 96 -68.16 -56.68 -60.53
CA ALA CB 96 -69.46 -57.34 -60.58
C ALA CB 96 -69.35 -58.84 -60.41
N ALA CB 97 -68.23 -59.42 -60.83
CA ALA CB 97 -68.04 -60.86 -60.72
C ALA CB 97 -68.25 -61.34 -59.29
N ALA CB 98 -67.82 -60.55 -58.30
CA ALA CB 98 -68.01 -60.89 -56.90
C ALA CB 98 -69.25 -60.24 -56.30
N CYS CB 99 -69.95 -59.40 -57.04
CA CYS CB 99 -71.12 -58.73 -56.49
C CYS CB 99 -72.31 -59.66 -56.31
N ARG CB 100 -72.22 -60.90 -56.80
CA ARG CB 100 -73.31 -61.84 -56.61
C ARG CB 100 -73.52 -62.23 -55.15
N TYR CB 101 -72.63 -61.81 -54.27
CA TYR CB 101 -72.75 -62.07 -52.85
C TYR CB 101 -72.72 -60.74 -52.11
N SER CB 102 -73.12 -60.76 -50.84
CA SER CB 102 -73.12 -59.56 -50.01
C SER CB 102 -72.35 -59.84 -48.73
N ASN CB 103 -71.17 -59.24 -48.61
CA ASN CB 103 -70.45 -59.23 -47.35
C ASN CB 103 -69.44 -58.11 -47.41
N THR CB 104 -68.94 -57.74 -46.25
CA THR CB 104 -67.83 -56.81 -46.18
C THR CB 104 -66.52 -57.56 -46.20
N GLY CB 105 -65.44 -56.86 -45.94
CA GLY CB 105 -64.13 -57.47 -45.87
C GLY CB 105 -63.10 -56.45 -45.48
N THR CB 106 -61.84 -56.85 -45.57
CA THR CB 106 -60.74 -55.93 -45.30
C THR CB 106 -59.58 -56.23 -46.22
N GLY CB 107 -59.00 -55.17 -46.80
CA GLY CB 107 -57.85 -55.29 -47.67
C GLY CB 107 -56.57 -54.76 -47.04
N VAL CB 108 -55.47 -54.97 -47.75
CA VAL CB 108 -54.14 -54.64 -47.25
C VAL CB 108 -53.27 -54.22 -48.41
N MET CB 109 -52.43 -53.22 -48.18
CA MET CB 109 -51.41 -52.80 -49.13
C MET CB 109 -50.09 -52.70 -48.39
N TRP CB 110 -49.08 -53.40 -48.86
CA TRP CB 110 -47.75 -53.32 -48.26
C TRP CB 110 -46.77 -52.66 -49.21
N LEU CB 111 -45.72 -52.11 -48.63
CA LEU CB 111 -44.58 -51.63 -49.38
C LEU CB 111 -43.37 -52.42 -48.90
N VAL CB 112 -42.85 -53.29 -49.75
CA VAL CB 112 -41.87 -54.31 -49.35
C VAL CB 112 -40.55 -54.00 -50.01
N TYR CB 113 -39.48 -54.01 -49.21
CA TYR CB 113 -38.14 -53.77 -49.71
C TYR CB 113 -37.36 -55.08 -49.76
N ASP CB 114 -36.52 -55.21 -50.77
CA ASP CB 114 -35.75 -56.41 -51.02
C ASP CB 114 -34.26 -56.13 -50.90
N THR CB 115 -33.49 -57.18 -50.62
CA THR CB 115 -32.04 -57.07 -50.65
C THR CB 115 -31.52 -57.58 -51.99
N THR CB 116 -31.55 -58.89 -52.20
CA THR CB 116 -31.09 -59.49 -53.44
C THR CB 116 -32.25 -60.20 -54.11
N PRO CB 117 -32.69 -59.74 -55.28
CA PRO CB 117 -33.79 -60.43 -55.96
C PRO CB 117 -33.29 -61.69 -56.63
N GLY CB 118 -34.15 -62.69 -56.64
CA GLY CB 118 -33.86 -63.88 -57.40
C GLY CB 118 -33.95 -63.62 -58.89
N GLY CB 119 -33.57 -64.62 -59.67
CA GLY CB 119 -33.71 -64.52 -61.11
C GLY CB 119 -35.15 -64.53 -61.57
N GLN CB 120 -36.07 -64.99 -60.73
CA GLN CB 120 -37.47 -65.11 -61.07
C GLN CB 120 -38.29 -64.17 -60.20
N ALA CB 121 -39.45 -63.78 -60.71
CA ALA CB 121 -40.30 -62.84 -60.00
C ALA CB 121 -40.95 -63.52 -58.81
N PRO CB 122 -40.93 -62.88 -57.64
CA PRO CB 122 -41.57 -63.50 -56.47
C PRO CB 122 -43.08 -63.47 -56.59
N THR CB 123 -43.72 -64.31 -55.79
CA THR CB 123 -45.16 -64.31 -55.66
C THR CB 123 -45.48 -64.27 -54.17
N PRO CB 124 -46.62 -63.68 -53.78
CA PRO CB 124 -46.93 -63.56 -52.35
C PRO CB 124 -46.80 -64.86 -51.60
N GLN CB 125 -47.33 -65.95 -52.15
CA GLN CB 125 -47.26 -67.22 -51.44
C GLN CB 125 -45.83 -67.57 -51.08
N THR CB 126 -44.89 -67.11 -51.90
CA THR CB 126 -43.48 -67.34 -51.58
C THR CB 126 -42.97 -66.34 -50.55
N ILE CB 127 -43.46 -65.10 -50.60
CA ILE CB 127 -42.89 -64.10 -49.70
C ILE CB 127 -43.40 -64.31 -48.28
N PHE CB 128 -44.61 -64.81 -48.14
CA PHE CB 128 -45.22 -65.03 -46.83
C PHE CB 128 -45.58 -66.50 -46.71
N ALA CB 129 -45.08 -67.15 -45.68
CA ALA CB 129 -45.46 -68.53 -45.45
C ALA CB 129 -46.82 -68.55 -44.79
N TYR CB 130 -47.81 -69.10 -45.47
CA TYR CB 130 -49.11 -69.17 -44.85
C TYR CB 130 -49.78 -70.49 -45.18
N PRO CB 131 -50.46 -71.09 -44.23
CA PRO CB 131 -51.27 -72.27 -44.54
C PRO CB 131 -52.44 -71.91 -45.43
N ASP CB 132 -52.95 -72.93 -46.13
CA ASP CB 132 -54.05 -72.70 -47.06
C ASP CB 132 -55.28 -72.16 -46.33
N THR CB 133 -55.44 -72.53 -45.07
CA THR CB 133 -56.58 -72.07 -44.30
C THR CB 133 -56.63 -70.56 -44.19
N LEU CB 134 -55.51 -69.93 -43.89
CA LEU CB 134 -55.46 -68.48 -43.70
C LEU CB 134 -55.58 -67.71 -45.00
N LYS CB 135 -55.58 -68.38 -46.15
CA LYS CB 135 -55.63 -67.67 -47.42
C LYS CB 135 -56.82 -66.72 -47.48
N ALA CB 136 -57.90 -67.05 -46.79
CA ALA CB 136 -59.05 -66.16 -46.75
C ALA CB 136 -58.68 -64.79 -46.20
N TRP CB 137 -58.12 -64.76 -45.01
CA TRP CB 137 -57.94 -63.45 -44.39
C TRP CB 137 -56.49 -63.06 -44.48
N PRO CB 138 -56.13 -62.15 -45.37
CA PRO CB 138 -54.73 -61.80 -45.51
C PRO CB 138 -54.20 -61.01 -44.33
N ALA CB 139 -55.05 -60.15 -43.75
CA ALA CB 139 -54.56 -59.13 -42.85
C ALA CB 139 -53.79 -59.71 -41.68
N THR CB 140 -53.90 -61.01 -41.45
CA THR CB 140 -53.12 -61.67 -40.42
C THR CB 140 -51.74 -62.09 -40.88
N TRP CB 141 -51.51 -62.11 -42.18
CA TRP CB 141 -50.22 -62.55 -42.68
C TRP CB 141 -49.10 -61.72 -42.06
N LYS CB 142 -47.97 -62.35 -41.82
CA LYS CB 142 -46.76 -61.63 -41.44
C LYS CB 142 -45.58 -62.30 -42.08
N VAL CB 143 -44.46 -61.58 -42.12
CA VAL CB 143 -43.29 -62.03 -42.84
C VAL CB 143 -42.81 -63.36 -42.27
N SER CB 144 -42.47 -64.29 -43.17
CA SER CB 144 -42.00 -65.60 -42.75
C SER CB 144 -40.60 -65.52 -42.16
N ARG CB 145 -40.29 -66.44 -41.26
CA ARG CB 145 -39.04 -66.36 -40.51
C ARG CB 145 -37.84 -66.85 -41.32
N GLU CB 146 -38.06 -67.78 -42.25
CA GLU CB 146 -36.94 -68.31 -43.02
C GLU CB 146 -36.21 -67.21 -43.75
N LEU CB 147 -36.95 -66.26 -44.29
CA LEU CB 147 -36.39 -65.17 -45.07
C LEU CB 147 -36.11 -63.94 -44.24
N CYS CB 148 -36.24 -64.04 -42.92
CA CYS CB 148 -36.33 -62.92 -42.01
C CYS CB 148 -35.36 -61.80 -42.33
N HIS CB 149 -34.14 -62.14 -42.70
CA HIS CB 149 -33.18 -61.12 -43.06
C HIS CB 149 -33.16 -60.79 -44.54
N ARG CB 150 -33.85 -61.57 -45.38
CA ARG CB 150 -33.82 -61.26 -46.80
C ARG CB 150 -34.81 -60.17 -47.17
N PHE CB 151 -35.90 -60.03 -46.44
CA PHE CB 151 -36.93 -59.05 -46.76
C PHE CB 151 -37.25 -58.19 -45.55
N VAL CB 152 -37.94 -57.08 -45.81
CA VAL CB 152 -38.42 -56.21 -44.74
C VAL CB 152 -39.56 -55.38 -45.32
N VAL CB 153 -40.41 -54.85 -44.45
CA VAL CB 153 -41.55 -54.05 -44.86
C VAL CB 153 -41.44 -52.70 -44.19
N LYS CB 154 -41.27 -51.66 -44.98
CA LYS CB 154 -41.06 -50.34 -44.41
C LYS CB 154 -42.34 -49.53 -44.25
N ARG CB 155 -43.45 -49.98 -44.82
CA ARG CB 155 -44.72 -49.29 -44.64
C ARG CB 155 -45.85 -50.30 -44.67
N ARG CB 156 -47.01 -49.86 -44.19
CA ARG CB 156 -48.20 -50.70 -44.16
C ARG CB 156 -49.41 -49.79 -44.24
N TRP CB 157 -50.48 -50.30 -44.86
CA TRP CB 157 -51.72 -49.55 -44.86
C TRP CB 157 -52.90 -50.49 -44.85
N LEU CB 158 -54.02 -49.99 -44.35
CA LEU CB 158 -55.27 -50.72 -44.29
C LEU CB 158 -56.36 -49.97 -45.02
N PHE CB 159 -57.35 -50.72 -45.47
CA PHE CB 159 -58.55 -50.15 -46.04
C PHE CB 159 -59.62 -51.21 -45.97
N ASN CB 160 -60.87 -50.78 -46.09
CA ASN CB 160 -61.98 -51.72 -46.04
C ASN CB 160 -63.05 -51.27 -47.02
N MET CB 161 -63.80 -52.25 -47.52
CA MET CB 161 -64.83 -52.00 -48.51
C MET CB 161 -65.86 -53.11 -48.42
N GLU CB 162 -67.02 -52.87 -49.01
CA GLU CB 162 -68.11 -53.83 -48.91
C GLU CB 162 -69.03 -53.64 -50.09
N THR CB 163 -69.83 -54.66 -50.36
CA THR CB 163 -70.80 -54.63 -51.42
C THR CB 163 -72.13 -55.17 -50.93
N ASP CB 164 -73.19 -54.60 -51.46
CA ASP CB 164 -74.55 -54.97 -51.07
C ASP CB 164 -75.18 -55.97 -52.02
N GLY CB 165 -74.48 -56.38 -53.07
CA GLY CB 165 -75.07 -57.25 -54.06
C GLY CB 165 -75.86 -56.56 -55.13
N ARG CB 166 -75.50 -55.34 -55.49
CA ARG CB 166 -76.23 -54.61 -56.53
C ARG CB 166 -75.23 -53.87 -57.42
N ILE CB 167 -75.36 -54.05 -58.72
CA ILE CB 167 -74.49 -53.37 -59.66
C ILE CB 167 -74.98 -51.94 -59.84
N GLY CB 168 -74.07 -51.05 -60.19
CA GLY CB 168 -74.42 -49.63 -60.26
C GLY CB 168 -75.50 -49.34 -61.28
N SER CB 169 -75.39 -49.91 -62.48
CA SER CB 169 -76.28 -49.55 -63.56
C SER CB 169 -77.73 -49.95 -63.31
N ASP CB 170 -78.01 -50.69 -62.24
CA ASP CB 170 -79.35 -51.18 -61.99
C ASP CB 170 -80.25 -50.07 -61.47
N ILE CB 171 -81.45 -49.97 -62.04
CA ILE CB 171 -82.41 -48.94 -61.66
C ILE CB 171 -83.20 -49.38 -60.44
N PRO CB 172 -83.22 -48.61 -59.37
CA PRO CB 172 -84.08 -48.94 -58.24
C PRO CB 172 -85.54 -48.94 -58.66
N PRO CB 173 -86.34 -49.84 -58.11
CA PRO CB 173 -87.78 -49.77 -58.32
C PRO CB 173 -88.36 -48.57 -57.60
N SER CB 174 -89.46 -48.06 -58.15
CA SER CB 174 -90.04 -46.82 -57.64
C SER CB 174 -90.59 -46.96 -56.22
N ASN CB 175 -90.65 -48.17 -55.67
CA ASN CB 175 -91.23 -48.34 -54.34
C ASN CB 175 -90.26 -47.96 -53.23
N ALA CB 176 -89.03 -48.46 -53.27
CA ALA CB 176 -88.12 -48.32 -52.15
C ALA CB 176 -86.72 -48.01 -52.66
N SER CB 177 -85.83 -47.68 -51.74
CA SER CB 177 -84.50 -47.22 -52.11
C SER CB 177 -83.38 -47.89 -51.32
N TRP CB 178 -82.15 -47.41 -51.52
CA TRP CB 178 -81.00 -47.95 -50.80
C TRP CB 178 -80.03 -46.83 -50.46
N LYS CB 179 -79.28 -47.01 -49.38
CA LYS CB 179 -78.12 -46.17 -49.10
C LYS CB 179 -76.90 -47.05 -49.28
N PRO CB 180 -76.20 -46.96 -50.38
CA PRO CB 180 -75.00 -47.78 -50.56
C PRO CB 180 -73.71 -47.06 -50.23
N CYS CB 181 -73.57 -46.60 -48.99
CA CYS CB 181 -72.34 -45.93 -48.62
C CYS CB 181 -71.15 -46.84 -48.79
N LYS CB 182 -70.06 -46.27 -49.30
CA LYS CB 182 -68.79 -46.97 -49.44
C LYS CB 182 -68.92 -48.21 -50.31
N ARG CB 183 -69.50 -48.04 -51.49
CA ARG CB 183 -69.30 -49.06 -52.52
C ARG CB 183 -67.92 -48.94 -53.14
N ASN CB 184 -67.50 -47.72 -53.44
CA ASN CB 184 -66.17 -47.45 -53.93
C ASN CB 184 -65.48 -46.45 -53.02
N ILE CB 185 -64.16 -46.36 -53.15
CA ILE CB 185 -63.37 -45.63 -52.17
C ILE CB 185 -62.23 -44.92 -52.87
N TYR CB 186 -61.80 -43.81 -52.28
CA TYR CB 186 -60.72 -42.99 -52.79
C TYR CB 186 -59.54 -43.09 -51.82
N PHE CB 187 -58.43 -43.65 -52.28
CA PHE CB 187 -57.31 -43.96 -51.41
C PHE CB 187 -56.08 -43.21 -51.86
N HIS CB 188 -55.42 -42.54 -50.92
CA HIS CB 188 -54.20 -41.82 -51.23
C HIS CB 188 -53.34 -41.72 -49.98
N LYS CB 189 -52.03 -41.73 -50.17
CA LYS CB 189 -51.08 -41.55 -49.08
C LYS CB 189 -49.86 -40.82 -49.62
N PHE CB 190 -49.17 -40.14 -48.72
CA PHE CB 190 -47.98 -39.38 -49.07
C PHE CB 190 -46.99 -39.56 -47.93
N THR CB 191 -45.76 -39.97 -48.25
CA THR CB 191 -44.79 -40.21 -47.20
C THR CB 191 -43.38 -39.86 -47.65
N SER CB 192 -42.66 -39.14 -46.80
CA SER CB 192 -41.28 -38.76 -47.07
C SER CB 192 -40.26 -39.63 -46.33
N GLY CB 193 -40.70 -40.56 -45.51
CA GLY CB 193 -39.80 -41.15 -44.54
C GLY CB 193 -38.73 -42.02 -45.16
N LEU CB 194 -39.12 -42.90 -46.06
CA LEU CB 194 -38.24 -44.00 -46.46
C LEU CB 194 -37.05 -43.47 -47.23
N GLY CB 195 -36.03 -44.32 -47.32
CA GLY CB 195 -34.95 -44.13 -48.27
C GLY CB 195 -34.39 -45.48 -48.63
N VAL CB 196 -33.85 -45.57 -49.84
CA VAL CB 196 -33.46 -46.85 -50.41
C VAL CB 196 -32.20 -46.64 -51.25
N ARG CB 197 -31.28 -47.60 -51.17
CA ARG CB 197 -30.04 -47.55 -51.93
C ARG CB 197 -30.05 -48.67 -52.95
N THR CB 198 -29.85 -48.33 -54.22
CA THR CB 198 -29.94 -49.31 -55.30
C THR CB 198 -28.74 -49.18 -56.21
N GLN CB 199 -28.27 -50.32 -56.72
CA GLN CB 199 -27.23 -50.36 -57.72
C GLN CB 199 -27.66 -51.27 -58.86
N TRP CB 200 -27.00 -51.12 -60.00
CA TRP CB 200 -27.48 -51.72 -61.23
C TRP CB 200 -26.37 -52.47 -61.93
N LYS CB 201 -26.74 -53.58 -62.56
CA LYS CB 201 -25.88 -54.15 -63.59
C LYS CB 201 -25.84 -53.21 -64.78
N ASN CB 202 -24.84 -53.39 -65.63
CA ASN CB 202 -24.66 -52.47 -66.74
C ASN CB 202 -25.41 -53.00 -67.95
N VAL CB 203 -26.54 -52.37 -68.26
CA VAL CB 203 -27.34 -52.62 -69.45
C VAL CB 203 -28.17 -51.37 -69.69
N THR CB 204 -28.95 -51.36 -70.76
CA THR CB 204 -29.88 -50.26 -70.99
C THR CB 204 -31.16 -50.45 -70.21
N ASP CB 205 -31.61 -51.69 -70.09
CA ASP CB 205 -32.99 -51.99 -69.75
C ASP CB 205 -33.34 -51.55 -68.34
N GLY CB 206 -34.64 -51.38 -68.11
CA GLY CB 206 -35.17 -51.09 -66.80
C GLY CB 206 -35.92 -52.23 -66.15
N GLY CB 207 -35.85 -53.44 -66.70
CA GLY CB 207 -36.57 -54.57 -66.15
C GLY CB 207 -35.96 -55.04 -64.84
N VAL CB 208 -36.58 -56.08 -64.30
CA VAL CB 208 -36.13 -56.60 -63.01
C VAL CB 208 -34.77 -57.28 -63.12
N GLY CB 209 -34.50 -57.97 -64.22
CA GLY CB 209 -33.26 -58.71 -64.35
C GLY CB 209 -32.02 -57.85 -64.24
N ALA CB 210 -32.15 -56.55 -64.39
CA ALA CB 210 -30.98 -55.68 -64.39
C ALA CB 210 -30.49 -55.38 -62.98
N ILE CB 211 -31.38 -55.34 -62.00
CA ILE CB 211 -31.01 -54.80 -60.69
C ILE CB 211 -30.09 -55.77 -59.97
N GLN CB 212 -29.00 -55.24 -59.44
CA GLN CB 212 -28.11 -56.05 -58.62
C GLN CB 212 -28.60 -56.13 -57.18
N ARG CB 213 -29.05 -55.02 -56.61
CA ARG CB 213 -29.44 -55.00 -55.22
C ARG CB 213 -30.43 -53.87 -54.98
N GLY CB 214 -31.30 -54.03 -53.99
CA GLY CB 214 -32.21 -52.96 -53.59
C GLY CB 214 -33.54 -52.85 -54.30
N ALA CB 215 -34.10 -53.97 -54.75
CA ALA CB 215 -35.38 -53.91 -55.42
C ALA CB 215 -36.48 -53.47 -54.46
N LEU CB 216 -37.58 -52.99 -55.03
CA LEU CB 216 -38.69 -52.45 -54.25
C LEU CB 216 -39.99 -52.96 -54.82
N TYR CB 217 -40.77 -53.66 -54.00
CA TYR CB 217 -42.00 -54.30 -54.44
C TYR CB 217 -43.23 -53.64 -53.82
N MET CB 218 -44.34 -53.73 -54.54
CA MET CB 218 -45.64 -53.32 -54.05
C MET CB 218 -46.59 -54.50 -54.15
N VAL CB 219 -47.42 -54.68 -53.13
CA VAL CB 219 -48.29 -55.85 -53.04
C VAL CB 219 -49.68 -55.41 -52.62
N ILE CB 220 -50.70 -56.01 -53.23
CA ILE CB 220 -52.09 -55.72 -52.92
C ILE CB 220 -52.76 -56.99 -52.45
N ALA CB 221 -53.46 -56.92 -51.33
CA ALA CB 221 -54.12 -58.08 -50.75
C ALA CB 221 -55.62 -57.86 -50.71
N PRO CB 222 -56.41 -58.64 -51.42
CA PRO CB 222 -57.85 -58.44 -51.43
C PRO CB 222 -58.49 -58.93 -50.14
N GLY CB 223 -59.71 -58.47 -49.91
CA GLY CB 223 -60.51 -59.00 -48.83
C GLY CB 223 -61.02 -60.39 -49.12
N ASN CB 224 -61.57 -61.03 -48.10
CA ASN CB 224 -62.05 -62.39 -48.24
C ASN CB 224 -63.07 -62.50 -49.36
N GLY CB 225 -62.81 -63.41 -50.29
CA GLY CB 225 -63.74 -63.70 -51.36
C GLY CB 225 -64.25 -62.47 -52.07
N LEU CB 226 -63.41 -61.44 -52.16
CA LEU CB 226 -63.81 -60.16 -52.74
C LEU CB 226 -62.75 -59.73 -53.75
N THR CB 227 -63.13 -59.66 -55.01
CA THR CB 227 -62.21 -59.33 -56.09
C THR CB 227 -62.57 -57.98 -56.70
N PHE CB 228 -61.55 -57.24 -57.09
CA PHE CB 228 -61.80 -55.89 -57.61
C PHE CB 228 -60.64 -55.48 -58.50
N THR CB 229 -60.87 -54.40 -59.25
CA THR CB 229 -59.83 -53.75 -60.03
C THR CB 229 -59.69 -52.31 -59.55
N ALA CB 230 -58.55 -51.71 -59.90
CA ALA CB 230 -58.21 -50.39 -59.41
C ALA CB 230 -57.72 -49.51 -60.55
N HIS CB 231 -57.91 -48.21 -60.40
CA HIS CB 231 -57.42 -47.23 -61.34
C HIS CB 231 -56.63 -46.19 -60.59
N GLY CB 232 -55.69 -45.55 -61.28
CA GLY CB 232 -54.94 -44.48 -60.70
C GLY CB 232 -53.53 -44.41 -61.26
N GLN CB 233 -52.71 -43.60 -60.62
CA GLN CB 233 -51.32 -43.41 -61.04
C GLN CB 233 -50.52 -42.96 -59.84
N THR CB 234 -49.20 -43.08 -59.95
CA THR CB 234 -48.30 -42.78 -58.86
C THR CB 234 -47.09 -42.02 -59.37
N ARG CB 235 -46.38 -41.39 -58.45
CA ARG CB 235 -45.15 -40.68 -58.77
C ARG CB 235 -44.04 -41.13 -57.84
N LEU CB 236 -42.80 -40.87 -58.27
CA LEU CB 236 -41.62 -41.15 -57.50
C LEU CB 236 -40.71 -39.94 -57.48
N TYR CB 237 -39.71 -39.99 -56.61
CA TYR CB 237 -38.74 -38.92 -56.48
C TYR CB 237 -37.39 -39.53 -56.19
N PHE CB 238 -36.36 -39.09 -56.91
CA PHE CB 238 -35.04 -39.66 -56.71
C PHE CB 238 -34.01 -38.77 -57.39
N LYS CB 239 -32.73 -39.14 -57.23
CA LYS CB 239 -31.66 -38.52 -57.98
C LYS CB 239 -30.51 -39.52 -58.13
N SER CB 240 -29.83 -39.45 -59.26
CA SER CB 240 -28.65 -40.28 -59.46
C SER CB 240 -27.49 -39.72 -58.66
N VAL CB 241 -26.49 -40.57 -58.41
CA VAL CB 241 -25.29 -40.16 -57.70
C VAL CB 241 -24.20 -41.16 -58.04
N GLY CB 242 -22.95 -40.77 -57.82
CA GLY CB 242 -21.82 -41.66 -57.96
C GLY CB 242 -21.04 -41.40 -59.24
N ASN CB 243 -19.95 -42.15 -59.37
CA ASN CB 243 -19.06 -42.08 -60.52
C ASN CB 243 -18.61 -40.65 -60.78
N ALA DB 31 -42.25 -17.96 45.09
CA ALA DB 31 -43.52 -18.34 45.71
C ALA DB 31 -43.33 -19.44 46.73
N GLY DB 32 -42.88 -19.07 47.92
CA GLY DB 32 -42.63 -20.02 48.99
C GLY DB 32 -41.55 -19.51 49.91
N SER DB 33 -41.21 -20.32 50.91
CA SER DB 33 -40.15 -19.95 51.82
C SER DB 33 -39.17 -21.09 52.07
N LYS DB 34 -37.93 -20.93 51.61
CA LYS DB 34 -36.85 -21.89 51.84
C LYS DB 34 -37.30 -23.32 51.58
N ALA DB 35 -38.09 -23.51 50.53
CA ALA DB 35 -38.55 -24.83 50.18
C ALA DB 35 -37.39 -25.72 49.77
N ASP DB 36 -37.51 -27.00 50.06
CA ASP DB 36 -36.47 -27.97 49.79
C ASP DB 36 -37.09 -29.25 49.24
N ARG DB 37 -36.40 -29.83 48.25
CA ARG DB 37 -36.94 -30.96 47.50
C ARG DB 37 -37.42 -32.10 48.38
N PRO DB 38 -36.68 -32.58 49.38
CA PRO DB 38 -37.24 -33.60 50.26
C PRO DB 38 -38.38 -33.04 51.08
N SER DB 39 -39.26 -33.94 51.53
CA SER DB 39 -40.43 -33.53 52.26
C SER DB 39 -40.06 -32.94 53.61
N LEU DB 40 -41.00 -32.22 54.21
CA LEU DB 40 -40.80 -31.55 55.48
C LEU DB 40 -41.69 -32.18 56.55
N GLN DB 41 -41.22 -32.13 57.78
CA GLN DB 41 -41.92 -32.80 58.86
C GLN DB 41 -43.25 -32.12 59.14
N ILE DB 42 -44.13 -32.85 59.82
CA ILE DB 42 -45.49 -32.40 60.07
C ILE DB 42 -45.82 -32.60 61.54
N GLN DB 43 -46.47 -31.61 62.14
CA GLN DB 43 -47.00 -31.72 63.49
C GLN DB 43 -48.43 -31.20 63.52
N THR DB 44 -49.28 -31.84 64.33
CA THR DB 44 -50.68 -31.51 64.39
C THR DB 44 -51.11 -31.22 65.82
N LEU DB 45 -52.27 -30.60 65.95
CA LEU DB 45 -52.89 -30.39 67.24
C LEU DB 45 -54.35 -30.78 67.14
N GLN DB 46 -54.88 -31.29 68.24
CA GLN DB 46 -56.26 -31.78 68.26
C GLN DB 46 -57.02 -31.00 69.32
N HIS DB 47 -57.96 -30.17 68.89
CA HIS DB 47 -58.84 -29.46 69.81
C HIS DB 47 -60.26 -29.85 69.48
N ALA DB 48 -60.89 -30.61 70.37
CA ALA DB 48 -62.22 -31.14 70.13
C ALA DB 48 -62.63 -31.93 71.37
N GLY DB 49 -63.92 -32.19 71.47
CA GLY DB 49 -64.41 -33.05 72.54
C GLY DB 49 -64.00 -32.51 73.90
N THR DB 50 -63.27 -33.34 74.64
CA THR DB 50 -62.78 -32.93 75.96
C THR DB 50 -61.98 -31.64 75.88
N THR DB 51 -61.16 -31.50 74.84
CA THR DB 51 -60.34 -30.30 74.70
C THR DB 51 -61.02 -29.39 73.68
N MET DB 52 -61.64 -28.33 74.18
CA MET DB 52 -62.21 -27.29 73.35
C MET DB 52 -61.75 -25.97 73.91
N ILE DB 53 -60.99 -25.21 73.13
CA ILE DB 53 -60.58 -23.89 73.57
C ILE DB 53 -61.84 -23.11 73.91
N THR DB 54 -61.90 -22.60 75.14
CA THR DB 54 -63.07 -21.87 75.62
C THR DB 54 -62.59 -20.55 76.20
N VAL DB 55 -63.13 -19.45 75.69
CA VAL DB 55 -62.57 -18.14 76.01
C VAL DB 55 -63.58 -17.29 76.76
N PRO DB 56 -63.35 -17.04 78.04
CA PRO DB 56 -64.06 -15.97 78.72
C PRO DB 56 -63.49 -14.62 78.31
N SER DB 57 -64.25 -13.56 78.62
CA SER DB 57 -63.83 -12.21 78.28
C SER DB 57 -62.44 -11.93 78.80
N GLY DB 58 -61.59 -11.37 77.94
CA GLY DB 58 -60.21 -11.13 78.29
C GLY DB 58 -59.22 -12.06 77.62
N GLY DB 59 -59.68 -12.98 76.80
CA GLY DB 59 -58.78 -13.79 76.00
C GLY DB 59 -58.08 -14.87 76.80
N VAL DB 60 -57.29 -15.66 76.09
CA VAL DB 60 -56.52 -16.73 76.72
C VAL DB 60 -55.19 -16.88 75.98
N CYS DB 61 -54.15 -17.14 76.75
CA CYS DB 61 -52.80 -17.33 76.22
C CYS DB 61 -52.55 -18.80 76.00
N ASP DB 62 -51.79 -19.13 74.97
CA ASP DB 62 -51.46 -20.51 74.68
C ASP DB 62 -50.20 -20.57 73.84
N LEU DB 63 -49.56 -21.74 73.85
CA LEU DB 63 -48.37 -21.99 73.06
C LEU DB 63 -48.62 -23.14 72.11
N ILE DB 64 -48.41 -22.91 70.81
CA ILE DB 64 -48.64 -23.92 69.80
C ILE DB 64 -47.38 -24.61 69.33
N ASN DB 65 -46.21 -24.23 69.83
CA ASN DB 65 -44.98 -24.70 69.22
C ASN DB 65 -44.44 -25.96 69.86
N THR DB 66 -45.19 -26.56 70.80
CA THR DB 66 -44.70 -27.72 71.55
C THR DB 66 -44.23 -28.83 70.64
N TYR DB 67 -43.04 -29.35 70.95
CA TYR DB 67 -42.42 -30.46 70.22
C TYR DB 67 -41.78 -31.40 71.21
N ALA DB 68 -42.01 -32.70 71.06
CA ALA DB 68 -41.25 -33.66 71.83
C ALA DB 68 -39.94 -33.97 71.11
N ARG DB 69 -39.12 -34.79 71.72
CA ARG DB 69 -37.89 -35.28 71.11
C ARG DB 69 -37.83 -36.78 71.23
N GLY DB 70 -37.48 -37.46 70.15
CA GLY DB 70 -37.38 -38.90 70.17
C GLY DB 70 -37.38 -39.47 68.78
N SER DB 71 -37.78 -40.73 68.71
CA SER DB 71 -37.75 -41.45 67.45
C SER DB 71 -38.92 -41.07 66.56
N ASP DB 72 -40.09 -40.83 67.17
CA ASP DB 72 -41.31 -40.68 66.40
C ASP DB 72 -41.23 -39.49 65.46
N GLU DB 73 -41.82 -39.65 64.28
CA GLU DB 73 -41.85 -38.56 63.32
C GLU DB 73 -42.72 -37.44 63.85
N GLY DB 74 -42.29 -36.20 63.60
CA GLY DB 74 -42.99 -35.05 64.10
C GLY DB 74 -42.33 -34.51 65.34
N ASN DB 75 -41.61 -35.38 66.05
CA ASN DB 75 -40.81 -34.91 67.15
C ASN DB 75 -39.48 -34.37 66.63
N ARG DB 76 -38.89 -33.45 67.38
CA ARG DB 76 -37.66 -32.82 66.94
C ARG DB 76 -36.46 -33.72 67.21
N HIS DB 77 -35.61 -33.87 66.21
CA HIS DB 77 -34.42 -34.70 66.35
C HIS DB 77 -33.24 -33.96 66.94
N THR DB 78 -33.26 -32.62 66.95
CA THR DB 78 -32.07 -31.87 67.33
C THR DB 78 -32.39 -30.85 68.40
N SER DB 79 -31.42 -29.99 68.70
CA SER DB 79 -31.65 -28.92 69.65
C SER DB 79 -31.99 -27.60 68.96
N GLU DB 80 -32.07 -27.60 67.65
CA GLU DB 80 -32.29 -26.37 66.87
C GLU DB 80 -33.37 -26.60 65.83
N THR DB 81 -34.39 -25.74 65.83
CA THR DB 81 -35.54 -25.92 64.96
C THR DB 81 -35.94 -24.62 64.29
N LEU DB 82 -36.26 -24.70 63.01
CA LEU DB 82 -36.86 -23.61 62.26
C LEU DB 82 -38.24 -24.04 61.81
N THR DB 83 -39.19 -23.11 61.85
CA THR DB 83 -40.52 -23.37 61.33
C THR DB 83 -40.80 -22.45 60.15
N TYR DB 84 -41.68 -22.90 59.26
CA TYR DB 84 -41.93 -22.13 58.05
C TYR DB 84 -43.39 -21.80 57.82
N LYS DB 85 -44.17 -22.78 57.41
CA LYS DB 85 -45.52 -22.55 56.93
C LYS DB 85 -46.51 -23.09 57.95
N ILE DB 86 -47.64 -22.39 58.09
CA ILE DB 86 -48.66 -22.77 59.05
C ILE DB 86 -50.03 -22.59 58.41
N ALA DB 87 -50.93 -23.53 58.68
CA ALA DB 87 -52.30 -23.45 58.21
C ALA DB 87 -53.22 -23.67 59.39
N ILE DB 88 -54.33 -22.94 59.40
CA ILE DB 88 -55.22 -22.96 60.55
C ILE DB 88 -56.64 -23.16 60.06
N ASP DB 89 -57.36 -24.09 60.67
CA ASP DB 89 -58.77 -24.30 60.43
C ASP DB 89 -59.48 -24.40 61.77
N TYR DB 90 -60.67 -23.81 61.85
CA TYR DB 90 -61.50 -23.98 63.03
C TYR DB 90 -62.95 -23.79 62.68
N HIS DB 91 -63.79 -24.25 63.59
CA HIS DB 91 -65.18 -23.83 63.65
C HIS DB 91 -65.40 -23.00 64.90
N PHE DB 92 -66.25 -21.99 64.79
CA PHE DB 92 -66.70 -21.20 65.92
C PHE DB 92 -68.19 -21.42 66.13
N VAL DB 93 -68.62 -21.26 67.38
CA VAL DB 93 -70.04 -21.22 67.68
C VAL DB 93 -70.25 -20.37 68.92
N ALA DB 94 -71.34 -19.62 68.94
CA ALA DB 94 -71.65 -18.85 70.13
C ALA DB 94 -72.05 -19.77 71.26
N ASP DB 95 -71.91 -19.27 72.48
CA ASP DB 95 -72.31 -20.02 73.66
C ASP DB 95 -73.68 -19.53 74.12
N ALA DB 96 -74.54 -20.48 74.49
CA ALA DB 96 -75.87 -20.13 74.98
C ALA DB 96 -75.79 -19.24 76.20
N ALA DB 97 -74.73 -19.37 76.99
CA ALA DB 97 -74.58 -18.56 78.19
C ALA DB 97 -74.69 -17.07 77.88
N ALA DB 98 -74.16 -16.64 76.74
CA ALA DB 98 -74.26 -15.24 76.32
C ALA DB 98 -75.41 -14.99 75.37
N CYS DB 99 -76.14 -16.02 74.97
CA CYS DB 99 -77.25 -15.81 74.05
C CYS DB 99 -78.44 -15.13 74.68
N ARG DB 100 -78.43 -14.94 76.00
CA ARG DB 100 -79.54 -14.24 76.64
C ARG DB 100 -79.65 -12.79 76.24
N TYR DB 101 -78.68 -12.27 75.50
CA TYR DB 101 -78.69 -10.91 75.01
C TYR DB 101 -78.56 -10.94 73.49
N SER DB 102 -78.86 -9.81 72.86
CA SER DB 102 -78.74 -9.69 71.41
C SER DB 102 -77.90 -8.48 71.08
N ASN DB 103 -76.70 -8.73 70.57
CA ASN DB 103 -75.87 -7.68 69.99
C ASN DB 103 -74.84 -8.35 69.11
N THR DB 104 -74.23 -7.55 68.25
CA THR DB 104 -73.10 -8.03 67.48
C THR DB 104 -71.82 -7.74 68.24
N GLY DB 105 -70.69 -7.92 67.57
CA GLY DB 105 -69.40 -7.61 68.16
C GLY DB 105 -68.31 -7.85 67.15
N THR DB 106 -67.08 -7.79 67.63
CA THR DB 106 -65.94 -8.07 66.77
C THR DB 106 -64.85 -8.77 67.56
N GLY DB 107 -64.29 -9.83 66.98
CA GLY DB 107 -63.22 -10.58 67.58
C GLY DB 107 -61.88 -10.36 66.90
N VAL DB 108 -60.84 -10.93 67.51
CA VAL DB 108 -59.46 -10.74 67.07
C VAL DB 108 -58.68 -12.00 67.34
N MET DB 109 -57.79 -12.34 66.42
CA MET DB 109 -56.83 -13.42 66.59
C MET DB 109 -55.46 -12.90 66.22
N TRP DB 110 -54.51 -13.01 67.14
CA TRP DB 110 -53.14 -12.60 66.86
C TRP DB 110 -52.21 -13.80 66.83
N LEU DB 111 -51.11 -13.62 66.14
CA LEU DB 111 -50.01 -14.57 66.17
C LEU DB 111 -48.80 -13.82 66.69
N VAL DB 112 -48.37 -14.15 67.91
CA VAL DB 112 -47.40 -13.35 68.64
C VAL DB 112 -46.11 -14.14 68.81
N TYR DB 113 -45.00 -13.51 68.48
CA TYR DB 113 -43.69 -14.12 68.62
C TYR DB 113 -42.96 -13.55 69.84
N ASP DB 114 -42.20 -14.41 70.51
CA ASP DB 114 -41.50 -14.06 71.72
C ASP DB 114 -39.99 -14.17 71.51
N THR DB 115 -39.24 -13.44 72.33
CA THR DB 115 -37.80 -13.60 72.36
C THR DB 115 -37.39 -14.53 73.49
N THR DB 116 -37.48 -14.05 74.74
CA THR DB 116 -37.13 -14.85 75.90
C THR DB 116 -38.38 -15.02 76.77
N PRO DB 117 -38.89 -16.23 76.92
CA PRO DB 117 -40.06 -16.42 77.77
C PRO DB 117 -39.66 -16.39 79.24
N GLY DB 118 -40.55 -15.86 80.05
CA GLY DB 118 -40.35 -15.94 81.48
C GLY DB 118 -40.55 -17.35 81.98
N GLY DB 119 -40.27 -17.54 83.26
CA GLY DB 119 -40.52 -18.83 83.88
C GLY DB 119 -41.99 -19.15 84.02
N GLN DB 120 -42.85 -18.14 83.94
CA GLN DB 120 -44.28 -18.30 84.12
C GLN DB 120 -45.01 -17.98 82.82
N ALA DB 121 -46.19 -18.56 82.66
CA ALA DB 121 -46.94 -18.38 81.43
C ALA DB 121 -47.52 -16.96 81.38
N PRO DB 122 -47.40 -16.28 80.25
CA PRO DB 122 -47.96 -14.93 80.15
C PRO DB 122 -49.47 -14.97 80.10
N THR DB 123 -50.06 -13.82 80.38
CA THR DB 123 -51.50 -13.64 80.21
C THR DB 123 -51.70 -12.35 79.42
N PRO DB 124 -52.78 -12.26 78.65
CA PRO DB 124 -52.97 -11.07 77.81
C PRO DB 124 -52.84 -9.77 78.57
N GLN DB 125 -53.43 -9.67 79.75
CA GLN DB 125 -53.36 -8.42 80.50
C GLN DB 125 -51.91 -8.02 80.72
N THR DB 126 -51.01 -9.00 80.80
CA THR DB 126 -49.61 -8.69 80.93
C THR DB 126 -48.98 -8.32 79.59
N ILE DB 127 -49.44 -8.95 78.51
CA ILE DB 127 -48.77 -8.71 77.23
C ILE DB 127 -49.17 -7.36 76.67
N PHE DB 128 -50.38 -6.91 76.96
CA PHE DB 128 -50.89 -5.65 76.45
C PHE DB 128 -51.28 -4.79 77.65
N ALA DB 129 -50.73 -3.59 77.72
CA ALA DB 129 -51.14 -2.69 78.78
C ALA DB 129 -52.44 -2.04 78.38
N TYR DB 130 -53.48 -2.29 79.13
CA TYR DB 130 -54.75 -1.67 78.79
C TYR DB 130 -55.49 -1.26 80.05
N PRO DB 131 -56.11 -0.09 80.05
CA PRO DB 131 -56.97 0.27 81.17
C PRO DB 131 -58.20 -0.62 81.22
N ASP DB 132 -58.80 -0.69 82.42
CA ASP DB 132 -59.96 -1.55 82.60
C ASP DB 132 -61.10 -1.13 81.70
N THR DB 133 -61.18 0.16 81.39
CA THR DB 133 -62.24 0.65 80.53
C THR DB 133 -62.23 -0.01 79.16
N LEU DB 134 -61.07 -0.12 78.53
CA LEU DB 134 -60.97 -0.68 77.20
C LEU DB 134 -61.16 -2.19 77.16
N LYS DB 135 -61.27 -2.85 78.32
CA LYS DB 135 -61.40 -4.29 78.33
C LYS DB 135 -62.55 -4.77 77.46
N ALA DB 136 -63.58 -3.94 77.32
CA ALA DB 136 -64.71 -4.29 76.46
C ALA DB 136 -64.24 -4.52 75.03
N TRP DB 137 -63.59 -3.54 74.44
CA TRP DB 137 -63.32 -3.66 73.02
C TRP DB 137 -61.87 -4.01 72.81
N PRO DB 138 -61.56 -5.26 72.50
CA PRO DB 138 -60.15 -5.63 72.35
C PRO DB 138 -59.52 -5.03 71.13
N ALA DB 139 -60.28 -4.92 70.05
CA ALA DB 139 -59.68 -4.66 68.75
C ALA DB 139 -58.85 -3.40 68.72
N THR DB 140 -58.98 -2.55 69.72
CA THR DB 140 -58.15 -1.36 69.83
C THR DB 140 -56.83 -1.63 70.52
N TRP DB 141 -56.68 -2.76 71.20
CA TRP DB 141 -55.45 -3.03 71.92
C TRP DB 141 -54.28 -2.96 70.96
N LYS DB 142 -53.15 -2.50 71.46
CA LYS DB 142 -51.89 -2.59 70.73
C LYS DB 142 -50.78 -2.88 71.72
N VAL DB 143 -49.65 -3.32 71.18
CA VAL DB 143 -48.54 -3.78 72.02
C VAL DB 143 -48.08 -2.65 72.92
N SER DB 144 -47.83 -2.99 74.18
CA SER DB 144 -47.38 -2.00 75.14
C SER DB 144 -45.94 -1.59 74.87
N ARG DB 145 -45.59 -0.36 75.26
CA ARG DB 145 -44.28 0.17 74.89
C ARG DB 145 -43.17 -0.35 75.79
N GLU DB 146 -43.48 -0.67 77.04
CA GLU DB 146 -42.45 -1.13 77.96
C GLU DB 146 -41.74 -2.35 77.42
N LEU DB 147 -42.49 -3.26 76.82
CA LEU DB 147 -41.96 -4.50 76.31
C LEU DB 147 -41.57 -4.42 74.84
N CYS DB 148 -41.60 -3.21 74.27
CA CYS DB 148 -41.59 -2.98 72.84
C CYS DB 148 -40.61 -3.87 72.09
N HIS DB 149 -39.43 -4.08 72.66
CA HIS DB 149 -38.47 -4.94 72.02
C HIS DB 149 -38.55 -6.39 72.47
N ARG DB 150 -39.33 -6.69 73.50
CA ARG DB 150 -39.40 -8.07 73.96
C ARG DB 150 -40.37 -8.89 73.12
N PHE DB 151 -41.41 -8.28 72.56
CA PHE DB 151 -42.42 -9.00 71.80
C PHE DB 151 -42.62 -8.36 70.44
N VAL DB 152 -43.30 -9.10 69.56
CA VAL DB 152 -43.66 -8.59 68.25
C VAL DB 152 -44.81 -9.45 67.74
N VAL DB 153 -45.56 -8.92 66.79
CA VAL DB 153 -46.72 -9.61 66.23
C VAL DB 153 -46.52 -9.71 64.72
N LYS DB 154 -46.37 -10.93 64.23
CA LYS DB 154 -46.06 -11.10 62.82
C LYS DB 154 -47.31 -11.31 61.96
N ARG DB 155 -48.47 -11.51 62.55
CA ARG DB 155 -49.70 -11.64 61.78
C ARG DB 155 -50.87 -11.10 62.59
N ARG DB 156 -51.97 -10.84 61.89
CA ARG DB 156 -53.17 -10.34 62.52
C ARG DB 156 -54.36 -10.80 61.70
N TRP DB 157 -55.49 -11.02 62.37
CA TRP DB 157 -56.70 -11.35 61.64
C TRP DB 157 -57.91 -10.79 62.37
N LEU DB 158 -58.97 -10.56 61.60
CA LEU DB 158 -60.23 -10.08 62.13
C LEU DB 158 -61.35 -11.02 61.76
N PHE DB 159 -62.39 -10.99 62.58
CA PHE DB 159 -63.62 -11.71 62.28
C PHE DB 159 -64.72 -11.06 63.10
N ASN DB 160 -65.95 -11.32 62.70
CA ASN DB 160 -67.08 -10.76 63.41
C ASN DB 160 -68.21 -11.77 63.44
N MET DB 161 -69.03 -11.67 64.48
CA MET DB 161 -70.13 -12.59 64.68
C MET DB 161 -71.18 -11.91 65.53
N GLU DB 162 -72.38 -12.48 65.53
CA GLU DB 162 -73.49 -11.86 66.24
C GLU DB 162 -74.49 -12.93 66.60
N THR DB 163 -75.35 -12.60 67.57
CA THR DB 163 -76.39 -13.50 68.00
C THR DB 163 -77.69 -12.74 68.14
N ASP DB 164 -78.78 -13.42 67.84
CA ASP DB 164 -80.10 -12.83 67.87
C ASP DB 164 -80.85 -13.11 69.16
N GLY DB 165 -80.25 -13.85 70.08
CA GLY DB 165 -80.94 -14.24 71.29
C GLY DB 165 -81.80 -15.48 71.17
N ARG DB 166 -81.41 -16.43 70.31
CA ARG DB 166 -82.19 -17.64 70.15
C ARG DB 166 -81.25 -18.83 70.02
N ILE DB 167 -81.48 -19.85 70.81
CA ILE DB 167 -80.67 -21.06 70.76
C ILE DB 167 -81.12 -21.90 69.57
N GLY DB 168 -80.21 -22.69 69.02
CA GLY DB 168 -80.53 -23.44 67.82
C GLY DB 168 -81.67 -24.42 68.00
N SER DB 169 -81.67 -25.17 69.10
CA SER DB 169 -82.63 -26.25 69.27
C SER DB 169 -84.07 -25.76 69.38
N ASP DB 170 -84.29 -24.45 69.47
CA ASP DB 170 -85.62 -23.92 69.68
C ASP DB 170 -86.44 -23.97 68.39
N ILE DB 171 -87.67 -24.46 68.51
CA ILE DB 171 -88.57 -24.59 67.36
C ILE DB 171 -89.28 -23.27 67.10
N PRO DB 172 -89.20 -22.74 65.89
CA PRO DB 172 -89.97 -21.56 65.56
C PRO DB 172 -91.45 -21.84 65.67
N PRO DB 173 -92.24 -20.87 66.12
CA PRO DB 173 -93.69 -21.02 66.07
C PRO DB 173 -94.17 -20.97 64.63
N SER DB 174 -95.29 -21.64 64.38
CA SER DB 174 -95.80 -21.78 63.02
C SER DB 174 -96.23 -20.45 62.41
N ASN DB 175 -96.29 -19.37 63.18
CA ASN DB 175 -96.76 -18.11 62.62
C ASN DB 175 -95.70 -17.39 61.80
N ALA DB 176 -94.50 -17.24 62.35
CA ALA DB 176 -93.50 -16.38 61.73
C ALA DB 176 -92.14 -17.06 61.81
N SER DB 177 -91.16 -16.47 61.12
CA SER DB 177 -89.84 -17.09 61.01
C SER DB 177 -88.68 -16.13 61.27
N TRP DB 178 -87.47 -16.59 61.03
CA TRP DB 178 -86.28 -15.77 61.22
C TRP DB 178 -85.27 -16.09 60.14
N LYS DB 179 -84.43 -15.10 59.82
CA LYS DB 179 -83.23 -15.34 59.03
C LYS DB 179 -82.05 -15.11 59.97
N PRO DB 180 -81.43 -16.15 60.48
CA PRO DB 180 -80.28 -15.96 61.36
C PRO DB 180 -78.96 -16.10 60.66
N CYS DB 181 -78.69 -15.26 59.66
CA CYS DB 181 -77.42 -15.34 58.96
C CYS DB 181 -76.27 -15.10 59.94
N LYS DB 182 -75.21 -15.87 59.75
CA LYS DB 182 -73.98 -15.71 60.51
C LYS DB 182 -74.21 -15.84 62.02
N ARG DB 183 -74.88 -16.92 62.42
CA ARG DB 183 -74.80 -17.30 63.82
C ARG DB 183 -73.46 -17.96 64.11
N ASN DB 184 -73.03 -18.85 63.24
CA ASN DB 184 -71.73 -19.49 63.35
C ASN DB 184 -70.95 -19.25 62.07
N ILE DB 185 -69.64 -19.46 62.14
CA ILE DB 185 -68.75 -19.02 61.09
C ILE DB 185 -67.63 -20.04 60.89
N TYR DB 186 -67.13 -20.10 59.67
CA TYR DB 186 -66.06 -21.01 59.28
C TYR DB 186 -64.82 -20.19 58.97
N PHE DB 187 -63.78 -20.36 59.76
CA PHE DB 187 -62.60 -19.51 59.67
C PHE DB 187 -61.37 -20.34 59.33
N HIS DB 188 -60.62 -19.90 58.33
CA HIS DB 188 -59.41 -20.57 57.94
C HIS DB 188 -58.46 -19.60 57.29
N LYS DB 189 -57.16 -19.83 57.49
CA LYS DB 189 -56.13 -19.02 56.86
C LYS DB 189 -54.94 -19.91 56.58
N PHE DB 190 -54.15 -19.52 55.58
CA PHE DB 190 -52.96 -20.24 55.17
C PHE DB 190 -51.89 -19.23 54.83
N THR DB 191 -50.71 -19.36 55.43
CA THR DB 191 -49.67 -18.38 55.19
C THR DB 191 -48.30 -19.02 55.20
N SER DB 192 -47.48 -18.68 54.20
CA SER DB 192 -46.11 -19.17 54.10
C SER DB 192 -45.07 -18.17 54.56
N GLY DB 193 -45.48 -16.95 54.93
CA GLY DB 193 -44.52 -15.87 55.02
C GLY DB 193 -43.52 -16.02 56.15
N LEU DB 194 -44.02 -16.34 57.34
CA LEU DB 194 -43.22 -16.20 58.54
C LEU DB 194 -42.06 -17.18 58.55
N GLY DB 195 -41.09 -16.88 59.39
CA GLY DB 195 -40.08 -17.85 59.77
C GLY DB 195 -39.59 -17.53 61.16
N VAL DB 196 -39.15 -18.56 61.88
CA VAL DB 196 -38.84 -18.43 63.29
C VAL DB 196 -37.65 -19.32 63.61
N ARG DB 197 -36.76 -18.82 64.46
CA ARG DB 197 -35.59 -19.56 64.88
C ARG DB 197 -35.72 -19.88 66.37
N THR DB 198 -35.60 -21.16 66.71
CA THR DB 198 -35.81 -21.60 68.08
C THR DB 198 -34.68 -22.52 68.51
N GLN DB 199 -34.28 -22.40 69.78
CA GLN DB 199 -33.32 -23.31 70.38
C GLN DB 199 -33.88 -23.81 71.70
N TRP DB 200 -33.31 -24.91 72.17
CA TRP DB 200 -33.91 -25.65 73.28
C TRP DB 200 -32.87 -25.94 74.36
N LYS DB 201 -33.33 -25.92 75.61
CA LYS DB 201 -32.57 -26.56 76.66
C LYS DB 201 -32.59 -28.06 76.45
N ASN DB 202 -31.67 -28.76 77.10
CA ASN DB 202 -31.55 -30.19 76.86
C ASN DB 202 -32.41 -30.92 77.87
N VAL DB 203 -33.53 -31.45 77.40
CA VAL DB 203 -34.44 -32.31 78.14
C VAL DB 203 -35.23 -33.11 77.12
N THR DB 204 -36.10 -34.00 77.61
CA THR DB 204 -37.00 -34.70 76.70
C THR DB 204 -38.22 -33.86 76.39
N ASP DB 205 -38.70 -33.12 77.38
CA ASP DB 205 -40.06 -32.60 77.37
C ASP DB 205 -40.28 -31.59 76.26
N GLY DB 206 -41.56 -31.40 75.91
CA GLY DB 206 -41.97 -30.37 74.98
C GLY DB 206 -42.70 -29.21 75.60
N GLY DB 207 -42.72 -29.10 76.91
CA GLY DB 207 -43.43 -28.01 77.57
C GLY DB 207 -42.74 -26.68 77.37
N VAL DB 208 -43.34 -25.66 77.95
CA VAL DB 208 -42.81 -24.31 77.81
C VAL DB 208 -41.49 -24.13 78.53
N GLY DB 209 -41.33 -24.76 79.70
CA GLY DB 209 -40.13 -24.56 80.49
C GLY DB 209 -38.85 -24.95 79.78
N ALA DB 210 -38.96 -25.73 78.71
CA ALA DB 210 -37.77 -26.22 78.04
C ALA DB 210 -37.15 -25.18 77.11
N ILE DB 211 -37.96 -24.31 76.53
CA ILE DB 211 -37.48 -23.47 75.44
C ILE DB 211 -36.54 -22.40 75.98
N GLN DB 212 -35.38 -22.27 75.33
CA GLN DB 212 -34.46 -21.20 75.68
C GLN DB 212 -34.85 -19.88 75.01
N ARG DB 213 -35.21 -19.93 73.74
CA ARG DB 213 -35.49 -18.71 73.00
C ARG DB 213 -36.41 -19.02 71.84
N GLY DB 214 -37.22 -18.04 71.42
CA GLY DB 214 -38.05 -18.18 70.25
C GLY DB 214 -39.43 -18.79 70.41
N ALA DB 215 -40.06 -18.58 71.57
CA ALA DB 215 -41.39 -19.13 71.76
C ALA DB 215 -42.39 -18.45 70.83
N LEU DB 216 -43.52 -19.13 70.62
CA LEU DB 216 -44.55 -18.68 69.69
C LEU DB 216 -45.91 -18.85 70.33
N TYR DB 217 -46.64 -17.75 70.47
CA TYR DB 217 -47.92 -17.74 71.16
C TYR DB 217 -49.07 -17.48 70.20
N MET DB 218 -50.24 -18.00 70.55
CA MET DB 218 -51.49 -17.71 69.87
C MET DB 218 -52.48 -17.16 70.88
N VAL DB 219 -53.23 -16.15 70.48
CA VAL DB 219 -54.13 -15.45 71.39
C VAL DB 219 -55.47 -15.23 70.70
N ILE DB 220 -56.55 -15.40 71.46
CA ILE DB 220 -57.90 -15.20 70.95
C ILE DB 220 -58.58 -14.13 71.79
N ALA DB 221 -59.18 -13.15 71.11
CA ALA DB 221 -59.83 -12.04 71.78
C ALA DB 221 -61.32 -12.05 71.47
N PRO DB 222 -62.18 -12.23 72.45
CA PRO DB 222 -63.62 -12.26 72.18
C PRO DB 222 -64.16 -10.87 71.92
N GLY DB 223 -65.35 -10.84 71.33
CA GLY DB 223 -66.08 -9.59 71.19
C GLY DB 223 -66.65 -9.14 72.51
N ASN DB 224 -67.14 -7.89 72.51
CA ASN DB 224 -67.68 -7.31 73.73
C ASN DB 224 -68.79 -8.18 74.31
N GLY DB 225 -68.63 -8.54 75.58
CA GLY DB 225 -69.66 -9.27 76.30
C GLY DB 225 -70.18 -10.48 75.54
N LEU DB 226 -69.31 -11.11 74.76
CA LEU DB 226 -69.71 -12.22 73.92
C LEU DB 226 -68.72 -13.37 74.12
N THR DB 227 -69.20 -14.48 74.66
CA THR DB 227 -68.35 -15.62 74.97
C THR DB 227 -68.72 -16.80 74.08
N PHE DB 228 -67.71 -17.58 73.69
CA PHE DB 228 -67.95 -18.67 72.77
C PHE DB 228 -66.85 -19.71 72.93
N THR DB 229 -67.09 -20.89 72.36
CA THR DB 229 -66.11 -21.94 72.25
C THR DB 229 -65.87 -22.25 70.78
N ALA DB 230 -64.75 -22.91 70.51
CA ALA DB 230 -64.33 -23.17 69.14
C ALA DB 230 -63.90 -24.61 68.99
N HIS DB 231 -64.04 -25.13 67.77
CA HIS DB 231 -63.59 -26.46 67.43
C HIS DB 231 -62.70 -26.37 66.20
N GLY DB 232 -61.80 -27.32 66.07
CA GLY DB 232 -60.96 -27.40 64.88
C GLY DB 232 -59.62 -27.99 65.22
N GLN DB 233 -58.72 -27.88 64.24
CA GLN DB 233 -57.37 -28.42 64.37
C GLN DB 233 -56.46 -27.65 63.45
N THR DB 234 -55.15 -27.75 63.70
CA THR DB 234 -54.16 -27.00 62.96
C THR DB 234 -52.97 -27.88 62.63
N ARG DB 235 -52.17 -27.43 61.68
CA ARG DB 235 -50.95 -28.12 61.32
C ARG DB 235 -49.78 -27.16 61.32
N LEU DB 236 -48.58 -27.74 61.38
CA LEU DB 236 -47.34 -26.98 61.33
C LEU DB 236 -46.39 -27.61 60.33
N TYR DB 237 -45.34 -26.89 60.01
CA TYR DB 237 -44.32 -27.36 59.08
C TYR DB 237 -42.97 -26.88 59.56
N PHE DB 238 -41.99 -27.77 59.61
CA PHE DB 238 -40.67 -27.39 60.10
C PHE DB 238 -39.67 -28.47 59.73
N LYS DB 239 -38.41 -28.21 60.06
CA LYS DB 239 -37.37 -29.22 59.96
C LYS DB 239 -36.28 -28.90 60.97
N SER DB 240 -35.68 -29.96 61.52
CA SER DB 240 -34.55 -29.78 62.42
C SER DB 240 -33.31 -29.42 61.62
N VAL DB 241 -32.33 -28.84 62.30
CA VAL DB 241 -31.05 -28.49 61.68
C VAL DB 241 -30.03 -28.34 62.79
N GLY DB 242 -28.76 -28.41 62.42
CA GLY DB 242 -27.67 -28.14 63.34
C GLY DB 242 -26.99 -29.41 63.80
N ASN DB 243 -25.93 -29.21 64.59
CA ASN DB 243 -25.13 -30.29 65.15
C ASN DB 243 -24.65 -31.25 64.08
N ALA EB 31 -52.22 -36.45 -9.26
CA ALA EB 31 -53.14 -37.39 -9.90
C ALA EB 31 -53.79 -38.29 -8.86
N GLY EB 32 -54.81 -37.78 -8.19
CA GLY EB 32 -55.52 -38.52 -7.17
C GLY EB 32 -56.10 -37.58 -6.14
N SER EB 33 -56.74 -38.17 -5.13
CA SER EB 33 -57.30 -37.36 -4.05
C SER EB 33 -56.96 -37.93 -2.67
N LYS EB 34 -56.15 -37.20 -1.92
CA LYS EB 34 -55.80 -37.56 -0.53
C LYS EB 34 -55.44 -39.03 -0.40
N ALA EB 35 -54.71 -39.53 -1.38
CA ALA EB 35 -54.28 -40.92 -1.35
C ALA EB 35 -53.33 -41.15 -0.18
N ASP EB 36 -53.38 -42.34 0.37
CA ASP EB 36 -52.59 -42.72 1.53
C ASP EB 36 -52.03 -44.13 1.34
N ARG EB 37 -50.78 -44.30 1.75
CA ARG EB 37 -50.04 -45.53 1.50
C ARG EB 37 -50.78 -46.79 1.93
N PRO EB 38 -51.36 -46.89 3.13
CA PRO EB 38 -52.16 -48.07 3.45
C PRO EB 38 -53.42 -48.12 2.60
N SER EB 39 -53.94 -49.33 2.44
CA SER EB 39 -55.10 -49.54 1.59
C SER EB 39 -56.34 -48.86 2.18
N LEU EB 40 -57.33 -48.67 1.34
CA LEU EB 40 -58.57 -48.01 1.73
C LEU EB 40 -59.73 -49.00 1.68
N GLN EB 41 -60.71 -48.77 2.54
CA GLN EB 41 -61.81 -49.71 2.67
C GLN EB 41 -62.66 -49.73 1.40
N ILE EB 42 -63.44 -50.79 1.25
CA ILE EB 42 -64.23 -51.03 0.06
C ILE EB 42 -65.65 -51.40 0.44
N GLN EB 43 -66.62 -50.83 -0.27
CA GLN EB 43 -68.01 -51.20 -0.13
C GLN EB 43 -68.62 -51.41 -1.50
N THR EB 44 -69.53 -52.38 -1.61
CA THR EB 44 -70.13 -52.74 -2.87
C THR EB 44 -71.64 -52.71 -2.77
N LEU EB 45 -72.28 -52.71 -3.94
CA LEU EB 45 -73.72 -52.84 -4.03
C LEU EB 45 -74.05 -53.86 -5.10
N GLN EB 46 -75.14 -54.58 -4.89
CA GLN EB 46 -75.54 -55.65 -5.79
C GLN EB 46 -76.92 -55.34 -6.32
N HIS EB 47 -77.01 -55.02 -7.61
CA HIS EB 47 -78.30 -54.82 -8.26
C HIS EB 47 -78.39 -55.83 -9.40
N ALA EB 48 -79.26 -56.81 -9.25
CA ALA EB 48 -79.40 -57.89 -10.20
C ALA EB 48 -80.52 -58.80 -9.72
N GLY EB 49 -81.01 -59.63 -10.62
CA GLY EB 49 -81.99 -60.64 -10.25
C GLY EB 49 -83.20 -60.00 -9.60
N THR EB 50 -83.47 -60.42 -8.37
CA THR EB 50 -84.59 -59.85 -7.62
C THR EB 50 -84.50 -58.34 -7.53
N THR EB 51 -83.30 -57.80 -7.34
CA THR EB 51 -83.13 -56.36 -7.22
C THR EB 51 -82.61 -55.85 -8.55
N MET EB 52 -83.49 -55.21 -9.31
CA MET EB 52 -83.12 -54.54 -10.55
C MET EB 52 -83.74 -53.16 -10.51
N ILE EB 53 -82.91 -52.12 -10.51
CA ILE EB 53 -83.45 -50.78 -10.56
C ILE EB 53 -84.34 -50.67 -11.78
N THR EB 54 -85.59 -50.28 -11.57
CA THR EB 54 -86.57 -50.18 -12.63
C THR EB 54 -87.22 -48.80 -12.58
N VAL EB 55 -87.15 -48.07 -13.67
CA VAL EB 55 -87.51 -46.67 -13.64
C VAL EB 55 -88.72 -46.39 -14.52
N PRO EB 56 -89.86 -46.08 -13.94
CA PRO EB 56 -90.94 -45.48 -14.70
C PRO EB 56 -90.64 -44.01 -14.97
N SER EB 57 -91.39 -43.43 -15.91
CA SER EB 57 -91.20 -42.04 -16.28
C SER EB 57 -91.26 -41.16 -15.04
N GLY EB 58 -90.30 -40.24 -14.93
CA GLY EB 58 -90.19 -39.40 -13.77
C GLY EB 58 -89.06 -39.75 -12.82
N GLY EB 59 -88.27 -40.76 -13.13
CA GLY EB 59 -87.08 -41.05 -12.37
C GLY EB 59 -87.37 -41.69 -11.03
N VAL EB 60 -86.28 -42.01 -10.33
CA VAL EB 60 -86.39 -42.61 -9.00
C VAL EB 60 -85.23 -42.11 -8.15
N CYS EB 61 -85.52 -41.88 -6.89
CA CYS EB 61 -84.55 -41.40 -5.92
C CYS EB 61 -83.96 -42.59 -5.18
N ASP EB 62 -82.69 -42.51 -4.82
CA ASP EB 62 -82.04 -43.57 -4.08
C ASP EB 62 -80.83 -43.02 -3.35
N LEU EB 63 -80.39 -43.76 -2.34
CA LEU EB 63 -79.21 -43.41 -1.57
C LEU EB 63 -78.19 -44.53 -1.66
N ILE EB 64 -76.97 -44.19 -2.10
CA ILE EB 64 -75.91 -45.18 -2.26
C ILE EB 64 -74.93 -45.20 -1.12
N ASN EB 65 -75.06 -44.34 -0.13
CA ASN EB 65 -73.98 -44.16 0.83
C ASN EB 65 -74.15 -45.04 2.06
N THR EB 66 -75.14 -45.93 2.07
CA THR EB 66 -75.44 -46.74 3.24
C THR EB 66 -74.21 -47.50 3.75
N TYR EB 67 -73.99 -47.41 5.06
CA TYR EB 67 -72.89 -48.09 5.73
C TYR EB 67 -73.39 -48.64 7.05
N ALA EB 68 -73.08 -49.90 7.34
CA ALA EB 68 -73.34 -50.41 8.67
C ALA EB 68 -72.17 -50.06 9.59
N ARG EB 69 -72.29 -50.43 10.86
CA ARG EB 69 -71.22 -50.27 11.83
C ARG EB 69 -71.00 -51.58 12.55
N GLY EB 70 -69.76 -51.99 12.69
CA GLY EB 70 -69.46 -53.21 13.39
C GLY EB 70 -68.06 -53.69 13.09
N SER EB 71 -67.88 -55.00 13.26
CA SER EB 71 -66.57 -55.60 13.09
C SER EB 71 -66.24 -55.78 11.62
N ASP EB 72 -67.23 -56.14 10.81
CA ASP EB 72 -66.98 -56.55 9.44
C ASP EB 72 -66.31 -55.44 8.64
N GLU EB 73 -65.40 -55.83 7.76
CA GLU EB 73 -64.75 -54.87 6.89
C GLU EB 73 -65.76 -54.28 5.91
N GLY EB 74 -65.62 -52.99 5.65
CA GLY EB 74 -66.54 -52.29 4.79
C GLY EB 74 -67.58 -51.54 5.61
N ASN EB 75 -67.81 -51.99 6.83
CA ASN EB 75 -68.64 -51.22 7.72
C ASN EB 75 -67.81 -50.12 8.37
N ARG EB 76 -68.49 -49.05 8.77
CA ARG EB 76 -67.79 -47.91 9.33
C ARG EB 76 -67.45 -48.15 10.79
N HIS EB 77 -66.21 -47.86 11.17
CA HIS EB 77 -65.77 -48.04 12.54
C HIS EB 77 -66.07 -46.85 13.43
N THR EB 78 -66.34 -45.69 12.85
CA THR EB 78 -66.44 -44.48 13.65
C THR EB 78 -67.74 -43.74 13.39
N SER EB 79 -67.85 -42.54 13.95
CA SER EB 79 -69.01 -41.71 13.68
C SER EB 79 -68.76 -40.69 12.58
N GLU EB 80 -67.58 -40.70 11.99
CA GLU EB 80 -67.19 -39.70 10.99
C GLU EB 80 -66.54 -40.38 9.80
N THR EB 81 -67.06 -40.09 8.60
CA THR EB 81 -66.62 -40.78 7.40
C THR EB 81 -66.41 -39.79 6.26
N LEU EB 82 -65.31 -39.99 5.52
CA LEU EB 82 -65.04 -39.28 4.28
C LEU EB 82 -65.01 -40.30 3.16
N THR EB 83 -65.56 -39.92 2.00
CA THR EB 83 -65.48 -40.76 0.81
C THR EB 83 -64.67 -40.05 -0.27
N TYR EB 84 -64.07 -40.83 -1.15
CA TYR EB 84 -63.19 -40.25 -2.15
C TYR EB 84 -63.55 -40.63 -3.57
N LYS EB 85 -63.23 -41.85 -3.96
CA LYS EB 85 -63.30 -42.26 -5.34
C LYS EB 85 -64.46 -43.22 -5.53
N ILE EB 86 -65.11 -43.13 -6.69
CA ILE EB 86 -66.26 -43.96 -6.99
C ILE EB 86 -66.19 -44.42 -8.43
N ALA EB 87 -66.54 -45.67 -8.67
CA ALA EB 87 -66.59 -46.22 -10.01
C ALA EB 87 -67.95 -46.88 -10.21
N ILE EB 88 -68.49 -46.75 -11.41
CA ILE EB 88 -69.84 -47.21 -11.68
C ILE EB 88 -69.83 -48.03 -12.96
N ASP EB 89 -70.45 -49.20 -12.91
CA ASP EB 89 -70.68 -50.04 -14.07
C ASP EB 89 -72.13 -50.48 -14.09
N TYR EB 90 -72.72 -50.52 -15.27
CA TYR EB 90 -74.05 -51.07 -15.41
C TYR EB 90 -74.27 -51.58 -16.82
N HIS EB 91 -75.30 -52.40 -16.96
CA HIS EB 91 -75.91 -52.66 -18.24
C HIS EB 91 -77.29 -52.05 -18.28
N PHE EB 92 -77.68 -51.56 -19.45
CA PHE EB 92 -79.03 -51.09 -19.70
C PHE EB 92 -79.69 -51.98 -20.74
N VAL EB 93 -81.01 -52.06 -20.67
CA VAL EB 93 -81.78 -52.70 -21.73
C VAL EB 93 -83.16 -52.07 -21.76
N ALA EB 94 -83.70 -51.90 -22.97
CA ALA EB 94 -85.05 -51.39 -23.09
C ALA EB 94 -86.04 -52.40 -22.57
N ASP EB 95 -87.22 -51.93 -22.19
CA ASP EB 95 -88.29 -52.79 -21.75
C ASP EB 95 -89.26 -53.01 -22.89
N ALA EB 96 -89.71 -54.26 -23.04
CA ALA EB 96 -90.68 -54.58 -24.08
C ALA EB 96 -91.96 -53.77 -23.91
N ALA EB 97 -92.30 -53.41 -22.68
CA ALA EB 97 -93.51 -52.65 -22.43
C ALA EB 97 -93.56 -51.38 -23.27
N ALA EB 98 -92.42 -50.72 -23.46
CA ALA EB 98 -92.34 -49.52 -24.29
C ALA EB 98 -91.92 -49.81 -25.71
N CYS EB 99 -91.59 -51.07 -26.04
CA CYS EB 99 -91.15 -51.37 -27.38
C CYS EB 99 -92.29 -51.33 -28.40
N ARG EB 100 -93.53 -51.19 -27.96
CA ARG EB 100 -94.64 -51.11 -28.91
C ARG EB 100 -94.59 -49.85 -29.77
N TYR EB 101 -93.68 -48.93 -29.48
CA TYR EB 101 -93.51 -47.73 -30.26
C TYR EB 101 -92.06 -47.65 -30.73
N SER EB 102 -91.80 -46.78 -31.70
CA SER EB 102 -90.46 -46.61 -32.22
C SER EB 102 -90.10 -45.13 -32.17
N ASN EB 103 -89.18 -44.78 -31.29
CA ASN EB 103 -88.57 -43.47 -31.29
C ASN EB 103 -87.28 -43.56 -30.49
N THR EB 104 -86.44 -42.55 -30.67
CA THR EB 104 -85.26 -42.43 -29.85
C THR EB 104 -85.58 -41.59 -28.62
N GLY EB 105 -84.55 -41.21 -27.90
CA GLY EB 105 -84.71 -40.36 -26.74
C GLY EB 105 -83.36 -40.03 -26.15
N THR EB 106 -83.39 -39.42 -24.97
CA THR EB 106 -82.16 -39.12 -24.26
C THR EB 106 -82.38 -39.26 -22.76
N GLY EB 107 -81.44 -39.92 -22.09
CA GLY EB 107 -81.49 -40.10 -20.66
C GLY EB 107 -80.45 -39.28 -19.93
N VAL EB 108 -80.55 -39.30 -18.60
CA VAL EB 108 -79.70 -38.48 -17.73
C VAL EB 108 -79.44 -39.24 -16.44
N MET EB 109 -78.21 -39.11 -15.95
CA MET EB 109 -77.85 -39.62 -14.63
C MET EB 109 -77.14 -38.51 -13.88
N TRP EB 110 -77.63 -38.19 -12.69
CA TRP EB 110 -76.99 -37.19 -11.85
C TRP EB 110 -76.41 -37.81 -10.61
N LEU EB 111 -75.43 -37.14 -10.05
CA LEU EB 111 -74.90 -37.47 -8.73
C LEU EB 111 -75.12 -36.25 -7.85
N VAL EB 112 -76.03 -36.37 -6.89
CA VAL EB 112 -76.54 -35.22 -6.14
C VAL EB 112 -76.09 -35.33 -4.70
N TYR EB 113 -75.55 -34.24 -4.18
CA TYR EB 113 -75.10 -34.18 -2.79
C TYR EB 113 -76.08 -33.36 -1.97
N ASP EB 114 -76.27 -33.78 -0.72
CA ASP EB 114 -77.21 -33.16 0.19
C ASP EB 114 -76.49 -32.57 1.38
N THR EB 115 -77.13 -31.58 2.01
CA THR EB 115 -76.64 -31.06 3.27
C THR EB 115 -77.36 -31.71 4.44
N THR EB 116 -78.62 -31.36 4.65
CA THR EB 116 -79.42 -31.92 5.73
C THR EB 116 -80.60 -32.67 5.14
N PRO EB 117 -80.68 -33.98 5.28
CA PRO EB 117 -81.83 -34.71 4.74
C PRO EB 117 -83.04 -34.52 5.63
N GLY EB 118 -84.19 -34.48 5.00
CA GLY EB 118 -85.43 -34.49 5.75
C GLY EB 118 -85.67 -35.85 6.38
N GLY EB 119 -86.72 -35.91 7.19
CA GLY EB 119 -87.10 -37.19 7.77
C GLY EB 119 -87.69 -38.15 6.76
N GLN EB 120 -88.10 -37.66 5.60
CA GLN EB 120 -88.71 -38.46 4.56
C GLN EB 120 -87.82 -38.49 3.33
N ALA EB 121 -87.97 -39.56 2.55
CA ALA EB 121 -87.14 -39.71 1.36
C ALA EB 121 -87.56 -38.73 0.28
N PRO EB 122 -86.62 -38.05 -0.35
CA PRO EB 122 -87.00 -37.11 -1.41
C PRO EB 122 -87.44 -37.84 -2.66
N THR EB 123 -88.14 -37.12 -3.51
CA THR EB 123 -88.50 -37.61 -4.83
C THR EB 123 -88.11 -36.55 -5.85
N PRO EB 124 -87.78 -36.95 -7.07
CA PRO EB 124 -87.31 -35.96 -8.06
C PRO EB 124 -88.21 -34.77 -8.19
N GLN EB 125 -89.53 -34.99 -8.27
CA GLN EB 125 -90.44 -33.87 -8.43
C GLN EB 125 -90.23 -32.84 -7.33
N THR EB 126 -89.80 -33.29 -6.15
CA THR EB 126 -89.51 -32.36 -5.08
C THR EB 126 -88.13 -31.73 -5.25
N ILE EB 127 -87.17 -32.47 -5.78
CA ILE EB 127 -85.82 -31.92 -5.83
C ILE EB 127 -85.72 -30.89 -6.95
N PHE EB 128 -86.48 -31.07 -8.02
CA PHE EB 128 -86.44 -30.18 -9.16
C PHE EB 128 -87.83 -29.63 -9.39
N ALA EB 129 -87.95 -28.31 -9.39
CA ALA EB 129 -89.25 -27.72 -9.69
C ALA EB 129 -89.44 -27.74 -11.20
N TYR EB 130 -90.44 -28.47 -11.64
CA TYR EB 130 -90.68 -28.49 -13.08
C TYR EB 130 -92.17 -28.50 -13.35
N PRO EB 131 -92.62 -27.76 -14.36
CA PRO EB 131 -94.02 -27.86 -14.77
C PRO EB 131 -94.31 -29.22 -15.38
N ASP EB 132 -95.58 -29.58 -15.37
CA ASP EB 132 -95.98 -30.89 -15.88
C ASP EB 132 -95.63 -31.02 -17.36
N THR EB 133 -95.61 -29.91 -18.08
CA THR EB 133 -95.28 -29.95 -19.50
C THR EB 133 -93.90 -30.51 -19.74
N LEU EB 134 -92.90 -30.06 -19.00
CA LEU EB 134 -91.54 -30.48 -19.20
C LEU EB 134 -91.26 -31.90 -18.74
N LYS EB 135 -92.23 -32.56 -18.09
CA LYS EB 135 -91.99 -33.91 -17.58
C LYS EB 135 -91.49 -34.84 -18.67
N ALA EB 136 -91.88 -34.58 -19.92
CA ALA EB 136 -91.40 -35.39 -21.02
C ALA EB 136 -89.88 -35.35 -21.12
N TRP EB 137 -89.31 -34.16 -21.23
CA TRP EB 137 -87.89 -34.13 -21.52
C TRP EB 137 -87.14 -33.76 -20.27
N PRO EB 138 -86.50 -34.71 -19.61
CA PRO EB 138 -85.82 -34.38 -18.36
C PRO EB 138 -84.59 -33.54 -18.58
N ALA EB 139 -83.88 -33.77 -19.67
CA ALA EB 139 -82.53 -33.24 -19.80
C ALA EB 139 -82.47 -31.73 -19.66
N THR EB 140 -83.61 -31.06 -19.73
CA THR EB 140 -83.66 -29.63 -19.51
C THR EB 140 -83.80 -29.27 -18.05
N TRP EB 141 -84.15 -30.22 -17.19
CA TRP EB 141 -84.33 -29.89 -15.78
C TRP EB 141 -83.06 -29.27 -15.22
N LYS EB 142 -83.24 -28.35 -14.29
CA LYS EB 142 -82.13 -27.83 -13.52
C LYS EB 142 -82.60 -27.58 -12.10
N VAL EB 143 -81.62 -27.44 -11.20
CA VAL EB 143 -81.93 -27.36 -9.78
C VAL EB 143 -82.82 -26.15 -9.50
N SER EB 144 -83.83 -26.36 -8.67
CA SER EB 144 -84.76 -25.29 -8.35
C SER EB 144 -84.10 -24.25 -7.45
N ARG EB 145 -84.58 -23.02 -7.53
CA ARG EB 145 -83.91 -21.93 -6.82
C ARG EB 145 -84.25 -21.89 -5.34
N GLU EB 146 -85.45 -22.35 -4.97
CA GLU EB 146 -85.85 -22.29 -3.57
C GLU EB 146 -84.87 -23.04 -2.69
N LEU EB 147 -84.39 -24.17 -3.16
CA LEU EB 147 -83.49 -25.01 -2.39
C LEU EB 147 -82.03 -24.73 -2.70
N CYS EB 148 -81.75 -23.67 -3.45
CA CYS EB 148 -80.47 -23.43 -4.11
C CYS EB 148 -79.28 -23.74 -3.21
N HIS EB 149 -79.37 -23.40 -1.94
CA HIS EB 149 -78.27 -23.70 -1.05
C HIS EB 149 -78.43 -25.02 -0.32
N ARG EB 150 -79.59 -25.68 -0.43
CA ARG EB 150 -79.75 -26.94 0.26
C ARG EB 150 -79.15 -28.11 -0.51
N PHE EB 151 -79.11 -28.02 -1.83
CA PHE EB 151 -78.62 -29.12 -2.66
C PHE EB 151 -77.56 -28.62 -3.63
N VAL EB 152 -76.83 -29.57 -4.21
CA VAL EB 152 -75.86 -29.27 -5.24
C VAL EB 152 -75.61 -30.54 -6.02
N VAL EB 153 -75.08 -30.41 -7.24
CA VAL EB 153 -74.82 -31.54 -8.10
C VAL EB 153 -73.35 -31.51 -8.49
N LYS EB 154 -72.61 -32.51 -8.06
CA LYS EB 154 -71.18 -32.50 -8.29
C LYS EB 154 -70.76 -33.23 -9.56
N ARG EB 155 -71.67 -33.97 -10.19
CA ARG EB 155 -71.36 -34.64 -11.44
C ARG EB 155 -72.60 -34.72 -12.30
N ARG EB 156 -72.38 -34.98 -13.58
CA ARG EB 156 -73.47 -35.11 -14.54
C ARG EB 156 -73.03 -36.06 -15.64
N TRP EB 157 -73.98 -36.80 -16.20
CA TRP EB 157 -73.66 -37.63 -17.34
C TRP EB 157 -74.85 -37.72 -18.28
N LEU EB 158 -74.55 -37.99 -19.54
CA LEU EB 158 -75.56 -38.16 -20.57
C LEU EB 158 -75.42 -39.51 -21.24
N PHE EB 159 -76.53 -39.98 -21.79
CA PHE EB 159 -76.52 -41.17 -22.60
C PHE EB 159 -77.78 -41.14 -23.45
N ASN EB 160 -77.78 -41.93 -24.51
CA ASN EB 160 -78.93 -41.97 -25.39
C ASN EB 160 -79.14 -43.39 -25.88
N MET EB 161 -80.39 -43.70 -26.18
CA MET EB 161 -80.77 -45.03 -26.61
C MET EB 161 -82.04 -44.93 -27.42
N GLU EB 162 -82.34 -46.00 -28.16
CA GLU EB 162 -83.49 -45.98 -29.04
C GLU EB 162 -83.95 -47.40 -29.27
N THR EB 163 -85.19 -47.52 -29.73
CA THR EB 163 -85.77 -48.81 -30.04
C THR EB 163 -86.49 -48.74 -31.38
N ASP EB 164 -86.44 -49.85 -32.10
CA ASP EB 164 -87.03 -49.94 -33.42
C ASP EB 164 -88.43 -50.56 -33.40
N GLY EB 165 -88.92 -50.95 -32.23
CA GLY EB 165 -90.18 -51.64 -32.16
C GLY EB 165 -90.11 -53.13 -32.38
N ARG EB 166 -89.02 -53.78 -32.01
CA ARG EB 166 -88.89 -55.21 -32.20
C ARG EB 166 -88.21 -55.83 -30.98
N ILE EB 167 -88.82 -56.86 -30.43
CA ILE EB 167 -88.25 -57.54 -29.28
C ILE EB 167 -87.15 -58.48 -29.76
N GLY EB 168 -86.18 -58.75 -28.90
CA GLY EB 168 -85.02 -59.54 -29.31
C GLY EB 168 -85.38 -60.94 -29.77
N SER EB 169 -86.25 -61.63 -29.02
CA SER EB 169 -86.51 -63.02 -29.29
C SER EB 169 -87.22 -63.26 -30.63
N ASP EB 170 -87.62 -62.20 -31.32
CA ASP EB 170 -88.37 -62.35 -32.55
C ASP EB 170 -87.46 -62.76 -33.70
N ILE EB 171 -87.89 -63.76 -34.46
CA ILE EB 171 -87.11 -64.28 -35.58
C ILE EB 171 -87.37 -63.43 -36.83
N PRO EB 172 -86.34 -62.89 -37.46
CA PRO EB 172 -86.53 -62.20 -38.72
C PRO EB 172 -87.09 -63.15 -39.77
N PRO EB 173 -87.96 -62.67 -40.63
CA PRO EB 173 -88.37 -63.47 -41.79
C PRO EB 173 -87.22 -63.61 -42.77
N SER EB 174 -87.25 -64.72 -43.50
CA SER EB 174 -86.14 -65.06 -44.38
C SER EB 174 -85.98 -64.07 -45.54
N ASN EB 175 -86.93 -63.16 -45.74
CA ASN EB 175 -86.83 -62.25 -46.88
C ASN EB 175 -85.86 -61.11 -46.63
N ALA EB 176 -85.97 -60.43 -45.50
CA ALA EB 176 -85.24 -59.18 -45.28
C ALA EB 176 -84.73 -59.16 -43.86
N SER EB 177 -83.87 -58.17 -43.57
CA SER EB 177 -83.19 -58.10 -42.28
C SER EB 177 -83.23 -56.72 -41.64
N TRP EB 178 -82.51 -56.56 -40.53
CA TRP EB 178 -82.44 -55.29 -39.84
C TRP EB 178 -81.04 -55.07 -39.29
N LYS EB 179 -80.66 -53.80 -39.16
CA LYS EB 179 -79.48 -53.43 -38.39
C LYS EB 179 -79.98 -52.71 -37.15
N PRO EB 180 -80.04 -53.36 -36.00
CA PRO EB 180 -80.50 -52.67 -34.80
C PRO EB 180 -79.37 -52.16 -33.93
N CYS EB 181 -78.53 -51.28 -34.46
CA CYS EB 181 -77.44 -50.73 -33.66
C CYS EB 181 -77.99 -50.01 -32.44
N LYS EB 182 -77.31 -50.20 -31.32
CA LYS EB 182 -77.63 -49.49 -30.08
C LYS EB 182 -79.07 -49.74 -29.63
N ARG EB 183 -79.45 -51.03 -29.57
CA ARG EB 183 -80.63 -51.35 -28.78
C ARG EB 183 -80.31 -51.33 -27.30
N ASN EB 184 -79.19 -51.89 -26.91
CA ASN EB 184 -78.72 -51.86 -25.54
C ASN EB 184 -77.33 -51.25 -25.51
N ILE EB 185 -76.90 -50.84 -24.32
CA ILE EB 185 -75.72 -50.02 -24.18
C ILE EB 185 -74.95 -50.40 -22.93
N TYR EB 186 -73.65 -50.19 -22.97
CA TYR EB 186 -72.75 -50.48 -21.86
C TYR EB 186 -72.21 -49.18 -21.33
N PHE EB 187 -72.54 -48.86 -20.09
CA PHE EB 187 -72.23 -47.56 -19.51
C PHE EB 187 -71.33 -47.72 -18.30
N HIS EB 188 -70.25 -46.96 -18.27
CA HIS EB 188 -69.34 -46.99 -17.13
C HIS EB 188 -68.62 -45.67 -17.02
N LYS EB 189 -68.31 -45.27 -15.79
CA LYS EB 189 -67.54 -44.07 -15.53
C LYS EB 189 -66.69 -44.30 -14.29
N PHE EB 190 -65.60 -43.56 -14.21
CA PHE EB 190 -64.68 -43.65 -13.09
C PHE EB 190 -64.20 -42.25 -12.77
N THR EB 191 -64.32 -41.83 -11.53
CA THR EB 191 -63.94 -40.46 -11.17
C THR EB 191 -63.35 -40.39 -9.77
N SER EB 192 -62.23 -39.69 -9.64
CA SER EB 192 -61.57 -39.49 -8.36
C SER EB 192 -61.83 -38.13 -7.75
N GLY EB 193 -62.56 -37.25 -8.44
CA GLY EB 193 -62.52 -35.84 -8.09
C GLY EB 193 -63.20 -35.55 -6.77
N LEU EB 194 -64.40 -36.08 -6.57
CA LEU EB 194 -65.26 -35.60 -5.50
C LEU EB 194 -64.68 -35.93 -4.14
N GLY EB 195 -65.18 -35.23 -3.14
CA GLY EB 195 -65.00 -35.63 -1.76
C GLY EB 195 -66.17 -35.15 -0.95
N VAL EB 196 -66.48 -35.87 0.12
CA VAL EB 196 -67.70 -35.64 0.89
C VAL EB 196 -67.41 -35.88 2.36
N ARG EB 197 -67.99 -35.05 3.21
CA ARG EB 197 -67.83 -35.16 4.65
C ARG EB 197 -69.17 -35.53 5.26
N THR EB 198 -69.19 -36.61 6.03
CA THR EB 198 -70.44 -37.13 6.58
C THR EB 198 -70.27 -37.43 8.06
N GLN EB 199 -71.32 -37.18 8.83
CA GLN EB 199 -71.37 -37.54 10.24
C GLN EB 199 -72.67 -38.27 10.51
N TRP EB 200 -72.70 -38.98 11.63
CA TRP EB 200 -73.77 -39.94 11.89
C TRP EB 200 -74.35 -39.73 13.28
N LYS EB 201 -75.65 -39.95 13.38
CA LYS EB 201 -76.25 -40.19 14.68
C LYS EB 201 -75.76 -41.52 15.22
N ASN EB 202 -75.90 -41.73 16.52
CA ASN EB 202 -75.36 -42.92 17.13
C ASN EB 202 -76.43 -44.00 17.13
N VAL EB 203 -76.27 -44.97 16.25
CA VAL EB 203 -77.10 -46.18 16.16
C VAL EB 203 -76.26 -47.23 15.44
N THR EB 204 -76.83 -48.43 15.30
CA THR EB 204 -76.16 -49.45 14.50
C THR EB 204 -76.47 -49.27 13.02
N ASP EB 205 -77.68 -48.85 12.70
CA ASP EB 205 -78.24 -49.04 11.38
C ASP EB 205 -77.50 -48.21 10.34
N GLY EB 206 -77.64 -48.64 9.08
CA GLY EB 206 -77.13 -47.90 7.94
C GLY EB 206 -78.18 -47.22 7.09
N GLY EB 207 -79.43 -47.15 7.55
CA GLY EB 207 -80.48 -46.54 6.78
C GLY EB 207 -80.32 -45.04 6.70
N VAL EB 208 -81.28 -44.42 6.01
CA VAL EB 208 -81.22 -42.97 5.81
C VAL EB 208 -81.47 -42.23 7.11
N GLY EB 209 -82.38 -42.72 7.96
CA GLY EB 209 -82.72 -42.00 9.16
C GLY EB 209 -81.56 -41.75 10.10
N ALA EB 210 -80.46 -42.47 9.92
CA ALA EB 210 -79.34 -42.33 10.84
C ALA EB 210 -78.49 -41.10 10.54
N ILE EB 211 -78.40 -40.69 9.29
CA ILE EB 211 -77.40 -39.71 8.89
C ILE EB 211 -77.79 -38.34 9.43
N GLN EB 212 -76.84 -37.66 10.06
CA GLN EB 212 -77.06 -36.30 10.50
C GLN EB 212 -76.83 -35.30 9.37
N ARG EB 213 -75.77 -35.49 8.60
CA ARG EB 213 -75.44 -34.52 7.56
C ARG EB 213 -74.62 -35.21 6.48
N GLY EB 214 -74.70 -34.70 5.25
CA GLY EB 214 -73.87 -35.18 4.17
C GLY EB 214 -74.37 -36.37 3.36
N ALA EB 215 -75.69 -36.51 3.20
CA ALA EB 215 -76.21 -37.61 2.42
C ALA EB 215 -75.82 -37.46 0.95
N LEU EB 216 -75.89 -38.58 0.24
CA LEU EB 216 -75.47 -38.64 -1.16
C LEU EB 216 -76.49 -39.43 -1.96
N TYR EB 217 -77.09 -38.79 -2.96
CA TYR EB 217 -78.16 -39.41 -3.74
C TYR EB 217 -77.72 -39.68 -5.16
N MET EB 218 -78.34 -40.70 -5.76
CA MET EB 218 -78.19 -41.00 -7.17
C MET EB 218 -79.57 -41.00 -7.82
N VAL EB 219 -79.65 -40.45 -9.02
CA VAL EB 219 -80.92 -40.26 -9.69
C VAL EB 219 -80.80 -40.68 -11.15
N ILE EB 220 -81.82 -41.34 -11.66
CA ILE EB 220 -81.87 -41.79 -13.05
C ILE EB 220 -83.07 -41.16 -13.72
N ALA EB 221 -82.85 -40.57 -14.89
CA ALA EB 221 -83.91 -39.90 -15.63
C ALA EB 221 -84.13 -40.59 -16.96
N PRO EB 222 -85.28 -41.18 -17.21
CA PRO EB 222 -85.51 -41.87 -18.48
C PRO EB 222 -85.74 -40.89 -19.60
N GLY EB 223 -85.60 -41.39 -20.82
CA GLY EB 223 -85.97 -40.63 -22.00
C GLY EB 223 -87.47 -40.51 -22.14
N ASN EB 224 -87.89 -39.64 -23.06
CA ASN EB 224 -89.31 -39.40 -23.26
C ASN EB 224 -90.05 -40.69 -23.58
N GLY EB 225 -91.09 -40.97 -22.81
CA GLY EB 225 -91.94 -42.10 -23.05
C GLY EB 225 -91.19 -43.40 -23.27
N LEU EB 226 -90.06 -43.55 -22.60
CA LEU EB 226 -89.19 -44.70 -22.79
C LEU EB 226 -88.80 -45.25 -21.42
N THR EB 227 -89.24 -46.47 -21.13
CA THR EB 227 -89.02 -47.09 -19.84
C THR EB 227 -88.09 -48.29 -19.99
N PHE EB 228 -87.24 -48.50 -18.99
CA PHE EB 228 -86.26 -49.56 -19.09
C PHE EB 228 -85.82 -49.97 -17.69
N THR EB 229 -85.15 -51.12 -17.63
CA THR EB 229 -84.51 -51.59 -16.41
C THR EB 229 -83.02 -51.73 -16.67
N ALA EB 230 -82.25 -51.78 -15.58
CA ALA EB 230 -80.80 -51.79 -15.67
C ALA EB 230 -80.23 -52.87 -14.77
N HIS EB 231 -79.04 -53.36 -15.14
CA HIS EB 231 -78.31 -54.33 -14.36
C HIS EB 231 -76.91 -53.81 -14.15
N GLY EB 232 -76.28 -54.24 -13.07
CA GLY EB 232 -74.90 -53.89 -12.81
C GLY EB 232 -74.62 -53.79 -11.33
N GLN EB 233 -73.44 -53.26 -11.01
CA GLN EB 233 -73.01 -53.11 -9.64
C GLN EB 233 -71.99 -51.98 -9.58
N THR EB 234 -71.76 -51.47 -8.37
CA THR EB 234 -70.89 -50.33 -8.18
C THR EB 234 -70.01 -50.56 -6.96
N ARG EB 235 -68.95 -49.77 -6.87
CA ARG EB 235 -68.07 -49.81 -5.72
C ARG EB 235 -67.87 -48.41 -5.16
N LEU EB 236 -67.40 -48.37 -3.92
CA LEU EB 236 -67.08 -47.11 -3.25
C LEU EB 236 -65.72 -47.23 -2.59
N TYR EB 237 -65.20 -46.08 -2.17
CA TYR EB 237 -63.91 -46.02 -1.51
C TYR EB 237 -63.99 -44.96 -0.41
N PHE EB 238 -63.53 -45.30 0.78
CA PHE EB 238 -63.60 -44.35 1.89
C PHE EB 238 -62.71 -44.85 3.03
N LYS EB 239 -62.64 -44.03 4.08
CA LYS EB 239 -61.99 -44.44 5.32
C LYS EB 239 -62.61 -43.68 6.47
N SER EB 240 -62.70 -44.34 7.62
CA SER EB 240 -63.18 -43.68 8.82
C SER EB 240 -62.09 -42.77 9.37
N VAL EB 241 -62.50 -41.81 10.20
CA VAL EB 241 -61.57 -40.90 10.85
C VAL EB 241 -62.28 -40.30 12.06
N GLY EB 242 -61.49 -39.77 12.99
CA GLY EB 242 -62.01 -39.05 14.12
C GLY EB 242 -61.95 -39.86 15.40
N ASN EB 243 -62.36 -39.21 16.49
CA ASN EB 243 -62.40 -39.81 17.81
C ASN EB 243 -61.05 -40.41 18.18
N ALA FB 31 31.23 -44.72 -34.16
CA ALA FB 31 31.57 -45.60 -35.27
C ALA FB 31 33.08 -45.72 -35.44
N GLY FB 32 33.70 -46.54 -34.60
CA GLY FB 32 35.13 -46.72 -34.64
C GLY FB 32 35.65 -47.11 -33.27
N SER FB 33 36.97 -47.28 -33.19
CA SER FB 33 37.58 -47.60 -31.90
C SER FB 33 38.81 -46.74 -31.62
N LYS FB 34 38.71 -45.88 -30.62
CA LYS FB 34 39.83 -45.05 -30.15
C LYS FB 34 40.57 -44.40 -31.32
N ALA FB 35 39.81 -43.94 -32.29
CA ALA FB 35 40.40 -43.27 -33.44
C ALA FB 35 41.06 -41.97 -33.00
N ASP FB 36 42.14 -41.62 -33.70
CA ASP FB 36 42.93 -40.44 -33.38
C ASP FB 36 43.32 -39.72 -34.67
N ARG FB 37 43.26 -38.40 -34.61
CA ARG FB 37 43.44 -37.57 -35.80
C ARG FB 37 44.70 -37.89 -36.59
N PRO FB 38 45.88 -38.01 -36.00
CA PRO FB 38 47.04 -38.44 -36.78
C PRO FB 38 46.88 -39.87 -37.26
N SER FB 39 47.58 -40.19 -38.34
CA SER FB 39 47.47 -41.50 -38.95
C SER FB 39 48.03 -42.58 -38.03
N LEU FB 40 47.65 -43.81 -38.32
CA LEU FB 40 48.06 -44.96 -37.53
C LEU FB 40 48.97 -45.87 -38.34
N GLN FB 41 49.87 -46.55 -37.65
CA GLN FB 41 50.86 -47.35 -38.33
C GLN FB 41 50.21 -48.54 -39.03
N ILE FB 42 50.94 -49.12 -39.98
CA ILE FB 42 50.44 -50.19 -40.81
C ILE FB 42 51.46 -51.32 -40.88
N GLN FB 43 50.97 -52.55 -40.78
CA GLN FB 43 51.79 -53.73 -40.97
C GLN FB 43 51.07 -54.70 -41.89
N THR FB 44 51.82 -55.40 -42.73
CA THR FB 44 51.26 -56.29 -43.71
C THR FB 44 51.88 -57.67 -43.60
N LEU FB 45 51.22 -58.64 -44.23
CA LEU FB 45 51.75 -59.99 -44.35
C LEU FB 45 51.58 -60.44 -45.79
N GLN FB 46 52.53 -61.25 -46.24
CA GLN FB 46 52.54 -61.71 -47.62
C GLN FB 46 52.48 -63.22 -47.63
N HIS FB 47 51.36 -63.77 -48.07
CA HIS FB 47 51.23 -65.22 -48.24
C HIS FB 47 50.91 -65.48 -49.70
N ALA FB 48 51.86 -66.07 -50.41
CA ALA FB 48 51.75 -66.30 -51.84
C ALA FB 48 53.01 -67.01 -52.29
N GLY FB 49 52.93 -67.60 -53.48
CA GLY FB 49 54.11 -68.21 -54.08
C GLY FB 49 54.72 -69.24 -53.16
N THR FB 50 55.98 -69.02 -52.81
CA THR FB 50 56.68 -69.93 -51.91
C THR FB 50 55.92 -70.09 -50.60
N THR FB 51 55.34 -69.02 -50.08
CA THR FB 51 54.62 -69.09 -48.82
C THR FB 51 53.13 -69.12 -49.15
N MET FB 52 52.54 -70.31 -49.01
CA MET FB 52 51.10 -70.48 -49.15
C MET FB 52 50.65 -71.31 -47.96
N ILE FB 53 49.79 -70.72 -47.13
CA ILE FB 53 49.25 -71.49 -46.02
C ILE FB 53 48.58 -72.73 -46.59
N THR FB 54 49.00 -73.89 -46.11
CA THR FB 54 48.50 -75.17 -46.59
C THR FB 54 48.06 -76.00 -45.40
N VAL FB 55 46.81 -76.43 -45.41
CA VAL FB 55 46.23 -77.01 -44.21
C VAL FB 55 45.84 -78.47 -44.43
N PRO FB 56 46.56 -79.40 -43.83
CA PRO FB 56 46.05 -80.77 -43.72
C PRO FB 56 44.97 -80.84 -42.65
N SER FB 57 44.23 -81.94 -42.68
CA SER FB 57 43.15 -82.14 -41.73
C SER FB 57 43.65 -81.96 -40.31
N GLY FB 58 42.91 -81.20 -39.51
CA GLY FB 58 43.32 -80.89 -38.16
C GLY FB 58 43.81 -79.47 -37.96
N GLY FB 59 43.81 -78.65 -39.00
CA GLY FB 59 44.10 -77.25 -38.84
C GLY FB 59 45.58 -76.97 -38.62
N VAL FB 60 45.88 -75.68 -38.53
CA VAL FB 60 47.25 -75.24 -38.29
C VAL FB 60 47.22 -73.98 -37.43
N CYS FB 61 48.18 -73.89 -36.53
CA CYS FB 61 48.31 -72.76 -35.62
C CYS FB 61 49.29 -71.76 -36.21
N ASP FB 62 49.05 -70.48 -35.97
CA ASP FB 62 49.93 -69.45 -36.46
C ASP FB 62 49.76 -68.19 -35.63
N LEU FB 63 50.76 -67.32 -35.70
CA LEU FB 63 50.73 -66.04 -35.01
C LEU FB 63 50.87 -64.91 -36.02
N ILE FB 64 49.91 -63.99 -36.01
CA ILE FB 64 49.91 -62.88 -36.95
C ILE FB 64 50.43 -61.59 -36.36
N ASN FB 65 50.79 -61.56 -35.09
CA ASN FB 65 51.04 -60.28 -34.44
C ASN FB 65 52.51 -59.87 -34.49
N THR FB 66 53.34 -60.63 -35.19
CA THR FB 66 54.78 -60.38 -35.21
C THR FB 66 55.11 -58.94 -35.59
N TYR FB 67 55.99 -58.33 -34.79
CA TYR FB 67 56.46 -56.97 -35.01
C TYR FB 67 57.95 -56.91 -34.73
N ALA FB 68 58.70 -56.29 -35.62
CA ALA FB 68 60.10 -56.01 -35.30
C ALA FB 68 60.18 -54.69 -34.54
N ARG FB 69 61.40 -54.34 -34.13
CA ARG FB 69 61.65 -53.06 -33.49
C ARG FB 69 62.83 -52.38 -34.18
N GLY FB 70 62.69 -51.11 -34.47
CA GLY FB 70 63.76 -50.38 -35.12
C GLY FB 70 63.26 -49.09 -35.71
N SER FB 71 64.01 -48.62 -36.71
CA SER FB 71 63.71 -47.35 -37.34
C SER FB 71 62.55 -47.47 -38.31
N ASP FB 72 62.47 -48.59 -39.04
CA ASP FB 72 61.55 -48.72 -40.14
C ASP FB 72 60.11 -48.56 -39.67
N GLU FB 73 59.30 -47.93 -40.51
CA GLU FB 73 57.89 -47.77 -40.21
C GLU FB 73 57.21 -49.13 -40.24
N GLY FB 74 56.28 -49.32 -39.32
CA GLY FB 74 55.59 -50.59 -39.18
C GLY FB 74 56.20 -51.43 -38.09
N ASN FB 75 57.47 -51.17 -37.77
CA ASN FB 75 58.06 -51.80 -36.61
C ASN FB 75 57.67 -51.03 -35.36
N ARG FB 76 57.66 -51.72 -34.24
CA ARG FB 76 57.25 -51.10 -32.99
C ARG FB 76 58.37 -50.28 -32.39
N HIS FB 77 58.04 -49.06 -31.98
CA HIS FB 77 59.04 -48.18 -31.38
C HIS FB 77 59.21 -48.39 -29.89
N THR FB 78 58.25 -49.05 -29.23
CA THR FB 78 58.28 -49.11 -27.78
C THR FB 78 58.17 -50.54 -27.28
N SER FB 79 58.00 -50.68 -25.97
CA SER FB 79 57.80 -52.00 -25.40
C SER FB 79 56.32 -52.31 -25.16
N GLU FB 80 55.43 -51.40 -25.53
CA GLU FB 80 54.01 -51.54 -25.26
C GLU FB 80 53.21 -51.21 -26.50
N THR FB 81 52.32 -52.12 -26.91
CA THR FB 81 51.60 -51.96 -28.16
C THR FB 81 50.13 -52.31 -27.97
N LEU FB 82 49.26 -51.49 -28.58
CA LEU FB 82 47.84 -51.77 -28.69
C LEU FB 82 47.49 -51.93 -30.16
N THR FB 83 46.61 -52.86 -30.47
CA THR FB 83 46.11 -53.01 -31.82
C THR FB 83 44.61 -52.74 -31.85
N TYR FB 84 44.13 -52.32 -33.02
CA TYR FB 84 42.72 -51.93 -33.10
C TYR FB 84 41.96 -52.65 -34.20
N LYS FB 85 42.19 -52.25 -35.44
CA LYS FB 85 41.37 -52.68 -36.54
C LYS FB 85 42.15 -53.65 -37.41
N ILE FB 86 41.46 -54.63 -37.97
CA ILE FB 86 42.08 -55.65 -38.81
C ILE FB 86 41.19 -55.95 -39.98
N ALA FB 87 41.79 -56.13 -41.15
CA ALA FB 87 41.07 -56.51 -42.35
C ALA FB 87 41.76 -57.70 -42.97
N ILE FB 88 40.97 -58.61 -43.52
CA ILE FB 88 41.50 -59.88 -44.01
C ILE FB 88 40.94 -60.11 -45.40
N ASP FB 89 41.82 -60.46 -46.33
CA ASP FB 89 41.45 -60.88 -47.67
C ASP FB 89 42.20 -62.16 -48.01
N TYR FB 90 41.53 -63.08 -48.68
CA TYR FB 90 42.21 -64.25 -49.19
C TYR FB 90 41.47 -64.81 -50.38
N HIS FB 91 42.17 -65.66 -51.12
CA HIS FB 91 41.55 -66.59 -52.03
C HIS FB 91 41.71 -68.00 -51.51
N PHE FB 92 40.70 -68.83 -51.74
CA PHE FB 92 40.76 -70.25 -51.46
C PHE FB 92 40.67 -71.03 -52.75
N VAL FB 93 41.25 -72.22 -52.75
CA VAL FB 93 41.05 -73.16 -53.85
C VAL FB 93 41.21 -74.58 -53.31
N ALA FB 94 40.39 -75.48 -53.83
CA ALA FB 94 40.53 -76.87 -53.43
C ALA FB 94 41.84 -77.44 -53.98
N ASP FB 95 42.31 -78.50 -53.33
CA ASP FB 95 43.50 -79.20 -53.78
C ASP FB 95 43.09 -80.43 -54.57
N ALA FB 96 43.79 -80.66 -55.68
CA ALA FB 96 43.52 -81.83 -56.50
C ALA FB 96 43.69 -83.11 -55.70
N ALA FB 97 44.59 -83.10 -54.70
CA ALA FB 97 44.83 -84.29 -53.90
C ALA FB 97 43.53 -84.84 -53.31
N ALA FB 98 42.62 -83.96 -52.90
CA ALA FB 98 41.33 -84.39 -52.37
C ALA FB 98 40.23 -84.39 -53.41
N CYS FB 99 40.52 -83.95 -54.64
CA CYS FB 99 39.47 -83.92 -55.65
C CYS FB 99 39.09 -85.30 -56.15
N ARG FB 100 39.81 -86.35 -55.76
CA ARG FB 100 39.46 -87.70 -56.19
C ARG FB 100 38.13 -88.16 -55.62
N TYR FB 101 37.52 -87.39 -54.72
CA TYR FB 101 36.23 -87.70 -54.15
C TYR FB 101 35.29 -86.53 -54.39
N SER FB 102 34.00 -86.77 -54.21
CA SER FB 102 33.01 -85.71 -54.39
C SER FB 102 32.14 -85.64 -53.14
N ASN FB 103 32.30 -84.56 -52.39
CA ASN FB 103 31.39 -84.23 -51.31
C ASN FB 103 31.57 -82.77 -50.97
N THR FB 104 30.59 -82.24 -50.26
CA THR FB 104 30.72 -80.89 -49.73
C THR FB 104 31.35 -80.96 -48.34
N GLY FB 105 31.33 -79.83 -47.65
CA GLY FB 105 31.83 -79.77 -46.30
C GLY FB 105 31.61 -78.39 -45.73
N THR FB 106 32.21 -78.15 -44.56
CA THR FB 106 32.15 -76.84 -43.95
C THR FB 106 33.46 -76.54 -43.24
N GLY FB 107 33.97 -75.33 -43.43
CA GLY FB 107 35.18 -74.89 -42.78
C GLY FB 107 34.93 -73.83 -41.72
N VAL FB 108 35.99 -73.49 -41.01
CA VAL FB 108 35.92 -72.58 -39.86
C VAL FB 108 37.21 -71.79 -39.79
N MET FB 109 37.07 -70.52 -39.44
CA MET FB 109 38.21 -69.66 -39.14
C MET FB 109 37.95 -68.97 -37.82
N TRP FB 110 38.88 -69.10 -36.87
CA TRP FB 110 38.76 -68.43 -35.60
C TRP FB 110 39.83 -67.37 -35.44
N LEU FB 111 39.55 -66.41 -34.59
CA LEU FB 111 40.53 -65.43 -34.15
C LEU FB 111 40.65 -65.59 -32.65
N VAL FB 112 41.79 -66.10 -32.19
CA VAL FB 112 41.95 -66.54 -30.80
C VAL FB 112 42.95 -65.64 -30.10
N TYR FB 113 42.58 -65.17 -28.92
CA TYR FB 113 43.45 -64.33 -28.11
C TYR FB 113 44.02 -65.13 -26.95
N ASP FB 114 45.26 -64.82 -26.60
CA ASP FB 114 45.99 -65.52 -25.56
C ASP FB 114 46.33 -64.58 -24.43
N THR FB 115 46.53 -65.16 -23.24
CA THR FB 115 47.04 -64.39 -22.11
C THR FB 115 48.55 -64.57 -21.99
N THR FB 116 48.99 -65.74 -21.55
CA THR FB 116 50.41 -66.03 -21.41
C THR FB 116 50.78 -67.18 -22.33
N PRO FB 117 51.60 -66.97 -23.34
CA PRO FB 117 52.00 -68.07 -24.21
C PRO FB 117 53.02 -68.95 -23.53
N GLY FB 118 52.95 -70.23 -23.82
CA GLY FB 118 53.99 -71.13 -23.38
C GLY FB 118 55.27 -70.90 -24.16
N GLY FB 119 56.31 -71.60 -23.72
CA GLY FB 119 57.56 -71.54 -24.46
C GLY FB 119 57.50 -72.22 -25.80
N GLN FB 120 56.51 -73.08 -26.03
CA GLN FB 120 56.36 -73.82 -27.26
C GLN FB 120 55.10 -73.39 -27.99
N ALA FB 121 55.12 -73.58 -29.30
CA ALA FB 121 53.98 -73.15 -30.11
C ALA FB 121 52.79 -74.08 -29.88
N PRO FB 122 51.60 -73.53 -29.69
CA PRO FB 122 50.43 -74.39 -29.49
C PRO FB 122 50.02 -75.07 -30.78
N THR FB 123 49.25 -76.12 -30.63
CA THR FB 123 48.62 -76.79 -31.76
C THR FB 123 47.14 -76.94 -31.46
N PRO FB 124 46.29 -76.96 -32.48
CA PRO FB 124 44.84 -77.02 -32.22
C PRO FB 124 44.45 -78.13 -31.28
N GLN FB 125 45.00 -79.33 -31.46
CA GLN FB 125 44.62 -80.44 -30.59
C GLN FB 125 44.84 -80.09 -29.13
N THR FB 126 45.83 -79.22 -28.87
CA THR FB 126 46.06 -78.78 -27.51
C THR FB 126 45.09 -77.68 -27.11
N ILE FB 127 44.71 -76.81 -28.04
CA ILE FB 127 43.88 -75.68 -27.65
C ILE FB 127 42.45 -76.13 -27.42
N PHE FB 128 42.01 -77.15 -28.13
CA PHE FB 128 40.65 -77.64 -28.03
C PHE FB 128 40.70 -79.11 -27.67
N ALA FB 129 40.05 -79.47 -26.57
CA ALA FB 129 39.99 -80.87 -26.22
C ALA FB 129 38.91 -81.55 -27.06
N TYR FB 130 39.32 -82.47 -27.89
CA TYR FB 130 38.33 -83.15 -28.69
C TYR FB 130 38.66 -84.62 -28.82
N PRO FB 131 37.67 -85.50 -28.75
CA PRO FB 131 37.93 -86.91 -29.03
C PRO FB 131 38.27 -87.12 -30.49
N ASP FB 132 38.94 -88.23 -30.76
CA ASP FB 132 39.37 -88.52 -32.12
C ASP FB 132 38.19 -88.65 -33.05
N THR FB 133 37.04 -89.07 -32.53
CA THR FB 133 35.86 -89.21 -33.36
C THR FB 133 35.45 -87.90 -33.99
N LEU FB 134 35.42 -86.81 -33.22
CA LEU FB 134 34.97 -85.53 -33.73
C LEU FB 134 35.97 -84.87 -34.66
N LYS FB 135 37.17 -85.44 -34.82
CA LYS FB 135 38.18 -84.80 -35.67
C LYS FB 135 37.64 -84.51 -37.06
N ALA FB 136 36.69 -85.32 -37.53
CA ALA FB 136 36.09 -85.08 -38.83
C ALA FB 136 35.44 -83.70 -38.89
N TRP FB 137 34.52 -83.43 -37.97
CA TRP FB 137 33.76 -82.21 -38.14
C TRP FB 137 34.25 -81.18 -37.16
N PRO FB 138 35.02 -80.20 -37.59
CA PRO FB 138 35.55 -79.23 -36.65
C PRO FB 138 34.50 -78.31 -36.09
N ALA FB 139 33.51 -77.96 -36.91
CA ALA FB 139 32.64 -76.84 -36.58
C ALA FB 139 31.93 -77.03 -35.25
N THR FB 140 31.94 -78.23 -34.70
CA THR FB 140 31.39 -78.47 -33.39
C THR FB 140 32.37 -78.20 -32.26
N TRP FB 141 33.66 -78.07 -32.57
CA TRP FB 141 34.63 -77.86 -31.52
C TRP FB 141 34.27 -76.61 -30.72
N LYS FB 142 34.57 -76.65 -29.44
CA LYS FB 142 34.48 -75.47 -28.60
C LYS FB 142 35.62 -75.49 -27.60
N VAL FB 143 35.87 -74.32 -27.01
CA VAL FB 143 37.03 -74.17 -26.14
C VAL FB 143 36.94 -75.13 -24.97
N SER FB 144 38.06 -75.77 -24.65
CA SER FB 144 38.09 -76.73 -23.56
C SER FB 144 38.01 -76.02 -22.22
N ARG FB 145 37.47 -76.72 -21.22
CA ARG FB 145 37.19 -76.07 -19.94
C ARG FB 145 38.44 -75.93 -19.07
N GLU FB 146 39.40 -76.83 -19.23
CA GLU FB 146 40.59 -76.77 -18.38
C GLU FB 146 41.30 -75.44 -18.55
N LEU FB 147 41.35 -74.93 -19.76
CA LEU FB 147 42.06 -73.69 -20.07
C LEU FB 147 41.14 -72.49 -20.03
N CYS FB 148 39.90 -72.66 -19.57
CA CYS FB 148 38.80 -71.74 -19.76
C CYS FB 148 39.21 -70.29 -19.56
N HIS FB 149 40.04 -70.02 -18.57
CA HIS FB 149 40.48 -68.66 -18.35
C HIS FB 149 41.78 -68.33 -19.05
N ARG FB 150 42.47 -69.32 -19.62
CA ARG FB 150 43.72 -69.01 -20.29
C ARG FB 150 43.51 -68.48 -21.69
N PHE FB 151 42.45 -68.88 -22.36
CA PHE FB 151 42.20 -68.49 -23.75
C PHE FB 151 40.81 -67.91 -23.89
N VAL FB 152 40.59 -67.24 -25.03
CA VAL FB 152 39.27 -66.72 -25.37
C VAL FB 152 39.25 -66.51 -26.87
N VAL FB 153 38.05 -66.43 -27.45
CA VAL FB 153 37.89 -66.26 -28.87
C VAL FB 153 37.03 -65.03 -29.10
N LYS FB 154 37.61 -64.01 -29.71
CA LYS FB 154 36.89 -62.75 -29.86
C LYS FB 154 36.16 -62.64 -31.18
N ARG FB 155 36.39 -63.55 -32.13
CA ARG FB 155 35.66 -63.53 -33.39
C ARG FB 155 35.51 -64.95 -33.90
N ARG FB 156 34.57 -65.10 -34.84
CA ARG FB 156 34.31 -66.39 -35.44
C ARG FB 156 33.80 -66.16 -36.85
N TRP FB 157 34.10 -67.09 -37.75
CA TRP FB 157 33.55 -67.00 -39.09
C TRP FB 157 33.31 -68.39 -39.66
N LEU FB 158 32.37 -68.47 -40.59
CA LEU FB 158 32.05 -69.71 -41.27
C LEU FB 158 32.18 -69.53 -42.77
N PHE FB 159 32.42 -70.65 -43.44
CA PHE FB 159 32.42 -70.69 -44.88
C PHE FB 159 32.21 -72.13 -45.29
N ASN FB 160 31.81 -72.33 -46.54
CA ASN FB 160 31.58 -73.67 -47.03
C ASN FB 160 32.03 -73.76 -48.48
N MET FB 161 32.42 -74.96 -48.87
CA MET FB 161 32.93 -75.19 -50.21
C MET FB 161 32.72 -76.66 -50.54
N GLU FB 162 32.82 -76.97 -51.83
CA GLU FB 162 32.55 -78.33 -52.27
C GLU FB 162 33.29 -78.58 -53.57
N THR FB 163 33.46 -79.85 -53.90
CA THR FB 163 34.11 -80.25 -55.13
C THR FB 163 33.31 -81.35 -55.80
N ASP FB 164 33.32 -81.33 -57.12
CA ASP FB 164 32.57 -82.30 -57.91
C ASP FB 164 33.43 -83.46 -58.38
N GLY FB 165 34.71 -83.47 -58.05
CA GLY FB 165 35.59 -84.50 -58.55
C GLY FB 165 36.17 -84.24 -59.92
N ARG FB 166 36.40 -82.97 -60.27
CA ARG FB 166 36.95 -82.64 -61.57
C ARG FB 166 37.96 -81.52 -61.43
N ILE FB 167 39.15 -81.71 -61.96
CA ILE FB 167 40.17 -80.68 -61.91
C ILE FB 167 39.89 -79.64 -62.99
N GLY FB 168 40.34 -78.41 -62.75
CA GLY FB 168 40.01 -77.34 -63.67
C GLY FB 168 40.52 -77.55 -65.07
N SER FB 169 41.77 -77.98 -65.21
CA SER FB 169 42.39 -78.07 -66.52
C SER FB 169 41.75 -79.09 -67.43
N ASP FB 170 40.81 -79.89 -66.93
CA ASP FB 170 40.22 -80.96 -67.72
C ASP FB 170 39.22 -80.41 -68.72
N ILE FB 171 39.32 -80.87 -69.97
CA ILE FB 171 38.44 -80.40 -71.04
C ILE FB 171 37.13 -81.20 -71.02
N PRO FB 172 35.98 -80.53 -70.94
CA PRO FB 172 34.72 -81.25 -71.06
C PRO FB 172 34.62 -81.92 -72.41
N PRO FB 173 34.03 -83.10 -72.48
CA PRO FB 173 33.72 -83.71 -73.77
C PRO FB 173 32.62 -82.93 -74.46
N SER FB 174 32.64 -82.97 -75.79
CA SER FB 174 31.72 -82.17 -76.59
C SER FB 174 30.26 -82.58 -76.42
N ASN FB 175 29.98 -83.68 -75.74
CA ASN FB 175 28.60 -84.13 -75.62
C ASN FB 175 27.83 -83.36 -74.56
N ALA FB 176 28.39 -83.23 -73.36
CA ALA FB 176 27.63 -82.70 -72.22
C ALA FB 176 28.52 -81.77 -71.42
N SER FB 177 27.91 -81.08 -70.46
CA SER FB 177 28.61 -80.05 -69.71
C SER FB 177 28.40 -80.13 -68.20
N TRP FB 178 28.90 -79.13 -67.47
CA TRP FB 178 28.74 -79.09 -66.04
C TRP FB 178 28.53 -77.66 -65.58
N LYS FB 179 27.83 -77.49 -64.46
CA LYS FB 179 27.80 -76.21 -63.76
C LYS FB 179 28.55 -76.43 -62.46
N PRO FB 180 29.79 -75.99 -62.36
CA PRO FB 180 30.53 -76.15 -61.11
C PRO FB 180 30.51 -74.92 -60.23
N CYS FB 181 29.33 -74.48 -59.82
CA CYS FB 181 29.26 -73.32 -58.94
C CYS FB 181 30.02 -73.57 -57.66
N LYS FB 182 30.73 -72.55 -57.20
CA LYS FB 182 31.43 -72.57 -55.92
C LYS FB 182 32.45 -73.71 -55.85
N ARG FB 183 33.30 -73.81 -56.87
CA ARG FB 183 34.51 -74.59 -56.67
C ARG FB 183 35.52 -73.84 -55.84
N ASN FB 184 35.70 -72.56 -56.12
CA ASN FB 184 36.55 -71.69 -55.34
C ASN FB 184 35.75 -70.50 -54.86
N ILE FB 185 36.29 -69.80 -53.86
CA ILE FB 185 35.53 -68.80 -53.13
C ILE FB 185 36.41 -67.63 -52.77
N TYR FB 186 35.79 -66.47 -52.65
CA TYR FB 186 36.46 -65.23 -52.31
C TYR FB 186 35.99 -64.79 -50.94
N PHE FB 187 36.90 -64.76 -49.98
CA PHE FB 187 36.54 -64.52 -48.59
C PHE FB 187 37.23 -63.28 -48.07
N HIS FB 188 36.46 -62.40 -47.44
CA HIS FB 188 37.01 -61.18 -46.87
C HIS FB 188 36.13 -60.73 -45.72
N LYS FB 189 36.76 -60.12 -44.72
CA LYS FB 189 36.04 -59.54 -43.60
C LYS FB 189 36.80 -58.32 -43.11
N PHE FB 190 36.07 -57.41 -42.48
CA PHE FB 190 36.64 -56.18 -41.96
C PHE FB 190 35.98 -55.89 -40.63
N THR FB 191 36.76 -55.70 -39.59
CA THR FB 191 36.17 -55.47 -38.27
C THR FB 191 37.00 -54.50 -37.45
N SER FB 192 36.32 -53.53 -36.83
CA SER FB 192 36.96 -52.56 -35.96
C SER FB 192 36.81 -52.86 -34.48
N GLY FB 193 36.08 -53.92 -34.12
CA GLY FB 193 35.61 -54.03 -32.74
C GLY FB 193 36.72 -54.29 -31.75
N LEU FB 194 37.59 -55.24 -32.06
CA LEU FB 194 38.48 -55.79 -31.04
C LEU FB 194 39.49 -54.75 -30.58
N GLY FB 195 40.08 -55.03 -29.43
CA GLY FB 195 41.28 -54.34 -29.00
C GLY FB 195 42.08 -55.26 -28.12
N VAL FB 196 43.39 -55.07 -28.12
CA VAL FB 196 44.31 -56.01 -27.47
C VAL FB 196 45.45 -55.22 -26.87
N ARG FB 197 45.89 -55.64 -25.69
CA ARG FB 197 46.99 -55.01 -24.98
C ARG FB 197 48.16 -55.99 -24.92
N THR FB 198 49.32 -55.56 -25.40
CA THR FB 198 50.47 -56.45 -25.49
C THR FB 198 51.70 -55.76 -24.92
N GLN FB 199 52.55 -56.54 -24.25
CA GLN FB 199 53.84 -56.07 -23.78
C GLN FB 199 54.91 -57.05 -24.20
N TRP FB 200 56.15 -56.59 -24.17
CA TRP FB 200 57.24 -57.32 -24.80
C TRP FB 200 58.42 -57.46 -23.84
N LYS FB 201 59.10 -58.60 -23.93
CA LYS FB 201 60.44 -58.68 -23.39
C LYS FB 201 61.37 -57.80 -24.22
N ASN FB 202 62.52 -57.49 -23.66
CA ASN FB 202 63.41 -56.56 -24.33
C ASN FB 202 64.38 -57.36 -25.20
N VAL FB 203 64.15 -57.32 -26.52
CA VAL FB 203 65.02 -57.88 -27.53
C VAL FB 203 64.71 -57.15 -28.83
N THR FB 204 65.44 -57.50 -29.89
CA THR FB 204 65.12 -56.95 -31.20
C THR FB 204 64.00 -57.73 -31.86
N ASP FB 205 63.98 -59.04 -31.66
CA ASP FB 205 63.26 -59.95 -32.54
C ASP FB 205 61.75 -59.75 -32.45
N GLY FB 206 61.07 -60.21 -33.49
CA GLY FB 206 59.62 -60.23 -33.52
C GLY FB 206 59.00 -61.61 -33.41
N GLY FB 207 59.78 -62.63 -33.06
CA GLY FB 207 59.25 -63.97 -32.95
C GLY FB 207 58.35 -64.12 -31.75
N VAL FB 208 57.84 -65.35 -31.60
CA VAL FB 208 56.91 -65.63 -30.51
C VAL FB 208 57.62 -65.59 -29.16
N GLY FB 209 58.86 -66.05 -29.07
CA GLY FB 209 59.54 -66.13 -27.80
C GLY FB 209 59.69 -64.80 -27.09
N ALA FB 210 59.53 -63.70 -27.82
CA ALA FB 210 59.75 -62.40 -27.23
C ALA FB 210 58.57 -61.93 -26.39
N ILE FB 211 57.36 -62.32 -26.76
CA ILE FB 211 56.17 -61.70 -26.18
C ILE FB 211 56.00 -62.14 -24.73
N GLN FB 212 55.78 -61.17 -23.85
CA GLN FB 212 55.49 -61.49 -22.46
C GLN FB 212 54.02 -61.84 -22.26
N ARG FB 213 53.13 -61.06 -22.87
CA ARG FB 213 51.70 -61.25 -22.65
C ARG FB 213 50.92 -60.71 -23.84
N GLY FB 214 49.75 -61.28 -24.09
CA GLY FB 214 48.87 -60.77 -25.13
C GLY FB 214 49.05 -61.28 -26.54
N ALA FB 215 49.49 -62.52 -26.71
CA ALA FB 215 49.66 -63.05 -28.05
C ALA FB 215 48.31 -63.19 -28.75
N LEU FB 216 48.37 -63.27 -30.07
CA LEU FB 216 47.18 -63.32 -30.91
C LEU FB 216 47.35 -64.37 -31.98
N TYR FB 217 46.47 -65.37 -32.00
CA TYR FB 217 46.59 -66.50 -32.91
C TYR FB 217 45.47 -66.50 -33.94
N MET FB 218 45.78 -67.07 -35.10
CA MET FB 218 44.79 -67.33 -36.14
C MET FB 218 44.80 -68.82 -36.46
N VAL FB 219 43.62 -69.38 -36.67
CA VAL FB 219 43.48 -70.82 -36.86
C VAL FB 219 42.53 -71.09 -38.01
N ILE FB 220 42.87 -72.08 -38.82
CA ILE FB 220 42.05 -72.48 -39.96
C ILE FB 220 41.65 -73.93 -39.79
N ALA FB 221 40.36 -74.21 -39.95
CA ALA FB 221 39.83 -75.56 -39.77
C ALA FB 221 39.24 -76.06 -41.08
N PRO FB 222 39.79 -77.10 -41.68
CA PRO FB 222 39.26 -77.59 -42.95
C PRO FB 222 37.96 -78.35 -42.74
N GLY FB 223 37.24 -78.51 -43.85
CA GLY FB 223 36.08 -79.37 -43.86
C GLY FB 223 36.46 -80.84 -43.80
N ASN FB 224 35.46 -81.68 -43.58
CA ASN FB 224 35.70 -83.11 -43.46
C ASN FB 224 36.40 -83.66 -44.68
N GLY FB 225 37.53 -84.33 -44.46
CA GLY FB 225 38.24 -85.00 -45.52
C GLY FB 225 38.49 -84.12 -46.73
N LEU FB 226 38.65 -82.82 -46.52
CA LEU FB 226 38.79 -81.86 -47.60
C LEU FB 226 39.99 -80.97 -47.31
N THR FB 227 41.01 -81.06 -48.15
CA THR FB 227 42.24 -80.32 -47.95
C THR FB 227 42.41 -79.28 -49.06
N PHE FB 228 42.97 -78.13 -48.70
CA PHE FB 228 43.10 -77.05 -49.67
C PHE FB 228 44.22 -76.13 -49.25
N THR FB 229 44.63 -75.27 -50.17
CA THR FB 229 45.57 -74.19 -49.92
C THR FB 229 44.90 -72.86 -50.21
N ALA FB 230 45.47 -71.79 -49.67
CA ALA FB 230 44.88 -70.48 -49.76
C ALA FB 230 45.92 -69.45 -50.17
N HIS FB 231 45.45 -68.38 -50.82
CA HIS FB 231 46.29 -67.27 -51.21
C HIS FB 231 45.66 -65.99 -50.70
N GLY FB 232 46.49 -64.99 -50.47
CA GLY FB 232 45.99 -63.69 -50.07
C GLY FB 232 46.97 -62.98 -49.17
N GLN FB 233 46.50 -61.88 -48.60
CA GLN FB 233 47.31 -61.06 -47.72
C GLN FB 233 46.40 -60.31 -46.76
N THR FB 234 46.98 -59.80 -45.68
CA THR FB 234 46.21 -59.14 -44.65
C THR FB 234 46.94 -57.89 -44.18
N ARG FB 235 46.21 -57.03 -43.50
CA ARG FB 235 46.78 -55.83 -42.91
C ARG FB 235 46.41 -55.73 -41.45
N LEU FB 236 47.16 -54.90 -40.73
CA LEU FB 236 46.91 -54.62 -39.32
C LEU FB 236 46.97 -53.13 -39.09
N TYR FB 237 46.50 -52.72 -37.91
CA TYR FB 237 46.50 -51.32 -37.52
C TYR FB 237 46.82 -51.24 -36.04
N PHE FB 238 47.74 -50.37 -35.67
CA PHE FB 238 48.12 -50.25 -34.27
C PHE FB 238 48.93 -48.98 -34.07
N LYS FB 239 49.28 -48.72 -32.81
CA LYS FB 239 50.21 -47.65 -32.48
C LYS FB 239 50.93 -48.00 -31.19
N SER FB 240 52.18 -47.59 -31.10
CA SER FB 240 52.93 -47.78 -29.88
C SER FB 240 52.49 -46.75 -28.83
N VAL FB 241 52.77 -47.05 -27.57
CA VAL FB 241 52.45 -46.14 -26.47
C VAL FB 241 53.32 -46.51 -25.29
N GLY FB 242 53.47 -45.59 -24.36
CA GLY FB 242 54.16 -45.85 -23.11
C GLY FB 242 55.54 -45.24 -23.08
N ASN FB 243 56.18 -45.39 -21.93
CA ASN FB 243 57.53 -44.89 -21.69
C ASN FB 243 57.64 -43.40 -22.02
N ALA GB 31 -14.36 26.38 -56.91
CA ALA GB 31 -14.87 26.51 -58.27
C ALA GB 31 -15.51 27.89 -58.50
N GLY GB 32 -14.66 28.87 -58.73
CA GLY GB 32 -15.13 30.23 -58.95
C GLY GB 32 -14.06 31.22 -58.52
N SER GB 33 -14.40 32.50 -58.64
CA SER GB 33 -13.47 33.54 -58.22
C SER GB 33 -14.16 34.62 -57.39
N LYS GB 34 -13.79 34.70 -56.10
CA LYS GB 34 -14.28 35.72 -55.18
C LYS GB 34 -15.79 35.92 -55.30
N ALA GB 35 -16.51 34.81 -55.44
CA ALA GB 35 -17.95 34.87 -55.53
C ALA GB 35 -18.55 35.38 -54.23
N ASP GB 36 -19.65 36.09 -54.35
CA ASP GB 36 -20.32 36.71 -53.22
C ASP GB 36 -21.82 36.53 -53.34
N ARG GB 37 -22.46 36.25 -52.20
CA ARG GB 37 -23.88 35.87 -52.18
C ARG GB 37 -24.78 36.86 -52.91
N PRO GB 38 -24.69 38.17 -52.72
CA PRO GB 38 -25.50 39.07 -53.54
C PRO GB 38 -25.06 39.04 -54.99
N SER GB 39 -25.98 39.40 -55.87
CA SER GB 39 -25.73 39.34 -57.29
C SER GB 39 -24.67 40.35 -57.69
N LEU GB 40 -24.09 40.14 -58.87
CA LEU GB 40 -23.03 40.99 -59.40
C LEU GB 40 -23.52 41.74 -60.63
N GLN GB 41 -22.97 42.92 -60.83
CA GLN GB 41 -23.44 43.78 -61.91
C GLN GB 41 -23.12 43.17 -63.27
N ILE GB 42 -23.81 43.66 -64.29
CA ILE GB 42 -23.71 43.12 -65.63
C ILE GB 42 -23.55 44.25 -66.62
N GLN GB 43 -22.65 44.06 -67.59
CA GLN GB 43 -22.48 44.98 -68.70
C GLN GB 43 -22.41 44.19 -69.99
N THR GB 44 -22.97 44.76 -71.06
CA THR GB 44 -23.05 44.08 -72.34
C THR GB 44 -22.47 44.95 -73.44
N LEU GB 45 -22.20 44.32 -74.58
CA LEU GB 45 -21.79 45.01 -75.77
C LEU GB 45 -22.59 44.49 -76.94
N GLN GB 46 -22.86 45.36 -77.90
CA GLN GB 46 -23.69 45.03 -79.04
C GLN GB 46 -22.87 45.25 -80.30
N HIS GB 47 -22.52 44.17 -80.98
CA HIS GB 47 -21.84 44.25 -82.27
C HIS GB 47 -22.71 43.55 -83.29
N ALA GB 48 -23.31 44.32 -84.19
CA ALA GB 48 -24.24 43.80 -85.17
C ALA GB 48 -24.68 44.95 -86.06
N GLY GB 49 -25.25 44.61 -87.20
CA GLY GB 49 -25.83 45.62 -88.06
C GLY GB 49 -24.81 46.67 -88.44
N THR GB 50 -25.13 47.92 -88.09
CA THR GB 50 -24.21 49.02 -88.35
C THR GB 50 -22.84 48.76 -87.75
N THR GB 51 -22.78 48.21 -86.56
CA THR GB 51 -21.51 47.94 -85.90
C THR GB 51 -21.20 46.47 -86.07
N MET GB 52 -20.26 46.18 -86.96
CA MET GB 52 -19.74 44.83 -87.15
C MET GB 52 -18.23 44.94 -87.17
N ILE GB 53 -17.58 44.31 -86.20
CA ILE GB 53 -16.13 44.30 -86.21
C ILE GB 53 -15.66 43.73 -87.54
N THR GB 54 -14.85 44.49 -88.25
CA THR GB 54 -14.37 44.10 -89.57
C THR GB 54 -12.86 44.22 -89.59
N VAL GB 55 -12.18 43.14 -89.92
CA VAL GB 55 -10.74 43.09 -89.72
C VAL GB 55 -10.00 42.93 -91.05
N PRO GB 56 -9.31 43.96 -91.50
CA PRO GB 56 -8.33 43.79 -92.56
C PRO GB 56 -7.07 43.14 -92.01
N SER GB 57 -6.25 42.64 -92.93
CA SER GB 57 -5.00 41.98 -92.54
C SER GB 57 -4.19 42.87 -91.61
N GLY GB 58 -3.71 42.29 -90.52
CA GLY GB 58 -2.98 43.05 -89.52
C GLY GB 58 -3.76 43.30 -88.25
N GLY GB 59 -4.98 42.82 -88.15
CA GLY GB 59 -5.70 42.89 -86.89
C GLY GB 59 -6.22 44.27 -86.57
N VAL GB 60 -6.94 44.35 -85.45
CA VAL GB 60 -7.50 45.61 -84.99
C VAL GB 60 -7.48 45.62 -83.47
N CYS GB 61 -7.19 46.79 -82.92
CA CYS GB 61 -7.13 46.99 -81.48
C CYS GB 61 -8.46 47.53 -81.00
N ASP GB 62 -8.86 47.14 -79.80
CA ASP GB 62 -10.10 47.61 -79.23
C ASP GB 62 -10.06 47.48 -77.71
N LEU GB 63 -10.93 48.23 -77.05
CA LEU GB 63 -11.07 48.19 -75.61
C LEU GB 63 -12.48 47.79 -75.23
N ILE GB 64 -12.61 46.72 -74.43
CA ILE GB 64 -13.92 46.22 -74.03
C ILE GB 64 -14.33 46.65 -72.64
N ASN GB 65 -13.49 47.39 -71.92
CA ASN GB 65 -13.76 47.59 -70.50
C ASN GB 65 -14.55 48.86 -70.23
N THR GB 66 -15.00 49.55 -71.27
CA THR GB 66 -15.68 50.83 -71.11
C THR GB 66 -16.84 50.75 -70.13
N TYR GB 67 -16.87 51.72 -69.20
CA TYR GB 67 -17.92 51.83 -68.20
C TYR GB 67 -18.29 53.29 -68.03
N ALA GB 68 -19.58 53.60 -68.03
CA ALA GB 68 -19.99 54.93 -67.66
C ALA GB 68 -20.13 55.01 -66.14
N ARG GB 69 -20.45 56.21 -65.65
CA ARG GB 69 -20.72 56.41 -64.23
C ARG GB 69 -22.04 57.16 -64.09
N GLY GB 70 -22.87 56.70 -63.18
CA GLY GB 70 -24.15 57.35 -62.97
C GLY GB 70 -25.10 56.46 -62.21
N SER GB 71 -26.38 56.75 -62.39
CA SER GB 71 -27.42 56.03 -61.67
C SER GB 71 -27.69 54.67 -62.29
N ASP GB 72 -27.62 54.57 -63.61
CA ASP GB 72 -28.06 53.38 -64.31
C ASP GB 72 -27.25 52.17 -63.88
N GLU GB 73 -27.93 51.03 -63.79
CA GLU GB 73 -27.26 49.79 -63.47
C GLU GB 73 -26.32 49.39 -64.60
N GLY GB 74 -25.16 48.86 -64.23
CA GLY GB 74 -24.15 48.50 -65.19
C GLY GB 74 -23.09 49.57 -65.30
N ASN GB 75 -23.45 50.80 -64.94
CA ASN GB 75 -22.46 51.84 -64.84
C ASN GB 75 -21.75 51.74 -63.49
N ARG GB 76 -20.52 52.22 -63.44
CA ARG GB 76 -19.73 52.12 -62.22
C ARG GB 76 -20.11 53.20 -61.24
N HIS GB 77 -20.32 52.81 -59.98
CA HIS GB 77 -20.68 53.75 -58.94
C HIS GB 77 -19.49 54.43 -58.30
N THR GB 78 -18.29 53.88 -58.45
CA THR GB 78 -17.15 54.37 -57.70
C THR GB 78 -15.98 54.69 -58.61
N SER GB 79 -14.84 55.00 -58.00
CA SER GB 79 -13.63 55.22 -58.78
C SER GB 79 -12.75 53.99 -58.87
N GLU GB 80 -13.18 52.88 -58.29
CA GLU GB 80 -12.37 51.66 -58.22
C GLU GB 80 -13.20 50.46 -58.61
N THR GB 81 -12.72 49.68 -59.57
CA THR GB 81 -13.49 48.57 -60.12
C THR GB 81 -12.62 47.33 -60.27
N LEU GB 82 -13.19 46.18 -59.90
CA LEU GB 82 -12.61 44.88 -60.16
C LEU GB 82 -13.53 44.11 -61.09
N THR GB 83 -12.95 43.37 -62.02
CA THR GB 83 -13.73 42.50 -62.89
C THR GB 83 -13.34 41.05 -62.63
N TYR GB 84 -14.27 40.14 -62.92
CA TYR GB 84 -14.02 38.74 -62.61
C TYR GB 84 -14.21 37.82 -63.80
N LYS GB 85 -15.46 37.56 -64.16
CA LYS GB 85 -15.78 36.52 -65.11
C LYS GB 85 -16.23 37.15 -66.41
N ILE GB 86 -15.88 36.51 -67.52
CA ILE GB 86 -16.22 37.02 -68.84
C ILE GB 86 -16.64 35.86 -69.74
N ALA GB 87 -17.66 36.08 -70.53
CA ALA GB 87 -18.13 35.09 -71.50
C ALA GB 87 -18.23 35.76 -72.86
N ILE GB 88 -17.88 35.02 -73.90
CA ILE GB 88 -17.79 35.57 -75.23
C ILE GB 88 -18.53 34.66 -76.19
N ASP GB 89 -19.39 35.25 -77.02
CA ASP GB 89 -20.06 34.56 -78.11
C ASP GB 89 -19.94 35.38 -79.36
N TYR GB 90 -19.72 34.71 -80.50
CA TYR GB 90 -19.74 35.40 -81.77
C TYR GB 90 -20.10 34.44 -82.88
N HIS GB 91 -20.48 35.01 -84.00
CA HIS GB 91 -20.47 34.30 -85.27
C HIS GB 91 -19.39 34.89 -86.16
N PHE GB 92 -18.76 34.02 -86.96
CA PHE GB 92 -17.82 34.44 -87.98
C PHE GB 92 -18.37 34.09 -89.35
N VAL GB 93 -17.96 34.84 -90.35
CA VAL GB 93 -18.24 34.48 -91.73
C VAL GB 93 -17.15 35.06 -92.61
N ALA GB 94 -16.76 34.31 -93.64
CA ALA GB 94 -15.78 34.82 -94.58
C ALA GB 94 -16.39 35.96 -95.38
N ASP GB 95 -15.51 36.81 -95.92
CA ASP GB 95 -15.94 37.89 -96.77
C ASP GB 95 -15.75 37.49 -98.23
N ALA GB 96 -16.74 37.83 -99.05
CA ALA GB 96 -16.65 37.54 -100.48
C ALA GB 96 -15.43 38.19 -101.11
N ALA GB 97 -15.01 39.33 -100.57
CA ALA GB 97 -13.85 40.03 -101.12
C ALA GB 97 -12.63 39.13 -101.21
N ALA GB 98 -12.45 38.24 -100.24
CA ALA GB 98 -11.34 37.30 -100.25
C ALA GB 98 -11.73 35.93 -100.81
N CYS GB 99 -13.01 35.73 -101.13
CA CYS GB 99 -13.42 34.43 -101.64
C CYS GB 99 -12.93 34.17 -103.07
N ARG GB 100 -12.35 35.16 -103.73
CA ARG GB 100 -11.85 34.95 -105.07
C ARG GB 100 -10.68 33.98 -105.12
N TYR GB 101 -10.16 33.57 -103.97
CA TYR GB 101 -9.09 32.61 -103.88
C TYR GB 101 -9.54 31.45 -103.01
N SER GB 102 -8.80 30.34 -103.07
CA SER GB 102 -9.12 29.17 -102.27
C SER GB 102 -7.88 28.75 -101.50
N ASN GB 103 -7.93 28.94 -100.19
CA ASN GB 103 -6.92 28.38 -99.29
C ASN GB 103 -7.50 28.37 -97.89
N THR GB 104 -6.87 27.60 -97.03
CA THR GB 104 -7.22 27.64 -95.63
C THR GB 104 -6.35 28.67 -94.92
N GLY GB 105 -6.40 28.68 -93.60
CA GLY GB 105 -5.57 29.56 -92.82
C GLY GB 105 -5.78 29.29 -91.35
N THR GB 106 -5.23 30.17 -90.52
CA THR GB 106 -5.43 30.07 -89.08
C THR GB 106 -5.51 31.45 -88.47
N GLY GB 107 -6.49 31.64 -87.58
CA GLY GB 107 -6.67 32.89 -86.89
C GLY GB 107 -6.30 32.80 -85.41
N VAL GB 108 -6.33 33.96 -84.77
CA VAL GB 108 -5.90 34.09 -83.37
C VAL GB 108 -6.74 35.16 -82.70
N MET GB 109 -7.08 34.91 -81.44
CA MET GB 109 -7.73 35.91 -80.59
C MET GB 109 -6.97 35.96 -79.28
N TRP GB 110 -6.52 37.15 -78.89
CA TRP GB 110 -5.85 37.32 -77.62
C TRP GB 110 -6.67 38.18 -76.68
N LEU GB 111 -6.42 38.00 -75.40
CA LEU GB 111 -6.95 38.87 -74.38
C LEU GB 111 -5.77 39.50 -73.67
N VAL GB 112 -5.56 40.80 -73.87
CA VAL GB 112 -4.33 41.47 -73.47
C VAL GB 112 -4.63 42.46 -72.36
N TYR GB 113 -3.83 42.41 -71.31
CA TYR GB 113 -3.97 43.31 -70.18
C TYR GB 113 -2.87 44.36 -70.21
N ASP GB 114 -3.23 45.58 -69.79
CA ASP GB 114 -2.32 46.72 -69.83
C ASP GB 114 -2.07 47.22 -68.41
N THR GB 115 -0.93 47.90 -68.25
CA THR GB 115 -0.66 48.59 -66.99
C THR GB 115 -1.03 50.05 -67.12
N THR GB 116 -0.24 50.82 -67.85
CA THR GB 116 -0.51 52.24 -68.05
C THR GB 116 -0.75 52.50 -69.52
N PRO GB 117 -1.94 52.91 -69.93
CA PRO GB 117 -2.18 53.20 -71.34
C PRO GB 117 -1.58 54.53 -71.72
N GLY GB 118 -1.10 54.61 -72.95
CA GLY GB 118 -0.68 55.88 -73.48
C GLY GB 118 -1.86 56.78 -73.75
N GLY GB 119 -1.55 58.03 -74.12
CA GLY GB 119 -2.60 58.94 -74.51
C GLY GB 119 -3.26 58.58 -75.82
N GLN GB 120 -2.62 57.73 -76.62
CA GLN GB 120 -3.13 57.35 -77.92
C GLN GB 120 -3.45 55.86 -77.94
N ALA GB 121 -4.36 55.48 -78.82
CA ALA GB 121 -4.79 54.10 -78.89
C ALA GB 121 -3.69 53.23 -79.50
N PRO GB 122 -3.38 52.09 -78.91
CA PRO GB 122 -2.34 51.23 -79.48
C PRO GB 122 -2.84 50.57 -80.75
N THR GB 123 -1.88 50.08 -81.53
CA THR GB 123 -2.16 49.28 -82.69
C THR GB 123 -1.30 48.01 -82.62
N PRO GB 124 -1.77 46.90 -83.18
CA PRO GB 124 -1.01 45.66 -83.05
C PRO GB 124 0.45 45.79 -83.44
N GLN GB 125 0.73 46.46 -84.55
CA GLN GB 125 2.11 46.59 -84.99
C GLN GB 125 2.96 47.21 -83.89
N THR GB 126 2.36 48.04 -83.05
CA THR GB 126 3.09 48.61 -81.93
C THR GB 126 3.17 47.64 -80.77
N ILE GB 127 2.14 46.82 -80.56
CA ILE GB 127 2.16 45.97 -79.37
C ILE GB 127 3.10 44.80 -79.58
N PHE GB 128 3.24 44.35 -80.83
CA PHE GB 128 4.09 43.20 -81.13
C PHE GB 128 5.12 43.65 -82.15
N ALA GB 129 6.38 43.45 -81.83
CA ALA GB 129 7.42 43.77 -82.80
C ALA GB 129 7.52 42.64 -83.80
N TYR GB 130 7.20 42.92 -85.05
CA TYR GB 130 7.32 41.86 -86.03
C TYR GB 130 7.87 42.41 -87.34
N PRO GB 131 8.74 41.67 -88.00
CA PRO GB 131 9.18 42.08 -89.34
C PRO GB 131 8.04 41.97 -90.32
N ASP GB 132 8.17 42.71 -91.42
CA ASP GB 132 7.11 42.73 -92.42
C ASP GB 132 6.88 41.36 -93.02
N THR GB 133 7.94 40.53 -93.06
CA THR GB 133 7.81 39.20 -93.59
C THR GB 133 6.79 38.37 -92.85
N LEU GB 134 6.83 38.39 -91.52
CA LEU GB 134 5.94 37.57 -90.72
C LEU GB 134 4.50 38.08 -90.70
N LYS GB 135 4.23 39.24 -91.30
CA LYS GB 135 2.88 39.79 -91.28
C LYS GB 135 1.86 38.80 -91.78
N ALA GB 136 2.26 37.91 -92.70
CA ALA GB 136 1.37 36.90 -93.19
C ALA GB 136 0.84 36.02 -92.07
N TRP GB 137 1.74 35.41 -91.31
CA TRP GB 137 1.26 34.42 -90.37
C TRP GB 137 1.29 35.00 -88.98
N PRO GB 138 0.16 35.39 -88.43
CA PRO GB 138 0.18 36.01 -87.11
C PRO GB 138 0.52 35.03 -86.02
N ALA GB 139 0.07 33.79 -86.14
CA ALA GB 139 0.06 32.88 -85.01
C ALA GB 139 1.44 32.69 -84.41
N THR GB 140 2.49 33.09 -85.11
CA THR GB 140 3.83 33.04 -84.56
C THR GB 140 4.19 34.26 -83.74
N TRP GB 141 3.40 35.34 -83.84
CA TRP GB 141 3.74 36.54 -83.10
C TRP GB 141 3.83 36.24 -81.61
N LYS GB 142 4.73 36.92 -80.94
CA LYS GB 142 4.78 36.89 -79.49
C LYS GB 142 5.15 38.27 -78.99
N VAL GB 143 4.90 38.49 -77.69
CA VAL GB 143 5.06 39.81 -77.11
C VAL GB 143 6.50 40.28 -77.27
N SER GB 144 6.66 41.54 -77.65
CA SER GB 144 7.99 42.10 -77.84
C SER GB 144 8.68 42.32 -76.50
N ARG GB 145 10.01 42.27 -76.51
CA ARG GB 145 10.76 42.30 -75.25
C ARG GB 145 10.89 43.71 -74.70
N GLU GB 146 10.89 44.72 -75.55
CA GLU GB 146 11.06 46.09 -75.06
C GLU GB 146 9.98 46.45 -74.06
N LEU GB 147 8.76 46.01 -74.31
CA LEU GB 147 7.62 46.33 -73.48
C LEU GB 147 7.35 45.26 -72.43
N CYS GB 148 8.26 44.30 -72.28
CA CYS GB 148 8.03 43.04 -71.59
C CYS GB 148 7.28 43.22 -70.29
N HIS GB 149 7.60 44.25 -69.54
CA HIS GB 149 6.89 44.49 -68.29
C HIS GB 149 5.70 45.42 -68.44
N ARG GB 150 5.52 46.05 -69.60
CA ARG GB 150 4.39 46.95 -69.74
C ARG GB 150 3.10 46.21 -70.08
N PHE GB 151 3.20 45.06 -70.75
CA PHE GB 151 2.02 44.33 -71.19
C PHE GB 151 2.11 42.88 -70.75
N VAL GB 152 0.98 42.18 -70.82
CA VAL GB 152 0.93 40.75 -70.54
C VAL GB 152 -0.33 40.21 -71.20
N VAL GB 153 -0.37 38.91 -71.42
CA VAL GB 153 -1.49 38.26 -72.08
C VAL GB 153 -2.00 37.17 -71.15
N LYS GB 154 -3.21 37.33 -70.65
CA LYS GB 154 -3.72 36.38 -69.67
C LYS GB 154 -4.53 35.25 -70.29
N ARG GB 155 -4.86 35.33 -71.57
CA ARG GB 155 -5.57 34.25 -72.24
C ARG GB 155 -5.16 34.19 -73.70
N ARG GB 156 -5.46 33.06 -74.33
CA ARG GB 156 -5.15 32.86 -75.73
C ARG GB 156 -6.17 31.90 -76.31
N TRP GB 157 -6.49 32.06 -77.59
CA TRP GB 157 -7.35 31.09 -78.24
C TRP GB 157 -6.97 30.95 -79.70
N LEU GB 158 -7.31 29.80 -80.26
CA LEU GB 158 -7.05 29.50 -81.66
C LEU GB 158 -8.35 29.12 -82.35
N PHE GB 159 -8.36 29.34 -83.66
CA PHE GB 159 -9.46 28.88 -84.49
C PHE GB 159 -8.93 28.82 -85.91
N ASN GB 160 -9.64 28.08 -86.75
CA ASN GB 160 -9.24 27.96 -88.15
C ASN GB 160 -10.46 27.93 -89.03
N MET GB 161 -10.29 28.39 -90.26
CA MET GB 161 -11.38 28.48 -91.21
C MET GB 161 -10.79 28.45 -92.61
N GLU GB 162 -11.65 28.19 -93.58
CA GLU GB 162 -11.19 28.05 -94.95
C GLU GB 162 -12.33 28.36 -95.89
N THR GB 163 -11.98 28.66 -97.14
CA THR GB 163 -12.96 28.93 -98.16
C THR GB 163 -12.59 28.19 -99.43
N ASP GB 164 -13.62 27.77 -100.15
CA ASP GB 164 -13.46 27.01 -101.37
C ASP GB 164 -13.51 27.86 -102.62
N GLY GB 165 -13.73 29.17 -102.48
CA GLY GB 165 -13.91 30.01 -103.63
C GLY GB 165 -15.31 30.07 -104.18
N ARG GB 166 -16.32 29.92 -103.34
CA ARG GB 166 -17.70 29.96 -103.80
C ARG GB 166 -18.55 30.73 -102.80
N ILE GB 167 -19.29 31.70 -103.30
CA ILE GB 167 -20.17 32.49 -102.44
C ILE GB 167 -21.44 31.68 -102.17
N GLY GB 168 -22.07 31.95 -101.03
CA GLY GB 168 -23.21 31.15 -100.61
C GLY GB 168 -24.37 31.20 -101.60
N SER GB 169 -24.71 32.41 -102.05
CA SER GB 169 -25.90 32.59 -102.87
C SER GB 169 -25.83 31.88 -104.21
N ASP GB 170 -24.68 31.32 -104.58
CA ASP GB 170 -24.51 30.72 -105.89
C ASP GB 170 -25.20 29.36 -105.96
N ILE GB 171 -25.95 29.14 -107.03
CA ILE GB 171 -26.68 27.89 -107.21
C ILE GB 171 -25.78 26.83 -107.84
N PRO GB 172 -25.65 25.67 -107.21
CA PRO GB 172 -24.90 24.60 -107.85
C PRO GB 172 -25.55 24.19 -109.15
N PRO GB 173 -24.75 23.84 -110.15
CA PRO GB 173 -25.32 23.25 -111.36
C PRO GB 173 -25.85 21.85 -111.07
N SER GB 174 -26.87 21.46 -111.85
CA SER GB 174 -27.55 20.21 -111.60
C SER GB 174 -26.67 18.98 -111.81
N ASN GB 175 -25.47 19.14 -112.34
CA ASN GB 175 -24.63 17.98 -112.62
C ASN GB 175 -23.93 17.46 -111.37
N ALA GB 176 -23.28 18.33 -110.60
CA ALA GB 176 -22.41 17.90 -109.53
C ALA GB 176 -22.60 18.81 -108.32
N SER GB 177 -22.00 18.42 -107.20
CA SER GB 177 -22.23 19.12 -105.94
C SER GB 177 -20.95 19.43 -105.17
N TRP GB 178 -21.10 19.93 -103.96
CA TRP GB 178 -19.95 20.24 -103.11
C TRP GB 178 -20.28 19.92 -101.66
N LYS GB 179 -19.25 19.61 -100.89
CA LYS GB 179 -19.35 19.56 -99.44
C LYS GB 179 -18.53 20.72 -98.90
N PRO GB 180 -19.14 21.82 -98.51
CA PRO GB 180 -18.36 22.94 -97.99
C PRO GB 180 -18.33 22.98 -96.47
N CYS GB 181 -17.80 21.93 -95.84
CA CYS GB 181 -17.72 21.92 -94.39
C CYS GB 181 -16.88 23.10 -93.90
N LYS GB 182 -17.33 23.71 -92.82
CA LYS GB 182 -16.59 24.77 -92.15
C LYS GB 182 -16.31 25.95 -93.08
N ARG GB 183 -17.36 26.44 -93.74
CA ARG GB 183 -17.24 27.76 -94.33
C ARG GB 183 -17.37 28.83 -93.25
N ASN GB 184 -18.33 28.67 -92.36
CA ASN GB 184 -18.50 29.56 -91.23
C ASN GB 184 -18.44 28.75 -89.94
N ILE GB 185 -18.25 29.44 -88.83
CA ILE GB 185 -17.92 28.77 -87.58
C ILE GB 185 -18.59 29.49 -86.41
N TYR GB 186 -18.88 28.74 -85.37
CA TYR GB 186 -19.52 29.23 -84.16
C TYR GB 186 -18.52 29.16 -83.03
N PHE GB 187 -18.13 30.31 -82.50
CA PHE GB 187 -17.05 30.38 -81.52
C PHE GB 187 -17.56 30.95 -80.21
N HIS GB 188 -17.26 30.27 -79.11
CA HIS GB 188 -17.64 30.74 -77.80
C HIS GB 188 -16.68 30.21 -76.75
N LYS GB 189 -16.46 31.01 -75.72
CA LYS GB 189 -15.64 30.58 -74.60
C LYS GB 189 -16.19 31.22 -73.33
N PHE GB 190 -15.90 30.58 -72.21
CA PHE GB 190 -16.36 31.04 -70.91
C PHE GB 190 -15.25 30.80 -69.92
N THR GB 191 -14.83 31.83 -69.18
CA THR GB 191 -13.73 31.66 -68.26
C THR GB 191 -13.90 32.51 -67.00
N SER GB 192 -13.68 31.90 -65.85
CA SER GB 192 -13.76 32.58 -64.57
C SER GB 192 -12.40 32.98 -63.99
N GLY GB 193 -11.31 32.62 -64.66
CA GLY GB 193 -10.03 32.64 -63.98
C GLY GB 193 -9.54 34.04 -63.67
N LEU GB 194 -9.59 34.93 -64.65
CA LEU GB 194 -8.86 36.17 -64.57
C LEU GB 194 -9.41 37.07 -63.48
N GLY GB 195 -8.61 38.04 -63.09
CA GLY GB 195 -9.07 39.17 -62.30
C GLY GB 195 -8.21 40.36 -62.60
N VAL GB 196 -8.80 41.55 -62.47
CA VAL GB 196 -8.15 42.77 -62.92
C VAL GB 196 -8.52 43.89 -61.96
N ARG GB 197 -7.56 44.74 -61.66
CA ARG GB 197 -7.75 45.89 -60.78
C ARG GB 197 -7.62 47.16 -61.59
N THR GB 198 -8.64 48.01 -61.54
CA THR GB 198 -8.67 49.22 -62.34
C THR GB 198 -9.05 50.42 -61.49
N GLN GB 199 -8.44 51.56 -61.79
CA GLN GB 199 -8.80 52.82 -61.16
C GLN GB 199 -9.00 53.86 -62.24
N TRP GB 200 -9.68 54.94 -61.87
CA TRP GB 200 -10.18 55.89 -62.85
C TRP GB 200 -9.82 57.31 -62.47
N LYS GB 201 -9.54 58.13 -63.48
CA LYS GB 201 -9.58 59.57 -63.29
C LYS GB 201 -11.00 60.00 -63.04
N ASN GB 202 -11.17 61.19 -62.49
CA ASN GB 202 -12.51 61.64 -62.12
C ASN GB 202 -13.11 62.40 -63.29
N VAL GB 203 -14.05 61.76 -63.98
CA VAL GB 203 -14.86 62.35 -65.04
C VAL GB 203 -16.13 61.51 -65.14
N THR GB 204 -17.03 61.91 -66.03
CA THR GB 204 -18.21 61.08 -66.29
C THR GB 204 -17.90 59.98 -67.29
N ASP GB 205 -17.05 60.27 -68.26
CA ASP GB 205 -16.98 59.49 -69.49
C ASP GB 205 -16.46 58.08 -69.23
N GLY GB 206 -16.77 57.20 -70.17
CA GLY GB 206 -16.25 55.85 -70.18
C GLY GB 206 -15.21 55.56 -71.24
N GLY GB 207 -14.69 56.59 -71.91
CA GLY GB 207 -13.72 56.38 -72.96
C GLY GB 207 -12.37 55.95 -72.39
N VAL GB 208 -11.43 55.76 -73.32
CA VAL GB 208 -10.11 55.30 -72.92
C VAL GB 208 -9.34 56.38 -72.16
N GLY GB 209 -9.50 57.65 -72.54
CA GLY GB 209 -8.72 58.71 -71.91
C GLY GB 209 -8.94 58.82 -70.42
N ALA GB 210 -10.01 58.23 -69.89
CA ALA GB 210 -10.32 58.38 -68.48
C ALA GB 210 -9.50 57.46 -67.60
N ILE GB 211 -9.12 56.29 -68.10
CA ILE GB 211 -8.56 55.26 -67.23
C ILE GB 211 -7.16 55.65 -66.80
N GLN GB 212 -6.90 55.56 -65.50
CA GLN GB 212 -5.55 55.79 -64.99
C GLN GB 212 -4.68 54.55 -65.12
N ARG GB 213 -5.23 53.38 -64.80
CA ARG GB 213 -4.43 52.16 -64.80
C ARG GB 213 -5.34 50.96 -64.99
N GLY GB 214 -4.81 49.89 -65.57
CA GLY GB 214 -5.54 48.64 -65.70
C GLY GB 214 -6.44 48.46 -66.91
N ALA GB 215 -6.07 49.04 -68.05
CA ALA GB 215 -6.88 48.87 -69.23
C ALA GB 215 -6.85 47.41 -69.70
N LEU GB 216 -7.85 47.06 -70.51
CA LEU GB 216 -8.02 45.69 -70.98
C LEU GB 216 -8.36 45.71 -72.46
N TYR GB 217 -7.52 45.07 -73.27
CA TYR GB 217 -7.68 45.09 -74.72
C TYR GB 217 -8.06 43.73 -75.26
N MET GB 218 -8.77 43.75 -76.39
CA MET GB 218 -9.08 42.55 -77.16
C MET GB 218 -8.54 42.73 -78.57
N VAL GB 219 -7.97 41.67 -79.13
CA VAL GB 219 -7.31 41.75 -80.42
C VAL GB 219 -7.71 40.55 -81.26
N ILE GB 220 -7.94 40.78 -82.55
CA ILE GB 220 -8.30 39.73 -83.49
C ILE GB 220 -7.25 39.69 -84.59
N ALA GB 221 -6.75 38.49 -84.89
CA ALA GB 221 -5.72 38.30 -85.89
C ALA GB 221 -6.24 37.43 -87.02
N PRO GB 222 -6.36 37.94 -88.23
CA PRO GB 222 -6.89 37.13 -89.33
C PRO GB 222 -5.86 36.13 -89.82
N GLY GB 223 -6.35 35.14 -90.55
CA GLY GB 223 -5.48 34.22 -91.24
C GLY GB 223 -4.81 34.86 -92.44
N ASN GB 224 -3.83 34.16 -92.99
CA ASN GB 224 -3.08 34.68 -94.11
C ASN GB 224 -3.99 35.05 -95.27
N GLY GB 225 -3.88 36.28 -95.73
CA GLY GB 225 -4.62 36.74 -96.89
C GLY GB 225 -6.09 36.40 -96.84
N LEU GB 226 -6.67 36.40 -95.65
CA LEU GB 226 -8.05 36.00 -95.45
C LEU GB 226 -8.74 37.04 -94.57
N THR GB 227 -9.72 37.73 -95.14
CA THR GB 227 -10.42 38.80 -94.45
C THR GB 227 -11.86 38.42 -94.20
N PHE GB 228 -12.40 38.84 -93.06
CA PHE GB 228 -13.74 38.44 -92.71
C PHE GB 228 -14.32 39.46 -91.73
N THR GB 229 -15.63 39.37 -91.54
CA THR GB 229 -16.34 40.12 -90.53
C THR GB 229 -17.02 39.16 -89.57
N ALA GB 230 -17.38 39.67 -88.39
CA ALA GB 230 -17.91 38.84 -87.33
C ALA GB 230 -19.15 39.49 -86.72
N HIS GB 231 -20.04 38.66 -86.19
CA HIS GB 231 -21.23 39.11 -85.50
C HIS GB 231 -21.27 38.45 -84.14
N GLY GB 232 -21.92 39.10 -83.20
CA GLY GB 232 -22.11 38.52 -81.89
C GLY GB 232 -22.16 39.60 -80.82
N GLN GB 233 -22.11 39.13 -79.56
CA GLN GB 233 -22.16 40.02 -78.42
C GLN GB 233 -21.49 39.34 -77.25
N THR GB 234 -21.14 40.13 -76.24
CA THR GB 234 -20.40 39.62 -75.09
C THR GB 234 -20.97 40.22 -73.82
N ARG GB 235 -20.62 39.60 -72.70
CA ARG GB 235 -21.02 40.10 -71.40
C ARG GB 235 -19.81 40.20 -70.49
N LEU GB 236 -19.96 40.97 -69.42
CA LEU GB 236 -18.94 41.14 -68.40
C LEU GB 236 -19.57 40.99 -67.03
N TYR GB 237 -18.70 40.86 -66.03
CA TYR GB 237 -19.12 40.72 -64.65
C TYR GB 237 -18.15 41.48 -63.77
N PHE GB 238 -18.67 42.29 -62.86
CA PHE GB 238 -17.79 43.08 -62.00
C PHE GB 238 -18.59 43.65 -60.84
N LYS GB 239 -17.90 44.33 -59.95
CA LYS GB 239 -18.55 45.10 -58.89
C LYS GB 239 -17.64 46.25 -58.48
N SER GB 240 -18.25 47.37 -58.13
CA SER GB 240 -17.49 48.49 -57.62
C SER GB 240 -17.06 48.22 -56.18
N VAL GB 241 -16.04 48.94 -55.74
CA VAL GB 241 -15.55 48.82 -54.37
C VAL GB 241 -14.76 50.09 -54.05
N GLY GB 242 -14.59 50.35 -52.76
CA GLY GB 242 -13.75 51.44 -52.30
C GLY GB 242 -14.57 52.63 -51.81
N ASN GB 243 -13.83 53.61 -51.31
CA ASN GB 243 -14.41 54.85 -50.79
C ASN GB 243 -15.48 54.57 -49.74
N ALA HB 31 -38.95 -45.13 -24.26
CA ALA HB 31 -39.91 -45.77 -25.13
C ALA HB 31 -39.56 -47.24 -25.35
N GLY HB 32 -39.93 -48.06 -24.37
CA GLY HB 32 -39.64 -49.48 -24.44
C GLY HB 32 -39.52 -50.05 -23.05
N SER HB 33 -39.23 -51.35 -22.98
CA SER HB 33 -39.02 -52.00 -21.69
C SER HB 33 -37.78 -52.87 -21.67
N LYS HB 34 -36.77 -52.47 -20.89
CA LYS HB 34 -35.55 -53.24 -20.68
C LYS HB 34 -34.97 -53.76 -21.99
N ALA HB 35 -35.03 -52.93 -23.02
CA ALA HB 35 -34.50 -53.31 -24.31
C ALA HB 35 -32.99 -53.50 -24.22
N ASP HB 36 -32.49 -54.42 -25.02
CA ASP HB 36 -31.08 -54.78 -25.02
C ASP HB 36 -30.60 -54.95 -26.46
N ARG HB 37 -29.37 -54.47 -26.71
CA ARG HB 37 -28.84 -54.41 -28.07
C ARG HB 37 -28.92 -55.73 -28.82
N PRO HB 38 -28.52 -56.87 -28.26
CA PRO HB 38 -28.71 -58.13 -28.98
C PRO HB 38 -30.19 -58.45 -29.12
N SER HB 39 -30.49 -59.26 -30.12
CA SER HB 39 -31.88 -59.59 -30.42
C SER HB 39 -32.48 -60.44 -29.30
N LEU HB 40 -33.81 -60.49 -29.26
CA LEU HB 40 -34.54 -61.23 -28.24
C LEU HB 40 -35.26 -62.41 -28.87
N GLN HB 41 -35.44 -63.46 -28.08
CA GLN HB 41 -36.02 -64.68 -28.61
C GLN HB 41 -37.48 -64.48 -28.98
N ILE HB 42 -37.99 -65.39 -29.80
CA ILE HB 42 -39.34 -65.28 -30.35
C ILE HB 42 -40.06 -66.61 -30.19
N GLN HB 43 -41.31 -66.54 -29.78
CA GLN HB 43 -42.18 -67.71 -29.74
C GLN HB 43 -43.52 -67.36 -30.37
N THR HB 44 -44.12 -68.34 -31.06
CA THR HB 44 -45.35 -68.13 -31.78
C THR HB 44 -46.39 -69.16 -31.39
N LEU HB 45 -47.64 -68.87 -31.74
CA LEU HB 45 -48.72 -69.81 -31.57
C LEU HB 45 -49.53 -69.85 -32.84
N GLN HB 46 -50.08 -71.00 -33.15
CA GLN HB 46 -50.82 -71.21 -34.38
C GLN HB 46 -52.23 -71.64 -34.03
N HIS HB 47 -53.20 -70.78 -34.30
CA HIS HB 47 -54.60 -71.13 -34.11
C HIS HB 47 -55.30 -70.97 -35.45
N ALA HB 48 -55.69 -72.08 -36.05
CA ALA HB 48 -56.27 -72.09 -37.38
C ALA HB 48 -56.63 -73.53 -37.72
N GLY HB 49 -57.47 -73.68 -38.73
CA GLY HB 49 -57.79 -75.01 -39.23
C GLY HB 49 -58.33 -75.90 -38.13
N THR HB 50 -57.63 -77.00 -37.89
CA THR HB 50 -58.02 -77.93 -36.83
C THR HB 50 -58.12 -77.22 -35.49
N THR HB 51 -57.19 -76.32 -35.21
CA THR HB 51 -57.20 -75.61 -33.94
C THR HB 51 -57.79 -74.23 -34.17
N MET HB 52 -59.03 -74.04 -33.74
CA MET HB 52 -59.69 -72.75 -33.76
C MET HB 52 -60.31 -72.55 -32.40
N ILE HB 53 -59.86 -71.52 -31.69
CA ILE HB 53 -60.48 -71.23 -30.41
C ILE HB 53 -61.96 -71.01 -30.64
N THR HB 54 -62.78 -71.78 -29.93
CA THR HB 54 -64.23 -71.73 -30.08
C THR HB 54 -64.86 -71.54 -28.71
N VAL HB 55 -65.65 -70.49 -28.56
CA VAL HB 55 -66.09 -70.09 -27.23
C VAL HB 55 -67.60 -70.21 -27.09
N PRO HB 56 -68.09 -71.17 -26.32
CA PRO HB 56 -69.47 -71.13 -25.87
C PRO HB 56 -69.64 -70.09 -24.77
N SER HB 57 -70.90 -69.75 -24.51
CA SER HB 57 -71.21 -68.76 -23.48
C SER HB 57 -70.55 -69.13 -22.16
N GLY HB 58 -69.91 -68.17 -21.54
CA GLY HB 58 -69.17 -68.41 -20.32
C GLY HB 58 -67.66 -68.40 -20.48
N GLY HB 59 -67.16 -68.17 -21.68
CA GLY HB 59 -65.74 -67.99 -21.86
C GLY HB 59 -64.95 -69.28 -21.78
N VAL HB 60 -63.65 -69.15 -22.01
CA VAL HB 60 -62.75 -70.29 -21.94
C VAL HB 60 -61.41 -69.83 -21.39
N CYS HB 61 -60.80 -70.68 -20.58
CA CYS HB 61 -59.51 -70.41 -19.96
C CYS HB 61 -58.42 -71.03 -20.81
N ASP HB 62 -57.27 -70.38 -20.86
CA ASP HB 62 -56.14 -70.90 -21.62
C ASP HB 62 -54.85 -70.30 -21.10
N LEU HB 63 -53.75 -70.96 -21.41
CA LEU HB 63 -52.41 -70.50 -21.04
C LEU HB 63 -51.58 -70.31 -22.29
N ILE HB 64 -51.04 -69.10 -22.45
CA ILE HB 64 -50.24 -68.77 -23.63
C ILE HB 64 -48.75 -68.83 -23.37
N ASN HB 65 -48.31 -69.11 -22.16
CA ASN HB 65 -46.91 -68.91 -21.84
C ASN HB 65 -46.07 -70.17 -22.04
N THR HB 66 -46.65 -71.23 -22.59
CA THR HB 66 -45.97 -72.50 -22.73
C THR HB 66 -44.63 -72.36 -23.44
N TYR HB 67 -43.61 -72.97 -22.86
CA TYR HB 67 -42.26 -72.98 -23.41
C TYR HB 67 -41.66 -74.36 -23.22
N ALA HB 68 -41.05 -74.90 -24.26
CA ALA HB 68 -40.27 -76.11 -24.08
C ALA HB 68 -38.86 -75.75 -23.64
N ARG HB 69 -38.04 -76.77 -23.39
CA ARG HB 69 -36.63 -76.58 -23.08
C ARG HB 69 -35.80 -77.49 -23.95
N GLY HB 70 -34.74 -76.95 -24.52
CA GLY HB 70 -33.89 -77.75 -25.37
C GLY HB 70 -33.00 -76.88 -26.24
N SER HB 71 -32.57 -77.47 -27.34
CA SER HB 71 -31.64 -76.79 -28.24
C SER HB 71 -32.36 -75.77 -29.11
N ASP HB 72 -33.57 -76.09 -29.53
CA ASP HB 72 -34.25 -75.28 -30.54
C ASP HB 72 -34.46 -73.86 -30.05
N GLU HB 73 -34.33 -72.91 -30.98
CA GLU HB 73 -34.58 -71.51 -30.66
C GLU HB 73 -36.05 -71.31 -30.34
N GLY HB 74 -36.32 -70.47 -29.35
CA GLY HB 74 -37.66 -70.22 -28.90
C GLY HB 74 -37.98 -71.04 -27.67
N ASN HB 75 -37.26 -72.14 -27.49
CA ASN HB 75 -37.37 -72.87 -26.24
C ASN HB 75 -36.49 -72.21 -25.18
N ARG HB 76 -36.88 -72.40 -23.92
CA ARG HB 76 -36.15 -71.75 -22.84
C ARG HB 76 -34.89 -72.54 -22.50
N HIS HB 77 -33.78 -71.82 -22.36
CA HIS HB 77 -32.51 -72.45 -22.03
C HIS HB 77 -32.31 -72.63 -20.55
N THR HB 78 -33.07 -71.93 -19.70
CA THR HB 78 -32.77 -71.92 -18.28
C THR HB 78 -34.00 -72.26 -17.46
N SER HB 79 -33.88 -72.11 -16.15
CA SER HB 79 -35.03 -72.33 -15.28
C SER HB 79 -35.72 -71.03 -14.92
N GLU HB 80 -35.26 -69.89 -15.43
CA GLU HB 80 -35.79 -68.58 -15.08
C GLU HB 80 -36.03 -67.76 -16.32
N THR HB 81 -37.24 -67.23 -16.47
CA THR HB 81 -37.62 -66.53 -17.69
C THR HB 81 -38.38 -65.25 -17.37
N LEU HB 82 -38.05 -64.19 -18.09
CA LEU HB 82 -38.79 -62.94 -18.06
C LEU HB 82 -39.38 -62.71 -19.45
N THR HB 83 -40.60 -62.19 -19.49
CA THR HB 83 -41.22 -61.81 -20.75
C THR HB 83 -41.45 -60.31 -20.77
N TYR HB 84 -41.50 -59.74 -21.98
CA TYR HB 84 -41.62 -58.30 -22.09
C TYR HB 84 -42.77 -57.85 -22.95
N LYS HB 85 -42.63 -57.98 -24.26
CA LYS HB 85 -43.55 -57.37 -25.19
C LYS HB 85 -44.38 -58.45 -25.86
N ILE HB 86 -45.64 -58.13 -26.13
CA ILE HB 86 -46.56 -59.08 -26.73
C ILE HB 86 -47.41 -58.36 -27.77
N ALA HB 87 -47.65 -59.03 -28.89
CA ALA HB 87 -48.51 -58.51 -29.93
C ALA HB 87 -49.52 -59.57 -30.29
N ILE HB 88 -50.75 -59.15 -30.58
CA ILE HB 88 -51.85 -60.06 -30.79
C ILE HB 88 -52.57 -59.66 -32.06
N ASP HB 89 -52.83 -60.64 -32.93
CA ASP HB 89 -53.65 -60.46 -34.10
C ASP HB 89 -54.65 -61.60 -34.18
N TYR HB 90 -55.87 -61.28 -34.59
CA TYR HB 90 -56.86 -62.32 -34.84
C TYR HB 90 -57.88 -61.84 -35.84
N HIS HB 91 -58.61 -62.81 -36.39
CA HIS HB 91 -59.87 -62.54 -37.03
C HIS HB 91 -60.99 -63.14 -36.21
N PHE HB 92 -62.13 -62.46 -36.19
CA PHE HB 92 -63.35 -62.97 -35.58
C PHE HB 92 -64.40 -63.18 -36.66
N VAL HB 93 -65.31 -64.11 -36.41
CA VAL HB 93 -66.48 -64.27 -37.25
C VAL HB 93 -67.60 -64.85 -36.41
N ALA HB 94 -68.82 -64.39 -36.65
CA ALA HB 94 -69.96 -64.96 -35.96
C ALA HB 94 -70.19 -66.39 -36.41
N ASP HB 95 -70.85 -67.17 -35.56
CA ASP HB 95 -71.21 -68.53 -35.90
C ASP HB 95 -72.66 -68.58 -36.36
N ALA HB 96 -72.91 -69.35 -37.43
CA ALA HB 96 -74.26 -69.49 -37.93
C ALA HB 96 -75.19 -70.05 -36.87
N ALA HB 97 -74.67 -70.86 -35.94
CA ALA HB 97 -75.49 -71.44 -34.89
C ALA HB 97 -76.27 -70.38 -34.14
N ALA HB 98 -75.66 -69.21 -33.90
CA ALA HB 98 -76.34 -68.12 -33.22
C ALA HB 98 -76.95 -67.11 -34.19
N CYS HB 99 -76.74 -67.27 -35.49
CA CYS HB 99 -77.28 -66.31 -36.44
C CYS HB 99 -78.80 -66.42 -36.59
N ARG HB 100 -79.43 -67.42 -35.99
CA ARG HB 100 -80.88 -67.54 -36.08
C ARG HB 100 -81.60 -66.41 -35.37
N TYR HB 101 -80.88 -65.57 -34.63
CA TYR HB 101 -81.44 -64.43 -33.95
C TYR HB 101 -80.72 -63.17 -34.41
N SER HB 102 -81.31 -62.02 -34.12
CA SER HB 102 -80.72 -60.74 -34.49
C SER HB 102 -80.63 -59.86 -33.26
N ASN HB 103 -79.41 -59.64 -32.78
CA ASN HB 103 -79.16 -58.64 -31.76
C ASN HB 103 -77.69 -58.32 -31.78
N THR HB 104 -77.33 -57.21 -31.17
CA THR HB 104 -75.94 -56.87 -30.98
C THR HB 104 -75.47 -57.43 -29.65
N GLY HB 105 -74.28 -57.03 -29.23
CA GLY HB 105 -73.75 -57.45 -27.95
C GLY HB 105 -72.42 -56.78 -27.71
N THR HB 106 -71.74 -57.22 -26.67
CA THR HB 106 -70.42 -56.72 -26.37
C THR HB 106 -69.55 -57.84 -25.80
N GLY HB 107 -68.32 -57.94 -26.29
CA GLY HB 107 -67.36 -58.92 -25.83
C GLY HB 107 -66.23 -58.30 -25.02
N VAL HB 108 -65.41 -59.18 -24.46
CA VAL HB 108 -64.34 -58.78 -23.56
C VAL HB 108 -63.17 -59.74 -23.72
N MET HB 109 -61.97 -59.19 -23.67
CA MET HB 109 -60.74 -59.97 -23.64
C MET HB 109 -59.88 -59.46 -22.51
N TRP HB 110 -59.49 -60.35 -21.59
CA TRP HB 110 -58.60 -59.98 -20.50
C TRP HB 110 -57.25 -60.65 -20.64
N LEU HB 111 -56.27 -60.03 -20.03
CA LEU HB 111 -54.95 -60.63 -19.87
C LEU HB 111 -54.69 -60.75 -18.38
N VAL HB 112 -54.70 -61.98 -17.86
CA VAL HB 112 -54.73 -62.22 -16.43
C VAL HB 112 -53.42 -62.86 -16.00
N TYR HB 113 -52.82 -62.32 -14.95
CA TYR HB 113 -51.59 -62.84 -14.40
C TYR HB 113 -51.86 -63.60 -13.11
N ASP HB 114 -51.10 -64.67 -12.90
CA ASP HB 114 -51.27 -65.55 -11.76
C ASP HB 114 -50.02 -65.53 -10.89
N THR HB 115 -50.21 -65.87 -9.62
CA THR HB 115 -49.09 -66.07 -8.72
C THR HB 115 -48.73 -67.55 -8.63
N THR HB 116 -49.56 -68.33 -7.95
CA THR HB 116 -49.34 -69.76 -7.81
C THR HB 116 -50.48 -70.51 -8.45
N PRO HB 117 -50.25 -71.25 -9.52
CA PRO HB 117 -51.35 -72.01 -10.13
C PRO HB 117 -51.67 -73.24 -9.33
N GLY HB 118 -52.93 -73.60 -9.30
CA GLY HB 118 -53.33 -74.85 -8.72
C GLY HB 118 -52.88 -76.02 -9.58
N GLY HB 119 -53.08 -77.22 -9.04
CA GLY HB 119 -52.80 -78.41 -9.83
C GLY HB 119 -53.75 -78.62 -10.98
N GLN HB 120 -54.91 -77.96 -10.95
CA GLN HB 120 -55.93 -78.11 -11.97
C GLN HB 120 -56.11 -76.79 -12.71
N ALA HB 121 -56.59 -76.90 -13.95
CA ALA HB 121 -56.75 -75.72 -14.78
C ALA HB 121 -57.94 -74.89 -14.30
N PRO HB 122 -57.78 -73.58 -14.17
CA PRO HB 122 -58.89 -72.75 -13.72
C PRO HB 122 -59.94 -72.63 -14.80
N THR HB 123 -61.13 -72.22 -14.37
CA THR HB 123 -62.21 -71.89 -15.29
C THR HB 123 -62.76 -70.52 -14.90
N PRO HB 124 -63.28 -69.76 -15.84
CA PRO HB 124 -63.74 -68.41 -15.51
C PRO HB 124 -64.66 -68.36 -14.31
N GLN HB 125 -65.62 -69.27 -14.25
CA GLN HB 125 -66.57 -69.25 -13.13
C GLN HB 125 -65.83 -69.30 -11.80
N THR HB 126 -64.67 -69.94 -11.80
CA THR HB 126 -63.86 -69.97 -10.59
C THR HB 126 -63.07 -68.68 -10.40
N ILE HB 127 -62.61 -68.08 -11.50
CA ILE HB 127 -61.75 -66.91 -11.34
C ILE HB 127 -62.57 -65.70 -10.94
N PHE HB 128 -63.81 -65.63 -11.39
CA PHE HB 128 -64.68 -64.50 -11.11
C PHE HB 128 -65.93 -65.01 -10.41
N ALA HB 129 -66.21 -64.47 -9.23
CA ALA HB 129 -67.43 -64.86 -8.56
C ALA HB 129 -68.59 -64.10 -9.18
N TYR HB 130 -69.51 -64.81 -9.80
CA TYR HB 130 -70.64 -64.11 -10.37
C TYR HB 130 -71.91 -64.91 -10.16
N PRO HB 131 -73.02 -64.26 -9.85
CA PRO HB 131 -74.29 -64.95 -9.80
C PRO HB 131 -74.71 -65.40 -11.18
N ASP HB 132 -75.58 -66.41 -11.22
CA ASP HB 132 -76.04 -66.96 -12.49
C ASP HB 132 -76.74 -65.90 -13.32
N THR HB 133 -77.38 -64.94 -12.67
CA THR HB 133 -78.08 -63.89 -13.38
C THR HB 133 -77.16 -63.10 -14.28
N LEU HB 134 -76.00 -62.70 -13.78
CA LEU HB 134 -75.08 -61.87 -14.55
C LEU HB 134 -74.36 -62.64 -15.65
N LYS HB 135 -74.55 -63.95 -15.74
CA LYS HB 135 -73.84 -64.73 -16.75
C LYS HB 135 -74.07 -64.17 -18.15
N ALA HB 136 -75.22 -63.55 -18.37
CA ALA HB 136 -75.50 -62.95 -19.66
C ALA HB 136 -74.46 -61.90 -20.01
N TRP HB 137 -74.29 -60.91 -19.15
CA TRP HB 137 -73.46 -59.79 -19.54
C TRP HB 137 -72.13 -59.90 -18.86
N PRO HB 138 -71.08 -60.32 -19.55
CA PRO HB 138 -69.80 -60.48 -18.87
C PRO HB 138 -69.17 -59.16 -18.49
N ALA HB 139 -69.35 -58.13 -19.32
CA ALA HB 139 -68.53 -56.94 -19.22
C ALA HB 139 -68.62 -56.30 -17.86
N THR HB 140 -69.59 -56.68 -17.05
CA THR HB 140 -69.68 -56.18 -15.69
C THR HB 140 -68.85 -56.99 -14.71
N TRP HB 141 -68.40 -58.17 -15.09
CA TRP HB 141 -67.63 -59.00 -14.17
C TRP HB 141 -66.42 -58.22 -13.66
N LYS HB 142 -66.06 -58.48 -12.42
CA LYS HB 142 -64.80 -57.99 -11.88
C LYS HB 142 -64.23 -59.04 -10.95
N VAL HB 143 -62.93 -58.88 -10.66
CA VAL HB 143 -62.22 -59.90 -9.90
C VAL HB 143 -62.86 -60.08 -8.54
N SER HB 144 -63.01 -61.34 -8.14
CA SER HB 144 -63.62 -61.65 -6.86
C SER HB 144 -62.68 -61.29 -5.71
N ARG HB 145 -63.27 -60.98 -4.55
CA ARG HB 145 -62.46 -60.47 -3.44
C ARG HB 145 -61.73 -61.57 -2.70
N GLU HB 146 -62.28 -62.78 -2.67
CA GLU HB 146 -61.63 -63.86 -1.93
C GLU HB 146 -60.22 -64.10 -2.42
N LEU HB 147 -60.03 -64.02 -3.73
CA LEU HB 147 -58.74 -64.29 -4.35
C LEU HB 147 -57.92 -63.04 -4.55
N CYS HB 148 -58.38 -61.91 -4.00
CA CYS HB 148 -57.92 -60.57 -4.36
C CYS HB 148 -56.41 -60.48 -4.51
N HIS HB 149 -55.67 -61.15 -3.64
CA HIS HB 149 -54.23 -61.12 -3.77
C HIS HB 149 -53.68 -62.27 -4.58
N ARG HB 150 -54.49 -63.26 -4.95
CA ARG HB 150 -53.96 -64.36 -5.72
C ARG HB 150 -53.88 -64.05 -7.21
N PHE HB 151 -54.74 -63.17 -7.71
CA PHE HB 151 -54.78 -62.87 -9.13
C PHE HB 151 -54.73 -61.37 -9.35
N VAL HB 152 -54.46 -60.98 -10.59
CA VAL HB 152 -54.48 -59.57 -10.98
C VAL HB 152 -54.64 -59.54 -12.49
N VAL HB 153 -55.10 -58.40 -13.00
CA VAL HB 153 -55.33 -58.24 -14.43
C VAL HB 153 -54.53 -57.03 -14.90
N LYS HB 154 -53.54 -57.27 -15.76
CA LYS HB 154 -52.66 -56.19 -16.16
C LYS HB 154 -53.10 -55.50 -17.44
N ARG HB 155 -54.08 -56.05 -18.16
CA ARG HB 155 -54.59 -55.39 -19.35
C ARG HB 155 -56.07 -55.71 -19.52
N ARG HB 156 -56.73 -54.92 -20.34
CA ARG HB 156 -58.14 -55.11 -20.62
C ARG HB 156 -58.43 -54.59 -22.02
N TRP HB 157 -59.39 -55.21 -22.69
CA TRP HB 157 -59.79 -54.70 -23.99
C TRP HB 157 -61.28 -54.94 -24.20
N LEU HB 158 -61.87 -54.11 -25.05
CA LEU HB 158 -63.27 -54.23 -25.41
C LEU HB 158 -63.42 -54.35 -26.91
N PHE HB 159 -64.53 -54.95 -27.31
CA PHE HB 159 -64.91 -55.01 -28.71
C PHE HB 159 -66.39 -55.29 -28.76
N ASN HB 160 -66.98 -55.02 -29.91
CA ASN HB 160 -68.41 -55.25 -30.07
C ASN HB 160 -68.68 -55.76 -31.47
N MET HB 161 -69.75 -56.53 -31.60
CA MET HB 161 -70.12 -57.13 -32.86
C MET HB 161 -71.61 -57.41 -32.84
N GLU HB 162 -72.16 -57.65 -34.02
CA GLU HB 162 -73.60 -57.86 -34.13
C GLU HB 162 -73.89 -58.66 -35.37
N THR HB 163 -75.07 -59.25 -35.39
CA THR HB 163 -75.53 -60.04 -36.53
C THR HB 163 -76.94 -59.66 -36.88
N ASP HB 164 -77.24 -59.71 -38.17
CA ASP HB 164 -78.54 -59.34 -38.68
C ASP HB 164 -79.45 -60.54 -38.91
N GLY HB 165 -78.96 -61.74 -38.65
CA GLY HB 165 -79.74 -62.94 -38.94
C GLY HB 165 -79.63 -63.44 -40.35
N ARG HB 166 -78.48 -63.25 -41.01
CA ARG HB 166 -78.31 -63.71 -42.37
C ARG HB 166 -76.92 -64.29 -42.53
N ILE HB 167 -76.84 -65.50 -43.07
CA ILE HB 167 -75.55 -66.14 -43.30
C ILE HB 167 -74.94 -65.56 -44.56
N GLY HB 168 -73.62 -65.59 -44.65
CA GLY HB 168 -72.94 -64.95 -45.77
C GLY HB 168 -73.31 -65.54 -47.12
N SER HB 169 -73.33 -66.87 -47.21
CA SER HB 169 -73.51 -67.54 -48.49
C SER HB 169 -74.88 -67.28 -49.11
N ASP HB 170 -75.80 -66.64 -48.39
CA ASP HB 170 -77.15 -66.46 -48.89
C ASP HB 170 -77.20 -65.36 -49.93
N ILE HB 171 -77.88 -65.64 -51.04
CA ILE HB 171 -77.99 -64.69 -52.15
C ILE HB 171 -79.13 -63.72 -51.89
N PRO HB 172 -78.88 -62.42 -51.91
CA PRO HB 172 -79.97 -61.46 -51.80
C PRO HB 172 -80.94 -61.62 -52.96
N PRO HB 173 -82.23 -61.45 -52.72
CA PRO HB 173 -83.18 -61.39 -53.83
C PRO HB 173 -82.99 -60.12 -54.63
N SER HB 174 -83.33 -60.20 -55.91
CA SER HB 174 -83.08 -59.10 -56.83
C SER HB 174 -83.87 -57.85 -56.50
N ASN HB 175 -84.83 -57.92 -55.57
CA ASN HB 175 -85.65 -56.75 -55.28
C ASN HB 175 -84.95 -55.73 -54.40
N ALA HB 176 -84.36 -56.18 -53.29
CA ALA HB 176 -83.87 -55.27 -52.27
C ALA HB 176 -82.53 -55.77 -51.75
N SER HB 177 -81.87 -54.94 -50.95
CA SER HB 177 -80.52 -55.24 -50.49
C SER HB 177 -80.31 -55.03 -48.99
N TRP HB 178 -79.06 -55.15 -48.54
CA TRP HB 178 -78.74 -54.94 -47.14
C TRP HB 178 -77.38 -54.26 -47.03
N LYS HB 179 -77.21 -53.51 -45.95
CA LYS HB 179 -75.88 -53.04 -45.56
C LYS HB 179 -75.52 -53.78 -44.28
N PRO HB 180 -74.70 -54.80 -44.34
CA PRO HB 180 -74.33 -55.51 -43.11
C PRO HB 180 -72.99 -55.07 -42.55
N CYS HB 181 -72.87 -53.80 -42.20
CA CYS HB 181 -71.61 -53.34 -41.62
C CYS HB 181 -71.30 -54.09 -40.34
N LYS HB 182 -70.03 -54.42 -40.17
CA LYS HB 182 -69.53 -55.04 -38.95
C LYS HB 182 -70.23 -56.37 -38.67
N ARG HB 183 -70.28 -57.24 -39.67
CA ARG HB 183 -70.57 -58.63 -39.36
C ARG HB 183 -69.35 -59.32 -38.77
N ASN HB 184 -68.19 -59.08 -39.35
CA ASN HB 184 -66.93 -59.59 -38.84
C ASN HB 184 -65.98 -58.42 -38.59
N ILE HB 185 -64.94 -58.68 -37.83
CA ILE HB 185 -64.11 -57.60 -37.31
C ILE HB 185 -62.66 -58.05 -37.27
N TYR HB 186 -61.76 -57.08 -37.40
CA TYR HB 186 -60.32 -57.30 -37.39
C TYR HB 186 -59.75 -56.67 -36.13
N PHE HB 187 -59.21 -57.49 -35.24
CA PHE HB 187 -58.79 -57.04 -33.93
C PHE HB 187 -57.30 -57.26 -33.75
N HIS HB 188 -56.60 -56.22 -33.30
CA HIS HB 188 -55.17 -56.34 -33.05
C HIS HB 188 -54.77 -55.33 -32.00
N LYS HB 189 -53.77 -55.69 -31.21
CA LYS HB 189 -53.21 -54.79 -30.21
C LYS HB 189 -51.73 -55.10 -30.06
N PHE HB 190 -50.98 -54.09 -29.62
CA PHE HB 190 -49.55 -54.21 -29.42
C PHE HB 190 -49.19 -53.45 -28.17
N THR HB 191 -48.50 -54.09 -27.24
CA THR HB 191 -48.18 -53.42 -25.98
C THR HB 191 -46.83 -53.86 -25.44
N SER HB 192 -46.03 -52.89 -25.03
CA SER HB 192 -44.71 -53.14 -24.45
C SER HB 192 -44.70 -53.05 -22.93
N GLY HB 193 -45.82 -52.70 -22.30
CA GLY HB 193 -45.75 -52.24 -20.92
C GLY HB 193 -45.40 -53.34 -19.95
N LEU HB 194 -46.06 -54.49 -20.06
CA LEU HB 194 -46.03 -55.47 -18.99
C LEU HB 194 -44.65 -56.07 -18.82
N GLY HB 195 -44.45 -56.69 -17.67
CA GLY HB 195 -43.34 -57.58 -17.47
C GLY HB 195 -43.72 -58.61 -16.44
N VAL HB 196 -43.11 -59.79 -16.54
CA VAL HB 196 -43.53 -60.93 -15.74
C VAL HB 196 -42.29 -61.75 -15.40
N ARG HB 197 -42.26 -62.25 -14.16
CA ARG HB 197 -41.17 -63.07 -13.68
C ARG HB 197 -41.68 -64.48 -13.45
N THR HB 198 -41.03 -65.47 -14.06
CA THR HB 198 -41.48 -66.84 -13.99
C THR HB 198 -40.32 -67.77 -13.66
N GLN HB 199 -40.61 -68.80 -12.87
CA GLN HB 199 -39.64 -69.84 -12.58
C GLN HB 199 -40.30 -71.20 -12.81
N TRP HB 200 -39.47 -72.22 -12.95
CA TRP HB 200 -39.93 -73.51 -13.44
C TRP HB 200 -39.46 -74.63 -12.54
N LYS HB 201 -40.30 -75.64 -12.38
CA LYS HB 201 -39.83 -76.93 -11.90
C LYS HB 201 -38.92 -77.53 -12.96
N ASN HB 202 -38.12 -78.52 -12.54
CA ASN HB 202 -37.14 -79.09 -13.45
C ASN HB 202 -37.77 -80.27 -14.15
N VAL HB 203 -38.11 -80.09 -15.42
CA VAL HB 203 -38.59 -81.13 -16.33
C VAL HB 203 -38.32 -80.65 -17.73
N THR HB 204 -38.64 -81.48 -18.72
CA THR HB 204 -38.56 -81.04 -20.11
C THR HB 204 -39.79 -80.26 -20.52
N ASP HB 205 -40.95 -80.66 -20.02
CA ASP HB 205 -42.21 -80.30 -20.63
C ASP HB 205 -42.49 -78.81 -20.52
N GLY HB 206 -43.38 -78.34 -21.39
CA GLY HB 206 -43.88 -76.98 -21.36
C GLY HB 206 -45.31 -76.84 -20.89
N GLY HB 207 -45.92 -77.88 -20.36
CA GLY HB 207 -47.29 -77.82 -19.92
C GLY HB 207 -47.45 -76.98 -18.67
N VAL HB 208 -48.70 -76.89 -18.22
CA VAL HB 208 -49.00 -76.07 -17.04
C VAL HB 208 -48.42 -76.68 -15.77
N GLY HB 209 -48.43 -78.01 -15.64
CA GLY HB 209 -47.99 -78.63 -14.42
C GLY HB 209 -46.55 -78.32 -14.05
N ALA HB 210 -45.76 -77.83 -15.00
CA ALA HB 210 -44.35 -77.59 -14.74
C ALA HB 210 -44.11 -76.29 -13.99
N ILE HB 211 -44.94 -75.29 -14.19
CA ILE HB 211 -44.63 -73.95 -13.72
C ILE HB 211 -44.75 -73.89 -12.20
N GLN HB 212 -43.72 -73.34 -11.55
CA GLN HB 212 -43.78 -73.12 -10.11
C GLN HB 212 -44.52 -71.84 -9.78
N ARG HB 213 -44.24 -70.77 -10.51
CA ARG HB 213 -44.83 -69.47 -10.18
C ARG HB 213 -44.86 -68.61 -11.43
N GLY HB 214 -45.82 -67.68 -11.49
CA GLY HB 214 -45.88 -66.71 -12.57
C GLY HB 214 -46.61 -67.09 -13.84
N ALA HB 215 -47.65 -67.92 -13.73
CA ALA HB 215 -48.40 -68.29 -14.92
C ALA HB 215 -49.13 -67.09 -15.50
N LEU HB 216 -49.49 -67.21 -16.77
CA LEU HB 216 -50.12 -66.12 -17.51
C LEU HB 216 -51.28 -66.67 -18.32
N TYR HB 217 -52.48 -66.16 -18.07
CA TYR HB 217 -53.69 -66.66 -18.70
C TYR HB 217 -54.29 -65.64 -19.65
N MET HB 218 -54.99 -66.16 -20.66
CA MET HB 218 -55.78 -65.34 -21.57
C MET HB 218 -57.22 -65.85 -21.54
N VAL HB 219 -58.17 -64.91 -21.55
CA VAL HB 219 -59.57 -65.25 -21.39
C VAL HB 219 -60.39 -64.48 -22.41
N ILE HB 220 -61.39 -65.15 -22.99
CA ILE HB 220 -62.29 -64.54 -23.96
C ILE HB 220 -63.71 -64.63 -23.44
N ALA HB 221 -64.41 -63.50 -23.46
CA ALA HB 221 -65.78 -63.44 -22.95
C ALA HB 221 -66.73 -63.09 -24.09
N PRO HB 222 -67.65 -63.95 -24.44
CA PRO HB 222 -68.57 -63.66 -25.55
C PRO HB 222 -69.64 -62.67 -25.12
N GLY HB 223 -70.28 -62.08 -26.12
CA GLY HB 223 -71.45 -61.25 -25.87
C GLY HB 223 -72.65 -62.09 -25.50
N ASN HB 224 -73.70 -61.40 -25.04
CA ASN HB 224 -74.90 -62.09 -24.60
C ASN HB 224 -75.47 -62.97 -25.70
N GLY HB 225 -75.67 -64.25 -25.38
CA GLY HB 225 -76.29 -65.17 -26.28
C GLY HB 225 -75.70 -65.15 -27.67
N LEU HB 226 -74.40 -64.89 -27.77
CA LEU HB 226 -73.73 -64.75 -29.05
C LEU HB 226 -72.45 -65.58 -29.04
N THR HB 227 -72.41 -66.60 -29.88
CA THR HB 227 -71.28 -67.52 -29.92
C THR HB 227 -70.54 -67.38 -31.24
N PHE HB 228 -69.22 -67.53 -31.18
CA PHE HB 228 -68.42 -67.33 -32.37
C PHE HB 228 -67.11 -68.08 -32.24
N THR HB 229 -66.41 -68.21 -33.36
CA THR HB 229 -65.05 -68.74 -33.39
C THR HB 229 -64.12 -67.68 -33.95
N ALA HB 230 -62.82 -67.86 -33.71
CA ALA HB 230 -61.83 -66.87 -34.08
C ALA HB 230 -60.65 -67.55 -34.77
N HIS HB 231 -59.98 -66.78 -35.61
CA HIS HB 231 -58.78 -67.23 -36.29
C HIS HB 231 -57.69 -66.21 -36.06
N GLY HB 232 -56.44 -66.65 -36.11
CA GLY HB 232 -55.32 -65.75 -36.00
C GLY HB 232 -54.14 -66.41 -35.33
N GLN HB 233 -53.15 -65.59 -35.01
CA GLN HB 233 -51.93 -66.07 -34.38
C GLN HB 233 -51.31 -64.93 -33.59
N THR HB 234 -50.41 -65.28 -32.67
CA THR HB 234 -49.80 -64.30 -31.78
C THR HB 234 -48.32 -64.57 -31.66
N ARG HB 235 -47.60 -63.57 -31.17
CA ARG HB 235 -46.17 -63.71 -30.90
C ARG HB 235 -45.86 -63.28 -29.49
N LEU HB 236 -44.70 -63.70 -29.01
CA LEU HB 236 -44.19 -63.32 -27.70
C LEU HB 236 -42.75 -62.89 -27.82
N TYR HB 237 -42.25 -62.28 -26.75
CA TYR HB 237 -40.88 -61.81 -26.70
C TYR HB 237 -40.34 -62.04 -25.29
N PHE HB 238 -39.16 -62.63 -25.17
CA PHE HB 238 -38.61 -62.91 -23.85
C PHE HB 238 -37.13 -63.24 -23.99
N LYS HB 239 -36.49 -63.45 -22.85
CA LYS HB 239 -35.13 -63.97 -22.82
C LYS HB 239 -34.92 -64.72 -21.51
N SER HB 240 -34.11 -65.77 -21.58
CA SER HB 240 -33.75 -66.50 -20.38
C SER HB 240 -32.72 -65.72 -19.60
N VAL HB 241 -32.61 -66.04 -18.30
CA VAL HB 241 -31.62 -65.40 -17.44
C VAL HB 241 -31.40 -66.32 -16.24
N GLY HB 242 -30.29 -66.12 -15.55
CA GLY HB 242 -30.02 -66.82 -14.31
C GLY HB 242 -29.00 -67.94 -14.50
N ASN HB 243 -28.66 -68.55 -13.37
CA ASN HB 243 -27.70 -69.65 -13.31
C ASN HB 243 -26.40 -69.28 -13.97
#